data_8OOQ
#
_entry.id   8OOQ
#
_cell.length_a   131.808
_cell.length_b   131.927
_cell.length_c   203.544
_cell.angle_alpha   89.95
_cell.angle_beta   89.86
_cell.angle_gamma   60.05
#
_symmetry.space_group_name_H-M   'P 1'
#
loop_
_entity.id
_entity.type
_entity.pdbx_description
1 polymer 'Glutamine synthetase from Methanothermococcus thermolithotrophicus'
2 non-polymer 1,2-ETHANEDIOL
3 non-polymer 'MAGNESIUM ION'
4 non-polymer '2-OXOGLUTARIC ACID'
5 non-polymer DI(HYDROXYETHYL)ETHER
#
_entity_poly.entity_id   1
_entity_poly.type   'polypeptide(L)'
_entity_poly.pdbx_seq_one_letter_code
;MSTVEQVLEYVKSNNVKFMRFQFVDILGVPKNVAFPIKAGEKGIEELRDVLENGLYFDGSSIEGFVGINESDMMLKPDLS
TFSVLPWRPSEKSVARVICDVYTTKGKPFEGDPRGCLKRVMEEFKKEFNGEYFVGPEPEFFLLKKDPHNPHKYIPADDGG
YFDLEPMDEAPDIRRDIVFALENLGFHVEASHHEVAPGQHEVDFKFDDALKTADSVITFKTTIKTIAEQHGLKATFMPKP
FFGMNGSGMHCHQSIWLNGEPSFYDENAPYQLSETCMNYVAGILKHAKAIVAITNPTVNSYKRLVPGYEAPVNIAWANSN
RSAIIRVPAARGKGTRIEFRAPDPSCNPYLAFTVMLAAGLDGVKNKLDAPEPVERNIFAMSEAEKKELGIESVPANLKAA
LDELENNDVLKNALGKHIFESFLEIKNAEWDSFRTSVTDWETTAYLKI
;
_entity_poly.pdbx_strand_id   A,B,C,D,E,F,G,H,I,J,K,L,P,Q,S,T,U,V,X,Y,Z,a,b,c
#
# COMPACT_ATOMS: atom_id res chain seq x y z
N THR A 3 77.84 -87.17 9.81
CA THR A 3 77.68 -88.53 9.26
C THR A 3 76.19 -88.97 9.36
N VAL A 4 75.83 -90.08 8.71
CA VAL A 4 74.45 -90.58 8.74
C VAL A 4 74.04 -91.02 10.14
N GLU A 5 74.92 -91.72 10.86
CA GLU A 5 74.61 -92.22 12.20
C GLU A 5 74.41 -91.12 13.25
N GLN A 6 75.15 -90.00 13.15
CA GLN A 6 75.00 -88.88 14.09
C GLN A 6 73.57 -88.32 14.05
N VAL A 7 73.01 -88.19 12.83
CA VAL A 7 71.66 -87.66 12.65
C VAL A 7 70.64 -88.67 13.19
N LEU A 8 70.82 -89.97 12.87
CA LEU A 8 69.91 -91.04 13.30
C LEU A 8 69.86 -91.25 14.81
N GLU A 9 70.97 -90.95 15.53
CA GLU A 9 70.97 -91.09 16.99
C GLU A 9 70.25 -89.94 17.68
N TYR A 10 70.29 -88.73 17.09
CA TYR A 10 69.57 -87.59 17.66
C TYR A 10 68.06 -87.83 17.48
N VAL A 11 67.65 -88.26 16.26
CA VAL A 11 66.27 -88.57 15.91
C VAL A 11 65.69 -89.69 16.81
N LYS A 12 66.53 -90.67 17.18
CA LYS A 12 66.10 -91.82 17.99
C LYS A 12 65.77 -91.43 19.45
N SER A 13 66.64 -90.64 20.10
CA SER A 13 66.47 -90.24 21.50
C SER A 13 65.52 -89.05 21.71
N ASN A 14 65.65 -87.99 20.89
CA ASN A 14 64.84 -86.77 21.02
C ASN A 14 63.40 -86.89 20.50
N ASN A 15 63.04 -88.01 19.84
CA ASN A 15 61.69 -88.23 19.31
C ASN A 15 61.35 -87.24 18.19
N VAL A 16 62.17 -87.20 17.15
CA VAL A 16 61.93 -86.35 15.98
C VAL A 16 60.95 -87.11 15.08
N LYS A 17 59.88 -86.46 14.61
CA LYS A 17 58.83 -87.10 13.81
C LYS A 17 58.76 -86.61 12.35
N PHE A 18 59.32 -85.44 12.01
CA PHE A 18 59.27 -84.93 10.63
C PHE A 18 60.63 -84.40 10.19
N MET A 19 61.03 -84.75 8.95
CA MET A 19 62.30 -84.31 8.37
C MET A 19 62.00 -83.43 7.15
N ARG A 20 62.32 -82.12 7.23
CA ARG A 20 62.09 -81.18 6.15
C ARG A 20 63.28 -81.21 5.19
N PHE A 21 63.06 -81.60 3.94
CA PHE A 21 64.12 -81.63 2.93
C PHE A 21 64.09 -80.27 2.24
N GLN A 22 64.85 -79.30 2.80
CA GLN A 22 64.85 -77.91 2.35
C GLN A 22 65.87 -77.58 1.26
N PHE A 23 65.52 -76.62 0.41
CA PHE A 23 66.35 -76.10 -0.68
C PHE A 23 65.83 -74.70 -1.11
N VAL A 24 66.40 -74.08 -2.16
CA VAL A 24 65.96 -72.75 -2.60
C VAL A 24 65.75 -72.71 -4.11
N ASP A 25 64.79 -71.90 -4.56
CA ASP A 25 64.58 -71.69 -6.00
C ASP A 25 65.59 -70.60 -6.48
N ILE A 26 65.57 -70.25 -7.78
CA ILE A 26 66.51 -69.25 -8.31
C ILE A 26 66.39 -67.90 -7.58
N LEU A 27 65.20 -67.49 -7.15
CA LEU A 27 65.02 -66.23 -6.43
C LEU A 27 65.30 -66.31 -4.92
N GLY A 28 65.87 -67.42 -4.45
CA GLY A 28 66.19 -67.59 -3.03
C GLY A 28 65.00 -67.91 -2.13
N VAL A 29 63.81 -68.18 -2.71
CA VAL A 29 62.63 -68.50 -1.92
C VAL A 29 62.81 -69.94 -1.44
N PRO A 30 62.72 -70.21 -0.12
CA PRO A 30 62.92 -71.59 0.34
C PRO A 30 61.75 -72.51 -0.01
N LYS A 31 62.08 -73.77 -0.33
CA LYS A 31 61.13 -74.82 -0.71
C LYS A 31 61.48 -76.10 0.05
N ASN A 32 60.49 -76.87 0.54
CA ASN A 32 60.74 -78.09 1.29
C ASN A 32 59.56 -79.08 1.28
N VAL A 33 59.83 -80.34 1.64
CA VAL A 33 58.86 -81.42 1.72
C VAL A 33 59.10 -82.17 3.03
N ALA A 34 58.04 -82.55 3.74
CA ALA A 34 58.16 -83.26 5.02
C ALA A 34 58.05 -84.77 4.86
N PHE A 35 58.90 -85.52 5.58
CA PHE A 35 58.90 -86.98 5.59
C PHE A 35 58.59 -87.43 7.02
N PRO A 36 57.54 -88.24 7.26
CA PRO A 36 57.28 -88.70 8.63
C PRO A 36 58.16 -89.88 9.04
N ILE A 37 58.83 -89.75 10.19
CA ILE A 37 59.72 -90.79 10.70
C ILE A 37 58.89 -91.77 11.52
N LYS A 38 58.92 -93.07 11.16
CA LYS A 38 58.14 -94.08 11.87
C LYS A 38 58.85 -94.57 13.13
N ALA A 39 58.10 -95.17 14.07
CA ALA A 39 58.66 -95.68 15.32
C ALA A 39 59.41 -97.01 15.12
N GLY A 40 60.33 -97.31 16.03
CA GLY A 40 61.12 -98.55 15.99
C GLY A 40 62.26 -98.50 15.00
N GLU A 41 62.96 -99.64 14.85
CA GLU A 41 64.11 -99.75 13.94
C GLU A 41 63.70 -99.59 12.47
N LYS A 42 62.47 -100.01 12.10
CA LYS A 42 61.98 -99.91 10.73
C LYS A 42 61.88 -98.44 10.26
N GLY A 43 61.52 -97.54 11.16
CA GLY A 43 61.44 -96.12 10.86
C GLY A 43 62.82 -95.49 10.69
N ILE A 44 63.79 -95.95 11.51
CA ILE A 44 65.17 -95.47 11.45
C ILE A 44 65.86 -95.98 10.17
N GLU A 45 65.60 -97.24 9.77
CA GLU A 45 66.17 -97.78 8.54
C GLU A 45 65.56 -97.12 7.31
N GLU A 46 64.26 -96.73 7.38
CA GLU A 46 63.59 -96.02 6.28
C GLU A 46 64.19 -94.61 6.17
N LEU A 47 64.45 -93.94 7.30
CA LEU A 47 65.06 -92.61 7.32
C LEU A 47 66.49 -92.66 6.78
N ARG A 48 67.23 -93.75 7.05
CA ARG A 48 68.60 -93.93 6.57
C ARG A 48 68.64 -93.96 5.04
N ASP A 49 67.69 -94.68 4.42
CA ASP A 49 67.60 -94.80 2.97
C ASP A 49 67.38 -93.42 2.32
N VAL A 50 66.39 -92.67 2.82
CA VAL A 50 66.06 -91.35 2.27
C VAL A 50 67.11 -90.29 2.64
N LEU A 51 67.96 -90.52 3.66
CA LEU A 51 69.03 -89.56 3.99
C LEU A 51 70.26 -89.78 3.10
N GLU A 52 70.53 -91.04 2.67
CA GLU A 52 71.68 -91.36 1.83
C GLU A 52 71.36 -91.20 0.33
N ASN A 53 70.25 -91.80 -0.15
CA ASN A 53 69.85 -91.76 -1.55
C ASN A 53 69.01 -90.52 -1.93
N GLY A 54 68.32 -89.93 -0.96
CA GLY A 54 67.48 -88.75 -1.20
C GLY A 54 66.07 -89.11 -1.65
N LEU A 55 65.38 -88.13 -2.24
CA LEU A 55 64.00 -88.32 -2.72
C LEU A 55 63.70 -87.48 -3.96
N TYR A 56 62.66 -87.88 -4.72
CA TYR A 56 62.25 -87.21 -5.95
C TYR A 56 61.29 -86.05 -5.72
N PHE A 57 61.25 -85.11 -6.67
CA PHE A 57 60.36 -83.94 -6.61
C PHE A 57 60.14 -83.36 -8.02
N ASP A 58 58.99 -82.72 -8.24
CA ASP A 58 58.66 -82.09 -9.52
C ASP A 58 59.46 -80.79 -9.66
N GLY A 59 60.49 -80.82 -10.50
CA GLY A 59 61.33 -79.66 -10.75
C GLY A 59 60.67 -78.59 -11.58
N SER A 60 59.73 -78.96 -12.46
CA SER A 60 59.04 -77.99 -13.31
C SER A 60 58.23 -76.97 -12.51
N SER A 61 57.66 -77.38 -11.36
CA SER A 61 56.89 -76.47 -10.51
C SER A 61 57.77 -75.48 -9.72
N ILE A 62 59.10 -75.69 -9.66
CA ILE A 62 60.02 -74.78 -8.98
C ILE A 62 60.49 -73.71 -9.98
N GLU A 63 60.56 -72.44 -9.54
CA GLU A 63 60.94 -71.34 -10.41
C GLU A 63 62.41 -71.38 -10.83
N GLY A 64 62.64 -71.36 -12.15
CA GLY A 64 63.99 -71.36 -12.72
C GLY A 64 64.73 -72.67 -12.59
N PHE A 65 64.03 -73.80 -12.75
CA PHE A 65 64.65 -75.13 -12.63
C PHE A 65 64.63 -75.88 -14.00
N VAL A 66 63.57 -76.66 -14.33
CA VAL A 66 63.52 -77.45 -15.58
C VAL A 66 62.14 -77.39 -16.23
N GLY A 67 62.08 -77.77 -17.51
CA GLY A 67 60.82 -77.81 -18.26
C GLY A 67 59.92 -78.95 -17.83
N ILE A 68 58.65 -78.94 -18.26
CA ILE A 68 57.68 -79.98 -17.90
C ILE A 68 58.07 -81.34 -18.51
N ASN A 69 58.59 -81.34 -19.74
CA ASN A 69 59.01 -82.59 -20.42
C ASN A 69 60.32 -83.20 -19.87
N GLU A 70 60.83 -82.71 -18.73
CA GLU A 70 62.07 -83.21 -18.12
C GLU A 70 62.07 -82.83 -16.62
N SER A 71 60.96 -83.10 -15.93
CA SER A 71 60.73 -82.69 -14.55
C SER A 71 61.32 -83.59 -13.44
N ASP A 72 61.69 -84.84 -13.73
CA ASP A 72 62.23 -85.73 -12.69
C ASP A 72 63.57 -85.22 -12.12
N MET A 73 63.56 -84.79 -10.84
CA MET A 73 64.73 -84.28 -10.12
C MET A 73 64.80 -84.85 -8.69
N MET A 74 66.00 -84.90 -8.11
CA MET A 74 66.25 -85.45 -6.76
C MET A 74 66.90 -84.43 -5.81
N LEU A 75 66.88 -84.72 -4.50
CA LEU A 75 67.50 -83.89 -3.47
C LEU A 75 68.50 -84.74 -2.66
N LYS A 76 69.75 -84.26 -2.51
CA LYS A 76 70.79 -84.98 -1.76
C LYS A 76 71.10 -84.21 -0.46
N PRO A 77 70.59 -84.68 0.70
CA PRO A 77 70.80 -83.93 1.96
C PRO A 77 72.23 -83.72 2.43
N ASP A 78 72.58 -82.47 2.80
CA ASP A 78 73.88 -82.16 3.38
C ASP A 78 73.68 -82.37 4.89
N LEU A 79 74.23 -83.47 5.41
CA LEU A 79 74.05 -83.87 6.81
C LEU A 79 74.61 -82.88 7.85
N SER A 80 75.59 -82.06 7.49
CA SER A 80 76.15 -81.07 8.41
C SER A 80 75.15 -79.93 8.73
N THR A 81 74.10 -79.74 7.90
CA THR A 81 73.12 -78.67 8.07
C THR A 81 71.88 -79.11 8.89
N PHE A 82 71.98 -80.20 9.67
CA PHE A 82 70.86 -80.69 10.46
C PHE A 82 70.54 -79.71 11.60
N SER A 83 69.25 -79.47 11.87
CA SER A 83 68.82 -78.55 12.93
C SER A 83 67.37 -78.81 13.33
N VAL A 84 67.03 -78.49 14.59
CA VAL A 84 65.67 -78.65 15.11
C VAL A 84 64.94 -77.32 14.92
N LEU A 85 63.76 -77.30 14.28
CA LEU A 85 63.02 -76.05 14.11
C LEU A 85 62.41 -75.69 15.47
N PRO A 86 62.81 -74.57 16.08
CA PRO A 86 62.31 -74.24 17.42
C PRO A 86 60.84 -73.83 17.47
N TRP A 87 60.38 -73.04 16.47
CA TRP A 87 58.99 -72.60 16.44
C TRP A 87 57.99 -73.77 16.33
N ARG A 88 58.41 -74.93 15.81
CA ARG A 88 57.55 -76.11 15.72
C ARG A 88 57.38 -76.80 17.11
N PRO A 89 56.41 -77.73 17.30
CA PRO A 89 56.25 -78.35 18.64
C PRO A 89 57.43 -79.18 19.10
N SER A 90 57.68 -79.20 20.42
CA SER A 90 58.78 -79.95 21.02
C SER A 90 58.45 -81.44 21.10
N GLU A 91 57.22 -81.80 21.52
CA GLU A 91 56.78 -83.19 21.58
C GLU A 91 56.56 -83.65 20.14
N LYS A 92 57.29 -84.70 19.69
CA LYS A 92 57.25 -85.19 18.30
C LYS A 92 57.82 -84.06 17.42
N SER A 93 59.02 -83.58 17.79
CA SER A 93 59.73 -82.45 17.17
C SER A 93 59.91 -82.54 15.66
N VAL A 94 60.15 -81.39 15.02
CA VAL A 94 60.35 -81.27 13.58
C VAL A 94 61.78 -80.81 13.33
N ALA A 95 62.54 -81.55 12.51
CA ALA A 95 63.93 -81.23 12.16
C ALA A 95 64.08 -81.03 10.65
N ARG A 96 65.10 -80.29 10.23
CA ARG A 96 65.35 -80.00 8.82
C ARG A 96 66.72 -80.45 8.37
N VAL A 97 66.90 -80.58 7.05
CA VAL A 97 68.17 -80.93 6.44
C VAL A 97 68.26 -80.23 5.06
N ILE A 98 69.18 -79.26 4.91
CA ILE A 98 69.33 -78.51 3.66
C ILE A 98 70.00 -79.43 2.63
N CYS A 99 69.43 -79.51 1.42
CA CYS A 99 69.87 -80.41 0.35
C CYS A 99 70.40 -79.67 -0.86
N ASP A 100 71.11 -80.42 -1.73
CA ASP A 100 71.62 -79.97 -3.03
C ASP A 100 70.76 -80.65 -4.09
N VAL A 101 70.27 -79.87 -5.06
CA VAL A 101 69.42 -80.41 -6.13
C VAL A 101 70.29 -81.19 -7.10
N TYR A 102 69.91 -82.46 -7.38
CA TYR A 102 70.63 -83.36 -8.29
C TYR A 102 69.67 -83.88 -9.37
N THR A 103 70.20 -84.18 -10.56
CA THR A 103 69.40 -84.67 -11.68
C THR A 103 69.06 -86.18 -11.51
N THR A 104 68.21 -86.74 -12.40
CA THR A 104 67.84 -88.16 -12.39
C THR A 104 69.08 -89.05 -12.45
N LYS A 105 70.07 -88.66 -13.27
CA LYS A 105 71.32 -89.42 -13.41
C LYS A 105 72.28 -89.31 -12.19
N GLY A 106 71.85 -88.67 -11.11
CA GLY A 106 72.65 -88.53 -9.89
C GLY A 106 73.79 -87.55 -10.01
N LYS A 107 73.68 -86.56 -10.92
CA LYS A 107 74.71 -85.54 -11.14
C LYS A 107 74.25 -84.20 -10.56
N PRO A 108 75.13 -83.36 -9.96
CA PRO A 108 74.66 -82.07 -9.43
C PRO A 108 73.98 -81.19 -10.48
N PHE A 109 72.80 -80.64 -10.15
CA PHE A 109 72.03 -79.82 -11.09
C PHE A 109 72.72 -78.48 -11.37
N GLU A 110 72.97 -78.19 -12.65
CA GLU A 110 73.59 -76.94 -13.12
C GLU A 110 72.87 -75.67 -12.65
N GLY A 111 71.54 -75.70 -12.61
CA GLY A 111 70.73 -74.55 -12.19
C GLY A 111 70.44 -74.45 -10.71
N ASP A 112 71.22 -75.15 -9.86
CA ASP A 112 71.02 -75.12 -8.41
C ASP A 112 71.77 -73.95 -7.77
N PRO A 113 71.11 -73.00 -7.07
CA PRO A 113 71.87 -71.91 -6.43
C PRO A 113 72.86 -72.34 -5.36
N ARG A 114 72.51 -73.33 -4.53
CA ARG A 114 73.40 -73.81 -3.47
C ARG A 114 74.66 -74.47 -4.02
N GLY A 115 74.50 -75.31 -5.03
CA GLY A 115 75.61 -75.97 -5.71
C GLY A 115 76.50 -74.99 -6.46
N CYS A 116 75.92 -73.88 -6.93
CA CYS A 116 76.65 -72.82 -7.62
C CYS A 116 77.64 -72.16 -6.67
N LEU A 117 77.27 -71.97 -5.39
CA LEU A 117 78.16 -71.40 -4.39
C LEU A 117 79.24 -72.42 -4.01
N LYS A 118 78.86 -73.71 -3.87
CA LYS A 118 79.84 -74.76 -3.55
C LYS A 118 80.90 -74.85 -4.64
N ARG A 119 80.50 -74.81 -5.91
CA ARG A 119 81.42 -74.90 -7.05
C ARG A 119 82.51 -73.82 -7.00
N VAL A 120 82.11 -72.53 -6.92
CA VAL A 120 83.10 -71.44 -6.88
C VAL A 120 83.95 -71.49 -5.62
N MET A 121 83.41 -71.96 -4.49
CA MET A 121 84.19 -72.07 -3.24
C MET A 121 85.22 -73.21 -3.35
N GLU A 122 84.83 -74.36 -3.92
CA GLU A 122 85.73 -75.48 -4.11
C GLU A 122 86.80 -75.16 -5.15
N GLU A 123 86.45 -74.40 -6.20
CA GLU A 123 87.42 -73.96 -7.21
C GLU A 123 88.44 -72.98 -6.58
N PHE A 124 87.98 -72.13 -5.65
CA PHE A 124 88.83 -71.19 -4.93
C PHE A 124 89.79 -71.92 -3.99
N LYS A 125 89.30 -72.88 -3.21
CA LYS A 125 90.16 -73.65 -2.31
C LYS A 125 91.15 -74.54 -3.06
N LYS A 126 90.83 -74.98 -4.29
CA LYS A 126 91.73 -75.80 -5.09
C LYS A 126 92.85 -74.95 -5.72
N GLU A 127 92.54 -73.70 -6.12
CA GLU A 127 93.50 -72.83 -6.79
C GLU A 127 94.36 -72.00 -5.82
N PHE A 128 93.75 -71.34 -4.83
CA PHE A 128 94.46 -70.47 -3.88
C PHE A 128 94.54 -71.00 -2.43
N ASN A 129 93.86 -72.12 -2.12
CA ASN A 129 93.84 -72.68 -0.76
C ASN A 129 93.23 -71.65 0.22
N GLY A 130 92.16 -71.00 -0.20
CA GLY A 130 91.49 -69.98 0.59
C GLY A 130 90.15 -70.39 1.16
N GLU A 131 89.63 -69.55 2.05
CA GLU A 131 88.34 -69.72 2.71
C GLU A 131 87.62 -68.36 2.66
N TYR A 132 86.47 -68.30 1.98
CA TYR A 132 85.70 -67.07 1.81
C TYR A 132 84.71 -66.88 2.97
N PHE A 133 84.99 -65.92 3.87
CA PHE A 133 84.14 -65.65 5.04
C PHE A 133 83.25 -64.43 4.81
N VAL A 134 81.94 -64.54 5.15
CA VAL A 134 80.96 -63.45 5.01
C VAL A 134 80.08 -63.37 6.28
N GLY A 135 79.71 -62.15 6.65
CA GLY A 135 78.87 -61.84 7.80
C GLY A 135 77.86 -60.78 7.41
N PRO A 136 76.60 -61.14 7.13
CA PRO A 136 75.62 -60.14 6.71
C PRO A 136 74.83 -59.53 7.87
N GLU A 137 74.17 -58.39 7.58
CA GLU A 137 73.33 -57.66 8.52
C GLU A 137 71.94 -57.52 7.87
N PRO A 138 71.17 -58.63 7.73
CA PRO A 138 69.86 -58.53 7.07
C PRO A 138 68.80 -57.84 7.93
N GLU A 139 68.55 -56.56 7.66
CA GLU A 139 67.56 -55.78 8.39
C GLU A 139 66.14 -56.12 7.93
N PHE A 140 65.14 -55.84 8.78
CA PHE A 140 63.73 -56.15 8.48
C PHE A 140 62.76 -55.13 9.12
N PHE A 141 61.44 -55.28 8.85
CA PHE A 141 60.40 -54.39 9.38
C PHE A 141 59.26 -55.21 9.99
N LEU A 142 58.94 -54.98 11.27
CA LEU A 142 57.80 -55.65 11.92
C LEU A 142 56.60 -54.74 11.69
N LEU A 143 55.53 -55.25 11.07
CA LEU A 143 54.36 -54.45 10.72
C LEU A 143 53.10 -54.84 11.51
N LYS A 144 52.08 -53.96 11.47
CA LYS A 144 50.77 -54.17 12.07
C LYS A 144 49.72 -53.50 11.15
N LYS A 145 48.50 -54.06 11.09
CA LYS A 145 47.44 -53.50 10.24
C LYS A 145 47.13 -52.05 10.60
N ASP A 146 46.85 -51.23 9.59
CA ASP A 146 46.52 -49.82 9.79
C ASP A 146 45.14 -49.77 10.48
N PRO A 147 45.00 -49.14 11.66
CA PRO A 147 43.66 -49.12 12.30
C PRO A 147 42.61 -48.38 11.47
N HIS A 148 43.03 -47.41 10.64
CA HIS A 148 42.11 -46.66 9.78
C HIS A 148 41.67 -47.46 8.54
N ASN A 149 42.39 -48.54 8.17
CA ASN A 149 42.03 -49.41 7.05
C ASN A 149 42.74 -50.78 7.20
N PRO A 150 42.01 -51.91 7.42
CA PRO A 150 42.71 -53.19 7.64
C PRO A 150 43.44 -53.76 6.42
N HIS A 151 43.13 -53.31 5.19
CA HIS A 151 43.80 -53.81 3.99
C HIS A 151 45.26 -53.35 3.85
N LYS A 152 45.67 -52.27 4.55
CA LYS A 152 47.04 -51.75 4.51
C LYS A 152 47.80 -52.05 5.80
N TYR A 153 49.15 -52.05 5.73
CA TYR A 153 50.03 -52.32 6.87
C TYR A 153 50.95 -51.12 7.14
N ILE A 154 51.22 -50.84 8.43
CA ILE A 154 52.09 -49.73 8.88
C ILE A 154 53.16 -50.26 9.87
N PRO A 155 54.13 -49.44 10.31
CA PRO A 155 55.15 -49.95 11.25
C PRO A 155 54.56 -50.24 12.64
N ALA A 156 55.18 -51.18 13.38
CA ALA A 156 54.70 -51.57 14.71
C ALA A 156 54.90 -50.50 15.79
N ASP A 157 56.05 -49.79 15.79
CA ASP A 157 56.31 -48.76 16.81
C ASP A 157 56.90 -47.52 16.21
N ASP A 158 56.61 -46.37 16.83
CA ASP A 158 57.15 -45.09 16.41
C ASP A 158 58.49 -44.88 17.13
N GLY A 159 59.41 -45.82 16.92
CA GLY A 159 60.73 -45.81 17.54
C GLY A 159 61.86 -45.40 16.61
N GLY A 160 63.07 -45.38 17.16
CA GLY A 160 64.30 -45.00 16.47
C GLY A 160 65.47 -45.92 16.80
N TYR A 161 66.65 -45.59 16.24
CA TYR A 161 67.87 -46.40 16.40
C TYR A 161 68.22 -46.65 17.86
N PHE A 162 68.41 -47.94 18.25
CA PHE A 162 68.78 -48.35 19.61
C PHE A 162 67.80 -47.88 20.72
N ASP A 163 66.60 -47.36 20.38
CA ASP A 163 65.68 -46.87 21.41
C ASP A 163 65.26 -47.93 22.43
N LEU A 164 64.92 -47.49 23.65
CA LEU A 164 64.46 -48.36 24.74
C LEU A 164 62.93 -48.41 24.81
N GLU A 165 62.40 -49.49 25.39
CA GLU A 165 60.97 -49.67 25.63
C GLU A 165 60.46 -48.59 26.63
N PRO A 166 59.19 -48.12 26.54
CA PRO A 166 58.12 -48.53 25.62
C PRO A 166 58.15 -47.87 24.25
N MET A 167 59.12 -46.96 23.97
CA MET A 167 59.26 -46.34 22.65
C MET A 167 59.52 -47.43 21.60
N ASP A 168 60.37 -48.42 21.96
CA ASP A 168 60.66 -49.61 21.18
C ASP A 168 59.70 -50.69 21.70
N GLU A 169 58.72 -51.11 20.89
CA GLU A 169 57.75 -52.11 21.31
C GLU A 169 58.10 -53.52 20.84
N ALA A 170 59.38 -53.78 20.46
CA ALA A 170 59.79 -55.11 20.01
C ALA A 170 60.86 -55.80 20.88
N PRO A 171 61.03 -55.52 22.20
CA PRO A 171 62.00 -56.29 22.97
C PRO A 171 61.52 -57.73 23.23
N ASP A 172 60.19 -57.95 23.29
CA ASP A 172 59.63 -59.28 23.48
C ASP A 172 59.80 -60.12 22.22
N ILE A 173 59.59 -59.52 21.03
CA ILE A 173 59.69 -60.22 19.76
C ILE A 173 61.16 -60.56 19.44
N ARG A 174 62.09 -59.63 19.68
CA ARG A 174 63.52 -59.89 19.45
C ARG A 174 64.06 -60.92 20.47
N ARG A 175 63.46 -61.03 21.67
CA ARG A 175 63.86 -62.02 22.67
C ARG A 175 63.66 -63.43 22.11
N ASP A 176 62.49 -63.69 21.51
CA ASP A 176 62.17 -64.99 20.93
C ASP A 176 62.93 -65.26 19.63
N ILE A 177 63.20 -64.23 18.80
CA ILE A 177 63.98 -64.39 17.57
C ILE A 177 65.40 -64.85 17.93
N VAL A 178 66.00 -64.24 18.96
CA VAL A 178 67.36 -64.60 19.38
C VAL A 178 67.39 -66.03 19.93
N PHE A 179 66.39 -66.44 20.74
CA PHE A 179 66.35 -67.80 21.27
C PHE A 179 66.18 -68.80 20.12
N ALA A 180 65.27 -68.51 19.17
CA ALA A 180 65.02 -69.40 18.04
C ALA A 180 66.27 -69.62 17.20
N LEU A 181 67.04 -68.55 16.92
CA LEU A 181 68.28 -68.64 16.15
C LEU A 181 69.35 -69.40 16.96
N GLU A 182 69.45 -69.16 18.27
CA GLU A 182 70.38 -69.87 19.13
C GLU A 182 70.13 -71.39 19.10
N ASN A 183 68.86 -71.80 19.06
CA ASN A 183 68.49 -73.22 19.00
C ASN A 183 68.87 -73.84 17.65
N LEU A 184 68.80 -73.06 16.56
CA LEU A 184 69.18 -73.52 15.23
C LEU A 184 70.72 -73.67 15.05
N GLY A 185 71.51 -73.11 15.97
CA GLY A 185 72.97 -73.17 15.93
C GLY A 185 73.65 -71.87 15.55
N PHE A 186 72.95 -70.73 15.67
CA PHE A 186 73.50 -69.43 15.32
C PHE A 186 74.27 -68.83 16.48
N HIS A 187 75.30 -68.04 16.16
CA HIS A 187 76.06 -67.30 17.16
C HIS A 187 75.61 -65.86 17.01
N VAL A 188 74.56 -65.47 17.75
CA VAL A 188 74.01 -64.11 17.67
C VAL A 188 74.95 -63.17 18.41
N GLU A 189 75.27 -62.00 17.81
CA GLU A 189 76.19 -61.03 18.41
C GLU A 189 75.50 -59.78 18.98
N ALA A 190 74.38 -59.34 18.38
CA ALA A 190 73.65 -58.17 18.86
C ALA A 190 72.23 -58.14 18.28
N SER A 191 71.32 -57.45 18.97
CA SER A 191 69.94 -57.31 18.52
C SER A 191 69.43 -55.95 19.00
N HIS A 192 68.86 -55.15 18.09
CA HIS A 192 68.44 -53.80 18.43
C HIS A 192 67.46 -53.22 17.40
N HIS A 193 66.87 -52.05 17.70
CA HIS A 193 65.98 -51.33 16.80
C HIS A 193 66.85 -50.52 15.82
N GLU A 194 66.35 -50.28 14.61
CA GLU A 194 67.07 -49.53 13.58
C GLU A 194 66.42 -48.14 13.37
N VAL A 195 67.09 -47.27 12.59
CA VAL A 195 66.72 -45.88 12.32
C VAL A 195 65.20 -45.68 12.06
N ALA A 196 64.64 -46.36 11.06
CA ALA A 196 63.22 -46.16 10.71
C ALA A 196 62.25 -46.76 11.73
N PRO A 197 61.00 -46.25 11.81
CA PRO A 197 60.02 -46.87 12.74
C PRO A 197 59.75 -48.32 12.38
N GLY A 198 59.61 -49.17 13.37
CA GLY A 198 59.34 -50.58 13.14
C GLY A 198 60.43 -51.37 12.44
N GLN A 199 61.60 -50.73 12.19
CA GLN A 199 62.74 -51.42 11.56
C GLN A 199 63.62 -52.00 12.67
N HIS A 200 64.09 -53.25 12.50
CA HIS A 200 64.91 -53.92 13.50
C HIS A 200 66.13 -54.60 12.88
N GLU A 201 67.08 -55.02 13.71
CA GLU A 201 68.31 -55.65 13.25
C GLU A 201 68.76 -56.72 14.26
N VAL A 202 69.20 -57.89 13.73
CA VAL A 202 69.73 -58.99 14.52
C VAL A 202 70.99 -59.43 13.79
N ASP A 203 72.17 -59.23 14.41
CA ASP A 203 73.47 -59.55 13.84
C ASP A 203 73.94 -60.92 14.28
N PHE A 204 74.63 -61.65 13.38
CA PHE A 204 75.20 -62.96 13.69
C PHE A 204 76.65 -63.05 13.23
N LYS A 205 77.44 -63.90 13.90
CA LYS A 205 78.87 -64.08 13.61
C LYS A 205 79.09 -64.57 12.19
N PHE A 206 80.17 -64.10 11.57
CA PHE A 206 80.51 -64.53 10.21
C PHE A 206 81.01 -65.98 10.20
N ASP A 207 80.91 -66.62 9.04
CA ASP A 207 81.35 -68.01 8.83
C ASP A 207 81.66 -68.21 7.32
N ASP A 208 81.98 -69.45 6.87
CA ASP A 208 82.25 -69.68 5.44
C ASP A 208 80.98 -69.41 4.63
N ALA A 209 81.13 -68.84 3.42
CA ALA A 209 80.03 -68.44 2.56
C ALA A 209 78.86 -69.41 2.48
N LEU A 210 79.10 -70.73 2.46
CA LEU A 210 78.03 -71.72 2.40
C LEU A 210 77.26 -71.76 3.73
N LYS A 211 77.97 -71.90 4.87
CA LYS A 211 77.33 -71.89 6.19
C LYS A 211 76.56 -70.59 6.43
N THR A 212 77.10 -69.47 5.93
CA THR A 212 76.46 -68.17 6.04
C THR A 212 75.18 -68.13 5.19
N ALA A 213 75.22 -68.60 3.93
CA ALA A 213 74.06 -68.60 3.06
C ALA A 213 72.93 -69.50 3.55
N ASP A 214 73.27 -70.60 4.21
CA ASP A 214 72.26 -71.48 4.81
C ASP A 214 71.61 -70.73 5.99
N SER A 215 72.42 -70.00 6.78
CA SER A 215 71.93 -69.22 7.91
C SER A 215 71.13 -67.99 7.45
N VAL A 216 71.35 -67.46 6.24
CA VAL A 216 70.58 -66.32 5.73
C VAL A 216 69.15 -66.81 5.41
N ILE A 217 69.01 -68.00 4.81
CA ILE A 217 67.68 -68.54 4.49
C ILE A 217 66.96 -68.87 5.78
N THR A 218 67.66 -69.53 6.71
CA THR A 218 67.08 -69.92 8.01
C THR A 218 66.71 -68.70 8.84
N PHE A 219 67.46 -67.60 8.71
CA PHE A 219 67.18 -66.36 9.42
C PHE A 219 65.90 -65.73 8.88
N LYS A 220 65.77 -65.60 7.54
CA LYS A 220 64.60 -64.98 6.92
C LYS A 220 63.30 -65.67 7.34
N THR A 221 63.29 -67.00 7.41
CA THR A 221 62.12 -67.76 7.84
C THR A 221 61.85 -67.58 9.33
N THR A 222 62.90 -67.56 10.17
CA THR A 222 62.79 -67.41 11.62
C THR A 222 62.12 -66.10 12.05
N ILE A 223 62.54 -64.98 11.44
CA ILE A 223 61.99 -63.66 11.76
C ILE A 223 60.50 -63.59 11.39
N LYS A 224 60.13 -64.14 10.23
CA LYS A 224 58.75 -64.10 9.78
C LYS A 224 57.82 -64.99 10.62
N THR A 225 58.24 -66.24 10.92
CA THR A 225 57.42 -67.15 11.73
C THR A 225 57.27 -66.69 13.18
N ILE A 226 58.33 -66.10 13.78
CA ILE A 226 58.26 -65.60 15.16
C ILE A 226 57.38 -64.34 15.23
N ALA A 227 57.42 -63.48 14.19
CA ALA A 227 56.58 -62.28 14.17
C ALA A 227 55.10 -62.64 14.07
N GLU A 228 54.76 -63.64 13.23
CA GLU A 228 53.38 -64.06 13.08
C GLU A 228 52.82 -64.67 14.39
N GLN A 229 53.68 -65.21 15.27
CA GLN A 229 53.26 -65.75 16.57
C GLN A 229 52.79 -64.61 17.47
N HIS A 230 53.53 -63.49 17.50
CA HIS A 230 53.18 -62.34 18.32
C HIS A 230 52.15 -61.39 17.64
N GLY A 231 51.34 -61.93 16.72
CA GLY A 231 50.30 -61.16 16.04
C GLY A 231 50.75 -60.05 15.12
N LEU A 232 52.00 -60.12 14.62
CA LEU A 232 52.57 -59.10 13.71
C LEU A 232 52.91 -59.77 12.33
N LYS A 233 53.53 -59.02 11.40
CA LYS A 233 53.93 -59.54 10.10
C LYS A 233 55.26 -58.91 9.70
N ALA A 234 56.35 -59.69 9.71
CA ALA A 234 57.68 -59.15 9.37
C ALA A 234 57.93 -59.18 7.87
N THR A 235 58.62 -58.16 7.33
CA THR A 235 58.96 -58.10 5.91
C THR A 235 60.39 -57.68 5.68
N PHE A 236 61.11 -58.43 4.82
CA PHE A 236 62.47 -58.11 4.42
C PHE A 236 62.41 -57.32 3.09
N MET A 237 61.44 -56.40 2.96
CA MET A 237 61.28 -55.60 1.75
C MET A 237 62.38 -54.51 1.77
N PRO A 238 63.14 -54.27 0.68
CA PRO A 238 64.19 -53.24 0.73
C PRO A 238 63.75 -51.79 1.00
N LYS A 239 62.47 -51.45 0.80
CA LYS A 239 61.96 -50.09 1.01
C LYS A 239 60.42 -50.13 1.10
N PRO A 240 59.85 -50.64 2.20
CA PRO A 240 58.39 -50.72 2.30
C PRO A 240 57.69 -49.37 2.41
N PHE A 241 58.33 -48.38 3.04
CA PHE A 241 57.74 -47.05 3.21
C PHE A 241 58.67 -45.95 2.72
N PHE A 242 58.11 -44.95 2.03
CA PHE A 242 58.85 -43.81 1.51
C PHE A 242 59.12 -42.81 2.65
N GLY A 243 60.24 -42.10 2.58
CA GLY A 243 60.58 -41.11 3.58
C GLY A 243 61.12 -41.68 4.87
N MET A 244 61.87 -42.78 4.78
CA MET A 244 62.50 -43.43 5.95
C MET A 244 63.47 -44.53 5.48
N ASN A 245 64.40 -44.96 6.37
CA ASN A 245 65.38 -45.99 6.01
C ASN A 245 64.76 -47.26 5.41
N GLY A 246 65.56 -47.97 4.63
CA GLY A 246 65.18 -49.23 4.00
C GLY A 246 65.99 -50.39 4.55
N SER A 247 65.50 -51.62 4.35
CA SER A 247 66.19 -52.82 4.82
C SER A 247 67.45 -53.09 4.00
N GLY A 248 68.60 -53.00 4.65
CA GLY A 248 69.89 -53.23 4.00
C GLY A 248 70.59 -54.44 4.59
N MET A 249 71.31 -55.19 3.75
CA MET A 249 72.06 -56.37 4.18
C MET A 249 73.52 -56.17 3.82
N HIS A 250 74.24 -55.46 4.70
CA HIS A 250 75.66 -55.19 4.49
C HIS A 250 76.44 -56.51 4.54
N CYS A 251 77.35 -56.75 3.59
CA CYS A 251 78.12 -58.00 3.53
C CYS A 251 79.57 -57.81 3.92
N HIS A 252 79.90 -58.02 5.20
CA HIS A 252 81.28 -57.95 5.69
C HIS A 252 81.99 -59.20 5.20
N GLN A 253 82.90 -59.08 4.23
CA GLN A 253 83.57 -60.24 3.65
C GLN A 253 85.10 -60.16 3.69
N SER A 254 85.74 -61.35 3.60
CA SER A 254 87.20 -61.48 3.63
C SER A 254 87.63 -62.87 3.15
N ILE A 255 88.85 -62.98 2.58
CA ILE A 255 89.39 -64.26 2.09
C ILE A 255 90.68 -64.62 2.85
N TRP A 256 90.72 -65.83 3.45
CA TRP A 256 91.87 -66.30 4.24
C TRP A 256 92.69 -67.32 3.48
N LEU A 257 93.78 -66.89 2.84
CA LEU A 257 94.67 -67.78 2.10
C LEU A 257 95.66 -68.46 3.05
N ASN A 258 95.62 -69.79 3.10
CA ASN A 258 96.50 -70.61 3.94
C ASN A 258 96.29 -70.34 5.44
N GLY A 259 95.03 -70.44 5.87
CA GLY A 259 94.63 -70.26 7.26
C GLY A 259 95.16 -69.02 7.96
N GLU A 260 95.20 -67.89 7.25
CA GLU A 260 95.68 -66.61 7.80
C GLU A 260 94.86 -65.43 7.25
N PRO A 261 94.75 -64.32 8.00
CA PRO A 261 94.02 -63.17 7.46
C PRO A 261 94.84 -62.46 6.39
N SER A 262 94.56 -62.77 5.13
CA SER A 262 95.29 -62.21 3.98
C SER A 262 94.99 -60.74 3.76
N PHE A 263 93.83 -60.24 4.21
CA PHE A 263 93.48 -58.83 4.05
C PHE A 263 94.30 -57.92 4.96
N TYR A 264 94.84 -58.43 6.09
CA TYR A 264 95.63 -57.63 7.02
C TYR A 264 97.11 -57.61 6.64
N ASP A 265 97.74 -56.43 6.72
CA ASP A 265 99.17 -56.27 6.49
C ASP A 265 99.66 -55.20 7.46
N GLU A 266 100.20 -55.65 8.59
CA GLU A 266 100.73 -54.82 9.69
C GLU A 266 101.63 -53.68 9.17
N ASN A 267 102.47 -53.99 8.16
CA ASN A 267 103.39 -53.02 7.56
C ASN A 267 102.89 -52.55 6.17
N ALA A 268 101.75 -51.85 6.12
CA ALA A 268 101.19 -51.34 4.87
C ALA A 268 100.26 -50.13 5.09
N PRO A 269 99.83 -49.39 4.03
CA PRO A 269 98.94 -48.25 4.26
C PRO A 269 97.57 -48.68 4.76
N TYR A 270 97.04 -47.99 5.79
CA TYR A 270 95.76 -48.32 6.42
C TYR A 270 95.74 -49.74 7.03
N GLN A 271 96.92 -50.42 7.16
CA GLN A 271 97.05 -51.79 7.65
C GLN A 271 96.20 -52.74 6.78
N LEU A 272 96.19 -52.52 5.45
CA LEU A 272 95.44 -53.33 4.49
C LEU A 272 96.43 -53.87 3.46
N SER A 273 96.36 -55.17 3.20
CA SER A 273 97.28 -55.86 2.29
C SER A 273 97.01 -55.55 0.81
N GLU A 274 97.94 -55.97 -0.07
CA GLU A 274 97.80 -55.85 -1.51
C GLU A 274 96.59 -56.68 -1.97
N THR A 275 96.40 -57.88 -1.38
CA THR A 275 95.26 -58.77 -1.69
C THR A 275 93.93 -58.07 -1.46
N CYS A 276 93.81 -57.29 -0.37
CA CYS A 276 92.60 -56.54 -0.06
C CYS A 276 92.33 -55.48 -1.15
N MET A 277 93.36 -54.72 -1.54
CA MET A 277 93.22 -53.68 -2.57
C MET A 277 92.90 -54.29 -3.94
N ASN A 278 93.42 -55.49 -4.23
CA ASN A 278 93.11 -56.17 -5.49
C ASN A 278 91.67 -56.65 -5.46
N TYR A 279 91.19 -57.18 -4.32
CA TYR A 279 89.82 -57.64 -4.16
C TYR A 279 88.81 -56.49 -4.26
N VAL A 280 89.11 -55.34 -3.62
CA VAL A 280 88.24 -54.16 -3.68
C VAL A 280 88.18 -53.64 -5.12
N ALA A 281 89.30 -53.65 -5.85
CA ALA A 281 89.33 -53.20 -7.25
C ALA A 281 88.43 -54.06 -8.15
N GLY A 282 88.29 -55.34 -7.83
CA GLY A 282 87.42 -56.25 -8.57
C GLY A 282 85.95 -56.03 -8.30
N ILE A 283 85.58 -55.72 -7.03
CA ILE A 283 84.18 -55.46 -6.68
C ILE A 283 83.72 -54.16 -7.33
N LEU A 284 84.58 -53.12 -7.30
CA LEU A 284 84.26 -51.82 -7.89
C LEU A 284 84.16 -51.92 -9.43
N LYS A 285 84.95 -52.80 -10.05
CA LYS A 285 84.92 -53.01 -11.50
C LYS A 285 83.57 -53.59 -11.93
N HIS A 286 83.10 -54.65 -11.27
CA HIS A 286 81.83 -55.30 -11.59
C HIS A 286 80.65 -54.77 -10.76
N ALA A 287 80.79 -53.64 -10.04
CA ALA A 287 79.74 -53.08 -9.19
C ALA A 287 78.41 -52.86 -9.92
N LYS A 288 78.45 -52.36 -11.16
CA LYS A 288 77.25 -52.13 -11.95
C LYS A 288 76.50 -53.42 -12.32
N ALA A 289 77.22 -54.56 -12.34
CA ALA A 289 76.66 -55.87 -12.68
C ALA A 289 76.28 -56.69 -11.43
N ILE A 290 77.04 -56.57 -10.33
CA ILE A 290 76.76 -57.31 -9.09
C ILE A 290 75.42 -56.88 -8.51
N VAL A 291 75.08 -55.58 -8.60
CA VAL A 291 73.80 -55.07 -8.06
C VAL A 291 72.57 -55.71 -8.72
N ALA A 292 72.70 -56.32 -9.92
CA ALA A 292 71.56 -57.00 -10.54
C ALA A 292 71.16 -58.22 -9.70
N ILE A 293 72.15 -58.95 -9.17
CA ILE A 293 71.95 -60.14 -8.35
C ILE A 293 71.71 -59.79 -6.87
N THR A 294 72.53 -58.90 -6.30
CA THR A 294 72.40 -58.52 -4.89
C THR A 294 71.22 -57.58 -4.59
N ASN A 295 70.64 -56.94 -5.64
CA ASN A 295 69.49 -56.04 -5.54
C ASN A 295 68.55 -56.42 -6.71
N PRO A 296 67.91 -57.59 -6.67
CA PRO A 296 67.11 -58.05 -7.82
C PRO A 296 65.66 -57.55 -7.94
N THR A 297 65.10 -56.91 -6.92
CA THR A 297 63.71 -56.44 -6.99
C THR A 297 63.62 -55.02 -7.57
N VAL A 298 62.43 -54.63 -8.06
CA VAL A 298 62.20 -53.27 -8.58
C VAL A 298 62.32 -52.29 -7.41
N ASN A 299 61.73 -52.63 -6.25
CA ASN A 299 61.76 -51.83 -5.03
C ASN A 299 63.17 -51.59 -4.48
N SER A 300 64.13 -52.45 -4.83
CA SER A 300 65.51 -52.29 -4.39
C SER A 300 66.10 -50.96 -4.82
N TYR A 301 65.73 -50.49 -6.03
CA TYR A 301 66.25 -49.23 -6.57
C TYR A 301 65.52 -47.97 -6.04
N LYS A 302 64.59 -48.14 -5.07
CA LYS A 302 63.94 -47.04 -4.34
C LYS A 302 64.73 -46.76 -3.04
N ARG A 303 65.47 -47.77 -2.48
CA ARG A 303 66.38 -47.60 -1.35
C ARG A 303 67.73 -47.22 -2.01
N LEU A 304 68.28 -48.12 -2.85
CA LEU A 304 69.52 -47.93 -3.59
C LEU A 304 69.19 -47.05 -4.81
N VAL A 305 68.92 -45.76 -4.55
CA VAL A 305 68.48 -44.80 -5.57
C VAL A 305 69.59 -43.78 -5.92
N PRO A 306 70.14 -43.75 -7.17
CA PRO A 306 71.19 -42.76 -7.48
C PRO A 306 70.73 -41.32 -7.34
N GLY A 307 71.67 -40.42 -7.04
CA GLY A 307 71.37 -39.02 -6.83
C GLY A 307 70.83 -38.70 -5.45
N TYR A 308 70.53 -39.74 -4.62
CA TYR A 308 70.00 -39.60 -3.27
C TYR A 308 70.84 -40.42 -2.28
N GLU A 309 70.82 -40.04 -0.99
CA GLU A 309 71.60 -40.70 0.06
C GLU A 309 71.41 -42.22 0.13
N ALA A 310 72.39 -42.96 -0.40
CA ALA A 310 72.40 -44.43 -0.43
C ALA A 310 73.81 -44.96 -0.80
N PRO A 311 74.10 -46.28 -0.65
CA PRO A 311 75.43 -46.78 -1.06
C PRO A 311 75.47 -47.03 -2.59
N VAL A 312 75.20 -45.96 -3.35
CA VAL A 312 75.15 -45.93 -4.82
C VAL A 312 76.47 -45.51 -5.45
N ASN A 313 77.31 -44.79 -4.72
CA ASN A 313 78.57 -44.27 -5.26
C ASN A 313 79.63 -45.37 -5.29
N ILE A 314 80.12 -45.72 -6.49
CA ILE A 314 81.12 -46.76 -6.70
C ILE A 314 82.51 -46.24 -6.29
N ALA A 315 82.84 -46.41 -5.00
CA ALA A 315 84.13 -46.01 -4.41
C ALA A 315 84.32 -46.67 -3.02
N TRP A 316 85.55 -46.70 -2.49
CA TRP A 316 85.82 -47.31 -1.18
C TRP A 316 86.35 -46.27 -0.18
N ALA A 317 86.17 -46.52 1.12
CA ALA A 317 86.61 -45.61 2.19
C ALA A 317 86.61 -46.30 3.56
N ASN A 318 87.42 -45.79 4.50
CA ASN A 318 87.51 -46.35 5.85
C ASN A 318 86.50 -45.72 6.81
N SER A 319 85.63 -46.53 7.45
CA SER A 319 84.65 -46.06 8.43
C SER A 319 83.62 -45.02 7.90
N ASN A 320 83.49 -44.90 6.57
CA ASN A 320 82.57 -43.96 5.91
C ASN A 320 81.40 -44.75 5.29
N ARG A 321 80.18 -44.56 5.84
CA ARG A 321 78.99 -45.27 5.35
C ARG A 321 78.39 -44.66 4.07
N SER A 322 78.93 -43.53 3.54
CA SER A 322 78.40 -42.91 2.32
C SER A 322 78.80 -43.64 1.05
N ALA A 323 79.96 -44.31 1.04
CA ALA A 323 80.48 -45.07 -0.11
C ALA A 323 79.86 -46.47 -0.23
N ILE A 324 79.99 -47.13 -1.41
CA ILE A 324 79.45 -48.48 -1.59
C ILE A 324 80.18 -49.49 -0.69
N ILE A 325 81.50 -49.28 -0.45
CA ILE A 325 82.32 -50.13 0.42
C ILE A 325 82.85 -49.31 1.58
N ARG A 326 82.83 -49.90 2.79
CA ARG A 326 83.34 -49.27 4.00
C ARG A 326 84.27 -50.29 4.64
N VAL A 327 85.53 -49.92 4.90
CA VAL A 327 86.48 -50.82 5.53
C VAL A 327 86.38 -50.62 7.04
N PRO A 328 85.77 -51.54 7.82
CA PRO A 328 85.68 -51.31 9.28
C PRO A 328 87.04 -51.14 9.93
N ALA A 329 87.10 -50.35 11.01
CA ALA A 329 88.36 -50.07 11.70
C ALA A 329 89.02 -51.25 12.42
N ALA A 330 88.33 -52.40 12.57
CA ALA A 330 88.91 -53.57 13.23
C ALA A 330 90.01 -54.17 12.38
N ARG A 331 91.13 -54.58 13.00
CA ARG A 331 92.27 -55.14 12.30
C ARG A 331 92.75 -56.48 12.92
N GLY A 332 93.59 -57.19 12.17
CA GLY A 332 94.10 -58.51 12.55
C GLY A 332 93.25 -59.58 11.90
N LYS A 333 92.60 -60.43 12.70
CA LYS A 333 91.70 -61.45 12.16
C LYS A 333 90.40 -60.82 11.65
N GLY A 334 89.94 -59.75 12.31
CA GLY A 334 88.72 -59.04 11.94
C GLY A 334 88.83 -58.03 10.82
N THR A 335 89.96 -58.03 10.05
CA THR A 335 90.10 -57.10 8.92
C THR A 335 89.14 -57.56 7.84
N ARG A 336 88.32 -56.65 7.31
CA ARG A 336 87.33 -57.03 6.26
C ARG A 336 86.84 -55.79 5.49
N ILE A 337 85.96 -56.01 4.51
CA ILE A 337 85.37 -54.94 3.70
C ILE A 337 83.86 -55.11 3.73
N GLU A 338 83.13 -54.01 3.92
CA GLU A 338 81.68 -54.04 4.01
C GLU A 338 81.06 -53.60 2.69
N PHE A 339 80.46 -54.54 1.93
CA PHE A 339 79.77 -54.22 0.69
C PHE A 339 78.36 -53.83 1.12
N ARG A 340 78.06 -52.51 1.10
CA ARG A 340 76.80 -51.93 1.60
C ARG A 340 75.60 -51.95 0.64
N ALA A 341 75.81 -52.14 -0.67
CA ALA A 341 74.72 -52.12 -1.63
C ALA A 341 73.63 -53.21 -1.45
N PRO A 342 73.97 -54.47 -1.06
CA PRO A 342 72.92 -55.51 -0.98
C PRO A 342 71.75 -55.24 -0.03
N ASP A 343 70.63 -55.92 -0.29
CA ASP A 343 69.39 -55.86 0.51
C ASP A 343 68.94 -57.29 0.80
N PRO A 344 68.12 -57.53 1.85
CA PRO A 344 67.73 -58.92 2.15
C PRO A 344 66.74 -59.58 1.16
N SER A 345 66.44 -58.93 0.02
CA SER A 345 65.57 -59.48 -1.01
C SER A 345 66.29 -60.46 -1.97
N CYS A 346 67.63 -60.44 -1.99
CA CYS A 346 68.45 -61.26 -2.89
C CYS A 346 68.59 -62.71 -2.41
N ASN A 347 69.02 -63.59 -3.33
CA ASN A 347 69.33 -64.98 -3.03
C ASN A 347 70.74 -64.95 -2.42
N PRO A 348 70.99 -65.46 -1.19
CA PRO A 348 72.35 -65.39 -0.63
C PRO A 348 73.38 -66.20 -1.39
N TYR A 349 73.01 -67.42 -1.85
CA TYR A 349 73.92 -68.29 -2.60
C TYR A 349 74.45 -67.61 -3.86
N LEU A 350 73.59 -66.89 -4.60
CA LEU A 350 74.00 -66.18 -5.80
C LEU A 350 74.71 -64.87 -5.45
N ALA A 351 74.30 -64.19 -4.36
CA ALA A 351 74.94 -62.95 -3.92
C ALA A 351 76.39 -63.18 -3.54
N PHE A 352 76.69 -64.25 -2.78
CA PHE A 352 78.08 -64.53 -2.38
C PHE A 352 78.90 -65.04 -3.56
N THR A 353 78.26 -65.75 -4.51
CA THR A 353 78.92 -66.27 -5.72
C THR A 353 79.42 -65.13 -6.62
N VAL A 354 78.56 -64.14 -6.94
CA VAL A 354 78.97 -63.02 -7.79
C VAL A 354 80.01 -62.15 -7.10
N MET A 355 79.90 -61.97 -5.77
CA MET A 355 80.87 -61.17 -5.04
C MET A 355 82.25 -61.84 -5.00
N LEU A 356 82.30 -63.16 -4.76
CA LEU A 356 83.59 -63.86 -4.73
C LEU A 356 84.22 -63.90 -6.11
N ALA A 357 83.43 -64.13 -7.17
CA ALA A 357 83.96 -64.18 -8.54
C ALA A 357 84.50 -62.82 -9.00
N ALA A 358 83.77 -61.73 -8.72
CA ALA A 358 84.23 -60.40 -9.09
C ALA A 358 85.50 -60.03 -8.31
N GLY A 359 85.54 -60.38 -7.03
CA GLY A 359 86.70 -60.12 -6.20
C GLY A 359 87.92 -60.89 -6.63
N LEU A 360 87.74 -62.20 -6.96
CA LEU A 360 88.84 -63.04 -7.43
C LEU A 360 89.33 -62.62 -8.81
N ASP A 361 88.51 -61.95 -9.63
CA ASP A 361 88.95 -61.40 -10.91
C ASP A 361 90.03 -60.32 -10.65
N GLY A 362 89.83 -59.52 -9.59
CA GLY A 362 90.79 -58.50 -9.17
C GLY A 362 92.05 -59.09 -8.58
N VAL A 363 91.95 -60.21 -7.85
CA VAL A 363 93.10 -60.89 -7.25
C VAL A 363 93.94 -61.59 -8.32
N LYS A 364 93.29 -62.26 -9.29
CA LYS A 364 93.99 -62.96 -10.37
C LYS A 364 94.77 -61.98 -11.28
N ASN A 365 94.11 -60.89 -11.71
CA ASN A 365 94.74 -59.87 -12.56
C ASN A 365 95.55 -58.82 -11.78
N LYS A 366 95.45 -58.78 -10.44
CA LYS A 366 96.15 -57.80 -9.60
C LYS A 366 95.77 -56.37 -10.01
N LEU A 367 94.46 -56.08 -10.07
CA LEU A 367 93.97 -54.76 -10.47
C LEU A 367 94.21 -53.72 -9.39
N ASP A 368 94.56 -52.49 -9.79
CA ASP A 368 94.87 -51.41 -8.85
C ASP A 368 93.59 -50.69 -8.42
N ALA A 369 93.40 -50.53 -7.10
CA ALA A 369 92.24 -49.84 -6.55
C ALA A 369 92.50 -48.32 -6.52
N PRO A 370 91.44 -47.48 -6.59
CA PRO A 370 91.67 -46.03 -6.52
C PRO A 370 91.88 -45.53 -5.08
N GLU A 371 92.17 -44.22 -4.92
CA GLU A 371 92.38 -43.64 -3.60
C GLU A 371 91.06 -43.66 -2.80
N PRO A 372 91.10 -43.85 -1.46
CA PRO A 372 89.85 -43.88 -0.69
C PRO A 372 89.21 -42.51 -0.56
N VAL A 373 87.87 -42.43 -0.71
CA VAL A 373 87.14 -41.16 -0.61
C VAL A 373 86.67 -40.93 0.83
N GLU A 374 87.58 -40.46 1.69
CA GLU A 374 87.28 -40.19 3.11
C GLU A 374 86.25 -39.08 3.30
N ARG A 375 86.13 -38.15 2.34
CA ARG A 375 85.12 -37.08 2.40
C ARG A 375 83.71 -37.64 2.30
N ASN A 376 82.71 -36.88 2.79
CA ASN A 376 81.31 -37.30 2.68
C ASN A 376 80.93 -37.13 1.19
N ILE A 377 80.53 -38.23 0.54
CA ILE A 377 80.22 -38.21 -0.89
C ILE A 377 78.87 -37.53 -1.17
N PHE A 378 77.91 -37.59 -0.23
CA PHE A 378 76.61 -36.96 -0.42
C PHE A 378 76.73 -35.43 -0.48
N ALA A 379 77.72 -34.85 0.23
CA ALA A 379 77.96 -33.41 0.20
C ALA A 379 78.65 -32.94 -1.10
N MET A 380 79.05 -33.86 -2.00
CA MET A 380 79.72 -33.51 -3.26
C MET A 380 78.71 -33.26 -4.37
N SER A 381 79.09 -32.39 -5.33
CA SER A 381 78.25 -32.10 -6.50
C SER A 381 78.51 -33.12 -7.62
N GLU A 382 77.57 -33.26 -8.56
CA GLU A 382 77.71 -34.20 -9.68
C GLU A 382 78.90 -33.84 -10.59
N ALA A 383 79.23 -32.55 -10.73
CA ALA A 383 80.38 -32.12 -11.54
C ALA A 383 81.71 -32.50 -10.85
N GLU A 384 81.73 -32.46 -9.50
CA GLU A 384 82.92 -32.83 -8.71
C GLU A 384 83.09 -34.36 -8.74
N LYS A 385 81.99 -35.12 -8.57
CA LYS A 385 82.04 -36.58 -8.61
C LYS A 385 82.44 -37.12 -10.00
N LYS A 386 82.18 -36.35 -11.08
CA LYS A 386 82.55 -36.75 -12.43
C LYS A 386 84.05 -36.58 -12.64
N GLU A 387 84.63 -35.49 -12.12
CA GLU A 387 86.07 -35.21 -12.23
C GLU A 387 86.88 -36.29 -11.50
N LEU A 388 86.46 -36.66 -10.28
CA LEU A 388 87.14 -37.71 -9.50
C LEU A 388 86.94 -39.12 -10.07
N GLY A 389 85.90 -39.34 -10.87
CA GLY A 389 85.61 -40.62 -11.49
C GLY A 389 84.73 -41.51 -10.63
N ILE A 390 83.89 -40.91 -9.78
CA ILE A 390 82.99 -41.66 -8.89
C ILE A 390 81.69 -41.95 -9.64
N GLU A 391 81.63 -43.10 -10.32
CA GLU A 391 80.44 -43.52 -11.05
C GLU A 391 79.38 -44.05 -10.09
N SER A 392 78.11 -44.10 -10.51
CA SER A 392 77.03 -44.58 -9.65
C SER A 392 76.42 -45.88 -10.19
N VAL A 393 75.81 -46.66 -9.29
CA VAL A 393 75.16 -47.93 -9.65
C VAL A 393 73.88 -47.65 -10.45
N PRO A 394 73.45 -48.57 -11.34
CA PRO A 394 72.21 -48.32 -12.13
C PRO A 394 71.00 -47.84 -11.32
N ALA A 395 70.17 -46.97 -11.94
CA ALA A 395 68.99 -46.38 -11.31
C ALA A 395 67.75 -47.28 -11.27
N ASN A 396 67.73 -48.41 -11.98
CA ASN A 396 66.57 -49.29 -12.00
C ASN A 396 66.96 -50.76 -12.28
N LEU A 397 66.00 -51.69 -12.17
CA LEU A 397 66.25 -53.12 -12.37
C LEU A 397 66.71 -53.43 -13.81
N LYS A 398 66.00 -52.90 -14.82
CA LYS A 398 66.36 -53.16 -16.21
C LYS A 398 67.75 -52.65 -16.57
N ALA A 399 68.17 -51.51 -16.00
CA ALA A 399 69.51 -50.98 -16.26
C ALA A 399 70.60 -51.91 -15.70
N ALA A 400 70.32 -52.58 -14.57
CA ALA A 400 71.25 -53.52 -13.95
C ALA A 400 71.28 -54.87 -14.70
N LEU A 401 70.14 -55.32 -15.26
CA LEU A 401 70.09 -56.57 -16.02
C LEU A 401 70.90 -56.48 -17.32
N ASP A 402 70.96 -55.28 -17.94
CA ASP A 402 71.75 -55.08 -19.15
C ASP A 402 73.24 -55.20 -18.83
N GLU A 403 73.67 -54.64 -17.69
CA GLU A 403 75.06 -54.70 -17.23
C GLU A 403 75.48 -56.12 -16.87
N LEU A 404 74.57 -56.89 -16.23
CA LEU A 404 74.84 -58.28 -15.88
C LEU A 404 74.99 -59.13 -17.15
N GLU A 405 74.16 -58.88 -18.16
CA GLU A 405 74.16 -59.59 -19.44
C GLU A 405 75.50 -59.42 -20.18
N ASN A 406 76.03 -58.18 -20.23
CA ASN A 406 77.31 -57.91 -20.88
C ASN A 406 78.52 -58.40 -20.06
N ASN A 407 78.36 -58.56 -18.74
CA ASN A 407 79.43 -59.00 -17.85
C ASN A 407 79.69 -60.50 -18.02
N ASP A 408 80.84 -60.86 -18.58
CA ASP A 408 81.22 -62.25 -18.81
C ASP A 408 81.81 -62.91 -17.54
N VAL A 409 82.36 -62.13 -16.60
CA VAL A 409 82.91 -62.68 -15.36
C VAL A 409 81.79 -63.31 -14.51
N LEU A 410 80.65 -62.62 -14.37
CA LEU A 410 79.52 -63.13 -13.59
C LEU A 410 78.67 -64.15 -14.37
N LYS A 411 78.74 -64.14 -15.72
CA LYS A 411 78.01 -65.10 -16.53
C LYS A 411 78.55 -66.52 -16.26
N ASN A 412 79.88 -66.68 -16.27
CA ASN A 412 80.52 -67.97 -16.04
C ASN A 412 80.44 -68.44 -14.58
N ALA A 413 80.36 -67.51 -13.61
CA ALA A 413 80.26 -67.86 -12.20
C ALA A 413 78.88 -68.42 -11.87
N LEU A 414 77.82 -67.80 -12.43
CA LEU A 414 76.44 -68.27 -12.25
C LEU A 414 76.12 -69.47 -13.14
N GLY A 415 76.74 -69.52 -14.32
CA GLY A 415 76.53 -70.60 -15.29
C GLY A 415 75.42 -70.27 -16.27
N LYS A 416 75.46 -70.87 -17.46
CA LYS A 416 74.46 -70.62 -18.50
C LYS A 416 73.02 -70.83 -18.00
N HIS A 417 72.79 -71.78 -17.09
CA HIS A 417 71.45 -72.06 -16.59
C HIS A 417 70.91 -70.98 -15.66
N ILE A 418 71.68 -70.59 -14.63
CA ILE A 418 71.23 -69.60 -13.66
C ILE A 418 71.19 -68.20 -14.28
N PHE A 419 72.26 -67.83 -15.02
CA PHE A 419 72.38 -66.53 -15.68
C PHE A 419 71.21 -66.24 -16.64
N GLU A 420 70.88 -67.19 -17.54
CA GLU A 420 69.80 -67.00 -18.52
C GLU A 420 68.40 -67.01 -17.89
N SER A 421 68.13 -67.95 -16.95
CA SER A 421 66.82 -68.01 -16.31
C SER A 421 66.58 -66.80 -15.44
N PHE A 422 67.61 -66.30 -14.75
CA PHE A 422 67.46 -65.12 -13.90
C PHE A 422 67.10 -63.90 -14.76
N LEU A 423 67.82 -63.66 -15.87
CA LEU A 423 67.52 -62.53 -16.74
C LEU A 423 66.10 -62.64 -17.33
N GLU A 424 65.65 -63.86 -17.69
CA GLU A 424 64.32 -64.08 -18.24
C GLU A 424 63.24 -63.78 -17.18
N ILE A 425 63.45 -64.26 -15.94
CA ILE A 425 62.50 -64.05 -14.84
C ILE A 425 62.45 -62.58 -14.44
N LYS A 426 63.59 -61.88 -14.44
CA LYS A 426 63.63 -60.48 -14.06
C LYS A 426 63.19 -59.53 -15.17
N ASN A 427 63.35 -59.93 -16.45
CA ASN A 427 62.84 -59.10 -17.55
C ASN A 427 61.31 -59.15 -17.55
N ALA A 428 60.72 -60.34 -17.31
CA ALA A 428 59.28 -60.49 -17.22
C ALA A 428 58.72 -59.74 -16.00
N GLU A 429 59.47 -59.69 -14.89
CA GLU A 429 59.11 -58.98 -13.67
C GLU A 429 59.17 -57.46 -13.90
N TRP A 430 60.19 -56.99 -14.64
CA TRP A 430 60.34 -55.57 -14.98
C TRP A 430 59.20 -55.13 -15.91
N ASP A 431 58.86 -55.98 -16.91
CA ASP A 431 57.78 -55.67 -17.84
C ASP A 431 56.45 -55.50 -17.12
N SER A 432 56.18 -56.32 -16.09
CA SER A 432 54.93 -56.21 -15.32
C SER A 432 54.86 -54.85 -14.61
N PHE A 433 55.99 -54.34 -14.12
CA PHE A 433 56.05 -53.05 -13.43
C PHE A 433 55.86 -51.88 -14.40
N ARG A 434 56.60 -51.84 -15.52
CA ARG A 434 56.51 -50.73 -16.47
C ARG A 434 55.16 -50.61 -17.21
N THR A 435 54.36 -51.69 -17.25
CA THR A 435 53.05 -51.65 -17.91
C THR A 435 51.95 -51.23 -16.93
N SER A 436 52.08 -51.58 -15.64
CA SER A 436 51.07 -51.26 -14.64
C SER A 436 50.94 -49.76 -14.35
N VAL A 437 49.69 -49.29 -14.15
CA VAL A 437 49.40 -47.89 -13.83
C VAL A 437 49.51 -47.75 -12.30
N THR A 438 50.62 -47.17 -11.84
CA THR A 438 50.90 -47.02 -10.41
C THR A 438 50.04 -45.95 -9.74
N ASP A 439 49.95 -46.02 -8.39
CA ASP A 439 49.18 -45.07 -7.60
C ASP A 439 49.76 -43.65 -7.65
N TRP A 440 51.09 -43.52 -7.89
CA TRP A 440 51.73 -42.21 -8.01
C TRP A 440 51.16 -41.49 -9.24
N GLU A 441 51.00 -42.22 -10.36
CA GLU A 441 50.47 -41.68 -11.62
C GLU A 441 49.02 -41.25 -11.46
N THR A 442 48.21 -42.02 -10.72
CA THR A 442 46.81 -41.68 -10.50
C THR A 442 46.71 -40.37 -9.70
N THR A 443 47.59 -40.18 -8.71
CA THR A 443 47.61 -38.97 -7.89
C THR A 443 48.07 -37.75 -8.68
N ALA A 444 49.09 -37.93 -9.54
CA ALA A 444 49.67 -36.82 -10.29
C ALA A 444 49.01 -36.48 -11.64
N TYR A 445 48.29 -37.42 -12.29
CA TYR A 445 47.74 -37.16 -13.62
C TYR A 445 46.22 -37.36 -13.79
N LEU A 446 45.45 -37.70 -12.76
CA LEU A 446 43.98 -37.82 -12.91
C LEU A 446 43.35 -36.41 -13.07
N LYS A 447 43.94 -35.39 -12.45
CA LYS A 447 43.45 -34.01 -12.52
C LYS A 447 43.60 -33.38 -13.91
N ILE A 448 44.57 -33.85 -14.73
CA ILE A 448 44.80 -33.25 -16.06
C ILE A 448 43.73 -33.65 -17.09
N THR B 3 -36.95 -28.37 3.81
CA THR B 3 -37.76 -29.29 3.01
C THR B 3 -36.88 -30.14 2.06
N VAL B 4 -37.48 -31.20 1.46
CA VAL B 4 -36.79 -32.12 0.55
C VAL B 4 -36.14 -31.37 -0.61
N GLU B 5 -36.89 -30.47 -1.27
CA GLU B 5 -36.38 -29.73 -2.42
C GLU B 5 -35.35 -28.66 -2.10
N GLN B 6 -35.31 -28.12 -0.88
CA GLN B 6 -34.27 -27.16 -0.50
C GLN B 6 -32.90 -27.84 -0.50
N VAL B 7 -32.84 -29.12 -0.09
CA VAL B 7 -31.60 -29.90 -0.10
C VAL B 7 -31.22 -30.22 -1.55
N LEU B 8 -32.20 -30.64 -2.37
CA LEU B 8 -31.98 -30.96 -3.79
C LEU B 8 -31.52 -29.73 -4.60
N GLU B 9 -31.97 -28.53 -4.20
CA GLU B 9 -31.57 -27.29 -4.87
C GLU B 9 -30.12 -26.96 -4.55
N TYR B 10 -29.69 -27.17 -3.30
CA TYR B 10 -28.30 -26.92 -2.88
C TYR B 10 -27.38 -27.94 -3.56
N VAL B 11 -27.80 -29.22 -3.56
CA VAL B 11 -27.06 -30.31 -4.20
C VAL B 11 -26.83 -30.04 -5.69
N LYS B 12 -27.86 -29.54 -6.39
CA LYS B 12 -27.78 -29.24 -7.82
C LYS B 12 -26.74 -28.15 -8.13
N SER B 13 -26.82 -26.99 -7.45
CA SER B 13 -25.94 -25.86 -7.70
C SER B 13 -24.52 -25.99 -7.13
N ASN B 14 -24.38 -26.42 -5.87
CA ASN B 14 -23.07 -26.51 -5.22
C ASN B 14 -22.24 -27.75 -5.61
N ASN B 15 -22.72 -28.58 -6.55
CA ASN B 15 -21.99 -29.75 -7.02
C ASN B 15 -21.68 -30.73 -5.89
N VAL B 16 -22.72 -31.13 -5.15
CA VAL B 16 -22.57 -32.09 -4.07
C VAL B 16 -22.60 -33.47 -4.71
N LYS B 17 -21.64 -34.36 -4.38
CA LYS B 17 -21.53 -35.68 -4.98
C LYS B 17 -21.80 -36.83 -4.02
N PHE B 18 -21.73 -36.61 -2.69
CA PHE B 18 -21.96 -37.67 -1.72
C PHE B 18 -22.87 -37.18 -0.60
N MET B 19 -23.77 -38.05 -0.12
CA MET B 19 -24.71 -37.75 0.96
C MET B 19 -24.52 -38.80 2.04
N ARG B 20 -24.01 -38.40 3.21
CA ARG B 20 -23.76 -39.27 4.34
C ARG B 20 -25.02 -39.36 5.18
N PHE B 21 -25.56 -40.56 5.38
CA PHE B 21 -26.74 -40.76 6.22
C PHE B 21 -26.21 -41.12 7.60
N GLN B 22 -26.05 -40.12 8.47
CA GLN B 22 -25.44 -40.31 9.78
C GLN B 22 -26.44 -40.58 10.90
N PHE B 23 -25.98 -41.31 11.93
CA PHE B 23 -26.76 -41.66 13.12
C PHE B 23 -25.77 -42.07 14.27
N VAL B 24 -26.26 -42.53 15.43
CA VAL B 24 -25.38 -42.90 16.54
C VAL B 24 -25.76 -44.24 17.13
N ASP B 25 -24.77 -45.03 17.59
CA ASP B 25 -25.05 -46.29 18.27
C ASP B 25 -25.43 -46.00 19.76
N ILE B 26 -25.71 -47.03 20.57
CA ILE B 26 -26.10 -46.83 21.97
C ILE B 26 -25.05 -46.03 22.78
N LEU B 27 -23.76 -46.27 22.53
CA LEU B 27 -22.69 -45.58 23.26
C LEU B 27 -22.38 -44.15 22.75
N GLY B 28 -23.09 -43.69 21.71
CA GLY B 28 -22.90 -42.37 21.15
C GLY B 28 -21.84 -42.28 20.06
N VAL B 29 -21.37 -43.43 19.54
CA VAL B 29 -20.37 -43.45 18.48
C VAL B 29 -21.11 -43.18 17.18
N PRO B 30 -20.69 -42.17 16.36
CA PRO B 30 -21.41 -41.93 15.10
C PRO B 30 -21.17 -43.02 14.07
N LYS B 31 -22.20 -43.31 13.27
CA LYS B 31 -22.18 -44.33 12.21
C LYS B 31 -22.85 -43.72 10.97
N ASN B 32 -22.35 -44.01 9.76
CA ASN B 32 -22.94 -43.45 8.52
C ASN B 32 -22.66 -44.29 7.27
N VAL B 33 -23.43 -44.05 6.21
CA VAL B 33 -23.28 -44.70 4.91
C VAL B 33 -23.34 -43.62 3.84
N ALA B 34 -22.42 -43.65 2.87
CA ALA B 34 -22.38 -42.65 1.81
C ALA B 34 -23.20 -43.07 0.60
N PHE B 35 -23.94 -42.11 0.02
CA PHE B 35 -24.78 -42.33 -1.14
C PHE B 35 -24.29 -41.40 -2.25
N PRO B 36 -23.78 -41.93 -3.39
CA PRO B 36 -23.33 -41.03 -4.46
C PRO B 36 -24.50 -40.47 -5.26
N ILE B 37 -24.43 -39.18 -5.61
CA ILE B 37 -25.47 -38.47 -6.34
C ILE B 37 -25.08 -38.45 -7.82
N LYS B 38 -25.96 -38.92 -8.70
CA LYS B 38 -25.67 -38.96 -10.14
C LYS B 38 -26.02 -37.62 -10.81
N ALA B 39 -25.43 -37.36 -11.98
CA ALA B 39 -25.68 -36.12 -12.72
C ALA B 39 -27.06 -36.12 -13.41
N GLY B 40 -27.57 -34.95 -13.72
CA GLY B 40 -28.85 -34.79 -14.42
C GLY B 40 -30.06 -35.02 -13.53
N GLU B 41 -31.25 -34.94 -14.14
CA GLU B 41 -32.52 -35.14 -13.45
C GLU B 41 -32.65 -36.53 -12.84
N LYS B 42 -32.10 -37.56 -13.51
CA LYS B 42 -32.17 -38.95 -13.01
C LYS B 42 -31.47 -39.10 -11.63
N GLY B 43 -30.36 -38.38 -11.45
CA GLY B 43 -29.63 -38.41 -10.19
C GLY B 43 -30.34 -37.66 -9.08
N ILE B 44 -31.00 -36.55 -9.41
CA ILE B 44 -31.74 -35.74 -8.44
C ILE B 44 -33.02 -36.49 -8.01
N GLU B 45 -33.70 -37.19 -8.94
CA GLU B 45 -34.89 -37.96 -8.60
C GLU B 45 -34.52 -39.21 -7.78
N GLU B 46 -33.33 -39.78 -7.99
CA GLU B 46 -32.86 -40.93 -7.20
C GLU B 46 -32.60 -40.43 -5.77
N LEU B 47 -31.92 -39.29 -5.62
CA LEU B 47 -31.62 -38.70 -4.31
C LEU B 47 -32.90 -38.35 -3.55
N ARG B 48 -33.93 -37.85 -4.26
CA ARG B 48 -35.21 -37.49 -3.67
C ARG B 48 -35.88 -38.72 -3.03
N ASP B 49 -35.83 -39.88 -3.71
CA ASP B 49 -36.44 -41.10 -3.20
C ASP B 49 -35.76 -41.56 -1.90
N VAL B 50 -34.41 -41.63 -1.87
CA VAL B 50 -33.71 -42.07 -0.66
C VAL B 50 -33.73 -41.00 0.46
N LEU B 51 -34.20 -39.77 0.19
CA LEU B 51 -34.33 -38.73 1.22
C LEU B 51 -35.73 -38.82 1.85
N GLU B 52 -36.76 -39.02 1.01
CA GLU B 52 -38.15 -39.15 1.47
C GLU B 52 -38.41 -40.51 2.13
N ASN B 53 -38.01 -41.62 1.49
CA ASN B 53 -38.23 -42.98 1.99
C ASN B 53 -37.10 -43.52 2.88
N GLY B 54 -35.93 -42.88 2.87
CA GLY B 54 -34.80 -43.34 3.66
C GLY B 54 -34.06 -44.48 3.01
N LEU B 55 -33.32 -45.28 3.79
CA LEU B 55 -32.59 -46.43 3.25
C LEU B 55 -32.34 -47.50 4.30
N TYR B 56 -32.12 -48.74 3.84
CA TYR B 56 -31.94 -49.90 4.72
C TYR B 56 -30.50 -50.09 5.19
N PHE B 57 -30.31 -50.83 6.30
CA PHE B 57 -28.98 -51.13 6.84
C PHE B 57 -29.04 -52.31 7.82
N ASP B 58 -27.90 -52.99 8.03
CA ASP B 58 -27.82 -54.12 8.95
C ASP B 58 -27.75 -53.61 10.39
N GLY B 59 -28.81 -53.83 11.15
CA GLY B 59 -28.89 -53.39 12.54
C GLY B 59 -28.13 -54.24 13.54
N SER B 60 -27.85 -55.52 13.20
CA SER B 60 -27.15 -56.42 14.11
C SER B 60 -25.68 -56.01 14.32
N SER B 61 -25.06 -55.40 13.31
CA SER B 61 -23.68 -54.95 13.42
C SER B 61 -23.55 -53.68 14.28
N ILE B 62 -24.62 -52.86 14.39
CA ILE B 62 -24.59 -51.65 15.22
C ILE B 62 -24.75 -52.05 16.69
N GLU B 63 -24.03 -51.39 17.60
CA GLU B 63 -24.06 -51.73 19.02
C GLU B 63 -25.37 -51.31 19.71
N GLY B 64 -25.95 -52.24 20.46
CA GLY B 64 -27.18 -52.02 21.22
C GLY B 64 -28.40 -51.76 20.38
N PHE B 65 -28.50 -52.39 19.20
CA PHE B 65 -29.63 -52.20 18.30
C PHE B 65 -30.50 -53.48 18.25
N VAL B 66 -30.32 -54.40 17.28
CA VAL B 66 -31.16 -55.59 17.15
C VAL B 66 -30.34 -56.87 16.94
N GLY B 67 -30.97 -58.02 17.12
CA GLY B 67 -30.33 -59.32 16.91
C GLY B 67 -30.14 -59.65 15.45
N ILE B 68 -29.41 -60.74 15.17
CA ILE B 68 -29.16 -61.17 13.80
C ILE B 68 -30.42 -61.70 13.13
N ASN B 69 -31.33 -62.34 13.89
CA ASN B 69 -32.58 -62.88 13.34
C ASN B 69 -33.65 -61.82 12.98
N GLU B 70 -33.42 -60.54 13.32
CA GLU B 70 -34.36 -59.43 13.03
C GLU B 70 -33.53 -58.18 12.73
N SER B 71 -32.53 -58.31 11.86
CA SER B 71 -31.56 -57.26 11.55
C SER B 71 -32.02 -56.14 10.59
N ASP B 72 -33.03 -56.37 9.72
CA ASP B 72 -33.47 -55.36 8.75
C ASP B 72 -34.05 -54.09 9.41
N MET B 73 -33.39 -52.93 9.18
CA MET B 73 -33.77 -51.63 9.74
C MET B 73 -33.70 -50.51 8.66
N MET B 74 -34.15 -49.27 9.00
CA MET B 74 -34.15 -48.12 8.09
C MET B 74 -33.69 -46.82 8.76
N LEU B 75 -33.31 -45.81 7.94
CA LEU B 75 -32.86 -44.50 8.41
C LEU B 75 -33.71 -43.41 7.75
N LYS B 76 -34.55 -42.71 8.52
CA LYS B 76 -35.41 -41.62 8.00
C LYS B 76 -34.70 -40.27 8.23
N PRO B 77 -34.19 -39.58 7.18
CA PRO B 77 -33.46 -38.32 7.41
C PRO B 77 -34.23 -37.12 7.97
N ASP B 78 -33.62 -36.43 8.95
CA ASP B 78 -34.16 -35.19 9.51
C ASP B 78 -33.49 -34.11 8.65
N LEU B 79 -34.22 -33.58 7.66
CA LEU B 79 -33.71 -32.63 6.67
C LEU B 79 -33.22 -31.28 7.22
N SER B 80 -33.63 -30.90 8.44
CA SER B 80 -33.17 -29.65 9.04
C SER B 80 -31.67 -29.69 9.41
N THR B 81 -31.12 -30.90 9.67
CA THR B 81 -29.71 -31.09 10.04
C THR B 81 -28.73 -31.14 8.86
N PHE B 82 -29.18 -30.82 7.63
CA PHE B 82 -28.30 -30.87 6.46
C PHE B 82 -27.12 -29.91 6.62
N SER B 83 -25.90 -30.38 6.28
CA SER B 83 -24.69 -29.59 6.39
C SER B 83 -23.60 -30.11 5.46
N VAL B 84 -22.70 -29.23 5.01
CA VAL B 84 -21.59 -29.59 4.13
C VAL B 84 -20.36 -29.85 4.99
N LEU B 85 -19.69 -31.01 4.80
CA LEU B 85 -18.50 -31.35 5.58
C LEU B 85 -17.31 -30.53 5.07
N PRO B 86 -16.74 -29.63 5.88
CA PRO B 86 -15.62 -28.81 5.39
C PRO B 86 -14.30 -29.56 5.24
N TRP B 87 -13.98 -30.52 6.13
CA TRP B 87 -12.73 -31.29 6.02
C TRP B 87 -12.65 -32.11 4.71
N ARG B 88 -13.79 -32.37 4.04
CA ARG B 88 -13.84 -33.07 2.76
C ARG B 88 -13.60 -32.09 1.57
N PRO B 89 -13.35 -32.58 0.32
CA PRO B 89 -13.08 -31.63 -0.78
C PRO B 89 -14.22 -30.68 -1.12
N SER B 90 -13.88 -29.52 -1.69
CA SER B 90 -14.85 -28.50 -2.08
C SER B 90 -15.47 -28.84 -3.45
N GLU B 91 -14.64 -29.24 -4.43
CA GLU B 91 -15.15 -29.64 -5.74
C GLU B 91 -15.66 -31.07 -5.59
N LYS B 92 -16.93 -31.31 -5.97
CA LYS B 92 -17.59 -32.61 -5.77
C LYS B 92 -17.70 -32.86 -4.27
N SER B 93 -18.26 -31.87 -3.57
CA SER B 93 -18.37 -31.83 -2.11
C SER B 93 -19.15 -32.99 -1.49
N VAL B 94 -18.92 -33.23 -0.20
CA VAL B 94 -19.58 -34.28 0.57
C VAL B 94 -20.51 -33.59 1.56
N ALA B 95 -21.77 -34.03 1.63
CA ALA B 95 -22.78 -33.47 2.52
C ALA B 95 -23.29 -34.54 3.51
N ARG B 96 -23.93 -34.12 4.61
CA ARG B 96 -24.46 -35.04 5.62
C ARG B 96 -25.90 -34.69 5.99
N VAL B 97 -26.64 -35.69 6.51
CA VAL B 97 -28.00 -35.51 7.00
C VAL B 97 -28.23 -36.53 8.13
N ILE B 98 -28.39 -36.06 9.38
CA ILE B 98 -28.60 -36.95 10.52
C ILE B 98 -29.99 -37.56 10.44
N CYS B 99 -30.10 -38.87 10.68
CA CYS B 99 -31.35 -39.62 10.54
C CYS B 99 -31.81 -40.26 11.83
N ASP B 100 -33.11 -40.59 11.87
CA ASP B 100 -33.77 -41.28 12.97
C ASP B 100 -33.87 -42.75 12.55
N VAL B 101 -33.44 -43.67 13.42
CA VAL B 101 -33.49 -45.10 13.11
C VAL B 101 -34.94 -45.57 13.25
N TYR B 102 -35.47 -46.24 12.21
CA TYR B 102 -36.84 -46.74 12.18
C TYR B 102 -36.86 -48.24 11.87
N THR B 103 -37.89 -48.94 12.34
CA THR B 103 -38.06 -50.38 12.11
C THR B 103 -38.56 -50.63 10.68
N THR B 104 -38.52 -51.89 10.23
CA THR B 104 -38.97 -52.30 8.90
C THR B 104 -40.41 -51.86 8.62
N LYS B 105 -41.27 -51.86 9.64
CA LYS B 105 -42.68 -51.44 9.51
C LYS B 105 -42.87 -49.90 9.46
N GLY B 106 -41.78 -49.13 9.40
CA GLY B 106 -41.84 -47.66 9.34
C GLY B 106 -42.24 -47.00 10.64
N LYS B 107 -41.91 -47.63 11.79
CA LYS B 107 -42.21 -47.11 13.13
C LYS B 107 -40.88 -46.72 13.81
N PRO B 108 -40.78 -45.58 14.55
CA PRO B 108 -39.49 -45.23 15.18
C PRO B 108 -38.90 -46.34 16.05
N PHE B 109 -37.60 -46.63 15.90
CA PHE B 109 -36.96 -47.70 16.67
C PHE B 109 -36.83 -47.31 18.14
N GLU B 110 -37.32 -48.20 19.02
CA GLU B 110 -37.28 -48.01 20.48
C GLU B 110 -35.85 -47.81 21.02
N GLY B 111 -34.90 -48.56 20.49
CA GLY B 111 -33.50 -48.48 20.92
C GLY B 111 -32.68 -47.41 20.24
N ASP B 112 -33.32 -46.35 19.71
CA ASP B 112 -32.63 -45.26 19.02
C ASP B 112 -32.33 -44.11 20.00
N PRO B 113 -31.06 -43.72 20.25
CA PRO B 113 -30.82 -42.61 21.18
C PRO B 113 -31.41 -41.27 20.74
N ARG B 114 -31.42 -40.98 19.43
CA ARG B 114 -31.98 -39.72 18.91
C ARG B 114 -33.50 -39.64 19.07
N GLY B 115 -34.18 -40.75 18.79
CA GLY B 115 -35.62 -40.86 18.96
C GLY B 115 -36.04 -40.81 20.42
N CYS B 116 -35.16 -41.29 21.32
CA CYS B 116 -35.37 -41.26 22.76
C CYS B 116 -35.42 -39.81 23.24
N LEU B 117 -34.52 -38.96 22.73
CA LEU B 117 -34.50 -37.54 23.10
C LEU B 117 -35.68 -36.79 22.47
N LYS B 118 -36.06 -37.14 21.22
CA LYS B 118 -37.20 -36.52 20.56
C LYS B 118 -38.48 -36.81 21.34
N ARG B 119 -38.66 -38.08 21.76
CA ARG B 119 -39.83 -38.52 22.52
C ARG B 119 -40.03 -37.71 23.81
N VAL B 120 -38.99 -37.58 24.66
CA VAL B 120 -39.11 -36.84 25.91
C VAL B 120 -39.30 -35.33 25.68
N MET B 121 -38.73 -34.78 24.60
CA MET B 121 -38.90 -33.35 24.29
C MET B 121 -40.32 -33.06 23.79
N GLU B 122 -40.88 -33.96 22.97
CA GLU B 122 -42.26 -33.81 22.49
C GLU B 122 -43.25 -33.95 23.65
N GLU B 123 -42.96 -34.87 24.58
CA GLU B 123 -43.76 -35.13 25.78
C GLU B 123 -43.72 -33.92 26.73
N PHE B 124 -42.57 -33.22 26.82
CA PHE B 124 -42.41 -32.00 27.61
C PHE B 124 -43.17 -30.83 26.96
N LYS B 125 -43.03 -30.68 25.63
CA LYS B 125 -43.73 -29.62 24.90
C LYS B 125 -45.26 -29.81 24.92
N LYS B 126 -45.74 -31.05 24.98
CA LYS B 126 -47.18 -31.32 25.03
C LYS B 126 -47.76 -31.05 26.42
N GLU B 127 -47.06 -31.46 27.48
CA GLU B 127 -47.53 -31.32 28.86
C GLU B 127 -47.35 -29.92 29.45
N PHE B 128 -46.19 -29.28 29.25
CA PHE B 128 -45.88 -27.97 29.84
C PHE B 128 -45.71 -26.83 28.82
N ASN B 129 -45.63 -27.12 27.51
CA ASN B 129 -45.38 -26.10 26.49
C ASN B 129 -43.99 -25.48 26.70
N GLY B 130 -43.01 -26.34 26.99
CA GLY B 130 -41.65 -25.93 27.27
C GLY B 130 -40.65 -26.26 26.19
N GLU B 131 -39.45 -25.69 26.32
CA GLU B 131 -38.34 -25.88 25.39
C GLU B 131 -37.08 -26.09 26.24
N TYR B 132 -36.47 -27.28 26.15
CA TYR B 132 -35.29 -27.60 26.95
C TYR B 132 -34.01 -27.16 26.22
N PHE B 133 -33.31 -26.14 26.77
CA PHE B 133 -32.09 -25.60 26.17
C PHE B 133 -30.84 -26.09 26.89
N VAL B 134 -29.80 -26.49 26.11
CA VAL B 134 -28.52 -26.98 26.63
C VAL B 134 -27.36 -26.31 25.88
N GLY B 135 -26.28 -26.04 26.61
CA GLY B 135 -25.06 -25.44 26.10
C GLY B 135 -23.86 -26.08 26.76
N PRO B 136 -23.24 -27.09 26.13
CA PRO B 136 -22.11 -27.77 26.78
C PRO B 136 -20.75 -27.14 26.49
N GLU B 137 -19.74 -27.55 27.29
CA GLU B 137 -18.36 -27.10 27.19
C GLU B 137 -17.49 -28.36 27.06
N PRO B 138 -17.51 -29.05 25.89
CA PRO B 138 -16.71 -30.28 25.77
C PRO B 138 -15.22 -30.02 25.58
N GLU B 139 -14.42 -30.37 26.58
CA GLU B 139 -12.96 -30.20 26.56
C GLU B 139 -12.31 -31.43 25.90
N PHE B 140 -11.11 -31.23 25.32
CA PHE B 140 -10.37 -32.31 24.65
C PHE B 140 -8.85 -32.11 24.78
N PHE B 141 -8.09 -33.16 24.46
CA PHE B 141 -6.62 -33.13 24.52
C PHE B 141 -6.04 -33.34 23.14
N LEU B 142 -5.03 -32.54 22.77
CA LEU B 142 -4.32 -32.71 21.50
C LEU B 142 -3.05 -33.47 21.86
N LEU B 143 -2.80 -34.62 21.21
CA LEU B 143 -1.66 -35.46 21.53
C LEU B 143 -0.66 -35.59 20.38
N LYS B 144 0.58 -35.95 20.73
CA LYS B 144 1.67 -36.22 19.81
C LYS B 144 2.42 -37.46 20.32
N LYS B 145 3.06 -38.22 19.41
CA LYS B 145 3.78 -39.42 19.81
C LYS B 145 4.95 -39.08 20.74
N ASP B 146 5.19 -39.93 21.74
CA ASP B 146 6.27 -39.74 22.70
C ASP B 146 7.60 -39.92 21.93
N PRO B 147 8.54 -38.96 21.98
CA PRO B 147 9.81 -39.16 21.26
C PRO B 147 10.63 -40.32 21.81
N HIS B 148 10.61 -40.54 23.12
CA HIS B 148 11.32 -41.65 23.76
C HIS B 148 10.69 -43.03 23.49
N ASN B 149 9.42 -43.07 23.04
CA ASN B 149 8.73 -44.32 22.70
C ASN B 149 7.54 -44.02 21.76
N PRO B 150 7.60 -44.38 20.46
CA PRO B 150 6.47 -44.03 19.57
C PRO B 150 5.14 -44.76 19.84
N HIS B 151 5.17 -45.85 20.61
CA HIS B 151 3.95 -46.59 20.94
C HIS B 151 3.02 -45.83 21.91
N LYS B 152 3.57 -44.90 22.73
CA LYS B 152 2.79 -44.11 23.68
C LYS B 152 2.57 -42.68 23.18
N TYR B 153 1.53 -42.02 23.70
CA TYR B 153 1.18 -40.63 23.35
C TYR B 153 1.33 -39.70 24.55
N ILE B 154 1.65 -38.43 24.28
CA ILE B 154 1.82 -37.39 25.32
C ILE B 154 1.10 -36.10 24.89
N PRO B 155 0.94 -35.08 25.78
CA PRO B 155 0.28 -33.84 25.36
C PRO B 155 1.08 -33.04 24.34
N ALA B 156 0.40 -32.31 23.44
CA ALA B 156 1.05 -31.53 22.39
C ALA B 156 1.91 -30.36 22.88
N ASP B 157 1.58 -29.77 24.05
CA ASP B 157 2.35 -28.64 24.57
C ASP B 157 2.28 -28.54 26.09
N ASP B 158 3.25 -27.82 26.69
CA ASP B 158 3.30 -27.59 28.14
C ASP B 158 2.58 -26.28 28.48
N GLY B 159 1.40 -26.10 27.90
CA GLY B 159 0.59 -24.90 28.10
C GLY B 159 -0.38 -24.99 29.26
N GLY B 160 -0.74 -23.83 29.79
CA GLY B 160 -1.68 -23.70 30.90
C GLY B 160 -2.99 -23.09 30.46
N TYR B 161 -3.79 -22.62 31.43
CA TYR B 161 -5.09 -22.03 31.16
C TYR B 161 -4.95 -20.67 30.45
N PHE B 162 -5.62 -20.49 29.30
CA PHE B 162 -5.60 -19.24 28.53
C PHE B 162 -4.20 -18.79 28.07
N ASP B 163 -3.17 -19.67 28.10
CA ASP B 163 -1.81 -19.26 27.71
C ASP B 163 -1.69 -18.78 26.25
N LEU B 164 -0.67 -17.95 25.98
CA LEU B 164 -0.40 -17.40 24.64
C LEU B 164 0.71 -18.17 23.95
N GLU B 165 0.74 -18.09 22.61
CA GLU B 165 1.80 -18.69 21.79
C GLU B 165 3.15 -18.02 22.11
N PRO B 166 4.30 -18.71 21.99
CA PRO B 166 4.48 -20.11 21.58
C PRO B 166 4.25 -21.16 22.68
N MET B 167 3.98 -20.73 23.93
CA MET B 167 3.71 -21.65 25.04
C MET B 167 2.48 -22.52 24.70
N ASP B 168 1.46 -21.89 24.09
CA ASP B 168 0.25 -22.54 23.58
C ASP B 168 0.55 -22.86 22.11
N GLU B 169 0.76 -24.13 21.77
CA GLU B 169 1.10 -24.53 20.39
C GLU B 169 -0.11 -24.93 19.56
N ALA B 170 -1.34 -24.55 19.97
CA ALA B 170 -2.55 -24.91 19.22
C ALA B 170 -3.38 -23.74 18.64
N PRO B 171 -2.88 -22.49 18.44
CA PRO B 171 -3.75 -21.46 17.84
C PRO B 171 -4.14 -21.80 16.40
N ASP B 172 -3.23 -22.42 15.64
CA ASP B 172 -3.51 -22.82 14.26
C ASP B 172 -4.51 -23.97 14.22
N ILE B 173 -4.41 -24.93 15.15
CA ILE B 173 -5.33 -26.07 15.19
C ILE B 173 -6.71 -25.57 15.61
N ARG B 174 -6.80 -24.72 16.64
CA ARG B 174 -8.09 -24.17 17.07
C ARG B 174 -8.69 -23.26 15.99
N ARG B 175 -7.86 -22.52 15.23
CA ARG B 175 -8.31 -21.65 14.15
C ARG B 175 -9.13 -22.45 13.12
N ASP B 176 -8.57 -23.56 12.60
CA ASP B 176 -9.23 -24.40 11.61
C ASP B 176 -10.46 -25.08 12.19
N ILE B 177 -10.44 -25.45 13.48
CA ILE B 177 -11.60 -26.07 14.15
C ILE B 177 -12.77 -25.09 14.13
N VAL B 178 -12.52 -23.82 14.51
CA VAL B 178 -13.58 -22.82 14.54
C VAL B 178 -14.13 -22.55 13.13
N PHE B 179 -13.26 -22.48 12.11
CA PHE B 179 -13.72 -22.27 10.74
C PHE B 179 -14.58 -23.45 10.28
N ALA B 180 -14.16 -24.69 10.60
CA ALA B 180 -14.91 -25.90 10.24
C ALA B 180 -16.29 -25.95 10.91
N LEU B 181 -16.37 -25.59 12.20
CA LEU B 181 -17.64 -25.57 12.93
C LEU B 181 -18.59 -24.48 12.39
N GLU B 182 -18.06 -23.28 12.09
CA GLU B 182 -18.88 -22.20 11.52
C GLU B 182 -19.52 -22.60 10.19
N ASN B 183 -18.80 -23.35 9.35
CA ASN B 183 -19.34 -23.83 8.07
C ASN B 183 -20.44 -24.87 8.27
N LEU B 184 -20.32 -25.71 9.33
CA LEU B 184 -21.33 -26.71 9.67
C LEU B 184 -22.61 -26.11 10.32
N GLY B 185 -22.64 -24.80 10.55
CA GLY B 185 -23.79 -24.11 11.13
C GLY B 185 -23.68 -23.78 12.61
N PHE B 186 -22.49 -23.96 13.20
CA PHE B 186 -22.30 -23.67 14.63
C PHE B 186 -22.12 -22.20 14.88
N HIS B 187 -22.58 -21.73 16.06
CA HIS B 187 -22.39 -20.35 16.50
C HIS B 187 -21.32 -20.46 17.59
N VAL B 188 -20.04 -20.43 17.17
CA VAL B 188 -18.93 -20.58 18.11
C VAL B 188 -18.86 -19.34 18.99
N GLU B 189 -18.73 -19.52 20.32
CA GLU B 189 -18.68 -18.39 21.26
C GLU B 189 -17.24 -18.03 21.66
N ALA B 190 -16.41 -19.01 22.02
CA ALA B 190 -15.02 -18.76 22.44
C ALA B 190 -14.13 -20.00 22.30
N SER B 191 -12.82 -19.80 22.22
CA SER B 191 -11.85 -20.88 22.10
C SER B 191 -10.56 -20.48 22.83
N HIS B 192 -9.94 -21.43 23.56
CA HIS B 192 -8.74 -21.13 24.36
C HIS B 192 -8.07 -22.42 24.85
N HIS B 193 -6.85 -22.28 25.42
CA HIS B 193 -6.14 -23.41 26.02
C HIS B 193 -6.71 -23.64 27.43
N GLU B 194 -6.77 -24.88 27.87
CA GLU B 194 -7.30 -25.24 29.20
C GLU B 194 -6.17 -25.56 30.20
N VAL B 195 -6.52 -25.74 31.49
CA VAL B 195 -5.60 -25.95 32.61
C VAL B 195 -4.48 -26.99 32.32
N ALA B 196 -4.82 -28.23 31.95
CA ALA B 196 -3.82 -29.27 31.75
C ALA B 196 -2.99 -29.08 30.47
N PRO B 197 -1.74 -29.63 30.42
CA PRO B 197 -0.95 -29.52 29.18
C PRO B 197 -1.66 -30.11 27.97
N GLY B 198 -1.59 -29.41 26.83
CA GLY B 198 -2.21 -29.89 25.60
C GLY B 198 -3.74 -29.93 25.61
N GLN B 199 -4.39 -29.52 26.71
CA GLN B 199 -5.85 -29.51 26.82
C GLN B 199 -6.40 -28.22 26.22
N HIS B 200 -7.56 -28.29 25.56
CA HIS B 200 -8.21 -27.15 24.92
C HIS B 200 -9.72 -27.19 25.12
N GLU B 201 -10.40 -26.07 24.85
CA GLU B 201 -11.86 -25.98 24.98
C GLU B 201 -12.40 -25.04 23.92
N VAL B 202 -13.37 -25.52 23.12
CA VAL B 202 -14.02 -24.73 22.07
C VAL B 202 -15.50 -24.72 22.43
N ASP B 203 -16.01 -23.56 22.87
CA ASP B 203 -17.40 -23.39 23.29
C ASP B 203 -18.28 -22.96 22.13
N PHE B 204 -19.57 -23.27 22.22
CA PHE B 204 -20.55 -22.91 21.21
C PHE B 204 -21.90 -22.56 21.86
N LYS B 205 -22.73 -21.78 21.15
CA LYS B 205 -23.99 -21.27 21.68
C LYS B 205 -24.97 -22.37 22.05
N PHE B 206 -25.78 -22.11 23.06
CA PHE B 206 -26.80 -23.05 23.51
C PHE B 206 -27.96 -23.09 22.51
N ASP B 207 -28.69 -24.21 22.50
CA ASP B 207 -29.85 -24.40 21.62
C ASP B 207 -30.76 -25.51 22.23
N ASP B 208 -31.86 -25.90 21.56
CA ASP B 208 -32.71 -26.98 22.08
C ASP B 208 -31.92 -28.30 22.12
N ALA B 209 -32.21 -29.14 23.12
CA ALA B 209 -31.49 -30.39 23.36
C ALA B 209 -31.20 -31.23 22.11
N LEU B 210 -32.15 -31.32 21.15
CA LEU B 210 -31.93 -32.11 19.94
C LEU B 210 -30.84 -31.46 19.06
N LYS B 211 -30.96 -30.16 18.76
CA LYS B 211 -29.96 -29.46 17.95
C LYS B 211 -28.59 -29.43 18.64
N THR B 212 -28.59 -29.37 19.98
CA THR B 212 -27.35 -29.38 20.76
C THR B 212 -26.69 -30.76 20.73
N ALA B 213 -27.47 -31.85 20.83
CA ALA B 213 -26.91 -33.20 20.78
C ALA B 213 -26.38 -33.53 19.38
N ASP B 214 -27.05 -33.03 18.32
CA ASP B 214 -26.56 -33.20 16.95
C ASP B 214 -25.22 -32.46 16.79
N SER B 215 -25.09 -31.28 17.43
CA SER B 215 -23.87 -30.49 17.41
C SER B 215 -22.74 -31.15 18.19
N VAL B 216 -23.02 -31.83 19.32
CA VAL B 216 -21.96 -32.50 20.09
C VAL B 216 -21.31 -33.63 19.28
N ILE B 217 -22.12 -34.41 18.54
CA ILE B 217 -21.60 -35.51 17.71
C ILE B 217 -20.72 -34.97 16.59
N THR B 218 -21.18 -33.92 15.90
CA THR B 218 -20.43 -33.31 14.81
C THR B 218 -19.17 -32.63 15.35
N PHE B 219 -19.23 -32.03 16.55
CA PHE B 219 -18.08 -31.38 17.17
C PHE B 219 -16.97 -32.38 17.43
N LYS B 220 -17.31 -33.54 18.03
CA LYS B 220 -16.31 -34.57 18.31
C LYS B 220 -15.59 -35.06 17.06
N THR B 221 -16.33 -35.27 15.95
CA THR B 221 -15.71 -35.70 14.70
C THR B 221 -14.85 -34.57 14.11
N THR B 222 -15.36 -33.33 14.14
CA THR B 222 -14.65 -32.13 13.64
C THR B 222 -13.31 -31.94 14.35
N ILE B 223 -13.28 -32.12 15.67
CA ILE B 223 -12.05 -31.96 16.44
C ILE B 223 -11.03 -33.03 16.05
N LYS B 224 -11.48 -34.29 15.97
CA LYS B 224 -10.59 -35.41 15.67
C LYS B 224 -10.02 -35.38 14.24
N THR B 225 -10.87 -35.07 13.24
CA THR B 225 -10.44 -35.02 11.84
C THR B 225 -9.48 -33.86 11.57
N ILE B 226 -9.74 -32.66 12.13
CA ILE B 226 -8.87 -31.50 11.92
C ILE B 226 -7.52 -31.71 12.64
N ALA B 227 -7.49 -32.42 13.79
CA ALA B 227 -6.24 -32.71 14.48
C ALA B 227 -5.36 -33.64 13.64
N GLU B 228 -5.96 -34.63 12.95
CA GLU B 228 -5.18 -35.54 12.10
C GLU B 228 -4.54 -34.80 10.93
N GLN B 229 -5.19 -33.72 10.42
CA GLN B 229 -4.63 -32.92 9.34
C GLN B 229 -3.35 -32.22 9.78
N HIS B 230 -3.27 -31.80 11.06
CA HIS B 230 -2.08 -31.13 11.60
C HIS B 230 -1.12 -32.12 12.30
N GLY B 231 -1.12 -33.38 11.87
CA GLY B 231 -0.24 -34.42 12.41
C GLY B 231 -0.39 -34.77 13.88
N LEU B 232 -1.53 -34.42 14.50
CA LEU B 232 -1.79 -34.69 15.92
C LEU B 232 -2.96 -35.68 16.08
N LYS B 233 -3.30 -36.07 17.33
CA LYS B 233 -4.40 -36.99 17.60
C LYS B 233 -5.22 -36.43 18.75
N ALA B 234 -6.48 -36.07 18.52
CA ALA B 234 -7.33 -35.51 19.57
C ALA B 234 -8.11 -36.61 20.29
N THR B 235 -8.21 -36.52 21.63
CA THR B 235 -8.94 -37.51 22.42
C THR B 235 -9.91 -36.85 23.41
N PHE B 236 -11.13 -37.37 23.48
CA PHE B 236 -12.14 -36.92 24.43
C PHE B 236 -12.19 -37.90 25.62
N MET B 237 -11.02 -38.41 26.05
CA MET B 237 -10.94 -39.35 27.15
C MET B 237 -11.11 -38.53 28.45
N PRO B 238 -12.00 -38.94 29.39
CA PRO B 238 -12.18 -38.12 30.61
C PRO B 238 -10.93 -37.85 31.47
N LYS B 239 -9.89 -38.68 31.36
CA LYS B 239 -8.67 -38.54 32.16
C LYS B 239 -7.54 -39.32 31.49
N PRO B 240 -6.96 -38.78 30.40
CA PRO B 240 -5.88 -39.52 29.72
C PRO B 240 -4.60 -39.61 30.53
N PHE B 241 -4.31 -38.61 31.39
CA PHE B 241 -3.10 -38.61 32.21
C PHE B 241 -3.41 -38.30 33.68
N PHE B 242 -2.71 -39.01 34.58
CA PHE B 242 -2.85 -38.83 36.03
C PHE B 242 -2.04 -37.59 36.45
N GLY B 243 -2.53 -36.87 37.45
CA GLY B 243 -1.85 -35.69 37.98
C GLY B 243 -2.15 -34.38 37.26
N MET B 244 -3.05 -34.41 36.26
CA MET B 244 -3.46 -33.19 35.54
C MET B 244 -4.96 -33.24 35.27
N ASN B 245 -5.59 -32.06 35.07
CA ASN B 245 -7.04 -31.95 34.83
C ASN B 245 -7.56 -32.88 33.74
N GLY B 246 -8.80 -33.32 33.90
CA GLY B 246 -9.46 -34.19 32.94
C GLY B 246 -10.42 -33.44 32.04
N SER B 247 -10.83 -34.08 30.93
CA SER B 247 -11.76 -33.49 29.99
C SER B 247 -13.18 -33.52 30.56
N GLY B 248 -13.77 -32.35 30.78
CA GLY B 248 -15.12 -32.22 31.32
C GLY B 248 -16.07 -31.52 30.37
N MET B 249 -17.34 -31.93 30.36
CA MET B 249 -18.36 -31.34 29.50
C MET B 249 -19.45 -30.77 30.39
N HIS B 250 -19.23 -29.55 30.90
CA HIS B 250 -20.18 -28.89 31.79
C HIS B 250 -21.43 -28.53 30.99
N CYS B 251 -22.61 -29.01 31.43
CA CYS B 251 -23.86 -28.77 30.71
C CYS B 251 -24.70 -27.64 31.30
N HIS B 252 -24.59 -26.44 30.73
CA HIS B 252 -25.39 -25.29 31.14
C HIS B 252 -26.79 -25.54 30.58
N GLN B 253 -27.83 -25.56 31.43
CA GLN B 253 -29.18 -25.87 30.97
C GLN B 253 -30.27 -25.05 31.63
N SER B 254 -31.42 -24.94 30.95
CA SER B 254 -32.59 -24.18 31.41
C SER B 254 -33.84 -24.54 30.59
N ILE B 255 -35.03 -24.42 31.21
CA ILE B 255 -36.30 -24.72 30.53
C ILE B 255 -37.13 -23.43 30.42
N TRP B 256 -37.75 -23.20 29.24
CA TRP B 256 -38.54 -22.01 28.96
C TRP B 256 -40.00 -22.35 28.69
N LEU B 257 -40.87 -22.18 29.70
CA LEU B 257 -42.30 -22.46 29.57
C LEU B 257 -43.03 -21.24 28.97
N ASN B 258 -43.70 -21.45 27.82
CA ASN B 258 -44.44 -20.41 27.11
C ASN B 258 -43.53 -19.29 26.58
N GLY B 259 -42.38 -19.66 26.03
CA GLY B 259 -41.42 -18.73 25.45
C GLY B 259 -40.88 -17.67 26.40
N GLU B 260 -40.78 -17.99 27.70
CA GLU B 260 -40.26 -17.07 28.72
C GLU B 260 -39.21 -17.76 29.58
N PRO B 261 -38.20 -17.03 30.10
CA PRO B 261 -37.21 -17.67 30.97
C PRO B 261 -37.83 -18.00 32.32
N SER B 262 -38.28 -19.24 32.49
CA SER B 262 -38.94 -19.70 33.71
C SER B 262 -38.01 -19.82 34.91
N PHE B 263 -36.69 -19.93 34.69
CA PHE B 263 -35.73 -20.02 35.79
C PHE B 263 -35.48 -18.68 36.49
N TYR B 264 -35.78 -17.54 35.82
CA TYR B 264 -35.57 -16.21 36.39
C TYR B 264 -36.80 -15.68 37.12
N ASP B 265 -36.56 -15.02 38.28
CA ASP B 265 -37.61 -14.37 39.08
C ASP B 265 -36.96 -13.15 39.74
N GLU B 266 -37.21 -11.95 39.17
CA GLU B 266 -36.65 -10.68 39.66
C GLU B 266 -36.87 -10.49 41.17
N ASN B 267 -38.07 -10.84 41.66
CA ASN B 267 -38.41 -10.73 43.08
C ASN B 267 -38.31 -12.10 43.78
N ALA B 268 -37.08 -12.60 44.01
CA ALA B 268 -36.85 -13.89 44.67
C ALA B 268 -35.39 -14.04 45.18
N PRO B 269 -35.08 -15.01 46.07
CA PRO B 269 -33.70 -15.16 46.54
C PRO B 269 -32.74 -15.57 45.42
N TYR B 270 -31.58 -14.89 45.32
CA TYR B 270 -30.60 -15.12 44.25
C TYR B 270 -31.18 -14.87 42.84
N GLN B 271 -32.37 -14.24 42.73
CA GLN B 271 -33.08 -14.00 41.47
C GLN B 271 -33.29 -15.33 40.73
N LEU B 272 -33.72 -16.38 41.46
CA LEU B 272 -33.97 -17.71 40.92
C LEU B 272 -35.39 -18.11 41.29
N SER B 273 -36.17 -18.57 40.30
CA SER B 273 -37.57 -18.94 40.49
C SER B 273 -37.75 -20.27 41.22
N GLU B 274 -39.01 -20.58 41.61
CA GLU B 274 -39.34 -21.85 42.27
C GLU B 274 -39.12 -23.00 41.29
N THR B 275 -39.46 -22.79 39.99
CA THR B 275 -39.25 -23.81 38.95
C THR B 275 -37.78 -24.22 38.85
N CYS B 276 -36.85 -23.25 39.01
CA CYS B 276 -35.42 -23.52 38.99
C CYS B 276 -35.04 -24.42 40.17
N MET B 277 -35.50 -24.08 41.38
CA MET B 277 -35.19 -24.83 42.59
C MET B 277 -35.78 -26.24 42.54
N ASN B 278 -36.99 -26.40 41.99
CA ASN B 278 -37.60 -27.72 41.86
C ASN B 278 -36.78 -28.58 40.88
N TYR B 279 -36.29 -27.97 39.78
CA TYR B 279 -35.49 -28.67 38.78
C TYR B 279 -34.15 -29.11 39.39
N VAL B 280 -33.48 -28.22 40.13
CA VAL B 280 -32.20 -28.54 40.79
C VAL B 280 -32.40 -29.68 41.80
N ALA B 281 -33.51 -29.67 42.56
CA ALA B 281 -33.80 -30.74 43.52
C ALA B 281 -33.91 -32.10 42.84
N GLY B 282 -34.51 -32.14 41.66
CA GLY B 282 -34.65 -33.37 40.89
C GLY B 282 -33.34 -33.92 40.38
N ILE B 283 -32.42 -33.04 39.95
CA ILE B 283 -31.10 -33.46 39.46
C ILE B 283 -30.31 -34.05 40.63
N LEU B 284 -30.33 -33.37 41.79
CA LEU B 284 -29.60 -33.81 42.98
C LEU B 284 -30.18 -35.13 43.52
N LYS B 285 -31.49 -35.36 43.37
CA LYS B 285 -32.14 -36.59 43.82
C LYS B 285 -31.59 -37.79 43.04
N HIS B 286 -31.62 -37.73 41.70
CA HIS B 286 -31.16 -38.81 40.84
C HIS B 286 -29.69 -38.65 40.42
N ALA B 287 -28.88 -37.84 41.14
CA ALA B 287 -27.48 -37.61 40.80
C ALA B 287 -26.64 -38.88 40.73
N LYS B 288 -26.84 -39.81 41.68
CA LYS B 288 -26.10 -41.07 41.70
C LYS B 288 -26.42 -41.98 40.50
N ALA B 289 -27.62 -41.83 39.90
CA ALA B 289 -28.06 -42.61 38.75
C ALA B 289 -27.75 -41.91 37.42
N ILE B 290 -27.75 -40.56 37.39
CA ILE B 290 -27.46 -39.81 36.16
C ILE B 290 -26.01 -40.01 35.74
N VAL B 291 -25.07 -40.08 36.71
CA VAL B 291 -23.64 -40.27 36.39
C VAL B 291 -23.35 -41.60 35.70
N ALA B 292 -24.27 -42.58 35.72
CA ALA B 292 -24.07 -43.83 35.00
C ALA B 292 -24.10 -43.56 33.49
N ILE B 293 -25.05 -42.70 33.05
CA ILE B 293 -25.19 -42.33 31.64
C ILE B 293 -24.20 -41.22 31.26
N THR B 294 -24.14 -40.13 32.04
CA THR B 294 -23.27 -38.99 31.74
C THR B 294 -21.77 -39.27 31.95
N ASN B 295 -21.42 -40.36 32.67
CA ASN B 295 -20.04 -40.76 32.93
C ASN B 295 -20.00 -42.29 32.69
N PRO B 296 -20.10 -42.77 31.43
CA PRO B 296 -20.23 -44.21 31.20
C PRO B 296 -18.95 -45.03 31.07
N THR B 297 -17.76 -44.43 31.18
CA THR B 297 -16.52 -45.17 31.05
C THR B 297 -15.90 -45.48 32.41
N VAL B 298 -15.01 -46.48 32.47
CA VAL B 298 -14.28 -46.80 33.70
C VAL B 298 -13.37 -45.62 34.07
N ASN B 299 -12.72 -45.02 33.05
CA ASN B 299 -11.83 -43.88 33.19
C ASN B 299 -12.54 -42.62 33.72
N SER B 300 -13.85 -42.47 33.50
CA SER B 300 -14.61 -41.33 33.99
C SER B 300 -14.52 -41.17 35.50
N TYR B 301 -14.42 -42.28 36.24
CA TYR B 301 -14.33 -42.26 37.69
C TYR B 301 -12.89 -42.06 38.23
N LYS B 302 -11.94 -41.69 37.35
CA LYS B 302 -10.58 -41.28 37.70
C LYS B 302 -10.54 -39.73 37.69
N ARG B 303 -11.40 -39.05 36.86
CA ARG B 303 -11.58 -37.60 36.86
C ARG B 303 -12.61 -37.32 37.96
N LEU B 304 -13.82 -37.90 37.82
CA LEU B 304 -14.92 -37.76 38.77
C LEU B 304 -14.69 -38.75 39.91
N VAL B 305 -13.61 -38.53 40.67
CA VAL B 305 -13.17 -39.42 41.75
C VAL B 305 -13.57 -38.93 43.15
N PRO B 306 -14.43 -39.64 43.93
CA PRO B 306 -14.78 -39.17 45.28
C PRO B 306 -13.57 -39.09 46.22
N GLY B 307 -13.65 -38.21 47.22
CA GLY B 307 -12.56 -38.00 48.16
C GLY B 307 -11.45 -37.10 47.64
N TYR B 308 -11.48 -36.74 46.34
CA TYR B 308 -10.49 -35.85 45.70
C TYR B 308 -11.18 -34.72 44.94
N GLU B 309 -10.43 -33.63 44.66
CA GLU B 309 -10.94 -32.44 43.97
C GLU B 309 -11.62 -32.76 42.65
N ALA B 310 -12.97 -32.76 42.65
CA ALA B 310 -13.80 -33.07 41.48
C ALA B 310 -15.28 -32.65 41.73
N PRO B 311 -16.15 -32.55 40.69
CA PRO B 311 -17.56 -32.21 40.95
C PRO B 311 -18.35 -33.47 41.36
N VAL B 312 -17.95 -34.02 42.51
CA VAL B 312 -18.47 -35.26 43.12
C VAL B 312 -19.48 -35.00 44.23
N ASN B 313 -19.42 -33.83 44.87
CA ASN B 313 -20.28 -33.50 45.99
C ASN B 313 -21.68 -33.14 45.50
N ILE B 314 -22.68 -33.94 45.89
CA ILE B 314 -24.08 -33.74 45.50
C ILE B 314 -24.66 -32.54 46.25
N ALA B 315 -24.50 -31.34 45.67
CA ALA B 315 -25.01 -30.08 46.22
C ALA B 315 -24.95 -28.96 45.16
N TRP B 316 -25.71 -27.87 45.35
CA TRP B 316 -25.71 -26.74 44.41
C TRP B 316 -25.14 -25.48 45.08
N ALA B 317 -24.63 -24.52 44.28
CA ALA B 317 -24.05 -23.28 44.81
C ALA B 317 -23.91 -22.20 43.74
N ASN B 318 -23.90 -20.91 44.14
CA ASN B 318 -23.78 -19.80 43.21
C ASN B 318 -22.32 -19.40 42.98
N SER B 319 -21.86 -19.47 41.71
CA SER B 319 -20.49 -19.10 41.33
C SER B 319 -19.40 -19.87 42.11
N ASN B 320 -19.63 -21.17 42.33
CA ASN B 320 -18.72 -22.04 43.07
C ASN B 320 -18.52 -23.32 42.24
N ARG B 321 -17.28 -23.58 41.80
CA ARG B 321 -16.95 -24.75 40.97
C ARG B 321 -16.61 -26.02 41.77
N SER B 322 -16.77 -26.02 43.11
CA SER B 322 -16.49 -27.19 43.94
C SER B 322 -17.69 -28.16 44.03
N ALA B 323 -18.92 -27.63 43.86
CA ALA B 323 -20.17 -28.41 43.93
C ALA B 323 -20.51 -29.08 42.56
N ILE B 324 -21.46 -30.05 42.54
CA ILE B 324 -21.86 -30.73 41.29
C ILE B 324 -22.61 -29.75 40.38
N ILE B 325 -23.40 -28.82 40.96
CA ILE B 325 -24.13 -27.79 40.20
C ILE B 325 -23.59 -26.41 40.59
N ARG B 326 -23.45 -25.51 39.59
CA ARG B 326 -23.01 -24.13 39.77
C ARG B 326 -24.02 -23.25 39.03
N VAL B 327 -24.55 -22.20 39.69
CA VAL B 327 -25.49 -21.28 39.05
C VAL B 327 -24.70 -20.07 38.56
N PRO B 328 -24.42 -19.93 37.24
CA PRO B 328 -23.64 -18.75 36.78
C PRO B 328 -24.31 -17.43 37.14
N ALA B 329 -23.51 -16.39 37.37
CA ALA B 329 -24.01 -15.08 37.78
C ALA B 329 -24.89 -14.36 36.75
N ALA B 330 -24.91 -14.80 35.47
CA ALA B 330 -25.73 -14.16 34.46
C ALA B 330 -27.22 -14.35 34.76
N ARG B 331 -28.01 -13.27 34.67
CA ARG B 331 -29.44 -13.30 34.98
C ARG B 331 -30.29 -12.72 33.84
N GLY B 332 -31.60 -12.98 33.90
CA GLY B 332 -32.57 -12.58 32.90
C GLY B 332 -32.88 -13.76 32.02
N LYS B 333 -32.54 -13.68 30.73
CA LYS B 333 -32.72 -14.80 29.80
C LYS B 333 -31.66 -15.87 30.06
N GLY B 334 -30.42 -15.44 30.30
CA GLY B 334 -29.30 -16.34 30.56
C GLY B 334 -29.27 -16.98 31.94
N THR B 335 -30.39 -17.00 32.69
CA THR B 335 -30.43 -17.66 33.99
C THR B 335 -30.41 -19.15 33.72
N ARG B 336 -29.45 -19.88 34.32
CA ARG B 336 -29.26 -21.30 34.05
C ARG B 336 -28.56 -22.03 35.23
N ILE B 337 -28.43 -23.36 35.12
CA ILE B 337 -27.71 -24.20 36.08
C ILE B 337 -26.67 -25.02 35.30
N GLU B 338 -25.46 -25.16 35.86
CA GLU B 338 -24.37 -25.89 35.21
C GLU B 338 -24.14 -27.23 35.89
N PHE B 339 -24.55 -28.33 35.24
CA PHE B 339 -24.30 -29.67 35.77
C PHE B 339 -22.87 -30.02 35.34
N ARG B 340 -21.93 -29.98 36.30
CA ARG B 340 -20.50 -30.18 36.07
C ARG B 340 -20.02 -31.64 36.03
N ALA B 341 -20.85 -32.61 36.42
CA ALA B 341 -20.45 -34.02 36.44
C ALA B 341 -20.12 -34.65 35.07
N PRO B 342 -20.83 -34.34 33.96
CA PRO B 342 -20.54 -35.02 32.68
C PRO B 342 -19.16 -34.78 32.08
N ASP B 343 -18.73 -35.73 31.24
CA ASP B 343 -17.48 -35.68 30.46
C ASP B 343 -17.84 -35.98 29.00
N PRO B 344 -17.01 -35.58 28.02
CA PRO B 344 -17.40 -35.81 26.61
C PRO B 344 -17.45 -37.27 26.15
N SER B 345 -17.23 -38.25 27.04
CA SER B 345 -17.33 -39.67 26.69
C SER B 345 -18.79 -40.18 26.63
N CYS B 346 -19.77 -39.41 27.12
CA CYS B 346 -21.17 -39.82 27.16
C CYS B 346 -21.91 -39.58 25.84
N ASN B 347 -23.01 -40.32 25.66
CA ASN B 347 -23.88 -40.16 24.48
C ASN B 347 -24.70 -38.90 24.77
N PRO B 348 -24.60 -37.81 23.97
CA PRO B 348 -25.37 -36.60 24.30
C PRO B 348 -26.88 -36.79 24.27
N TYR B 349 -27.41 -37.64 23.39
CA TYR B 349 -28.85 -37.87 23.31
C TYR B 349 -29.39 -38.48 24.60
N LEU B 350 -28.66 -39.43 25.19
CA LEU B 350 -29.09 -40.07 26.44
C LEU B 350 -28.78 -39.18 27.65
N ALA B 351 -27.68 -38.40 27.59
CA ALA B 351 -27.31 -37.49 28.68
C ALA B 351 -28.36 -36.40 28.88
N PHE B 352 -28.86 -35.80 27.78
CA PHE B 352 -29.88 -34.76 27.89
C PHE B 352 -31.25 -35.35 28.28
N THR B 353 -31.51 -36.62 27.91
CA THR B 353 -32.76 -37.31 28.26
C THR B 353 -32.84 -37.53 29.78
N VAL B 354 -31.80 -38.10 30.40
CA VAL B 354 -31.79 -38.35 31.85
C VAL B 354 -31.76 -37.05 32.66
N MET B 355 -31.07 -36.01 32.16
CA MET B 355 -31.04 -34.73 32.87
C MET B 355 -32.42 -34.09 32.85
N LEU B 356 -33.10 -34.10 31.68
CA LEU B 356 -34.44 -33.53 31.58
C LEU B 356 -35.45 -34.35 32.40
N ALA B 357 -35.34 -35.69 32.41
CA ALA B 357 -36.28 -36.54 33.15
C ALA B 357 -36.16 -36.35 34.67
N ALA B 358 -34.93 -36.31 35.21
CA ALA B 358 -34.73 -36.11 36.64
C ALA B 358 -35.14 -34.68 37.04
N GLY B 359 -34.80 -33.70 36.20
CA GLY B 359 -35.16 -32.32 36.45
C GLY B 359 -36.66 -32.09 36.43
N LEU B 360 -37.37 -32.69 35.46
CA LEU B 360 -38.83 -32.58 35.39
C LEU B 360 -39.51 -33.36 36.50
N ASP B 361 -38.87 -34.43 37.04
CA ASP B 361 -39.42 -35.15 38.19
C ASP B 361 -39.54 -34.20 39.41
N GLY B 362 -38.57 -33.31 39.57
CA GLY B 362 -38.58 -32.31 40.63
C GLY B 362 -39.62 -31.24 40.42
N VAL B 363 -39.85 -30.82 39.15
CA VAL B 363 -40.84 -29.80 38.79
C VAL B 363 -42.27 -30.34 38.97
N LYS B 364 -42.53 -31.58 38.52
CA LYS B 364 -43.84 -32.22 38.62
C LYS B 364 -44.24 -32.44 40.09
N ASN B 365 -43.33 -32.97 40.91
CA ASN B 365 -43.59 -33.21 42.33
C ASN B 365 -43.34 -31.98 43.24
N LYS B 366 -42.75 -30.90 42.70
CA LYS B 366 -42.44 -29.68 43.45
C LYS B 366 -41.53 -30.01 44.65
N LEU B 367 -40.39 -30.66 44.36
CA LEU B 367 -39.45 -31.08 45.40
C LEU B 367 -38.64 -29.89 45.94
N ASP B 368 -38.32 -29.94 47.24
CA ASP B 368 -37.59 -28.87 47.92
C ASP B 368 -36.10 -29.06 47.76
N ALA B 369 -35.40 -28.04 47.23
CA ALA B 369 -33.95 -28.08 47.05
C ALA B 369 -33.23 -27.73 48.35
N PRO B 370 -32.00 -28.24 48.57
CA PRO B 370 -31.26 -27.85 49.79
C PRO B 370 -30.64 -26.46 49.66
N GLU B 371 -30.08 -25.94 50.76
CA GLU B 371 -29.46 -24.62 50.77
C GLU B 371 -28.15 -24.63 49.96
N PRO B 372 -27.77 -23.50 49.33
CA PRO B 372 -26.53 -23.48 48.55
C PRO B 372 -25.28 -23.48 49.42
N VAL B 373 -24.32 -24.35 49.10
CA VAL B 373 -23.07 -24.46 49.86
C VAL B 373 -22.05 -23.48 49.28
N GLU B 374 -22.15 -22.20 49.73
CA GLU B 374 -21.27 -21.09 49.34
C GLU B 374 -19.79 -21.41 49.63
N ARG B 375 -19.53 -22.16 50.72
CA ARG B 375 -18.18 -22.54 51.13
C ARG B 375 -17.53 -23.51 50.15
N ASN B 376 -16.18 -23.57 50.16
CA ASN B 376 -15.45 -24.53 49.33
C ASN B 376 -15.67 -25.89 49.97
N ILE B 377 -16.19 -26.86 49.20
CA ILE B 377 -16.51 -28.19 49.73
C ILE B 377 -15.26 -29.09 49.83
N PHE B 378 -14.21 -28.83 49.03
CA PHE B 378 -12.99 -29.62 49.08
C PHE B 378 -12.26 -29.43 50.41
N ALA B 379 -12.27 -28.20 50.94
CA ALA B 379 -11.63 -27.88 52.23
C ALA B 379 -12.36 -28.52 53.42
N MET B 380 -13.63 -28.96 53.25
CA MET B 380 -14.40 -29.56 54.33
C MET B 380 -13.96 -30.99 54.62
N SER B 381 -14.10 -31.41 55.88
CA SER B 381 -13.78 -32.77 56.31
C SER B 381 -14.98 -33.71 56.08
N GLU B 382 -14.73 -35.02 55.97
CA GLU B 382 -15.79 -36.01 55.75
C GLU B 382 -16.84 -36.02 56.87
N ALA B 383 -16.44 -35.76 58.12
CA ALA B 383 -17.39 -35.70 59.24
C ALA B 383 -18.29 -34.47 59.13
N GLU B 384 -17.74 -33.34 58.65
CA GLU B 384 -18.49 -32.09 58.49
C GLU B 384 -19.47 -32.23 57.31
N LYS B 385 -19.03 -32.81 56.18
CA LYS B 385 -19.88 -33.03 55.02
C LYS B 385 -21.02 -34.01 55.32
N LYS B 386 -20.79 -34.97 56.24
CA LYS B 386 -21.81 -35.95 56.63
C LYS B 386 -22.89 -35.28 57.49
N GLU B 387 -22.51 -34.31 58.34
CA GLU B 387 -23.46 -33.58 59.18
C GLU B 387 -24.38 -32.74 58.30
N LEU B 388 -23.81 -32.00 57.32
CA LEU B 388 -24.59 -31.18 56.39
C LEU B 388 -25.48 -32.02 55.45
N GLY B 389 -25.06 -33.25 55.16
CA GLY B 389 -25.81 -34.15 54.29
C GLY B 389 -25.38 -34.09 52.84
N ILE B 390 -24.09 -33.75 52.60
CA ILE B 390 -23.56 -33.64 51.25
C ILE B 390 -23.03 -35.01 50.82
N GLU B 391 -23.88 -35.82 50.18
CA GLU B 391 -23.48 -37.15 49.70
C GLU B 391 -22.58 -37.05 48.46
N SER B 392 -21.83 -38.12 48.13
CA SER B 392 -20.93 -38.11 46.98
C SER B 392 -21.40 -39.07 45.89
N VAL B 393 -21.05 -38.77 44.62
CA VAL B 393 -21.40 -39.60 43.47
C VAL B 393 -20.61 -40.93 43.51
N PRO B 394 -21.14 -42.04 42.95
CA PRO B 394 -20.40 -43.31 43.00
C PRO B 394 -18.91 -43.25 42.62
N ALA B 395 -18.10 -44.10 43.27
CA ALA B 395 -16.65 -44.15 43.07
C ALA B 395 -16.20 -44.91 41.83
N ASN B 396 -17.08 -45.73 41.21
CA ASN B 396 -16.69 -46.50 40.02
C ASN B 396 -17.90 -46.75 39.07
N LEU B 397 -17.63 -47.32 37.88
CA LEU B 397 -18.67 -47.56 36.89
C LEU B 397 -19.74 -48.54 37.38
N LYS B 398 -19.34 -49.67 37.97
CA LYS B 398 -20.28 -50.66 38.49
C LYS B 398 -21.15 -50.09 39.59
N ALA B 399 -20.59 -49.23 40.45
CA ALA B 399 -21.35 -48.60 41.52
C ALA B 399 -22.45 -47.69 40.95
N ALA B 400 -22.19 -47.03 39.80
CA ALA B 400 -23.17 -46.17 39.15
C ALA B 400 -24.22 -46.98 38.38
N LEU B 401 -23.83 -48.12 37.78
CA LEU B 401 -24.76 -48.97 37.04
C LEU B 401 -25.83 -49.56 37.97
N ASP B 402 -25.44 -49.93 39.19
CA ASP B 402 -26.39 -50.46 40.18
C ASP B 402 -27.41 -49.39 40.59
N GLU B 403 -26.96 -48.13 40.69
CA GLU B 403 -27.84 -47.00 41.02
C GLU B 403 -28.82 -46.73 39.87
N LEU B 404 -28.34 -46.82 38.63
CA LEU B 404 -29.17 -46.63 37.44
C LEU B 404 -30.21 -47.73 37.34
N GLU B 405 -29.81 -48.98 37.64
CA GLU B 405 -30.70 -50.13 37.57
C GLU B 405 -31.89 -49.99 38.54
N ASN B 406 -31.64 -49.54 39.78
CA ASN B 406 -32.69 -49.34 40.78
C ASN B 406 -33.52 -48.05 40.58
N ASN B 407 -33.10 -47.16 39.66
CA ASN B 407 -33.81 -45.91 39.39
C ASN B 407 -34.91 -46.13 38.35
N ASP B 408 -36.16 -45.85 38.72
CA ASP B 408 -37.32 -46.04 37.83
C ASP B 408 -37.58 -44.80 36.96
N VAL B 409 -37.14 -43.61 37.39
CA VAL B 409 -37.36 -42.38 36.61
C VAL B 409 -36.56 -42.41 35.32
N LEU B 410 -35.28 -42.81 35.39
CA LEU B 410 -34.42 -42.90 34.21
C LEU B 410 -34.72 -44.14 33.36
N LYS B 411 -35.22 -45.22 33.98
CA LYS B 411 -35.59 -46.43 33.25
C LYS B 411 -36.71 -46.13 32.25
N ASN B 412 -37.72 -45.38 32.69
CA ASN B 412 -38.87 -45.00 31.86
C ASN B 412 -38.46 -44.01 30.76
N ALA B 413 -37.59 -43.04 31.06
CA ALA B 413 -37.14 -42.05 30.09
C ALA B 413 -36.33 -42.68 28.97
N LEU B 414 -35.41 -43.61 29.30
CA LEU B 414 -34.58 -44.29 28.30
C LEU B 414 -35.34 -45.41 27.57
N GLY B 415 -36.29 -46.06 28.25
CA GLY B 415 -37.06 -47.15 27.68
C GLY B 415 -36.40 -48.48 27.95
N LYS B 416 -37.19 -49.56 27.98
CA LYS B 416 -36.70 -50.92 28.25
C LYS B 416 -35.53 -51.33 27.35
N HIS B 417 -35.55 -50.94 26.07
CA HIS B 417 -34.49 -51.33 25.14
C HIS B 417 -33.15 -50.66 25.45
N ILE B 418 -33.14 -49.33 25.64
CA ILE B 418 -31.91 -48.61 25.91
C ILE B 418 -31.41 -48.92 27.33
N PHE B 419 -32.30 -48.88 28.33
CA PHE B 419 -31.94 -49.15 29.72
C PHE B 419 -31.27 -50.52 29.89
N GLU B 420 -31.89 -51.61 29.38
CA GLU B 420 -31.32 -52.95 29.52
C GLU B 420 -30.06 -53.18 28.70
N SER B 421 -30.02 -52.71 27.43
CA SER B 421 -28.84 -52.90 26.60
C SER B 421 -27.65 -52.10 27.13
N PHE B 422 -27.87 -50.88 27.63
CA PHE B 422 -26.80 -50.07 28.19
C PHE B 422 -26.18 -50.79 29.40
N LEU B 423 -27.01 -51.26 30.34
CA LEU B 423 -26.52 -51.96 31.53
C LEU B 423 -25.76 -53.23 31.13
N GLU B 424 -26.27 -53.99 30.15
CA GLU B 424 -25.64 -55.23 29.69
C GLU B 424 -24.27 -54.96 29.05
N ILE B 425 -24.18 -53.92 28.21
CA ILE B 425 -22.92 -53.55 27.53
C ILE B 425 -21.90 -53.04 28.55
N LYS B 426 -22.33 -52.16 29.46
CA LYS B 426 -21.43 -51.60 30.46
C LYS B 426 -21.00 -52.61 31.53
N ASN B 427 -21.82 -53.64 31.82
CA ASN B 427 -21.42 -54.67 32.80
C ASN B 427 -20.34 -55.56 32.18
N ALA B 428 -20.44 -55.87 30.87
CA ALA B 428 -19.40 -56.64 30.19
C ALA B 428 -18.09 -55.83 30.11
N GLU B 429 -18.20 -54.50 29.93
CA GLU B 429 -17.08 -53.57 29.89
C GLU B 429 -16.41 -53.51 31.27
N TRP B 430 -17.21 -53.47 32.34
CA TRP B 430 -16.72 -53.45 33.72
C TRP B 430 -16.04 -54.78 34.06
N ASP B 431 -16.64 -55.91 33.66
CA ASP B 431 -16.07 -57.23 33.90
C ASP B 431 -14.71 -57.39 33.22
N SER B 432 -14.55 -56.81 32.02
CA SER B 432 -13.27 -56.85 31.31
C SER B 432 -12.19 -56.08 32.09
N PHE B 433 -12.57 -54.98 32.74
CA PHE B 433 -11.65 -54.14 33.52
C PHE B 433 -11.23 -54.84 34.83
N ARG B 434 -12.19 -55.35 35.61
CA ARG B 434 -11.87 -55.98 36.90
C ARG B 434 -11.10 -57.30 36.78
N THR B 435 -11.13 -57.98 35.61
CA THR B 435 -10.40 -59.23 35.41
C THR B 435 -8.98 -58.98 34.86
N SER B 436 -8.78 -57.88 34.10
CA SER B 436 -7.48 -57.58 33.50
C SER B 436 -6.42 -57.18 34.53
N VAL B 437 -5.17 -57.64 34.34
CA VAL B 437 -4.05 -57.31 35.20
C VAL B 437 -3.50 -55.98 34.69
N THR B 438 -3.63 -54.92 35.49
CA THR B 438 -3.21 -53.57 35.10
C THR B 438 -1.72 -53.30 35.36
N ASP B 439 -1.18 -52.25 34.71
CA ASP B 439 0.20 -51.83 34.87
C ASP B 439 0.49 -51.36 36.30
N TRP B 440 -0.51 -50.78 36.99
CA TRP B 440 -0.36 -50.34 38.37
C TRP B 440 -0.07 -51.53 39.27
N GLU B 441 -0.84 -52.62 39.09
CA GLU B 441 -0.66 -53.86 39.87
C GLU B 441 0.71 -54.46 39.63
N THR B 442 1.17 -54.48 38.37
CA THR B 442 2.48 -55.04 38.04
C THR B 442 3.58 -54.22 38.71
N THR B 443 3.45 -52.90 38.72
CA THR B 443 4.43 -52.03 39.36
C THR B 443 4.46 -52.22 40.87
N ALA B 444 3.28 -52.31 41.49
CA ALA B 444 3.16 -52.44 42.95
C ALA B 444 3.39 -53.84 43.54
N TYR B 445 3.07 -54.92 42.81
CA TYR B 445 3.13 -56.26 43.37
C TYR B 445 4.11 -57.25 42.74
N LEU B 446 4.78 -56.92 41.61
CA LEU B 446 5.75 -57.87 41.03
C LEU B 446 6.93 -58.10 41.98
N LYS B 447 7.31 -57.08 42.76
CA LYS B 447 8.41 -57.18 43.71
C LYS B 447 8.12 -58.13 44.89
N ILE B 448 6.84 -58.36 45.24
CA ILE B 448 6.50 -59.23 46.36
C ILE B 448 6.65 -60.73 46.03
N SER C 2 13.31 -104.57 41.67
CA SER C 2 12.00 -105.22 41.62
C SER C 2 11.26 -105.11 42.95
N THR C 3 11.97 -105.32 44.09
CA THR C 3 11.39 -105.22 45.44
C THR C 3 11.75 -103.87 46.10
N VAL C 4 11.06 -103.53 47.20
CA VAL C 4 11.31 -102.27 47.92
C VAL C 4 12.74 -102.25 48.48
N GLU C 5 13.21 -103.36 49.05
CA GLU C 5 14.54 -103.47 49.66
C GLU C 5 15.68 -103.25 48.65
N GLN C 6 15.52 -103.69 47.40
CA GLN C 6 16.55 -103.50 46.37
C GLN C 6 16.66 -102.03 45.98
N VAL C 7 15.52 -101.33 45.90
CA VAL C 7 15.51 -99.90 45.55
C VAL C 7 16.14 -99.09 46.67
N LEU C 8 15.76 -99.36 47.94
CA LEU C 8 16.31 -98.64 49.09
C LEU C 8 17.80 -98.91 49.29
N GLU C 9 18.29 -100.12 48.93
CA GLU C 9 19.70 -100.46 49.06
C GLU C 9 20.54 -99.63 48.07
N TYR C 10 20.02 -99.42 46.84
CA TYR C 10 20.71 -98.63 45.83
C TYR C 10 20.71 -97.16 46.25
N VAL C 11 19.58 -96.65 46.75
CA VAL C 11 19.45 -95.27 47.25
C VAL C 11 20.46 -94.99 48.37
N LYS C 12 20.60 -95.94 49.31
CA LYS C 12 21.52 -95.79 50.44
C LYS C 12 22.98 -95.64 49.98
N SER C 13 23.48 -96.57 49.16
CA SER C 13 24.87 -96.58 48.71
C SER C 13 25.22 -95.53 47.62
N ASN C 14 24.39 -95.41 46.58
CA ASN C 14 24.69 -94.50 45.46
C ASN C 14 24.34 -93.03 45.73
N ASN C 15 23.91 -92.67 46.96
CA ASN C 15 23.62 -91.27 47.32
C ASN C 15 22.53 -90.65 46.42
N VAL C 16 21.37 -91.29 46.33
CA VAL C 16 20.26 -90.77 45.54
C VAL C 16 19.53 -89.75 46.41
N LYS C 17 19.24 -88.54 45.88
CA LYS C 17 18.59 -87.47 46.63
C LYS C 17 17.15 -87.18 46.19
N PHE C 18 16.79 -87.45 44.92
CA PHE C 18 15.43 -87.18 44.44
C PHE C 18 14.84 -88.41 43.76
N MET C 19 13.53 -88.62 43.95
CA MET C 19 12.79 -89.73 43.34
C MET C 19 11.64 -89.14 42.53
N ARG C 20 11.71 -89.25 41.20
CA ARG C 20 10.69 -88.72 40.29
C ARG C 20 9.60 -89.78 40.11
N PHE C 21 8.34 -89.43 40.43
CA PHE C 21 7.21 -90.35 40.25
C PHE C 21 6.61 -90.00 38.90
N GLN C 22 7.07 -90.69 37.85
CA GLN C 22 6.67 -90.42 36.47
C GLN C 22 5.43 -91.19 36.01
N PHE C 23 4.71 -90.62 35.06
CA PHE C 23 3.53 -91.21 34.43
C PHE C 23 3.24 -90.47 33.08
N VAL C 24 2.14 -90.79 32.37
CA VAL C 24 1.84 -90.14 31.10
C VAL C 24 0.40 -89.69 31.03
N ASP C 25 0.13 -88.55 30.36
CA ASP C 25 -1.25 -88.08 30.15
C ASP C 25 -1.88 -88.88 28.96
N ILE C 26 -3.14 -88.58 28.58
CA ILE C 26 -3.80 -89.30 27.49
C ILE C 26 -3.02 -89.22 26.17
N LEU C 27 -2.42 -88.05 25.85
CA LEU C 27 -1.68 -87.87 24.61
C LEU C 27 -0.26 -88.46 24.62
N GLY C 28 0.17 -89.05 25.73
CA GLY C 28 1.50 -89.65 25.86
C GLY C 28 2.58 -88.70 26.32
N VAL C 29 2.21 -87.50 26.81
CA VAL C 29 3.17 -86.51 27.31
C VAL C 29 3.56 -86.96 28.72
N PRO C 30 4.87 -87.12 29.04
CA PRO C 30 5.23 -87.55 30.40
C PRO C 30 5.00 -86.44 31.42
N LYS C 31 4.61 -86.84 32.65
CA LYS C 31 4.33 -85.94 33.77
C LYS C 31 4.97 -86.56 35.03
N ASN C 32 5.53 -85.75 35.94
CA ASN C 32 6.17 -86.27 37.14
C ASN C 32 6.25 -85.25 38.29
N VAL C 33 6.51 -85.76 39.50
CA VAL C 33 6.67 -84.95 40.72
C VAL C 33 7.90 -85.48 41.45
N ALA C 34 8.79 -84.57 41.89
CA ALA C 34 10.02 -84.97 42.59
C ALA C 34 9.81 -85.05 44.10
N PHE C 35 10.33 -86.13 44.72
CA PHE C 35 10.24 -86.36 46.16
C PHE C 35 11.67 -86.32 46.74
N PRO C 36 12.00 -85.40 47.65
CA PRO C 36 13.37 -85.38 48.21
C PRO C 36 13.55 -86.42 49.30
N ILE C 37 14.60 -87.23 49.17
CA ILE C 37 14.91 -88.29 50.13
C ILE C 37 15.77 -87.68 51.23
N LYS C 38 15.41 -87.89 52.50
CA LYS C 38 16.20 -87.35 53.61
C LYS C 38 17.32 -88.33 54.01
N ALA C 39 18.35 -87.81 54.68
CA ALA C 39 19.49 -88.62 55.12
C ALA C 39 19.13 -89.51 56.33
N GLY C 40 19.89 -90.58 56.53
CA GLY C 40 19.69 -91.49 57.65
C GLY C 40 18.52 -92.42 57.51
N GLU C 41 18.29 -93.24 58.55
CA GLU C 41 17.19 -94.22 58.59
C GLU C 41 15.81 -93.56 58.44
N LYS C 42 15.64 -92.36 59.01
CA LYS C 42 14.36 -91.64 58.96
C LYS C 42 13.94 -91.30 57.52
N GLY C 43 14.91 -90.97 56.68
CA GLY C 43 14.66 -90.69 55.27
C GLY C 43 14.33 -91.94 54.48
N ILE C 44 15.02 -93.05 54.77
CA ILE C 44 14.80 -94.34 54.10
C ILE C 44 13.42 -94.90 54.47
N GLU C 45 13.00 -94.74 55.74
CA GLU C 45 11.68 -95.21 56.16
C GLU C 45 10.57 -94.32 55.59
N GLU C 46 10.83 -93.02 55.38
CA GLU C 46 9.86 -92.11 54.77
C GLU C 46 9.69 -92.51 53.29
N LEU C 47 10.82 -92.76 52.60
CA LEU C 47 10.82 -93.18 51.20
C LEU C 47 10.11 -94.53 51.04
N ARG C 48 10.28 -95.45 52.00
CA ARG C 48 9.63 -96.77 51.97
C ARG C 48 8.10 -96.61 51.96
N ASP C 49 7.56 -95.70 52.78
CA ASP C 49 6.12 -95.47 52.86
C ASP C 49 5.60 -94.89 51.54
N VAL C 50 6.32 -93.92 50.95
CA VAL C 50 5.90 -93.30 49.69
C VAL C 50 6.05 -94.28 48.51
N LEU C 51 7.02 -95.21 48.57
CA LEU C 51 7.18 -96.21 47.50
C LEU C 51 6.08 -97.27 47.54
N GLU C 52 5.67 -97.71 48.75
CA GLU C 52 4.63 -98.75 48.92
C GLU C 52 3.20 -98.19 48.77
N ASN C 53 2.87 -97.09 49.47
CA ASN C 53 1.53 -96.49 49.44
C ASN C 53 1.32 -95.46 48.32
N GLY C 54 2.39 -94.95 47.72
CA GLY C 54 2.29 -93.96 46.64
C GLY C 54 2.10 -92.55 47.16
N LEU C 55 1.64 -91.64 46.29
CA LEU C 55 1.36 -90.25 46.66
C LEU C 55 0.23 -89.64 45.84
N TYR C 56 -0.40 -88.59 46.40
CA TYR C 56 -1.54 -87.92 45.78
C TYR C 56 -1.15 -86.83 44.77
N PHE C 57 -2.08 -86.46 43.89
CA PHE C 57 -1.86 -85.40 42.90
C PHE C 57 -3.19 -84.90 42.31
N ASP C 58 -3.19 -83.67 41.78
CA ASP C 58 -4.38 -83.08 41.17
C ASP C 58 -4.59 -83.67 39.77
N GLY C 59 -5.64 -84.47 39.61
CA GLY C 59 -5.95 -85.10 38.34
C GLY C 59 -6.63 -84.22 37.32
N SER C 60 -7.27 -83.12 37.76
CA SER C 60 -7.97 -82.21 36.84
C SER C 60 -7.01 -81.46 35.93
N SER C 61 -5.79 -81.17 36.40
CA SER C 61 -4.80 -80.47 35.61
C SER C 61 -4.17 -81.37 34.54
N ILE C 62 -4.16 -82.70 34.74
CA ILE C 62 -3.62 -83.65 33.75
C ILE C 62 -4.64 -83.82 32.61
N GLU C 63 -4.17 -83.90 31.36
CA GLU C 63 -5.06 -84.02 30.20
C GLU C 63 -5.73 -85.39 30.09
N GLY C 64 -7.05 -85.37 29.88
CA GLY C 64 -7.85 -86.58 29.72
C GLY C 64 -7.92 -87.48 30.94
N PHE C 65 -7.92 -86.88 32.13
CA PHE C 65 -7.98 -87.65 33.38
C PHE C 65 -9.35 -87.46 34.08
N VAL C 66 -9.51 -86.52 35.05
CA VAL C 66 -10.76 -86.35 35.78
C VAL C 66 -11.19 -84.88 35.87
N GLY C 67 -12.45 -84.65 36.23
CA GLY C 67 -12.98 -83.31 36.39
C GLY C 67 -12.49 -82.63 37.65
N ILE C 68 -12.79 -81.34 37.81
CA ILE C 68 -12.38 -80.58 38.99
C ILE C 68 -13.13 -81.03 40.25
N ASN C 69 -14.40 -81.45 40.11
CA ASN C 69 -15.21 -81.90 41.25
C ASN C 69 -14.83 -83.29 41.82
N GLU C 70 -13.91 -84.02 41.15
CA GLU C 70 -13.45 -85.35 41.58
C GLU C 70 -11.96 -85.49 41.20
N SER C 71 -11.17 -84.48 41.56
CA SER C 71 -9.75 -84.38 41.19
C SER C 71 -8.75 -85.22 41.99
N ASP C 72 -9.07 -85.62 43.24
CA ASP C 72 -8.11 -86.39 44.06
C ASP C 72 -7.76 -87.77 43.49
N MET C 73 -6.48 -87.99 43.14
CA MET C 73 -5.96 -89.23 42.56
C MET C 73 -4.63 -89.67 43.23
N MET C 74 -4.10 -90.87 42.89
CA MET C 74 -2.86 -91.43 43.45
C MET C 74 -1.96 -92.06 42.38
N LEU C 75 -0.65 -92.24 42.71
CA LEU C 75 0.34 -92.86 41.83
C LEU C 75 0.98 -94.05 42.55
N LYS C 76 0.72 -95.28 42.09
CA LYS C 76 1.30 -96.49 42.69
C LYS C 76 2.57 -96.89 41.90
N PRO C 77 3.79 -96.72 42.47
CA PRO C 77 5.00 -97.05 41.70
C PRO C 77 5.20 -98.49 41.25
N ASP C 78 5.84 -98.66 40.08
CA ASP C 78 6.22 -99.96 39.53
C ASP C 78 7.72 -100.06 39.82
N LEU C 79 8.08 -100.79 40.90
CA LEU C 79 9.46 -100.92 41.37
C LEU C 79 10.43 -101.58 40.38
N SER C 80 9.93 -102.30 39.37
CA SER C 80 10.78 -102.91 38.35
C SER C 80 11.36 -101.83 37.38
N THR C 81 10.65 -100.69 37.21
CA THR C 81 11.05 -99.62 36.31
C THR C 81 11.95 -98.56 36.98
N PHE C 82 12.71 -98.93 38.01
CA PHE C 82 13.60 -97.99 38.69
C PHE C 82 14.82 -97.74 37.79
N SER C 83 15.20 -96.45 37.59
CA SER C 83 16.34 -96.11 36.73
C SER C 83 16.94 -94.76 37.15
N VAL C 84 18.27 -94.62 37.01
CA VAL C 84 18.97 -93.38 37.36
C VAL C 84 19.01 -92.47 36.14
N LEU C 85 18.62 -91.19 36.28
CA LEU C 85 18.64 -90.26 35.16
C LEU C 85 20.09 -89.84 34.89
N PRO C 86 20.68 -90.19 33.73
CA PRO C 86 22.09 -89.85 33.48
C PRO C 86 22.35 -88.38 33.21
N TRP C 87 21.40 -87.68 32.55
CA TRP C 87 21.57 -86.25 32.25
C TRP C 87 21.63 -85.37 33.52
N ARG C 88 21.13 -85.86 34.67
CA ARG C 88 21.16 -85.14 35.95
C ARG C 88 22.52 -85.34 36.68
N PRO C 89 22.84 -84.58 37.76
CA PRO C 89 24.15 -84.75 38.41
C PRO C 89 24.39 -86.14 39.00
N SER C 90 25.67 -86.52 39.12
CA SER C 90 26.07 -87.81 39.66
C SER C 90 26.08 -87.77 41.20
N GLU C 91 26.64 -86.70 41.78
CA GLU C 91 26.66 -86.53 43.24
C GLU C 91 25.27 -86.03 43.63
N LYS C 92 24.59 -86.74 44.56
CA LYS C 92 23.21 -86.44 44.98
C LYS C 92 22.31 -86.65 43.75
N SER C 93 22.44 -87.84 43.14
CA SER C 93 21.77 -88.25 41.90
C SER C 93 20.23 -88.27 41.96
N VAL C 94 19.59 -88.15 40.79
CA VAL C 94 18.13 -88.15 40.64
C VAL C 94 17.70 -89.47 40.02
N ALA C 95 16.82 -90.23 40.70
CA ALA C 95 16.30 -91.50 40.22
C ALA C 95 14.82 -91.38 39.88
N ARG C 96 14.32 -92.26 39.00
CA ARG C 96 12.92 -92.24 38.57
C ARG C 96 12.22 -93.57 38.86
N VAL C 97 10.88 -93.52 38.93
CA VAL C 97 10.07 -94.71 39.09
C VAL C 97 8.72 -94.46 38.40
N ILE C 98 8.44 -95.20 37.31
CA ILE C 98 7.19 -95.03 36.57
C ILE C 98 6.04 -95.60 37.41
N CYS C 99 4.90 -94.88 37.44
CA CYS C 99 3.75 -95.22 38.27
C CYS C 99 2.51 -95.55 37.47
N ASP C 100 1.57 -96.26 38.12
CA ASP C 100 0.25 -96.59 37.60
C ASP C 100 -0.71 -95.61 38.29
N VAL C 101 -1.54 -94.90 37.53
CA VAL C 101 -2.47 -93.94 38.11
C VAL C 101 -3.64 -94.74 38.72
N TYR C 102 -3.95 -94.48 40.00
CA TYR C 102 -5.01 -95.15 40.75
C TYR C 102 -5.99 -94.13 41.35
N THR C 103 -7.22 -94.55 41.63
CA THR C 103 -8.23 -93.68 42.26
C THR C 103 -7.98 -93.59 43.78
N THR C 104 -8.65 -92.65 44.48
CA THR C 104 -8.52 -92.49 45.94
C THR C 104 -8.89 -93.78 46.68
N LYS C 105 -9.90 -94.51 46.18
CA LYS C 105 -10.31 -95.77 46.79
C LYS C 105 -9.24 -96.89 46.69
N GLY C 106 -8.26 -96.74 45.82
CA GLY C 106 -7.17 -97.69 45.62
C GLY C 106 -7.39 -98.66 44.49
N LYS C 107 -8.19 -98.26 43.48
CA LYS C 107 -8.50 -99.09 42.31
C LYS C 107 -7.81 -98.50 41.06
N PRO C 108 -7.24 -99.31 40.13
CA PRO C 108 -6.58 -98.71 38.96
C PRO C 108 -7.47 -97.76 38.17
N PHE C 109 -6.96 -96.58 37.80
CA PHE C 109 -7.74 -95.59 37.07
C PHE C 109 -8.03 -96.06 35.65
N GLU C 110 -9.32 -96.03 35.28
CA GLU C 110 -9.80 -96.43 33.95
C GLU C 110 -9.15 -95.63 32.81
N GLY C 111 -8.98 -94.33 33.01
CA GLY C 111 -8.38 -93.45 32.01
C GLY C 111 -6.86 -93.38 32.01
N ASP C 112 -6.19 -94.42 32.54
CA ASP C 112 -4.73 -94.46 32.61
C ASP C 112 -4.16 -95.20 31.38
N PRO C 113 -3.33 -94.57 30.52
CA PRO C 113 -2.79 -95.31 29.37
C PRO C 113 -1.92 -96.52 29.73
N ARG C 114 -1.13 -96.43 30.82
CA ARG C 114 -0.27 -97.54 31.25
C ARG C 114 -1.07 -98.73 31.75
N GLY C 115 -2.11 -98.47 32.54
CA GLY C 115 -3.02 -99.49 33.05
C GLY C 115 -3.83 -100.14 31.95
N CYS C 116 -4.13 -99.38 30.88
CA CYS C 116 -4.86 -99.88 29.72
C CYS C 116 -4.03 -100.94 29.00
N LEU C 117 -2.71 -100.72 28.87
CA LEU C 117 -1.82 -101.69 28.23
C LEU C 117 -1.60 -102.90 29.15
N LYS C 118 -1.50 -102.69 30.47
CA LYS C 118 -1.35 -103.80 31.42
C LYS C 118 -2.58 -104.71 31.37
N ARG C 119 -3.79 -104.13 31.35
CA ARG C 119 -5.04 -104.89 31.29
C ARG C 119 -5.09 -105.85 30.09
N VAL C 120 -4.89 -105.34 28.86
CA VAL C 120 -4.94 -106.17 27.66
C VAL C 120 -3.81 -107.21 27.63
N MET C 121 -2.63 -106.90 28.20
CA MET C 121 -1.54 -107.88 28.24
C MET C 121 -1.85 -109.00 29.24
N GLU C 122 -2.44 -108.66 30.40
CA GLU C 122 -2.83 -109.66 31.39
C GLU C 122 -3.96 -110.54 30.84
N GLU C 123 -4.90 -109.93 30.09
CA GLU C 123 -6.00 -110.68 29.44
C GLU C 123 -5.45 -111.64 28.39
N PHE C 124 -4.45 -111.21 27.62
CA PHE C 124 -3.81 -112.04 26.59
C PHE C 124 -3.06 -113.21 27.25
N LYS C 125 -2.30 -112.92 28.33
CA LYS C 125 -1.56 -113.96 29.05
C LYS C 125 -2.49 -114.96 29.74
N LYS C 126 -3.70 -114.53 30.17
CA LYS C 126 -4.65 -115.42 30.81
C LYS C 126 -5.37 -116.32 29.79
N GLU C 127 -5.78 -115.76 28.64
CA GLU C 127 -6.51 -116.49 27.62
C GLU C 127 -5.65 -117.39 26.73
N PHE C 128 -4.50 -116.91 26.26
CA PHE C 128 -3.63 -117.65 25.34
C PHE C 128 -2.26 -118.05 25.90
N ASN C 129 -1.86 -117.53 27.07
CA ASN C 129 -0.53 -117.79 27.65
C ASN C 129 0.55 -117.21 26.72
N GLY C 130 0.31 -115.99 26.21
CA GLY C 130 1.20 -115.32 25.29
C GLY C 130 1.94 -114.14 25.87
N GLU C 131 2.92 -113.65 25.10
CA GLU C 131 3.77 -112.52 25.46
C GLU C 131 3.89 -111.65 24.21
N TYR C 132 3.38 -110.41 24.27
CA TYR C 132 3.40 -109.49 23.12
C TYR C 132 4.70 -108.70 23.10
N PHE C 133 5.57 -108.96 22.10
CA PHE C 133 6.87 -108.28 21.97
C PHE C 133 6.84 -107.20 20.91
N VAL C 134 7.42 -106.01 21.20
CA VAL C 134 7.49 -104.87 20.29
C VAL C 134 8.91 -104.28 20.29
N GLY C 135 9.35 -103.82 19.12
CA GLY C 135 10.65 -103.21 18.91
C GLY C 135 10.52 -102.05 17.94
N PRO C 136 10.37 -100.81 18.43
CA PRO C 136 10.16 -99.68 17.51
C PRO C 136 11.46 -99.03 17.03
N GLU C 137 11.33 -98.20 15.98
CA GLU C 137 12.42 -97.45 15.36
C GLU C 137 12.00 -95.98 15.35
N PRO C 138 11.99 -95.29 16.52
CA PRO C 138 11.56 -93.89 16.53
C PRO C 138 12.62 -92.92 15.99
N GLU C 139 12.33 -92.32 14.84
CA GLU C 139 13.21 -91.35 14.18
C GLU C 139 12.96 -89.95 14.72
N PHE C 140 13.97 -89.07 14.66
CA PHE C 140 13.86 -87.69 15.16
C PHE C 140 14.73 -86.74 14.33
N PHE C 141 14.49 -85.42 14.50
CA PHE C 141 15.25 -84.38 13.79
C PHE C 141 16.00 -83.53 14.79
N LEU C 142 17.28 -83.23 14.51
CA LEU C 142 18.08 -82.33 15.33
C LEU C 142 18.02 -80.98 14.62
N LEU C 143 17.60 -79.92 15.32
CA LEU C 143 17.42 -78.60 14.71
C LEU C 143 18.35 -77.54 15.30
N LYS C 144 18.58 -76.48 14.53
CA LYS C 144 19.35 -75.30 14.91
C LYS C 144 18.61 -74.06 14.40
N LYS C 145 18.79 -72.90 15.07
CA LYS C 145 18.11 -71.68 14.65
C LYS C 145 18.56 -71.25 13.26
N ASP C 146 17.62 -70.74 12.46
CA ASP C 146 17.91 -70.28 11.10
C ASP C 146 18.80 -69.03 11.22
N PRO C 147 19.98 -68.97 10.56
CA PRO C 147 20.82 -67.76 10.68
C PRO C 147 20.16 -66.52 10.07
N HIS C 148 19.39 -66.69 8.97
CA HIS C 148 18.68 -65.57 8.33
C HIS C 148 17.46 -65.09 9.15
N ASN C 149 16.96 -65.89 10.10
CA ASN C 149 15.84 -65.51 10.96
C ASN C 149 15.85 -66.37 12.24
N PRO C 150 16.19 -65.83 13.44
CA PRO C 150 16.23 -66.68 14.64
C PRO C 150 14.89 -67.24 15.13
N HIS C 151 13.76 -66.67 14.68
CA HIS C 151 12.45 -67.15 15.09
C HIS C 151 12.10 -68.52 14.48
N LYS C 152 12.72 -68.90 13.33
CA LYS C 152 12.47 -70.20 12.68
C LYS C 152 13.62 -71.18 12.91
N TYR C 153 13.33 -72.48 12.78
CA TYR C 153 14.31 -73.56 12.95
C TYR C 153 14.54 -74.31 11.65
N ILE C 154 15.76 -74.84 11.46
CA ILE C 154 16.16 -75.61 10.28
C ILE C 154 16.93 -76.89 10.69
N PRO C 155 17.20 -77.85 9.78
CA PRO C 155 17.94 -79.05 10.18
C PRO C 155 19.40 -78.75 10.55
N ALA C 156 19.97 -79.53 11.48
CA ALA C 156 21.34 -79.34 11.95
C ALA C 156 22.43 -79.56 10.89
N ASP C 157 22.19 -80.43 9.89
CA ASP C 157 23.18 -80.71 8.86
C ASP C 157 22.55 -81.14 7.54
N ASP C 158 23.31 -81.03 6.44
CA ASP C 158 22.87 -81.45 5.11
C ASP C 158 23.31 -82.88 4.85
N GLY C 159 23.09 -83.75 5.83
CA GLY C 159 23.46 -85.16 5.74
C GLY C 159 22.39 -86.07 5.19
N GLY C 160 22.81 -87.19 4.63
CA GLY C 160 21.94 -88.20 4.05
C GLY C 160 21.89 -89.47 4.88
N TYR C 161 21.41 -90.56 4.28
CA TYR C 161 21.28 -91.83 4.97
C TYR C 161 22.66 -92.45 5.23
N PHE C 162 22.95 -92.82 6.49
CA PHE C 162 24.22 -93.45 6.89
C PHE C 162 25.48 -92.61 6.59
N ASP C 163 25.35 -91.29 6.29
CA ASP C 163 26.53 -90.47 5.94
C ASP C 163 27.58 -90.39 7.07
N LEU C 164 28.83 -90.13 6.68
CA LEU C 164 29.97 -90.00 7.61
C LEU C 164 30.28 -88.52 7.90
N GLU C 165 30.95 -88.28 9.03
CA GLU C 165 31.41 -86.95 9.40
C GLU C 165 32.48 -86.45 8.40
N PRO C 166 32.61 -85.13 8.14
CA PRO C 166 31.86 -84.01 8.73
C PRO C 166 30.49 -83.74 8.09
N MET C 167 30.11 -84.48 7.02
CA MET C 167 28.80 -84.32 6.37
C MET C 167 27.69 -84.59 7.39
N ASP C 168 27.88 -85.62 8.23
CA ASP C 168 27.00 -85.98 9.36
C ASP C 168 27.58 -85.24 10.58
N GLU C 169 26.89 -84.18 11.05
CA GLU C 169 27.38 -83.39 12.18
C GLU C 169 26.82 -83.85 13.54
N ALA C 170 26.28 -85.08 13.63
CA ALA C 170 25.72 -85.58 14.88
C ALA C 170 26.41 -86.81 15.51
N PRO C 171 27.67 -87.22 15.20
CA PRO C 171 28.25 -88.39 15.88
C PRO C 171 28.43 -88.15 17.38
N ASP C 172 28.78 -86.92 17.78
CA ASP C 172 28.95 -86.58 19.19
C ASP C 172 27.60 -86.57 19.92
N ILE C 173 26.53 -86.07 19.26
CA ILE C 173 25.20 -86.02 19.86
C ILE C 173 24.67 -87.44 20.02
N ARG C 174 24.79 -88.27 18.97
CA ARG C 174 24.34 -89.66 19.04
C ARG C 174 25.17 -90.47 20.06
N ARG C 175 26.48 -90.18 20.20
CA ARG C 175 27.36 -90.84 21.16
C ARG C 175 26.81 -90.71 22.58
N ASP C 176 26.51 -89.47 23.01
CA ASP C 176 25.99 -89.22 24.35
C ASP C 176 24.60 -89.78 24.53
N ILE C 177 23.76 -89.81 23.47
CA ILE C 177 22.43 -90.40 23.53
C ILE C 177 22.55 -91.90 23.86
N VAL C 178 23.43 -92.62 23.14
CA VAL C 178 23.61 -94.04 23.37
C VAL C 178 24.13 -94.32 24.78
N PHE C 179 25.09 -93.51 25.27
CA PHE C 179 25.61 -93.70 26.63
C PHE C 179 24.51 -93.48 27.65
N ALA C 180 23.67 -92.45 27.46
CA ALA C 180 22.57 -92.15 28.38
C ALA C 180 21.52 -93.27 28.42
N LEU C 181 21.15 -93.84 27.26
CA LEU C 181 20.17 -94.91 27.20
C LEU C 181 20.73 -96.19 27.82
N GLU C 182 22.02 -96.51 27.58
CA GLU C 182 22.63 -97.70 28.19
C GLU C 182 22.57 -97.63 29.73
N ASN C 183 22.71 -96.44 30.32
CA ASN C 183 22.62 -96.28 31.79
C ASN C 183 21.19 -96.49 32.26
N LEU C 184 20.19 -96.01 31.48
CA LEU C 184 18.78 -96.21 31.82
C LEU C 184 18.29 -97.67 31.66
N GLY C 185 19.17 -98.58 31.23
CA GLY C 185 18.85 -99.99 31.08
C GLY C 185 18.48 -100.41 29.66
N PHE C 186 18.75 -99.56 28.67
CA PHE C 186 18.43 -99.88 27.27
C PHE C 186 19.49 -100.74 26.65
N HIS C 187 19.07 -101.66 25.76
CA HIS C 187 19.99 -102.49 25.00
C HIS C 187 19.99 -101.88 23.61
N VAL C 188 20.84 -100.88 23.40
CA VAL C 188 20.90 -100.16 22.12
C VAL C 188 21.47 -101.09 21.05
N GLU C 189 20.81 -101.17 19.88
CA GLU C 189 21.24 -102.05 18.79
C GLU C 189 22.08 -101.33 17.75
N ALA C 190 21.64 -100.15 17.27
CA ALA C 190 22.36 -99.39 16.24
C ALA C 190 21.97 -97.90 16.24
N SER C 191 22.84 -97.05 15.69
CA SER C 191 22.60 -95.61 15.60
C SER C 191 23.24 -95.08 14.31
N HIS C 192 22.54 -94.17 13.61
CA HIS C 192 23.02 -93.65 12.33
C HIS C 192 22.22 -92.42 11.86
N HIS C 193 22.69 -91.74 10.81
CA HIS C 193 21.98 -90.62 10.21
C HIS C 193 20.90 -91.19 9.28
N GLU C 194 19.75 -90.53 9.19
CA GLU C 194 18.64 -90.97 8.33
C GLU C 194 18.55 -90.14 7.03
N VAL C 195 17.67 -90.55 6.11
CA VAL C 195 17.50 -89.97 4.76
C VAL C 195 17.46 -88.43 4.73
N ALA C 196 16.53 -87.81 5.48
CA ALA C 196 16.37 -86.36 5.43
C ALA C 196 17.50 -85.59 6.14
N PRO C 197 17.76 -84.32 5.77
CA PRO C 197 18.80 -83.54 6.46
C PRO C 197 18.54 -83.43 7.97
N GLY C 198 19.57 -83.58 8.78
CA GLY C 198 19.44 -83.47 10.23
C GLY C 198 18.62 -84.57 10.89
N GLN C 199 18.10 -85.54 10.12
CA GLN C 199 17.31 -86.64 10.69
C GLN C 199 18.23 -87.76 11.17
N HIS C 200 17.86 -88.41 12.28
CA HIS C 200 18.65 -89.49 12.87
C HIS C 200 17.74 -90.63 13.38
N GLU C 201 18.33 -91.78 13.68
CA GLU C 201 17.59 -92.94 14.17
C GLU C 201 18.46 -93.71 15.14
N VAL C 202 17.96 -93.95 16.37
CA VAL C 202 18.66 -94.72 17.39
C VAL C 202 17.74 -95.89 17.74
N ASP C 203 18.13 -97.10 17.32
CA ASP C 203 17.36 -98.31 17.53
C ASP C 203 17.72 -99.00 18.85
N PHE C 204 16.78 -99.76 19.41
CA PHE C 204 16.99 -100.50 20.64
C PHE C 204 16.27 -101.85 20.59
N LYS C 205 16.72 -102.81 21.40
CA LYS C 205 16.20 -104.18 21.40
C LYS C 205 14.73 -104.27 21.75
N PHE C 206 14.05 -105.25 21.16
CA PHE C 206 12.63 -105.48 21.43
C PHE C 206 12.45 -106.09 22.82
N ASP C 207 11.26 -105.91 23.38
CA ASP C 207 10.90 -106.44 24.70
C ASP C 207 9.35 -106.51 24.81
N ASP C 208 8.78 -106.93 25.97
CA ASP C 208 7.32 -106.98 26.11
C ASP C 208 6.75 -105.55 26.00
N ALA C 209 5.54 -105.43 25.44
CA ALA C 209 4.88 -104.15 25.17
C ALA C 209 4.97 -103.13 26.32
N LEU C 210 4.84 -103.56 27.59
CA LEU C 210 4.90 -102.63 28.72
C LEU C 210 6.32 -102.06 28.87
N LYS C 211 7.35 -102.93 28.92
CA LYS C 211 8.75 -102.47 29.03
C LYS C 211 9.17 -101.63 27.81
N THR C 212 8.63 -101.94 26.63
CA THR C 212 8.91 -101.21 25.40
C THR C 212 8.25 -99.83 25.44
N ALA C 213 7.00 -99.71 25.93
CA ALA C 213 6.33 -98.42 26.01
C ALA C 213 6.98 -97.52 27.06
N ASP C 214 7.45 -98.11 28.18
CA ASP C 214 8.19 -97.35 29.19
C ASP C 214 9.50 -96.80 28.59
N SER C 215 10.15 -97.60 27.73
CA SER C 215 11.38 -97.22 27.03
C SER C 215 11.13 -96.12 25.98
N VAL C 216 9.99 -96.14 25.26
CA VAL C 216 9.70 -95.09 24.27
C VAL C 216 9.56 -93.72 24.94
N ILE C 217 8.91 -93.64 26.11
CA ILE C 217 8.72 -92.38 26.83
C ILE C 217 10.06 -91.84 27.31
N THR C 218 10.90 -92.71 27.87
CA THR C 218 12.21 -92.33 28.38
C THR C 218 13.15 -91.95 27.22
N PHE C 219 13.01 -92.62 26.07
CA PHE C 219 13.82 -92.35 24.89
C PHE C 219 13.55 -90.93 24.39
N LYS C 220 12.26 -90.56 24.26
CA LYS C 220 11.89 -89.23 23.79
C LYS C 220 12.44 -88.11 24.67
N THR C 221 12.40 -88.28 26.01
CA THR C 221 12.94 -87.27 26.92
C THR C 221 14.47 -87.23 26.83
N THR C 222 15.12 -88.41 26.78
CA THR C 222 16.58 -88.50 26.66
C THR C 222 17.10 -87.80 25.40
N ILE C 223 16.41 -87.98 24.27
CA ILE C 223 16.81 -87.36 23.01
C ILE C 223 16.70 -85.85 23.10
N LYS C 224 15.60 -85.35 23.67
CA LYS C 224 15.38 -83.91 23.76
C LYS C 224 16.32 -83.21 24.75
N THR C 225 16.54 -83.80 25.94
CA THR C 225 17.41 -83.22 26.96
C THR C 225 18.89 -83.21 26.55
N ILE C 226 19.38 -84.29 25.92
CA ILE C 226 20.77 -84.37 25.45
C ILE C 226 20.99 -83.37 24.30
N ALA C 227 20.01 -83.18 23.41
CA ALA C 227 20.14 -82.22 22.31
C ALA C 227 20.28 -80.81 22.85
N GLU C 228 19.55 -80.44 23.92
CA GLU C 228 19.66 -79.12 24.52
C GLU C 228 21.06 -78.88 25.10
N GLN C 229 21.72 -79.94 25.61
CA GLN C 229 23.07 -79.83 26.15
C GLN C 229 24.07 -79.44 25.04
N HIS C 230 23.85 -79.93 23.80
CA HIS C 230 24.73 -79.61 22.66
C HIS C 230 24.20 -78.41 21.84
N GLY C 231 23.46 -77.50 22.48
CA GLY C 231 22.92 -76.30 21.84
C GLY C 231 21.95 -76.49 20.70
N LEU C 232 21.34 -77.69 20.58
CA LEU C 232 20.38 -78.00 19.51
C LEU C 232 18.97 -78.26 20.10
N LYS C 233 17.97 -78.51 19.24
CA LYS C 233 16.60 -78.78 19.68
C LYS C 233 16.08 -79.98 18.90
N ALA C 234 15.80 -81.10 19.60
CA ALA C 234 15.31 -82.31 18.94
C ALA C 234 13.77 -82.33 18.87
N THR C 235 13.20 -82.74 17.73
CA THR C 235 11.75 -82.82 17.57
C THR C 235 11.30 -84.16 17.00
N PHE C 236 10.26 -84.74 17.58
CA PHE C 236 9.65 -85.98 17.10
C PHE C 236 8.38 -85.62 16.29
N MET C 237 8.43 -84.52 15.51
CA MET C 237 7.30 -84.10 14.71
C MET C 237 7.24 -85.03 13.49
N PRO C 238 6.07 -85.61 13.13
CA PRO C 238 6.04 -86.54 11.98
C PRO C 238 6.50 -85.97 10.63
N LYS C 239 6.48 -84.65 10.43
CA LYS C 239 6.87 -84.03 9.17
C LYS C 239 7.18 -82.55 9.42
N PRO C 240 8.35 -82.23 10.00
CA PRO C 240 8.67 -80.82 10.28
C PRO C 240 8.90 -80.00 9.02
N PHE C 241 9.40 -80.62 7.94
CA PHE C 241 9.68 -79.91 6.69
C PHE C 241 9.10 -80.63 5.48
N PHE C 242 8.54 -79.86 4.54
CA PHE C 242 7.98 -80.39 3.30
C PHE C 242 9.11 -80.69 2.30
N GLY C 243 8.95 -81.73 1.49
CA GLY C 243 9.94 -82.10 0.49
C GLY C 243 11.05 -83.01 0.96
N MET C 244 11.02 -83.45 2.24
CA MET C 244 12.01 -84.37 2.79
C MET C 244 11.31 -85.38 3.71
N ASN C 245 11.94 -86.56 3.91
CA ASN C 245 11.38 -87.64 4.73
C ASN C 245 10.90 -87.19 6.10
N GLY C 246 9.87 -87.85 6.61
CA GLY C 246 9.31 -87.57 7.91
C GLY C 246 9.76 -88.57 8.96
N SER C 247 9.56 -88.22 10.24
CA SER C 247 9.94 -89.09 11.36
C SER C 247 8.92 -90.23 11.50
N GLY C 248 9.37 -91.46 11.31
CA GLY C 248 8.53 -92.64 11.41
C GLY C 248 8.97 -93.59 12.50
N MET C 249 8.02 -94.26 13.17
CA MET C 249 8.30 -95.21 14.24
C MET C 249 7.75 -96.57 13.82
N HIS C 250 8.53 -97.30 13.01
CA HIS C 250 8.12 -98.62 12.52
C HIS C 250 8.12 -99.61 13.68
N CYS C 251 6.96 -100.25 13.93
CA CYS C 251 6.80 -101.16 15.06
C CYS C 251 6.93 -102.63 14.68
N HIS C 252 8.13 -103.19 14.87
CA HIS C 252 8.38 -104.60 14.64
C HIS C 252 7.70 -105.35 15.78
N GLN C 253 6.79 -106.29 15.50
CA GLN C 253 6.07 -106.98 16.56
C GLN C 253 5.83 -108.46 16.30
N SER C 254 5.61 -109.23 17.38
CA SER C 254 5.35 -110.67 17.31
C SER C 254 4.81 -111.19 18.65
N ILE C 255 4.00 -112.27 18.62
CA ILE C 255 3.42 -112.87 19.83
C ILE C 255 3.99 -114.29 20.02
N TRP C 256 4.34 -114.64 21.28
CA TRP C 256 4.94 -115.93 21.62
C TRP C 256 4.04 -116.73 22.56
N LEU C 257 3.28 -117.69 22.02
CA LEU C 257 2.39 -118.53 22.83
C LEU C 257 3.16 -119.71 23.42
N ASN C 258 3.17 -119.84 24.76
CA ASN C 258 3.86 -120.91 25.48
C ASN C 258 5.39 -120.85 25.30
N GLY C 259 5.95 -119.64 25.36
CA GLY C 259 7.38 -119.42 25.24
C GLY C 259 8.02 -119.91 23.96
N GLU C 260 7.27 -119.90 22.84
CA GLU C 260 7.77 -120.33 21.53
C GLU C 260 7.43 -119.30 20.46
N PRO C 261 8.26 -119.14 19.41
CA PRO C 261 7.92 -118.18 18.36
C PRO C 261 6.77 -118.72 17.51
N SER C 262 5.55 -118.28 17.83
CA SER C 262 4.33 -118.72 17.15
C SER C 262 4.22 -118.22 15.72
N PHE C 263 4.91 -117.14 15.36
CA PHE C 263 4.86 -116.60 14.00
C PHE C 263 5.67 -117.44 13.00
N TYR C 264 6.64 -118.25 13.46
CA TYR C 264 7.47 -119.07 12.59
C TYR C 264 6.90 -120.48 12.37
N ASP C 265 7.01 -120.97 11.13
CA ASP C 265 6.59 -122.32 10.75
C ASP C 265 7.53 -122.78 9.62
N GLU C 266 8.53 -123.61 9.98
CA GLU C 266 9.54 -124.13 9.03
C GLU C 266 8.91 -124.74 7.77
N ASN C 267 7.81 -125.49 7.94
CA ASN C 267 7.08 -126.11 6.83
C ASN C 267 5.83 -125.31 6.46
N ALA C 268 6.00 -124.12 5.83
CA ALA C 268 4.88 -123.26 5.42
C ALA C 268 5.31 -122.21 4.38
N PRO C 269 4.36 -121.53 3.67
CA PRO C 269 4.77 -120.52 2.68
C PRO C 269 5.45 -119.32 3.33
N TYR C 270 6.60 -118.90 2.77
CA TYR C 270 7.40 -117.78 3.32
C TYR C 270 7.91 -118.08 4.75
N GLN C 271 7.80 -119.34 5.24
CA GLN C 271 8.16 -119.74 6.59
C GLN C 271 7.40 -118.88 7.62
N LEU C 272 6.09 -118.68 7.39
CA LEU C 272 5.22 -117.89 8.25
C LEU C 272 4.02 -118.76 8.64
N SER C 273 3.72 -118.81 9.94
CA SER C 273 2.65 -119.65 10.47
C SER C 273 1.24 -119.08 10.19
N GLU C 274 0.19 -119.88 10.46
CA GLU C 274 -1.19 -119.45 10.31
C GLU C 274 -1.50 -118.34 11.32
N THR C 275 -0.95 -118.44 12.55
CA THR C 275 -1.13 -117.42 13.59
C THR C 275 -0.63 -116.05 13.10
N CYS C 276 0.49 -116.03 12.36
CA CYS C 276 1.04 -114.79 11.81
C CYS C 276 0.07 -114.19 10.80
N MET C 277 -0.45 -115.01 9.86
CA MET C 277 -1.38 -114.56 8.84
C MET C 277 -2.69 -114.06 9.45
N ASN C 278 -3.20 -114.73 10.49
CA ASN C 278 -4.42 -114.30 11.15
C ASN C 278 -4.19 -112.94 11.82
N TYR C 279 -3.01 -112.74 12.44
CA TYR C 279 -2.67 -111.48 13.11
C TYR C 279 -2.58 -110.34 12.08
N VAL C 280 -1.91 -110.59 10.95
CA VAL C 280 -1.76 -109.59 9.88
C VAL C 280 -3.14 -109.21 9.33
N ALA C 281 -4.05 -110.18 9.16
CA ALA C 281 -5.40 -109.92 8.67
C ALA C 281 -6.17 -108.97 9.59
N GLY C 282 -5.99 -109.13 10.89
CA GLY C 282 -6.63 -108.28 11.89
C GLY C 282 -6.13 -106.86 11.88
N ILE C 283 -4.81 -106.66 11.66
CA ILE C 283 -4.23 -105.32 11.60
C ILE C 283 -4.76 -104.61 10.35
N LEU C 284 -4.77 -105.31 9.20
CA LEU C 284 -5.24 -104.74 7.95
C LEU C 284 -6.75 -104.43 8.00
N LYS C 285 -7.53 -105.22 8.75
CA LYS C 285 -8.97 -104.99 8.90
C LYS C 285 -9.23 -103.64 9.60
N HIS C 286 -8.60 -103.43 10.77
CA HIS C 286 -8.79 -102.20 11.55
C HIS C 286 -7.73 -101.14 11.23
N ALA C 287 -7.03 -101.23 10.08
CA ALA C 287 -5.98 -100.26 9.71
C ALA C 287 -6.46 -98.81 9.67
N LYS C 288 -7.65 -98.57 9.12
CA LYS C 288 -8.21 -97.22 9.04
C LYS C 288 -8.51 -96.61 10.43
N ALA C 289 -8.76 -97.46 11.44
CA ALA C 289 -9.05 -97.03 12.81
C ALA C 289 -7.80 -96.97 13.68
N ILE C 290 -6.79 -97.84 13.44
CA ILE C 290 -5.55 -97.85 14.21
C ILE C 290 -4.76 -96.55 13.99
N VAL C 291 -4.76 -96.04 12.74
CA VAL C 291 -4.02 -94.80 12.43
C VAL C 291 -4.54 -93.58 13.19
N ALA C 292 -5.74 -93.63 13.78
CA ALA C 292 -6.24 -92.51 14.59
C ALA C 292 -5.40 -92.40 15.86
N ILE C 293 -5.07 -93.55 16.48
CA ILE C 293 -4.25 -93.59 17.70
C ILE C 293 -2.76 -93.50 17.36
N THR C 294 -2.27 -94.33 16.43
CA THR C 294 -0.85 -94.36 16.06
C THR C 294 -0.37 -93.12 15.28
N ASN C 295 -1.30 -92.32 14.73
CA ASN C 295 -0.99 -91.09 13.98
C ASN C 295 -2.00 -90.04 14.49
N PRO C 296 -1.85 -89.53 15.73
CA PRO C 296 -2.87 -88.64 16.30
C PRO C 296 -2.76 -87.15 16.02
N THR C 297 -1.75 -86.69 15.28
CA THR C 297 -1.60 -85.26 15.00
C THR C 297 -2.08 -84.91 13.59
N VAL C 298 -2.39 -83.62 13.37
CA VAL C 298 -2.80 -83.14 12.04
C VAL C 298 -1.62 -83.31 11.07
N ASN C 299 -0.39 -83.01 11.55
CA ASN C 299 0.85 -83.13 10.79
C ASN C 299 1.18 -84.57 10.37
N SER C 300 0.69 -85.57 11.13
CA SER C 300 0.93 -86.98 10.78
C SER C 300 0.43 -87.34 9.40
N TYR C 301 -0.65 -86.70 8.93
CA TYR C 301 -1.24 -86.96 7.62
C TYR C 301 -0.58 -86.15 6.48
N LYS C 302 0.57 -85.50 6.75
CA LYS C 302 1.42 -84.84 5.76
C LYS C 302 2.60 -85.81 5.43
N ARG C 303 3.01 -86.70 6.38
CA ARG C 303 3.99 -87.76 6.15
C ARG C 303 3.17 -88.94 5.58
N LEU C 304 2.18 -89.43 6.35
CA LEU C 304 1.30 -90.53 5.99
C LEU C 304 0.19 -89.95 5.09
N VAL C 305 0.58 -89.47 3.91
CA VAL C 305 -0.32 -88.80 2.97
C VAL C 305 -0.79 -89.72 1.81
N PRO C 306 -2.10 -90.05 1.67
CA PRO C 306 -2.52 -90.90 0.53
C PRO C 306 -2.24 -90.27 -0.83
N GLY C 307 -2.09 -91.11 -1.85
CA GLY C 307 -1.78 -90.64 -3.21
C GLY C 307 -0.31 -90.30 -3.43
N TYR C 308 0.51 -90.28 -2.35
CA TYR C 308 1.94 -89.98 -2.42
C TYR C 308 2.75 -91.06 -1.69
N GLU C 309 4.06 -91.15 -2.01
CA GLU C 309 4.98 -92.15 -1.45
C GLU C 309 4.97 -92.16 0.09
N ALA C 310 4.28 -93.15 0.68
CA ALA C 310 4.13 -93.30 2.13
C ALA C 310 3.57 -94.70 2.48
N PRO C 311 3.65 -95.19 3.75
CA PRO C 311 3.05 -96.50 4.07
C PRO C 311 1.54 -96.35 4.33
N VAL C 312 0.84 -95.95 3.26
CA VAL C 312 -0.60 -95.67 3.22
C VAL C 312 -1.42 -96.82 2.64
N ASN C 313 -0.81 -97.66 1.80
CA ASN C 313 -1.51 -98.75 1.14
C ASN C 313 -1.76 -99.91 2.12
N ILE C 314 -3.03 -100.21 2.37
CA ILE C 314 -3.44 -101.28 3.29
C ILE C 314 -3.19 -102.64 2.64
N ALA C 315 -1.97 -103.17 2.83
CA ALA C 315 -1.54 -104.48 2.30
C ALA C 315 -0.23 -104.93 2.97
N TRP C 316 0.10 -106.22 2.90
CA TRP C 316 1.35 -106.75 3.49
C TRP C 316 2.26 -107.29 2.38
N ALA C 317 3.58 -107.36 2.65
CA ALA C 317 4.56 -107.85 1.68
C ALA C 317 5.90 -108.21 2.33
N ASN C 318 6.67 -109.12 1.69
CA ASN C 318 7.97 -109.55 2.21
C ASN C 318 9.11 -108.68 1.67
N SER C 319 9.86 -108.01 2.58
CA SER C 319 11.01 -107.17 2.21
C SER C 319 10.63 -106.06 1.22
N ASN C 320 9.47 -105.42 1.42
CA ASN C 320 8.97 -104.35 0.57
C ASN C 320 8.50 -103.19 1.48
N ARG C 321 9.16 -102.02 1.38
CA ARG C 321 8.84 -100.85 2.20
C ARG C 321 7.72 -99.96 1.62
N SER C 322 7.06 -100.36 0.52
CA SER C 322 5.97 -99.59 -0.08
C SER C 322 4.60 -99.87 0.58
N ALA C 323 4.42 -101.07 1.16
CA ALA C 323 3.19 -101.49 1.81
C ALA C 323 3.12 -101.04 3.31
N ILE C 324 1.93 -101.09 3.94
CA ILE C 324 1.77 -100.68 5.34
C ILE C 324 2.50 -101.67 6.27
N ILE C 325 2.53 -102.98 5.93
CA ILE C 325 3.24 -104.02 6.69
C ILE C 325 4.36 -104.59 5.82
N ARG C 326 5.52 -104.84 6.44
CA ARG C 326 6.69 -105.43 5.80
C ARG C 326 7.16 -106.57 6.69
N VAL C 327 7.42 -107.74 6.13
CA VAL C 327 7.89 -108.89 6.91
C VAL C 327 9.42 -108.99 6.74
N PRO C 328 10.25 -108.60 7.75
CA PRO C 328 11.70 -108.71 7.57
C PRO C 328 12.14 -110.15 7.29
N ALA C 329 13.20 -110.30 6.50
CA ALA C 329 13.70 -111.60 6.09
C ALA C 329 14.24 -112.51 7.22
N ALA C 330 14.45 -111.97 8.42
CA ALA C 330 14.95 -112.78 9.54
C ALA C 330 13.90 -113.80 9.96
N ARG C 331 14.31 -115.07 10.15
CA ARG C 331 13.42 -116.16 10.52
C ARG C 331 13.89 -116.92 11.77
N GLY C 332 12.99 -117.72 12.34
CA GLY C 332 13.22 -118.49 13.55
C GLY C 332 12.58 -117.76 14.71
N LYS C 333 13.39 -117.29 15.67
CA LYS C 333 12.87 -116.51 16.80
C LYS C 333 12.53 -115.09 16.33
N GLY C 334 13.38 -114.51 15.49
CA GLY C 334 13.18 -113.16 14.97
C GLY C 334 12.13 -113.00 13.88
N THR C 335 11.21 -113.98 13.72
CA THR C 335 10.13 -113.86 12.74
C THR C 335 9.17 -112.80 13.28
N ARG C 336 8.85 -111.78 12.48
CA ARG C 336 7.94 -110.71 12.96
C ARG C 336 7.31 -109.93 11.77
N ILE C 337 6.52 -108.90 12.09
CA ILE C 337 5.82 -108.07 11.10
C ILE C 337 6.09 -106.62 11.50
N GLU C 338 6.37 -105.76 10.53
CA GLU C 338 6.69 -104.36 10.77
C GLU C 338 5.52 -103.46 10.34
N PHE C 339 4.78 -102.91 11.32
CA PHE C 339 3.70 -101.98 11.03
C PHE C 339 4.37 -100.61 10.84
N ARG C 340 4.46 -100.16 9.58
CA ARG C 340 5.17 -98.92 9.21
C ARG C 340 4.37 -97.62 9.33
N ALA C 341 3.05 -97.69 9.57
CA ALA C 341 2.21 -96.49 9.67
C ALA C 341 2.51 -95.55 10.86
N PRO C 342 2.86 -96.03 12.06
CA PRO C 342 3.07 -95.11 13.19
C PRO C 342 4.22 -94.12 13.06
N ASP C 343 4.12 -93.02 13.81
CA ASP C 343 5.13 -91.97 13.92
C ASP C 343 5.38 -91.73 15.42
N PRO C 344 6.54 -91.17 15.83
CA PRO C 344 6.79 -91.00 17.28
C PRO C 344 5.88 -90.00 18.02
N SER C 345 4.89 -89.40 17.35
CA SER C 345 3.94 -88.49 18.00
C SER C 345 2.84 -89.21 18.81
N CYS C 346 2.68 -90.53 18.64
CA CYS C 346 1.64 -91.30 19.31
C CYS C 346 2.01 -91.71 20.74
N ASN C 347 0.98 -92.02 21.55
CA ASN C 347 1.15 -92.50 22.90
C ASN C 347 1.53 -93.98 22.76
N PRO C 348 2.73 -94.43 23.17
CA PRO C 348 3.08 -95.84 22.98
C PRO C 348 2.17 -96.83 23.70
N TYR C 349 1.67 -96.48 24.88
CA TYR C 349 0.79 -97.38 25.64
C TYR C 349 -0.51 -97.66 24.89
N LEU C 350 -1.10 -96.63 24.25
CA LEU C 350 -2.33 -96.80 23.48
C LEU C 350 -2.04 -97.40 22.10
N ALA C 351 -0.88 -97.09 21.49
CA ALA C 351 -0.50 -97.64 20.19
C ALA C 351 -0.32 -99.16 20.25
N PHE C 352 0.34 -99.68 21.29
CA PHE C 352 0.53 -101.12 21.44
C PHE C 352 -0.78 -101.82 21.82
N THR C 353 -1.69 -101.12 22.54
CA THR C 353 -2.99 -101.67 22.91
C THR C 353 -3.86 -101.92 21.67
N VAL C 354 -4.02 -100.90 20.79
CA VAL C 354 -4.83 -101.05 19.58
C VAL C 354 -4.22 -102.04 18.58
N MET C 355 -2.89 -102.10 18.49
CA MET C 355 -2.24 -103.04 17.59
C MET C 355 -2.47 -104.46 18.09
N LEU C 356 -2.32 -104.71 19.40
CA LEU C 356 -2.55 -106.05 19.94
C LEU C 356 -4.03 -106.43 19.86
N ALA C 357 -4.96 -105.49 20.08
CA ALA C 357 -6.40 -105.79 20.02
C ALA C 357 -6.86 -106.15 18.61
N ALA C 358 -6.43 -105.39 17.59
CA ALA C 358 -6.81 -105.68 16.21
C ALA C 358 -6.15 -106.97 15.74
N GLY C 359 -4.89 -107.18 16.12
CA GLY C 359 -4.15 -108.39 15.76
C GLY C 359 -4.77 -109.63 16.39
N LEU C 360 -5.14 -109.56 17.68
CA LEU C 360 -5.79 -110.69 18.36
C LEU C 360 -7.21 -110.92 17.85
N ASP C 361 -7.90 -109.89 17.32
CA ASP C 361 -9.21 -110.06 16.72
C ASP C 361 -9.12 -111.03 15.51
N GLY C 362 -8.02 -110.92 14.75
CA GLY C 362 -7.77 -111.80 13.62
C GLY C 362 -7.42 -113.22 14.04
N VAL C 363 -6.68 -113.38 15.15
CA VAL C 363 -6.29 -114.68 15.69
C VAL C 363 -7.51 -115.42 16.27
N LYS C 364 -8.34 -114.71 17.04
CA LYS C 364 -9.55 -115.29 17.66
C LYS C 364 -10.55 -115.76 16.61
N ASN C 365 -10.83 -114.92 15.60
CA ASN C 365 -11.77 -115.25 14.52
C ASN C 365 -11.13 -116.06 13.37
N LYS C 366 -9.79 -116.21 13.35
CA LYS C 366 -9.07 -116.93 12.29
C LYS C 366 -9.36 -116.31 10.93
N LEU C 367 -9.13 -114.98 10.80
CA LEU C 367 -9.39 -114.25 9.57
C LEU C 367 -8.35 -114.53 8.50
N ASP C 368 -8.78 -114.55 7.24
CA ASP C 368 -7.93 -114.84 6.10
C ASP C 368 -7.21 -113.58 5.61
N ALA C 369 -5.87 -113.63 5.56
CA ALA C 369 -5.07 -112.49 5.09
C ALA C 369 -5.01 -112.48 3.57
N PRO C 370 -4.85 -111.29 2.94
CA PRO C 370 -4.71 -111.25 1.47
C PRO C 370 -3.32 -111.66 1.01
N GLU C 371 -3.13 -111.81 -0.30
CA GLU C 371 -1.83 -112.21 -0.86
C GLU C 371 -0.81 -111.09 -0.72
N PRO C 372 0.49 -111.40 -0.59
CA PRO C 372 1.50 -110.33 -0.45
C PRO C 372 1.76 -109.61 -1.76
N VAL C 373 1.76 -108.27 -1.73
CA VAL C 373 2.00 -107.45 -2.91
C VAL C 373 3.49 -107.22 -3.06
N GLU C 374 4.21 -108.18 -3.65
CA GLU C 374 5.66 -108.09 -3.85
C GLU C 374 6.05 -106.92 -4.76
N ARG C 375 5.15 -106.51 -5.68
CA ARG C 375 5.37 -105.38 -6.58
C ARG C 375 5.43 -104.05 -5.81
N ASN C 376 6.08 -103.03 -6.40
CA ASN C 376 6.12 -101.69 -5.80
C ASN C 376 4.71 -101.12 -5.97
N ILE C 377 4.07 -100.72 -4.87
CA ILE C 377 2.69 -100.21 -4.91
C ILE C 377 2.63 -98.74 -5.34
N PHE C 378 3.72 -97.96 -5.18
CA PHE C 378 3.73 -96.55 -5.59
C PHE C 378 3.67 -96.44 -7.11
N ALA C 379 4.35 -97.35 -7.84
CA ALA C 379 4.33 -97.37 -9.30
C ALA C 379 2.96 -97.76 -9.89
N MET C 380 2.07 -98.37 -9.09
CA MET C 380 0.75 -98.79 -9.56
C MET C 380 -0.20 -97.60 -9.71
N SER C 381 -1.14 -97.70 -10.66
CA SER C 381 -2.16 -96.68 -10.89
C SER C 381 -3.36 -96.91 -9.96
N GLU C 382 -4.15 -95.86 -9.70
CA GLU C 382 -5.33 -95.95 -8.83
C GLU C 382 -6.37 -96.95 -9.34
N ALA C 383 -6.53 -97.11 -10.66
CA ALA C 383 -7.47 -98.07 -11.22
C ALA C 383 -6.98 -99.51 -11.00
N GLU C 384 -5.65 -99.72 -11.07
CA GLU C 384 -5.05 -101.04 -10.85
C GLU C 384 -5.14 -101.42 -9.36
N LYS C 385 -4.83 -100.48 -8.45
CA LYS C 385 -4.93 -100.71 -7.01
C LYS C 385 -6.38 -100.98 -6.57
N LYS C 386 -7.37 -100.39 -7.27
CA LYS C 386 -8.78 -100.59 -6.95
C LYS C 386 -9.23 -102.01 -7.37
N GLU C 387 -8.69 -102.54 -8.47
CA GLU C 387 -9.02 -103.87 -8.94
C GLU C 387 -8.48 -104.91 -7.94
N LEU C 388 -7.22 -104.76 -7.50
CA LEU C 388 -6.60 -105.65 -6.52
C LEU C 388 -7.27 -105.57 -5.13
N GLY C 389 -7.83 -104.41 -4.79
CA GLY C 389 -8.50 -104.17 -3.52
C GLY C 389 -7.58 -103.58 -2.46
N ILE C 390 -6.57 -102.81 -2.89
CA ILE C 390 -5.62 -102.20 -1.97
C ILE C 390 -6.16 -100.83 -1.54
N GLU C 391 -6.92 -100.79 -0.44
CA GLU C 391 -7.49 -99.54 0.08
C GLU C 391 -6.39 -98.68 0.74
N SER C 392 -6.65 -97.37 0.93
CA SER C 392 -5.68 -96.46 1.54
C SER C 392 -6.14 -95.95 2.91
N VAL C 393 -5.18 -95.62 3.78
CA VAL C 393 -5.47 -95.10 5.13
C VAL C 393 -6.05 -93.67 5.02
N PRO C 394 -6.89 -93.22 5.98
CA PRO C 394 -7.47 -91.87 5.88
C PRO C 394 -6.49 -90.74 5.55
N ALA C 395 -6.97 -89.73 4.80
CA ALA C 395 -6.17 -88.59 4.34
C ALA C 395 -5.95 -87.50 5.39
N ASN C 396 -6.74 -87.49 6.49
CA ASN C 396 -6.60 -86.46 7.52
C ASN C 396 -6.98 -86.97 8.92
N LEU C 397 -6.74 -86.17 9.97
CA LEU C 397 -7.02 -86.56 11.36
C LEU C 397 -8.50 -86.83 11.59
N LYS C 398 -9.39 -85.93 11.14
CA LYS C 398 -10.83 -86.08 11.32
C LYS C 398 -11.34 -87.33 10.61
N ALA C 399 -10.80 -87.66 9.44
CA ALA C 399 -11.20 -88.85 8.71
C ALA C 399 -10.85 -90.12 9.50
N ALA C 400 -9.73 -90.12 10.24
CA ALA C 400 -9.32 -91.24 11.07
C ALA C 400 -10.12 -91.32 12.36
N LEU C 401 -10.48 -90.18 12.96
CA LEU C 401 -11.27 -90.16 14.20
C LEU C 401 -12.66 -90.76 13.98
N ASP C 402 -13.28 -90.50 12.82
CA ASP C 402 -14.59 -91.06 12.50
C ASP C 402 -14.50 -92.58 12.35
N GLU C 403 -13.39 -93.10 11.79
CA GLU C 403 -13.16 -94.53 11.65
C GLU C 403 -12.97 -95.18 13.03
N LEU C 404 -12.23 -94.51 13.93
CA LEU C 404 -12.01 -94.99 15.29
C LEU C 404 -13.31 -95.01 16.07
N GLU C 405 -14.15 -93.98 15.89
CA GLU C 405 -15.44 -93.88 16.59
C GLU C 405 -16.37 -95.05 16.23
N ASN C 406 -16.45 -95.42 14.95
CA ASN C 406 -17.29 -96.53 14.50
C ASN C 406 -16.68 -97.93 14.76
N ASN C 407 -15.40 -98.01 15.19
CA ASN C 407 -14.73 -99.27 15.47
C ASN C 407 -15.01 -99.70 16.91
N ASP C 408 -15.63 -100.89 17.09
CA ASP C 408 -15.96 -101.43 18.40
C ASP C 408 -14.81 -102.23 19.03
N VAL C 409 -13.89 -102.77 18.20
CA VAL C 409 -12.76 -103.55 18.71
C VAL C 409 -11.81 -102.66 19.50
N LEU C 410 -11.47 -101.49 18.96
CA LEU C 410 -10.57 -100.55 19.63
C LEU C 410 -11.27 -99.80 20.76
N LYS C 411 -12.59 -99.59 20.67
CA LYS C 411 -13.35 -98.92 21.72
C LYS C 411 -13.27 -99.73 23.03
N ASN C 412 -13.45 -101.06 22.93
CA ASN C 412 -13.38 -101.97 24.08
C ASN C 412 -11.96 -102.08 24.65
N ALA C 413 -10.95 -102.10 23.76
CA ALA C 413 -9.55 -102.22 24.16
C ALA C 413 -9.06 -100.99 24.94
N LEU C 414 -9.46 -99.77 24.50
CA LEU C 414 -9.09 -98.52 25.15
C LEU C 414 -9.99 -98.19 26.36
N GLY C 415 -11.25 -98.62 26.30
CA GLY C 415 -12.22 -98.36 27.35
C GLY C 415 -12.99 -97.09 27.11
N LYS C 416 -14.18 -96.96 27.69
CA LYS C 416 -15.03 -95.78 27.52
C LYS C 416 -14.34 -94.47 27.88
N HIS C 417 -13.51 -94.47 28.93
CA HIS C 417 -12.84 -93.24 29.36
C HIS C 417 -11.79 -92.76 28.36
N ILE C 418 -10.89 -93.64 27.91
CA ILE C 418 -9.83 -93.25 26.98
C ILE C 418 -10.42 -92.99 25.58
N PHE C 419 -11.29 -93.88 25.10
CA PHE C 419 -11.92 -93.74 23.78
C PHE C 419 -12.66 -92.40 23.62
N GLU C 420 -13.55 -92.04 24.57
CA GLU C 420 -14.31 -90.80 24.47
C GLU C 420 -13.46 -89.55 24.70
N SER C 421 -12.54 -89.56 25.68
CA SER C 421 -11.70 -88.38 25.94
C SER C 421 -10.73 -88.13 24.78
N PHE C 422 -10.17 -89.19 24.19
CA PHE C 422 -9.26 -89.05 23.05
C PHE C 422 -10.00 -88.39 21.87
N LEU C 423 -11.19 -88.90 21.51
CA LEU C 423 -11.97 -88.33 20.41
C LEU C 423 -12.34 -86.87 20.69
N GLU C 424 -12.74 -86.55 21.93
CA GLU C 424 -13.11 -85.19 22.32
C GLU C 424 -11.92 -84.22 22.21
N ILE C 425 -10.74 -84.64 22.70
CA ILE C 425 -9.53 -83.81 22.65
C ILE C 425 -9.07 -83.61 21.22
N LYS C 426 -9.04 -84.69 20.42
CA LYS C 426 -8.61 -84.61 19.03
C LYS C 426 -9.59 -83.87 18.12
N ASN C 427 -10.90 -83.88 18.44
CA ASN C 427 -11.88 -83.12 17.63
C ASN C 427 -11.71 -81.62 17.88
N ALA C 428 -11.41 -81.21 19.12
CA ALA C 428 -11.15 -79.81 19.44
C ALA C 428 -9.83 -79.35 18.76
N GLU C 429 -8.84 -80.25 18.68
CA GLU C 429 -7.55 -80.01 18.02
C GLU C 429 -7.77 -79.86 16.51
N TRP C 430 -8.63 -80.71 15.92
CA TRP C 430 -8.96 -80.65 14.50
C TRP C 430 -9.73 -79.36 14.18
N ASP C 431 -10.71 -79.00 15.03
CA ASP C 431 -11.49 -77.78 14.84
C ASP C 431 -10.60 -76.54 14.87
N SER C 432 -9.57 -76.53 15.73
CA SER C 432 -8.63 -75.41 15.78
C SER C 432 -7.85 -75.28 14.47
N PHE C 433 -7.51 -76.41 13.84
CA PHE C 433 -6.77 -76.44 12.58
C PHE C 433 -7.63 -75.98 11.39
N ARG C 434 -8.85 -76.51 11.24
CA ARG C 434 -9.71 -76.16 10.12
C ARG C 434 -10.23 -74.71 10.14
N THR C 435 -10.23 -74.05 11.32
CA THR C 435 -10.69 -72.66 11.42
C THR C 435 -9.53 -71.67 11.23
N SER C 436 -8.30 -72.06 11.57
CA SER C 436 -7.14 -71.17 11.45
C SER C 436 -6.75 -70.88 10.00
N VAL C 437 -6.38 -69.62 9.72
CA VAL C 437 -5.92 -69.19 8.39
C VAL C 437 -4.43 -69.51 8.32
N THR C 438 -4.05 -70.47 7.47
CA THR C 438 -2.66 -70.93 7.34
C THR C 438 -1.81 -70.04 6.43
N ASP C 439 -0.48 -70.17 6.55
CA ASP C 439 0.48 -69.44 5.72
C ASP C 439 0.37 -69.83 4.24
N TRP C 440 -0.01 -71.10 3.95
CA TRP C 440 -0.19 -71.55 2.57
C TRP C 440 -1.32 -70.76 1.92
N GLU C 441 -2.45 -70.60 2.62
CA GLU C 441 -3.61 -69.86 2.13
C GLU C 441 -3.25 -68.39 1.88
N THR C 442 -2.49 -67.77 2.79
CA THR C 442 -2.08 -66.38 2.63
C THR C 442 -1.19 -66.23 1.40
N THR C 443 -0.28 -67.17 1.17
CA THR C 443 0.60 -67.12 0.00
C THR C 443 -0.19 -67.30 -1.30
N ALA C 444 -1.14 -68.24 -1.32
CA ALA C 444 -1.92 -68.55 -2.52
C ALA C 444 -3.09 -67.61 -2.83
N TYR C 445 -3.75 -67.01 -1.83
CA TYR C 445 -4.96 -66.22 -2.05
C TYR C 445 -4.90 -64.72 -1.71
N LEU C 446 -3.81 -64.20 -1.10
CA LEU C 446 -3.76 -62.77 -0.80
C LEU C 446 -3.73 -61.94 -2.10
N LYS C 447 -3.13 -62.48 -3.16
CA LYS C 447 -3.06 -61.81 -4.47
C LYS C 447 -4.43 -61.65 -5.15
N ILE C 448 -5.41 -62.52 -4.85
CA ILE C 448 -6.72 -62.46 -5.49
C ILE C 448 -7.59 -61.31 -4.95
N SER D 2 13.38 -40.77 -48.74
CA SER D 2 13.87 -41.63 -49.81
C SER D 2 14.98 -40.93 -50.62
N THR D 3 14.76 -39.66 -51.02
CA THR D 3 15.75 -38.88 -51.77
C THR D 3 16.51 -37.93 -50.81
N VAL D 4 17.64 -37.37 -51.29
CA VAL D 4 18.48 -36.46 -50.49
C VAL D 4 17.69 -35.21 -50.09
N GLU D 5 16.93 -34.64 -51.02
CA GLU D 5 16.15 -33.42 -50.77
C GLU D 5 15.07 -33.59 -49.71
N GLN D 6 14.40 -34.75 -49.67
CA GLN D 6 13.35 -35.01 -48.68
C GLN D 6 13.91 -35.04 -47.25
N VAL D 7 15.11 -35.63 -47.07
CA VAL D 7 15.74 -35.71 -45.75
C VAL D 7 16.15 -34.32 -45.29
N LEU D 8 16.83 -33.55 -46.18
CA LEU D 8 17.29 -32.19 -45.86
C LEU D 8 16.12 -31.24 -45.60
N GLU D 9 14.97 -31.44 -46.28
CA GLU D 9 13.79 -30.59 -46.08
C GLU D 9 13.23 -30.80 -44.68
N TYR D 10 13.23 -32.05 -44.18
CA TYR D 10 12.74 -32.37 -42.84
C TYR D 10 13.70 -31.76 -41.80
N VAL D 11 15.02 -31.91 -42.01
CA VAL D 11 16.06 -31.37 -41.11
C VAL D 11 15.93 -29.84 -40.99
N LYS D 12 15.66 -29.15 -42.12
CA LYS D 12 15.54 -27.70 -42.16
C LYS D 12 14.37 -27.19 -41.30
N SER D 13 13.16 -27.77 -41.51
CA SER D 13 11.95 -27.34 -40.80
C SER D 13 11.82 -27.86 -39.36
N ASN D 14 12.07 -29.16 -39.12
CA ASN D 14 11.90 -29.75 -37.80
C ASN D 14 13.04 -29.48 -36.80
N ASN D 15 14.05 -28.67 -37.19
CA ASN D 15 15.16 -28.31 -36.31
C ASN D 15 15.96 -29.55 -35.83
N VAL D 16 16.41 -30.40 -36.75
CA VAL D 16 17.21 -31.57 -36.39
C VAL D 16 18.65 -31.09 -36.24
N LYS D 17 19.31 -31.44 -35.12
CA LYS D 17 20.68 -31.00 -34.82
C LYS D 17 21.74 -32.10 -34.94
N PHE D 18 21.37 -33.39 -34.77
CA PHE D 18 22.33 -34.48 -34.87
C PHE D 18 21.84 -35.58 -35.82
N MET D 19 22.78 -36.24 -36.51
CA MET D 19 22.48 -37.33 -37.44
C MET D 19 23.34 -38.54 -37.04
N ARG D 20 22.70 -39.63 -36.58
CA ARG D 20 23.37 -40.86 -36.16
C ARG D 20 23.58 -41.80 -37.34
N PHE D 21 24.82 -42.01 -37.77
CA PHE D 21 25.12 -42.93 -38.87
C PHE D 21 25.24 -44.31 -38.25
N GLN D 22 24.12 -45.05 -38.22
CA GLN D 22 23.99 -46.35 -37.58
C GLN D 22 24.31 -47.54 -38.48
N PHE D 23 24.76 -48.65 -37.88
CA PHE D 23 25.06 -49.92 -38.54
C PHE D 23 25.16 -51.05 -37.48
N VAL D 24 25.54 -52.30 -37.87
CA VAL D 24 25.62 -53.41 -36.91
C VAL D 24 26.91 -54.18 -37.07
N ASP D 25 27.47 -54.69 -35.96
CA ASP D 25 28.66 -55.54 -36.02
C ASP D 25 28.23 -57.00 -36.41
N ILE D 26 29.18 -57.94 -36.50
CA ILE D 26 28.85 -59.33 -36.88
C ILE D 26 27.81 -59.97 -35.96
N LEU D 27 27.88 -59.70 -34.64
CA LEU D 27 26.95 -60.29 -33.67
C LEU D 27 25.57 -59.59 -33.62
N GLY D 28 25.37 -58.53 -34.41
CA GLY D 28 24.11 -57.80 -34.43
C GLY D 28 24.01 -56.67 -33.43
N VAL D 29 25.13 -56.28 -32.80
CA VAL D 29 25.15 -55.18 -31.83
C VAL D 29 25.16 -53.89 -32.63
N PRO D 30 24.22 -52.94 -32.39
CA PRO D 30 24.25 -51.69 -33.18
C PRO D 30 25.42 -50.79 -32.79
N LYS D 31 25.97 -50.07 -33.79
CA LYS D 31 27.10 -49.16 -33.63
C LYS D 31 26.77 -47.87 -34.42
N ASN D 32 27.15 -46.69 -33.92
CA ASN D 32 26.85 -45.43 -34.61
C ASN D 32 27.78 -44.28 -34.23
N VAL D 33 27.80 -43.22 -35.06
CA VAL D 33 28.58 -42.00 -34.85
C VAL D 33 27.67 -40.81 -35.11
N ALA D 34 27.67 -39.80 -34.22
CA ALA D 34 26.82 -38.63 -34.37
C ALA D 34 27.52 -37.51 -35.15
N PHE D 35 26.80 -36.87 -36.08
CA PHE D 35 27.30 -35.78 -36.91
C PHE D 35 26.48 -34.52 -36.57
N PRO D 36 27.09 -33.43 -36.07
CA PRO D 36 26.30 -32.23 -35.78
C PRO D 36 26.02 -31.39 -37.03
N ILE D 37 24.74 -31.07 -37.25
CA ILE D 37 24.31 -30.30 -38.41
C ILE D 37 24.42 -28.82 -38.03
N LYS D 38 25.05 -28.00 -38.89
CA LYS D 38 25.19 -26.57 -38.63
C LYS D 38 23.98 -25.79 -39.18
N ALA D 39 23.75 -24.59 -38.64
CA ALA D 39 22.64 -23.74 -39.06
C ALA D 39 22.89 -23.10 -40.45
N GLY D 40 21.82 -22.69 -41.12
CA GLY D 40 21.90 -22.03 -42.41
C GLY D 40 22.21 -22.95 -43.57
N GLU D 41 22.35 -22.38 -44.77
CA GLU D 41 22.65 -23.13 -45.99
C GLU D 41 23.98 -23.86 -45.92
N LYS D 42 24.99 -23.29 -45.24
CA LYS D 42 26.31 -23.91 -45.13
C LYS D 42 26.24 -25.26 -44.39
N GLY D 43 25.38 -25.35 -43.38
CA GLY D 43 25.17 -26.59 -42.63
C GLY D 43 24.42 -27.64 -43.42
N ILE D 44 23.44 -27.21 -44.22
CA ILE D 44 22.64 -28.11 -45.07
C ILE D 44 23.50 -28.66 -46.22
N GLU D 45 24.37 -27.82 -46.81
CA GLU D 45 25.26 -28.28 -47.88
C GLU D 45 26.34 -29.22 -47.34
N GLU D 46 26.78 -29.03 -46.06
CA GLU D 46 27.75 -29.91 -45.43
C GLU D 46 27.08 -31.28 -45.20
N LEU D 47 25.83 -31.28 -44.69
CA LEU D 47 25.06 -32.50 -44.44
C LEU D 47 24.78 -33.24 -45.75
N ARG D 48 24.53 -32.50 -46.85
CA ARG D 48 24.29 -33.10 -48.16
C ARG D 48 25.49 -33.93 -48.62
N ASP D 49 26.71 -33.40 -48.42
CA ASP D 49 27.93 -34.10 -48.80
C ASP D 49 28.13 -35.37 -47.99
N VAL D 50 27.90 -35.29 -46.67
CA VAL D 50 28.07 -36.44 -45.78
C VAL D 50 26.97 -37.49 -46.02
N LEU D 51 25.76 -37.08 -46.45
CA LEU D 51 24.69 -38.03 -46.74
C LEU D 51 24.95 -38.78 -48.05
N GLU D 52 25.46 -38.07 -49.09
CA GLU D 52 25.72 -38.68 -50.40
C GLU D 52 27.01 -39.51 -50.42
N ASN D 53 28.14 -38.92 -49.96
CA ASN D 53 29.45 -39.58 -49.98
C ASN D 53 29.76 -40.44 -48.74
N GLY D 54 29.01 -40.28 -47.65
CA GLY D 54 29.23 -41.05 -46.44
C GLY D 54 30.37 -40.50 -45.60
N LEU D 55 30.84 -41.30 -44.63
CA LEU D 55 31.93 -40.92 -43.75
C LEU D 55 32.79 -42.12 -43.33
N TYR D 56 34.05 -41.85 -42.95
CA TYR D 56 35.03 -42.87 -42.58
C TYR D 56 34.94 -43.29 -41.12
N PHE D 57 35.50 -44.48 -40.80
CA PHE D 57 35.52 -45.00 -39.43
C PHE D 57 36.56 -46.13 -39.28
N ASP D 58 37.03 -46.36 -38.06
CA ASP D 58 37.99 -47.42 -37.77
C ASP D 58 37.28 -48.78 -37.75
N GLY D 59 37.56 -49.61 -38.74
CA GLY D 59 36.95 -50.93 -38.85
C GLY D 59 37.55 -52.00 -37.95
N SER D 60 38.79 -51.81 -37.48
CA SER D 60 39.45 -52.79 -36.62
C SER D 60 38.80 -52.90 -35.25
N SER D 61 38.25 -51.79 -34.74
CA SER D 61 37.58 -51.77 -33.45
C SER D 61 36.20 -52.46 -33.49
N ILE D 62 35.55 -52.51 -34.67
CA ILE D 62 34.24 -53.17 -34.82
C ILE D 62 34.47 -54.70 -34.87
N GLU D 63 33.59 -55.48 -34.23
CA GLU D 63 33.73 -56.93 -34.18
C GLU D 63 33.43 -57.61 -35.52
N GLY D 64 34.34 -58.51 -35.93
CA GLY D 64 34.21 -59.27 -37.16
C GLY D 64 34.24 -58.47 -38.44
N PHE D 65 35.03 -57.38 -38.45
CA PHE D 65 35.13 -56.52 -39.63
C PHE D 65 36.53 -56.67 -40.30
N VAL D 66 37.53 -55.82 -40.00
CA VAL D 66 38.83 -55.88 -40.65
C VAL D 66 39.98 -55.80 -39.64
N GLY D 67 41.18 -56.16 -40.09
CA GLY D 67 42.39 -56.10 -39.27
C GLY D 67 42.87 -54.68 -39.06
N ILE D 68 43.87 -54.52 -38.18
CA ILE D 68 44.44 -53.20 -37.89
C ILE D 68 45.25 -52.66 -39.08
N ASN D 69 45.90 -53.53 -39.86
CA ASN D 69 46.70 -53.12 -41.03
C ASN D 69 45.86 -52.67 -42.26
N GLU D 70 44.53 -52.83 -42.21
CA GLU D 70 43.62 -52.45 -43.31
C GLU D 70 42.30 -51.95 -42.69
N SER D 71 42.41 -51.05 -41.70
CA SER D 71 41.27 -50.57 -40.93
C SER D 71 40.37 -49.49 -41.57
N ASP D 72 40.87 -48.71 -42.55
CA ASP D 72 40.07 -47.64 -43.15
C ASP D 72 38.83 -48.15 -43.91
N MET D 73 37.63 -47.75 -43.44
CA MET D 73 36.33 -48.14 -44.01
C MET D 73 35.36 -46.93 -44.13
N MET D 74 34.18 -47.13 -44.77
CA MET D 74 33.17 -46.06 -44.96
C MET D 74 31.74 -46.55 -44.69
N LEU D 75 30.80 -45.60 -44.49
CA LEU D 75 29.38 -45.86 -44.25
C LEU D 75 28.53 -45.11 -45.27
N LYS D 76 27.87 -45.83 -46.19
CA LYS D 76 27.00 -45.22 -47.21
C LYS D 76 25.55 -45.25 -46.71
N PRO D 77 24.97 -44.11 -46.26
CA PRO D 77 23.61 -44.14 -45.71
C PRO D 77 22.50 -44.61 -46.63
N ASP D 78 21.46 -45.21 -46.06
CA ASP D 78 20.27 -45.64 -46.79
C ASP D 78 19.20 -44.61 -46.43
N LEU D 79 18.91 -43.66 -47.33
CA LEU D 79 17.98 -42.57 -47.08
C LEU D 79 16.55 -43.01 -46.80
N SER D 80 16.18 -44.26 -47.15
CA SER D 80 14.84 -44.78 -46.88
C SER D 80 14.64 -45.12 -45.39
N THR D 81 15.72 -45.24 -44.58
CA THR D 81 15.63 -45.59 -43.16
C THR D 81 15.76 -44.38 -42.21
N PHE D 82 15.50 -43.14 -42.69
CA PHE D 82 15.60 -41.96 -41.83
C PHE D 82 14.50 -42.02 -40.78
N SER D 83 14.83 -41.77 -39.51
CA SER D 83 13.86 -41.81 -38.42
C SER D 83 14.30 -40.90 -37.28
N VAL D 84 13.34 -40.22 -36.63
CA VAL D 84 13.61 -39.34 -35.51
C VAL D 84 13.61 -40.18 -34.24
N LEU D 85 14.69 -40.15 -33.44
CA LEU D 85 14.74 -40.92 -32.20
C LEU D 85 13.85 -40.21 -31.17
N PRO D 86 12.76 -40.86 -30.71
CA PRO D 86 11.83 -40.18 -29.79
C PRO D 86 12.35 -40.00 -28.38
N TRP D 87 13.07 -41.00 -27.84
CA TRP D 87 13.64 -40.92 -26.49
C TRP D 87 14.59 -39.72 -26.31
N ARG D 88 15.18 -39.22 -27.42
CA ARG D 88 16.05 -38.03 -27.40
C ARG D 88 15.18 -36.73 -27.38
N PRO D 89 15.75 -35.53 -27.11
CA PRO D 89 14.92 -34.32 -27.05
C PRO D 89 14.23 -33.94 -28.35
N SER D 90 13.10 -33.23 -28.23
CA SER D 90 12.31 -32.78 -29.38
C SER D 90 12.90 -31.49 -29.96
N GLU D 91 13.26 -30.52 -29.10
CA GLU D 91 13.89 -29.27 -29.54
C GLU D 91 15.36 -29.60 -29.82
N LYS D 92 15.84 -29.31 -31.05
CA LYS D 92 17.20 -29.66 -31.50
C LYS D 92 17.29 -31.20 -31.50
N SER D 93 16.32 -31.86 -32.16
CA SER D 93 16.17 -33.32 -32.20
C SER D 93 17.38 -34.10 -32.78
N VAL D 94 17.42 -35.42 -32.53
CA VAL D 94 18.48 -36.33 -32.97
C VAL D 94 17.91 -37.39 -33.93
N ALA D 95 18.20 -37.26 -35.23
CA ALA D 95 17.71 -38.20 -36.24
C ALA D 95 18.75 -39.29 -36.56
N ARG D 96 18.31 -40.42 -37.17
CA ARG D 96 19.19 -41.53 -37.52
C ARG D 96 19.08 -41.90 -39.00
N VAL D 97 20.09 -42.60 -39.52
CA VAL D 97 20.10 -43.07 -40.90
C VAL D 97 20.95 -44.36 -40.96
N ILE D 98 20.31 -45.54 -41.07
CA ILE D 98 21.03 -46.81 -41.12
C ILE D 98 21.85 -46.85 -42.40
N CYS D 99 23.10 -47.34 -42.32
CA CYS D 99 24.04 -47.33 -43.42
C CYS D 99 24.56 -48.72 -43.79
N ASP D 100 25.12 -48.82 -45.00
CA ASP D 100 25.76 -50.02 -45.53
C ASP D 100 27.27 -49.80 -45.42
N VAL D 101 28.00 -50.75 -44.82
CA VAL D 101 29.44 -50.64 -44.66
C VAL D 101 30.10 -50.90 -46.00
N TYR D 102 30.97 -49.98 -46.45
CA TYR D 102 31.68 -50.06 -47.73
C TYR D 102 33.19 -49.95 -47.52
N THR D 103 33.96 -50.56 -48.42
CA THR D 103 35.43 -50.52 -48.38
C THR D 103 35.94 -49.15 -48.87
N THR D 104 37.22 -48.87 -48.65
CA THR D 104 37.88 -47.62 -49.05
C THR D 104 37.69 -47.35 -50.56
N LYS D 105 37.70 -48.41 -51.39
CA LYS D 105 37.50 -48.28 -52.84
C LYS D 105 36.03 -48.05 -53.27
N GLY D 106 35.12 -47.83 -52.32
CA GLY D 106 33.71 -47.60 -52.59
C GLY D 106 32.94 -48.82 -53.06
N LYS D 107 33.35 -50.02 -52.61
CA LYS D 107 32.71 -51.29 -52.96
C LYS D 107 32.02 -51.86 -51.69
N PRO D 108 30.81 -52.45 -51.75
CA PRO D 108 30.19 -52.97 -50.51
C PRO D 108 31.07 -53.95 -49.74
N PHE D 109 31.19 -53.78 -48.42
CA PHE D 109 32.04 -54.64 -47.60
C PHE D 109 31.45 -56.05 -47.50
N GLU D 110 32.27 -57.06 -47.83
CA GLU D 110 31.89 -58.47 -47.77
C GLU D 110 31.41 -58.92 -46.39
N GLY D 111 32.06 -58.46 -45.34
CA GLY D 111 31.72 -58.81 -43.97
C GLY D 111 30.64 -57.96 -43.33
N ASP D 112 29.77 -57.32 -44.14
CA ASP D 112 28.69 -56.48 -43.64
C ASP D 112 27.39 -57.29 -43.51
N PRO D 113 26.79 -57.44 -42.30
CA PRO D 113 25.53 -58.21 -42.21
C PRO D 113 24.37 -57.63 -43.03
N ARG D 114 24.25 -56.28 -43.11
CA ARG D 114 23.18 -55.64 -43.86
C ARG D 114 23.31 -55.86 -45.36
N GLY D 115 24.53 -55.74 -45.87
CA GLY D 115 24.84 -55.99 -47.28
C GLY D 115 24.66 -57.45 -47.66
N CYS D 116 24.88 -58.36 -46.70
CA CYS D 116 24.70 -59.79 -46.88
C CYS D 116 23.22 -60.10 -47.15
N LEU D 117 22.31 -59.44 -46.41
CA LEU D 117 20.87 -59.63 -46.59
C LEU D 117 20.41 -58.96 -47.89
N LYS D 118 20.96 -57.79 -48.23
CA LYS D 118 20.61 -57.10 -49.48
C LYS D 118 21.00 -57.96 -50.68
N ARG D 119 22.21 -58.55 -50.64
CA ARG D 119 22.72 -59.41 -51.71
C ARG D 119 21.78 -60.58 -52.01
N VAL D 120 21.41 -61.37 -50.99
CA VAL D 120 20.53 -62.53 -51.19
C VAL D 120 19.11 -62.11 -51.61
N MET D 121 18.62 -60.95 -51.16
CA MET D 121 17.28 -60.48 -51.56
C MET D 121 17.29 -60.01 -53.02
N GLU D 122 18.36 -59.33 -53.45
CA GLU D 122 18.49 -58.90 -54.84
C GLU D 122 18.62 -60.10 -55.76
N GLU D 123 19.36 -61.15 -55.33
CA GLU D 123 19.52 -62.39 -56.08
C GLU D 123 18.18 -63.11 -56.22
N PHE D 124 17.36 -63.12 -55.15
CA PHE D 124 16.05 -63.74 -55.17
C PHE D 124 15.10 -62.98 -56.09
N LYS D 125 15.11 -61.64 -56.02
CA LYS D 125 14.28 -60.80 -56.89
C LYS D 125 14.69 -60.91 -58.37
N LYS D 126 15.98 -61.16 -58.65
CA LYS D 126 16.44 -61.29 -60.02
C LYS D 126 16.09 -62.66 -60.61
N GLU D 127 16.24 -63.74 -59.83
CA GLU D 127 15.99 -65.10 -60.29
C GLU D 127 14.52 -65.51 -60.32
N PHE D 128 13.74 -65.18 -59.27
CA PHE D 128 12.34 -65.58 -59.15
C PHE D 128 11.32 -64.44 -59.19
N ASN D 129 11.76 -63.16 -59.09
CA ASN D 129 10.87 -62.00 -59.04
C ASN D 129 10.02 -62.08 -57.75
N GLY D 130 10.67 -62.42 -56.64
CA GLY D 130 10.02 -62.60 -55.36
C GLY D 130 10.35 -61.53 -54.34
N GLU D 131 9.59 -61.54 -53.24
CA GLU D 131 9.72 -60.59 -52.14
C GLU D 131 9.62 -61.41 -50.84
N TYR D 132 10.71 -61.44 -50.05
CA TYR D 132 10.75 -62.22 -48.81
C TYR D 132 10.21 -61.40 -47.64
N PHE D 133 9.04 -61.78 -47.10
CA PHE D 133 8.39 -61.06 -45.99
C PHE D 133 8.60 -61.78 -44.66
N VAL D 134 8.93 -61.01 -43.59
CA VAL D 134 9.15 -61.55 -42.24
C VAL D 134 8.43 -60.67 -41.21
N GLY D 135 7.91 -61.30 -40.17
CA GLY D 135 7.19 -60.66 -39.07
C GLY D 135 7.56 -61.35 -37.77
N PRO D 136 8.54 -60.83 -37.01
CA PRO D 136 8.96 -61.50 -35.78
C PRO D 136 8.18 -61.08 -34.53
N GLU D 137 8.32 -61.88 -33.46
CA GLU D 137 7.68 -61.66 -32.16
C GLU D 137 8.80 -61.66 -31.11
N PRO D 138 9.63 -60.60 -31.05
CA PRO D 138 10.74 -60.60 -30.07
C PRO D 138 10.28 -60.29 -28.64
N GLU D 139 10.37 -61.30 -27.77
CA GLU D 139 10.00 -61.21 -26.36
C GLU D 139 11.18 -60.67 -25.54
N PHE D 140 10.90 -60.02 -24.40
CA PHE D 140 11.92 -59.46 -23.53
C PHE D 140 11.49 -59.50 -22.05
N PHE D 141 12.45 -59.28 -21.14
CA PHE D 141 12.19 -59.27 -19.70
C PHE D 141 12.49 -57.90 -19.13
N LEU D 142 11.62 -57.38 -18.27
CA LEU D 142 11.84 -56.13 -17.57
C LEU D 142 12.34 -56.53 -16.18
N LEU D 143 13.52 -56.01 -15.78
CA LEU D 143 14.14 -56.39 -14.50
C LEU D 143 14.27 -55.23 -13.54
N LYS D 144 14.39 -55.58 -12.24
CA LYS D 144 14.62 -54.64 -11.15
C LYS D 144 15.66 -55.27 -10.20
N LYS D 145 16.42 -54.45 -9.48
CA LYS D 145 17.45 -54.96 -8.56
C LYS D 145 16.81 -55.79 -7.44
N ASP D 146 17.48 -56.88 -7.05
CA ASP D 146 16.99 -57.75 -5.99
C ASP D 146 17.07 -56.97 -4.67
N PRO D 147 15.98 -56.85 -3.89
CA PRO D 147 16.08 -56.11 -2.62
C PRO D 147 17.02 -56.77 -1.62
N HIS D 148 17.07 -58.11 -1.57
CA HIS D 148 17.95 -58.85 -0.68
C HIS D 148 19.43 -58.78 -1.10
N ASN D 149 19.73 -58.40 -2.36
CA ASN D 149 21.11 -58.25 -2.85
C ASN D 149 21.13 -57.34 -4.09
N PRO D 150 21.64 -56.09 -4.02
CA PRO D 150 21.59 -55.22 -5.21
C PRO D 150 22.46 -55.64 -6.39
N HIS D 151 23.43 -56.54 -6.19
CA HIS D 151 24.29 -57.01 -7.27
C HIS D 151 23.55 -57.91 -8.27
N LYS D 152 22.45 -58.57 -7.85
CA LYS D 152 21.66 -59.45 -8.73
C LYS D 152 20.36 -58.78 -9.18
N TYR D 153 19.80 -59.26 -10.30
CA TYR D 153 18.54 -58.74 -10.87
C TYR D 153 17.45 -59.82 -10.83
N ILE D 154 16.19 -59.37 -10.72
CA ILE D 154 15.00 -60.25 -10.69
C ILE D 154 13.90 -59.69 -11.60
N PRO D 155 12.81 -60.44 -11.89
CA PRO D 155 11.75 -59.89 -12.76
C PRO D 155 10.98 -58.74 -12.11
N ALA D 156 10.49 -57.79 -12.91
CA ALA D 156 9.77 -56.62 -12.41
C ALA D 156 8.43 -56.93 -11.73
N ASP D 157 7.74 -58.02 -12.11
CA ASP D 157 6.45 -58.35 -11.52
C ASP D 157 6.16 -59.84 -11.57
N ASP D 158 5.23 -60.30 -10.71
CA ASP D 158 4.81 -61.70 -10.66
C ASP D 158 3.59 -61.90 -11.56
N GLY D 159 3.66 -61.37 -12.77
CA GLY D 159 2.58 -61.45 -13.74
C GLY D 159 2.66 -62.65 -14.66
N GLY D 160 1.50 -63.05 -15.18
CA GLY D 160 1.35 -64.17 -16.11
C GLY D 160 1.01 -63.72 -17.51
N TYR D 161 0.55 -64.64 -18.33
CA TYR D 161 0.20 -64.35 -19.72
C TYR D 161 -1.06 -63.48 -19.81
N PHE D 162 -0.99 -62.35 -20.53
CA PHE D 162 -2.10 -61.42 -20.71
C PHE D 162 -2.69 -60.85 -19.40
N ASP D 163 -1.99 -60.94 -18.26
CA ASP D 163 -2.54 -60.44 -16.98
C ASP D 163 -2.83 -58.94 -16.97
N LEU D 164 -3.76 -58.51 -16.11
CA LEU D 164 -4.16 -57.11 -15.95
C LEU D 164 -3.48 -56.46 -14.75
N GLU D 165 -3.39 -55.12 -14.77
CA GLU D 165 -2.84 -54.34 -13.66
C GLU D 165 -3.75 -54.50 -12.41
N PRO D 166 -3.21 -54.42 -11.17
CA PRO D 166 -1.81 -54.19 -10.80
C PRO D 166 -0.91 -55.41 -10.83
N MET D 167 -1.46 -56.62 -11.13
CA MET D 167 -0.65 -57.85 -11.23
C MET D 167 0.42 -57.67 -12.33
N ASP D 168 0.04 -57.05 -13.45
CA ASP D 168 0.93 -56.68 -14.55
C ASP D 168 1.38 -55.24 -14.25
N GLU D 169 2.65 -55.05 -13.85
CA GLU D 169 3.17 -53.73 -13.49
C GLU D 169 3.85 -53.01 -14.66
N ALA D 170 3.60 -53.43 -15.91
CA ALA D 170 4.24 -52.79 -17.06
C ALA D 170 3.29 -52.11 -18.08
N PRO D 171 2.02 -51.72 -17.79
CA PRO D 171 1.22 -51.03 -18.81
C PRO D 171 1.80 -49.67 -19.18
N ASP D 172 2.37 -48.95 -18.21
CA ASP D 172 2.99 -47.65 -18.46
C ASP D 172 4.27 -47.80 -19.27
N ILE D 173 5.08 -48.85 -19.00
CA ILE D 173 6.32 -49.07 -19.75
C ILE D 173 5.99 -49.48 -21.18
N ARG D 174 5.03 -50.39 -21.36
CA ARG D 174 4.62 -50.81 -22.70
C ARG D 174 3.97 -49.66 -23.47
N ARG D 175 3.22 -48.77 -22.78
CA ARG D 175 2.57 -47.60 -23.39
C ARG D 175 3.61 -46.72 -24.10
N ASP D 176 4.68 -46.32 -23.39
CA ASP D 176 5.72 -45.48 -23.94
C ASP D 176 6.51 -46.19 -25.04
N ILE D 177 6.70 -47.52 -24.93
CA ILE D 177 7.38 -48.31 -25.96
C ILE D 177 6.59 -48.21 -27.27
N VAL D 178 5.26 -48.42 -27.21
CA VAL D 178 4.43 -48.38 -28.41
C VAL D 178 4.43 -46.97 -29.03
N PHE D 179 4.36 -45.92 -28.21
CA PHE D 179 4.40 -44.55 -28.72
C PHE D 179 5.74 -44.28 -29.41
N ALA D 180 6.85 -44.73 -28.82
CA ALA D 180 8.17 -44.53 -29.40
C ALA D 180 8.34 -45.27 -30.73
N LEU D 181 7.84 -46.52 -30.83
CA LEU D 181 7.95 -47.30 -32.06
C LEU D 181 7.06 -46.67 -33.16
N GLU D 182 5.85 -46.20 -32.83
CA GLU D 182 4.99 -45.55 -33.82
C GLU D 182 5.65 -44.30 -34.42
N ASN D 183 6.40 -43.53 -33.62
CA ASN D 183 7.10 -42.35 -34.10
C ASN D 183 8.27 -42.74 -35.02
N LEU D 184 8.92 -43.88 -34.75
CA LEU D 184 10.01 -44.40 -35.59
C LEU D 184 9.53 -44.99 -36.94
N GLY D 185 8.22 -45.08 -37.15
CA GLY D 185 7.64 -45.62 -38.38
C GLY D 185 7.13 -47.04 -38.28
N PHE D 186 7.04 -47.60 -37.07
CA PHE D 186 6.55 -48.96 -36.89
C PHE D 186 5.04 -49.03 -36.93
N HIS D 187 4.49 -50.14 -37.42
CA HIS D 187 3.06 -50.40 -37.43
C HIS D 187 2.86 -51.44 -36.33
N VAL D 188 2.71 -50.98 -35.09
CA VAL D 188 2.56 -51.88 -33.95
C VAL D 188 1.21 -52.60 -34.03
N GLU D 189 1.20 -53.93 -33.85
CA GLU D 189 -0.03 -54.71 -33.95
C GLU D 189 -0.66 -54.99 -32.58
N ALA D 190 0.15 -55.44 -31.59
CA ALA D 190 -0.38 -55.74 -30.25
C ALA D 190 0.73 -55.73 -29.19
N SER D 191 0.35 -55.56 -27.92
CA SER D 191 1.28 -55.54 -26.80
C SER D 191 0.60 -56.16 -25.57
N HIS D 192 1.34 -56.97 -24.80
CA HIS D 192 0.78 -57.67 -23.64
C HIS D 192 1.86 -58.29 -22.76
N HIS D 193 1.48 -58.79 -21.57
CA HIS D 193 2.40 -59.49 -20.68
C HIS D 193 2.51 -60.94 -21.17
N GLU D 194 3.69 -61.55 -21.03
CA GLU D 194 3.93 -62.93 -21.47
C GLU D 194 3.95 -63.91 -20.27
N VAL D 195 4.00 -65.22 -20.56
CA VAL D 195 3.92 -66.32 -19.59
C VAL D 195 4.81 -66.13 -18.33
N ALA D 196 6.13 -65.94 -18.49
CA ALA D 196 7.03 -65.82 -17.35
C ALA D 196 6.89 -64.49 -16.58
N PRO D 197 7.26 -64.44 -15.28
CA PRO D 197 7.19 -63.17 -14.53
C PRO D 197 8.03 -62.08 -15.17
N GLY D 198 7.50 -60.86 -15.24
CA GLY D 198 8.22 -59.74 -15.82
C GLY D 198 8.48 -59.82 -17.31
N GLN D 199 8.03 -60.89 -17.99
CA GLN D 199 8.22 -61.05 -19.43
C GLN D 199 7.12 -60.32 -20.19
N HIS D 200 7.46 -59.73 -21.34
CA HIS D 200 6.51 -58.98 -22.17
C HIS D 200 6.75 -59.25 -23.66
N GLU D 201 5.79 -58.86 -24.51
CA GLU D 201 5.90 -59.05 -25.96
C GLU D 201 5.21 -57.89 -26.66
N VAL D 202 5.93 -57.21 -27.56
CA VAL D 202 5.38 -56.11 -28.36
C VAL D 202 5.54 -56.53 -29.82
N ASP D 203 4.43 -56.85 -30.48
CA ASP D 203 4.40 -57.29 -31.87
C ASP D 203 4.27 -56.13 -32.83
N PHE D 204 4.77 -56.32 -34.07
CA PHE D 204 4.68 -55.30 -35.12
C PHE D 204 4.44 -55.97 -36.48
N LYS D 205 3.90 -55.20 -37.43
CA LYS D 205 3.53 -55.73 -38.74
C LYS D 205 4.71 -56.26 -39.54
N PHE D 206 4.43 -57.28 -40.36
CA PHE D 206 5.45 -57.87 -41.22
C PHE D 206 5.79 -56.93 -42.38
N ASP D 207 6.99 -57.10 -42.93
CA ASP D 207 7.49 -56.30 -44.07
C ASP D 207 8.62 -57.09 -44.78
N ASP D 208 9.27 -56.52 -45.82
CA ASP D 208 10.38 -57.21 -46.49
C ASP D 208 11.54 -57.38 -45.50
N ALA D 209 12.29 -58.49 -45.63
CA ALA D 209 13.39 -58.86 -44.72
C ALA D 209 14.32 -57.71 -44.34
N LEU D 210 14.67 -56.81 -45.28
CA LEU D 210 15.57 -55.70 -44.97
C LEU D 210 14.89 -54.70 -44.01
N LYS D 211 13.67 -54.23 -44.34
CA LYS D 211 12.94 -53.31 -43.48
C LYS D 211 12.61 -53.93 -42.11
N THR D 212 12.38 -55.25 -42.09
CA THR D 212 12.10 -55.98 -40.85
C THR D 212 13.36 -56.09 -39.98
N ALA D 213 14.53 -56.35 -40.59
CA ALA D 213 15.78 -56.45 -39.82
C ALA D 213 16.20 -55.08 -39.29
N ASP D 214 15.95 -54.01 -40.04
CA ASP D 214 16.22 -52.64 -39.58
C ASP D 214 15.32 -52.33 -38.36
N SER D 215 14.06 -52.81 -38.40
CA SER D 215 13.10 -52.64 -37.32
C SER D 215 13.48 -53.45 -36.07
N VAL D 216 14.04 -54.67 -36.22
CA VAL D 216 14.43 -55.48 -35.06
C VAL D 216 15.56 -54.78 -34.27
N ILE D 217 16.53 -54.17 -34.96
CA ILE D 217 17.64 -53.47 -34.30
C ILE D 217 17.12 -52.27 -33.53
N THR D 218 16.25 -51.47 -34.18
CA THR D 218 15.67 -50.27 -33.56
C THR D 218 14.74 -50.64 -32.41
N PHE D 219 14.04 -51.78 -32.52
CA PHE D 219 13.14 -52.26 -31.47
C PHE D 219 13.93 -52.60 -30.21
N LYS D 220 15.04 -53.35 -30.35
CA LYS D 220 15.86 -53.72 -29.20
C LYS D 220 16.40 -52.51 -28.45
N THR D 221 16.84 -51.48 -29.19
CA THR D 221 17.34 -50.23 -28.60
C THR D 221 16.20 -49.47 -27.92
N THR D 222 15.03 -49.41 -28.57
CA THR D 222 13.86 -48.70 -28.02
C THR D 222 13.38 -49.33 -26.70
N ILE D 223 13.33 -50.66 -26.64
CA ILE D 223 12.89 -51.37 -25.43
C ILE D 223 13.87 -51.13 -24.26
N LYS D 224 15.19 -51.15 -24.52
CA LYS D 224 16.19 -50.96 -23.48
C LYS D 224 16.27 -49.52 -22.95
N THR D 225 16.23 -48.50 -23.84
CA THR D 225 16.32 -47.10 -23.41
C THR D 225 15.08 -46.65 -22.63
N ILE D 226 13.87 -47.02 -23.08
CA ILE D 226 12.64 -46.63 -22.37
C ILE D 226 12.55 -47.34 -21.03
N ALA D 227 13.07 -48.57 -20.90
CA ALA D 227 13.08 -49.26 -19.62
C ALA D 227 13.96 -48.51 -18.62
N GLU D 228 15.12 -47.98 -19.07
CA GLU D 228 16.00 -47.22 -18.18
C GLU D 228 15.33 -45.93 -17.70
N GLN D 229 14.45 -45.32 -18.51
CA GLN D 229 13.73 -44.11 -18.11
C GLN D 229 12.79 -44.42 -16.94
N HIS D 230 12.19 -45.63 -16.91
CA HIS D 230 11.28 -46.02 -15.83
C HIS D 230 12.00 -46.80 -14.70
N GLY D 231 13.31 -46.53 -14.52
CA GLY D 231 14.12 -47.16 -13.48
C GLY D 231 14.29 -48.67 -13.54
N LEU D 232 14.03 -49.30 -14.70
CA LEU D 232 14.15 -50.74 -14.89
C LEU D 232 15.28 -51.09 -15.89
N LYS D 233 15.55 -52.37 -16.13
CA LYS D 233 16.58 -52.81 -17.07
C LYS D 233 16.00 -53.92 -17.94
N ALA D 234 15.85 -53.70 -19.26
CA ALA D 234 15.29 -54.71 -20.15
C ALA D 234 16.39 -55.59 -20.73
N THR D 235 16.14 -56.91 -20.82
CA THR D 235 17.11 -57.86 -21.38
C THR D 235 16.47 -58.78 -22.41
N PHE D 236 17.16 -58.97 -23.54
CA PHE D 236 16.73 -59.90 -24.58
C PHE D 236 17.55 -61.21 -24.44
N MET D 237 17.81 -61.65 -23.20
CA MET D 237 18.57 -62.86 -22.95
C MET D 237 17.63 -64.05 -23.21
N PRO D 238 18.03 -65.08 -24.00
CA PRO D 238 17.09 -66.18 -24.28
C PRO D 238 16.53 -66.95 -23.07
N LYS D 239 17.21 -66.91 -21.92
CA LYS D 239 16.77 -67.63 -20.72
C LYS D 239 17.46 -67.01 -19.49
N PRO D 240 17.00 -65.84 -19.02
CA PRO D 240 17.65 -65.21 -17.86
C PRO D 240 17.44 -65.97 -16.56
N PHE D 241 16.31 -66.68 -16.42
CA PHE D 241 16.02 -67.44 -15.20
C PHE D 241 15.57 -68.87 -15.51
N PHE D 242 16.03 -69.83 -14.70
CA PHE D 242 15.68 -71.24 -14.83
C PHE D 242 14.29 -71.47 -14.21
N GLY D 243 13.52 -72.39 -14.78
CA GLY D 243 12.20 -72.72 -14.27
C GLY D 243 11.06 -71.87 -14.79
N MET D 244 11.34 -70.92 -15.70
CA MET D 244 10.32 -70.06 -16.30
C MET D 244 10.62 -69.87 -17.79
N ASN D 245 9.59 -69.54 -18.59
CA ASN D 245 9.73 -69.35 -20.04
C ASN D 245 10.87 -68.42 -20.44
N GLY D 246 11.45 -68.68 -21.60
CA GLY D 246 12.53 -67.88 -22.14
C GLY D 246 12.06 -66.93 -23.22
N SER D 247 12.90 -65.94 -23.55
CA SER D 247 12.58 -64.96 -24.59
C SER D 247 12.75 -65.59 -25.97
N GLY D 248 11.66 -65.68 -26.74
CA GLY D 248 11.67 -66.26 -28.08
C GLY D 248 11.25 -65.27 -29.13
N MET D 249 11.84 -65.37 -30.33
CA MET D 249 11.53 -64.49 -31.46
C MET D 249 11.02 -65.36 -32.60
N HIS D 250 9.72 -65.69 -32.56
CA HIS D 250 9.10 -66.54 -33.58
C HIS D 250 9.04 -65.75 -34.89
N CYS D 251 9.62 -66.29 -35.97
CA CYS D 251 9.68 -65.60 -37.26
C CYS D 251 8.63 -66.08 -38.25
N HIS D 252 7.50 -65.36 -38.34
CA HIS D 252 6.44 -65.65 -39.31
C HIS D 252 6.97 -65.19 -40.65
N GLN D 253 7.03 -66.09 -41.65
CA GLN D 253 7.61 -65.72 -42.95
C GLN D 253 6.87 -66.32 -44.16
N SER D 254 7.03 -65.67 -45.32
CA SER D 254 6.41 -66.10 -46.58
C SER D 254 7.05 -65.39 -47.78
N ILE D 255 7.04 -66.03 -48.96
CA ILE D 255 7.61 -65.46 -50.19
C ILE D 255 6.48 -65.21 -51.21
N TRP D 256 6.51 -64.05 -51.89
CA TRP D 256 5.49 -63.64 -52.86
C TRP D 256 6.09 -63.50 -54.26
N LEU D 257 5.91 -64.51 -55.11
CA LEU D 257 6.42 -64.47 -56.48
C LEU D 257 5.43 -63.76 -57.41
N ASN D 258 5.88 -62.67 -58.07
CA ASN D 258 5.06 -61.87 -58.98
C ASN D 258 3.90 -61.17 -58.27
N GLY D 259 4.17 -60.62 -57.09
CA GLY D 259 3.18 -59.90 -56.30
C GLY D 259 1.94 -60.67 -55.91
N GLU D 260 2.06 -62.01 -55.73
CA GLU D 260 0.94 -62.87 -55.34
C GLU D 260 1.35 -63.77 -54.17
N PRO D 261 0.41 -64.15 -53.29
CA PRO D 261 0.79 -65.05 -52.18
C PRO D 261 1.01 -66.47 -52.71
N SER D 262 2.29 -66.80 -52.96
CA SER D 262 2.67 -68.10 -53.51
C SER D 262 2.50 -69.26 -52.54
N PHE D 263 2.43 -69.00 -51.23
CA PHE D 263 2.23 -70.06 -50.24
C PHE D 263 0.78 -70.57 -50.19
N TYR D 264 -0.19 -69.78 -50.67
CA TYR D 264 -1.60 -70.17 -50.65
C TYR D 264 -2.03 -70.89 -51.94
N ASP D 265 -2.87 -71.93 -51.78
CA ASP D 265 -3.45 -72.70 -52.89
C ASP D 265 -4.84 -73.17 -52.43
N GLU D 266 -5.90 -72.47 -52.87
CA GLU D 266 -7.29 -72.77 -52.50
C GLU D 266 -7.65 -74.25 -52.71
N ASN D 267 -7.18 -74.84 -53.82
CA ASN D 267 -7.43 -76.25 -54.15
C ASN D 267 -6.19 -77.10 -53.82
N ALA D 268 -5.92 -77.34 -52.52
CA ALA D 268 -4.77 -78.15 -52.09
C ALA D 268 -4.91 -78.61 -50.61
N PRO D 269 -4.11 -79.59 -50.13
CA PRO D 269 -4.25 -80.02 -48.73
C PRO D 269 -3.84 -78.92 -47.75
N TYR D 270 -4.66 -78.67 -46.71
CA TYR D 270 -4.45 -77.61 -45.73
C TYR D 270 -4.43 -76.20 -46.38
N GLN D 271 -4.85 -76.07 -47.66
CA GLN D 271 -4.81 -74.81 -48.42
C GLN D 271 -3.38 -74.26 -48.44
N LEU D 272 -2.39 -75.14 -48.69
CA LEU D 272 -0.97 -74.78 -48.74
C LEU D 272 -0.41 -75.26 -50.07
N SER D 273 0.28 -74.37 -50.79
CA SER D 273 0.85 -74.61 -52.14
C SER D 273 2.08 -75.55 -52.08
N GLU D 274 2.52 -76.05 -53.25
CA GLU D 274 3.72 -76.88 -53.36
C GLU D 274 4.94 -76.03 -52.99
N THR D 275 4.97 -74.75 -53.39
CA THR D 275 6.06 -73.82 -53.05
C THR D 275 6.25 -73.71 -51.54
N CYS D 276 5.15 -73.70 -50.77
CA CYS D 276 5.20 -73.66 -49.31
C CYS D 276 5.86 -74.92 -48.76
N MET D 277 5.43 -76.10 -49.25
CA MET D 277 5.97 -77.38 -48.79
C MET D 277 7.45 -77.52 -49.15
N ASN D 278 7.86 -77.06 -50.34
CA ASN D 278 9.27 -77.12 -50.74
C ASN D 278 10.11 -76.21 -49.82
N TYR D 279 9.58 -75.03 -49.46
CA TYR D 279 10.27 -74.09 -48.58
C TYR D 279 10.43 -74.69 -47.17
N VAL D 280 9.35 -75.29 -46.63
CA VAL D 280 9.39 -75.93 -45.32
C VAL D 280 10.41 -77.07 -45.30
N ALA D 281 10.47 -77.87 -46.38
CA ALA D 281 11.43 -78.98 -46.48
C ALA D 281 12.87 -78.48 -46.39
N GLY D 282 13.15 -77.34 -47.00
CA GLY D 282 14.48 -76.75 -46.98
C GLY D 282 14.89 -76.25 -45.60
N ILE D 283 13.94 -75.67 -44.85
CA ILE D 283 14.22 -75.19 -43.50
C ILE D 283 14.52 -76.38 -42.59
N LEU D 284 13.70 -77.45 -42.69
CA LEU D 284 13.88 -78.65 -41.88
C LEU D 284 15.18 -79.38 -42.21
N LYS D 285 15.62 -79.32 -43.49
CA LYS D 285 16.87 -79.94 -43.91
C LYS D 285 18.07 -79.30 -43.21
N HIS D 286 18.18 -77.96 -43.29
CA HIS D 286 19.29 -77.23 -42.68
C HIS D 286 18.97 -76.73 -41.26
N ALA D 287 17.95 -77.31 -40.58
CA ALA D 287 17.56 -76.87 -39.23
C ALA D 287 18.70 -76.93 -38.21
N LYS D 288 19.50 -78.00 -38.23
CA LYS D 288 20.63 -78.16 -37.31
C LYS D 288 21.72 -77.09 -37.52
N ALA D 289 21.82 -76.53 -38.74
CA ALA D 289 22.80 -75.50 -39.08
C ALA D 289 22.25 -74.09 -38.92
N ILE D 290 20.94 -73.88 -39.13
CA ILE D 290 20.31 -72.55 -38.99
C ILE D 290 20.35 -72.10 -37.52
N VAL D 291 20.15 -73.03 -36.57
CA VAL D 291 20.16 -72.68 -35.13
C VAL D 291 21.52 -72.15 -34.66
N ALA D 292 22.62 -72.34 -35.41
CA ALA D 292 23.90 -71.77 -35.03
C ALA D 292 23.83 -70.24 -35.14
N ILE D 293 23.20 -69.73 -36.22
CA ILE D 293 23.05 -68.30 -36.46
C ILE D 293 21.85 -67.73 -35.66
N THR D 294 20.68 -68.37 -35.75
CA THR D 294 19.47 -67.89 -35.07
C THR D 294 19.48 -68.07 -33.54
N ASN D 295 20.41 -68.90 -33.01
CA ASN D 295 20.57 -69.15 -31.58
C ASN D 295 22.09 -69.12 -31.31
N PRO D 296 22.73 -67.93 -31.36
CA PRO D 296 24.19 -67.88 -31.28
C PRO D 296 24.83 -67.81 -29.89
N THR D 297 24.05 -67.79 -28.81
CA THR D 297 24.60 -67.71 -27.46
C THR D 297 24.63 -69.06 -26.77
N VAL D 298 25.46 -69.22 -25.74
CA VAL D 298 25.52 -70.45 -24.94
C VAL D 298 24.18 -70.61 -24.21
N ASN D 299 23.63 -69.50 -23.69
CA ASN D 299 22.34 -69.47 -22.99
C ASN D 299 21.15 -69.86 -23.86
N SER D 300 21.25 -69.67 -25.19
CA SER D 300 20.16 -70.04 -26.11
C SER D 300 19.79 -71.51 -26.01
N TYR D 301 20.77 -72.39 -25.72
CA TYR D 301 20.54 -73.83 -25.60
C TYR D 301 20.06 -74.27 -24.20
N LYS D 302 19.68 -73.31 -23.34
CA LYS D 302 19.02 -73.55 -22.05
C LYS D 302 17.49 -73.33 -22.25
N ARG D 303 17.07 -72.47 -23.22
CA ARG D 303 15.68 -72.28 -23.62
C ARG D 303 15.41 -73.39 -24.65
N LEU D 304 16.17 -73.38 -25.77
CA LEU D 304 16.08 -74.35 -26.86
C LEU D 304 16.87 -75.60 -26.44
N VAL D 305 16.39 -76.27 -25.39
CA VAL D 305 17.06 -77.43 -24.79
C VAL D 305 16.44 -78.79 -25.24
N PRO D 306 17.18 -79.68 -25.96
CA PRO D 306 16.58 -80.97 -26.33
C PRO D 306 16.19 -81.83 -25.13
N GLY D 307 15.22 -82.72 -25.33
CA GLY D 307 14.72 -83.58 -24.26
C GLY D 307 13.73 -82.90 -23.32
N TYR D 308 13.55 -81.56 -23.44
CA TYR D 308 12.63 -80.77 -22.61
C TYR D 308 11.72 -79.91 -23.48
N GLU D 309 10.58 -79.46 -22.92
CA GLU D 309 9.58 -78.65 -23.62
C GLU D 309 10.18 -77.41 -24.28
N ALA D 310 10.38 -77.46 -25.61
CA ALA D 310 10.96 -76.38 -26.42
C ALA D 310 10.74 -76.63 -27.93
N PRO D 311 10.92 -75.63 -28.83
CA PRO D 311 10.76 -75.91 -30.27
C PRO D 311 12.05 -76.51 -30.83
N VAL D 312 12.38 -77.71 -30.33
CA VAL D 312 13.59 -78.49 -30.64
C VAL D 312 13.34 -79.60 -31.66
N ASN D 313 12.10 -80.09 -31.75
CA ASN D 313 11.76 -81.18 -32.64
C ASN D 313 11.68 -80.71 -34.09
N ILE D 314 12.56 -81.26 -34.95
CA ILE D 314 12.63 -80.90 -36.36
C ILE D 314 11.45 -81.52 -37.11
N ALA D 315 10.32 -80.78 -37.15
CA ALA D 315 9.09 -81.19 -37.83
C ALA D 315 8.13 -79.99 -37.98
N TRP D 316 7.15 -80.08 -38.90
CA TRP D 316 6.17 -79.00 -39.09
C TRP D 316 4.75 -79.49 -38.71
N ALA D 317 3.85 -78.56 -38.37
CA ALA D 317 2.47 -78.89 -37.98
C ALA D 317 1.54 -77.68 -38.04
N ASN D 318 0.23 -77.93 -38.21
CA ASN D 318 -0.77 -76.86 -38.29
C ASN D 318 -1.34 -76.51 -36.91
N SER D 319 -1.18 -75.25 -36.47
CA SER D 319 -1.69 -74.76 -35.19
C SER D 319 -1.21 -75.58 -33.98
N ASN D 320 0.08 -75.98 -34.00
CA ASN D 320 0.70 -76.78 -32.94
C ASN D 320 2.03 -76.12 -32.56
N ARG D 321 2.15 -75.65 -31.31
CA ARG D 321 3.35 -74.95 -30.82
C ARG D 321 4.44 -75.90 -30.27
N SER D 322 4.28 -77.23 -30.40
CA SER D 322 5.28 -78.19 -29.92
C SER D 322 6.39 -78.45 -30.96
N ALA D 323 6.09 -78.27 -32.26
CA ALA D 323 7.04 -78.49 -33.36
C ALA D 323 7.92 -77.24 -33.63
N ILE D 324 9.02 -77.39 -34.41
CA ILE D 324 9.90 -76.26 -34.74
C ILE D 324 9.18 -75.25 -35.64
N ILE D 325 8.30 -75.74 -36.56
CA ILE D 325 7.51 -74.90 -37.46
C ILE D 325 6.02 -75.09 -37.14
N ARG D 326 5.26 -73.98 -37.18
CA ARG D 326 3.81 -73.96 -36.95
C ARG D 326 3.19 -73.17 -38.10
N VAL D 327 2.16 -73.70 -38.75
CA VAL D 327 1.50 -73.00 -39.84
C VAL D 327 0.25 -72.33 -39.26
N PRO D 328 0.24 -70.99 -39.04
CA PRO D 328 -0.97 -70.36 -38.47
C PRO D 328 -2.21 -70.58 -39.32
N ALA D 329 -3.38 -70.64 -38.69
CA ALA D 329 -4.65 -70.89 -39.37
C ALA D 329 -5.08 -69.82 -40.38
N ALA D 330 -4.48 -68.62 -40.37
CA ALA D 330 -4.85 -67.56 -41.31
C ALA D 330 -4.48 -67.97 -42.74
N ARG D 331 -5.41 -67.77 -43.69
CA ARG D 331 -5.20 -68.14 -45.09
C ARG D 331 -5.49 -66.97 -46.06
N GLY D 332 -5.05 -67.14 -47.30
CA GLY D 332 -5.17 -66.13 -48.35
C GLY D 332 -3.84 -65.41 -48.49
N LYS D 333 -3.81 -64.11 -48.19
CA LYS D 333 -2.57 -63.35 -48.23
C LYS D 333 -1.70 -63.69 -47.00
N GLY D 334 -2.35 -63.82 -45.84
CA GLY D 334 -1.67 -64.14 -44.59
C GLY D 334 -1.22 -65.58 -44.42
N THR D 335 -1.14 -66.38 -45.51
CA THR D 335 -0.66 -67.75 -45.41
C THR D 335 0.84 -67.67 -45.16
N ARG D 336 1.33 -68.32 -44.09
CA ARG D 336 2.73 -68.21 -43.68
C ARG D 336 3.19 -69.43 -42.86
N ILE D 337 4.49 -69.49 -42.51
CA ILE D 337 5.07 -70.51 -41.65
C ILE D 337 5.83 -69.81 -40.52
N GLU D 338 5.69 -70.31 -39.29
CA GLU D 338 6.34 -69.72 -38.12
C GLU D 338 7.53 -70.56 -37.67
N PHE D 339 8.76 -70.07 -37.90
CA PHE D 339 9.97 -70.74 -37.45
C PHE D 339 10.14 -70.31 -35.98
N ARG D 340 9.85 -71.22 -35.03
CA ARG D 340 9.85 -70.94 -33.59
C ARG D 340 11.22 -71.06 -32.89
N ALA D 341 12.24 -71.61 -33.56
CA ALA D 341 13.55 -71.80 -32.94
C ALA D 341 14.31 -70.50 -32.56
N PRO D 342 14.25 -69.40 -33.32
CA PRO D 342 15.04 -68.21 -32.96
C PRO D 342 14.68 -67.52 -31.65
N ASP D 343 15.65 -66.79 -31.10
CA ASP D 343 15.53 -65.96 -29.90
C ASP D 343 16.06 -64.56 -30.24
N PRO D 344 15.67 -63.49 -29.51
CA PRO D 344 16.14 -62.15 -29.89
C PRO D 344 17.64 -61.88 -29.72
N SER D 345 18.46 -62.88 -29.34
CA SER D 345 19.91 -62.71 -29.22
C SER D 345 20.63 -62.78 -30.58
N CYS D 346 19.96 -63.22 -31.66
CA CYS D 346 20.57 -63.36 -32.98
C CYS D 346 20.62 -62.06 -33.77
N ASN D 347 21.53 -62.01 -34.75
CA ASN D 347 21.65 -60.87 -35.67
C ASN D 347 20.51 -61.03 -36.66
N PRO D 348 19.53 -60.10 -36.75
CA PRO D 348 18.41 -60.30 -37.69
C PRO D 348 18.83 -60.37 -39.15
N TYR D 349 19.86 -59.61 -39.56
CA TYR D 349 20.31 -59.62 -40.96
C TYR D 349 20.83 -61.00 -41.37
N LEU D 350 21.57 -61.68 -40.49
CA LEU D 350 22.10 -63.02 -40.78
C LEU D 350 21.02 -64.09 -40.57
N ALA D 351 20.09 -63.90 -39.62
CA ALA D 351 19.01 -64.85 -39.37
C ALA D 351 18.06 -64.95 -40.56
N PHE D 352 17.70 -63.81 -41.18
CA PHE D 352 16.81 -63.83 -42.35
C PHE D 352 17.56 -64.34 -43.60
N THR D 353 18.88 -64.14 -43.67
CA THR D 353 19.69 -64.63 -44.79
C THR D 353 19.72 -66.16 -44.81
N VAL D 354 20.05 -66.81 -43.66
CA VAL D 354 20.11 -68.28 -43.59
C VAL D 354 18.73 -68.92 -43.73
N MET D 355 17.66 -68.27 -43.24
CA MET D 355 16.31 -68.81 -43.38
C MET D 355 15.90 -68.76 -44.84
N LEU D 356 16.17 -67.64 -45.54
CA LEU D 356 15.82 -67.53 -46.95
C LEU D 356 16.67 -68.48 -47.80
N ALA D 357 17.96 -68.66 -47.48
CA ALA D 357 18.83 -69.54 -48.27
C ALA D 357 18.44 -71.02 -48.14
N ALA D 358 18.14 -71.49 -46.93
CA ALA D 358 17.73 -72.88 -46.73
C ALA D 358 16.35 -73.11 -47.33
N GLY D 359 15.44 -72.14 -47.18
CA GLY D 359 14.10 -72.23 -47.74
C GLY D 359 14.11 -72.25 -49.25
N LEU D 360 14.93 -71.39 -49.89
CA LEU D 360 15.06 -71.36 -51.35
C LEU D 360 15.77 -72.60 -51.87
N ASP D 361 16.65 -73.24 -51.08
CA ASP D 361 17.31 -74.49 -51.47
C ASP D 361 16.23 -75.59 -51.71
N GLY D 362 15.18 -75.59 -50.89
CA GLY D 362 14.07 -76.52 -51.03
C GLY D 362 13.20 -76.21 -52.24
N VAL D 363 12.99 -74.92 -52.55
CA VAL D 363 12.19 -74.48 -53.69
C VAL D 363 12.91 -74.80 -55.01
N LYS D 364 14.23 -74.50 -55.08
CA LYS D 364 15.03 -74.75 -56.28
C LYS D 364 15.12 -76.25 -56.61
N ASN D 365 15.40 -77.09 -55.61
CA ASN D 365 15.49 -78.54 -55.80
C ASN D 365 14.13 -79.27 -55.72
N LYS D 366 13.05 -78.57 -55.32
CA LYS D 366 11.70 -79.16 -55.17
C LYS D 366 11.75 -80.34 -54.20
N LEU D 367 12.24 -80.09 -52.98
CA LEU D 367 12.37 -81.13 -51.95
C LEU D 367 11.02 -81.48 -51.34
N ASP D 368 10.85 -82.76 -50.98
CA ASP D 368 9.60 -83.27 -50.41
C ASP D 368 9.58 -83.07 -48.90
N ALA D 369 8.54 -82.39 -48.39
CA ALA D 369 8.39 -82.15 -46.96
C ALA D 369 7.76 -83.36 -46.27
N PRO D 370 8.04 -83.59 -44.98
CA PRO D 370 7.40 -84.70 -44.28
C PRO D 370 5.95 -84.40 -43.88
N GLU D 371 5.22 -85.39 -43.38
CA GLU D 371 3.83 -85.20 -42.97
C GLU D 371 3.75 -84.35 -41.70
N PRO D 372 2.66 -83.57 -41.52
CA PRO D 372 2.56 -82.73 -40.32
C PRO D 372 2.26 -83.54 -39.05
N VAL D 373 3.00 -83.29 -37.97
CA VAL D 373 2.81 -84.00 -36.71
C VAL D 373 1.78 -83.24 -35.87
N GLU D 374 0.49 -83.50 -36.13
CA GLU D 374 -0.62 -82.84 -35.43
C GLU D 374 -0.62 -83.19 -33.93
N ARG D 375 -0.08 -84.36 -33.54
CA ARG D 375 0.02 -84.79 -32.14
C ARG D 375 1.01 -83.91 -31.36
N ASN D 376 0.87 -83.87 -30.02
CA ASN D 376 1.80 -83.14 -29.18
C ASN D 376 3.09 -83.97 -29.17
N ILE D 377 4.22 -83.34 -29.55
CA ILE D 377 5.49 -84.05 -29.65
C ILE D 377 6.18 -84.21 -28.28
N PHE D 378 5.87 -83.33 -27.30
CA PHE D 378 6.46 -83.44 -25.96
C PHE D 378 5.98 -84.70 -25.25
N ALA D 379 4.70 -85.07 -25.43
CA ALA D 379 4.13 -86.27 -24.83
C ALA D 379 4.70 -87.57 -25.43
N MET D 380 5.34 -87.52 -26.61
CA MET D 380 5.91 -88.70 -27.26
C MET D 380 7.20 -89.15 -26.59
N SER D 381 7.48 -90.46 -26.64
CA SER D 381 8.70 -91.04 -26.09
C SER D 381 9.82 -90.98 -27.14
N GLU D 382 11.09 -91.03 -26.68
CA GLU D 382 12.25 -90.99 -27.58
C GLU D 382 12.27 -92.14 -28.59
N ALA D 383 11.79 -93.33 -28.21
CA ALA D 383 11.74 -94.47 -29.13
C ALA D 383 10.67 -94.25 -30.22
N GLU D 384 9.54 -93.61 -29.85
CA GLU D 384 8.46 -93.31 -30.79
C GLU D 384 8.90 -92.22 -31.78
N LYS D 385 9.54 -91.15 -31.27
CA LYS D 385 10.05 -90.06 -32.11
C LYS D 385 11.14 -90.54 -33.07
N LYS D 386 11.92 -91.57 -32.68
CA LYS D 386 12.99 -92.11 -33.52
C LYS D 386 12.39 -92.93 -34.67
N GLU D 387 11.26 -93.63 -34.42
CA GLU D 387 10.58 -94.41 -35.46
C GLU D 387 10.00 -93.47 -36.52
N LEU D 388 9.33 -92.39 -36.09
CA LEU D 388 8.76 -91.39 -37.01
C LEU D 388 9.85 -90.62 -37.79
N GLY D 389 11.03 -90.45 -37.19
CA GLY D 389 12.15 -89.74 -37.80
C GLY D 389 12.21 -88.28 -37.41
N ILE D 390 11.71 -87.93 -36.21
CA ILE D 390 11.70 -86.56 -35.73
C ILE D 390 13.02 -86.28 -35.00
N GLU D 391 14.03 -85.79 -35.74
CA GLU D 391 15.34 -85.47 -35.15
C GLU D 391 15.25 -84.19 -34.30
N SER D 392 16.23 -83.97 -33.41
CA SER D 392 16.25 -82.78 -32.54
C SER D 392 17.40 -81.84 -32.88
N VAL D 393 17.22 -80.54 -32.60
CA VAL D 393 18.25 -79.52 -32.87
C VAL D 393 19.42 -79.68 -31.87
N PRO D 394 20.66 -79.29 -32.24
CA PRO D 394 21.79 -79.47 -31.31
C PRO D 394 21.56 -79.04 -29.86
N ALA D 395 22.18 -79.74 -28.91
CA ALA D 395 22.03 -79.49 -27.48
C ALA D 395 22.88 -78.34 -26.94
N ASN D 396 23.90 -77.86 -27.69
CA ASN D 396 24.75 -76.77 -27.23
C ASN D 396 25.30 -75.92 -28.39
N LEU D 397 25.97 -74.79 -28.08
CA LEU D 397 26.50 -73.88 -29.09
C LEU D 397 27.54 -74.55 -29.98
N LYS D 398 28.52 -75.25 -29.39
CA LYS D 398 29.56 -75.92 -30.17
C LYS D 398 28.99 -76.99 -31.09
N ALA D 399 27.94 -77.71 -30.64
CA ALA D 399 27.31 -78.72 -31.48
C ALA D 399 26.66 -78.08 -32.72
N ALA D 400 26.11 -76.86 -32.58
CA ALA D 400 25.51 -76.14 -33.70
C ALA D 400 26.56 -75.53 -34.62
N LEU D 401 27.69 -75.05 -34.07
CA LEU D 401 28.77 -74.46 -34.89
C LEU D 401 29.38 -75.50 -35.83
N ASP D 402 29.54 -76.75 -35.36
CA ASP D 402 30.07 -77.84 -36.19
C ASP D 402 29.12 -78.15 -37.34
N GLU D 403 27.79 -78.07 -37.11
CA GLU D 403 26.78 -78.30 -38.13
C GLU D 403 26.82 -77.17 -39.17
N LEU D 404 26.99 -75.92 -38.71
CA LEU D 404 27.09 -74.76 -39.59
C LEU D 404 28.35 -74.84 -40.45
N GLU D 405 29.47 -75.28 -39.85
CA GLU D 405 30.74 -75.39 -40.55
C GLU D 405 30.64 -76.38 -41.73
N ASN D 406 30.00 -77.55 -41.52
CA ASN D 406 29.84 -78.56 -42.57
C ASN D 406 28.73 -78.23 -43.59
N ASN D 407 27.90 -77.19 -43.33
CA ASN D 407 26.82 -76.80 -44.23
C ASN D 407 27.35 -75.84 -45.30
N ASP D 408 27.22 -76.23 -46.58
CA ASP D 408 27.68 -75.41 -47.71
C ASP D 408 26.64 -74.40 -48.18
N VAL D 409 25.34 -74.66 -47.93
CA VAL D 409 24.27 -73.75 -48.35
C VAL D 409 24.35 -72.44 -47.59
N LEU D 410 24.53 -72.51 -46.26
CA LEU D 410 24.64 -71.31 -45.42
C LEU D 410 26.02 -70.64 -45.56
N LYS D 411 27.07 -71.41 -45.86
CA LYS D 411 28.42 -70.86 -46.05
C LYS D 411 28.42 -69.87 -47.23
N ASN D 412 27.78 -70.27 -48.34
CA ASN D 412 27.69 -69.43 -49.55
C ASN D 412 26.80 -68.20 -49.33
N ALA D 413 25.68 -68.35 -48.61
CA ALA D 413 24.77 -67.23 -48.35
C ALA D 413 25.41 -66.15 -47.46
N LEU D 414 26.14 -66.57 -46.41
CA LEU D 414 26.81 -65.64 -45.51
C LEU D 414 28.12 -65.09 -46.09
N GLY D 415 28.80 -65.88 -46.92
CA GLY D 415 30.07 -65.50 -47.52
C GLY D 415 31.25 -65.89 -46.66
N LYS D 416 32.41 -66.09 -47.28
CA LYS D 416 33.63 -66.51 -46.58
C LYS D 416 33.97 -65.62 -45.37
N HIS D 417 33.76 -64.31 -45.49
CA HIS D 417 34.12 -63.40 -44.40
C HIS D 417 33.21 -63.55 -43.17
N ILE D 418 31.89 -63.58 -43.37
CA ILE D 418 30.95 -63.70 -42.25
C ILE D 418 30.99 -65.12 -41.68
N PHE D 419 30.96 -66.14 -42.53
CA PHE D 419 30.99 -67.54 -42.12
C PHE D 419 32.21 -67.86 -41.23
N GLU D 420 33.43 -67.51 -41.68
CA GLU D 420 34.65 -67.81 -40.91
C GLU D 420 34.79 -66.96 -39.65
N SER D 421 34.50 -65.65 -39.71
CA SER D 421 34.60 -64.78 -38.54
C SER D 421 33.58 -65.17 -37.47
N PHE D 422 32.35 -65.52 -37.87
CA PHE D 422 31.32 -65.93 -36.92
C PHE D 422 31.76 -67.19 -36.17
N LEU D 423 32.23 -68.22 -36.90
CA LEU D 423 32.69 -69.46 -36.28
C LEU D 423 33.87 -69.20 -35.34
N GLU D 424 34.83 -68.34 -35.75
CA GLU D 424 36.00 -68.01 -34.94
C GLU D 424 35.62 -67.29 -33.65
N ILE D 425 34.70 -66.31 -33.74
CA ILE D 425 34.24 -65.55 -32.57
C ILE D 425 33.45 -66.45 -31.62
N LYS D 426 32.53 -67.26 -32.16
CA LYS D 426 31.71 -68.14 -31.33
C LYS D 426 32.50 -69.31 -30.72
N ASN D 427 33.58 -69.77 -31.38
CA ASN D 427 34.41 -70.84 -30.80
C ASN D 427 35.20 -70.30 -29.61
N ALA D 428 35.69 -69.05 -29.68
CA ALA D 428 36.38 -68.43 -28.55
C ALA D 428 35.41 -68.19 -27.38
N GLU D 429 34.14 -67.86 -27.71
CA GLU D 429 33.06 -67.65 -26.74
C GLU D 429 32.72 -68.99 -26.06
N TRP D 430 32.67 -70.08 -26.84
CA TRP D 430 32.39 -71.41 -26.31
C TRP D 430 33.55 -71.90 -25.43
N ASP D 431 34.80 -71.66 -25.86
CA ASP D 431 35.98 -72.06 -25.10
C ASP D 431 36.01 -71.35 -23.74
N SER D 432 35.59 -70.08 -23.69
CA SER D 432 35.53 -69.34 -22.44
C SER D 432 34.51 -69.96 -21.48
N PHE D 433 33.39 -70.47 -22.00
CA PHE D 433 32.34 -71.11 -21.21
C PHE D 433 32.78 -72.48 -20.66
N ARG D 434 33.32 -73.36 -21.52
CA ARG D 434 33.72 -74.70 -21.09
C ARG D 434 34.91 -74.73 -20.12
N THR D 435 35.74 -73.67 -20.07
CA THR D 435 36.88 -73.60 -19.16
C THR D 435 36.49 -72.97 -17.82
N SER D 436 35.50 -72.06 -17.79
CA SER D 436 35.09 -71.40 -16.57
C SER D 436 34.40 -72.32 -15.56
N VAL D 437 34.70 -72.15 -14.27
CA VAL D 437 34.10 -72.92 -13.19
C VAL D 437 32.79 -72.22 -12.85
N THR D 438 31.65 -72.88 -13.12
CA THR D 438 30.32 -72.30 -12.91
C THR D 438 29.82 -72.45 -11.46
N ASP D 439 28.80 -71.65 -11.11
CA ASP D 439 28.17 -71.69 -9.79
C ASP D 439 27.47 -73.03 -9.54
N TRP D 440 26.95 -73.68 -10.60
CA TRP D 440 26.31 -74.99 -10.49
C TRP D 440 27.32 -76.02 -10.00
N GLU D 441 28.53 -76.03 -10.60
CA GLU D 441 29.60 -76.95 -10.23
C GLU D 441 30.03 -76.73 -8.79
N THR D 442 30.17 -75.46 -8.36
CA THR D 442 30.56 -75.15 -6.99
C THR D 442 29.51 -75.66 -6.01
N THR D 443 28.23 -75.50 -6.33
CA THR D 443 27.15 -75.97 -5.47
C THR D 443 27.14 -77.50 -5.38
N ALA D 444 27.31 -78.19 -6.51
CA ALA D 444 27.25 -79.64 -6.57
C ALA D 444 28.51 -80.40 -6.13
N TYR D 445 29.71 -79.83 -6.32
CA TYR D 445 30.95 -80.57 -6.03
C TYR D 445 31.86 -80.01 -4.93
N LEU D 446 31.59 -78.84 -4.34
CA LEU D 446 32.46 -78.34 -3.27
C LEU D 446 32.38 -79.24 -2.03
N LYS D 447 31.22 -79.87 -1.78
CA LYS D 447 31.02 -80.79 -0.67
C LYS D 447 31.84 -82.08 -0.78
N ILE D 448 32.21 -82.52 -2.00
CA ILE D 448 32.96 -83.76 -2.18
C ILE D 448 34.45 -83.62 -1.80
N SER E 2 38.03 -9.54 -34.55
CA SER E 2 39.39 -9.35 -35.06
C SER E 2 39.91 -7.97 -34.68
N THR E 3 39.11 -6.90 -34.85
CA THR E 3 39.50 -5.54 -34.49
C THR E 3 38.91 -5.18 -33.11
N VAL E 4 39.44 -4.11 -32.50
CA VAL E 4 39.01 -3.65 -31.18
C VAL E 4 37.52 -3.30 -31.19
N GLU E 5 37.04 -2.61 -32.25
CA GLU E 5 35.66 -2.16 -32.35
C GLU E 5 34.64 -3.30 -32.50
N GLN E 6 35.01 -4.39 -33.18
CA GLN E 6 34.11 -5.54 -33.32
C GLN E 6 33.89 -6.21 -31.96
N VAL E 7 34.94 -6.28 -31.12
CA VAL E 7 34.84 -6.87 -29.80
C VAL E 7 33.98 -5.99 -28.90
N LEU E 8 34.22 -4.67 -28.89
CA LEU E 8 33.46 -3.73 -28.07
C LEU E 8 31.99 -3.63 -28.50
N GLU E 9 31.70 -3.83 -29.80
CA GLU E 9 30.33 -3.78 -30.31
C GLU E 9 29.55 -4.98 -29.76
N TYR E 10 30.19 -6.17 -29.69
CA TYR E 10 29.54 -7.37 -29.16
C TYR E 10 29.31 -7.21 -27.66
N VAL E 11 30.32 -6.70 -26.94
CA VAL E 11 30.24 -6.47 -25.49
C VAL E 11 29.08 -5.50 -25.15
N LYS E 12 28.90 -4.44 -25.97
CA LYS E 12 27.85 -3.45 -25.75
C LYS E 12 26.44 -4.07 -25.85
N SER E 13 26.16 -4.77 -26.96
CA SER E 13 24.84 -5.35 -27.24
C SER E 13 24.51 -6.63 -26.45
N ASN E 14 25.44 -7.60 -26.39
CA ASN E 14 25.19 -8.88 -25.74
C ASN E 14 25.30 -8.86 -24.21
N ASN E 15 25.50 -7.68 -23.58
CA ASN E 15 25.57 -7.54 -22.13
C ASN E 15 26.68 -8.42 -21.52
N VAL E 16 27.91 -8.27 -22.02
CA VAL E 16 29.06 -9.01 -21.49
C VAL E 16 29.55 -8.24 -20.26
N LYS E 17 29.74 -8.95 -19.12
CA LYS E 17 30.14 -8.35 -17.85
C LYS E 17 31.59 -8.67 -17.42
N PHE E 18 32.14 -9.84 -17.79
CA PHE E 18 33.51 -10.21 -17.41
C PHE E 18 34.35 -10.57 -18.63
N MET E 19 35.64 -10.22 -18.60
CA MET E 19 36.58 -10.55 -19.68
C MET E 19 37.74 -11.33 -19.07
N ARG E 20 37.88 -12.60 -19.48
CA ARG E 20 38.94 -13.48 -18.99
C ARG E 20 40.14 -13.33 -19.91
N PHE E 21 41.30 -12.94 -19.37
CA PHE E 21 42.52 -12.80 -20.16
C PHE E 21 43.27 -14.11 -19.98
N GLN E 22 43.05 -15.06 -20.89
CA GLN E 22 43.61 -16.42 -20.82
C GLN E 22 44.97 -16.58 -21.50
N PHE E 23 45.76 -17.53 -21.01
CA PHE E 23 47.08 -17.92 -21.54
C PHE E 23 47.45 -19.34 -21.01
N VAL E 24 48.66 -19.84 -21.28
CA VAL E 24 49.06 -21.19 -20.82
C VAL E 24 50.44 -21.18 -20.19
N ASP E 25 50.66 -22.02 -19.17
CA ASP E 25 51.97 -22.16 -18.55
C ASP E 25 52.84 -23.10 -19.44
N ILE E 26 54.10 -23.40 -19.04
CA ILE E 26 54.98 -24.25 -19.84
C ILE E 26 54.39 -25.65 -20.09
N LEU E 27 53.70 -26.23 -19.09
CA LEU E 27 53.11 -27.57 -19.24
C LEU E 27 51.77 -27.59 -20.01
N GLY E 28 51.29 -26.44 -20.46
CA GLY E 28 50.03 -26.35 -21.20
C GLY E 28 48.79 -26.19 -20.34
N VAL E 29 48.95 -25.90 -19.04
CA VAL E 29 47.82 -25.70 -18.13
C VAL E 29 47.29 -24.29 -18.38
N PRO E 30 45.99 -24.09 -18.67
CA PRO E 30 45.50 -22.72 -18.90
C PRO E 30 45.46 -21.89 -17.61
N LYS E 31 45.74 -20.59 -17.72
CA LYS E 31 45.75 -19.64 -16.63
C LYS E 31 45.03 -18.36 -17.09
N ASN E 32 44.25 -17.69 -16.22
CA ASN E 32 43.51 -16.48 -16.61
C ASN E 32 43.17 -15.57 -15.44
N VAL E 33 42.82 -14.30 -15.76
CA VAL E 33 42.40 -13.30 -14.77
C VAL E 33 41.14 -12.61 -15.31
N ALA E 34 40.12 -12.45 -14.47
CA ALA E 34 38.86 -11.84 -14.89
C ALA E 34 38.88 -10.33 -14.65
N PHE E 35 38.39 -9.56 -15.65
CA PHE E 35 38.33 -8.11 -15.60
C PHE E 35 36.86 -7.72 -15.67
N PRO E 36 36.29 -7.06 -14.64
CA PRO E 36 34.88 -6.67 -14.73
C PRO E 36 34.69 -5.43 -15.60
N ILE E 37 33.82 -5.53 -16.60
CA ILE E 37 33.52 -4.43 -17.49
C ILE E 37 32.44 -3.57 -16.84
N LYS E 38 32.62 -2.24 -16.84
CA LYS E 38 31.63 -1.34 -16.25
C LYS E 38 30.59 -0.91 -17.30
N ALA E 39 29.42 -0.46 -16.82
CA ALA E 39 28.34 -0.03 -17.71
C ALA E 39 28.63 1.36 -18.32
N GLY E 40 27.98 1.66 -19.43
CA GLY E 40 28.12 2.95 -20.11
C GLY E 40 29.42 3.12 -20.87
N GLU E 41 29.60 4.31 -21.46
CA GLU E 41 30.79 4.64 -22.25
C GLU E 41 32.08 4.57 -21.43
N LYS E 42 32.03 4.92 -20.13
CA LYS E 42 33.20 4.88 -19.26
C LYS E 42 33.77 3.46 -19.13
N GLY E 43 32.89 2.47 -19.06
CA GLY E 43 33.29 1.07 -18.98
C GLY E 43 33.86 0.54 -20.27
N ILE E 44 33.31 0.98 -21.41
CA ILE E 44 33.79 0.59 -22.75
C ILE E 44 35.14 1.26 -23.03
N GLU E 45 35.33 2.51 -22.60
CA GLU E 45 36.60 3.21 -22.77
C GLU E 45 37.69 2.57 -21.90
N GLU E 46 37.33 2.05 -20.71
CA GLU E 46 38.26 1.36 -19.80
C GLU E 46 38.66 0.02 -20.43
N LEU E 47 37.69 -0.73 -20.98
CA LEU E 47 37.95 -2.01 -21.63
C LEU E 47 38.79 -1.82 -22.90
N ARG E 48 38.62 -0.70 -23.62
CA ARG E 48 39.41 -0.43 -24.83
C ARG E 48 40.89 -0.31 -24.47
N ASP E 49 41.20 0.36 -23.36
CA ASP E 49 42.58 0.53 -22.90
C ASP E 49 43.21 -0.80 -22.49
N VAL E 50 42.46 -1.63 -21.75
CA VAL E 50 42.96 -2.93 -21.30
C VAL E 50 43.08 -3.91 -22.48
N LEU E 51 42.24 -3.80 -23.51
CA LEU E 51 42.33 -4.69 -24.68
C LEU E 51 43.54 -4.33 -25.56
N GLU E 52 43.83 -3.02 -25.72
CA GLU E 52 44.95 -2.57 -26.56
C GLU E 52 46.30 -2.67 -25.85
N ASN E 53 46.41 -2.12 -24.62
CA ASN E 53 47.67 -2.09 -23.85
C ASN E 53 47.91 -3.35 -22.99
N GLY E 54 46.89 -4.16 -22.76
CA GLY E 54 47.02 -5.36 -21.95
C GLY E 54 47.00 -5.08 -20.46
N LEU E 55 47.42 -6.06 -19.65
CA LEU E 55 47.47 -5.93 -18.19
C LEU E 55 48.62 -6.72 -17.58
N TYR E 56 49.05 -6.31 -16.38
CA TYR E 56 50.18 -6.91 -15.66
C TYR E 56 49.79 -8.13 -14.83
N PHE E 57 50.78 -8.98 -14.49
CA PHE E 57 50.56 -10.16 -13.66
C PHE E 57 51.89 -10.69 -13.08
N ASP E 58 51.81 -11.44 -11.97
CA ASP E 58 52.99 -12.02 -11.32
C ASP E 58 53.45 -13.25 -12.12
N GLY E 59 54.61 -13.13 -12.78
CA GLY E 59 55.16 -14.21 -13.57
C GLY E 59 55.86 -15.31 -12.78
N SER E 60 56.31 -15.01 -11.55
CA SER E 60 57.00 -16.00 -10.72
C SER E 60 56.09 -17.15 -10.28
N SER E 61 54.79 -16.86 -10.09
CA SER E 61 53.83 -17.88 -9.69
C SER E 61 53.47 -18.83 -10.84
N ILE E 62 53.59 -18.38 -12.10
CA ILE E 62 53.30 -19.22 -13.27
C ILE E 62 54.48 -20.19 -13.49
N GLU E 63 54.20 -21.45 -13.86
CA GLU E 63 55.23 -22.46 -14.04
C GLU E 63 56.07 -22.24 -15.30
N GLY E 64 57.40 -22.30 -15.14
CA GLY E 64 58.35 -22.15 -16.23
C GLY E 64 58.37 -20.78 -16.88
N PHE E 65 58.13 -19.72 -16.10
CA PHE E 65 58.12 -18.37 -16.62
C PHE E 65 59.35 -17.56 -16.12
N VAL E 66 59.27 -16.78 -15.02
CA VAL E 66 60.38 -15.96 -14.55
C VAL E 66 60.60 -16.10 -13.04
N GLY E 67 61.78 -15.65 -12.58
CA GLY E 67 62.13 -15.69 -11.16
C GLY E 67 61.39 -14.64 -10.36
N ILE E 68 61.51 -14.70 -9.03
CA ILE E 68 60.86 -13.73 -8.14
C ILE E 68 61.48 -12.34 -8.26
N ASN E 69 62.80 -12.25 -8.51
CA ASN E 69 63.51 -10.97 -8.65
C ASN E 69 63.20 -10.20 -9.96
N GLU E 70 62.49 -10.81 -10.91
CA GLU E 70 62.13 -10.20 -12.20
C GLU E 70 60.73 -10.69 -12.61
N SER E 71 59.78 -10.62 -11.67
CA SER E 71 58.43 -11.16 -11.83
C SER E 71 57.44 -10.32 -12.67
N ASP E 72 57.63 -8.99 -12.80
CA ASP E 72 56.68 -8.15 -13.54
C ASP E 72 56.59 -8.49 -15.03
N MET E 73 55.38 -8.93 -15.48
CA MET E 73 55.11 -9.32 -16.87
C MET E 73 53.75 -8.73 -17.37
N MET E 74 53.43 -8.91 -18.67
CA MET E 74 52.18 -8.39 -19.28
C MET E 74 51.51 -9.42 -20.22
N LEU E 75 50.21 -9.20 -20.53
CA LEU E 75 49.43 -10.04 -21.43
C LEU E 75 48.84 -9.18 -22.55
N LYS E 76 49.33 -9.33 -23.80
CA LYS E 76 48.84 -8.56 -24.94
C LYS E 76 47.78 -9.39 -25.67
N PRO E 77 46.47 -9.06 -25.53
CA PRO E 77 45.44 -9.90 -26.17
C PRO E 77 45.50 -10.08 -27.68
N ASP E 78 44.98 -11.22 -28.16
CA ASP E 78 44.84 -11.52 -29.58
C ASP E 78 43.33 -11.45 -29.81
N LEU E 79 42.87 -10.33 -30.39
CA LEU E 79 41.44 -10.03 -30.57
C LEU E 79 40.68 -11.02 -31.45
N SER E 80 41.37 -11.81 -32.28
CA SER E 80 40.72 -12.81 -33.12
C SER E 80 40.22 -14.01 -32.29
N THR E 81 40.80 -14.26 -31.09
CA THR E 81 40.43 -15.37 -30.23
C THR E 81 39.27 -15.06 -29.28
N PHE E 82 38.51 -13.98 -29.51
CA PHE E 82 37.38 -13.64 -28.64
C PHE E 82 36.31 -14.74 -28.73
N SER E 83 35.71 -15.09 -27.59
CA SER E 83 34.68 -16.13 -27.54
C SER E 83 33.88 -16.02 -26.25
N VAL E 84 32.58 -16.37 -26.30
CA VAL E 84 31.71 -16.34 -25.14
C VAL E 84 31.73 -17.70 -24.47
N LEU E 85 32.00 -17.77 -23.17
CA LEU E 85 32.02 -19.05 -22.45
C LEU E 85 30.57 -19.51 -22.29
N PRO E 86 30.18 -20.65 -22.89
CA PRO E 86 28.78 -21.09 -22.79
C PRO E 86 28.36 -21.63 -21.43
N TRP E 87 29.26 -22.36 -20.76
CA TRP E 87 29.00 -22.92 -19.43
C TRP E 87 28.71 -21.85 -18.36
N ARG E 88 29.14 -20.59 -18.58
CA ARG E 88 28.87 -19.47 -17.66
C ARG E 88 27.45 -18.89 -17.95
N PRO E 89 26.89 -18.00 -17.08
CA PRO E 89 25.54 -17.48 -17.33
C PRO E 89 25.38 -16.69 -18.62
N SER E 90 24.15 -16.65 -19.15
CA SER E 90 23.83 -15.93 -20.39
C SER E 90 23.59 -14.45 -20.08
N GLU E 91 22.81 -14.15 -19.03
CA GLU E 91 22.57 -12.76 -18.62
C GLU E 91 23.81 -12.30 -17.87
N LYS E 92 24.43 -11.18 -18.29
CA LYS E 92 25.69 -10.67 -17.73
C LYS E 92 26.78 -11.72 -18.02
N SER E 93 26.86 -12.11 -19.30
CA SER E 93 27.74 -13.17 -19.83
C SER E 93 29.23 -12.94 -19.58
N VAL E 94 30.00 -14.04 -19.59
CA VAL E 94 31.45 -14.02 -19.39
C VAL E 94 32.11 -14.33 -20.73
N ALA E 95 33.03 -13.47 -21.19
CA ALA E 95 33.76 -13.66 -22.45
C ALA E 95 35.26 -13.80 -22.19
N ARG E 96 36.00 -14.41 -23.15
CA ARG E 96 37.43 -14.64 -23.01
C ARG E 96 38.22 -14.07 -24.18
N VAL E 97 39.52 -13.85 -23.96
CA VAL E 97 40.43 -13.40 -25.00
C VAL E 97 41.81 -14.02 -24.71
N ILE E 98 42.27 -14.95 -25.58
CA ILE E 98 43.57 -15.60 -25.40
C ILE E 98 44.65 -14.57 -25.73
N CYS E 99 45.70 -14.50 -24.92
CA CYS E 99 46.75 -13.49 -25.01
C CYS E 99 48.14 -14.07 -25.29
N ASP E 100 49.10 -13.15 -25.55
CA ASP E 100 50.52 -13.43 -25.78
C ASP E 100 51.25 -12.84 -24.57
N VAL E 101 52.09 -13.64 -23.88
CA VAL E 101 52.83 -13.15 -22.72
C VAL E 101 53.98 -12.28 -23.22
N TYR E 102 54.09 -11.05 -22.70
CA TYR E 102 55.11 -10.08 -23.08
C TYR E 102 55.87 -9.59 -21.85
N THR E 103 57.14 -9.20 -22.03
CA THR E 103 57.99 -8.68 -20.96
C THR E 103 57.59 -7.22 -20.63
N THR E 104 58.10 -6.70 -19.51
CA THR E 104 57.84 -5.34 -19.04
C THR E 104 58.18 -4.30 -20.12
N LYS E 105 59.24 -4.54 -20.91
CA LYS E 105 59.66 -3.64 -22.00
C LYS E 105 58.78 -3.74 -23.28
N GLY E 106 57.68 -4.49 -23.23
CA GLY E 106 56.78 -4.64 -24.37
C GLY E 106 57.33 -5.51 -25.49
N LYS E 107 58.19 -6.49 -25.16
CA LYS E 107 58.80 -7.41 -26.12
C LYS E 107 58.22 -8.82 -25.88
N PRO E 108 57.90 -9.64 -26.92
CA PRO E 108 57.33 -10.98 -26.64
C PRO E 108 58.20 -11.83 -25.72
N PHE E 109 57.59 -12.47 -24.72
CA PHE E 109 58.33 -13.29 -23.75
C PHE E 109 58.88 -14.55 -24.41
N GLU E 110 60.18 -14.79 -24.28
CA GLU E 110 60.87 -15.95 -24.83
C GLU E 110 60.30 -17.29 -24.33
N GLY E 111 59.94 -17.35 -23.06
CA GLY E 111 59.38 -18.57 -22.47
C GLY E 111 57.88 -18.73 -22.61
N ASP E 112 57.27 -18.09 -23.62
CA ASP E 112 55.84 -18.18 -23.86
C ASP E 112 55.53 -19.30 -24.87
N PRO E 113 54.75 -20.36 -24.52
CA PRO E 113 54.46 -21.40 -25.52
C PRO E 113 53.70 -20.91 -26.76
N ARG E 114 52.77 -19.95 -26.60
CA ARG E 114 52.00 -19.42 -27.72
C ARG E 114 52.86 -18.62 -28.69
N GLY E 115 53.75 -17.78 -28.15
CA GLY E 115 54.69 -17.00 -28.93
C GLY E 115 55.72 -17.87 -29.64
N CYS E 116 56.06 -19.02 -29.04
CA CYS E 116 56.99 -20.00 -29.61
C CYS E 116 56.39 -20.57 -30.89
N LEU E 117 55.08 -20.88 -30.89
CA LEU E 117 54.40 -21.42 -32.07
C LEU E 117 54.22 -20.32 -33.13
N LYS E 118 53.92 -19.08 -32.70
CA LYS E 118 53.78 -17.96 -33.64
C LYS E 118 55.10 -17.71 -34.36
N ARG E 119 56.22 -17.72 -33.61
CA ARG E 119 57.56 -17.49 -34.17
C ARG E 119 57.89 -18.48 -35.29
N VAL E 120 57.76 -19.79 -35.04
CA VAL E 120 58.08 -20.80 -36.06
C VAL E 120 57.11 -20.76 -37.25
N MET E 121 55.83 -20.38 -37.04
CA MET E 121 54.87 -20.28 -38.14
C MET E 121 55.17 -19.07 -39.01
N GLU E 122 55.56 -17.94 -38.41
CA GLU E 122 55.94 -16.74 -39.15
C GLU E 122 57.22 -16.98 -39.95
N GLU E 123 58.18 -17.74 -39.36
CA GLU E 123 59.43 -18.10 -40.04
C GLU E 123 59.15 -19.01 -41.23
N PHE E 124 58.20 -19.95 -41.08
CA PHE E 124 57.81 -20.86 -42.16
C PHE E 124 57.12 -20.09 -43.29
N LYS E 125 56.21 -19.17 -42.94
CA LYS E 125 55.49 -18.35 -43.92
C LYS E 125 56.44 -17.38 -44.65
N LYS E 126 57.52 -16.91 -44.00
CA LYS E 126 58.46 -16.00 -44.66
C LYS E 126 59.43 -16.76 -45.58
N GLU E 127 59.91 -17.95 -45.17
CA GLU E 127 60.86 -18.73 -45.95
C GLU E 127 60.24 -19.53 -47.11
N PHE E 128 59.10 -20.21 -46.87
CA PHE E 128 58.46 -21.06 -47.87
C PHE E 128 57.08 -20.59 -48.36
N ASN E 129 56.47 -19.59 -47.70
CA ASN E 129 55.12 -19.12 -48.04
C ASN E 129 54.11 -20.26 -47.79
N GLY E 130 54.28 -20.94 -46.66
CA GLY E 130 53.44 -22.08 -46.29
C GLY E 130 52.49 -21.82 -45.13
N GLU E 131 51.57 -22.75 -44.93
CA GLU E 131 50.55 -22.71 -43.89
C GLU E 131 50.50 -24.11 -43.27
N TYR E 132 50.85 -24.23 -41.98
CA TYR E 132 50.87 -25.52 -41.29
C TYR E 132 49.50 -25.83 -40.69
N PHE E 133 48.80 -26.85 -41.24
CA PHE E 133 47.47 -27.25 -40.79
C PHE E 133 47.50 -28.49 -39.90
N VAL E 134 46.74 -28.49 -38.79
CA VAL E 134 46.66 -29.59 -37.83
C VAL E 134 45.20 -29.86 -37.46
N GLY E 135 44.86 -31.13 -37.27
CA GLY E 135 43.53 -31.59 -36.90
C GLY E 135 43.67 -32.74 -35.92
N PRO E 136 43.60 -32.49 -34.60
CA PRO E 136 43.79 -33.56 -33.62
C PRO E 136 42.50 -34.28 -33.25
N GLU E 137 42.66 -35.46 -32.61
CA GLU E 137 41.57 -36.31 -32.13
C GLU E 137 41.82 -36.55 -30.63
N PRO E 138 41.60 -35.54 -29.76
CA PRO E 138 41.86 -35.74 -28.32
C PRO E 138 40.78 -36.55 -27.62
N GLU E 139 41.13 -37.76 -27.19
CA GLU E 139 40.24 -38.68 -26.49
C GLU E 139 40.27 -38.38 -24.99
N PHE E 140 39.17 -38.70 -24.27
CA PHE E 140 39.06 -38.47 -22.83
C PHE E 140 38.19 -39.54 -22.15
N PHE E 141 38.24 -39.60 -20.81
CA PHE E 141 37.48 -40.56 -20.02
C PHE E 141 36.51 -39.82 -19.12
N LEU E 142 35.26 -40.29 -19.05
CA LEU E 142 34.26 -39.74 -18.13
C LEU E 142 34.25 -40.69 -16.93
N LEU E 143 34.45 -40.16 -15.72
CA LEU E 143 34.56 -40.97 -14.51
C LEU E 143 33.44 -40.69 -13.51
N LYS E 144 33.20 -41.67 -12.63
CA LYS E 144 32.26 -41.59 -11.52
C LYS E 144 32.91 -42.24 -10.29
N LYS E 145 32.52 -41.83 -9.08
CA LYS E 145 33.12 -42.40 -7.86
C LYS E 145 32.81 -43.89 -7.75
N ASP E 146 33.78 -44.67 -7.25
CA ASP E 146 33.62 -46.10 -7.09
C ASP E 146 32.59 -46.33 -5.96
N PRO E 147 31.51 -47.10 -6.17
CA PRO E 147 30.54 -47.30 -5.08
C PRO E 147 31.14 -48.05 -3.88
N HIS E 148 32.04 -49.02 -4.14
CA HIS E 148 32.70 -49.78 -3.08
C HIS E 148 33.75 -48.94 -2.30
N ASN E 149 34.21 -47.80 -2.85
CA ASN E 149 35.16 -46.92 -2.18
C ASN E 149 35.08 -45.50 -2.79
N PRO E 150 34.54 -44.48 -2.10
CA PRO E 150 34.42 -43.15 -2.74
C PRO E 150 35.74 -42.42 -3.02
N HIS E 151 36.84 -42.85 -2.39
CA HIS E 151 38.15 -42.21 -2.63
C HIS E 151 38.72 -42.51 -4.03
N LYS E 152 38.31 -43.62 -4.67
CA LYS E 152 38.78 -43.99 -6.00
C LYS E 152 37.71 -43.71 -7.07
N TYR E 153 38.16 -43.55 -8.34
CA TYR E 153 37.28 -43.29 -9.48
C TYR E 153 37.30 -44.45 -10.47
N ILE E 154 36.19 -44.66 -11.18
CA ILE E 154 36.03 -45.73 -12.19
C ILE E 154 35.38 -45.16 -13.47
N PRO E 155 35.33 -45.90 -14.59
CA PRO E 155 34.68 -45.37 -15.80
C PRO E 155 33.17 -45.22 -15.65
N ALA E 156 32.58 -44.23 -16.33
CA ALA E 156 31.13 -43.95 -16.23
C ALA E 156 30.23 -45.05 -16.78
N ASP E 157 30.70 -45.84 -17.77
CA ASP E 157 29.88 -46.91 -18.36
C ASP E 157 30.72 -48.04 -18.93
N ASP E 158 30.09 -49.22 -19.10
CA ASP E 158 30.75 -50.40 -19.68
C ASP E 158 30.51 -50.43 -21.19
N GLY E 159 30.71 -49.28 -21.84
CA GLY E 159 30.51 -49.15 -23.27
C GLY E 159 31.75 -49.40 -24.11
N GLY E 160 31.52 -49.78 -25.36
CA GLY E 160 32.57 -50.08 -26.33
C GLY E 160 32.65 -49.02 -27.42
N TYR E 161 33.33 -49.35 -28.51
CA TYR E 161 33.51 -48.42 -29.63
C TYR E 161 32.20 -48.20 -30.36
N PHE E 162 31.79 -46.92 -30.55
CA PHE E 162 30.56 -46.55 -31.27
C PHE E 162 29.27 -47.15 -30.68
N ASP E 163 29.28 -47.65 -29.42
CA ASP E 163 28.07 -48.28 -28.85
C ASP E 163 26.89 -47.31 -28.71
N LEU E 164 25.66 -47.87 -28.68
CA LEU E 164 24.41 -47.09 -28.55
C LEU E 164 23.89 -47.12 -27.11
N GLU E 165 23.07 -46.13 -26.77
CA GLU E 165 22.41 -46.06 -25.46
C GLU E 165 21.44 -47.26 -25.30
N PRO E 166 21.19 -47.76 -24.08
CA PRO E 166 21.73 -47.32 -22.78
C PRO E 166 23.12 -47.85 -22.44
N MET E 167 23.71 -48.72 -23.29
CA MET E 167 25.07 -49.25 -23.07
C MET E 167 26.08 -48.08 -23.00
N ASP E 168 25.90 -47.08 -23.90
CA ASP E 168 26.66 -45.84 -23.93
C ASP E 168 25.85 -44.85 -23.08
N GLU E 169 26.34 -44.49 -21.87
CA GLU E 169 25.62 -43.59 -20.97
C GLU E 169 26.05 -42.13 -21.11
N ALA E 170 26.71 -41.75 -22.23
CA ALA E 170 27.16 -40.37 -22.42
C ALA E 170 26.56 -39.60 -23.62
N PRO E 171 25.39 -39.97 -24.24
CA PRO E 171 24.88 -39.14 -25.33
C PRO E 171 24.47 -37.74 -24.87
N ASP E 172 23.94 -37.61 -23.65
CA ASP E 172 23.56 -36.32 -23.10
C ASP E 172 24.78 -35.47 -22.78
N ILE E 173 25.86 -36.09 -22.26
CA ILE E 173 27.08 -35.37 -21.93
C ILE E 173 27.76 -34.90 -23.22
N ARG E 174 27.86 -35.78 -24.23
CA ARG E 174 28.46 -35.41 -25.51
C ARG E 174 27.60 -34.36 -26.24
N ARG E 175 26.27 -34.41 -26.10
CA ARG E 175 25.34 -33.45 -26.71
C ARG E 175 25.69 -32.02 -26.26
N ASP E 176 25.78 -31.80 -24.93
CA ASP E 176 26.09 -30.48 -24.39
C ASP E 176 27.51 -30.05 -24.73
N ILE E 177 28.46 -30.99 -24.83
CA ILE E 177 29.86 -30.70 -25.22
C ILE E 177 29.86 -30.11 -26.63
N VAL E 178 29.16 -30.76 -27.57
CA VAL E 178 29.12 -30.31 -28.95
C VAL E 178 28.45 -28.93 -29.06
N PHE E 179 27.36 -28.70 -28.32
CA PHE E 179 26.68 -27.39 -28.34
C PHE E 179 27.62 -26.31 -27.79
N ALA E 180 28.35 -26.59 -26.71
CA ALA E 180 29.27 -25.63 -26.11
C ALA E 180 30.42 -25.29 -27.06
N LEU E 181 31.00 -26.29 -27.75
CA LEU E 181 32.09 -26.07 -28.69
C LEU E 181 31.61 -25.27 -29.91
N GLU E 182 30.41 -25.57 -30.43
CA GLU E 182 29.87 -24.81 -31.56
C GLU E 182 29.70 -23.33 -31.23
N ASN E 183 29.30 -23.00 -29.98
CA ASN E 183 29.15 -21.61 -29.55
C ASN E 183 30.51 -20.92 -29.42
N LEU E 184 31.56 -21.66 -29.03
CA LEU E 184 32.93 -21.13 -28.93
C LEU E 184 33.62 -20.93 -30.31
N GLY E 185 32.95 -21.30 -31.41
CA GLY E 185 33.48 -21.14 -32.77
C GLY E 185 34.07 -22.40 -33.38
N PHE E 186 33.88 -23.56 -32.75
CA PHE E 186 34.40 -24.82 -33.28
C PHE E 186 33.55 -25.37 -34.40
N HIS E 187 34.16 -26.06 -35.36
CA HIS E 187 33.47 -26.74 -36.43
C HIS E 187 33.57 -28.23 -36.08
N VAL E 188 32.64 -28.71 -35.24
CA VAL E 188 32.66 -30.09 -34.77
C VAL E 188 32.35 -31.02 -35.94
N GLU E 189 33.16 -32.09 -36.13
CA GLU E 189 32.97 -33.03 -37.23
C GLU E 189 32.19 -34.27 -36.82
N ALA E 190 32.55 -34.91 -35.68
CA ALA E 190 31.88 -36.13 -35.22
C ALA E 190 32.10 -36.36 -33.72
N SER E 191 31.21 -37.15 -33.09
CA SER E 191 31.30 -37.49 -31.67
C SER E 191 30.77 -38.90 -31.46
N HIS E 192 31.44 -39.68 -30.60
CA HIS E 192 31.07 -41.08 -30.37
C HIS E 192 31.79 -41.68 -29.14
N HIS E 193 31.37 -42.89 -28.73
CA HIS E 193 32.03 -43.60 -27.63
C HIS E 193 33.27 -44.30 -28.20
N GLU E 194 34.34 -44.40 -27.42
CA GLU E 194 35.59 -45.02 -27.85
C GLU E 194 35.75 -46.45 -27.25
N VAL E 195 36.78 -47.18 -27.70
CA VAL E 195 37.06 -48.58 -27.34
C VAL E 195 36.94 -48.89 -25.82
N ALA E 196 37.68 -48.18 -24.96
CA ALA E 196 37.68 -48.48 -23.53
C ALA E 196 36.38 -48.06 -22.82
N PRO E 197 36.02 -48.68 -21.67
CA PRO E 197 34.82 -48.24 -20.95
C PRO E 197 34.88 -46.78 -20.54
N GLY E 198 33.77 -46.07 -20.69
CA GLY E 198 33.71 -44.65 -20.32
C GLY E 198 34.56 -43.71 -21.16
N GLN E 199 35.28 -44.23 -22.17
CA GLN E 199 36.12 -43.40 -23.04
C GLN E 199 35.26 -42.81 -24.17
N HIS E 200 35.56 -41.57 -24.57
CA HIS E 200 34.84 -40.87 -25.63
C HIS E 200 35.80 -40.07 -26.53
N GLU E 201 35.31 -39.62 -27.68
CA GLU E 201 36.12 -38.85 -28.63
C GLU E 201 35.21 -37.85 -29.34
N VAL E 202 35.58 -36.56 -29.29
CA VAL E 202 34.85 -35.49 -29.96
C VAL E 202 35.84 -34.84 -30.92
N ASP E 203 35.65 -35.06 -32.23
CA ASP E 203 36.53 -34.55 -33.28
C ASP E 203 36.07 -33.18 -33.77
N PHE E 204 37.02 -32.39 -34.29
CA PHE E 204 36.73 -31.07 -34.83
C PHE E 204 37.62 -30.80 -36.05
N LYS E 205 37.18 -29.87 -36.91
CA LYS E 205 37.85 -29.57 -38.17
C LYS E 205 39.27 -29.05 -37.99
N PHE E 206 40.14 -29.37 -38.97
CA PHE E 206 41.52 -28.92 -38.95
C PHE E 206 41.60 -27.43 -39.28
N ASP E 207 42.67 -26.78 -38.84
CA ASP E 207 42.92 -25.35 -39.08
C ASP E 207 44.44 -25.08 -38.92
N ASP E 208 44.90 -23.81 -39.06
CA ASP E 208 46.32 -23.49 -38.87
C ASP E 208 46.74 -23.80 -37.42
N ALA E 209 47.98 -24.25 -37.23
CA ALA E 209 48.51 -24.67 -35.93
C ALA E 209 48.15 -23.74 -34.75
N LEU E 210 48.17 -22.42 -34.94
CA LEU E 210 47.84 -21.49 -33.84
C LEU E 210 46.37 -21.60 -33.46
N LYS E 211 45.44 -21.51 -34.44
CA LYS E 211 44.01 -21.63 -34.17
C LYS E 211 43.65 -23.02 -33.62
N THR E 212 44.38 -24.07 -34.07
CA THR E 212 44.15 -25.43 -33.60
C THR E 212 44.66 -25.61 -32.15
N ALA E 213 45.80 -24.99 -31.78
CA ALA E 213 46.31 -25.08 -30.41
C ALA E 213 45.42 -24.29 -29.44
N ASP E 214 44.88 -23.15 -29.89
CA ASP E 214 43.93 -22.36 -29.08
C ASP E 214 42.66 -23.21 -28.84
N SER E 215 42.23 -23.97 -29.86
CA SER E 215 41.07 -24.86 -29.78
C SER E 215 41.30 -26.05 -28.86
N VAL E 216 42.52 -26.62 -28.82
CA VAL E 216 42.81 -27.76 -27.93
C VAL E 216 42.70 -27.35 -26.46
N ILE E 217 43.18 -26.14 -26.10
CA ILE E 217 43.12 -25.65 -24.71
C ILE E 217 41.67 -25.44 -24.29
N THR E 218 40.89 -24.79 -25.16
CA THR E 218 39.47 -24.53 -24.88
C THR E 218 38.67 -25.83 -24.84
N PHE E 219 39.03 -26.81 -25.69
CA PHE E 219 38.35 -28.11 -25.73
C PHE E 219 38.53 -28.83 -24.40
N LYS E 220 39.77 -28.88 -23.87
CA LYS E 220 40.04 -29.56 -22.60
C LYS E 220 39.23 -28.96 -21.44
N THR E 221 39.13 -27.62 -21.37
CA THR E 221 38.35 -26.97 -20.32
C THR E 221 36.85 -27.24 -20.51
N THR E 222 36.35 -27.16 -21.76
CA THR E 222 34.95 -27.40 -22.09
C THR E 222 34.51 -28.80 -21.69
N ILE E 223 35.34 -29.82 -21.96
CA ILE E 223 35.03 -31.22 -21.61
C ILE E 223 34.99 -31.41 -20.08
N LYS E 224 35.94 -30.80 -19.35
CA LYS E 224 35.99 -30.94 -17.89
C LYS E 224 34.85 -30.21 -17.17
N THR E 225 34.54 -28.97 -17.58
CA THR E 225 33.49 -28.16 -16.96
C THR E 225 32.08 -28.74 -17.21
N ILE E 226 31.81 -29.20 -18.45
CA ILE E 226 30.51 -29.79 -18.79
C ILE E 226 30.33 -31.11 -18.02
N ALA E 227 31.40 -31.92 -17.87
CA ALA E 227 31.31 -33.18 -17.13
C ALA E 227 30.94 -32.94 -15.66
N GLU E 228 31.48 -31.87 -15.03
CA GLU E 228 31.13 -31.54 -13.64
C GLU E 228 29.66 -31.15 -13.50
N GLN E 229 29.06 -30.54 -14.53
CA GLN E 229 27.64 -30.18 -14.50
C GLN E 229 26.77 -31.44 -14.45
N HIS E 230 27.19 -32.53 -15.12
CA HIS E 230 26.45 -33.80 -15.13
C HIS E 230 26.93 -34.77 -14.03
N GLY E 231 27.47 -34.24 -12.93
CA GLY E 231 27.93 -35.02 -11.80
C GLY E 231 29.07 -36.00 -12.05
N LEU E 232 29.83 -35.83 -13.15
CA LEU E 232 30.95 -36.71 -13.51
C LEU E 232 32.29 -35.94 -13.47
N LYS E 233 33.42 -36.63 -13.72
CA LYS E 233 34.74 -36.00 -13.73
C LYS E 233 35.49 -36.48 -14.96
N ALA E 234 35.81 -35.57 -15.90
CA ALA E 234 36.52 -35.93 -17.13
C ALA E 234 38.03 -35.82 -16.94
N THR E 235 38.79 -36.80 -17.46
CA THR E 235 40.25 -36.80 -17.37
C THR E 235 40.92 -37.06 -18.72
N PHE E 236 41.95 -36.27 -19.04
CA PHE E 236 42.74 -36.45 -20.24
C PHE E 236 44.05 -37.17 -19.87
N MET E 237 43.99 -38.14 -18.94
CA MET E 237 45.15 -38.89 -18.50
C MET E 237 45.49 -39.90 -19.62
N PRO E 238 46.74 -40.01 -20.09
CA PRO E 238 47.03 -40.96 -21.18
C PRO E 238 46.69 -42.43 -20.93
N LYS E 239 46.58 -42.87 -19.68
CA LYS E 239 46.29 -44.27 -19.33
C LYS E 239 45.77 -44.32 -17.88
N PRO E 240 44.51 -43.95 -17.64
CA PRO E 240 44.00 -43.97 -16.26
C PRO E 240 43.83 -45.38 -15.70
N PHE E 241 43.55 -46.37 -16.56
CA PHE E 241 43.35 -47.75 -16.11
C PHE E 241 44.16 -48.73 -16.95
N PHE E 242 44.75 -49.75 -16.29
CA PHE E 242 45.52 -50.80 -16.94
C PHE E 242 44.57 -51.83 -17.55
N GLY E 243 44.96 -52.40 -18.68
CA GLY E 243 44.15 -53.42 -19.35
C GLY E 243 43.10 -52.91 -20.31
N MET E 244 43.03 -51.58 -20.51
CA MET E 244 42.08 -50.97 -21.45
C MET E 244 42.76 -49.81 -22.20
N ASN E 245 42.26 -49.47 -23.39
CA ASN E 245 42.83 -48.40 -24.23
C ASN E 245 43.07 -47.10 -23.49
N GLY E 246 44.10 -46.37 -23.91
CA GLY E 246 44.45 -45.09 -23.34
C GLY E 246 43.99 -43.92 -24.19
N SER E 247 43.97 -42.73 -23.60
CA SER E 247 43.56 -41.53 -24.32
C SER E 247 44.68 -41.07 -25.26
N GLY E 248 44.41 -41.04 -26.56
CA GLY E 248 45.37 -40.65 -27.58
C GLY E 248 44.89 -39.45 -28.38
N MET E 249 45.83 -38.59 -28.78
CA MET E 249 45.53 -37.39 -29.56
C MET E 249 46.27 -37.49 -30.88
N HIS E 250 45.69 -38.22 -31.85
CA HIS E 250 46.30 -38.41 -33.16
C HIS E 250 46.30 -37.08 -33.91
N CYS E 251 47.47 -36.60 -34.35
CA CYS E 251 47.60 -35.32 -35.02
C CYS E 251 47.68 -35.43 -36.54
N HIS E 252 46.55 -35.28 -37.24
CA HIS E 252 46.51 -35.27 -38.70
C HIS E 252 47.10 -33.94 -39.13
N GLN E 253 48.17 -33.95 -39.94
CA GLN E 253 48.82 -32.69 -40.34
C GLN E 253 49.25 -32.65 -41.81
N SER E 254 49.43 -31.42 -42.33
CA SER E 254 49.86 -31.19 -43.71
C SER E 254 50.28 -29.72 -43.91
N ILE E 255 51.21 -29.46 -44.85
CA ILE E 255 51.68 -28.12 -45.15
C ILE E 255 51.27 -27.71 -46.57
N TRP E 256 50.79 -26.46 -46.75
CA TRP E 256 50.32 -25.95 -48.03
C TRP E 256 51.17 -24.78 -48.52
N LEU E 257 52.11 -25.05 -49.44
CA LEU E 257 52.97 -24.00 -50.00
C LEU E 257 52.27 -23.29 -51.16
N ASN E 258 52.10 -21.97 -51.05
CA ASN E 258 51.45 -21.13 -52.07
C ASN E 258 49.97 -21.49 -52.27
N GLY E 259 49.27 -21.72 -51.15
CA GLY E 259 47.84 -22.04 -51.17
C GLY E 259 47.44 -23.27 -51.95
N GLU E 260 48.33 -24.27 -52.02
CA GLU E 260 48.06 -25.53 -52.74
C GLU E 260 48.41 -26.73 -51.86
N PRO E 261 47.72 -27.87 -52.01
CA PRO E 261 48.08 -29.05 -51.20
C PRO E 261 49.40 -29.65 -51.71
N SER E 262 50.50 -29.28 -51.05
CA SER E 262 51.84 -29.73 -51.44
C SER E 262 52.09 -31.20 -51.18
N PHE E 263 51.33 -31.84 -50.27
CA PHE E 263 51.50 -33.26 -49.99
C PHE E 263 50.93 -34.17 -51.09
N TYR E 264 50.01 -33.67 -51.93
CA TYR E 264 49.40 -34.47 -53.00
C TYR E 264 50.16 -34.34 -54.33
N ASP E 265 50.28 -35.46 -55.04
CA ASP E 265 50.90 -35.54 -56.37
C ASP E 265 50.18 -36.65 -57.14
N GLU E 266 49.25 -36.27 -58.03
CA GLU E 266 48.45 -37.20 -58.83
C GLU E 266 49.30 -38.24 -59.56
N ASN E 267 50.45 -37.82 -60.10
CA ASN E 267 51.38 -38.71 -60.80
C ASN E 267 52.58 -39.08 -59.91
N ALA E 268 52.35 -39.93 -58.89
CA ALA E 268 53.41 -40.37 -57.95
C ALA E 268 53.01 -41.64 -57.18
N PRO E 269 53.96 -42.35 -56.50
CA PRO E 269 53.56 -43.56 -55.76
C PRO E 269 52.66 -43.23 -54.56
N TYR E 270 51.55 -43.97 -54.40
CA TYR E 270 50.56 -43.74 -53.34
C TYR E 270 49.91 -42.34 -53.45
N GLN E 271 50.10 -41.62 -54.59
CA GLN E 271 49.60 -40.25 -54.78
C GLN E 271 50.12 -39.33 -53.67
N LEU E 272 51.41 -39.46 -53.33
CA LEU E 272 52.06 -38.66 -52.29
C LEU E 272 53.29 -37.99 -52.89
N SER E 273 53.42 -36.67 -52.69
CA SER E 273 54.51 -35.88 -53.25
C SER E 273 55.86 -36.12 -52.55
N GLU E 274 56.95 -35.59 -53.14
CA GLU E 274 58.28 -35.66 -52.55
C GLU E 274 58.32 -34.86 -51.25
N THR E 275 57.63 -33.70 -51.21
CA THR E 275 57.54 -32.86 -50.01
C THR E 275 56.95 -33.63 -48.83
N CYS E 276 55.94 -34.48 -49.09
CA CYS E 276 55.33 -35.32 -48.06
C CYS E 276 56.35 -36.31 -47.51
N MET E 277 57.08 -37.01 -48.40
CA MET E 277 58.08 -38.00 -48.00
C MET E 277 59.24 -37.36 -47.22
N ASN E 278 59.67 -36.16 -47.63
CA ASN E 278 60.74 -35.46 -46.92
C ASN E 278 60.26 -35.08 -45.51
N TYR E 279 58.99 -34.64 -45.38
CA TYR E 279 58.42 -34.27 -44.08
C TYR E 279 58.33 -35.49 -43.17
N VAL E 280 57.84 -36.63 -43.69
CA VAL E 280 57.72 -37.86 -42.92
C VAL E 280 59.11 -38.33 -42.45
N ALA E 281 60.15 -38.22 -43.31
CA ALA E 281 61.51 -38.59 -42.95
C ALA E 281 62.02 -37.78 -41.75
N GLY E 282 61.69 -36.50 -41.71
CA GLY E 282 62.08 -35.62 -40.63
C GLY E 282 61.43 -35.95 -39.31
N ILE E 283 60.14 -36.35 -39.34
CA ILE E 283 59.41 -36.71 -38.13
C ILE E 283 60.01 -38.01 -37.57
N LEU E 284 60.26 -39.00 -38.45
CA LEU E 284 60.84 -40.29 -38.04
C LEU E 284 62.26 -40.13 -37.51
N LYS E 285 63.03 -39.16 -38.05
CA LYS E 285 64.40 -38.90 -37.59
C LYS E 285 64.40 -38.43 -36.13
N HIS E 286 63.61 -37.40 -35.80
CA HIS E 286 63.54 -36.86 -34.45
C HIS E 286 62.40 -37.48 -33.62
N ALA E 287 61.88 -38.67 -34.00
CA ALA E 287 60.79 -39.32 -33.27
C ALA E 287 61.08 -39.58 -31.80
N LYS E 288 62.31 -40.03 -31.48
CA LYS E 288 62.71 -40.31 -30.10
C LYS E 288 62.75 -39.02 -29.23
N ALA E 289 62.96 -37.85 -29.85
CA ALA E 289 63.02 -36.57 -29.16
C ALA E 289 61.66 -35.86 -29.12
N ILE E 290 60.81 -36.05 -30.16
CA ILE E 290 59.48 -35.42 -30.21
C ILE E 290 58.58 -35.97 -29.09
N VAL E 291 58.67 -37.28 -28.80
CA VAL E 291 57.84 -37.90 -27.75
C VAL E 291 58.12 -37.33 -26.36
N ALA E 292 59.23 -36.62 -26.14
CA ALA E 292 59.48 -35.98 -24.84
C ALA E 292 58.46 -34.85 -24.63
N ILE E 293 58.20 -34.06 -25.69
CA ILE E 293 57.23 -32.96 -25.64
C ILE E 293 55.80 -33.47 -25.81
N THR E 294 55.54 -34.28 -26.86
CA THR E 294 54.19 -34.78 -27.14
C THR E 294 53.67 -35.83 -26.14
N ASN E 295 54.57 -36.41 -25.32
CA ASN E 295 54.22 -37.40 -24.29
C ASN E 295 55.02 -37.00 -23.04
N PRO E 296 54.65 -35.90 -22.35
CA PRO E 296 55.47 -35.40 -21.25
C PRO E 296 55.23 -35.96 -19.86
N THR E 297 54.27 -36.88 -19.67
CA THR E 297 53.99 -37.45 -18.35
C THR E 297 54.63 -38.82 -18.17
N VAL E 298 54.80 -39.25 -16.93
CA VAL E 298 55.31 -40.61 -16.62
C VAL E 298 54.29 -41.63 -17.12
N ASN E 299 52.99 -41.36 -16.91
CA ASN E 299 51.88 -42.21 -17.33
C ASN E 299 51.79 -42.39 -18.86
N SER E 300 52.28 -41.41 -19.64
CA SER E 300 52.26 -41.50 -21.09
C SER E 300 52.97 -42.74 -21.63
N TYR E 301 54.03 -43.19 -20.93
CA TYR E 301 54.80 -44.36 -21.33
C TYR E 301 54.21 -45.70 -20.82
N LYS E 302 52.97 -45.68 -20.30
CA LYS E 302 52.18 -46.86 -19.95
C LYS E 302 51.17 -47.13 -21.11
N ARG E 303 50.76 -46.08 -21.88
CA ARG E 303 49.95 -46.21 -23.09
C ARG E 303 50.97 -46.46 -24.22
N LEU E 304 51.90 -45.50 -24.43
CA LEU E 304 52.95 -45.56 -25.44
C LEU E 304 54.09 -46.42 -24.88
N VAL E 305 53.80 -47.71 -24.66
CA VAL E 305 54.73 -48.65 -24.04
C VAL E 305 55.45 -49.56 -25.08
N PRO E 306 56.79 -49.50 -25.23
CA PRO E 306 57.45 -50.41 -26.20
C PRO E 306 57.28 -51.89 -25.86
N GLY E 307 57.37 -52.74 -26.86
CA GLY E 307 57.18 -54.18 -26.68
C GLY E 307 55.72 -54.62 -26.60
N TYR E 308 54.77 -53.66 -26.52
CA TYR E 308 53.33 -53.94 -26.43
C TYR E 308 52.56 -53.11 -27.48
N GLU E 309 51.33 -53.55 -27.80
CA GLU E 309 50.47 -52.90 -28.80
C GLU E 309 50.28 -51.40 -28.55
N ALA E 310 51.01 -50.57 -29.32
CA ALA E 310 50.98 -49.10 -29.20
C ALA E 310 51.67 -48.43 -30.43
N PRO E 311 51.48 -47.11 -30.69
CA PRO E 311 52.19 -46.49 -31.84
C PRO E 311 53.61 -46.11 -31.44
N VAL E 312 54.40 -47.15 -31.13
CA VAL E 312 55.80 -47.09 -30.66
C VAL E 312 56.81 -47.35 -31.77
N ASN E 313 56.42 -48.07 -32.81
CA ASN E 313 57.32 -48.45 -33.89
C ASN E 313 57.59 -47.26 -34.82
N ILE E 314 58.86 -46.82 -34.89
CA ILE E 314 59.26 -45.68 -35.70
C ILE E 314 59.27 -46.09 -37.18
N ALA E 315 58.11 -45.94 -37.84
CA ALA E 315 57.91 -46.26 -39.26
C ALA E 315 56.58 -45.66 -39.78
N TRP E 316 56.43 -45.52 -41.11
CA TRP E 316 55.19 -44.98 -41.69
C TRP E 316 54.49 -46.06 -42.54
N ALA E 317 53.17 -45.93 -42.74
CA ALA E 317 52.39 -46.90 -43.53
C ALA E 317 51.03 -46.33 -43.97
N ASN E 318 50.47 -46.87 -45.06
CA ASN E 318 49.18 -46.42 -45.59
C ASN E 318 48.01 -47.21 -44.99
N SER E 319 47.08 -46.52 -44.30
CA SER E 319 45.90 -47.13 -43.68
C SER E 319 46.24 -48.28 -42.72
N ASN E 320 47.29 -48.10 -41.91
CA ASN E 320 47.77 -49.09 -40.94
C ASN E 320 47.96 -48.37 -39.59
N ARG E 321 47.18 -48.75 -38.56
CA ARG E 321 47.24 -48.12 -37.24
C ARG E 321 48.31 -48.74 -36.30
N SER E 322 49.15 -49.67 -36.80
CA SER E 322 50.21 -50.29 -35.98
C SER E 322 51.53 -49.48 -35.99
N ALA E 323 51.72 -48.60 -36.99
CA ALA E 323 52.92 -47.77 -37.13
C ALA E 323 52.76 -46.40 -36.42
N ILE E 324 53.86 -45.66 -36.18
CA ILE E 324 53.79 -44.34 -35.52
C ILE E 324 53.06 -43.33 -36.43
N ILE E 325 53.24 -43.44 -37.76
CA ILE E 325 52.57 -42.57 -38.76
C ILE E 325 51.65 -43.44 -39.62
N ARG E 326 50.47 -42.90 -39.96
CA ARG E 326 49.49 -43.55 -40.81
C ARG E 326 49.05 -42.50 -41.84
N VAL E 327 49.05 -42.85 -43.13
CA VAL E 327 48.63 -41.93 -44.17
C VAL E 327 47.17 -42.25 -44.51
N PRO E 328 46.17 -41.44 -44.08
CA PRO E 328 44.78 -41.77 -44.40
C PRO E 328 44.53 -41.85 -45.90
N ALA E 329 43.57 -42.69 -46.31
CA ALA E 329 43.27 -42.91 -47.73
C ALA E 329 42.71 -41.69 -48.47
N ALA E 330 42.27 -40.63 -47.78
CA ALA E 330 41.72 -39.44 -48.43
C ALA E 330 42.83 -38.73 -49.22
N ARG E 331 42.53 -38.34 -50.47
CA ARG E 331 43.49 -37.68 -51.35
C ARG E 331 42.94 -36.36 -51.94
N GLY E 332 43.85 -35.56 -52.50
CA GLY E 332 43.55 -34.26 -53.07
C GLY E 332 43.94 -33.19 -52.07
N LYS E 333 42.96 -32.43 -51.56
CA LYS E 333 43.23 -31.43 -50.53
C LYS E 333 43.46 -32.11 -49.18
N GLY E 334 42.67 -33.14 -48.88
CA GLY E 334 42.77 -33.89 -47.63
C GLY E 334 43.94 -34.86 -47.51
N THR E 335 44.97 -34.72 -48.37
CA THR E 335 46.15 -35.59 -48.27
C THR E 335 46.91 -35.15 -47.01
N ARG E 336 47.19 -36.08 -46.10
CA ARG E 336 47.80 -35.76 -44.81
C ARG E 336 48.55 -36.96 -44.21
N ILE E 337 49.23 -36.75 -43.07
CA ILE E 337 49.92 -37.79 -42.31
C ILE E 337 49.42 -37.71 -40.85
N GLU E 338 49.17 -38.86 -40.23
CA GLU E 338 48.66 -38.93 -38.86
C GLU E 338 49.77 -39.36 -37.90
N PHE E 339 50.29 -38.43 -37.09
CA PHE E 339 51.29 -38.76 -36.08
C PHE E 339 50.49 -39.27 -34.88
N ARG E 340 50.51 -40.60 -34.65
CA ARG E 340 49.72 -41.28 -33.61
C ARG E 340 50.33 -41.30 -32.21
N ALA E 341 51.61 -40.91 -32.06
CA ALA E 341 52.27 -40.95 -30.75
C ALA E 341 51.71 -40.00 -29.67
N PRO E 342 51.26 -38.77 -29.99
CA PRO E 342 50.79 -37.85 -28.92
C PRO E 342 49.56 -38.30 -28.15
N ASP E 343 49.44 -37.76 -26.92
CA ASP E 343 48.29 -37.95 -26.02
C ASP E 343 47.83 -36.56 -25.56
N PRO E 344 46.57 -36.39 -25.10
CA PRO E 344 46.13 -35.03 -24.73
C PRO E 344 46.79 -34.40 -23.50
N SER E 345 47.80 -35.07 -22.89
CA SER E 345 48.53 -34.50 -21.75
C SER E 345 49.59 -33.45 -22.17
N CYS E 346 49.92 -33.36 -23.47
CA CYS E 346 50.95 -32.44 -23.95
C CYS E 346 50.45 -31.02 -24.17
N ASN E 347 51.40 -30.06 -24.17
CA ASN E 347 51.10 -28.65 -24.44
C ASN E 347 50.92 -28.58 -25.96
N PRO E 348 49.74 -28.21 -26.50
CA PRO E 348 49.59 -28.17 -27.96
C PRO E 348 50.51 -27.18 -28.67
N TYR E 349 50.80 -26.04 -28.05
CA TYR E 349 51.68 -25.04 -28.67
C TYR E 349 53.09 -25.58 -28.90
N LEU E 350 53.63 -26.33 -27.93
CA LEU E 350 54.97 -26.92 -28.04
C LEU E 350 54.94 -28.18 -28.91
N ALA E 351 53.83 -28.96 -28.87
CA ALA E 351 53.69 -30.18 -29.68
C ALA E 351 53.69 -29.85 -31.18
N PHE E 352 52.97 -28.80 -31.60
CA PHE E 352 52.93 -28.41 -33.01
C PHE E 352 54.26 -27.76 -33.44
N THR E 353 54.97 -27.10 -32.51
CA THR E 353 56.26 -26.48 -32.80
C THR E 353 57.31 -27.56 -33.14
N VAL E 354 57.46 -28.60 -32.27
CA VAL E 354 58.44 -29.66 -32.50
C VAL E 354 58.09 -30.52 -33.72
N MET E 355 56.78 -30.74 -33.99
CA MET E 355 56.38 -31.52 -35.16
C MET E 355 56.72 -30.74 -36.42
N LEU E 356 56.42 -29.42 -36.45
CA LEU E 356 56.74 -28.62 -37.63
C LEU E 356 58.25 -28.47 -37.82
N ALA E 357 59.04 -28.33 -36.73
CA ALA E 357 60.48 -28.17 -36.83
C ALA E 357 61.17 -29.44 -37.36
N ALA E 358 60.80 -30.62 -36.85
CA ALA E 358 61.38 -31.87 -37.31
C ALA E 358 60.94 -32.15 -38.75
N GLY E 359 59.68 -31.89 -39.07
CA GLY E 359 59.15 -32.08 -40.41
C GLY E 359 59.82 -31.18 -41.43
N LEU E 360 60.00 -29.88 -41.09
CA LEU E 360 60.69 -28.94 -41.97
C LEU E 360 62.18 -29.24 -42.09
N ASP E 361 62.80 -29.86 -41.08
CA ASP E 361 64.20 -30.29 -41.17
C ASP E 361 64.38 -31.30 -42.32
N GLY E 362 63.39 -32.18 -42.50
CA GLY E 362 63.40 -33.14 -43.59
C GLY E 362 63.18 -32.51 -44.95
N VAL E 363 62.31 -31.47 -45.02
CA VAL E 363 62.01 -30.75 -46.26
C VAL E 363 63.22 -29.91 -46.71
N LYS E 364 63.86 -29.19 -45.76
CA LYS E 364 65.02 -28.35 -46.05
C LYS E 364 66.21 -29.18 -46.55
N ASN E 365 66.52 -30.30 -45.86
CA ASN E 365 67.63 -31.18 -46.25
C ASN E 365 67.25 -32.22 -47.32
N LYS E 366 65.96 -32.36 -47.65
CA LYS E 366 65.47 -33.33 -48.64
C LYS E 366 65.86 -34.75 -48.22
N LEU E 367 65.49 -35.15 -46.99
CA LEU E 367 65.83 -36.46 -46.44
C LEU E 367 64.98 -37.56 -47.06
N ASP E 368 65.57 -38.75 -47.21
CA ASP E 368 64.92 -39.90 -47.82
C ASP E 368 64.14 -40.69 -46.78
N ALA E 369 62.83 -40.89 -47.01
CA ALA E 369 61.97 -41.64 -46.11
C ALA E 369 62.11 -43.14 -46.35
N PRO E 370 61.89 -43.99 -45.34
CA PRO E 370 61.95 -45.45 -45.57
C PRO E 370 60.68 -45.98 -46.25
N GLU E 371 60.70 -47.25 -46.66
CA GLU E 371 59.54 -47.86 -47.32
C GLU E 371 58.39 -48.05 -46.34
N PRO E 372 57.13 -48.00 -46.81
CA PRO E 372 55.99 -48.18 -45.88
C PRO E 372 55.82 -49.62 -45.43
N VAL E 373 55.65 -49.83 -44.12
CA VAL E 373 55.48 -51.17 -43.56
C VAL E 373 53.98 -51.51 -43.56
N GLU E 374 53.48 -51.98 -44.71
CA GLU E 374 52.06 -52.35 -44.86
C GLU E 374 51.66 -53.50 -43.94
N ARG E 375 52.61 -54.37 -43.55
CA ARG E 375 52.36 -55.48 -42.64
C ARG E 375 52.04 -54.98 -41.23
N ASN E 376 51.35 -55.82 -40.42
CA ASN E 376 51.08 -55.48 -39.03
C ASN E 376 52.40 -55.61 -38.29
N ILE E 377 52.85 -54.53 -37.62
CA ILE E 377 54.14 -54.52 -36.92
C ILE E 377 54.07 -55.22 -35.56
N PHE E 378 52.88 -55.31 -34.93
CA PHE E 378 52.75 -55.98 -33.64
C PHE E 378 52.99 -57.48 -33.78
N ALA E 379 52.52 -58.09 -34.89
CA ALA E 379 52.72 -59.51 -35.15
C ALA E 379 54.20 -59.87 -35.44
N MET E 380 55.05 -58.88 -35.76
CA MET E 380 56.46 -59.12 -36.06
C MET E 380 57.26 -59.40 -34.79
N SER E 381 58.31 -60.22 -34.92
CA SER E 381 59.21 -60.53 -33.80
C SER E 381 60.31 -59.47 -33.69
N GLU E 382 60.92 -59.34 -32.50
CA GLU E 382 61.99 -58.37 -32.27
C GLU E 382 63.19 -58.57 -33.19
N ALA E 383 63.53 -59.83 -33.54
CA ALA E 383 64.63 -60.12 -34.45
C ALA E 383 64.31 -59.66 -35.88
N GLU E 384 63.05 -59.82 -36.29
CA GLU E 384 62.60 -59.41 -37.63
C GLU E 384 62.57 -57.87 -37.73
N LYS E 385 62.04 -57.19 -36.70
CA LYS E 385 61.99 -55.73 -36.66
C LYS E 385 63.40 -55.10 -36.63
N LYS E 386 64.39 -55.81 -36.03
CA LYS E 386 65.78 -55.34 -35.96
C LYS E 386 66.45 -55.44 -37.34
N GLU E 387 66.09 -56.47 -38.14
CA GLU E 387 66.64 -56.65 -39.48
C GLU E 387 66.12 -55.51 -40.39
N LEU E 388 64.82 -55.23 -40.34
CA LEU E 388 64.21 -54.16 -41.13
C LEU E 388 64.68 -52.76 -40.71
N GLY E 389 65.04 -52.60 -39.43
CA GLY E 389 65.52 -51.34 -38.88
C GLY E 389 64.41 -50.50 -38.29
N ILE E 390 63.36 -51.14 -37.76
CA ILE E 390 62.22 -50.44 -37.16
C ILE E 390 62.52 -50.21 -35.69
N GLU E 391 63.12 -49.05 -35.36
CA GLU E 391 63.44 -48.70 -33.97
C GLU E 391 62.18 -48.34 -33.18
N SER E 392 62.25 -48.37 -31.85
CA SER E 392 61.10 -48.05 -31.00
C SER E 392 61.31 -46.75 -30.20
N VAL E 393 60.21 -46.06 -29.86
CA VAL E 393 60.27 -44.82 -29.08
C VAL E 393 60.67 -45.12 -27.63
N PRO E 394 61.34 -44.18 -26.92
CA PRO E 394 61.75 -44.48 -25.53
C PRO E 394 60.69 -45.12 -24.63
N ALA E 395 61.15 -45.98 -23.71
CA ALA E 395 60.29 -46.73 -22.79
C ALA E 395 59.81 -45.92 -21.58
N ASN E 396 60.43 -44.77 -21.26
CA ASN E 396 60.03 -43.98 -20.10
C ASN E 396 60.29 -42.47 -20.31
N LEU E 397 59.82 -41.62 -19.38
CA LEU E 397 59.97 -40.17 -19.49
C LEU E 397 61.42 -39.73 -19.50
N LYS E 398 62.24 -40.24 -18.56
CA LYS E 398 63.66 -39.88 -18.49
C LYS E 398 64.41 -40.28 -19.75
N ALA E 399 64.06 -41.43 -20.34
CA ALA E 399 64.70 -41.86 -21.59
C ALA E 399 64.40 -40.89 -22.73
N ALA E 400 63.20 -40.30 -22.76
CA ALA E 400 62.81 -39.33 -23.78
C ALA E 400 63.44 -37.95 -23.52
N LEU E 401 63.59 -37.55 -22.25
CA LEU E 401 64.20 -36.26 -21.91
C LEU E 401 65.66 -36.20 -22.33
N ASP E 402 66.39 -37.32 -22.19
CA ASP E 402 67.79 -37.39 -22.61
C ASP E 402 67.91 -37.26 -24.13
N GLU E 403 66.95 -37.82 -24.88
CA GLU E 403 66.92 -37.72 -26.34
C GLU E 403 66.62 -36.26 -26.76
N LEU E 404 65.70 -35.60 -26.05
CA LEU E 404 65.35 -34.20 -26.32
C LEU E 404 66.54 -33.30 -26.03
N GLU E 405 67.26 -33.57 -24.94
CA GLU E 405 68.42 -32.78 -24.53
C GLU E 405 69.52 -32.79 -25.60
N ASN E 406 69.81 -33.98 -26.18
CA ASN E 406 70.83 -34.11 -27.22
C ASN E 406 70.37 -33.66 -28.62
N ASN E 407 69.07 -33.37 -28.80
CA ASN E 407 68.52 -32.93 -30.08
C ASN E 407 68.66 -31.41 -30.22
N ASP E 408 69.38 -30.95 -31.26
CA ASP E 408 69.59 -29.53 -31.51
C ASP E 408 68.48 -28.90 -32.34
N VAL E 409 67.75 -29.70 -33.15
CA VAL E 409 66.66 -29.17 -33.99
C VAL E 409 65.51 -28.67 -33.11
N LEU E 410 65.11 -29.47 -32.11
CA LEU E 410 64.02 -29.09 -31.20
C LEU E 410 64.47 -28.03 -30.18
N LYS E 411 65.76 -28.02 -29.81
CA LYS E 411 66.29 -27.04 -28.86
C LYS E 411 66.14 -25.62 -29.43
N ASN E 412 66.48 -25.45 -30.73
CA ASN E 412 66.37 -24.17 -31.42
C ASN E 412 64.92 -23.73 -31.63
N ALA E 413 64.02 -24.67 -31.96
CA ALA E 413 62.61 -24.37 -32.18
C ALA E 413 61.91 -23.91 -30.90
N LEU E 414 62.19 -24.58 -29.76
CA LEU E 414 61.59 -24.23 -28.47
C LEU E 414 62.28 -23.02 -27.82
N GLY E 415 63.57 -22.84 -28.08
CA GLY E 415 64.34 -21.75 -27.50
C GLY E 415 64.96 -22.13 -26.18
N LYS E 416 66.08 -21.49 -25.81
CA LYS E 416 66.81 -21.78 -24.57
C LYS E 416 65.91 -21.76 -23.32
N HIS E 417 64.96 -20.83 -23.25
CA HIS E 417 64.09 -20.71 -22.08
C HIS E 417 63.14 -21.89 -21.93
N ILE E 418 62.42 -22.25 -23.00
CA ILE E 418 61.46 -23.36 -22.93
C ILE E 418 62.19 -24.70 -22.83
N PHE E 419 63.21 -24.91 -23.66
CA PHE E 419 64.00 -26.16 -23.66
C PHE E 419 64.58 -26.48 -22.28
N GLU E 420 65.28 -25.53 -21.64
CA GLU E 420 65.90 -25.77 -20.34
C GLU E 420 64.89 -25.89 -19.20
N SER E 421 63.85 -25.02 -19.16
CA SER E 421 62.86 -25.09 -18.10
C SER E 421 62.03 -26.36 -18.19
N PHE E 422 61.68 -26.81 -19.41
CA PHE E 422 60.92 -28.04 -19.58
C PHE E 422 61.72 -29.24 -19.04
N LEU E 423 62.99 -29.36 -19.43
CA LEU E 423 63.85 -30.45 -18.97
C LEU E 423 64.00 -30.42 -17.43
N GLU E 424 64.19 -29.23 -16.85
CA GLU E 424 64.34 -29.07 -15.40
C GLU E 424 63.07 -29.47 -14.65
N ILE E 425 61.89 -29.06 -15.14
CA ILE E 425 60.61 -29.38 -14.51
C ILE E 425 60.32 -30.88 -14.62
N LYS E 426 60.53 -31.46 -15.81
CA LYS E 426 60.28 -32.87 -16.03
C LYS E 426 61.27 -33.79 -15.34
N ASN E 427 62.52 -33.34 -15.10
CA ASN E 427 63.50 -34.16 -14.37
C ASN E 427 63.12 -34.22 -12.89
N ALA E 428 62.62 -33.11 -12.31
CA ALA E 428 62.15 -33.10 -10.94
C ALA E 428 60.89 -34.00 -10.78
N GLU E 429 60.03 -34.01 -11.82
CA GLU E 429 58.83 -34.84 -11.89
C GLU E 429 59.22 -36.32 -11.96
N TRP E 430 60.24 -36.64 -12.77
CA TRP E 430 60.75 -38.00 -12.91
C TRP E 430 61.41 -38.47 -11.60
N ASP E 431 62.20 -37.60 -10.96
CA ASP E 431 62.85 -37.93 -9.69
C ASP E 431 61.83 -38.24 -8.61
N SER E 432 60.70 -37.52 -8.59
CA SER E 432 59.64 -37.78 -7.63
C SER E 432 59.02 -39.17 -7.84
N PHE E 433 58.91 -39.61 -9.10
CA PHE E 433 58.36 -40.91 -9.45
C PHE E 433 59.31 -42.07 -9.08
N ARG E 434 60.59 -41.97 -9.47
CA ARG E 434 61.55 -43.05 -9.19
C ARG E 434 61.88 -43.24 -7.70
N THR E 435 61.66 -42.22 -6.86
CA THR E 435 61.92 -42.32 -5.42
C THR E 435 60.69 -42.83 -4.65
N SER E 436 59.47 -42.56 -5.15
CA SER E 436 58.25 -42.98 -4.47
C SER E 436 58.04 -44.50 -4.49
N VAL E 437 57.56 -45.07 -3.37
CA VAL E 437 57.26 -46.49 -3.25
C VAL E 437 55.84 -46.68 -3.79
N THR E 438 55.72 -47.38 -4.93
CA THR E 438 54.44 -47.58 -5.61
C THR E 438 53.61 -48.75 -5.02
N ASP E 439 52.32 -48.76 -5.33
CA ASP E 439 51.40 -49.82 -4.90
C ASP E 439 51.77 -51.18 -5.52
N TRP E 440 52.35 -51.17 -6.75
CA TRP E 440 52.78 -52.40 -7.40
C TRP E 440 53.88 -53.06 -6.59
N GLU E 441 54.88 -52.26 -6.14
CA GLU E 441 56.00 -52.76 -5.33
C GLU E 441 55.50 -53.33 -4.01
N THR E 442 54.55 -52.64 -3.35
CA THR E 442 54.01 -53.11 -2.08
C THR E 442 53.29 -54.45 -2.26
N THR E 443 52.55 -54.60 -3.36
CA THR E 443 51.83 -55.85 -3.65
C THR E 443 52.82 -56.99 -3.93
N ALA E 444 53.85 -56.72 -4.72
CA ALA E 444 54.83 -57.74 -5.13
C ALA E 444 55.91 -58.09 -4.10
N TYR E 445 56.34 -57.15 -3.26
CA TYR E 445 57.48 -57.39 -2.35
C TYR E 445 57.20 -57.34 -0.85
N LEU E 446 56.00 -56.96 -0.38
CA LEU E 446 55.73 -56.95 1.07
C LEU E 446 55.78 -58.38 1.65
N LYS E 447 55.39 -59.38 0.85
CA LYS E 447 55.41 -60.78 1.27
C LYS E 447 56.83 -61.34 1.49
N ILE E 448 57.86 -60.77 0.82
CA ILE E 448 59.23 -61.28 0.96
C ILE E 448 59.88 -60.87 2.28
N SER F 2 -22.18 -49.99 -28.48
CA SER F 2 -23.11 -51.02 -28.95
C SER F 2 -22.88 -51.36 -30.43
N THR F 3 -22.65 -50.35 -31.28
CA THR F 3 -22.35 -50.53 -32.71
C THR F 3 -20.86 -50.23 -32.99
N VAL F 4 -20.35 -50.67 -34.15
CA VAL F 4 -18.99 -50.37 -34.55
C VAL F 4 -18.87 -48.85 -34.79
N GLU F 5 -19.90 -48.23 -35.38
CA GLU F 5 -19.91 -46.79 -35.65
C GLU F 5 -19.87 -45.92 -34.39
N GLN F 6 -20.64 -46.26 -33.34
CA GLN F 6 -20.65 -45.47 -32.10
C GLN F 6 -19.30 -45.52 -31.38
N VAL F 7 -18.65 -46.70 -31.37
CA VAL F 7 -17.35 -46.84 -30.72
C VAL F 7 -16.29 -46.05 -31.49
N LEU F 8 -16.21 -46.22 -32.83
CA LEU F 8 -15.24 -45.49 -33.66
C LEU F 8 -15.46 -43.97 -33.60
N GLU F 9 -16.71 -43.52 -33.45
CA GLU F 9 -17.03 -42.09 -33.34
C GLU F 9 -16.51 -41.53 -32.02
N TYR F 10 -16.63 -42.30 -30.92
CA TYR F 10 -16.13 -41.89 -29.62
C TYR F 10 -14.61 -41.86 -29.65
N VAL F 11 -13.99 -42.90 -30.21
CA VAL F 11 -12.53 -43.02 -30.35
C VAL F 11 -11.95 -41.82 -31.11
N LYS F 12 -12.61 -41.41 -32.21
CA LYS F 12 -12.15 -40.30 -33.05
C LYS F 12 -12.14 -38.97 -32.26
N SER F 13 -13.26 -38.60 -31.62
CA SER F 13 -13.40 -37.34 -30.90
C SER F 13 -12.69 -37.28 -29.54
N ASN F 14 -12.84 -38.32 -28.70
CA ASN F 14 -12.24 -38.34 -27.35
C ASN F 14 -10.75 -38.68 -27.33
N ASN F 15 -10.11 -38.90 -28.50
CA ASN F 15 -8.68 -39.21 -28.58
C ASN F 15 -8.33 -40.49 -27.79
N VAL F 16 -8.88 -41.63 -28.20
CA VAL F 16 -8.59 -42.91 -27.57
C VAL F 16 -7.44 -43.52 -28.37
N LYS F 17 -6.40 -44.02 -27.67
CA LYS F 17 -5.21 -44.57 -28.31
C LYS F 17 -5.04 -46.08 -28.16
N PHE F 18 -5.65 -46.69 -27.13
CA PHE F 18 -5.52 -48.14 -26.93
C PHE F 18 -6.87 -48.80 -26.71
N MET F 19 -7.00 -50.08 -27.14
CA MET F 19 -8.20 -50.89 -26.97
C MET F 19 -7.79 -52.22 -26.34
N ARG F 20 -8.24 -52.47 -25.10
CA ARG F 20 -7.93 -53.67 -24.35
C ARG F 20 -8.98 -54.73 -24.66
N PHE F 21 -8.59 -55.82 -25.31
CA PHE F 21 -9.53 -56.90 -25.62
C PHE F 21 -9.52 -57.83 -24.41
N GLN F 22 -10.45 -57.60 -23.47
CA GLN F 22 -10.53 -58.32 -22.21
C GLN F 22 -11.39 -59.57 -22.23
N PHE F 23 -11.08 -60.54 -21.35
CA PHE F 23 -11.81 -61.79 -21.17
C PHE F 23 -11.42 -62.42 -19.79
N VAL F 24 -11.89 -63.64 -19.45
CA VAL F 24 -11.56 -64.26 -18.17
C VAL F 24 -11.15 -65.71 -18.35
N ASP F 25 -10.21 -66.20 -17.52
CA ASP F 25 -9.81 -67.60 -17.54
C ASP F 25 -10.86 -68.44 -16.74
N ILE F 26 -10.68 -69.76 -16.61
CA ILE F 26 -11.64 -70.61 -15.89
C ILE F 26 -11.87 -70.17 -14.43
N LEU F 27 -10.81 -69.72 -13.75
CA LEU F 27 -10.91 -69.29 -12.35
C LEU F 27 -11.47 -67.86 -12.17
N GLY F 28 -11.78 -67.16 -13.25
CA GLY F 28 -12.32 -65.80 -13.19
C GLY F 28 -11.27 -64.71 -13.16
N VAL F 29 -10.00 -65.04 -13.44
CA VAL F 29 -8.92 -64.05 -13.47
C VAL F 29 -9.02 -63.32 -14.81
N PRO F 30 -9.09 -61.97 -14.83
CA PRO F 30 -9.18 -61.28 -16.13
C PRO F 30 -7.87 -61.34 -16.90
N LYS F 31 -7.97 -61.43 -18.23
CA LYS F 31 -6.84 -61.50 -19.17
C LYS F 31 -7.14 -60.54 -20.34
N ASN F 32 -6.13 -59.85 -20.89
CA ASN F 32 -6.35 -58.91 -21.99
C ASN F 32 -5.09 -58.64 -22.82
N VAL F 33 -5.29 -58.08 -24.03
CA VAL F 33 -4.23 -57.70 -24.95
C VAL F 33 -4.54 -56.29 -25.47
N ALA F 34 -3.56 -55.39 -25.49
CA ALA F 34 -3.78 -54.02 -25.94
C ALA F 34 -3.50 -53.86 -27.44
N PHE F 35 -4.35 -53.09 -28.12
CA PHE F 35 -4.24 -52.82 -29.55
C PHE F 35 -4.06 -51.31 -29.74
N PRO F 36 -2.94 -50.84 -30.32
CA PRO F 36 -2.78 -49.41 -30.53
C PRO F 36 -3.53 -48.90 -31.75
N ILE F 37 -4.33 -47.84 -31.57
CA ILE F 37 -5.15 -47.23 -32.61
C ILE F 37 -4.31 -46.20 -33.36
N LYS F 38 -4.21 -46.29 -34.70
CA LYS F 38 -3.42 -45.33 -35.47
C LYS F 38 -4.26 -44.08 -35.82
N ALA F 39 -3.59 -42.97 -36.12
CA ALA F 39 -4.25 -41.72 -36.46
C ALA F 39 -4.84 -41.75 -37.89
N GLY F 40 -5.82 -40.90 -38.15
CA GLY F 40 -6.45 -40.79 -39.45
C GLY F 40 -7.40 -41.91 -39.79
N GLU F 41 -7.95 -41.88 -41.02
CA GLU F 41 -8.91 -42.87 -41.50
C GLU F 41 -8.31 -44.28 -41.56
N LYS F 42 -7.01 -44.41 -41.86
CA LYS F 42 -6.34 -45.71 -41.93
C LYS F 42 -6.36 -46.43 -40.58
N GLY F 43 -6.20 -45.69 -39.49
CA GLY F 43 -6.24 -46.25 -38.15
C GLY F 43 -7.64 -46.66 -37.72
N ILE F 44 -8.66 -45.87 -38.12
CA ILE F 44 -10.06 -46.16 -37.79
C ILE F 44 -10.55 -47.39 -38.59
N GLU F 45 -10.13 -47.52 -39.85
CA GLU F 45 -10.51 -48.69 -40.65
C GLU F 45 -9.78 -49.95 -40.18
N GLU F 46 -8.56 -49.82 -39.61
CA GLU F 46 -7.84 -50.96 -39.06
C GLU F 46 -8.57 -51.42 -37.79
N LEU F 47 -8.98 -50.47 -36.92
CA LEU F 47 -9.71 -50.78 -35.70
C LEU F 47 -11.07 -51.40 -36.04
N ARG F 48 -11.73 -50.95 -37.11
CA ARG F 48 -13.03 -51.51 -37.54
C ARG F 48 -12.91 -53.00 -37.85
N ASP F 49 -11.83 -53.40 -38.53
CA ASP F 49 -11.60 -54.81 -38.88
C ASP F 49 -11.35 -55.65 -37.63
N VAL F 50 -10.54 -55.15 -36.69
CA VAL F 50 -10.24 -55.88 -35.46
C VAL F 50 -11.47 -55.95 -34.54
N LEU F 51 -12.36 -54.93 -34.58
CA LEU F 51 -13.56 -54.95 -33.76
C LEU F 51 -14.62 -55.94 -34.29
N GLU F 52 -14.77 -56.03 -35.63
CA GLU F 52 -15.76 -56.94 -36.23
C GLU F 52 -15.27 -58.40 -36.32
N ASN F 53 -14.03 -58.62 -36.81
CA ASN F 53 -13.47 -59.97 -36.98
C ASN F 53 -12.72 -60.51 -35.74
N GLY F 54 -12.37 -59.64 -34.81
CA GLY F 54 -11.65 -60.07 -33.61
C GLY F 54 -10.16 -60.25 -33.85
N LEU F 55 -9.47 -60.92 -32.91
CA LEU F 55 -8.03 -61.18 -33.01
C LEU F 55 -7.64 -62.51 -32.38
N TYR F 56 -6.51 -63.08 -32.81
CA TYR F 56 -6.01 -64.37 -32.35
C TYR F 56 -5.18 -64.28 -31.06
N PHE F 57 -5.03 -65.41 -30.36
CA PHE F 57 -4.23 -65.48 -29.13
C PHE F 57 -3.90 -66.94 -28.77
N ASP F 58 -2.82 -67.14 -28.01
CA ASP F 58 -2.40 -68.47 -27.56
C ASP F 58 -3.31 -68.95 -26.43
N GLY F 59 -4.13 -69.96 -26.70
CA GLY F 59 -5.04 -70.51 -25.71
C GLY F 59 -4.43 -71.45 -24.70
N SER F 60 -3.26 -72.05 -25.03
CA SER F 60 -2.60 -72.98 -24.11
C SER F 60 -2.07 -72.31 -22.86
N SER F 61 -1.66 -71.04 -22.96
CA SER F 61 -1.16 -70.28 -21.83
C SER F 61 -2.28 -69.87 -20.86
N ILE F 62 -3.54 -69.74 -21.35
CA ILE F 62 -4.68 -69.38 -20.50
C ILE F 62 -5.11 -70.62 -19.70
N GLU F 63 -5.50 -70.43 -18.43
CA GLU F 63 -5.88 -71.54 -17.57
C GLU F 63 -7.25 -72.14 -17.93
N GLY F 64 -7.30 -73.47 -18.04
CA GLY F 64 -8.51 -74.21 -18.33
C GLY F 64 -9.09 -73.95 -19.70
N PHE F 65 -8.23 -73.72 -20.71
CA PHE F 65 -8.69 -73.44 -22.07
C PHE F 65 -8.35 -74.63 -23.02
N VAL F 66 -7.22 -74.62 -23.75
CA VAL F 66 -6.89 -75.68 -24.70
C VAL F 66 -5.44 -76.16 -24.55
N GLY F 67 -5.15 -77.32 -25.13
CA GLY F 67 -3.80 -77.89 -25.11
C GLY F 67 -2.85 -77.17 -26.04
N ILE F 68 -1.56 -77.51 -25.95
CA ILE F 68 -0.54 -76.89 -26.79
C ILE F 68 -0.68 -77.31 -28.27
N ASN F 69 -1.13 -78.55 -28.54
CA ASN F 69 -1.31 -79.05 -29.90
C ASN F 69 -2.52 -78.45 -30.66
N GLU F 70 -3.39 -77.66 -29.98
CA GLU F 70 -4.58 -77.05 -30.58
C GLU F 70 -4.79 -75.67 -29.92
N SER F 71 -3.74 -74.87 -29.86
CA SER F 71 -3.75 -73.57 -29.17
C SER F 71 -4.39 -72.39 -29.87
N ASP F 72 -4.45 -72.38 -31.20
CA ASP F 72 -5.00 -71.24 -31.94
C ASP F 72 -6.47 -70.94 -31.61
N MET F 73 -6.74 -69.75 -31.03
CA MET F 73 -8.08 -69.30 -30.63
C MET F 73 -8.33 -67.83 -31.05
N MET F 74 -9.58 -67.31 -30.86
CA MET F 74 -9.96 -65.94 -31.22
C MET F 74 -10.83 -65.26 -30.15
N LEU F 75 -10.92 -63.92 -30.19
CA LEU F 75 -11.72 -63.11 -29.28
C LEU F 75 -12.70 -62.24 -30.07
N LYS F 76 -14.00 -62.51 -29.97
CA LYS F 76 -15.04 -61.73 -30.66
C LYS F 76 -15.60 -60.66 -29.72
N PRO F 77 -15.29 -59.36 -29.94
CA PRO F 77 -15.73 -58.32 -29.01
C PRO F 77 -17.21 -58.05 -28.86
N ASP F 78 -17.68 -57.88 -27.61
CA ASP F 78 -19.04 -57.51 -27.30
C ASP F 78 -19.01 -55.98 -27.27
N LEU F 79 -19.49 -55.35 -28.34
CA LEU F 79 -19.45 -53.89 -28.48
C LEU F 79 -20.27 -53.10 -27.45
N SER F 80 -21.22 -53.75 -26.75
CA SER F 80 -22.01 -53.08 -25.73
C SER F 80 -21.21 -52.81 -24.44
N THR F 81 -20.15 -53.62 -24.16
CA THR F 81 -19.32 -53.47 -22.96
C THR F 81 -18.15 -52.48 -23.14
N PHE F 82 -18.25 -51.53 -24.08
CA PHE F 82 -17.18 -50.55 -24.31
C PHE F 82 -17.14 -49.58 -23.12
N SER F 83 -15.94 -49.34 -22.56
CA SER F 83 -15.77 -48.45 -21.41
C SER F 83 -14.37 -47.81 -21.42
N VAL F 84 -14.26 -46.56 -20.97
CA VAL F 84 -12.98 -45.87 -20.88
C VAL F 84 -12.40 -46.18 -19.52
N LEU F 85 -11.14 -46.66 -19.46
CA LEU F 85 -10.50 -46.95 -18.17
C LEU F 85 -10.17 -45.63 -17.49
N PRO F 86 -10.78 -45.31 -16.33
CA PRO F 86 -10.51 -44.01 -15.70
C PRO F 86 -9.13 -43.91 -15.03
N TRP F 87 -8.62 -45.01 -14.44
CA TRP F 87 -7.31 -45.01 -13.80
C TRP F 87 -6.16 -44.71 -14.79
N ARG F 88 -6.34 -45.08 -16.08
CA ARG F 88 -5.35 -44.81 -17.13
C ARG F 88 -5.36 -43.30 -17.54
N PRO F 89 -4.37 -42.81 -18.32
CA PRO F 89 -4.36 -41.38 -18.67
C PRO F 89 -5.57 -40.92 -19.48
N SER F 90 -5.90 -39.63 -19.34
CA SER F 90 -7.01 -38.99 -20.05
C SER F 90 -6.57 -38.58 -21.46
N GLU F 91 -5.38 -37.97 -21.58
CA GLU F 91 -4.83 -37.58 -22.90
C GLU F 91 -4.31 -38.86 -23.55
N LYS F 92 -4.81 -39.21 -24.76
CA LYS F 92 -4.47 -40.47 -25.46
C LYS F 92 -4.97 -41.63 -24.58
N SER F 93 -6.25 -41.54 -24.20
CA SER F 93 -6.95 -42.47 -23.28
C SER F 93 -6.89 -43.96 -23.68
N VAL F 94 -7.20 -44.84 -22.71
CA VAL F 94 -7.23 -46.28 -22.91
C VAL F 94 -8.67 -46.75 -22.73
N ALA F 95 -9.18 -47.54 -23.67
CA ALA F 95 -10.53 -48.09 -23.66
C ALA F 95 -10.50 -49.64 -23.60
N ARG F 96 -11.60 -50.27 -23.18
CA ARG F 96 -11.68 -51.72 -23.10
C ARG F 96 -12.89 -52.27 -23.82
N VAL F 97 -12.84 -53.54 -24.19
CA VAL F 97 -13.95 -54.22 -24.83
C VAL F 97 -13.92 -55.70 -24.40
N ILE F 98 -14.92 -56.13 -23.62
CA ILE F 98 -14.98 -57.52 -23.16
C ILE F 98 -15.39 -58.39 -24.34
N CYS F 99 -14.71 -59.54 -24.52
CA CYS F 99 -14.91 -60.42 -25.65
C CYS F 99 -15.38 -61.81 -25.24
N ASP F 100 -15.92 -62.54 -26.21
CA ASP F 100 -16.33 -63.93 -26.09
C ASP F 100 -15.23 -64.74 -26.78
N VAL F 101 -14.70 -65.78 -26.11
CA VAL F 101 -13.65 -66.62 -26.67
C VAL F 101 -14.29 -67.55 -27.70
N TYR F 102 -13.75 -67.58 -28.92
CA TYR F 102 -14.24 -68.40 -30.03
C TYR F 102 -13.12 -69.28 -30.59
N THR F 103 -13.49 -70.44 -31.15
CA THR F 103 -12.55 -71.37 -31.75
C THR F 103 -12.10 -70.85 -33.14
N THR F 104 -11.05 -71.48 -33.68
CA THR F 104 -10.49 -71.11 -34.99
C THR F 104 -11.56 -71.13 -36.09
N LYS F 105 -12.53 -72.07 -36.02
CA LYS F 105 -13.63 -72.17 -36.99
C LYS F 105 -14.76 -71.12 -36.80
N GLY F 106 -14.56 -70.15 -35.91
CA GLY F 106 -15.55 -69.10 -35.65
C GLY F 106 -16.78 -69.56 -34.89
N LYS F 107 -16.63 -70.59 -34.05
CA LYS F 107 -17.73 -71.14 -33.23
C LYS F 107 -17.45 -70.81 -31.75
N PRO F 108 -18.45 -70.43 -30.92
CA PRO F 108 -18.14 -70.10 -29.51
C PRO F 108 -17.41 -71.21 -28.76
N PHE F 109 -16.34 -70.87 -28.02
CA PHE F 109 -15.55 -71.86 -27.29
C PHE F 109 -16.33 -72.45 -26.12
N GLU F 110 -16.41 -73.79 -26.07
CA GLU F 110 -17.10 -74.53 -25.02
C GLU F 110 -16.59 -74.21 -23.61
N GLY F 111 -15.27 -74.07 -23.47
CA GLY F 111 -14.65 -73.77 -22.18
C GLY F 111 -14.58 -72.30 -21.81
N ASP F 112 -15.46 -71.47 -22.40
CA ASP F 112 -15.47 -70.04 -22.12
C ASP F 112 -16.47 -69.71 -20.99
N PRO F 113 -16.05 -69.13 -19.84
CA PRO F 113 -17.04 -68.83 -18.79
C PRO F 113 -18.12 -67.82 -19.21
N ARG F 114 -17.77 -66.82 -20.03
CA ARG F 114 -18.74 -65.82 -20.48
C ARG F 114 -19.79 -66.40 -21.43
N GLY F 115 -19.35 -67.25 -22.34
CA GLY F 115 -20.24 -67.95 -23.28
C GLY F 115 -21.13 -68.95 -22.56
N CYS F 116 -20.64 -69.53 -21.45
CA CYS F 116 -21.39 -70.47 -20.62
C CYS F 116 -22.60 -69.76 -20.00
N LEU F 117 -22.41 -68.52 -19.52
CA LEU F 117 -23.49 -67.73 -18.93
C LEU F 117 -24.46 -67.25 -20.03
N LYS F 118 -23.94 -66.85 -21.21
CA LYS F 118 -24.79 -66.42 -22.32
C LYS F 118 -25.69 -67.58 -22.76
N ARG F 119 -25.13 -68.79 -22.89
CA ARG F 119 -25.86 -69.98 -23.30
C ARG F 119 -27.07 -70.26 -22.40
N VAL F 120 -26.87 -70.33 -21.07
CA VAL F 120 -27.96 -70.61 -20.15
C VAL F 120 -28.99 -69.47 -20.08
N MET F 121 -28.56 -68.21 -20.28
CA MET F 121 -29.50 -67.08 -20.28
C MET F 121 -30.35 -67.08 -21.55
N GLU F 122 -29.76 -67.41 -22.70
CA GLU F 122 -30.51 -67.51 -23.96
C GLU F 122 -31.49 -68.67 -23.90
N GLU F 123 -31.09 -69.80 -23.28
CA GLU F 123 -31.97 -70.96 -23.10
C GLU F 123 -33.15 -70.62 -22.19
N PHE F 124 -32.91 -69.83 -21.13
CA PHE F 124 -33.95 -69.41 -20.20
C PHE F 124 -34.93 -68.44 -20.90
N LYS F 125 -34.39 -67.49 -21.68
CA LYS F 125 -35.22 -66.54 -22.42
C LYS F 125 -36.03 -67.23 -23.53
N LYS F 126 -35.53 -68.33 -24.10
CA LYS F 126 -36.24 -69.06 -25.15
C LYS F 126 -37.37 -69.92 -24.56
N GLU F 127 -37.10 -70.61 -23.44
CA GLU F 127 -38.06 -71.51 -22.81
C GLU F 127 -39.14 -70.83 -21.97
N PHE F 128 -38.77 -69.83 -21.14
CA PHE F 128 -39.70 -69.15 -20.23
C PHE F 128 -39.95 -67.67 -20.54
N ASN F 129 -39.15 -67.04 -21.43
CA ASN F 129 -39.26 -65.61 -21.72
C ASN F 129 -38.90 -64.81 -20.45
N GLY F 130 -37.85 -65.23 -19.77
CA GLY F 130 -37.40 -64.62 -18.52
C GLY F 130 -36.12 -63.85 -18.63
N GLU F 131 -35.81 -63.09 -17.57
CA GLU F 131 -34.63 -62.26 -17.45
C GLU F 131 -34.07 -62.48 -16.05
N TYR F 132 -32.85 -63.04 -15.94
CA TYR F 132 -32.24 -63.33 -14.64
C TYR F 132 -31.46 -62.12 -14.14
N PHE F 133 -31.94 -61.49 -13.05
CA PHE F 133 -31.30 -60.29 -12.47
C PHE F 133 -30.49 -60.64 -11.22
N VAL F 134 -29.27 -60.08 -11.11
CA VAL F 134 -28.37 -60.29 -9.96
C VAL F 134 -27.79 -58.94 -9.50
N GLY F 135 -27.61 -58.81 -8.19
CA GLY F 135 -27.06 -57.62 -7.54
C GLY F 135 -26.16 -58.04 -6.40
N PRO F 136 -24.83 -58.16 -6.62
CA PRO F 136 -23.95 -58.64 -5.54
C PRO F 136 -23.42 -57.54 -4.63
N GLU F 137 -22.86 -57.95 -3.49
CA GLU F 137 -22.27 -57.07 -2.48
C GLU F 137 -20.84 -57.59 -2.24
N PRO F 138 -19.91 -57.37 -3.19
CA PRO F 138 -18.54 -57.87 -2.99
C PRO F 138 -17.71 -57.03 -2.02
N GLU F 139 -17.40 -57.61 -0.84
CA GLU F 139 -16.61 -56.96 0.20
C GLU F 139 -15.11 -57.19 -0.06
N PHE F 140 -14.26 -56.26 0.42
CA PHE F 140 -12.81 -56.35 0.24
C PHE F 140 -12.07 -55.76 1.45
N PHE F 141 -10.75 -56.04 1.53
CA PHE F 141 -9.90 -55.53 2.60
C PHE F 141 -8.83 -54.62 2.02
N LEU F 142 -8.58 -53.47 2.66
CA LEU F 142 -7.51 -52.56 2.28
C LEU F 142 -6.36 -52.86 3.24
N LEU F 143 -5.18 -53.20 2.72
CA LEU F 143 -4.04 -53.58 3.54
C LEU F 143 -2.86 -52.62 3.44
N LYS F 144 -2.01 -52.65 4.47
CA LYS F 144 -0.76 -51.89 4.55
C LYS F 144 0.32 -52.81 5.14
N LYS F 145 1.59 -52.56 4.82
CA LYS F 145 2.68 -53.40 5.32
C LYS F 145 2.78 -53.32 6.84
N ASP F 146 3.08 -54.44 7.48
CA ASP F 146 3.21 -54.50 8.93
C ASP F 146 4.46 -53.71 9.33
N PRO F 147 4.38 -52.71 10.23
CA PRO F 147 5.59 -51.97 10.60
C PRO F 147 6.65 -52.84 11.29
N HIS F 148 6.22 -53.81 12.11
CA HIS F 148 7.13 -54.72 12.80
C HIS F 148 7.77 -55.76 11.85
N ASN F 149 7.22 -55.96 10.63
CA ASN F 149 7.77 -56.89 9.64
C ASN F 149 7.24 -56.53 8.24
N PRO F 150 8.05 -55.96 7.32
CA PRO F 150 7.50 -55.58 6.01
C PRO F 150 7.06 -56.73 5.10
N HIS F 151 7.48 -57.97 5.38
CA HIS F 151 7.09 -59.11 4.57
C HIS F 151 5.61 -59.50 4.74
N LYS F 152 4.99 -59.15 5.89
CA LYS F 152 3.58 -59.44 6.17
C LYS F 152 2.70 -58.20 6.00
N TYR F 153 1.39 -58.41 5.76
CA TYR F 153 0.40 -57.35 5.59
C TYR F 153 -0.63 -57.36 6.72
N ILE F 154 -1.17 -56.18 7.06
CA ILE F 154 -2.18 -56.02 8.11
C ILE F 154 -3.32 -55.09 7.60
N PRO F 155 -4.46 -54.97 8.33
CA PRO F 155 -5.53 -54.08 7.85
C PRO F 155 -5.14 -52.60 7.91
N ALA F 156 -5.68 -51.78 6.99
CA ALA F 156 -5.36 -50.35 6.91
C ALA F 156 -5.81 -49.52 8.11
N ASP F 157 -6.89 -49.92 8.81
CA ASP F 157 -7.40 -49.17 9.96
C ASP F 157 -8.14 -50.05 10.96
N ASP F 158 -8.28 -49.56 12.21
CA ASP F 158 -9.00 -50.27 13.27
C ASP F 158 -10.46 -49.80 13.29
N GLY F 159 -11.07 -49.74 12.11
CA GLY F 159 -12.45 -49.30 11.97
C GLY F 159 -13.47 -50.42 12.04
N GLY F 160 -14.70 -50.06 12.41
CA GLY F 160 -15.83 -50.97 12.53
C GLY F 160 -16.86 -50.75 11.45
N TYR F 161 -18.06 -51.28 11.65
CA TYR F 161 -19.14 -51.16 10.67
C TYR F 161 -19.67 -49.73 10.61
N PHE F 162 -19.73 -49.13 9.41
CA PHE F 162 -20.23 -47.77 9.19
C PHE F 162 -19.48 -46.67 9.97
N ASP F 163 -18.28 -46.94 10.50
CA ASP F 163 -17.55 -45.93 11.30
C ASP F 163 -17.19 -44.66 10.51
N LEU F 164 -17.01 -43.54 11.22
CA LEU F 164 -16.66 -42.24 10.64
C LEU F 164 -15.15 -41.96 10.78
N GLU F 165 -14.64 -41.08 9.91
CA GLU F 165 -13.25 -40.64 9.97
C GLU F 165 -12.99 -39.85 11.28
N PRO F 166 -11.77 -39.88 11.84
CA PRO F 166 -10.55 -40.55 11.37
C PRO F 166 -10.45 -42.04 11.72
N MET F 167 -11.43 -42.60 12.46
CA MET F 167 -11.44 -44.03 12.81
C MET F 167 -11.46 -44.87 11.52
N ASP F 168 -12.25 -44.43 10.53
CA ASP F 168 -12.35 -45.00 9.21
C ASP F 168 -11.35 -44.22 8.35
N GLU F 169 -10.22 -44.84 7.97
CA GLU F 169 -9.18 -44.15 7.19
C GLU F 169 -9.32 -44.37 5.68
N ALA F 170 -10.49 -44.79 5.19
CA ALA F 170 -10.68 -45.02 3.75
C ALA F 170 -11.74 -44.14 3.05
N PRO F 171 -12.19 -42.95 3.55
CA PRO F 171 -13.16 -42.17 2.76
C PRO F 171 -12.58 -41.66 1.45
N ASP F 172 -11.29 -41.31 1.43
CA ASP F 172 -10.61 -40.85 0.21
C ASP F 172 -10.44 -41.99 -0.78
N ILE F 173 -10.13 -43.21 -0.30
CA ILE F 173 -9.95 -44.37 -1.17
C ILE F 173 -11.31 -44.77 -1.76
N ARG F 174 -12.35 -44.83 -0.94
CA ARG F 174 -13.70 -45.15 -1.42
C ARG F 174 -14.24 -44.08 -2.36
N ARG F 175 -13.90 -42.79 -2.12
CA ARG F 175 -14.31 -41.67 -2.97
C ARG F 175 -13.85 -41.90 -4.42
N ASP F 176 -12.55 -42.17 -4.62
CA ASP F 176 -11.99 -42.39 -5.95
C ASP F 176 -12.52 -43.67 -6.58
N ILE F 177 -12.80 -44.71 -5.78
CA ILE F 177 -13.39 -45.97 -6.28
C ILE F 177 -14.76 -45.68 -6.89
N VAL F 178 -15.60 -44.92 -6.18
CA VAL F 178 -16.94 -44.61 -6.66
C VAL F 178 -16.87 -43.76 -7.94
N PHE F 179 -15.96 -42.78 -7.99
CA PHE F 179 -15.82 -41.95 -9.20
C PHE F 179 -15.37 -42.81 -10.38
N ALA F 180 -14.41 -43.73 -10.16
CA ALA F 180 -13.92 -44.62 -11.22
C ALA F 180 -15.01 -45.55 -11.75
N LEU F 181 -15.84 -46.12 -10.85
CA LEU F 181 -16.92 -47.02 -11.26
C LEU F 181 -18.02 -46.25 -12.02
N GLU F 182 -18.37 -45.03 -11.57
CA GLU F 182 -19.37 -44.22 -12.27
C GLU F 182 -18.93 -43.91 -13.72
N ASN F 183 -17.63 -43.68 -13.96
CA ASN F 183 -17.11 -43.43 -15.30
C ASN F 183 -17.17 -44.69 -16.16
N LEU F 184 -16.99 -45.88 -15.56
CA LEU F 184 -17.09 -47.16 -16.25
C LEU F 184 -18.54 -47.58 -16.59
N GLY F 185 -19.54 -46.80 -16.17
CA GLY F 185 -20.95 -47.08 -16.43
C GLY F 185 -21.70 -47.72 -15.28
N PHE F 186 -21.10 -47.79 -14.08
CA PHE F 186 -21.76 -48.39 -12.92
C PHE F 186 -22.75 -47.43 -12.29
N HIS F 187 -23.83 -47.98 -11.72
CA HIS F 187 -24.81 -47.20 -10.97
C HIS F 187 -24.54 -47.56 -9.51
N VAL F 188 -23.61 -46.84 -8.89
CA VAL F 188 -23.22 -47.12 -7.51
C VAL F 188 -24.37 -46.75 -6.57
N GLU F 189 -24.72 -47.65 -5.64
CA GLU F 189 -25.83 -47.42 -4.71
C GLU F 189 -25.37 -46.88 -3.35
N ALA F 190 -24.33 -47.50 -2.75
CA ALA F 190 -23.83 -47.07 -1.43
C ALA F 190 -22.39 -47.56 -1.19
N SER F 191 -21.68 -46.89 -0.27
CA SER F 191 -20.31 -47.24 0.08
C SER F 191 -20.09 -46.95 1.57
N HIS F 192 -19.38 -47.84 2.28
CA HIS F 192 -19.16 -47.69 3.72
C HIS F 192 -18.09 -48.65 4.25
N HIS F 193 -17.67 -48.48 5.51
CA HIS F 193 -16.73 -49.38 6.17
C HIS F 193 -17.52 -50.60 6.66
N GLU F 194 -16.90 -51.79 6.63
CA GLU F 194 -17.54 -53.03 7.08
C GLU F 194 -17.05 -53.45 8.48
N VAL F 195 -17.69 -54.49 9.06
CA VAL F 195 -17.44 -55.00 10.41
C VAL F 195 -15.94 -55.16 10.77
N ALA F 196 -15.16 -55.94 10.00
CA ALA F 196 -13.77 -56.19 10.32
C ALA F 196 -12.85 -54.98 10.10
N PRO F 197 -11.69 -54.89 10.80
CA PRO F 197 -10.76 -53.78 10.55
C PRO F 197 -10.31 -53.70 9.10
N GLY F 198 -10.25 -52.50 8.54
CA GLY F 198 -9.81 -52.31 7.17
C GLY F 198 -10.71 -52.89 6.10
N GLN F 199 -11.85 -53.51 6.48
CA GLN F 199 -12.80 -54.08 5.52
C GLN F 199 -13.76 -53.00 5.02
N HIS F 200 -14.14 -53.07 3.74
CA HIS F 200 -15.05 -52.10 3.13
C HIS F 200 -16.04 -52.79 2.18
N GLU F 201 -17.08 -52.07 1.77
CA GLU F 201 -18.10 -52.61 0.86
C GLU F 201 -18.61 -51.49 -0.03
N VAL F 202 -18.56 -51.69 -1.35
CA VAL F 202 -19.06 -50.73 -2.32
C VAL F 202 -20.13 -51.46 -3.13
N ASP F 203 -21.39 -51.10 -2.92
CA ASP F 203 -22.55 -51.72 -3.58
C ASP F 203 -22.88 -51.02 -4.89
N PHE F 204 -23.51 -51.77 -5.81
CA PHE F 204 -23.94 -51.23 -7.09
C PHE F 204 -25.27 -51.86 -7.52
N LYS F 205 -26.00 -51.18 -8.40
CA LYS F 205 -27.34 -51.61 -8.82
C LYS F 205 -27.36 -52.95 -9.52
N PHE F 206 -28.46 -53.68 -9.33
CA PHE F 206 -28.64 -54.98 -9.98
C PHE F 206 -28.91 -54.81 -11.47
N ASP F 207 -28.62 -55.85 -12.25
CA ASP F 207 -28.83 -55.87 -13.70
C ASP F 207 -28.90 -57.36 -14.17
N ASP F 208 -29.03 -57.62 -15.49
CA ASP F 208 -29.05 -58.99 -15.98
C ASP F 208 -27.70 -59.68 -15.69
N ALA F 209 -27.72 -60.99 -15.41
CA ALA F 209 -26.54 -61.76 -15.03
C ALA F 209 -25.29 -61.49 -15.86
N LEU F 210 -25.41 -61.31 -17.19
CA LEU F 210 -24.25 -61.04 -18.03
C LEU F 210 -23.64 -59.66 -17.72
N LYS F 211 -24.47 -58.59 -17.71
CA LYS F 211 -23.97 -57.24 -17.39
C LYS F 211 -23.45 -57.16 -15.96
N THR F 212 -24.04 -57.94 -15.04
CA THR F 212 -23.61 -57.98 -13.64
C THR F 212 -22.26 -58.70 -13.51
N ALA F 213 -22.05 -59.81 -14.24
CA ALA F 213 -20.78 -60.53 -14.20
C ALA F 213 -19.65 -59.72 -14.84
N ASP F 214 -19.95 -58.97 -15.90
CA ASP F 214 -18.98 -58.07 -16.52
C ASP F 214 -18.57 -56.97 -15.52
N SER F 215 -19.55 -56.47 -14.73
CA SER F 215 -19.32 -55.47 -13.71
C SER F 215 -18.50 -56.01 -12.54
N VAL F 216 -18.69 -57.28 -12.12
CA VAL F 216 -17.92 -57.85 -11.01
C VAL F 216 -16.43 -57.93 -11.36
N ILE F 217 -16.09 -58.31 -12.61
CA ILE F 217 -14.69 -58.40 -13.04
C ILE F 217 -14.04 -57.02 -13.06
N THR F 218 -14.74 -56.02 -13.61
CA THR F 218 -14.24 -54.65 -13.68
C THR F 218 -14.15 -54.03 -12.28
N PHE F 219 -15.08 -54.38 -11.38
CA PHE F 219 -15.07 -53.89 -10.01
C PHE F 219 -13.82 -54.36 -9.28
N LYS F 220 -13.49 -55.66 -9.38
CA LYS F 220 -12.32 -56.21 -8.71
C LYS F 220 -11.01 -55.53 -9.17
N THR F 221 -10.87 -55.26 -10.48
CA THR F 221 -9.67 -54.58 -11.00
C THR F 221 -9.64 -53.12 -10.54
N THR F 222 -10.80 -52.44 -10.53
CA THR F 222 -10.88 -51.04 -10.12
C THR F 222 -10.51 -50.87 -8.65
N ILE F 223 -10.97 -51.78 -7.78
CA ILE F 223 -10.67 -51.72 -6.35
C ILE F 223 -9.16 -51.94 -6.12
N LYS F 224 -8.55 -52.88 -6.84
CA LYS F 224 -7.12 -53.17 -6.68
C LYS F 224 -6.20 -52.07 -7.23
N THR F 225 -6.47 -51.55 -8.44
CA THR F 225 -5.62 -50.51 -9.04
C THR F 225 -5.70 -49.18 -8.29
N ILE F 226 -6.91 -48.78 -7.85
CA ILE F 226 -7.09 -47.53 -7.11
C ILE F 226 -6.40 -47.62 -5.74
N ALA F 227 -6.43 -48.80 -5.10
CA ALA F 227 -5.75 -48.98 -3.81
C ALA F 227 -4.24 -48.81 -3.97
N GLU F 228 -3.65 -49.31 -5.07
CA GLU F 228 -2.21 -49.16 -5.31
C GLU F 228 -1.83 -47.69 -5.49
N GLN F 229 -2.74 -46.86 -6.05
CA GLN F 229 -2.48 -45.43 -6.21
C GLN F 229 -2.35 -44.75 -4.84
N HIS F 230 -3.12 -45.19 -3.82
CA HIS F 230 -3.06 -44.62 -2.48
C HIS F 230 -2.10 -45.39 -1.55
N GLY F 231 -1.08 -46.04 -2.13
CA GLY F 231 -0.07 -46.77 -1.38
C GLY F 231 -0.54 -47.97 -0.57
N LEU F 232 -1.73 -48.51 -0.87
CA LEU F 232 -2.30 -49.66 -0.16
C LEU F 232 -2.42 -50.88 -1.10
N LYS F 233 -2.89 -52.04 -0.59
CA LYS F 233 -3.06 -53.25 -1.39
C LYS F 233 -4.42 -53.85 -1.05
N ALA F 234 -5.35 -53.89 -2.02
CA ALA F 234 -6.68 -54.45 -1.78
C ALA F 234 -6.72 -55.94 -2.09
N THR F 235 -7.41 -56.74 -1.23
CA THR F 235 -7.53 -58.17 -1.44
C THR F 235 -8.97 -58.65 -1.30
N PHE F 236 -9.40 -59.51 -2.23
CA PHE F 236 -10.73 -60.12 -2.20
C PHE F 236 -10.58 -61.55 -1.64
N MET F 237 -9.71 -61.76 -0.65
CA MET F 237 -9.49 -63.07 -0.05
C MET F 237 -10.69 -63.34 0.88
N PRO F 238 -11.35 -64.51 0.82
CA PRO F 238 -12.52 -64.75 1.68
C PRO F 238 -12.28 -64.63 3.20
N LYS F 239 -11.05 -64.78 3.67
CA LYS F 239 -10.73 -64.73 5.10
C LYS F 239 -9.23 -64.47 5.26
N PRO F 240 -8.78 -63.22 5.06
CA PRO F 240 -7.34 -62.95 5.19
C PRO F 240 -6.82 -63.05 6.62
N PHE F 241 -7.67 -62.77 7.63
CA PHE F 241 -7.27 -62.83 9.03
C PHE F 241 -8.26 -63.62 9.88
N PHE F 242 -7.75 -64.42 10.81
CA PHE F 242 -8.56 -65.21 11.74
C PHE F 242 -9.06 -64.31 12.87
N GLY F 243 -10.26 -64.58 13.37
CA GLY F 243 -10.85 -63.82 14.47
C GLY F 243 -11.62 -62.58 14.07
N MET F 244 -11.75 -62.31 12.75
CA MET F 244 -12.50 -61.16 12.25
C MET F 244 -13.28 -61.56 11.00
N ASN F 245 -14.37 -60.83 10.69
CA ASN F 245 -15.23 -61.12 9.54
C ASN F 245 -14.48 -61.30 8.23
N GLY F 246 -15.01 -62.15 7.37
CA GLY F 246 -14.44 -62.42 6.06
C GLY F 246 -15.16 -61.67 4.95
N SER F 247 -14.53 -61.60 3.78
CA SER F 247 -15.12 -60.93 2.62
C SER F 247 -16.20 -61.82 2.01
N GLY F 248 -17.44 -61.34 1.98
CA GLY F 248 -18.57 -62.06 1.43
C GLY F 248 -19.23 -61.32 0.28
N MET F 249 -19.73 -62.05 -0.71
CA MET F 249 -20.40 -61.48 -1.87
C MET F 249 -21.82 -62.02 -1.91
N HIS F 250 -22.71 -61.38 -1.13
CA HIS F 250 -24.11 -61.79 -1.05
C HIS F 250 -24.78 -61.50 -2.39
N CYS F 251 -25.37 -62.53 -3.03
CA CYS F 251 -26.01 -62.37 -4.35
C CYS F 251 -27.52 -62.23 -4.28
N HIS F 252 -28.02 -60.98 -4.31
CA HIS F 252 -29.46 -60.72 -4.35
C HIS F 252 -29.92 -61.05 -5.76
N GLN F 253 -30.89 -61.96 -5.93
CA GLN F 253 -31.32 -62.38 -7.26
C GLN F 253 -32.82 -62.59 -7.39
N SER F 254 -33.31 -62.52 -8.65
CA SER F 254 -34.72 -62.69 -8.99
C SER F 254 -34.91 -62.92 -10.50
N ILE F 255 -35.99 -63.61 -10.90
CA ILE F 255 -36.30 -63.87 -12.31
C ILE F 255 -37.63 -63.19 -12.68
N TRP F 256 -37.66 -62.51 -13.84
CA TRP F 256 -38.83 -61.77 -14.32
C TRP F 256 -39.39 -62.38 -15.61
N LEU F 257 -40.46 -63.18 -15.49
CA LEU F 257 -41.09 -63.81 -16.65
C LEU F 257 -42.10 -62.85 -17.29
N ASN F 258 -41.90 -62.54 -18.59
CA ASN F 258 -42.76 -61.63 -19.36
C ASN F 258 -42.73 -60.19 -18.83
N GLY F 259 -41.53 -59.72 -18.47
CA GLY F 259 -41.34 -58.36 -17.97
C GLY F 259 -42.11 -57.99 -16.72
N GLU F 260 -42.38 -58.98 -15.84
CA GLU F 260 -43.10 -58.75 -14.58
C GLU F 260 -42.35 -59.39 -13.42
N PRO F 261 -42.44 -58.83 -12.20
CA PRO F 261 -41.76 -59.47 -11.06
C PRO F 261 -42.51 -60.74 -10.65
N SER F 262 -42.06 -61.89 -11.19
CA SER F 262 -42.69 -63.18 -10.93
C SER F 262 -42.51 -63.67 -9.48
N PHE F 263 -41.52 -63.14 -8.74
CA PHE F 263 -41.29 -63.53 -7.35
C PHE F 263 -42.33 -62.93 -6.37
N TYR F 264 -43.00 -61.82 -6.75
CA TYR F 264 -43.99 -61.15 -5.91
C TYR F 264 -45.42 -61.67 -6.16
N ASP F 265 -46.19 -61.82 -5.07
CA ASP F 265 -47.60 -62.23 -5.12
C ASP F 265 -48.30 -61.54 -3.94
N GLU F 266 -49.02 -60.43 -4.22
CA GLU F 266 -49.73 -59.63 -3.22
C GLU F 266 -50.62 -60.50 -2.30
N ASN F 267 -51.32 -61.48 -2.89
CA ASN F 267 -52.20 -62.38 -2.15
C ASN F 267 -51.50 -63.75 -1.93
N ALA F 268 -50.50 -63.80 -1.03
CA ALA F 268 -49.78 -65.03 -0.71
C ALA F 268 -49.00 -64.93 0.63
N PRO F 269 -48.51 -66.05 1.21
CA PRO F 269 -47.76 -65.94 2.49
C PRO F 269 -46.44 -65.21 2.30
N TYR F 270 -46.14 -64.25 3.19
CA TYR F 270 -44.93 -63.41 3.12
C TYR F 270 -44.88 -62.58 1.82
N GLN F 271 -45.99 -62.50 1.05
CA GLN F 271 -46.05 -61.81 -0.25
C GLN F 271 -44.99 -62.37 -1.20
N LEU F 272 -44.86 -63.71 -1.24
CA LEU F 272 -43.89 -64.41 -2.08
C LEU F 272 -44.65 -65.43 -2.93
N SER F 273 -44.40 -65.43 -4.24
CA SER F 273 -45.10 -66.30 -5.18
C SER F 273 -44.64 -67.77 -5.10
N GLU F 274 -45.36 -68.68 -5.80
CA GLU F 274 -44.98 -70.09 -5.88
C GLU F 274 -43.66 -70.21 -6.65
N THR F 275 -43.48 -69.42 -7.73
CA THR F 275 -42.25 -69.43 -8.53
C THR F 275 -41.02 -69.13 -7.67
N CYS F 276 -41.16 -68.22 -6.68
CA CYS F 276 -40.07 -67.88 -5.75
C CYS F 276 -39.73 -69.08 -4.87
N MET F 277 -40.74 -69.74 -4.29
CA MET F 277 -40.55 -70.91 -3.43
C MET F 277 -39.94 -72.08 -4.19
N ASN F 278 -40.36 -72.29 -5.45
CA ASN F 278 -39.78 -73.36 -6.26
C ASN F 278 -38.30 -73.07 -6.54
N TYR F 279 -37.95 -71.80 -6.79
CA TYR F 279 -36.57 -71.39 -7.06
C TYR F 279 -35.70 -71.60 -5.81
N VAL F 280 -36.21 -71.19 -4.64
CA VAL F 280 -35.48 -71.35 -3.37
C VAL F 280 -35.25 -72.84 -3.09
N ALA F 281 -36.26 -73.70 -3.36
CA ALA F 281 -36.13 -75.15 -3.15
C ALA F 281 -35.00 -75.73 -3.99
N GLY F 282 -34.84 -75.25 -5.22
CA GLY F 282 -33.79 -75.71 -6.11
C GLY F 282 -32.40 -75.30 -5.66
N ILE F 283 -32.25 -74.10 -5.10
CA ILE F 283 -30.95 -73.62 -4.60
C ILE F 283 -30.56 -74.46 -3.39
N LEU F 284 -31.51 -74.69 -2.47
CA LEU F 284 -31.27 -75.48 -1.26
C LEU F 284 -30.95 -76.94 -1.59
N LYS F 285 -31.54 -77.49 -2.66
CA LYS F 285 -31.30 -78.87 -3.09
C LYS F 285 -29.83 -79.04 -3.51
N HIS F 286 -29.35 -78.18 -4.42
CA HIS F 286 -27.97 -78.26 -4.92
C HIS F 286 -27.00 -77.36 -4.13
N ALA F 287 -27.35 -76.95 -2.89
CA ALA F 287 -26.50 -76.07 -2.09
C ALA F 287 -25.10 -76.64 -1.83
N LYS F 288 -25.00 -77.93 -1.53
CA LYS F 288 -23.70 -78.58 -1.28
C LYS F 288 -22.80 -78.61 -2.53
N ALA F 289 -23.39 -78.56 -3.74
CA ALA F 289 -22.66 -78.56 -5.00
C ALA F 289 -22.37 -77.15 -5.52
N ILE F 290 -23.27 -76.17 -5.25
CA ILE F 290 -23.09 -74.78 -5.70
C ILE F 290 -21.88 -74.15 -5.00
N VAL F 291 -21.66 -74.46 -3.70
CA VAL F 291 -20.53 -73.89 -2.96
C VAL F 291 -19.17 -74.31 -3.53
N ALA F 292 -19.09 -75.34 -4.38
CA ALA F 292 -17.82 -75.71 -4.99
C ALA F 292 -17.41 -74.60 -5.98
N ILE F 293 -18.37 -74.07 -6.76
CA ILE F 293 -18.12 -73.00 -7.72
C ILE F 293 -18.10 -71.63 -7.03
N THR F 294 -19.12 -71.32 -6.22
CA THR F 294 -19.22 -70.02 -5.55
C THR F 294 -18.20 -69.81 -4.42
N ASN F 295 -17.55 -70.88 -3.93
CA ASN F 295 -16.53 -70.83 -2.88
C ASN F 295 -15.40 -71.76 -3.35
N PRO F 296 -14.62 -71.36 -4.38
CA PRO F 296 -13.63 -72.28 -4.95
C PRO F 296 -12.23 -72.34 -4.33
N THR F 297 -11.96 -71.55 -3.28
CA THR F 297 -10.64 -71.55 -2.66
C THR F 297 -10.63 -72.38 -1.37
N VAL F 298 -9.43 -72.81 -0.93
CA VAL F 298 -9.27 -73.53 0.34
C VAL F 298 -9.66 -72.58 1.49
N ASN F 299 -9.24 -71.31 1.40
CA ASN F 299 -9.53 -70.27 2.38
C ASN F 299 -11.03 -69.96 2.52
N SER F 300 -11.83 -70.19 1.48
CA SER F 300 -13.27 -69.94 1.54
C SER F 300 -13.95 -70.72 2.65
N TYR F 301 -13.45 -71.92 2.98
CA TYR F 301 -14.02 -72.76 4.02
C TYR F 301 -13.50 -72.44 5.43
N LYS F 302 -12.79 -71.31 5.59
CA LYS F 302 -12.38 -70.74 6.88
C LYS F 302 -13.38 -69.60 7.24
N ARG F 303 -14.02 -68.94 6.24
CA ARG F 303 -15.09 -67.97 6.43
C ARG F 303 -16.38 -68.82 6.52
N LEU F 304 -16.68 -69.57 5.46
CA LEU F 304 -17.84 -70.45 5.34
C LEU F 304 -17.51 -71.76 6.05
N VAL F 305 -17.32 -71.68 7.38
CA VAL F 305 -16.89 -72.81 8.21
C VAL F 305 -18.06 -73.46 8.98
N PRO F 306 -18.43 -74.74 8.74
CA PRO F 306 -19.52 -75.35 9.53
C PRO F 306 -19.23 -75.42 11.02
N GLY F 307 -20.27 -75.45 11.83
CA GLY F 307 -20.14 -75.48 13.28
C GLY F 307 -19.85 -74.13 13.92
N TYR F 308 -19.57 -73.08 13.10
CA TYR F 308 -19.28 -71.73 13.57
C TYR F 308 -20.15 -70.70 12.82
N GLU F 309 -20.30 -69.50 13.40
CA GLU F 309 -21.13 -68.42 12.86
C GLU F 309 -20.77 -68.09 11.40
N ALA F 310 -21.61 -68.57 10.45
CA ALA F 310 -21.43 -68.38 9.01
C ALA F 310 -22.71 -68.76 8.23
N PRO F 311 -22.88 -68.37 6.94
CA PRO F 311 -24.09 -68.79 6.20
C PRO F 311 -23.90 -70.21 5.65
N VAL F 312 -23.76 -71.16 6.58
CA VAL F 312 -23.51 -72.60 6.34
C VAL F 312 -24.77 -73.45 6.44
N ASN F 313 -25.78 -72.99 7.18
CA ASN F 313 -27.01 -73.74 7.41
C ASN F 313 -27.90 -73.70 6.17
N ILE F 314 -28.14 -74.86 5.56
CA ILE F 314 -28.97 -74.99 4.35
C ILE F 314 -30.45 -74.81 4.71
N ALA F 315 -30.91 -73.55 4.70
CA ALA F 315 -32.30 -73.17 5.01
C ALA F 315 -32.57 -71.71 4.58
N TRP F 316 -33.84 -71.32 4.42
CA TRP F 316 -34.21 -69.95 4.04
C TRP F 316 -34.99 -69.27 5.18
N ALA F 317 -34.98 -67.93 5.22
CA ALA F 317 -35.68 -67.16 6.26
C ALA F 317 -35.88 -65.70 5.87
N ASN F 318 -36.89 -65.04 6.44
CA ASN F 318 -37.19 -63.63 6.16
C ASN F 318 -36.45 -62.69 7.11
N SER F 319 -35.59 -61.80 6.58
CA SER F 319 -34.84 -60.81 7.35
C SER F 319 -33.98 -61.44 8.47
N ASN F 320 -33.35 -62.59 8.18
CA ASN F 320 -32.50 -63.33 9.12
C ASN F 320 -31.18 -63.65 8.41
N ARG F 321 -30.05 -63.10 8.92
CA ARG F 321 -28.72 -63.30 8.33
C ARG F 321 -28.00 -64.58 8.83
N SER F 322 -28.66 -65.44 9.61
CA SER F 322 -28.05 -66.69 10.10
C SER F 322 -28.18 -67.85 9.10
N ALA F 323 -29.21 -67.82 8.24
CA ALA F 323 -29.48 -68.86 7.23
C ALA F 323 -28.68 -68.62 5.92
N ILE F 324 -28.59 -69.63 5.02
CA ILE F 324 -27.87 -69.49 3.76
C ILE F 324 -28.60 -68.51 2.83
N ILE F 325 -29.95 -68.49 2.87
CA ILE F 325 -30.79 -67.57 2.08
C ILE F 325 -31.54 -66.64 3.03
N ARG F 326 -31.66 -65.36 2.64
CA ARG F 326 -32.38 -64.34 3.38
C ARG F 326 -33.29 -63.62 2.38
N VAL F 327 -34.58 -63.46 2.70
CA VAL F 327 -35.50 -62.75 1.82
C VAL F 327 -35.63 -61.32 2.32
N PRO F 328 -35.01 -60.31 1.66
CA PRO F 328 -35.13 -58.93 2.16
C PRO F 328 -36.57 -58.45 2.24
N ALA F 329 -36.87 -57.56 3.19
CA ALA F 329 -38.23 -57.06 3.41
C ALA F 329 -38.82 -56.24 2.26
N ALA F 330 -38.01 -55.79 1.29
CA ALA F 330 -38.52 -55.00 0.16
C ALA F 330 -39.43 -55.86 -0.70
N ARG F 331 -40.61 -55.33 -1.09
CA ARG F 331 -41.59 -56.04 -1.90
C ARG F 331 -42.02 -55.25 -3.14
N GLY F 332 -42.68 -55.94 -4.07
CA GLY F 332 -43.14 -55.39 -5.34
C GLY F 332 -42.16 -55.80 -6.42
N LYS F 333 -41.47 -54.82 -7.02
CA LYS F 333 -40.45 -55.12 -8.04
C LYS F 333 -39.19 -55.66 -7.35
N GLY F 334 -38.81 -55.06 -6.22
CA GLY F 334 -37.64 -55.45 -5.46
C GLY F 334 -37.75 -56.74 -4.66
N THR F 335 -38.74 -57.60 -4.94
CA THR F 335 -38.87 -58.88 -4.24
C THR F 335 -37.73 -59.76 -4.74
N ARG F 336 -36.91 -60.29 -3.83
CA ARG F 336 -35.73 -61.07 -4.21
C ARG F 336 -35.29 -62.04 -3.08
N ILE F 337 -34.27 -62.87 -3.36
CA ILE F 337 -33.67 -63.79 -2.40
C ILE F 337 -32.15 -63.53 -2.38
N GLU F 338 -31.55 -63.53 -1.19
CA GLU F 338 -30.12 -63.26 -1.02
C GLU F 338 -29.36 -64.55 -0.71
N PHE F 339 -28.60 -65.07 -1.68
CA PHE F 339 -27.78 -66.26 -1.46
C PHE F 339 -26.48 -65.73 -0.81
N ARG F 340 -26.34 -65.95 0.51
CA ARG F 340 -25.22 -65.43 1.32
C ARG F 340 -23.93 -66.26 1.29
N ALA F 341 -23.96 -67.48 0.75
CA ALA F 341 -22.77 -68.35 0.73
C ALA F 341 -21.57 -67.85 -0.11
N PRO F 342 -21.76 -67.20 -1.28
CA PRO F 342 -20.60 -66.81 -2.09
C PRO F 342 -19.66 -65.78 -1.47
N ASP F 343 -18.41 -65.77 -1.95
CA ASP F 343 -17.35 -64.84 -1.59
C ASP F 343 -16.75 -64.27 -2.89
N PRO F 344 -16.11 -63.08 -2.88
CA PRO F 344 -15.61 -62.53 -4.15
C PRO F 344 -14.46 -63.30 -4.84
N SER F 345 -14.05 -64.47 -4.30
CA SER F 345 -13.01 -65.29 -4.93
C SER F 345 -13.54 -66.13 -6.12
N CYS F 346 -14.87 -66.24 -6.29
CA CYS F 346 -15.46 -67.06 -7.35
C CYS F 346 -15.53 -66.36 -8.69
N ASN F 347 -15.64 -67.15 -9.77
CA ASN F 347 -15.78 -66.63 -11.13
C ASN F 347 -17.26 -66.21 -11.23
N PRO F 348 -17.58 -64.92 -11.45
CA PRO F 348 -19.01 -64.53 -11.50
C PRO F 348 -19.80 -65.20 -12.62
N TYR F 349 -19.18 -65.44 -13.78
CA TYR F 349 -19.89 -66.06 -14.90
C TYR F 349 -20.35 -67.48 -14.56
N LEU F 350 -19.51 -68.25 -13.86
CA LEU F 350 -19.87 -69.62 -13.46
C LEU F 350 -20.77 -69.62 -12.22
N ALA F 351 -20.60 -68.64 -11.31
CA ALA F 351 -21.44 -68.54 -10.11
C ALA F 351 -22.90 -68.25 -10.47
N PHE F 352 -23.15 -67.34 -11.43
CA PHE F 352 -24.52 -67.03 -11.84
C PHE F 352 -25.12 -68.18 -12.66
N THR F 353 -24.28 -68.94 -13.39
CA THR F 353 -24.73 -70.08 -14.19
C THR F 353 -25.27 -71.19 -13.26
N VAL F 354 -24.49 -71.61 -12.24
CA VAL F 354 -24.93 -72.67 -11.32
C VAL F 354 -26.12 -72.24 -10.46
N MET F 355 -26.19 -70.96 -10.07
CA MET F 355 -27.31 -70.47 -9.27
C MET F 355 -28.58 -70.50 -10.13
N LEU F 356 -28.51 -70.04 -11.39
CA LEU F 356 -29.68 -70.05 -12.26
C LEU F 356 -30.08 -71.49 -12.61
N ALA F 357 -29.12 -72.40 -12.83
CA ALA F 357 -29.44 -73.79 -13.18
C ALA F 357 -30.13 -74.55 -12.04
N ALA F 358 -29.63 -74.41 -10.80
CA ALA F 358 -30.23 -75.06 -9.65
C ALA F 358 -31.60 -74.45 -9.35
N GLY F 359 -31.70 -73.12 -9.45
CA GLY F 359 -32.96 -72.42 -9.22
C GLY F 359 -34.02 -72.79 -10.24
N LEU F 360 -33.65 -72.87 -11.53
CA LEU F 360 -34.59 -73.28 -12.59
C LEU F 360 -34.95 -74.75 -12.48
N ASP F 361 -34.07 -75.61 -11.92
CA ASP F 361 -34.39 -77.02 -11.69
C ASP F 361 -35.61 -77.13 -10.74
N GLY F 362 -35.68 -76.25 -9.75
CA GLY F 362 -36.80 -76.21 -8.82
C GLY F 362 -38.07 -75.69 -9.45
N VAL F 363 -37.98 -74.71 -10.37
CA VAL F 363 -39.13 -74.13 -11.07
C VAL F 363 -39.70 -75.14 -12.07
N LYS F 364 -38.84 -75.81 -12.85
CA LYS F 364 -39.26 -76.80 -13.84
C LYS F 364 -39.98 -77.98 -13.18
N ASN F 365 -39.39 -78.54 -12.11
CA ASN F 365 -39.98 -79.68 -11.40
C ASN F 365 -41.03 -79.27 -10.34
N LYS F 366 -41.17 -77.96 -10.03
CA LYS F 366 -42.11 -77.45 -9.03
C LYS F 366 -41.83 -78.10 -7.67
N LEU F 367 -40.58 -77.97 -7.20
CA LEU F 367 -40.14 -78.54 -5.93
C LEU F 367 -40.67 -77.76 -4.73
N ASP F 368 -40.98 -78.47 -3.65
CA ASP F 368 -41.54 -77.87 -2.43
C ASP F 368 -40.42 -77.37 -1.51
N ALA F 369 -40.46 -76.08 -1.16
CA ALA F 369 -39.46 -75.47 -0.28
C ALA F 369 -39.81 -75.75 1.18
N PRO F 370 -38.80 -75.82 2.08
CA PRO F 370 -39.10 -76.01 3.51
C PRO F 370 -39.61 -74.73 4.18
N GLU F 371 -40.07 -74.84 5.43
CA GLU F 371 -40.57 -73.68 6.17
C GLU F 371 -39.44 -72.73 6.54
N PRO F 372 -39.70 -71.42 6.64
CA PRO F 372 -38.61 -70.48 6.99
C PRO F 372 -38.22 -70.56 8.45
N VAL F 373 -36.90 -70.62 8.73
CA VAL F 373 -36.39 -70.71 10.09
C VAL F 373 -36.18 -69.30 10.63
N GLU F 374 -37.25 -68.68 11.13
CA GLU F 374 -37.20 -67.31 11.68
C GLU F 374 -36.28 -67.22 12.90
N ARG F 375 -36.08 -68.33 13.65
CA ARG F 375 -35.20 -68.37 14.81
C ARG F 375 -33.73 -68.22 14.39
N ASN F 376 -32.86 -67.80 15.34
CA ASN F 376 -31.43 -67.71 15.07
C ASN F 376 -30.92 -69.14 15.04
N ILE F 377 -30.27 -69.54 13.94
CA ILE F 377 -29.80 -70.91 13.77
C ILE F 377 -28.47 -71.17 14.50
N PHE F 378 -27.67 -70.12 14.77
CA PHE F 378 -26.40 -70.28 15.48
C PHE F 378 -26.64 -70.69 16.93
N ALA F 379 -27.69 -70.14 17.57
CA ALA F 379 -28.05 -70.48 18.95
C ALA F 379 -28.57 -71.92 19.10
N MET F 380 -28.98 -72.58 18.00
CA MET F 380 -29.51 -73.94 18.04
C MET F 380 -28.39 -74.96 18.23
N SER F 381 -28.72 -76.10 18.88
CA SER F 381 -27.78 -77.20 19.08
C SER F 381 -27.80 -78.14 17.88
N GLU F 382 -26.72 -78.92 17.69
CA GLU F 382 -26.64 -79.86 16.56
C GLU F 382 -27.74 -80.94 16.58
N ALA F 383 -28.18 -81.37 17.76
CA ALA F 383 -29.26 -82.35 17.87
C ALA F 383 -30.61 -81.73 17.45
N GLU F 384 -30.82 -80.44 17.77
CA GLU F 384 -32.05 -79.73 17.41
C GLU F 384 -32.08 -79.47 15.90
N LYS F 385 -30.95 -79.03 15.32
CA LYS F 385 -30.85 -78.78 13.88
C LYS F 385 -31.02 -80.07 13.06
N LYS F 386 -30.61 -81.23 13.62
CA LYS F 386 -30.74 -82.52 12.95
C LYS F 386 -32.21 -82.96 12.92
N GLU F 387 -32.98 -82.65 13.99
CA GLU F 387 -34.40 -82.99 14.05
C GLU F 387 -35.18 -82.18 13.00
N LEU F 388 -34.90 -80.86 12.90
CA LEU F 388 -35.54 -79.98 11.92
C LEU F 388 -35.14 -80.34 10.47
N GLY F 389 -33.94 -80.87 10.28
CA GLY F 389 -33.42 -81.26 8.97
C GLY F 389 -32.59 -80.17 8.31
N ILE F 390 -31.94 -79.32 9.11
CA ILE F 390 -31.12 -78.23 8.61
C ILE F 390 -29.69 -78.74 8.39
N GLU F 391 -29.40 -79.23 7.17
CA GLU F 391 -28.07 -79.74 6.83
C GLU F 391 -27.06 -78.58 6.66
N SER F 392 -25.76 -78.88 6.72
CA SER F 392 -24.72 -77.85 6.58
C SER F 392 -23.90 -78.03 5.29
N VAL F 393 -23.37 -76.91 4.76
CA VAL F 393 -22.54 -76.93 3.53
C VAL F 393 -21.19 -77.61 3.82
N PRO F 394 -20.53 -78.24 2.82
CA PRO F 394 -19.24 -78.91 3.09
C PRO F 394 -18.22 -78.10 3.90
N ALA F 395 -17.42 -78.81 4.72
CA ALA F 395 -16.42 -78.21 5.58
C ALA F 395 -15.11 -77.82 4.88
N ASN F 396 -14.84 -78.34 3.68
CA ASN F 396 -13.59 -78.02 2.96
C ASN F 396 -13.77 -78.05 1.43
N LEU F 397 -12.74 -77.63 0.69
CA LEU F 397 -12.79 -77.57 -0.78
C LEU F 397 -13.01 -78.94 -1.41
N LYS F 398 -12.24 -79.96 -0.99
CA LYS F 398 -12.37 -81.31 -1.54
C LYS F 398 -13.75 -81.89 -1.27
N ALA F 399 -14.34 -81.60 -0.10
CA ALA F 399 -15.68 -82.09 0.22
C ALA F 399 -16.72 -81.49 -0.73
N ALA F 400 -16.53 -80.23 -1.16
CA ALA F 400 -17.44 -79.57 -2.10
C ALA F 400 -17.21 -80.05 -3.54
N LEU F 401 -15.96 -80.35 -3.93
CA LEU F 401 -15.66 -80.83 -5.28
C LEU F 401 -16.31 -82.19 -5.53
N ASP F 402 -16.33 -83.08 -4.52
CA ASP F 402 -16.97 -84.39 -4.65
C ASP F 402 -18.48 -84.24 -4.84
N GLU F 403 -19.09 -83.25 -4.17
CA GLU F 403 -20.53 -82.97 -4.30
C GLU F 403 -20.82 -82.43 -5.71
N LEU F 404 -19.95 -81.55 -6.24
CA LEU F 404 -20.10 -81.00 -7.58
C LEU F 404 -19.96 -82.09 -8.63
N GLU F 405 -18.99 -83.01 -8.43
CA GLU F 405 -18.74 -84.10 -9.35
C GLU F 405 -19.97 -85.02 -9.51
N ASN F 406 -20.64 -85.37 -8.40
CA ASN F 406 -21.83 -86.21 -8.42
C ASN F 406 -23.12 -85.47 -8.84
N ASN F 407 -23.07 -84.13 -8.96
CA ASN F 407 -24.24 -83.33 -9.36
C ASN F 407 -24.33 -83.25 -10.88
N ASP F 408 -25.44 -83.75 -11.46
CA ASP F 408 -25.66 -83.74 -12.91
C ASP F 408 -26.27 -82.42 -13.41
N VAL F 409 -26.99 -81.68 -12.54
CA VAL F 409 -27.63 -80.42 -12.93
C VAL F 409 -26.57 -79.37 -13.26
N LEU F 410 -25.56 -79.23 -12.38
CA LEU F 410 -24.48 -78.27 -12.59
C LEU F 410 -23.48 -78.73 -13.66
N LYS F 411 -23.32 -80.05 -13.85
CA LYS F 411 -22.42 -80.60 -14.87
C LYS F 411 -22.89 -80.18 -16.26
N ASN F 412 -24.22 -80.28 -16.51
CA ASN F 412 -24.82 -79.91 -17.78
C ASN F 412 -24.78 -78.39 -18.03
N ALA F 413 -25.02 -77.59 -16.99
CA ALA F 413 -25.01 -76.13 -17.11
C ALA F 413 -23.61 -75.59 -17.43
N LEU F 414 -22.57 -76.13 -16.78
CA LEU F 414 -21.19 -75.71 -17.01
C LEU F 414 -20.60 -76.33 -18.29
N GLY F 415 -21.03 -77.53 -18.65
CA GLY F 415 -20.53 -78.23 -19.82
C GLY F 415 -19.35 -79.10 -19.48
N LYS F 416 -19.13 -80.17 -20.26
CA LYS F 416 -18.03 -81.12 -20.03
C LYS F 416 -16.66 -80.44 -19.91
N HIS F 417 -16.40 -79.40 -20.70
CA HIS F 417 -15.10 -78.72 -20.67
C HIS F 417 -14.86 -77.96 -19.37
N ILE F 418 -15.82 -77.14 -18.93
CA ILE F 418 -15.66 -76.34 -17.71
C ILE F 418 -15.73 -77.24 -16.48
N PHE F 419 -16.71 -78.15 -16.43
CA PHE F 419 -16.89 -79.06 -15.30
C PHE F 419 -15.64 -79.91 -15.03
N GLU F 420 -15.08 -80.57 -16.05
CA GLU F 420 -13.89 -81.42 -15.85
C GLU F 420 -12.62 -80.61 -15.57
N SER F 421 -12.39 -79.50 -16.30
CA SER F 421 -11.18 -78.69 -16.07
C SER F 421 -11.20 -78.03 -14.70
N PHE F 422 -12.37 -77.56 -14.25
CA PHE F 422 -12.48 -76.95 -12.92
C PHE F 422 -12.13 -77.97 -11.83
N LEU F 423 -12.71 -79.17 -11.89
CA LEU F 423 -12.43 -80.21 -10.91
C LEU F 423 -10.95 -80.59 -10.92
N GLU F 424 -10.35 -80.72 -12.12
CA GLU F 424 -8.93 -81.09 -12.26
C GLU F 424 -8.01 -80.02 -11.67
N ILE F 425 -8.30 -78.73 -11.94
CA ILE F 425 -7.49 -77.62 -11.43
C ILE F 425 -7.64 -77.50 -9.91
N LYS F 426 -8.86 -77.59 -9.40
CA LYS F 426 -9.11 -77.49 -7.97
C LYS F 426 -8.61 -78.69 -7.17
N ASN F 427 -8.55 -79.91 -7.78
CA ASN F 427 -8.02 -81.07 -7.08
C ASN F 427 -6.50 -80.95 -6.94
N ALA F 428 -5.81 -80.41 -7.95
CA ALA F 428 -4.37 -80.16 -7.85
C ALA F 428 -4.07 -79.08 -6.81
N GLU F 429 -4.96 -78.07 -6.70
CA GLU F 429 -4.88 -76.99 -5.73
C GLU F 429 -5.08 -77.54 -4.31
N TRP F 430 -6.05 -78.46 -4.15
CA TRP F 430 -6.32 -79.11 -2.86
C TRP F 430 -5.16 -80.02 -2.46
N ASP F 431 -4.61 -80.79 -3.42
CA ASP F 431 -3.48 -81.66 -3.14
C ASP F 431 -2.26 -80.88 -2.68
N SER F 432 -2.04 -79.68 -3.24
CA SER F 432 -0.94 -78.82 -2.84
C SER F 432 -1.11 -78.36 -1.37
N PHE F 433 -2.36 -78.11 -0.96
CA PHE F 433 -2.68 -77.68 0.41
C PHE F 433 -2.50 -78.81 1.43
N ARG F 434 -3.07 -80.00 1.17
CA ARG F 434 -2.99 -81.12 2.11
C ARG F 434 -1.58 -81.71 2.28
N THR F 435 -0.67 -81.48 1.33
CA THR F 435 0.71 -81.99 1.42
C THR F 435 1.64 -80.96 2.09
N SER F 436 1.35 -79.66 1.97
CA SER F 436 2.20 -78.62 2.55
C SER F 436 2.16 -78.60 4.08
N VAL F 437 3.32 -78.36 4.71
CA VAL F 437 3.43 -78.26 6.17
C VAL F 437 3.10 -76.81 6.53
N THR F 438 1.97 -76.59 7.21
CA THR F 438 1.49 -75.27 7.57
C THR F 438 2.15 -74.70 8.84
N ASP F 439 2.04 -73.37 9.02
CA ASP F 439 2.55 -72.68 10.20
C ASP F 439 1.83 -73.12 11.48
N TRP F 440 0.54 -73.49 11.38
CA TRP F 440 -0.23 -73.96 12.52
C TRP F 440 0.39 -75.26 13.06
N GLU F 441 0.70 -76.20 12.14
CA GLU F 441 1.31 -77.48 12.50
C GLU F 441 2.67 -77.27 13.15
N THR F 442 3.49 -76.37 12.61
CA THR F 442 4.81 -76.09 13.18
C THR F 442 4.68 -75.52 14.59
N THR F 443 3.70 -74.64 14.81
CA THR F 443 3.48 -74.07 16.14
C THR F 443 3.00 -75.13 17.13
N ALA F 444 2.07 -75.99 16.72
CA ALA F 444 1.49 -77.01 17.58
C ALA F 444 2.32 -78.28 17.82
N TYR F 445 3.14 -78.71 16.84
CA TYR F 445 3.85 -79.99 16.95
C TYR F 445 5.38 -79.94 16.97
N LEU F 446 6.04 -78.78 16.76
CA LEU F 446 7.50 -78.75 16.82
C LEU F 446 8.02 -79.07 18.23
N LYS F 447 7.24 -78.69 19.27
CA LYS F 447 7.59 -78.95 20.66
C LYS F 447 7.58 -80.44 21.03
N ILE F 448 6.79 -81.28 20.32
CA ILE F 448 6.69 -82.71 20.64
C ILE F 448 7.93 -83.50 20.18
N SER G 2 26.60 12.75 0.26
CA SER G 2 27.41 13.83 0.84
C SER G 2 26.55 14.86 1.58
N THR G 3 25.38 15.24 1.02
CA THR G 3 24.46 16.23 1.63
C THR G 3 23.30 15.50 2.34
N VAL G 4 22.68 16.18 3.33
CA VAL G 4 21.57 15.59 4.09
C VAL G 4 20.39 15.24 3.18
N GLU G 5 20.00 16.19 2.32
CA GLU G 5 18.87 15.99 1.42
C GLU G 5 19.10 14.88 0.40
N GLN G 6 20.34 14.71 -0.09
CA GLN G 6 20.62 13.62 -1.04
C GLN G 6 20.45 12.25 -0.38
N VAL G 7 20.66 12.14 0.94
CA VAL G 7 20.45 10.88 1.67
C VAL G 7 18.96 10.68 1.91
N LEU G 8 18.24 11.73 2.36
CA LEU G 8 16.80 11.63 2.65
C LEU G 8 15.94 11.32 1.42
N GLU G 9 16.28 11.90 0.26
CA GLU G 9 15.53 11.65 -0.97
C GLU G 9 15.81 10.24 -1.53
N TYR G 10 16.99 9.63 -1.24
CA TYR G 10 17.26 8.24 -1.64
C TYR G 10 16.34 7.34 -0.80
N VAL G 11 16.27 7.60 0.51
CA VAL G 11 15.42 6.87 1.45
C VAL G 11 13.94 6.94 1.04
N LYS G 12 13.47 8.11 0.56
CA LYS G 12 12.08 8.29 0.14
C LYS G 12 11.75 7.44 -1.11
N SER G 13 12.52 7.61 -2.20
CA SER G 13 12.25 6.92 -3.46
C SER G 13 12.61 5.42 -3.48
N ASN G 14 13.82 5.06 -3.00
CA ASN G 14 14.28 3.68 -3.03
C ASN G 14 13.74 2.78 -1.89
N ASN G 15 12.80 3.27 -1.08
CA ASN G 15 12.18 2.48 -0.01
C ASN G 15 13.20 1.86 0.96
N VAL G 16 14.06 2.70 1.54
CA VAL G 16 15.05 2.22 2.52
C VAL G 16 14.34 2.15 3.87
N LYS G 17 14.46 1.01 4.58
CA LYS G 17 13.79 0.81 5.86
C LYS G 17 14.73 0.83 7.06
N PHE G 18 16.02 0.47 6.90
CA PHE G 18 16.96 0.46 8.01
C PHE G 18 18.22 1.25 7.69
N MET G 19 18.77 1.95 8.70
CA MET G 19 20.00 2.73 8.57
C MET G 19 21.01 2.21 9.61
N ARG G 20 22.09 1.58 9.15
CA ARG G 20 23.14 1.04 10.01
C ARG G 20 24.16 2.13 10.28
N PHE G 21 24.40 2.44 11.56
CA PHE G 21 25.39 3.45 11.93
C PHE G 21 26.66 2.68 12.25
N GLN G 22 27.52 2.51 11.24
CA GLN G 22 28.74 1.70 11.34
C GLN G 22 29.96 2.48 11.78
N PHE G 23 30.88 1.78 12.46
CA PHE G 23 32.16 2.30 12.94
C PHE G 23 33.12 1.11 13.22
N VAL G 24 34.33 1.33 13.77
CA VAL G 24 35.28 0.25 14.05
C VAL G 24 35.87 0.35 15.43
N ASP G 25 36.14 -0.80 16.08
CA ASP G 25 36.80 -0.80 17.39
C ASP G 25 38.34 -0.62 17.18
N ILE G 26 39.14 -0.62 18.26
CA ILE G 26 40.58 -0.43 18.14
C ILE G 26 41.25 -1.48 17.23
N LEU G 27 40.81 -2.74 17.28
CA LEU G 27 41.38 -3.81 16.45
C LEU G 27 40.90 -3.82 14.99
N GLY G 28 40.01 -2.91 14.61
CA GLY G 28 39.48 -2.84 13.25
C GLY G 28 38.25 -3.69 13.00
N VAL G 29 37.61 -4.22 14.07
CA VAL G 29 36.40 -5.03 13.93
C VAL G 29 35.24 -4.06 13.73
N PRO G 30 34.42 -4.21 12.67
CA PRO G 30 33.30 -3.27 12.50
C PRO G 30 32.19 -3.50 13.52
N LYS G 31 31.54 -2.40 13.95
CA LYS G 31 30.46 -2.39 14.93
C LYS G 31 29.36 -1.46 14.40
N ASN G 32 28.08 -1.79 14.61
CA ASN G 32 26.98 -0.95 14.11
C ASN G 32 25.66 -1.14 14.87
N VAL G 33 24.73 -0.18 14.72
CA VAL G 33 23.40 -0.21 15.32
C VAL G 33 22.39 0.16 14.23
N ALA G 34 21.30 -0.61 14.12
CA ALA G 34 20.29 -0.36 13.10
C ALA G 34 19.19 0.58 13.62
N PHE G 35 18.79 1.55 12.79
CA PHE G 35 17.75 2.51 13.11
C PHE G 35 16.62 2.31 12.11
N PRO G 36 15.39 1.96 12.55
CA PRO G 36 14.30 1.80 11.58
C PRO G 36 13.70 3.14 11.16
N ILE G 37 13.61 3.36 9.84
CA ILE G 37 13.05 4.58 9.28
C ILE G 37 11.55 4.40 9.19
N LYS G 38 10.79 5.39 9.65
CA LYS G 38 9.33 5.33 9.58
C LYS G 38 8.83 5.91 8.24
N ALA G 39 7.62 5.54 7.83
CA ALA G 39 7.03 6.02 6.57
C ALA G 39 6.55 7.47 6.69
N GLY G 40 6.42 8.14 5.55
CA GLY G 40 5.95 9.52 5.49
C GLY G 40 6.96 10.55 5.93
N GLU G 41 6.52 11.83 5.95
CA GLU G 41 7.38 12.96 6.34
C GLU G 41 7.85 12.86 7.79
N LYS G 42 7.03 12.29 8.69
CA LYS G 42 7.41 12.14 10.10
C LYS G 42 8.64 11.24 10.28
N GLY G 43 8.73 10.19 9.46
CA GLY G 43 9.88 9.29 9.49
C GLY G 43 11.13 9.92 8.91
N ILE G 44 10.96 10.73 7.86
CA ILE G 44 12.07 11.44 7.22
C ILE G 44 12.62 12.55 8.13
N GLU G 45 11.74 13.27 8.85
CA GLU G 45 12.18 14.31 9.78
C GLU G 45 12.84 13.69 11.02
N GLU G 46 12.44 12.46 11.42
CA GLU G 46 13.07 11.77 12.54
C GLU G 46 14.48 11.36 12.09
N LEU G 47 14.62 10.80 10.86
CA LEU G 47 15.90 10.39 10.31
C LEU G 47 16.83 11.58 10.13
N ARG G 48 16.30 12.75 9.74
CA ARG G 48 17.11 13.96 9.56
C ARG G 48 17.77 14.36 10.87
N ASP G 49 17.03 14.27 11.99
CA ASP G 49 17.57 14.62 13.29
C ASP G 49 18.69 13.64 13.69
N VAL G 50 18.48 12.34 13.45
CA VAL G 50 19.47 11.32 13.80
C VAL G 50 20.70 11.40 12.87
N LEU G 51 20.53 11.81 11.60
CA LEU G 51 21.67 11.95 10.69
C LEU G 51 22.52 13.16 11.03
N GLU G 52 21.90 14.29 11.39
CA GLU G 52 22.61 15.53 11.73
C GLU G 52 23.23 15.49 13.14
N ASN G 53 22.43 15.17 14.18
CA ASN G 53 22.89 15.15 15.57
C ASN G 53 23.54 13.82 16.01
N GLY G 54 23.34 12.74 15.25
CA GLY G 54 23.91 11.44 15.59
C GLY G 54 23.10 10.71 16.65
N LEU G 55 23.69 9.66 17.25
CA LEU G 55 23.03 8.88 18.29
C LEU G 55 24.02 8.35 19.33
N TYR G 56 23.52 8.06 20.54
CA TYR G 56 24.33 7.60 21.67
C TYR G 56 24.55 6.09 21.67
N PHE G 57 25.58 5.63 22.40
CA PHE G 57 25.91 4.20 22.52
C PHE G 57 26.84 3.96 23.71
N ASP G 58 26.83 2.72 24.24
CA ASP G 58 27.68 2.33 25.35
C ASP G 58 29.12 2.11 24.85
N GLY G 59 30.03 2.99 25.24
CA GLY G 59 31.43 2.91 24.83
C GLY G 59 32.26 1.90 25.61
N SER G 60 31.83 1.52 26.82
CA SER G 60 32.58 0.55 27.64
C SER G 60 32.59 -0.85 27.03
N SER G 61 31.52 -1.22 26.32
CA SER G 61 31.43 -2.52 25.68
C SER G 61 32.31 -2.63 24.43
N ILE G 62 32.62 -1.49 23.77
CA ILE G 62 33.48 -1.49 22.57
C ILE G 62 34.95 -1.62 23.03
N GLU G 63 35.75 -2.39 22.28
CA GLU G 63 37.16 -2.62 22.65
C GLU G 63 38.05 -1.40 22.43
N GLY G 64 38.84 -1.08 23.45
CA GLY G 64 39.79 0.04 23.42
C GLY G 64 39.16 1.41 23.31
N PHE G 65 37.98 1.60 23.93
CA PHE G 65 37.28 2.88 23.89
C PHE G 65 37.31 3.57 25.28
N VAL G 66 36.28 3.42 26.13
CA VAL G 66 36.23 4.11 27.43
C VAL G 66 35.85 3.17 28.58
N GLY G 67 36.08 3.62 29.81
CA GLY G 67 35.73 2.84 31.00
C GLY G 67 34.24 2.85 31.28
N ILE G 68 33.81 2.04 32.24
CA ILE G 68 32.39 1.95 32.61
C ILE G 68 31.90 3.24 33.30
N ASN G 69 32.77 3.91 34.07
CA ASN G 69 32.41 5.15 34.77
C ASN G 69 32.26 6.39 33.85
N GLU G 70 32.61 6.29 32.56
CA GLU G 70 32.52 7.40 31.59
C GLU G 70 32.15 6.79 30.23
N SER G 71 31.12 5.93 30.21
CA SER G 71 30.71 5.17 29.02
C SER G 71 29.88 5.91 27.96
N ASP G 72 29.17 7.00 28.31
CA ASP G 72 28.31 7.72 27.35
C ASP G 72 29.10 8.35 26.18
N MET G 73 28.84 7.89 24.95
CA MET G 73 29.50 8.36 23.72
C MET G 73 28.46 8.61 22.58
N MET G 74 28.92 9.16 21.42
CA MET G 74 28.05 9.47 20.27
C MET G 74 28.70 9.08 18.94
N LEU G 75 27.88 8.97 17.87
CA LEU G 75 28.32 8.65 16.51
C LEU G 75 27.84 9.74 15.55
N LYS G 76 28.77 10.52 14.97
CA LYS G 76 28.43 11.57 14.01
C LYS G 76 28.61 11.03 12.59
N PRO G 77 27.50 10.73 11.87
CA PRO G 77 27.64 10.12 10.54
C PRO G 77 28.31 10.95 9.45
N ASP G 78 29.24 10.33 8.69
CA ASP G 78 29.88 10.98 7.55
C ASP G 78 28.96 10.65 6.38
N LEU G 79 28.20 11.63 5.90
CA LEU G 79 27.22 11.42 4.85
C LEU G 79 27.82 11.08 3.48
N SER G 80 29.11 11.39 3.26
CA SER G 80 29.78 11.04 2.02
C SER G 80 30.07 9.52 1.88
N THR G 81 29.74 8.70 2.91
CA THR G 81 29.97 7.24 2.90
C THR G 81 28.67 6.43 2.85
N PHE G 82 27.56 7.03 2.39
CA PHE G 82 26.27 6.33 2.32
C PHE G 82 26.34 5.22 1.26
N SER G 83 25.70 4.08 1.53
CA SER G 83 25.72 2.94 0.59
C SER G 83 24.60 1.95 0.93
N VAL G 84 24.14 1.20 -0.08
CA VAL G 84 23.11 0.18 0.10
C VAL G 84 23.77 -1.18 0.22
N LEU G 85 23.49 -1.92 1.29
CA LEU G 85 24.06 -3.25 1.48
C LEU G 85 23.37 -4.20 0.49
N PRO G 86 24.08 -4.76 -0.51
CA PRO G 86 23.41 -5.61 -1.50
C PRO G 86 23.00 -6.99 -0.99
N TRP G 87 23.79 -7.60 -0.07
CA TRP G 87 23.46 -8.92 0.47
C TRP G 87 22.11 -8.95 1.24
N ARG G 88 21.59 -7.77 1.65
CA ARG G 88 20.30 -7.65 2.33
C ARG G 88 19.14 -7.52 1.29
N PRO G 89 17.84 -7.61 1.70
CA PRO G 89 16.77 -7.53 0.70
C PRO G 89 16.67 -6.22 -0.07
N SER G 90 16.12 -6.26 -1.28
CA SER G 90 15.94 -5.10 -2.14
C SER G 90 14.68 -4.32 -1.74
N GLU G 91 13.56 -5.03 -1.50
CA GLU G 91 12.32 -4.40 -1.07
C GLU G 91 12.48 -4.11 0.43
N LYS G 92 12.29 -2.85 0.86
CA LYS G 92 12.51 -2.41 2.24
C LYS G 92 14.01 -2.60 2.55
N SER G 93 14.85 -2.06 1.65
CA SER G 93 16.30 -2.21 1.66
C SER G 93 16.98 -1.68 2.91
N VAL G 94 18.19 -2.20 3.19
CA VAL G 94 19.00 -1.77 4.31
C VAL G 94 20.15 -0.92 3.77
N ALA G 95 20.48 0.17 4.48
CA ALA G 95 21.54 1.10 4.08
C ALA G 95 22.53 1.35 5.23
N ARG G 96 23.73 1.85 4.92
CA ARG G 96 24.76 2.13 5.93
C ARG G 96 25.32 3.53 5.80
N VAL G 97 25.88 4.05 6.91
CA VAL G 97 26.53 5.36 6.93
C VAL G 97 27.67 5.30 7.97
N ILE G 98 28.93 5.23 7.50
CA ILE G 98 30.07 5.13 8.42
C ILE G 98 30.20 6.43 9.21
N CYS G 99 30.42 6.32 10.53
CA CYS G 99 30.45 7.44 11.46
C CYS G 99 31.79 7.65 12.14
N ASP G 100 31.95 8.85 12.73
CA ASP G 100 33.11 9.24 13.53
C ASP G 100 32.64 9.21 14.99
N VAL G 101 33.39 8.52 15.87
CA VAL G 101 33.04 8.42 17.28
C VAL G 101 33.39 9.76 17.95
N TYR G 102 32.41 10.34 18.67
CA TYR G 102 32.55 11.63 19.35
C TYR G 102 32.20 11.49 20.83
N THR G 103 32.80 12.34 21.67
CA THR G 103 32.55 12.35 23.11
C THR G 103 31.21 13.03 23.41
N THR G 104 30.71 12.89 24.65
CA THR G 104 29.45 13.48 25.09
C THR G 104 29.41 14.99 24.85
N LYS G 105 30.55 15.68 24.99
CA LYS G 105 30.65 17.13 24.76
C LYS G 105 30.71 17.53 23.26
N GLY G 106 30.49 16.58 22.34
CA GLY G 106 30.51 16.84 20.90
C GLY G 106 31.87 17.12 20.32
N LYS G 107 32.93 16.54 20.92
CA LYS G 107 34.32 16.69 20.47
C LYS G 107 34.81 15.33 19.91
N PRO G 108 35.58 15.26 18.79
CA PRO G 108 36.00 13.94 18.28
C PRO G 108 36.73 13.10 19.31
N PHE G 109 36.37 11.80 19.42
CA PHE G 109 36.98 10.90 20.40
C PHE G 109 38.43 10.60 20.04
N GLU G 110 39.34 10.82 21.00
CA GLU G 110 40.77 10.57 20.84
C GLU G 110 41.11 9.12 20.45
N GLY G 111 40.40 8.17 21.05
CA GLY G 111 40.62 6.75 20.79
C GLY G 111 39.85 6.19 19.59
N ASP G 112 39.48 7.04 18.63
CA ASP G 112 38.73 6.62 17.45
C ASP G 112 39.71 6.34 16.29
N PRO G 113 39.78 5.11 15.72
CA PRO G 113 40.71 4.87 14.59
C PRO G 113 40.42 5.71 13.35
N ARG G 114 39.14 5.96 13.03
CA ARG G 114 38.78 6.75 11.85
C ARG G 114 39.18 8.21 12.00
N GLY G 115 38.93 8.79 13.18
CA GLY G 115 39.32 10.16 13.50
C GLY G 115 40.82 10.33 13.54
N CYS G 116 41.56 9.27 13.91
CA CYS G 116 43.02 9.25 13.94
C CYS G 116 43.57 9.43 12.52
N LEU G 117 42.96 8.74 11.54
CA LEU G 117 43.39 8.85 10.14
C LEU G 117 42.97 10.21 9.56
N LYS G 118 41.78 10.72 9.92
CA LYS G 118 41.33 12.03 9.45
C LYS G 118 42.29 13.12 9.95
N ARG G 119 42.68 13.06 11.23
CA ARG G 119 43.57 14.03 11.86
C ARG G 119 44.91 14.13 11.11
N VAL G 120 45.60 13.01 10.87
CA VAL G 120 46.89 13.03 10.18
C VAL G 120 46.75 13.44 8.71
N MET G 121 45.63 13.13 8.04
CA MET G 121 45.42 13.54 6.65
C MET G 121 45.15 15.04 6.56
N GLU G 122 44.39 15.60 7.51
CA GLU G 122 44.13 17.04 7.54
C GLU G 122 45.42 17.81 7.85
N GLU G 123 46.27 17.26 8.74
CA GLU G 123 47.56 17.85 9.08
C GLU G 123 48.49 17.85 7.86
N PHE G 124 48.48 16.76 7.07
CA PHE G 124 49.29 16.64 5.87
C PHE G 124 48.80 17.63 4.80
N LYS G 125 47.48 17.74 4.61
CA LYS G 125 46.90 18.67 3.64
C LYS G 125 47.14 20.13 4.05
N LYS G 126 47.23 20.43 5.35
CA LYS G 126 47.48 21.79 5.81
C LYS G 126 48.96 22.18 5.65
N GLU G 127 49.87 21.27 5.99
CA GLU G 127 51.31 21.54 5.94
C GLU G 127 51.94 21.47 4.54
N PHE G 128 51.59 20.44 3.74
CA PHE G 128 52.18 20.22 2.42
C PHE G 128 51.20 20.37 1.24
N ASN G 129 49.89 20.47 1.49
CA ASN G 129 48.87 20.52 0.42
C ASN G 129 48.90 19.20 -0.38
N GLY G 130 49.00 18.08 0.34
CA GLY G 130 49.09 16.76 -0.26
C GLY G 130 47.85 15.91 -0.09
N GLU G 131 47.82 14.80 -0.82
CA GLU G 131 46.73 13.82 -0.82
C GLU G 131 47.38 12.43 -0.76
N TYR G 132 47.15 11.68 0.32
CA TYR G 132 47.74 10.35 0.49
C TYR G 132 46.85 9.28 -0.14
N PHE G 133 47.33 8.65 -1.24
CA PHE G 133 46.57 7.63 -1.96
C PHE G 133 47.06 6.23 -1.63
N VAL G 134 46.12 5.27 -1.40
CA VAL G 134 46.42 3.87 -1.08
C VAL G 134 45.54 2.95 -1.92
N GLY G 135 46.10 1.81 -2.32
CA GLY G 135 45.43 0.78 -3.11
C GLY G 135 45.87 -0.59 -2.63
N PRO G 136 45.12 -1.23 -1.72
CA PRO G 136 45.55 -2.53 -1.19
C PRO G 136 45.08 -3.73 -2.01
N GLU G 137 45.70 -4.89 -1.73
CA GLU G 137 45.41 -6.17 -2.38
C GLU G 137 45.10 -7.18 -1.25
N PRO G 138 43.93 -7.07 -0.59
CA PRO G 138 43.62 -8.00 0.51
C PRO G 138 43.20 -9.38 0.04
N GLU G 139 44.07 -10.38 0.29
CA GLU G 139 43.83 -11.78 -0.08
C GLU G 139 43.03 -12.48 1.02
N PHE G 140 42.28 -13.53 0.65
CA PHE G 140 41.46 -14.29 1.60
C PHE G 140 41.36 -15.76 1.20
N PHE G 141 40.89 -16.62 2.12
CA PHE G 141 40.72 -18.04 1.90
C PHE G 141 39.26 -18.42 1.99
N LEU G 142 38.76 -19.24 1.05
CA LEU G 142 37.40 -19.77 1.09
C LEU G 142 37.53 -21.17 1.67
N LEU G 143 36.80 -21.46 2.75
CA LEU G 143 36.90 -22.74 3.44
C LEU G 143 35.62 -23.55 3.41
N LYS G 144 35.75 -24.87 3.60
CA LYS G 144 34.66 -25.83 3.69
C LYS G 144 34.99 -26.81 4.83
N LYS G 145 33.97 -27.39 5.47
CA LYS G 145 34.21 -28.33 6.58
C LYS G 145 34.96 -29.57 6.09
N ASP G 146 35.88 -30.08 6.92
CA ASP G 146 36.67 -31.26 6.60
C ASP G 146 35.72 -32.46 6.59
N PRO G 147 35.66 -33.27 5.50
CA PRO G 147 34.74 -34.42 5.50
C PRO G 147 35.11 -35.46 6.56
N HIS G 148 36.42 -35.67 6.81
CA HIS G 148 36.88 -36.63 7.82
C HIS G 148 36.66 -36.15 9.27
N ASN G 149 36.42 -34.84 9.49
CA ASN G 149 36.15 -34.28 10.82
C ASN G 149 35.40 -32.93 10.68
N PRO G 150 34.08 -32.83 10.97
CA PRO G 150 33.39 -31.54 10.76
C PRO G 150 33.82 -30.39 11.67
N HIS G 151 34.53 -30.68 12.78
CA HIS G 151 35.00 -29.63 13.67
C HIS G 151 36.14 -28.78 13.07
N LYS G 152 36.89 -29.32 12.08
CA LYS G 152 37.99 -28.60 11.43
C LYS G 152 37.58 -28.11 10.04
N TYR G 153 38.28 -27.08 9.53
CA TYR G 153 38.05 -26.49 8.21
C TYR G 153 39.25 -26.71 7.30
N ILE G 154 39.00 -26.81 5.98
CA ILE G 154 40.03 -27.00 4.96
C ILE G 154 39.77 -26.05 3.76
N PRO G 155 40.71 -25.91 2.80
CA PRO G 155 40.46 -25.02 1.65
C PRO G 155 39.36 -25.55 0.74
N ALA G 156 38.62 -24.64 0.08
CA ALA G 156 37.51 -25.00 -0.79
C ALA G 156 37.92 -25.77 -2.06
N ASP G 157 39.14 -25.56 -2.58
CA ASP G 157 39.59 -26.24 -3.79
C ASP G 157 41.10 -26.41 -3.86
N ASP G 158 41.59 -27.35 -4.67
CA ASP G 158 43.01 -27.60 -4.87
C ASP G 158 43.52 -26.78 -6.06
N GLY G 159 43.14 -25.50 -6.09
CA GLY G 159 43.51 -24.59 -7.17
C GLY G 159 44.80 -23.83 -6.92
N GLY G 160 45.43 -23.41 -8.01
CA GLY G 160 46.68 -22.65 -7.99
C GLY G 160 46.48 -21.21 -8.42
N TYR G 161 47.57 -20.53 -8.76
CA TYR G 161 47.52 -19.13 -9.17
C TYR G 161 46.87 -18.99 -10.54
N PHE G 162 45.84 -18.11 -10.67
CA PHE G 162 45.12 -17.85 -11.92
C PHE G 162 44.48 -19.10 -12.56
N ASP G 163 44.32 -20.22 -11.83
CA ASP G 163 43.75 -21.44 -12.43
C ASP G 163 42.31 -21.26 -12.95
N LEU G 164 41.93 -22.11 -13.93
CA LEU G 164 40.59 -22.10 -14.54
C LEU G 164 39.69 -23.18 -13.94
N GLU G 165 38.38 -22.98 -14.06
CA GLU G 165 37.38 -23.97 -13.63
C GLU G 165 37.51 -25.26 -14.48
N PRO G 166 37.19 -26.46 -13.93
CA PRO G 166 36.69 -26.74 -12.59
C PRO G 166 37.76 -26.83 -11.50
N MET G 167 39.06 -26.71 -11.85
CA MET G 167 40.15 -26.73 -10.88
C MET G 167 39.96 -25.58 -9.86
N ASP G 168 39.56 -24.40 -10.36
CA ASP G 168 39.20 -23.23 -9.57
C ASP G 168 37.69 -23.33 -9.33
N GLU G 169 37.26 -23.65 -8.09
CA GLU G 169 35.84 -23.82 -7.79
C GLU G 169 35.18 -22.54 -7.24
N ALA G 170 35.80 -21.36 -7.44
CA ALA G 170 35.23 -20.11 -6.93
C ALA G 170 34.84 -19.05 -7.99
N PRO G 171 34.63 -19.35 -9.31
CA PRO G 171 34.21 -18.27 -10.22
C PRO G 171 32.84 -17.71 -9.88
N ASP G 172 31.91 -18.55 -9.40
CA ASP G 172 30.58 -18.11 -9.00
C ASP G 172 30.63 -17.28 -7.72
N ILE G 173 31.50 -17.65 -6.76
CA ILE G 173 31.63 -16.90 -5.51
C ILE G 173 32.28 -15.55 -5.80
N ARG G 174 33.34 -15.51 -6.60
CA ARG G 174 34.00 -14.25 -6.96
C ARG G 174 33.06 -13.36 -7.80
N ARG G 175 32.22 -13.96 -8.67
CA ARG G 175 31.26 -13.23 -9.50
C ARG G 175 30.33 -12.39 -8.63
N ASP G 176 29.69 -13.01 -7.63
CA ASP G 176 28.76 -12.31 -6.74
C ASP G 176 29.49 -11.28 -5.86
N ILE G 177 30.75 -11.55 -5.47
CA ILE G 177 31.55 -10.61 -4.68
C ILE G 177 31.75 -9.33 -5.49
N VAL G 178 32.16 -9.46 -6.77
CA VAL G 178 32.39 -8.30 -7.62
C VAL G 178 31.10 -7.51 -7.84
N PHE G 179 29.97 -8.19 -8.06
CA PHE G 179 28.69 -7.50 -8.25
C PHE G 179 28.31 -6.74 -6.96
N ALA G 180 28.47 -7.38 -5.79
CA ALA G 180 28.14 -6.76 -4.49
C ALA G 180 29.00 -5.53 -4.21
N LEU G 181 30.30 -5.60 -4.52
CA LEU G 181 31.21 -4.48 -4.31
C LEU G 181 30.89 -3.32 -5.27
N GLU G 182 30.63 -3.61 -6.56
CA GLU G 182 30.25 -2.57 -7.52
C GLU G 182 29.01 -1.79 -7.07
N ASN G 183 28.04 -2.48 -6.42
CA ASN G 183 26.84 -1.82 -5.90
C ASN G 183 27.17 -0.94 -4.70
N LEU G 184 28.17 -1.33 -3.88
CA LEU G 184 28.62 -0.52 -2.74
C LEU G 184 29.48 0.71 -3.13
N GLY G 185 29.75 0.90 -4.43
CA GLY G 185 30.53 2.03 -4.93
C GLY G 185 31.97 1.73 -5.23
N PHE G 186 32.39 0.45 -5.21
CA PHE G 186 33.77 0.08 -5.49
C PHE G 186 34.06 0.10 -6.98
N HIS G 187 35.31 0.41 -7.35
CA HIS G 187 35.78 0.34 -8.73
C HIS G 187 36.68 -0.88 -8.75
N VAL G 188 36.09 -2.07 -8.97
CA VAL G 188 36.84 -3.32 -8.96
C VAL G 188 37.76 -3.36 -10.19
N GLU G 189 39.03 -3.72 -9.98
CA GLU G 189 40.01 -3.77 -11.08
C GLU G 189 40.19 -5.18 -11.64
N ALA G 190 40.37 -6.19 -10.78
CA ALA G 190 40.59 -7.58 -11.22
C ALA G 190 40.26 -8.59 -10.11
N SER G 191 39.99 -9.84 -10.50
CA SER G 191 39.68 -10.92 -9.57
C SER G 191 40.23 -12.24 -10.13
N HIS G 192 40.80 -13.08 -9.26
CA HIS G 192 41.41 -14.34 -9.70
C HIS G 192 41.74 -15.27 -8.50
N HIS G 193 42.12 -16.53 -8.79
CA HIS G 193 42.55 -17.47 -7.76
C HIS G 193 44.02 -17.17 -7.43
N GLU G 194 44.41 -17.34 -6.18
CA GLU G 194 45.79 -17.07 -5.72
C GLU G 194 46.58 -18.39 -5.55
N VAL G 195 47.90 -18.27 -5.28
CA VAL G 195 48.86 -19.38 -5.17
C VAL G 195 48.36 -20.57 -4.32
N ALA G 196 47.99 -20.33 -3.05
CA ALA G 196 47.59 -21.42 -2.15
C ALA G 196 46.22 -22.01 -2.49
N PRO G 197 45.94 -23.28 -2.12
CA PRO G 197 44.61 -23.86 -2.37
C PRO G 197 43.49 -23.04 -1.72
N GLY G 198 42.39 -22.84 -2.43
CA GLY G 198 41.25 -22.10 -1.90
C GLY G 198 41.50 -20.62 -1.65
N GLN G 199 42.70 -20.10 -1.95
CA GLN G 199 43.03 -18.69 -1.75
C GLN G 199 42.57 -17.88 -2.97
N HIS G 200 42.10 -16.66 -2.74
CA HIS G 200 41.63 -15.77 -3.81
C HIS G 200 42.05 -14.32 -3.55
N GLU G 201 41.93 -13.46 -4.57
CA GLU G 201 42.30 -12.05 -4.45
C GLU G 201 41.37 -11.22 -5.33
N VAL G 202 40.70 -10.22 -4.74
CA VAL G 202 39.82 -9.31 -5.46
C VAL G 202 40.39 -7.91 -5.25
N ASP G 203 40.96 -7.33 -6.32
CA ASP G 203 41.59 -6.02 -6.28
C ASP G 203 40.59 -4.91 -6.60
N PHE G 204 40.86 -3.69 -6.11
CA PHE G 204 40.02 -2.54 -6.36
C PHE G 204 40.89 -1.27 -6.49
N LYS G 205 40.35 -0.24 -7.17
CA LYS G 205 41.09 0.97 -7.47
C LYS G 205 41.55 1.74 -6.24
N PHE G 206 42.70 2.41 -6.36
CA PHE G 206 43.24 3.22 -5.28
C PHE G 206 42.43 4.50 -5.10
N ASP G 207 42.48 5.06 -3.89
CA ASP G 207 41.79 6.31 -3.55
C ASP G 207 42.47 6.95 -2.31
N ASP G 208 41.97 8.08 -1.78
CA ASP G 208 42.56 8.69 -0.60
C ASP G 208 42.43 7.72 0.60
N ALA G 209 43.42 7.74 1.51
CA ALA G 209 43.49 6.83 2.65
C ALA G 209 42.17 6.64 3.41
N LEU G 210 41.38 7.70 3.61
CA LEU G 210 40.10 7.56 4.33
C LEU G 210 39.10 6.73 3.52
N LYS G 211 38.87 7.06 2.24
CA LYS G 211 37.95 6.31 1.39
C LYS G 211 38.43 4.87 1.19
N THR G 212 39.75 4.65 1.16
CA THR G 212 40.35 3.32 1.01
C THR G 212 40.14 2.50 2.28
N ALA G 213 40.31 3.11 3.47
CA ALA G 213 40.12 2.39 4.74
C ALA G 213 38.64 2.04 4.95
N ASP G 214 37.73 2.92 4.53
CA ASP G 214 36.28 2.63 4.61
C ASP G 214 35.96 1.44 3.68
N SER G 215 36.62 1.38 2.50
CA SER G 215 36.45 0.30 1.54
C SER G 215 37.03 -1.03 2.06
N VAL G 216 38.15 -1.02 2.79
CA VAL G 216 38.73 -2.26 3.33
C VAL G 216 37.78 -2.91 4.34
N ILE G 217 37.13 -2.12 5.20
CA ILE G 217 36.19 -2.64 6.21
C ILE G 217 34.98 -3.25 5.52
N THR G 218 34.47 -2.56 4.50
CA THR G 218 33.32 -3.02 3.73
C THR G 218 33.68 -4.26 2.87
N PHE G 219 34.93 -4.33 2.39
CA PHE G 219 35.42 -5.44 1.57
C PHE G 219 35.46 -6.72 2.41
N LYS G 220 35.93 -6.62 3.66
CA LYS G 220 36.01 -7.78 4.55
C LYS G 220 34.63 -8.35 4.90
N THR G 221 33.64 -7.49 5.19
CA THR G 221 32.30 -7.95 5.52
C THR G 221 31.62 -8.54 4.27
N THR G 222 31.78 -7.89 3.10
CA THR G 222 31.17 -8.36 1.85
C THR G 222 31.67 -9.75 1.46
N ILE G 223 32.98 -10.00 1.59
CA ILE G 223 33.55 -11.30 1.24
C ILE G 223 33.07 -12.38 2.22
N LYS G 224 32.97 -12.09 3.53
CA LYS G 224 32.50 -13.07 4.51
C LYS G 224 30.99 -13.40 4.36
N THR G 225 30.14 -12.38 4.18
CA THR G 225 28.68 -12.57 4.05
C THR G 225 28.28 -13.25 2.74
N ILE G 226 28.99 -12.98 1.63
CA ILE G 226 28.68 -13.63 0.34
C ILE G 226 29.16 -15.10 0.38
N ALA G 227 30.27 -15.40 1.08
CA ALA G 227 30.76 -16.78 1.20
C ALA G 227 29.76 -17.62 1.98
N GLU G 228 29.13 -17.08 3.03
CA GLU G 228 28.13 -17.82 3.80
C GLU G 228 26.91 -18.16 2.96
N GLN G 229 26.56 -17.31 1.97
CA GLN G 229 25.43 -17.57 1.07
C GLN G 229 25.71 -18.80 0.20
N HIS G 230 26.98 -19.02 -0.20
CA HIS G 230 27.36 -20.17 -1.02
C HIS G 230 27.85 -21.36 -0.15
N GLY G 231 27.38 -21.47 1.09
CA GLY G 231 27.73 -22.55 2.00
C GLY G 231 29.18 -22.68 2.40
N LEU G 232 29.99 -21.61 2.23
CA LEU G 232 31.42 -21.61 2.57
C LEU G 232 31.71 -20.63 3.72
N LYS G 233 32.97 -20.55 4.19
CA LYS G 233 33.37 -19.64 5.25
C LYS G 233 34.66 -18.95 4.84
N ALA G 234 34.64 -17.62 4.64
CA ALA G 234 35.83 -16.89 4.24
C ALA G 234 36.62 -16.39 5.45
N THR G 235 37.96 -16.49 5.40
CA THR G 235 38.81 -16.03 6.51
C THR G 235 39.96 -15.15 6.00
N PHE G 236 40.20 -14.03 6.70
CA PHE G 236 41.31 -13.14 6.41
C PHE G 236 42.45 -13.41 7.42
N MET G 237 42.67 -14.69 7.76
CA MET G 237 43.71 -15.08 8.70
C MET G 237 45.05 -14.99 7.95
N PRO G 238 46.10 -14.34 8.50
CA PRO G 238 47.37 -14.25 7.74
C PRO G 238 48.04 -15.56 7.32
N LYS G 239 47.74 -16.67 7.99
CA LYS G 239 48.35 -17.97 7.69
C LYS G 239 47.48 -19.07 8.29
N PRO G 240 46.33 -19.40 7.66
CA PRO G 240 45.46 -20.45 8.22
C PRO G 240 46.06 -21.85 8.16
N PHE G 241 46.92 -22.12 7.15
CA PHE G 241 47.53 -23.44 7.00
C PHE G 241 49.04 -23.34 6.78
N PHE G 242 49.80 -24.25 7.39
CA PHE G 242 51.25 -24.33 7.26
C PHE G 242 51.60 -25.02 5.93
N GLY G 243 52.70 -24.60 5.31
CA GLY G 243 53.15 -25.19 4.05
C GLY G 243 52.57 -24.60 2.79
N MET G 244 51.71 -23.57 2.92
CA MET G 244 51.10 -22.89 1.76
C MET G 244 51.07 -21.38 2.00
N ASN G 245 51.02 -20.58 0.93
CA ASN G 245 51.00 -19.11 1.01
C ASN G 245 49.97 -18.56 1.99
N GLY G 246 50.30 -17.43 2.59
CA GLY G 246 49.42 -16.74 3.52
C GLY G 246 48.71 -15.57 2.90
N SER G 247 47.66 -15.08 3.55
CA SER G 247 46.88 -13.93 3.08
C SER G 247 47.66 -12.63 3.33
N GLY G 248 48.03 -11.93 2.26
CA GLY G 248 48.77 -10.68 2.33
C GLY G 248 48.01 -9.52 1.74
N MET G 249 48.17 -8.33 2.33
CA MET G 249 47.51 -7.11 1.87
C MET G 249 48.58 -6.10 1.48
N HIS G 250 49.11 -6.23 0.25
CA HIS G 250 50.16 -5.35 -0.25
C HIS G 250 49.58 -3.96 -0.44
N CYS G 251 50.16 -2.93 0.20
CA CYS G 251 49.65 -1.57 0.12
C CYS G 251 50.41 -0.69 -0.85
N HIS G 252 49.89 -0.54 -2.08
CA HIS G 252 50.47 0.34 -3.10
C HIS G 252 50.12 1.76 -2.66
N GLN G 253 51.12 2.63 -2.47
CA GLN G 253 50.84 3.99 -1.98
C GLN G 253 51.70 5.07 -2.64
N SER G 254 51.20 6.32 -2.60
CA SER G 254 51.88 7.49 -3.17
C SER G 254 51.25 8.79 -2.66
N ILE G 255 52.04 9.87 -2.59
CA ILE G 255 51.56 11.18 -2.14
C ILE G 255 51.63 12.19 -3.30
N TRP G 256 50.56 13.01 -3.46
CA TRP G 256 50.46 13.99 -4.54
C TRP G 256 50.40 15.42 -3.99
N LEU G 257 51.54 16.13 -4.03
CA LEU G 257 51.61 17.51 -3.55
C LEU G 257 51.18 18.48 -4.65
N ASN G 258 50.14 19.28 -4.39
CA ASN G 258 49.60 20.27 -5.33
C ASN G 258 48.98 19.62 -6.58
N GLY G 259 48.26 18.53 -6.38
CA GLY G 259 47.59 17.80 -7.45
C GLY G 259 48.48 17.27 -8.55
N GLU G 260 49.73 16.92 -8.22
CA GLU G 260 50.70 16.38 -9.19
C GLU G 260 51.37 15.13 -8.64
N PRO G 261 51.76 14.16 -9.49
CA PRO G 261 52.45 12.96 -8.97
C PRO G 261 53.86 13.31 -8.53
N SER G 262 54.04 13.56 -7.23
CA SER G 262 55.32 13.95 -6.66
C SER G 262 56.36 12.84 -6.65
N PHE G 263 55.93 11.57 -6.73
CA PHE G 263 56.88 10.45 -6.74
C PHE G 263 57.59 10.28 -8.10
N TYR G 264 57.02 10.83 -9.19
CA TYR G 264 57.62 10.71 -10.52
C TYR G 264 58.55 11.87 -10.86
N ASP G 265 59.67 11.55 -11.52
CA ASP G 265 60.66 12.53 -11.99
C ASP G 265 61.27 11.96 -13.28
N GLU G 266 60.80 12.45 -14.44
CA GLU G 266 61.26 12.00 -15.77
C GLU G 266 62.78 12.01 -15.89
N ASN G 267 63.45 13.04 -15.36
CA ASN G 267 64.90 13.18 -15.40
C ASN G 267 65.52 12.79 -14.04
N ALA G 268 65.53 11.48 -13.70
CA ALA G 268 66.09 10.98 -12.44
C ALA G 268 66.37 9.45 -12.50
N PRO G 269 67.15 8.88 -11.55
CA PRO G 269 67.40 7.42 -11.60
C PRO G 269 66.13 6.61 -11.34
N TYR G 270 65.88 5.59 -12.19
CA TYR G 270 64.67 4.77 -12.12
C TYR G 270 63.37 5.59 -12.33
N GLN G 271 63.47 6.86 -12.78
CA GLN G 271 62.34 7.77 -12.94
C GLN G 271 61.59 7.92 -11.62
N LEU G 272 62.33 8.09 -10.51
CA LEU G 272 61.78 8.23 -9.17
C LEU G 272 62.34 9.51 -8.55
N SER G 273 61.46 10.36 -8.01
CA SER G 273 61.84 11.66 -7.45
C SER G 273 62.55 11.54 -6.09
N GLU G 274 63.11 12.66 -5.59
CA GLU G 274 63.75 12.71 -4.28
C GLU G 274 62.68 12.50 -3.19
N THR G 275 61.47 13.05 -3.37
CA THR G 275 60.36 12.88 -2.42
C THR G 275 60.03 11.40 -2.23
N CYS G 276 60.08 10.60 -3.32
CA CYS G 276 59.82 9.16 -3.25
C CYS G 276 60.89 8.48 -2.39
N MET G 277 62.18 8.79 -2.64
CA MET G 277 63.30 8.20 -1.90
C MET G 277 63.26 8.59 -0.42
N ASN G 278 62.90 9.84 -0.11
CA ASN G 278 62.80 10.27 1.28
C ASN G 278 61.67 9.51 2.00
N TYR G 279 60.55 9.29 1.30
CA TYR G 279 59.40 8.55 1.84
C TYR G 279 59.78 7.10 2.11
N VAL G 280 60.45 6.44 1.16
CA VAL G 280 60.89 5.05 1.30
C VAL G 280 61.86 4.93 2.49
N ALA G 281 62.79 5.90 2.65
CA ALA G 281 63.74 5.89 3.76
C ALA G 281 63.02 5.91 5.12
N GLY G 282 61.94 6.68 5.21
CA GLY G 282 61.16 6.78 6.43
C GLY G 282 60.42 5.50 6.78
N ILE G 283 59.90 4.78 5.77
CA ILE G 283 59.20 3.53 5.98
C ILE G 283 60.20 2.48 6.48
N LEU G 284 61.37 2.41 5.84
CA LEU G 284 62.43 1.46 6.20
C LEU G 284 62.98 1.74 7.60
N LYS G 285 63.03 3.02 8.00
CA LYS G 285 63.52 3.41 9.32
C LYS G 285 62.62 2.85 10.43
N HIS G 286 61.30 3.10 10.33
CA HIS G 286 60.34 2.62 11.32
C HIS G 286 59.70 1.27 10.95
N ALA G 287 60.33 0.48 10.05
CA ALA G 287 59.78 -0.80 9.61
C ALA G 287 59.53 -1.79 10.76
N LYS G 288 60.46 -1.87 11.72
CA LYS G 288 60.32 -2.77 12.86
C LYS G 288 59.13 -2.38 13.79
N ALA G 289 58.73 -1.10 13.78
CA ALA G 289 57.63 -0.60 14.60
C ALA G 289 56.31 -0.59 13.83
N ILE G 290 56.33 -0.40 12.49
CA ILE G 290 55.10 -0.39 11.68
C ILE G 290 54.45 -1.77 11.67
N VAL G 291 55.27 -2.85 11.62
CA VAL G 291 54.73 -4.22 11.60
C VAL G 291 53.94 -4.58 12.87
N ALA G 292 54.07 -3.81 13.96
CA ALA G 292 53.27 -4.09 15.17
C ALA G 292 51.80 -3.77 14.86
N ILE G 293 51.54 -2.65 14.14
CA ILE G 293 50.18 -2.24 13.76
C ILE G 293 49.71 -3.00 12.51
N THR G 294 50.53 -3.03 11.45
CA THR G 294 50.14 -3.68 10.19
C THR G 294 50.11 -5.22 10.26
N ASN G 295 50.71 -5.83 11.30
CA ASN G 295 50.74 -7.28 11.52
C ASN G 295 50.44 -7.48 13.02
N PRO G 296 49.19 -7.25 13.46
CA PRO G 296 48.91 -7.28 14.91
C PRO G 296 48.56 -8.62 15.55
N THR G 297 48.51 -9.71 14.79
CA THR G 297 48.16 -11.02 15.34
C THR G 297 49.40 -11.88 15.58
N VAL G 298 49.28 -12.90 16.45
CA VAL G 298 50.37 -13.84 16.70
C VAL G 298 50.64 -14.64 15.41
N ASN G 299 49.57 -15.02 14.69
CA ASN G 299 49.62 -15.76 13.44
C ASN G 299 50.31 -14.98 12.30
N SER G 300 50.30 -13.64 12.36
CA SER G 300 50.95 -12.82 11.34
C SER G 300 52.42 -13.13 11.18
N TYR G 301 53.09 -13.49 12.29
CA TYR G 301 54.52 -13.81 12.29
C TYR G 301 54.84 -15.27 11.90
N LYS G 302 53.84 -16.01 11.39
CA LYS G 302 54.00 -17.35 10.80
C LYS G 302 54.03 -17.17 9.24
N ARG G 303 53.39 -16.11 8.69
CA ARG G 303 53.46 -15.74 7.27
C ARG G 303 54.73 -14.87 7.16
N LEU G 304 54.76 -13.74 7.90
CA LEU G 304 55.87 -12.78 7.95
C LEU G 304 56.92 -13.34 8.91
N VAL G 305 57.51 -14.48 8.56
CA VAL G 305 58.47 -15.20 9.41
C VAL G 305 59.94 -14.96 9.01
N PRO G 306 60.79 -14.33 9.86
CA PRO G 306 62.21 -14.15 9.46
C PRO G 306 62.95 -15.46 9.23
N GLY G 307 64.00 -15.42 8.40
CA GLY G 307 64.77 -16.61 8.06
C GLY G 307 64.13 -17.48 7.00
N TYR G 308 62.86 -17.20 6.61
CA TYR G 308 62.13 -17.96 5.59
C TYR G 308 61.52 -17.00 4.54
N GLU G 309 61.19 -17.55 3.35
CA GLU G 309 60.65 -16.78 2.22
C GLU G 309 59.42 -15.94 2.62
N ALA G 310 59.62 -14.62 2.80
CA ALA G 310 58.57 -13.67 3.20
C ALA G 310 59.06 -12.21 3.00
N PRO G 311 58.18 -11.19 3.00
CA PRO G 311 58.66 -9.80 2.88
C PRO G 311 59.13 -9.27 4.24
N VAL G 312 60.18 -9.92 4.75
CA VAL G 312 60.80 -9.66 6.06
C VAL G 312 62.06 -8.81 5.97
N ASN G 313 62.75 -8.82 4.82
CA ASN G 313 63.99 -8.10 4.64
C ASN G 313 63.73 -6.60 4.47
N ILE G 314 64.25 -5.79 5.42
CA ILE G 314 64.08 -4.34 5.41
C ILE G 314 64.96 -3.72 4.32
N ALA G 315 64.42 -3.63 3.10
CA ALA G 315 65.10 -3.04 1.92
C ALA G 315 64.08 -2.77 0.79
N TRP G 316 64.43 -1.92 -0.18
CA TRP G 316 63.55 -1.62 -1.32
C TRP G 316 64.19 -2.11 -2.64
N ALA G 317 63.37 -2.36 -3.67
CA ALA G 317 63.86 -2.84 -4.97
C ALA G 317 62.82 -2.65 -6.07
N ASN G 318 63.28 -2.56 -7.34
CA ASN G 318 62.39 -2.37 -8.49
C ASN G 318 61.96 -3.72 -9.09
N SER G 319 60.63 -3.99 -9.11
CA SER G 319 60.05 -5.22 -9.66
C SER G 319 60.64 -6.50 -9.05
N ASN G 320 60.85 -6.50 -7.72
CA ASN G 320 61.40 -7.62 -6.97
C ASN G 320 60.48 -7.87 -5.75
N ARG G 321 59.84 -9.05 -5.69
CA ARG G 321 58.92 -9.40 -4.59
C ARG G 321 59.60 -10.02 -3.36
N SER G 322 60.95 -10.08 -3.32
CA SER G 322 61.68 -10.64 -2.18
C SER G 322 61.91 -9.60 -1.05
N ALA G 323 61.95 -8.30 -1.39
CA ALA G 323 62.17 -7.20 -0.45
C ALA G 323 60.84 -6.74 0.22
N ILE G 324 60.92 -5.94 1.32
CA ILE G 324 59.72 -5.45 2.02
C ILE G 324 58.96 -4.44 1.13
N ILE G 325 59.70 -3.63 0.33
CA ILE G 325 59.12 -2.65 -0.60
C ILE G 325 59.49 -3.05 -2.03
N ARG G 326 58.53 -2.88 -2.95
CA ARG G 326 58.72 -3.16 -4.37
C ARG G 326 58.17 -1.95 -5.13
N VAL G 327 58.92 -1.41 -6.08
CA VAL G 327 58.48 -0.26 -6.86
C VAL G 327 57.93 -0.79 -8.19
N PRO G 328 56.59 -0.80 -8.41
CA PRO G 328 56.07 -1.33 -9.68
C PRO G 328 56.61 -0.57 -10.90
N ALA G 329 56.74 -1.27 -12.03
CA ALA G 329 57.28 -0.67 -13.24
C ALA G 329 56.43 0.45 -13.86
N ALA G 330 55.16 0.61 -13.44
CA ALA G 330 54.30 1.67 -13.98
C ALA G 330 54.82 3.05 -13.58
N ARG G 331 54.90 3.98 -14.54
CA ARG G 331 55.42 5.33 -14.31
C ARG G 331 54.45 6.43 -14.78
N GLY G 332 54.70 7.66 -14.34
CA GLY G 332 53.88 8.82 -14.62
C GLY G 332 53.00 9.09 -13.43
N LYS G 333 51.67 8.97 -13.59
CA LYS G 333 50.75 9.15 -12.47
C LYS G 333 50.79 7.93 -11.56
N GLY G 334 50.86 6.73 -12.15
CA GLY G 334 50.90 5.47 -11.42
C GLY G 334 52.22 5.13 -10.75
N THR G 335 53.13 6.11 -10.56
CA THR G 335 54.40 5.86 -9.87
C THR G 335 54.06 5.67 -8.40
N ARG G 336 54.48 4.54 -7.81
CA ARG G 336 54.12 4.21 -6.43
C ARG G 336 55.13 3.24 -5.79
N ILE G 337 54.94 2.94 -4.49
CA ILE G 337 55.75 1.98 -3.73
C ILE G 337 54.79 0.97 -3.08
N GLU G 338 55.15 -0.32 -3.10
CA GLU G 338 54.32 -1.39 -2.55
C GLU G 338 54.90 -1.89 -1.23
N PHE G 339 54.25 -1.54 -0.10
CA PHE G 339 54.68 -2.05 1.20
C PHE G 339 54.03 -3.42 1.33
N ARG G 340 54.84 -4.50 1.18
CA ARG G 340 54.38 -5.89 1.17
C ARG G 340 54.19 -6.55 2.54
N ALA G 341 54.67 -5.93 3.62
CA ALA G 341 54.56 -6.52 4.96
C ALA G 341 53.14 -6.71 5.52
N PRO G 342 52.16 -5.80 5.29
CA PRO G 342 50.83 -5.98 5.89
C PRO G 342 50.03 -7.20 5.45
N ASP G 343 49.10 -7.61 6.30
CA ASP G 343 48.14 -8.70 6.06
C ASP G 343 46.73 -8.17 6.38
N PRO G 344 45.65 -8.76 5.84
CA PRO G 344 44.31 -8.19 6.10
C PRO G 344 43.80 -8.27 7.54
N SER G 345 44.60 -8.75 8.50
CA SER G 345 44.22 -8.80 9.92
C SER G 345 44.35 -7.43 10.63
N CYS G 346 45.03 -6.44 10.01
CA CYS G 346 45.26 -5.13 10.62
C CYS G 346 44.09 -4.17 10.46
N ASN G 347 44.03 -3.16 11.34
CA ASN G 347 43.02 -2.11 11.28
C ASN G 347 43.48 -1.18 10.15
N PRO G 348 42.72 -1.01 9.05
CA PRO G 348 43.22 -0.15 7.96
C PRO G 348 43.41 1.31 8.36
N TYR G 349 42.58 1.85 9.25
CA TYR G 349 42.71 3.24 9.67
C TYR G 349 44.04 3.50 10.39
N LEU G 350 44.47 2.57 11.24
CA LEU G 350 45.74 2.69 11.96
C LEU G 350 46.93 2.32 11.06
N ALA G 351 46.74 1.35 10.13
CA ALA G 351 47.81 0.95 9.20
C ALA G 351 48.20 2.10 8.27
N PHE G 352 47.22 2.84 7.72
CA PHE G 352 47.53 3.96 6.84
C PHE G 352 48.10 5.16 7.63
N THR G 353 47.71 5.30 8.91
CA THR G 353 48.21 6.37 9.77
C THR G 353 49.72 6.19 10.03
N VAL G 354 50.15 4.98 10.47
CA VAL G 354 51.56 4.72 10.75
C VAL G 354 52.43 4.73 9.48
N MET G 355 51.88 4.29 8.34
CA MET G 355 52.62 4.31 7.09
C MET G 355 52.83 5.75 6.65
N LEU G 356 51.79 6.60 6.73
CA LEU G 356 51.93 8.00 6.35
C LEU G 356 52.85 8.76 7.32
N ALA G 357 52.78 8.45 8.63
CA ALA G 357 53.62 9.15 9.61
C ALA G 357 55.12 8.82 9.45
N ALA G 358 55.46 7.54 9.25
CA ALA G 358 56.85 7.15 9.05
C ALA G 358 57.36 7.68 7.71
N GLY G 359 56.53 7.61 6.67
CA GLY G 359 56.89 8.11 5.36
C GLY G 359 57.11 9.61 5.34
N LEU G 360 56.23 10.37 6.01
CA LEU G 360 56.39 11.84 6.12
C LEU G 360 57.56 12.21 7.00
N ASP G 361 57.95 11.37 7.98
CA ASP G 361 59.13 11.63 8.81
C ASP G 361 60.39 11.68 7.92
N GLY G 362 60.45 10.83 6.89
CA GLY G 362 61.54 10.80 5.93
C GLY G 362 61.54 12.01 5.01
N VAL G 363 60.34 12.48 4.60
CA VAL G 363 60.18 13.65 3.72
C VAL G 363 60.55 14.94 4.46
N LYS G 364 60.09 15.09 5.72
CA LYS G 364 60.37 16.28 6.53
C LYS G 364 61.86 16.41 6.84
N ASN G 365 62.51 15.32 7.27
CA ASN G 365 63.94 15.32 7.58
C ASN G 365 64.85 15.10 6.34
N LYS G 366 64.28 14.75 5.17
CA LYS G 366 65.03 14.49 3.94
C LYS G 366 66.06 13.38 4.17
N LEU G 367 65.57 12.21 4.64
CA LEU G 367 66.43 11.07 4.94
C LEU G 367 66.89 10.37 3.67
N ASP G 368 68.12 9.83 3.70
CA ASP G 368 68.74 9.16 2.57
C ASP G 368 68.35 7.69 2.53
N ALA G 369 67.76 7.24 1.41
CA ALA G 369 67.36 5.85 1.25
C ALA G 369 68.55 4.99 0.82
N PRO G 370 68.56 3.69 1.15
CA PRO G 370 69.66 2.83 0.69
C PRO G 370 69.51 2.43 -0.78
N GLU G 371 70.54 1.77 -1.34
CA GLU G 371 70.49 1.35 -2.74
C GLU G 371 69.50 0.19 -2.93
N PRO G 372 68.88 0.07 -4.12
CA PRO G 372 67.91 -1.02 -4.33
C PRO G 372 68.59 -2.38 -4.49
N VAL G 373 68.08 -3.39 -3.77
CA VAL G 373 68.64 -4.74 -3.83
C VAL G 373 67.95 -5.51 -4.96
N GLU G 374 68.42 -5.33 -6.20
CA GLU G 374 67.85 -5.98 -7.37
C GLU G 374 68.00 -7.52 -7.30
N ARG G 375 69.02 -8.02 -6.57
CA ARG G 375 69.24 -9.46 -6.39
C ARG G 375 68.12 -10.09 -5.54
N ASN G 376 67.94 -11.42 -5.66
CA ASN G 376 66.96 -12.13 -4.84
C ASN G 376 67.57 -12.20 -3.44
N ILE G 377 66.84 -11.69 -2.43
CA ILE G 377 67.35 -11.64 -1.07
C ILE G 377 67.23 -13.00 -0.33
N PHE G 378 66.30 -13.87 -0.76
CA PHE G 378 66.13 -15.18 -0.14
C PHE G 378 67.34 -16.07 -0.41
N ALA G 379 67.91 -15.98 -1.62
CA ALA G 379 69.10 -16.75 -1.99
C ALA G 379 70.38 -16.31 -1.23
N MET G 380 70.38 -15.10 -0.63
CA MET G 380 71.53 -14.59 0.10
C MET G 380 71.69 -15.26 1.46
N SER G 381 72.95 -15.38 1.93
CA SER G 381 73.26 -15.94 3.24
C SER G 381 73.17 -14.86 4.33
N GLU G 382 72.97 -15.27 5.60
CA GLU G 382 72.86 -14.33 6.72
C GLU G 382 74.12 -13.47 6.90
N ALA G 383 75.32 -14.01 6.62
CA ALA G 383 76.56 -13.25 6.73
C ALA G 383 76.65 -12.18 5.63
N GLU G 384 76.15 -12.51 4.42
CA GLU G 384 76.14 -11.58 3.28
C GLU G 384 75.12 -10.45 3.53
N LYS G 385 73.91 -10.80 4.01
CA LYS G 385 72.88 -9.81 4.33
C LYS G 385 73.32 -8.87 5.47
N LYS G 386 74.14 -9.36 6.41
CA LYS G 386 74.63 -8.56 7.53
C LYS G 386 75.67 -7.54 7.03
N GLU G 387 76.50 -7.92 6.04
CA GLU G 387 77.50 -7.01 5.47
C GLU G 387 76.81 -5.86 4.74
N LEU G 388 75.78 -6.18 3.92
CA LEU G 388 75.01 -5.16 3.19
C LEU G 388 74.19 -4.26 4.12
N GLY G 389 73.78 -4.78 5.27
CA GLY G 389 73.00 -4.06 6.25
C GLY G 389 71.50 -4.25 6.10
N ILE G 390 71.09 -5.42 5.58
CA ILE G 390 69.68 -5.72 5.36
C ILE G 390 69.11 -6.37 6.63
N GLU G 391 68.57 -5.55 7.54
CA GLU G 391 67.98 -6.04 8.79
C GLU G 391 66.63 -6.72 8.53
N SER G 392 66.15 -7.54 9.47
CA SER G 392 64.87 -8.25 9.32
C SER G 392 63.81 -7.75 10.31
N VAL G 393 62.53 -7.86 9.93
CA VAL G 393 61.41 -7.43 10.78
C VAL G 393 61.26 -8.40 11.99
N PRO G 394 60.75 -7.94 13.15
CA PRO G 394 60.63 -8.85 14.30
C PRO G 394 60.03 -10.24 14.03
N ALA G 395 60.52 -11.25 14.77
CA ALA G 395 60.09 -12.64 14.60
C ALA G 395 58.76 -12.99 15.27
N ASN G 396 58.25 -12.15 16.19
CA ASN G 396 56.99 -12.44 16.88
C ASN G 396 56.23 -11.15 17.26
N LEU G 397 54.98 -11.29 17.77
CA LEU G 397 54.14 -10.15 18.13
C LEU G 397 54.76 -9.31 19.25
N LYS G 398 55.24 -9.96 20.34
CA LYS G 398 55.83 -9.25 21.47
C LYS G 398 57.09 -8.50 21.04
N ALA G 399 57.88 -9.07 20.13
CA ALA G 399 59.09 -8.39 19.64
C ALA G 399 58.72 -7.11 18.89
N ALA G 400 57.59 -7.10 18.17
CA ALA G 400 57.13 -5.91 17.44
C ALA G 400 56.50 -4.88 18.37
N LEU G 401 55.78 -5.33 19.43
CA LEU G 401 55.16 -4.40 20.39
C LEU G 401 56.22 -3.59 21.14
N ASP G 402 57.35 -4.20 21.49
CA ASP G 402 58.44 -3.51 22.17
C ASP G 402 59.05 -2.44 21.25
N GLU G 403 59.13 -2.72 19.94
CA GLU G 403 59.65 -1.76 18.96
C GLU G 403 58.68 -0.59 18.81
N LEU G 404 57.37 -0.87 18.79
CA LEU G 404 56.33 0.16 18.70
C LEU G 404 56.34 1.04 19.94
N GLU G 405 56.52 0.43 21.12
CA GLU G 405 56.54 1.16 22.39
C GLU G 405 57.69 2.19 22.43
N ASN G 406 58.89 1.81 21.97
CA ASN G 406 60.04 2.71 21.96
C ASN G 406 60.03 3.72 20.79
N ASN G 407 59.10 3.58 19.82
CA ASN G 407 59.00 4.48 18.68
C ASN G 407 58.13 5.70 19.04
N ASP G 408 58.70 6.91 18.96
CA ASP G 408 57.99 8.15 19.26
C ASP G 408 57.22 8.70 18.06
N VAL G 409 57.62 8.38 16.82
CA VAL G 409 56.95 8.87 15.63
C VAL G 409 55.54 8.29 15.53
N LEU G 410 55.40 6.97 15.74
CA LEU G 410 54.11 6.30 15.67
C LEU G 410 53.27 6.57 16.92
N LYS G 411 53.90 6.81 18.09
CA LYS G 411 53.19 7.12 19.32
C LYS G 411 52.38 8.42 19.15
N ASN G 412 53.01 9.44 18.57
CA ASN G 412 52.38 10.74 18.32
C ASN G 412 51.27 10.66 17.27
N ALA G 413 51.48 9.88 16.19
CA ALA G 413 50.49 9.74 15.12
C ALA G 413 49.22 9.03 15.61
N LEU G 414 49.38 7.96 16.41
CA LEU G 414 48.24 7.20 16.94
C LEU G 414 47.58 7.90 18.14
N GLY G 415 48.37 8.64 18.93
CA GLY G 415 47.89 9.34 20.11
C GLY G 415 47.98 8.48 21.35
N LYS G 416 48.10 9.09 22.52
CA LYS G 416 48.23 8.39 23.80
C LYS G 416 47.14 7.33 24.02
N HIS G 417 45.90 7.60 23.62
CA HIS G 417 44.81 6.67 23.84
C HIS G 417 44.94 5.40 22.99
N ILE G 418 45.18 5.54 21.68
CA ILE G 418 45.28 4.38 20.79
C ILE G 418 46.60 3.63 21.06
N PHE G 419 47.71 4.34 21.17
CA PHE G 419 49.03 3.74 21.42
C PHE G 419 49.04 2.88 22.69
N GLU G 420 48.57 3.40 23.84
CA GLU G 420 48.58 2.65 25.08
C GLU G 420 47.56 1.51 25.12
N SER G 421 46.33 1.74 24.63
CA SER G 421 45.31 0.69 24.63
C SER G 421 45.69 -0.44 23.69
N PHE G 422 46.26 -0.14 22.52
CA PHE G 422 46.69 -1.18 21.58
C PHE G 422 47.76 -2.07 22.22
N LEU G 423 48.80 -1.46 22.83
CA LEU G 423 49.86 -2.22 23.49
C LEU G 423 49.30 -3.09 24.62
N GLU G 424 48.38 -2.54 25.43
CA GLU G 424 47.77 -3.24 26.55
C GLU G 424 46.94 -4.45 26.08
N ILE G 425 46.14 -4.27 25.01
CA ILE G 425 45.30 -5.34 24.47
C ILE G 425 46.16 -6.43 23.84
N LYS G 426 47.17 -6.03 23.05
CA LYS G 426 48.04 -6.98 22.38
C LYS G 426 48.99 -7.72 23.35
N ASN G 427 49.37 -7.10 24.49
CA ASN G 427 50.21 -7.79 25.47
C ASN G 427 49.40 -8.86 26.18
N ALA G 428 48.12 -8.61 26.47
CA ALA G 428 47.25 -9.61 27.08
C ALA G 428 47.00 -10.78 26.09
N GLU G 429 46.91 -10.46 24.79
CA GLU G 429 46.74 -11.43 23.71
C GLU G 429 48.00 -12.28 23.58
N TRP G 430 49.19 -11.67 23.68
CA TRP G 430 50.47 -12.36 23.62
C TRP G 430 50.64 -13.27 24.85
N ASP G 431 50.28 -12.77 26.04
CA ASP G 431 50.39 -13.55 27.28
C ASP G 431 49.50 -14.78 27.22
N SER G 432 48.32 -14.67 26.61
CA SER G 432 47.42 -15.82 26.45
C SER G 432 48.05 -16.89 25.55
N PHE G 433 48.81 -16.47 24.51
CA PHE G 433 49.48 -17.38 23.59
C PHE G 433 50.67 -18.10 24.24
N ARG G 434 51.56 -17.35 24.91
CA ARG G 434 52.76 -17.94 25.50
C ARG G 434 52.47 -18.87 26.70
N THR G 435 51.29 -18.75 27.34
CA THR G 435 50.92 -19.61 28.47
C THR G 435 50.18 -20.86 28.01
N SER G 436 49.45 -20.79 26.88
CA SER G 436 48.67 -21.93 26.38
C SER G 436 49.55 -23.07 25.87
N VAL G 437 49.13 -24.32 26.15
CA VAL G 437 49.83 -25.52 25.68
C VAL G 437 49.30 -25.81 24.27
N THR G 438 50.16 -25.66 23.25
CA THR G 438 49.77 -25.84 21.85
C THR G 438 49.79 -27.29 21.40
N ASP G 439 49.13 -27.58 20.28
CA ASP G 439 49.08 -28.90 19.67
C ASP G 439 50.47 -29.36 19.20
N TRP G 440 51.34 -28.42 18.78
CA TRP G 440 52.70 -28.74 18.35
C TRP G 440 53.48 -29.32 19.53
N GLU G 441 53.38 -28.68 20.71
CA GLU G 441 54.06 -29.14 21.92
C GLU G 441 53.57 -30.52 22.32
N THR G 442 52.26 -30.76 22.26
CA THR G 442 51.70 -32.07 22.63
C THR G 442 52.23 -33.15 21.68
N THR G 443 52.32 -32.84 20.39
CA THR G 443 52.83 -33.80 19.41
C THR G 443 54.32 -34.10 19.64
N ALA G 444 55.12 -33.06 19.90
CA ALA G 444 56.55 -33.20 20.08
C ALA G 444 57.04 -33.70 21.44
N TYR G 445 56.32 -33.40 22.54
CA TYR G 445 56.81 -33.72 23.89
C TYR G 445 55.97 -34.70 24.71
N LEU G 446 54.78 -35.14 24.27
CA LEU G 446 54.00 -36.11 25.07
C LEU G 446 54.74 -37.46 25.15
N LYS G 447 55.49 -37.83 24.10
CA LYS G 447 56.26 -39.07 24.07
C LYS G 447 57.42 -39.10 25.09
N ILE G 448 57.96 -37.93 25.50
CA ILE G 448 59.09 -37.90 26.43
C ILE G 448 58.67 -38.19 27.88
N SER H 2 -10.04 3.63 19.40
CA SER H 2 -10.34 4.21 20.71
C SER H 2 -11.82 4.03 21.08
N THR H 3 -12.74 4.28 20.13
CA THR H 3 -14.19 4.12 20.34
C THR H 3 -14.65 2.74 19.77
N VAL H 4 -15.90 2.33 20.06
CA VAL H 4 -16.42 1.06 19.59
C VAL H 4 -16.51 1.04 18.06
N GLU H 5 -17.03 2.11 17.45
CA GLU H 5 -17.19 2.18 16.00
C GLU H 5 -15.88 2.13 15.21
N GLN H 6 -14.81 2.74 15.72
CA GLN H 6 -13.52 2.74 15.01
C GLN H 6 -12.97 1.31 14.91
N VAL H 7 -13.14 0.51 15.97
CA VAL H 7 -12.69 -0.89 15.98
C VAL H 7 -13.54 -1.70 14.99
N LEU H 8 -14.87 -1.56 15.06
CA LEU H 8 -15.78 -2.29 14.18
C LEU H 8 -15.65 -1.90 12.70
N GLU H 9 -15.21 -0.66 12.42
CA GLU H 9 -14.98 -0.20 11.05
C GLU H 9 -13.74 -0.89 10.49
N TYR H 10 -12.67 -1.04 11.30
CA TYR H 10 -11.45 -1.73 10.87
C TYR H 10 -11.73 -3.22 10.69
N VAL H 11 -12.43 -3.84 11.66
CA VAL H 11 -12.79 -5.26 11.63
C VAL H 11 -13.59 -5.58 10.36
N LYS H 12 -14.53 -4.71 9.99
CA LYS H 12 -15.35 -4.91 8.79
C LYS H 12 -14.46 -4.94 7.53
N SER H 13 -13.75 -3.85 7.23
CA SER H 13 -12.96 -3.70 6.01
C SER H 13 -11.74 -4.63 5.89
N ASN H 14 -10.94 -4.73 6.96
CA ASN H 14 -9.72 -5.53 6.93
C ASN H 14 -9.93 -7.05 7.08
N ASN H 15 -11.19 -7.53 7.13
CA ASN H 15 -11.51 -8.95 7.24
C ASN H 15 -10.88 -9.56 8.51
N VAL H 16 -11.09 -8.90 9.65
CA VAL H 16 -10.61 -9.43 10.92
C VAL H 16 -11.61 -10.49 11.32
N LYS H 17 -11.14 -11.68 11.67
CA LYS H 17 -12.00 -12.80 11.96
C LYS H 17 -11.93 -13.30 13.41
N PHE H 18 -10.90 -12.88 14.19
CA PHE H 18 -10.75 -13.27 15.60
C PHE H 18 -10.38 -12.06 16.46
N MET H 19 -10.81 -12.08 17.74
CA MET H 19 -10.52 -11.02 18.71
C MET H 19 -10.05 -11.66 20.02
N ARG H 20 -8.77 -11.49 20.35
CA ARG H 20 -8.17 -12.03 21.56
C ARG H 20 -8.44 -11.07 22.70
N PHE H 21 -9.08 -11.52 23.79
CA PHE H 21 -9.32 -10.69 24.96
C PHE H 21 -8.17 -11.00 25.91
N GLN H 22 -7.09 -10.22 25.80
CA GLN H 22 -5.84 -10.43 26.53
C GLN H 22 -5.80 -9.68 27.87
N PHE H 23 -5.01 -10.21 28.80
CA PHE H 23 -4.78 -9.66 30.14
C PHE H 23 -3.50 -10.34 30.74
N VAL H 24 -3.14 -10.06 32.01
CA VAL H 24 -1.95 -10.64 32.62
C VAL H 24 -2.24 -11.20 34.00
N ASP H 25 -1.57 -12.31 34.38
CA ASP H 25 -1.72 -12.88 35.72
C ASP H 25 -0.83 -12.06 36.71
N ILE H 26 -0.78 -12.45 38.00
CA ILE H 26 0.03 -11.73 38.98
C ILE H 26 1.51 -11.68 38.62
N LEU H 27 2.06 -12.76 38.06
CA LEU H 27 3.48 -12.81 37.68
C LEU H 27 3.82 -12.11 36.34
N GLY H 28 2.82 -11.55 35.65
CA GLY H 28 3.03 -10.86 34.38
C GLY H 28 2.97 -11.76 33.16
N VAL H 29 2.46 -13.00 33.31
CA VAL H 29 2.33 -13.93 32.19
C VAL H 29 1.05 -13.54 31.45
N PRO H 30 1.08 -13.30 30.12
CA PRO H 30 -0.15 -12.94 29.42
C PRO H 30 -1.11 -14.11 29.29
N LYS H 31 -2.42 -13.83 29.36
CA LYS H 31 -3.50 -14.81 29.25
C LYS H 31 -4.57 -14.23 28.32
N ASN H 32 -5.19 -15.07 27.46
CA ASN H 32 -6.21 -14.60 26.53
C ASN H 32 -7.22 -15.68 26.09
N VAL H 33 -8.37 -15.22 25.56
CA VAL H 33 -9.44 -16.08 25.03
C VAL H 33 -9.83 -15.51 23.67
N ALA H 34 -9.94 -16.38 22.64
CA ALA H 34 -10.28 -15.93 21.29
C ALA H 34 -11.78 -15.95 21.04
N PHE H 35 -12.29 -14.92 20.34
CA PHE H 35 -13.69 -14.80 19.97
C PHE H 35 -13.81 -14.79 18.45
N PRO H 36 -14.63 -15.65 17.81
CA PRO H 36 -14.78 -15.58 16.35
C PRO H 36 -15.82 -14.55 15.94
N ILE H 37 -15.46 -13.64 15.04
CA ILE H 37 -16.35 -12.58 14.57
C ILE H 37 -17.14 -13.13 13.37
N LYS H 38 -18.48 -13.26 13.50
CA LYS H 38 -19.28 -13.82 12.39
C LYS H 38 -19.44 -12.79 11.25
N ALA H 39 -19.77 -13.27 10.05
CA ALA H 39 -19.96 -12.40 8.89
C ALA H 39 -21.29 -11.62 8.96
N GLY H 40 -21.36 -10.50 8.25
CA GLY H 40 -22.55 -9.67 8.20
C GLY H 40 -22.79 -8.83 9.44
N GLU H 41 -23.92 -8.11 9.45
CA GLU H 41 -24.30 -7.24 10.57
C GLU H 41 -24.53 -8.02 11.86
N LYS H 42 -25.02 -9.26 11.78
CA LYS H 42 -25.25 -10.08 12.97
C LYS H 42 -23.95 -10.38 13.74
N GLY H 43 -22.86 -10.58 13.00
CA GLY H 43 -21.55 -10.82 13.59
C GLY H 43 -20.93 -9.58 14.20
N ILE H 44 -21.13 -8.40 13.56
CA ILE H 44 -20.59 -7.13 14.06
C ILE H 44 -21.35 -6.69 15.32
N GLU H 45 -22.68 -6.91 15.36
CA GLU H 45 -23.46 -6.58 16.55
C GLU H 45 -23.16 -7.53 17.71
N GLU H 46 -22.81 -8.81 17.41
CA GLU H 46 -22.43 -9.75 18.45
C GLU H 46 -21.08 -9.29 19.05
N LEU H 47 -20.10 -8.95 18.18
CA LEU H 47 -18.79 -8.47 18.61
C LEU H 47 -18.93 -7.18 19.42
N ARG H 48 -19.86 -6.29 19.00
CA ARG H 48 -20.14 -5.04 19.69
C ARG H 48 -20.56 -5.31 21.14
N ASP H 49 -21.54 -6.23 21.34
CA ASP H 49 -22.03 -6.61 22.67
C ASP H 49 -20.91 -7.15 23.55
N VAL H 50 -20.00 -7.95 22.99
CA VAL H 50 -18.88 -8.54 23.71
C VAL H 50 -17.80 -7.48 24.01
N LEU H 51 -17.65 -6.46 23.15
CA LEU H 51 -16.66 -5.40 23.36
C LEU H 51 -17.03 -4.41 24.49
N GLU H 52 -18.34 -4.14 24.69
CA GLU H 52 -18.82 -3.18 25.71
C GLU H 52 -19.13 -3.85 27.06
N ASN H 53 -19.99 -4.89 27.07
CA ASN H 53 -20.34 -5.60 28.30
C ASN H 53 -19.24 -6.58 28.78
N GLY H 54 -18.25 -6.85 27.95
CA GLY H 54 -17.16 -7.77 28.28
C GLY H 54 -17.58 -9.23 28.24
N LEU H 55 -16.70 -10.12 28.71
CA LEU H 55 -17.00 -11.55 28.75
C LEU H 55 -16.48 -12.19 30.04
N TYR H 56 -17.11 -13.31 30.43
CA TYR H 56 -16.78 -14.02 31.66
C TYR H 56 -15.62 -15.02 31.49
N PHE H 57 -14.99 -15.41 32.62
CA PHE H 57 -13.89 -16.38 32.61
C PHE H 57 -13.65 -16.94 34.02
N ASP H 58 -13.05 -18.14 34.10
CA ASP H 58 -12.74 -18.78 35.37
C ASP H 58 -11.51 -18.13 35.99
N GLY H 59 -11.71 -17.40 37.09
CA GLY H 59 -10.63 -16.72 37.78
C GLY H 59 -9.76 -17.61 38.67
N SER H 60 -10.28 -18.77 39.10
CA SER H 60 -9.51 -19.68 39.96
C SER H 60 -8.32 -20.29 39.26
N SER H 61 -8.43 -20.51 37.94
CA SER H 61 -7.33 -21.08 37.16
C SER H 61 -6.19 -20.07 36.91
N ILE H 62 -6.49 -18.76 36.93
CA ILE H 62 -5.47 -17.72 36.74
C ILE H 62 -4.68 -17.57 38.05
N GLU H 63 -3.36 -17.36 37.95
CA GLU H 63 -2.50 -17.25 39.12
C GLU H 63 -2.69 -15.93 39.89
N GLY H 64 -2.84 -16.03 41.20
CA GLY H 64 -3.00 -14.89 42.09
C GLY H 64 -4.27 -14.08 41.87
N PHE H 65 -5.37 -14.74 41.50
CA PHE H 65 -6.63 -14.05 41.26
C PHE H 65 -7.67 -14.39 42.37
N VAL H 66 -8.55 -15.40 42.20
CA VAL H 66 -9.59 -15.70 43.18
C VAL H 66 -9.67 -17.21 43.47
N GLY H 67 -10.34 -17.56 44.57
CA GLY H 67 -10.54 -18.95 44.96
C GLY H 67 -11.57 -19.65 44.09
N ILE H 68 -11.69 -20.97 44.27
CA ILE H 68 -12.65 -21.77 43.50
C ILE H 68 -14.10 -21.46 43.90
N ASN H 69 -14.35 -21.12 45.18
CA ASN H 69 -15.70 -20.80 45.67
C ASN H 69 -16.24 -19.42 45.22
N GLU H 70 -15.41 -18.59 44.57
CA GLU H 70 -15.81 -17.25 44.09
C GLU H 70 -15.05 -16.98 42.77
N SER H 71 -15.10 -17.94 41.85
CA SER H 71 -14.35 -17.91 40.60
C SER H 71 -14.91 -17.04 39.46
N ASP H 72 -16.22 -16.73 39.44
CA ASP H 72 -16.82 -15.94 38.34
C ASP H 72 -16.27 -14.51 38.26
N MET H 73 -15.61 -14.18 37.12
CA MET H 73 -15.00 -12.86 36.86
C MET H 73 -15.32 -12.37 35.42
N MET H 74 -14.93 -11.12 35.07
CA MET H 74 -15.16 -10.52 33.75
C MET H 74 -13.94 -9.75 33.23
N LEU H 75 -13.92 -9.48 31.90
CA LEU H 75 -12.86 -8.72 31.23
C LEU H 75 -13.47 -7.54 30.47
N LYS H 76 -13.19 -6.29 30.92
CA LYS H 76 -13.70 -5.08 30.27
C LYS H 76 -12.62 -4.54 29.31
N PRO H 77 -12.80 -4.68 27.97
CA PRO H 77 -11.75 -4.22 27.04
C PRO H 77 -11.41 -2.73 27.01
N ASP H 78 -10.12 -2.42 26.83
CA ASP H 78 -9.63 -1.05 26.64
C ASP H 78 -9.49 -0.94 25.12
N LEU H 79 -10.48 -0.31 24.48
CA LEU H 79 -10.57 -0.24 23.02
C LEU H 79 -9.41 0.46 22.32
N SER H 80 -8.70 1.34 23.02
CA SER H 80 -7.53 2.02 22.45
C SER H 80 -6.38 1.03 22.21
N THR H 81 -6.30 -0.08 22.99
CA THR H 81 -5.26 -1.10 22.87
C THR H 81 -5.55 -2.13 21.76
N PHE H 82 -6.31 -1.76 20.72
CA PHE H 82 -6.60 -2.67 19.62
C PHE H 82 -5.37 -2.79 18.73
N SER H 83 -5.01 -4.01 18.30
CA SER H 83 -3.84 -4.23 17.45
C SER H 83 -3.99 -5.54 16.68
N VAL H 84 -3.51 -5.57 15.42
CA VAL H 84 -3.55 -6.77 14.60
C VAL H 84 -2.27 -7.55 14.83
N LEU H 85 -2.37 -8.84 15.21
CA LEU H 85 -1.19 -9.66 15.45
C LEU H 85 -0.51 -9.98 14.11
N PRO H 86 0.72 -9.52 13.87
CA PRO H 86 1.37 -9.78 12.57
C PRO H 86 1.84 -11.22 12.40
N TRP H 87 2.29 -11.89 13.47
CA TRP H 87 2.71 -13.29 13.40
C TRP H 87 1.58 -14.26 13.01
N ARG H 88 0.30 -13.79 13.02
CA ARG H 88 -0.87 -14.56 12.60
C ARG H 88 -1.18 -14.25 11.11
N PRO H 89 -2.04 -15.04 10.42
CA PRO H 89 -2.29 -14.80 8.99
C PRO H 89 -2.89 -13.44 8.65
N SER H 90 -2.68 -12.98 7.40
CA SER H 90 -3.20 -11.71 6.91
C SER H 90 -4.65 -11.87 6.46
N GLU H 91 -4.97 -12.94 5.72
CA GLU H 91 -6.34 -13.21 5.28
C GLU H 91 -7.07 -13.82 6.48
N LYS H 92 -8.21 -13.22 6.89
CA LYS H 92 -8.95 -13.63 8.10
C LYS H 92 -8.04 -13.37 9.30
N SER H 93 -7.48 -12.13 9.35
CA SER H 93 -6.51 -11.70 10.35
C SER H 93 -7.03 -11.82 11.77
N VAL H 94 -6.10 -11.97 12.71
CA VAL H 94 -6.39 -12.09 14.13
C VAL H 94 -6.06 -10.76 14.80
N ALA H 95 -6.92 -10.29 15.71
CA ALA H 95 -6.72 -9.03 16.42
C ALA H 95 -6.77 -9.21 17.94
N ARG H 96 -6.25 -8.24 18.70
CA ARG H 96 -6.24 -8.31 20.16
C ARG H 96 -6.76 -7.03 20.79
N VAL H 97 -7.20 -7.13 22.05
CA VAL H 97 -7.67 -6.00 22.84
C VAL H 97 -7.33 -6.28 24.32
N ILE H 98 -6.42 -5.48 24.91
CA ILE H 98 -6.01 -5.68 26.30
C ILE H 98 -7.13 -5.21 27.22
N CYS H 99 -7.53 -6.04 28.17
CA CYS H 99 -8.66 -5.80 29.07
C CYS H 99 -8.26 -5.55 30.52
N ASP H 100 -9.20 -4.97 31.30
CA ASP H 100 -9.08 -4.76 32.73
C ASP H 100 -9.97 -5.85 33.38
N VAL H 101 -9.41 -6.59 34.35
CA VAL H 101 -10.16 -7.64 35.04
C VAL H 101 -11.12 -6.98 36.02
N TYR H 102 -12.42 -7.35 35.94
CA TYR H 102 -13.48 -6.79 36.80
C TYR H 102 -14.22 -7.92 37.51
N THR H 103 -14.78 -7.62 38.69
CA THR H 103 -15.55 -8.57 39.47
C THR H 103 -16.96 -8.75 38.87
N THR H 104 -17.69 -9.77 39.32
CA THR H 104 -19.05 -10.08 38.86
C THR H 104 -19.98 -8.87 38.99
N LYS H 105 -19.80 -8.06 40.06
CA LYS H 105 -20.61 -6.86 40.29
C LYS H 105 -20.22 -5.64 39.41
N GLY H 106 -19.32 -5.83 38.44
CA GLY H 106 -18.89 -4.77 37.53
C GLY H 106 -17.98 -3.74 38.17
N LYS H 107 -17.20 -4.13 39.19
CA LYS H 107 -16.26 -3.26 39.90
C LYS H 107 -14.82 -3.70 39.57
N PRO H 108 -13.83 -2.79 39.33
CA PRO H 108 -12.47 -3.27 39.00
C PRO H 108 -11.89 -4.24 40.03
N PHE H 109 -11.29 -5.35 39.56
CA PHE H 109 -10.73 -6.36 40.46
C PHE H 109 -9.48 -5.83 41.18
N GLU H 110 -9.49 -5.93 42.52
CA GLU H 110 -8.37 -5.50 43.36
C GLU H 110 -7.04 -6.18 43.02
N GLY H 111 -7.08 -7.47 42.71
CA GLY H 111 -5.89 -8.23 42.37
C GLY H 111 -5.47 -8.17 40.91
N ASP H 112 -5.87 -7.12 40.19
CA ASP H 112 -5.54 -6.97 38.76
C ASP H 112 -4.27 -6.12 38.61
N PRO H 113 -3.17 -6.63 38.01
CA PRO H 113 -1.98 -5.78 37.86
C PRO H 113 -2.18 -4.53 37.00
N ARG H 114 -3.01 -4.62 35.94
CA ARG H 114 -3.27 -3.48 35.06
C ARG H 114 -4.07 -2.38 35.76
N GLY H 115 -5.09 -2.78 36.52
CA GLY H 115 -5.89 -1.86 37.30
C GLY H 115 -5.11 -1.22 38.43
N CYS H 116 -4.11 -1.94 38.97
CA CYS H 116 -3.22 -1.44 40.02
C CYS H 116 -2.41 -0.26 39.49
N LEU H 117 -1.90 -0.36 38.24
CA LEU H 117 -1.13 0.71 37.63
C LEU H 117 -2.04 1.88 37.24
N LYS H 118 -3.27 1.60 36.76
CA LYS H 118 -4.23 2.65 36.42
C LYS H 118 -4.59 3.45 37.67
N ARG H 119 -4.84 2.77 38.79
CA ARG H 119 -5.20 3.39 40.07
C ARG H 119 -4.14 4.41 40.52
N VAL H 120 -2.86 4.01 40.60
CA VAL H 120 -1.80 4.90 41.05
C VAL H 120 -1.54 6.05 40.06
N MET H 121 -1.74 5.82 38.73
CA MET H 121 -1.56 6.89 37.74
C MET H 121 -2.68 7.91 37.83
N GLU H 122 -3.93 7.45 38.06
CA GLU H 122 -5.08 8.36 38.21
C GLU H 122 -4.92 9.17 39.50
N GLU H 123 -4.41 8.55 40.57
CA GLU H 123 -4.16 9.23 41.85
C GLU H 123 -3.07 10.30 41.68
N PHE H 124 -2.03 10.00 40.91
CA PHE H 124 -0.93 10.94 40.64
C PHE H 124 -1.46 12.11 39.80
N LYS H 125 -2.25 11.83 38.76
CA LYS H 125 -2.83 12.88 37.91
C LYS H 125 -3.83 13.76 38.68
N LYS H 126 -4.52 13.20 39.68
CA LYS H 126 -5.47 13.98 40.48
C LYS H 126 -4.76 14.88 41.49
N GLU H 127 -3.73 14.36 42.17
CA GLU H 127 -3.01 15.09 43.21
C GLU H 127 -2.00 16.11 42.69
N PHE H 128 -1.18 15.74 41.67
CA PHE H 128 -0.12 16.61 41.15
C PHE H 128 -0.32 17.09 39.70
N ASN H 129 -1.29 16.52 38.96
CA ASN H 129 -1.51 16.83 37.54
C ASN H 129 -0.26 16.42 36.73
N GLY H 130 0.24 15.22 37.03
CA GLY H 130 1.43 14.68 36.40
C GLY H 130 1.17 13.53 35.46
N GLU H 131 2.21 13.16 34.69
CA GLU H 131 2.19 12.09 33.71
C GLU H 131 3.49 11.31 33.89
N TYR H 132 3.40 10.03 34.29
CA TYR H 132 4.57 9.20 34.53
C TYR H 132 5.02 8.51 33.25
N PHE H 133 6.19 8.90 32.70
CA PHE H 133 6.73 8.33 31.46
C PHE H 133 7.83 7.31 31.72
N VAL H 134 7.79 6.17 31.00
CA VAL H 134 8.78 5.08 31.12
C VAL H 134 9.22 4.62 29.72
N GLY H 135 10.48 4.27 29.59
CA GLY H 135 11.10 3.78 28.36
C GLY H 135 12.08 2.67 28.69
N PRO H 136 11.67 1.39 28.62
CA PRO H 136 12.58 0.30 29.00
C PRO H 136 13.44 -0.22 27.86
N GLU H 137 14.48 -0.99 28.22
CA GLU H 137 15.43 -1.61 27.30
C GLU H 137 15.45 -3.12 27.62
N PRO H 138 14.37 -3.86 27.25
CA PRO H 138 14.35 -5.30 27.58
C PRO H 138 15.23 -6.15 26.66
N GLU H 139 16.31 -6.71 27.22
CA GLU H 139 17.25 -7.55 26.49
C GLU H 139 16.77 -9.01 26.52
N PHE H 140 17.16 -9.80 25.50
CA PHE H 140 16.77 -11.21 25.39
C PHE H 140 17.88 -12.05 24.73
N PHE H 141 17.76 -13.38 24.83
CA PHE H 141 18.71 -14.31 24.24
C PHE H 141 18.02 -15.17 23.19
N LEU H 142 18.66 -15.36 22.03
CA LEU H 142 18.17 -16.24 20.98
C LEU H 142 18.94 -17.54 21.15
N LEU H 143 18.23 -18.67 21.31
CA LEU H 143 18.86 -19.96 21.56
C LEU H 143 18.63 -20.97 20.45
N LYS H 144 19.52 -21.97 20.38
CA LYS H 144 19.45 -23.10 19.47
C LYS H 144 19.84 -24.37 20.25
N LYS H 145 19.34 -25.54 19.84
CA LYS H 145 19.65 -26.80 20.54
C LYS H 145 21.14 -27.11 20.47
N ASP H 146 21.69 -27.64 21.56
CA ASP H 146 23.11 -27.99 21.63
C ASP H 146 23.34 -29.17 20.69
N PRO H 147 24.29 -29.11 19.73
CA PRO H 147 24.50 -30.26 18.84
C PRO H 147 25.00 -31.50 19.57
N HIS H 148 25.83 -31.33 20.60
CA HIS H 148 26.35 -32.44 21.41
C HIS H 148 25.27 -33.07 22.33
N ASN H 149 24.15 -32.37 22.59
CA ASN H 149 23.06 -32.89 23.40
C ASN H 149 21.76 -32.11 23.10
N PRO H 150 20.75 -32.69 22.41
CA PRO H 150 19.54 -31.90 22.08
C PRO H 150 18.67 -31.49 23.26
N HIS H 151 18.84 -32.10 24.44
CA HIS H 151 18.06 -31.74 25.61
C HIS H 151 18.43 -30.37 26.19
N LYS H 152 19.67 -29.88 25.94
CA LYS H 152 20.13 -28.57 26.42
C LYS H 152 20.13 -27.52 25.30
N TYR H 153 20.08 -26.23 25.69
CA TYR H 153 20.09 -25.11 24.75
C TYR H 153 21.36 -24.26 24.93
N ILE H 154 21.82 -23.63 23.84
CA ILE H 154 23.01 -22.77 23.83
C ILE H 154 22.71 -21.46 23.06
N PRO H 155 23.60 -20.44 23.10
CA PRO H 155 23.32 -19.21 22.34
C PRO H 155 23.38 -19.41 20.83
N ALA H 156 22.59 -18.64 20.07
CA ALA H 156 22.53 -18.76 18.61
C ALA H 156 23.82 -18.39 17.87
N ASP H 157 24.64 -17.49 18.43
CA ASP H 157 25.88 -17.07 17.77
C ASP H 157 26.94 -16.61 18.76
N ASP H 158 28.21 -16.61 18.33
CA ASP H 158 29.34 -16.15 19.14
C ASP H 158 29.59 -14.66 18.88
N GLY H 159 28.52 -13.87 18.87
CA GLY H 159 28.60 -12.44 18.61
C GLY H 159 28.77 -11.60 19.86
N GLY H 160 29.33 -10.41 19.66
CA GLY H 160 29.58 -9.44 20.72
C GLY H 160 28.67 -8.23 20.61
N TYR H 161 29.03 -7.15 21.30
CA TYR H 161 28.23 -5.92 21.31
C TYR H 161 28.31 -5.22 19.96
N PHE H 162 27.15 -4.90 19.34
CA PHE H 162 27.05 -4.20 18.06
C PHE H 162 27.76 -4.92 16.89
N ASP H 163 28.11 -6.22 17.01
CA ASP H 163 28.82 -6.92 15.93
C ASP H 163 28.04 -6.99 14.61
N LEU H 164 28.77 -7.14 13.49
CA LEU H 164 28.20 -7.24 12.14
C LEU H 164 28.12 -8.69 11.67
N GLU H 165 27.23 -8.95 10.71
CA GLU H 165 27.09 -10.26 10.08
C GLU H 165 28.39 -10.62 9.31
N PRO H 166 28.76 -11.91 9.18
CA PRO H 166 28.09 -13.11 9.68
C PRO H 166 28.35 -13.45 11.14
N MET H 167 29.22 -12.68 11.83
CA MET H 167 29.50 -12.90 13.27
C MET H 167 28.19 -12.78 14.08
N ASP H 168 27.37 -11.79 13.73
CA ASP H 168 26.03 -11.56 14.27
C ASP H 168 25.07 -12.33 13.35
N GLU H 169 24.50 -13.45 13.81
CA GLU H 169 23.61 -14.28 12.98
C GLU H 169 22.13 -13.93 13.17
N ALA H 170 21.80 -12.76 13.73
CA ALA H 170 20.40 -12.38 13.95
C ALA H 170 19.90 -11.13 13.20
N PRO H 171 20.51 -10.61 12.09
CA PRO H 171 19.92 -9.44 11.43
C PRO H 171 18.55 -9.75 10.83
N ASP H 172 18.36 -10.96 10.30
CA ASP H 172 17.07 -11.38 9.74
C ASP H 172 16.02 -11.54 10.82
N ILE H 173 16.39 -12.08 12.00
CA ILE H 173 15.46 -12.27 13.11
C ILE H 173 15.05 -10.91 13.66
N ARG H 174 16.03 -10.01 13.88
CA ARG H 174 15.74 -8.66 14.38
C ARG H 174 14.92 -7.85 13.35
N ARG H 175 15.17 -8.05 12.05
CA ARG H 175 14.44 -7.37 10.97
C ARG H 175 12.92 -7.63 11.10
N ASP H 176 12.53 -8.91 11.18
CA ASP H 176 11.13 -9.29 11.30
C ASP H 176 10.53 -8.83 12.63
N ILE H 177 11.32 -8.80 13.72
CA ILE H 177 10.87 -8.32 15.02
C ILE H 177 10.47 -6.85 14.91
N VAL H 178 11.32 -6.03 14.29
CA VAL H 178 11.05 -4.61 14.14
C VAL H 178 9.82 -4.37 13.27
N PHE H 179 9.67 -5.13 12.17
CA PHE H 179 8.50 -4.98 11.31
C PHE H 179 7.22 -5.35 12.07
N ALA H 180 7.27 -6.43 12.86
CA ALA H 180 6.10 -6.87 13.65
C ALA H 180 5.70 -5.83 14.70
N LEU H 181 6.69 -5.25 15.40
CA LEU H 181 6.43 -4.24 16.43
C LEU H 181 5.86 -2.96 15.81
N GLU H 182 6.39 -2.53 14.65
CA GLU H 182 5.86 -1.35 13.97
C GLU H 182 4.39 -1.51 13.57
N ASN H 183 3.98 -2.73 13.17
CA ASN H 183 2.58 -3.01 12.81
C ASN H 183 1.68 -2.99 14.07
N LEU H 184 2.23 -3.39 15.23
CA LEU H 184 1.51 -3.37 16.51
C LEU H 184 1.40 -1.95 17.12
N GLY H 185 1.93 -0.93 16.45
CA GLY H 185 1.86 0.46 16.91
C GLY H 185 3.08 0.96 17.66
N PHE H 186 4.16 0.18 17.72
CA PHE H 186 5.37 0.58 18.43
C PHE H 186 6.20 1.56 17.60
N HIS H 187 6.91 2.47 18.29
CA HIS H 187 7.83 3.43 17.68
C HIS H 187 9.21 2.89 18.02
N VAL H 188 9.73 1.97 17.20
CA VAL H 188 11.02 1.34 17.46
C VAL H 188 12.14 2.38 17.27
N GLU H 189 13.07 2.47 18.22
CA GLU H 189 14.16 3.44 18.15
C GLU H 189 15.46 2.84 17.59
N ALA H 190 15.88 1.67 18.09
CA ALA H 190 17.12 1.03 17.62
C ALA H 190 17.13 -0.47 17.91
N SER H 191 17.97 -1.23 17.18
CA SER H 191 18.10 -2.67 17.35
C SER H 191 19.55 -3.08 17.07
N HIS H 192 20.11 -3.99 17.87
CA HIS H 192 21.51 -4.40 17.72
C HIS H 192 21.83 -5.66 18.56
N HIS H 193 23.02 -6.24 18.35
CA HIS H 193 23.49 -7.38 19.13
C HIS H 193 24.05 -6.84 20.45
N GLU H 194 23.88 -7.59 21.55
CA GLU H 194 24.36 -7.18 22.88
C GLU H 194 25.66 -7.94 23.27
N VAL H 195 26.28 -7.54 24.39
CA VAL H 195 27.56 -8.06 24.89
C VAL H 195 27.69 -9.59 24.86
N ALA H 196 26.78 -10.33 25.51
CA ALA H 196 26.88 -11.78 25.59
C ALA H 196 26.57 -12.49 24.26
N PRO H 197 27.10 -13.72 24.03
CA PRO H 197 26.77 -14.44 22.80
C PRO H 197 25.27 -14.67 22.64
N GLY H 198 24.76 -14.48 21.42
CA GLY H 198 23.35 -14.69 21.15
C GLY H 198 22.39 -13.71 21.81
N GLN H 199 22.91 -12.72 22.58
CA GLN H 199 22.08 -11.72 23.25
C GLN H 199 21.77 -10.58 22.30
N HIS H 200 20.57 -10.02 22.39
CA HIS H 200 20.12 -8.91 21.53
C HIS H 200 19.31 -7.88 22.33
N GLU H 201 19.08 -6.70 21.75
CA GLU H 201 18.32 -5.64 22.40
C GLU H 201 17.57 -4.85 21.33
N VAL H 202 16.23 -4.73 21.50
CA VAL H 202 15.39 -3.97 20.59
C VAL H 202 14.71 -2.90 21.44
N ASP H 203 15.13 -1.64 21.26
CA ASP H 203 14.62 -0.49 22.02
C ASP H 203 13.41 0.13 21.34
N PHE H 204 12.56 0.78 22.13
CA PHE H 204 11.36 1.47 21.63
C PHE H 204 11.12 2.76 22.43
N LYS H 205 10.38 3.70 21.82
CA LYS H 205 10.15 5.01 22.41
C LYS H 205 9.40 4.97 23.73
N PHE H 206 9.70 5.93 24.61
CA PHE H 206 9.04 6.05 25.90
C PHE H 206 7.61 6.55 25.73
N ASP H 207 6.76 6.24 26.70
CA ASP H 207 5.36 6.66 26.71
C ASP H 207 4.83 6.61 28.17
N ASP H 208 3.54 6.91 28.43
CA ASP H 208 2.99 6.83 29.79
C ASP H 208 3.04 5.37 30.29
N ALA H 209 3.27 5.19 31.59
CA ALA H 209 3.44 3.87 32.21
C ALA H 209 2.44 2.80 31.75
N LEU H 210 1.16 3.15 31.55
CA LEU H 210 0.16 2.16 31.12
C LEU H 210 0.45 1.70 29.68
N LYS H 211 0.63 2.64 28.73
CA LYS H 211 0.93 2.29 27.34
C LYS H 211 2.27 1.56 27.21
N THR H 212 3.24 1.90 28.09
CA THR H 212 4.56 1.26 28.10
C THR H 212 4.45 -0.17 28.64
N ALA H 213 3.65 -0.41 29.70
CA ALA H 213 3.48 -1.76 30.25
C ALA H 213 2.72 -2.65 29.28
N ASP H 214 1.74 -2.09 28.55
CA ASP H 214 1.03 -2.85 27.51
C ASP H 214 2.01 -3.25 26.40
N SER H 215 2.95 -2.35 26.06
CA SER H 215 3.97 -2.60 25.06
C SER H 215 5.00 -3.65 25.51
N VAL H 216 5.37 -3.70 26.81
CA VAL H 216 6.33 -4.69 27.29
C VAL H 216 5.76 -6.11 27.16
N ILE H 217 4.46 -6.30 27.46
CA ILE H 217 3.82 -7.61 27.35
C ILE H 217 3.77 -8.08 25.90
N THR H 218 3.37 -7.20 24.99
CA THR H 218 3.30 -7.53 23.57
C THR H 218 4.70 -7.76 23.02
N PHE H 219 5.70 -6.99 23.47
CA PHE H 219 7.07 -7.14 23.01
C PHE H 219 7.60 -8.54 23.34
N LYS H 220 7.40 -9.01 24.57
CA LYS H 220 7.85 -10.33 24.99
C LYS H 220 7.25 -11.45 24.13
N THR H 221 5.94 -11.37 23.83
CA THR H 221 5.29 -12.38 22.99
C THR H 221 5.80 -12.29 21.55
N THR H 222 5.93 -11.06 21.02
CA THR H 222 6.42 -10.84 19.66
C THR H 222 7.81 -11.45 19.44
N ILE H 223 8.73 -11.22 20.39
CA ILE H 223 10.10 -11.74 20.31
C ILE H 223 10.10 -13.27 20.36
N LYS H 224 9.28 -13.89 21.22
CA LYS H 224 9.24 -15.34 21.33
C LYS H 224 8.61 -16.03 20.11
N THR H 225 7.48 -15.51 19.61
CA THR H 225 6.78 -16.09 18.46
C THR H 225 7.58 -15.97 17.16
N ILE H 226 8.22 -14.82 16.92
CA ILE H 226 9.03 -14.63 15.70
C ILE H 226 10.29 -15.51 15.76
N ALA H 227 10.87 -15.71 16.95
CA ALA H 227 12.04 -16.59 17.06
C ALA H 227 11.68 -18.02 16.69
N GLU H 228 10.48 -18.50 17.09
CA GLU H 228 10.04 -19.85 16.73
C GLU H 228 9.88 -20.00 15.22
N GLN H 229 9.49 -18.93 14.51
CA GLN H 229 9.35 -18.97 13.05
C GLN H 229 10.71 -19.21 12.39
N HIS H 230 11.81 -18.67 12.96
CA HIS H 230 13.16 -18.85 12.42
C HIS H 230 13.90 -20.04 13.07
N GLY H 231 13.16 -21.05 13.55
CA GLY H 231 13.71 -22.25 14.17
C GLY H 231 14.53 -22.05 15.44
N LEU H 232 14.39 -20.90 16.13
CA LEU H 232 15.12 -20.61 17.36
C LEU H 232 14.15 -20.51 18.57
N LYS H 233 14.68 -20.28 19.78
CA LYS H 233 13.87 -20.14 20.99
C LYS H 233 14.38 -18.93 21.78
N ALA H 234 13.55 -17.87 21.92
CA ALA H 234 13.96 -16.67 22.64
C ALA H 234 13.60 -16.78 24.13
N THR H 235 14.51 -16.34 25.02
CA THR H 235 14.26 -16.37 26.46
C THR H 235 14.58 -15.03 27.12
N PHE H 236 13.70 -14.58 28.00
CA PHE H 236 13.90 -13.36 28.78
C PHE H 236 14.35 -13.76 30.20
N MET H 237 15.20 -14.79 30.31
CA MET H 237 15.70 -15.27 31.59
C MET H 237 16.79 -14.27 32.05
N PRO H 238 16.76 -13.76 33.31
CA PRO H 238 17.79 -12.78 33.70
C PRO H 238 19.25 -13.22 33.60
N LYS H 239 19.53 -14.52 33.60
CA LYS H 239 20.91 -15.05 33.54
C LYS H 239 20.86 -16.51 33.08
N PRO H 240 20.64 -16.76 31.78
CA PRO H 240 20.57 -18.16 31.32
C PRO H 240 21.90 -18.89 31.38
N PHE H 241 23.03 -18.17 31.25
CA PHE H 241 24.36 -18.79 31.28
C PHE H 241 25.30 -18.04 32.21
N PHE H 242 26.12 -18.79 32.96
CA PHE H 242 27.12 -18.24 33.88
C PHE H 242 28.35 -17.81 33.07
N GLY H 243 29.00 -16.73 33.51
CA GLY H 243 30.21 -16.23 32.86
C GLY H 243 29.98 -15.26 31.72
N MET H 244 28.71 -14.91 31.43
CA MET H 244 28.38 -13.94 30.38
C MET H 244 27.24 -13.03 30.86
N ASN H 245 27.13 -11.83 30.27
CA ASN H 245 26.11 -10.84 30.64
C ASN H 245 24.70 -11.41 30.70
N GLY H 246 23.88 -10.86 31.58
CA GLY H 246 22.50 -11.25 31.76
C GLY H 246 21.53 -10.29 31.09
N SER H 247 20.28 -10.73 30.94
CA SER H 247 19.25 -9.90 30.32
C SER H 247 18.77 -8.85 31.33
N GLY H 248 18.95 -7.57 30.99
CA GLY H 248 18.54 -6.47 31.84
C GLY H 248 17.53 -5.56 31.16
N MET H 249 16.59 -5.01 31.94
CA MET H 249 15.56 -4.10 31.43
C MET H 249 15.72 -2.77 32.15
N HIS H 250 16.63 -1.93 31.66
CA HIS H 250 16.90 -0.62 32.26
C HIS H 250 15.69 0.28 32.02
N CYS H 251 15.10 0.83 33.11
CA CYS H 251 13.89 1.66 32.99
C CYS H 251 14.19 3.16 33.07
N HIS H 252 14.29 3.81 31.90
CA HIS H 252 14.47 5.26 31.82
C HIS H 252 13.13 5.88 32.18
N GLN H 253 13.07 6.74 33.20
CA GLN H 253 11.79 7.31 33.65
C GLN H 253 11.86 8.78 34.05
N SER H 254 10.71 9.46 34.01
CA SER H 254 10.58 10.88 34.36
C SER H 254 9.10 11.27 34.54
N ILE H 255 8.83 12.27 35.41
CA ILE H 255 7.47 12.77 35.68
C ILE H 255 7.31 14.22 35.19
N TRP H 256 6.18 14.52 34.53
CA TRP H 256 5.89 15.84 33.97
C TRP H 256 4.67 16.49 34.61
N LEU H 257 4.88 17.41 35.57
CA LEU H 257 3.78 18.09 36.24
C LEU H 257 3.31 19.30 35.43
N ASN H 258 2.01 19.33 35.08
CA ASN H 258 1.39 20.41 34.30
C ASN H 258 1.96 20.50 32.87
N GLY H 259 2.23 19.35 32.26
CA GLY H 259 2.77 19.29 30.91
C GLY H 259 4.13 19.94 30.73
N GLU H 260 4.95 19.99 31.80
CA GLU H 260 6.28 20.59 31.77
C GLU H 260 7.31 19.53 32.21
N PRO H 261 8.54 19.53 31.67
CA PRO H 261 9.54 18.55 32.14
C PRO H 261 10.04 18.98 33.52
N SER H 262 9.46 18.38 34.57
CA SER H 262 9.76 18.72 35.95
C SER H 262 11.16 18.33 36.41
N PHE H 263 11.81 17.37 35.74
CA PHE H 263 13.14 16.94 36.14
C PHE H 263 14.26 17.89 35.69
N TYR H 264 14.00 18.75 34.68
CA TYR H 264 15.00 19.69 34.18
C TYR H 264 14.94 21.05 34.87
N ASP H 265 16.11 21.63 35.15
CA ASP H 265 16.26 22.96 35.74
C ASP H 265 17.55 23.56 35.18
N GLU H 266 17.42 24.46 34.19
CA GLU H 266 18.56 25.10 33.52
C GLU H 266 19.54 25.73 34.51
N ASN H 267 19.02 26.38 35.57
CA ASN H 267 19.84 27.01 36.61
C ASN H 267 19.90 26.12 37.86
N ALA H 268 20.65 25.00 37.80
CA ALA H 268 20.81 24.07 38.93
C ALA H 268 22.03 23.14 38.75
N PRO H 269 22.49 22.42 39.81
CA PRO H 269 23.64 21.52 39.62
C PRO H 269 23.31 20.34 38.72
N TYR H 270 24.19 20.03 37.75
CA TYR H 270 23.98 18.98 36.75
C TYR H 270 22.72 19.22 35.89
N GLN H 271 22.12 20.44 35.93
CA GLN H 271 20.88 20.78 35.24
C GLN H 271 19.76 19.80 35.62
N LEU H 272 19.64 19.51 36.93
CA LEU H 272 18.64 18.59 37.48
C LEU H 272 17.87 19.33 38.56
N SER H 273 16.54 19.29 38.49
CA SER H 273 15.66 19.99 39.43
C SER H 273 15.61 19.33 40.82
N GLU H 274 14.99 20.02 41.80
CA GLU H 274 14.80 19.50 43.15
C GLU H 274 13.84 18.30 43.08
N THR H 275 12.80 18.37 42.23
CA THR H 275 11.84 17.29 42.03
C THR H 275 12.56 15.99 41.61
N CYS H 276 13.56 16.10 40.74
CA CYS H 276 14.35 14.95 40.28
C CYS H 276 15.09 14.33 41.46
N MET H 277 15.78 15.16 42.27
CA MET H 277 16.55 14.69 43.43
C MET H 277 15.65 14.05 44.48
N ASN H 278 14.46 14.62 44.71
CA ASN H 278 13.53 14.05 45.67
C ASN H 278 13.04 12.68 45.19
N TYR H 279 12.80 12.53 43.88
CA TYR H 279 12.36 11.28 43.28
C TYR H 279 13.45 10.21 43.41
N VAL H 280 14.71 10.58 43.09
CA VAL H 280 15.85 9.66 43.19
C VAL H 280 16.03 9.19 44.64
N ALA H 281 15.87 10.11 45.62
CA ALA H 281 15.99 9.77 47.03
C ALA H 281 14.97 8.70 47.45
N GLY H 282 13.75 8.80 46.92
CA GLY H 282 12.69 7.85 47.21
C GLY H 282 12.95 6.47 46.63
N ILE H 283 13.53 6.40 45.43
CA ILE H 283 13.87 5.12 44.81
C ILE H 283 14.97 4.43 45.62
N LEU H 284 16.01 5.20 45.99
CA LEU H 284 17.14 4.68 46.76
C LEU H 284 16.70 4.23 48.16
N LYS H 285 15.70 4.91 48.76
CA LYS H 285 15.18 4.56 50.08
C LYS H 285 14.54 3.17 50.05
N HIS H 286 13.61 2.93 49.12
CA HIS H 286 12.92 1.65 49.01
C HIS H 286 13.59 0.69 48.00
N ALA H 287 14.88 0.91 47.66
CA ALA H 287 15.60 0.06 46.70
C ALA H 287 15.62 -1.42 47.08
N LYS H 288 15.84 -1.74 48.36
CA LYS H 288 15.87 -3.12 48.83
C LYS H 288 14.51 -3.83 48.71
N ALA H 289 13.41 -3.06 48.71
CA ALA H 289 12.05 -3.59 48.58
C ALA H 289 11.56 -3.60 47.14
N ILE H 290 12.00 -2.64 46.29
CA ILE H 290 11.59 -2.58 44.88
C ILE H 290 12.13 -3.79 44.11
N VAL H 291 13.37 -4.24 44.42
CA VAL H 291 13.97 -5.38 43.72
C VAL H 291 13.19 -6.69 43.94
N ALA H 292 12.29 -6.77 44.93
CA ALA H 292 11.47 -7.97 45.11
C ALA H 292 10.49 -8.08 43.94
N ILE H 293 9.88 -6.95 43.53
CA ILE H 293 8.95 -6.91 42.40
C ILE H 293 9.68 -6.87 41.07
N THR H 294 10.65 -5.95 40.91
CA THR H 294 11.38 -5.79 39.65
C THR H 294 12.37 -6.93 39.33
N ASN H 295 12.70 -7.77 40.32
CA ASN H 295 13.59 -8.93 40.17
C ASN H 295 12.92 -10.08 40.92
N PRO H 296 11.81 -10.65 40.40
CA PRO H 296 11.05 -11.64 41.17
C PRO H 296 11.46 -13.11 41.05
N THR H 297 12.49 -13.44 40.26
CA THR H 297 12.91 -14.83 40.10
C THR H 297 14.15 -15.14 40.95
N VAL H 298 14.39 -16.43 41.22
CA VAL H 298 15.59 -16.87 41.95
C VAL H 298 16.83 -16.54 41.09
N ASN H 299 16.72 -16.77 39.77
CA ASN H 299 17.79 -16.51 38.80
C ASN H 299 18.16 -15.03 38.69
N SER H 300 17.23 -14.11 39.00
CA SER H 300 17.50 -12.68 38.95
C SER H 300 18.69 -12.28 39.83
N TYR H 301 18.87 -12.96 40.97
CA TYR H 301 19.96 -12.67 41.91
C TYR H 301 21.29 -13.36 41.55
N LYS H 302 21.39 -13.94 40.34
CA LYS H 302 22.63 -14.46 39.76
C LYS H 302 23.20 -13.39 38.77
N ARG H 303 22.32 -12.53 38.17
CA ARG H 303 22.72 -11.38 37.36
C ARG H 303 22.95 -10.24 38.36
N LEU H 304 21.90 -9.88 39.13
CA LEU H 304 21.92 -8.83 40.15
C LEU H 304 22.53 -9.43 41.43
N VAL H 305 23.80 -9.81 41.35
CA VAL H 305 24.51 -10.49 42.44
C VAL H 305 25.42 -9.55 43.26
N PRO H 306 25.18 -9.32 44.58
CA PRO H 306 26.09 -8.44 45.33
C PRO H 306 27.52 -8.96 45.41
N GLY H 307 28.47 -8.05 45.61
CA GLY H 307 29.88 -8.41 45.66
C GLY H 307 30.53 -8.62 44.30
N TYR H 308 29.73 -8.64 43.20
CA TYR H 308 30.20 -8.81 41.83
C TYR H 308 29.64 -7.72 40.91
N GLU H 309 30.29 -7.51 39.76
CA GLU H 309 29.93 -6.47 38.78
C GLU H 309 28.45 -6.56 38.37
N ALA H 310 27.61 -5.65 38.93
CA ALA H 310 26.16 -5.60 38.67
C ALA H 310 25.57 -4.28 39.20
N PRO H 311 24.34 -3.87 38.81
CA PRO H 311 23.76 -2.63 39.37
C PRO H 311 23.12 -2.91 40.74
N VAL H 312 23.98 -3.30 41.68
CA VAL H 312 23.65 -3.70 43.06
C VAL H 312 23.88 -2.58 44.08
N ASN H 313 24.79 -1.65 43.77
CA ASN H 313 25.15 -0.58 44.69
C ASN H 313 24.06 0.48 44.73
N ILE H 314 23.44 0.67 45.90
CA ILE H 314 22.37 1.65 46.10
C ILE H 314 22.95 3.06 46.13
N ALA H 315 23.08 3.67 44.94
CA ALA H 315 23.60 5.02 44.75
C ALA H 315 23.27 5.55 43.34
N TRP H 316 23.31 6.87 43.13
CA TRP H 316 23.05 7.47 41.81
C TRP H 316 24.31 8.16 41.26
N ALA H 317 24.42 8.31 39.93
CA ALA H 317 25.57 8.94 39.29
C ALA H 317 25.29 9.37 37.86
N ASN H 318 26.03 10.37 37.36
CA ASN H 318 25.86 10.89 36.00
C ASN H 318 26.74 10.15 34.99
N SER H 319 26.12 9.49 33.99
CA SER H 319 26.84 8.76 32.93
C SER H 319 27.80 7.69 33.48
N ASN H 320 27.34 6.95 34.51
CA ASN H 320 28.11 5.88 35.15
C ASN H 320 27.21 4.64 35.27
N ARG H 321 27.57 3.54 34.60
CA ARG H 321 26.79 2.30 34.60
C ARG H 321 27.11 1.34 35.78
N SER H 322 27.95 1.77 36.75
CA SER H 322 28.28 0.94 37.91
C SER H 322 27.26 1.06 39.05
N ALA H 323 26.57 2.22 39.13
CA ALA H 323 25.57 2.49 40.18
C ALA H 323 24.16 1.94 39.80
N ILE H 324 23.22 1.86 40.77
CA ILE H 324 21.86 1.36 40.50
C ILE H 324 21.09 2.34 39.60
N ILE H 325 21.34 3.67 39.76
CA ILE H 325 20.71 4.72 38.94
C ILE H 325 21.81 5.44 38.14
N ARG H 326 21.50 5.76 36.88
CA ARG H 326 22.40 6.51 35.99
C ARG H 326 21.56 7.63 35.36
N VAL H 327 22.06 8.87 35.38
CA VAL H 327 21.35 10.00 34.80
C VAL H 327 21.94 10.24 33.39
N PRO H 328 21.23 9.88 32.30
CA PRO H 328 21.82 10.10 30.96
C PRO H 328 22.13 11.57 30.70
N ALA H 329 23.15 11.83 29.87
CA ALA H 329 23.58 13.18 29.57
C ALA H 329 22.56 14.05 28.80
N ALA H 330 21.51 13.45 28.22
CA ALA H 330 20.50 14.22 27.49
C ALA H 330 19.73 15.13 28.44
N ARG H 331 19.55 16.40 28.06
CA ARG H 331 18.86 17.40 28.88
C ARG H 331 17.73 18.11 28.13
N GLY H 332 16.88 18.80 28.88
CA GLY H 332 15.70 19.47 28.36
C GLY H 332 14.50 18.58 28.59
N LYS H 333 13.79 18.20 27.50
CA LYS H 333 12.65 17.29 27.63
C LYS H 333 13.13 15.89 28.01
N GLY H 334 14.23 15.44 27.41
CA GLY H 334 14.79 14.13 27.67
C GLY H 334 15.55 13.95 28.98
N THR H 335 15.36 14.86 29.96
CA THR H 335 16.02 14.72 31.26
C THR H 335 15.32 13.56 31.96
N ARG H 336 16.08 12.55 32.41
CA ARG H 336 15.50 11.34 33.01
C ARG H 336 16.51 10.63 33.95
N ILE H 337 16.05 9.55 34.63
CA ILE H 337 16.88 8.70 35.48
C ILE H 337 16.68 7.25 35.02
N GLU H 338 17.77 6.47 34.96
CA GLU H 338 17.74 5.08 34.49
C GLU H 338 17.90 4.11 35.67
N PHE H 339 16.79 3.47 36.08
CA PHE H 339 16.84 2.47 37.15
C PHE H 339 17.32 1.17 36.47
N ARG H 340 18.59 0.79 36.71
CA ARG H 340 19.24 -0.35 36.07
C ARG H 340 19.00 -1.72 36.72
N ALA H 341 18.41 -1.76 37.92
CA ALA H 341 18.18 -3.03 38.62
C ALA H 341 17.20 -4.02 37.94
N PRO H 342 16.10 -3.58 37.29
CA PRO H 342 15.14 -4.55 36.72
C PRO H 342 15.67 -5.43 35.60
N ASP H 343 15.01 -6.59 35.42
CA ASP H 343 15.26 -7.56 34.36
C ASP H 343 13.90 -7.87 33.70
N PRO H 344 13.87 -8.36 32.43
CA PRO H 344 12.56 -8.58 31.78
C PRO H 344 11.68 -9.70 32.38
N SER H 345 12.10 -10.34 33.49
CA SER H 345 11.30 -11.36 34.16
C SER H 345 10.16 -10.78 35.03
N CYS H 346 10.18 -9.46 35.31
CA CYS H 346 9.19 -8.82 36.17
C CYS H 346 7.89 -8.46 35.45
N ASN H 347 6.81 -8.30 36.23
CA ASN H 347 5.51 -7.88 35.71
C ASN H 347 5.65 -6.36 35.48
N PRO H 348 5.54 -5.85 34.24
CA PRO H 348 5.72 -4.40 34.05
C PRO H 348 4.69 -3.54 34.78
N TYR H 349 3.44 -4.00 34.91
CA TYR H 349 2.40 -3.22 35.59
C TYR H 349 2.74 -3.00 37.07
N LEU H 350 3.29 -4.02 37.74
CA LEU H 350 3.68 -3.92 39.15
C LEU H 350 5.04 -3.21 39.30
N ALA H 351 5.95 -3.39 38.33
CA ALA H 351 7.27 -2.73 38.36
C ALA H 351 7.13 -1.22 38.28
N PHE H 352 6.27 -0.71 37.38
CA PHE H 352 6.07 0.73 37.25
C PHE H 352 5.29 1.30 38.44
N THR H 353 4.41 0.49 39.07
CA THR H 353 3.65 0.91 40.24
C THR H 353 4.58 1.17 41.43
N VAL H 354 5.46 0.20 41.77
CA VAL H 354 6.40 0.34 42.89
C VAL H 354 7.43 1.43 42.65
N MET H 355 7.89 1.61 41.39
CA MET H 355 8.85 2.66 41.08
C MET H 355 8.20 4.03 41.25
N LEU H 356 6.96 4.20 40.76
CA LEU H 356 6.27 5.47 40.91
C LEU H 356 5.91 5.74 42.38
N ALA H 357 5.52 4.71 43.15
CA ALA H 357 5.16 4.91 44.56
C ALA H 357 6.37 5.31 45.43
N ALA H 358 7.51 4.65 45.25
CA ALA H 358 8.71 4.99 46.01
C ALA H 358 9.23 6.35 45.59
N GLY H 359 9.21 6.64 44.29
CA GLY H 359 9.64 7.93 43.77
C GLY H 359 8.78 9.08 44.25
N LEU H 360 7.44 8.90 44.25
CA LEU H 360 6.53 9.92 44.75
C LEU H 360 6.61 10.08 46.26
N ASP H 361 7.00 9.02 47.00
CA ASP H 361 7.21 9.13 48.45
C ASP H 361 8.32 10.15 48.75
N GLY H 362 9.35 10.18 47.91
CA GLY H 362 10.44 11.15 48.03
C GLY H 362 10.02 12.56 47.68
N VAL H 363 9.14 12.71 46.66
CA VAL H 363 8.63 14.01 46.21
C VAL H 363 7.68 14.61 47.27
N LYS H 364 6.77 13.79 47.82
CA LYS H 364 5.80 14.23 48.82
C LYS H 364 6.50 14.68 50.12
N ASN H 365 7.46 13.88 50.62
CA ASN H 365 8.20 14.21 51.84
C ASN H 365 9.42 15.13 51.60
N LYS H 366 9.79 15.39 50.33
CA LYS H 366 10.94 16.22 49.96
C LYS H 366 12.22 15.66 50.60
N LEU H 367 12.51 14.38 50.32
CA LEU H 367 13.68 13.70 50.86
C LEU H 367 14.97 14.13 50.17
N ASP H 368 16.07 14.19 50.94
CA ASP H 368 17.37 14.61 50.45
C ASP H 368 18.14 13.45 49.84
N ALA H 369 18.55 13.59 48.58
CA ALA H 369 19.30 12.55 47.87
C ALA H 369 20.79 12.63 48.24
N PRO H 370 21.52 11.50 48.18
CA PRO H 370 22.97 11.56 48.46
C PRO H 370 23.77 12.13 47.27
N GLU H 371 25.06 12.38 47.47
CA GLU H 371 25.92 12.91 46.41
C GLU H 371 26.16 11.86 45.32
N PRO H 372 26.36 12.28 44.05
CA PRO H 372 26.57 11.29 42.99
C PRO H 372 27.96 10.66 43.05
N VAL H 373 28.04 9.33 42.95
CA VAL H 373 29.30 8.61 43.00
C VAL H 373 29.87 8.49 41.59
N GLU H 374 30.55 9.56 41.13
CA GLU H 374 31.14 9.60 39.79
C GLU H 374 32.22 8.52 39.60
N ARG H 375 32.89 8.09 40.69
CA ARG H 375 33.91 7.03 40.65
C ARG H 375 33.28 5.67 40.30
N ASN H 376 34.10 4.73 39.78
CA ASN H 376 33.65 3.38 39.49
C ASN H 376 33.48 2.70 40.85
N ILE H 377 32.27 2.18 41.14
CA ILE H 377 31.98 1.57 42.43
C ILE H 377 32.50 0.12 42.53
N PHE H 378 32.69 -0.57 41.38
CA PHE H 378 33.20 -1.94 41.40
C PHE H 378 34.66 -1.97 41.87
N ALA H 379 35.46 -0.96 41.48
CA ALA H 379 36.86 -0.86 41.90
C ALA H 379 37.03 -0.55 43.40
N MET H 380 35.96 -0.07 44.08
CA MET H 380 36.03 0.27 45.50
C MET H 380 36.00 -0.98 46.37
N SER H 381 36.65 -0.90 47.55
CA SER H 381 36.68 -1.99 48.52
C SER H 381 35.44 -1.91 49.43
N GLU H 382 35.06 -3.05 50.05
CA GLU H 382 33.90 -3.10 50.95
C GLU H 382 34.02 -2.16 52.15
N ALA H 383 35.23 -1.94 52.68
CA ALA H 383 35.43 -1.02 53.79
C ALA H 383 35.24 0.43 53.34
N GLU H 384 35.65 0.77 52.11
CA GLU H 384 35.51 2.11 51.55
C GLU H 384 34.02 2.39 51.26
N LYS H 385 33.31 1.43 50.66
CA LYS H 385 31.88 1.57 50.35
C LYS H 385 31.05 1.69 51.64
N LYS H 386 31.49 1.06 52.75
CA LYS H 386 30.78 1.14 54.02
C LYS H 386 30.95 2.52 54.66
N GLU H 387 32.12 3.15 54.48
CA GLU H 387 32.38 4.49 55.00
C GLU H 387 31.48 5.51 54.28
N LEU H 388 31.41 5.43 52.94
CA LEU H 388 30.57 6.32 52.14
C LEU H 388 29.06 6.09 52.39
N GLY H 389 28.68 4.88 52.75
CA GLY H 389 27.29 4.51 53.02
C GLY H 389 26.57 3.95 51.82
N ILE H 390 27.31 3.28 50.92
CA ILE H 390 26.75 2.69 49.71
C ILE H 390 26.28 1.26 50.02
N GLU H 391 25.03 1.10 50.44
CA GLU H 391 24.47 -0.22 50.76
C GLU H 391 24.21 -1.02 49.47
N SER H 392 24.07 -2.36 49.59
CA SER H 392 23.83 -3.22 48.44
C SER H 392 22.43 -3.85 48.47
N VAL H 393 21.87 -4.16 47.29
CA VAL H 393 20.54 -4.78 47.16
C VAL H 393 20.59 -6.23 47.66
N PRO H 394 19.48 -6.80 48.17
CA PRO H 394 19.53 -8.20 48.67
C PRO H 394 20.21 -9.22 47.76
N ALA H 395 20.87 -10.22 48.37
CA ALA H 395 21.61 -11.26 47.66
C ALA H 395 20.75 -12.39 47.08
N ASN H 396 19.49 -12.53 47.53
CA ASN H 396 18.62 -13.61 47.04
C ASN H 396 17.13 -13.20 47.06
N LEU H 397 16.25 -14.04 46.48
CA LEU H 397 14.82 -13.77 46.39
C LEU H 397 14.17 -13.63 47.77
N LYS H 398 14.43 -14.58 48.69
CA LYS H 398 13.85 -14.54 50.03
C LYS H 398 14.29 -13.31 50.80
N ALA H 399 15.55 -12.86 50.62
CA ALA H 399 16.04 -11.66 51.28
C ALA H 399 15.27 -10.42 50.80
N ALA H 400 14.87 -10.38 49.52
CA ALA H 400 14.11 -9.27 48.97
C ALA H 400 12.63 -9.34 49.38
N LEU H 401 12.06 -10.54 49.49
CA LEU H 401 10.66 -10.69 49.90
C LEU H 401 10.44 -10.19 51.33
N ASP H 402 11.41 -10.44 52.23
CA ASP H 402 11.31 -9.96 53.62
C ASP H 402 11.36 -8.43 53.66
N GLU H 403 12.15 -7.80 52.78
CA GLU H 403 12.23 -6.34 52.69
C GLU H 403 10.91 -5.77 52.17
N LEU H 404 10.31 -6.43 51.16
CA LEU H 404 9.03 -6.01 50.60
C LEU H 404 7.91 -6.13 51.64
N GLU H 405 7.94 -7.22 52.43
CA GLU H 405 6.93 -7.47 53.46
C GLU H 405 6.93 -6.36 54.52
N ASN H 406 8.11 -5.91 54.97
CA ASN H 406 8.21 -4.85 55.98
C ASN H 406 8.02 -3.43 55.40
N ASN H 407 7.96 -3.28 54.07
CA ASN H 407 7.77 -1.98 53.42
C ASN H 407 6.27 -1.65 53.32
N ASP H 408 5.85 -0.54 53.93
CA ASP H 408 4.44 -0.11 53.92
C ASP H 408 4.10 0.75 52.69
N VAL H 409 5.10 1.41 52.07
CA VAL H 409 4.86 2.25 50.90
C VAL H 409 4.43 1.39 49.71
N LEU H 410 5.14 0.29 49.46
CA LEU H 410 4.82 -0.61 48.35
C LEU H 410 3.59 -1.49 48.65
N LYS H 411 3.34 -1.80 49.94
CA LYS H 411 2.17 -2.58 50.34
C LYS H 411 0.89 -1.85 49.95
N ASN H 412 0.83 -0.54 50.22
CA ASN H 412 -0.33 0.29 49.89
C ASN H 412 -0.51 0.49 48.39
N ALA H 413 0.59 0.66 47.64
CA ALA H 413 0.54 0.85 46.19
C ALA H 413 0.03 -0.39 45.47
N LEU H 414 0.50 -1.59 45.88
CA LEU H 414 0.09 -2.86 45.27
C LEU H 414 -1.29 -3.31 45.77
N GLY H 415 -1.63 -2.98 47.02
CA GLY H 415 -2.89 -3.38 47.62
C GLY H 415 -2.77 -4.71 48.33
N LYS H 416 -3.62 -4.95 49.35
CA LYS H 416 -3.59 -6.17 50.14
C LYS H 416 -3.65 -7.45 49.30
N HIS H 417 -4.42 -7.45 48.21
CA HIS H 417 -4.56 -8.64 47.37
C HIS H 417 -3.27 -8.98 46.61
N ILE H 418 -2.67 -8.00 45.94
CA ILE H 418 -1.45 -8.25 45.16
C ILE H 418 -0.25 -8.47 46.09
N PHE H 419 -0.10 -7.63 47.12
CA PHE H 419 1.00 -7.73 48.08
C PHE H 419 1.06 -9.12 48.75
N GLU H 420 -0.06 -9.60 49.31
CA GLU H 420 -0.08 -10.89 50.00
C GLU H 420 0.03 -12.09 49.04
N SER H 421 -0.65 -12.07 47.89
CA SER H 421 -0.58 -13.18 46.94
C SER H 421 0.81 -13.28 46.32
N PHE H 422 1.45 -12.15 46.01
CA PHE H 422 2.80 -12.16 45.45
C PHE H 422 3.78 -12.79 46.44
N LEU H 423 3.76 -12.36 47.71
CA LEU H 423 4.65 -12.92 48.74
C LEU H 423 4.40 -14.42 48.92
N GLU H 424 3.12 -14.85 48.93
CA GLU H 424 2.76 -16.26 49.11
C GLU H 424 3.25 -17.11 47.94
N ILE H 425 3.08 -16.63 46.69
CA ILE H 425 3.52 -17.35 45.49
C ILE H 425 5.04 -17.43 45.44
N LYS H 426 5.73 -16.32 45.71
CA LYS H 426 7.18 -16.28 45.67
C LYS H 426 7.84 -17.04 46.81
N ASN H 427 7.18 -17.15 47.98
CA ASN H 427 7.74 -17.93 49.09
C ASN H 427 7.67 -19.43 48.77
N ALA H 428 6.58 -19.88 48.13
CA ALA H 428 6.46 -21.27 47.69
C ALA H 428 7.52 -21.59 46.60
N GLU H 429 7.80 -20.61 45.72
CA GLU H 429 8.79 -20.70 44.66
C GLU H 429 10.19 -20.78 45.27
N TRP H 430 10.46 -19.98 46.31
CA TRP H 430 11.73 -19.98 47.02
C TRP H 430 11.93 -21.30 47.77
N ASP H 431 10.87 -21.80 48.44
CA ASP H 431 10.93 -23.06 49.17
C ASP H 431 11.24 -24.22 48.24
N SER H 432 10.71 -24.19 47.00
CA SER H 432 10.98 -25.23 46.02
C SER H 432 12.46 -25.22 45.62
N PHE H 433 13.08 -24.04 45.54
CA PHE H 433 14.49 -23.88 45.19
C PHE H 433 15.43 -24.35 46.31
N ARG H 434 15.19 -23.90 47.55
CA ARG H 434 16.07 -24.27 48.67
C ARG H 434 16.00 -25.75 49.07
N THR H 435 14.93 -26.47 48.71
CA THR H 435 14.81 -27.90 49.02
C THR H 435 15.37 -28.78 47.91
N SER H 436 15.35 -28.31 46.65
CA SER H 436 15.83 -29.10 45.51
C SER H 436 17.35 -29.28 45.52
N VAL H 437 17.82 -30.48 45.16
CA VAL H 437 19.24 -30.79 45.06
C VAL H 437 19.70 -30.36 43.67
N THR H 438 20.55 -29.32 43.61
CA THR H 438 21.01 -28.75 42.35
C THR H 438 22.20 -29.50 41.74
N ASP H 439 22.45 -29.27 40.45
CA ASP H 439 23.56 -29.88 39.72
C ASP H 439 24.92 -29.42 40.27
N TRP H 440 25.00 -28.18 40.80
CA TRP H 440 26.23 -27.65 41.38
C TRP H 440 26.60 -28.49 42.61
N GLU H 441 25.62 -28.77 43.48
CA GLU H 441 25.82 -29.58 44.69
C GLU H 441 26.28 -30.98 44.33
N THR H 442 25.67 -31.59 43.31
CA THR H 442 26.04 -32.94 42.90
C THR H 442 27.48 -32.97 42.39
N THR H 443 27.88 -31.93 41.64
CA THR H 443 29.25 -31.85 41.12
C THR H 443 30.26 -31.66 42.25
N ALA H 444 29.94 -30.78 43.22
CA ALA H 444 30.85 -30.46 44.32
C ALA H 444 30.89 -31.45 45.48
N TYR H 445 29.80 -32.15 45.79
CA TYR H 445 29.74 -33.01 46.98
C TYR H 445 29.54 -34.52 46.75
N LEU H 446 29.29 -35.00 45.51
CA LEU H 446 29.12 -36.45 45.31
C LEU H 446 30.44 -37.20 45.60
N LYS H 447 31.59 -36.55 45.34
CA LYS H 447 32.90 -37.13 45.59
C LYS H 447 33.20 -37.35 47.09
N ILE H 448 32.57 -36.56 47.99
CA ILE H 448 32.85 -36.68 49.43
C ILE H 448 32.18 -37.91 50.05
N SER I 2 17.52 -74.35 71.21
CA SER I 2 16.42 -73.92 72.09
C SER I 2 16.90 -72.97 73.19
N THR I 3 18.10 -73.22 73.79
CA THR I 3 18.67 -72.36 74.83
C THR I 3 19.88 -71.56 74.28
N VAL I 4 20.37 -70.59 75.08
CA VAL I 4 21.49 -69.74 74.69
C VAL I 4 22.76 -70.57 74.47
N GLU I 5 23.03 -71.54 75.36
CA GLU I 5 24.23 -72.37 75.24
C GLU I 5 24.28 -73.19 73.95
N GLN I 6 23.13 -73.72 73.51
CA GLN I 6 23.10 -74.51 72.27
C GLN I 6 23.42 -73.63 71.06
N VAL I 7 22.94 -72.37 71.05
CA VAL I 7 23.21 -71.45 69.96
C VAL I 7 24.68 -71.00 69.99
N LEU I 8 25.22 -70.69 71.19
CA LEU I 8 26.63 -70.27 71.32
C LEU I 8 27.58 -71.42 70.98
N GLU I 9 27.18 -72.68 71.24
CA GLU I 9 28.01 -73.84 70.92
C GLU I 9 28.07 -74.02 69.40
N TYR I 10 26.95 -73.79 68.69
CA TYR I 10 26.91 -73.89 67.24
C TYR I 10 27.72 -72.74 66.63
N VAL I 11 27.55 -71.51 67.13
CA VAL I 11 28.31 -70.35 66.64
C VAL I 11 29.83 -70.56 66.79
N LYS I 12 30.27 -71.17 67.91
CA LYS I 12 31.69 -71.46 68.17
C LYS I 12 32.23 -72.52 67.19
N SER I 13 31.53 -73.67 67.08
CA SER I 13 31.94 -74.82 66.26
C SER I 13 31.63 -74.76 64.76
N ASN I 14 30.81 -73.80 64.29
CA ASN I 14 30.50 -73.68 62.86
C ASN I 14 31.08 -72.41 62.21
N ASN I 15 31.91 -71.64 62.96
CA ASN I 15 32.53 -70.41 62.48
C ASN I 15 31.48 -69.43 61.95
N VAL I 16 30.45 -69.15 62.75
CA VAL I 16 29.40 -68.22 62.36
C VAL I 16 29.91 -66.81 62.66
N LYS I 17 29.84 -65.90 61.67
CA LYS I 17 30.35 -64.53 61.81
C LYS I 17 29.26 -63.48 61.92
N PHE I 18 28.05 -63.72 61.38
CA PHE I 18 26.97 -62.74 61.45
C PHE I 18 25.69 -63.35 61.98
N MET I 19 24.92 -62.58 62.78
CA MET I 19 23.64 -63.00 63.35
C MET I 19 22.58 -61.99 62.92
N ARG I 20 21.64 -62.42 62.07
CA ARG I 20 20.56 -61.58 61.55
C ARG I 20 19.40 -61.64 62.53
N PHE I 21 19.01 -60.49 63.10
CA PHE I 21 17.88 -60.42 64.02
C PHE I 21 16.67 -60.08 63.15
N GLN I 22 15.96 -61.13 62.71
CA GLN I 22 14.84 -61.01 61.78
C GLN I 22 13.48 -60.83 62.45
N PHE I 23 12.55 -60.19 61.72
CA PHE I 23 11.16 -59.96 62.13
C PHE I 23 10.30 -59.56 60.89
N VAL I 24 9.02 -59.21 61.06
CA VAL I 24 8.17 -58.84 59.92
C VAL I 24 7.39 -57.57 60.19
N ASP I 25 7.16 -56.75 59.16
CA ASP I 25 6.33 -55.56 59.30
C ASP I 25 4.82 -55.97 59.23
N ILE I 26 3.89 -55.01 59.32
CA ILE I 26 2.45 -55.33 59.29
C ILE I 26 2.03 -56.08 58.02
N LEU I 27 2.60 -55.75 56.87
CA LEU I 27 2.25 -56.40 55.60
C LEU I 27 2.94 -57.77 55.38
N GLY I 28 3.78 -58.21 56.32
CA GLY I 28 4.47 -59.49 56.23
C GLY I 28 5.81 -59.43 55.51
N VAL I 29 6.35 -58.22 55.27
CA VAL I 29 7.63 -58.05 54.60
C VAL I 29 8.71 -58.30 55.67
N PRO I 30 9.68 -59.21 55.44
CA PRO I 30 10.70 -59.44 56.47
C PRO I 30 11.68 -58.26 56.58
N LYS I 31 12.14 -57.99 57.81
CA LYS I 31 13.08 -56.92 58.14
C LYS I 31 14.12 -57.49 59.11
N ASN I 32 15.40 -57.08 58.97
CA ASN I 32 16.46 -57.61 59.85
C ASN I 32 17.67 -56.67 59.98
N VAL I 33 18.50 -56.91 60.99
CA VAL I 33 19.74 -56.17 61.26
C VAL I 33 20.83 -57.19 61.56
N ALA I 34 22.00 -57.04 60.94
CA ALA I 34 23.11 -57.98 61.14
C ALA I 34 24.00 -57.56 62.30
N PHE I 35 24.39 -58.51 63.15
CA PHE I 35 25.28 -58.29 64.31
C PHE I 35 26.55 -59.08 64.08
N PRO I 36 27.74 -58.43 63.97
CA PRO I 36 28.97 -59.22 63.77
C PRO I 36 29.48 -59.83 65.07
N ILE I 37 29.73 -61.14 65.05
CA ILE I 37 30.21 -61.87 66.22
C ILE I 37 31.73 -61.76 66.22
N LYS I 38 32.34 -61.39 67.36
CA LYS I 38 33.80 -61.27 67.47
C LYS I 38 34.41 -62.63 67.87
N ALA I 39 35.71 -62.80 67.59
CA ALA I 39 36.43 -64.03 67.91
C ALA I 39 36.73 -64.14 69.41
N GLY I 40 36.95 -65.37 69.88
CA GLY I 40 37.28 -65.64 71.28
C GLY I 40 36.10 -65.55 72.23
N GLU I 41 36.39 -65.73 73.53
CA GLU I 41 35.38 -65.67 74.58
C GLU I 41 34.70 -64.30 74.68
N LYS I 42 35.43 -63.21 74.40
CA LYS I 42 34.88 -61.86 74.46
C LYS I 42 33.73 -61.66 73.45
N GLY I 43 33.87 -62.26 72.28
CA GLY I 43 32.84 -62.20 71.24
C GLY I 43 31.62 -63.05 71.57
N ILE I 44 31.84 -64.22 72.20
CA ILE I 44 30.76 -65.11 72.61
C ILE I 44 29.97 -64.51 73.77
N GLU I 45 30.65 -63.84 74.73
CA GLU I 45 29.97 -63.19 75.85
C GLU I 45 29.21 -61.94 75.39
N GLU I 46 29.69 -61.25 74.34
CA GLU I 46 28.99 -60.09 73.76
C GLU I 46 27.70 -60.62 73.10
N LEU I 47 27.81 -61.72 72.33
CA LEU I 47 26.66 -62.35 71.66
C LEU I 47 25.65 -62.87 72.69
N ARG I 48 26.13 -63.38 73.84
CA ARG I 48 25.27 -63.88 74.91
C ARG I 48 24.34 -62.77 75.42
N ASP I 49 24.90 -61.56 75.61
CA ASP I 49 24.14 -60.41 76.08
C ASP I 49 23.09 -59.95 75.05
N VAL I 50 23.47 -59.90 73.77
CA VAL I 50 22.55 -59.48 72.71
C VAL I 50 21.46 -60.55 72.47
N LEU I 51 21.76 -61.84 72.69
CA LEU I 51 20.75 -62.89 72.51
C LEU I 51 19.72 -62.84 73.65
N GLU I 52 20.17 -62.67 74.91
CA GLU I 52 19.28 -62.63 76.08
C GLU I 52 18.49 -61.32 76.19
N ASN I 53 19.17 -60.17 76.14
CA ASN I 53 18.54 -58.86 76.31
C ASN I 53 17.99 -58.25 75.01
N GLY I 54 18.40 -58.75 73.86
CA GLY I 54 17.94 -58.23 72.58
C GLY I 54 18.68 -56.96 72.17
N LEU I 55 18.13 -56.24 71.18
CA LEU I 55 18.72 -54.99 70.69
C LEU I 55 17.65 -53.99 70.24
N TYR I 56 18.02 -52.71 70.24
CA TYR I 56 17.11 -51.61 69.89
C TYR I 56 17.06 -51.34 68.38
N PHE I 57 15.99 -50.65 67.93
CA PHE I 57 15.80 -50.29 66.53
C PHE I 57 14.75 -49.19 66.37
N ASP I 58 14.82 -48.43 65.26
CA ASP I 58 13.86 -47.37 64.98
C ASP I 58 12.55 -47.97 64.48
N GLY I 59 11.50 -47.87 65.30
CA GLY I 59 10.19 -48.41 64.95
C GLY I 59 9.37 -47.56 64.00
N SER I 60 9.66 -46.25 63.89
CA SER I 60 8.92 -45.36 63.01
C SER I 60 9.15 -45.67 61.53
N SER I 61 10.34 -46.16 61.18
CA SER I 61 10.65 -46.53 59.80
C SER I 61 9.97 -47.84 59.37
N ILE I 62 9.64 -48.73 60.31
CA ILE I 62 8.95 -49.99 59.99
C ILE I 62 7.46 -49.69 59.76
N GLU I 63 6.85 -50.37 58.77
CA GLU I 63 5.45 -50.12 58.42
C GLU I 63 4.46 -50.67 59.46
N GLY I 64 3.50 -49.83 59.85
CA GLY I 64 2.47 -50.18 60.81
C GLY I 64 2.95 -50.48 62.21
N PHE I 65 4.00 -49.79 62.66
CA PHE I 65 4.56 -50.00 63.99
C PHE I 65 4.27 -48.78 64.91
N VAL I 66 5.18 -47.80 65.05
CA VAL I 66 4.97 -46.67 65.97
C VAL I 66 5.30 -45.32 65.30
N GLY I 67 4.85 -44.24 65.92
CA GLY I 67 5.11 -42.88 65.43
C GLY I 67 6.54 -42.45 65.68
N ILE I 68 6.92 -41.30 65.11
CA ILE I 68 8.27 -40.76 65.28
C ILE I 68 8.53 -40.28 66.71
N ASN I 69 7.50 -39.76 67.40
CA ASN I 69 7.62 -39.27 68.78
C ASN I 69 7.77 -40.39 69.85
N GLU I 70 7.61 -41.67 69.47
CA GLU I 70 7.71 -42.82 70.39
C GLU I 70 8.33 -44.00 69.61
N SER I 71 9.44 -43.73 68.90
CA SER I 71 10.08 -44.69 68.01
C SER I 71 10.97 -45.77 68.66
N ASP I 72 11.50 -45.56 69.88
CA ASP I 72 12.39 -46.55 70.51
C ASP I 72 11.70 -47.89 70.82
N MET I 73 12.19 -48.98 70.19
CA MET I 73 11.66 -50.34 70.33
C MET I 73 12.80 -51.38 70.50
N MET I 74 12.46 -52.66 70.77
CA MET I 74 13.44 -53.75 70.97
C MET I 74 13.03 -55.06 70.26
N LEU I 75 13.99 -55.98 70.07
CA LEU I 75 13.78 -57.29 69.45
C LEU I 75 14.26 -58.39 70.39
N LYS I 76 13.34 -59.21 70.93
CA LYS I 76 13.68 -60.31 71.84
C LYS I 76 13.76 -61.63 71.03
N PRO I 77 14.96 -62.18 70.78
CA PRO I 77 15.05 -63.40 69.95
C PRO I 77 14.41 -64.67 70.51
N ASP I 78 13.76 -65.45 69.62
CA ASP I 78 13.19 -66.75 69.95
C ASP I 78 14.28 -67.74 69.53
N LEU I 79 15.03 -68.29 70.49
CA LEU I 79 16.18 -69.16 70.24
C LEU I 79 15.87 -70.47 69.51
N SER I 80 14.61 -70.91 69.49
CA SER I 80 14.22 -72.12 68.76
C SER I 80 14.27 -71.93 67.24
N THR I 81 14.12 -70.67 66.75
CA THR I 81 14.10 -70.33 65.32
C THR I 81 15.49 -70.06 64.75
N PHE I 82 16.54 -70.65 65.32
CA PHE I 82 17.90 -70.48 64.82
C PHE I 82 18.07 -71.27 63.52
N SER I 83 18.77 -70.68 62.54
CA SER I 83 19.01 -71.34 61.25
C SER I 83 20.19 -70.70 60.50
N VAL I 84 20.96 -71.50 59.76
CA VAL I 84 22.09 -71.02 58.96
C VAL I 84 21.58 -70.70 57.56
N LEU I 85 21.83 -69.48 57.06
CA LEU I 85 21.40 -69.11 55.71
C LEU I 85 22.31 -69.82 54.71
N PRO I 86 21.78 -70.75 53.88
CA PRO I 86 22.65 -71.47 52.94
C PRO I 86 23.13 -70.64 51.75
N TRP I 87 22.28 -69.73 51.22
CA TRP I 87 22.67 -68.88 50.10
C TRP I 87 23.87 -67.96 50.40
N ARG I 88 24.14 -67.70 51.69
CA ARG I 88 25.32 -66.90 52.11
C ARG I 88 26.58 -67.81 52.15
N PRO I 89 27.82 -67.25 52.30
CA PRO I 89 29.01 -68.10 52.29
C PRO I 89 29.07 -69.12 53.43
N SER I 90 29.81 -70.23 53.19
CA SER I 90 29.96 -71.30 54.16
C SER I 90 31.05 -70.95 55.17
N GLU I 91 32.20 -70.44 54.69
CA GLU I 91 33.30 -70.02 55.56
C GLU I 91 32.91 -68.64 56.11
N LYS I 92 32.89 -68.49 57.46
CA LYS I 92 32.43 -67.26 58.14
C LYS I 92 30.95 -67.09 57.81
N SER I 93 30.17 -68.18 58.05
CA SER I 93 28.75 -68.30 57.74
C SER I 93 27.84 -67.26 58.41
N VAL I 94 26.67 -67.02 57.82
CA VAL I 94 25.68 -66.08 58.32
C VAL I 94 24.50 -66.86 58.87
N ALA I 95 24.08 -66.56 60.11
CA ALA I 95 22.95 -67.22 60.77
C ALA I 95 21.82 -66.23 61.09
N ARG I 96 20.60 -66.75 61.32
CA ARG I 96 19.43 -65.92 61.63
C ARG I 96 18.73 -66.37 62.91
N VAL I 97 17.96 -65.47 63.52
CA VAL I 97 17.16 -65.77 64.70
C VAL I 97 15.91 -64.87 64.68
N ILE I 98 14.73 -65.44 64.37
CA ILE I 98 13.49 -64.67 64.29
C ILE I 98 13.14 -64.19 65.70
N CYS I 99 12.74 -62.92 65.83
CA CYS I 99 12.48 -62.27 67.11
C CYS I 99 11.05 -61.77 67.26
N ASP I 100 10.69 -61.43 68.50
CA ASP I 100 9.40 -60.85 68.87
C ASP I 100 9.66 -59.36 69.16
N VAL I 101 8.89 -58.47 68.56
CA VAL I 101 9.04 -57.03 68.77
C VAL I 101 8.47 -56.68 70.14
N TYR I 102 9.27 -55.99 70.97
CA TYR I 102 8.88 -55.58 72.33
C TYR I 102 9.05 -54.08 72.50
N THR I 103 8.25 -53.48 73.39
CA THR I 103 8.32 -52.06 73.70
C THR I 103 9.53 -51.75 74.60
N THR I 104 9.87 -50.47 74.75
CA THR I 104 10.98 -50.01 75.58
C THR I 104 10.89 -50.54 77.02
N LYS I 105 9.67 -50.66 77.56
CA LYS I 105 9.44 -51.18 78.92
C LYS I 105 9.56 -52.73 79.03
N GLY I 106 9.98 -53.40 77.96
CA GLY I 106 10.14 -54.86 77.96
C GLY I 106 8.84 -55.64 77.94
N LYS I 107 7.78 -55.06 77.34
CA LYS I 107 6.46 -55.68 77.22
C LYS I 107 6.20 -56.02 75.73
N PRO I 108 5.60 -57.18 75.38
CA PRO I 108 5.40 -57.48 73.94
C PRO I 108 4.63 -56.38 73.19
N PHE I 109 5.11 -55.99 72.01
CA PHE I 109 4.47 -54.93 71.23
C PHE I 109 3.12 -55.39 70.67
N GLU I 110 2.07 -54.60 70.94
CA GLU I 110 0.71 -54.87 70.48
C GLU I 110 0.60 -55.01 68.96
N GLY I 111 1.31 -54.15 68.22
CA GLY I 111 1.30 -54.16 66.77
C GLY I 111 2.26 -55.13 66.10
N ASP I 112 2.67 -56.19 66.82
CA ASP I 112 3.61 -57.18 66.29
C ASP I 112 2.84 -58.36 65.68
N PRO I 113 2.97 -58.67 64.37
CA PRO I 113 2.24 -59.82 63.81
C PRO I 113 2.60 -61.18 64.45
N ARG I 114 3.88 -61.38 64.80
CA ARG I 114 4.33 -62.64 65.41
C ARG I 114 3.75 -62.84 66.82
N GLY I 115 3.75 -61.78 67.62
CA GLY I 115 3.18 -61.78 68.96
C GLY I 115 1.68 -61.95 68.93
N CYS I 116 1.02 -61.46 67.87
CA CYS I 116 -0.42 -61.58 67.67
C CYS I 116 -0.78 -63.07 67.51
N LEU I 117 0.02 -63.83 66.75
CA LEU I 117 -0.22 -65.26 66.54
C LEU I 117 0.12 -66.04 67.82
N LYS I 118 1.19 -65.65 68.54
CA LYS I 118 1.56 -66.32 69.79
C LYS I 118 0.44 -66.16 70.82
N ARG I 119 -0.12 -64.94 70.92
CA ARG I 119 -1.20 -64.63 71.87
C ARG I 119 -2.42 -65.53 71.66
N VAL I 120 -2.95 -65.62 70.42
CA VAL I 120 -4.13 -66.44 70.15
C VAL I 120 -3.84 -67.94 70.31
N MET I 121 -2.59 -68.40 70.02
CA MET I 121 -2.25 -69.82 70.20
C MET I 121 -2.13 -70.18 71.69
N GLU I 122 -1.57 -69.27 72.50
CA GLU I 122 -1.46 -69.50 73.95
C GLU I 122 -2.87 -69.50 74.58
N GLU I 123 -3.76 -68.61 74.09
CA GLU I 123 -5.15 -68.56 74.57
C GLU I 123 -5.90 -69.83 74.21
N PHE I 124 -5.66 -70.37 73.01
CA PHE I 124 -6.29 -71.63 72.56
C PHE I 124 -5.77 -72.80 73.41
N LYS I 125 -4.45 -72.86 73.65
CA LYS I 125 -3.86 -73.93 74.46
C LYS I 125 -4.30 -73.85 75.92
N LYS I 126 -4.61 -72.65 76.43
CA LYS I 126 -5.06 -72.49 77.82
C LYS I 126 -6.54 -72.89 77.98
N GLU I 127 -7.39 -72.49 77.03
CA GLU I 127 -8.83 -72.75 77.09
C GLU I 127 -9.25 -74.17 76.68
N PHE I 128 -8.68 -74.70 75.58
CA PHE I 128 -9.06 -76.01 75.04
C PHE I 128 -7.96 -77.08 75.11
N ASN I 129 -6.71 -76.71 75.41
CA ASN I 129 -5.58 -77.66 75.42
C ASN I 129 -5.36 -78.18 73.98
N GLY I 130 -5.42 -77.27 73.01
CA GLY I 130 -5.28 -77.60 71.59
C GLY I 130 -4.00 -77.12 70.96
N GLU I 131 -3.75 -77.61 69.75
CA GLU I 131 -2.56 -77.29 68.94
C GLU I 131 -3.05 -77.04 67.52
N TYR I 132 -2.88 -75.80 67.02
CA TYR I 132 -3.35 -75.44 65.68
C TYR I 132 -2.27 -75.75 64.64
N PHE I 133 -2.52 -76.74 63.77
CA PHE I 133 -1.57 -77.17 62.74
C PHE I 133 -1.94 -76.62 61.36
N VAL I 134 -0.94 -76.10 60.61
CA VAL I 134 -1.13 -75.55 59.25
C VAL I 134 -0.04 -76.09 58.33
N GLY I 135 -0.40 -76.31 57.07
CA GLY I 135 0.47 -76.80 56.01
C GLY I 135 0.12 -76.12 54.71
N PRO I 136 0.81 -75.03 54.34
CA PRO I 136 0.45 -74.29 53.12
C PRO I 136 1.15 -74.81 51.86
N GLU I 137 0.63 -74.38 50.69
CA GLU I 137 1.15 -74.72 49.37
C GLU I 137 1.41 -73.40 48.64
N PRO I 138 2.46 -72.64 49.01
CA PRO I 138 2.70 -71.34 48.34
C PRO I 138 3.33 -71.49 46.96
N GLU I 139 2.55 -71.14 45.92
CA GLU I 139 2.99 -71.20 44.53
C GLU I 139 3.70 -69.90 44.15
N PHE I 140 4.61 -69.97 43.16
CA PHE I 140 5.37 -68.80 42.70
C PHE I 140 5.67 -68.88 41.20
N PHE I 141 6.11 -67.76 40.61
CA PHE I 141 6.47 -67.69 39.19
C PHE I 141 7.93 -67.36 39.04
N LEU I 142 8.63 -68.05 38.13
CA LEU I 142 10.03 -67.76 37.81
C LEU I 142 9.97 -66.93 36.52
N LEU I 143 10.57 -65.73 36.54
CA LEU I 143 10.52 -64.82 35.40
C LEU I 143 11.88 -64.55 34.77
N LYS I 144 11.85 -64.12 33.50
CA LYS I 144 13.02 -63.71 32.72
C LYS I 144 12.64 -62.45 31.94
N LYS I 145 13.63 -61.59 31.61
CA LYS I 145 13.34 -60.36 30.87
C LYS I 145 12.79 -60.68 29.48
N ASP I 146 11.83 -59.87 29.00
CA ASP I 146 11.22 -60.05 27.70
C ASP I 146 12.30 -59.72 26.65
N PRO I 147 12.59 -60.61 25.68
CA PRO I 147 13.62 -60.28 24.67
C PRO I 147 13.22 -59.10 23.78
N HIS I 148 11.91 -58.97 23.46
CA HIS I 148 11.41 -57.86 22.65
C HIS I 148 11.39 -56.51 23.41
N ASN I 149 11.47 -56.53 24.75
CA ASN I 149 11.51 -55.31 25.57
C ASN I 149 12.10 -55.64 26.96
N PRO I 150 13.34 -55.20 27.29
CA PRO I 150 13.91 -55.56 28.59
C PRO I 150 13.23 -54.96 29.83
N HIS I 151 12.42 -53.91 29.66
CA HIS I 151 11.71 -53.29 30.77
C HIS I 151 10.58 -54.18 31.35
N LYS I 152 10.03 -55.11 30.54
CA LYS I 152 8.97 -56.02 30.99
C LYS I 152 9.51 -57.43 31.26
N TYR I 153 8.78 -58.20 32.08
CA TYR I 153 9.14 -59.57 32.44
C TYR I 153 8.10 -60.57 31.91
N ILE I 154 8.54 -61.79 31.61
CA ILE I 154 7.68 -62.87 31.10
C ILE I 154 8.00 -64.19 31.84
N PRO I 155 7.19 -65.27 31.69
CA PRO I 155 7.51 -66.53 32.38
C PRO I 155 8.78 -67.20 31.85
N ALA I 156 9.50 -67.92 32.72
CA ALA I 156 10.76 -68.59 32.34
C ALA I 156 10.61 -69.71 31.32
N ASP I 157 9.46 -70.39 31.28
CA ASP I 157 9.26 -71.50 30.33
C ASP I 157 7.79 -71.70 29.96
N ASP I 158 7.53 -72.37 28.83
CA ASP I 158 6.19 -72.68 28.36
C ASP I 158 5.78 -74.06 28.88
N GLY I 159 6.01 -74.30 30.18
CA GLY I 159 5.69 -75.57 30.81
C GLY I 159 4.30 -75.62 31.43
N GLY I 160 3.78 -76.84 31.56
CA GLY I 160 2.47 -77.11 32.14
C GLY I 160 2.58 -77.78 33.49
N TYR I 161 1.47 -78.37 33.95
CA TYR I 161 1.42 -79.03 35.25
C TYR I 161 2.24 -80.33 35.23
N PHE I 162 3.17 -80.49 36.19
CA PHE I 162 4.02 -81.68 36.32
C PHE I 162 4.89 -82.00 35.08
N ASP I 163 5.07 -81.05 34.14
CA ASP I 163 5.85 -81.34 32.92
C ASP I 163 7.31 -81.71 33.19
N LEU I 164 7.92 -82.45 32.24
CA LEU I 164 9.33 -82.89 32.32
C LEU I 164 10.25 -81.99 31.49
N GLU I 165 11.53 -81.99 31.83
CA GLU I 165 12.56 -81.27 31.08
C GLU I 165 12.69 -81.86 29.65
N PRO I 166 13.05 -81.07 28.62
CA PRO I 166 13.39 -79.64 28.65
C PRO I 166 12.20 -78.69 28.62
N MET I 167 10.95 -79.21 28.51
CA MET I 167 9.74 -78.38 28.51
C MET I 167 9.67 -77.59 29.84
N ASP I 168 10.01 -78.25 30.95
CA ASP I 168 10.11 -77.67 32.28
C ASP I 168 11.59 -77.24 32.42
N GLU I 169 11.87 -75.93 32.39
CA GLU I 169 13.25 -75.43 32.47
C GLU I 169 13.67 -75.07 33.91
N ALA I 170 12.96 -75.56 34.94
CA ALA I 170 13.33 -75.25 36.32
C ALA I 170 13.74 -76.44 37.22
N PRO I 171 14.17 -77.63 36.72
CA PRO I 171 14.58 -78.70 37.67
C PRO I 171 15.82 -78.29 38.46
N ASP I 172 16.76 -77.56 37.85
CA ASP I 172 17.97 -77.11 38.52
C ASP I 172 17.65 -76.03 39.56
N ILE I 173 16.70 -75.12 39.25
CA ILE I 173 16.31 -74.06 40.19
C ILE I 173 15.58 -74.67 41.38
N ARG I 174 14.64 -75.60 41.12
CA ARG I 174 13.91 -76.27 42.20
C ARG I 174 14.84 -77.15 43.04
N ARG I 175 15.86 -77.79 42.41
CA ARG I 175 16.85 -78.62 43.10
C ARG I 175 17.55 -77.83 44.21
N ASP I 176 18.10 -76.66 43.87
CA ASP I 176 18.81 -75.82 44.84
C ASP I 176 17.86 -75.25 45.90
N ILE I 177 16.59 -74.96 45.53
CA ILE I 177 15.59 -74.47 46.48
C ILE I 177 15.36 -75.54 47.56
N VAL I 178 15.17 -76.79 47.15
CA VAL I 178 14.92 -77.89 48.10
C VAL I 178 16.13 -78.11 49.01
N PHE I 179 17.36 -78.06 48.45
CA PHE I 179 18.56 -78.22 49.26
C PHE I 179 18.67 -77.09 50.29
N ALA I 180 18.38 -75.84 49.88
CA ALA I 180 18.44 -74.69 50.78
C ALA I 180 17.42 -74.78 51.90
N LEU I 181 16.18 -75.21 51.60
CA LEU I 181 15.13 -75.33 52.61
C LEU I 181 15.47 -76.47 53.59
N GLU I 182 15.99 -77.60 53.10
CA GLU I 182 16.39 -78.71 53.99
C GLU I 182 17.45 -78.27 55.00
N ASN I 183 18.40 -77.41 54.58
CA ASN I 183 19.44 -76.89 55.48
C ASN I 183 18.85 -75.92 56.53
N LEU I 184 17.80 -75.16 56.14
CA LEU I 184 17.12 -74.26 57.06
C LEU I 184 16.19 -74.99 58.09
N GLY I 185 16.08 -76.32 58.00
CA GLY I 185 15.27 -77.13 58.91
C GLY I 185 13.90 -77.52 58.37
N PHE I 186 13.64 -77.31 57.07
CA PHE I 186 12.36 -77.66 56.47
C PHE I 186 12.28 -79.14 56.16
N HIS I 187 11.07 -79.70 56.24
CA HIS I 187 10.80 -81.09 55.86
C HIS I 187 10.05 -80.98 54.54
N VAL I 188 10.79 -80.88 53.42
CA VAL I 188 10.20 -80.71 52.10
C VAL I 188 9.46 -82.01 51.72
N GLU I 189 8.21 -81.89 51.23
CA GLU I 189 7.41 -83.06 50.87
C GLU I 189 7.46 -83.34 49.36
N ALA I 190 7.27 -82.32 48.51
CA ALA I 190 7.28 -82.50 47.05
C ALA I 190 7.56 -81.19 46.31
N SER I 191 8.02 -81.28 45.05
CA SER I 191 8.32 -80.13 44.21
C SER I 191 8.00 -80.48 42.75
N HIS I 192 7.40 -79.53 42.01
CA HIS I 192 7.00 -79.78 40.62
C HIS I 192 6.60 -78.48 39.89
N HIS I 193 6.41 -78.55 38.57
CA HIS I 193 5.94 -77.42 37.77
C HIS I 193 4.42 -77.33 37.93
N GLU I 194 3.87 -76.11 37.93
CA GLU I 194 2.43 -75.89 38.09
C GLU I 194 1.76 -75.54 36.74
N VAL I 195 0.42 -75.47 36.73
CA VAL I 195 -0.42 -75.26 35.54
C VAL I 195 0.08 -74.12 34.60
N ALA I 196 0.23 -72.89 35.11
CA ALA I 196 0.63 -71.76 34.26
C ALA I 196 2.10 -71.82 33.81
N PRO I 197 2.45 -71.17 32.68
CA PRO I 197 3.86 -71.15 32.25
C PRO I 197 4.79 -70.55 33.29
N GLY I 198 5.94 -71.16 33.52
CA GLY I 198 6.91 -70.66 34.49
C GLY I 198 6.48 -70.74 35.94
N GLN I 199 5.27 -71.26 36.23
CA GLN I 199 4.77 -71.39 37.60
C GLN I 199 5.29 -72.67 38.23
N HIS I 200 5.60 -72.64 39.53
CA HIS I 200 6.13 -73.79 40.27
C HIS I 200 5.51 -73.87 41.67
N GLU I 201 5.67 -75.02 42.34
CA GLU I 201 5.15 -75.23 43.68
C GLU I 201 6.09 -76.14 44.46
N VAL I 202 6.55 -75.68 45.64
CA VAL I 202 7.42 -76.46 46.51
C VAL I 202 6.68 -76.59 47.83
N ASP I 203 6.20 -77.82 48.13
CA ASP I 203 5.43 -78.12 49.33
C ASP I 203 6.33 -78.54 50.48
N PHE I 204 5.87 -78.32 51.72
CA PHE I 204 6.60 -78.71 52.92
C PHE I 204 5.63 -79.19 54.01
N LYS I 205 6.14 -79.98 54.95
CA LYS I 205 5.32 -80.60 55.99
C LYS I 205 4.61 -79.61 56.90
N PHE I 206 3.43 -79.99 57.37
CA PHE I 206 2.65 -79.15 58.28
C PHE I 206 3.29 -79.14 59.68
N ASP I 207 3.00 -78.08 60.43
CA ASP I 207 3.50 -77.92 61.80
C ASP I 207 2.59 -76.91 62.55
N ASP I 208 2.89 -76.56 63.82
CA ASP I 208 2.08 -75.59 64.56
C ASP I 208 2.15 -74.22 63.85
N ALA I 209 1.05 -73.46 63.89
CA ALA I 209 0.93 -72.17 63.21
C ALA I 209 2.14 -71.24 63.32
N LEU I 210 2.78 -71.16 64.50
CA LEU I 210 3.95 -70.29 64.68
C LEU I 210 5.14 -70.79 63.85
N LYS I 211 5.51 -72.09 63.98
CA LYS I 211 6.61 -72.66 63.20
C LYS I 211 6.32 -72.64 61.70
N THR I 212 5.05 -72.77 61.31
CA THR I 212 4.63 -72.73 59.91
C THR I 212 4.74 -71.30 59.36
N ALA I 213 4.35 -70.27 60.14
CA ALA I 213 4.45 -68.88 59.69
C ALA I 213 5.90 -68.44 59.59
N ASP I 214 6.77 -68.92 60.50
CA ASP I 214 8.21 -68.64 60.43
C ASP I 214 8.78 -69.26 59.14
N SER I 215 8.31 -70.46 58.78
CA SER I 215 8.72 -71.16 57.58
C SER I 215 8.24 -70.46 56.30
N VAL I 216 7.02 -69.88 56.29
CA VAL I 216 6.52 -69.18 55.10
C VAL I 216 7.39 -67.96 54.77
N ILE I 217 7.82 -67.20 55.79
CA ILE I 217 8.66 -66.02 55.58
C ILE I 217 10.02 -66.42 55.02
N THR I 218 10.63 -67.46 55.59
CA THR I 218 11.93 -67.95 55.15
C THR I 218 11.83 -68.57 53.75
N PHE I 219 10.71 -69.23 53.44
CA PHE I 219 10.48 -69.83 52.14
C PHE I 219 10.46 -68.76 51.06
N LYS I 220 9.71 -67.67 51.27
CA LYS I 220 9.62 -66.59 50.29
C LYS I 220 10.99 -65.97 49.98
N THR I 221 11.83 -65.75 51.01
CA THR I 221 13.16 -65.19 50.79
C THR I 221 14.05 -66.21 50.08
N THR I 222 14.00 -67.49 50.49
CA THR I 222 14.78 -68.57 49.88
C THR I 222 14.51 -68.67 48.38
N ILE I 223 13.22 -68.66 47.98
CA ILE I 223 12.82 -68.79 46.57
C ILE I 223 13.32 -67.57 45.76
N LYS I 224 13.22 -66.35 46.31
CA LYS I 224 13.66 -65.15 45.60
C LYS I 224 15.18 -65.06 45.45
N THR I 225 15.94 -65.35 46.53
CA THR I 225 17.40 -65.28 46.51
C THR I 225 18.04 -66.34 45.60
N ILE I 226 17.53 -67.58 45.64
CA ILE I 226 18.07 -68.65 44.80
C ILE I 226 17.74 -68.37 43.32
N ALA I 227 16.57 -67.77 43.01
CA ALA I 227 16.22 -67.45 41.62
C ALA I 227 17.19 -66.41 41.06
N GLU I 228 17.60 -65.41 41.88
CA GLU I 228 18.57 -64.40 41.42
C GLU I 228 19.92 -65.03 41.10
N GLN I 229 20.31 -66.10 41.81
CA GLN I 229 21.57 -66.80 41.54
C GLN I 229 21.55 -67.44 40.15
N HIS I 230 20.38 -67.93 39.69
CA HIS I 230 20.25 -68.55 38.38
C HIS I 230 19.77 -67.54 37.30
N GLY I 231 20.08 -66.25 37.49
CA GLY I 231 19.73 -65.19 36.55
C GLY I 231 18.26 -64.95 36.29
N LEU I 232 17.36 -65.42 37.20
CA LEU I 232 15.92 -65.25 37.05
C LEU I 232 15.35 -64.35 38.19
N LYS I 233 14.05 -64.07 38.19
CA LYS I 233 13.40 -63.25 39.21
C LYS I 233 12.11 -63.94 39.64
N ALA I 234 12.02 -64.38 40.89
CA ALA I 234 10.82 -65.07 41.39
C ALA I 234 9.82 -64.08 41.99
N THR I 235 8.52 -64.26 41.70
CA THR I 235 7.48 -63.38 42.24
C THR I 235 6.32 -64.16 42.85
N PHE I 236 5.87 -63.73 44.03
CA PHE I 236 4.73 -64.32 44.71
C PHE I 236 3.50 -63.42 44.47
N MET I 237 3.37 -62.85 43.26
CA MET I 237 2.26 -61.98 42.91
C MET I 237 1.03 -62.89 42.68
N PRO I 238 -0.14 -62.61 43.28
CA PRO I 238 -1.30 -63.51 43.07
C PRO I 238 -1.76 -63.74 41.62
N LYS I 239 -1.43 -62.83 40.70
CA LYS I 239 -1.86 -62.93 39.30
C LYS I 239 -0.96 -62.03 38.44
N PRO I 240 0.29 -62.45 38.16
CA PRO I 240 1.18 -61.59 37.35
C PRO I 240 0.74 -61.45 35.90
N PHE I 241 0.07 -62.48 35.34
CA PHE I 241 -0.36 -62.45 33.94
C PHE I 241 -1.83 -62.86 33.81
N PHE I 242 -2.56 -62.16 32.93
CA PHE I 242 -3.96 -62.45 32.64
C PHE I 242 -4.06 -63.65 31.68
N GLY I 243 -5.09 -64.47 31.84
CA GLY I 243 -5.31 -65.62 30.96
C GLY I 243 -4.61 -66.90 31.40
N MET I 244 -3.90 -66.88 32.54
CA MET I 244 -3.22 -68.07 33.06
C MET I 244 -3.38 -68.12 34.60
N ASN I 245 -3.27 -69.33 35.18
CA ASN I 245 -3.42 -69.54 36.63
C ASN I 245 -2.60 -68.57 37.48
N GLY I 246 -3.13 -68.24 38.65
CA GLY I 246 -2.47 -67.36 39.60
C GLY I 246 -1.81 -68.12 40.73
N SER I 247 -0.91 -67.46 41.47
CA SER I 247 -0.22 -68.07 42.59
C SER I 247 -1.16 -68.16 43.79
N GLY I 248 -1.44 -69.37 44.24
CA GLY I 248 -2.32 -69.64 45.38
C GLY I 248 -1.61 -70.35 46.51
N MET I 249 -1.99 -70.02 47.76
CA MET I 249 -1.40 -70.64 48.95
C MET I 249 -2.51 -71.34 49.71
N HIS I 250 -2.84 -72.56 49.29
CA HIS I 250 -3.90 -73.35 49.92
C HIS I 250 -3.46 -73.75 51.33
N CYS I 251 -4.24 -73.39 52.36
CA CYS I 251 -3.87 -73.67 53.75
C CYS I 251 -4.59 -74.88 54.33
N HIS I 252 -3.90 -76.04 54.33
CA HIS I 252 -4.42 -77.27 54.94
C HIS I 252 -4.30 -77.09 56.43
N GLN I 253 -5.42 -77.19 57.18
CA GLN I 253 -5.37 -76.95 58.62
C GLN I 253 -6.24 -77.90 59.44
N SER I 254 -5.90 -78.06 60.73
CA SER I 254 -6.62 -78.91 61.66
C SER I 254 -6.20 -78.61 63.12
N ILE I 255 -7.11 -78.84 64.08
CA ILE I 255 -6.84 -78.60 65.50
C ILE I 255 -6.85 -79.94 66.26
N TRP I 256 -5.88 -80.13 67.17
CA TRP I 256 -5.75 -81.37 67.95
C TRP I 256 -5.92 -81.11 69.45
N LEU I 257 -7.12 -81.41 69.98
CA LEU I 257 -7.40 -81.23 71.39
C LEU I 257 -6.94 -82.46 72.20
N ASN I 258 -6.05 -82.24 73.18
CA ASN I 258 -5.50 -83.29 74.04
C ASN I 258 -4.65 -84.31 73.26
N GLY I 259 -3.84 -83.81 72.34
CA GLY I 259 -2.94 -84.63 71.52
C GLY I 259 -3.62 -85.71 70.68
N GLU I 260 -4.86 -85.46 70.24
CA GLU I 260 -5.62 -86.41 69.41
C GLU I 260 -6.21 -85.69 68.20
N PRO I 261 -6.36 -86.38 67.04
CA PRO I 261 -6.97 -85.72 65.88
C PRO I 261 -8.47 -85.53 66.11
N SER I 262 -8.85 -84.32 66.57
CA SER I 262 -10.24 -83.98 66.88
C SER I 262 -11.13 -83.87 65.65
N PHE I 263 -10.56 -83.65 64.46
CA PHE I 263 -11.35 -83.55 63.23
C PHE I 263 -11.85 -84.91 62.73
N TYR I 264 -11.18 -86.02 63.12
CA TYR I 264 -11.55 -87.38 62.68
C TYR I 264 -12.52 -88.06 63.64
N ASP I 265 -13.47 -88.83 63.07
CA ASP I 265 -14.47 -89.59 63.81
C ASP I 265 -14.83 -90.84 62.97
N GLU I 266 -14.39 -92.03 63.42
CA GLU I 266 -14.62 -93.29 62.70
C GLU I 266 -16.11 -93.52 62.38
N ASN I 267 -16.99 -93.29 63.35
CA ASN I 267 -18.43 -93.49 63.21
C ASN I 267 -19.17 -92.15 63.02
N ALA I 268 -19.06 -91.55 61.82
CA ALA I 268 -19.72 -90.27 61.51
C ALA I 268 -19.81 -90.05 59.98
N PRO I 269 -20.63 -89.09 59.49
CA PRO I 269 -20.71 -88.88 58.02
C PRO I 269 -19.40 -88.34 57.45
N TYR I 270 -18.92 -88.92 56.35
CA TYR I 270 -17.65 -88.55 55.71
C TYR I 270 -16.43 -88.77 56.64
N GLN I 271 -16.61 -89.48 57.78
CA GLN I 271 -15.56 -89.68 58.78
C GLN I 271 -15.03 -88.33 59.28
N LEU I 272 -15.94 -87.37 59.53
CA LEU I 272 -15.60 -86.03 60.00
C LEU I 272 -16.38 -85.76 61.29
N SER I 273 -15.69 -85.28 62.33
CA SER I 273 -16.30 -85.03 63.64
C SER I 273 -17.16 -83.76 63.68
N GLU I 274 -17.90 -83.56 64.78
CA GLU I 274 -18.71 -82.37 64.98
C GLU I 274 -17.79 -81.15 65.11
N THR I 275 -16.63 -81.30 65.78
CA THR I 275 -15.66 -80.21 65.94
C THR I 275 -15.18 -79.71 64.57
N CYS I 276 -15.00 -80.60 63.59
CA CYS I 276 -14.60 -80.22 62.23
C CYS I 276 -15.70 -79.38 61.59
N MET I 277 -16.96 -79.83 61.66
CA MET I 277 -18.10 -79.11 61.07
C MET I 277 -18.31 -77.76 61.73
N ASN I 278 -18.13 -77.65 63.04
CA ASN I 278 -18.28 -76.37 63.74
C ASN I 278 -17.18 -75.41 63.27
N TYR I 279 -15.95 -75.91 63.08
CA TYR I 279 -14.82 -75.09 62.62
C TYR I 279 -15.07 -74.59 61.20
N VAL I 280 -15.53 -75.48 60.30
CA VAL I 280 -15.83 -75.11 58.91
C VAL I 280 -16.93 -74.04 58.88
N ALA I 281 -17.97 -74.18 59.73
CA ALA I 281 -19.06 -73.20 59.80
C ALA I 281 -18.55 -71.81 60.15
N GLY I 282 -17.57 -71.73 61.06
CA GLY I 282 -16.98 -70.47 61.49
C GLY I 282 -16.16 -69.81 60.40
N ILE I 283 -15.44 -70.59 59.59
CA ILE I 283 -14.64 -70.05 58.49
C ILE I 283 -15.58 -69.48 57.44
N LEU I 284 -16.64 -70.23 57.08
CA LEU I 284 -17.61 -69.80 56.09
C LEU I 284 -18.40 -68.56 56.54
N LYS I 285 -18.64 -68.43 57.85
CA LYS I 285 -19.34 -67.27 58.42
C LYS I 285 -18.53 -65.98 58.18
N HIS I 286 -17.25 -65.98 58.58
CA HIS I 286 -16.38 -64.81 58.43
C HIS I 286 -15.57 -64.84 57.13
N ALA I 287 -15.97 -65.63 56.11
CA ALA I 287 -15.23 -65.74 54.86
C ALA I 287 -15.05 -64.41 54.13
N LYS I 288 -16.08 -63.56 54.11
CA LYS I 288 -16.00 -62.24 53.45
C LYS I 288 -15.00 -61.30 54.15
N ALA I 289 -14.76 -61.50 55.46
CA ALA I 289 -13.83 -60.69 56.25
C ALA I 289 -12.41 -61.28 56.28
N ILE I 290 -12.27 -62.61 56.23
CA ILE I 290 -10.96 -63.27 56.25
C ILE I 290 -10.17 -62.94 54.98
N VAL I 291 -10.85 -62.86 53.81
CA VAL I 291 -10.17 -62.56 52.56
C VAL I 291 -9.53 -61.17 52.54
N ALA I 292 -9.88 -60.25 53.46
CA ALA I 292 -9.23 -58.95 53.53
C ALA I 292 -7.78 -59.14 53.98
N ILE I 293 -7.54 -60.03 54.97
CA ILE I 293 -6.20 -60.32 55.47
C ILE I 293 -5.48 -61.33 54.57
N THR I 294 -6.13 -62.46 54.25
CA THR I 294 -5.50 -63.51 53.44
C THR I 294 -5.32 -63.14 51.95
N ASN I 295 -5.99 -62.08 51.47
CA ASN I 295 -5.89 -61.58 50.09
C ASN I 295 -5.78 -60.05 50.21
N PRO I 296 -4.63 -59.51 50.68
CA PRO I 296 -4.56 -58.07 50.95
C PRO I 296 -4.15 -57.15 49.80
N THR I 297 -3.88 -57.67 48.60
CA THR I 297 -3.48 -56.83 47.48
C THR I 297 -4.63 -56.57 46.52
N VAL I 298 -4.52 -55.50 45.71
CA VAL I 298 -5.53 -55.20 44.68
C VAL I 298 -5.53 -56.34 43.64
N ASN I 299 -4.33 -56.83 43.28
CA ASN I 299 -4.13 -57.91 42.32
C ASN I 299 -4.74 -59.25 42.78
N SER I 300 -4.88 -59.46 44.09
CA SER I 300 -5.46 -60.69 44.63
C SER I 300 -6.87 -60.94 44.09
N TYR I 301 -7.64 -59.87 43.86
CA TYR I 301 -9.02 -59.98 43.37
C TYR I 301 -9.11 -60.11 41.83
N LYS I 302 -7.98 -60.34 41.15
CA LYS I 302 -7.91 -60.68 39.73
C LYS I 302 -7.74 -62.22 39.60
N ARG I 303 -7.15 -62.90 40.62
CA ARG I 303 -7.07 -64.36 40.72
C ARG I 303 -8.39 -64.79 41.38
N LEU I 304 -8.65 -64.29 42.61
CA LEU I 304 -9.84 -64.56 43.40
C LEU I 304 -10.95 -63.63 42.90
N VAL I 305 -11.36 -63.82 41.63
CA VAL I 305 -12.34 -62.97 40.97
C VAL I 305 -13.77 -63.57 40.94
N PRO I 306 -14.80 -62.97 41.58
CA PRO I 306 -16.15 -63.56 41.50
C PRO I 306 -16.70 -63.61 40.08
N GLY I 307 -17.62 -64.54 39.83
CA GLY I 307 -18.20 -64.74 38.51
C GLY I 307 -17.33 -65.52 37.54
N TYR I 308 -16.06 -65.81 37.93
CA TYR I 308 -15.11 -66.57 37.10
C TYR I 308 -14.47 -67.70 37.92
N GLU I 309 -13.92 -68.71 37.22
CA GLU I 309 -13.31 -69.90 37.84
C GLU I 309 -12.25 -69.54 38.89
N ALA I 310 -12.62 -69.64 40.18
CA ALA I 310 -11.75 -69.32 41.32
C ALA I 310 -12.36 -69.85 42.64
N PRO I 311 -11.60 -69.96 43.76
CA PRO I 311 -12.21 -70.41 45.02
C PRO I 311 -12.92 -69.25 45.73
N VAL I 312 -13.97 -68.73 45.05
CA VAL I 312 -14.79 -67.58 45.44
C VAL I 312 -16.11 -67.97 46.09
N ASN I 313 -16.61 -69.18 45.78
CA ASN I 313 -17.90 -69.64 46.29
C ASN I 313 -17.78 -70.07 47.75
N ILE I 314 -18.50 -69.37 48.64
CA ILE I 314 -18.50 -69.64 50.08
C ILE I 314 -19.29 -70.91 50.36
N ALA I 315 -18.59 -72.06 50.31
CA ALA I 315 -19.16 -73.40 50.57
C ALA I 315 -18.04 -74.44 50.76
N TRP I 316 -18.34 -75.59 51.37
CA TRP I 316 -17.35 -76.65 51.58
C TRP I 316 -17.74 -77.92 50.79
N ALA I 317 -16.76 -78.77 50.46
CA ALA I 317 -17.02 -80.01 49.70
C ALA I 317 -15.86 -81.00 49.82
N ASN I 318 -16.15 -82.30 49.62
CA ASN I 318 -15.14 -83.37 49.70
C ASN I 318 -14.49 -83.63 48.34
N SER I 319 -13.15 -83.45 48.26
CA SER I 319 -12.36 -83.70 47.04
C SER I 319 -12.89 -82.90 45.82
N ASN I 320 -13.26 -81.63 46.04
CA ASN I 320 -13.78 -80.74 45.01
C ASN I 320 -13.03 -79.40 45.11
N ARG I 321 -12.28 -79.03 44.06
CA ARG I 321 -11.48 -77.81 44.04
C ARG I 321 -12.26 -76.55 43.56
N SER I 322 -13.58 -76.65 43.33
CA SER I 322 -14.39 -75.51 42.90
C SER I 322 -14.89 -74.65 44.07
N ALA I 323 -15.03 -75.24 45.27
CA ALA I 323 -15.49 -74.56 46.48
C ALA I 323 -14.33 -73.84 47.24
N ILE I 324 -14.65 -72.94 48.19
CA ILE I 324 -13.62 -72.22 48.96
C ILE I 324 -12.87 -73.19 49.89
N ILE I 325 -13.57 -74.21 50.43
CA ILE I 325 -12.97 -75.24 51.30
C ILE I 325 -13.09 -76.60 50.60
N ARG I 326 -12.04 -77.42 50.71
CA ARG I 326 -11.98 -78.78 50.17
C ARG I 326 -11.48 -79.69 51.30
N VAL I 327 -12.16 -80.81 51.56
CA VAL I 327 -11.73 -81.75 52.58
C VAL I 327 -10.95 -82.88 51.88
N PRO I 328 -9.60 -82.93 51.97
CA PRO I 328 -8.88 -84.01 51.29
C PRO I 328 -9.29 -85.39 51.76
N ALA I 329 -9.22 -86.39 50.87
CA ALA I 329 -9.64 -87.76 51.17
C ALA I 329 -8.83 -88.47 52.28
N ALA I 330 -7.65 -87.95 52.66
CA ALA I 330 -6.85 -88.59 53.71
C ALA I 330 -7.57 -88.52 55.06
N ARG I 331 -7.62 -89.65 55.79
CA ARG I 331 -8.30 -89.74 57.08
C ARG I 331 -7.39 -90.31 58.19
N GLY I 332 -7.84 -90.16 59.43
CA GLY I 332 -7.12 -90.57 60.62
C GLY I 332 -6.45 -89.35 61.23
N LYS I 333 -5.11 -89.34 61.26
CA LYS I 333 -4.38 -88.19 61.77
C LYS I 333 -4.42 -87.05 60.74
N GLY I 334 -4.28 -87.39 59.46
CA GLY I 334 -4.30 -86.41 58.38
C GLY I 334 -5.66 -85.86 58.00
N THR I 335 -6.67 -85.93 58.91
CA THR I 335 -8.00 -85.39 58.62
C THR I 335 -7.92 -83.88 58.75
N ARG I 336 -8.11 -83.15 57.64
CA ARG I 336 -7.97 -81.69 57.64
C ARG I 336 -8.96 -81.00 56.66
N ILE I 337 -8.98 -79.66 56.67
CA ILE I 337 -9.79 -78.84 55.78
C ILE I 337 -8.84 -77.86 55.04
N GLU I 338 -8.98 -77.71 53.71
CA GLU I 338 -8.12 -76.86 52.89
C GLU I 338 -8.81 -75.55 52.52
N PHE I 339 -8.37 -74.43 53.12
CA PHE I 339 -8.91 -73.11 52.80
C PHE I 339 -8.15 -72.63 51.56
N ARG I 340 -8.80 -72.65 50.39
CA ARG I 340 -8.19 -72.35 49.10
C ARG I 340 -8.14 -70.86 48.73
N ALA I 341 -8.81 -69.98 49.47
CA ALA I 341 -8.83 -68.55 49.14
C ALA I 341 -7.48 -67.80 49.26
N PRO I 342 -6.59 -68.10 50.23
CA PRO I 342 -5.35 -67.33 50.34
C PRO I 342 -4.37 -67.43 49.16
N ASP I 343 -3.52 -66.40 49.05
CA ASP I 343 -2.43 -66.32 48.06
C ASP I 343 -1.15 -65.96 48.83
N PRO I 344 0.06 -66.24 48.29
CA PRO I 344 1.27 -65.95 49.07
C PRO I 344 1.60 -64.46 49.33
N SER I 345 0.72 -63.53 48.92
CA SER I 345 0.92 -62.10 49.19
C SER I 345 0.54 -61.70 50.64
N CYS I 346 -0.16 -62.57 51.39
CA CYS I 346 -0.60 -62.25 52.75
C CYS I 346 0.47 -62.47 53.81
N ASN I 347 0.30 -61.81 54.97
CA ASN I 347 1.18 -61.96 56.11
C ASN I 347 0.78 -63.29 56.75
N PRO I 348 1.66 -64.31 56.82
CA PRO I 348 1.23 -65.60 57.40
C PRO I 348 0.82 -65.52 58.87
N TYR I 349 1.47 -64.66 59.66
CA TYR I 349 1.13 -64.53 61.09
C TYR I 349 -0.30 -64.03 61.28
N LEU I 350 -0.75 -63.07 60.46
CA LEU I 350 -2.11 -62.53 60.56
C LEU I 350 -3.12 -63.48 59.87
N ALA I 351 -2.70 -64.18 58.79
CA ALA I 351 -3.58 -65.12 58.08
C ALA I 351 -3.97 -66.29 58.98
N PHE I 352 -3.01 -66.86 59.73
CA PHE I 352 -3.31 -67.98 60.63
C PHE I 352 -4.10 -67.51 61.86
N THR I 353 -3.92 -66.25 62.29
CA THR I 353 -4.66 -65.68 63.42
C THR I 353 -6.15 -65.56 63.08
N VAL I 354 -6.50 -64.94 61.93
CA VAL I 354 -7.90 -64.78 61.53
C VAL I 354 -8.58 -66.12 61.21
N MET I 355 -7.83 -67.07 60.63
CA MET I 355 -8.41 -68.39 60.33
C MET I 355 -8.70 -69.13 61.64
N LEU I 356 -7.78 -69.10 62.61
CA LEU I 356 -8.02 -69.75 63.89
C LEU I 356 -9.13 -69.06 64.67
N ALA I 357 -9.22 -67.72 64.64
CA ALA I 357 -10.26 -66.98 65.37
C ALA I 357 -11.67 -67.25 64.82
N ALA I 358 -11.85 -67.24 63.49
CA ALA I 358 -13.14 -67.52 62.89
C ALA I 358 -13.52 -68.98 63.09
N GLY I 359 -12.55 -69.88 62.95
CA GLY I 359 -12.78 -71.30 63.16
C GLY I 359 -13.16 -71.63 64.58
N LEU I 360 -12.46 -71.03 65.58
CA LEU I 360 -12.79 -71.24 66.99
C LEU I 360 -14.12 -70.58 67.37
N ASP I 361 -14.53 -69.51 66.67
CA ASP I 361 -15.84 -68.88 66.91
C ASP I 361 -16.97 -69.91 66.63
N GLY I 362 -16.79 -70.74 65.61
CA GLY I 362 -17.73 -71.79 65.27
C GLY I 362 -17.73 -72.94 66.27
N VAL I 363 -16.55 -73.29 66.82
CA VAL I 363 -16.40 -74.35 67.81
C VAL I 363 -17.01 -73.92 69.16
N LYS I 364 -16.74 -72.69 69.60
CA LYS I 364 -17.25 -72.15 70.86
C LYS I 364 -18.78 -72.05 70.85
N ASN I 365 -19.36 -71.50 69.78
CA ASN I 365 -20.81 -71.36 69.66
C ASN I 365 -21.52 -72.62 69.10
N LYS I 366 -20.76 -73.63 68.62
CA LYS I 366 -21.30 -74.86 68.03
C LYS I 366 -22.21 -74.54 66.86
N LEU I 367 -21.67 -73.83 65.84
CA LEU I 367 -22.43 -73.46 64.66
C LEU I 367 -22.69 -74.63 63.75
N ASP I 368 -23.81 -74.58 63.03
CA ASP I 368 -24.18 -75.62 62.10
C ASP I 368 -23.62 -75.30 60.70
N ALA I 369 -22.85 -76.22 60.14
CA ALA I 369 -22.26 -76.06 58.80
C ALA I 369 -23.28 -76.44 57.73
N PRO I 370 -23.20 -75.85 56.52
CA PRO I 370 -24.11 -76.26 55.45
C PRO I 370 -23.72 -77.60 54.81
N GLU I 371 -24.58 -78.13 53.93
CA GLU I 371 -24.30 -79.41 53.27
C GLU I 371 -23.17 -79.26 52.25
N PRO I 372 -22.39 -80.33 52.00
CA PRO I 372 -21.29 -80.20 51.04
C PRO I 372 -21.78 -80.17 49.59
N VAL I 373 -21.27 -79.22 48.80
CA VAL I 373 -21.66 -79.08 47.40
C VAL I 373 -20.75 -79.94 46.54
N GLU I 374 -21.06 -81.24 46.44
CA GLU I 374 -20.27 -82.19 45.66
C GLU I 374 -20.25 -81.84 44.16
N ARG I 375 -21.30 -81.15 43.66
CA ARG I 375 -21.37 -80.72 42.26
C ARG I 375 -20.33 -79.64 41.95
N ASN I 376 -19.97 -79.48 40.67
CA ASN I 376 -19.06 -78.42 40.24
C ASN I 376 -19.84 -77.11 40.35
N ILE I 377 -19.32 -76.15 41.11
CA ILE I 377 -20.02 -74.89 41.35
C ILE I 377 -19.84 -73.90 40.18
N PHE I 378 -18.77 -74.04 39.38
CA PHE I 378 -18.54 -73.15 38.23
C PHE I 378 -19.61 -73.38 37.15
N ALA I 379 -20.01 -74.64 36.95
CA ALA I 379 -21.05 -74.98 35.96
C ALA I 379 -22.46 -74.48 36.36
N MET I 380 -22.67 -74.13 37.64
CA MET I 380 -23.96 -73.65 38.12
C MET I 380 -24.23 -72.20 37.69
N SER I 381 -25.51 -71.86 37.50
CA SER I 381 -25.93 -70.51 37.14
C SER I 381 -26.13 -69.66 38.41
N GLU I 382 -26.06 -68.33 38.27
CA GLU I 382 -26.22 -67.42 39.41
C GLU I 382 -27.59 -67.55 40.10
N ALA I 383 -28.65 -67.86 39.35
CA ALA I 383 -29.98 -68.04 39.95
C ALA I 383 -30.03 -69.33 40.77
N GLU I 384 -29.33 -70.40 40.30
CA GLU I 384 -29.27 -71.67 41.01
C GLU I 384 -28.45 -71.54 42.28
N LYS I 385 -27.28 -70.86 42.20
CA LYS I 385 -26.42 -70.64 43.37
C LYS I 385 -27.10 -69.76 44.43
N LYS I 386 -27.99 -68.84 44.00
CA LYS I 386 -28.71 -67.97 44.92
C LYS I 386 -29.79 -68.76 45.68
N GLU I 387 -30.42 -69.75 45.02
CA GLU I 387 -31.43 -70.60 45.65
C GLU I 387 -30.77 -71.46 46.74
N LEU I 388 -29.62 -72.08 46.44
CA LEU I 388 -28.87 -72.90 47.39
C LEU I 388 -28.29 -72.07 48.55
N GLY I 389 -27.98 -70.81 48.30
CA GLY I 389 -27.43 -69.89 49.31
C GLY I 389 -25.92 -69.84 49.28
N ILE I 390 -25.31 -70.07 48.11
CA ILE I 390 -23.85 -70.06 47.97
C ILE I 390 -23.40 -68.63 47.65
N GLU I 391 -23.09 -67.84 48.69
CA GLU I 391 -22.63 -66.47 48.51
C GLU I 391 -21.19 -66.42 47.98
N SER I 392 -20.75 -65.29 47.41
CA SER I 392 -19.39 -65.15 46.87
C SER I 392 -18.54 -64.16 47.67
N VAL I 393 -17.22 -64.36 47.67
CA VAL I 393 -16.28 -63.48 48.39
C VAL I 393 -16.20 -62.12 47.68
N PRO I 394 -15.89 -61.01 48.41
CA PRO I 394 -15.84 -59.69 47.75
C PRO I 394 -15.06 -59.61 46.43
N ALA I 395 -15.53 -58.75 45.51
CA ALA I 395 -14.94 -58.60 44.18
C ALA I 395 -13.68 -57.73 44.14
N ASN I 396 -13.40 -56.93 45.18
CA ASN I 396 -12.22 -56.06 45.20
C ASN I 396 -11.66 -55.85 46.63
N LEU I 397 -10.49 -55.20 46.74
CA LEU I 397 -9.85 -54.96 48.03
C LEU I 397 -10.69 -54.10 48.97
N LYS I 398 -11.23 -52.98 48.48
CA LYS I 398 -12.06 -52.09 49.30
C LYS I 398 -13.32 -52.79 49.79
N ALA I 399 -13.92 -53.66 48.96
CA ALA I 399 -15.10 -54.41 49.37
C ALA I 399 -14.78 -55.35 50.54
N ALA I 400 -13.57 -55.93 50.56
CA ALA I 400 -13.14 -56.81 51.64
C ALA I 400 -12.76 -56.04 52.90
N LEU I 401 -12.16 -54.84 52.75
CA LEU I 401 -11.78 -54.01 53.91
C LEU I 401 -13.00 -53.56 54.70
N ASP I 402 -14.11 -53.24 54.01
CA ASP I 402 -15.35 -52.83 54.67
C ASP I 402 -15.94 -54.00 55.46
N GLU I 403 -15.81 -55.24 54.95
CA GLU I 403 -16.29 -56.44 55.63
C GLU I 403 -15.43 -56.70 56.88
N LEU I 404 -14.11 -56.52 56.78
CA LEU I 404 -13.19 -56.69 57.89
C LEU I 404 -13.47 -55.65 58.98
N GLU I 405 -13.74 -54.40 58.58
CA GLU I 405 -14.02 -53.32 59.51
C GLU I 405 -15.26 -53.60 60.37
N ASN I 406 -16.34 -54.11 59.75
CA ASN I 406 -17.57 -54.44 60.48
C ASN I 406 -17.51 -55.77 61.25
N ASN I 407 -16.44 -56.58 61.07
CA ASN I 407 -16.29 -57.86 61.76
C ASN I 407 -15.60 -57.64 63.11
N ASP I 408 -16.28 -58.03 64.20
CA ASP I 408 -15.77 -57.89 65.57
C ASP I 408 -14.90 -59.08 66.00
N VAL I 409 -15.09 -60.27 65.39
CA VAL I 409 -14.32 -61.46 65.75
C VAL I 409 -12.86 -61.28 65.35
N LEU I 410 -12.61 -60.80 64.11
CA LEU I 410 -11.25 -60.58 63.63
C LEU I 410 -10.62 -59.32 64.22
N LYS I 411 -11.43 -58.31 64.58
CA LYS I 411 -10.93 -57.09 65.21
C LYS I 411 -10.25 -57.41 66.54
N ASN I 412 -10.90 -58.26 67.36
CA ASN I 412 -10.39 -58.67 68.67
C ASN I 412 -9.14 -59.56 68.55
N ALA I 413 -9.13 -60.48 67.56
CA ALA I 413 -7.99 -61.37 67.36
C ALA I 413 -6.73 -60.63 66.92
N LEU I 414 -6.87 -59.66 66.01
CA LEU I 414 -5.75 -58.85 65.52
C LEU I 414 -5.34 -57.75 66.50
N GLY I 415 -6.30 -57.22 67.26
CA GLY I 415 -6.05 -56.15 68.22
C GLY I 415 -6.23 -54.78 67.57
N LYS I 416 -6.57 -53.77 68.39
CA LYS I 416 -6.79 -52.41 67.91
C LYS I 416 -5.65 -51.86 67.05
N HIS I 417 -4.40 -52.16 67.42
CA HIS I 417 -3.25 -51.65 66.68
C HIS I 417 -3.12 -52.24 65.28
N ILE I 418 -3.20 -53.57 65.15
CA ILE I 418 -3.06 -54.21 63.85
C ILE I 418 -4.30 -53.96 62.99
N PHE I 419 -5.50 -54.13 63.56
CA PHE I 419 -6.75 -53.91 62.85
C PHE I 419 -6.85 -52.50 62.22
N GLU I 420 -6.60 -51.44 63.01
CA GLU I 420 -6.71 -50.07 62.50
C GLU I 420 -5.58 -49.69 61.54
N SER I 421 -4.33 -50.09 61.84
CA SER I 421 -3.20 -49.76 60.94
C SER I 421 -3.32 -50.50 59.61
N PHE I 422 -3.78 -51.76 59.62
CA PHE I 422 -3.95 -52.52 58.39
C PHE I 422 -5.00 -51.84 57.50
N LEU I 423 -6.17 -51.49 58.05
CA LEU I 423 -7.22 -50.82 57.29
C LEU I 423 -6.73 -49.48 56.74
N GLU I 424 -5.99 -48.71 57.54
CA GLU I 424 -5.48 -47.40 57.13
C GLU I 424 -4.46 -47.53 55.99
N ILE I 425 -3.54 -48.50 56.08
CA ILE I 425 -2.53 -48.74 55.05
C ILE I 425 -3.17 -49.23 53.76
N LYS I 426 -4.10 -50.20 53.86
CA LYS I 426 -4.76 -50.75 52.70
C LYS I 426 -5.75 -49.77 52.04
N ASN I 427 -6.34 -48.83 52.79
CA ASN I 427 -7.24 -47.84 52.19
C ASN I 427 -6.43 -46.84 51.38
N ALA I 428 -5.23 -46.45 51.85
CA ALA I 428 -4.34 -45.57 51.09
C ALA I 428 -3.84 -46.28 49.82
N GLU I 429 -3.60 -47.60 49.91
CA GLU I 429 -3.18 -48.44 48.79
C GLU I 429 -4.31 -48.53 47.75
N TRP I 430 -5.56 -48.69 48.23
CA TRP I 430 -6.74 -48.76 47.36
C TRP I 430 -6.97 -47.41 46.69
N ASP I 431 -6.85 -46.30 47.43
CA ASP I 431 -7.03 -44.96 46.89
C ASP I 431 -6.02 -44.67 45.80
N SER I 432 -4.78 -45.16 45.94
CA SER I 432 -3.75 -44.97 44.92
C SER I 432 -4.14 -45.71 43.62
N PHE I 433 -4.78 -46.88 43.74
CA PHE I 433 -5.21 -47.69 42.60
C PHE I 433 -6.40 -47.05 41.87
N ARG I 434 -7.45 -46.66 42.60
CA ARG I 434 -8.65 -46.08 41.98
C ARG I 434 -8.43 -44.70 41.32
N THR I 435 -7.37 -43.97 41.71
CA THR I 435 -7.07 -42.66 41.13
C THR I 435 -6.13 -42.77 39.93
N SER I 436 -5.27 -43.79 39.88
CA SER I 436 -4.31 -43.97 38.79
C SER I 436 -4.98 -44.34 37.47
N VAL I 437 -4.49 -43.78 36.36
CA VAL I 437 -4.99 -44.08 35.01
C VAL I 437 -4.24 -45.33 34.54
N THR I 438 -4.96 -46.45 34.39
CA THR I 438 -4.37 -47.72 34.01
C THR I 438 -4.17 -47.88 32.50
N ASP I 439 -3.33 -48.85 32.10
CA ASP I 439 -3.06 -49.15 30.70
C ASP I 439 -4.31 -49.68 29.99
N TRP I 440 -5.21 -50.39 30.72
CA TRP I 440 -6.45 -50.90 30.16
C TRP I 440 -7.33 -49.73 29.71
N GLU I 441 -7.46 -48.70 30.56
CA GLU I 441 -8.25 -47.51 30.26
C GLU I 441 -7.69 -46.78 29.04
N THR I 442 -6.36 -46.64 28.97
CA THR I 442 -5.74 -45.96 27.83
C THR I 442 -6.00 -46.72 26.53
N THR I 443 -5.95 -48.05 26.58
CA THR I 443 -6.22 -48.87 25.40
C THR I 443 -7.68 -48.76 24.97
N ALA I 444 -8.61 -48.81 25.92
CA ALA I 444 -10.04 -48.78 25.64
C ALA I 444 -10.66 -47.40 25.34
N TYR I 445 -10.13 -46.32 25.93
CA TYR I 445 -10.76 -45.00 25.80
C TYR I 445 -9.96 -43.90 25.10
N LEU I 446 -8.68 -44.10 24.74
CA LEU I 446 -7.92 -43.04 24.05
C LEU I 446 -8.53 -42.78 22.66
N LYS I 447 -9.09 -43.80 22.01
CA LYS I 447 -9.72 -43.67 20.70
C LYS I 447 -10.99 -42.82 20.70
N ILE I 448 -11.70 -42.72 21.85
CA ILE I 448 -12.95 -41.94 21.92
C ILE I 448 -12.70 -40.43 21.95
N SER J 2 42.98 -109.83 11.35
CA SER J 2 42.56 -110.67 10.23
C SER J 2 41.49 -111.68 10.66
N THR J 3 41.68 -112.35 11.82
CA THR J 3 40.72 -113.31 12.36
C THR J 3 39.74 -112.62 13.34
N VAL J 4 38.65 -113.32 13.73
CA VAL J 4 37.66 -112.77 14.65
C VAL J 4 38.28 -112.54 16.04
N GLU J 5 39.14 -113.47 16.48
CA GLU J 5 39.79 -113.40 17.78
C GLU J 5 40.71 -112.19 17.88
N GLN J 6 41.46 -111.86 16.81
CA GLN J 6 42.36 -110.70 16.81
C GLN J 6 41.60 -109.38 16.93
N VAL J 7 40.49 -109.25 16.19
CA VAL J 7 39.69 -108.02 16.22
C VAL J 7 39.10 -107.79 17.62
N LEU J 8 38.56 -108.85 18.25
CA LEU J 8 38.00 -108.75 19.60
C LEU J 8 39.08 -108.45 20.65
N GLU J 9 40.33 -108.88 20.41
CA GLU J 9 41.44 -108.62 21.32
C GLU J 9 41.78 -107.13 21.31
N TYR J 10 41.73 -106.47 20.12
CA TYR J 10 42.01 -105.03 20.00
C TYR J 10 40.91 -104.20 20.71
N VAL J 11 39.67 -104.69 20.71
CA VAL J 11 38.51 -104.04 21.36
C VAL J 11 38.74 -103.96 22.88
N LYS J 12 39.30 -105.02 23.47
CA LYS J 12 39.57 -105.04 24.90
C LYS J 12 40.77 -104.15 25.23
N SER J 13 41.83 -104.21 24.41
CA SER J 13 43.05 -103.42 24.59
C SER J 13 42.79 -101.89 24.48
N ASN J 14 42.21 -101.44 23.37
CA ASN J 14 41.94 -100.02 23.15
C ASN J 14 40.64 -99.53 23.83
N ASN J 15 39.82 -100.43 24.42
CA ASN J 15 38.56 -100.07 25.08
C ASN J 15 37.57 -99.50 24.04
N VAL J 16 37.31 -100.26 22.97
CA VAL J 16 36.41 -99.80 21.91
C VAL J 16 34.97 -99.92 22.41
N LYS J 17 34.18 -98.86 22.19
CA LYS J 17 32.77 -98.78 22.61
C LYS J 17 31.82 -98.72 21.41
N PHE J 18 32.28 -98.30 20.22
CA PHE J 18 31.42 -98.24 19.03
C PHE J 18 32.14 -98.82 17.82
N MET J 19 31.45 -99.68 17.06
CA MET J 19 32.01 -100.29 15.85
C MET J 19 31.21 -99.76 14.64
N ARG J 20 31.89 -99.02 13.75
CA ARG J 20 31.30 -98.46 12.55
C ARG J 20 31.39 -99.50 11.43
N PHE J 21 30.24 -99.94 10.90
CA PHE J 21 30.23 -100.90 9.80
C PHE J 21 30.17 -100.06 8.53
N GLN J 22 31.35 -99.76 7.97
CA GLN J 22 31.49 -98.86 6.82
C GLN J 22 31.44 -99.57 5.46
N PHE J 23 31.04 -98.81 4.43
CA PHE J 23 30.97 -99.26 3.02
C PHE J 23 30.87 -98.03 2.08
N VAL J 24 30.68 -98.20 0.76
CA VAL J 24 30.60 -97.07 -0.17
C VAL J 24 29.42 -97.22 -1.13
N ASP J 25 28.79 -96.10 -1.50
CA ASP J 25 27.72 -96.13 -2.50
C ASP J 25 28.34 -96.18 -3.92
N ILE J 26 27.53 -96.19 -4.99
CA ILE J 26 28.05 -96.28 -6.36
C ILE J 26 29.02 -95.14 -6.71
N LEU J 27 28.76 -93.92 -6.22
CA LEU J 27 29.62 -92.76 -6.49
C LEU J 27 30.89 -92.69 -5.63
N GLY J 28 31.08 -93.64 -4.72
CA GLY J 28 32.25 -93.67 -3.83
C GLY J 28 32.09 -92.89 -2.54
N VAL J 29 30.86 -92.47 -2.20
CA VAL J 29 30.60 -91.73 -0.96
C VAL J 29 30.55 -92.77 0.17
N PRO J 30 31.34 -92.62 1.26
CA PRO J 30 31.27 -93.61 2.33
C PRO J 30 29.97 -93.53 3.13
N LYS J 31 29.48 -94.68 3.58
CA LYS J 31 28.25 -94.83 4.35
C LYS J 31 28.53 -95.81 5.51
N ASN J 32 27.96 -95.58 6.70
CA ASN J 32 28.21 -96.46 7.85
C ASN J 32 27.11 -96.41 8.92
N VAL J 33 27.09 -97.42 9.80
CA VAL J 33 26.15 -97.52 10.93
C VAL J 33 26.96 -97.90 12.17
N ALA J 34 26.72 -97.22 13.30
CA ALA J 34 27.45 -97.48 14.53
C ALA J 34 26.74 -98.52 15.39
N PHE J 35 27.51 -99.47 15.95
CA PHE J 35 27.02 -100.53 16.82
C PHE J 35 27.66 -100.35 18.20
N PRO J 36 26.89 -100.14 19.27
CA PRO J 36 27.50 -99.99 20.60
C PRO J 36 27.88 -101.31 21.23
N ILE J 37 29.14 -101.45 21.65
CA ILE J 37 29.63 -102.67 22.28
C ILE J 37 29.31 -102.55 23.77
N LYS J 38 28.75 -103.60 24.36
CA LYS J 38 28.40 -103.60 25.79
C LYS J 38 29.60 -104.06 26.63
N ALA J 39 29.59 -103.75 27.93
CA ALA J 39 30.67 -104.12 28.84
C ALA J 39 30.66 -105.62 29.17
N GLY J 40 31.82 -106.15 29.57
CA GLY J 40 31.96 -107.55 29.94
C GLY J 40 31.98 -108.51 28.78
N GLU J 41 32.05 -109.81 29.08
CA GLU J 41 32.07 -110.87 28.06
C GLU J 41 30.80 -110.90 27.21
N LYS J 42 29.63 -110.56 27.78
CA LYS J 42 28.37 -110.55 27.05
C LYS J 42 28.40 -109.57 25.87
N GLY J 43 29.04 -108.43 26.05
CA GLY J 43 29.19 -107.44 24.99
C GLY J 43 30.18 -107.88 23.93
N ILE J 44 31.24 -108.59 24.35
CA ILE J 44 32.29 -109.11 23.46
C ILE J 44 31.71 -110.19 22.54
N GLU J 45 30.89 -111.09 23.09
CA GLU J 45 30.28 -112.17 22.31
C GLU J 45 29.12 -111.69 21.44
N GLU J 46 28.44 -110.58 21.81
CA GLU J 46 27.41 -109.98 20.97
C GLU J 46 28.11 -109.40 19.74
N LEU J 47 29.25 -108.71 19.94
CA LEU J 47 30.05 -108.14 18.87
C LEU J 47 30.57 -109.23 17.94
N ARG J 48 30.94 -110.41 18.49
CA ARG J 48 31.42 -111.54 17.69
C ARG J 48 30.36 -111.99 16.70
N ASP J 49 29.10 -112.11 17.13
CA ASP J 49 27.99 -112.52 16.26
C ASP J 49 27.76 -111.51 15.14
N VAL J 50 27.80 -110.21 15.47
CA VAL J 50 27.60 -109.16 14.48
C VAL J 50 28.81 -109.07 13.53
N LEU J 51 30.03 -109.42 13.98
CA LEU J 51 31.22 -109.41 13.14
C LEU J 51 31.24 -110.56 12.14
N GLU J 52 30.77 -111.76 12.56
CA GLU J 52 30.75 -112.94 11.70
C GLU J 52 29.53 -112.97 10.76
N ASN J 53 28.32 -112.79 11.31
CA ASN J 53 27.07 -112.84 10.53
C ASN J 53 26.68 -111.51 9.87
N GLY J 54 27.25 -110.40 10.31
CA GLY J 54 26.95 -109.09 9.75
C GLY J 54 25.66 -108.50 10.28
N LEU J 55 25.15 -107.45 9.61
CA LEU J 55 23.90 -106.79 10.01
C LEU J 55 23.13 -106.26 8.79
N TYR J 56 21.82 -106.07 8.96
CA TYR J 56 20.92 -105.62 7.90
C TYR J 56 20.86 -104.09 7.75
N PHE J 57 20.40 -103.61 6.58
CA PHE J 57 20.26 -102.18 6.31
C PHE J 57 19.35 -101.93 5.11
N ASP J 58 18.74 -100.74 5.03
CA ASP J 58 17.87 -100.36 3.92
C ASP J 58 18.71 -100.00 2.70
N GLY J 59 18.65 -100.85 1.67
CA GLY J 59 19.41 -100.64 0.43
C GLY J 59 18.83 -99.62 -0.52
N SER J 60 17.51 -99.35 -0.42
CA SER J 60 16.86 -98.38 -1.32
C SER J 60 17.34 -96.95 -1.09
N SER J 61 17.70 -96.61 0.15
CA SER J 61 18.19 -95.27 0.48
C SER J 61 19.62 -95.04 -0.02
N ILE J 62 20.43 -96.10 -0.19
CA ILE J 62 21.80 -95.99 -0.70
C ILE J 62 21.75 -95.77 -2.22
N GLU J 63 22.63 -94.92 -2.75
CA GLU J 63 22.63 -94.60 -4.19
C GLU J 63 23.17 -95.75 -5.06
N GLY J 64 22.43 -96.07 -6.11
CA GLY J 64 22.80 -97.11 -7.06
C GLY J 64 22.84 -98.52 -6.50
N PHE J 65 21.94 -98.83 -5.54
CA PHE J 65 21.89 -100.15 -4.93
C PHE J 65 20.62 -100.92 -5.37
N VAL J 66 19.51 -100.89 -4.61
CA VAL J 66 18.31 -101.66 -4.94
C VAL J 66 17.03 -100.81 -4.84
N GLY J 67 15.95 -101.32 -5.42
CA GLY J 67 14.65 -100.65 -5.37
C GLY J 67 13.98 -100.77 -4.02
N ILE J 68 12.87 -100.05 -3.82
CA ILE J 68 12.14 -100.08 -2.56
C ILE J 68 11.44 -101.43 -2.34
N ASN J 69 10.99 -102.09 -3.41
CA ASN J 69 10.32 -103.40 -3.33
C ASN J 69 11.25 -104.59 -2.99
N GLU J 70 12.58 -104.38 -2.97
CA GLU J 70 13.57 -105.43 -2.67
C GLU J 70 14.73 -104.78 -1.91
N SER J 71 14.41 -104.00 -0.87
CA SER J 71 15.38 -103.20 -0.12
C SER J 71 16.22 -103.94 0.93
N ASP J 72 15.78 -105.09 1.45
CA ASP J 72 16.54 -105.81 2.50
C ASP J 72 17.90 -106.32 2.02
N MET J 73 19.00 -105.80 2.65
CA MET J 73 20.38 -106.15 2.33
C MET J 73 21.22 -106.39 3.62
N MET J 74 22.50 -106.84 3.47
CA MET J 74 23.39 -107.13 4.60
C MET J 74 24.83 -106.62 4.36
N LEU J 75 25.63 -106.51 5.44
CA LEU J 75 27.02 -106.07 5.40
C LEU J 75 27.90 -107.12 6.07
N LYS J 76 28.76 -107.81 5.30
CA LYS J 76 29.68 -108.83 5.82
C LYS J 76 31.07 -108.19 6.07
N PRO J 77 31.48 -107.95 7.33
CA PRO J 77 32.77 -107.27 7.58
C PRO J 77 34.06 -107.95 7.12
N ASP J 78 35.00 -107.16 6.58
CA ASP J 78 36.33 -107.63 6.21
C ASP J 78 37.19 -107.37 7.47
N LEU J 79 37.51 -108.43 8.21
CA LEU J 79 38.24 -108.32 9.48
C LEU J 79 39.68 -107.83 9.34
N SER J 80 40.27 -107.91 8.14
CA SER J 80 41.62 -107.40 7.91
C SER J 80 41.68 -105.86 7.92
N THR J 81 40.53 -105.19 7.70
CA THR J 81 40.45 -103.72 7.62
C THR J 81 40.10 -103.04 8.96
N PHE J 82 40.34 -103.69 10.12
CA PHE J 82 40.05 -103.06 11.41
C PHE J 82 40.95 -101.86 11.61
N SER J 83 40.41 -100.75 12.14
CA SER J 83 41.20 -99.55 12.38
C SER J 83 40.52 -98.66 13.43
N VAL J 84 41.29 -98.10 14.36
CA VAL J 84 40.75 -97.22 15.39
C VAL J 84 40.66 -95.82 14.80
N LEU J 85 39.47 -95.16 14.86
CA LEU J 85 39.34 -93.81 14.32
C LEU J 85 40.02 -92.85 15.30
N PRO J 86 41.07 -92.12 14.85
CA PRO J 86 41.80 -91.25 15.78
C PRO J 86 41.09 -89.96 16.16
N TRP J 87 40.46 -89.27 15.18
CA TRP J 87 39.75 -88.01 15.45
C TRP J 87 38.66 -88.16 16.55
N ARG J 88 38.12 -89.38 16.73
CA ARG J 88 37.14 -89.67 17.79
C ARG J 88 37.84 -89.80 19.16
N PRO J 89 37.11 -89.79 20.31
CA PRO J 89 37.79 -89.87 21.61
C PRO J 89 38.62 -91.13 21.82
N SER J 90 39.63 -91.04 22.70
CA SER J 90 40.52 -92.15 23.01
C SER J 90 39.87 -93.06 24.07
N GLU J 91 39.30 -92.47 25.13
CA GLU J 91 38.61 -93.23 26.16
C GLU J 91 37.23 -93.59 25.59
N LYS J 92 36.88 -94.90 25.58
CA LYS J 92 35.65 -95.41 24.96
C LYS J 92 35.72 -95.11 23.46
N SER J 93 36.84 -95.51 22.84
CA SER J 93 37.17 -95.25 21.43
C SER J 93 36.16 -95.83 20.43
N VAL J 94 36.17 -95.28 19.21
CA VAL J 94 35.30 -95.70 18.12
C VAL J 94 36.16 -96.33 17.03
N ALA J 95 35.97 -97.63 16.76
CA ALA J 95 36.72 -98.34 15.71
C ALA J 95 35.84 -98.62 14.50
N ARG J 96 36.45 -98.83 13.33
CA ARG J 96 35.73 -99.09 12.09
C ARG J 96 36.04 -100.47 11.52
N VAL J 97 35.15 -100.97 10.66
CA VAL J 97 35.36 -102.22 9.95
C VAL J 97 34.65 -102.12 8.59
N ILE J 98 35.45 -102.06 7.50
CA ILE J 98 34.90 -101.94 6.14
C ILE J 98 34.27 -103.28 5.76
N CYS J 99 33.06 -103.25 5.17
CA CYS J 99 32.31 -104.46 4.83
C CYS J 99 32.03 -104.59 3.34
N ASP J 100 31.62 -105.80 2.94
CA ASP J 100 31.20 -106.14 1.59
C ASP J 100 29.67 -106.23 1.63
N VAL J 101 28.98 -105.55 0.72
CA VAL J 101 27.53 -105.57 0.68
C VAL J 101 27.08 -106.91 0.10
N TYR J 102 26.18 -107.62 0.80
CA TYR J 102 25.65 -108.92 0.40
C TYR J 102 24.13 -108.90 0.36
N THR J 103 23.55 -109.74 -0.50
CA THR J 103 22.09 -109.87 -0.64
C THR J 103 21.51 -110.65 0.54
N THR J 104 20.17 -110.64 0.69
CA THR J 104 19.45 -111.33 1.75
C THR J 104 19.80 -112.84 1.78
N LYS J 105 20.02 -113.44 0.59
CA LYS J 105 20.38 -114.86 0.49
C LYS J 105 21.87 -115.17 0.83
N GLY J 106 22.60 -114.18 1.32
CA GLY J 106 24.01 -114.35 1.69
C GLY J 106 24.96 -114.49 0.52
N LYS J 107 24.62 -113.87 -0.63
CA LYS J 107 25.44 -113.89 -1.85
C LYS J 107 26.00 -112.49 -2.10
N PRO J 108 27.27 -112.30 -2.53
CA PRO J 108 27.79 -110.93 -2.73
C PRO J 108 26.93 -110.08 -3.66
N PHE J 109 26.62 -108.83 -3.28
CA PHE J 109 25.78 -107.96 -4.09
C PHE J 109 26.49 -107.52 -5.37
N GLU J 110 25.83 -107.74 -6.52
CA GLU J 110 26.35 -107.39 -7.84
C GLU J 110 26.69 -105.89 -7.97
N GLY J 111 25.87 -105.03 -7.41
CA GLY J 111 26.07 -103.59 -7.47
C GLY J 111 26.97 -103.01 -6.39
N ASP J 112 27.85 -103.84 -5.80
CA ASP J 112 28.76 -103.39 -4.74
C ASP J 112 30.11 -102.97 -5.35
N PRO J 113 30.57 -101.71 -5.20
CA PRO J 113 31.88 -101.33 -5.77
C PRO J 113 33.07 -102.12 -5.20
N ARG J 114 33.04 -102.44 -3.89
CA ARG J 114 34.13 -103.18 -3.25
C ARG J 114 34.22 -104.63 -3.75
N GLY J 115 33.07 -105.27 -3.88
CA GLY J 115 32.97 -106.63 -4.41
C GLY J 115 33.36 -106.70 -5.87
N CYS J 116 33.12 -105.62 -6.63
CA CYS J 116 33.47 -105.51 -8.04
C CYS J 116 35.00 -105.56 -8.19
N LEU J 117 35.73 -104.85 -7.30
CA LEU J 117 37.19 -104.85 -7.33
C LEU J 117 37.74 -106.19 -6.84
N LYS J 118 37.12 -106.81 -5.82
CA LYS J 118 37.54 -108.12 -5.32
C LYS J 118 37.40 -109.17 -6.43
N ARG J 119 36.27 -109.15 -7.16
CA ARG J 119 36.00 -110.09 -8.24
C ARG J 119 37.09 -110.06 -9.32
N VAL J 120 37.41 -108.87 -9.86
CA VAL J 120 38.43 -108.76 -10.92
C VAL J 120 39.83 -109.10 -10.40
N MET J 121 40.15 -108.82 -9.11
CA MET J 121 41.45 -109.16 -8.55
C MET J 121 41.59 -110.68 -8.35
N GLU J 122 40.52 -111.34 -7.90
CA GLU J 122 40.52 -112.79 -7.73
C GLU J 122 40.63 -113.48 -9.10
N GLU J 123 39.97 -112.93 -10.13
CA GLU J 123 40.04 -113.46 -11.50
C GLU J 123 41.45 -113.31 -12.05
N PHE J 124 42.12 -112.18 -11.77
CA PHE J 124 43.48 -111.93 -12.21
C PHE J 124 44.46 -112.88 -11.50
N LYS J 125 44.29 -113.07 -10.18
CA LYS J 125 45.13 -113.99 -9.41
C LYS J 125 44.94 -115.45 -9.83
N LYS J 126 43.73 -115.82 -10.28
CA LYS J 126 43.45 -117.18 -10.72
C LYS J 126 44.03 -117.46 -12.12
N GLU J 127 43.90 -116.51 -13.04
CA GLU J 127 44.34 -116.68 -14.43
C GLU J 127 45.85 -116.47 -14.64
N PHE J 128 46.43 -115.42 -14.03
CA PHE J 128 47.86 -115.09 -14.22
C PHE J 128 48.74 -115.23 -12.97
N ASN J 129 48.15 -115.42 -11.78
CA ASN J 129 48.90 -115.50 -10.52
C ASN J 129 49.58 -114.13 -10.26
N GLY J 130 48.83 -113.05 -10.49
CA GLY J 130 49.33 -111.69 -10.34
C GLY J 130 48.76 -110.94 -9.16
N GLU J 131 49.37 -109.79 -8.87
CA GLU J 131 48.99 -108.90 -7.79
C GLU J 131 49.01 -107.47 -8.34
N TYR J 132 47.85 -106.81 -8.38
CA TYR J 132 47.74 -105.45 -8.92
C TYR J 132 48.03 -104.41 -7.84
N PHE J 133 49.15 -103.69 -7.97
CA PHE J 133 49.57 -102.68 -7.00
C PHE J 133 49.27 -101.25 -7.50
N VAL J 134 48.72 -100.40 -6.60
CA VAL J 134 48.39 -99.00 -6.91
C VAL J 134 48.89 -98.08 -5.78
N GLY J 135 49.33 -96.88 -6.15
CA GLY J 135 49.83 -95.86 -5.24
C GLY J 135 49.37 -94.50 -5.73
N PRO J 136 48.25 -93.96 -5.21
CA PRO J 136 47.75 -92.67 -5.71
C PRO J 136 48.33 -91.46 -4.98
N GLU J 137 48.14 -90.27 -5.59
CA GLU J 137 48.57 -88.98 -5.07
C GLU J 137 47.32 -88.07 -5.03
N PRO J 138 46.38 -88.30 -4.09
CA PRO J 138 45.16 -87.47 -4.06
C PRO J 138 45.40 -86.08 -3.46
N GLU J 139 45.31 -85.05 -4.30
CA GLU J 139 45.48 -83.65 -3.90
C GLU J 139 44.15 -83.07 -3.39
N PHE J 140 44.22 -82.06 -2.52
CA PHE J 140 43.03 -81.42 -1.95
C PHE J 140 43.26 -79.93 -1.68
N PHE J 141 42.18 -79.18 -1.43
CA PHE J 141 42.25 -77.74 -1.13
C PHE J 141 41.72 -77.49 0.27
N LEU J 142 42.42 -76.64 1.04
CA LEU J 142 41.96 -76.23 2.36
C LEU J 142 41.33 -74.86 2.14
N LEU J 143 40.07 -74.69 2.56
CA LEU J 143 39.34 -73.44 2.34
C LEU J 143 38.95 -72.72 3.62
N LYS J 144 38.70 -71.41 3.50
CA LYS J 144 38.23 -70.54 4.57
C LYS J 144 37.15 -69.61 3.98
N LYS J 145 36.21 -69.14 4.81
CA LYS J 145 35.14 -68.25 4.33
C LYS J 145 35.72 -66.94 3.80
N ASP J 146 35.13 -66.43 2.72
CA ASP J 146 35.56 -65.18 2.10
C ASP J 146 35.22 -64.04 3.09
N PRO J 147 36.17 -63.18 3.48
CA PRO J 147 35.82 -62.09 4.42
C PRO J 147 34.84 -61.09 3.82
N HIS J 148 34.94 -60.81 2.51
CA HIS J 148 34.03 -59.89 1.82
C HIS J 148 32.61 -60.48 1.63
N ASN J 149 32.45 -61.82 1.74
CA ASN J 149 31.14 -62.46 1.61
C ASN J 149 31.19 -63.85 2.29
N PRO J 150 30.54 -64.07 3.46
CA PRO J 150 30.64 -65.39 4.12
C PRO J 150 29.99 -66.57 3.38
N HIS J 151 29.11 -66.30 2.41
CA HIS J 151 28.46 -67.36 1.65
C HIS J 151 29.42 -68.10 0.69
N LYS J 152 30.52 -67.44 0.26
CA LYS J 152 31.51 -68.03 -0.64
C LYS J 152 32.78 -68.46 0.11
N TYR J 153 33.53 -69.40 -0.47
CA TYR J 153 34.78 -69.92 0.10
C TYR J 153 35.97 -69.57 -0.79
N ILE J 154 37.16 -69.40 -0.18
CA ILE J 154 38.41 -69.07 -0.86
C ILE J 154 39.56 -69.95 -0.34
N PRO J 155 40.75 -69.97 -0.98
CA PRO J 155 41.85 -70.81 -0.46
C PRO J 155 42.39 -70.30 0.88
N ALA J 156 42.87 -71.23 1.74
CA ALA J 156 43.39 -70.89 3.07
C ALA J 156 44.65 -70.02 3.07
N ASP J 157 45.50 -70.11 2.02
CA ASP J 157 46.74 -69.32 1.97
C ASP J 157 47.19 -69.05 0.54
N ASP J 158 48.05 -68.02 0.36
CA ASP J 158 48.60 -67.66 -0.94
C ASP J 158 49.95 -68.38 -1.13
N GLY J 159 49.98 -69.68 -0.83
CA GLY J 159 51.19 -70.48 -0.94
C GLY J 159 51.35 -71.16 -2.28
N GLY J 160 52.61 -71.47 -2.60
CA GLY J 160 52.99 -72.14 -3.84
C GLY J 160 53.46 -73.55 -3.60
N TYR J 161 54.14 -74.13 -4.59
CA TYR J 161 54.62 -75.51 -4.51
C TYR J 161 55.77 -75.62 -3.51
N PHE J 162 55.68 -76.55 -2.54
CA PHE J 162 56.70 -76.79 -1.52
C PHE J 162 57.04 -75.56 -0.64
N ASP J 163 56.21 -74.49 -0.63
CA ASP J 163 56.53 -73.28 0.15
C ASP J 163 56.65 -73.54 1.67
N LEU J 164 57.41 -72.66 2.36
CA LEU J 164 57.63 -72.74 3.81
C LEU J 164 56.72 -71.77 4.56
N GLU J 165 56.50 -72.04 5.85
CA GLU J 165 55.73 -71.17 6.73
C GLU J 165 56.47 -69.81 6.91
N PRO J 166 55.78 -68.68 7.13
CA PRO J 166 54.31 -68.51 7.24
C PRO J 166 53.57 -68.42 5.92
N MET J 167 54.28 -68.42 4.77
CA MET J 167 53.64 -68.37 3.44
C MET J 167 52.70 -69.59 3.28
N ASP J 168 53.16 -70.76 3.75
CA ASP J 168 52.39 -72.01 3.80
C ASP J 168 51.74 -72.02 5.19
N GLU J 169 50.42 -71.81 5.27
CA GLU J 169 49.71 -71.77 6.56
C GLU J 169 49.11 -73.12 6.96
N ALA J 170 49.57 -74.25 6.37
CA ALA J 170 49.02 -75.56 6.71
C ALA J 170 50.01 -76.58 7.32
N PRO J 171 51.18 -76.23 7.91
CA PRO J 171 52.04 -77.27 8.50
C PRO J 171 51.37 -77.95 9.69
N ASP J 172 50.59 -77.20 10.49
CA ASP J 172 49.88 -77.76 11.64
C ASP J 172 48.73 -78.67 11.18
N ILE J 173 48.03 -78.30 10.11
CA ILE J 173 46.92 -79.10 9.59
C ILE J 173 47.47 -80.39 8.98
N ARG J 174 48.54 -80.30 8.19
CA ARG J 174 49.17 -81.48 7.59
C ARG J 174 49.79 -82.38 8.67
N ARG J 175 50.34 -81.79 9.75
CA ARG J 175 50.92 -82.54 10.88
C ARG J 175 49.90 -83.52 11.47
N ASP J 176 48.71 -83.00 11.83
CA ASP J 176 47.66 -83.82 12.43
C ASP J 176 47.10 -84.84 11.44
N ILE J 177 47.05 -84.51 10.14
CA ILE J 177 46.61 -85.44 9.11
C ILE J 177 47.55 -86.65 9.07
N VAL J 178 48.86 -86.41 9.04
CA VAL J 178 49.83 -87.49 8.98
C VAL J 178 49.76 -88.36 10.24
N PHE J 179 49.60 -87.75 11.43
CA PHE J 179 49.49 -88.53 12.66
C PHE J 179 48.23 -89.39 12.63
N ALA J 180 47.10 -88.84 12.15
CA ALA J 180 45.84 -89.59 12.06
C ALA J 180 45.95 -90.76 11.09
N LEU J 181 46.57 -90.55 9.91
CA LEU J 181 46.74 -91.61 8.93
C LEU J 181 47.65 -92.73 9.47
N GLU J 182 48.77 -92.37 10.14
CA GLU J 182 49.66 -93.37 10.72
C GLU J 182 48.95 -94.26 11.74
N ASN J 183 48.03 -93.70 12.54
CA ASN J 183 47.25 -94.48 13.51
C ASN J 183 46.26 -95.41 12.81
N LEU J 184 45.71 -95.00 11.66
CA LEU J 184 44.80 -95.83 10.86
C LEU J 184 45.51 -96.97 10.10
N GLY J 185 46.85 -97.05 10.16
CA GLY J 185 47.64 -98.08 9.50
C GLY J 185 48.30 -97.67 8.19
N PHE J 186 48.29 -96.37 7.88
CA PHE J 186 48.91 -95.87 6.64
C PHE J 186 50.41 -95.75 6.78
N HIS J 187 51.12 -95.96 5.67
CA HIS J 187 52.57 -95.76 5.60
C HIS J 187 52.75 -94.48 4.81
N VAL J 188 52.69 -93.33 5.49
CA VAL J 188 52.78 -92.02 4.85
C VAL J 188 54.19 -91.84 4.30
N GLU J 189 54.33 -91.41 3.04
CA GLU J 189 55.63 -91.22 2.41
C GLU J 189 56.11 -89.76 2.46
N ALA J 190 55.24 -88.80 2.10
CA ALA J 190 55.62 -87.37 2.09
C ALA J 190 54.39 -86.45 2.15
N SER J 191 54.58 -85.20 2.59
CA SER J 191 53.52 -84.22 2.69
C SER J 191 54.09 -82.83 2.39
N HIS J 192 53.35 -82.00 1.65
CA HIS J 192 53.83 -80.68 1.25
C HIS J 192 52.71 -79.80 0.65
N HIS J 193 52.99 -78.52 0.43
CA HIS J 193 52.05 -77.60 -0.22
C HIS J 193 52.16 -77.81 -1.74
N GLU J 194 51.04 -77.70 -2.46
CA GLU J 194 51.02 -77.89 -3.91
C GLU J 194 50.95 -76.53 -4.67
N VAL J 195 51.08 -76.57 -6.00
CA VAL J 195 51.15 -75.40 -6.89
C VAL J 195 50.09 -74.31 -6.59
N ALA J 196 48.80 -74.65 -6.61
CA ALA J 196 47.74 -73.65 -6.42
C ALA J 196 47.64 -73.14 -4.97
N PRO J 197 47.11 -71.92 -4.75
CA PRO J 197 46.93 -71.43 -3.37
C PRO J 197 46.07 -72.35 -2.52
N GLY J 198 46.46 -72.59 -1.28
CA GLY J 198 45.71 -73.44 -0.38
C GLY J 198 45.65 -74.91 -0.75
N GLN J 199 46.31 -75.32 -1.85
CA GLN J 199 46.32 -76.72 -2.30
C GLN J 199 47.43 -77.48 -1.57
N HIS J 200 47.17 -78.76 -1.24
CA HIS J 200 48.13 -79.61 -0.53
C HIS J 200 48.12 -81.04 -1.09
N GLU J 201 49.14 -81.84 -0.73
CA GLU J 201 49.23 -83.22 -1.19
C GLU J 201 49.90 -84.06 -0.10
N VAL J 202 49.22 -85.14 0.31
CA VAL J 202 49.74 -86.06 1.32
C VAL J 202 49.81 -87.44 0.64
N ASP J 203 51.03 -87.90 0.36
CA ASP J 203 51.28 -89.17 -0.32
C ASP J 203 51.41 -90.32 0.67
N PHE J 204 51.11 -91.54 0.20
CA PHE J 204 51.22 -92.74 1.02
C PHE J 204 51.69 -93.92 0.16
N LYS J 205 52.27 -94.94 0.81
CA LYS J 205 52.86 -96.09 0.11
C LYS J 205 51.86 -96.89 -0.70
N PHE J 206 52.34 -97.48 -1.80
CA PHE J 206 51.51 -98.30 -2.67
C PHE J 206 51.22 -99.65 -2.00
N ASP J 207 50.12 -100.29 -2.41
CA ASP J 207 49.70 -101.59 -1.90
C ASP J 207 48.76 -102.26 -2.93
N ASP J 208 48.19 -103.45 -2.64
CA ASP J 208 47.26 -104.09 -3.58
C ASP J 208 46.00 -103.21 -3.73
N ALA J 209 45.41 -103.21 -4.92
CA ALA J 209 44.25 -102.37 -5.27
C ALA J 209 43.15 -102.31 -4.20
N LEU J 210 42.83 -103.44 -3.54
CA LEU J 210 41.78 -103.45 -2.51
C LEU J 210 42.22 -102.63 -1.28
N LYS J 211 43.42 -102.91 -0.73
CA LYS J 211 43.92 -102.16 0.43
C LYS J 211 44.14 -100.68 0.09
N THR J 212 44.51 -100.37 -1.16
CA THR J 212 44.71 -99.00 -1.62
C THR J 212 43.36 -98.27 -1.73
N ALA J 213 42.31 -98.93 -2.25
CA ALA J 213 41.00 -98.31 -2.37
C ALA J 213 40.37 -98.08 -1.01
N ASP J 214 40.59 -99.00 -0.05
CA ASP J 214 40.11 -98.82 1.33
C ASP J 214 40.81 -97.61 1.96
N SER J 215 42.11 -97.42 1.65
CA SER J 215 42.90 -96.30 2.13
C SER J 215 42.46 -94.96 1.51
N VAL J 216 42.06 -94.93 0.22
CA VAL J 216 41.61 -93.70 -0.42
C VAL J 216 40.32 -93.17 0.25
N ILE J 217 39.38 -94.07 0.60
CA ILE J 217 38.13 -93.67 1.25
C ILE J 217 38.41 -93.10 2.64
N THR J 218 39.27 -93.78 3.41
CA THR J 218 39.63 -93.35 4.76
C THR J 218 40.43 -92.04 4.71
N PHE J 219 41.27 -91.86 3.68
CA PHE J 219 42.08 -90.66 3.50
C PHE J 219 41.18 -89.44 3.29
N LYS J 220 40.17 -89.55 2.41
CA LYS J 220 39.25 -88.45 2.13
C LYS J 220 38.48 -88.01 3.38
N THR J 221 38.06 -88.97 4.21
CA THR J 221 37.37 -88.67 5.47
C THR J 221 38.36 -88.00 6.44
N THR J 222 39.58 -88.57 6.55
CA THR J 222 40.63 -88.04 7.44
C THR J 222 40.96 -86.59 7.13
N ILE J 223 41.07 -86.23 5.85
CA ILE J 223 41.39 -84.87 5.44
C ILE J 223 40.25 -83.91 5.77
N LYS J 224 39.00 -84.31 5.53
CA LYS J 224 37.85 -83.43 5.77
C LYS J 224 37.55 -83.21 7.26
N THR J 225 37.58 -84.28 8.07
CA THR J 225 37.29 -84.19 9.49
C THR J 225 38.32 -83.36 10.26
N ILE J 226 39.62 -83.59 9.97
CA ILE J 226 40.69 -82.86 10.63
C ILE J 226 40.69 -81.39 10.22
N ALA J 227 40.34 -81.07 8.96
CA ALA J 227 40.25 -79.67 8.53
C ALA J 227 39.16 -78.94 9.32
N GLU J 228 38.03 -79.60 9.61
CA GLU J 228 36.95 -78.98 10.39
C GLU J 228 37.41 -78.68 11.82
N GLN J 229 38.31 -79.50 12.38
CA GLN J 229 38.85 -79.27 13.73
C GLN J 229 39.67 -77.98 13.76
N HIS J 230 40.38 -77.63 12.67
CA HIS J 230 41.18 -76.42 12.60
C HIS J 230 40.40 -75.23 11.94
N GLY J 231 39.07 -75.25 12.07
CA GLY J 231 38.21 -74.19 11.53
C GLY J 231 38.21 -73.99 10.03
N LEU J 232 38.69 -74.97 9.25
CA LEU J 232 38.75 -74.89 7.78
C LEU J 232 37.80 -75.92 7.12
N LYS J 233 37.71 -75.94 5.79
CA LYS J 233 36.87 -76.89 5.05
C LYS J 233 37.67 -77.45 3.89
N ALA J 234 37.96 -78.76 3.91
CA ALA J 234 38.74 -79.39 2.83
C ALA J 234 37.84 -79.90 1.72
N THR J 235 38.24 -79.71 0.45
CA THR J 235 37.46 -80.17 -0.69
C THR J 235 38.33 -80.93 -1.70
N PHE J 236 37.81 -82.07 -2.17
CA PHE J 236 38.47 -82.87 -3.21
C PHE J 236 37.79 -82.57 -4.56
N MET J 237 37.42 -81.31 -4.81
CA MET J 237 36.78 -80.91 -6.05
C MET J 237 37.87 -80.85 -7.13
N PRO J 238 37.69 -81.46 -8.32
CA PRO J 238 38.76 -81.42 -9.32
C PRO J 238 39.24 -80.04 -9.79
N LYS J 239 38.43 -78.99 -9.63
CA LYS J 239 38.78 -77.64 -10.06
C LYS J 239 37.88 -76.64 -9.34
N PRO J 240 38.15 -76.35 -8.05
CA PRO J 240 37.29 -75.40 -7.32
C PRO J 240 37.41 -73.97 -7.81
N PHE J 241 38.59 -73.58 -8.33
CA PHE J 241 38.80 -72.21 -8.81
C PHE J 241 39.44 -72.20 -10.20
N PHE J 242 38.97 -71.26 -11.05
CA PHE J 242 39.50 -71.09 -12.41
C PHE J 242 40.81 -70.29 -12.34
N GLY J 243 41.74 -70.59 -13.24
CA GLY J 243 43.02 -69.89 -13.30
C GLY J 243 44.12 -70.44 -12.41
N MET J 244 43.85 -71.54 -11.68
CA MET J 244 44.84 -72.18 -10.81
C MET J 244 44.71 -73.70 -10.92
N ASN J 245 45.80 -74.43 -10.61
CA ASN J 245 45.83 -75.90 -10.70
C ASN J 245 44.66 -76.59 -10.01
N GLY J 246 44.26 -77.73 -10.56
CA GLY J 246 43.17 -78.53 -10.00
C GLY J 246 43.67 -79.71 -9.21
N SER J 247 42.80 -80.31 -8.40
CA SER J 247 43.15 -81.48 -7.60
C SER J 247 43.21 -82.73 -8.48
N GLY J 248 44.39 -83.34 -8.56
CA GLY J 248 44.60 -84.54 -9.36
C GLY J 248 45.06 -85.72 -8.52
N MET J 249 44.63 -86.93 -8.90
CA MET J 249 45.00 -88.16 -8.20
C MET J 249 45.73 -89.06 -9.18
N HIS J 250 47.04 -88.82 -9.34
CA HIS J 250 47.88 -89.59 -10.25
C HIS J 250 48.02 -91.02 -9.71
N CYS J 251 47.64 -92.03 -10.51
CA CYS J 251 47.68 -93.42 -10.07
C CYS J 251 48.89 -94.19 -10.58
N HIS J 252 49.94 -94.29 -9.73
CA HIS J 252 51.14 -95.07 -10.06
C HIS J 252 50.74 -96.53 -9.92
N GLN J 253 50.90 -97.34 -10.97
CA GLN J 253 50.46 -98.74 -10.91
C GLN J 253 51.40 -99.73 -11.61
N SER J 254 51.33 -101.00 -11.21
CA SER J 254 52.15 -102.08 -11.76
C SER J 254 51.59 -103.45 -11.35
N ILE J 255 51.82 -104.49 -12.18
CA ILE J 255 51.36 -105.85 -11.92
C ILE J 255 52.57 -106.78 -11.71
N TRP J 256 52.50 -107.66 -10.70
CA TRP J 256 53.58 -108.58 -10.34
C TRP J 256 53.16 -110.04 -10.51
N LEU J 257 53.55 -110.66 -11.63
CA LEU J 257 53.22 -112.06 -11.90
C LEU J 257 54.23 -112.99 -11.23
N ASN J 258 53.76 -113.89 -10.34
CA ASN J 258 54.60 -114.84 -9.62
C ASN J 258 55.58 -114.16 -8.65
N GLY J 259 55.11 -113.14 -7.96
CA GLY J 259 55.90 -112.40 -6.97
C GLY J 259 57.16 -111.74 -7.51
N GLU J 260 57.15 -111.32 -8.79
CA GLU J 260 58.30 -110.66 -9.43
C GLU J 260 57.85 -109.39 -10.16
N PRO J 261 58.70 -108.35 -10.24
CA PRO J 261 58.29 -107.15 -10.98
C PRO J 261 58.28 -107.43 -12.48
N SER J 262 57.09 -107.73 -13.02
CA SER J 262 56.92 -108.07 -14.43
C SER J 262 57.11 -106.89 -15.38
N PHE J 263 56.97 -105.65 -14.88
CA PHE J 263 57.15 -104.47 -15.72
C PHE J 263 58.63 -104.17 -16.03
N TYR J 264 59.57 -104.68 -15.21
CA TYR J 264 61.00 -104.44 -15.41
C TYR J 264 61.66 -105.51 -16.28
N ASP J 265 62.57 -105.07 -17.16
CA ASP J 265 63.37 -105.96 -18.02
C ASP J 265 64.72 -105.27 -18.23
N GLU J 266 65.75 -105.72 -17.49
CA GLU J 266 67.11 -105.17 -17.53
C GLU J 266 67.64 -105.07 -18.97
N ASN J 267 67.39 -106.10 -19.80
CA ASN J 267 67.82 -106.13 -21.20
C ASN J 267 66.64 -105.77 -22.14
N ALA J 268 66.23 -104.49 -22.18
CA ALA J 268 65.13 -104.02 -23.04
C ALA J 268 65.15 -102.49 -23.21
N PRO J 269 64.40 -101.92 -24.20
CA PRO J 269 64.41 -100.44 -24.34
C PRO J 269 63.76 -99.74 -23.16
N TYR J 270 64.43 -98.68 -22.64
CA TYR J 270 63.97 -97.95 -21.45
C TYR J 270 63.88 -98.84 -20.19
N GLN J 271 64.45 -100.07 -20.23
CA GLN J 271 64.37 -101.06 -19.14
C GLN J 271 62.90 -101.33 -18.79
N LEU J 272 62.05 -101.51 -19.82
CA LEU J 272 60.62 -101.78 -19.65
C LEU J 272 60.29 -103.04 -20.42
N SER J 273 59.59 -103.98 -19.76
CA SER J 273 59.22 -105.28 -20.32
C SER J 273 58.11 -105.20 -21.38
N GLU J 274 57.90 -106.31 -22.13
CA GLU J 274 56.82 -106.39 -23.11
C GLU J 274 55.47 -106.31 -22.38
N THR J 275 55.36 -106.95 -21.19
CA THR J 275 54.14 -106.91 -20.37
C THR J 275 53.75 -105.48 -20.03
N CYS J 276 54.74 -104.61 -19.75
CA CYS J 276 54.49 -103.20 -19.45
C CYS J 276 53.91 -102.50 -20.68
N MET J 277 54.52 -102.69 -21.86
CA MET J 277 54.06 -102.08 -23.10
C MET J 277 52.67 -102.56 -23.50
N ASN J 278 52.37 -103.84 -23.30
CA ASN J 278 51.04 -104.37 -23.61
C ASN J 278 50.00 -103.74 -22.68
N TYR J 279 50.34 -103.55 -21.40
CA TYR J 279 49.45 -102.93 -20.41
C TYR J 279 49.17 -101.47 -20.78
N VAL J 280 50.23 -100.71 -21.13
CA VAL J 280 50.10 -99.31 -21.51
C VAL J 280 49.22 -99.19 -22.76
N ALA J 281 49.38 -100.10 -23.74
CA ALA J 281 48.57 -100.09 -24.97
C ALA J 281 47.07 -100.25 -24.66
N GLY J 282 46.75 -101.09 -23.68
CA GLY J 282 45.38 -101.32 -23.26
C GLY J 282 44.76 -100.12 -22.59
N ILE J 283 45.52 -99.39 -21.78
CA ILE J 283 45.03 -98.18 -21.10
C ILE J 283 44.75 -97.11 -22.15
N LEU J 284 45.68 -96.91 -23.09
CA LEU J 284 45.54 -95.91 -24.15
C LEU J 284 44.37 -96.25 -25.10
N LYS J 285 44.09 -97.54 -25.31
CA LYS J 285 42.98 -97.98 -26.16
C LYS J 285 41.65 -97.54 -25.56
N HIS J 286 41.40 -97.88 -24.28
CA HIS J 286 40.15 -97.54 -23.61
C HIS J 286 40.24 -96.21 -22.83
N ALA J 287 41.20 -95.33 -23.14
CA ALA J 287 41.38 -94.06 -22.44
C ALA J 287 40.13 -93.16 -22.46
N LYS J 288 39.46 -93.07 -23.61
CA LYS J 288 38.24 -92.26 -23.75
C LYS J 288 37.07 -92.78 -22.89
N ALA J 289 37.06 -94.09 -22.57
CA ALA J 289 36.03 -94.72 -21.75
C ALA J 289 36.41 -94.76 -20.26
N ILE J 290 37.70 -94.88 -19.93
CA ILE J 290 38.15 -94.92 -18.53
C ILE J 290 37.88 -93.58 -17.83
N VAL J 291 38.06 -92.45 -18.55
CA VAL J 291 37.83 -91.12 -17.97
C VAL J 291 36.38 -90.90 -17.54
N ALA J 292 35.42 -91.72 -18.00
CA ALA J 292 34.03 -91.58 -17.54
C ALA J 292 33.96 -91.98 -16.06
N ILE J 293 34.66 -93.06 -15.67
CA ILE J 293 34.69 -93.55 -14.29
C ILE J 293 35.70 -92.75 -13.46
N THR J 294 36.94 -92.60 -13.94
CA THR J 294 37.98 -91.89 -13.19
C THR J 294 37.79 -90.37 -13.10
N ASN J 295 36.91 -89.79 -13.94
CA ASN J 295 36.60 -88.35 -13.95
C ASN J 295 35.06 -88.26 -14.06
N PRO J 296 34.31 -88.60 -13.00
CA PRO J 296 32.84 -88.69 -13.13
C PRO J 296 32.03 -87.42 -12.90
N THR J 297 32.67 -86.28 -12.59
CA THR J 297 31.94 -85.04 -12.34
C THR J 297 31.97 -84.11 -13.55
N VAL J 298 31.03 -83.16 -13.63
CA VAL J 298 31.01 -82.16 -14.70
C VAL J 298 32.26 -81.27 -14.56
N ASN J 299 32.62 -80.92 -13.31
CA ASN J 299 33.78 -80.10 -12.99
C ASN J 299 35.12 -80.76 -13.37
N SER J 300 35.18 -82.10 -13.44
CA SER J 300 36.39 -82.81 -13.81
C SER J 300 36.91 -82.39 -15.18
N TYR J 301 36.00 -82.05 -16.11
CA TYR J 301 36.38 -81.64 -17.46
C TYR J 301 36.72 -80.14 -17.59
N LYS J 302 36.88 -79.43 -16.45
CA LYS J 302 37.39 -78.06 -16.37
C LYS J 302 38.90 -78.13 -15.99
N ARG J 303 39.34 -79.21 -15.26
CA ARG J 303 40.75 -79.48 -14.97
C ARG J 303 41.27 -80.25 -16.20
N LEU J 304 40.65 -81.42 -16.48
CA LEU J 304 40.98 -82.29 -17.61
C LEU J 304 40.29 -81.73 -18.86
N VAL J 305 40.70 -80.53 -19.27
CA VAL J 305 40.09 -79.81 -20.38
C VAL J 305 40.90 -79.91 -21.70
N PRO J 306 40.37 -80.53 -22.80
CA PRO J 306 41.15 -80.58 -24.04
C PRO J 306 41.47 -79.21 -24.62
N GLY J 307 42.54 -79.13 -25.41
CA GLY J 307 43.00 -77.88 -25.99
C GLY J 307 43.77 -76.98 -25.04
N TYR J 308 43.82 -77.33 -23.73
CA TYR J 308 44.54 -76.57 -22.70
C TYR J 308 45.45 -77.49 -21.88
N GLU J 309 46.46 -76.91 -21.20
CA GLU J 309 47.45 -77.64 -20.41
C GLU J 309 46.81 -78.58 -19.39
N ALA J 310 46.79 -79.89 -19.70
CA ALA J 310 46.19 -80.94 -18.86
C ALA J 310 46.64 -82.34 -19.34
N PRO J 311 46.47 -83.43 -18.55
CA PRO J 311 46.84 -84.77 -19.05
C PRO J 311 45.69 -85.35 -19.89
N VAL J 312 45.44 -84.67 -21.02
CA VAL J 312 44.37 -84.94 -21.99
C VAL J 312 44.87 -85.70 -23.23
N ASN J 313 46.15 -85.58 -23.55
CA ASN J 313 46.72 -86.19 -24.74
C ASN J 313 46.93 -87.69 -24.52
N ILE J 314 46.23 -88.52 -25.31
CA ILE J 314 46.30 -89.98 -25.23
C ILE J 314 47.62 -90.46 -25.81
N ALA J 315 48.66 -90.52 -24.95
CA ALA J 315 50.01 -90.98 -25.32
C ALA J 315 50.84 -91.26 -24.03
N TRP J 316 51.94 -92.03 -24.16
CA TRP J 316 52.82 -92.31 -23.01
C TRP J 316 54.21 -91.71 -23.24
N ALA J 317 54.96 -91.45 -22.15
CA ALA J 317 56.31 -90.86 -22.25
C ALA J 317 57.10 -91.05 -20.96
N ASN J 318 58.45 -91.04 -21.06
CA ASN J 318 59.33 -91.21 -19.90
C ASN J 318 59.68 -89.87 -19.25
N SER J 319 59.32 -89.69 -17.96
CA SER J 319 59.60 -88.48 -17.18
C SER J 319 59.07 -87.20 -17.85
N ASN J 320 57.85 -87.27 -18.40
CA ASN J 320 57.19 -86.15 -19.08
C ASN J 320 55.76 -86.05 -18.53
N ARG J 321 55.43 -84.93 -17.87
CA ARG J 321 54.11 -84.71 -17.26
C ARG J 321 53.05 -84.11 -18.23
N SER J 322 53.38 -83.96 -19.53
CA SER J 322 52.44 -83.42 -20.51
C SER J 322 51.50 -84.50 -21.09
N ALA J 323 51.95 -85.77 -21.10
CA ALA J 323 51.17 -86.91 -21.63
C ALA J 323 50.21 -87.51 -20.56
N ILE J 324 49.24 -88.35 -20.99
CA ILE J 324 48.28 -88.98 -20.05
C ILE J 324 49.01 -89.98 -19.14
N ILE J 325 50.04 -90.69 -19.66
CA ILE J 325 50.84 -91.64 -18.90
C ILE J 325 52.28 -91.13 -18.84
N ARG J 326 52.92 -91.28 -17.67
CA ARG J 326 54.31 -90.90 -17.42
C ARG J 326 54.98 -92.10 -16.77
N VAL J 327 56.13 -92.53 -17.28
CA VAL J 327 56.87 -93.66 -16.70
C VAL J 327 57.96 -93.09 -15.77
N PRO J 328 57.80 -93.14 -14.42
CA PRO J 328 58.84 -92.59 -13.55
C PRO J 328 60.20 -93.25 -13.76
N ALA J 329 61.28 -92.48 -13.56
CA ALA J 329 62.64 -92.98 -13.77
C ALA J 329 63.08 -94.11 -12.84
N ALA J 330 62.36 -94.39 -11.74
CA ALA J 330 62.74 -95.47 -10.82
C ALA J 330 62.59 -96.82 -11.51
N ARG J 331 63.60 -97.70 -11.37
CA ARG J 331 63.62 -99.02 -11.99
C ARG J 331 63.90 -100.14 -10.98
N GLY J 332 63.63 -101.38 -11.41
CA GLY J 332 63.77 -102.58 -10.61
C GLY J 332 62.41 -103.00 -10.10
N LYS J 333 62.20 -102.95 -8.78
CA LYS J 333 60.90 -103.26 -8.20
C LYS J 333 59.94 -102.08 -8.44
N GLY J 334 60.43 -100.86 -8.28
CA GLY J 334 59.64 -99.65 -8.45
C GLY J 334 59.33 -99.26 -9.89
N THR J 335 59.48 -100.18 -10.87
CA THR J 335 59.14 -99.89 -12.26
C THR J 335 57.61 -99.80 -12.32
N ARG J 336 57.07 -98.70 -12.83
CA ARG J 336 55.63 -98.47 -12.84
C ARG J 336 55.20 -97.47 -13.95
N ILE J 337 53.88 -97.27 -14.10
CA ILE J 337 53.30 -96.29 -15.04
C ILE J 337 52.33 -95.40 -14.25
N GLU J 338 52.35 -94.09 -14.51
CA GLU J 338 51.51 -93.13 -13.81
C GLU J 338 50.37 -92.66 -14.70
N PHE J 339 49.14 -93.12 -14.42
CA PHE J 339 47.97 -92.66 -15.16
C PHE J 339 47.56 -91.34 -14.50
N ARG J 340 47.84 -90.21 -15.18
CA ARG J 340 47.62 -88.85 -14.67
C ARG J 340 46.20 -88.29 -14.84
N ALA J 341 45.33 -88.95 -15.62
CA ALA J 341 43.98 -88.45 -15.85
C ALA J 341 43.04 -88.39 -14.63
N PRO J 342 43.08 -89.35 -13.67
CA PRO J 342 42.12 -89.31 -12.55
C PRO J 342 42.24 -88.11 -11.61
N ASP J 343 41.13 -87.82 -10.92
CA ASP J 343 41.00 -86.78 -9.89
C ASP J 343 40.37 -87.44 -8.66
N PRO J 344 40.55 -86.88 -7.43
CA PRO J 344 39.99 -87.56 -6.24
C PRO J 344 38.45 -87.61 -6.15
N SER J 345 37.71 -87.13 -7.16
CA SER J 345 36.25 -87.20 -7.18
C SER J 345 35.72 -88.60 -7.57
N CYS J 346 36.57 -89.49 -8.10
CA CYS J 346 36.15 -90.81 -8.54
C CYS J 346 36.06 -91.84 -7.42
N ASN J 347 35.28 -92.91 -7.66
CA ASN J 347 35.15 -94.02 -6.73
C ASN J 347 36.43 -94.85 -6.91
N PRO J 348 37.30 -95.00 -5.89
CA PRO J 348 38.54 -95.77 -6.10
C PRO J 348 38.33 -97.23 -6.48
N TYR J 349 37.29 -97.88 -5.95
CA TYR J 349 37.02 -99.28 -6.26
C TYR J 349 36.71 -99.49 -7.75
N LEU J 350 35.94 -98.58 -8.36
CA LEU J 350 35.60 -98.66 -9.78
C LEU J 350 36.76 -98.15 -10.65
N ALA J 351 37.52 -97.15 -10.17
CA ALA J 351 38.67 -96.61 -10.91
C ALA J 351 39.76 -97.67 -11.09
N PHE J 352 40.07 -98.44 -10.04
CA PHE J 352 41.10 -99.48 -10.15
C PHE J 352 40.58 -100.68 -10.97
N THR J 353 39.27 -100.94 -10.96
CA THR J 353 38.66 -102.02 -11.73
C THR J 353 38.80 -101.74 -13.23
N VAL J 354 38.40 -100.55 -13.71
CA VAL J 354 38.49 -100.19 -15.14
C VAL J 354 39.94 -100.08 -15.62
N MET J 355 40.86 -99.60 -14.75
CA MET J 355 42.26 -99.50 -15.13
C MET J 355 42.85 -100.89 -15.28
N LEU J 356 42.56 -101.81 -14.34
CA LEU J 356 43.07 -103.17 -14.44
C LEU J 356 42.44 -103.91 -15.63
N ALA J 357 41.15 -103.71 -15.91
CA ALA J 357 40.48 -104.40 -17.03
C ALA J 357 41.02 -103.96 -18.39
N ALA J 358 41.21 -102.65 -18.61
CA ALA J 358 41.74 -102.15 -19.87
C ALA J 358 43.20 -102.55 -20.02
N GLY J 359 43.97 -102.48 -18.93
CA GLY J 359 45.37 -102.87 -18.94
C GLY J 359 45.56 -104.35 -19.23
N LEU J 360 44.73 -105.22 -18.60
CA LEU J 360 44.79 -106.67 -18.85
C LEU J 360 44.28 -107.02 -20.24
N ASP J 361 43.38 -106.21 -20.84
CA ASP J 361 42.93 -106.44 -22.22
C ASP J 361 44.14 -106.34 -23.19
N GLY J 362 45.06 -105.42 -22.91
CA GLY J 362 46.27 -105.27 -23.70
C GLY J 362 47.26 -106.41 -23.49
N VAL J 363 47.36 -106.94 -22.26
CA VAL J 363 48.25 -108.06 -21.93
C VAL J 363 47.74 -109.37 -22.56
N LYS J 364 46.42 -109.62 -22.46
CA LYS J 364 45.80 -110.84 -23.01
C LYS J 364 45.93 -110.89 -24.54
N ASN J 365 45.61 -109.77 -25.23
CA ASN J 365 45.70 -109.70 -26.68
C ASN J 365 47.11 -109.35 -27.21
N LYS J 366 48.06 -108.96 -26.32
CA LYS J 366 49.42 -108.58 -26.69
C LYS J 366 49.39 -107.41 -27.68
N LEU J 367 48.72 -106.31 -27.29
CA LEU J 367 48.57 -105.13 -28.14
C LEU J 367 49.85 -104.32 -28.20
N ASP J 368 50.11 -103.70 -29.36
CA ASP J 368 51.32 -102.93 -29.61
C ASP J 368 51.13 -101.48 -29.14
N ALA J 369 52.01 -101.01 -28.26
CA ALA J 369 51.96 -99.64 -27.75
C ALA J 369 52.62 -98.67 -28.73
N PRO J 370 52.20 -97.40 -28.77
CA PRO J 370 52.86 -96.42 -29.65
C PRO J 370 54.21 -95.95 -29.08
N GLU J 371 54.96 -95.19 -29.88
CA GLU J 371 56.26 -94.68 -29.44
C GLU J 371 56.10 -93.59 -28.37
N PRO J 372 57.07 -93.45 -27.45
CA PRO J 372 56.92 -92.42 -26.41
C PRO J 372 57.15 -91.01 -26.94
N VAL J 373 56.26 -90.08 -26.60
CA VAL J 373 56.36 -88.69 -27.05
C VAL J 373 57.19 -87.91 -26.03
N GLU J 374 58.53 -87.99 -26.16
CA GLU J 374 59.44 -87.30 -25.26
C GLU J 374 59.30 -85.76 -25.33
N ARG J 375 58.84 -85.23 -26.48
CA ARG J 375 58.61 -83.79 -26.67
C ARG J 375 57.45 -83.30 -25.80
N ASN J 376 57.41 -81.98 -25.52
CA ASN J 376 56.30 -81.39 -24.77
C ASN J 376 55.11 -81.37 -25.73
N ILE J 377 54.00 -81.98 -25.34
CA ILE J 377 52.82 -82.08 -26.21
C ILE J 377 51.98 -80.78 -26.21
N PHE J 378 52.08 -79.95 -25.15
CA PHE J 378 51.33 -78.70 -25.10
C PHE J 378 51.84 -77.71 -26.15
N ALA J 379 53.17 -77.68 -26.37
CA ALA J 379 53.78 -76.81 -27.37
C ALA J 379 53.43 -77.21 -28.82
N MET J 380 52.94 -78.44 -29.05
CA MET J 380 52.59 -78.91 -30.38
C MET J 380 51.27 -78.32 -30.87
N SER J 381 51.15 -78.15 -32.20
CA SER J 381 49.92 -77.64 -32.83
C SER J 381 48.95 -78.79 -33.10
N GLU J 382 47.64 -78.48 -33.24
CA GLU J 382 46.62 -79.50 -33.50
C GLU J 382 46.86 -80.27 -34.81
N ALA J 383 47.41 -79.62 -35.83
CA ALA J 383 47.70 -80.28 -37.10
C ALA J 383 48.87 -81.27 -36.94
N GLU J 384 49.88 -80.91 -36.11
CA GLU J 384 51.04 -81.77 -35.84
C GLU J 384 50.61 -82.98 -35.00
N LYS J 385 49.80 -82.76 -33.95
CA LYS J 385 49.29 -83.84 -33.10
C LYS J 385 48.39 -84.81 -33.88
N LYS J 386 47.68 -84.32 -34.90
CA LYS J 386 46.79 -85.16 -35.73
C LYS J 386 47.63 -86.06 -36.65
N GLU J 387 48.78 -85.56 -37.14
CA GLU J 387 49.66 -86.35 -38.00
C GLU J 387 50.27 -87.50 -37.18
N LEU J 388 50.76 -87.22 -35.97
CA LEU J 388 51.33 -88.24 -35.08
C LEU J 388 50.29 -89.26 -34.59
N GLY J 389 49.03 -88.83 -34.48
CA GLY J 389 47.93 -89.68 -34.04
C GLY J 389 47.66 -89.59 -32.56
N ILE J 390 47.96 -88.42 -31.95
CA ILE J 390 47.74 -88.21 -30.52
C ILE J 390 46.32 -87.68 -30.29
N GLU J 391 45.37 -88.59 -30.07
CA GLU J 391 43.98 -88.22 -29.82
C GLU J 391 43.81 -87.61 -28.42
N SER J 392 42.71 -86.90 -28.17
CA SER J 392 42.45 -86.27 -26.86
C SER J 392 41.25 -86.90 -26.15
N VAL J 393 41.26 -86.86 -24.81
CA VAL J 393 40.17 -87.41 -23.99
C VAL J 393 38.92 -86.54 -24.13
N PRO J 394 37.69 -87.09 -23.98
CA PRO J 394 36.47 -86.27 -24.14
C PRO J 394 36.47 -84.92 -23.42
N ALA J 395 35.82 -83.92 -24.03
CA ALA J 395 35.75 -82.56 -23.51
C ALA J 395 34.72 -82.34 -22.39
N ASN J 396 33.77 -83.26 -22.21
CA ASN J 396 32.75 -83.11 -21.16
C ASN J 396 32.26 -84.46 -20.61
N LEU J 397 31.44 -84.44 -19.55
CA LEU J 397 30.95 -85.66 -18.90
C LEU J 397 30.10 -86.51 -19.84
N LYS J 398 29.14 -85.92 -20.56
CA LYS J 398 28.28 -86.65 -21.48
C LYS J 398 29.08 -87.29 -22.60
N ALA J 399 30.13 -86.60 -23.09
CA ALA J 399 30.98 -87.17 -24.15
C ALA J 399 31.70 -88.42 -23.66
N ALA J 400 32.08 -88.46 -22.36
CA ALA J 400 32.75 -89.62 -21.78
C ALA J 400 31.76 -90.76 -21.48
N LEU J 401 30.52 -90.43 -21.07
CA LEU J 401 29.51 -91.45 -20.78
C LEU J 401 29.14 -92.24 -22.04
N ASP J 402 29.06 -91.56 -23.19
CA ASP J 402 28.76 -92.23 -24.47
C ASP J 402 29.88 -93.19 -24.85
N GLU J 403 31.15 -92.83 -24.56
CA GLU J 403 32.30 -93.69 -24.84
C GLU J 403 32.27 -94.91 -23.91
N LEU J 404 31.91 -94.73 -22.64
CA LEU J 404 31.80 -95.81 -21.67
C LEU J 404 30.68 -96.76 -22.06
N GLU J 405 29.55 -96.22 -22.52
CA GLU J 405 28.39 -97.02 -22.93
C GLU J 405 28.74 -97.96 -24.09
N ASN J 406 29.47 -97.47 -25.11
CA ASN J 406 29.88 -98.30 -26.26
C ASN J 406 31.07 -99.23 -25.97
N ASN J 407 31.73 -99.10 -24.80
CA ASN J 407 32.88 -99.93 -24.44
C ASN J 407 32.39 -101.22 -23.76
N ASP J 408 32.71 -102.38 -24.35
CA ASP J 408 32.31 -103.68 -23.81
C ASP J 408 33.30 -104.22 -22.77
N VAL J 409 34.58 -103.79 -22.81
CA VAL J 409 35.59 -104.26 -21.85
C VAL J 409 35.26 -103.76 -20.45
N LEU J 410 34.92 -102.47 -20.31
CA LEU J 410 34.58 -101.89 -19.01
C LEU J 410 33.17 -102.30 -18.55
N LYS J 411 32.25 -102.56 -19.50
CA LYS J 411 30.89 -102.99 -19.16
C LYS J 411 30.93 -104.33 -18.42
N ASN J 412 31.75 -105.27 -18.90
CA ASN J 412 31.91 -106.60 -18.29
C ASN J 412 32.62 -106.53 -16.93
N ALA J 413 33.65 -105.67 -16.81
CA ALA J 413 34.39 -105.53 -15.55
C ALA J 413 33.53 -104.95 -14.44
N LEU J 414 32.72 -103.92 -14.75
CA LEU J 414 31.85 -103.28 -13.77
C LEU J 414 30.57 -104.10 -13.51
N GLY J 415 30.09 -104.82 -14.52
CA GLY J 415 28.88 -105.62 -14.41
C GLY J 415 27.65 -104.83 -14.79
N LYS J 416 26.59 -105.52 -15.25
CA LYS J 416 25.35 -104.87 -15.70
C LYS J 416 24.76 -103.91 -14.66
N HIS J 417 24.83 -104.25 -13.37
CA HIS J 417 24.26 -103.39 -12.33
C HIS J 417 25.01 -102.07 -12.16
N ILE J 418 26.34 -102.12 -12.05
CA ILE J 418 27.13 -100.90 -11.84
C ILE J 418 27.18 -100.08 -13.13
N PHE J 419 27.42 -100.73 -14.28
CA PHE J 419 27.49 -100.05 -15.58
C PHE J 419 26.21 -99.26 -15.90
N GLU J 420 25.03 -99.89 -15.79
CA GLU J 420 23.76 -99.22 -16.10
C GLU J 420 23.38 -98.16 -15.07
N SER J 421 23.53 -98.44 -13.77
CA SER J 421 23.17 -97.47 -12.72
C SER J 421 24.09 -96.25 -12.77
N PHE J 422 25.39 -96.44 -13.03
CA PHE J 422 26.33 -95.32 -13.14
C PHE J 422 25.93 -94.40 -14.29
N LEU J 423 25.68 -94.97 -15.49
CA LEU J 423 25.28 -94.17 -16.65
C LEU J 423 23.96 -93.42 -16.38
N GLU J 424 22.99 -94.09 -15.75
CA GLU J 424 21.68 -93.49 -15.43
C GLU J 424 21.82 -92.32 -14.44
N ILE J 425 22.64 -92.50 -13.39
CA ILE J 425 22.86 -91.46 -12.38
C ILE J 425 23.61 -90.27 -12.98
N LYS J 426 24.67 -90.55 -13.75
CA LYS J 426 25.47 -89.49 -14.37
C LYS J 426 24.75 -88.76 -15.51
N ASN J 427 23.80 -89.42 -16.20
CA ASN J 427 23.04 -88.74 -17.26
C ASN J 427 22.05 -87.77 -16.63
N ALA J 428 21.43 -88.13 -15.48
CA ALA J 428 20.53 -87.22 -14.77
C ALA J 428 21.33 -86.02 -14.20
N GLU J 429 22.58 -86.26 -13.77
CA GLU J 429 23.49 -85.24 -13.25
C GLU J 429 23.89 -84.29 -14.40
N TRP J 430 24.16 -84.84 -15.59
CA TRP J 430 24.51 -84.04 -16.77
C TRP J 430 23.31 -83.22 -17.23
N ASP J 431 22.11 -83.81 -17.24
CA ASP J 431 20.89 -83.10 -17.65
C ASP J 431 20.60 -81.92 -16.72
N SER J 432 20.88 -82.08 -15.42
CA SER J 432 20.70 -80.99 -14.46
C SER J 432 21.65 -79.82 -14.77
N PHE J 433 22.88 -80.13 -15.22
CA PHE J 433 23.88 -79.12 -15.57
C PHE J 433 23.53 -78.37 -16.86
N ARG J 434 23.19 -79.09 -17.94
CA ARG J 434 22.88 -78.45 -19.22
C ARG J 434 21.60 -77.62 -19.23
N THR J 435 20.66 -77.87 -18.30
CA THR J 435 19.42 -77.11 -18.21
C THR J 435 19.56 -75.88 -17.30
N SER J 436 20.45 -75.93 -16.30
CA SER J 436 20.62 -74.82 -15.36
C SER J 436 21.27 -73.59 -16.01
N VAL J 437 20.78 -72.38 -15.64
CA VAL J 437 21.33 -71.12 -16.13
C VAL J 437 22.51 -70.78 -15.21
N THR J 438 23.73 -70.80 -15.76
CA THR J 438 24.95 -70.56 -14.99
C THR J 438 25.28 -69.08 -14.81
N ASP J 439 26.15 -68.78 -13.84
CA ASP J 439 26.60 -67.42 -13.56
C ASP J 439 27.40 -66.83 -14.73
N TRP J 440 28.11 -67.68 -15.50
CA TRP J 440 28.87 -67.24 -16.67
C TRP J 440 27.90 -66.66 -17.71
N GLU J 441 26.80 -67.38 -17.98
CA GLU J 441 25.78 -66.96 -18.94
C GLU J 441 25.15 -65.63 -18.51
N THR J 442 24.83 -65.49 -17.22
CA THR J 442 24.23 -64.26 -16.71
C THR J 442 25.19 -63.08 -16.89
N THR J 443 26.48 -63.30 -16.64
CA THR J 443 27.48 -62.25 -16.81
C THR J 443 27.64 -61.85 -18.28
N ALA J 444 27.69 -62.85 -19.17
CA ALA J 444 27.89 -62.61 -20.60
C ALA J 444 26.68 -62.16 -21.41
N TYR J 445 25.46 -62.58 -21.04
CA TYR J 445 24.27 -62.30 -21.86
C TYR J 445 23.17 -61.44 -21.23
N LEU J 446 23.24 -61.06 -19.94
CA LEU J 446 22.20 -60.20 -19.37
C LEU J 446 22.20 -58.81 -20.03
N LYS J 447 23.38 -58.33 -20.44
CA LYS J 447 23.52 -57.03 -21.11
C LYS J 447 22.86 -56.98 -22.49
N ILE J 448 22.70 -58.12 -23.18
CA ILE J 448 22.12 -58.14 -24.53
C ILE J 448 20.58 -57.96 -24.51
N SER K 2 51.27 -48.69 70.72
CA SER K 2 51.34 -47.42 71.42
C SER K 2 52.78 -46.87 71.52
N THR K 3 53.78 -47.76 71.67
CA THR K 3 55.21 -47.38 71.73
C THR K 3 55.92 -47.72 70.40
N VAL K 4 57.14 -47.17 70.20
CA VAL K 4 57.93 -47.37 68.98
C VAL K 4 58.25 -48.86 68.78
N GLU K 5 58.62 -49.56 69.87
CA GLU K 5 58.99 -50.98 69.80
C GLU K 5 57.84 -51.89 69.40
N GLN K 6 56.61 -51.60 69.86
CA GLN K 6 55.45 -52.43 69.52
C GLN K 6 55.16 -52.35 68.02
N VAL K 7 55.30 -51.15 67.43
CA VAL K 7 55.07 -50.93 66.00
C VAL K 7 56.14 -51.62 65.17
N LEU K 8 57.44 -51.47 65.54
CA LEU K 8 58.54 -52.11 64.82
C LEU K 8 58.50 -53.64 64.93
N GLU K 9 57.95 -54.18 66.04
CA GLU K 9 57.84 -55.64 66.22
C GLU K 9 56.76 -56.23 65.30
N TYR K 10 55.64 -55.50 65.12
CA TYR K 10 54.56 -55.93 64.23
C TYR K 10 55.05 -55.87 62.76
N VAL K 11 55.69 -54.76 62.37
CA VAL K 11 56.25 -54.55 61.03
C VAL K 11 57.22 -55.69 60.68
N LYS K 12 58.10 -56.05 61.63
CA LYS K 12 59.09 -57.11 61.41
C LYS K 12 58.40 -58.46 61.05
N SER K 13 57.51 -58.96 61.92
CA SER K 13 56.88 -60.25 61.76
C SER K 13 55.82 -60.32 60.64
N ASN K 14 54.91 -59.34 60.57
CA ASN K 14 53.83 -59.36 59.58
C ASN K 14 54.24 -58.95 58.15
N ASN K 15 55.54 -58.67 57.89
CA ASN K 15 56.00 -58.30 56.55
C ASN K 15 55.27 -57.06 56.02
N VAL K 16 55.50 -55.92 56.68
CA VAL K 16 54.91 -54.64 56.27
C VAL K 16 55.96 -53.96 55.40
N LYS K 17 55.59 -53.55 54.18
CA LYS K 17 56.51 -52.94 53.21
C LYS K 17 56.27 -51.46 53.00
N PHE K 18 55.09 -50.92 53.37
CA PHE K 18 54.80 -49.49 53.21
C PHE K 18 54.15 -48.92 54.47
N MET K 19 54.54 -47.69 54.84
CA MET K 19 54.01 -46.98 56.01
C MET K 19 53.40 -45.66 55.52
N ARG K 20 52.07 -45.56 55.59
CA ARG K 20 51.34 -44.35 55.19
C ARG K 20 51.35 -43.40 56.37
N PHE K 21 51.71 -42.13 56.16
CA PHE K 21 51.68 -41.13 57.23
C PHE K 21 50.46 -40.28 56.97
N GLN K 22 49.32 -40.68 57.56
CA GLN K 22 48.03 -40.05 57.33
C GLN K 22 47.76 -38.86 58.24
N PHE K 23 46.95 -37.92 57.76
CA PHE K 23 46.48 -36.73 58.48
C PHE K 23 45.22 -36.16 57.76
N VAL K 24 44.68 -35.00 58.18
CA VAL K 24 43.48 -34.43 57.55
C VAL K 24 43.65 -32.95 57.28
N ASP K 25 43.07 -32.45 56.18
CA ASP K 25 43.10 -31.01 55.88
C ASP K 25 41.98 -30.31 56.70
N ILE K 26 41.81 -28.98 56.56
CA ILE K 26 40.80 -28.26 57.33
C ILE K 26 39.37 -28.80 57.12
N LEU K 27 39.03 -29.20 55.89
CA LEU K 27 37.69 -29.72 55.58
C LEU K 27 37.47 -31.19 55.99
N GLY K 28 38.49 -31.85 56.56
CA GLY K 28 38.39 -33.24 56.99
C GLY K 28 38.73 -34.26 55.92
N VAL K 29 39.31 -33.83 54.79
CA VAL K 29 39.70 -34.74 53.71
C VAL K 29 41.02 -35.40 54.13
N PRO K 30 41.13 -36.73 54.14
CA PRO K 30 42.40 -37.36 54.54
C PRO K 30 43.50 -37.15 53.49
N LYS K 31 44.74 -37.00 53.96
CA LYS K 31 45.93 -36.79 53.13
C LYS K 31 47.05 -37.69 53.69
N ASN K 32 47.88 -38.30 52.82
CA ASN K 32 48.95 -39.19 53.28
C ASN K 32 50.13 -39.32 52.29
N VAL K 33 51.28 -39.78 52.80
CA VAL K 33 52.50 -40.02 52.01
C VAL K 33 53.02 -41.40 52.37
N ALA K 34 53.37 -42.22 51.37
CA ALA K 34 53.86 -43.58 51.61
C ALA K 34 55.37 -43.61 51.76
N PHE K 35 55.85 -44.37 52.73
CA PHE K 35 57.27 -44.54 53.03
C PHE K 35 57.59 -46.03 52.87
N PRO K 36 58.44 -46.43 51.89
CA PRO K 36 58.75 -47.86 51.72
C PRO K 36 59.77 -48.33 52.75
N ILE K 37 59.44 -49.38 53.51
CA ILE K 37 60.33 -49.91 54.54
C ILE K 37 61.35 -50.83 53.88
N LYS K 38 62.63 -50.65 54.20
CA LYS K 38 63.69 -51.49 53.63
C LYS K 38 63.87 -52.75 54.50
N ALA K 39 64.45 -53.79 53.90
CA ALA K 39 64.68 -55.07 54.57
C ALA K 39 65.89 -55.02 55.52
N GLY K 40 65.92 -55.95 56.48
CA GLY K 40 67.02 -56.06 57.43
C GLY K 40 67.01 -55.00 58.52
N GLU K 41 68.05 -55.02 59.38
CA GLU K 41 68.21 -54.07 60.49
C GLU K 41 68.28 -52.63 60.00
N LYS K 42 68.93 -52.39 58.86
CA LYS K 42 69.10 -51.05 58.30
C LYS K 42 67.76 -50.39 57.97
N GLY K 43 66.80 -51.19 57.49
CA GLY K 43 65.46 -50.71 57.19
C GLY K 43 64.64 -50.42 58.43
N ILE K 44 64.78 -51.26 59.47
CA ILE K 44 64.09 -51.07 60.75
C ILE K 44 64.63 -49.85 61.49
N GLU K 45 65.95 -49.60 61.43
CA GLU K 45 66.53 -48.41 62.07
C GLU K 45 66.17 -47.15 61.29
N GLU K 46 65.95 -47.24 59.96
CA GLU K 46 65.52 -46.12 59.15
C GLU K 46 64.05 -45.81 59.51
N LEU K 47 63.21 -46.86 59.64
CA LEU K 47 61.81 -46.70 60.02
C LEU K 47 61.68 -46.14 61.44
N ARG K 48 62.59 -46.53 62.36
CA ARG K 48 62.56 -46.03 63.72
C ARG K 48 62.81 -44.52 63.75
N ASP K 49 63.79 -44.05 62.94
CA ASP K 49 64.13 -42.63 62.88
C ASP K 49 62.96 -41.81 62.35
N VAL K 50 62.33 -42.24 61.24
CA VAL K 50 61.20 -41.51 60.66
C VAL K 50 59.94 -41.61 61.53
N LEU K 51 59.81 -42.66 62.37
CA LEU K 51 58.65 -42.76 63.27
C LEU K 51 58.84 -41.83 64.46
N GLU K 52 60.06 -41.77 65.03
CA GLU K 52 60.36 -40.91 66.18
C GLU K 52 60.41 -39.42 65.82
N ASN K 53 61.17 -39.07 64.76
CA ASN K 53 61.37 -37.68 64.34
C ASN K 53 60.34 -37.17 63.31
N GLY K 54 59.59 -38.07 62.66
CA GLY K 54 58.60 -37.68 61.67
C GLY K 54 59.22 -37.38 60.32
N LEU K 55 58.45 -36.73 59.43
CA LEU K 55 58.91 -36.36 58.10
C LEU K 55 58.30 -35.04 57.61
N TYR K 56 58.98 -34.38 56.67
CA TYR K 56 58.58 -33.08 56.13
C TYR K 56 57.59 -33.20 54.98
N PHE K 57 56.85 -32.11 54.70
CA PHE K 57 55.89 -32.05 53.60
C PHE K 57 55.53 -30.60 53.25
N ASP K 58 55.06 -30.37 52.01
CA ASP K 58 54.65 -29.04 51.55
C ASP K 58 53.27 -28.69 52.13
N GLY K 59 53.24 -27.73 53.05
CA GLY K 59 52.01 -27.30 53.70
C GLY K 59 51.14 -26.38 52.87
N SER K 60 51.71 -25.68 51.88
CA SER K 60 50.95 -24.75 51.04
C SER K 60 49.95 -25.46 50.15
N SER K 61 50.26 -26.69 49.72
CA SER K 61 49.35 -27.47 48.88
C SER K 61 48.15 -28.03 49.67
N ILE K 62 48.28 -28.22 51.00
CA ILE K 62 47.19 -28.72 51.84
C ILE K 62 46.21 -27.56 52.11
N GLU K 63 44.91 -27.84 52.11
CA GLU K 63 43.89 -26.81 52.31
C GLU K 63 43.82 -26.29 53.75
N GLY K 64 43.80 -24.97 53.90
CA GLY K 64 43.70 -24.30 55.18
C GLY K 64 44.89 -24.52 56.12
N PHE K 65 46.10 -24.63 55.55
CA PHE K 65 47.30 -24.86 56.35
C PHE K 65 48.21 -23.60 56.34
N VAL K 66 49.22 -23.47 55.46
CA VAL K 66 50.14 -22.34 55.46
C VAL K 66 50.35 -21.76 54.05
N GLY K 67 50.90 -20.56 53.99
CA GLY K 67 51.20 -19.90 52.72
C GLY K 67 52.42 -20.50 52.03
N ILE K 68 52.66 -20.06 50.79
CA ILE K 68 53.80 -20.57 50.01
C ILE K 68 55.14 -20.07 50.58
N ASN K 69 55.17 -18.85 51.15
CA ASN K 69 56.40 -18.28 51.73
C ASN K 69 56.84 -18.91 53.08
N GLU K 70 56.02 -19.80 53.67
CA GLU K 70 56.31 -20.47 54.95
C GLU K 70 55.72 -21.88 54.89
N SER K 71 56.00 -22.61 53.79
CA SER K 71 55.42 -23.92 53.51
C SER K 71 56.02 -25.13 54.25
N ASP K 72 57.28 -25.06 54.73
CA ASP K 72 57.92 -26.21 55.40
C ASP K 72 57.23 -26.63 56.70
N MET K 73 56.69 -27.86 56.74
CA MET K 73 55.99 -28.43 57.90
C MET K 73 56.44 -29.89 58.18
N MET K 74 55.96 -30.50 59.29
CA MET K 74 56.30 -31.88 59.69
C MET K 74 55.08 -32.67 60.19
N LEU K 75 55.22 -34.02 60.23
CA LEU K 75 54.18 -34.94 60.69
C LEU K 75 54.74 -35.83 61.81
N LYS K 76 54.27 -35.65 63.06
CA LYS K 76 54.71 -36.46 64.20
C LYS K 76 53.71 -37.62 64.42
N PRO K 77 54.07 -38.87 64.07
CA PRO K 77 53.10 -39.98 64.20
C PRO K 77 52.56 -40.30 65.60
N ASP K 78 51.24 -40.54 65.70
CA ASP K 78 50.62 -40.97 66.95
C ASP K 78 50.64 -42.51 66.85
N LEU K 79 51.58 -43.15 67.57
CA LEU K 79 51.79 -44.60 67.51
C LEU K 79 50.60 -45.45 68.00
N SER K 80 49.67 -44.86 68.75
CA SER K 80 48.46 -45.57 69.18
C SER K 80 47.53 -45.87 67.99
N THR K 81 47.56 -45.01 66.94
CA THR K 81 46.74 -45.14 65.75
C THR K 81 47.36 -46.06 64.68
N PHE K 82 48.14 -47.08 65.08
CA PHE K 82 48.74 -48.01 64.13
C PHE K 82 47.67 -48.99 63.67
N SER K 83 47.61 -49.26 62.35
CA SER K 83 46.63 -50.19 61.80
C SER K 83 47.09 -50.71 60.43
N VAL K 84 46.59 -51.88 60.02
CA VAL K 84 46.92 -52.47 58.72
C VAL K 84 45.76 -52.26 57.77
N LEU K 85 46.02 -51.72 56.56
CA LEU K 85 44.98 -51.49 55.56
C LEU K 85 44.59 -52.84 54.95
N PRO K 86 43.37 -53.35 55.21
CA PRO K 86 43.00 -54.67 54.69
C PRO K 86 42.73 -54.66 53.19
N TRP K 87 42.15 -53.57 52.63
CA TRP K 87 41.88 -53.46 51.20
C TRP K 87 43.16 -53.55 50.35
N ARG K 88 44.32 -53.19 50.91
CA ARG K 88 45.61 -53.32 50.23
C ARG K 88 46.10 -54.81 50.30
N PRO K 89 47.13 -55.22 49.53
CA PRO K 89 47.54 -56.65 49.57
C PRO K 89 48.01 -57.12 50.95
N SER K 90 47.87 -58.43 51.19
CA SER K 90 48.27 -59.05 52.45
C SER K 90 49.78 -59.32 52.46
N GLU K 91 50.32 -59.88 51.35
CA GLU K 91 51.76 -60.14 51.22
C GLU K 91 52.41 -58.78 50.90
N LYS K 92 53.40 -58.36 51.71
CA LYS K 92 54.05 -57.04 51.57
C LYS K 92 52.99 -55.97 51.87
N SER K 93 52.35 -56.11 53.05
CA SER K 93 51.23 -55.28 53.53
C SER K 93 51.54 -53.80 53.67
N VAL K 94 50.49 -52.96 53.71
CA VAL K 94 50.58 -51.52 53.84
C VAL K 94 49.97 -51.06 55.16
N ALA K 95 50.80 -50.59 56.10
CA ALA K 95 50.32 -50.11 57.40
C ALA K 95 50.21 -48.60 57.41
N ARG K 96 49.33 -48.06 58.27
CA ARG K 96 49.10 -46.62 58.39
C ARG K 96 49.38 -46.14 59.81
N VAL K 97 49.65 -44.83 59.95
CA VAL K 97 49.85 -44.22 61.25
C VAL K 97 49.39 -42.75 61.16
N ILE K 98 48.27 -42.40 61.82
CA ILE K 98 47.76 -41.03 61.79
C ILE K 98 48.72 -40.15 62.59
N CYS K 99 49.05 -38.97 62.04
CA CYS K 99 50.02 -38.06 62.62
C CYS K 99 49.42 -36.70 62.98
N ASP K 100 50.13 -35.98 63.86
CA ASP K 100 49.80 -34.63 64.29
C ASP K 100 50.70 -33.70 63.47
N VAL K 101 50.12 -32.68 62.84
CA VAL K 101 50.88 -31.74 62.03
C VAL K 101 51.62 -30.78 62.98
N TYR K 102 52.94 -30.64 62.78
CA TYR K 102 53.80 -29.79 63.61
C TYR K 102 54.58 -28.80 62.73
N THR K 103 54.92 -27.65 63.31
CA THR K 103 55.68 -26.61 62.61
C THR K 103 57.17 -27.01 62.53
N THR K 104 57.94 -26.29 61.70
CA THR K 104 59.37 -26.53 61.51
C THR K 104 60.15 -26.51 62.84
N LYS K 105 59.73 -25.65 63.79
CA LYS K 105 60.35 -25.57 65.12
C LYS K 105 59.95 -26.70 66.09
N GLY K 106 59.23 -27.72 65.61
CA GLY K 106 58.79 -28.84 66.44
C GLY K 106 57.70 -28.52 67.44
N LYS K 107 56.84 -27.54 67.11
CA LYS K 107 55.72 -27.11 67.96
C LYS K 107 54.40 -27.52 67.28
N PRO K 108 53.35 -28.02 68.00
CA PRO K 108 52.11 -28.41 67.30
C PRO K 108 51.51 -27.30 66.44
N PHE K 109 51.12 -27.61 65.19
CA PHE K 109 50.56 -26.61 64.28
C PHE K 109 49.18 -26.14 64.75
N GLU K 110 49.01 -24.82 64.88
CA GLU K 110 47.75 -24.20 65.29
C GLU K 110 46.57 -24.56 64.39
N GLY K 111 46.79 -24.61 63.09
CA GLY K 111 45.76 -24.94 62.12
C GLY K 111 45.54 -26.42 61.87
N ASP K 112 45.92 -27.28 62.84
CA ASP K 112 45.76 -28.73 62.69
C ASP K 112 44.43 -29.19 63.32
N PRO K 113 43.49 -29.80 62.58
CA PRO K 113 42.24 -30.24 63.22
C PRO K 113 42.42 -31.29 64.32
N ARG K 114 43.37 -32.21 64.16
CA ARG K 114 43.63 -33.26 65.16
C ARG K 114 44.18 -32.69 66.46
N GLY K 115 45.13 -31.76 66.34
CA GLY K 115 45.73 -31.07 67.48
C GLY K 115 44.73 -30.18 68.20
N CYS K 116 43.75 -29.63 67.45
CA CYS K 116 42.68 -28.81 67.99
C CYS K 116 41.82 -29.63 68.95
N LEU K 117 41.49 -30.88 68.57
CA LEU K 117 40.70 -31.77 69.40
C LEU K 117 41.52 -32.26 70.60
N LYS K 118 42.82 -32.54 70.41
CA LYS K 118 43.69 -32.97 71.51
C LYS K 118 43.78 -31.86 72.57
N ARG K 119 43.96 -30.60 72.12
CA ARG K 119 44.07 -29.44 73.00
C ARG K 119 42.85 -29.31 73.92
N VAL K 120 41.63 -29.30 73.36
CA VAL K 120 40.42 -29.15 74.17
C VAL K 120 40.17 -30.36 75.08
N MET K 121 40.57 -31.58 74.66
CA MET K 121 40.40 -32.77 75.50
C MET K 121 41.38 -32.75 76.67
N GLU K 122 42.63 -32.32 76.44
CA GLU K 122 43.63 -32.19 77.51
C GLU K 122 43.21 -31.11 78.50
N GLU K 123 42.64 -30.00 78.01
CA GLU K 123 42.14 -28.91 78.86
C GLU K 123 40.96 -29.39 79.72
N PHE K 124 40.07 -30.22 79.14
CA PHE K 124 38.93 -30.78 79.87
C PHE K 124 39.42 -31.76 80.95
N LYS K 125 40.38 -32.63 80.60
CA LYS K 125 40.94 -33.59 81.56
C LYS K 125 41.72 -32.89 82.68
N LYS K 126 42.32 -31.73 82.41
CA LYS K 126 43.07 -31.00 83.43
C LYS K 126 42.13 -30.25 84.38
N GLU K 127 41.08 -29.61 83.86
CA GLU K 127 40.15 -28.81 84.65
C GLU K 127 39.10 -29.63 85.42
N PHE K 128 38.48 -30.64 84.77
CA PHE K 128 37.42 -31.44 85.38
C PHE K 128 37.75 -32.90 85.63
N ASN K 129 38.88 -33.42 85.08
CA ASN K 129 39.24 -34.84 85.19
C ASN K 129 38.18 -35.69 84.45
N GLY K 130 37.77 -35.23 83.27
CA GLY K 130 36.75 -35.88 82.47
C GLY K 130 37.26 -36.56 81.22
N GLU K 131 36.39 -37.35 80.60
CA GLU K 131 36.66 -38.10 79.38
C GLU K 131 35.44 -37.93 78.47
N TYR K 132 35.63 -37.29 77.30
CA TYR K 132 34.53 -37.03 76.37
C TYR K 132 34.35 -38.22 75.42
N PHE K 133 33.23 -38.95 75.54
CA PHE K 133 32.93 -40.12 74.71
C PHE K 133 31.93 -39.80 73.61
N VAL K 134 32.19 -40.28 72.37
CA VAL K 134 31.33 -40.07 71.20
C VAL K 134 31.14 -41.40 70.45
N GLY K 135 29.95 -41.60 69.90
CA GLY K 135 29.57 -42.77 69.13
C GLY K 135 28.69 -42.35 67.98
N PRO K 136 29.25 -42.14 66.77
CA PRO K 136 28.43 -41.66 65.64
C PRO K 136 27.79 -42.78 64.83
N GLU K 137 26.80 -42.40 63.99
CA GLU K 137 26.07 -43.29 63.09
C GLU K 137 26.19 -42.69 61.68
N PRO K 138 27.37 -42.79 61.04
CA PRO K 138 27.52 -42.19 59.70
C PRO K 138 26.88 -43.04 58.59
N GLU K 139 25.80 -42.50 57.99
CA GLU K 139 25.08 -43.16 56.91
C GLU K 139 25.70 -42.81 55.56
N PHE K 140 25.55 -43.69 54.56
CA PHE K 140 26.11 -43.50 53.23
C PHE K 140 25.22 -44.11 52.14
N PHE K 141 25.47 -43.74 50.87
CA PHE K 141 24.72 -44.24 49.72
C PHE K 141 25.63 -45.03 48.82
N LEU K 142 25.18 -46.21 48.34
CA LEU K 142 25.92 -47.01 47.37
C LEU K 142 25.28 -46.68 46.02
N LEU K 143 26.08 -46.24 45.04
CA LEU K 143 25.57 -45.82 43.74
C LEU K 143 26.07 -46.69 42.60
N LYS K 144 25.32 -46.67 41.49
CA LYS K 144 25.64 -47.35 40.23
C LYS K 144 25.30 -46.38 39.09
N LYS K 145 25.99 -46.51 37.94
CA LYS K 145 25.74 -45.63 36.80
C LYS K 145 24.32 -45.82 36.27
N ASP K 146 23.68 -44.72 35.85
CA ASP K 146 22.33 -44.75 35.33
C ASP K 146 22.37 -45.48 33.98
N PRO K 147 21.55 -46.53 33.76
CA PRO K 147 21.62 -47.23 32.45
C PRO K 147 21.17 -46.34 31.29
N HIS K 148 20.19 -45.46 31.52
CA HIS K 148 19.70 -44.54 30.49
C HIS K 148 20.70 -43.40 30.18
N ASN K 149 21.69 -43.15 31.07
CA ASN K 149 22.71 -42.12 30.85
C ASN K 149 23.94 -42.41 31.75
N PRO K 150 25.10 -42.86 31.20
CA PRO K 150 26.24 -43.19 32.08
C PRO K 150 26.90 -42.01 32.81
N HIS K 151 26.64 -40.77 32.37
CA HIS K 151 27.21 -39.58 33.01
C HIS K 151 26.59 -39.32 34.42
N LYS K 152 25.35 -39.80 34.68
CA LYS K 152 24.67 -39.62 35.98
C LYS K 152 24.70 -40.91 36.81
N TYR K 153 24.55 -40.77 38.14
CA TYR K 153 24.53 -41.89 39.09
C TYR K 153 23.16 -42.01 39.76
N ILE K 154 22.78 -43.25 40.14
CA ILE K 154 21.52 -43.55 40.81
C ILE K 154 21.75 -44.51 42.00
N PRO K 155 20.76 -44.76 42.88
CA PRO K 155 21.00 -45.69 44.00
C PRO K 155 21.16 -47.15 43.53
N ALA K 156 21.96 -47.95 44.25
CA ALA K 156 22.23 -49.34 43.90
C ALA K 156 21.02 -50.26 43.95
N ASP K 157 20.03 -49.99 44.82
CA ASP K 157 18.86 -50.84 44.95
C ASP K 157 17.62 -50.08 45.42
N ASP K 158 16.43 -50.65 45.17
CA ASP K 158 15.16 -50.07 45.60
C ASP K 158 14.78 -50.64 46.98
N GLY K 159 15.74 -50.67 47.89
CA GLY K 159 15.54 -51.19 49.23
C GLY K 159 15.10 -50.16 50.24
N GLY K 160 14.44 -50.64 51.30
CA GLY K 160 13.95 -49.82 52.40
C GLY K 160 14.72 -50.06 53.67
N TYR K 161 14.15 -49.62 54.80
CA TYR K 161 14.79 -49.76 56.11
C TYR K 161 14.82 -51.22 56.55
N PHE K 162 16.01 -51.76 56.91
CA PHE K 162 16.19 -53.13 57.38
C PHE K 162 15.74 -54.21 56.38
N ASP K 163 15.53 -53.88 55.08
CA ASP K 163 15.05 -54.88 54.11
C ASP K 163 16.01 -56.07 53.92
N LEU K 164 15.46 -57.22 53.49
CA LEU K 164 16.21 -58.45 53.23
C LEU K 164 16.52 -58.63 51.74
N GLU K 165 17.55 -59.42 51.44
CA GLU K 165 17.92 -59.77 50.06
C GLU K 165 16.79 -60.60 49.41
N PRO K 166 16.59 -60.52 48.08
CA PRO K 166 17.33 -59.74 47.09
C PRO K 166 16.91 -58.26 46.98
N MET K 167 15.88 -57.83 47.73
CA MET K 167 15.43 -56.43 47.72
C MET K 167 16.59 -55.52 48.16
N ASP K 168 17.34 -55.96 49.19
CA ASP K 168 18.56 -55.30 49.68
C ASP K 168 19.71 -55.97 48.91
N GLU K 169 20.34 -55.24 47.96
CA GLU K 169 21.42 -55.79 47.15
C GLU K 169 22.80 -55.50 47.72
N ALA K 170 22.93 -55.14 49.00
CA ALA K 170 24.22 -54.83 49.60
C ALA K 170 24.68 -55.75 50.77
N PRO K 171 24.17 -56.98 50.99
CA PRO K 171 24.71 -57.80 52.10
C PRO K 171 26.18 -58.18 51.88
N ASP K 172 26.58 -58.43 50.63
CA ASP K 172 27.96 -58.76 50.31
C ASP K 172 28.88 -57.55 50.48
N ILE K 173 28.41 -56.35 50.11
CA ILE K 173 29.20 -55.12 50.24
C ILE K 173 29.37 -54.79 51.72
N ARG K 174 28.27 -54.86 52.51
CA ARG K 174 28.34 -54.60 53.94
C ARG K 174 29.19 -55.66 54.67
N ARG K 175 29.15 -56.93 54.20
CA ARG K 175 29.94 -58.02 54.78
C ARG K 175 31.44 -57.67 54.76
N ASP K 176 31.97 -57.30 53.57
CA ASP K 176 33.38 -56.96 53.42
C ASP K 176 33.74 -55.69 54.18
N ILE K 177 32.80 -54.71 54.28
CA ILE K 177 33.03 -53.48 55.05
C ILE K 177 33.28 -53.84 56.52
N VAL K 178 32.40 -54.68 57.09
CA VAL K 178 32.53 -55.06 58.49
C VAL K 178 33.84 -55.83 58.74
N PHE K 179 34.22 -56.74 57.83
CA PHE K 179 35.47 -57.47 57.98
C PHE K 179 36.67 -56.52 57.93
N ALA K 180 36.64 -55.54 57.02
CA ALA K 180 37.73 -54.57 56.90
C ALA K 180 37.86 -53.69 58.14
N LEU K 181 36.74 -53.23 58.70
CA LEU K 181 36.74 -52.39 59.90
C LEU K 181 37.24 -53.18 61.12
N GLU K 182 36.81 -54.45 61.26
CA GLU K 182 37.27 -55.29 62.37
C GLU K 182 38.79 -55.48 62.34
N ASN K 183 39.39 -55.60 61.14
CA ASN K 183 40.85 -55.74 61.00
C ASN K 183 41.57 -54.43 61.36
N LEU K 184 40.95 -53.28 61.09
CA LEU K 184 41.49 -51.97 61.44
C LEU K 184 41.41 -51.65 62.96
N GLY K 185 40.76 -52.51 63.75
CA GLY K 185 40.60 -52.32 65.19
C GLY K 185 39.24 -51.80 65.61
N PHE K 186 38.25 -51.80 64.72
CA PHE K 186 36.91 -51.31 65.06
C PHE K 186 36.11 -52.35 65.81
N HIS K 187 35.22 -51.90 66.69
CA HIS K 187 34.29 -52.77 67.39
C HIS K 187 32.94 -52.48 66.73
N VAL K 188 32.66 -53.17 65.62
CA VAL K 188 31.42 -52.96 64.88
C VAL K 188 30.24 -53.46 65.70
N GLU K 189 29.17 -52.66 65.83
CA GLU K 189 28.00 -53.03 66.62
C GLU K 189 26.86 -53.61 65.77
N ALA K 190 26.52 -52.96 64.64
CA ALA K 190 25.44 -53.42 63.77
C ALA K 190 25.55 -52.86 62.34
N SER K 191 24.92 -53.52 61.37
CA SER K 191 24.93 -53.10 59.98
C SER K 191 23.59 -53.46 59.34
N HIS K 192 23.04 -52.57 58.50
CA HIS K 192 21.73 -52.79 57.88
C HIS K 192 21.43 -51.78 56.76
N HIS K 193 20.36 -52.01 55.99
CA HIS K 193 19.92 -51.08 54.95
C HIS K 193 19.13 -49.95 55.64
N GLU K 194 19.24 -48.72 55.12
CA GLU K 194 18.53 -47.57 55.68
C GLU K 194 17.29 -47.18 54.83
N VAL K 195 16.48 -46.23 55.33
CA VAL K 195 15.21 -45.79 54.75
C VAL K 195 15.26 -45.55 53.21
N ALA K 196 16.16 -44.67 52.74
CA ALA K 196 16.20 -44.33 51.31
C ALA K 196 16.78 -45.46 50.44
N PRO K 197 16.43 -45.50 49.13
CA PRO K 197 17.00 -46.53 48.25
C PRO K 197 18.52 -46.49 48.20
N GLY K 198 19.17 -47.65 48.25
CA GLY K 198 20.62 -47.71 48.20
C GLY K 198 21.36 -47.15 49.40
N GLN K 199 20.63 -46.64 50.41
CA GLN K 199 21.24 -46.08 51.62
C GLN K 199 21.54 -47.19 52.61
N HIS K 200 22.65 -47.07 53.35
CA HIS K 200 23.08 -48.07 54.34
C HIS K 200 23.65 -47.39 55.58
N GLU K 201 23.82 -48.16 56.67
CA GLU K 201 24.36 -47.64 57.93
C GLU K 201 25.16 -48.74 58.62
N VAL K 202 26.44 -48.45 58.94
CA VAL K 202 27.31 -49.39 59.64
C VAL K 202 27.73 -48.68 60.92
N ASP K 203 27.21 -49.15 62.07
CA ASP K 203 27.47 -48.57 63.38
C ASP K 203 28.69 -49.20 64.04
N PHE K 204 29.34 -48.46 64.94
CA PHE K 204 30.50 -48.95 65.68
C PHE K 204 30.49 -48.38 67.11
N LYS K 205 31.19 -49.07 68.01
CA LYS K 205 31.19 -48.71 69.44
C LYS K 205 31.74 -47.33 69.72
N PHE K 206 31.22 -46.70 70.78
CA PHE K 206 31.67 -45.38 71.20
C PHE K 206 33.05 -45.47 71.86
N ASP K 207 33.79 -44.36 71.85
CA ASP K 207 35.12 -44.27 72.45
C ASP K 207 35.44 -42.78 72.72
N ASP K 208 36.65 -42.45 73.23
CA ASP K 208 37.01 -41.05 73.47
C ASP K 208 37.05 -40.29 72.11
N ALA K 209 36.68 -39.00 72.13
CA ALA K 209 36.58 -38.18 70.94
C ALA K 209 37.74 -38.31 69.95
N LEU K 210 38.99 -38.42 70.42
CA LEU K 210 40.14 -38.55 69.51
C LEU K 210 40.11 -39.90 68.79
N LYS K 211 39.96 -41.02 69.52
CA LYS K 211 39.89 -42.35 68.88
C LYS K 211 38.66 -42.48 67.98
N THR K 212 37.56 -41.80 68.33
CA THR K 212 36.33 -41.81 67.53
C THR K 212 36.53 -41.01 66.23
N ALA K 213 37.19 -39.85 66.30
CA ALA K 213 37.44 -39.04 65.10
C ALA K 213 38.42 -39.73 64.16
N ASP K 214 39.43 -40.44 64.72
CA ASP K 214 40.37 -41.22 63.91
C ASP K 214 39.60 -42.36 63.19
N SER K 215 38.61 -42.95 63.86
CA SER K 215 37.77 -44.00 63.31
C SER K 215 36.82 -43.47 62.22
N VAL K 216 36.27 -42.24 62.36
CA VAL K 216 35.38 -41.69 61.34
C VAL K 216 36.12 -41.49 60.01
N ILE K 217 37.37 -41.02 60.05
CA ILE K 217 38.18 -40.80 58.84
C ILE K 217 38.47 -42.13 58.15
N THR K 218 38.88 -43.13 58.92
CA THR K 218 39.20 -44.46 58.39
C THR K 218 37.92 -45.13 57.87
N PHE K 219 36.78 -44.92 58.53
CA PHE K 219 35.50 -45.49 58.12
C PHE K 219 35.11 -44.98 56.74
N LYS K 220 35.19 -43.65 56.53
CA LYS K 220 34.85 -43.06 55.24
C LYS K 220 35.69 -43.62 54.09
N THR K 221 37.00 -43.82 54.32
CA THR K 221 37.87 -44.39 53.29
C THR K 221 37.55 -45.87 53.08
N THR K 222 37.32 -46.62 54.16
CA THR K 222 36.97 -48.05 54.10
C THR K 222 35.68 -48.27 53.29
N ILE K 223 34.70 -47.39 53.47
CA ILE K 223 33.42 -47.51 52.77
C ILE K 223 33.58 -47.26 51.26
N LYS K 224 34.32 -46.23 50.87
CA LYS K 224 34.50 -45.89 49.45
C LYS K 224 35.39 -46.87 48.68
N THR K 225 36.52 -47.29 49.28
CA THR K 225 37.46 -48.23 48.65
C THR K 225 36.83 -49.60 48.40
N ILE K 226 36.08 -50.13 49.38
CA ILE K 226 35.41 -51.42 49.21
C ILE K 226 34.29 -51.31 48.19
N ALA K 227 33.58 -50.17 48.10
CA ALA K 227 32.52 -50.00 47.11
C ALA K 227 33.08 -50.08 45.71
N GLU K 228 34.27 -49.49 45.46
CA GLU K 228 34.89 -49.56 44.13
C GLU K 228 35.31 -50.98 43.77
N GLN K 229 35.64 -51.83 44.76
CA GLN K 229 35.99 -53.23 44.51
C GLN K 229 34.76 -54.00 43.97
N HIS K 230 33.54 -53.66 44.46
CA HIS K 230 32.31 -54.31 44.01
C HIS K 230 31.62 -53.53 42.86
N GLY K 231 32.40 -52.79 42.07
CA GLY K 231 31.90 -52.02 40.94
C GLY K 231 30.91 -50.91 41.22
N LEU K 232 30.82 -50.44 42.48
CA LEU K 232 29.90 -49.38 42.89
C LEU K 232 30.68 -48.10 43.34
N LYS K 233 29.97 -47.03 43.71
CA LYS K 233 30.59 -45.79 44.16
C LYS K 233 29.84 -45.30 45.40
N ALA K 234 30.52 -45.26 46.57
CA ALA K 234 29.86 -44.81 47.80
C ALA K 234 30.04 -43.32 48.00
N THR K 235 28.98 -42.63 48.46
CA THR K 235 29.03 -41.19 48.72
C THR K 235 28.46 -40.83 50.09
N PHE K 236 29.17 -39.96 50.81
CA PHE K 236 28.72 -39.44 52.10
C PHE K 236 28.13 -38.04 51.89
N MET K 237 27.40 -37.83 50.77
CA MET K 237 26.78 -36.55 50.48
C MET K 237 25.54 -36.42 51.37
N PRO K 238 25.33 -35.29 52.10
CA PRO K 238 24.16 -35.21 52.98
C PRO K 238 22.78 -35.39 52.33
N LYS K 239 22.65 -35.17 51.03
CA LYS K 239 21.37 -35.29 50.31
C LYS K 239 21.65 -35.46 48.81
N PRO K 240 22.06 -36.65 48.36
CA PRO K 240 22.35 -36.83 46.94
C PRO K 240 21.12 -36.78 46.05
N PHE K 241 19.95 -37.18 46.57
CA PHE K 241 18.71 -37.18 45.79
C PHE K 241 17.56 -36.51 46.56
N PHE K 242 16.75 -35.74 45.84
CA PHE K 242 15.58 -35.06 46.41
C PHE K 242 14.42 -36.07 46.52
N GLY K 243 13.60 -35.91 47.55
CA GLY K 243 12.45 -36.77 47.77
C GLY K 243 12.72 -38.04 48.56
N MET K 244 13.96 -38.24 49.02
CA MET K 244 14.32 -39.41 49.83
C MET K 244 15.28 -38.99 50.95
N ASN K 245 15.32 -39.78 52.04
CA ASN K 245 16.17 -39.50 53.21
C ASN K 245 17.61 -39.18 52.86
N GLY K 246 18.23 -38.31 53.66
CA GLY K 246 19.61 -37.92 53.49
C GLY K 246 20.54 -38.65 54.44
N SER K 247 21.85 -38.60 54.17
CA SER K 247 22.84 -39.24 55.01
C SER K 247 23.07 -38.39 56.26
N GLY K 248 22.79 -38.96 57.44
CA GLY K 248 22.96 -38.29 58.72
C GLY K 248 23.92 -39.02 59.62
N MET K 249 24.68 -38.26 60.43
CA MET K 249 25.66 -38.80 61.36
C MET K 249 25.27 -38.37 62.77
N HIS K 250 24.34 -39.11 63.37
CA HIS K 250 23.83 -38.81 64.72
C HIS K 250 24.96 -39.06 65.72
N CYS K 251 25.33 -38.05 66.52
CA CYS K 251 26.43 -38.17 67.48
C CYS K 251 25.96 -38.41 68.91
N HIS K 252 25.95 -39.68 69.33
CA HIS K 252 25.61 -40.06 70.71
C HIS K 252 26.81 -39.67 71.55
N GLN K 253 26.64 -38.82 72.58
CA GLN K 253 27.77 -38.36 73.38
C GLN K 253 27.48 -38.25 74.88
N SER K 254 28.54 -38.29 75.70
CA SER K 254 28.45 -38.20 77.16
C SER K 254 29.84 -37.93 77.77
N ILE K 255 29.88 -37.26 78.93
CA ILE K 255 31.13 -36.95 79.63
C ILE K 255 31.18 -37.70 80.98
N TRP K 256 32.35 -38.28 81.31
CA TRP K 256 32.55 -39.07 82.52
C TRP K 256 33.58 -38.43 83.45
N LEU K 257 33.12 -37.71 84.48
CA LEU K 257 34.01 -37.06 85.44
C LEU K 257 34.43 -38.05 86.53
N ASN K 258 35.74 -38.28 86.69
CA ASN K 258 36.32 -39.20 87.69
C ASN K 258 35.92 -40.66 87.43
N GLY K 259 35.94 -41.07 86.17
CA GLY K 259 35.62 -42.44 85.76
C GLY K 259 34.23 -42.93 86.15
N GLU K 260 33.25 -42.02 86.20
CA GLU K 260 31.85 -42.36 86.54
C GLU K 260 30.89 -41.74 85.53
N PRO K 261 29.74 -42.39 85.24
CA PRO K 261 28.79 -41.76 84.31
C PRO K 261 28.09 -40.57 84.96
N SER K 262 28.61 -39.36 84.68
CA SER K 262 28.10 -38.13 85.27
C SER K 262 26.73 -37.73 84.74
N PHE K 263 26.32 -38.23 83.57
CA PHE K 263 25.00 -37.90 83.02
C PHE K 263 23.85 -38.64 83.72
N TYR K 264 24.13 -39.76 84.41
CA TYR K 264 23.11 -40.54 85.10
C TYR K 264 22.92 -40.12 86.55
N ASP K 265 21.66 -40.09 87.01
CA ASP K 265 21.28 -39.78 88.39
C ASP K 265 20.02 -40.59 88.71
N GLU K 266 20.18 -41.72 89.41
CA GLU K 266 19.08 -42.62 89.78
C GLU K 266 17.91 -41.88 90.43
N ASN K 267 18.19 -40.91 91.31
CA ASN K 267 17.18 -40.12 91.99
C ASN K 267 17.04 -38.73 91.35
N ALA K 268 16.44 -38.67 90.14
CA ALA K 268 16.24 -37.40 89.41
C ALA K 268 15.19 -37.54 88.28
N PRO K 269 14.66 -36.41 87.71
CA PRO K 269 13.66 -36.55 86.64
C PRO K 269 14.25 -37.17 85.38
N TYR K 270 13.55 -38.17 84.80
CA TYR K 270 14.02 -38.91 83.62
C TYR K 270 15.35 -39.66 83.88
N GLN K 271 15.78 -39.77 85.16
CA GLN K 271 17.07 -40.38 85.54
C GLN K 271 18.22 -39.69 84.81
N LEU K 272 18.19 -38.35 84.77
CA LEU K 272 19.21 -37.53 84.11
C LEU K 272 19.74 -36.52 85.12
N SER K 273 21.06 -36.43 85.25
CA SER K 273 21.72 -35.56 86.22
C SER K 273 21.66 -34.07 85.83
N GLU K 274 22.05 -33.17 86.75
CA GLU K 274 22.13 -31.74 86.50
C GLU K 274 23.21 -31.46 85.45
N THR K 275 24.34 -32.17 85.51
CA THR K 275 25.42 -31.99 84.53
C THR K 275 24.92 -32.27 83.10
N CYS K 276 24.03 -33.27 82.92
CA CYS K 276 23.47 -33.59 81.60
C CYS K 276 22.63 -32.42 81.12
N MET K 277 21.77 -31.88 81.98
CA MET K 277 20.91 -30.76 81.62
C MET K 277 21.72 -29.50 81.31
N ASN K 278 22.80 -29.24 82.07
CA ASN K 278 23.66 -28.09 81.80
C ASN K 278 24.35 -28.25 80.44
N TYR K 279 24.78 -29.48 80.11
CA TYR K 279 25.45 -29.78 78.84
C TYR K 279 24.48 -29.58 77.67
N VAL K 280 23.24 -30.09 77.80
CA VAL K 280 22.21 -29.95 76.77
C VAL K 280 21.89 -28.47 76.55
N ALA K 281 21.81 -27.68 77.63
CA ALA K 281 21.53 -26.24 77.52
C ALA K 281 22.61 -25.52 76.70
N GLY K 282 23.86 -25.92 76.86
CA GLY K 282 24.97 -25.34 76.12
C GLY K 282 24.95 -25.67 74.65
N ILE K 283 24.55 -26.90 74.29
CA ILE K 283 24.46 -27.30 72.88
C ILE K 283 23.34 -26.50 72.21
N LEU K 284 22.17 -26.40 72.88
CA LEU K 284 21.03 -25.67 72.35
C LEU K 284 21.32 -24.17 72.21
N LYS K 285 22.14 -23.61 73.12
CA LYS K 285 22.52 -22.19 73.07
C LYS K 285 23.31 -21.89 71.80
N HIS K 286 24.37 -22.65 71.53
CA HIS K 286 25.22 -22.44 70.35
C HIS K 286 24.81 -23.31 69.16
N ALA K 287 23.55 -23.84 69.13
CA ALA K 287 23.08 -24.70 68.04
C ALA K 287 23.18 -24.05 66.66
N LYS K 288 22.82 -22.77 66.55
CA LYS K 288 22.88 -22.04 65.27
C LYS K 288 24.32 -21.88 64.75
N ALA K 289 25.33 -21.90 65.65
CA ALA K 289 26.73 -21.77 65.30
C ALA K 289 27.42 -23.12 65.10
N ILE K 290 26.98 -24.18 65.83
CA ILE K 290 27.58 -25.51 65.71
C ILE K 290 27.28 -26.10 64.31
N VAL K 291 26.08 -25.86 63.77
CA VAL K 291 25.71 -26.39 62.44
C VAL K 291 26.59 -25.85 61.32
N ALA K 292 27.35 -24.76 61.53
CA ALA K 292 28.27 -24.26 60.50
C ALA K 292 29.41 -25.28 60.32
N ILE K 293 29.93 -25.83 61.43
CA ILE K 293 31.00 -26.82 61.41
C ILE K 293 30.46 -28.22 61.12
N THR K 294 29.42 -28.66 61.86
CA THR K 294 28.86 -30.00 61.70
C THR K 294 28.06 -30.21 60.40
N ASN K 295 27.70 -29.12 59.69
CA ASN K 295 26.96 -29.16 58.42
C ASN K 295 27.66 -28.12 57.53
N PRO K 296 28.88 -28.40 57.04
CA PRO K 296 29.64 -27.38 56.29
C PRO K 296 29.42 -27.26 54.79
N THR K 297 28.55 -28.08 54.19
CA THR K 297 28.31 -28.03 52.76
C THR K 297 27.02 -27.28 52.43
N VAL K 298 26.90 -26.80 51.18
CA VAL K 298 25.67 -26.15 50.72
C VAL K 298 24.52 -27.18 50.71
N ASN K 299 24.83 -28.41 50.28
CA ASN K 299 23.88 -29.52 50.22
C ASN K 299 23.37 -29.96 51.60
N SER K 300 24.13 -29.72 52.67
CA SER K 300 23.69 -30.08 54.02
C SER K 300 22.38 -29.41 54.42
N TYR K 301 22.12 -28.20 53.90
CA TYR K 301 20.89 -27.46 54.20
C TYR K 301 19.70 -27.83 53.28
N LYS K 302 19.84 -28.93 52.50
CA LYS K 302 18.76 -29.54 51.72
C LYS K 302 18.22 -30.76 52.51
N ARG K 303 19.06 -31.40 53.38
CA ARG K 303 18.64 -32.46 54.31
C ARG K 303 18.15 -31.71 55.55
N LEU K 304 19.04 -30.92 56.18
CA LEU K 304 18.76 -30.12 57.38
C LEU K 304 18.06 -28.83 56.92
N VAL K 305 16.85 -28.98 56.37
CA VAL K 305 16.10 -27.87 55.79
C VAL K 305 14.98 -27.34 56.73
N PRO K 306 15.01 -26.07 57.22
CA PRO K 306 13.92 -25.60 58.08
C PRO K 306 12.55 -25.59 57.38
N GLY K 307 11.49 -25.69 58.16
CA GLY K 307 10.13 -25.74 57.64
C GLY K 307 9.71 -27.10 57.11
N TYR K 308 10.65 -28.07 57.01
CA TYR K 308 10.38 -29.43 56.54
C TYR K 308 10.93 -30.46 57.52
N GLU K 309 10.43 -31.71 57.45
CA GLU K 309 10.81 -32.81 58.34
C GLU K 309 12.33 -33.03 58.39
N ALA K 310 12.97 -32.56 59.48
CA ALA K 310 14.42 -32.66 59.69
C ALA K 310 14.78 -32.31 61.16
N PRO K 311 16.00 -32.64 61.66
CA PRO K 311 16.35 -32.26 63.04
C PRO K 311 16.82 -30.80 63.09
N VAL K 312 15.90 -29.90 62.75
CA VAL K 312 16.07 -28.44 62.65
C VAL K 312 15.58 -27.69 63.88
N ASN K 313 14.62 -28.26 64.61
CA ASN K 313 14.03 -27.60 65.76
C ASN K 313 14.97 -27.64 66.96
N ILE K 314 15.40 -26.46 67.43
CA ILE K 314 16.32 -26.33 68.56
C ILE K 314 15.57 -26.63 69.87
N ALA K 315 15.56 -27.92 70.25
CA ALA K 315 14.91 -28.41 71.48
C ALA K 315 15.37 -29.86 71.78
N TRP K 316 15.20 -30.33 73.03
CA TRP K 316 15.56 -31.70 73.41
C TRP K 316 14.31 -32.50 73.81
N ALA K 317 14.37 -33.84 73.72
CA ALA K 317 13.24 -34.71 74.06
C ALA K 317 13.68 -36.16 74.28
N ASN K 318 12.89 -36.93 75.05
CA ASN K 318 13.20 -38.33 75.35
C ASN K 318 12.56 -39.28 74.33
N SER K 319 13.38 -40.06 73.60
CA SER K 319 12.92 -41.04 72.60
C SER K 319 12.03 -40.41 71.51
N ASN K 320 12.39 -39.21 71.04
CA ASN K 320 11.67 -38.46 70.01
C ASN K 320 12.68 -38.01 68.96
N ARG K 321 12.54 -38.50 67.70
CA ARG K 321 13.46 -38.18 66.60
C ARG K 321 13.09 -36.88 65.83
N SER K 322 12.07 -36.11 66.30
CA SER K 322 11.68 -34.86 65.63
C SER K 322 12.52 -33.65 66.11
N ALA K 323 13.07 -33.70 67.34
CA ALA K 323 13.87 -32.64 67.93
C ALA K 323 15.38 -32.74 67.51
N ILE K 324 16.17 -31.67 67.73
CA ILE K 324 17.60 -31.69 67.39
C ILE K 324 18.37 -32.66 68.30
N ILE K 325 17.96 -32.79 69.58
CA ILE K 325 18.56 -33.71 70.55
C ILE K 325 17.51 -34.75 70.96
N ARG K 326 17.95 -36.01 71.12
CA ARG K 326 17.11 -37.13 71.57
C ARG K 326 17.89 -37.84 72.66
N VAL K 327 17.24 -38.12 73.80
CA VAL K 327 17.90 -38.82 74.90
C VAL K 327 17.49 -40.30 74.80
N PRO K 328 18.37 -41.22 74.34
CA PRO K 328 17.96 -42.63 74.24
C PRO K 328 17.53 -43.21 75.58
N ALA K 329 16.61 -44.16 75.56
CA ALA K 329 16.06 -44.77 76.77
C ALA K 329 17.07 -45.57 77.62
N ALA K 330 18.26 -45.90 77.10
CA ALA K 330 19.26 -46.65 77.85
C ALA K 330 19.78 -45.81 79.02
N ARG K 331 19.86 -46.40 80.22
CA ARG K 331 20.31 -45.71 81.43
C ARG K 331 21.44 -46.47 82.16
N GLY K 332 22.10 -45.76 83.07
CA GLY K 332 23.24 -46.26 83.83
C GLY K 332 24.51 -45.73 83.22
N LYS K 333 25.35 -46.61 82.68
CA LYS K 333 26.57 -46.18 81.99
C LYS K 333 26.23 -45.60 80.61
N GLY K 334 25.29 -46.24 79.91
CA GLY K 334 24.86 -45.81 78.60
C GLY K 334 23.96 -44.60 78.54
N THR K 335 23.89 -43.79 79.62
CA THR K 335 23.09 -42.56 79.61
C THR K 335 23.81 -41.57 78.70
N ARG K 336 23.12 -41.04 77.69
CA ARG K 336 23.74 -40.16 76.70
C ARG K 336 22.71 -39.22 76.03
N ILE K 337 23.20 -38.31 75.16
CA ILE K 337 22.36 -37.41 74.36
C ILE K 337 22.78 -37.57 72.89
N GLU K 338 21.80 -37.59 71.98
CA GLU K 338 22.06 -37.76 70.55
C GLU K 338 21.86 -36.45 69.80
N PHE K 339 22.96 -35.82 69.36
CA PHE K 339 22.87 -34.60 68.58
C PHE K 339 22.65 -35.07 67.13
N ARG K 340 21.41 -34.91 66.63
CA ARG K 340 20.98 -35.40 65.31
C ARG K 340 21.29 -34.48 64.13
N ALA K 341 21.71 -33.23 64.36
CA ALA K 341 21.98 -32.28 63.28
C ALA K 341 23.16 -32.65 62.33
N PRO K 342 24.28 -33.23 62.81
CA PRO K 342 25.40 -33.50 61.89
C PRO K 342 25.14 -34.49 60.76
N ASP K 343 25.95 -34.37 59.70
CA ASP K 343 25.97 -35.24 58.49
C ASP K 343 27.42 -35.69 58.30
N PRO K 344 27.68 -36.83 57.61
CA PRO K 344 29.08 -37.28 57.46
C PRO K 344 29.99 -36.38 56.59
N SER K 345 29.50 -35.23 56.10
CA SER K 345 30.32 -34.30 55.33
C SER K 345 31.25 -33.42 56.21
N CYS K 346 31.04 -33.40 57.54
CA CYS K 346 31.83 -32.58 58.45
C CYS K 346 33.16 -33.20 58.84
N ASN K 347 34.10 -32.35 59.29
CA ASN K 347 35.40 -32.78 59.79
C ASN K 347 35.13 -33.32 61.20
N PRO K 348 35.35 -34.61 61.51
CA PRO K 348 35.03 -35.08 62.87
C PRO K 348 35.84 -34.42 63.98
N TYR K 349 37.10 -34.06 63.72
CA TYR K 349 37.94 -33.42 64.74
C TYR K 349 37.38 -32.06 65.16
N LEU K 350 36.87 -31.27 64.20
CA LEU K 350 36.29 -29.97 64.50
C LEU K 350 34.86 -30.10 65.02
N ALA K 351 34.10 -31.12 64.55
CA ALA K 351 32.73 -31.37 65.02
C ALA K 351 32.70 -31.72 66.51
N PHE K 352 33.61 -32.60 66.97
CA PHE K 352 33.66 -32.98 68.38
C PHE K 352 34.21 -31.82 69.24
N THR K 353 35.08 -30.97 68.68
CA THR K 353 35.62 -29.81 69.39
C THR K 353 34.51 -28.80 69.72
N VAL K 354 33.71 -28.39 68.70
CA VAL K 354 32.62 -27.42 68.92
C VAL K 354 31.50 -27.98 69.80
N MET K 355 31.21 -29.29 69.69
CA MET K 355 30.18 -29.90 70.53
C MET K 355 30.65 -29.91 71.98
N LEU K 356 31.91 -30.29 72.24
CA LEU K 356 32.43 -30.30 73.61
C LEU K 356 32.55 -28.88 74.17
N ALA K 357 32.95 -27.89 73.35
CA ALA K 357 33.09 -26.51 73.82
C ALA K 357 31.74 -25.88 74.21
N ALA K 358 30.70 -26.06 73.37
CA ALA K 358 29.39 -25.51 73.67
C ALA K 358 28.77 -26.24 74.86
N GLY K 359 28.94 -27.56 74.92
CA GLY K 359 28.44 -28.36 76.02
C GLY K 359 29.09 -28.00 77.35
N LEU K 360 30.43 -27.83 77.36
CA LEU K 360 31.14 -27.43 78.57
C LEU K 360 30.84 -25.99 78.96
N ASP K 361 30.47 -25.11 78.01
CA ASP K 361 30.06 -23.74 78.33
C ASP K 361 28.80 -23.77 79.24
N GLY K 362 27.90 -24.71 78.98
CA GLY K 362 26.71 -24.90 79.80
C GLY K 362 27.01 -25.46 81.16
N VAL K 363 27.99 -26.39 81.26
CA VAL K 363 28.41 -27.00 82.53
C VAL K 363 29.12 -25.99 83.42
N LYS K 364 30.05 -25.19 82.85
CA LYS K 364 30.80 -24.18 83.58
C LYS K 364 29.89 -23.08 84.15
N ASN K 365 28.98 -22.55 83.32
CA ASN K 365 28.04 -21.50 83.74
C ASN K 365 26.77 -22.05 84.44
N LYS K 366 26.54 -23.38 84.42
CA LYS K 366 25.36 -24.01 85.01
C LYS K 366 24.08 -23.44 84.40
N LEU K 367 23.99 -23.50 83.05
CA LEU K 367 22.84 -22.97 82.31
C LEU K 367 21.62 -23.86 82.46
N ASP K 368 20.43 -23.24 82.48
CA ASP K 368 19.17 -23.95 82.64
C ASP K 368 18.63 -24.42 81.30
N ALA K 369 18.38 -25.73 81.17
CA ALA K 369 17.85 -26.31 79.94
C ALA K 369 16.33 -26.15 79.87
N PRO K 370 15.74 -26.07 78.66
CA PRO K 370 14.28 -25.98 78.57
C PRO K 370 13.59 -27.34 78.80
N GLU K 371 12.26 -27.33 78.90
CA GLU K 371 11.49 -28.56 79.12
C GLU K 371 11.52 -29.45 77.88
N PRO K 372 11.45 -30.79 78.04
CA PRO K 372 11.49 -31.66 76.85
C PRO K 372 10.18 -31.63 76.06
N VAL K 373 10.28 -31.50 74.73
CA VAL K 373 9.11 -31.45 73.86
C VAL K 373 8.75 -32.87 73.43
N GLU K 374 8.02 -33.60 74.28
CA GLU K 374 7.62 -34.98 74.02
C GLU K 374 6.70 -35.08 72.78
N ARG K 375 5.96 -34.01 72.46
CA ARG K 375 5.08 -33.97 71.28
C ARG K 375 5.89 -33.99 69.98
N ASN K 376 5.27 -34.40 68.87
CA ASN K 376 5.91 -34.38 67.56
C ASN K 376 5.98 -32.91 67.15
N ILE K 377 7.18 -32.40 66.86
CA ILE K 377 7.37 -30.99 66.54
C ILE K 377 7.00 -30.68 65.07
N PHE K 378 7.05 -31.69 64.17
CA PHE K 378 6.70 -31.48 62.76
C PHE K 378 5.21 -31.17 62.61
N ALA K 379 4.36 -31.83 63.42
CA ALA K 379 2.91 -31.60 63.39
C ALA K 379 2.52 -30.21 63.92
N MET K 380 3.41 -29.52 64.65
CA MET K 380 3.12 -28.20 65.22
C MET K 380 3.17 -27.11 64.15
N SER K 381 2.38 -26.05 64.34
CA SER K 381 2.35 -24.90 63.44
C SER K 381 3.42 -23.89 63.84
N GLU K 382 3.85 -23.03 62.90
CA GLU K 382 4.88 -22.02 63.17
C GLU K 382 4.48 -21.03 64.28
N ALA K 383 3.19 -20.70 64.40
CA ALA K 383 2.73 -19.79 65.46
C ALA K 383 2.81 -20.48 66.82
N GLU K 384 2.53 -21.80 66.88
CA GLU K 384 2.60 -22.57 68.12
C GLU K 384 4.05 -22.75 68.56
N LYS K 385 4.96 -23.08 67.60
CA LYS K 385 6.39 -23.23 67.89
C LYS K 385 7.02 -21.91 68.35
N LYS K 386 6.51 -20.76 67.87
CA LYS K 386 7.03 -19.45 68.25
C LYS K 386 6.61 -19.11 69.69
N GLU K 387 5.41 -19.53 70.11
CA GLU K 387 4.92 -19.30 71.47
C GLU K 387 5.78 -20.10 72.47
N LEU K 388 6.05 -21.38 72.17
CA LEU K 388 6.89 -22.24 73.02
C LEU K 388 8.36 -21.78 73.05
N GLY K 389 8.83 -21.15 71.97
CA GLY K 389 10.20 -20.66 71.86
C GLY K 389 11.13 -21.65 71.21
N ILE K 390 10.60 -22.50 70.30
CA ILE K 390 11.40 -23.50 69.60
C ILE K 390 11.97 -22.88 68.32
N GLU K 391 13.16 -22.29 68.41
CA GLU K 391 13.82 -21.68 67.25
C GLU K 391 14.34 -22.74 66.28
N SER K 392 14.62 -22.36 65.03
CA SER K 392 15.12 -23.31 64.02
C SER K 392 16.57 -22.99 63.61
N VAL K 393 17.31 -24.03 63.18
CA VAL K 393 18.70 -23.88 62.73
C VAL K 393 18.75 -23.13 61.38
N PRO K 394 19.84 -22.40 61.07
CA PRO K 394 19.89 -21.66 59.79
C PRO K 394 19.45 -22.43 58.54
N ALA K 395 18.83 -21.72 57.59
CA ALA K 395 18.31 -22.31 56.35
C ALA K 395 19.38 -22.55 55.27
N ASN K 396 20.57 -21.94 55.37
CA ASN K 396 21.61 -22.13 54.36
C ASN K 396 23.03 -22.02 54.96
N LEU K 397 24.07 -22.32 54.15
CA LEU K 397 25.45 -22.30 54.61
C LEU K 397 25.90 -20.91 55.07
N LYS K 398 25.63 -19.87 54.26
CA LYS K 398 26.01 -18.50 54.62
C LYS K 398 25.34 -18.03 55.89
N ALA K 399 24.08 -18.44 56.12
CA ALA K 399 23.36 -18.07 57.34
C ALA K 399 24.04 -18.68 58.57
N ALA K 400 24.59 -19.89 58.44
CA ALA K 400 25.30 -20.56 59.54
C ALA K 400 26.70 -19.98 59.76
N LEU K 401 27.40 -19.58 58.68
CA LEU K 401 28.74 -18.99 58.78
C LEU K 401 28.70 -17.66 59.54
N ASP K 402 27.66 -16.84 59.33
CA ASP K 402 27.51 -15.58 60.04
C ASP K 402 27.28 -15.82 61.54
N GLU K 403 26.56 -16.89 61.89
CA GLU K 403 26.32 -17.27 63.29
C GLU K 403 27.62 -17.73 63.94
N LEU K 404 28.43 -18.52 63.20
CA LEU K 404 29.72 -19.00 63.69
C LEU K 404 30.68 -17.85 63.90
N GLU K 405 30.68 -16.88 62.98
CA GLU K 405 31.56 -15.70 63.04
C GLU K 405 31.30 -14.88 64.31
N ASN K 406 30.02 -14.65 64.65
CA ASN K 406 29.65 -13.89 65.86
C ASN K 406 29.76 -14.69 67.17
N ASN K 407 29.99 -16.01 67.09
CA ASN K 407 30.11 -16.86 68.27
C ASN K 407 31.55 -16.86 68.78
N ASP K 408 31.77 -16.42 70.04
CA ASP K 408 33.10 -16.36 70.65
C ASP K 408 33.51 -17.68 71.31
N VAL K 409 32.54 -18.52 71.72
CA VAL K 409 32.83 -19.80 72.37
C VAL K 409 33.51 -20.75 71.39
N LEU K 410 32.97 -20.86 70.17
CA LEU K 410 33.54 -21.74 69.13
C LEU K 410 34.80 -21.14 68.51
N LYS K 411 34.92 -19.80 68.46
CA LYS K 411 36.10 -19.13 67.92
C LYS K 411 37.34 -19.52 68.74
N ASN K 412 37.21 -19.48 70.08
CA ASN K 412 38.30 -19.82 71.00
C ASN K 412 38.66 -21.31 70.95
N ALA K 413 37.65 -22.20 70.85
CA ALA K 413 37.89 -23.63 70.78
C ALA K 413 38.62 -24.05 69.51
N LEU K 414 38.24 -23.48 68.35
CA LEU K 414 38.88 -23.79 67.07
C LEU K 414 40.21 -23.05 66.89
N GLY K 415 40.34 -21.86 67.47
CA GLY K 415 41.55 -21.06 67.35
C GLY K 415 41.48 -20.12 66.16
N LYS K 416 42.21 -19.00 66.22
CA LYS K 416 42.22 -18.00 65.15
C LYS K 416 42.53 -18.59 63.77
N HIS K 417 43.44 -19.56 63.68
CA HIS K 417 43.82 -20.13 62.39
C HIS K 417 42.69 -20.96 61.76
N ILE K 418 42.07 -21.87 62.52
CA ILE K 418 41.01 -22.72 61.99
C ILE K 418 39.73 -21.90 61.77
N PHE K 419 39.34 -21.08 62.75
CA PHE K 419 38.15 -20.24 62.66
C PHE K 419 38.15 -19.33 61.42
N GLU K 420 39.24 -18.57 61.19
CA GLU K 420 39.31 -17.66 60.05
C GLU K 420 39.46 -18.38 58.71
N SER K 421 40.29 -19.43 58.62
CA SER K 421 40.48 -20.16 57.36
C SER K 421 39.20 -20.90 56.97
N PHE K 422 38.48 -21.48 57.94
CA PHE K 422 37.23 -22.18 57.66
C PHE K 422 36.20 -21.21 57.06
N LEU K 423 36.00 -20.04 57.70
CA LEU K 423 35.06 -19.04 57.21
C LEU K 423 35.46 -18.56 55.82
N GLU K 424 36.76 -18.31 55.58
CA GLU K 424 37.25 -17.84 54.28
C GLU K 424 37.02 -18.88 53.18
N ILE K 425 37.30 -20.16 53.46
CA ILE K 425 37.11 -21.25 52.49
C ILE K 425 35.63 -21.45 52.20
N LYS K 426 34.79 -21.48 53.23
CA LYS K 426 33.36 -21.69 53.07
C LYS K 426 32.65 -20.49 52.44
N ASN K 427 33.15 -19.26 52.61
CA ASN K 427 32.53 -18.09 51.97
C ASN K 427 32.82 -18.12 50.47
N ALA K 428 34.02 -18.55 50.05
CA ALA K 428 34.35 -18.69 48.63
C ALA K 428 33.51 -19.82 48.00
N GLU K 429 33.24 -20.88 48.77
CA GLU K 429 32.41 -22.02 48.36
C GLU K 429 30.96 -21.57 48.20
N TRP K 430 30.47 -20.73 49.13
CA TRP K 430 29.11 -20.19 49.07
C TRP K 430 28.97 -19.22 47.89
N ASP K 431 29.98 -18.36 47.67
CA ASP K 431 29.96 -17.41 46.55
C ASP K 431 29.92 -18.14 45.21
N SER K 432 30.61 -19.28 45.09
CA SER K 432 30.59 -20.07 43.87
C SER K 432 29.19 -20.63 43.61
N PHE K 433 28.45 -21.00 44.68
CA PHE K 433 27.09 -21.53 44.58
C PHE K 433 26.07 -20.46 44.19
N ARG K 434 26.07 -19.30 44.87
CA ARG K 434 25.11 -18.24 44.60
C ARG K 434 25.28 -17.56 43.23
N THR K 435 26.47 -17.65 42.61
CA THR K 435 26.72 -17.06 41.29
C THR K 435 26.41 -18.05 40.15
N SER K 436 26.55 -19.37 40.40
CA SER K 436 26.31 -20.37 39.37
C SER K 436 24.83 -20.50 38.98
N VAL K 437 24.56 -20.68 37.68
CA VAL K 437 23.21 -20.85 37.18
C VAL K 437 22.88 -22.35 37.32
N THR K 438 21.93 -22.69 38.20
CA THR K 438 21.57 -24.08 38.48
C THR K 438 20.56 -24.65 37.48
N ASP K 439 20.45 -25.98 37.45
CA ASP K 439 19.51 -26.70 36.59
C ASP K 439 18.06 -26.39 36.97
N TRP K 440 17.78 -26.12 38.26
CA TRP K 440 16.43 -25.77 38.73
C TRP K 440 16.01 -24.45 38.07
N GLU K 441 16.90 -23.44 38.07
CA GLU K 441 16.62 -22.14 37.47
C GLU K 441 16.36 -22.27 35.97
N THR K 442 17.17 -23.09 35.27
CA THR K 442 16.99 -23.29 33.84
C THR K 442 15.63 -23.92 33.55
N THR K 443 15.22 -24.90 34.37
CA THR K 443 13.94 -25.56 34.20
C THR K 443 12.78 -24.59 34.46
N ALA K 444 12.87 -23.78 35.52
CA ALA K 444 11.81 -22.86 35.90
C ALA K 444 11.71 -21.55 35.12
N TYR K 445 12.83 -21.00 34.63
CA TYR K 445 12.83 -19.67 34.00
C TYR K 445 13.22 -19.60 32.51
N LEU K 446 13.68 -20.68 31.87
CA LEU K 446 14.02 -20.60 30.44
C LEU K 446 12.76 -20.32 29.59
N LYS K 447 11.60 -20.81 30.03
CA LYS K 447 10.32 -20.59 29.33
C LYS K 447 9.86 -19.13 29.35
N ILE K 448 10.28 -18.32 30.35
CA ILE K 448 9.84 -16.93 30.44
C ILE K 448 10.55 -16.02 29.43
N SER L 2 81.04 -54.26 40.55
CA SER L 2 82.10 -53.28 40.35
C SER L 2 83.26 -53.85 39.52
N THR L 3 83.67 -55.11 39.81
CA THR L 3 84.73 -55.80 39.05
C THR L 3 84.10 -56.78 38.04
N VAL L 4 84.91 -57.27 37.08
CA VAL L 4 84.43 -58.19 36.04
C VAL L 4 83.96 -59.50 36.65
N GLU L 5 84.67 -60.03 37.64
CA GLU L 5 84.31 -61.29 38.29
C GLU L 5 82.98 -61.23 39.03
N GLN L 6 82.67 -60.10 39.70
CA GLN L 6 81.41 -59.96 40.43
C GLN L 6 80.21 -60.02 39.49
N VAL L 7 80.33 -59.42 38.29
CA VAL L 7 79.23 -59.43 37.32
C VAL L 7 79.06 -60.85 36.74
N LEU L 8 80.18 -61.53 36.39
CA LEU L 8 80.12 -62.87 35.83
C LEU L 8 79.61 -63.90 36.83
N GLU L 9 79.91 -63.72 38.14
CA GLU L 9 79.40 -64.65 39.17
C GLU L 9 77.88 -64.51 39.34
N TYR L 10 77.30 -63.33 39.07
CA TYR L 10 75.86 -63.10 39.14
C TYR L 10 75.21 -63.78 37.92
N VAL L 11 75.77 -63.55 36.72
CA VAL L 11 75.27 -64.09 35.45
C VAL L 11 75.26 -65.62 35.41
N LYS L 12 76.40 -66.23 35.77
CA LYS L 12 76.64 -67.68 35.75
C LYS L 12 75.52 -68.53 36.37
N SER L 13 74.98 -68.09 37.51
CA SER L 13 73.99 -68.83 38.29
C SER L 13 72.54 -68.37 38.14
N ASN L 14 72.30 -67.04 38.14
CA ASN L 14 70.94 -66.51 38.09
C ASN L 14 70.28 -66.58 36.71
N ASN L 15 70.88 -67.34 35.76
CA ASN L 15 70.34 -67.55 34.43
C ASN L 15 70.18 -66.24 33.65
N VAL L 16 71.12 -65.29 33.78
CA VAL L 16 71.04 -64.02 33.04
C VAL L 16 71.34 -64.34 31.58
N LYS L 17 70.43 -63.96 30.66
CA LYS L 17 70.54 -64.30 29.24
C LYS L 17 70.86 -63.12 28.32
N PHE L 18 70.49 -61.88 28.69
CA PHE L 18 70.77 -60.71 27.85
C PHE L 18 71.48 -59.61 28.62
N MET L 19 72.40 -58.90 27.94
CA MET L 19 73.15 -57.80 28.53
C MET L 19 72.93 -56.55 27.67
N ARG L 20 72.21 -55.55 28.22
CA ARG L 20 71.90 -54.31 27.53
C ARG L 20 73.03 -53.32 27.77
N PHE L 21 73.69 -52.84 26.71
CA PHE L 21 74.77 -51.86 26.84
C PHE L 21 74.12 -50.50 26.65
N GLN L 22 73.67 -49.90 27.76
CA GLN L 22 72.93 -48.64 27.75
C GLN L 22 73.81 -47.37 27.79
N PHE L 23 73.30 -46.30 27.19
CA PHE L 23 73.93 -44.97 27.15
C PHE L 23 72.86 -43.90 26.82
N VAL L 24 73.23 -42.61 26.64
CA VAL L 24 72.25 -41.55 26.34
C VAL L 24 72.71 -40.68 25.19
N ASP L 25 71.77 -40.20 24.37
CA ASP L 25 72.09 -39.26 23.28
C ASP L 25 72.23 -37.82 23.88
N ILE L 26 72.50 -36.81 23.04
CA ILE L 26 72.68 -35.43 23.54
C ILE L 26 71.45 -34.92 24.32
N LEU L 27 70.24 -35.26 23.87
CA LEU L 27 69.01 -34.80 24.53
C LEU L 27 68.63 -35.59 25.80
N GLY L 28 69.41 -36.60 26.16
CA GLY L 28 69.14 -37.43 27.34
C GLY L 28 68.23 -38.62 27.10
N VAL L 29 67.98 -38.96 25.81
CA VAL L 29 67.13 -40.11 25.47
C VAL L 29 68.00 -41.36 25.62
N PRO L 30 67.59 -42.39 26.39
CA PRO L 30 68.44 -43.58 26.52
C PRO L 30 68.46 -44.41 25.24
N LYS L 31 69.62 -45.02 24.95
CA LYS L 31 69.85 -45.86 23.78
C LYS L 31 70.62 -47.11 24.24
N ASN L 32 70.33 -48.30 23.67
CA ASN L 32 71.00 -49.53 24.08
C ASN L 32 70.97 -50.63 23.01
N VAL L 33 71.85 -51.63 23.16
CA VAL L 33 71.96 -52.79 22.27
C VAL L 33 72.04 -54.03 23.15
N ALA L 34 71.26 -55.08 22.83
CA ALA L 34 71.24 -56.30 23.62
C ALA L 34 72.26 -57.32 23.09
N PHE L 35 72.99 -57.96 24.00
CA PHE L 35 73.99 -58.96 23.67
C PHE L 35 73.53 -60.27 24.31
N PRO L 36 73.31 -61.35 23.54
CA PRO L 36 72.90 -62.62 24.17
C PRO L 36 74.07 -63.39 24.76
N ILE L 37 73.95 -63.81 26.02
CA ILE L 37 74.97 -64.55 26.75
C ILE L 37 74.78 -66.03 26.45
N LYS L 38 75.84 -66.74 26.04
CA LYS L 38 75.73 -68.18 25.75
C LYS L 38 75.97 -69.01 27.03
N ALA L 39 75.49 -70.25 27.03
CA ALA L 39 75.63 -71.15 28.17
C ALA L 39 77.07 -71.69 28.31
N GLY L 40 77.43 -72.13 29.50
CA GLY L 40 78.75 -72.70 29.78
C GLY L 40 79.86 -71.68 29.86
N GLU L 41 81.10 -72.18 30.06
CA GLU L 41 82.29 -71.34 30.17
C GLU L 41 82.56 -70.53 28.89
N LYS L 42 82.24 -71.08 27.71
CA LYS L 42 82.45 -70.39 26.44
C LYS L 42 81.63 -69.08 26.36
N GLY L 43 80.42 -69.11 26.89
CA GLY L 43 79.55 -67.94 26.92
C GLY L 43 80.02 -66.90 27.91
N ILE L 44 80.57 -67.34 29.05
CA ILE L 44 81.09 -66.46 30.11
C ILE L 44 82.38 -65.78 29.65
N GLU L 45 83.24 -66.51 28.93
CA GLU L 45 84.49 -65.93 28.42
C GLU L 45 84.19 -64.97 27.26
N GLU L 46 83.12 -65.20 26.48
CA GLU L 46 82.71 -64.29 25.41
C GLU L 46 82.19 -62.99 26.06
N LEU L 47 81.35 -63.11 27.09
CA LEU L 47 80.81 -61.96 27.82
C LEU L 47 81.93 -61.16 28.50
N ARG L 48 82.98 -61.84 29.00
CA ARG L 48 84.10 -61.16 29.64
C ARG L 48 84.81 -60.24 28.65
N ASP L 49 85.02 -60.71 27.41
CA ASP L 49 85.69 -59.92 26.39
C ASP L 49 84.88 -58.67 26.04
N VAL L 50 83.56 -58.81 25.83
CA VAL L 50 82.72 -57.65 25.48
C VAL L 50 82.48 -56.73 26.68
N LEU L 51 82.67 -57.21 27.94
CA LEU L 51 82.54 -56.35 29.11
C LEU L 51 83.81 -55.53 29.31
N GLU L 52 84.98 -56.13 29.08
CA GLU L 52 86.27 -55.44 29.24
C GLU L 52 86.61 -54.53 28.05
N ASN L 53 86.54 -55.05 26.81
CA ASN L 53 86.88 -54.29 25.60
C ASN L 53 85.71 -53.48 25.00
N GLY L 54 84.48 -53.76 25.42
CA GLY L 54 83.31 -53.04 24.90
C GLY L 54 82.86 -53.55 23.55
N LEU L 55 82.01 -52.78 22.87
CA LEU L 55 81.50 -53.14 21.54
C LEU L 55 81.26 -51.90 20.67
N TYR L 56 81.27 -52.10 19.35
CA TYR L 56 81.11 -51.04 18.36
C TYR L 56 79.65 -50.71 18.05
N PHE L 57 79.39 -49.51 17.50
CA PHE L 57 78.05 -49.08 17.12
C PHE L 57 78.10 -47.89 16.15
N ASP L 58 77.04 -47.69 15.36
CA ASP L 58 76.95 -46.59 14.41
C ASP L 58 76.63 -45.29 15.16
N GLY L 59 77.60 -44.38 15.21
CA GLY L 59 77.44 -43.10 15.89
C GLY L 59 76.66 -42.06 15.12
N SER L 60 76.58 -42.17 13.78
CA SER L 60 75.86 -41.20 12.96
C SER L 60 74.35 -41.22 13.21
N SER L 61 73.80 -42.39 13.54
CA SER L 61 72.38 -42.54 13.82
C SER L 61 71.98 -41.94 15.18
N ILE L 62 72.92 -41.87 16.14
CA ILE L 62 72.65 -41.30 17.47
C ILE L 62 72.65 -39.77 17.35
N GLU L 63 71.74 -39.09 18.06
CA GLU L 63 71.61 -37.63 17.99
C GLU L 63 72.77 -36.89 18.68
N GLY L 64 73.34 -35.92 17.97
CA GLY L 64 74.41 -35.08 18.49
C GLY L 64 75.71 -35.81 18.76
N PHE L 65 76.03 -36.83 17.96
CA PHE L 65 77.25 -37.62 18.14
C PHE L 65 78.27 -37.33 17.00
N VAL L 66 78.32 -38.13 15.91
CA VAL L 66 79.31 -37.94 14.84
C VAL L 66 78.68 -37.99 13.45
N GLY L 67 79.41 -37.52 12.45
CA GLY L 67 78.95 -37.55 11.07
C GLY L 67 79.00 -38.94 10.45
N ILE L 68 78.45 -39.08 9.26
CA ILE L 68 78.43 -40.37 8.56
C ILE L 68 79.83 -40.79 8.09
N ASN L 69 80.69 -39.82 7.72
CA ASN L 69 82.05 -40.11 7.27
C ASN L 69 83.04 -40.55 8.40
N GLU L 70 82.62 -40.48 9.67
CA GLU L 70 83.45 -40.87 10.82
C GLU L 70 82.53 -41.49 11.89
N SER L 71 81.67 -42.43 11.47
CA SER L 71 80.65 -43.04 12.31
C SER L 71 81.10 -44.13 13.30
N ASP L 72 82.23 -44.82 13.06
CA ASP L 72 82.68 -45.91 13.94
C ASP L 72 83.02 -45.45 15.37
N MET L 73 82.26 -45.96 16.37
CA MET L 73 82.43 -45.61 17.80
C MET L 73 82.37 -46.88 18.69
N MET L 74 82.63 -46.74 20.02
CA MET L 74 82.62 -47.85 20.98
C MET L 74 81.92 -47.49 22.30
N LEU L 75 81.55 -48.52 23.08
CA LEU L 75 80.89 -48.37 24.39
C LEU L 75 81.70 -49.12 25.46
N LYS L 76 82.35 -48.39 26.39
CA LYS L 76 83.12 -49.00 27.48
C LYS L 76 82.25 -49.10 28.74
N PRO L 77 81.80 -50.30 29.14
CA PRO L 77 80.90 -50.40 30.31
C PRO L 77 81.45 -50.03 31.68
N ASP L 78 80.65 -49.33 32.49
CA ASP L 78 80.98 -48.99 33.86
C ASP L 78 80.34 -50.12 34.68
N LEU L 79 81.15 -51.09 35.13
CA LEU L 79 80.68 -52.28 35.84
C LEU L 79 79.89 -52.02 37.13
N SER L 80 80.11 -50.88 37.79
CA SER L 80 79.37 -50.53 39.01
C SER L 80 77.87 -50.29 38.76
N THR L 81 77.48 -49.95 37.51
CA THR L 81 76.10 -49.69 37.12
C THR L 81 75.35 -50.96 36.70
N PHE L 82 75.77 -52.14 37.17
CA PHE L 82 75.11 -53.40 36.81
C PHE L 82 73.77 -53.50 37.56
N SER L 83 72.73 -53.99 36.89
CA SER L 83 71.41 -54.14 37.48
C SER L 83 70.54 -55.10 36.65
N VAL L 84 69.44 -55.61 37.24
CA VAL L 84 68.51 -56.51 36.55
C VAL L 84 67.22 -55.74 36.29
N LEU L 85 66.72 -55.76 35.05
CA LEU L 85 65.50 -55.05 34.70
C LEU L 85 64.32 -55.84 35.28
N PRO L 86 63.56 -55.27 36.24
CA PRO L 86 62.48 -56.03 36.87
C PRO L 86 61.27 -56.25 35.97
N TRP L 87 60.94 -55.28 35.10
CA TRP L 87 59.82 -55.42 34.17
C TRP L 87 60.03 -56.56 33.15
N ARG L 88 61.29 -56.99 32.91
CA ARG L 88 61.60 -58.11 32.02
C ARG L 88 61.43 -59.47 32.78
N PRO L 89 61.43 -60.63 32.09
CA PRO L 89 61.22 -61.91 32.80
C PRO L 89 62.29 -62.26 33.82
N SER L 90 61.91 -63.07 34.83
CA SER L 90 62.82 -63.51 35.89
C SER L 90 63.66 -64.70 35.42
N GLU L 91 63.02 -65.69 34.77
CA GLU L 91 63.74 -66.85 34.23
C GLU L 91 64.38 -66.40 32.92
N LYS L 92 65.71 -66.55 32.77
CA LYS L 92 66.48 -66.08 31.61
C LYS L 92 66.40 -64.54 31.61
N SER L 93 66.75 -63.97 32.77
CA SER L 93 66.67 -62.54 33.07
C SER L 93 67.53 -61.64 32.18
N VAL L 94 67.11 -60.37 32.06
CA VAL L 94 67.80 -59.37 31.26
C VAL L 94 68.52 -58.43 32.23
N ALA L 95 69.81 -58.16 31.98
CA ALA L 95 70.63 -57.27 32.82
C ALA L 95 71.15 -56.10 32.01
N ARG L 96 71.46 -54.99 32.68
CA ARG L 96 71.95 -53.77 32.00
C ARG L 96 73.29 -53.31 32.55
N VAL L 97 74.01 -52.52 31.74
CA VAL L 97 75.27 -51.93 32.16
C VAL L 97 75.43 -50.57 31.45
N ILE L 98 75.35 -49.46 32.21
CA ILE L 98 75.48 -48.12 31.66
C ILE L 98 76.94 -47.92 31.27
N CYS L 99 77.19 -47.41 30.06
CA CYS L 99 78.53 -47.29 29.48
C CYS L 99 78.92 -45.87 29.12
N ASP L 100 80.22 -45.67 28.85
CA ASP L 100 80.80 -44.39 28.44
C ASP L 100 81.13 -44.53 26.95
N VAL L 101 80.69 -43.56 26.14
CA VAL L 101 80.94 -43.59 24.70
C VAL L 101 82.41 -43.20 24.47
N TYR L 102 83.14 -44.02 23.71
CA TYR L 102 84.55 -43.82 23.40
C TYR L 102 84.78 -43.84 21.89
N THR L 103 85.82 -43.11 21.43
CA THR L 103 86.18 -43.06 20.01
C THR L 103 86.89 -44.35 19.59
N THR L 104 87.06 -44.55 18.27
CA THR L 104 87.72 -45.71 17.70
C THR L 104 89.13 -45.92 18.28
N LYS L 105 89.84 -44.82 18.58
CA LYS L 105 91.19 -44.88 19.17
C LYS L 105 91.21 -45.19 20.69
N GLY L 106 90.06 -45.52 21.27
CA GLY L 106 89.96 -45.84 22.70
C GLY L 106 90.10 -44.66 23.63
N LYS L 107 89.70 -43.46 23.16
CA LYS L 107 89.75 -42.22 23.95
C LYS L 107 88.32 -41.77 24.27
N PRO L 108 87.99 -41.26 25.49
CA PRO L 108 86.59 -40.86 25.76
C PRO L 108 86.02 -39.88 24.74
N PHE L 109 84.80 -40.11 24.25
CA PHE L 109 84.18 -39.24 23.26
C PHE L 109 83.81 -37.88 23.86
N GLU L 110 84.28 -36.80 23.21
CA GLU L 110 84.01 -35.42 23.62
C GLU L 110 82.52 -35.09 23.72
N GLY L 111 81.73 -35.57 22.77
CA GLY L 111 80.29 -35.32 22.74
C GLY L 111 79.45 -36.29 23.57
N ASP L 112 80.03 -36.93 24.58
CA ASP L 112 79.32 -37.88 25.43
C ASP L 112 78.78 -37.18 26.68
N PRO L 113 77.45 -37.14 26.94
CA PRO L 113 76.96 -36.47 28.16
C PRO L 113 77.46 -37.08 29.47
N ARG L 114 77.62 -38.42 29.52
CA ARG L 114 78.09 -39.10 30.74
C ARG L 114 79.56 -38.80 31.04
N GLY L 115 80.38 -38.78 30.01
CA GLY L 115 81.79 -38.43 30.12
C GLY L 115 82.00 -36.97 30.47
N CYS L 116 81.07 -36.10 30.04
CA CYS L 116 81.09 -34.68 30.34
C CYS L 116 80.92 -34.46 31.84
N LEU L 117 80.00 -35.23 32.48
CA LEU L 117 79.77 -35.12 33.92
C LEU L 117 80.94 -35.75 34.69
N LYS L 118 81.51 -36.87 34.19
CA LYS L 118 82.66 -37.50 34.84
C LYS L 118 83.85 -36.54 34.85
N ARG L 119 84.10 -35.87 33.70
CA ARG L 119 85.21 -34.93 33.55
C ARG L 119 85.15 -33.80 34.59
N VAL L 120 84.01 -33.10 34.72
CA VAL L 120 83.88 -32.01 35.67
C VAL L 120 83.92 -32.49 37.13
N MET L 121 83.44 -33.71 37.42
CA MET L 121 83.49 -34.25 38.78
C MET L 121 84.92 -34.64 39.16
N GLU L 122 85.69 -35.21 38.22
CA GLU L 122 87.08 -35.56 38.46
C GLU L 122 87.92 -34.29 38.65
N GLU L 123 87.62 -33.22 37.88
CA GLU L 123 88.30 -31.93 38.00
C GLU L 123 88.01 -31.29 39.36
N PHE L 124 86.75 -31.41 39.84
CA PHE L 124 86.35 -30.87 41.15
C PHE L 124 87.06 -31.65 42.27
N LYS L 125 87.09 -32.99 42.17
CA LYS L 125 87.75 -33.83 43.17
C LYS L 125 89.28 -33.61 43.18
N LYS L 126 89.88 -33.26 42.04
CA LYS L 126 91.32 -33.01 41.97
C LYS L 126 91.68 -31.63 42.56
N GLU L 127 90.89 -30.59 42.26
CA GLU L 127 91.16 -29.23 42.69
C GLU L 127 90.76 -28.93 44.13
N PHE L 128 89.56 -29.37 44.56
CA PHE L 128 89.04 -29.08 45.91
C PHE L 128 88.87 -30.29 46.83
N ASN L 129 89.00 -31.52 46.31
CA ASN L 129 88.79 -32.75 47.09
C ASN L 129 87.32 -32.81 47.55
N GLY L 130 86.40 -32.48 46.63
CA GLY L 130 84.98 -32.44 46.91
C GLY L 130 84.18 -33.54 46.25
N GLU L 131 82.92 -33.65 46.68
CA GLU L 131 81.97 -34.64 46.20
C GLU L 131 80.64 -33.91 45.97
N TYR L 132 80.17 -33.84 44.72
CA TYR L 132 78.94 -33.14 44.38
C TYR L 132 77.73 -34.08 44.52
N PHE L 133 76.86 -33.81 45.51
CA PHE L 133 75.68 -34.63 45.79
C PHE L 133 74.41 -33.98 45.26
N VAL L 134 73.53 -34.77 44.60
CA VAL L 134 72.25 -34.31 44.04
C VAL L 134 71.14 -35.30 44.41
N GLY L 135 69.94 -34.76 44.66
CA GLY L 135 68.74 -35.51 45.01
C GLY L 135 67.55 -34.89 44.33
N PRO L 136 67.13 -35.38 43.14
CA PRO L 136 66.01 -34.74 42.44
C PRO L 136 64.65 -35.29 42.83
N GLU L 137 63.60 -34.55 42.44
CA GLU L 137 62.19 -34.88 42.68
C GLU L 137 61.48 -34.87 41.31
N PRO L 138 61.74 -35.87 40.44
CA PRO L 138 61.10 -35.85 39.11
C PRO L 138 59.63 -36.26 39.14
N GLU L 139 58.74 -35.30 38.86
CA GLU L 139 57.30 -35.51 38.83
C GLU L 139 56.87 -36.00 37.44
N PHE L 140 55.75 -36.75 37.38
CA PHE L 140 55.23 -37.28 36.11
C PHE L 140 53.69 -37.36 36.12
N PHE L 141 53.09 -37.55 34.95
CA PHE L 141 51.64 -37.67 34.79
C PHE L 141 51.28 -39.05 34.28
N LEU L 142 50.25 -39.67 34.86
CA LEU L 142 49.73 -40.96 34.38
C LEU L 142 48.51 -40.60 33.53
N LEU L 143 48.48 -41.05 32.28
CA LEU L 143 47.40 -40.70 31.35
C LEU L 143 46.59 -41.91 30.89
N LYS L 144 45.36 -41.63 30.45
CA LYS L 144 44.43 -42.61 29.88
C LYS L 144 43.76 -41.95 28.65
N LYS L 145 43.32 -42.76 27.67
CA LYS L 145 42.69 -42.22 26.47
C LYS L 145 41.39 -41.51 26.82
N ASP L 146 41.11 -40.40 26.13
CA ASP L 146 39.90 -39.61 26.35
C ASP L 146 38.71 -40.45 25.86
N PRO L 147 37.67 -40.69 26.68
CA PRO L 147 36.53 -41.50 26.20
C PRO L 147 35.77 -40.83 25.06
N HIS L 148 35.65 -39.49 25.08
CA HIS L 148 34.98 -38.73 24.01
C HIS L 148 35.80 -38.67 22.70
N ASN L 149 37.11 -38.97 22.75
CA ASN L 149 37.97 -38.99 21.56
C ASN L 149 39.22 -39.84 21.83
N PRO L 150 39.38 -41.04 21.26
CA PRO L 150 40.57 -41.86 21.58
C PRO L 150 41.92 -41.31 21.10
N HIS L 151 41.92 -40.36 20.16
CA HIS L 151 43.16 -39.77 19.66
C HIS L 151 43.86 -38.87 20.69
N LYS L 152 43.11 -38.30 21.66
CA LYS L 152 43.67 -37.44 22.70
C LYS L 152 43.80 -38.18 24.04
N TYR L 153 44.69 -37.69 24.92
CA TYR L 153 44.93 -38.26 26.25
C TYR L 153 44.52 -37.28 27.34
N ILE L 154 44.10 -37.81 28.50
CA ILE L 154 43.69 -37.02 29.67
C ILE L 154 44.31 -37.61 30.96
N PRO L 155 44.24 -36.91 32.12
CA PRO L 155 44.82 -37.48 33.35
C PRO L 155 44.07 -38.72 33.84
N ALA L 156 44.78 -39.66 34.49
CA ALA L 156 44.19 -40.91 34.99
C ALA L 156 43.15 -40.73 36.10
N ASP L 157 43.26 -39.67 36.92
CA ASP L 157 42.30 -39.46 38.01
C ASP L 157 42.16 -37.99 38.39
N ASP L 158 41.05 -37.65 39.06
CA ASP L 158 40.78 -36.28 39.51
C ASP L 158 41.30 -36.11 40.95
N GLY L 159 42.52 -36.57 41.19
CA GLY L 159 43.15 -36.51 42.50
C GLY L 159 43.97 -35.26 42.74
N GLY L 160 44.13 -34.91 44.01
CA GLY L 160 44.89 -33.75 44.45
C GLY L 160 46.18 -34.15 45.15
N TYR L 161 46.78 -33.20 45.88
CA TYR L 161 48.04 -33.44 46.57
C TYR L 161 47.84 -34.39 47.75
N PHE L 162 48.64 -35.48 47.83
CA PHE L 162 48.58 -36.46 48.91
C PHE L 162 47.21 -37.15 49.09
N ASP L 163 46.30 -37.08 48.10
CA ASP L 163 44.96 -37.67 48.25
C ASP L 163 44.99 -39.20 48.45
N LEU L 164 43.93 -39.74 49.09
CA LEU L 164 43.78 -41.17 49.35
C LEU L 164 42.85 -41.84 48.34
N GLU L 165 42.99 -43.17 48.19
CA GLU L 165 42.13 -43.96 47.33
C GLU L 165 40.68 -43.93 47.86
N PRO L 166 39.64 -44.04 47.00
CA PRO L 166 39.68 -44.21 45.53
C PRO L 166 39.87 -42.92 44.74
N MET L 167 39.92 -41.75 45.42
CA MET L 167 40.15 -40.46 44.74
C MET L 167 41.50 -40.50 43.99
N ASP L 168 42.51 -41.08 44.64
CA ASP L 168 43.84 -41.33 44.07
C ASP L 168 43.78 -42.74 43.47
N GLU L 169 43.76 -42.86 42.14
CA GLU L 169 43.65 -44.16 41.46
C GLU L 169 45.01 -44.77 41.10
N ALA L 170 46.11 -44.30 41.71
CA ALA L 170 47.43 -44.84 41.38
C ALA L 170 48.21 -45.52 42.53
N PRO L 171 47.60 -45.99 43.66
CA PRO L 171 48.42 -46.68 44.68
C PRO L 171 49.04 -47.97 44.16
N ASP L 172 48.31 -48.71 43.30
CA ASP L 172 48.81 -49.95 42.71
C ASP L 172 49.93 -49.67 41.71
N ILE L 173 49.81 -48.60 40.91
CA ILE L 173 50.83 -48.23 39.93
C ILE L 173 52.09 -47.78 40.65
N ARG L 174 51.95 -46.92 41.67
CA ARG L 174 53.10 -46.45 42.45
C ARG L 174 53.74 -47.60 43.25
N ARG L 175 52.94 -48.57 43.73
CA ARG L 175 53.44 -49.75 44.45
C ARG L 175 54.47 -50.52 43.61
N ASP L 176 54.09 -50.87 42.37
CA ASP L 176 54.97 -51.61 41.47
C ASP L 176 56.18 -50.79 41.06
N ILE L 177 56.03 -49.46 40.91
CA ILE L 177 57.15 -48.56 40.58
C ILE L 177 58.20 -48.63 41.69
N VAL L 178 57.77 -48.52 42.96
CA VAL L 178 58.70 -48.55 44.09
C VAL L 178 59.40 -49.91 44.18
N PHE L 179 58.66 -51.03 43.96
CA PHE L 179 59.27 -52.35 43.99
C PHE L 179 60.31 -52.50 42.88
N ALA L 180 60.01 -52.00 41.68
CA ALA L 180 60.93 -52.07 40.54
C ALA L 180 62.20 -51.25 40.80
N LEU L 181 62.07 -50.04 41.35
CA LEU L 181 63.22 -49.18 41.64
C LEU L 181 64.09 -49.80 42.74
N GLU L 182 63.47 -50.37 43.80
CA GLU L 182 64.25 -51.02 44.86
C GLU L 182 65.09 -52.19 44.33
N ASN L 183 64.58 -52.95 43.35
CA ASN L 183 65.32 -54.05 42.73
C ASN L 183 66.49 -53.52 41.87
N LEU L 184 66.32 -52.35 41.24
CA LEU L 184 67.37 -51.71 40.45
C LEU L 184 68.49 -51.06 41.31
N GLY L 185 68.36 -51.08 42.64
CA GLY L 185 69.34 -50.51 43.56
C GLY L 185 69.00 -49.14 44.10
N PHE L 186 67.77 -48.66 43.89
CA PHE L 186 67.36 -47.34 44.38
C PHE L 186 66.99 -47.38 45.85
N HIS L 187 67.24 -46.29 46.57
CA HIS L 187 66.84 -46.13 47.96
C HIS L 187 65.66 -45.17 47.91
N VAL L 188 64.45 -45.71 47.70
CA VAL L 188 63.24 -44.89 47.57
C VAL L 188 62.91 -44.27 48.93
N GLU L 189 62.63 -42.95 48.96
CA GLU L 189 62.34 -42.25 50.21
C GLU L 189 60.83 -42.09 50.45
N ALA L 190 60.07 -41.65 49.43
CA ALA L 190 58.63 -41.44 49.58
C ALA L 190 57.90 -41.44 48.23
N SER L 191 56.59 -41.71 48.24
CA SER L 191 55.77 -41.72 47.03
C SER L 191 54.37 -41.23 47.38
N HIS L 192 53.76 -40.42 46.50
CA HIS L 192 52.45 -39.83 46.76
C HIS L 192 51.85 -39.18 45.50
N HIS L 193 50.57 -38.79 45.57
CA HIS L 193 49.91 -38.08 44.47
C HIS L 193 50.30 -36.59 44.57
N GLU L 194 50.45 -35.91 43.43
CA GLU L 194 50.82 -34.50 43.40
C GLU L 194 49.60 -33.60 43.10
N VAL L 195 49.80 -32.26 43.19
CA VAL L 195 48.76 -31.23 43.05
C VAL L 195 47.81 -31.44 41.85
N ALA L 196 48.34 -31.53 40.62
CA ALA L 196 47.50 -31.64 39.43
C ALA L 196 46.82 -33.02 39.30
N PRO L 197 45.67 -33.12 38.58
CA PRO L 197 45.04 -34.43 38.38
C PRO L 197 45.96 -35.42 37.70
N GLY L 198 45.97 -36.66 38.16
CA GLY L 198 46.80 -37.71 37.57
C GLY L 198 48.30 -37.53 37.73
N GLN L 199 48.75 -36.45 38.41
CA GLN L 199 50.17 -36.19 38.63
C GLN L 199 50.65 -36.95 39.86
N HIS L 200 51.90 -37.45 39.82
CA HIS L 200 52.49 -38.22 40.91
C HIS L 200 53.97 -37.84 41.11
N GLU L 201 54.55 -38.25 42.24
CA GLU L 201 55.96 -37.96 42.54
C GLU L 201 56.53 -39.13 43.35
N VAL L 202 57.64 -39.70 42.87
CA VAL L 202 58.33 -40.80 43.56
C VAL L 202 59.75 -40.29 43.82
N ASP L 203 60.06 -40.01 45.09
CA ASP L 203 61.35 -39.48 45.52
C ASP L 203 62.33 -40.60 45.85
N PHE L 204 63.63 -40.31 45.73
CA PHE L 204 64.68 -41.26 46.04
C PHE L 204 65.88 -40.54 46.67
N LYS L 205 66.71 -41.29 47.43
CA LYS L 205 67.83 -40.72 48.17
C LYS L 205 68.87 -40.05 47.29
N PHE L 206 69.50 -39.01 47.83
CA PHE L 206 70.54 -38.29 47.12
C PHE L 206 71.83 -39.13 47.06
N ASP L 207 72.67 -38.85 46.07
CA ASP L 207 73.95 -39.54 45.87
C ASP L 207 74.88 -38.65 45.02
N ASP L 208 76.09 -39.10 44.67
CA ASP L 208 77.00 -38.29 43.82
C ASP L 208 76.34 -38.09 42.44
N ALA L 209 76.59 -36.93 41.82
CA ALA L 209 75.99 -36.55 40.54
C ALA L 209 75.97 -37.64 39.47
N LEU L 210 77.03 -38.46 39.35
CA LEU L 210 77.06 -39.52 38.34
C LEU L 210 76.04 -40.61 38.68
N LYS L 211 76.06 -41.14 39.91
CA LYS L 211 75.10 -42.18 40.32
C LYS L 211 73.66 -41.65 40.29
N THR L 212 73.47 -40.36 40.57
CA THR L 212 72.14 -39.72 40.54
C THR L 212 71.65 -39.58 39.10
N ALA L 213 72.52 -39.20 38.16
CA ALA L 213 72.14 -39.06 36.75
C ALA L 213 71.84 -40.42 36.12
N ASP L 214 72.57 -41.47 36.51
CA ASP L 214 72.30 -42.83 36.05
C ASP L 214 70.92 -43.27 36.56
N SER L 215 70.57 -42.89 37.81
CA SER L 215 69.29 -43.18 38.42
C SER L 215 68.13 -42.42 37.75
N VAL L 216 68.33 -41.16 37.32
CA VAL L 216 67.26 -40.40 36.68
C VAL L 216 66.86 -41.05 35.33
N ILE L 217 67.85 -41.55 34.56
CA ILE L 217 67.57 -42.20 33.27
C ILE L 217 66.78 -43.49 33.49
N THR L 218 67.21 -44.31 34.46
CA THR L 218 66.55 -45.57 34.77
C THR L 218 65.16 -45.32 35.36
N PHE L 219 65.00 -44.26 36.15
CA PHE L 219 63.71 -43.90 36.74
C PHE L 219 62.70 -43.59 35.66
N LYS L 220 63.07 -42.75 34.67
CA LYS L 220 62.17 -42.38 33.58
C LYS L 220 61.68 -43.60 32.79
N THR L 221 62.57 -44.56 32.50
CA THR L 221 62.18 -45.76 31.76
C THR L 221 61.29 -46.64 32.64
N THR L 222 61.64 -46.80 33.92
CA THR L 222 60.86 -47.62 34.85
C THR L 222 59.42 -47.12 34.96
N ILE L 223 59.23 -45.80 35.14
CA ILE L 223 57.90 -45.20 35.28
C ILE L 223 57.08 -45.41 33.99
N LYS L 224 57.69 -45.26 32.81
CA LYS L 224 56.98 -45.43 31.55
C LYS L 224 56.60 -46.90 31.27
N THR L 225 57.54 -47.85 31.49
CA THR L 225 57.30 -49.27 31.23
C THR L 225 56.26 -49.87 32.19
N ILE L 226 56.32 -49.50 33.49
CA ILE L 226 55.37 -49.98 34.50
C ILE L 226 53.97 -49.44 34.20
N ALA L 227 53.85 -48.19 33.74
CA ALA L 227 52.56 -47.59 33.41
C ALA L 227 51.90 -48.33 32.25
N GLU L 228 52.68 -48.75 31.23
CA GLU L 228 52.14 -49.50 30.10
C GLU L 228 51.58 -50.85 30.55
N GLN L 229 52.17 -51.47 31.58
CA GLN L 229 51.68 -52.75 32.10
C GLN L 229 50.27 -52.58 32.71
N HIS L 230 49.99 -51.42 33.34
CA HIS L 230 48.67 -51.16 33.93
C HIS L 230 47.74 -50.40 32.96
N GLY L 231 47.93 -50.59 31.65
CA GLY L 231 47.10 -49.96 30.62
C GLY L 231 47.09 -48.44 30.55
N LEU L 232 48.10 -47.78 31.15
CA LEU L 232 48.19 -46.31 31.16
C LEU L 232 49.44 -45.84 30.37
N LYS L 233 49.64 -44.52 30.24
CA LYS L 233 50.79 -43.96 29.53
C LYS L 233 51.37 -42.84 30.38
N ALA L 234 52.62 -42.99 30.87
CA ALA L 234 53.26 -41.98 31.71
C ALA L 234 54.05 -40.98 30.86
N THR L 235 53.96 -39.68 31.19
CA THR L 235 54.69 -38.64 30.47
C THR L 235 55.43 -37.69 31.40
N PHE L 236 56.68 -37.39 31.06
CA PHE L 236 57.50 -36.44 31.80
C PHE L 236 57.50 -35.09 31.06
N MET L 237 56.35 -34.71 30.48
CA MET L 237 56.22 -33.46 29.74
C MET L 237 56.13 -32.33 30.78
N PRO L 238 56.92 -31.23 30.67
CA PRO L 238 56.85 -30.18 31.70
C PRO L 238 55.48 -29.52 31.94
N LYS L 239 54.56 -29.58 30.97
CA LYS L 239 53.24 -28.97 31.10
C LYS L 239 52.30 -29.61 30.06
N PRO L 240 51.81 -30.83 30.32
CA PRO L 240 50.92 -31.48 29.35
C PRO L 240 49.56 -30.81 29.23
N PHE L 241 49.05 -30.19 30.32
CA PHE L 241 47.75 -29.53 30.30
C PHE L 241 47.82 -28.12 30.89
N PHE L 242 47.10 -27.18 30.26
CA PHE L 242 47.01 -25.80 30.71
C PHE L 242 46.03 -25.70 31.88
N GLY L 243 46.30 -24.81 32.83
CA GLY L 243 45.43 -24.59 33.98
C GLY L 243 45.68 -25.49 35.17
N MET L 244 46.70 -26.36 35.10
CA MET L 244 47.07 -27.25 36.21
C MET L 244 48.59 -27.34 36.31
N ASN L 245 49.11 -27.69 37.51
CA ASN L 245 50.55 -27.78 37.76
C ASN L 245 51.30 -28.61 36.73
N GLY L 246 52.56 -28.24 36.51
CA GLY L 246 53.43 -28.93 35.57
C GLY L 246 54.41 -29.85 36.26
N SER L 247 55.04 -30.75 35.51
CA SER L 247 56.02 -31.69 36.05
C SER L 247 57.34 -30.95 36.30
N GLY L 248 57.77 -30.92 37.56
CA GLY L 248 59.01 -30.26 37.95
C GLY L 248 59.98 -31.21 38.60
N MET L 249 61.29 -31.00 38.37
CA MET L 249 62.34 -31.83 38.94
C MET L 249 63.24 -30.94 39.79
N HIS L 250 62.82 -30.70 41.03
CA HIS L 250 63.56 -29.85 41.96
C HIS L 250 64.86 -30.56 42.34
N CYS L 251 66.01 -29.91 42.11
CA CYS L 251 67.32 -30.52 42.37
C CYS L 251 67.94 -30.06 43.69
N HIS L 252 67.76 -30.85 44.76
CA HIS L 252 68.38 -30.57 46.06
C HIS L 252 69.86 -30.91 45.89
N GLN L 253 70.77 -29.97 46.16
CA GLN L 253 72.20 -30.22 45.94
C GLN L 253 73.10 -29.61 47.02
N SER L 254 74.31 -30.17 47.16
CA SER L 254 75.31 -29.72 48.13
C SER L 254 76.69 -30.31 47.80
N ILE L 255 77.77 -29.60 48.18
CA ILE L 255 79.15 -30.06 47.94
C ILE L 255 79.85 -30.32 49.29
N TRP L 256 80.59 -31.44 49.39
CA TRP L 256 81.27 -31.85 50.61
C TRP L 256 82.79 -31.89 50.43
N LEU L 257 83.48 -30.84 50.88
CA LEU L 257 84.94 -30.76 50.78
C LEU L 257 85.60 -31.49 51.94
N ASN L 258 86.44 -32.50 51.65
CA ASN L 258 87.16 -33.30 52.64
C ASN L 258 86.21 -34.13 53.52
N GLY L 259 85.19 -34.73 52.91
CA GLY L 259 84.21 -35.56 53.60
C GLY L 259 83.45 -34.89 54.73
N GLU L 260 83.20 -33.57 54.62
CA GLU L 260 82.45 -32.81 55.62
C GLU L 260 81.38 -31.96 54.95
N PRO L 261 80.24 -31.70 55.63
CA PRO L 261 79.21 -30.84 55.01
C PRO L 261 79.68 -29.39 55.01
N SER L 262 80.24 -28.94 53.88
CA SER L 262 80.78 -27.60 53.73
C SER L 262 79.71 -26.51 53.70
N PHE L 263 78.45 -26.85 53.38
CA PHE L 263 77.38 -25.87 53.35
C PHE L 263 76.89 -25.46 54.76
N TYR L 264 77.15 -26.29 55.79
CA TYR L 264 76.71 -26.00 57.15
C TYR L 264 77.77 -25.24 57.96
N ASP L 265 77.32 -24.28 58.77
CA ASP L 265 78.16 -23.50 59.68
C ASP L 265 77.30 -23.15 60.90
N GLU L 266 77.48 -23.89 62.01
CA GLU L 266 76.72 -23.71 63.25
C GLU L 266 76.73 -22.25 63.73
N ASN L 267 77.88 -21.57 63.62
CA ASN L 267 78.02 -20.17 64.03
C ASN L 267 77.99 -19.24 62.78
N ALA L 268 76.79 -19.07 62.17
CA ALA L 268 76.63 -18.21 60.99
C ALA L 268 75.14 -17.84 60.76
N PRO L 269 74.83 -16.84 59.90
CA PRO L 269 73.40 -16.50 59.67
C PRO L 269 72.66 -17.61 58.95
N TYR L 270 71.46 -17.98 59.45
CA TYR L 270 70.66 -19.08 58.91
C TYR L 270 71.39 -20.44 58.99
N GLN L 271 72.51 -20.54 59.74
CA GLN L 271 73.34 -21.74 59.84
C GLN L 271 73.80 -22.19 58.45
N LEU L 272 74.24 -21.22 57.61
CA LEU L 272 74.71 -21.49 56.25
C LEU L 272 76.10 -20.88 56.11
N SER L 273 77.05 -21.68 55.60
CA SER L 273 78.45 -21.28 55.45
C SER L 273 78.68 -20.29 54.30
N GLU L 274 79.88 -19.70 54.23
CA GLU L 274 80.27 -18.80 53.15
C GLU L 274 80.31 -19.57 51.84
N THR L 275 80.79 -20.82 51.85
CA THR L 275 80.84 -21.68 50.67
C THR L 275 79.44 -21.87 50.05
N CYS L 276 78.41 -21.99 50.89
CA CYS L 276 77.03 -22.13 50.44
C CYS L 276 76.59 -20.85 49.71
N MET L 277 76.84 -19.67 50.33
CA MET L 277 76.47 -18.38 49.74
C MET L 277 77.21 -18.12 48.43
N ASN L 278 78.49 -18.48 48.34
CA ASN L 278 79.25 -18.30 47.11
C ASN L 278 78.67 -19.19 46.01
N TYR L 279 78.27 -20.43 46.35
CA TYR L 279 77.69 -21.37 45.39
C TYR L 279 76.34 -20.84 44.88
N VAL L 280 75.48 -20.35 45.79
CA VAL L 280 74.17 -19.79 45.43
C VAL L 280 74.35 -18.58 44.51
N ALA L 281 75.35 -17.71 44.79
CA ALA L 281 75.63 -16.53 43.96
C ALA L 281 75.97 -16.93 42.52
N GLY L 282 76.72 -18.01 42.36
CA GLY L 282 77.11 -18.52 41.04
C GLY L 282 75.94 -19.07 40.25
N ILE L 283 74.99 -19.75 40.91
CA ILE L 283 73.82 -20.29 40.25
C ILE L 283 72.94 -19.13 39.77
N LEU L 284 72.73 -18.13 40.65
CA LEU L 284 71.90 -16.97 40.31
C LEU L 284 72.53 -16.13 39.19
N LYS L 285 73.87 -16.08 39.11
CA LYS L 285 74.59 -15.34 38.08
C LYS L 285 74.29 -15.94 36.70
N HIS L 286 74.48 -17.26 36.54
CA HIS L 286 74.26 -17.95 35.26
C HIS L 286 72.85 -18.55 35.16
N ALA L 287 71.88 -18.09 35.97
CA ALA L 287 70.51 -18.63 35.95
C ALA L 287 69.83 -18.54 34.58
N LYS L 288 70.01 -17.42 33.87
CA LYS L 288 69.41 -17.24 32.53
C LYS L 288 69.99 -18.21 31.49
N ALA L 289 71.22 -18.69 31.70
CA ALA L 289 71.90 -19.63 30.80
C ALA L 289 71.69 -21.09 31.21
N ILE L 290 71.56 -21.37 32.52
CA ILE L 290 71.36 -22.74 33.00
C ILE L 290 69.99 -23.28 32.55
N VAL L 291 68.95 -22.42 32.52
CA VAL L 291 67.61 -22.85 32.10
C VAL L 291 67.56 -23.32 30.64
N ALA L 292 68.58 -23.00 29.80
CA ALA L 292 68.60 -23.51 28.43
C ALA L 292 68.81 -25.02 28.45
N ILE L 293 69.71 -25.51 29.33
CA ILE L 293 70.00 -26.94 29.47
C ILE L 293 68.95 -27.63 30.36
N THR L 294 68.67 -27.07 31.55
CA THR L 294 67.73 -27.67 32.49
C THR L 294 66.25 -27.58 32.06
N ASN L 295 65.92 -26.73 31.07
CA ASN L 295 64.58 -26.55 30.53
C ASN L 295 64.74 -26.49 29.01
N PRO L 296 65.05 -27.62 28.34
CA PRO L 296 65.37 -27.57 26.91
C PRO L 296 64.22 -27.68 25.91
N THR L 297 62.98 -27.82 26.36
CA THR L 297 61.84 -27.94 25.44
C THR L 297 61.08 -26.62 25.31
N VAL L 298 60.31 -26.48 24.22
CA VAL L 298 59.46 -25.30 24.01
C VAL L 298 58.38 -25.27 25.12
N ASN L 299 57.83 -26.45 25.44
CA ASN L 299 56.79 -26.61 26.47
C ASN L 299 57.28 -26.25 27.88
N SER L 300 58.60 -26.35 28.15
CA SER L 300 59.14 -26.01 29.47
C SER L 300 58.83 -24.58 29.87
N TYR L 301 58.77 -23.65 28.89
CA TYR L 301 58.49 -22.25 29.16
C TYR L 301 56.98 -21.92 29.25
N LYS L 302 56.12 -22.96 29.33
CA LYS L 302 54.69 -22.84 29.61
C LYS L 302 54.47 -23.16 31.13
N ARG L 303 55.36 -23.99 31.75
CA ARG L 303 55.37 -24.25 33.19
C ARG L 303 56.21 -23.10 33.79
N LEU L 304 57.49 -22.99 33.36
CA LEU L 304 58.43 -21.97 33.80
C LEU L 304 58.15 -20.69 33.01
N VAL L 305 56.96 -20.11 33.20
CA VAL L 305 56.50 -18.95 32.46
C VAL L 305 56.64 -17.62 33.24
N PRO L 306 57.47 -16.64 32.78
CA PRO L 306 57.56 -15.37 33.53
C PRO L 306 56.24 -14.61 33.61
N GLY L 307 56.09 -13.78 34.64
CA GLY L 307 54.87 -13.03 34.86
C GLY L 307 53.75 -13.83 35.51
N TYR L 308 53.92 -15.16 35.65
CA TYR L 308 52.93 -16.05 36.26
C TYR L 308 53.59 -16.94 37.34
N GLU L 309 52.77 -17.50 38.25
CA GLU L 309 53.22 -18.33 39.37
C GLU L 309 54.11 -19.48 38.91
N ALA L 310 55.44 -19.34 39.09
CA ALA L 310 56.45 -20.33 38.70
C ALA L 310 57.82 -20.00 39.34
N PRO L 311 58.81 -20.93 39.38
CA PRO L 311 60.13 -20.59 39.94
C PRO L 311 60.98 -19.87 38.89
N VAL L 312 60.50 -18.68 38.49
CA VAL L 312 61.07 -17.80 37.46
C VAL L 312 61.89 -16.64 38.04
N ASN L 313 61.61 -16.25 39.28
CA ASN L 313 62.27 -15.12 39.91
C ASN L 313 63.69 -15.51 40.36
N ILE L 314 64.70 -14.86 39.78
CA ILE L 314 66.11 -15.13 40.08
C ILE L 314 66.46 -14.55 41.46
N ALA L 315 66.24 -15.36 42.51
CA ALA L 315 66.53 -15.00 43.91
C ALA L 315 66.50 -16.26 44.80
N TRP L 316 67.09 -16.19 46.01
CA TRP L 316 67.09 -17.31 46.95
C TRP L 316 66.31 -16.96 48.23
N ALA L 317 65.80 -17.97 48.95
CA ALA L 317 65.03 -17.74 50.18
C ALA L 317 64.92 -19.01 51.03
N ASN L 318 64.71 -18.85 52.35
CA ASN L 318 64.59 -19.98 53.27
C ASN L 318 63.14 -20.44 53.43
N SER L 319 62.86 -21.72 53.07
CA SER L 319 61.52 -22.32 53.19
C SER L 319 60.43 -21.52 52.44
N ASN L 320 60.77 -21.04 51.23
CA ASN L 320 59.87 -20.25 50.37
C ASN L 320 59.92 -20.86 48.95
N ARG L 321 58.78 -21.39 48.47
CA ARG L 321 58.70 -22.02 47.15
C ARG L 321 58.40 -21.04 46.00
N SER L 322 58.37 -19.72 46.25
CA SER L 322 58.12 -18.72 45.21
C SER L 322 59.40 -18.31 44.45
N ALA L 323 60.58 -18.44 45.08
CA ALA L 323 61.88 -18.09 44.50
C ALA L 323 62.48 -19.26 43.67
N ILE L 324 63.51 -19.00 42.83
CA ILE L 324 64.16 -20.04 42.02
C ILE L 324 64.90 -21.03 42.91
N ILE L 325 65.51 -20.56 44.03
CA ILE L 325 66.22 -21.40 45.00
C ILE L 325 65.47 -21.34 46.34
N ARG L 326 65.39 -22.48 47.03
CA ARG L 326 64.78 -22.61 48.35
C ARG L 326 65.76 -23.40 49.21
N VAL L 327 66.07 -22.89 50.42
CA VAL L 327 66.99 -23.58 51.33
C VAL L 327 66.14 -24.37 52.33
N PRO L 328 66.03 -25.72 52.21
CA PRO L 328 65.21 -26.47 53.17
C PRO L 328 65.66 -26.28 54.61
N ALA L 329 64.72 -26.34 55.56
CA ALA L 329 65.02 -26.13 56.97
C ALA L 329 65.94 -27.19 57.62
N ALA L 330 66.18 -28.34 56.96
CA ALA L 330 67.06 -29.37 57.52
C ALA L 330 68.50 -28.86 57.59
N ARG L 331 69.17 -29.06 58.74
CA ARG L 331 70.55 -28.60 58.95
C ARG L 331 71.48 -29.73 59.42
N GLY L 332 72.79 -29.46 59.36
CA GLY L 332 73.83 -30.41 59.71
C GLY L 332 74.39 -31.03 58.45
N LYS L 333 74.21 -32.34 58.27
CA LYS L 333 74.64 -33.00 57.04
C LYS L 333 73.67 -32.67 55.90
N GLY L 334 72.37 -32.65 56.19
CA GLY L 334 71.34 -32.36 55.21
C GLY L 334 71.18 -30.90 54.80
N THR L 335 72.20 -30.04 55.08
CA THR L 335 72.14 -28.65 54.66
C THR L 335 72.31 -28.64 53.14
N ARG L 336 71.36 -28.02 52.41
CA ARG L 336 71.37 -28.04 50.96
C ARG L 336 70.60 -26.84 50.35
N ILE L 337 70.63 -26.72 49.01
CA ILE L 337 69.88 -25.70 48.26
C ILE L 337 69.06 -26.42 47.19
N GLU L 338 67.81 -25.99 46.99
CA GLU L 338 66.90 -26.61 46.02
C GLU L 338 66.72 -25.72 44.79
N PHE L 339 67.34 -26.11 43.66
CA PHE L 339 67.19 -25.37 42.42
C PHE L 339 65.86 -25.87 41.82
N ARG L 340 64.81 -25.04 41.90
CA ARG L 340 63.44 -25.40 41.47
C ARG L 340 63.14 -25.23 39.98
N ALA L 341 64.01 -24.57 39.21
CA ALA L 341 63.77 -24.33 37.79
C ALA L 341 63.70 -25.59 36.88
N PRO L 342 64.51 -26.65 37.10
CA PRO L 342 64.47 -27.80 36.17
C PRO L 342 63.16 -28.58 36.12
N ASP L 343 62.96 -29.28 35.00
CA ASP L 343 61.83 -30.18 34.75
C ASP L 343 62.41 -31.51 34.25
N PRO L 344 61.68 -32.65 34.37
CA PRO L 344 62.27 -33.93 33.95
C PRO L 344 62.55 -34.11 32.45
N SER L 345 62.32 -33.08 31.62
CA SER L 345 62.62 -33.14 30.18
C SER L 345 64.12 -32.95 29.86
N CYS L 346 64.93 -32.49 30.83
CA CYS L 346 66.36 -32.23 30.62
C CYS L 346 67.23 -33.47 30.73
N ASN L 347 68.43 -33.40 30.12
CA ASN L 347 69.41 -34.47 30.19
C ASN L 347 70.05 -34.34 31.58
N PRO L 348 69.93 -35.33 32.49
CA PRO L 348 70.51 -35.15 33.83
C PRO L 348 72.03 -34.97 33.85
N TYR L 349 72.76 -35.62 32.93
CA TYR L 349 74.21 -35.50 32.88
C TYR L 349 74.65 -34.07 32.58
N LEU L 350 73.96 -33.39 31.65
CA LEU L 350 74.28 -32.00 31.30
C LEU L 350 73.70 -31.02 32.34
N ALA L 351 72.55 -31.35 32.95
CA ALA L 351 71.95 -30.49 33.97
C ALA L 351 72.83 -30.38 35.21
N PHE L 352 73.40 -31.51 35.68
CA PHE L 352 74.29 -31.49 36.86
C PHE L 352 75.64 -30.85 36.51
N THR L 353 76.09 -30.94 35.25
CA THR L 353 77.35 -30.34 34.80
C THR L 353 77.25 -28.81 34.87
N VAL L 354 76.20 -28.21 34.26
CA VAL L 354 76.02 -26.74 34.27
C VAL L 354 75.75 -26.19 35.67
N MET L 355 75.02 -26.95 36.52
CA MET L 355 74.75 -26.50 37.87
C MET L 355 76.05 -26.50 38.68
N LEU L 356 76.87 -27.55 38.56
CA LEU L 356 78.14 -27.60 39.28
C LEU L 356 79.11 -26.55 38.75
N ALA L 357 79.15 -26.30 37.43
CA ALA L 357 80.07 -25.30 36.85
C ALA L 357 79.74 -23.87 37.28
N ALA L 358 78.45 -23.49 37.24
CA ALA L 358 78.04 -22.15 37.66
C ALA L 358 78.23 -21.99 39.18
N GLY L 359 77.90 -23.02 39.95
CA GLY L 359 78.08 -23.00 41.39
C GLY L 359 79.52 -22.89 41.80
N LEU L 360 80.42 -23.65 41.14
CA LEU L 360 81.86 -23.58 41.43
C LEU L 360 82.46 -22.26 40.95
N ASP L 361 81.89 -21.62 39.92
CA ASP L 361 82.36 -20.30 39.47
C ASP L 361 82.20 -19.27 40.62
N GLY L 362 81.13 -19.39 41.41
CA GLY L 362 80.89 -18.55 42.55
C GLY L 362 81.83 -18.84 43.71
N VAL L 363 82.17 -20.12 43.93
CA VAL L 363 83.08 -20.55 44.99
C VAL L 363 84.53 -20.11 44.68
N LYS L 364 84.97 -20.30 43.43
CA LYS L 364 86.33 -19.93 43.00
C LYS L 364 86.55 -18.42 43.09
N ASN L 365 85.60 -17.61 42.59
CA ASN L 365 85.70 -16.15 42.62
C ASN L 365 85.20 -15.52 43.95
N LYS L 366 84.57 -16.32 44.84
CA LYS L 366 84.02 -15.85 46.12
C LYS L 366 83.01 -14.72 45.87
N LEU L 367 82.00 -15.00 45.05
CA LEU L 367 80.97 -14.02 44.69
C LEU L 367 79.98 -13.80 45.83
N ASP L 368 79.49 -12.56 45.97
CA ASP L 368 78.57 -12.17 47.03
C ASP L 368 77.13 -12.46 46.62
N ALA L 369 76.41 -13.24 47.43
CA ALA L 369 75.01 -13.58 47.17
C ALA L 369 74.08 -12.45 47.64
N PRO L 370 72.91 -12.27 47.02
CA PRO L 370 71.98 -11.25 47.50
C PRO L 370 71.22 -11.69 48.76
N GLU L 371 70.47 -10.78 49.38
CA GLU L 371 69.72 -11.08 50.59
C GLU L 371 68.53 -12.02 50.27
N PRO L 372 68.12 -12.87 51.23
CA PRO L 372 67.00 -13.78 50.94
C PRO L 372 65.66 -13.08 50.93
N VAL L 373 64.83 -13.34 49.90
CA VAL L 373 63.51 -12.71 49.76
C VAL L 373 62.49 -13.58 50.49
N GLU L 374 62.38 -13.41 51.81
CA GLU L 374 61.44 -14.18 52.63
C GLU L 374 59.97 -13.91 52.24
N ARG L 375 59.67 -12.73 51.67
CA ARG L 375 58.32 -12.38 51.22
C ARG L 375 57.91 -13.23 50.01
N ASN L 376 56.59 -13.36 49.77
CA ASN L 376 56.08 -14.06 48.60
C ASN L 376 56.37 -13.16 47.40
N ILE L 377 57.09 -13.68 46.40
CA ILE L 377 57.48 -12.88 45.23
C ILE L 377 56.35 -12.75 44.21
N PHE L 378 55.39 -13.70 44.19
CA PHE L 378 54.26 -13.63 43.25
C PHE L 378 53.35 -12.45 43.58
N ALA L 379 53.15 -12.16 44.87
CA ALA L 379 52.33 -11.03 45.31
C ALA L 379 52.95 -9.67 45.00
N MET L 380 54.27 -9.61 44.71
CA MET L 380 54.95 -8.36 44.41
C MET L 380 54.63 -7.86 43.01
N SER L 381 54.66 -6.54 42.82
CA SER L 381 54.43 -5.90 41.52
C SER L 381 55.74 -5.82 40.73
N GLU L 382 55.65 -5.71 39.39
CA GLU L 382 56.83 -5.62 38.53
C GLU L 382 57.73 -4.42 38.85
N ALA L 383 57.14 -3.28 39.26
CA ALA L 383 57.92 -2.10 39.63
C ALA L 383 58.69 -2.33 40.94
N GLU L 384 58.07 -3.06 41.89
CA GLU L 384 58.70 -3.38 43.18
C GLU L 384 59.84 -4.39 42.97
N LYS L 385 59.62 -5.43 42.16
CA LYS L 385 60.64 -6.43 41.86
C LYS L 385 61.83 -5.83 41.10
N LYS L 386 61.59 -4.78 40.28
CA LYS L 386 62.64 -4.11 39.53
C LYS L 386 63.52 -3.27 40.47
N GLU L 387 62.92 -2.66 41.51
CA GLU L 387 63.67 -1.87 42.49
C GLU L 387 64.60 -2.79 43.29
N LEU L 388 64.09 -3.94 43.77
CA LEU L 388 64.89 -4.92 44.51
C LEU L 388 65.98 -5.57 43.65
N GLY L 389 65.75 -5.68 42.35
CA GLY L 389 66.69 -6.27 41.41
C GLY L 389 66.45 -7.76 41.17
N ILE L 390 65.19 -8.20 41.29
CA ILE L 390 64.82 -9.60 41.10
C ILE L 390 64.50 -9.83 39.62
N GLU L 391 65.52 -10.20 38.83
CA GLU L 391 65.34 -10.47 37.40
C GLU L 391 64.60 -11.79 37.17
N SER L 392 64.03 -12.00 35.97
CA SER L 392 63.29 -13.21 35.66
C SER L 392 64.00 -14.06 34.59
N VAL L 393 63.78 -15.39 34.63
CA VAL L 393 64.39 -16.32 33.66
C VAL L 393 63.75 -16.12 32.28
N PRO L 394 64.46 -16.40 31.16
CA PRO L 394 63.87 -16.20 29.83
C PRO L 394 62.45 -16.74 29.63
N ALA L 395 61.65 -16.04 28.80
CA ALA L 395 60.26 -16.39 28.53
C ALA L 395 60.07 -17.51 27.51
N ASN L 396 61.10 -17.86 26.72
CA ASN L 396 60.97 -18.92 25.71
C ASN L 396 62.30 -19.66 25.48
N LEU L 397 62.28 -20.75 24.69
CA LEU L 397 63.45 -21.56 24.41
C LEU L 397 64.54 -20.78 23.69
N LYS L 398 64.19 -20.03 22.63
CA LYS L 398 65.17 -19.25 21.87
C LYS L 398 65.81 -18.17 22.74
N ALA L 399 65.05 -17.57 23.65
CA ALA L 399 65.59 -16.55 24.55
C ALA L 399 66.66 -17.16 25.47
N ALA L 400 66.47 -18.42 25.89
CA ALA L 400 67.43 -19.11 26.75
C ALA L 400 68.64 -19.59 25.96
N LEU L 401 68.47 -20.02 24.70
CA LEU L 401 69.59 -20.48 23.86
C LEU L 401 70.57 -19.35 23.59
N ASP L 402 70.08 -18.12 23.38
CA ASP L 402 70.94 -16.96 23.15
C ASP L 402 71.76 -16.64 24.41
N GLU L 403 71.18 -16.83 25.61
CA GLU L 403 71.87 -16.62 26.87
C GLU L 403 72.95 -17.68 27.06
N LEU L 404 72.66 -18.93 26.71
CA LEU L 404 73.62 -20.03 26.79
C LEU L 404 74.78 -19.81 25.84
N GLU L 405 74.48 -19.33 24.61
CA GLU L 405 75.49 -19.08 23.60
C GLU L 405 76.52 -18.03 24.05
N ASN L 406 76.06 -16.94 24.67
CA ASN L 406 76.95 -15.88 25.17
C ASN L 406 77.64 -16.23 26.50
N ASN L 407 77.26 -17.35 27.16
CA ASN L 407 77.84 -17.77 28.43
C ASN L 407 79.09 -18.63 28.19
N ASP L 408 80.25 -18.15 28.68
CA ASP L 408 81.53 -18.85 28.51
C ASP L 408 81.76 -19.92 29.60
N VAL L 409 81.15 -19.77 30.78
CA VAL L 409 81.32 -20.72 31.88
C VAL L 409 80.71 -22.08 31.51
N LEU L 410 79.49 -22.07 30.98
CA LEU L 410 78.79 -23.29 30.58
C LEU L 410 79.35 -23.87 29.26
N LYS L 411 79.87 -23.00 28.37
CA LYS L 411 80.47 -23.45 27.11
C LYS L 411 81.67 -24.36 27.38
N ASN L 412 82.54 -23.95 28.34
CA ASN L 412 83.73 -24.71 28.71
C ASN L 412 83.37 -26.01 29.43
N ALA L 413 82.36 -25.99 30.32
CA ALA L 413 81.94 -27.18 31.06
C ALA L 413 81.36 -28.25 30.14
N LEU L 414 80.52 -27.85 29.17
CA LEU L 414 79.90 -28.79 28.23
C LEU L 414 80.87 -29.20 27.11
N GLY L 415 81.78 -28.32 26.72
CA GLY L 415 82.74 -28.58 25.66
C GLY L 415 82.20 -28.16 24.31
N LYS L 416 83.10 -27.83 23.37
CA LYS L 416 82.71 -27.37 22.03
C LYS L 416 81.73 -28.30 21.33
N HIS L 417 81.89 -29.62 21.49
CA HIS L 417 81.01 -30.57 20.80
C HIS L 417 79.58 -30.55 21.34
N ILE L 418 79.40 -30.61 22.66
CA ILE L 418 78.06 -30.62 23.25
C ILE L 418 77.41 -29.23 23.13
N PHE L 419 78.16 -28.17 23.46
CA PHE L 419 77.66 -26.80 23.38
C PHE L 419 77.11 -26.44 21.98
N GLU L 420 77.90 -26.68 20.91
CA GLU L 420 77.48 -26.34 19.56
C GLU L 420 76.37 -27.25 19.03
N SER L 421 76.45 -28.57 19.26
CA SER L 421 75.42 -29.50 18.78
C SER L 421 74.09 -29.25 19.48
N PHE L 422 74.12 -28.97 20.79
CA PHE L 422 72.89 -28.68 21.54
C PHE L 422 72.19 -27.43 20.97
N LEU L 423 72.94 -26.34 20.78
CA LEU L 423 72.37 -25.11 20.23
C LEU L 423 71.82 -25.35 18.82
N GLU L 424 72.54 -26.10 17.98
CA GLU L 424 72.11 -26.39 16.61
C GLU L 424 70.82 -27.21 16.58
N ILE L 425 70.72 -28.25 17.44
CA ILE L 425 69.54 -29.11 17.51
C ILE L 425 68.34 -28.33 18.06
N LYS L 426 68.55 -27.56 19.12
CA LYS L 426 67.46 -26.78 19.72
C LYS L 426 67.01 -25.60 18.87
N ASN L 427 67.89 -25.02 18.02
CA ASN L 427 67.49 -23.93 17.13
C ASN L 427 66.61 -24.48 16.01
N ALA L 428 66.90 -25.69 15.50
CA ALA L 428 66.06 -26.32 14.49
C ALA L 428 64.68 -26.70 15.09
N GLU L 429 64.67 -27.10 16.37
CA GLU L 429 63.46 -27.44 17.13
C GLU L 429 62.62 -26.18 17.33
N TRP L 430 63.27 -25.05 17.66
CA TRP L 430 62.59 -23.77 17.85
C TRP L 430 62.03 -23.26 16.53
N ASP L 431 62.80 -23.37 15.43
CA ASP L 431 62.35 -22.94 14.12
C ASP L 431 61.12 -23.72 13.67
N SER L 432 61.05 -25.02 14.00
CA SER L 432 59.89 -25.84 13.67
C SER L 432 58.63 -25.34 14.40
N PHE L 433 58.81 -24.88 15.65
CA PHE L 433 57.71 -24.37 16.47
C PHE L 433 57.20 -23.00 15.98
N ARG L 434 58.10 -22.04 15.73
CA ARG L 434 57.70 -20.70 15.30
C ARG L 434 57.09 -20.64 13.89
N THR L 435 57.35 -21.64 13.04
CA THR L 435 56.78 -21.69 11.70
C THR L 435 55.44 -22.42 11.66
N SER L 436 55.21 -23.38 12.56
CA SER L 436 53.97 -24.15 12.58
C SER L 436 52.76 -23.33 13.02
N VAL L 437 51.60 -23.56 12.37
CA VAL L 437 50.35 -22.88 12.71
C VAL L 437 49.71 -23.70 13.83
N THR L 438 49.63 -23.12 15.04
CA THR L 438 49.12 -23.80 16.22
C THR L 438 47.58 -23.76 16.32
N ASP L 439 47.02 -24.65 17.16
CA ASP L 439 45.59 -24.72 17.41
C ASP L 439 45.07 -23.46 18.09
N TRP L 440 45.90 -22.79 18.91
CA TRP L 440 45.52 -21.54 19.58
C TRP L 440 45.25 -20.47 18.53
N GLU L 441 46.16 -20.34 17.53
CA GLU L 441 46.03 -19.36 16.45
C GLU L 441 44.77 -19.63 15.63
N THR L 442 44.48 -20.89 15.31
CA THR L 442 43.30 -21.25 14.54
C THR L 442 42.03 -20.87 15.31
N THR L 443 42.01 -21.11 16.62
CA THR L 443 40.86 -20.76 17.45
C THR L 443 40.66 -19.24 17.52
N ALA L 444 41.75 -18.50 17.71
CA ALA L 444 41.69 -17.04 17.86
C ALA L 444 41.55 -16.22 16.57
N TYR L 445 42.09 -16.68 15.43
CA TYR L 445 42.11 -15.88 14.21
C TYR L 445 41.34 -16.42 13.00
N LEU L 446 40.78 -17.64 13.04
CA LEU L 446 40.01 -18.13 11.87
C LEU L 446 38.75 -17.29 11.65
N LYS L 447 38.16 -16.77 12.74
CA LYS L 447 36.96 -15.94 12.67
C LYS L 447 37.20 -14.58 11.98
N ILE L 448 38.44 -14.05 12.00
CA ILE L 448 38.74 -12.75 11.40
C ILE L 448 38.79 -12.80 9.86
N SER M 2 -36.11 55.03 -75.11
CA SER M 2 -35.60 54.13 -76.15
C SER M 2 -34.55 54.85 -77.02
N THR M 3 -34.83 56.09 -77.45
CA THR M 3 -33.90 56.91 -78.25
C THR M 3 -33.17 57.92 -77.32
N VAL M 4 -32.07 58.52 -77.80
CA VAL M 4 -31.30 59.47 -76.99
C VAL M 4 -32.14 60.70 -76.63
N GLU M 5 -32.90 61.25 -77.59
CA GLU M 5 -33.71 62.43 -77.36
C GLU M 5 -34.79 62.21 -76.30
N GLN M 6 -35.40 61.02 -76.24
CA GLN M 6 -36.43 60.74 -75.24
C GLN M 6 -35.83 60.77 -73.83
N VAL M 7 -34.60 60.23 -73.68
CA VAL M 7 -33.92 60.19 -72.39
C VAL M 7 -33.53 61.60 -71.95
N LEU M 8 -32.91 62.39 -72.85
CA LEU M 8 -32.50 63.76 -72.55
C LEU M 8 -33.68 64.72 -72.33
N GLU M 9 -34.84 64.42 -72.93
CA GLU M 9 -36.04 65.24 -72.75
C GLU M 9 -36.60 65.03 -71.34
N TYR M 10 -36.60 63.79 -70.84
CA TYR M 10 -37.06 63.50 -69.49
C TYR M 10 -36.10 64.14 -68.47
N VAL M 11 -34.79 63.93 -68.65
CA VAL M 11 -33.74 64.50 -67.79
C VAL M 11 -33.87 66.03 -67.69
N LYS M 12 -34.18 66.69 -68.81
CA LYS M 12 -34.33 68.14 -68.84
C LYS M 12 -35.49 68.58 -67.91
N SER M 13 -36.72 68.11 -68.20
CA SER M 13 -37.94 68.52 -67.50
C SER M 13 -38.05 68.02 -66.05
N ASN M 14 -37.78 66.74 -65.79
CA ASN M 14 -37.93 66.17 -64.45
C ASN M 14 -36.77 66.49 -63.48
N ASN M 15 -35.88 67.43 -63.85
CA ASN M 15 -34.80 67.87 -62.97
C ASN M 15 -33.93 66.70 -62.48
N VAL M 16 -33.54 65.79 -63.39
CA VAL M 16 -32.69 64.66 -63.02
C VAL M 16 -31.27 65.22 -62.84
N LYS M 17 -30.55 64.79 -61.79
CA LYS M 17 -29.21 65.29 -61.50
C LYS M 17 -28.10 64.23 -61.60
N PHE M 18 -28.44 62.93 -61.48
CA PHE M 18 -27.45 61.86 -61.55
C PHE M 18 -27.89 60.75 -62.50
N MET M 19 -26.92 60.11 -63.17
CA MET M 19 -27.18 59.00 -64.08
C MET M 19 -26.26 57.84 -63.70
N ARG M 20 -26.83 56.77 -63.16
CA ARG M 20 -26.08 55.58 -62.76
C ARG M 20 -25.92 54.72 -64.00
N PHE M 21 -24.70 54.25 -64.26
CA PHE M 21 -24.45 53.36 -65.39
C PHE M 21 -24.29 51.99 -64.77
N GLN M 22 -25.43 51.29 -64.60
CA GLN M 22 -25.48 49.99 -63.92
C GLN M 22 -25.21 48.82 -64.84
N PHE M 23 -24.63 47.75 -64.27
CA PHE M 23 -24.30 46.48 -64.93
C PHE M 23 -24.16 45.37 -63.84
N VAL M 24 -23.74 44.13 -64.20
CA VAL M 24 -23.62 43.04 -63.22
C VAL M 24 -22.30 42.31 -63.37
N ASP M 25 -21.71 41.84 -62.26
CA ASP M 25 -20.49 41.03 -62.30
C ASP M 25 -20.88 39.56 -62.66
N ILE M 26 -19.90 38.65 -62.73
CA ILE M 26 -20.19 37.24 -63.08
C ILE M 26 -21.20 36.58 -62.13
N LEU M 27 -21.13 36.88 -60.82
CA LEU M 27 -22.03 36.30 -59.84
C LEU M 27 -23.43 36.94 -59.78
N GLY M 28 -23.68 37.97 -60.60
CA GLY M 28 -24.96 38.66 -60.63
C GLY M 28 -25.09 39.81 -59.66
N VAL M 29 -23.97 40.25 -59.04
CA VAL M 29 -23.99 41.37 -58.10
C VAL M 29 -24.02 42.65 -58.93
N PRO M 30 -24.98 43.57 -58.71
CA PRO M 30 -25.00 44.81 -59.51
C PRO M 30 -23.86 45.75 -59.16
N LYS M 31 -23.34 46.46 -60.17
CA LYS M 31 -22.24 47.41 -60.05
C LYS M 31 -22.61 48.67 -60.86
N ASN M 32 -22.26 49.87 -60.38
CA ASN M 32 -22.60 51.11 -61.08
C ASN M 32 -21.66 52.29 -60.75
N VAL M 33 -21.69 53.32 -61.60
CA VAL M 33 -20.94 54.56 -61.43
C VAL M 33 -21.88 55.73 -61.70
N ALA M 34 -21.89 56.74 -60.82
CA ALA M 34 -22.79 57.89 -60.97
C ALA M 34 -22.13 59.00 -61.77
N PHE M 35 -22.89 59.60 -62.70
CA PHE M 35 -22.45 60.69 -63.56
C PHE M 35 -23.32 61.90 -63.23
N PRO M 36 -22.74 63.00 -62.73
CA PRO M 36 -23.57 64.19 -62.43
C PRO M 36 -23.89 65.00 -63.68
N ILE M 37 -25.17 65.21 -63.96
CA ILE M 37 -25.61 65.97 -65.12
C ILE M 37 -25.56 67.45 -64.75
N LYS M 38 -24.96 68.31 -65.60
CA LYS M 38 -24.89 69.75 -65.30
C LYS M 38 -26.12 70.49 -65.86
N ALA M 39 -26.36 71.72 -65.39
CA ALA M 39 -27.48 72.55 -65.86
C ALA M 39 -27.19 73.16 -67.25
N GLY M 40 -28.25 73.52 -67.96
CA GLY M 40 -28.15 74.16 -69.27
C GLY M 40 -27.77 73.20 -70.39
N GLU M 41 -27.61 73.76 -71.60
CA GLU M 41 -27.26 72.98 -72.79
C GLU M 41 -25.90 72.30 -72.67
N LYS M 42 -24.93 72.91 -71.96
CA LYS M 42 -23.60 72.33 -71.78
C LYS M 42 -23.66 70.99 -71.02
N GLY M 43 -24.56 70.90 -70.05
CA GLY M 43 -24.75 69.68 -69.28
C GLY M 43 -25.45 68.59 -70.05
N ILE M 44 -26.46 68.95 -70.88
CA ILE M 44 -27.21 67.98 -71.69
C ILE M 44 -26.33 67.44 -72.82
N GLU M 45 -25.49 68.29 -73.45
CA GLU M 45 -24.59 67.83 -74.51
C GLU M 45 -23.48 66.94 -73.94
N GLU M 46 -23.07 67.17 -72.67
CA GLU M 46 -22.06 66.33 -72.01
C GLU M 46 -22.68 64.95 -71.76
N LEU M 47 -23.93 64.92 -71.24
CA LEU M 47 -24.65 63.67 -70.99
C LEU M 47 -24.93 62.93 -72.30
N ARG M 48 -25.22 63.67 -73.39
CA ARG M 48 -25.47 63.10 -74.72
C ARG M 48 -24.24 62.29 -75.17
N ASP M 49 -23.05 62.89 -75.08
CA ASP M 49 -21.81 62.24 -75.49
C ASP M 49 -21.51 60.99 -74.67
N VAL M 50 -21.76 61.03 -73.35
CA VAL M 50 -21.49 59.87 -72.48
C VAL M 50 -22.60 58.80 -72.59
N LEU M 51 -23.79 59.13 -73.13
CA LEU M 51 -24.88 58.13 -73.30
C LEU M 51 -24.68 57.32 -74.58
N GLU M 52 -24.23 57.96 -75.68
CA GLU M 52 -24.02 57.28 -76.97
C GLU M 52 -22.67 56.57 -76.99
N ASN M 53 -21.58 57.28 -76.65
CA ASN M 53 -20.24 56.68 -76.65
C ASN M 53 -19.94 55.84 -75.40
N GLY M 54 -20.70 56.00 -74.32
CA GLY M 54 -20.48 55.27 -73.08
C GLY M 54 -19.35 55.86 -72.27
N LEU M 55 -18.86 55.10 -71.26
CA LEU M 55 -17.76 55.55 -70.39
C LEU M 55 -16.86 54.39 -69.98
N TYR M 56 -15.61 54.71 -69.63
CA TYR M 56 -14.59 53.73 -69.24
C TYR M 56 -14.66 53.34 -67.76
N PHE M 57 -14.07 52.19 -67.41
CA PHE M 57 -14.02 51.71 -66.03
C PHE M 57 -12.94 50.61 -65.86
N ASP M 58 -12.45 50.42 -64.64
CA ASP M 58 -11.45 49.40 -64.33
C ASP M 58 -12.12 48.03 -64.27
N GLY M 59 -11.82 47.18 -65.24
CA GLY M 59 -12.38 45.84 -65.32
C GLY M 59 -11.75 44.81 -64.40
N SER M 60 -10.50 45.05 -63.95
CA SER M 60 -9.81 44.11 -63.07
C SER M 60 -10.44 44.02 -61.70
N SER M 61 -11.02 45.13 -61.20
CA SER M 61 -11.68 45.15 -59.90
C SER M 61 -13.03 44.41 -59.92
N ILE M 62 -13.70 44.32 -61.08
CA ILE M 62 -14.98 43.62 -61.20
C ILE M 62 -14.70 42.09 -61.23
N GLU M 63 -15.56 41.30 -60.56
CA GLU M 63 -15.37 39.86 -60.48
C GLU M 63 -15.65 39.13 -61.79
N GLY M 64 -14.72 38.25 -62.19
CA GLY M 64 -14.84 37.46 -63.40
C GLY M 64 -14.84 38.24 -64.70
N PHE M 65 -14.08 39.34 -64.75
CA PHE M 65 -14.02 40.17 -65.95
C PHE M 65 -12.63 40.05 -66.62
N VAL M 66 -11.66 40.95 -66.35
CA VAL M 66 -10.35 40.92 -67.02
C VAL M 66 -9.19 41.06 -66.03
N GLY M 67 -7.98 40.74 -66.48
CA GLY M 67 -6.78 40.85 -65.66
C GLY M 67 -6.33 42.28 -65.49
N ILE M 68 -5.34 42.51 -64.63
CA ILE M 68 -4.81 43.85 -64.37
C ILE M 68 -4.04 44.39 -65.58
N ASN M 69 -3.36 43.51 -66.34
CA ASN M 69 -2.59 43.92 -67.53
C ASN M 69 -3.45 44.32 -68.76
N GLU M 70 -4.75 44.04 -68.69
CA GLU M 70 -5.73 44.35 -69.76
C GLU M 70 -7.03 44.80 -69.07
N SER M 71 -6.95 45.83 -68.22
CA SER M 71 -8.09 46.29 -67.44
C SER M 71 -9.03 47.32 -68.10
N ASP M 72 -8.58 48.10 -69.10
CA ASP M 72 -9.41 49.12 -69.74
C ASP M 72 -10.65 48.56 -70.47
N MET M 73 -11.86 48.92 -69.99
CA MET M 73 -13.15 48.47 -70.54
C MET M 73 -14.15 49.64 -70.69
N MET M 74 -15.33 49.40 -71.30
CA MET M 74 -16.37 50.42 -71.52
C MET M 74 -17.79 49.90 -71.22
N LEU M 75 -18.75 50.83 -71.03
CA LEU M 75 -20.16 50.52 -70.76
C LEU M 75 -21.03 51.22 -71.79
N LYS M 76 -21.70 50.46 -72.69
CA LYS M 76 -22.59 51.01 -73.71
C LYS M 76 -24.05 50.95 -73.20
N PRO M 77 -24.65 52.09 -72.80
CA PRO M 77 -26.01 52.05 -72.24
C PRO M 77 -27.14 51.55 -73.13
N ASP M 78 -28.07 50.77 -72.54
CA ASP M 78 -29.28 50.31 -73.22
C ASP M 78 -30.31 51.38 -72.86
N LEU M 79 -30.51 52.35 -73.76
CA LEU M 79 -31.38 53.50 -73.55
C LEU M 79 -32.83 53.18 -73.21
N SER M 80 -33.32 52.00 -73.62
CA SER M 80 -34.69 51.57 -73.30
C SER M 80 -34.86 51.27 -71.80
N THR M 81 -33.78 50.84 -71.11
CA THR M 81 -33.83 50.50 -69.69
C THR M 81 -33.72 51.71 -68.76
N PHE M 82 -34.04 52.92 -69.24
CA PHE M 82 -33.98 54.11 -68.39
C PHE M 82 -35.09 54.04 -67.35
N SER M 83 -34.76 54.37 -66.10
CA SER M 83 -35.74 54.37 -65.01
C SER M 83 -35.25 55.25 -63.86
N VAL M 84 -36.18 55.91 -63.16
CA VAL M 84 -35.84 56.77 -62.03
C VAL M 84 -35.85 55.94 -60.75
N LEU M 85 -34.81 56.06 -59.92
CA LEU M 85 -34.75 55.30 -58.68
C LEU M 85 -35.70 55.94 -57.66
N PRO M 86 -36.75 55.23 -57.21
CA PRO M 86 -37.70 55.84 -56.27
C PRO M 86 -37.16 56.01 -54.85
N TRP M 87 -36.30 55.08 -54.38
CA TRP M 87 -35.73 55.19 -53.03
C TRP M 87 -34.80 56.42 -52.86
N ARG M 88 -34.39 57.05 -53.98
CA ARG M 88 -33.58 58.28 -53.96
C ARG M 88 -34.49 59.55 -53.96
N PRO M 89 -33.95 60.77 -53.69
CA PRO M 89 -34.82 61.96 -53.64
C PRO M 89 -35.55 62.30 -54.93
N SER M 90 -36.69 63.00 -54.81
CA SER M 90 -37.50 63.41 -55.96
C SER M 90 -36.94 64.68 -56.58
N GLU M 91 -36.58 65.68 -55.75
CA GLU M 91 -35.97 66.92 -56.24
C GLU M 91 -34.51 66.60 -56.53
N LYS M 92 -34.02 66.88 -57.75
CA LYS M 92 -32.65 66.51 -58.18
C LYS M 92 -32.56 64.98 -58.16
N SER M 93 -33.55 64.34 -58.82
CA SER M 93 -33.70 62.88 -58.86
C SER M 93 -32.51 62.14 -59.43
N VAL M 94 -32.37 60.88 -59.04
CA VAL M 94 -31.30 60.00 -59.50
C VAL M 94 -31.91 59.03 -60.50
N ALA M 95 -31.27 58.87 -61.65
CA ALA M 95 -31.76 57.98 -62.71
C ALA M 95 -30.76 56.86 -63.00
N ARG M 96 -31.22 55.76 -63.64
CA ARG M 96 -30.37 54.62 -63.96
C ARG M 96 -30.51 54.21 -65.41
N VAL M 97 -29.48 53.54 -65.94
CA VAL M 97 -29.49 53.00 -67.28
C VAL M 97 -28.60 51.73 -67.26
N ILE M 98 -29.19 50.56 -67.59
CA ILE M 98 -28.44 49.29 -67.57
C ILE M 98 -27.62 49.19 -68.85
N CYS M 99 -26.31 48.91 -68.71
CA CYS M 99 -25.33 48.89 -69.80
C CYS M 99 -24.88 47.50 -70.18
N ASP M 100 -24.32 47.40 -71.40
CA ASP M 100 -23.66 46.21 -71.92
C ASP M 100 -22.16 46.49 -71.82
N VAL M 101 -21.39 45.57 -71.21
CA VAL M 101 -19.95 45.75 -71.06
C VAL M 101 -19.29 45.47 -72.42
N TYR M 102 -18.45 46.40 -72.89
CA TYR M 102 -17.76 46.32 -74.18
C TYR M 102 -16.25 46.47 -73.99
N THR M 103 -15.47 45.87 -74.88
CA THR M 103 -14.01 45.96 -74.85
C THR M 103 -13.55 47.33 -75.38
N THR M 104 -12.26 47.64 -75.17
CA THR M 104 -11.66 48.89 -75.61
C THR M 104 -11.86 49.13 -77.12
N LYS M 105 -11.84 48.06 -77.93
CA LYS M 105 -12.05 48.15 -79.38
C LYS M 105 -13.54 48.32 -79.80
N GLY M 106 -14.44 48.53 -78.84
CA GLY M 106 -15.86 48.72 -79.12
C GLY M 106 -16.59 47.46 -79.55
N LYS M 107 -16.14 46.28 -79.08
CA LYS M 107 -16.74 44.99 -79.39
C LYS M 107 -17.39 44.42 -78.10
N PRO M 108 -18.59 43.79 -78.13
CA PRO M 108 -19.18 43.30 -76.86
C PRO M 108 -18.26 42.36 -76.08
N PHE M 109 -18.15 42.57 -74.76
CA PHE M 109 -17.26 41.75 -73.93
C PHE M 109 -17.79 40.32 -73.79
N GLU M 110 -16.94 39.34 -74.10
CA GLU M 110 -17.27 37.92 -74.01
C GLU M 110 -17.72 37.48 -72.61
N GLY M 111 -17.07 38.00 -71.57
CA GLY M 111 -17.40 37.67 -70.19
C GLY M 111 -18.50 38.50 -69.57
N ASP M 112 -19.39 39.09 -70.39
CA ASP M 112 -20.49 39.91 -69.90
C ASP M 112 -21.76 39.05 -69.73
N PRO M 113 -22.35 38.92 -68.52
CA PRO M 113 -23.59 38.12 -68.41
C PRO M 113 -24.77 38.64 -69.22
N ARG M 114 -24.93 39.97 -69.33
CA ARG M 114 -26.03 40.56 -70.09
C ARG M 114 -25.90 40.31 -71.60
N GLY M 115 -24.69 40.45 -72.12
CA GLY M 115 -24.39 40.19 -73.52
C GLY M 115 -24.52 38.72 -73.86
N CYS M 116 -24.26 37.83 -72.87
CA CYS M 116 -24.40 36.38 -73.03
C CYS M 116 -25.87 36.03 -73.28
N LEU M 117 -26.79 36.67 -72.54
CA LEU M 117 -28.22 36.43 -72.71
C LEU M 117 -28.72 37.05 -74.02
N LYS M 118 -28.21 38.24 -74.40
CA LYS M 118 -28.58 38.88 -75.66
C LYS M 118 -28.18 38.00 -76.84
N ARG M 119 -26.96 37.46 -76.80
CA ARG M 119 -26.41 36.60 -77.85
C ARG M 119 -27.32 35.38 -78.12
N VAL M 120 -27.66 34.61 -77.07
CA VAL M 120 -28.49 33.42 -77.24
C VAL M 120 -29.93 33.77 -77.66
N MET M 121 -30.47 34.93 -77.23
CA MET M 121 -31.82 35.35 -77.64
C MET M 121 -31.84 35.78 -79.10
N GLU M 122 -30.79 36.49 -79.56
CA GLU M 122 -30.68 36.89 -80.96
C GLU M 122 -30.51 35.66 -81.85
N GLU M 123 -29.75 34.66 -81.40
CA GLU M 123 -29.56 33.41 -82.13
C GLU M 123 -30.87 32.63 -82.24
N PHE M 124 -31.67 32.62 -81.16
CA PHE M 124 -32.96 31.95 -81.14
C PHE M 124 -33.94 32.66 -82.09
N LYS M 125 -33.97 34.00 -82.05
CA LYS M 125 -34.84 34.79 -82.93
C LYS M 125 -34.44 34.65 -84.40
N LYS M 126 -33.15 34.44 -84.69
CA LYS M 126 -32.68 34.28 -86.07
C LYS M 126 -32.99 32.89 -86.63
N GLU M 127 -32.80 31.84 -85.81
CA GLU M 127 -33.00 30.46 -86.24
C GLU M 127 -34.47 30.00 -86.25
N PHE M 128 -35.24 30.33 -85.20
CA PHE M 128 -36.63 29.89 -85.06
C PHE M 128 -37.68 31.01 -85.11
N ASN M 129 -37.28 32.28 -85.06
CA ASN M 129 -38.22 33.41 -85.03
C ASN M 129 -39.05 33.34 -83.73
N GLY M 130 -38.39 33.05 -82.62
CA GLY M 130 -39.02 32.89 -81.32
C GLY M 130 -38.73 34.00 -80.33
N GLU M 131 -39.48 34.00 -79.23
CA GLU M 131 -39.36 34.97 -78.15
C GLU M 131 -39.42 34.18 -76.84
N TYR M 132 -38.34 34.20 -76.05
CA TYR M 132 -38.27 33.46 -74.80
C TYR M 132 -38.82 34.29 -73.64
N PHE M 133 -39.97 33.89 -73.08
CA PHE M 133 -40.63 34.61 -71.99
C PHE M 133 -40.40 33.93 -70.64
N VAL M 134 -40.08 34.72 -69.60
CA VAL M 134 -39.83 34.23 -68.23
C VAL M 134 -40.59 35.11 -67.22
N GLY M 135 -41.09 34.49 -66.15
CA GLY M 135 -41.81 35.14 -65.07
C GLY M 135 -41.41 34.49 -63.75
N PRO M 136 -40.44 35.07 -63.02
CA PRO M 136 -40.00 34.44 -61.77
C PRO M 136 -40.79 34.86 -60.53
N GLU M 137 -40.62 34.10 -59.45
CA GLU M 137 -41.25 34.32 -58.15
C GLU M 137 -40.11 34.39 -57.10
N PRO M 138 -39.32 35.49 -57.07
CA PRO M 138 -38.21 35.55 -56.11
C PRO M 138 -38.67 35.87 -54.68
N GLU M 139 -38.55 34.88 -53.78
CA GLU M 139 -38.91 35.01 -52.37
C GLU M 139 -37.74 35.60 -51.57
N PHE M 140 -38.04 36.28 -50.45
CA PHE M 140 -37.04 36.90 -49.60
C PHE M 140 -37.45 36.87 -48.12
N PHE M 141 -36.50 37.15 -47.21
CA PHE M 141 -36.74 37.20 -45.78
C PHE M 141 -36.48 38.58 -45.25
N LEU M 142 -37.37 39.11 -44.39
CA LEU M 142 -37.18 40.39 -43.72
C LEU M 142 -36.66 40.04 -42.33
N LEU M 143 -35.51 40.59 -41.95
CA LEU M 143 -34.86 40.27 -40.68
C LEU M 143 -34.76 41.46 -39.73
N LYS M 144 -34.62 41.16 -38.44
CA LYS M 144 -34.41 42.12 -37.36
C LYS M 144 -33.35 41.55 -36.41
N LYS M 145 -32.61 42.42 -35.71
CA LYS M 145 -31.55 41.95 -34.79
C LYS M 145 -32.16 41.13 -33.65
N ASP M 146 -31.45 40.07 -33.24
CA ASP M 146 -31.89 39.20 -32.16
C ASP M 146 -31.82 40.00 -30.85
N PRO M 147 -32.91 40.11 -30.06
CA PRO M 147 -32.82 40.88 -28.81
C PRO M 147 -31.85 40.27 -27.80
N HIS M 148 -31.76 38.93 -27.74
CA HIS M 148 -30.84 38.22 -26.83
C HIS M 148 -29.37 38.34 -27.28
N ASN M 149 -29.10 38.71 -28.54
CA ASN M 149 -27.73 38.89 -29.05
C ASN M 149 -27.75 39.78 -30.31
N PRO M 150 -27.28 41.05 -30.27
CA PRO M 150 -27.37 41.89 -31.48
C PRO M 150 -26.49 41.47 -32.67
N HIS M 151 -25.50 40.61 -32.44
CA HIS M 151 -24.64 40.15 -33.53
C HIS M 151 -25.36 39.19 -34.51
N LYS M 152 -26.42 38.51 -34.06
CA LYS M 152 -27.19 37.59 -34.90
C LYS M 152 -28.53 38.21 -35.36
N TYR M 153 -29.08 37.70 -36.46
CA TYR M 153 -30.35 38.16 -37.02
C TYR M 153 -31.41 37.06 -36.96
N ILE M 154 -32.69 37.47 -36.84
CA ILE M 154 -33.84 36.55 -36.77
C ILE M 154 -34.97 37.05 -37.70
N PRO M 155 -36.03 36.25 -37.95
CA PRO M 155 -37.12 36.74 -38.83
C PRO M 155 -37.92 37.88 -38.20
N ALA M 156 -38.45 38.80 -39.02
CA ALA M 156 -39.20 39.96 -38.55
C ALA M 156 -40.52 39.63 -37.85
N ASP M 157 -41.18 38.51 -38.20
CA ASP M 157 -42.46 38.14 -37.59
C ASP M 157 -42.70 36.64 -37.59
N ASP M 158 -43.60 36.17 -36.71
CA ASP M 158 -43.98 34.76 -36.62
C ASP M 158 -45.20 34.51 -37.50
N GLY M 159 -45.15 35.01 -38.73
CA GLY M 159 -46.24 34.87 -39.69
C GLY M 159 -46.12 33.64 -40.58
N GLY M 160 -47.27 33.19 -41.08
CA GLY M 160 -47.37 32.04 -41.96
C GLY M 160 -47.74 32.44 -43.38
N TYR M 161 -48.19 31.47 -44.17
CA TYR M 161 -48.55 31.72 -45.58
C TYR M 161 -49.83 32.54 -45.66
N PHE M 162 -49.81 33.65 -46.42
CA PHE M 162 -50.96 34.54 -46.63
C PHE M 162 -51.56 35.13 -45.33
N ASP M 163 -50.84 35.09 -44.19
CA ASP M 163 -51.40 35.60 -42.93
C ASP M 163 -51.75 37.10 -42.95
N LEU M 164 -52.68 37.52 -42.09
CA LEU M 164 -53.13 38.91 -41.97
C LEU M 164 -52.46 39.62 -40.79
N GLU M 165 -52.43 40.95 -40.84
CA GLU M 165 -51.90 41.78 -39.75
C GLU M 165 -52.80 41.62 -38.50
N PRO M 166 -52.25 41.76 -37.27
CA PRO M 166 -50.85 42.05 -36.91
C PRO M 166 -49.90 40.85 -36.92
N MET M 167 -50.42 39.62 -37.18
CA MET M 167 -49.58 38.42 -37.26
C MET M 167 -48.51 38.61 -38.36
N ASP M 168 -48.93 39.18 -39.50
CA ASP M 168 -48.06 39.55 -40.62
C ASP M 168 -47.65 41.01 -40.35
N GLU M 169 -46.38 41.24 -39.97
CA GLU M 169 -45.90 42.60 -39.65
C GLU M 169 -45.26 43.31 -40.84
N ALA M 170 -45.50 42.85 -42.08
CA ALA M 170 -44.89 43.48 -43.25
C ALA M 170 -45.86 44.09 -44.29
N PRO M 171 -47.16 44.45 -43.99
CA PRO M 171 -47.99 45.08 -45.03
C PRO M 171 -47.46 46.45 -45.43
N ASP M 172 -46.90 47.22 -44.49
CA ASP M 172 -46.33 48.54 -44.78
C ASP M 172 -45.04 48.41 -45.60
N ILE M 173 -44.20 47.40 -45.31
CA ILE M 173 -42.95 47.18 -46.05
C ILE M 173 -43.28 46.73 -47.47
N ARG M 174 -44.22 45.78 -47.63
CA ARG M 174 -44.61 45.31 -48.95
C ARG M 174 -45.32 46.42 -49.75
N ARG M 175 -46.10 47.29 -49.08
CA ARG M 175 -46.78 48.42 -49.72
C ARG M 175 -45.79 49.32 -50.46
N ASP M 176 -44.73 49.77 -49.75
CA ASP M 176 -43.72 50.64 -50.35
C ASP M 176 -42.92 49.92 -51.42
N ILE M 177 -42.69 48.60 -51.28
CA ILE M 177 -41.98 47.81 -52.29
C ILE M 177 -42.77 47.82 -53.60
N VAL M 178 -44.08 47.59 -53.53
CA VAL M 178 -44.93 47.57 -54.72
C VAL M 178 -44.98 48.96 -55.37
N PHE M 179 -45.08 50.03 -54.57
CA PHE M 179 -45.09 51.39 -55.14
C PHE M 179 -43.76 51.69 -55.84
N ALA M 180 -42.64 51.28 -55.23
CA ALA M 180 -41.30 51.51 -55.81
C ALA M 180 -41.14 50.76 -57.13
N LEU M 181 -41.62 49.51 -57.21
CA LEU M 181 -41.55 48.72 -58.44
C LEU M 181 -42.44 49.33 -59.53
N GLU M 182 -43.57 49.94 -59.16
CA GLU M 182 -44.44 50.62 -60.14
C GLU M 182 -43.70 51.80 -60.78
N ASN M 183 -42.93 52.56 -59.99
CA ASN M 183 -42.14 53.70 -60.50
C ASN M 183 -41.01 53.27 -61.44
N LEU M 184 -40.48 52.05 -61.23
CA LEU M 184 -39.43 51.48 -62.07
C LEU M 184 -39.96 50.80 -63.36
N GLY M 185 -41.28 50.84 -63.59
CA GLY M 185 -41.91 50.27 -64.78
C GLY M 185 -42.38 48.84 -64.66
N PHE M 186 -42.37 48.27 -63.44
CA PHE M 186 -42.81 46.88 -63.24
C PHE M 186 -44.33 46.78 -63.28
N HIS M 187 -44.84 45.60 -63.69
CA HIS M 187 -46.26 45.30 -63.66
C HIS M 187 -46.41 44.27 -62.54
N VAL M 188 -46.54 44.75 -61.30
CA VAL M 188 -46.65 43.87 -60.14
C VAL M 188 -47.98 43.12 -60.21
N GLU M 189 -47.97 41.80 -59.98
CA GLU M 189 -49.18 40.98 -60.06
C GLU M 189 -49.80 40.71 -58.67
N ALA M 190 -48.98 40.31 -57.68
CA ALA M 190 -49.48 40.01 -56.33
C ALA M 190 -48.37 40.08 -55.28
N SER M 191 -48.76 40.27 -54.00
CA SER M 191 -47.81 40.36 -52.89
C SER M 191 -48.46 39.75 -51.65
N HIS M 192 -47.69 38.99 -50.86
CA HIS M 192 -48.23 38.31 -49.67
C HIS M 192 -47.11 37.74 -48.78
N HIS M 193 -47.47 37.27 -47.58
CA HIS M 193 -46.53 36.62 -46.67
C HIS M 193 -46.36 35.16 -47.12
N GLU M 194 -45.17 34.60 -46.97
CA GLU M 194 -44.88 33.22 -47.37
C GLU M 194 -44.83 32.27 -46.15
N VAL M 195 -44.73 30.96 -46.42
CA VAL M 195 -44.76 29.88 -45.41
C VAL M 195 -43.88 30.14 -44.16
N ALA M 196 -42.57 30.37 -44.35
CA ALA M 196 -41.66 30.55 -43.22
C ALA M 196 -41.85 31.89 -42.48
N PRO M 197 -41.47 31.98 -41.19
CA PRO M 197 -41.58 33.27 -40.47
C PRO M 197 -40.78 34.37 -41.15
N GLY M 198 -41.35 35.56 -41.24
CA GLY M 198 -40.67 36.70 -41.86
C GLY M 198 -40.42 36.60 -43.35
N GLN M 199 -40.84 35.49 -44.00
CA GLN M 199 -40.65 35.30 -45.44
C GLN M 199 -41.78 35.96 -46.20
N HIS M 200 -41.47 36.53 -47.37
CA HIS M 200 -42.45 37.23 -48.21
C HIS M 200 -42.21 36.93 -49.70
N GLU M 201 -43.18 37.26 -50.55
CA GLU M 201 -43.08 37.04 -51.99
C GLU M 201 -43.82 38.15 -52.72
N VAL M 202 -43.13 38.83 -53.65
CA VAL M 202 -43.71 39.89 -54.46
C VAL M 202 -43.54 39.45 -55.91
N ASP M 203 -44.64 39.07 -56.57
CA ASP M 203 -44.66 38.59 -57.94
C ASP M 203 -44.84 39.73 -58.93
N PHE M 204 -44.35 39.53 -60.16
CA PHE M 204 -44.47 40.51 -61.24
C PHE M 204 -44.69 39.79 -62.58
N LYS M 205 -45.26 40.52 -63.55
CA LYS M 205 -45.63 39.95 -64.85
C LYS M 205 -44.44 39.43 -65.63
N PHE M 206 -44.68 38.39 -66.44
CA PHE M 206 -43.65 37.81 -67.28
C PHE M 206 -43.35 38.73 -68.47
N ASP M 207 -42.14 38.59 -69.01
CA ASP M 207 -41.69 39.37 -70.18
C ASP M 207 -40.53 38.61 -70.87
N ASP M 208 -39.91 39.17 -71.94
CA ASP M 208 -38.78 38.51 -72.60
C ASP M 208 -37.61 38.39 -71.60
N ALA M 209 -36.83 37.31 -71.71
CA ALA M 209 -35.72 37.01 -70.80
C ALA M 209 -34.81 38.20 -70.46
N LEU M 210 -34.49 39.08 -71.42
CA LEU M 210 -33.64 40.23 -71.14
C LEU M 210 -34.35 41.22 -70.21
N LYS M 211 -35.58 41.64 -70.55
CA LYS M 211 -36.33 42.57 -69.69
C LYS M 211 -36.63 41.96 -68.32
N THR M 212 -36.82 40.64 -68.25
CA THR M 212 -37.07 39.93 -66.99
C THR M 212 -35.80 39.88 -66.14
N ALA M 213 -34.62 39.64 -66.74
CA ALA M 213 -33.37 39.62 -65.99
C ALA M 213 -33.00 41.00 -65.48
N ASP M 214 -33.34 42.07 -66.23
CA ASP M 214 -33.13 43.45 -65.78
C ASP M 214 -34.09 43.72 -64.60
N SER M 215 -35.31 43.18 -64.63
CA SER M 215 -36.27 43.33 -63.55
C SER M 215 -35.81 42.59 -62.29
N VAL M 216 -35.16 41.41 -62.42
CA VAL M 216 -34.71 40.66 -61.24
C VAL M 216 -33.61 41.40 -60.47
N ILE M 217 -32.66 42.03 -61.19
CA ILE M 217 -31.57 42.77 -60.55
C ILE M 217 -32.11 43.99 -59.81
N THR M 218 -33.01 44.73 -60.47
CA THR M 218 -33.61 45.92 -59.86
C THR M 218 -34.50 45.53 -58.69
N PHE M 219 -35.21 44.40 -58.78
CA PHE M 219 -36.08 43.92 -57.72
C PHE M 219 -35.28 43.64 -56.47
N LYS M 220 -34.15 42.92 -56.59
CA LYS M 220 -33.30 42.60 -55.44
C LYS M 220 -32.80 43.86 -54.72
N THR M 221 -32.38 44.89 -55.46
CA THR M 221 -31.91 46.13 -54.85
C THR M 221 -33.06 46.87 -54.16
N THR M 222 -34.22 46.95 -54.82
CA THR M 222 -35.40 47.64 -54.27
C THR M 222 -35.84 47.01 -52.94
N ILE M 223 -35.91 45.67 -52.89
CA ILE M 223 -36.31 44.95 -51.69
C ILE M 223 -35.34 45.23 -50.54
N LYS M 224 -34.03 45.27 -50.83
CA LYS M 224 -33.02 45.52 -49.79
C LYS M 224 -33.00 46.98 -49.30
N THR M 225 -33.07 47.96 -50.21
CA THR M 225 -33.04 49.37 -49.86
C THR M 225 -34.32 49.81 -49.13
N ILE M 226 -35.49 49.32 -49.57
CA ILE M 226 -36.75 49.67 -48.89
C ILE M 226 -36.78 49.08 -47.48
N ALA M 227 -36.23 47.87 -47.29
CA ALA M 227 -36.19 47.24 -45.97
C ALA M 227 -35.32 48.04 -45.00
N GLU M 228 -34.19 48.59 -45.47
CA GLU M 228 -33.32 49.40 -44.61
C GLU M 228 -34.03 50.68 -44.16
N GLN M 229 -34.93 51.24 -44.98
CA GLN M 229 -35.70 52.43 -44.61
C GLN M 229 -36.63 52.13 -43.43
N HIS M 230 -37.18 50.90 -43.36
CA HIS M 230 -38.07 50.51 -42.26
C HIS M 230 -37.31 49.80 -41.11
N GLY M 231 -36.02 50.10 -40.95
CA GLY M 231 -35.19 49.53 -39.90
C GLY M 231 -34.97 48.04 -39.91
N LEU M 232 -35.21 47.36 -41.06
CA LEU M 232 -35.04 45.91 -41.21
C LEU M 232 -33.91 45.59 -42.21
N LYS M 233 -33.60 44.29 -42.41
CA LYS M 233 -32.56 43.86 -43.36
C LYS M 233 -33.11 42.71 -44.18
N ALA M 234 -33.26 42.90 -45.50
CA ALA M 234 -33.80 41.85 -46.38
C ALA M 234 -32.67 40.98 -46.94
N THR M 235 -32.88 39.66 -46.99
CA THR M 235 -31.88 38.73 -47.53
C THR M 235 -32.50 37.74 -48.52
N PHE M 236 -31.81 37.55 -49.66
CA PHE M 236 -32.21 36.57 -50.67
C PHE M 236 -31.35 35.31 -50.51
N MET M 237 -31.06 34.91 -49.26
CA MET M 237 -30.26 33.73 -48.98
C MET M 237 -31.16 32.51 -49.22
N PRO M 238 -30.74 31.47 -49.97
CA PRO M 238 -31.64 30.32 -50.22
C PRO M 238 -32.16 29.58 -48.98
N LYS M 239 -31.49 29.67 -47.84
CA LYS M 239 -31.89 28.98 -46.62
C LYS M 239 -31.21 29.64 -45.42
N PRO M 240 -31.71 30.82 -44.97
CA PRO M 240 -31.07 31.49 -43.84
C PRO M 240 -31.24 30.75 -42.51
N PHE M 241 -32.36 30.01 -42.35
CA PHE M 241 -32.61 29.28 -41.10
C PHE M 241 -33.01 27.83 -41.37
N PHE M 242 -32.50 26.91 -40.54
CA PHE M 242 -32.81 25.48 -40.62
C PHE M 242 -34.20 25.22 -39.99
N GLY M 243 -34.94 24.27 -40.53
CA GLY M 243 -36.25 23.91 -39.99
C GLY M 243 -37.41 24.71 -40.54
N MET M 244 -37.17 25.65 -41.47
CA MET M 244 -38.23 26.44 -42.09
C MET M 244 -37.93 26.61 -43.59
N ASN M 245 -38.99 26.88 -44.39
CA ASN M 245 -38.87 27.04 -45.84
C ASN M 245 -37.76 27.99 -46.28
N GLY M 246 -37.18 27.71 -47.43
CA GLY M 246 -36.12 28.54 -48.00
C GLY M 246 -36.64 29.44 -49.09
N SER M 247 -35.85 30.46 -49.45
CA SER M 247 -36.22 31.38 -50.52
C SER M 247 -36.03 30.70 -51.88
N GLY M 248 -37.10 30.58 -52.65
CA GLY M 248 -37.08 29.97 -53.97
C GLY M 248 -37.55 30.92 -55.06
N MET M 249 -36.96 30.81 -56.25
CA MET M 249 -37.31 31.64 -57.39
C MET M 249 -37.79 30.74 -58.51
N HIS M 250 -39.08 30.36 -58.45
CA HIS M 250 -39.68 29.48 -59.44
C HIS M 250 -39.77 30.22 -60.78
N CYS M 251 -39.18 29.67 -61.85
CA CYS M 251 -39.16 30.33 -63.16
C CYS M 251 -40.20 29.79 -64.13
N HIS M 252 -41.35 30.47 -64.22
CA HIS M 252 -42.40 30.11 -65.18
C HIS M 252 -41.91 30.56 -66.55
N GLN M 253 -41.81 29.64 -67.53
CA GLN M 253 -41.25 30.00 -68.83
C GLN M 253 -41.98 29.35 -70.01
N SER M 254 -41.85 29.96 -71.20
CA SER M 254 -42.47 29.49 -72.44
C SER M 254 -41.86 30.20 -73.66
N ILE M 255 -41.85 29.52 -74.82
CA ILE M 255 -41.31 30.08 -76.07
C ILE M 255 -42.45 30.27 -77.08
N TRP M 256 -42.46 31.41 -77.79
CA TRP M 256 -43.49 31.76 -78.77
C TRP M 256 -42.91 31.90 -80.17
N LEU M 257 -43.06 30.86 -81.01
CA LEU M 257 -42.56 30.88 -82.38
C LEU M 257 -43.58 31.54 -83.31
N ASN M 258 -43.18 32.62 -84.00
CA ASN M 258 -44.03 33.37 -84.93
C ASN M 258 -45.21 34.06 -84.22
N GLY M 259 -44.95 34.64 -83.06
CA GLY M 259 -45.96 35.35 -82.27
C GLY M 259 -47.17 34.54 -81.86
N GLU M 260 -47.00 33.22 -81.64
CA GLU M 260 -48.08 32.33 -81.23
C GLU M 260 -47.64 31.47 -80.05
N PRO M 261 -48.55 31.08 -79.14
CA PRO M 261 -48.15 30.22 -78.01
C PRO M 261 -47.87 28.80 -78.52
N SER M 262 -46.60 28.50 -78.76
CA SER M 262 -46.16 27.21 -79.28
C SER M 262 -46.30 26.06 -78.28
N PHE M 263 -46.37 26.35 -76.98
CA PHE M 263 -46.52 25.31 -75.97
C PHE M 263 -47.95 24.75 -75.89
N TYR M 264 -48.96 25.49 -76.39
CA TYR M 264 -50.35 25.05 -76.35
C TYR M 264 -50.77 24.30 -77.61
N ASP M 265 -51.56 23.23 -77.43
CA ASP M 265 -52.12 22.42 -78.52
C ASP M 265 -53.48 21.91 -78.03
N GLU M 266 -54.56 22.56 -78.49
CA GLU M 266 -55.95 22.22 -78.11
C GLU M 266 -56.25 20.72 -78.29
N ASN M 267 -55.77 20.13 -79.39
CA ASN M 267 -55.96 18.71 -79.69
C ASN M 267 -54.70 17.90 -79.33
N ALA M 268 -54.41 17.71 -78.03
CA ALA M 268 -53.24 16.95 -77.57
C ALA M 268 -53.37 16.51 -76.09
N PRO M 269 -52.53 15.57 -75.59
CA PRO M 269 -52.65 15.18 -74.17
C PRO M 269 -52.28 16.32 -73.22
N TYR M 270 -53.11 16.55 -72.19
CA TYR M 270 -52.93 17.65 -71.23
C TYR M 270 -52.96 19.04 -71.91
N GLN M 271 -53.39 19.12 -73.20
CA GLN M 271 -53.38 20.35 -73.99
C GLN M 271 -51.98 20.96 -74.04
N LEU M 272 -50.96 20.11 -74.26
CA LEU M 272 -49.55 20.52 -74.33
C LEU M 272 -48.98 20.03 -75.66
N SER M 273 -48.32 20.92 -76.40
CA SER M 273 -47.77 20.62 -77.72
C SER M 273 -46.50 19.75 -77.66
N GLU M 274 -46.06 19.25 -78.83
CA GLU M 274 -44.82 18.47 -78.94
C GLU M 274 -43.63 19.37 -78.59
N THR M 275 -43.65 20.64 -79.02
CA THR M 275 -42.59 21.61 -78.72
C THR M 275 -42.39 21.76 -77.20
N CYS M 276 -43.49 21.75 -76.43
CA CYS M 276 -43.43 21.84 -74.97
C CYS M 276 -42.72 20.61 -74.40
N MET M 277 -43.11 19.40 -74.84
CA MET M 277 -42.52 18.15 -74.38
C MET M 277 -41.05 18.05 -74.74
N ASN M 278 -40.66 18.50 -75.93
CA ASN M 278 -39.26 18.47 -76.34
C ASN M 278 -38.44 19.42 -75.45
N TYR M 279 -39.01 20.60 -75.11
CA TYR M 279 -38.35 21.58 -74.26
C TYR M 279 -38.15 21.02 -72.85
N VAL M 280 -39.20 20.39 -72.28
CA VAL M 280 -39.14 19.80 -70.95
C VAL M 280 -38.09 18.69 -70.92
N ALA M 281 -38.01 17.87 -71.97
CA ALA M 281 -37.01 16.79 -72.06
C ALA M 281 -35.58 17.34 -71.99
N GLY M 282 -35.34 18.48 -72.63
CA GLY M 282 -34.04 19.12 -72.64
C GLY M 282 -33.63 19.66 -71.27
N ILE M 283 -34.60 20.23 -70.52
CA ILE M 283 -34.34 20.75 -69.18
C ILE M 283 -33.99 19.59 -68.25
N LEU M 284 -34.77 18.50 -68.31
CA LEU M 284 -34.55 17.32 -67.48
C LEU M 284 -33.22 16.63 -67.80
N LYS M 285 -32.79 16.67 -69.08
CA LYS M 285 -31.53 16.07 -69.51
C LYS M 285 -30.35 16.78 -68.83
N HIS M 286 -30.28 18.11 -68.94
CA HIS M 286 -29.18 18.89 -68.36
C HIS M 286 -29.52 19.42 -66.95
N ALA M 287 -30.51 18.83 -66.24
CA ALA M 287 -30.91 19.28 -64.91
C ALA M 287 -29.77 19.29 -63.89
N LYS M 288 -28.92 18.24 -63.90
CA LYS M 288 -27.79 18.15 -62.98
C LYS M 288 -26.74 19.25 -63.22
N ALA M 289 -26.66 19.78 -64.45
CA ALA M 289 -25.71 20.83 -64.83
C ALA M 289 -26.31 22.23 -64.69
N ILE M 290 -27.63 22.39 -64.90
CA ILE M 290 -28.29 23.69 -64.78
C ILE M 290 -28.26 24.19 -63.33
N VAL M 291 -28.43 23.27 -62.36
CA VAL M 291 -28.42 23.66 -60.94
C VAL M 291 -27.09 24.24 -60.48
N ALA M 292 -25.99 24.08 -61.23
CA ALA M 292 -24.71 24.70 -60.87
C ALA M 292 -24.84 26.22 -61.03
N ILE M 293 -25.50 26.68 -62.13
CA ILE M 293 -25.70 28.10 -62.39
C ILE M 293 -26.89 28.64 -61.59
N THR M 294 -28.06 27.96 -61.66
CA THR M 294 -29.28 28.42 -60.99
C THR M 294 -29.24 28.28 -59.45
N ASN M 295 -28.29 27.50 -58.91
CA ASN M 295 -28.11 27.29 -57.47
C ASN M 295 -26.60 27.38 -57.22
N PRO M 296 -25.99 28.58 -57.30
CA PRO M 296 -24.53 28.68 -57.23
C PRO M 296 -23.89 28.81 -55.85
N THR M 297 -24.66 28.83 -54.76
CA THR M 297 -24.10 28.98 -53.42
C THR M 297 -24.03 27.64 -52.70
N VAL M 298 -23.18 27.54 -51.67
CA VAL M 298 -23.09 26.33 -50.84
C VAL M 298 -24.42 26.14 -50.09
N ASN M 299 -25.00 27.24 -49.61
CA ASN M 299 -26.28 27.26 -48.89
C ASN M 299 -27.47 26.80 -49.75
N SER M 300 -27.39 26.94 -51.08
CA SER M 300 -28.45 26.53 -51.98
C SER M 300 -28.77 25.04 -51.86
N TYR M 301 -27.77 24.21 -51.53
CA TYR M 301 -27.95 22.77 -51.37
C TYR M 301 -28.41 22.35 -49.96
N LYS M 302 -28.82 23.32 -49.11
CA LYS M 302 -29.46 23.10 -47.82
C LYS M 302 -30.99 23.26 -48.01
N ARG M 303 -31.45 24.08 -49.00
CA ARG M 303 -32.85 24.21 -49.39
C ARG M 303 -33.09 23.07 -50.40
N LEU M 304 -32.33 23.07 -51.51
CA LEU M 304 -32.39 22.07 -52.58
C LEU M 304 -31.57 20.86 -52.14
N VAL M 305 -32.02 20.19 -51.07
CA VAL M 305 -31.31 19.08 -50.46
C VAL M 305 -31.88 17.69 -50.86
N PRO M 306 -31.12 16.82 -51.56
CA PRO M 306 -31.67 15.48 -51.90
C PRO M 306 -32.03 14.64 -50.67
N GLY M 307 -32.97 13.72 -50.85
CA GLY M 307 -33.44 12.86 -49.76
C GLY M 307 -34.44 13.54 -48.83
N TYR M 308 -34.66 14.86 -48.97
CA TYR M 308 -35.60 15.63 -48.16
C TYR M 308 -36.55 16.46 -49.05
N GLU M 309 -37.69 16.87 -48.49
CA GLU M 309 -38.73 17.62 -49.21
C GLU M 309 -38.18 18.88 -49.90
N ALA M 310 -37.99 18.79 -51.23
CA ALA M 310 -37.44 19.87 -52.06
C ALA M 310 -37.66 19.57 -53.56
N PRO M 311 -37.54 20.56 -54.49
CA PRO M 311 -37.68 20.24 -55.93
C PRO M 311 -36.37 19.67 -56.49
N VAL M 312 -36.00 18.50 -55.96
CA VAL M 312 -34.77 17.76 -56.26
C VAL M 312 -34.99 16.62 -57.24
N ASN M 313 -36.21 16.08 -57.32
CA ASN M 313 -36.53 14.94 -58.17
C ASN M 313 -36.61 15.38 -59.63
N ILE M 314 -35.73 14.85 -60.48
CA ILE M 314 -35.67 15.16 -61.90
C ILE M 314 -36.85 14.49 -62.63
N ALA M 315 -37.99 15.18 -62.68
CA ALA M 315 -39.22 14.72 -63.35
C ALA M 315 -40.22 15.88 -63.52
N TRP M 316 -41.20 15.74 -64.42
CA TRP M 316 -42.23 16.78 -64.63
C TRP M 316 -43.62 16.25 -64.24
N ALA M 317 -44.55 17.17 -63.90
CA ALA M 317 -45.91 16.78 -63.50
C ALA M 317 -46.88 17.96 -63.59
N ASN M 318 -48.19 17.67 -63.75
CA ASN M 318 -49.22 18.70 -63.84
C ASN M 318 -49.80 19.06 -62.47
N SER M 319 -49.66 20.34 -62.06
CA SER M 319 -50.19 20.85 -60.79
C SER M 319 -49.67 20.06 -59.56
N ASN M 320 -48.38 19.71 -59.57
CA ASN M 320 -47.72 18.95 -58.50
C ASN M 320 -46.41 19.68 -58.15
N ARG M 321 -46.30 20.18 -56.90
CA ARG M 321 -45.13 20.92 -56.44
C ARG M 321 -43.99 20.04 -55.88
N SER M 322 -44.11 18.68 -55.97
CA SER M 322 -43.07 17.78 -55.48
C SER M 322 -41.96 17.53 -56.52
N ALA M 323 -42.28 17.66 -57.82
CA ALA M 323 -41.33 17.46 -58.93
C ALA M 323 -40.50 18.73 -59.24
N ILE M 324 -39.40 18.61 -60.02
CA ILE M 324 -38.55 19.76 -60.37
C ILE M 324 -39.32 20.71 -61.30
N ILE M 325 -40.18 20.17 -62.20
CA ILE M 325 -41.01 20.96 -63.12
C ILE M 325 -42.49 20.73 -62.78
N ARG M 326 -43.29 21.80 -62.84
CA ARG M 326 -44.73 21.76 -62.62
C ARG M 326 -45.37 22.51 -63.79
N VAL M 327 -46.40 21.94 -64.41
CA VAL M 327 -47.10 22.60 -65.50
C VAL M 327 -48.37 23.24 -64.92
N PRO M 328 -48.43 24.58 -64.74
CA PRO M 328 -49.65 25.19 -64.18
C PRO M 328 -50.89 24.90 -65.01
N ALA M 329 -52.05 24.82 -64.37
CA ALA M 329 -53.30 24.49 -65.05
C ALA M 329 -53.79 25.53 -66.08
N ALA M 330 -53.23 26.75 -66.10
CA ALA M 330 -53.64 27.77 -67.06
C ALA M 330 -53.26 27.35 -68.47
N ARG M 331 -54.20 27.49 -69.43
CA ARG M 331 -54.00 27.10 -70.82
C ARG M 331 -54.32 28.23 -71.81
N GLY M 332 -53.87 28.05 -73.05
CA GLY M 332 -54.04 29.03 -74.12
C GLY M 332 -52.74 29.79 -74.28
N LYS M 333 -52.75 31.10 -74.02
CA LYS M 333 -51.54 31.90 -74.08
C LYS M 333 -50.66 31.61 -72.86
N GLY M 334 -51.29 31.49 -71.68
CA GLY M 334 -50.60 31.23 -70.44
C GLY M 334 -50.09 29.80 -70.23
N THR M 335 -49.99 28.99 -71.31
CA THR M 335 -49.46 27.63 -71.18
C THR M 335 -47.96 27.77 -70.94
N ARG M 336 -47.45 27.17 -69.85
CA ARG M 336 -46.05 27.32 -69.47
C ARG M 336 -45.55 26.14 -68.61
N ILE M 337 -44.24 26.14 -68.27
CA ILE M 337 -43.62 25.16 -67.39
C ILE M 337 -42.88 25.92 -66.28
N GLU M 338 -42.97 25.44 -65.04
CA GLU M 338 -42.36 26.08 -63.89
C GLU M 338 -41.13 25.29 -63.43
N PHE M 339 -39.93 25.82 -63.68
CA PHE M 339 -38.70 25.19 -63.22
C PHE M 339 -38.52 25.67 -61.76
N ARG M 340 -38.79 24.78 -60.80
CA ARG M 340 -38.78 25.08 -59.36
C ARG M 340 -37.41 25.03 -58.67
N ALA M 341 -36.38 24.50 -59.33
CA ALA M 341 -35.04 24.38 -58.71
C ALA M 341 -34.33 25.71 -58.36
N PRO M 342 -34.43 26.79 -59.17
CA PRO M 342 -33.69 28.02 -58.83
C PRO M 342 -34.05 28.72 -57.53
N ASP M 343 -33.10 29.50 -57.02
CA ASP M 343 -33.25 30.34 -55.83
C ASP M 343 -32.76 31.75 -56.20
N PRO M 344 -33.19 32.83 -55.50
CA PRO M 344 -32.76 34.18 -55.92
C PRO M 344 -31.27 34.50 -55.77
N SER M 345 -30.42 33.54 -55.37
CA SER M 345 -28.98 33.75 -55.27
C SER M 345 -28.25 33.68 -56.63
N CYS M 346 -28.92 33.19 -57.69
CA CYS M 346 -28.31 33.04 -59.02
C CYS M 346 -28.31 34.31 -59.84
N ASN M 347 -27.40 34.37 -60.83
CA ASN M 347 -27.32 35.48 -61.76
C ASN M 347 -28.48 35.26 -62.75
N PRO M 348 -29.48 36.16 -62.85
CA PRO M 348 -30.60 35.90 -63.78
C PRO M 348 -30.18 35.81 -65.24
N TYR M 349 -29.18 36.59 -65.68
CA TYR M 349 -28.74 36.56 -67.07
C TYR M 349 -28.19 35.19 -67.47
N LEU M 350 -27.41 34.55 -66.57
CA LEU M 350 -26.84 33.23 -66.83
C LEU M 350 -27.88 32.13 -66.59
N ALA M 351 -28.81 32.32 -65.63
CA ALA M 351 -29.87 31.34 -65.35
C ALA M 351 -30.81 31.18 -66.54
N PHE M 352 -31.22 32.29 -67.18
CA PHE M 352 -32.11 32.22 -68.34
C PHE M 352 -31.36 31.69 -69.58
N THR M 353 -30.03 31.93 -69.67
CA THR M 353 -29.23 31.44 -70.78
C THR M 353 -29.15 29.91 -70.76
N VAL M 354 -28.78 29.30 -69.61
CA VAL M 354 -28.68 27.84 -69.49
C VAL M 354 -30.04 27.15 -69.62
N MET M 355 -31.12 27.78 -69.12
CA MET M 355 -32.45 27.18 -69.24
C MET M 355 -32.88 27.19 -70.71
N LEU M 356 -32.66 28.30 -71.43
CA LEU M 356 -33.01 28.36 -72.85
C LEU M 356 -32.13 27.43 -73.67
N ALA M 357 -30.83 27.29 -73.36
CA ALA M 357 -29.94 26.42 -74.12
C ALA M 357 -30.28 24.93 -73.96
N ALA M 358 -30.56 24.48 -72.74
CA ALA M 358 -30.93 23.09 -72.50
C ALA M 358 -32.31 22.80 -73.09
N GLY M 359 -33.24 23.74 -72.95
CA GLY M 359 -34.58 23.60 -73.51
C GLY M 359 -34.58 23.53 -75.02
N LEU M 360 -33.79 24.41 -75.67
CA LEU M 360 -33.67 24.40 -77.14
C LEU M 360 -32.91 23.17 -77.63
N ASP M 361 -32.01 22.58 -76.82
CA ASP M 361 -31.32 21.34 -77.20
C ASP M 361 -32.36 20.21 -77.40
N GLY M 362 -33.40 20.20 -76.57
CA GLY M 362 -34.48 19.23 -76.68
C GLY M 362 -35.37 19.47 -77.89
N VAL M 363 -35.61 20.75 -78.23
CA VAL M 363 -36.44 21.13 -79.38
C VAL M 363 -35.71 20.81 -80.70
N LYS M 364 -34.41 21.15 -80.79
CA LYS M 364 -33.60 20.90 -81.98
C LYS M 364 -33.47 19.40 -82.28
N ASN M 365 -33.17 18.59 -81.25
CA ASN M 365 -33.02 17.14 -81.40
C ASN M 365 -34.36 16.36 -81.31
N LYS M 366 -35.46 17.04 -80.91
CA LYS M 366 -36.79 16.42 -80.75
C LYS M 366 -36.70 15.26 -79.74
N LEU M 367 -36.21 15.55 -78.54
CA LEU M 367 -36.04 14.54 -77.48
C LEU M 367 -37.37 14.17 -76.85
N ASP M 368 -37.49 12.89 -76.46
CA ASP M 368 -38.71 12.34 -75.87
C ASP M 368 -38.73 12.58 -74.36
N ALA M 369 -39.79 13.24 -73.86
CA ALA M 369 -39.94 13.51 -72.44
C ALA M 369 -40.53 12.30 -71.72
N PRO M 370 -40.22 12.11 -70.41
CA PRO M 370 -40.83 10.98 -69.68
C PRO M 370 -42.29 11.27 -69.29
N GLU M 371 -42.98 10.25 -68.76
CA GLU M 371 -44.38 10.41 -68.35
C GLU M 371 -44.48 11.29 -67.10
N PRO M 372 -45.59 12.03 -66.93
CA PRO M 372 -45.71 12.89 -65.74
C PRO M 372 -45.98 12.11 -64.47
N VAL M 373 -45.23 12.42 -63.39
CA VAL M 373 -45.39 11.74 -62.11
C VAL M 373 -46.45 12.47 -61.28
N GLU M 374 -47.72 12.17 -61.53
CA GLU M 374 -48.85 12.80 -60.83
C GLU M 374 -48.83 12.49 -59.32
N ARG M 375 -48.24 11.34 -58.92
CA ARG M 375 -48.12 10.94 -57.51
C ARG M 375 -47.16 11.88 -56.75
N ASN M 376 -47.29 11.94 -55.42
CA ASN M 376 -46.38 12.72 -54.59
C ASN M 376 -45.07 11.95 -54.57
N ILE M 377 -43.96 12.60 -54.98
CA ILE M 377 -42.66 11.93 -55.08
C ILE M 377 -41.96 11.84 -53.71
N PHE M 378 -42.30 12.72 -52.75
CA PHE M 378 -41.68 12.67 -51.42
C PHE M 378 -42.12 11.40 -50.66
N ALA M 379 -43.38 10.99 -50.83
CA ALA M 379 -43.90 9.78 -50.19
C ALA M 379 -43.29 8.48 -50.77
N MET M 380 -42.67 8.54 -51.95
CA MET M 380 -42.06 7.36 -52.58
C MET M 380 -40.74 6.98 -51.91
N SER M 381 -40.42 5.68 -51.93
CA SER M 381 -39.16 5.16 -51.38
C SER M 381 -38.05 5.22 -52.44
N GLU M 382 -36.78 5.22 -52.01
CA GLU M 382 -35.65 5.28 -52.93
C GLU M 382 -35.59 4.11 -53.92
N ALA M 383 -36.02 2.91 -53.49
CA ALA M 383 -36.05 1.74 -54.38
C ALA M 383 -37.13 1.91 -55.45
N GLU M 384 -38.28 2.51 -55.10
CA GLU M 384 -39.38 2.75 -56.04
C GLU M 384 -38.99 3.83 -57.05
N LYS M 385 -38.38 4.94 -56.57
CA LYS M 385 -37.93 6.02 -57.44
C LYS M 385 -36.82 5.56 -58.40
N LYS M 386 -36.00 4.57 -57.99
CA LYS M 386 -34.93 4.04 -58.84
C LYS M 386 -35.52 3.18 -59.97
N GLU M 387 -36.61 2.45 -59.68
CA GLU M 387 -37.27 1.62 -60.69
C GLU M 387 -37.89 2.52 -61.77
N LEU M 388 -38.59 3.59 -61.36
CA LEU M 388 -39.20 4.54 -62.30
C LEU M 388 -38.16 5.34 -63.10
N GLY M 389 -36.97 5.56 -62.52
CA GLY M 389 -35.89 6.29 -63.16
C GLY M 389 -35.87 7.75 -62.80
N ILE M 390 -36.37 8.11 -61.60
CA ILE M 390 -36.41 9.50 -61.14
C ILE M 390 -35.11 9.84 -60.43
N GLU M 391 -34.12 10.34 -61.18
CA GLU M 391 -32.82 10.73 -60.60
C GLU M 391 -32.94 12.02 -59.78
N SER M 392 -31.96 12.30 -58.91
CA SER M 392 -31.98 13.50 -58.06
C SER M 392 -30.85 14.48 -58.44
N VAL M 393 -31.08 15.78 -58.19
CA VAL M 393 -30.09 16.83 -58.48
C VAL M 393 -28.91 16.72 -57.49
N PRO M 394 -27.69 17.14 -57.88
CA PRO M 394 -26.54 17.03 -56.94
C PRO M 394 -26.79 17.50 -55.50
N ALA M 395 -26.13 16.83 -54.54
CA ALA M 395 -26.28 17.12 -53.12
C ALA M 395 -25.47 18.32 -52.62
N ASN M 396 -24.47 18.80 -53.38
CA ASN M 396 -23.66 19.93 -52.95
C ASN M 396 -23.14 20.77 -54.14
N LEU M 397 -22.51 21.92 -53.87
CA LEU M 397 -22.01 22.82 -54.90
C LEU M 397 -20.95 22.17 -55.79
N LYS M 398 -19.95 21.51 -55.19
CA LYS M 398 -18.88 20.86 -55.95
C LYS M 398 -19.43 19.75 -56.84
N ALA M 399 -20.45 19.02 -56.37
CA ALA M 399 -21.06 17.96 -57.18
C ALA M 399 -21.74 18.55 -58.42
N ALA M 400 -22.32 19.75 -58.31
CA ALA M 400 -22.96 20.42 -59.45
C ALA M 400 -21.93 21.04 -60.39
N LEU M 401 -20.81 21.57 -59.86
CA LEU M 401 -19.76 22.17 -60.70
C LEU M 401 -19.12 21.12 -61.61
N ASP M 402 -18.92 19.90 -61.13
CA ASP M 402 -18.36 18.81 -61.93
C ASP M 402 -19.31 18.43 -63.07
N GLU M 403 -20.63 18.47 -62.82
CA GLU M 403 -21.64 18.19 -63.84
C GLU M 403 -21.65 19.29 -64.90
N LEU M 404 -21.51 20.56 -64.47
CA LEU M 404 -21.46 21.70 -65.38
C LEU M 404 -20.21 21.63 -66.25
N GLU M 405 -19.08 21.25 -65.65
CA GLU M 405 -17.80 21.15 -66.36
C GLU M 405 -17.87 20.13 -67.50
N ASN M 406 -18.48 18.96 -67.26
CA ASN M 406 -18.61 17.92 -68.29
C ASN M 406 -19.74 18.18 -69.31
N ASN M 407 -20.59 19.20 -69.07
CA ASN M 407 -21.69 19.53 -69.98
C ASN M 407 -21.20 20.48 -71.07
N ASP M 408 -21.32 20.06 -72.34
CA ASP M 408 -20.89 20.85 -73.50
C ASP M 408 -21.98 21.82 -73.99
N VAL M 409 -23.27 21.52 -73.72
CA VAL M 409 -24.37 22.39 -74.15
C VAL M 409 -24.31 23.72 -73.42
N LEU M 410 -24.13 23.69 -72.09
CA LEU M 410 -24.05 24.92 -71.28
C LEU M 410 -22.71 25.63 -71.45
N LYS M 411 -21.63 24.89 -71.74
CA LYS M 411 -20.31 25.48 -71.95
C LYS M 411 -20.34 26.43 -73.16
N ASN M 412 -20.98 25.99 -74.26
CA ASN M 412 -21.11 26.79 -75.47
C ASN M 412 -22.03 27.99 -75.29
N ALA M 413 -23.14 27.83 -74.55
CA ALA M 413 -24.08 28.92 -74.30
C ALA M 413 -23.47 30.03 -73.46
N LEU M 414 -22.73 29.67 -72.40
CA LEU M 414 -22.08 30.65 -71.52
C LEU M 414 -20.79 31.23 -72.14
N GLY M 415 -20.10 30.43 -72.94
CA GLY M 415 -18.85 30.85 -73.57
C GLY M 415 -17.65 30.52 -72.71
N LYS M 416 -16.48 30.34 -73.33
CA LYS M 416 -15.24 29.97 -72.62
C LYS M 416 -14.93 30.90 -71.45
N HIS M 417 -15.17 32.21 -71.59
CA HIS M 417 -14.85 33.16 -70.53
C HIS M 417 -15.73 32.99 -69.31
N ILE M 418 -17.06 32.92 -69.48
CA ILE M 418 -17.98 32.80 -68.35
C ILE M 418 -17.90 31.40 -67.74
N PHE M 419 -17.90 30.36 -68.58
CA PHE M 419 -17.81 28.97 -68.12
C PHE M 419 -16.57 28.71 -67.24
N GLU M 420 -15.37 29.09 -67.71
CA GLU M 420 -14.14 28.85 -66.95
C GLU M 420 -14.02 29.74 -65.70
N SER M 421 -14.36 31.04 -65.81
CA SER M 421 -14.26 31.93 -64.65
C SER M 421 -15.27 31.55 -63.57
N PHE M 422 -16.50 31.14 -63.95
CA PHE M 422 -17.50 30.73 -62.97
C PHE M 422 -17.01 29.50 -62.20
N LEU M 423 -16.52 28.46 -62.90
CA LEU M 423 -16.02 27.26 -62.26
C LEU M 423 -14.84 27.58 -61.33
N GLU M 424 -13.91 28.46 -61.77
CA GLU M 424 -12.74 28.84 -60.98
C GLU M 424 -13.14 29.59 -59.71
N ILE M 425 -14.09 30.53 -59.81
CA ILE M 425 -14.57 31.31 -58.66
C ILE M 425 -15.33 30.42 -57.68
N LYS M 426 -16.22 29.56 -58.19
CA LYS M 426 -17.01 28.67 -57.34
C LYS M 426 -16.18 27.55 -56.71
N ASN M 427 -15.08 27.10 -57.36
CA ASN M 427 -14.21 26.08 -56.75
C ASN M 427 -13.43 26.67 -55.58
N ALA M 428 -12.99 27.94 -55.69
CA ALA M 428 -12.30 28.62 -54.59
C ALA M 428 -13.29 28.85 -53.42
N GLU M 429 -14.56 29.13 -53.74
CA GLU M 429 -15.64 29.33 -52.78
C GLU M 429 -15.93 28.01 -52.05
N TRP M 430 -15.96 26.89 -52.80
CA TRP M 430 -16.18 25.56 -52.24
C TRP M 430 -15.01 25.15 -51.36
N ASP M 431 -13.77 25.41 -51.81
CA ASP M 431 -12.57 25.08 -51.02
C ASP M 431 -12.56 25.82 -49.70
N SER M 432 -13.03 27.08 -49.69
CA SER M 432 -13.10 27.86 -48.46
C SER M 432 -14.09 27.23 -47.47
N PHE M 433 -15.20 26.66 -47.97
CA PHE M 433 -16.22 26.02 -47.15
C PHE M 433 -15.74 24.68 -46.57
N ARG M 434 -15.16 23.79 -47.40
CA ARG M 434 -14.72 22.49 -46.93
C ARG M 434 -13.52 22.53 -45.96
N THR M 435 -12.74 23.62 -45.95
CA THR M 435 -11.59 23.76 -45.05
C THR M 435 -11.98 24.42 -43.73
N SER M 436 -13.02 25.29 -43.73
CA SER M 436 -13.44 26.00 -42.52
C SER M 436 -14.08 25.07 -41.49
N VAL M 437 -13.78 25.30 -40.20
CA VAL M 437 -14.36 24.54 -39.10
C VAL M 437 -15.70 25.21 -38.77
N THR M 438 -16.81 24.52 -39.02
CA THR M 438 -18.15 25.06 -38.82
C THR M 438 -18.64 24.93 -37.37
N ASP M 439 -19.69 25.71 -37.04
CA ASP M 439 -20.31 25.69 -35.72
C ASP M 439 -20.96 24.33 -35.42
N TRP M 440 -21.46 23.63 -36.45
CA TRP M 440 -22.07 22.30 -36.29
C TRP M 440 -21.01 21.33 -35.78
N GLU M 441 -19.81 21.34 -36.39
CA GLU M 441 -18.71 20.47 -36.00
C GLU M 441 -18.28 20.75 -34.57
N THR M 442 -18.18 22.03 -34.18
CA THR M 442 -17.78 22.39 -32.83
C THR M 442 -18.80 21.88 -31.82
N THR M 443 -20.09 21.99 -32.14
CA THR M 443 -21.15 21.51 -31.25
C THR M 443 -21.12 19.99 -31.11
N ALA M 444 -20.93 19.28 -32.24
CA ALA M 444 -20.95 17.81 -32.26
C ALA M 444 -19.66 17.11 -31.79
N TYR M 445 -18.47 17.71 -32.00
CA TYR M 445 -17.21 17.02 -31.72
C TYR M 445 -16.31 17.64 -30.65
N LEU M 446 -16.61 18.83 -30.08
CA LEU M 446 -15.74 19.38 -29.03
C LEU M 446 -15.78 18.50 -27.77
N LYS M 447 -16.92 17.86 -27.50
CA LYS M 447 -17.07 16.97 -26.35
C LYS M 447 -16.22 15.70 -26.43
N ILE M 448 -15.85 15.24 -27.64
CA ILE M 448 -15.06 14.01 -27.79
C ILE M 448 -13.58 14.22 -27.44
N THR N 3 5.76 51.76 44.90
CA THR N 3 7.13 52.29 44.87
C THR N 3 7.75 52.13 43.46
N VAL N 4 8.96 52.69 43.24
CA VAL N 4 9.66 52.59 41.96
C VAL N 4 10.05 51.13 41.67
N GLU N 5 10.52 50.42 42.71
CA GLU N 5 10.98 49.03 42.59
C GLU N 5 9.88 48.05 42.19
N GLN N 6 8.64 48.24 42.68
CA GLN N 6 7.53 47.34 42.37
C GLN N 6 7.16 47.44 40.88
N VAL N 7 7.18 48.65 40.31
CA VAL N 7 6.86 48.84 38.90
C VAL N 7 7.93 48.16 38.05
N LEU N 8 9.21 48.38 38.37
CA LEU N 8 10.34 47.81 37.63
C LEU N 8 10.40 46.28 37.75
N GLU N 9 9.94 45.72 38.88
CA GLU N 9 9.91 44.27 39.07
C GLU N 9 8.88 43.65 38.13
N TYR N 10 7.73 44.31 37.94
CA TYR N 10 6.69 43.83 37.04
C TYR N 10 7.17 43.91 35.59
N VAL N 11 7.82 45.04 35.22
CA VAL N 11 8.37 45.25 33.87
C VAL N 11 9.41 44.18 33.53
N LYS N 12 10.27 43.82 34.49
CA LYS N 12 11.31 42.81 34.29
C LYS N 12 10.71 41.42 33.96
N SER N 13 9.79 40.93 34.82
CA SER N 13 9.20 39.60 34.66
C SER N 13 8.14 39.47 33.55
N ASN N 14 7.18 40.40 33.49
CA ASN N 14 6.08 40.34 32.53
C ASN N 14 6.44 40.79 31.10
N ASN N 15 7.73 41.12 30.83
CA ASN N 15 8.19 41.51 29.49
C ASN N 15 7.45 42.77 28.97
N VAL N 16 7.46 43.85 29.75
CA VAL N 16 6.82 45.08 29.34
C VAL N 16 7.80 45.81 28.43
N LYS N 17 7.36 46.21 27.23
CA LYS N 17 8.21 46.86 26.24
C LYS N 17 7.91 48.35 26.06
N PHE N 18 6.72 48.83 26.46
CA PHE N 18 6.37 50.25 26.32
C PHE N 18 5.73 50.81 27.58
N MET N 19 5.90 52.13 27.82
CA MET N 19 5.34 52.83 28.97
C MET N 19 4.66 54.10 28.47
N ARG N 20 3.34 54.19 28.63
CA ARG N 20 2.55 55.34 28.20
C ARG N 20 2.47 56.32 29.36
N PHE N 21 3.10 57.49 29.22
CA PHE N 21 3.04 58.52 30.25
C PHE N 21 1.79 59.32 29.95
N GLN N 22 0.67 58.93 30.58
CA GLN N 22 -0.64 59.54 30.32
C GLN N 22 -0.95 60.74 31.20
N PHE N 23 -1.79 61.64 30.68
CA PHE N 23 -2.29 62.83 31.38
C PHE N 23 -3.57 63.35 30.65
N VAL N 24 -4.14 64.50 31.05
CA VAL N 24 -5.35 65.02 30.41
C VAL N 24 -5.23 66.50 30.11
N ASP N 25 -5.83 66.95 29.00
CA ASP N 25 -5.85 68.38 28.66
C ASP N 25 -6.99 69.08 29.49
N ILE N 26 -7.19 70.40 29.31
CA ILE N 26 -8.22 71.12 30.08
C ILE N 26 -9.63 70.53 29.90
N LEU N 27 -9.96 70.09 28.68
CA LEU N 27 -11.29 69.53 28.39
C LEU N 27 -11.47 68.05 28.85
N GLY N 28 -10.43 67.44 29.42
CA GLY N 28 -10.48 66.06 29.88
C GLY N 28 -10.13 65.02 28.83
N VAL N 29 -9.57 65.45 27.68
CA VAL N 29 -9.16 64.52 26.62
C VAL N 29 -7.82 63.92 27.04
N PRO N 30 -7.68 62.58 27.08
CA PRO N 30 -6.38 62.01 27.49
C PRO N 30 -5.30 62.21 26.43
N LYS N 31 -4.06 62.41 26.88
CA LYS N 31 -2.88 62.63 26.04
C LYS N 31 -1.73 61.77 26.62
N ASN N 32 -0.89 61.18 25.76
CA ASN N 32 0.22 60.33 26.25
C ASN N 32 1.37 60.20 25.25
N VAL N 33 2.53 59.74 25.76
CA VAL N 33 3.73 59.51 24.96
C VAL N 33 4.31 58.15 25.36
N ALA N 34 4.73 57.34 24.36
CA ALA N 34 5.23 55.99 24.55
C ALA N 34 6.76 55.89 24.58
N PHE N 35 7.32 55.41 25.70
CA PHE N 35 8.75 55.22 25.92
C PHE N 35 9.12 53.74 25.75
N PRO N 36 10.03 53.37 24.83
CA PRO N 36 10.41 51.95 24.71
C PRO N 36 11.44 51.53 25.76
N ILE N 37 11.14 50.48 26.51
CA ILE N 37 12.03 49.97 27.54
C ILE N 37 13.00 49.02 26.84
N LYS N 38 14.32 49.19 27.06
CA LYS N 38 15.32 48.33 26.41
C LYS N 38 15.56 47.06 27.23
N ALA N 39 16.07 46.01 26.58
CA ALA N 39 16.34 44.74 27.24
C ALA N 39 17.54 44.84 28.19
N GLY N 40 17.60 43.94 29.17
CA GLY N 40 18.69 43.88 30.13
C GLY N 40 18.63 44.95 31.20
N GLU N 41 19.68 45.00 32.04
CA GLU N 41 19.79 45.97 33.12
C GLU N 41 19.84 47.42 32.63
N LYS N 42 20.46 47.68 31.47
CA LYS N 42 20.57 49.03 30.92
C LYS N 42 19.19 49.65 30.63
N GLY N 43 18.28 48.84 30.11
CA GLY N 43 16.92 49.31 29.82
C GLY N 43 16.07 49.49 31.04
N ILE N 44 16.26 48.64 32.06
CA ILE N 44 15.48 48.71 33.30
C ILE N 44 15.81 49.97 34.09
N GLU N 45 17.10 50.28 34.25
CA GLU N 45 17.52 51.46 34.99
C GLU N 45 17.28 52.76 34.19
N GLU N 46 17.19 52.68 32.84
CA GLU N 46 16.83 53.84 32.02
C GLU N 46 15.36 54.19 32.33
N LEU N 47 14.49 53.17 32.45
CA LEU N 47 13.09 53.34 32.80
C LEU N 47 12.97 54.00 34.17
N ARG N 48 13.81 53.56 35.14
CA ARG N 48 13.84 54.10 36.50
C ARG N 48 14.09 55.61 36.48
N ASP N 49 15.01 56.08 35.62
CA ASP N 49 15.31 57.51 35.53
C ASP N 49 14.10 58.30 35.03
N VAL N 50 13.44 57.85 33.95
CA VAL N 50 12.26 58.56 33.44
C VAL N 50 11.02 58.36 34.35
N LEU N 51 11.04 57.40 35.30
CA LEU N 51 9.94 57.20 36.24
C LEU N 51 10.07 58.17 37.41
N GLU N 52 11.31 58.39 37.90
CA GLU N 52 11.59 59.28 39.03
C GLU N 52 11.68 60.75 38.62
N ASN N 53 12.47 61.05 37.57
CA ASN N 53 12.66 62.42 37.10
C ASN N 53 11.62 62.89 36.07
N GLY N 54 10.90 61.96 35.45
CA GLY N 54 9.90 62.28 34.45
C GLY N 54 10.50 62.54 33.07
N LEU N 55 9.76 63.26 32.22
CA LEU N 55 10.20 63.59 30.87
C LEU N 55 9.53 64.85 30.36
N TYR N 56 10.15 65.49 29.36
CA TYR N 56 9.68 66.75 28.79
C TYR N 56 8.68 66.58 27.66
N PHE N 57 7.91 67.64 27.36
CA PHE N 57 6.93 67.65 26.27
C PHE N 57 6.52 69.08 25.89
N ASP N 58 6.03 69.27 24.66
CA ASP N 58 5.59 70.57 24.17
C ASP N 58 4.22 70.90 24.76
N GLY N 59 4.16 71.88 25.66
CA GLY N 59 2.93 72.30 26.31
C GLY N 59 2.02 73.18 25.46
N SER N 60 2.57 73.86 24.45
CA SER N 60 1.77 74.75 23.60
C SER N 60 0.77 73.99 22.74
N SER N 61 1.10 72.76 22.34
CA SER N 61 0.21 71.94 21.52
C SER N 61 -0.96 71.37 22.34
N ILE N 62 -0.80 71.21 23.68
CA ILE N 62 -1.86 70.70 24.54
C ILE N 62 -2.88 71.84 24.79
N GLU N 63 -4.17 71.51 24.81
CA GLU N 63 -5.22 72.52 24.99
C GLU N 63 -5.29 73.08 26.42
N GLY N 64 -5.34 74.40 26.53
CA GLY N 64 -5.44 75.10 27.80
C GLY N 64 -4.24 74.93 28.72
N PHE N 65 -3.03 74.84 28.15
CA PHE N 65 -1.82 74.67 28.94
C PHE N 65 -0.95 75.96 28.90
N VAL N 66 0.05 76.08 28.00
CA VAL N 66 0.94 77.25 27.97
C VAL N 66 1.12 77.79 26.55
N GLY N 67 1.64 79.01 26.45
CA GLY N 67 1.91 79.65 25.16
C GLY N 67 3.13 79.06 24.47
N ILE N 68 3.35 79.47 23.23
CA ILE N 68 4.49 78.99 22.44
C ILE N 68 5.82 79.53 22.98
N ASN N 69 5.83 80.77 23.52
CA ASN N 69 7.05 81.38 24.08
C ASN N 69 7.53 80.79 25.44
N GLU N 70 6.73 79.90 26.05
CA GLU N 70 7.06 79.27 27.34
C GLU N 70 6.50 77.83 27.33
N SER N 71 6.78 77.09 26.25
CA SER N 71 6.25 75.76 26.00
C SER N 71 6.90 74.58 26.75
N ASP N 72 8.16 74.70 27.22
CA ASP N 72 8.84 73.59 27.90
C ASP N 72 8.18 73.19 29.23
N MET N 73 7.67 71.94 29.30
CA MET N 73 6.99 71.38 30.48
C MET N 73 7.48 69.94 30.79
N MET N 74 7.03 69.34 31.93
CA MET N 74 7.42 67.99 32.36
C MET N 74 6.23 67.17 32.89
N LEU N 75 6.40 65.83 32.96
CA LEU N 75 5.39 64.90 33.47
C LEU N 75 6.00 64.06 34.60
N LYS N 76 5.53 64.25 35.85
CA LYS N 76 6.01 63.49 37.01
C LYS N 76 5.05 62.31 37.29
N PRO N 77 5.43 61.05 37.00
CA PRO N 77 4.48 59.94 37.20
C PRO N 77 4.01 59.64 38.63
N ASP N 78 2.72 59.26 38.77
CA ASP N 78 2.13 58.83 40.03
C ASP N 78 2.15 57.31 39.91
N LEU N 79 3.15 56.67 40.54
CA LEU N 79 3.40 55.23 40.44
C LEU N 79 2.26 54.32 40.91
N SER N 80 1.36 54.79 41.78
CA SER N 80 0.23 53.99 42.23
C SER N 80 -0.76 53.68 41.08
N THR N 81 -0.80 54.53 40.03
CA THR N 81 -1.70 54.37 38.88
C THR N 81 -1.18 53.41 37.82
N PHE N 82 -0.01 52.76 38.02
CA PHE N 82 0.55 51.84 37.01
C PHE N 82 -0.44 50.73 36.65
N SER N 83 -0.62 50.46 35.35
CA SER N 83 -1.55 49.44 34.89
C SER N 83 -1.18 48.95 33.49
N VAL N 84 -1.50 47.68 33.19
CA VAL N 84 -1.21 47.09 31.88
C VAL N 84 -2.40 47.32 30.97
N LEU N 85 -2.20 47.82 29.75
CA LEU N 85 -3.30 48.02 28.81
C LEU N 85 -3.67 46.66 28.23
N PRO N 86 -4.89 46.15 28.48
CA PRO N 86 -5.25 44.82 27.99
C PRO N 86 -5.49 44.74 26.49
N TRP N 87 -6.15 45.76 25.91
CA TRP N 87 -6.42 45.78 24.47
C TRP N 87 -5.14 45.69 23.62
N ARG N 88 -3.97 46.03 24.19
CA ARG N 88 -2.67 45.91 23.49
C ARG N 88 -2.12 44.46 23.60
N PRO N 89 -1.06 44.07 22.83
CA PRO N 89 -0.58 42.69 22.89
C PRO N 89 -0.05 42.24 24.26
N SER N 90 -0.09 40.93 24.51
CA SER N 90 0.39 40.33 25.76
C SER N 90 1.91 40.15 25.73
N GLU N 91 2.46 39.60 24.62
CA GLU N 91 3.90 39.44 24.49
C GLU N 91 4.45 40.81 24.09
N LYS N 92 5.44 41.31 24.86
CA LYS N 92 6.02 42.66 24.69
C LYS N 92 4.89 43.66 24.98
N SER N 93 4.23 43.49 26.14
CA SER N 93 3.08 44.27 26.57
C SER N 93 3.32 45.77 26.69
N VAL N 94 2.23 46.56 26.68
CA VAL N 94 2.25 48.02 26.78
C VAL N 94 1.64 48.42 28.12
N ALA N 95 2.42 49.11 28.97
CA ALA N 95 1.97 49.57 30.28
C ALA N 95 1.67 51.09 30.27
N ARG N 96 1.01 51.62 31.31
CA ARG N 96 0.69 53.04 31.41
C ARG N 96 0.94 53.55 32.82
N VAL N 97 1.14 54.87 32.96
CA VAL N 97 1.31 55.51 34.26
C VAL N 97 0.77 56.95 34.17
N ILE N 98 -0.33 57.25 34.90
CA ILE N 98 -0.93 58.59 34.89
C ILE N 98 -0.03 59.54 35.67
N CYS N 99 0.34 60.68 35.07
CA CYS N 99 1.28 61.65 35.63
C CYS N 99 0.65 62.99 35.99
N ASP N 100 1.41 63.82 36.72
CA ASP N 100 1.05 65.18 37.10
C ASP N 100 1.92 66.11 36.25
N VAL N 101 1.30 67.10 35.60
CA VAL N 101 2.02 68.05 34.75
C VAL N 101 2.74 69.04 35.67
N TYR N 102 4.06 69.21 35.45
CA TYR N 102 4.91 70.11 36.24
C TYR N 102 5.64 71.09 35.33
N THR N 103 5.97 72.27 35.86
CA THR N 103 6.70 73.31 35.14
C THR N 103 8.19 72.96 35.04
N THR N 104 8.93 73.66 34.20
CA THR N 104 10.36 73.46 34.00
C THR N 104 11.14 73.53 35.33
N LYS N 105 10.72 74.42 36.25
CA LYS N 105 11.36 74.57 37.56
C LYS N 105 11.00 73.44 38.57
N GLY N 106 10.29 72.40 38.13
CA GLY N 106 9.91 71.28 38.99
C GLY N 106 8.82 71.60 39.99
N LYS N 107 7.92 72.55 39.65
CA LYS N 107 6.80 72.97 40.51
C LYS N 107 5.48 72.50 39.85
N PRO N 108 4.47 71.99 40.59
CA PRO N 108 3.23 71.54 39.91
C PRO N 108 2.58 72.62 39.04
N PHE N 109 2.19 72.26 37.80
CA PHE N 109 1.59 73.21 36.88
C PHE N 109 0.20 73.64 37.35
N GLU N 110 -0.01 74.97 37.45
CA GLU N 110 -1.28 75.57 37.87
C GLU N 110 -2.47 75.15 36.99
N GLY N 111 -2.25 75.07 35.68
CA GLY N 111 -3.30 74.69 34.74
C GLY N 111 -3.47 73.20 34.52
N ASP N 112 -3.07 72.36 35.49
CA ASP N 112 -3.18 70.91 35.40
C ASP N 112 -4.48 70.44 36.06
N PRO N 113 -5.42 69.78 35.33
CA PRO N 113 -6.66 69.33 36.00
C PRO N 113 -6.44 68.31 37.12
N ARG N 114 -5.45 67.40 36.98
CA ARG N 114 -5.17 66.39 37.99
C ARG N 114 -4.60 67.01 39.28
N GLY N 115 -3.69 67.96 39.13
CA GLY N 115 -3.10 68.70 40.24
C GLY N 115 -4.11 69.59 40.95
N CYS N 116 -5.11 70.07 40.20
CA CYS N 116 -6.20 70.89 40.73
C CYS N 116 -7.03 70.05 41.72
N LEU N 117 -7.32 68.79 41.37
CA LEU N 117 -8.08 67.90 42.23
C LEU N 117 -7.23 67.46 43.44
N LYS N 118 -5.93 67.21 43.23
CA LYS N 118 -5.04 66.85 44.34
C LYS N 118 -4.97 67.97 45.37
N ARG N 119 -4.84 69.22 44.89
CA ARG N 119 -4.76 70.41 45.75
C ARG N 119 -5.98 70.54 46.70
N VAL N 120 -7.19 70.49 46.15
CA VAL N 120 -8.41 70.63 46.96
C VAL N 120 -8.60 69.41 47.89
N MET N 121 -8.17 68.20 47.49
CA MET N 121 -8.28 67.02 48.36
C MET N 121 -7.29 67.10 49.52
N GLU N 122 -6.07 67.59 49.27
CA GLU N 122 -5.07 67.77 50.32
C GLU N 122 -5.52 68.87 51.28
N GLU N 123 -6.15 69.96 50.78
CA GLU N 123 -6.69 71.05 51.62
C GLU N 123 -7.79 70.48 52.51
N PHE N 124 -8.67 69.62 51.96
CA PHE N 124 -9.77 69.04 52.72
C PHE N 124 -9.24 68.12 53.79
N LYS N 125 -8.25 67.27 53.45
CA LYS N 125 -7.65 66.35 54.43
C LYS N 125 -6.88 67.11 55.53
N LYS N 126 -6.31 68.28 55.22
CA LYS N 126 -5.57 69.06 56.22
C LYS N 126 -6.52 69.81 57.18
N GLU N 127 -7.60 70.40 56.65
CA GLU N 127 -8.55 71.20 57.42
C GLU N 127 -9.56 70.37 58.22
N PHE N 128 -10.16 69.33 57.59
CA PHE N 128 -11.21 68.53 58.24
C PHE N 128 -10.82 67.07 58.50
N ASN N 129 -9.70 66.57 57.96
CA ASN N 129 -9.29 65.17 58.10
C ASN N 129 -10.33 64.26 57.40
N GLY N 130 -10.77 64.68 56.21
CA GLY N 130 -11.78 64.00 55.44
C GLY N 130 -11.26 63.29 54.20
N GLU N 131 -12.12 62.47 53.61
CA GLU N 131 -11.84 61.70 52.40
C GLU N 131 -13.07 61.81 51.50
N TYR N 132 -12.92 62.43 50.32
CA TYR N 132 -14.02 62.63 49.39
C TYR N 132 -14.18 61.43 48.47
N PHE N 133 -15.28 60.66 48.62
CA PHE N 133 -15.56 59.47 47.83
C PHE N 133 -16.58 59.73 46.73
N VAL N 134 -16.32 59.23 45.50
CA VAL N 134 -17.20 59.39 44.34
C VAL N 134 -17.36 58.04 43.61
N GLY N 135 -18.55 57.80 43.08
CA GLY N 135 -18.91 56.59 42.34
C GLY N 135 -19.82 56.96 41.19
N PRO N 136 -19.27 57.16 39.97
CA PRO N 136 -20.12 57.58 38.85
C PRO N 136 -20.73 56.43 38.06
N GLU N 137 -21.73 56.76 37.24
CA GLU N 137 -22.45 55.84 36.36
C GLU N 137 -22.37 56.40 34.94
N PRO N 138 -21.19 56.32 34.28
CA PRO N 138 -21.07 56.88 32.92
C PRO N 138 -21.70 56.00 31.85
N GLU N 139 -22.80 56.49 31.25
CA GLU N 139 -23.53 55.79 30.19
C GLU N 139 -22.91 56.12 28.82
N PHE N 140 -23.06 55.22 27.85
CA PHE N 140 -22.51 55.40 26.50
C PHE N 140 -23.40 54.74 25.43
N PHE N 141 -23.17 55.08 24.16
CA PHE N 141 -23.92 54.52 23.03
C PHE N 141 -22.99 53.75 22.12
N LEU N 142 -23.41 52.56 21.68
CA LEU N 142 -22.66 51.75 20.71
C LEU N 142 -23.33 52.04 19.37
N LEU N 143 -22.54 52.48 18.38
CA LEU N 143 -23.07 52.85 17.07
C LEU N 143 -22.57 51.97 15.93
N LYS N 144 -23.34 51.95 14.83
CA LYS N 144 -23.00 51.26 13.59
C LYS N 144 -23.39 52.19 12.42
N LYS N 145 -22.71 52.06 11.27
CA LYS N 145 -23.01 52.91 10.11
C LYS N 145 -24.43 52.67 9.61
N ASP N 146 -25.10 53.75 9.18
CA ASP N 146 -26.46 53.67 8.68
C ASP N 146 -26.41 52.92 7.34
N PRO N 147 -27.19 51.84 7.14
CA PRO N 147 -27.15 51.13 5.85
C PRO N 147 -27.62 51.99 4.68
N HIS N 148 -28.63 52.85 4.90
CA HIS N 148 -29.15 53.76 3.87
C HIS N 148 -28.19 54.92 3.54
N ASN N 149 -27.19 55.21 4.40
CA ASN N 149 -26.20 56.26 4.16
C ASN N 149 -24.96 56.01 5.04
N PRO N 150 -23.81 55.58 4.48
CA PRO N 150 -22.64 55.30 5.35
C PRO N 150 -22.02 56.50 6.07
N HIS N 151 -22.31 57.73 5.61
CA HIS N 151 -21.76 58.92 6.24
C HIS N 151 -22.36 59.21 7.63
N LYS N 152 -23.58 58.70 7.91
CA LYS N 152 -24.24 58.88 9.21
C LYS N 152 -24.17 57.60 10.07
N TYR N 153 -24.31 57.76 11.39
CA TYR N 153 -24.29 56.66 12.36
C TYR N 153 -25.64 56.51 13.05
N ILE N 154 -25.98 55.27 13.45
CA ILE N 154 -27.23 54.94 14.15
C ILE N 154 -26.96 54.01 15.34
N PRO N 155 -27.93 53.75 16.24
CA PRO N 155 -27.65 52.85 17.37
C PRO N 155 -27.45 51.39 16.94
N ALA N 156 -26.62 50.63 17.67
CA ALA N 156 -26.30 49.24 17.34
C ALA N 156 -27.49 48.27 17.43
N ASP N 157 -28.48 48.55 18.29
CA ASP N 157 -29.63 47.66 18.45
C ASP N 157 -30.88 48.39 18.94
N ASP N 158 -32.06 47.78 18.71
CA ASP N 158 -33.34 48.34 19.15
C ASP N 158 -33.68 47.79 20.53
N GLY N 159 -32.72 47.81 21.43
CA GLY N 159 -32.89 47.30 22.79
C GLY N 159 -33.35 48.34 23.79
N GLY N 160 -33.98 47.87 24.86
CA GLY N 160 -34.49 48.70 25.94
C GLY N 160 -33.70 48.52 27.22
N TYR N 161 -34.28 48.97 28.34
CA TYR N 161 -33.61 48.87 29.63
C TYR N 161 -33.54 47.42 30.11
N PHE N 162 -32.33 46.95 30.48
CA PHE N 162 -32.10 45.58 30.97
C PHE N 162 -32.53 44.46 30.00
N ASP N 163 -32.76 44.74 28.70
CA ASP N 163 -33.22 43.71 27.76
C ASP N 163 -32.22 42.56 27.59
N LEU N 164 -32.74 41.37 27.19
CA LEU N 164 -31.94 40.16 26.96
C LEU N 164 -31.65 39.96 25.46
N GLU N 165 -30.59 39.19 25.17
CA GLU N 165 -30.22 38.83 23.80
C GLU N 165 -31.34 37.94 23.18
N PRO N 166 -31.56 37.99 21.85
CA PRO N 166 -30.87 38.78 20.83
C PRO N 166 -31.33 40.22 20.69
N MET N 167 -32.37 40.64 21.44
CA MET N 167 -32.86 42.03 21.41
C MET N 167 -31.71 43.00 21.81
N ASP N 168 -30.94 42.59 22.83
CA ASP N 168 -29.75 43.30 23.30
C ASP N 168 -28.57 42.66 22.53
N GLU N 169 -27.98 43.38 21.56
CA GLU N 169 -26.90 42.85 20.75
C GLU N 169 -25.51 43.19 21.30
N ALA N 170 -25.39 43.58 22.57
CA ALA N 170 -24.09 43.93 23.15
C ALA N 170 -23.59 43.07 24.33
N PRO N 171 -24.06 41.81 24.59
CA PRO N 171 -23.49 41.05 25.70
C PRO N 171 -22.01 40.70 25.48
N ASP N 172 -21.61 40.43 24.23
CA ASP N 172 -20.22 40.14 23.89
C ASP N 172 -19.34 41.39 24.04
N ILE N 173 -19.86 42.56 23.65
CA ILE N 173 -19.10 43.82 23.75
C ILE N 173 -18.94 44.18 25.23
N ARG N 174 -20.02 44.09 26.01
CA ARG N 174 -19.95 44.39 27.44
C ARG N 174 -19.06 43.37 28.18
N ARG N 175 -19.06 42.09 27.75
CA ARG N 175 -18.23 41.04 28.34
C ARG N 175 -16.75 41.42 28.30
N ASP N 176 -16.24 41.79 27.10
CA ASP N 176 -14.85 42.16 26.94
C ASP N 176 -14.52 43.46 27.66
N ILE N 177 -15.48 44.40 27.75
CA ILE N 177 -15.28 45.67 28.48
C ILE N 177 -15.02 45.35 29.96
N VAL N 178 -15.86 44.50 30.57
CA VAL N 178 -15.72 44.15 31.97
C VAL N 178 -14.38 43.43 32.22
N PHE N 179 -13.99 42.50 31.33
CA PHE N 179 -12.71 41.81 31.50
C PHE N 179 -11.54 42.80 31.41
N ALA N 180 -11.60 43.75 30.47
CA ALA N 180 -10.54 44.75 30.31
C ALA N 180 -10.43 45.66 31.53
N LEU N 181 -11.57 46.11 32.09
CA LEU N 181 -11.57 46.97 33.27
C LEU N 181 -11.04 46.21 34.50
N GLU N 182 -11.44 44.95 34.68
CA GLU N 182 -10.93 44.14 35.81
C GLU N 182 -9.40 44.00 35.77
N ASN N 183 -8.81 43.87 34.57
CA ASN N 183 -7.36 43.77 34.42
C ASN N 183 -6.68 45.11 34.74
N LEU N 184 -7.35 46.23 34.43
CA LEU N 184 -6.85 47.58 34.74
C LEU N 184 -6.95 47.95 36.25
N GLY N 185 -7.52 47.08 37.08
CA GLY N 185 -7.67 47.30 38.51
C GLY N 185 -9.04 47.78 38.95
N PHE N 186 -10.03 47.76 38.06
CA PHE N 186 -11.39 48.21 38.42
C PHE N 186 -12.14 47.14 39.17
N HIS N 187 -13.04 47.57 40.07
CA HIS N 187 -13.94 46.68 40.80
C HIS N 187 -15.30 46.91 40.15
N VAL N 188 -15.58 46.20 39.06
CA VAL N 188 -16.83 46.36 38.32
C VAL N 188 -17.99 45.85 39.17
N GLU N 189 -19.07 46.63 39.29
CA GLU N 189 -20.22 46.25 40.09
C GLU N 189 -21.35 45.61 39.26
N ALA N 190 -21.72 46.23 38.13
CA ALA N 190 -22.81 45.71 37.28
C ALA N 190 -22.72 46.24 35.84
N SER N 191 -23.33 45.54 34.89
CA SER N 191 -23.34 45.92 33.48
C SER N 191 -24.68 45.50 32.86
N HIS N 192 -25.27 46.37 32.01
CA HIS N 192 -26.58 46.09 31.41
C HIS N 192 -26.91 47.07 30.27
N HIS N 193 -27.99 46.79 29.52
CA HIS N 193 -28.46 47.68 28.46
C HIS N 193 -29.28 48.80 29.12
N GLU N 194 -29.22 50.02 28.58
CA GLU N 194 -29.95 51.17 29.12
C GLU N 194 -31.21 51.49 28.28
N VAL N 195 -32.04 52.43 28.76
CA VAL N 195 -33.33 52.82 28.18
C VAL N 195 -33.30 53.03 26.64
N ALA N 196 -32.44 53.93 26.14
CA ALA N 196 -32.40 54.23 24.71
C ALA N 196 -31.81 53.10 23.85
N PRO N 197 -32.17 53.02 22.55
CA PRO N 197 -31.58 51.98 21.69
C PRO N 197 -30.06 52.07 21.62
N GLY N 198 -29.38 50.94 21.69
CA GLY N 198 -27.92 50.91 21.62
C GLY N 198 -27.20 51.53 22.81
N GLN N 199 -27.93 52.03 23.82
CA GLN N 199 -27.32 52.64 25.00
C GLN N 199 -26.99 51.56 26.02
N HIS N 200 -25.87 51.73 26.74
CA HIS N 200 -25.40 50.77 27.75
C HIS N 200 -24.84 51.49 28.98
N GLU N 201 -24.64 50.75 30.07
CA GLU N 201 -24.10 51.31 31.31
C GLU N 201 -23.26 50.26 32.01
N VAL N 202 -22.00 50.59 32.32
CA VAL N 202 -21.09 49.69 33.03
C VAL N 202 -20.67 50.44 34.30
N ASP N 203 -21.17 49.99 35.46
CA ASP N 203 -20.90 50.60 36.76
C ASP N 203 -19.66 50.02 37.42
N PHE N 204 -19.03 50.81 38.28
CA PHE N 204 -17.85 50.37 39.02
C PHE N 204 -17.86 50.96 40.44
N LYS N 205 -17.14 50.32 41.38
CA LYS N 205 -17.13 50.71 42.78
C LYS N 205 -16.61 52.12 43.03
N PHE N 206 -17.14 52.76 44.07
CA PHE N 206 -16.71 54.10 44.45
C PHE N 206 -15.33 54.06 45.10
N ASP N 207 -14.62 55.18 45.04
CA ASP N 207 -13.29 55.32 45.64
C ASP N 207 -13.00 56.83 45.87
N ASP N 208 -11.79 57.21 46.37
CA ASP N 208 -11.47 58.63 46.55
C ASP N 208 -11.46 59.34 45.19
N ALA N 209 -11.87 60.62 45.17
CA ALA N 209 -12.01 61.42 43.96
C ALA N 209 -10.86 61.30 42.96
N LEU N 210 -9.60 61.23 43.43
CA LEU N 210 -8.46 61.11 42.52
C LEU N 210 -8.46 59.74 41.81
N LYS N 211 -8.57 58.64 42.57
CA LYS N 211 -8.60 57.29 41.98
C LYS N 211 -9.84 57.10 41.09
N THR N 212 -10.96 57.76 41.43
CA THR N 212 -12.19 57.70 40.65
C THR N 212 -12.03 58.47 39.33
N ALA N 213 -11.39 59.66 39.36
CA ALA N 213 -11.18 60.45 38.14
C ALA N 213 -10.19 59.76 37.21
N ASP N 214 -9.17 59.09 37.76
CA ASP N 214 -8.22 58.31 36.95
C ASP N 214 -8.96 57.15 36.27
N SER N 215 -9.92 56.54 36.98
CA SER N 215 -10.74 55.45 36.46
C SER N 215 -11.72 55.92 35.38
N VAL N 216 -12.29 57.13 35.49
CA VAL N 216 -13.22 57.64 34.46
C VAL N 216 -12.49 57.83 33.12
N ILE N 217 -11.25 58.33 33.14
CA ILE N 217 -10.47 58.55 31.91
C ILE N 217 -10.14 57.21 31.24
N THR N 218 -9.69 56.24 32.04
CA THR N 218 -9.36 54.91 31.53
C THR N 218 -10.61 54.18 31.04
N PHE N 219 -11.76 54.39 31.71
CA PHE N 219 -13.01 53.77 31.32
C PHE N 219 -13.43 54.23 29.93
N LYS N 220 -13.39 55.56 29.69
CA LYS N 220 -13.77 56.12 28.39
C LYS N 220 -12.93 55.55 27.25
N THR N 221 -11.60 55.42 27.45
CA THR N 221 -10.74 54.86 26.42
C THR N 221 -11.02 53.37 26.22
N THR N 222 -11.20 52.62 27.32
CA THR N 222 -11.50 51.19 27.26
C THR N 222 -12.78 50.92 26.46
N ILE N 223 -13.83 51.73 26.70
CA ILE N 223 -15.10 51.55 26.01
C ILE N 223 -14.94 51.81 24.51
N LYS N 224 -14.23 52.86 24.15
CA LYS N 224 -14.05 53.21 22.75
C LYS N 224 -13.16 52.23 21.97
N THR N 225 -12.03 51.80 22.57
CA THR N 225 -11.10 50.87 21.92
C THR N 225 -11.69 49.46 21.74
N ILE N 226 -12.41 48.96 22.76
CA ILE N 226 -13.04 47.63 22.69
C ILE N 226 -14.18 47.65 21.65
N ALA N 227 -14.91 48.77 21.53
CA ALA N 227 -15.98 48.87 20.53
C ALA N 227 -15.42 48.80 19.12
N GLU N 228 -14.26 49.43 18.86
CA GLU N 228 -13.64 49.39 17.53
C GLU N 228 -13.21 47.97 17.17
N GLN N 229 -12.83 47.14 18.16
CA GLN N 229 -12.46 45.75 17.90
C GLN N 229 -13.66 44.95 17.40
N HIS N 230 -14.87 45.26 17.89
CA HIS N 230 -16.10 44.56 17.45
C HIS N 230 -16.81 45.30 16.30
N GLY N 231 -16.06 46.05 15.49
CA GLY N 231 -16.59 46.78 14.34
C GLY N 231 -17.62 47.87 14.61
N LEU N 232 -17.70 48.36 15.87
CA LEU N 232 -18.64 49.41 16.26
C LEU N 232 -17.92 50.71 16.66
N LYS N 233 -18.65 51.77 17.01
CA LYS N 233 -18.06 53.04 17.42
C LYS N 233 -18.80 53.52 18.67
N ALA N 234 -18.13 53.61 19.82
CA ALA N 234 -18.76 54.06 21.06
C ALA N 234 -18.64 55.57 21.23
N THR N 235 -19.71 56.23 21.68
CA THR N 235 -19.71 57.68 21.91
C THR N 235 -20.27 58.05 23.28
N PHE N 236 -19.59 58.96 23.97
CA PHE N 236 -20.03 59.50 25.25
C PHE N 236 -20.67 60.87 25.02
N MET N 237 -21.42 61.03 23.91
CA MET N 237 -22.06 62.29 23.58
C MET N 237 -23.30 62.40 24.49
N PRO N 238 -23.53 63.54 25.18
CA PRO N 238 -24.71 63.62 26.09
C PRO N 238 -26.08 63.38 25.45
N LYS N 239 -26.23 63.56 24.14
CA LYS N 239 -27.50 63.40 23.46
C LYS N 239 -27.25 63.20 21.95
N PRO N 240 -26.80 62.01 21.53
CA PRO N 240 -26.52 61.80 20.11
C PRO N 240 -27.77 61.80 19.23
N PHE N 241 -28.92 61.39 19.78
CA PHE N 241 -30.16 61.34 19.02
C PHE N 241 -31.32 61.98 19.78
N PHE N 242 -32.17 62.73 19.06
CA PHE N 242 -33.35 63.38 19.61
C PHE N 242 -34.47 62.35 19.76
N GLY N 243 -35.30 62.50 20.79
CA GLY N 243 -36.42 61.60 21.03
C GLY N 243 -36.11 60.35 21.84
N MET N 244 -34.85 60.20 22.31
CA MET N 244 -34.44 59.06 23.13
C MET N 244 -33.50 59.53 24.24
N ASN N 245 -33.41 58.77 25.34
CA ASN N 245 -32.56 59.12 26.50
C ASN N 245 -31.13 59.47 26.12
N GLY N 246 -30.53 60.36 26.89
CA GLY N 246 -29.16 60.79 26.70
C GLY N 246 -28.20 60.11 27.66
N SER N 247 -26.90 60.19 27.37
CA SER N 247 -25.86 59.61 28.22
C SER N 247 -25.66 60.48 29.46
N GLY N 248 -25.91 59.93 30.64
CA GLY N 248 -25.76 60.63 31.91
C GLY N 248 -24.75 59.97 32.82
N MET N 249 -24.00 60.76 33.59
CA MET N 249 -23.00 60.26 34.53
C MET N 249 -23.40 60.72 35.93
N HIS N 250 -24.30 59.97 36.57
CA HIS N 250 -24.79 60.29 37.91
C HIS N 250 -23.65 60.09 38.90
N CYS N 251 -23.30 61.14 39.68
CA CYS N 251 -22.19 61.07 40.62
C CYS N 251 -22.63 60.84 42.05
N HIS N 252 -22.61 59.58 42.52
CA HIS N 252 -22.92 59.23 43.91
C HIS N 252 -21.72 59.67 44.73
N GLN N 253 -21.91 60.54 45.74
CA GLN N 253 -20.78 61.05 46.52
C GLN N 253 -21.06 61.20 48.01
N SER N 254 -19.99 61.20 48.81
CA SER N 254 -20.06 61.33 50.28
C SER N 254 -18.68 61.65 50.86
N ILE N 255 -18.64 62.35 52.02
CA ILE N 255 -17.39 62.71 52.69
C ILE N 255 -17.31 62.00 54.05
N TRP N 256 -16.12 61.45 54.38
CA TRP N 256 -15.89 60.69 55.62
C TRP N 256 -14.86 61.39 56.52
N LEU N 257 -15.33 62.12 57.53
CA LEU N 257 -14.45 62.81 58.47
C LEU N 257 -14.00 61.86 59.58
N ASN N 258 -12.67 61.68 59.73
CA ASN N 258 -12.07 60.80 60.73
C ASN N 258 -12.43 59.32 60.53
N GLY N 259 -12.41 58.88 59.27
CA GLY N 259 -12.70 57.50 58.91
C GLY N 259 -14.07 56.99 59.32
N GLU N 260 -15.07 57.86 59.36
CA GLU N 260 -16.45 57.50 59.72
C GLU N 260 -17.44 58.06 58.71
N PRO N 261 -18.58 57.39 58.45
CA PRO N 261 -19.56 57.95 57.51
C PRO N 261 -20.27 59.14 58.14
N SER N 262 -19.79 60.35 57.83
CA SER N 262 -20.33 61.59 58.38
C SER N 262 -21.72 61.94 57.86
N PHE N 263 -22.13 61.41 56.71
CA PHE N 263 -23.46 61.67 56.17
C PHE N 263 -24.58 60.93 56.91
N TYR N 264 -24.26 59.83 57.62
CA TYR N 264 -25.25 59.04 58.35
C TYR N 264 -25.44 59.50 59.79
N ASP N 265 -26.70 59.51 60.26
CA ASP N 265 -27.06 59.84 61.64
C ASP N 265 -28.30 59.01 61.98
N GLU N 266 -28.10 57.90 62.73
CA GLU N 266 -29.18 56.98 63.12
C GLU N 266 -30.36 57.71 63.77
N ASN N 267 -30.08 58.71 64.62
CA ASN N 267 -31.11 59.50 65.30
C ASN N 267 -31.29 60.87 64.61
N ALA N 268 -31.91 60.87 63.41
CA ALA N 268 -32.15 62.13 62.65
C ALA N 268 -33.22 61.93 61.54
N PRO N 269 -33.77 63.02 60.96
CA PRO N 269 -34.79 62.83 59.89
C PRO N 269 -34.20 62.19 58.65
N TYR N 270 -34.87 61.16 58.09
CA TYR N 270 -34.41 60.40 56.93
C TYR N 270 -33.05 59.69 57.20
N GLN N 271 -32.59 59.62 58.47
CA GLN N 271 -31.30 59.06 58.85
C GLN N 271 -30.17 59.75 58.09
N LEU N 272 -30.24 61.10 58.01
CA LEU N 272 -29.24 61.92 57.32
C LEU N 272 -28.73 62.97 58.30
N SER N 273 -27.41 63.09 58.43
CA SER N 273 -26.77 64.01 59.37
C SER N 273 -26.85 65.49 58.92
N GLU N 274 -26.48 66.42 59.82
CA GLU N 274 -26.46 67.85 59.52
C GLU N 274 -25.39 68.13 58.47
N THR N 275 -24.23 67.43 58.53
CA THR N 275 -23.15 67.56 57.55
C THR N 275 -23.66 67.26 56.14
N CYS N 276 -24.53 66.25 55.99
CA CYS N 276 -25.11 65.89 54.70
C CYS N 276 -25.98 67.04 54.18
N MET N 277 -26.87 67.59 55.03
CA MET N 277 -27.75 68.69 54.64
C MET N 277 -26.98 69.95 54.29
N ASN N 278 -25.90 70.25 55.02
CA ASN N 278 -25.08 71.42 54.73
C ASN N 278 -24.39 71.24 53.36
N TYR N 279 -23.93 70.01 53.06
CA TYR N 279 -23.27 69.70 51.79
C TYR N 279 -24.26 69.85 50.62
N VAL N 280 -25.48 69.30 50.78
CA VAL N 280 -26.52 69.38 49.76
C VAL N 280 -26.88 70.86 49.50
N ALA N 281 -26.98 71.68 50.57
CA ALA N 281 -27.30 73.10 50.42
C ALA N 281 -26.25 73.83 49.57
N GLY N 282 -24.98 73.48 49.73
CA GLY N 282 -23.90 74.06 48.98
C GLY N 282 -23.93 73.70 47.50
N ILE N 283 -24.30 72.45 47.18
CA ILE N 283 -24.40 72.01 45.79
C ILE N 283 -25.53 72.75 45.11
N LEU N 284 -26.70 72.85 45.78
CA LEU N 284 -27.87 73.53 45.25
C LEU N 284 -27.63 75.04 45.08
N LYS N 285 -26.81 75.64 45.95
CA LYS N 285 -26.48 77.06 45.88
C LYS N 285 -25.71 77.36 44.58
N HIS N 286 -24.62 76.62 44.31
CA HIS N 286 -23.79 76.82 43.13
C HIS N 286 -24.21 75.90 41.96
N ALA N 287 -25.44 75.34 41.96
CA ALA N 287 -25.90 74.45 40.90
C ALA N 287 -25.83 75.06 39.50
N LYS N 288 -26.22 76.34 39.36
CA LYS N 288 -26.20 77.03 38.07
C LYS N 288 -24.77 77.21 37.52
N ALA N 289 -23.76 77.25 38.41
CA ALA N 289 -22.35 77.41 38.04
C ALA N 289 -21.64 76.06 37.86
N ILE N 290 -22.03 75.02 38.62
CA ILE N 290 -21.41 73.70 38.52
C ILE N 290 -21.70 73.07 37.16
N VAL N 291 -22.92 73.27 36.61
CA VAL N 291 -23.28 72.69 35.32
C VAL N 291 -22.43 73.24 34.16
N ALA N 292 -21.70 74.35 34.34
CA ALA N 292 -20.81 74.84 33.29
C ALA N 292 -19.64 73.85 33.12
N ILE N 293 -19.09 73.35 34.24
CA ILE N 293 -17.99 72.39 34.23
C ILE N 293 -18.51 70.96 33.98
N THR N 294 -19.53 70.51 34.74
CA THR N 294 -20.05 69.15 34.62
C THR N 294 -20.86 68.90 33.33
N ASN N 295 -21.26 69.96 32.61
CA ASN N 295 -22.01 69.88 31.35
C ASN N 295 -21.35 70.90 30.41
N PRO N 296 -20.13 70.64 29.91
CA PRO N 296 -19.41 71.67 29.14
C PRO N 296 -19.65 71.74 27.64
N THR N 297 -20.50 70.88 27.07
CA THR N 297 -20.75 70.90 25.62
C THR N 297 -22.07 71.60 25.30
N VAL N 298 -22.22 72.05 24.04
CA VAL N 298 -23.47 72.66 23.58
C VAL N 298 -24.59 71.60 23.62
N ASN N 299 -24.25 70.36 23.21
CA ASN N 299 -25.16 69.23 23.19
C ASN N 299 -25.65 68.81 24.59
N SER N 300 -24.88 69.10 25.64
CA SER N 300 -25.29 68.76 27.01
C SER N 300 -26.62 69.39 27.40
N TYR N 301 -26.92 70.58 26.86
CA TYR N 301 -28.16 71.29 27.15
C TYR N 301 -29.35 70.86 26.27
N LYS N 302 -29.20 69.76 25.51
CA LYS N 302 -30.27 69.10 24.75
C LYS N 302 -30.76 67.89 25.59
N ARG N 303 -29.89 67.28 26.45
CA ARG N 303 -30.26 66.24 27.41
C ARG N 303 -30.77 67.00 28.65
N LEU N 304 -29.90 67.84 29.24
CA LEU N 304 -30.19 68.65 30.43
C LEU N 304 -30.93 69.92 29.95
N VAL N 305 -32.14 69.72 29.41
CA VAL N 305 -32.93 70.80 28.81
C VAL N 305 -34.06 71.31 29.75
N PRO N 306 -34.05 72.59 30.20
CA PRO N 306 -35.15 73.06 31.07
C PRO N 306 -36.52 73.01 30.38
N GLY N 307 -37.58 72.90 31.19
CA GLY N 307 -38.93 72.81 30.66
C GLY N 307 -39.32 71.43 30.17
N TYR N 308 -38.36 70.48 30.09
CA TYR N 308 -38.60 69.10 29.66
C TYR N 308 -37.99 68.10 30.66
N GLU N 309 -38.47 66.84 30.62
CA GLU N 309 -38.05 65.78 31.53
C GLU N 309 -36.53 65.59 31.58
N ALA N 310 -35.89 66.11 32.65
CA ALA N 310 -34.43 66.06 32.84
C ALA N 310 -34.06 66.44 34.30
N PRO N 311 -32.83 66.17 34.79
CA PRO N 311 -32.47 66.59 36.16
C PRO N 311 -32.04 68.06 36.17
N VAL N 312 -32.99 68.93 35.81
CA VAL N 312 -32.85 70.39 35.67
C VAL N 312 -33.36 71.16 36.89
N ASN N 313 -34.28 70.57 37.65
CA ASN N 313 -34.89 71.25 38.79
C ASN N 313 -33.94 71.25 39.98
N ILE N 314 -33.53 72.46 40.41
CA ILE N 314 -32.61 72.65 41.53
C ILE N 314 -33.33 72.35 42.85
N ALA N 315 -33.30 71.08 43.27
CA ALA N 315 -33.92 70.60 44.51
C ALA N 315 -33.42 69.18 44.85
N TRP N 316 -33.58 68.74 46.10
CA TRP N 316 -33.17 67.38 46.52
C TRP N 316 -34.39 66.56 46.95
N ALA N 317 -34.29 65.22 46.90
CA ALA N 317 -35.40 64.33 47.27
C ALA N 317 -34.92 62.90 47.52
N ASN N 318 -35.66 62.13 48.33
CA ASN N 318 -35.32 60.74 48.66
C ASN N 318 -35.96 59.76 47.66
N SER N 319 -35.11 58.98 46.95
CA SER N 319 -35.55 57.96 45.98
C SER N 319 -36.47 58.54 44.88
N ASN N 320 -36.15 59.74 44.38
CA ASN N 320 -36.90 60.44 43.33
C ASN N 320 -35.90 60.88 42.25
N ARG N 321 -36.06 60.36 41.02
CA ARG N 321 -35.16 60.68 39.91
C ARG N 321 -35.57 61.95 39.11
N SER N 322 -36.60 62.70 39.56
CA SER N 322 -37.04 63.92 38.87
C SER N 322 -36.23 65.17 39.31
N ALA N 323 -35.67 65.16 40.53
CA ALA N 323 -34.88 66.26 41.08
C ALA N 323 -33.39 66.19 40.66
N ILE N 324 -32.62 67.28 40.83
CA ILE N 324 -31.18 67.31 40.48
C ILE N 324 -30.39 66.37 41.40
N ILE N 325 -30.78 66.27 42.69
CA ILE N 325 -30.14 65.38 43.68
C ILE N 325 -31.16 64.33 44.12
N ARG N 326 -30.69 63.09 44.31
CA ARG N 326 -31.49 61.97 44.79
C ARG N 326 -30.68 61.30 45.90
N VAL N 327 -31.31 61.03 47.06
CA VAL N 327 -30.63 60.37 48.16
C VAL N 327 -31.00 58.88 48.11
N PRO N 328 -30.09 57.97 47.66
CA PRO N 328 -30.46 56.55 47.60
C PRO N 328 -30.86 55.99 48.97
N ALA N 329 -31.76 55.01 48.97
CA ALA N 329 -32.27 54.42 50.20
C ALA N 329 -31.25 53.67 51.07
N ALA N 330 -30.05 53.36 50.53
CA ALA N 330 -29.03 52.65 51.30
C ALA N 330 -28.51 53.54 52.43
N ARG N 331 -28.40 52.98 53.66
CA ARG N 331 -27.96 53.71 54.84
C ARG N 331 -26.80 53.02 55.57
N GLY N 332 -26.15 53.76 56.47
CA GLY N 332 -24.99 53.30 57.22
C GLY N 332 -23.74 53.86 56.57
N LYS N 333 -22.89 52.98 56.04
CA LYS N 333 -21.68 53.43 55.34
C LYS N 333 -22.06 53.96 53.95
N GLY N 334 -22.98 53.27 53.28
CA GLY N 334 -23.44 53.66 51.95
C GLY N 334 -24.38 54.85 51.87
N THR N 335 -24.45 55.69 52.93
CA THR N 335 -25.29 56.89 52.90
C THR N 335 -24.59 57.87 51.96
N ARG N 336 -25.32 58.36 50.94
CA ARG N 336 -24.73 59.22 49.92
C ARG N 336 -25.79 60.12 49.24
N ILE N 337 -25.34 61.03 48.34
CA ILE N 337 -26.20 61.89 47.54
C ILE N 337 -25.81 61.71 46.06
N GLU N 338 -26.79 61.62 45.16
CA GLU N 338 -26.54 61.42 43.73
C GLU N 338 -26.79 62.71 42.96
N PHE N 339 -25.70 63.36 42.49
CA PHE N 339 -25.82 64.56 41.68
C PHE N 339 -26.06 64.05 40.24
N ARG N 340 -27.31 64.16 39.76
CA ARG N 340 -27.73 63.63 38.45
C ARG N 340 -27.46 64.53 37.24
N ALA N 341 -27.07 65.79 37.44
CA ALA N 341 -26.84 66.72 36.33
C ALA N 341 -25.66 66.37 35.39
N PRO N 342 -24.52 65.82 35.86
CA PRO N 342 -23.39 65.56 34.93
C PRO N 342 -23.64 64.55 33.83
N ASP N 343 -22.86 64.66 32.76
CA ASP N 343 -22.83 63.73 31.61
C ASP N 343 -21.37 63.33 31.37
N PRO N 344 -21.08 62.20 30.71
CA PRO N 344 -19.67 61.79 30.56
C PRO N 344 -18.79 62.69 29.65
N SER N 345 -19.32 63.81 29.15
CA SER N 345 -18.54 64.75 28.34
C SER N 345 -17.62 65.67 29.18
N CYS N 346 -17.81 65.72 30.52
CA CYS N 346 -17.04 66.59 31.39
C CYS N 346 -15.69 66.01 31.80
N ASN N 347 -14.77 66.89 32.21
CA ASN N 347 -13.46 66.50 32.70
C ASN N 347 -13.70 66.00 34.13
N PRO N 348 -13.44 64.73 34.47
CA PRO N 348 -13.72 64.27 35.84
C PRO N 348 -12.92 64.99 36.92
N TYR N 349 -11.67 65.37 36.64
CA TYR N 349 -10.85 66.06 37.63
C TYR N 349 -11.44 67.41 38.02
N LEU N 350 -11.98 68.16 37.05
CA LEU N 350 -12.59 69.46 37.33
C LEU N 350 -14.02 69.29 37.87
N ALA N 351 -14.75 68.24 37.44
CA ALA N 351 -16.10 67.98 37.92
C ALA N 351 -16.11 67.65 39.42
N PHE N 352 -15.16 66.82 39.89
CA PHE N 352 -15.09 66.48 41.32
C PHE N 352 -14.57 67.66 42.14
N THR N 353 -13.73 68.53 41.55
CA THR N 353 -13.21 69.71 42.23
C THR N 353 -14.35 70.70 42.54
N VAL N 354 -15.17 71.07 41.53
CA VAL N 354 -16.28 72.01 41.74
C VAL N 354 -17.37 71.44 42.63
N MET N 355 -17.63 70.12 42.57
CA MET N 355 -18.63 69.50 43.42
C MET N 355 -18.14 69.54 44.88
N LEU N 356 -16.88 69.21 45.13
CA LEU N 356 -16.33 69.24 46.49
C LEU N 356 -16.25 70.67 47.01
N ALA N 357 -15.89 71.65 46.17
CA ALA N 357 -15.79 73.05 46.61
C ALA N 357 -17.14 73.66 46.98
N ALA N 358 -18.18 73.43 46.17
CA ALA N 358 -19.52 73.95 46.47
C ALA N 358 -20.09 73.23 47.69
N GLY N 359 -19.89 71.92 47.78
CA GLY N 359 -20.35 71.13 48.91
C GLY N 359 -19.70 71.53 50.21
N LEU N 360 -18.37 71.75 50.20
CA LEU N 360 -17.65 72.20 51.39
C LEU N 360 -17.99 73.64 51.76
N ASP N 361 -18.39 74.48 50.78
CA ASP N 361 -18.84 75.85 51.08
C ASP N 361 -20.08 75.81 51.99
N GLY N 362 -20.96 74.84 51.78
CA GLY N 362 -22.14 74.64 52.61
C GLY N 362 -21.81 74.11 53.99
N VAL N 363 -20.80 73.23 54.10
CA VAL N 363 -20.35 72.65 55.37
C VAL N 363 -19.65 73.71 56.23
N LYS N 364 -18.76 74.52 55.62
CA LYS N 364 -18.01 75.56 56.32
C LYS N 364 -18.95 76.64 56.87
N ASN N 365 -19.89 77.13 56.04
CA ASN N 365 -20.85 78.16 56.46
C ASN N 365 -22.10 77.60 57.17
N LYS N 366 -22.29 76.27 57.19
CA LYS N 366 -23.44 75.61 57.81
C LYS N 366 -24.74 76.13 57.20
N LEU N 367 -24.85 76.04 55.87
CA LEU N 367 -26.02 76.53 55.13
C LEU N 367 -27.22 75.61 55.29
N ASP N 368 -28.42 76.19 55.32
CA ASP N 368 -29.67 75.47 55.52
C ASP N 368 -30.20 74.94 54.19
N ALA N 369 -30.42 73.62 54.10
CA ALA N 369 -30.95 72.99 52.89
C ALA N 369 -32.48 73.12 52.83
N PRO N 370 -33.08 73.14 51.63
CA PRO N 370 -34.55 73.20 51.55
C PRO N 370 -35.20 71.84 51.82
N GLU N 371 -36.52 71.81 51.92
CA GLU N 371 -37.24 70.57 52.19
C GLU N 371 -37.21 69.64 50.96
N PRO N 372 -37.24 68.31 51.16
CA PRO N 372 -37.19 67.41 50.00
C PRO N 372 -38.51 67.37 49.22
N VAL N 373 -38.43 67.49 47.89
CA VAL N 373 -39.62 67.47 47.03
C VAL N 373 -39.94 66.03 46.64
N GLU N 374 -40.65 65.32 47.54
CA GLU N 374 -41.07 63.93 47.33
C GLU N 374 -41.93 63.77 46.08
N ARG N 375 -42.73 64.80 45.74
CA ARG N 375 -43.60 64.78 44.56
C ARG N 375 -42.80 64.76 43.26
N ASN N 376 -43.44 64.29 42.16
CA ASN N 376 -42.80 64.30 40.85
C ASN N 376 -42.78 65.77 40.40
N ILE N 377 -41.60 66.29 40.08
CA ILE N 377 -41.45 67.70 39.72
C ILE N 377 -41.83 67.96 38.25
N PHE N 378 -41.77 66.94 37.37
CA PHE N 378 -42.14 67.10 35.96
C PHE N 378 -43.64 67.36 35.83
N ALA N 379 -44.47 66.70 36.66
CA ALA N 379 -45.91 66.89 36.64
C ALA N 379 -46.35 68.28 37.15
N MET N 380 -45.47 69.01 37.85
CA MET N 380 -45.79 70.34 38.39
C MET N 380 -45.78 71.40 37.30
N SER N 381 -46.60 72.44 37.48
CA SER N 381 -46.69 73.57 36.55
C SER N 381 -45.62 74.62 36.91
N GLU N 382 -45.24 75.48 35.95
CA GLU N 382 -44.24 76.51 36.17
C GLU N 382 -44.65 77.51 37.27
N ALA N 383 -45.94 77.82 37.40
CA ALA N 383 -46.42 78.73 38.45
C ALA N 383 -46.29 78.08 39.84
N GLU N 384 -46.53 76.75 39.92
CA GLU N 384 -46.43 76.01 41.18
C GLU N 384 -44.96 75.88 41.59
N LYS N 385 -44.07 75.56 40.64
CA LYS N 385 -42.63 75.45 40.92
C LYS N 385 -42.03 76.80 41.34
N LYS N 386 -42.58 77.92 40.83
CA LYS N 386 -42.09 79.26 41.16
C LYS N 386 -42.49 79.61 42.61
N GLU N 387 -43.68 79.17 43.05
CA GLU N 387 -44.15 79.42 44.43
C GLU N 387 -43.25 78.67 45.42
N LEU N 388 -42.96 77.39 45.15
CA LEU N 388 -42.09 76.57 46.01
C LEU N 388 -40.63 77.07 46.01
N GLY N 389 -40.19 77.69 44.91
CA GLY N 389 -38.84 78.22 44.78
C GLY N 389 -37.89 77.24 44.12
N ILE N 390 -38.40 76.36 43.24
CA ILE N 390 -37.59 75.37 42.55
C ILE N 390 -37.05 75.97 41.27
N GLU N 391 -35.86 76.60 41.32
CA GLU N 391 -35.24 77.20 40.14
C GLU N 391 -34.69 76.12 39.19
N SER N 392 -34.44 76.48 37.92
CA SER N 392 -33.93 75.53 36.93
C SER N 392 -32.51 75.87 36.50
N VAL N 393 -31.74 74.84 36.08
CA VAL N 393 -30.36 75.02 35.62
C VAL N 393 -30.34 75.73 34.26
N PRO N 394 -29.28 76.49 33.91
CA PRO N 394 -29.28 77.20 32.62
C PRO N 394 -29.69 76.39 31.40
N ALA N 395 -30.34 77.06 30.43
CA ALA N 395 -30.86 76.43 29.21
C ALA N 395 -29.81 76.18 28.12
N ASN N 396 -28.63 76.83 28.20
CA ASN N 396 -27.59 76.65 27.18
C ASN N 396 -26.17 76.81 27.76
N LEU N 397 -25.14 76.51 26.95
CA LEU N 397 -23.75 76.59 27.39
C LEU N 397 -23.34 78.00 27.80
N LYS N 398 -23.65 79.02 26.99
CA LYS N 398 -23.30 80.40 27.29
C LYS N 398 -23.97 80.88 28.57
N ALA N 399 -25.21 80.45 28.82
CA ALA N 399 -25.92 80.82 30.04
C ALA N 399 -25.22 80.26 31.27
N ALA N 400 -24.62 79.06 31.17
CA ALA N 400 -23.89 78.44 32.27
C ALA N 400 -22.50 79.06 32.45
N LEU N 401 -21.83 79.46 31.36
CA LEU N 401 -20.51 80.08 31.43
C LEU N 401 -20.57 81.43 32.17
N ASP N 402 -21.64 82.22 31.95
CA ASP N 402 -21.82 83.49 32.64
C ASP N 402 -22.01 83.28 34.14
N GLU N 403 -22.71 82.19 34.53
CA GLU N 403 -22.93 81.85 35.93
C GLU N 403 -21.60 81.43 36.58
N LEU N 404 -20.79 80.65 35.85
CA LEU N 404 -19.47 80.22 36.33
C LEU N 404 -18.54 81.40 36.50
N GLU N 405 -18.58 82.36 35.56
CA GLU N 405 -17.73 83.54 35.58
C GLU N 405 -18.00 84.39 36.84
N ASN N 406 -19.29 84.60 37.19
CA ASN N 406 -19.66 85.38 38.38
C ASN N 406 -19.51 84.61 39.70
N ASN N 407 -19.25 83.28 39.66
CA ASN N 407 -19.09 82.47 40.87
C ASN N 407 -17.63 82.53 41.34
N ASP N 408 -17.42 83.01 42.59
CA ASP N 408 -16.08 83.12 43.18
C ASP N 408 -15.63 81.83 43.87
N VAL N 409 -16.58 80.97 44.31
CA VAL N 409 -16.23 79.72 45.00
C VAL N 409 -15.54 78.76 44.02
N LEU N 410 -16.09 78.60 42.81
CA LEU N 410 -15.51 77.72 41.80
C LEU N 410 -14.28 78.34 41.14
N LYS N 411 -14.20 79.68 41.06
CA LYS N 411 -13.04 80.36 40.48
C LYS N 411 -11.78 80.04 41.30
N ASN N 412 -11.89 80.10 42.63
CA ASN N 412 -10.79 79.81 43.55
C ASN N 412 -10.39 78.33 43.53
N ALA N 413 -11.37 77.41 43.46
CA ALA N 413 -11.10 75.98 43.44
C ALA N 413 -10.38 75.56 42.17
N LEU N 414 -10.78 76.09 41.01
CA LEU N 414 -10.15 75.76 39.72
C LEU N 414 -8.84 76.53 39.51
N GLY N 415 -8.73 77.74 40.05
CA GLY N 415 -7.56 78.57 39.91
C GLY N 415 -7.66 79.47 38.70
N LYS N 416 -6.97 80.62 38.72
CA LYS N 416 -6.99 81.60 37.63
C LYS N 416 -6.68 80.99 36.26
N HIS N 417 -5.75 80.04 36.19
CA HIS N 417 -5.37 79.44 34.91
C HIS N 417 -6.48 78.58 34.31
N ILE N 418 -7.06 77.66 35.10
CA ILE N 418 -8.10 76.77 34.59
C ILE N 418 -9.40 77.54 34.37
N PHE N 419 -9.79 78.38 35.32
CA PHE N 419 -11.02 79.18 35.23
C PHE N 419 -11.06 80.07 33.97
N GLU N 420 -10.00 80.85 33.71
CA GLU N 420 -9.96 81.73 32.55
C GLU N 420 -9.81 80.99 31.22
N SER N 421 -8.95 79.96 31.15
CA SER N 421 -8.76 79.20 29.91
C SER N 421 -10.02 78.42 29.55
N PHE N 422 -10.71 77.84 30.54
CA PHE N 422 -11.95 77.10 30.28
C PHE N 422 -13.01 78.04 29.69
N LEU N 423 -13.23 79.21 30.30
CA LEU N 423 -14.20 80.17 29.80
C LEU N 423 -13.85 80.63 28.38
N GLU N 424 -12.56 80.90 28.12
CA GLU N 424 -12.08 81.36 26.82
C GLU N 424 -12.30 80.29 25.74
N ILE N 425 -11.98 79.02 26.04
CA ILE N 425 -12.15 77.91 25.09
C ILE N 425 -13.63 77.65 24.84
N LYS N 426 -14.45 77.63 25.88
CA LYS N 426 -15.88 77.37 25.73
C LYS N 426 -16.64 78.54 25.08
N ASN N 427 -16.16 79.79 25.22
CA ASN N 427 -16.82 80.93 24.56
C ASN N 427 -16.55 80.86 23.05
N ALA N 428 -15.34 80.46 22.64
CA ALA N 428 -15.03 80.29 21.22
C ALA N 428 -15.85 79.13 20.62
N GLU N 429 -16.07 78.08 21.42
CA GLU N 429 -16.88 76.91 21.05
C GLU N 429 -18.34 77.32 20.88
N TRP N 430 -18.85 78.16 21.81
CA TRP N 430 -20.21 78.67 21.75
C TRP N 430 -20.40 79.61 20.55
N ASP N 431 -19.42 80.49 20.30
CA ASP N 431 -19.48 81.41 19.16
C ASP N 431 -19.52 80.65 17.85
N SER N 432 -18.80 79.53 17.74
CA SER N 432 -18.81 78.70 16.54
C SER N 432 -20.21 78.10 16.31
N PHE N 433 -20.92 77.74 17.38
CA PHE N 433 -22.26 77.16 17.32
C PHE N 433 -23.31 78.21 16.92
N ARG N 434 -23.32 79.38 17.57
CA ARG N 434 -24.33 80.41 17.29
C ARG N 434 -24.20 81.06 15.90
N THR N 435 -23.02 80.98 15.27
CA THR N 435 -22.79 81.55 13.94
C THR N 435 -23.09 80.53 12.83
N SER N 436 -22.92 79.23 13.09
CA SER N 436 -23.15 78.19 12.08
C SER N 436 -24.63 78.03 11.73
N VAL N 437 -24.91 77.82 10.43
CA VAL N 437 -26.27 77.59 9.94
C VAL N 437 -26.54 76.09 10.11
N THR N 438 -27.47 75.74 11.00
CA THR N 438 -27.78 74.35 11.32
C THR N 438 -28.77 73.71 10.33
N ASP N 439 -28.83 72.37 10.33
CA ASP N 439 -29.74 71.60 9.49
C ASP N 439 -31.20 71.87 9.86
N TRP N 440 -31.50 72.16 11.14
CA TRP N 440 -32.85 72.47 11.59
C TRP N 440 -33.34 73.75 10.90
N GLU N 441 -32.48 74.79 10.88
CA GLU N 441 -32.80 76.07 10.24
C GLU N 441 -33.05 75.88 8.76
N THR N 442 -32.21 75.09 8.07
CA THR N 442 -32.38 74.84 6.65
C THR N 442 -33.72 74.14 6.37
N THR N 443 -34.08 73.17 7.21
CA THR N 443 -35.35 72.47 7.06
C THR N 443 -36.55 73.39 7.29
N ALA N 444 -36.49 74.23 8.32
CA ALA N 444 -37.58 75.11 8.69
C ALA N 444 -37.72 76.40 7.88
N TYR N 445 -36.63 76.98 7.37
CA TYR N 445 -36.68 78.29 6.70
C TYR N 445 -36.30 78.34 5.21
N LEU N 446 -35.80 77.25 4.60
CA LEU N 446 -35.47 77.32 3.17
C LEU N 446 -36.73 77.52 2.31
N LYS N 447 -37.87 77.00 2.76
CA LYS N 447 -39.14 77.14 2.06
C LYS N 447 -39.67 78.59 2.03
N ILE N 448 -39.29 79.44 3.01
CA ILE N 448 -39.78 80.82 3.07
C ILE N 448 -39.10 81.72 2.03
N SER O 2 -24.94 110.10 -28.29
CA SER O 2 -24.10 111.18 -27.77
C SER O 2 -24.90 112.15 -26.88
N THR O 3 -26.13 112.52 -27.28
CA THR O 3 -27.01 113.39 -26.48
C THR O 3 -28.08 112.56 -25.76
N VAL O 4 -28.76 113.15 -24.76
CA VAL O 4 -29.85 112.48 -24.07
C VAL O 4 -31.01 112.27 -25.07
N GLU O 5 -31.26 113.26 -25.96
CA GLU O 5 -32.32 113.18 -26.96
C GLU O 5 -32.10 112.03 -27.97
N GLN O 6 -30.85 111.79 -28.41
CA GLN O 6 -30.57 110.70 -29.36
C GLN O 6 -30.72 109.32 -28.71
N VAL O 7 -30.35 109.18 -27.42
CA VAL O 7 -30.51 107.90 -26.73
C VAL O 7 -32.01 107.64 -26.51
N LEU O 8 -32.76 108.64 -26.02
CA LEU O 8 -34.21 108.51 -25.82
C LEU O 8 -34.96 108.28 -27.15
N GLU O 9 -34.43 108.80 -28.26
CA GLU O 9 -35.01 108.59 -29.59
C GLU O 9 -34.86 107.12 -29.99
N TYR O 10 -33.66 106.54 -29.81
CA TYR O 10 -33.43 105.12 -30.13
C TYR O 10 -34.30 104.24 -29.23
N VAL O 11 -34.38 104.57 -27.93
CA VAL O 11 -35.19 103.83 -26.96
C VAL O 11 -36.69 103.82 -27.35
N LYS O 12 -37.21 104.96 -27.84
CA LYS O 12 -38.62 105.08 -28.21
C LYS O 12 -39.04 104.18 -29.39
N SER O 13 -38.32 104.27 -30.52
CA SER O 13 -38.64 103.52 -31.73
C SER O 13 -38.25 102.02 -31.69
N ASN O 14 -37.03 101.70 -31.24
CA ASN O 14 -36.56 100.31 -31.22
C ASN O 14 -37.09 99.45 -30.06
N ASN O 15 -38.00 99.98 -29.22
CA ASN O 15 -38.61 99.23 -28.12
C ASN O 15 -37.56 98.72 -27.12
N VAL O 16 -36.72 99.62 -26.59
CA VAL O 16 -35.71 99.24 -25.60
C VAL O 16 -36.40 99.21 -24.23
N LYS O 17 -36.19 98.14 -23.46
CA LYS O 17 -36.82 97.96 -22.15
C LYS O 17 -35.85 98.05 -20.97
N PHE O 18 -34.54 97.81 -21.17
CA PHE O 18 -33.56 97.88 -20.07
C PHE O 18 -32.34 98.73 -20.44
N MET O 19 -31.68 99.30 -19.42
CA MET O 19 -30.48 100.11 -19.59
C MET O 19 -29.45 99.66 -18.55
N ARG O 20 -28.34 99.07 -19.01
CA ARG O 20 -27.28 98.55 -18.17
C ARG O 20 -26.25 99.66 -17.94
N PHE O 21 -26.14 100.16 -16.71
CA PHE O 21 -25.16 101.19 -16.39
C PHE O 21 -23.89 100.43 -16.03
N GLN O 22 -22.98 100.29 -17.00
CA GLN O 22 -21.76 99.49 -16.86
C GLN O 22 -20.53 100.29 -16.42
N PHE O 23 -19.61 99.64 -15.70
CA PHE O 23 -18.35 100.22 -15.24
C PHE O 23 -17.34 99.06 -14.92
N VAL O 24 -16.14 99.35 -14.39
CA VAL O 24 -15.16 98.31 -14.09
C VAL O 24 -14.56 98.48 -12.70
N ASP O 25 -14.25 97.36 -12.02
CA ASP O 25 -13.57 97.42 -10.73
C ASP O 25 -12.04 97.65 -10.95
N ILE O 26 -11.23 97.71 -9.88
CA ILE O 26 -9.80 97.96 -10.02
C ILE O 26 -9.09 96.91 -10.90
N LEU O 27 -9.50 95.63 -10.81
CA LEU O 27 -8.88 94.55 -11.60
C LEU O 27 -9.39 94.48 -13.06
N GLY O 28 -10.32 95.34 -13.46
CA GLY O 28 -10.85 95.36 -14.81
C GLY O 28 -12.05 94.46 -15.03
N VAL O 29 -12.66 93.94 -13.94
CA VAL O 29 -13.83 93.07 -14.04
C VAL O 29 -15.04 93.99 -14.27
N PRO O 30 -15.86 93.79 -15.31
CA PRO O 30 -17.01 94.67 -15.51
C PRO O 30 -18.11 94.45 -14.47
N LYS O 31 -18.80 95.53 -14.07
CA LYS O 31 -19.87 95.53 -13.09
C LYS O 31 -21.01 96.41 -13.64
N ASN O 32 -22.28 96.04 -13.42
CA ASN O 32 -23.41 96.82 -13.93
C ASN O 32 -24.71 96.61 -13.15
N VAL O 33 -25.67 97.53 -13.34
CA VAL O 33 -27.00 97.48 -12.73
C VAL O 33 -28.03 97.80 -13.81
N ALA O 34 -29.11 97.00 -13.91
CA ALA O 34 -30.14 97.22 -14.93
C ALA O 34 -31.26 98.14 -14.43
N PHE O 35 -31.71 99.07 -15.29
CA PHE O 35 -32.79 100.02 -15.02
C PHE O 35 -33.93 99.75 -15.99
N PRO O 36 -35.13 99.38 -15.52
CA PRO O 36 -36.23 99.14 -16.46
C PRO O 36 -36.91 100.43 -16.92
N ILE O 37 -37.07 100.58 -18.24
CA ILE O 37 -37.67 101.76 -18.86
C ILE O 37 -39.18 101.55 -18.92
N LYS O 38 -39.99 102.51 -18.42
CA LYS O 38 -41.44 102.38 -18.46
C LYS O 38 -42.01 102.90 -19.79
N ALA O 39 -43.21 102.46 -20.14
CA ALA O 39 -43.87 102.88 -21.38
C ALA O 39 -44.42 104.31 -21.28
N GLY O 40 -44.63 104.95 -22.43
CA GLY O 40 -45.18 106.29 -22.51
C GLY O 40 -44.20 107.39 -22.14
N GLU O 41 -44.69 108.64 -22.15
CA GLU O 41 -43.86 109.83 -21.83
C GLU O 41 -43.28 109.76 -20.41
N LYS O 42 -44.04 109.22 -19.45
CA LYS O 42 -43.60 109.12 -18.06
C LYS O 42 -42.33 108.27 -17.90
N GLY O 43 -42.23 107.20 -18.68
CA GLY O 43 -41.05 106.34 -18.66
C GLY O 43 -39.85 106.99 -19.29
N ILE O 44 -40.06 107.72 -20.40
CA ILE O 44 -38.98 108.43 -21.10
C ILE O 44 -38.44 109.57 -20.25
N GLU O 45 -39.32 110.30 -19.53
CA GLU O 45 -38.87 111.39 -18.66
C GLU O 45 -38.16 110.85 -17.42
N GLU O 46 -38.54 109.65 -16.94
CA GLU O 46 -37.86 109.00 -15.81
C GLU O 46 -36.45 108.62 -16.26
N LEU O 47 -36.32 108.02 -17.46
CA LEU O 47 -35.03 107.62 -18.01
C LEU O 47 -34.15 108.86 -18.25
N ARG O 48 -34.73 109.98 -18.69
CA ARG O 48 -33.99 111.23 -18.93
C ARG O 48 -33.30 111.69 -17.65
N ASP O 49 -33.98 111.60 -16.51
CA ASP O 49 -33.42 112.01 -15.22
C ASP O 49 -32.28 111.09 -14.80
N VAL O 50 -32.45 109.77 -14.96
CA VAL O 50 -31.43 108.79 -14.57
C VAL O 50 -30.22 108.86 -15.53
N LEU O 51 -30.42 109.28 -16.80
CA LEU O 51 -29.31 109.41 -17.75
C LEU O 51 -28.48 110.67 -17.49
N GLU O 52 -29.14 111.79 -17.12
CA GLU O 52 -28.44 113.06 -16.85
C GLU O 52 -27.80 113.10 -15.45
N ASN O 53 -28.57 112.73 -14.41
CA ASN O 53 -28.10 112.77 -13.01
C ASN O 53 -27.41 111.49 -12.53
N GLY O 54 -27.57 110.38 -13.23
CA GLY O 54 -26.94 109.12 -12.84
C GLY O 54 -27.70 108.40 -11.74
N LEU O 55 -27.05 107.40 -11.11
CA LEU O 55 -27.67 106.64 -10.03
C LEU O 55 -26.65 106.17 -8.98
N TYR O 56 -27.13 105.92 -7.76
CA TYR O 56 -26.30 105.52 -6.62
C TYR O 56 -26.02 104.01 -6.58
N PHE O 57 -24.97 103.61 -5.84
CA PHE O 57 -24.59 102.20 -5.68
C PHE O 57 -23.65 102.02 -4.48
N ASP O 58 -23.61 100.81 -3.92
CA ASP O 58 -22.73 100.48 -2.80
C ASP O 58 -21.30 100.30 -3.30
N GLY O 59 -20.41 101.22 -2.95
CA GLY O 59 -19.02 101.18 -3.36
C GLY O 59 -18.14 100.22 -2.57
N SER O 60 -18.54 99.86 -1.34
CA SER O 60 -17.76 98.94 -0.51
C SER O 60 -17.70 97.53 -1.06
N SER O 61 -18.76 97.09 -1.75
CA SER O 61 -18.81 95.76 -2.35
C SER O 61 -17.93 95.66 -3.60
N ILE O 62 -17.67 96.79 -4.31
CA ILE O 62 -16.82 96.79 -5.50
C ILE O 62 -15.35 96.72 -5.06
N GLU O 63 -14.52 95.96 -5.78
CA GLU O 63 -13.11 95.79 -5.42
C GLU O 63 -12.26 97.04 -5.67
N GLY O 64 -11.47 97.42 -4.68
CA GLY O 64 -10.57 98.56 -4.75
C GLY O 64 -11.25 99.91 -4.90
N PHE O 65 -12.43 100.07 -4.28
CA PHE O 65 -13.17 101.32 -4.36
C PHE O 65 -13.16 102.06 -2.99
N VAL O 66 -14.17 101.90 -2.12
CA VAL O 66 -14.23 102.63 -0.84
C VAL O 66 -14.58 101.70 0.33
N GLY O 67 -14.36 102.19 1.55
CA GLY O 67 -14.67 101.44 2.76
C GLY O 67 -16.15 101.40 3.05
N ILE O 68 -16.55 100.60 4.05
CA ILE O 68 -17.96 100.47 4.42
C ILE O 68 -18.49 101.75 5.07
N ASN O 69 -17.64 102.48 5.82
CA ASN O 69 -18.03 103.73 6.49
C ASN O 69 -18.24 104.94 5.54
N GLU O 70 -17.90 104.81 4.25
CA GLU O 70 -18.03 105.88 3.25
C GLU O 70 -18.39 105.23 1.90
N SER O 71 -19.39 104.34 1.91
CA SER O 71 -19.78 103.53 0.76
C SER O 71 -20.64 104.22 -0.31
N ASP O 72 -21.39 105.30 0.01
CA ASP O 72 -22.27 105.96 -0.97
C ASP O 72 -21.51 106.58 -2.17
N MET O 73 -21.77 106.07 -3.39
CA MET O 73 -21.15 106.53 -4.64
C MET O 73 -22.19 106.69 -5.77
N MET O 74 -21.78 107.22 -6.95
CA MET O 74 -22.65 107.45 -8.10
C MET O 74 -22.00 107.04 -9.43
N LEU O 75 -22.83 106.88 -10.49
CA LEU O 75 -22.39 106.53 -11.84
C LEU O 75 -22.90 107.57 -12.84
N LYS O 76 -22.00 108.38 -13.42
CA LYS O 76 -22.36 109.41 -14.41
C LYS O 76 -22.21 108.80 -15.83
N PRO O 77 -23.31 108.55 -16.58
CA PRO O 77 -23.17 107.89 -17.89
C PRO O 77 -22.49 108.67 -19.01
N ASP O 78 -21.67 107.96 -19.81
CA ASP O 78 -21.01 108.49 -21.00
C ASP O 78 -21.96 108.13 -22.15
N LEU O 79 -22.83 109.08 -22.53
CA LEU O 79 -23.85 108.85 -23.56
C LEU O 79 -23.31 108.44 -24.94
N SER O 80 -22.03 108.71 -25.22
CA SER O 80 -21.42 108.30 -26.48
C SER O 80 -21.24 106.77 -26.55
N THR O 81 -21.11 106.09 -25.39
CA THR O 81 -20.92 104.64 -25.31
C THR O 81 -22.24 103.85 -25.30
N PHE O 82 -23.33 104.43 -25.82
CA PHE O 82 -24.61 103.73 -25.88
C PHE O 82 -24.52 102.62 -26.92
N SER O 83 -25.00 101.40 -26.59
CA SER O 83 -24.95 100.26 -27.51
C SER O 83 -25.96 99.20 -27.12
N VAL O 84 -26.60 98.57 -28.11
CA VAL O 84 -27.57 97.51 -27.85
C VAL O 84 -26.83 96.19 -27.69
N LEU O 85 -27.16 95.40 -26.65
CA LEU O 85 -26.51 94.11 -26.44
C LEU O 85 -27.12 93.12 -27.43
N PRO O 86 -26.35 92.58 -28.39
CA PRO O 86 -26.95 91.68 -29.38
C PRO O 86 -27.31 90.30 -28.83
N TRP O 87 -26.52 89.76 -27.88
CA TRP O 87 -26.82 88.46 -27.28
C TRP O 87 -28.16 88.46 -26.50
N ARG O 88 -28.61 89.64 -26.02
CA ARG O 88 -29.90 89.76 -25.33
C ARG O 88 -31.07 89.78 -26.36
N PRO O 89 -32.35 89.61 -25.94
CA PRO O 89 -33.44 89.57 -26.93
C PRO O 89 -33.62 90.84 -27.75
N SER O 90 -34.18 90.69 -28.95
CA SER O 90 -34.43 91.80 -29.86
C SER O 90 -35.73 92.52 -29.50
N GLU O 91 -36.81 91.76 -29.21
CA GLU O 91 -38.09 92.33 -28.80
C GLU O 91 -37.93 92.70 -27.31
N LYS O 92 -38.18 93.98 -26.95
CA LYS O 92 -37.97 94.51 -25.60
C LYS O 92 -36.47 94.40 -25.29
N SER O 93 -35.67 94.94 -26.21
CA SER O 93 -34.21 94.88 -26.18
C SER O 93 -33.56 95.47 -24.92
N VAL O 94 -32.27 95.15 -24.72
CA VAL O 94 -31.47 95.63 -23.59
C VAL O 94 -30.37 96.52 -24.16
N ALA O 95 -30.16 97.68 -23.54
CA ALA O 95 -29.13 98.64 -23.95
C ALA O 95 -28.08 98.84 -22.85
N ARG O 96 -26.90 99.38 -23.20
CA ARG O 96 -25.84 99.61 -22.23
C ARG O 96 -25.30 101.02 -22.33
N VAL O 97 -24.71 101.50 -21.24
CA VAL O 97 -24.09 102.82 -21.21
C VAL O 97 -22.96 102.78 -20.17
N ILE O 98 -21.71 102.87 -20.63
CA ILE O 98 -20.56 102.84 -19.73
C ILE O 98 -20.51 104.18 -18.98
N CYS O 99 -20.25 104.14 -17.67
CA CYS O 99 -20.25 105.31 -16.81
C CYS O 99 -18.91 105.56 -16.13
N ASP O 100 -18.73 106.80 -15.65
CA ASP O 100 -17.58 107.21 -14.86
C ASP O 100 -18.06 107.21 -13.41
N VAL O 101 -17.31 106.56 -12.52
CA VAL O 101 -17.65 106.50 -11.11
C VAL O 101 -17.35 107.87 -10.47
N TYR O 102 -18.34 108.43 -9.74
CA TYR O 102 -18.24 109.73 -9.09
C TYR O 102 -18.62 109.62 -7.61
N THR O 103 -18.15 110.57 -6.79
CA THR O 103 -18.45 110.62 -5.36
C THR O 103 -19.80 111.34 -5.10
N THR O 104 -20.34 111.28 -3.86
CA THR O 104 -21.60 111.94 -3.51
C THR O 104 -21.56 113.46 -3.79
N LYS O 105 -20.39 114.08 -3.64
CA LYS O 105 -20.22 115.51 -3.91
C LYS O 105 -20.24 115.87 -5.42
N GLY O 106 -20.49 114.91 -6.30
CA GLY O 106 -20.56 115.14 -7.74
C GLY O 106 -19.21 115.38 -8.40
N LYS O 107 -18.13 114.85 -7.79
CA LYS O 107 -16.76 114.98 -8.31
C LYS O 107 -16.28 113.59 -8.81
N PRO O 108 -15.41 113.48 -9.84
CA PRO O 108 -14.98 112.14 -10.28
C PRO O 108 -14.20 111.37 -9.20
N PHE O 109 -14.45 110.06 -9.08
CA PHE O 109 -13.79 109.22 -8.09
C PHE O 109 -12.33 108.96 -8.45
N GLU O 110 -11.42 109.24 -7.51
CA GLU O 110 -9.98 109.03 -7.67
C GLU O 110 -9.60 107.59 -8.02
N GLY O 111 -10.27 106.63 -7.38
CA GLY O 111 -10.00 105.21 -7.61
C GLY O 111 -10.75 104.59 -8.78
N ASP O 112 -11.17 105.40 -9.75
CA ASP O 112 -11.90 104.91 -10.93
C ASP O 112 -10.93 104.62 -12.08
N PRO O 113 -10.81 103.38 -12.60
CA PRO O 113 -9.89 103.14 -13.72
C PRO O 113 -10.22 103.93 -15.00
N ARG O 114 -11.51 104.13 -15.31
CA ARG O 114 -11.92 104.86 -16.51
C ARG O 114 -11.57 106.35 -16.42
N GLY O 115 -11.81 106.94 -15.25
CA GLY O 115 -11.48 108.34 -14.98
C GLY O 115 -9.98 108.58 -14.96
N CYS O 116 -9.20 107.55 -14.55
CA CYS O 116 -7.74 107.55 -14.52
C CYS O 116 -7.22 107.74 -15.95
N LEU O 117 -7.79 106.99 -16.93
CA LEU O 117 -7.39 107.08 -18.33
C LEU O 117 -7.86 108.40 -18.95
N LYS O 118 -9.06 108.87 -18.60
CA LYS O 118 -9.56 110.16 -19.11
C LYS O 118 -8.65 111.29 -18.66
N ARG O 119 -8.24 111.28 -17.37
CA ARG O 119 -7.38 112.29 -16.79
C ARG O 119 -6.05 112.43 -17.57
N VAL O 120 -5.32 111.32 -17.77
CA VAL O 120 -4.04 111.37 -18.47
C VAL O 120 -4.20 111.74 -19.95
N MET O 121 -5.32 111.36 -20.59
CA MET O 121 -5.56 111.71 -22.00
C MET O 121 -5.87 113.20 -22.14
N GLU O 122 -6.65 113.76 -21.20
CA GLU O 122 -6.97 115.20 -21.21
C GLU O 122 -5.70 116.01 -20.94
N GLU O 123 -4.82 115.53 -20.04
CA GLU O 123 -3.55 116.18 -19.73
C GLU O 123 -2.63 116.16 -20.95
N PHE O 124 -2.61 115.05 -21.70
CA PHE O 124 -1.80 114.91 -22.91
C PHE O 124 -2.33 115.85 -24.01
N LYS O 125 -3.66 115.91 -24.18
CA LYS O 125 -4.28 116.79 -25.18
C LYS O 125 -4.08 118.27 -24.82
N LYS O 126 -3.99 118.62 -23.54
CA LYS O 126 -3.79 120.00 -23.11
C LYS O 126 -2.33 120.44 -23.29
N GLU O 127 -1.37 119.57 -22.95
CA GLU O 127 0.05 119.88 -23.01
C GLU O 127 0.67 119.79 -24.41
N PHE O 128 0.35 118.72 -25.17
CA PHE O 128 0.93 118.48 -26.49
C PHE O 128 -0.05 118.57 -27.68
N ASN O 129 -1.37 118.62 -27.41
CA ASN O 129 -2.40 118.60 -28.48
C ASN O 129 -2.32 117.26 -29.24
N GLY O 130 -2.18 116.17 -28.49
CA GLY O 130 -2.05 114.83 -29.04
C GLY O 130 -3.26 113.95 -28.83
N GLU O 131 -3.25 112.80 -29.52
CA GLU O 131 -4.30 111.80 -29.48
C GLU O 131 -3.61 110.44 -29.38
N TYR O 132 -3.81 109.70 -28.28
CA TYR O 132 -3.18 108.41 -28.06
C TYR O 132 -4.03 107.29 -28.66
N PHE O 133 -3.54 106.64 -29.73
CA PHE O 133 -4.27 105.57 -30.41
C PHE O 133 -3.72 104.19 -30.04
N VAL O 134 -4.62 103.22 -29.77
CA VAL O 134 -4.27 101.84 -29.41
C VAL O 134 -5.13 100.85 -30.21
N GLY O 135 -4.54 99.72 -30.58
CA GLY O 135 -5.17 98.65 -31.33
C GLY O 135 -4.68 97.31 -30.80
N PRO O 136 -5.41 96.67 -29.88
CA PRO O 136 -4.93 95.40 -29.30
C PRO O 136 -5.35 94.17 -30.07
N GLU O 137 -4.69 93.04 -29.77
CA GLU O 137 -4.94 91.72 -30.35
C GLU O 137 -5.20 90.75 -29.20
N PRO O 138 -6.38 90.84 -28.53
CA PRO O 138 -6.64 89.94 -27.40
C PRO O 138 -7.01 88.51 -27.82
N GLU O 139 -6.11 87.56 -27.53
CA GLU O 139 -6.31 86.14 -27.85
C GLU O 139 -7.08 85.45 -26.72
N PHE O 140 -7.79 84.37 -27.04
CA PHE O 140 -8.58 83.62 -26.07
C PHE O 140 -8.63 82.12 -26.41
N PHE O 141 -9.07 81.29 -25.45
CA PHE O 141 -9.19 79.85 -25.63
C PHE O 141 -10.64 79.44 -25.51
N LEU O 142 -11.12 78.57 -26.41
CA LEU O 142 -12.46 78.00 -26.34
C LEU O 142 -12.27 76.62 -25.71
N LEU O 143 -12.99 76.34 -24.61
CA LEU O 143 -12.83 75.08 -23.87
C LEU O 143 -14.10 74.23 -23.86
N LYS O 144 -13.91 72.93 -23.64
CA LYS O 144 -14.97 71.94 -23.50
C LYS O 144 -14.59 71.01 -22.33
N LYS O 145 -15.59 70.41 -21.66
CA LYS O 145 -15.31 69.51 -20.53
C LYS O 145 -14.52 68.30 -20.98
N ASP O 146 -13.58 67.84 -20.14
CA ASP O 146 -12.76 66.68 -20.45
C ASP O 146 -13.67 65.44 -20.41
N PRO O 147 -13.71 64.60 -21.47
CA PRO O 147 -14.59 63.42 -21.41
C PRO O 147 -14.17 62.42 -20.33
N HIS O 148 -12.86 62.26 -20.10
CA HIS O 148 -12.34 61.36 -19.06
C HIS O 148 -12.57 61.88 -17.62
N ASN O 149 -12.87 63.19 -17.46
CA ASN O 149 -13.16 63.78 -16.14
C ASN O 149 -13.94 65.09 -16.32
N PRO O 150 -15.25 65.17 -16.00
CA PRO O 150 -15.98 66.43 -16.23
C PRO O 150 -15.57 67.62 -15.37
N HIS O 151 -14.85 67.39 -14.26
CA HIS O 151 -14.39 68.47 -13.39
C HIS O 151 -13.30 69.34 -14.05
N LYS O 152 -12.52 68.80 -15.02
CA LYS O 152 -11.46 69.54 -15.71
C LYS O 152 -11.90 69.97 -17.12
N TYR O 153 -11.24 71.01 -17.66
CA TYR O 153 -11.51 71.54 -18.99
C TYR O 153 -10.32 71.33 -19.93
N ILE O 154 -10.58 71.17 -21.23
CA ILE O 154 -9.56 70.99 -22.27
C ILE O 154 -9.86 71.88 -23.48
N PRO O 155 -8.92 72.03 -24.46
CA PRO O 155 -9.23 72.87 -25.63
C PRO O 155 -10.32 72.28 -26.52
N ALA O 156 -11.11 73.14 -27.20
CA ALA O 156 -12.20 72.71 -28.06
C ALA O 156 -11.78 71.92 -29.30
N ASP O 157 -10.58 72.14 -29.83
CA ASP O 157 -10.12 71.44 -31.03
C ASP O 157 -8.59 71.32 -31.10
N ASP O 158 -8.10 70.36 -31.90
CA ASP O 158 -6.67 70.16 -32.11
C ASP O 158 -6.20 70.96 -33.32
N GLY O 159 -6.61 72.22 -33.40
CA GLY O 159 -6.28 73.10 -34.51
C GLY O 159 -5.02 73.92 -34.29
N GLY O 160 -4.41 74.32 -35.41
CA GLY O 160 -3.19 75.12 -35.43
C GLY O 160 -3.44 76.54 -35.91
N TYR O 161 -2.38 77.24 -36.27
CA TYR O 161 -2.48 78.62 -36.73
C TYR O 161 -3.15 78.71 -38.10
N PHE O 162 -4.21 79.53 -38.23
CA PHE O 162 -4.94 79.74 -39.49
C PHE O 162 -5.56 78.45 -40.09
N ASP O 163 -5.68 77.35 -39.32
CA ASP O 163 -6.22 76.09 -39.87
C ASP O 163 -7.66 76.21 -40.38
N LEU O 164 -8.03 75.32 -41.33
CA LEU O 164 -9.38 75.27 -41.92
C LEU O 164 -10.24 74.17 -41.27
N GLU O 165 -11.56 74.32 -41.38
CA GLU O 165 -12.51 73.32 -40.90
C GLU O 165 -12.35 72.00 -41.71
N PRO O 166 -12.62 70.82 -41.13
CA PRO O 166 -13.09 70.55 -39.77
C PRO O 166 -12.01 70.54 -38.69
N MET O 167 -10.72 70.70 -39.07
CA MET O 167 -9.62 70.74 -38.10
C MET O 167 -9.83 71.92 -37.12
N ASP O 168 -10.28 73.06 -37.65
CA ASP O 168 -10.66 74.24 -36.89
C ASP O 168 -12.18 74.10 -36.63
N GLU O 169 -12.58 73.81 -35.39
CA GLU O 169 -13.98 73.60 -35.05
C GLU O 169 -14.68 74.87 -34.54
N ALA O 170 -14.11 76.07 -34.79
CA ALA O 170 -14.72 77.31 -34.32
C ALA O 170 -15.14 78.33 -35.40
N PRO O 171 -15.36 77.99 -36.70
CA PRO O 171 -15.82 79.02 -37.65
C PRO O 171 -17.22 79.54 -37.30
N ASP O 172 -18.11 78.69 -36.79
CA ASP O 172 -19.45 79.10 -36.39
C ASP O 172 -19.41 79.98 -35.15
N ILE O 173 -18.52 79.66 -34.18
CA ILE O 173 -18.40 80.45 -32.96
C ILE O 173 -17.82 81.82 -33.29
N ARG O 174 -16.74 81.86 -34.11
CA ARG O 174 -16.15 83.13 -34.51
C ARG O 174 -17.11 83.96 -35.38
N ARG O 175 -17.94 83.30 -36.22
CA ARG O 175 -18.95 83.98 -37.06
C ARG O 175 -19.89 84.82 -36.21
N ASP O 176 -20.50 84.22 -35.17
CA ASP O 176 -21.42 84.91 -34.29
C ASP O 176 -20.73 85.99 -33.46
N ILE O 177 -19.46 85.77 -33.08
CA ILE O 177 -18.68 86.77 -32.33
C ILE O 177 -18.53 88.02 -33.20
N VAL O 178 -18.13 87.87 -34.47
CA VAL O 178 -17.94 89.01 -35.36
C VAL O 178 -19.26 89.75 -35.60
N PHE O 179 -20.38 89.02 -35.78
CA PHE O 179 -21.68 89.67 -35.98
C PHE O 179 -22.06 90.47 -34.72
N ALA O 180 -21.84 89.90 -33.53
CA ALA O 180 -22.16 90.58 -32.27
C ALA O 180 -21.34 91.84 -32.07
N LEU O 181 -20.03 91.79 -32.38
CA LEU O 181 -19.15 92.95 -32.23
C LEU O 181 -19.52 94.05 -33.24
N GLU O 182 -19.85 93.68 -34.49
CA GLU O 182 -20.27 94.67 -35.49
C GLU O 182 -21.53 95.43 -35.06
N ASN O 183 -22.48 94.75 -34.40
CA ASN O 183 -23.69 95.42 -33.88
C ASN O 183 -23.34 96.36 -32.73
N LEU O 184 -22.37 96.00 -31.89
CA LEU O 184 -21.92 96.84 -30.79
C LEU O 184 -21.12 98.10 -31.24
N GLY O 185 -20.86 98.24 -32.53
CA GLY O 185 -20.12 99.38 -33.08
C GLY O 185 -18.65 99.11 -33.38
N PHE O 186 -18.21 97.84 -33.32
CA PHE O 186 -16.81 97.50 -33.60
C PHE O 186 -16.54 97.44 -35.09
N HIS O 187 -15.32 97.80 -35.47
CA HIS O 187 -14.85 97.69 -36.85
C HIS O 187 -13.90 96.50 -36.84
N VAL O 188 -14.46 95.29 -37.01
CA VAL O 188 -13.67 94.06 -36.96
C VAL O 188 -12.77 94.01 -38.19
N GLU O 189 -11.47 93.69 -37.99
CA GLU O 189 -10.51 93.64 -39.09
C GLU O 189 -10.28 92.22 -39.60
N ALA O 190 -10.06 91.24 -38.70
CA ALA O 190 -9.81 89.86 -39.10
C ALA O 190 -10.09 88.87 -37.96
N SER O 191 -10.32 87.59 -38.29
CA SER O 191 -10.60 86.54 -37.32
C SER O 191 -10.01 85.23 -37.83
N HIS O 192 -9.41 84.43 -36.95
CA HIS O 192 -8.75 83.17 -37.35
C HIS O 192 -8.37 82.31 -36.13
N HIS O 193 -7.96 81.06 -36.37
CA HIS O 193 -7.49 80.16 -35.32
C HIS O 193 -6.02 80.53 -35.02
N GLU O 194 -5.61 80.41 -33.75
CA GLU O 194 -4.24 80.73 -33.33
C GLU O 194 -3.40 79.45 -33.12
N VAL O 195 -2.09 79.62 -32.88
CA VAL O 195 -1.09 78.55 -32.75
C VAL O 195 -1.54 77.37 -31.84
N ALA O 196 -1.90 77.64 -30.58
CA ALA O 196 -2.26 76.57 -29.64
C ALA O 196 -3.62 75.92 -29.94
N PRO O 197 -3.85 74.66 -29.52
CA PRO O 197 -5.16 74.03 -29.73
C PRO O 197 -6.30 74.82 -29.10
N GLY O 198 -7.41 74.97 -29.81
CA GLY O 198 -8.57 75.69 -29.30
C GLY O 198 -8.37 77.19 -29.10
N GLN O 199 -7.18 77.73 -29.42
CA GLN O 199 -6.91 79.16 -29.28
C GLN O 199 -7.39 79.91 -30.52
N HIS O 200 -7.91 81.13 -30.33
CA HIS O 200 -8.43 81.96 -31.41
C HIS O 200 -8.05 83.44 -31.22
N GLU O 201 -8.21 84.26 -32.26
CA GLU O 201 -7.89 85.67 -32.19
C GLU O 201 -8.85 86.45 -33.09
N VAL O 202 -9.54 87.45 -32.52
CA VAL O 202 -10.46 88.30 -33.27
C VAL O 202 -9.93 89.73 -33.11
N ASP O 203 -9.40 90.28 -34.20
CA ASP O 203 -8.81 91.62 -34.23
C ASP O 203 -9.85 92.68 -34.58
N PHE O 204 -9.61 93.92 -34.13
CA PHE O 204 -10.49 95.04 -34.42
C PHE O 204 -9.66 96.33 -34.61
N LYS O 205 -10.24 97.31 -35.31
CA LYS O 205 -9.54 98.54 -35.67
C LYS O 205 -9.10 99.37 -34.46
N PHE O 206 -7.99 100.07 -34.61
CA PHE O 206 -7.46 100.93 -33.56
C PHE O 206 -8.32 102.19 -33.41
N ASP O 207 -8.27 102.80 -32.24
CA ASP O 207 -9.01 104.03 -31.93
C ASP O 207 -8.34 104.73 -30.71
N ASP O 208 -8.88 105.87 -30.22
CA ASP O 208 -8.30 106.53 -29.05
C ASP O 208 -8.38 105.61 -27.82
N ALA O 209 -7.38 105.68 -26.93
CA ALA O 209 -7.28 104.82 -25.76
C ALA O 209 -8.58 104.60 -24.97
N LEU O 210 -9.41 105.63 -24.81
CA LEU O 210 -10.67 105.49 -24.07
C LEU O 210 -11.65 104.59 -24.84
N LYS O 211 -11.91 104.88 -26.14
CA LYS O 211 -12.80 104.06 -26.95
C LYS O 211 -12.28 102.63 -27.12
N THR O 212 -10.94 102.46 -27.14
CA THR O 212 -10.31 101.15 -27.26
C THR O 212 -10.47 100.35 -25.96
N ALA O 213 -10.31 101.00 -24.78
CA ALA O 213 -10.47 100.32 -23.50
C ALA O 213 -11.92 99.94 -23.27
N ASP O 214 -12.88 100.77 -23.70
CA ASP O 214 -14.30 100.44 -23.61
C ASP O 214 -14.60 99.21 -24.50
N SER O 215 -13.95 99.12 -25.67
CA SER O 215 -14.09 98.01 -26.59
C SER O 215 -13.47 96.73 -26.03
N VAL O 216 -12.33 96.79 -25.32
CA VAL O 216 -11.71 95.59 -24.74
C VAL O 216 -12.63 94.94 -23.69
N ILE O 217 -13.30 95.74 -22.85
CA ILE O 217 -14.21 95.21 -21.83
C ILE O 217 -15.41 94.54 -22.48
N THR O 218 -15.99 95.19 -23.49
CA THR O 218 -17.14 94.68 -24.22
C THR O 218 -16.78 93.44 -25.03
N PHE O 219 -15.55 93.38 -25.56
CA PHE O 219 -15.05 92.24 -26.32
C PHE O 219 -14.96 91.00 -25.44
N LYS O 220 -14.36 91.14 -24.24
CA LYS O 220 -14.22 90.02 -23.31
C LYS O 220 -15.58 89.42 -22.92
N THR O 221 -16.59 90.26 -22.68
CA THR O 221 -17.92 89.78 -22.34
C THR O 221 -18.57 89.09 -23.55
N THR O 222 -18.44 89.70 -24.75
CA THR O 222 -19.00 89.14 -25.99
C THR O 222 -18.39 87.78 -26.33
N ILE O 223 -17.10 87.57 -26.04
CA ILE O 223 -16.44 86.30 -26.31
C ILE O 223 -16.98 85.24 -25.36
N LYS O 224 -17.11 85.58 -24.08
CA LYS O 224 -17.56 84.62 -23.07
C LYS O 224 -19.05 84.24 -23.19
N THR O 225 -19.93 85.23 -23.41
CA THR O 225 -21.37 84.97 -23.53
C THR O 225 -21.71 84.17 -24.80
N ILE O 226 -21.10 84.51 -25.96
CA ILE O 226 -21.36 83.79 -27.21
C ILE O 226 -20.84 82.35 -27.11
N ALA O 227 -19.72 82.12 -26.41
CA ALA O 227 -19.19 80.76 -26.23
C ALA O 227 -20.16 79.90 -25.42
N GLU O 228 -20.80 80.47 -24.38
CA GLU O 228 -21.76 79.72 -23.57
C GLU O 228 -22.99 79.32 -24.40
N GLN O 229 -23.38 80.13 -25.40
CA GLN O 229 -24.50 79.80 -26.28
C GLN O 229 -24.18 78.56 -27.10
N HIS O 230 -22.91 78.36 -27.51
CA HIS O 230 -22.50 77.19 -28.30
C HIS O 230 -21.97 76.05 -27.41
N GLY O 231 -22.42 75.97 -26.15
CA GLY O 231 -22.03 74.93 -25.22
C GLY O 231 -20.56 74.86 -24.82
N LEU O 232 -19.79 75.94 -25.05
CA LEU O 232 -18.36 75.99 -24.73
C LEU O 232 -18.09 77.03 -23.61
N LYS O 233 -16.83 77.16 -23.17
CA LYS O 233 -16.45 78.12 -22.13
C LYS O 233 -15.18 78.84 -22.58
N ALA O 234 -15.25 80.16 -22.82
CA ALA O 234 -14.09 80.92 -23.27
C ALA O 234 -13.31 81.49 -22.08
N THR O 235 -11.97 81.43 -22.13
CA THR O 235 -11.11 81.96 -21.06
C THR O 235 -10.00 82.85 -21.61
N PHE O 236 -9.80 84.00 -20.96
CA PHE O 236 -8.72 84.92 -21.30
C PHE O 236 -7.57 84.72 -20.29
N MET O 237 -7.30 83.46 -19.90
CA MET O 237 -6.23 83.15 -18.96
C MET O 237 -4.91 83.24 -19.73
N PRO O 238 -3.88 83.95 -19.23
CA PRO O 238 -2.62 84.07 -20.00
C PRO O 238 -1.92 82.76 -20.37
N LYS O 239 -2.17 81.66 -19.66
CA LYS O 239 -1.51 80.37 -19.92
C LYS O 239 -2.35 79.26 -19.27
N PRO O 240 -3.48 78.87 -19.88
CA PRO O 240 -4.31 77.82 -19.28
C PRO O 240 -3.66 76.44 -19.30
N PHE O 241 -2.81 76.16 -20.31
CA PHE O 241 -2.15 74.86 -20.43
C PHE O 241 -0.65 75.00 -20.68
N PHE O 242 0.15 74.14 -20.03
CA PHE O 242 1.60 74.11 -20.18
C PHE O 242 1.96 73.39 -21.48
N GLY O 243 3.03 73.82 -22.13
CA GLY O 243 3.49 73.20 -23.37
C GLY O 243 2.86 73.72 -24.64
N MET O 244 1.98 74.74 -24.55
CA MET O 244 1.35 75.35 -25.72
C MET O 244 1.26 76.87 -25.52
N ASN O 245 1.18 77.63 -26.63
CA ASN O 245 1.12 79.09 -26.60
C ASN O 245 0.08 79.65 -25.63
N GLY O 246 0.37 80.81 -25.06
CA GLY O 246 -0.52 81.50 -24.15
C GLY O 246 -1.28 82.62 -24.80
N SER O 247 -2.34 83.10 -24.16
CA SER O 247 -3.14 84.21 -24.66
C SER O 247 -2.37 85.52 -24.48
N GLY O 248 -2.09 86.22 -25.57
CA GLY O 248 -1.39 87.49 -25.54
C GLY O 248 -2.20 88.61 -26.16
N MET O 249 -2.07 89.83 -25.61
CA MET O 249 -2.77 91.00 -26.11
C MET O 249 -1.74 92.03 -26.54
N HIS O 250 -1.22 91.88 -27.76
CA HIS O 250 -0.21 92.78 -28.32
C HIS O 250 -0.86 94.14 -28.52
N CYS O 251 -0.28 95.21 -27.94
CA CYS O 251 -0.84 96.56 -28.04
C CYS O 251 -0.13 97.43 -29.06
N HIS O 252 -0.67 97.50 -30.28
CA HIS O 252 -0.14 98.37 -31.34
C HIS O 252 -0.53 99.79 -30.97
N GLN O 253 0.44 100.71 -30.80
CA GLN O 253 0.13 102.07 -30.36
C GLN O 253 0.95 103.17 -31.06
N SER O 254 0.41 104.40 -31.05
CA SER O 254 1.05 105.56 -31.66
C SER O 254 0.36 106.86 -31.19
N ILE O 255 1.12 107.98 -31.17
CA ILE O 255 0.60 109.29 -30.76
C ILE O 255 0.61 110.26 -31.95
N TRP O 256 -0.47 111.04 -32.12
CA TRP O 256 -0.62 111.98 -33.24
C TRP O 256 -0.72 113.42 -32.73
N LEU O 257 0.39 114.17 -32.80
CA LEU O 257 0.42 115.57 -32.37
C LEU O 257 -0.06 116.49 -33.50
N ASN O 258 -1.12 117.26 -33.25
CA ASN O 258 -1.71 118.20 -34.23
C ASN O 258 -2.31 117.47 -35.45
N GLY O 259 -3.00 116.36 -35.20
CA GLY O 259 -3.65 115.58 -36.25
C GLY O 259 -2.74 115.05 -37.34
N GLU O 260 -1.47 114.76 -37.01
CA GLU O 260 -0.50 114.23 -37.97
C GLU O 260 0.22 113.01 -37.37
N PRO O 261 0.63 112.03 -38.20
CA PRO O 261 1.37 110.88 -37.64
C PRO O 261 2.77 111.29 -37.24
N SER O 262 2.95 111.59 -35.94
CA SER O 262 4.23 112.04 -35.40
C SER O 262 5.30 110.97 -35.35
N PHE O 263 4.92 109.67 -35.39
CA PHE O 263 5.89 108.59 -35.37
C PHE O 263 6.60 108.40 -36.73
N TYR O 264 6.01 108.89 -37.84
CA TYR O 264 6.60 108.75 -39.17
C TYR O 264 7.49 109.93 -39.55
N ASP O 265 8.62 109.63 -40.21
CA ASP O 265 9.57 110.63 -40.72
C ASP O 265 10.19 110.05 -42.00
N GLU O 266 9.70 110.49 -43.17
CA GLU O 266 10.17 110.01 -44.48
C GLU O 266 11.69 110.08 -44.62
N ASN O 267 12.32 111.15 -44.13
CA ASN O 267 13.76 111.34 -44.17
C ASN O 267 14.40 111.00 -42.80
N ALA O 268 14.46 109.71 -42.44
CA ALA O 268 15.05 109.26 -41.16
C ALA O 268 15.38 107.75 -41.17
N PRO O 269 16.18 107.23 -40.21
CA PRO O 269 16.49 105.78 -40.21
C PRO O 269 15.24 104.94 -39.93
N TYR O 270 15.02 103.89 -40.73
CA TYR O 270 13.84 103.02 -40.63
C TYR O 270 12.52 103.78 -40.85
N GLN O 271 12.58 105.05 -41.36
CA GLN O 271 11.42 105.92 -41.53
C GLN O 271 10.66 106.08 -40.21
N LEU O 272 11.41 106.30 -39.11
CA LEU O 272 10.85 106.47 -37.76
C LEU O 272 11.38 107.79 -37.20
N SER O 273 10.47 108.63 -36.67
CA SER O 273 10.81 109.94 -36.16
C SER O 273 11.53 109.89 -34.79
N GLU O 274 12.06 111.04 -34.35
CA GLU O 274 12.71 111.17 -33.05
C GLU O 274 11.66 110.95 -31.94
N THR O 275 10.43 111.47 -32.13
CA THR O 275 9.33 111.28 -31.18
C THR O 275 9.05 109.80 -30.92
N CYS O 276 9.12 108.95 -31.96
CA CYS O 276 8.90 107.52 -31.80
C CYS O 276 10.03 106.91 -30.96
N MET O 277 11.28 107.25 -31.27
CA MET O 277 12.43 106.72 -30.52
C MET O 277 12.40 107.15 -29.06
N ASN O 278 11.99 108.41 -28.78
CA ASN O 278 11.90 108.88 -27.39
C ASN O 278 10.79 108.10 -26.65
N TYR O 279 9.67 107.82 -27.34
CA TYR O 279 8.55 107.07 -26.75
C TYR O 279 8.99 105.63 -26.44
N VAL O 280 9.68 104.97 -27.38
CA VAL O 280 10.17 103.59 -27.20
C VAL O 280 11.16 103.55 -26.02
N ALA O 281 12.04 104.55 -25.89
CA ALA O 281 13.00 104.61 -24.78
C ALA O 281 12.30 104.66 -23.43
N GLY O 282 11.19 105.38 -23.35
CA GLY O 282 10.41 105.50 -22.12
C GLY O 282 9.72 104.21 -21.74
N ILE O 283 9.22 103.45 -22.72
CA ILE O 283 8.56 102.17 -22.45
C ILE O 283 9.62 101.17 -21.93
N LEU O 284 10.78 101.13 -22.58
CA LEU O 284 11.86 100.22 -22.19
C LEU O 284 12.42 100.56 -20.81
N LYS O 285 12.43 101.87 -20.45
CA LYS O 285 12.92 102.32 -19.15
C LYS O 285 12.04 101.76 -18.02
N HIS O 286 10.71 101.96 -18.11
CA HIS O 286 9.77 101.48 -17.10
C HIS O 286 9.19 100.10 -17.42
N ALA O 287 9.83 99.31 -18.31
CA ALA O 287 9.32 97.98 -18.70
C ALA O 287 9.12 97.02 -17.51
N LYS O 288 10.06 97.00 -16.56
CA LYS O 288 9.96 96.14 -15.39
C LYS O 288 8.77 96.52 -14.46
N ALA O 289 8.33 97.79 -14.50
CA ALA O 289 7.22 98.28 -13.70
C ALA O 289 5.88 98.21 -14.46
N ILE O 290 5.89 98.36 -15.80
CA ILE O 290 4.66 98.30 -16.59
C ILE O 290 4.06 96.89 -16.56
N VAL O 291 4.91 95.84 -16.58
CA VAL O 291 4.42 94.45 -16.54
C VAL O 291 3.65 94.11 -15.26
N ALA O 292 3.77 94.91 -14.19
CA ALA O 292 2.98 94.66 -12.97
C ALA O 292 1.50 94.91 -13.28
N ILE O 293 1.20 95.99 -14.03
CA ILE O 293 -0.17 96.35 -14.41
C ILE O 293 -0.63 95.53 -15.63
N THR O 294 0.17 95.50 -16.70
CA THR O 294 -0.20 94.79 -17.94
C THR O 294 -0.18 93.26 -17.82
N ASN O 295 0.45 92.70 -16.76
CA ASN O 295 0.53 91.26 -16.49
C ASN O 295 0.26 91.10 -14.99
N PRO O 296 -1.00 91.29 -14.53
CA PRO O 296 -1.27 91.30 -13.08
C PRO O 296 -1.56 89.97 -12.40
N THR O 297 -1.57 88.85 -13.13
CA THR O 297 -1.87 87.56 -12.52
C THR O 297 -0.60 86.75 -12.26
N VAL O 298 -0.68 85.76 -11.35
CA VAL O 298 0.45 84.86 -11.08
C VAL O 298 0.74 84.04 -12.36
N ASN O 299 -0.34 83.59 -13.04
CA ASN O 299 -0.26 82.82 -14.27
C ASN O 299 0.38 83.57 -15.43
N SER O 300 0.32 84.92 -15.44
CA SER O 300 0.93 85.72 -16.49
C SER O 300 2.43 85.47 -16.64
N TYR O 301 3.10 85.16 -15.53
CA TYR O 301 4.55 84.90 -15.54
C TYR O 301 4.92 83.43 -15.88
N LYS O 302 3.94 82.64 -16.35
CA LYS O 302 4.14 81.29 -16.91
C LYS O 302 4.15 81.41 -18.46
N ARG O 303 3.47 82.43 -19.05
CA ARG O 303 3.51 82.76 -20.47
C ARG O 303 4.75 83.67 -20.62
N LEU O 304 4.74 84.82 -19.92
CA LEU O 304 5.82 85.82 -19.93
C LEU O 304 6.89 85.34 -18.95
N VAL O 305 7.53 84.20 -19.27
CA VAL O 305 8.51 83.55 -18.41
C VAL O 305 9.97 83.82 -18.84
N PRO O 306 10.82 84.50 -18.02
CA PRO O 306 12.22 84.72 -18.44
C PRO O 306 13.00 83.43 -18.64
N GLY O 307 14.03 83.47 -19.47
CA GLY O 307 14.83 82.30 -19.79
C GLY O 307 14.22 81.37 -20.82
N TYR O 308 12.93 81.59 -21.19
CA TYR O 308 12.21 80.78 -22.18
C TYR O 308 11.57 81.69 -23.25
N GLU O 309 11.24 81.09 -24.42
CA GLU O 309 10.66 81.80 -25.56
C GLU O 309 9.41 82.61 -25.18
N ALA O 310 9.57 83.94 -25.05
CA ALA O 310 8.49 84.87 -24.67
C ALA O 310 8.94 86.34 -24.91
N PRO O 311 8.01 87.34 -24.94
CA PRO O 311 8.45 88.74 -25.12
C PRO O 311 8.92 89.32 -23.78
N VAL O 312 9.99 88.73 -23.25
CA VAL O 312 10.63 89.05 -21.97
C VAL O 312 11.85 89.94 -22.10
N ASN O 313 12.52 89.92 -23.25
CA ASN O 313 13.74 90.67 -23.47
C ASN O 313 13.43 92.15 -23.68
N ILE O 314 13.92 93.00 -22.77
CA ILE O 314 13.71 94.45 -22.82
C ILE O 314 14.56 95.06 -23.94
N ALA O 315 14.00 95.10 -25.15
CA ALA O 315 14.65 95.67 -26.35
C ALA O 315 13.62 95.86 -27.49
N TRP O 316 13.94 96.70 -28.49
CA TRP O 316 13.03 96.93 -29.63
C TRP O 316 13.67 96.42 -30.93
N ALA O 317 12.85 96.12 -31.94
CA ALA O 317 13.34 95.61 -33.23
C ALA O 317 12.29 95.73 -34.34
N ASN O 318 12.74 95.80 -35.60
CA ASN O 318 11.84 95.91 -36.76
C ASN O 318 11.44 94.54 -37.31
N SER O 319 10.13 94.23 -37.30
CA SER O 319 9.58 92.97 -37.82
C SER O 319 10.20 91.72 -37.16
N ASN O 320 10.43 91.78 -35.83
CA ASN O 320 11.02 90.70 -35.05
C ASN O 320 10.13 90.46 -33.82
N ARG O 321 9.52 89.27 -33.71
CA ARG O 321 8.62 88.92 -32.61
C ARG O 321 9.34 88.35 -31.36
N SER O 322 10.69 88.34 -31.33
CA SER O 322 11.44 87.84 -30.17
C SER O 322 11.65 88.92 -29.09
N ALA O 323 11.64 90.20 -29.47
CA ALA O 323 11.84 91.35 -28.57
C ALA O 323 10.50 91.78 -27.90
N ILE O 324 10.57 92.61 -26.83
CA ILE O 324 9.36 93.09 -26.13
C ILE O 324 8.57 94.05 -27.04
N ILE O 325 9.26 94.86 -27.87
CA ILE O 325 8.64 95.78 -28.83
C ILE O 325 9.00 95.35 -30.25
N ARG O 326 8.04 95.46 -31.17
CA ARG O 326 8.23 95.16 -32.59
C ARG O 326 7.64 96.33 -33.37
N VAL O 327 8.35 96.82 -34.39
CA VAL O 327 7.86 97.92 -35.21
C VAL O 327 7.30 97.32 -36.51
N PRO O 328 5.97 97.25 -36.71
CA PRO O 328 5.45 96.68 -37.96
C PRO O 328 5.94 97.43 -39.19
N ALA O 329 6.13 96.71 -40.30
CA ALA O 329 6.64 97.30 -41.53
C ALA O 329 5.75 98.37 -42.18
N ALA O 330 4.48 98.50 -41.76
CA ALA O 330 3.59 99.50 -42.32
C ALA O 330 4.07 100.91 -41.96
N ARG O 331 4.10 101.82 -42.96
CA ARG O 331 4.57 103.19 -42.76
C ARG O 331 3.55 104.23 -43.26
N GLY O 332 3.78 105.49 -42.86
CA GLY O 332 2.90 106.61 -43.18
C GLY O 332 2.02 106.90 -41.98
N LYS O 333 0.70 106.71 -42.13
CA LYS O 333 -0.22 106.89 -41.00
C LYS O 333 -0.13 105.70 -40.06
N GLY O 334 -0.02 104.50 -40.61
CA GLY O 334 0.08 103.26 -39.84
C GLY O 334 1.41 102.99 -39.17
N THR O 335 2.29 104.01 -39.02
CA THR O 335 3.57 103.82 -38.34
C THR O 335 3.25 103.66 -36.86
N ARG O 336 3.74 102.59 -36.23
CA ARG O 336 3.43 102.36 -34.78
C ARG O 336 4.43 101.39 -34.15
N ILE O 337 4.24 101.10 -32.86
CA ILE O 337 5.09 100.18 -32.08
C ILE O 337 4.18 99.17 -31.39
N GLU O 338 4.58 97.89 -31.39
CA GLU O 338 3.82 96.81 -30.79
C GLU O 338 4.41 96.39 -29.45
N PHE O 339 3.75 96.73 -28.33
CA PHE O 339 4.21 96.29 -27.01
C PHE O 339 3.60 94.89 -26.83
N ARG O 340 4.44 93.85 -26.95
CA ARG O 340 4.00 92.44 -26.91
C ARG O 340 3.85 91.83 -25.51
N ALA O 341 4.33 92.49 -24.45
CA ALA O 341 4.27 91.95 -23.10
C ALA O 341 2.85 91.72 -22.52
N PRO O 342 1.85 92.59 -22.78
CA PRO O 342 0.53 92.38 -22.16
C PRO O 342 -0.23 91.11 -22.55
N ASP O 343 -1.14 90.70 -21.67
CA ASP O 343 -2.05 89.57 -21.86
C ASP O 343 -3.48 90.07 -21.56
N PRO O 344 -4.54 89.41 -22.06
CA PRO O 344 -5.89 89.95 -21.82
C PRO O 344 -6.39 89.90 -20.36
N SER O 345 -5.56 89.48 -19.39
CA SER O 345 -5.94 89.47 -17.98
C SER O 345 -5.85 90.87 -17.32
N CYS O 346 -5.21 91.85 -17.98
CA CYS O 346 -5.03 93.19 -17.41
C CYS O 346 -6.23 94.11 -17.60
N ASN O 347 -6.31 95.14 -16.76
CA ASN O 347 -7.36 96.15 -16.84
C ASN O 347 -6.94 97.05 -18.00
N PRO O 348 -7.71 97.16 -19.11
CA PRO O 348 -7.26 98.01 -20.22
C PRO O 348 -7.11 99.49 -19.87
N TYR O 349 -7.96 100.03 -18.99
CA TYR O 349 -7.88 101.44 -18.61
C TYR O 349 -6.55 101.76 -17.91
N LEU O 350 -6.07 100.86 -17.04
CA LEU O 350 -4.80 101.06 -16.33
C LEU O 350 -3.61 100.70 -17.22
N ALA O 351 -3.76 99.71 -18.13
CA ALA O 351 -2.70 99.30 -19.05
C ALA O 351 -2.35 100.42 -20.02
N PHE O 352 -3.36 101.12 -20.59
CA PHE O 352 -3.10 102.23 -21.51
C PHE O 352 -2.58 103.46 -20.77
N THR O 353 -2.96 103.64 -19.48
CA THR O 353 -2.48 104.76 -18.67
C THR O 353 -0.97 104.63 -18.42
N VAL O 354 -0.49 103.46 -17.93
CA VAL O 354 0.93 103.25 -17.66
C VAL O 354 1.78 103.25 -18.94
N MET O 355 1.24 102.75 -20.06
CA MET O 355 1.97 102.76 -21.31
C MET O 355 2.12 104.20 -21.80
N LEU O 356 1.05 105.00 -21.75
CA LEU O 356 1.14 106.40 -22.17
C LEU O 356 2.04 107.21 -21.23
N ALA O 357 1.99 106.96 -19.91
CA ALA O 357 2.83 107.71 -18.96
C ALA O 357 4.33 107.43 -19.12
N ALA O 358 4.72 106.16 -19.28
CA ALA O 358 6.12 105.81 -19.48
C ALA O 358 6.59 106.30 -20.85
N GLY O 359 5.76 106.18 -21.87
CA GLY O 359 6.09 106.64 -23.21
C GLY O 359 6.26 108.15 -23.27
N LEU O 360 5.36 108.91 -22.62
CA LEU O 360 5.47 110.37 -22.57
C LEU O 360 6.63 110.83 -21.70
N ASP O 361 7.05 110.02 -20.70
CA ASP O 361 8.24 110.35 -19.90
C ASP O 361 9.49 110.42 -20.80
N GLY O 362 9.56 109.54 -21.79
CA GLY O 362 10.65 109.52 -22.76
C GLY O 362 10.59 110.69 -23.72
N VAL O 363 9.38 111.11 -24.13
CA VAL O 363 9.18 112.24 -25.04
C VAL O 363 9.50 113.57 -24.35
N LYS O 364 9.04 113.75 -23.10
CA LYS O 364 9.29 114.97 -22.33
C LYS O 364 10.77 115.16 -22.04
N ASN O 365 11.48 114.10 -21.59
CA ASN O 365 12.91 114.16 -21.29
C ASN O 365 13.81 113.94 -22.53
N LYS O 366 13.24 113.53 -23.68
CA LYS O 366 13.99 113.26 -24.91
C LYS O 366 15.05 112.18 -24.65
N LEU O 367 14.62 111.02 -24.14
CA LEU O 367 15.52 109.92 -23.81
C LEU O 367 16.00 109.19 -25.05
N ASP O 368 17.25 108.71 -25.02
CA ASP O 368 17.87 108.01 -26.14
C ASP O 368 17.54 106.53 -26.12
N ALA O 369 16.96 106.03 -27.22
CA ALA O 369 16.60 104.61 -27.34
C ALA O 369 17.81 103.76 -27.75
N PRO O 370 17.87 102.48 -27.36
CA PRO O 370 18.99 101.64 -27.81
C PRO O 370 18.85 101.18 -29.27
N GLU O 371 19.90 100.55 -29.82
CA GLU O 371 19.85 100.08 -31.20
C GLU O 371 18.90 98.88 -31.35
N PRO O 372 18.28 98.70 -32.53
CA PRO O 372 17.34 97.58 -32.69
C PRO O 372 18.06 96.24 -32.81
N VAL O 373 17.60 95.23 -32.07
CA VAL O 373 18.19 93.90 -32.09
C VAL O 373 17.52 93.07 -33.18
N GLU O 374 17.97 93.24 -34.43
CA GLU O 374 17.42 92.52 -35.57
C GLU O 374 17.61 90.99 -35.46
N ARG O 375 18.65 90.55 -34.73
CA ARG O 375 18.90 89.12 -34.50
C ARG O 375 17.82 88.48 -33.62
N ASN O 376 17.67 87.15 -33.71
CA ASN O 376 16.74 86.42 -32.85
C ASN O 376 17.36 86.43 -31.45
N ILE O 377 16.63 86.94 -30.45
CA ILE O 377 17.15 87.05 -29.09
C ILE O 377 17.07 85.71 -28.32
N PHE O 378 16.17 84.80 -28.71
CA PHE O 378 16.04 83.50 -28.05
C PHE O 378 17.28 82.64 -28.30
N ALA O 379 17.85 82.71 -29.52
CA ALA O 379 19.05 81.96 -29.87
C ALA O 379 20.31 82.47 -29.14
N MET O 380 20.28 83.69 -28.58
CA MET O 380 21.42 84.27 -27.88
C MET O 380 21.62 83.64 -26.50
N SER O 381 22.88 83.59 -26.04
CA SER O 381 23.22 83.06 -24.72
C SER O 381 23.10 84.18 -23.66
N GLU O 382 22.93 83.80 -22.39
CA GLU O 382 22.81 84.76 -21.29
C GLU O 382 24.05 85.67 -21.15
N ALA O 383 25.25 85.15 -21.43
CA ALA O 383 26.47 85.96 -21.37
C ALA O 383 26.51 86.99 -22.49
N GLU O 384 26.02 86.62 -23.69
CA GLU O 384 25.97 87.51 -24.85
C GLU O 384 24.93 88.61 -24.62
N LYS O 385 23.73 88.25 -24.11
CA LYS O 385 22.67 89.22 -23.82
C LYS O 385 23.09 90.20 -22.71
N LYS O 386 23.93 89.76 -21.77
CA LYS O 386 24.41 90.61 -20.69
C LYS O 386 25.43 91.64 -21.22
N GLU O 387 26.25 91.26 -22.21
CA GLU O 387 27.22 92.17 -22.81
C GLU O 387 26.48 93.28 -23.57
N LEU O 388 25.46 92.92 -24.38
CA LEU O 388 24.65 93.88 -25.13
C LEU O 388 23.81 94.79 -24.21
N GLY O 389 23.42 94.29 -23.04
CA GLY O 389 22.63 95.03 -22.07
C GLY O 389 21.14 94.79 -22.21
N ILE O 390 20.75 93.60 -22.69
CA ILE O 390 19.35 93.25 -22.88
C ILE O 390 18.81 92.63 -21.59
N GLU O 391 18.27 93.47 -20.70
CA GLU O 391 17.70 93.00 -19.43
C GLU O 391 16.37 92.26 -19.65
N SER O 392 15.92 91.46 -18.68
CA SER O 392 14.67 90.71 -18.80
C SER O 392 13.60 91.20 -17.81
N VAL O 393 12.32 91.03 -18.17
CA VAL O 393 11.20 91.44 -17.32
C VAL O 393 11.10 90.52 -16.09
N PRO O 394 10.57 91.00 -14.94
CA PRO O 394 10.50 90.12 -13.75
C PRO O 394 9.95 88.71 -13.97
N ALA O 395 10.48 87.74 -13.21
CA ALA O 395 10.10 86.33 -13.32
C ALA O 395 8.78 85.96 -12.63
N ASN O 396 8.25 86.81 -11.73
CA ASN O 396 7.01 86.50 -11.03
C ASN O 396 6.21 87.78 -10.67
N LEU O 397 4.98 87.61 -10.16
CA LEU O 397 4.11 88.72 -9.82
C LEU O 397 4.70 89.62 -8.73
N LYS O 398 5.20 89.03 -7.64
CA LYS O 398 5.78 89.80 -6.54
C LYS O 398 7.00 90.58 -6.99
N ALA O 399 7.82 90.01 -7.90
CA ALA O 399 8.99 90.71 -8.42
C ALA O 399 8.58 91.96 -9.22
N ALA O 400 7.44 91.90 -9.92
CA ALA O 400 6.93 93.04 -10.69
C ALA O 400 6.26 94.08 -9.78
N LEU O 401 5.58 93.65 -8.70
CA LEU O 401 4.93 94.57 -7.77
C LEU O 401 5.96 95.45 -7.05
N ASP O 402 7.12 94.89 -6.69
CA ASP O 402 8.20 95.64 -6.05
C ASP O 402 8.76 96.71 -7.01
N GLU O 403 8.84 96.39 -8.30
CA GLU O 403 9.31 97.33 -9.33
C GLU O 403 8.30 98.46 -9.50
N LEU O 404 6.99 98.13 -9.49
CA LEU O 404 5.93 99.12 -9.61
C LEU O 404 5.91 100.04 -8.40
N GLU O 405 6.13 99.48 -7.21
CA GLU O 405 6.13 100.24 -5.96
C GLU O 405 7.23 101.32 -5.97
N ASN O 406 8.45 100.96 -6.42
CA ASN O 406 9.57 101.91 -6.47
C ASN O 406 9.50 102.88 -7.68
N ASN O 407 8.57 102.67 -8.63
CA ASN O 407 8.43 103.53 -9.80
C ASN O 407 7.52 104.72 -9.47
N ASP O 408 8.04 105.95 -9.60
CA ASP O 408 7.29 107.17 -9.32
C ASP O 408 6.49 107.66 -10.52
N VAL O 409 6.90 107.31 -11.76
CA VAL O 409 6.20 107.75 -12.97
C VAL O 409 4.81 107.11 -13.04
N LEU O 410 4.73 105.80 -12.78
CA LEU O 410 3.47 105.08 -12.82
C LEU O 410 2.61 105.35 -11.57
N LYS O 411 3.25 105.65 -10.42
CA LYS O 411 2.53 105.98 -9.19
C LYS O 411 1.68 107.24 -9.39
N ASN O 412 2.26 108.28 -10.02
CA ASN O 412 1.57 109.54 -10.29
C ASN O 412 0.47 109.39 -11.34
N ALA O 413 0.70 108.58 -12.39
CA ALA O 413 -0.29 108.37 -13.44
C ALA O 413 -1.52 107.63 -12.92
N LEU O 414 -1.33 106.60 -12.09
CA LEU O 414 -2.43 105.81 -11.52
C LEU O 414 -3.10 106.54 -10.33
N GLY O 415 -2.33 107.32 -9.59
CA GLY O 415 -2.84 108.03 -8.42
C GLY O 415 -2.70 107.21 -7.16
N LYS O 416 -2.61 107.88 -6.00
CA LYS O 416 -2.43 107.21 -4.70
C LYS O 416 -3.47 106.13 -4.44
N HIS O 417 -4.73 106.35 -4.85
CA HIS O 417 -5.79 105.37 -4.59
C HIS O 417 -5.61 104.08 -5.39
N ILE O 418 -5.39 104.20 -6.70
CA ILE O 418 -5.25 103.02 -7.56
C ILE O 418 -3.92 102.31 -7.28
N PHE O 419 -2.82 103.08 -7.21
CA PHE O 419 -1.49 102.53 -6.94
C PHE O 419 -1.43 101.70 -5.65
N GLU O 420 -1.90 102.26 -4.52
CA GLU O 420 -1.86 101.55 -3.24
C GLU O 420 -2.84 100.37 -3.16
N SER O 421 -4.08 100.54 -3.65
CA SER O 421 -5.07 99.45 -3.61
C SER O 421 -4.65 98.30 -4.51
N PHE O 422 -4.10 98.59 -5.70
CA PHE O 422 -3.63 97.54 -6.61
C PHE O 422 -2.52 96.71 -5.95
N LEU O 423 -1.51 97.36 -5.36
CA LEU O 423 -0.42 96.66 -4.70
C LEU O 423 -0.94 95.82 -3.53
N GLU O 424 -1.88 96.37 -2.73
CA GLU O 424 -2.45 95.67 -1.58
C GLU O 424 -3.23 94.43 -2.00
N ILE O 425 -4.06 94.55 -3.07
CA ILE O 425 -4.86 93.43 -3.57
C ILE O 425 -3.95 92.35 -4.18
N LYS O 426 -2.97 92.75 -4.98
CA LYS O 426 -2.07 91.81 -5.62
C LYS O 426 -1.09 91.14 -4.65
N ASN O 427 -0.73 91.81 -3.54
CA ASN O 427 0.16 91.20 -2.53
C ASN O 427 -0.61 90.11 -1.78
N ALA O 428 -1.90 90.33 -1.47
CA ALA O 428 -2.72 89.31 -0.83
C ALA O 428 -2.93 88.11 -1.77
N GLU O 429 -3.05 88.38 -3.09
CA GLU O 429 -3.20 87.36 -4.14
C GLU O 429 -1.91 86.55 -4.24
N TRP O 430 -0.75 87.22 -4.17
CA TRP O 430 0.56 86.57 -4.23
C TRP O 430 0.79 85.71 -2.97
N ASP O 431 0.42 86.24 -1.79
CA ASP O 431 0.56 85.51 -0.53
C ASP O 431 -0.28 84.24 -0.54
N SER O 432 -1.47 84.28 -1.14
CA SER O 432 -2.33 83.10 -1.25
C SER O 432 -1.66 82.02 -2.11
N PHE O 433 -0.94 82.43 -3.17
CA PHE O 433 -0.24 81.52 -4.07
C PHE O 433 0.99 80.87 -3.42
N ARG O 434 1.87 81.68 -2.78
CA ARG O 434 3.08 81.15 -2.18
C ARG O 434 2.84 80.25 -0.95
N THR O 435 1.68 80.36 -0.29
CA THR O 435 1.36 79.51 0.86
C THR O 435 0.64 78.22 0.46
N SER O 436 -0.09 78.22 -0.66
CA SER O 436 -0.83 77.04 -1.11
C SER O 436 0.07 75.91 -1.59
N VAL O 437 -0.29 74.66 -1.26
CA VAL O 437 0.44 73.46 -1.70
C VAL O 437 -0.09 73.11 -3.09
N THR O 438 0.75 73.25 -4.12
CA THR O 438 0.36 73.02 -5.51
C THR O 438 0.43 71.54 -5.92
N ASP O 439 -0.24 71.20 -7.03
CA ASP O 439 -0.25 69.84 -7.58
C ASP O 439 1.15 69.42 -8.05
N TRP O 440 1.99 70.37 -8.50
CA TRP O 440 3.35 70.09 -8.94
C TRP O 440 4.16 69.56 -7.75
N GLU O 441 4.05 70.24 -6.59
CA GLU O 441 4.75 69.85 -5.36
C GLU O 441 4.30 68.47 -4.91
N THR O 442 3.01 68.17 -4.95
CA THR O 442 2.49 66.87 -4.55
C THR O 442 3.05 65.77 -5.46
N THR O 443 3.13 66.04 -6.76
CA THR O 443 3.66 65.07 -7.72
C THR O 443 5.16 64.81 -7.48
N ALA O 444 5.93 65.89 -7.24
CA ALA O 444 7.37 65.81 -7.07
C ALA O 444 7.87 65.37 -5.70
N TYR O 445 7.14 65.67 -4.60
CA TYR O 445 7.64 65.41 -3.25
C TYR O 445 6.83 64.42 -2.39
N LEU O 446 5.66 63.92 -2.83
CA LEU O 446 4.93 62.95 -2.02
C LEU O 446 5.71 61.63 -1.89
N LYS O 447 6.49 61.27 -2.91
CA LYS O 447 7.31 60.06 -2.90
C LYS O 447 8.45 60.10 -1.87
N ILE O 448 8.94 61.30 -1.50
CA ILE O 448 10.06 61.41 -0.55
C ILE O 448 9.63 61.13 0.90
N SER P 2 29.40 14.93 -15.00
CA SER P 2 30.12 14.83 -16.27
C SER P 2 29.94 13.45 -16.93
N THR P 3 29.92 12.37 -16.13
CA THR P 3 29.76 10.99 -16.63
C THR P 3 28.31 10.51 -16.43
N VAL P 4 27.94 9.40 -17.08
CA VAL P 4 26.60 8.83 -16.99
C VAL P 4 26.27 8.42 -15.55
N GLU P 5 27.22 7.78 -14.86
CA GLU P 5 27.01 7.32 -13.50
C GLU P 5 26.76 8.44 -12.50
N GLN P 6 27.42 9.59 -12.65
CA GLN P 6 27.23 10.72 -11.75
C GLN P 6 25.81 11.27 -11.86
N VAL P 7 25.25 11.29 -13.08
CA VAL P 7 23.89 11.77 -13.31
C VAL P 7 22.89 10.76 -12.76
N LEU P 8 23.07 9.46 -13.06
CA LEU P 8 22.16 8.40 -12.58
C LEU P 8 22.18 8.27 -11.07
N GLU P 9 23.34 8.45 -10.43
CA GLU P 9 23.45 8.39 -8.97
C GLU P 9 22.72 9.57 -8.32
N TYR P 10 22.69 10.74 -8.99
CA TYR P 10 21.95 11.91 -8.50
C TYR P 10 20.46 11.66 -8.69
N VAL P 11 20.03 11.17 -9.87
CA VAL P 11 18.64 10.86 -10.17
C VAL P 11 18.07 9.84 -9.16
N LYS P 12 18.86 8.82 -8.80
CA LYS P 12 18.45 7.77 -7.85
C LYS P 12 18.32 8.35 -6.43
N SER P 13 19.28 9.18 -6.01
CA SER P 13 19.32 9.76 -4.66
C SER P 13 18.56 11.08 -4.46
N ASN P 14 17.97 11.67 -5.51
CA ASN P 14 17.20 12.91 -5.38
C ASN P 14 15.73 12.76 -5.79
N ASN P 15 15.26 11.51 -6.06
CA ASN P 15 13.88 11.24 -6.45
C ASN P 15 13.53 12.03 -7.72
N VAL P 16 14.45 12.09 -8.70
CA VAL P 16 14.18 12.83 -9.93
C VAL P 16 13.21 11.99 -10.77
N LYS P 17 12.10 12.60 -11.20
CA LYS P 17 11.06 11.90 -11.95
C LYS P 17 11.02 12.28 -13.43
N PHE P 18 11.45 13.49 -13.82
CA PHE P 18 11.43 13.90 -15.22
C PHE P 18 12.79 14.43 -15.67
N MET P 19 13.16 14.15 -16.93
CA MET P 19 14.42 14.58 -17.53
C MET P 19 14.09 15.37 -18.80
N ARG P 20 14.26 16.69 -18.75
CA ARG P 20 13.98 17.59 -19.87
C ARG P 20 15.19 17.62 -20.78
N PHE P 21 15.03 17.17 -22.03
CA PHE P 21 16.11 17.22 -23.00
C PHE P 21 15.99 18.56 -23.70
N GLN P 22 16.76 19.56 -23.23
CA GLN P 22 16.68 20.93 -23.73
C GLN P 22 17.64 21.24 -24.88
N PHE P 23 17.27 22.21 -25.72
CA PHE P 23 18.07 22.72 -26.84
C PHE P 23 17.52 24.10 -27.29
N VAL P 24 18.05 24.71 -28.37
CA VAL P 24 17.58 26.02 -28.82
C VAL P 24 17.35 26.03 -30.33
N ASP P 25 16.33 26.80 -30.78
CA ASP P 25 16.08 26.96 -32.22
C ASP P 25 17.06 28.03 -32.78
N ILE P 26 16.99 28.36 -34.08
CA ILE P 26 17.90 29.33 -34.69
C ILE P 26 17.84 30.71 -34.01
N LEU P 27 16.65 31.16 -33.59
CA LEU P 27 16.49 32.47 -32.94
C LEU P 27 16.87 32.49 -31.44
N GLY P 28 17.29 31.35 -30.88
CA GLY P 28 17.68 31.25 -29.48
C GLY P 28 16.54 30.94 -28.53
N VAL P 29 15.36 30.54 -29.05
CA VAL P 29 14.21 30.20 -28.21
C VAL P 29 14.45 28.78 -27.69
N PRO P 30 14.40 28.53 -26.37
CA PRO P 30 14.63 27.16 -25.88
C PRO P 30 13.47 26.23 -26.22
N LYS P 31 13.79 24.96 -26.49
CA LYS P 31 12.84 23.91 -26.84
C LYS P 31 13.23 22.64 -26.05
N ASN P 32 12.26 21.84 -25.58
CA ASN P 32 12.56 20.64 -24.81
C ASN P 32 11.44 19.59 -24.84
N VAL P 33 11.77 18.36 -24.46
CA VAL P 33 10.83 17.23 -24.37
C VAL P 33 11.09 16.54 -23.04
N ALA P 34 10.02 16.24 -22.28
CA ALA P 34 10.16 15.59 -20.98
C ALA P 34 10.13 14.07 -21.10
N PHE P 35 11.04 13.40 -20.39
CA PHE P 35 11.14 11.95 -20.37
C PHE P 35 10.87 11.48 -18.94
N PRO P 36 9.82 10.66 -18.70
CA PRO P 36 9.57 10.19 -17.33
C PRO P 36 10.47 9.02 -16.93
N ILE P 37 11.15 9.15 -15.80
CA ILE P 37 12.05 8.12 -15.29
C ILE P 37 11.22 7.15 -14.46
N LYS P 38 11.36 5.84 -14.70
CA LYS P 38 10.62 4.83 -13.95
C LYS P 38 11.39 4.44 -12.68
N ALA P 39 10.69 3.88 -11.69
CA ALA P 39 11.29 3.46 -10.42
C ALA P 39 12.11 2.17 -10.58
N GLY P 40 13.05 1.95 -9.67
CA GLY P 40 13.88 0.75 -9.66
C GLY P 40 14.98 0.75 -10.70
N GLU P 41 15.73 -0.37 -10.77
CA GLU P 41 16.82 -0.55 -11.72
C GLU P 41 16.36 -0.50 -13.17
N LYS P 42 15.14 -0.98 -13.47
CA LYS P 42 14.61 -0.97 -14.84
C LYS P 42 14.46 0.46 -15.38
N GLY P 43 14.07 1.39 -14.51
CA GLY P 43 13.93 2.80 -14.89
C GLY P 43 15.27 3.49 -15.08
N ILE P 44 16.26 3.13 -14.25
CA ILE P 44 17.61 3.70 -14.33
C ILE P 44 18.33 3.19 -15.60
N GLU P 45 18.14 1.89 -15.96
CA GLU P 45 18.74 1.33 -17.17
C GLU P 45 18.06 1.89 -18.43
N GLU P 46 16.75 2.23 -18.36
CA GLU P 46 16.05 2.85 -19.48
C GLU P 46 16.60 4.27 -19.67
N LEU P 47 16.75 5.03 -18.56
CA LEU P 47 17.29 6.39 -18.59
C LEU P 47 18.72 6.37 -19.12
N ARG P 48 19.52 5.36 -18.74
CA ARG P 48 20.90 5.22 -19.19
C ARG P 48 20.97 5.16 -20.73
N ASP P 49 20.09 4.36 -21.36
CA ASP P 49 20.05 4.21 -22.81
C ASP P 49 19.68 5.54 -23.48
N VAL P 50 18.70 6.26 -22.92
CA VAL P 50 18.25 7.54 -23.47
C VAL P 50 19.30 8.65 -23.26
N LEU P 51 20.11 8.55 -22.19
CA LEU P 51 21.16 9.55 -21.94
C LEU P 51 22.35 9.37 -22.88
N GLU P 52 22.74 8.10 -23.16
CA GLU P 52 23.88 7.81 -24.04
C GLU P 52 23.53 7.88 -25.54
N ASN P 53 22.45 7.21 -25.95
CA ASN P 53 22.05 7.20 -27.36
C ASN P 53 21.18 8.39 -27.79
N GLY P 54 20.60 9.12 -26.82
CA GLY P 54 19.74 10.25 -27.13
C GLY P 54 18.34 9.84 -27.53
N LEU P 55 17.57 10.79 -28.10
CA LEU P 55 16.21 10.52 -28.55
C LEU P 55 15.84 11.32 -29.80
N TYR P 56 14.85 10.83 -30.55
CA TYR P 56 14.42 11.43 -31.81
C TYR P 56 13.38 12.55 -31.63
N PHE P 57 13.23 13.41 -32.63
CA PHE P 57 12.26 14.51 -32.61
C PHE P 57 12.01 15.06 -34.02
N ASP P 58 10.85 15.69 -34.23
CA ASP P 58 10.50 16.29 -35.52
C ASP P 58 11.24 17.61 -35.70
N GLY P 59 12.19 17.63 -36.64
CA GLY P 59 12.99 18.81 -36.92
C GLY P 59 12.30 19.87 -37.76
N SER P 60 11.28 19.50 -38.54
CA SER P 60 10.56 20.44 -39.39
C SER P 60 9.78 21.48 -38.60
N SER P 61 9.28 21.10 -37.41
CA SER P 61 8.53 22.01 -36.56
C SER P 61 9.44 23.05 -35.87
N ILE P 62 10.72 22.73 -35.66
CA ILE P 62 11.68 23.65 -35.03
C ILE P 62 12.10 24.70 -36.07
N GLU P 63 12.25 25.96 -35.65
CA GLU P 63 12.59 27.05 -36.57
C GLU P 63 14.05 26.99 -37.04
N GLY P 64 14.25 27.13 -38.35
CA GLY P 64 15.56 27.12 -38.98
C GLY P 64 16.33 25.83 -38.86
N PHE P 65 15.62 24.69 -38.89
CA PHE P 65 16.26 23.39 -38.78
C PHE P 65 16.19 22.62 -40.13
N VAL P 66 15.20 21.75 -40.38
CA VAL P 66 15.14 20.95 -41.60
C VAL P 66 13.74 20.97 -42.24
N GLY P 67 13.65 20.56 -43.49
CA GLY P 67 12.38 20.49 -44.22
C GLY P 67 11.53 19.32 -43.77
N ILE P 68 10.29 19.26 -44.24
CA ILE P 68 9.35 18.19 -43.88
C ILE P 68 9.77 16.85 -44.51
N ASN P 69 10.38 16.87 -45.71
CA ASN P 69 10.83 15.65 -46.39
C ASN P 69 12.08 14.99 -45.77
N GLU P 70 12.74 15.63 -44.79
CA GLU P 70 13.95 15.12 -44.13
C GLU P 70 13.92 15.56 -42.67
N SER P 71 12.77 15.35 -42.00
CA SER P 71 12.52 15.81 -40.64
C SER P 71 13.13 14.99 -39.49
N ASP P 72 13.45 13.71 -39.68
CA ASP P 72 14.00 12.86 -38.60
C ASP P 72 15.37 13.34 -38.09
N MET P 73 15.44 13.74 -36.80
CA MET P 73 16.65 14.24 -36.13
C MET P 73 16.81 13.61 -34.72
N MET P 74 17.95 13.89 -34.04
CA MET P 74 18.26 13.36 -32.69
C MET P 74 18.87 14.42 -31.76
N LEU P 75 18.85 14.15 -30.43
CA LEU P 75 19.41 15.02 -29.40
C LEU P 75 20.42 14.24 -28.55
N LYS P 76 21.72 14.57 -28.65
CA LYS P 76 22.77 13.91 -27.87
C LYS P 76 23.07 14.75 -26.61
N PRO P 77 22.68 14.31 -25.39
CA PRO P 77 22.91 15.14 -24.20
C PRO P 77 24.36 15.43 -23.81
N ASP P 78 24.57 16.61 -23.18
CA ASP P 78 25.85 17.03 -22.63
C ASP P 78 25.69 16.79 -21.13
N LEU P 79 26.33 15.74 -20.60
CA LEU P 79 26.18 15.36 -19.19
C LEU P 79 26.76 16.36 -18.19
N SER P 80 27.63 17.27 -18.62
CA SER P 80 28.18 18.31 -17.75
C SER P 80 27.14 19.40 -17.41
N THR P 81 26.11 19.58 -18.27
CA THR P 81 25.08 20.60 -18.09
C THR P 81 23.87 20.10 -17.31
N PHE P 82 24.02 19.08 -16.45
CA PHE P 82 22.91 18.57 -15.66
C PHE P 82 22.55 19.58 -14.57
N SER P 83 21.26 19.86 -14.38
CA SER P 83 20.80 20.80 -13.35
C SER P 83 19.34 20.51 -12.94
N VAL P 84 18.99 20.77 -11.67
CA VAL P 84 17.62 20.56 -11.18
C VAL P 84 16.87 21.87 -11.31
N LEU P 85 15.70 21.87 -11.98
CA LEU P 85 14.91 23.09 -12.13
C LEU P 85 14.25 23.40 -10.77
N PRO P 86 14.60 24.53 -10.13
CA PRO P 86 14.03 24.82 -8.81
C PRO P 86 12.57 25.25 -8.80
N TRP P 87 12.10 25.98 -9.84
CA TRP P 87 10.70 26.41 -9.92
C TRP P 87 9.71 25.23 -9.96
N ARG P 88 10.16 24.05 -10.43
CA ARG P 88 9.35 22.83 -10.45
C ARG P 88 9.28 22.20 -9.04
N PRO P 89 8.41 21.18 -8.78
CA PRO P 89 8.33 20.62 -7.43
C PRO P 89 9.60 19.96 -6.91
N SER P 90 9.76 19.91 -5.58
CA SER P 90 10.92 19.32 -4.94
C SER P 90 10.75 17.80 -4.83
N GLU P 91 9.58 17.34 -4.39
CA GLU P 91 9.29 15.91 -4.30
C GLU P 91 8.96 15.44 -5.71
N LYS P 92 9.67 14.41 -6.22
CA LYS P 92 9.54 13.93 -7.60
C LYS P 92 9.98 15.07 -8.53
N SER P 93 11.18 15.62 -8.24
CA SER P 93 11.76 16.78 -8.92
C SER P 93 12.00 16.59 -10.42
N VAL P 94 12.07 17.72 -11.15
CA VAL P 94 12.31 17.75 -12.59
C VAL P 94 13.73 18.21 -12.82
N ALA P 95 14.47 17.52 -13.70
CA ALA P 95 15.86 17.85 -14.04
C ALA P 95 16.04 18.10 -15.53
N ARG P 96 17.07 18.86 -15.92
CA ARG P 96 17.34 19.20 -17.32
C ARG P 96 18.72 18.74 -17.76
N VAL P 97 18.90 18.59 -19.07
CA VAL P 97 20.18 18.22 -19.67
C VAL P 97 20.24 18.86 -21.07
N ILE P 98 21.05 19.92 -21.24
CA ILE P 98 21.15 20.61 -22.53
C ILE P 98 21.85 19.68 -23.52
N CYS P 99 21.32 19.57 -24.76
CA CYS P 99 21.81 18.63 -25.76
C CYS P 99 22.30 19.30 -27.03
N ASP P 100 23.00 18.52 -27.86
CA ASP P 100 23.51 18.93 -29.16
C ASP P 100 22.62 18.24 -30.20
N VAL P 101 22.09 18.99 -31.17
CA VAL P 101 21.24 18.45 -32.20
C VAL P 101 22.12 17.69 -33.21
N TYR P 102 21.78 16.43 -33.49
CA TYR P 102 22.51 15.56 -34.41
C TYR P 102 21.59 15.01 -35.50
N THR P 103 22.15 14.72 -36.67
CA THR P 103 21.40 14.15 -37.80
C THR P 103 21.14 12.65 -37.57
N THR P 104 20.25 12.06 -38.37
CA THR P 104 19.88 10.65 -38.29
C THR P 104 21.11 9.74 -38.35
N LYS P 105 22.13 10.12 -39.15
CA LYS P 105 23.37 9.35 -39.28
C LYS P 105 24.36 9.51 -38.09
N GLY P 106 23.94 10.18 -37.01
CA GLY P 106 24.77 10.38 -35.83
C GLY P 106 25.90 11.37 -36.01
N LYS P 107 25.71 12.37 -36.91
CA LYS P 107 26.71 13.41 -37.19
C LYS P 107 26.17 14.76 -36.67
N PRO P 108 26.99 15.65 -36.04
CA PRO P 108 26.42 16.92 -35.52
C PRO P 108 25.68 17.73 -36.59
N PHE P 109 24.48 18.24 -36.26
CA PHE P 109 23.69 19.01 -37.22
C PHE P 109 24.32 20.36 -37.51
N GLU P 110 24.53 20.65 -38.80
CA GLU P 110 25.12 21.90 -39.29
C GLU P 110 24.35 23.15 -38.82
N GLY P 111 23.02 23.09 -38.82
CA GLY P 111 22.18 24.19 -38.41
C GLY P 111 21.90 24.28 -36.91
N ASP P 112 22.77 23.70 -36.08
CA ASP P 112 22.60 23.73 -34.62
C ASP P 112 23.38 24.91 -34.02
N PRO P 113 22.73 25.87 -33.32
CA PRO P 113 23.50 26.99 -32.73
C PRO P 113 24.54 26.56 -31.69
N ARG P 114 24.23 25.54 -30.87
CA ARG P 114 25.15 25.07 -29.84
C ARG P 114 26.40 24.40 -30.44
N GLY P 115 26.20 23.59 -31.46
CA GLY P 115 27.28 22.93 -32.18
C GLY P 115 28.14 23.92 -32.96
N CYS P 116 27.53 25.03 -33.41
CA CYS P 116 28.23 26.11 -34.11
C CYS P 116 29.25 26.76 -33.17
N LEU P 117 28.86 26.99 -31.90
CA LEU P 117 29.76 27.59 -30.92
C LEU P 117 30.84 26.57 -30.49
N LYS P 118 30.48 25.29 -30.36
CA LYS P 118 31.45 24.25 -30.00
C LYS P 118 32.52 24.15 -31.08
N ARG P 119 32.10 24.15 -32.36
CA ARG P 119 33.00 24.06 -33.51
C ARG P 119 34.07 25.15 -33.50
N VAL P 120 33.66 26.43 -33.38
CA VAL P 120 34.61 27.54 -33.39
C VAL P 120 35.51 27.55 -32.14
N MET P 121 35.00 27.09 -30.98
CA MET P 121 35.81 27.03 -29.76
C MET P 121 36.86 25.91 -29.85
N GLU P 122 36.49 24.75 -30.43
CA GLU P 122 37.43 23.65 -30.63
C GLU P 122 38.51 24.05 -31.65
N GLU P 123 38.13 24.79 -32.69
CA GLU P 123 39.06 25.29 -33.70
C GLU P 123 40.05 26.28 -33.08
N PHE P 124 39.56 27.16 -32.18
CA PHE P 124 40.40 28.13 -31.49
C PHE P 124 41.37 27.42 -30.54
N LYS P 125 40.89 26.42 -29.79
CA LYS P 125 41.73 25.66 -28.86
C LYS P 125 42.76 24.82 -29.62
N LYS P 126 42.47 24.38 -30.84
CA LYS P 126 43.41 23.58 -31.63
C LYS P 126 44.51 24.46 -32.25
N GLU P 127 44.13 25.63 -32.78
CA GLU P 127 45.06 26.53 -33.46
C GLU P 127 45.92 27.39 -32.52
N PHE P 128 45.31 27.98 -31.48
CA PHE P 128 46.02 28.88 -30.55
C PHE P 128 46.17 28.37 -29.12
N ASN P 129 45.48 27.28 -28.74
CA ASN P 129 45.50 26.77 -27.36
C ASN P 129 44.87 27.81 -26.42
N GLY P 130 43.75 28.41 -26.86
CA GLY P 130 43.07 29.45 -26.13
C GLY P 130 41.74 29.03 -25.54
N GLU P 131 41.19 29.89 -24.67
CA GLU P 131 39.93 29.69 -23.97
C GLU P 131 39.19 31.02 -24.04
N TYR P 132 38.02 31.05 -24.72
CA TYR P 132 37.24 32.27 -24.88
C TYR P 132 36.27 32.44 -23.71
N PHE P 133 36.51 33.46 -22.86
CA PHE P 133 35.68 33.74 -21.68
C PHE P 133 34.71 34.89 -21.92
N VAL P 134 33.44 34.74 -21.50
CA VAL P 134 32.39 35.76 -21.64
C VAL P 134 31.62 35.90 -20.32
N GLY P 135 31.22 37.13 -20.01
CA GLY P 135 30.45 37.48 -18.81
C GLY P 135 29.43 38.53 -19.16
N PRO P 136 28.17 38.15 -19.46
CA PRO P 136 27.17 39.16 -19.87
C PRO P 136 26.41 39.78 -18.71
N GLU P 137 25.71 40.89 -19.00
CA GLU P 137 24.88 41.63 -18.07
C GLU P 137 23.48 41.75 -18.69
N PRO P 138 22.70 40.65 -18.75
CA PRO P 138 21.36 40.73 -19.38
C PRO P 138 20.32 41.41 -18.50
N GLU P 139 19.88 42.60 -18.93
CA GLU P 139 18.86 43.40 -18.22
C GLU P 139 17.46 42.96 -18.67
N PHE P 140 16.46 43.16 -17.79
CA PHE P 140 15.07 42.79 -18.08
C PHE P 140 14.08 43.74 -17.41
N PHE P 141 12.81 43.69 -17.82
CA PHE P 141 11.74 44.52 -17.27
C PHE P 141 10.70 43.65 -16.61
N LEU P 142 10.24 44.04 -15.41
CA LEU P 142 9.15 43.34 -14.71
C LEU P 142 7.90 44.18 -15.00
N LEU P 143 6.86 43.55 -15.54
CA LEU P 143 5.65 44.26 -15.95
C LEU P 143 4.41 43.82 -15.16
N LYS P 144 3.40 44.70 -15.13
CA LYS P 144 2.09 44.48 -14.52
C LYS P 144 1.03 45.06 -15.47
N LYS P 145 -0.20 44.51 -15.44
CA LYS P 145 -1.26 44.99 -16.32
C LYS P 145 -1.61 46.44 -16.01
N ASP P 146 -1.90 47.23 -17.06
CA ASP P 146 -2.25 48.63 -16.90
C ASP P 146 -3.63 48.69 -16.21
N PRO P 147 -3.80 49.41 -15.08
CA PRO P 147 -5.13 49.45 -14.44
C PRO P 147 -6.19 50.12 -15.31
N HIS P 148 -5.80 51.16 -16.08
CA HIS P 148 -6.73 51.86 -16.98
C HIS P 148 -7.10 51.03 -18.23
N ASN P 149 -6.33 49.97 -18.55
CA ASN P 149 -6.62 49.09 -19.69
C ASN P 149 -5.91 47.73 -19.49
N PRO P 150 -6.61 46.63 -19.19
CA PRO P 150 -5.90 45.35 -18.96
C PRO P 150 -5.19 44.73 -20.17
N HIS P 151 -5.54 45.16 -21.39
CA HIS P 151 -4.91 44.64 -22.60
C HIS P 151 -3.45 45.09 -22.76
N LYS P 152 -3.05 46.23 -22.15
CA LYS P 152 -1.69 46.75 -22.22
C LYS P 152 -0.91 46.49 -20.92
N TYR P 153 0.42 46.48 -21.00
CA TYR P 153 1.32 46.27 -19.86
C TYR P 153 2.14 47.52 -19.57
N ILE P 154 2.51 47.73 -18.30
CA ILE P 154 3.32 48.86 -17.84
C ILE P 154 4.43 48.37 -16.87
N PRO P 155 5.41 49.22 -16.50
CA PRO P 155 6.46 48.75 -15.57
C PRO P 155 5.92 48.50 -14.16
N ALA P 156 6.51 47.54 -13.43
CA ALA P 156 6.08 47.17 -12.08
C ALA P 156 6.25 48.27 -11.03
N ASP P 157 7.23 49.16 -11.19
CA ASP P 157 7.47 50.22 -10.21
C ASP P 157 8.11 51.46 -10.82
N ASP P 158 8.00 52.60 -10.13
CA ASP P 158 8.60 53.87 -10.56
C ASP P 158 9.98 54.02 -9.93
N GLY P 159 10.77 52.95 -9.98
CA GLY P 159 12.11 52.93 -9.40
C GLY P 159 13.21 53.34 -10.35
N GLY P 160 14.31 53.82 -9.79
CA GLY P 160 15.48 54.26 -10.52
C GLY P 160 16.66 53.31 -10.34
N TYR P 161 17.86 53.78 -10.69
CA TYR P 161 19.06 52.96 -10.59
C TYR P 161 19.45 52.74 -9.12
N PHE P 162 19.66 51.47 -8.72
CA PHE P 162 20.05 51.08 -7.36
C PHE P 162 19.07 51.54 -6.26
N ASP P 163 17.82 51.94 -6.59
CA ASP P 163 16.88 52.43 -5.56
C ASP P 163 16.53 51.39 -4.50
N LEU P 164 16.13 51.87 -3.31
CA LEU P 164 15.74 51.02 -2.17
C LEU P 164 14.22 50.88 -2.06
N GLU P 165 13.77 49.81 -1.39
CA GLU P 165 12.35 49.60 -1.12
C GLU P 165 11.81 50.71 -0.18
N PRO P 166 10.52 51.08 -0.27
CA PRO P 166 9.47 50.56 -1.15
C PRO P 166 9.46 51.13 -2.56
N MET P 167 10.35 52.12 -2.87
CA MET P 167 10.44 52.70 -4.22
C MET P 167 10.78 51.58 -5.24
N ASP P 168 11.68 50.67 -4.86
CA ASP P 168 12.05 49.48 -5.62
C ASP P 168 11.12 48.36 -5.11
N GLU P 169 10.13 47.94 -5.92
CA GLU P 169 9.17 46.92 -5.51
C GLU P 169 9.57 45.50 -5.94
N ALA P 170 10.86 45.26 -6.27
CA ALA P 170 11.30 43.94 -6.70
C ALA P 170 12.36 43.24 -5.82
N PRO P 171 12.61 43.59 -4.52
CA PRO P 171 13.61 42.84 -3.74
C PRO P 171 13.21 41.38 -3.54
N ASP P 172 11.90 41.11 -3.35
CA ASP P 172 11.41 39.75 -3.19
C ASP P 172 11.51 38.95 -4.48
N ILE P 173 11.24 39.58 -5.64
CA ILE P 173 11.33 38.91 -6.93
C ILE P 173 12.79 38.60 -7.24
N ARG P 174 13.69 39.57 -7.04
CA ARG P 174 15.12 39.36 -7.27
C ARG P 174 15.71 38.32 -6.29
N ARG P 175 15.21 38.29 -5.04
CA ARG P 175 15.64 37.33 -4.02
C ARG P 175 15.46 35.89 -4.52
N ASP P 176 14.24 35.55 -4.98
CA ASP P 176 13.93 34.21 -5.47
C ASP P 176 14.69 33.90 -6.75
N ILE P 177 14.93 34.90 -7.62
CA ILE P 177 15.70 34.71 -8.86
C ILE P 177 17.13 34.27 -8.50
N VAL P 178 17.77 34.96 -7.55
CA VAL P 178 19.14 34.63 -7.15
C VAL P 178 19.20 33.23 -6.51
N PHE P 179 18.22 32.87 -5.67
CA PHE P 179 18.20 31.54 -5.06
C PHE P 179 18.04 30.46 -6.14
N ALA P 180 17.16 30.70 -7.13
CA ALA P 180 16.95 29.74 -8.21
C ALA P 180 18.19 29.56 -9.07
N LEU P 181 18.90 30.65 -9.40
CA LEU P 181 20.12 30.57 -10.22
C LEU P 181 21.23 29.86 -9.45
N GLU P 182 21.39 30.13 -8.14
CA GLU P 182 22.41 29.45 -7.34
C GLU P 182 22.19 27.93 -7.31
N ASN P 183 20.93 27.47 -7.28
CA ASN P 183 20.61 26.04 -7.31
C ASN P 183 20.92 25.44 -8.69
N LEU P 184 20.75 26.24 -9.77
CA LEU P 184 21.07 25.81 -11.14
C LEU P 184 22.60 25.78 -11.45
N GLY P 185 23.44 26.14 -10.46
CA GLY P 185 24.90 26.12 -10.61
C GLY P 185 25.52 27.47 -10.97
N PHE P 186 24.75 28.55 -10.92
CA PHE P 186 25.26 29.88 -11.24
C PHE P 186 26.04 30.48 -10.09
N HIS P 187 27.05 31.29 -10.40
CA HIS P 187 27.83 32.02 -9.41
C HIS P 187 27.36 33.47 -9.56
N VAL P 188 26.26 33.82 -8.87
CA VAL P 188 25.67 35.16 -8.97
C VAL P 188 26.62 36.16 -8.33
N GLU P 189 26.90 37.29 -9.02
CA GLU P 189 27.81 38.32 -8.51
C GLU P 189 27.07 39.47 -7.83
N ALA P 190 26.02 40.02 -8.48
CA ALA P 190 25.27 41.14 -7.90
C ALA P 190 23.86 41.26 -8.51
N SER P 191 22.94 41.94 -7.80
CA SER P 191 21.58 42.14 -8.26
C SER P 191 21.09 43.51 -7.77
N HIS P 192 20.35 44.25 -8.62
CA HIS P 192 19.89 45.59 -8.27
C HIS P 192 18.85 46.12 -9.27
N HIS P 193 18.20 47.26 -8.95
CA HIS P 193 17.26 47.91 -9.85
C HIS P 193 18.07 48.73 -10.87
N GLU P 194 17.60 48.82 -12.11
CA GLU P 194 18.27 49.56 -13.18
C GLU P 194 17.59 50.92 -13.44
N VAL P 195 18.22 51.76 -14.29
CA VAL P 195 17.81 53.13 -14.61
C VAL P 195 16.29 53.29 -14.90
N ALA P 196 15.75 52.55 -15.88
CA ALA P 196 14.33 52.72 -16.25
C ALA P 196 13.36 52.15 -15.21
N PRO P 197 12.11 52.65 -15.16
CA PRO P 197 11.12 52.09 -14.21
C PRO P 197 10.89 50.59 -14.42
N GLY P 198 10.83 49.83 -13.34
CA GLY P 198 10.59 48.39 -13.42
C GLY P 198 11.73 47.58 -14.04
N GLN P 199 12.84 48.22 -14.44
CA GLN P 199 13.98 47.53 -15.03
C GLN P 199 14.89 47.00 -13.94
N HIS P 200 15.48 45.82 -14.16
CA HIS P 200 16.38 45.18 -13.20
C HIS P 200 17.58 44.53 -13.90
N GLU P 201 18.61 44.15 -13.13
CA GLU P 201 19.80 43.52 -13.67
C GLU P 201 20.34 42.53 -12.65
N VAL P 202 20.52 41.27 -13.06
CA VAL P 202 21.09 40.22 -12.21
C VAL P 202 22.34 39.72 -12.92
N ASP P 203 23.52 40.04 -12.38
CA ASP P 203 24.81 39.68 -12.95
C ASP P 203 25.29 38.33 -12.43
N PHE P 204 26.13 37.65 -13.23
CA PHE P 204 26.71 36.37 -12.85
C PHE P 204 28.15 36.26 -13.38
N LYS P 205 28.95 35.39 -12.76
CA LYS P 205 30.37 35.25 -13.07
C LYS P 205 30.63 34.80 -14.50
N PHE P 206 31.76 35.26 -15.06
CA PHE P 206 32.16 34.89 -16.40
C PHE P 206 32.65 33.44 -16.43
N ASP P 207 32.59 32.82 -17.62
CA ASP P 207 33.03 31.44 -17.84
C ASP P 207 33.31 31.23 -19.34
N ASP P 208 33.68 30.02 -19.79
CA ASP P 208 33.92 29.77 -21.22
C ASP P 208 32.60 29.98 -22.00
N ALA P 209 32.70 30.47 -23.24
CA ALA P 209 31.55 30.81 -24.09
C ALA P 209 30.43 29.77 -24.09
N LEU P 210 30.75 28.46 -24.11
CA LEU P 210 29.71 27.43 -24.12
C LEU P 210 28.94 27.42 -22.78
N LYS P 211 29.64 27.35 -21.64
CA LYS P 211 28.98 27.37 -20.33
C LYS P 211 28.23 28.67 -20.09
N THR P 212 28.73 29.80 -20.63
CA THR P 212 28.08 31.10 -20.51
C THR P 212 26.80 31.16 -21.36
N ALA P 213 26.82 30.60 -22.59
CA ALA P 213 25.63 30.59 -23.45
C ALA P 213 24.56 29.66 -22.89
N ASP P 214 24.96 28.53 -22.27
CA ASP P 214 24.01 27.63 -21.61
C ASP P 214 23.35 28.37 -20.42
N SER P 215 24.13 29.20 -19.70
CA SER P 215 23.65 29.99 -18.59
C SER P 215 22.71 31.11 -19.03
N VAL P 216 22.95 31.75 -20.19
CA VAL P 216 22.06 32.82 -20.67
C VAL P 216 20.66 32.28 -20.98
N ILE P 217 20.56 31.07 -21.58
CA ILE P 217 19.27 30.45 -21.91
C ILE P 217 18.51 30.12 -20.64
N THR P 218 19.19 29.52 -19.66
CA THR P 218 18.58 29.14 -18.39
C THR P 218 18.18 30.39 -17.58
N PHE P 219 18.99 31.45 -17.67
CA PHE P 219 18.72 32.70 -16.98
C PHE P 219 17.40 33.31 -17.47
N LYS P 220 17.23 33.40 -18.80
CA LYS P 220 16.02 33.97 -19.39
C LYS P 220 14.75 33.22 -18.96
N THR P 221 14.80 31.88 -18.92
CA THR P 221 13.64 31.08 -18.47
C THR P 221 13.40 31.28 -16.97
N THR P 222 14.47 31.27 -16.16
CA THR P 222 14.38 31.45 -14.69
C THR P 222 13.72 32.78 -14.33
N ILE P 223 14.10 33.86 -15.03
CA ILE P 223 13.57 35.20 -14.80
C ILE P 223 12.08 35.26 -15.17
N LYS P 224 11.68 34.66 -16.29
CA LYS P 224 10.29 34.68 -16.73
C LYS P 224 9.37 33.81 -15.86
N THR P 225 9.80 32.59 -15.50
CA THR P 225 8.99 31.67 -14.69
C THR P 225 8.79 32.17 -13.25
N ILE P 226 9.83 32.72 -12.60
CA ILE P 226 9.69 33.24 -11.23
C ILE P 226 8.84 34.52 -11.23
N ALA P 227 8.91 35.35 -12.29
CA ALA P 227 8.07 36.54 -12.36
C ALA P 227 6.60 36.15 -12.41
N GLU P 228 6.25 35.07 -13.14
CA GLU P 228 4.85 34.61 -13.20
C GLU P 228 4.38 34.12 -11.83
N GLN P 229 5.30 33.58 -10.99
CA GLN P 229 5.01 33.13 -9.63
C GLN P 229 4.60 34.30 -8.73
N HIS P 230 5.13 35.50 -8.98
CA HIS P 230 4.81 36.70 -8.21
C HIS P 230 3.77 37.60 -8.94
N GLY P 231 2.93 37.00 -9.78
CA GLY P 231 1.88 37.71 -10.52
C GLY P 231 2.33 38.77 -11.50
N LEU P 232 3.60 38.75 -11.93
CA LEU P 232 4.15 39.72 -12.88
C LEU P 232 4.55 39.03 -14.22
N LYS P 233 5.03 39.80 -15.21
CA LYS P 233 5.45 39.26 -16.49
C LYS P 233 6.78 39.88 -16.87
N ALA P 234 7.86 39.09 -16.95
CA ALA P 234 9.18 39.61 -17.29
C ALA P 234 9.42 39.56 -18.79
N THR P 235 10.03 40.63 -19.35
CA THR P 235 10.33 40.70 -20.78
C THR P 235 11.77 41.12 -21.05
N PHE P 236 12.43 40.43 -21.97
CA PHE P 236 13.78 40.76 -22.41
C PHE P 236 13.69 41.52 -23.75
N MET P 237 12.69 42.39 -23.90
CA MET P 237 12.50 43.17 -25.12
C MET P 237 13.56 44.30 -25.10
N PRO P 238 14.32 44.53 -26.18
CA PRO P 238 15.35 45.59 -26.12
C PRO P 238 14.87 47.01 -25.81
N LYS P 239 13.60 47.32 -26.04
CA LYS P 239 13.05 48.66 -25.81
C LYS P 239 11.52 48.56 -25.71
N PRO P 240 10.98 48.08 -24.57
CA PRO P 240 9.52 47.96 -24.46
C PRO P 240 8.80 49.30 -24.40
N PHE P 241 9.45 50.34 -23.86
CA PHE P 241 8.83 51.66 -23.75
C PHE P 241 9.75 52.76 -24.28
N PHE P 242 9.17 53.74 -24.99
CA PHE P 242 9.89 54.89 -25.52
C PHE P 242 10.12 55.92 -24.40
N GLY P 243 11.24 56.62 -24.44
CA GLY P 243 11.56 57.65 -23.45
C GLY P 243 12.26 57.15 -22.19
N MET P 244 12.56 55.85 -22.11
CA MET P 244 13.28 55.26 -20.97
C MET P 244 14.28 54.22 -21.46
N ASN P 245 15.34 53.96 -20.66
CA ASN P 245 16.40 53.00 -21.01
C ASN P 245 15.89 51.65 -21.49
N GLY P 246 16.64 51.03 -22.39
CA GLY P 246 16.31 49.73 -22.93
C GLY P 246 17.12 48.63 -22.29
N SER P 247 16.68 47.37 -22.48
CA SER P 247 17.37 46.21 -21.93
C SER P 247 18.63 45.92 -22.77
N GLY P 248 19.80 46.00 -22.14
CA GLY P 248 21.08 45.75 -22.79
C GLY P 248 21.83 44.61 -22.16
N MET P 249 22.56 43.83 -22.99
CA MET P 249 23.36 42.70 -22.52
C MET P 249 24.82 42.96 -22.87
N HIS P 250 25.50 43.73 -22.03
CA HIS P 250 26.90 44.09 -22.25
C HIS P 250 27.75 42.83 -22.10
N CYS P 251 28.54 42.46 -23.13
CA CYS P 251 29.35 41.25 -23.10
C CYS P 251 30.82 41.50 -22.77
N HIS P 252 31.20 41.34 -21.49
CA HIS P 252 32.59 41.46 -21.06
C HIS P 252 33.30 40.21 -21.56
N GLN P 253 34.37 40.34 -22.35
CA GLN P 253 35.04 39.18 -22.92
C GLN P 253 36.57 39.30 -22.97
N SER P 254 37.25 38.14 -23.02
CA SER P 254 38.72 38.05 -23.07
C SER P 254 39.16 36.64 -23.47
N ILE P 255 40.33 36.52 -24.11
CA ILE P 255 40.89 35.23 -24.54
C ILE P 255 42.19 34.94 -23.77
N TRP P 256 42.36 33.69 -23.31
CA TRP P 256 43.52 33.26 -22.52
C TRP P 256 44.33 32.20 -23.24
N LEU P 257 45.44 32.59 -23.89
CA LEU P 257 46.30 31.66 -24.60
C LEU P 257 47.31 31.02 -23.64
N ASN P 258 47.29 29.68 -23.55
CA ASN P 258 48.18 28.90 -22.68
C ASN P 258 47.93 29.17 -21.19
N GLY P 259 46.65 29.26 -20.80
CA GLY P 259 46.24 29.49 -19.43
C GLY P 259 46.77 30.76 -18.78
N GLU P 260 46.99 31.83 -19.59
CA GLU P 260 47.47 33.11 -19.08
C GLU P 260 46.61 34.25 -19.63
N PRO P 261 46.45 35.36 -18.88
CA PRO P 261 45.65 36.49 -19.41
C PRO P 261 46.43 37.20 -20.51
N SER P 262 46.12 36.85 -21.76
CA SER P 262 46.81 37.41 -22.93
C SER P 262 46.47 38.88 -23.20
N PHE P 263 45.33 39.37 -22.69
CA PHE P 263 44.96 40.77 -22.87
C PHE P 263 45.77 41.74 -22.01
N TYR P 264 46.39 41.25 -20.91
CA TYR P 264 47.17 42.10 -20.01
C TYR P 264 48.65 42.15 -20.38
N ASP P 265 49.25 43.35 -20.27
CA ASP P 265 50.67 43.58 -20.51
C ASP P 265 51.11 44.72 -19.57
N GLU P 266 51.77 44.35 -18.45
CA GLU P 266 52.23 45.30 -17.42
C GLU P 266 53.04 46.45 -18.02
N ASN P 267 53.91 46.15 -19.00
CA ASN P 267 54.74 47.15 -19.66
C ASN P 267 54.15 47.51 -21.05
N ALA P 268 53.03 48.25 -21.08
CA ALA P 268 52.37 48.67 -22.33
C ALA P 268 51.39 49.84 -22.10
N PRO P 269 50.92 50.55 -23.18
CA PRO P 269 49.97 51.64 -22.95
C PRO P 269 48.62 51.15 -22.43
N TYR P 270 48.10 51.82 -21.38
CA TYR P 270 46.86 51.43 -20.71
C TYR P 270 46.93 50.02 -20.10
N GLN P 271 48.13 49.41 -20.01
CA GLN P 271 48.34 48.04 -19.53
C GLN P 271 47.50 47.05 -20.35
N LEU P 272 47.50 47.23 -21.68
CA LEU P 272 46.75 46.38 -22.62
C LEU P 272 47.72 45.85 -23.65
N SER P 273 47.65 44.54 -23.90
CA SER P 273 48.53 43.80 -24.82
C SER P 273 48.24 44.09 -26.30
N GLU P 274 49.17 43.70 -27.19
CA GLU P 274 48.97 43.81 -28.63
C GLU P 274 47.81 42.89 -29.04
N THR P 275 47.71 41.69 -28.44
CA THR P 275 46.62 40.74 -28.71
C THR P 275 45.25 41.37 -28.42
N CYS P 276 45.16 42.18 -27.35
CA CYS P 276 43.92 42.87 -27.01
C CYS P 276 43.55 43.88 -28.11
N MET P 277 44.53 44.70 -28.55
CA MET P 277 44.30 45.71 -29.59
C MET P 277 43.93 45.07 -30.93
N ASN P 278 44.56 43.94 -31.27
CA ASN P 278 44.24 43.25 -32.52
C ASN P 278 42.80 42.71 -32.45
N TYR P 279 42.38 42.19 -31.29
CA TYR P 279 41.03 41.66 -31.09
C TYR P 279 40.00 42.79 -31.22
N VAL P 280 40.25 43.95 -30.57
CA VAL P 280 39.36 45.09 -30.62
C VAL P 280 39.23 45.59 -32.06
N ALA P 281 40.34 45.63 -32.84
CA ALA P 281 40.31 46.05 -34.23
C ALA P 281 39.39 45.17 -35.08
N GLY P 282 39.39 43.86 -34.81
CA GLY P 282 38.55 42.92 -35.52
C GLY P 282 37.07 43.10 -35.22
N ILE P 283 36.73 43.41 -33.96
CA ILE P 283 35.33 43.63 -33.59
C ILE P 283 34.82 44.90 -34.27
N LEU P 284 35.63 45.97 -34.23
CA LEU P 284 35.26 47.25 -34.85
C LEU P 284 35.15 47.14 -36.38
N LYS P 285 35.96 46.27 -37.00
CA LYS P 285 35.92 46.04 -38.44
C LYS P 285 34.56 45.46 -38.86
N HIS P 286 34.14 44.36 -38.22
CA HIS P 286 32.89 43.69 -38.54
C HIS P 286 31.72 44.16 -37.65
N ALA P 287 31.83 45.35 -37.01
CA ALA P 287 30.77 45.86 -36.13
C ALA P 287 29.42 46.00 -36.81
N LYS P 288 29.39 46.50 -38.05
CA LYS P 288 28.14 46.68 -38.80
C LYS P 288 27.45 45.33 -39.13
N ALA P 289 28.22 44.23 -39.19
CA ALA P 289 27.71 42.90 -39.48
C ALA P 289 27.38 42.11 -38.21
N ILE P 290 28.12 42.33 -37.10
CA ILE P 290 27.89 41.63 -35.84
C ILE P 290 26.53 42.03 -35.25
N VAL P 291 26.13 43.31 -35.37
CA VAL P 291 24.85 43.78 -34.84
C VAL P 291 23.64 43.11 -35.50
N ALA P 292 23.80 42.44 -36.65
CA ALA P 292 22.69 41.71 -37.27
C ALA P 292 22.33 40.51 -36.39
N ILE P 293 23.36 39.80 -35.87
CA ILE P 293 23.17 38.64 -35.00
C ILE P 293 22.90 39.08 -33.55
N THR P 294 23.74 39.96 -32.99
CA THR P 294 23.61 40.41 -31.60
C THR P 294 22.40 41.33 -31.34
N ASN P 295 21.80 41.89 -32.40
CA ASN P 295 20.62 42.77 -32.32
C ASN P 295 19.67 42.30 -33.44
N PRO P 296 19.02 41.12 -33.29
CA PRO P 296 18.24 40.57 -34.40
C PRO P 296 16.78 40.99 -34.53
N THR P 297 16.26 41.83 -33.63
CA THR P 297 14.86 42.25 -33.70
C THR P 297 14.71 43.64 -34.30
N VAL P 298 13.52 43.96 -34.80
CA VAL P 298 13.22 45.31 -35.34
C VAL P 298 13.33 46.32 -34.19
N ASN P 299 12.82 45.96 -33.01
CA ASN P 299 12.83 46.78 -31.80
C ASN P 299 14.25 47.08 -31.29
N SER P 300 15.24 46.22 -31.59
CA SER P 300 16.60 46.45 -31.14
C SER P 300 17.18 47.75 -31.66
N TYR P 301 16.75 48.21 -32.85
CA TYR P 301 17.22 49.45 -33.45
C TYR P 301 16.44 50.70 -32.97
N LYS P 302 15.62 50.56 -31.92
CA LYS P 302 14.95 51.65 -31.22
C LYS P 302 15.77 51.96 -29.93
N ARG P 303 16.49 50.96 -29.36
CA ARG P 303 17.43 51.14 -28.24
C ARG P 303 18.75 51.56 -28.90
N LEU P 304 19.30 50.69 -29.77
CA LEU P 304 20.54 50.90 -30.51
C LEU P 304 20.22 51.77 -31.74
N VAL P 305 19.80 53.01 -31.47
CA VAL P 305 19.36 53.96 -32.50
C VAL P 305 20.45 54.99 -32.87
N PRO P 306 20.97 55.02 -34.13
CA PRO P 306 21.98 56.05 -34.48
C PRO P 306 21.45 57.48 -34.35
N GLY P 307 22.36 58.43 -34.13
CA GLY P 307 21.99 59.83 -33.96
C GLY P 307 21.48 60.17 -32.57
N TYR P 308 21.24 59.16 -31.70
CA TYR P 308 20.75 59.34 -30.33
C TYR P 308 21.63 58.56 -29.34
N GLU P 309 21.56 58.95 -28.06
CA GLU P 309 22.37 58.35 -26.98
C GLU P 309 22.24 56.83 -26.91
N ALA P 310 23.24 56.10 -27.43
CA ALA P 310 23.27 54.64 -27.48
C ALA P 310 24.69 54.14 -27.82
N PRO P 311 25.04 52.83 -27.62
CA PRO P 311 26.38 52.36 -28.00
C PRO P 311 26.41 52.03 -29.50
N VAL P 312 26.22 53.08 -30.31
CA VAL P 312 26.15 53.06 -31.78
C VAL P 312 27.46 53.48 -32.45
N ASN P 313 28.28 54.27 -31.76
CA ASN P 313 29.52 54.79 -32.34
C ASN P 313 30.59 53.70 -32.36
N ILE P 314 31.05 53.33 -33.58
CA ILE P 314 32.06 52.30 -33.78
C ILE P 314 33.43 52.84 -33.37
N ALA P 315 33.77 52.68 -32.08
CA ALA P 315 35.05 53.11 -31.50
C ALA P 315 35.25 52.48 -30.10
N TRP P 316 36.48 52.45 -29.59
CA TRP P 316 36.77 51.90 -28.27
C TRP P 316 37.30 53.01 -27.33
N ALA P 317 37.16 52.81 -26.00
CA ALA P 317 37.60 53.80 -25.01
C ALA P 317 37.71 53.20 -23.61
N ASN P 318 38.56 53.80 -22.75
CA ASN P 318 38.77 53.32 -21.38
C ASN P 318 37.80 53.99 -20.39
N SER P 319 36.96 53.18 -19.71
CA SER P 319 36.00 53.66 -18.72
C SER P 319 35.04 54.74 -19.27
N ASN P 320 34.57 54.56 -20.51
CA ASN P 320 33.66 55.48 -21.19
C ASN P 320 32.49 54.65 -21.78
N ARG P 321 31.27 54.90 -21.30
CA ARG P 321 30.07 54.16 -21.74
C ARG P 321 29.40 54.76 -23.00
N SER P 322 30.00 55.77 -23.65
CA SER P 322 29.44 56.37 -24.86
C SER P 322 29.84 55.62 -26.15
N ALA P 323 30.99 54.91 -26.13
CA ALA P 323 31.51 54.15 -27.26
C ALA P 323 30.92 52.72 -27.32
N ILE P 324 31.07 52.01 -28.47
CA ILE P 324 30.55 50.64 -28.61
C ILE P 324 31.33 49.66 -27.70
N ILE P 325 32.65 49.90 -27.51
CA ILE P 325 33.51 49.10 -26.63
C ILE P 325 34.01 49.97 -25.48
N ARG P 326 34.06 49.39 -24.28
CA ARG P 326 34.57 50.04 -23.08
C ARG P 326 35.56 49.06 -22.44
N VAL P 327 36.74 49.54 -22.05
CA VAL P 327 37.73 48.69 -21.39
C VAL P 327 37.63 48.96 -19.88
N PRO P 328 37.04 48.04 -19.06
CA PRO P 328 36.94 48.32 -17.62
C PRO P 328 38.31 48.51 -16.98
N ALA P 329 38.36 49.33 -15.93
CA ALA P 329 39.61 49.67 -15.24
C ALA P 329 40.30 48.48 -14.54
N ALA P 330 39.63 47.34 -14.34
CA ALA P 330 40.23 46.19 -13.68
C ALA P 330 41.35 45.61 -14.56
N ARG P 331 42.52 45.32 -13.94
CA ARG P 331 43.69 44.80 -14.66
C ARG P 331 44.25 43.52 -14.01
N GLY P 332 45.11 42.83 -14.76
CA GLY P 332 45.70 41.56 -14.36
C GLY P 332 44.95 40.43 -15.04
N LYS P 333 44.29 39.58 -14.26
CA LYS P 333 43.48 38.50 -14.84
C LYS P 333 42.17 39.07 -15.40
N GLY P 334 41.57 40.02 -14.68
CA GLY P 334 40.32 40.65 -15.10
C GLY P 334 40.41 41.67 -16.22
N THR P 335 41.52 41.69 -16.99
CA THR P 335 41.65 42.61 -18.12
C THR P 335 40.69 42.10 -19.20
N ARG P 336 39.80 42.97 -19.68
CA ARG P 336 38.76 42.56 -20.64
C ARG P 336 38.25 43.76 -21.48
N ILE P 337 37.36 43.48 -22.46
CA ILE P 337 36.71 44.49 -23.28
C ILE P 337 35.19 44.24 -23.20
N GLU P 338 34.40 45.32 -23.06
CA GLU P 338 32.95 45.23 -22.95
C GLU P 338 32.28 45.65 -24.27
N PHE P 339 31.73 44.69 -25.03
CA PHE P 339 31.00 44.99 -26.24
C PHE P 339 29.57 45.34 -25.79
N ARG P 340 29.23 46.65 -25.83
CA ARG P 340 27.96 47.18 -25.32
C ARG P 340 26.77 47.11 -26.30
N ALA P 341 27.00 46.80 -27.58
CA ALA P 341 25.93 46.76 -28.57
C ALA P 341 24.84 45.68 -28.36
N PRO P 342 25.15 44.45 -27.88
CA PRO P 342 24.10 43.43 -27.75
C PRO P 342 22.97 43.72 -26.77
N ASP P 343 21.83 43.07 -26.99
CA ASP P 343 20.64 43.12 -26.13
C ASP P 343 20.22 41.66 -25.86
N PRO P 344 19.46 41.37 -24.77
CA PRO P 344 19.13 39.96 -24.49
C PRO P 344 18.20 39.26 -25.49
N SER P 345 17.81 39.93 -26.59
CA SER P 345 16.97 39.31 -27.62
C SER P 345 17.75 38.37 -28.56
N CYS P 346 19.10 38.42 -28.54
CA CYS P 346 19.93 37.60 -29.43
C CYS P 346 20.14 36.18 -28.94
N ASN P 347 20.51 35.28 -29.87
CA ASN P 347 20.83 33.89 -29.56
C ASN P 347 22.24 33.94 -28.98
N PRO P 348 22.48 33.55 -27.71
CA PRO P 348 23.85 33.64 -27.17
C PRO P 348 24.87 32.77 -27.90
N TYR P 349 24.48 31.60 -28.38
CA TYR P 349 25.41 30.72 -29.09
C TYR P 349 25.94 31.35 -30.37
N LEU P 350 25.07 32.05 -31.13
CA LEU P 350 25.49 32.72 -32.36
C LEU P 350 26.17 34.06 -32.05
N ALA P 351 25.77 34.76 -30.98
CA ALA P 351 26.39 36.03 -30.58
C ALA P 351 27.85 35.84 -30.19
N PHE P 352 28.17 34.79 -29.42
CA PHE P 352 29.56 34.53 -29.00
C PHE P 352 30.38 34.00 -30.19
N THR P 353 29.75 33.30 -31.15
CA THR P 353 30.43 32.79 -32.34
C THR P 353 30.92 33.96 -33.22
N VAL P 354 30.04 34.91 -33.56
CA VAL P 354 30.40 36.06 -34.40
C VAL P 354 31.39 36.99 -33.71
N MET P 355 31.28 37.17 -32.38
CA MET P 355 32.21 38.01 -31.64
C MET P 355 33.59 37.37 -31.65
N LEU P 356 33.68 36.05 -31.40
CA LEU P 356 34.98 35.37 -31.42
C LEU P 356 35.56 35.33 -32.83
N ALA P 357 34.75 35.14 -33.88
CA ALA P 357 35.25 35.09 -35.25
C ALA P 357 35.80 36.42 -35.73
N ALA P 358 35.10 37.54 -35.46
CA ALA P 358 35.58 38.86 -35.86
C ALA P 358 36.81 39.24 -35.05
N GLY P 359 36.79 38.93 -33.75
CA GLY P 359 37.92 39.21 -32.87
C GLY P 359 39.17 38.44 -33.27
N LEU P 360 39.03 37.13 -33.59
CA LEU P 360 40.15 36.31 -34.04
C LEU P 360 40.63 36.72 -35.43
N ASP P 361 39.76 37.29 -36.28
CA ASP P 361 40.17 37.79 -37.59
C ASP P 361 41.23 38.92 -37.42
N GLY P 362 41.05 39.74 -36.39
CA GLY P 362 41.99 40.80 -36.06
C GLY P 362 43.29 40.28 -35.50
N VAL P 363 43.24 39.21 -34.69
CA VAL P 363 44.43 38.58 -34.08
C VAL P 363 45.26 37.86 -35.15
N LYS P 364 44.61 37.11 -36.05
CA LYS P 364 45.27 36.37 -37.12
C LYS P 364 45.99 37.30 -38.10
N ASN P 365 45.29 38.37 -38.55
CA ASN P 365 45.86 39.34 -39.49
C ASN P 365 46.69 40.46 -38.80
N LYS P 366 46.65 40.55 -37.45
CA LYS P 366 47.36 41.58 -36.69
C LYS P 366 46.92 42.97 -37.14
N LEU P 367 45.60 43.22 -37.09
CA LEU P 367 45.02 44.50 -37.52
C LEU P 367 45.28 45.59 -36.50
N ASP P 368 45.47 46.83 -36.99
CA ASP P 368 45.76 48.00 -36.16
C ASP P 368 44.47 48.63 -35.65
N ALA P 369 44.33 48.77 -34.33
CA ALA P 369 43.15 49.39 -33.72
C ALA P 369 43.28 50.91 -33.73
N PRO P 370 42.15 51.65 -33.77
CA PRO P 370 42.24 53.11 -33.71
C PRO P 370 42.51 53.62 -32.29
N GLU P 371 42.76 54.93 -32.15
CA GLU P 371 43.04 55.52 -30.83
C GLU P 371 41.77 55.56 -29.98
N PRO P 372 41.89 55.48 -28.64
CA PRO P 372 40.68 55.49 -27.79
C PRO P 372 40.06 56.88 -27.71
N VAL P 373 38.73 56.97 -27.88
CA VAL P 373 38.01 58.23 -27.82
C VAL P 373 37.59 58.49 -26.38
N GLU P 374 38.51 59.03 -25.57
CA GLU P 374 38.24 59.33 -24.15
C GLU P 374 37.12 60.37 -23.97
N ARG P 375 36.93 61.26 -24.96
CA ARG P 375 35.86 62.27 -24.94
C ARG P 375 34.48 61.63 -25.04
N ASN P 376 33.44 62.35 -24.58
CA ASN P 376 32.06 61.88 -24.70
C ASN P 376 31.70 62.02 -26.18
N ILE P 377 31.29 60.91 -26.82
CA ILE P 377 30.97 60.92 -28.25
C ILE P 377 29.58 61.49 -28.54
N PHE P 378 28.64 61.45 -27.56
CA PHE P 378 27.30 61.99 -27.77
C PHE P 378 27.34 63.51 -27.92
N ALA P 379 28.22 64.18 -27.16
CA ALA P 379 28.38 65.64 -27.24
C ALA P 379 29.01 66.11 -28.56
N MET P 380 29.65 65.21 -29.32
CA MET P 380 30.29 65.56 -30.59
C MET P 380 29.27 65.76 -31.70
N SER P 381 29.59 66.63 -32.67
CA SER P 381 28.74 66.90 -33.83
C SER P 381 29.04 65.88 -34.94
N GLU P 382 28.08 65.67 -35.86
CA GLU P 382 28.24 64.73 -36.97
C GLU P 382 29.44 65.08 -37.88
N ALA P 383 29.73 66.37 -38.08
CA ALA P 383 30.87 66.78 -38.90
C ALA P 383 32.20 66.45 -38.20
N GLU P 384 32.24 66.59 -36.86
CA GLU P 384 33.44 66.29 -36.06
C GLU P 384 33.68 64.78 -36.04
N LYS P 385 32.62 63.97 -35.82
CA LYS P 385 32.71 62.51 -35.82
C LYS P 385 33.14 61.96 -37.19
N LYS P 386 32.75 62.65 -38.28
CA LYS P 386 33.12 62.22 -39.64
C LYS P 386 34.61 62.48 -39.90
N GLU P 387 35.16 63.58 -39.35
CA GLU P 387 36.58 63.90 -39.50
C GLU P 387 37.43 62.84 -38.77
N LEU P 388 37.05 62.50 -37.53
CA LEU P 388 37.76 61.47 -36.74
C LEU P 388 37.64 60.06 -37.36
N GLY P 389 36.53 59.80 -38.06
CA GLY P 389 36.27 58.51 -38.70
C GLY P 389 35.47 57.58 -37.82
N ILE P 390 34.61 58.12 -36.95
CA ILE P 390 33.78 57.32 -36.05
C ILE P 390 32.46 56.98 -36.76
N GLU P 391 32.43 55.84 -37.47
CA GLU P 391 31.22 55.40 -38.17
C GLU P 391 30.15 54.89 -37.18
N SER P 392 28.89 54.81 -37.62
CA SER P 392 27.79 54.36 -36.75
C SER P 392 27.22 53.01 -37.23
N VAL P 393 26.67 52.23 -36.28
CA VAL P 393 26.06 50.92 -36.59
C VAL P 393 24.75 51.12 -37.36
N PRO P 394 24.33 50.16 -38.21
CA PRO P 394 23.08 50.35 -38.98
C PRO P 394 21.87 50.85 -38.20
N ALA P 395 21.02 51.65 -38.86
CA ALA P 395 19.84 52.25 -38.25
C ALA P 395 18.62 51.32 -38.14
N ASN P 396 18.60 50.19 -38.87
CA ASN P 396 17.47 49.26 -38.82
C ASN P 396 17.89 47.80 -39.06
N LEU P 397 16.96 46.85 -38.89
CA LEU P 397 17.24 45.43 -39.04
C LEU P 397 17.69 45.07 -40.47
N LYS P 398 16.96 45.54 -41.49
CA LYS P 398 17.31 45.27 -42.89
C LYS P 398 18.67 45.82 -43.25
N ALA P 399 19.04 46.99 -42.71
CA ALA P 399 20.34 47.59 -42.98
C ALA P 399 21.46 46.70 -42.41
N ALA P 400 21.23 46.04 -41.26
CA ALA P 400 22.21 45.15 -40.66
C ALA P 400 22.27 43.80 -41.37
N LEU P 401 21.13 43.28 -41.87
CA LEU P 401 21.09 42.01 -42.60
C LEU P 401 21.90 42.08 -43.90
N ASP P 402 21.84 43.22 -44.60
CA ASP P 402 22.61 43.42 -45.83
C ASP P 402 24.12 43.43 -45.54
N GLU P 403 24.52 43.99 -44.38
CA GLU P 403 25.92 44.01 -43.96
C GLU P 403 26.39 42.60 -43.61
N LEU P 404 25.54 41.81 -42.93
CA LEU P 404 25.84 40.43 -42.58
C LEU P 404 25.98 39.57 -43.83
N GLU P 405 25.09 39.80 -44.81
CA GLU P 405 25.09 39.04 -46.07
C GLU P 405 26.41 39.22 -46.83
N ASN P 406 26.91 40.46 -46.92
CA ASN P 406 28.18 40.75 -47.61
C ASN P 406 29.43 40.40 -46.79
N ASN P 407 29.30 40.05 -45.50
CA ASN P 407 30.42 39.70 -44.65
C ASN P 407 30.75 38.21 -44.79
N ASP P 408 31.98 37.89 -45.22
CA ASP P 408 32.43 36.51 -45.41
C ASP P 408 33.00 35.89 -44.13
N VAL P 409 33.48 36.71 -43.18
CA VAL P 409 34.05 36.20 -41.93
C VAL P 409 32.97 35.55 -41.08
N LEU P 410 31.81 36.23 -40.94
CA LEU P 410 30.70 35.70 -40.15
C LEU P 410 29.94 34.60 -40.89
N LYS P 411 29.93 34.63 -42.23
CA LYS P 411 29.27 33.59 -43.03
C LYS P 411 29.93 32.23 -42.78
N ASN P 412 31.27 32.19 -42.76
CA ASN P 412 32.04 30.97 -42.53
C ASN P 412 31.89 30.47 -41.07
N ALA P 413 31.88 31.39 -40.10
CA ALA P 413 31.75 31.02 -38.68
C ALA P 413 30.38 30.40 -38.37
N LEU P 414 29.30 30.99 -38.93
CA LEU P 414 27.95 30.49 -38.72
C LEU P 414 27.63 29.27 -39.59
N GLY P 415 28.23 29.19 -40.77
CA GLY P 415 27.99 28.10 -41.70
C GLY P 415 26.85 28.41 -42.64
N LYS P 416 26.85 27.80 -43.84
CA LYS P 416 25.84 28.02 -44.86
C LYS P 416 24.41 27.83 -44.34
N HIS P 417 24.18 26.84 -43.47
CA HIS P 417 22.84 26.57 -42.97
C HIS P 417 22.32 27.67 -42.05
N ILE P 418 23.11 28.09 -41.06
CA ILE P 418 22.68 29.12 -40.12
C ILE P 418 22.64 30.49 -40.80
N PHE P 419 23.68 30.84 -41.56
CA PHE P 419 23.77 32.11 -42.26
C PHE P 419 22.57 32.36 -43.20
N GLU P 420 22.24 31.38 -44.07
CA GLU P 420 21.13 31.54 -45.01
C GLU P 420 19.76 31.49 -44.34
N SER P 421 19.54 30.57 -43.38
CA SER P 421 18.24 30.48 -42.70
C SER P 421 17.98 31.70 -41.84
N PHE P 422 19.01 32.24 -41.17
CA PHE P 422 18.85 33.44 -40.35
C PHE P 422 18.41 34.63 -41.22
N LEU P 423 19.12 34.85 -42.34
CA LEU P 423 18.78 35.95 -43.25
C LEU P 423 17.36 35.79 -43.80
N GLU P 424 16.97 34.56 -44.19
CA GLU P 424 15.65 34.28 -44.74
C GLU P 424 14.54 34.54 -43.71
N ILE P 425 14.75 34.10 -42.45
CA ILE P 425 13.77 34.28 -41.37
C ILE P 425 13.65 35.76 -41.02
N LYS P 426 14.78 36.46 -40.88
CA LYS P 426 14.78 37.88 -40.52
C LYS P 426 14.28 38.78 -41.64
N ASN P 427 14.43 38.39 -42.92
CA ASN P 427 13.90 39.19 -44.03
C ASN P 427 12.38 39.10 -44.07
N ALA P 428 11.82 37.91 -43.78
CA ALA P 428 10.37 37.75 -43.71
C ALA P 428 9.79 38.55 -42.50
N GLU P 429 10.56 38.60 -41.39
CA GLU P 429 10.21 39.35 -40.19
C GLU P 429 10.24 40.85 -40.50
N TRP P 430 11.25 41.31 -41.26
CA TRP P 430 11.38 42.71 -41.66
C TRP P 430 10.25 43.09 -42.62
N ASP P 431 9.94 42.22 -43.59
CA ASP P 431 8.86 42.48 -44.56
C ASP P 431 7.52 42.61 -43.85
N SER P 432 7.28 41.82 -42.80
CA SER P 432 6.05 41.92 -42.02
C SER P 432 5.94 43.29 -41.34
N PHE P 433 7.07 43.84 -40.86
CA PHE P 433 7.12 45.13 -40.19
C PHE P 433 6.88 46.29 -41.17
N ARG P 434 7.60 46.31 -42.31
CA ARG P 434 7.48 47.42 -43.27
C ARG P 434 6.13 47.48 -43.98
N THR P 435 5.37 46.38 -44.03
CA THR P 435 4.05 46.36 -44.67
C THR P 435 2.92 46.70 -43.68
N SER P 436 3.10 46.41 -42.38
CA SER P 436 2.07 46.68 -41.37
C SER P 436 1.87 48.16 -41.12
N VAL P 437 0.60 48.58 -40.94
CA VAL P 437 0.26 49.97 -40.63
C VAL P 437 0.38 50.11 -39.11
N THR P 438 1.36 50.90 -38.65
CA THR P 438 1.63 51.09 -37.23
C THR P 438 0.73 52.14 -36.56
N ASP P 439 0.68 52.10 -35.22
CA ASP P 439 -0.08 53.06 -34.43
C ASP P 439 0.46 54.48 -34.57
N TRP P 440 1.78 54.63 -34.79
CA TRP P 440 2.41 55.94 -34.97
C TRP P 440 1.85 56.59 -36.24
N GLU P 441 1.77 55.81 -37.34
CA GLU P 441 1.25 56.30 -38.62
C GLU P 441 -0.21 56.71 -38.49
N THR P 442 -1.02 55.91 -37.78
CA THR P 442 -2.43 56.23 -37.59
C THR P 442 -2.58 57.53 -36.80
N THR P 443 -1.76 57.73 -35.78
CA THR P 443 -1.80 58.96 -34.98
C THR P 443 -1.39 60.18 -35.81
N ALA P 444 -0.32 60.05 -36.60
CA ALA P 444 0.22 61.15 -37.40
C ALA P 444 -0.51 61.48 -38.70
N TYR P 445 -1.12 60.49 -39.38
CA TYR P 445 -1.69 60.71 -40.71
C TYR P 445 -3.21 60.50 -40.85
N LEU P 446 -3.94 60.02 -39.83
CA LEU P 446 -5.39 59.86 -39.98
C LEU P 446 -6.09 61.22 -40.14
N LYS P 447 -5.54 62.27 -39.51
CA LYS P 447 -6.08 63.62 -39.60
C LYS P 447 -5.97 64.24 -40.99
N ILE P 448 -4.99 63.80 -41.82
CA ILE P 448 -4.81 64.37 -43.16
C ILE P 448 -5.88 63.89 -44.16
N SER Q 2 -4.08 -10.94 -13.32
CA SER Q 2 -4.36 -11.80 -14.46
C SER Q 2 -5.39 -12.89 -14.12
N THR Q 3 -5.25 -13.54 -12.94
CA THR Q 3 -6.19 -14.56 -12.47
C THR Q 3 -7.19 -13.95 -11.46
N VAL Q 4 -8.28 -14.65 -11.16
CA VAL Q 4 -9.31 -14.20 -10.22
C VAL Q 4 -8.71 -13.96 -8.83
N GLU Q 5 -7.90 -14.90 -8.34
CA GLU Q 5 -7.29 -14.82 -7.02
C GLU Q 5 -6.37 -13.61 -6.84
N GLN Q 6 -5.61 -13.25 -7.88
CA GLN Q 6 -4.71 -12.10 -7.80
C GLN Q 6 -5.51 -10.81 -7.67
N VAL Q 7 -6.66 -10.72 -8.37
CA VAL Q 7 -7.54 -9.54 -8.32
C VAL Q 7 -8.16 -9.42 -6.93
N LEU Q 8 -8.72 -10.52 -6.39
CA LEU Q 8 -9.35 -10.52 -5.07
C LEU Q 8 -8.33 -10.23 -3.96
N GLU Q 9 -7.07 -10.66 -4.12
CA GLU Q 9 -6.03 -10.43 -3.13
C GLU Q 9 -5.69 -8.95 -3.04
N TYR Q 10 -5.65 -8.26 -4.19
CA TYR Q 10 -5.36 -6.82 -4.24
C TYR Q 10 -6.54 -6.06 -3.62
N VAL Q 11 -7.77 -6.44 -3.97
CA VAL Q 11 -9.00 -5.84 -3.44
C VAL Q 11 -9.06 -5.96 -1.91
N LYS Q 12 -8.64 -7.09 -1.35
CA LYS Q 12 -8.66 -7.31 0.10
C LYS Q 12 -7.68 -6.36 0.83
N SER Q 13 -6.41 -6.33 0.41
CA SER Q 13 -5.37 -5.55 1.07
C SER Q 13 -5.43 -4.03 0.80
N ASN Q 14 -5.59 -3.63 -0.47
CA ASN Q 14 -5.59 -2.21 -0.85
C ASN Q 14 -6.90 -1.45 -0.57
N ASN Q 15 -7.90 -2.12 0.05
CA ASN Q 15 -9.17 -1.48 0.41
C ASN Q 15 -9.91 -0.92 -0.82
N VAL Q 16 -10.16 -1.77 -1.82
CA VAL Q 16 -10.88 -1.37 -3.02
C VAL Q 16 -12.38 -1.46 -2.70
N LYS Q 17 -13.16 -0.39 -2.99
CA LYS Q 17 -14.59 -0.35 -2.68
C LYS Q 17 -15.50 -0.41 -3.92
N PHE Q 18 -15.04 0.04 -5.10
CA PHE Q 18 -15.87 0.01 -6.30
C PHE Q 18 -15.16 -0.65 -7.47
N MET Q 19 -15.91 -1.38 -8.30
CA MET Q 19 -15.37 -2.06 -9.47
C MET Q 19 -16.16 -1.61 -10.69
N ARG Q 20 -15.51 -0.88 -11.60
CA ARG Q 20 -16.12 -0.36 -12.81
C ARG Q 20 -15.99 -1.42 -13.88
N PHE Q 21 -17.10 -1.89 -14.44
CA PHE Q 21 -17.07 -2.88 -15.51
C PHE Q 21 -17.17 -2.07 -16.80
N GLN Q 22 -16.00 -1.75 -17.39
CA GLN Q 22 -15.89 -0.88 -18.56
C GLN Q 22 -15.93 -1.60 -19.90
N PHE Q 23 -16.42 -0.91 -20.93
CA PHE Q 23 -16.49 -1.41 -22.31
C PHE Q 23 -16.66 -0.19 -23.28
N VAL Q 24 -16.85 -0.40 -24.60
CA VAL Q 24 -16.98 0.70 -25.55
C VAL Q 24 -18.16 0.49 -26.48
N ASP Q 25 -18.83 1.59 -26.88
CA ASP Q 25 -19.92 1.51 -27.86
C ASP Q 25 -19.30 1.43 -29.30
N ILE Q 26 -20.14 1.37 -30.35
CA ILE Q 26 -19.63 1.27 -31.72
C ILE Q 26 -18.69 2.44 -32.10
N LEU Q 27 -18.99 3.66 -31.65
CA LEU Q 27 -18.17 4.83 -31.96
C LEU Q 27 -16.89 4.96 -31.11
N GLY Q 28 -16.65 4.04 -30.17
CA GLY Q 28 -15.48 4.06 -29.32
C GLY Q 28 -15.64 4.86 -28.04
N VAL Q 29 -16.88 5.26 -27.68
CA VAL Q 29 -17.15 6.02 -26.46
C VAL Q 29 -17.15 5.01 -25.31
N PRO Q 30 -16.35 5.21 -24.24
CA PRO Q 30 -16.37 4.24 -23.15
C PRO Q 30 -17.67 4.30 -22.33
N LYS Q 31 -18.12 3.15 -21.85
CA LYS Q 31 -19.34 2.98 -21.05
C LYS Q 31 -19.02 2.05 -19.88
N ASN Q 32 -19.58 2.29 -18.68
CA ASN Q 32 -19.30 1.45 -17.52
C ASN Q 32 -20.39 1.50 -16.45
N VAL Q 33 -20.37 0.51 -15.53
CA VAL Q 33 -21.30 0.40 -14.42
C VAL Q 33 -20.47 0.08 -13.16
N ALA Q 34 -20.73 0.79 -12.05
CA ALA Q 34 -19.97 0.57 -10.82
C ALA Q 34 -20.65 -0.47 -9.94
N PHE Q 35 -19.85 -1.40 -9.37
CA PHE Q 35 -20.31 -2.45 -8.49
C PHE Q 35 -19.69 -2.21 -7.11
N PRO Q 36 -20.46 -2.00 -6.04
CA PRO Q 36 -19.84 -1.81 -4.71
C PRO Q 36 -19.47 -3.13 -4.06
N ILE Q 37 -18.21 -3.24 -3.60
CA ILE Q 37 -17.68 -4.44 -2.96
C ILE Q 37 -18.01 -4.37 -1.48
N LYS Q 38 -18.60 -5.42 -0.90
CA LYS Q 38 -18.94 -5.44 0.53
C LYS Q 38 -17.77 -5.95 1.37
N ALA Q 39 -17.77 -5.61 2.66
CA ALA Q 39 -16.72 -6.02 3.59
C ALA Q 39 -16.85 -7.51 3.99
N GLY Q 40 -15.74 -8.10 4.44
CA GLY Q 40 -15.73 -9.48 4.88
C GLY Q 40 -15.76 -10.50 3.76
N GLU Q 41 -15.85 -11.78 4.16
CA GLU Q 41 -15.89 -12.94 3.26
C GLU Q 41 -17.07 -12.89 2.30
N LYS Q 42 -18.21 -12.43 2.81
CA LYS Q 42 -19.44 -12.35 2.02
C LYS Q 42 -19.30 -11.41 0.83
N GLY Q 43 -18.58 -10.30 1.01
CA GLY Q 43 -18.33 -9.34 -0.04
C GLY Q 43 -17.36 -9.83 -1.09
N ILE Q 44 -16.33 -10.59 -0.67
CA ILE Q 44 -15.34 -11.16 -1.61
C ILE Q 44 -15.97 -12.30 -2.40
N GLU Q 45 -16.79 -13.14 -1.75
CA GLU Q 45 -17.49 -14.21 -2.45
C GLU Q 45 -18.49 -13.66 -3.46
N GLU Q 46 -19.10 -12.49 -3.18
CA GLU Q 46 -20.03 -11.84 -4.09
C GLU Q 46 -19.24 -11.30 -5.29
N LEU Q 47 -18.10 -10.62 -5.04
CA LEU Q 47 -17.25 -10.07 -6.09
C LEU Q 47 -16.70 -11.17 -7.00
N ARG Q 48 -16.33 -12.34 -6.43
CA ARG Q 48 -15.81 -13.47 -7.20
C ARG Q 48 -16.85 -13.95 -8.22
N ASP Q 49 -18.12 -14.04 -7.82
CA ASP Q 49 -19.18 -14.47 -8.71
C ASP Q 49 -19.39 -13.48 -9.86
N VAL Q 50 -19.36 -12.18 -9.56
CA VAL Q 50 -19.55 -11.14 -10.58
C VAL Q 50 -18.34 -11.05 -11.51
N LEU Q 51 -17.13 -11.36 -11.02
CA LEU Q 51 -15.93 -11.33 -11.87
C LEU Q 51 -15.91 -12.54 -12.83
N GLU Q 52 -16.32 -13.72 -12.36
CA GLU Q 52 -16.32 -14.93 -13.18
C GLU Q 52 -17.51 -15.00 -14.15
N ASN Q 53 -18.75 -14.81 -13.64
CA ASN Q 53 -19.97 -14.90 -14.45
C ASN Q 53 -20.38 -13.59 -15.15
N GLY Q 54 -19.82 -12.46 -14.72
CA GLY Q 54 -20.16 -11.17 -15.32
C GLY Q 54 -21.45 -10.60 -14.79
N LEU Q 55 -22.00 -9.58 -15.47
CA LEU Q 55 -23.25 -8.94 -15.09
C LEU Q 55 -24.06 -8.45 -16.30
N TYR Q 56 -25.37 -8.31 -16.12
CA TYR Q 56 -26.30 -7.92 -17.18
C TYR Q 56 -26.41 -6.40 -17.35
N PHE Q 57 -26.89 -5.97 -18.53
CA PHE Q 57 -27.08 -4.54 -18.83
C PHE Q 57 -28.02 -4.36 -20.04
N ASP Q 58 -28.67 -3.18 -20.13
CA ASP Q 58 -29.56 -2.86 -21.24
C ASP Q 58 -28.74 -2.51 -22.48
N GLY Q 59 -28.79 -3.38 -23.49
CA GLY Q 59 -28.05 -3.19 -24.73
C GLY Q 59 -28.68 -2.21 -25.70
N SER Q 60 -30.00 -1.96 -25.60
CA SER Q 60 -30.69 -1.05 -26.51
C SER Q 60 -30.26 0.40 -26.32
N SER Q 61 -29.90 0.79 -25.09
CA SER Q 61 -29.44 2.15 -24.80
C SER Q 61 -28.02 2.41 -25.33
N ILE Q 62 -27.18 1.36 -25.47
CA ILE Q 62 -25.82 1.51 -25.99
C ILE Q 62 -25.89 1.68 -27.52
N GLU Q 63 -25.05 2.55 -28.09
CA GLU Q 63 -25.07 2.83 -29.52
C GLU Q 63 -24.50 1.69 -30.37
N GLY Q 64 -25.24 1.30 -31.41
CA GLY Q 64 -24.85 0.25 -32.34
C GLY Q 64 -24.77 -1.13 -31.74
N PHE Q 65 -25.64 -1.44 -30.77
CA PHE Q 65 -25.63 -2.75 -30.12
C PHE Q 65 -26.89 -3.57 -30.53
N VAL Q 66 -27.99 -3.55 -29.77
CA VAL Q 66 -29.16 -4.37 -30.07
C VAL Q 66 -30.47 -3.56 -29.98
N GLY Q 67 -31.54 -4.10 -30.54
CA GLY Q 67 -32.85 -3.47 -30.49
C GLY Q 67 -33.51 -3.58 -29.12
N ILE Q 68 -34.63 -2.89 -28.94
CA ILE Q 68 -35.36 -2.90 -27.67
C ILE Q 68 -36.01 -4.27 -27.41
N ASN Q 69 -36.45 -4.98 -28.48
CA ASN Q 69 -37.08 -6.30 -28.34
C ASN Q 69 -36.12 -7.45 -27.98
N GLU Q 70 -34.80 -7.21 -27.97
CA GLU Q 70 -33.77 -8.21 -27.66
C GLU Q 70 -32.62 -7.52 -26.93
N SER Q 71 -32.96 -6.72 -25.91
CA SER Q 71 -32.01 -5.87 -25.19
C SER Q 71 -31.12 -6.56 -24.13
N ASP Q 72 -31.53 -7.72 -23.57
CA ASP Q 72 -30.74 -8.37 -22.52
C ASP Q 72 -29.35 -8.85 -22.99
N MET Q 73 -28.28 -8.29 -22.39
CA MET Q 73 -26.88 -8.61 -22.72
C MET Q 73 -26.02 -8.79 -21.44
N MET Q 74 -24.73 -9.20 -21.59
CA MET Q 74 -23.81 -9.44 -20.46
C MET Q 74 -22.40 -8.88 -20.73
N LEU Q 75 -21.60 -8.72 -19.66
CA LEU Q 75 -20.22 -8.24 -19.72
C LEU Q 75 -19.29 -9.24 -19.04
N LYS Q 76 -18.41 -9.92 -19.82
CA LYS Q 76 -17.46 -10.90 -19.28
C LYS Q 76 -16.09 -10.21 -19.08
N PRO Q 77 -15.66 -9.94 -17.81
CA PRO Q 77 -14.38 -9.22 -17.62
C PRO Q 77 -13.09 -9.86 -18.11
N ASP Q 78 -12.14 -9.03 -18.57
CA ASP Q 78 -10.80 -9.45 -18.98
C ASP Q 78 -9.94 -9.09 -17.77
N LEU Q 79 -9.66 -10.08 -16.90
CA LEU Q 79 -8.94 -9.88 -15.63
C LEU Q 79 -7.51 -9.33 -15.77
N SER Q 80 -6.89 -9.43 -16.96
CA SER Q 80 -5.56 -8.86 -17.20
C SER Q 80 -5.63 -7.32 -17.20
N THR Q 81 -6.78 -6.74 -17.58
CA THR Q 81 -6.98 -5.29 -17.66
C THR Q 81 -7.33 -4.65 -16.30
N PHE Q 82 -7.03 -5.33 -15.17
CA PHE Q 82 -7.33 -4.77 -13.85
C PHE Q 82 -6.42 -3.56 -13.60
N SER Q 83 -6.98 -2.47 -13.09
CA SER Q 83 -6.22 -1.25 -12.81
C SER Q 83 -6.94 -0.38 -11.80
N VAL Q 84 -6.17 0.40 -11.02
CA VAL Q 84 -6.72 1.32 -10.02
C VAL Q 84 -6.82 2.71 -10.64
N LEU Q 85 -8.01 3.34 -10.61
CA LEU Q 85 -8.19 4.68 -11.17
C LEU Q 85 -7.50 5.70 -10.25
N PRO Q 86 -6.44 6.39 -10.73
CA PRO Q 86 -5.73 7.33 -9.84
C PRO Q 86 -6.49 8.61 -9.55
N TRP Q 87 -7.22 9.16 -10.53
CA TRP Q 87 -8.00 10.38 -10.32
C TRP Q 87 -9.08 10.23 -9.23
N ARG Q 88 -9.50 8.98 -8.93
CA ARG Q 88 -10.47 8.70 -7.86
C ARG Q 88 -9.75 8.63 -6.47
N PRO Q 89 -10.48 8.63 -5.33
CA PRO Q 89 -9.77 8.61 -4.03
C PRO Q 89 -8.92 7.37 -3.76
N SER Q 90 -7.91 7.52 -2.90
CA SER Q 90 -7.00 6.43 -2.55
C SER Q 90 -7.62 5.57 -1.45
N GLU Q 91 -8.22 6.19 -0.41
CA GLU Q 91 -8.89 5.46 0.67
C GLU Q 91 -10.25 5.04 0.12
N LYS Q 92 -10.57 3.72 0.16
CA LYS Q 92 -11.79 3.16 -0.43
C LYS Q 92 -11.72 3.39 -1.94
N SER Q 93 -10.58 2.97 -2.53
CA SER Q 93 -10.23 3.17 -3.94
C SER Q 93 -11.22 2.58 -4.95
N VAL Q 94 -11.20 3.11 -6.18
CA VAL Q 94 -12.06 2.66 -7.27
C VAL Q 94 -11.19 1.92 -8.28
N ALA Q 95 -11.53 0.67 -8.60
CA ALA Q 95 -10.81 -0.15 -9.58
C ALA Q 95 -11.66 -0.40 -10.83
N ARG Q 96 -11.00 -0.72 -11.97
CA ARG Q 96 -11.68 -0.97 -13.24
C ARG Q 96 -11.27 -2.31 -13.84
N VAL Q 97 -12.13 -2.87 -14.70
CA VAL Q 97 -11.83 -4.10 -15.40
C VAL Q 97 -12.55 -4.04 -16.77
N ILE Q 98 -11.79 -3.94 -17.86
CA ILE Q 98 -12.39 -3.87 -19.21
C ILE Q 98 -12.97 -5.23 -19.54
N CYS Q 99 -14.20 -5.24 -20.08
CA CYS Q 99 -14.92 -6.48 -20.37
C CYS Q 99 -15.31 -6.59 -21.84
N ASP Q 100 -15.58 -7.84 -22.25
CA ASP Q 100 -16.06 -8.20 -23.58
C ASP Q 100 -17.58 -8.36 -23.49
N VAL Q 101 -18.31 -7.78 -24.44
CA VAL Q 101 -19.78 -7.85 -24.47
C VAL Q 101 -20.18 -9.23 -25.02
N TYR Q 102 -21.04 -9.95 -24.28
CA TYR Q 102 -21.52 -11.29 -24.66
C TYR Q 102 -23.05 -11.31 -24.67
N THR Q 103 -23.64 -12.18 -25.50
CA THR Q 103 -25.09 -12.34 -25.62
C THR Q 103 -25.64 -13.12 -24.41
N THR Q 104 -26.96 -13.13 -24.25
CA THR Q 104 -27.65 -13.83 -23.16
C THR Q 104 -27.25 -15.32 -23.09
N LYS Q 105 -27.04 -15.95 -24.26
CA LYS Q 105 -26.64 -17.36 -24.34
C LYS Q 105 -25.13 -17.62 -24.01
N GLY Q 106 -24.40 -16.59 -23.55
CA GLY Q 106 -22.99 -16.71 -23.19
C GLY Q 106 -22.06 -16.84 -24.38
N LYS Q 107 -22.43 -16.26 -25.54
CA LYS Q 107 -21.63 -16.30 -26.76
C LYS Q 107 -21.11 -14.88 -27.05
N PRO Q 108 -19.85 -14.67 -27.51
CA PRO Q 108 -19.38 -13.28 -27.74
C PRO Q 108 -20.28 -12.49 -28.69
N PHE Q 109 -20.62 -11.24 -28.33
CA PHE Q 109 -21.50 -10.41 -29.15
C PHE Q 109 -20.82 -9.99 -30.45
N GLU Q 110 -21.48 -10.26 -31.59
CA GLU Q 110 -20.99 -9.91 -32.92
C GLU Q 110 -20.69 -8.42 -33.10
N GLY Q 111 -21.54 -7.56 -32.55
CA GLY Q 111 -21.38 -6.12 -32.64
C GLY Q 111 -20.50 -5.49 -31.58
N ASP Q 112 -19.58 -6.27 -30.99
CA ASP Q 112 -18.67 -5.78 -29.95
C ASP Q 112 -17.34 -5.33 -30.59
N PRO Q 113 -16.92 -4.05 -30.47
CA PRO Q 113 -15.62 -3.65 -31.08
C PRO Q 113 -14.41 -4.38 -30.50
N ARG Q 114 -14.40 -4.67 -29.18
CA ARG Q 114 -13.29 -5.37 -28.54
C ARG Q 114 -13.16 -6.82 -29.00
N GLY Q 115 -14.29 -7.51 -29.10
CA GLY Q 115 -14.35 -8.89 -29.60
C GLY Q 115 -13.98 -8.98 -31.08
N CYS Q 116 -14.27 -7.92 -31.84
CA CYS Q 116 -13.93 -7.82 -33.26
C CYS Q 116 -12.41 -7.83 -33.42
N LEU Q 117 -11.69 -7.08 -32.57
CA LEU Q 117 -10.23 -7.04 -32.62
C LEU Q 117 -9.62 -8.35 -32.11
N LYS Q 118 -10.23 -8.96 -31.06
CA LYS Q 118 -9.75 -10.25 -30.54
C LYS Q 118 -9.86 -11.32 -31.62
N ARG Q 119 -11.00 -11.35 -32.33
CA ARG Q 119 -11.27 -12.33 -33.39
C ARG Q 119 -10.19 -12.29 -34.49
N VAL Q 120 -9.91 -11.10 -35.06
CA VAL Q 120 -8.92 -10.99 -36.12
C VAL Q 120 -7.49 -11.26 -35.63
N MET Q 121 -7.17 -10.95 -34.35
CA MET Q 121 -5.84 -11.23 -33.80
C MET Q 121 -5.65 -12.74 -33.57
N GLU Q 122 -6.70 -13.43 -33.09
CA GLU Q 122 -6.64 -14.88 -32.89
C GLU Q 122 -6.53 -15.59 -34.23
N GLU Q 123 -7.23 -15.09 -35.28
CA GLU Q 123 -7.15 -15.64 -36.63
C GLU Q 123 -5.75 -15.46 -37.21
N PHE Q 124 -5.11 -14.30 -36.96
CA PHE Q 124 -3.77 -14.02 -37.43
C PHE Q 124 -2.75 -14.93 -36.71
N LYS Q 125 -2.90 -15.10 -35.39
CA LYS Q 125 -2.02 -15.96 -34.61
C LYS Q 125 -2.18 -17.44 -34.99
N LYS Q 126 -3.37 -17.88 -35.43
CA LYS Q 126 -3.58 -19.28 -35.83
C LYS Q 126 -3.06 -19.55 -37.24
N GLU Q 127 -3.23 -18.60 -38.17
CA GLU Q 127 -2.80 -18.78 -39.56
C GLU Q 127 -1.29 -18.53 -39.79
N PHE Q 128 -0.73 -17.45 -39.22
CA PHE Q 128 0.67 -17.08 -39.43
C PHE Q 128 1.58 -17.17 -38.19
N ASN Q 129 1.01 -17.36 -36.99
CA ASN Q 129 1.78 -17.37 -35.74
C ASN Q 129 2.42 -15.99 -35.51
N GLY Q 130 1.63 -14.94 -35.76
CA GLY Q 130 2.09 -13.56 -35.64
C GLY Q 130 1.51 -12.80 -34.47
N GLU Q 131 2.09 -11.62 -34.22
CA GLU Q 131 1.69 -10.72 -33.14
C GLU Q 131 1.66 -9.31 -33.74
N TYR Q 132 0.48 -8.68 -33.77
CA TYR Q 132 0.32 -7.35 -34.35
C TYR Q 132 0.58 -6.27 -33.29
N PHE Q 133 1.69 -5.51 -33.44
CA PHE Q 133 2.09 -4.46 -32.50
C PHE Q 133 1.73 -3.07 -33.02
N VAL Q 134 1.17 -2.20 -32.15
CA VAL Q 134 0.79 -0.82 -32.49
C VAL Q 134 1.27 0.12 -31.38
N GLY Q 135 1.68 1.33 -31.77
CA GLY Q 135 2.15 2.39 -30.89
C GLY Q 135 1.65 3.72 -31.40
N PRO Q 136 0.51 4.24 -30.88
CA PRO Q 136 -0.03 5.50 -31.40
C PRO Q 136 0.51 6.74 -30.70
N GLU Q 137 0.27 7.91 -31.33
CA GLU Q 137 0.67 9.23 -30.84
C GLU Q 137 -0.60 10.09 -30.81
N PRO Q 138 -1.53 9.85 -29.86
CA PRO Q 138 -2.77 10.65 -29.83
C PRO Q 138 -2.56 12.05 -29.26
N GLU Q 139 -2.71 13.07 -30.12
CA GLU Q 139 -2.57 14.48 -29.74
C GLU Q 139 -3.92 15.02 -29.25
N PHE Q 140 -3.88 16.05 -28.39
CA PHE Q 140 -5.08 16.67 -27.82
C PHE Q 140 -4.88 18.17 -27.57
N PHE Q 141 -5.99 18.89 -27.33
CA PHE Q 141 -5.97 20.32 -27.06
C PHE Q 141 -6.48 20.60 -25.66
N LEU Q 142 -5.80 21.48 -24.92
CA LEU Q 142 -6.25 21.92 -23.60
C LEU Q 142 -6.94 23.26 -23.83
N LEU Q 143 -8.20 23.40 -23.40
CA LEU Q 143 -8.97 24.60 -23.65
C LEU Q 143 -9.36 25.34 -22.37
N LYS Q 144 -9.65 26.64 -22.51
CA LYS Q 144 -10.14 27.53 -21.46
C LYS Q 144 -11.25 28.40 -22.06
N LYS Q 145 -12.19 28.86 -21.21
CA LYS Q 145 -13.28 29.70 -21.70
C LYS Q 145 -12.76 31.01 -22.26
N ASP Q 146 -13.38 31.50 -23.34
CA ASP Q 146 -12.98 32.75 -23.98
C ASP Q 146 -13.35 33.89 -23.01
N PRO Q 147 -12.40 34.78 -22.64
CA PRO Q 147 -12.78 35.87 -21.71
C PRO Q 147 -13.80 36.84 -22.32
N HIS Q 148 -13.71 37.10 -23.64
CA HIS Q 148 -14.65 38.00 -24.33
C HIS Q 148 -16.05 37.36 -24.50
N ASN Q 149 -16.18 36.03 -24.36
CA ASN Q 149 -17.47 35.33 -24.46
C ASN Q 149 -17.39 33.96 -23.77
N PRO Q 150 -18.01 33.74 -22.59
CA PRO Q 150 -17.86 32.44 -21.91
C PRO Q 150 -18.50 31.23 -22.62
N HIS Q 151 -19.40 31.46 -23.58
CA HIS Q 151 -20.03 30.37 -24.30
C HIS Q 151 -19.07 29.64 -25.27
N LYS Q 152 -17.99 30.32 -25.73
CA LYS Q 152 -16.98 29.73 -26.62
C LYS Q 152 -15.71 29.35 -25.88
N TYR Q 153 -14.93 28.42 -26.45
CA TYR Q 153 -13.66 27.95 -25.89
C TYR Q 153 -12.48 28.32 -26.81
N ILE Q 154 -11.31 28.54 -26.21
CA ILE Q 154 -10.08 28.88 -26.92
C ILE Q 154 -8.89 28.04 -26.40
N PRO Q 155 -7.70 28.04 -27.06
CA PRO Q 155 -6.58 27.25 -26.53
C PRO Q 155 -6.03 27.81 -25.21
N ALA Q 156 -5.50 26.92 -24.34
CA ALA Q 156 -4.99 27.30 -23.03
C ALA Q 156 -3.75 28.21 -23.07
N ASP Q 157 -2.92 28.12 -24.11
CA ASP Q 157 -1.71 28.95 -24.21
C ASP Q 157 -1.28 29.20 -25.65
N ASP Q 158 -0.47 30.25 -25.86
CA ASP Q 158 0.06 30.60 -27.17
C ASP Q 158 1.42 29.92 -27.37
N GLY Q 159 1.50 28.65 -27.03
CA GLY Q 159 2.72 27.87 -27.15
C GLY Q 159 2.90 27.17 -28.47
N GLY Q 160 4.16 26.89 -28.81
CA GLY Q 160 4.55 26.21 -30.04
C GLY Q 160 5.07 24.81 -29.77
N TYR Q 161 5.75 24.23 -30.76
CA TYR Q 161 6.29 22.88 -30.65
C TYR Q 161 7.45 22.83 -29.66
N PHE Q 162 7.39 21.91 -28.66
CA PHE Q 162 8.44 21.73 -27.66
C PHE Q 162 8.76 22.99 -26.82
N ASP Q 163 7.89 24.03 -26.82
CA ASP Q 163 8.18 25.27 -26.07
C ASP Q 163 8.33 25.06 -24.56
N LEU Q 164 9.07 25.97 -23.90
CA LEU Q 164 9.31 25.93 -22.44
C LEU Q 164 8.39 26.89 -21.70
N GLU Q 165 8.18 26.64 -20.40
CA GLU Q 165 7.40 27.51 -19.53
C GLU Q 165 8.10 28.89 -19.39
N PRO Q 166 7.36 29.99 -19.18
CA PRO Q 166 5.91 30.12 -19.06
C PRO Q 166 5.14 30.17 -20.37
N MET Q 167 5.83 30.15 -21.53
CA MET Q 167 5.18 30.15 -22.85
C MET Q 167 4.28 28.90 -22.97
N ASP Q 168 4.78 27.75 -22.49
CA ASP Q 168 4.05 26.50 -22.40
C ASP Q 168 3.42 26.48 -21.00
N GLU Q 169 2.09 26.65 -20.90
CA GLU Q 169 1.40 26.69 -19.61
C GLU Q 169 0.85 25.34 -19.16
N ALA Q 170 1.33 24.22 -19.74
CA ALA Q 170 0.84 22.90 -19.36
C ALA Q 170 1.87 21.92 -18.74
N PRO Q 171 3.04 22.33 -18.18
CA PRO Q 171 3.93 21.32 -17.57
C PRO Q 171 3.30 20.65 -16.36
N ASP Q 172 2.51 21.39 -15.57
CA ASP Q 172 1.83 20.84 -14.40
C ASP Q 172 0.71 19.88 -14.82
N ILE Q 173 -0.02 20.21 -15.89
CA ILE Q 173 -1.12 19.36 -16.38
C ILE Q 173 -0.54 18.08 -16.96
N ARG Q 174 0.52 18.19 -17.78
CA ARG Q 174 1.18 17.01 -18.36
C ARG Q 174 1.84 16.15 -17.26
N ARG Q 175 2.39 16.78 -16.20
CA ARG Q 175 3.02 16.08 -15.08
C ARG Q 175 2.03 15.09 -14.44
N ASP Q 176 0.83 15.57 -14.07
CA ASP Q 176 -0.19 14.73 -13.45
C ASP Q 176 -0.72 13.68 -14.41
N ILE Q 177 -0.80 13.99 -15.73
CA ILE Q 177 -1.24 13.02 -16.73
C ILE Q 177 -0.26 11.83 -16.75
N VAL Q 178 1.05 12.11 -16.80
CA VAL Q 178 2.05 11.05 -16.84
C VAL Q 178 2.02 10.22 -15.57
N PHE Q 179 1.87 10.85 -14.38
CA PHE Q 179 1.78 10.10 -13.13
C PHE Q 179 0.56 9.19 -13.13
N ALA Q 180 -0.60 9.70 -13.61
CA ALA Q 180 -1.83 8.91 -13.66
C ALA Q 180 -1.71 7.71 -14.61
N LEU Q 181 -1.09 7.90 -15.79
CA LEU Q 181 -0.92 6.83 -16.76
C LEU Q 181 0.06 5.77 -16.21
N GLU Q 182 1.15 6.18 -15.56
CA GLU Q 182 2.10 5.23 -14.98
C GLU Q 182 1.43 4.33 -13.92
N ASN Q 183 0.49 4.89 -13.12
CA ASN Q 183 -0.24 4.10 -12.12
C ASN Q 183 -1.21 3.12 -12.78
N LEU Q 184 -1.78 3.49 -13.94
CA LEU Q 184 -2.67 2.61 -14.69
C LEU Q 184 -1.94 1.46 -15.44
N GLY Q 185 -0.60 1.43 -15.40
CA GLY Q 185 0.21 0.42 -16.05
C GLY Q 185 0.84 0.83 -17.36
N PHE Q 186 0.78 2.12 -17.72
CA PHE Q 186 1.36 2.60 -18.98
C PHE Q 186 2.86 2.78 -18.87
N HIS Q 187 3.57 2.57 -19.98
CA HIS Q 187 5.00 2.80 -20.08
C HIS Q 187 5.13 4.08 -20.90
N VAL Q 188 5.04 5.24 -20.23
CA VAL Q 188 5.09 6.53 -20.92
C VAL Q 188 6.49 6.74 -21.48
N GLU Q 189 6.60 7.16 -22.76
CA GLU Q 189 7.89 7.37 -23.40
C GLU Q 189 8.32 8.85 -23.39
N ALA Q 190 7.42 9.77 -23.76
CA ALA Q 190 7.75 11.20 -23.80
C ALA Q 190 6.49 12.08 -23.74
N SER Q 191 6.65 13.35 -23.34
CA SER Q 191 5.55 14.31 -23.25
C SER Q 191 6.07 15.70 -23.58
N HIS Q 192 5.30 16.49 -24.34
CA HIS Q 192 5.73 17.82 -24.77
C HIS Q 192 4.58 18.64 -25.38
N HIS Q 193 4.81 19.93 -25.63
CA HIS Q 193 3.84 20.80 -26.28
C HIS Q 193 3.93 20.55 -27.80
N GLU Q 194 2.80 20.62 -28.50
CA GLU Q 194 2.76 20.40 -29.96
C GLU Q 194 2.65 21.74 -30.74
N VAL Q 195 2.76 21.67 -32.07
CA VAL Q 195 2.78 22.82 -32.99
C VAL Q 195 1.69 23.89 -32.70
N ALA Q 196 0.40 23.51 -32.69
CA ALA Q 196 -0.67 24.47 -32.51
C ALA Q 196 -0.78 25.02 -31.07
N PRO Q 197 -1.35 26.22 -30.87
CA PRO Q 197 -1.52 26.74 -29.50
C PRO Q 197 -2.34 25.80 -28.61
N GLY Q 198 -1.92 25.61 -27.38
CA GLY Q 198 -2.64 24.75 -26.44
C GLY Q 198 -2.66 23.27 -26.79
N GLN Q 199 -2.00 22.85 -27.89
CA GLN Q 199 -1.95 21.45 -28.30
C GLN Q 199 -0.80 20.75 -27.57
N HIS Q 200 -1.02 19.47 -27.21
CA HIS Q 200 -0.01 18.67 -26.50
C HIS Q 200 0.01 17.22 -27.03
N GLU Q 201 1.05 16.46 -26.67
CA GLU Q 201 1.20 15.08 -27.09
C GLU Q 201 1.89 14.29 -25.99
N VAL Q 202 1.26 13.19 -25.55
CA VAL Q 202 1.82 12.30 -24.52
C VAL Q 202 1.92 10.93 -25.18
N ASP Q 203 3.15 10.49 -25.46
CA ASP Q 203 3.44 9.22 -26.12
C ASP Q 203 3.62 8.09 -25.11
N PHE Q 204 3.35 6.86 -25.55
CA PHE Q 204 3.50 5.68 -24.70
C PHE Q 204 4.00 4.49 -25.54
N LYS Q 205 4.61 3.51 -24.88
CA LYS Q 205 5.23 2.36 -25.55
C LYS Q 205 4.26 1.52 -26.35
N PHE Q 206 4.74 0.93 -27.44
CA PHE Q 206 3.94 0.05 -28.28
C PHE Q 206 3.69 -1.29 -27.59
N ASP Q 207 2.62 -1.96 -27.97
CA ASP Q 207 2.25 -3.28 -27.43
C ASP Q 207 1.31 -3.99 -28.43
N ASP Q 208 0.79 -5.19 -28.11
CA ASP Q 208 -0.14 -5.89 -29.02
C ASP Q 208 -1.43 -5.05 -29.17
N ALA Q 209 -2.04 -5.09 -30.36
CA ALA Q 209 -3.22 -4.29 -30.70
C ALA Q 209 -4.31 -4.25 -29.62
N LEU Q 210 -4.59 -5.37 -28.93
CA LEU Q 210 -5.62 -5.38 -27.90
C LEU Q 210 -5.19 -4.53 -26.69
N LYS Q 211 -3.98 -4.76 -26.15
CA LYS Q 211 -3.48 -3.97 -25.01
C LYS Q 211 -3.32 -2.49 -25.38
N THR Q 212 -2.98 -2.20 -26.65
CA THR Q 212 -2.83 -0.83 -27.13
C THR Q 212 -4.20 -0.14 -27.25
N ALA Q 213 -5.23 -0.85 -27.74
CA ALA Q 213 -6.57 -0.27 -27.86
C ALA Q 213 -7.19 -0.04 -26.49
N ASP Q 214 -6.92 -0.93 -25.52
CA ASP Q 214 -7.39 -0.74 -24.14
C ASP Q 214 -6.71 0.52 -23.55
N SER Q 215 -5.43 0.74 -23.88
CA SER Q 215 -4.66 1.89 -23.44
C SER Q 215 -5.16 3.19 -24.09
N VAL Q 216 -5.59 3.18 -25.35
CA VAL Q 216 -6.09 4.40 -26.01
C VAL Q 216 -7.38 4.89 -25.34
N ILE Q 217 -8.28 3.98 -24.96
CA ILE Q 217 -9.53 4.35 -24.30
C ILE Q 217 -9.26 4.96 -22.92
N THR Q 218 -8.38 4.32 -22.15
CA THR Q 218 -8.02 4.79 -20.81
C THR Q 218 -7.26 6.12 -20.91
N PHE Q 219 -6.43 6.30 -21.93
CA PHE Q 219 -5.67 7.52 -22.15
C PHE Q 219 -6.61 8.69 -22.37
N LYS Q 220 -7.61 8.54 -23.25
CA LYS Q 220 -8.57 9.60 -23.53
C LYS Q 220 -9.33 10.06 -22.28
N THR Q 221 -9.76 9.11 -21.43
CA THR Q 221 -10.45 9.46 -20.19
C THR Q 221 -9.50 10.15 -19.21
N THR Q 222 -8.27 9.61 -19.07
CA THR Q 222 -7.25 10.17 -18.18
C THR Q 222 -6.93 11.62 -18.53
N ILE Q 223 -6.81 11.93 -19.82
CA ILE Q 223 -6.50 13.29 -20.28
C ILE Q 223 -7.67 14.24 -19.95
N LYS Q 224 -8.90 13.82 -20.21
CA LYS Q 224 -10.08 14.65 -19.97
C LYS Q 224 -10.37 14.90 -18.48
N THR Q 225 -10.28 13.86 -17.64
CA THR Q 225 -10.55 13.98 -16.21
C THR Q 225 -9.49 14.82 -15.48
N ILE Q 226 -8.19 14.63 -15.82
CA ILE Q 226 -7.11 15.40 -15.20
C ILE Q 226 -7.19 16.87 -15.63
N ALA Q 227 -7.63 17.17 -16.87
CA ALA Q 227 -7.77 18.56 -17.32
C ALA Q 227 -8.86 19.27 -16.52
N GLU Q 228 -9.98 18.58 -16.22
CA GLU Q 228 -11.07 19.18 -15.43
C GLU Q 228 -10.60 19.52 -14.02
N GLN Q 229 -9.66 18.75 -13.45
CA GLN Q 229 -9.12 19.03 -12.12
C GLN Q 229 -8.35 20.36 -12.12
N HIS Q 230 -7.66 20.69 -13.23
CA HIS Q 230 -6.89 21.94 -13.35
C HIS Q 230 -7.72 23.06 -14.02
N GLY Q 231 -9.05 23.02 -13.88
CA GLY Q 231 -9.95 24.02 -14.43
C GLY Q 231 -9.97 24.20 -15.93
N LEU Q 232 -9.48 23.21 -16.70
CA LEU Q 232 -9.43 23.26 -18.16
C LEU Q 232 -10.36 22.18 -18.79
N LYS Q 233 -10.47 22.14 -20.13
CA LYS Q 233 -11.29 21.15 -20.82
C LYS Q 233 -10.48 20.59 -21.98
N ALA Q 234 -10.15 19.28 -21.95
CA ALA Q 234 -9.37 18.65 -23.01
C ALA Q 234 -10.27 18.09 -24.11
N THR Q 235 -9.90 18.27 -25.39
CA THR Q 235 -10.67 17.75 -26.51
C THR Q 235 -9.79 17.00 -27.52
N PHE Q 236 -10.27 15.84 -27.95
CA PHE Q 236 -9.61 15.04 -28.98
C PHE Q 236 -10.31 15.28 -30.33
N MET Q 237 -10.73 16.53 -30.60
CA MET Q 237 -11.40 16.88 -31.83
C MET Q 237 -10.31 16.96 -32.93
N PRO Q 238 -10.49 16.32 -34.11
CA PRO Q 238 -9.43 16.36 -35.13
C PRO Q 238 -9.00 17.75 -35.62
N LYS Q 239 -9.85 18.77 -35.48
CA LYS Q 239 -9.55 20.13 -35.95
C LYS Q 239 -10.47 21.12 -35.23
N PRO Q 240 -10.19 21.44 -33.95
CA PRO Q 240 -11.08 22.37 -33.23
C PRO Q 240 -11.01 23.80 -33.76
N PHE Q 241 -9.86 24.22 -34.30
CA PHE Q 241 -9.70 25.58 -34.81
C PHE Q 241 -9.08 25.58 -36.21
N PHE Q 242 -9.58 26.48 -37.08
CA PHE Q 242 -9.09 26.64 -38.44
C PHE Q 242 -7.79 27.49 -38.40
N GLY Q 243 -6.86 27.20 -39.31
CA GLY Q 243 -5.61 27.94 -39.40
C GLY Q 243 -4.48 27.44 -38.51
N MET Q 244 -4.71 26.35 -37.76
CA MET Q 244 -3.69 25.76 -36.89
C MET Q 244 -3.76 24.23 -36.96
N ASN Q 245 -2.65 23.55 -36.66
CA ASN Q 245 -2.57 22.08 -36.71
C ASN Q 245 -3.71 21.37 -35.99
N GLY Q 246 -4.08 20.20 -36.50
CA GLY Q 246 -5.13 19.38 -35.93
C GLY Q 246 -4.58 18.24 -35.11
N SER Q 247 -5.43 17.61 -34.28
CA SER Q 247 -5.04 16.48 -33.46
C SER Q 247 -4.93 15.23 -34.34
N GLY Q 248 -3.74 14.64 -34.39
CA GLY Q 248 -3.48 13.44 -35.19
C GLY Q 248 -2.98 12.30 -34.32
N MET Q 249 -3.38 11.06 -34.68
CA MET Q 249 -2.97 9.86 -33.96
C MET Q 249 -2.21 8.96 -34.92
N HIS Q 250 -0.91 9.24 -35.09
CA HIS Q 250 -0.06 8.48 -36.01
C HIS Q 250 0.13 7.07 -35.43
N CYS Q 251 -0.22 6.03 -36.21
CA CYS Q 251 -0.14 4.64 -35.74
C CYS Q 251 1.10 3.91 -36.24
N HIS Q 252 2.16 3.86 -35.42
CA HIS Q 252 3.38 3.11 -35.75
C HIS Q 252 3.03 1.65 -35.56
N GLN Q 253 3.18 0.82 -36.60
CA GLN Q 253 2.79 -0.59 -36.52
C GLN Q 253 3.74 -1.56 -37.21
N SER Q 254 3.74 -2.83 -36.77
CA SER Q 254 4.59 -3.90 -37.31
C SER Q 254 4.07 -5.28 -36.87
N ILE Q 255 4.33 -6.31 -37.68
CA ILE Q 255 3.92 -7.69 -37.37
C ILE Q 255 5.15 -8.58 -37.17
N TRP Q 256 5.13 -9.44 -36.13
CA TRP Q 256 6.24 -10.31 -35.77
C TRP Q 256 5.86 -11.79 -35.90
N LEU Q 257 6.26 -12.43 -37.01
CA LEU Q 257 5.97 -13.84 -37.25
C LEU Q 257 7.03 -14.72 -36.58
N ASN Q 258 6.60 -15.61 -35.67
CA ASN Q 258 7.47 -16.52 -34.93
C ASN Q 258 8.44 -15.79 -34.00
N GLY Q 259 7.95 -14.77 -33.31
CA GLY Q 259 8.73 -13.98 -32.36
C GLY Q 259 9.96 -13.30 -32.92
N GLU Q 260 9.93 -12.91 -34.21
CA GLU Q 260 11.04 -12.22 -34.87
C GLU Q 260 10.54 -10.99 -35.63
N PRO Q 261 11.35 -9.92 -35.75
CA PRO Q 261 10.89 -8.76 -36.51
C PRO Q 261 10.87 -9.06 -38.00
N SER Q 262 9.69 -9.42 -38.51
CA SER Q 262 9.52 -9.79 -39.92
C SER Q 262 9.64 -8.62 -40.89
N PHE Q 263 9.48 -7.38 -40.41
CA PHE Q 263 9.61 -6.21 -41.29
C PHE Q 263 11.08 -5.87 -41.62
N TYR Q 264 12.04 -6.34 -40.81
CA TYR Q 264 13.46 -6.05 -41.03
C TYR Q 264 14.15 -7.12 -41.88
N ASP Q 265 15.04 -6.68 -42.78
CA ASP Q 265 15.86 -7.54 -43.63
C ASP Q 265 17.19 -6.83 -43.87
N GLU Q 266 18.24 -7.22 -43.14
CA GLU Q 266 19.57 -6.62 -43.21
C GLU Q 266 20.09 -6.53 -44.66
N ASN Q 267 19.86 -7.58 -45.46
CA ASN Q 267 20.27 -7.63 -46.86
C ASN Q 267 19.08 -7.33 -47.80
N ALA Q 268 18.63 -6.06 -47.86
CA ALA Q 268 17.50 -5.66 -48.72
C ALA Q 268 17.45 -4.12 -48.92
N PRO Q 269 16.68 -3.60 -49.90
CA PRO Q 269 16.63 -2.13 -50.09
C PRO Q 269 15.98 -1.43 -48.91
N TYR Q 270 16.62 -0.34 -48.41
CA TYR Q 270 16.15 0.40 -47.24
C TYR Q 270 16.11 -0.47 -45.96
N GLN Q 271 16.71 -1.68 -45.98
CA GLN Q 271 16.67 -2.64 -44.87
C GLN Q 271 15.22 -2.96 -44.49
N LEU Q 272 14.37 -3.18 -45.50
CA LEU Q 272 12.95 -3.50 -45.32
C LEU Q 272 12.65 -4.79 -46.06
N SER Q 273 12.00 -5.74 -45.38
CA SER Q 273 11.69 -7.06 -45.93
C SER Q 273 10.55 -7.03 -46.96
N GLU Q 274 10.34 -8.15 -47.66
CA GLU Q 274 9.25 -8.31 -48.62
C GLU Q 274 7.91 -8.25 -47.87
N THR Q 275 7.83 -8.86 -46.67
CA THR Q 275 6.63 -8.85 -45.85
C THR Q 275 6.19 -7.41 -45.53
N CYS Q 276 7.15 -6.51 -45.28
CA CYS Q 276 6.87 -5.10 -45.00
C CYS Q 276 6.25 -4.45 -46.24
N MET Q 277 6.85 -4.65 -47.42
CA MET Q 277 6.35 -4.08 -48.67
C MET Q 277 4.97 -4.60 -49.04
N ASN Q 278 4.72 -5.90 -48.80
CA ASN Q 278 3.40 -6.47 -49.09
C ASN Q 278 2.35 -5.84 -48.16
N TYR Q 279 2.70 -5.62 -46.88
CA TYR Q 279 1.81 -5.02 -45.90
C TYR Q 279 1.48 -3.57 -46.29
N VAL Q 280 2.51 -2.79 -46.68
CA VAL Q 280 2.32 -1.40 -47.08
C VAL Q 280 1.43 -1.33 -48.33
N ALA Q 281 1.61 -2.26 -49.29
CA ALA Q 281 0.77 -2.30 -50.50
C ALA Q 281 -0.70 -2.51 -50.17
N GLY Q 282 -0.99 -3.33 -49.17
CA GLY Q 282 -2.35 -3.60 -48.73
C GLY Q 282 -3.00 -2.40 -48.08
N ILE Q 283 -2.24 -1.63 -47.28
CA ILE Q 283 -2.78 -0.43 -46.63
C ILE Q 283 -3.11 0.62 -47.70
N LEU Q 284 -2.19 0.83 -48.66
CA LEU Q 284 -2.38 1.80 -49.74
C LEU Q 284 -3.54 1.41 -50.65
N LYS Q 285 -3.78 0.09 -50.84
CA LYS Q 285 -4.88 -0.40 -51.67
C LYS Q 285 -6.23 0.01 -51.06
N HIS Q 286 -6.45 -0.30 -49.78
CA HIS Q 286 -7.71 0.01 -49.09
C HIS Q 286 -7.65 1.35 -48.34
N ALA Q 287 -6.71 2.26 -48.69
CA ALA Q 287 -6.56 3.56 -48.01
C ALA Q 287 -7.84 4.40 -48.04
N LYS Q 288 -8.53 4.45 -49.18
CA LYS Q 288 -9.77 5.22 -49.31
C LYS Q 288 -10.92 4.67 -48.43
N ALA Q 289 -10.87 3.38 -48.08
CA ALA Q 289 -11.88 2.73 -47.24
C ALA Q 289 -11.49 2.73 -45.76
N ILE Q 290 -10.18 2.67 -45.44
CA ILE Q 290 -9.71 2.66 -44.05
C ILE Q 290 -10.01 4.01 -43.37
N VAL Q 291 -9.88 5.13 -44.11
CA VAL Q 291 -10.14 6.46 -43.55
C VAL Q 291 -11.60 6.65 -43.12
N ALA Q 292 -12.54 5.79 -43.54
CA ALA Q 292 -13.92 5.89 -43.08
C ALA Q 292 -13.98 5.52 -41.58
N ILE Q 293 -13.23 4.47 -41.18
CA ILE Q 293 -13.17 4.02 -39.79
C ILE Q 293 -12.18 4.87 -38.99
N THR Q 294 -10.95 5.05 -39.49
CA THR Q 294 -9.90 5.80 -38.76
C THR Q 294 -10.15 7.32 -38.71
N ASN Q 295 -11.06 7.85 -39.54
CA ASN Q 295 -11.42 9.27 -39.58
C ASN Q 295 -12.96 9.32 -39.68
N PRO Q 296 -13.69 8.97 -38.61
CA PRO Q 296 -15.16 8.84 -38.71
C PRO Q 296 -16.00 10.10 -38.49
N THR Q 297 -15.40 11.25 -38.22
CA THR Q 297 -16.16 12.48 -37.99
C THR Q 297 -16.18 13.38 -39.22
N VAL Q 298 -17.16 14.29 -39.30
CA VAL Q 298 -17.22 15.27 -40.39
C VAL Q 298 -15.99 16.20 -40.28
N ASN Q 299 -15.64 16.59 -39.06
CA ASN Q 299 -14.49 17.45 -38.76
C ASN Q 299 -13.14 16.84 -39.14
N SER Q 300 -13.04 15.49 -39.18
CA SER Q 300 -11.79 14.82 -39.56
C SER Q 300 -11.32 15.23 -40.95
N TYR Q 301 -12.25 15.51 -41.87
CA TYR Q 301 -11.91 15.91 -43.23
C TYR Q 301 -11.62 17.41 -43.39
N LYS Q 302 -11.46 18.14 -42.26
CA LYS Q 302 -11.00 19.54 -42.22
C LYS Q 302 -9.49 19.52 -41.86
N ARG Q 303 -9.00 18.48 -41.12
CA ARG Q 303 -7.58 18.25 -40.84
C ARG Q 303 -7.05 17.48 -42.06
N LEU Q 304 -7.63 16.28 -42.30
CA LEU Q 304 -7.28 15.39 -43.42
C LEU Q 304 -8.01 15.91 -44.67
N VAL Q 305 -7.64 17.11 -45.11
CA VAL Q 305 -8.29 17.80 -46.24
C VAL Q 305 -7.50 17.69 -47.55
N PRO Q 306 -8.02 17.03 -48.63
CA PRO Q 306 -7.26 16.98 -49.89
C PRO Q 306 -6.99 18.36 -50.50
N GLY Q 307 -5.92 18.45 -51.28
CA GLY Q 307 -5.53 19.72 -51.91
C GLY Q 307 -4.77 20.66 -50.97
N TYR Q 308 -4.69 20.33 -49.66
CA TYR Q 308 -3.98 21.13 -48.65
C TYR Q 308 -3.03 20.26 -47.84
N GLU Q 309 -2.04 20.89 -47.18
CA GLU Q 309 -1.01 20.20 -46.38
C GLU Q 309 -1.60 19.26 -45.33
N ALA Q 310 -1.59 17.94 -45.62
CA ALA Q 310 -2.13 16.90 -44.75
C ALA Q 310 -1.67 15.50 -45.22
N PRO Q 311 -1.77 14.42 -44.40
CA PRO Q 311 -1.37 13.08 -44.87
C PRO Q 311 -2.50 12.45 -45.70
N VAL Q 312 -2.80 13.10 -46.83
CA VAL Q 312 -3.86 12.76 -47.79
C VAL Q 312 -3.36 12.00 -49.01
N ASN Q 313 -2.08 12.15 -49.35
CA ASN Q 313 -1.50 11.52 -50.53
C ASN Q 313 -1.25 10.05 -50.30
N ILE Q 314 -1.94 9.19 -51.07
CA ILE Q 314 -1.82 7.74 -50.96
C ILE Q 314 -0.48 7.28 -51.55
N ALA Q 315 0.56 7.27 -50.71
CA ALA Q 315 1.93 6.84 -51.08
C ALA Q 315 2.78 6.63 -49.80
N TRP Q 316 3.90 5.90 -49.92
CA TRP Q 316 4.80 5.65 -48.78
C TRP Q 316 6.17 6.29 -49.03
N ALA Q 317 6.93 6.60 -47.96
CA ALA Q 317 8.25 7.22 -48.08
C ALA Q 317 9.07 7.08 -46.80
N ASN Q 318 10.41 7.14 -46.92
CA ASN Q 318 11.31 7.02 -45.77
C ASN Q 318 11.63 8.38 -45.15
N SER Q 319 11.28 8.58 -43.85
CA SER Q 319 11.55 9.81 -43.11
C SER Q 319 10.95 11.07 -43.79
N ASN Q 320 9.73 10.95 -44.33
CA ASN Q 320 9.03 12.02 -45.02
C ASN Q 320 7.60 12.09 -44.46
N ARG Q 321 7.25 13.22 -43.81
CA ARG Q 321 5.93 13.41 -43.19
C ARG Q 321 4.85 13.95 -44.15
N SER Q 322 5.14 14.07 -45.47
CA SER Q 322 4.17 14.55 -46.46
C SER Q 322 3.25 13.43 -47.00
N ALA Q 323 3.74 12.18 -47.01
CA ALA Q 323 3.00 11.00 -47.49
C ALA Q 323 2.08 10.41 -46.40
N ILE Q 324 1.12 9.53 -46.79
CA ILE Q 324 0.20 8.91 -45.82
C ILE Q 324 0.97 7.94 -44.91
N ILE Q 325 2.01 7.26 -45.43
CA ILE Q 325 2.86 6.35 -44.65
C ILE Q 325 4.29 6.90 -44.62
N ARG Q 326 4.95 6.76 -43.46
CA ARG Q 326 6.33 7.18 -43.25
C ARG Q 326 7.04 6.01 -42.58
N VAL Q 327 8.22 5.61 -43.07
CA VAL Q 327 8.98 4.53 -42.48
C VAL Q 327 10.05 5.16 -41.58
N PRO Q 328 9.92 5.14 -40.24
CA PRO Q 328 10.96 5.76 -39.39
C PRO Q 328 12.33 5.14 -39.60
N ALA Q 329 13.39 5.94 -39.42
CA ALA Q 329 14.76 5.49 -39.64
C ALA Q 329 15.25 4.39 -38.69
N ALA Q 330 14.55 4.11 -37.58
CA ALA Q 330 14.96 3.06 -36.65
C ALA Q 330 14.86 1.69 -37.31
N ARG Q 331 15.90 0.85 -37.15
CA ARG Q 331 15.95 -0.48 -37.76
C ARG Q 331 16.27 -1.57 -36.73
N GLY Q 332 16.06 -2.82 -37.13
CA GLY Q 332 16.24 -4.00 -36.30
C GLY Q 332 14.90 -4.45 -35.76
N LYS Q 333 14.71 -4.38 -34.44
CA LYS Q 333 13.42 -4.72 -33.84
C LYS Q 333 12.41 -3.59 -34.09
N GLY Q 334 12.87 -2.34 -33.96
CA GLY Q 334 12.04 -1.16 -34.15
C GLY Q 334 11.69 -0.80 -35.60
N THR Q 335 11.86 -1.75 -36.55
CA THR Q 335 11.50 -1.49 -37.95
C THR Q 335 9.97 -1.47 -37.99
N ARG Q 336 9.38 -0.38 -38.52
CA ARG Q 336 7.93 -0.19 -38.52
C ARG Q 336 7.47 0.76 -39.64
N ILE Q 337 6.14 0.92 -39.79
CA ILE Q 337 5.51 1.85 -40.72
C ILE Q 337 4.54 2.74 -39.93
N GLU Q 338 4.50 4.04 -40.22
CA GLU Q 338 3.64 4.99 -39.53
C GLU Q 338 2.46 5.41 -40.42
N PHE Q 339 1.26 4.91 -40.11
CA PHE Q 339 0.06 5.31 -40.85
C PHE Q 339 -0.38 6.63 -40.21
N ARG Q 340 -0.14 7.76 -40.92
CA ARG Q 340 -0.40 9.11 -40.43
C ARG Q 340 -1.84 9.63 -40.59
N ALA Q 341 -2.69 8.92 -41.35
CA ALA Q 341 -4.07 9.37 -41.58
C ALA Q 341 -4.99 9.42 -40.34
N PRO Q 342 -4.91 8.49 -39.37
CA PRO Q 342 -5.85 8.53 -38.23
C PRO Q 342 -5.76 9.75 -37.32
N ASP Q 343 -6.88 10.02 -36.63
CA ASP Q 343 -7.01 11.07 -35.62
C ASP Q 343 -7.61 10.43 -34.36
N PRO Q 344 -7.44 11.01 -33.15
CA PRO Q 344 -7.96 10.34 -31.95
C PRO Q 344 -9.50 10.24 -31.82
N SER Q 345 -10.27 10.68 -32.84
CA SER Q 345 -11.72 10.56 -32.83
C SER Q 345 -12.22 9.14 -33.19
N CYS Q 346 -11.34 8.26 -33.71
CA CYS Q 346 -11.72 6.91 -34.13
C CYS Q 346 -11.76 5.91 -32.99
N ASN Q 347 -12.51 4.82 -33.19
CA ASN Q 347 -12.60 3.72 -32.23
C ASN Q 347 -11.30 2.93 -32.41
N PRO Q 348 -10.41 2.83 -31.40
CA PRO Q 348 -9.15 2.11 -31.61
C PRO Q 348 -9.32 0.63 -31.95
N TYR Q 349 -10.33 -0.04 -31.39
CA TYR Q 349 -10.56 -1.46 -31.67
C TYR Q 349 -10.88 -1.71 -33.15
N LEU Q 350 -11.69 -0.83 -33.77
CA LEU Q 350 -12.04 -0.96 -35.18
C LEU Q 350 -10.91 -0.43 -36.08
N ALA Q 351 -10.17 0.60 -35.63
CA ALA Q 351 -9.05 1.16 -36.40
C ALA Q 351 -7.93 0.14 -36.57
N PHE Q 352 -7.58 -0.60 -35.51
CA PHE Q 352 -6.52 -1.62 -35.61
C PHE Q 352 -7.01 -2.85 -36.39
N THR Q 353 -8.32 -3.14 -36.36
CA THR Q 353 -8.91 -4.26 -37.10
C THR Q 353 -8.79 -4.02 -38.62
N VAL Q 354 -9.24 -2.84 -39.12
CA VAL Q 354 -9.17 -2.52 -40.54
C VAL Q 354 -7.73 -2.36 -41.04
N MET Q 355 -6.82 -1.83 -40.21
CA MET Q 355 -5.42 -1.70 -40.60
C MET Q 355 -4.79 -3.08 -40.72
N LEU Q 356 -5.04 -3.98 -39.77
CA LEU Q 356 -4.48 -5.33 -39.85
C LEU Q 356 -5.10 -6.12 -41.00
N ALA Q 357 -6.41 -5.96 -41.28
CA ALA Q 357 -7.07 -6.68 -42.36
C ALA Q 357 -6.57 -6.26 -43.75
N ALA Q 358 -6.43 -4.95 -43.99
CA ALA Q 358 -5.92 -4.46 -45.27
C ALA Q 358 -4.44 -4.83 -45.43
N GLY Q 359 -3.67 -4.71 -44.36
CA GLY Q 359 -2.26 -5.06 -44.37
C GLY Q 359 -2.03 -6.54 -44.63
N LEU Q 360 -2.81 -7.42 -43.98
CA LEU Q 360 -2.70 -8.86 -44.20
C LEU Q 360 -3.22 -9.26 -45.57
N ASP Q 361 -4.16 -8.50 -46.17
CA ASP Q 361 -4.62 -8.76 -47.54
C ASP Q 361 -3.44 -8.65 -48.53
N GLY Q 362 -2.54 -7.70 -48.28
CA GLY Q 362 -1.34 -7.53 -49.08
C GLY Q 362 -0.31 -8.64 -48.87
N VAL Q 363 -0.18 -9.13 -47.63
CA VAL Q 363 0.75 -10.21 -47.29
C VAL Q 363 0.28 -11.55 -47.89
N LYS Q 364 -1.03 -11.85 -47.76
CA LYS Q 364 -1.61 -13.09 -48.28
C LYS Q 364 -1.51 -13.17 -49.81
N ASN Q 365 -1.87 -12.08 -50.51
CA ASN Q 365 -1.81 -12.04 -51.97
C ASN Q 365 -0.42 -11.65 -52.52
N LYS Q 366 0.53 -11.22 -51.65
CA LYS Q 366 1.87 -10.79 -52.05
C LYS Q 366 1.79 -9.65 -53.06
N LEU Q 367 1.09 -8.57 -52.69
CA LEU Q 367 0.89 -7.41 -53.55
C LEU Q 367 2.15 -6.56 -53.66
N ASP Q 368 2.36 -5.96 -54.83
CA ASP Q 368 3.53 -5.14 -55.12
C ASP Q 368 3.31 -3.70 -54.68
N ALA Q 369 4.20 -3.18 -53.82
CA ALA Q 369 4.11 -1.80 -53.34
C ALA Q 369 4.74 -0.83 -54.34
N PRO Q 370 4.27 0.42 -54.40
CA PRO Q 370 4.91 1.39 -55.32
C PRO Q 370 6.23 1.93 -54.78
N GLU Q 371 6.97 2.69 -55.61
CA GLU Q 371 8.25 3.25 -55.19
C GLU Q 371 8.07 4.35 -54.15
N PRO Q 372 9.04 4.55 -53.24
CA PRO Q 372 8.86 5.59 -52.22
C PRO Q 372 9.04 7.00 -52.78
N VAL Q 373 8.12 7.92 -52.45
CA VAL Q 373 8.16 9.29 -52.93
C VAL Q 373 8.98 10.12 -51.94
N GLU Q 374 10.31 10.08 -52.08
CA GLU Q 374 11.23 10.82 -51.20
C GLU Q 374 11.04 12.34 -51.30
N ARG Q 375 10.55 12.84 -52.46
CA ARG Q 375 10.27 14.27 -52.65
C ARG Q 375 9.10 14.74 -51.78
N ASN Q 376 9.04 16.05 -51.51
CA ASN Q 376 7.92 16.63 -50.76
C ASN Q 376 6.73 16.60 -51.71
N ILE Q 377 5.63 15.97 -51.29
CA ILE Q 377 4.45 15.83 -52.15
C ILE Q 377 3.58 17.10 -52.17
N PHE Q 378 3.64 17.94 -51.12
CA PHE Q 378 2.86 19.18 -51.07
C PHE Q 378 3.34 20.16 -52.14
N ALA Q 379 4.66 20.22 -52.38
CA ALA Q 379 5.25 21.10 -53.40
C ALA Q 379 4.90 20.65 -54.83
N MET Q 380 4.44 19.41 -55.04
CA MET Q 380 4.09 18.90 -56.35
C MET Q 380 2.76 19.46 -56.83
N SER Q 381 2.61 19.62 -58.16
CA SER Q 381 1.37 20.10 -58.77
C SER Q 381 0.42 18.92 -59.02
N GLU Q 382 -0.88 19.20 -59.15
CA GLU Q 382 -1.89 18.17 -59.39
C GLU Q 382 -1.64 17.39 -60.69
N ALA Q 383 -1.12 18.04 -61.74
CA ALA Q 383 -0.81 17.37 -63.00
C ALA Q 383 0.38 16.41 -62.84
N GLU Q 384 1.37 16.79 -62.01
CA GLU Q 384 2.54 15.96 -61.76
C GLU Q 384 2.16 14.75 -60.90
N LYS Q 385 1.34 14.96 -59.85
CA LYS Q 385 0.87 13.87 -58.97
C LYS Q 385 -0.03 12.87 -59.75
N LYS Q 386 -0.76 13.34 -60.77
CA LYS Q 386 -1.63 12.49 -61.59
C LYS Q 386 -0.78 11.60 -62.52
N GLU Q 387 0.37 12.11 -63.01
CA GLU Q 387 1.28 11.34 -63.86
C GLU Q 387 1.89 10.20 -63.05
N LEU Q 388 2.39 10.51 -61.83
CA LEU Q 388 2.99 9.51 -60.94
C LEU Q 388 1.96 8.47 -60.44
N GLY Q 389 0.69 8.87 -60.32
CA GLY Q 389 -0.38 8.01 -59.86
C GLY Q 389 -0.62 8.10 -58.37
N ILE Q 390 -0.34 9.27 -57.76
CA ILE Q 390 -0.52 9.48 -56.33
C ILE Q 390 -1.94 9.96 -56.07
N GLU Q 391 -2.86 9.01 -55.82
CA GLU Q 391 -4.26 9.33 -55.55
C GLU Q 391 -4.43 9.95 -54.15
N SER Q 392 -5.54 10.64 -53.90
CA SER Q 392 -5.79 11.29 -52.61
C SER Q 392 -6.97 10.63 -51.87
N VAL Q 393 -6.94 10.70 -50.53
CA VAL Q 393 -8.01 10.12 -49.67
C VAL Q 393 -9.29 10.95 -49.82
N PRO Q 394 -10.49 10.35 -49.64
CA PRO Q 394 -11.74 11.14 -49.81
C PRO Q 394 -11.77 12.51 -49.12
N ALA Q 395 -12.46 13.47 -49.75
CA ALA Q 395 -12.57 14.84 -49.25
C ALA Q 395 -13.59 15.05 -48.13
N ASN Q 396 -14.52 14.09 -47.91
CA ASN Q 396 -15.53 14.24 -46.86
C ASN Q 396 -15.96 12.88 -46.27
N LEU Q 397 -16.77 12.89 -45.20
CA LEU Q 397 -17.21 11.69 -44.52
C LEU Q 397 -18.05 10.78 -45.43
N LYS Q 398 -19.03 11.34 -46.15
CA LYS Q 398 -19.88 10.55 -47.04
C LYS Q 398 -19.07 9.92 -48.16
N ALA Q 399 -18.05 10.62 -48.68
CA ALA Q 399 -17.20 10.07 -49.74
C ALA Q 399 -16.43 8.85 -49.23
N ALA Q 400 -16.03 8.84 -47.94
CA ALA Q 400 -15.32 7.72 -47.34
C ALA Q 400 -16.27 6.55 -47.00
N LEU Q 401 -17.51 6.86 -46.59
CA LEU Q 401 -18.49 5.81 -46.26
C LEU Q 401 -18.85 4.99 -47.49
N ASP Q 402 -18.96 5.64 -48.66
CA ASP Q 402 -19.26 4.93 -49.92
C ASP Q 402 -18.11 3.99 -50.30
N GLU Q 403 -16.86 4.41 -50.03
CA GLU Q 403 -15.68 3.58 -50.29
C GLU Q 403 -15.66 2.37 -49.35
N LEU Q 404 -16.01 2.58 -48.07
CA LEU Q 404 -16.08 1.51 -47.08
C LEU Q 404 -17.17 0.51 -47.44
N GLU Q 405 -18.32 1.01 -47.91
CA GLU Q 405 -19.45 0.17 -48.28
C GLU Q 405 -19.09 -0.79 -49.42
N ASN Q 406 -18.39 -0.31 -50.45
CA ASN Q 406 -17.97 -1.13 -51.59
C ASN Q 406 -16.75 -2.02 -51.30
N ASN Q 407 -16.08 -1.84 -50.15
CA ASN Q 407 -14.91 -2.63 -49.78
C ASN Q 407 -15.34 -3.92 -49.06
N ASP Q 408 -14.99 -5.08 -49.63
CA ASP Q 408 -15.33 -6.39 -49.06
C ASP Q 408 -14.32 -6.87 -48.02
N VAL Q 409 -13.06 -6.41 -48.08
CA VAL Q 409 -12.02 -6.82 -47.13
C VAL Q 409 -12.35 -6.31 -45.73
N LEU Q 410 -12.73 -5.02 -45.62
CA LEU Q 410 -13.07 -4.42 -44.33
C LEU Q 410 -14.46 -4.87 -43.84
N LYS Q 411 -15.39 -5.18 -44.76
CA LYS Q 411 -16.73 -5.64 -44.40
C LYS Q 411 -16.63 -6.96 -43.63
N ASN Q 412 -15.79 -7.89 -44.11
CA ASN Q 412 -15.59 -9.20 -43.48
C ASN Q 412 -14.87 -9.08 -42.13
N ALA Q 413 -13.86 -8.19 -42.03
CA ALA Q 413 -13.11 -8.00 -40.80
C ALA Q 413 -13.97 -7.41 -39.67
N LEU Q 414 -14.81 -6.42 -40.00
CA LEU Q 414 -15.70 -5.78 -39.03
C LEU Q 414 -16.95 -6.63 -38.73
N GLY Q 415 -17.41 -7.39 -39.71
CA GLY Q 415 -18.61 -8.23 -39.56
C GLY Q 415 -19.86 -7.48 -39.96
N LYS Q 416 -20.90 -8.21 -40.39
CA LYS Q 416 -22.16 -7.60 -40.83
C LYS Q 416 -22.77 -6.64 -39.81
N HIS Q 417 -22.67 -6.95 -38.51
CA HIS Q 417 -23.26 -6.09 -37.48
C HIS Q 417 -22.54 -4.75 -37.35
N ILE Q 418 -21.21 -4.75 -37.25
CA ILE Q 418 -20.46 -3.50 -37.09
C ILE Q 418 -20.45 -2.71 -38.40
N PHE Q 419 -20.20 -3.37 -39.53
CA PHE Q 419 -20.17 -2.73 -40.84
C PHE Q 419 -21.48 -1.99 -41.17
N GLU Q 420 -22.64 -2.65 -41.03
CA GLU Q 420 -23.92 -2.03 -41.34
C GLU Q 420 -24.34 -0.95 -40.32
N SER Q 421 -24.16 -1.20 -39.02
CA SER Q 421 -24.53 -0.21 -37.99
C SER Q 421 -23.65 1.03 -38.09
N PHE Q 422 -22.35 0.87 -38.35
CA PHE Q 422 -21.45 2.01 -38.49
C PHE Q 422 -21.89 2.89 -39.67
N LEU Q 423 -22.14 2.30 -40.84
CA LEU Q 423 -22.59 3.05 -42.01
C LEU Q 423 -23.92 3.76 -41.75
N GLU Q 424 -24.86 3.08 -41.08
CA GLU Q 424 -26.17 3.65 -40.77
C GLU Q 424 -26.07 4.84 -39.82
N ILE Q 425 -25.23 4.72 -38.76
CA ILE Q 425 -25.03 5.78 -37.77
C ILE Q 425 -24.33 6.97 -38.41
N LYS Q 426 -23.27 6.72 -39.20
CA LYS Q 426 -22.51 7.78 -39.84
C LYS Q 426 -23.27 8.46 -40.98
N ASN Q 427 -24.20 7.76 -41.66
CA ASN Q 427 -25.00 8.39 -42.71
C ASN Q 427 -26.02 9.35 -42.09
N ALA Q 428 -26.60 8.99 -40.94
CA ALA Q 428 -27.52 9.88 -40.22
C ALA Q 428 -26.76 11.12 -39.70
N GLU Q 429 -25.50 10.92 -39.27
CA GLU Q 429 -24.61 11.99 -38.80
C GLU Q 429 -24.26 12.93 -39.95
N TRP Q 430 -23.99 12.36 -41.14
CA TRP Q 430 -23.67 13.13 -42.34
C TRP Q 430 -24.91 13.91 -42.81
N ASP Q 431 -26.09 13.28 -42.80
CA ASP Q 431 -27.33 13.93 -43.20
C ASP Q 431 -27.65 15.12 -42.29
N SER Q 432 -27.34 15.01 -40.99
CA SER Q 432 -27.55 16.11 -40.07
C SER Q 432 -26.65 17.31 -40.41
N PHE Q 433 -25.42 17.03 -40.88
CA PHE Q 433 -24.45 18.06 -41.26
C PHE Q 433 -24.85 18.76 -42.56
N ARG Q 434 -25.18 18.01 -43.62
CA ARG Q 434 -25.51 18.60 -44.91
C ARG Q 434 -26.83 19.39 -44.93
N THR Q 435 -27.74 19.14 -43.96
CA THR Q 435 -29.01 19.85 -43.88
C THR Q 435 -28.91 21.11 -43.02
N SER Q 436 -28.01 21.12 -42.02
CA SER Q 436 -27.86 22.25 -41.11
C SER Q 436 -27.27 23.48 -41.78
N VAL Q 437 -27.78 24.67 -41.45
CA VAL Q 437 -27.28 25.93 -41.98
C VAL Q 437 -26.10 26.34 -41.09
N THR Q 438 -24.88 26.33 -41.63
CA THR Q 438 -23.67 26.63 -40.88
C THR Q 438 -23.39 28.14 -40.76
N ASP Q 439 -22.51 28.49 -39.80
CA ASP Q 439 -22.10 29.87 -39.57
C ASP Q 439 -21.33 30.44 -40.77
N TRP Q 440 -20.59 29.58 -41.51
CA TRP Q 440 -19.85 30.00 -42.69
C TRP Q 440 -20.83 30.50 -43.75
N GLU Q 441 -21.92 29.74 -44.00
CA GLU Q 441 -22.94 30.10 -44.97
C GLU Q 441 -23.62 31.41 -44.58
N THR Q 442 -23.93 31.61 -43.30
CA THR Q 442 -24.57 32.84 -42.84
C THR Q 442 -23.65 34.03 -43.07
N THR Q 443 -22.35 33.86 -42.81
CA THR Q 443 -21.38 34.94 -43.02
C THR Q 443 -21.24 35.28 -44.50
N ALA Q 444 -21.16 34.26 -45.36
CA ALA Q 444 -20.96 34.44 -46.80
C ALA Q 444 -22.19 34.83 -47.62
N TYR Q 445 -23.40 34.38 -47.24
CA TYR Q 445 -24.60 34.59 -48.06
C TYR Q 445 -25.71 35.45 -47.46
N LEU Q 446 -25.65 35.88 -46.19
CA LEU Q 446 -26.73 36.73 -45.64
C LEU Q 446 -26.76 38.09 -46.35
N LYS Q 447 -25.60 38.59 -46.78
CA LYS Q 447 -25.50 39.86 -47.50
C LYS Q 447 -26.17 39.85 -48.87
N ILE Q 448 -26.29 38.68 -49.52
CA ILE Q 448 -26.89 38.60 -50.87
C ILE Q 448 -28.42 38.73 -50.84
N SER R 2 32.64 46.18 13.88
CA SER R 2 33.70 47.15 13.61
C SER R 2 34.83 46.55 12.77
N THR R 3 35.25 45.30 13.08
CA THR R 3 36.32 44.60 12.34
C THR R 3 35.73 43.59 11.33
N VAL R 4 36.54 43.12 10.38
CA VAL R 4 36.08 42.17 9.36
C VAL R 4 35.63 40.86 10.01
N GLU R 5 36.39 40.37 11.01
CA GLU R 5 36.10 39.11 11.69
C GLU R 5 34.76 39.13 12.42
N GLN R 6 34.39 40.26 13.06
CA GLN R 6 33.11 40.37 13.76
C GLN R 6 31.95 40.27 12.79
N VAL R 7 32.09 40.87 11.60
CA VAL R 7 31.05 40.87 10.58
C VAL R 7 30.88 39.44 10.02
N LEU R 8 31.99 38.76 9.69
CA LEU R 8 31.93 37.40 9.16
C LEU R 8 31.45 36.39 10.20
N GLU R 9 31.71 36.63 11.51
CA GLU R 9 31.26 35.73 12.56
C GLU R 9 29.74 35.78 12.68
N TYR R 10 29.14 36.98 12.54
CA TYR R 10 27.70 37.14 12.59
C TYR R 10 27.06 36.50 11.35
N VAL R 11 27.65 36.72 10.17
CA VAL R 11 27.17 36.13 8.91
C VAL R 11 27.18 34.59 8.98
N LYS R 12 28.24 34.01 9.55
CA LYS R 12 28.36 32.56 9.68
C LYS R 12 27.26 31.99 10.58
N SER R 13 27.10 32.58 11.79
CA SER R 13 26.17 32.10 12.82
C SER R 13 24.69 32.39 12.52
N ASN R 14 24.36 33.63 12.15
CA ASN R 14 22.98 34.07 11.93
C ASN R 14 22.43 33.78 10.51
N ASN R 15 23.14 32.99 9.69
CA ASN R 15 22.66 32.60 8.35
C ASN R 15 22.30 33.81 7.48
N VAL R 16 23.23 34.78 7.35
CA VAL R 16 23.00 35.94 6.51
C VAL R 16 23.26 35.50 5.08
N LYS R 17 22.31 35.76 4.17
CA LYS R 17 22.40 35.35 2.77
C LYS R 17 22.73 36.51 1.83
N PHE R 18 22.21 37.72 2.09
CA PHE R 18 22.47 38.87 1.22
C PHE R 18 23.14 40.01 1.96
N MET R 19 24.05 40.73 1.30
CA MET R 19 24.76 41.88 1.85
C MET R 19 24.51 43.07 0.93
N ARG R 20 23.74 44.05 1.41
CA ARG R 20 23.43 45.26 0.66
C ARG R 20 24.56 46.25 0.88
N PHE R 21 25.02 46.91 -0.17
CA PHE R 21 26.08 47.91 -0.07
C PHE R 21 25.40 49.25 -0.28
N GLN R 22 24.99 49.90 0.83
CA GLN R 22 24.22 51.15 0.79
C GLN R 22 25.08 52.41 0.77
N PHE R 23 24.56 53.45 0.10
CA PHE R 23 25.17 54.78 0.01
C PHE R 23 24.06 55.82 -0.34
N VAL R 24 24.39 57.10 -0.55
CA VAL R 24 23.38 58.12 -0.84
C VAL R 24 23.79 58.98 -2.02
N ASP R 25 22.82 59.42 -2.84
CA ASP R 25 23.09 60.34 -3.95
C ASP R 25 23.20 61.79 -3.38
N ILE R 26 23.43 62.79 -4.24
CA ILE R 26 23.58 64.19 -3.78
C ILE R 26 22.34 64.69 -3.01
N LEU R 27 21.13 64.30 -3.43
CA LEU R 27 19.90 64.74 -2.77
C LEU R 27 19.55 63.95 -1.48
N GLY R 28 20.37 62.97 -1.10
CA GLY R 28 20.14 62.17 0.10
C GLY R 28 19.27 60.95 -0.11
N VAL R 29 19.01 60.56 -1.39
CA VAL R 29 18.20 59.39 -1.69
C VAL R 29 19.11 58.18 -1.53
N PRO R 30 18.75 57.15 -0.72
CA PRO R 30 19.62 56.00 -0.58
C PRO R 30 19.66 55.13 -1.84
N LYS R 31 20.82 54.54 -2.13
CA LYS R 31 21.07 53.68 -3.29
C LYS R 31 21.88 52.46 -2.80
N ASN R 32 21.60 51.25 -3.32
CA ASN R 32 22.30 50.04 -2.88
C ASN R 32 22.28 48.91 -3.91
N VAL R 33 23.24 47.96 -3.76
CA VAL R 33 23.38 46.79 -4.63
C VAL R 33 23.50 45.56 -3.73
N ALA R 34 22.75 44.49 -4.03
CA ALA R 34 22.72 43.28 -3.22
C ALA R 34 23.74 42.22 -3.69
N PHE R 35 24.64 41.81 -2.79
CA PHE R 35 25.67 40.79 -3.05
C PHE R 35 25.24 39.47 -2.41
N PRO R 36 25.07 38.36 -3.17
CA PRO R 36 24.70 37.08 -2.52
C PRO R 36 25.91 36.35 -1.92
N ILE R 37 25.81 35.97 -0.66
CA ILE R 37 26.87 35.27 0.06
C ILE R 37 26.69 33.77 -0.20
N LYS R 38 27.76 33.09 -0.59
CA LYS R 38 27.69 31.64 -0.85
C LYS R 38 27.94 30.85 0.45
N ALA R 39 27.51 29.59 0.47
CA ALA R 39 27.67 28.73 1.64
C ALA R 39 29.12 28.24 1.79
N GLY R 40 29.50 27.86 3.02
CA GLY R 40 30.82 27.34 3.31
C GLY R 40 31.90 28.39 3.38
N GLU R 41 33.15 27.95 3.60
CA GLU R 41 34.31 28.83 3.70
C GLU R 41 34.58 29.61 2.40
N LYS R 42 34.28 29.02 1.22
CA LYS R 42 34.48 29.68 -0.06
C LYS R 42 33.62 30.95 -0.19
N GLY R 43 32.39 30.90 0.34
CA GLY R 43 31.49 32.04 0.33
C GLY R 43 31.92 33.13 1.30
N ILE R 44 32.45 32.73 2.47
CA ILE R 44 32.93 33.67 3.50
C ILE R 44 34.21 34.37 3.02
N GLU R 45 35.11 33.65 2.34
CA GLU R 45 36.33 34.26 1.81
C GLU R 45 36.04 35.16 0.61
N GLU R 46 34.98 34.87 -0.17
CA GLU R 46 34.56 35.73 -1.27
C GLU R 46 34.01 37.04 -0.66
N LEU R 47 33.16 36.92 0.38
CA LEU R 47 32.59 38.07 1.08
C LEU R 47 33.68 38.93 1.72
N ARG R 48 34.75 38.30 2.25
CA ARG R 48 35.87 39.01 2.86
C ARG R 48 36.55 39.92 1.85
N ASP R 49 36.78 39.43 0.62
CA ASP R 49 37.41 40.21 -0.44
C ASP R 49 36.54 41.41 -0.83
N VAL R 50 35.23 41.19 -0.97
CA VAL R 50 34.31 42.27 -1.34
C VAL R 50 34.14 43.28 -0.19
N LEU R 51 34.25 42.85 1.08
CA LEU R 51 34.13 43.78 2.20
C LEU R 51 35.39 44.65 2.37
N GLU R 52 36.59 44.10 2.09
CA GLU R 52 37.86 44.83 2.23
C GLU R 52 38.18 45.70 0.99
N ASN R 53 38.07 45.12 -0.22
CA ASN R 53 38.37 45.84 -1.47
C ASN R 53 37.18 46.59 -2.07
N GLY R 54 35.96 46.29 -1.64
CA GLY R 54 34.77 46.95 -2.16
C GLY R 54 34.33 46.40 -3.50
N LEU R 55 33.42 47.12 -4.19
CA LEU R 55 32.91 46.72 -5.49
C LEU R 55 32.62 47.93 -6.39
N TYR R 56 32.63 47.70 -7.71
CA TYR R 56 32.42 48.74 -8.72
C TYR R 56 30.94 49.01 -9.02
N PHE R 57 30.65 50.19 -9.60
CA PHE R 57 29.29 50.58 -9.99
C PHE R 57 29.31 51.74 -10.98
N ASP R 58 28.23 51.90 -11.76
CA ASP R 58 28.09 52.98 -12.74
C ASP R 58 27.74 54.29 -12.01
N GLY R 59 28.69 55.23 -12.00
CA GLY R 59 28.51 56.52 -11.35
C GLY R 59 27.71 57.55 -12.13
N SER R 60 27.57 57.37 -13.45
CA SER R 60 26.80 58.30 -14.27
C SER R 60 25.30 58.24 -14.01
N SER R 61 24.79 57.05 -13.65
CA SER R 61 23.38 56.88 -13.35
C SER R 61 22.98 57.49 -11.99
N ILE R 62 23.93 57.60 -11.04
CA ILE R 62 23.65 58.21 -9.73
C ILE R 62 23.61 59.73 -9.88
N GLU R 63 22.68 60.40 -9.18
CA GLU R 63 22.52 61.84 -9.28
C GLU R 63 23.65 62.64 -8.61
N GLY R 64 24.18 63.61 -9.34
CA GLY R 64 25.24 64.49 -8.87
C GLY R 64 26.57 63.80 -8.58
N PHE R 65 26.91 62.77 -9.38
CA PHE R 65 28.16 62.03 -9.20
C PHE R 65 29.15 62.32 -10.36
N VAL R 66 29.21 61.50 -11.42
CA VAL R 66 30.18 61.70 -12.50
C VAL R 66 29.53 61.59 -13.89
N GLY R 67 30.23 62.07 -14.91
CA GLY R 67 29.75 62.01 -16.28
C GLY R 67 29.84 60.62 -16.87
N ILE R 68 29.26 60.43 -18.06
CA ILE R 68 29.28 59.13 -18.74
C ILE R 68 30.68 58.74 -19.21
N ASN R 69 31.51 59.73 -19.60
CA ASN R 69 32.87 59.46 -20.07
C ASN R 69 33.89 59.08 -18.96
N GLU R 70 33.49 59.16 -17.67
CA GLU R 70 34.35 58.83 -16.52
C GLU R 70 33.46 58.19 -15.43
N SER R 71 32.67 57.19 -15.82
CA SER R 71 31.67 56.53 -14.98
C SER R 71 32.15 55.51 -13.94
N ASP R 72 33.29 54.86 -14.17
CA ASP R 72 33.79 53.82 -13.28
C ASP R 72 34.13 54.32 -11.86
N MET R 73 33.40 53.81 -10.84
CA MET R 73 33.56 54.19 -9.42
C MET R 73 33.55 52.94 -8.50
N MET R 74 33.83 53.12 -7.18
CA MET R 74 33.88 52.03 -6.20
C MET R 74 33.18 52.40 -4.88
N LEU R 75 32.84 51.38 -4.06
CA LEU R 75 32.20 51.54 -2.75
C LEU R 75 33.05 50.84 -1.68
N LYS R 76 33.67 51.60 -0.76
CA LYS R 76 34.48 51.04 0.32
C LYS R 76 33.61 50.94 1.60
N PRO R 77 33.17 49.74 2.03
CA PRO R 77 32.28 49.65 3.20
C PRO R 77 32.84 50.08 4.55
N ASP R 78 32.00 50.75 5.37
CA ASP R 78 32.34 51.14 6.74
C ASP R 78 31.80 50.01 7.59
N LEU R 79 32.67 49.10 8.05
CA LEU R 79 32.29 47.90 8.80
C LEU R 79 31.55 48.16 10.12
N SER R 80 31.71 49.35 10.72
CA SER R 80 31.01 49.70 11.96
C SER R 80 29.49 49.88 11.75
N THR R 81 29.05 50.17 10.51
CA THR R 81 27.64 50.39 10.18
C THR R 81 26.89 49.11 9.78
N PHE R 82 27.45 47.92 10.08
CA PHE R 82 26.78 46.66 9.73
C PHE R 82 25.47 46.54 10.54
N SER R 83 24.34 46.30 9.86
CA SER R 83 23.04 46.18 10.52
C SER R 83 22.12 45.21 9.77
N VAL R 84 21.36 44.39 10.50
CA VAL R 84 20.44 43.43 9.90
C VAL R 84 19.14 44.15 9.58
N LEU R 85 18.65 44.07 8.33
CA LEU R 85 17.39 44.72 7.97
C LEU R 85 16.25 43.90 8.57
N PRO R 86 15.47 44.47 9.49
CA PRO R 86 14.40 43.68 10.14
C PRO R 86 13.22 43.37 9.25
N TRP R 87 12.80 44.33 8.39
CA TRP R 87 11.66 44.11 7.50
C TRP R 87 11.86 42.95 6.50
N ARG R 88 13.12 42.52 6.26
CA ARG R 88 13.39 41.39 5.37
C ARG R 88 13.25 40.04 6.12
N PRO R 89 13.22 38.87 5.44
CA PRO R 89 13.03 37.60 6.16
C PRO R 89 14.11 37.29 7.21
N SER R 90 13.75 36.48 8.21
CA SER R 90 14.65 36.11 9.29
C SER R 90 15.55 34.94 8.84
N GLU R 91 14.96 33.92 8.20
CA GLU R 91 15.71 32.78 7.68
C GLU R 91 16.35 33.24 6.37
N LYS R 92 17.70 33.13 6.25
CA LYS R 92 18.45 33.61 5.09
C LYS R 92 18.35 35.14 5.05
N SER R 93 18.62 35.77 6.21
CA SER R 93 18.50 37.22 6.43
C SER R 93 19.31 38.11 5.49
N VAL R 94 18.87 39.37 5.33
CA VAL R 94 19.52 40.35 4.47
C VAL R 94 20.17 41.41 5.36
N ALA R 95 21.50 41.53 5.30
CA ALA R 95 22.25 42.52 6.09
C ALA R 95 22.69 43.70 5.23
N ARG R 96 22.99 44.84 5.86
CA ARG R 96 23.41 46.05 5.16
C ARG R 96 24.74 46.56 5.70
N VAL R 97 25.44 47.34 4.88
CA VAL R 97 26.67 48.00 5.28
C VAL R 97 26.77 49.31 4.50
N ILE R 98 26.80 50.45 5.21
CA ILE R 98 26.90 51.75 4.55
C ILE R 98 28.35 51.95 4.09
N CYS R 99 28.54 52.46 2.86
CA CYS R 99 29.86 52.62 2.25
C CYS R 99 30.19 54.07 1.91
N ASP R 100 31.49 54.31 1.65
CA ASP R 100 32.03 55.59 1.21
C ASP R 100 32.35 55.44 -0.28
N VAL R 101 31.87 56.37 -1.11
CA VAL R 101 32.10 56.32 -2.55
C VAL R 101 33.55 56.75 -2.80
N TYR R 102 34.30 55.93 -3.56
CA TYR R 102 35.70 56.17 -3.89
C TYR R 102 35.92 56.13 -5.40
N THR R 103 36.92 56.87 -5.88
CA THR R 103 37.26 56.91 -7.31
C THR R 103 38.02 55.64 -7.71
N THR R 104 38.16 55.42 -9.03
CA THR R 104 38.86 54.25 -9.58
C THR R 104 40.29 54.10 -9.01
N LYS R 105 40.97 55.23 -8.76
CA LYS R 105 42.32 55.23 -8.17
C LYS R 105 42.36 54.95 -6.65
N GLY R 106 41.24 54.59 -6.04
CA GLY R 106 41.16 54.30 -4.61
C GLY R 106 41.27 55.51 -3.71
N LYS R 107 40.83 56.69 -4.19
CA LYS R 107 40.86 57.95 -3.44
C LYS R 107 39.41 58.36 -3.11
N PRO R 108 39.07 58.88 -1.89
CA PRO R 108 37.66 59.24 -1.63
C PRO R 108 37.06 60.19 -2.65
N PHE R 109 35.84 59.90 -3.12
CA PHE R 109 35.18 60.74 -4.13
C PHE R 109 34.78 62.09 -3.55
N GLU R 110 35.20 63.17 -4.22
CA GLU R 110 34.91 64.55 -3.83
C GLU R 110 33.40 64.84 -3.72
N GLY R 111 32.62 64.31 -4.65
CA GLY R 111 31.17 64.51 -4.67
C GLY R 111 30.36 63.55 -3.82
N ASP R 112 30.99 62.94 -2.79
CA ASP R 112 30.31 61.99 -1.92
C ASP R 112 29.75 62.70 -0.68
N PRO R 113 28.43 62.70 -0.40
CA PRO R 113 27.93 63.38 0.80
C PRO R 113 28.47 62.82 2.12
N ARG R 114 28.66 61.48 2.21
CA ARG R 114 29.16 60.85 3.44
C ARG R 114 30.63 61.22 3.71
N GLY R 115 31.45 61.22 2.68
CA GLY R 115 32.85 61.61 2.76
C GLY R 115 33.01 63.09 3.07
N CYS R 116 32.05 63.92 2.63
CA CYS R 116 32.02 65.36 2.91
C CYS R 116 31.86 65.58 4.41
N LEU R 117 30.98 64.82 5.07
CA LEU R 117 30.77 64.94 6.51
C LEU R 117 31.95 64.37 7.28
N LYS R 118 32.55 63.26 6.80
CA LYS R 118 33.73 62.67 7.45
C LYS R 118 34.90 63.67 7.42
N ARG R 119 35.12 64.32 6.26
CA ARG R 119 36.19 65.30 6.08
C ARG R 119 36.10 66.44 7.10
N VAL R 120 34.94 67.10 7.22
CA VAL R 120 34.79 68.22 8.15
C VAL R 120 34.85 67.77 9.62
N MET R 121 34.42 66.54 9.94
CA MET R 121 34.50 66.03 11.32
C MET R 121 35.95 65.70 11.69
N GLU R 122 36.72 65.13 10.75
CA GLU R 122 38.13 64.82 10.98
C GLU R 122 38.93 66.13 11.14
N GLU R 123 38.60 67.16 10.35
CA GLU R 123 39.23 68.48 10.43
C GLU R 123 38.94 69.13 11.78
N PHE R 124 37.69 69.00 12.28
CA PHE R 124 37.28 69.55 13.57
C PHE R 124 38.02 68.81 14.71
N LYS R 125 38.09 67.48 14.64
CA LYS R 125 38.79 66.68 15.64
C LYS R 125 40.30 66.95 15.65
N LYS R 126 40.88 67.30 14.49
CA LYS R 126 42.31 67.58 14.40
C LYS R 126 42.65 68.98 14.96
N GLU R 127 41.82 69.98 14.62
CA GLU R 127 42.05 71.37 15.02
C GLU R 127 41.65 71.69 16.47
N PHE R 128 40.47 71.22 16.93
CA PHE R 128 39.96 71.53 18.27
C PHE R 128 39.85 70.33 19.21
N ASN R 129 40.01 69.09 18.72
CA ASN R 129 39.84 67.88 19.53
C ASN R 129 38.37 67.79 20.01
N GLY R 130 37.44 68.07 19.10
CA GLY R 130 36.02 68.07 19.39
C GLY R 130 35.24 66.93 18.77
N GLU R 131 33.99 66.79 19.22
CA GLU R 131 33.06 65.76 18.76
C GLU R 131 31.72 66.45 18.52
N TYR R 132 31.23 66.47 17.28
CA TYR R 132 29.97 67.13 16.93
C TYR R 132 28.80 66.17 17.11
N PHE R 133 27.94 66.43 18.11
CA PHE R 133 26.78 65.58 18.42
C PHE R 133 25.47 66.18 17.88
N VAL R 134 24.62 65.34 17.25
CA VAL R 134 23.33 65.75 16.69
C VAL R 134 22.24 64.74 17.10
N GLY R 135 21.03 65.24 17.35
CA GLY R 135 19.87 64.46 17.72
C GLY R 135 18.64 65.04 17.04
N PRO R 136 18.22 64.51 15.88
CA PRO R 136 17.07 65.09 15.17
C PRO R 136 15.73 64.51 15.58
N GLU R 137 14.65 65.21 15.19
CA GLU R 137 13.26 64.84 15.45
C GLU R 137 12.55 64.80 14.08
N PRO R 138 12.82 63.79 13.24
CA PRO R 138 12.17 63.76 11.91
C PRO R 138 10.71 63.30 11.98
N GLU R 139 9.79 64.23 11.68
CA GLU R 139 8.35 63.97 11.67
C GLU R 139 7.92 63.44 10.29
N PHE R 140 6.82 62.66 10.25
CA PHE R 140 6.31 62.08 9.01
C PHE R 140 4.78 61.96 9.04
N PHE R 141 4.17 61.71 7.87
CA PHE R 141 2.73 61.56 7.74
C PHE R 141 2.41 60.16 7.25
N LEU R 142 1.40 59.51 7.86
CA LEU R 142 0.92 58.21 7.41
C LEU R 142 -0.32 58.50 6.58
N LEU R 143 -0.35 58.03 5.33
CA LEU R 143 -1.45 58.32 4.41
C LEU R 143 -2.23 57.08 3.99
N LYS R 144 -3.47 57.30 3.55
CA LYS R 144 -4.37 56.28 3.01
C LYS R 144 -5.07 56.88 1.78
N LYS R 145 -5.49 56.04 0.82
CA LYS R 145 -6.17 56.53 -0.38
C LYS R 145 -7.48 57.21 -0.04
N ASP R 146 -7.80 58.30 -0.75
CA ASP R 146 -9.03 59.04 -0.53
C ASP R 146 -10.20 58.15 -0.98
N PRO R 147 -11.23 57.89 -0.14
CA PRO R 147 -12.34 57.03 -0.59
C PRO R 147 -13.14 57.65 -1.75
N HIS R 148 -13.29 58.99 -1.75
CA HIS R 148 -14.01 59.70 -2.82
C HIS R 148 -13.21 59.75 -4.14
N ASN R 149 -11.89 59.49 -4.10
CA ASN R 149 -11.05 59.47 -5.31
C ASN R 149 -9.76 58.69 -5.03
N PRO R 150 -9.57 57.46 -5.58
CA PRO R 150 -8.35 56.70 -5.25
C PRO R 150 -7.03 57.28 -5.76
N HIS R 151 -7.07 58.20 -6.72
CA HIS R 151 -5.86 58.82 -7.25
C HIS R 151 -5.18 59.78 -6.26
N LYS R 152 -5.93 60.33 -5.29
CA LYS R 152 -5.39 61.24 -4.27
C LYS R 152 -5.22 60.54 -2.91
N TYR R 153 -4.34 61.09 -2.06
CA TYR R 153 -4.06 60.55 -0.73
C TYR R 153 -4.48 61.55 0.36
N ILE R 154 -4.87 61.03 1.53
CA ILE R 154 -5.30 61.83 2.68
C ILE R 154 -4.65 61.30 3.98
N PRO R 155 -4.74 62.02 5.12
CA PRO R 155 -4.11 61.49 6.36
C PRO R 155 -4.82 60.24 6.89
N ALA R 156 -4.07 59.35 7.55
CA ALA R 156 -4.61 58.09 8.08
C ALA R 156 -5.65 58.26 9.19
N ASP R 157 -5.58 59.34 9.99
CA ASP R 157 -6.52 59.55 11.09
C ASP R 157 -6.71 61.02 11.43
N ASP R 158 -7.82 61.34 12.11
CA ASP R 158 -8.13 62.71 12.54
C ASP R 158 -7.60 62.92 13.97
N GLY R 159 -6.36 62.50 14.20
CA GLY R 159 -5.72 62.62 15.50
C GLY R 159 -4.95 63.90 15.70
N GLY R 160 -4.79 64.28 16.97
CA GLY R 160 -4.06 65.48 17.38
C GLY R 160 -2.76 65.13 18.07
N TYR R 161 -2.17 66.12 18.77
CA TYR R 161 -0.90 65.93 19.46
C TYR R 161 -1.06 65.01 20.66
N PHE R 162 -0.23 63.94 20.76
CA PHE R 162 -0.24 62.98 21.86
C PHE R 162 -1.58 62.26 22.06
N ASP R 163 -2.52 62.28 21.09
CA ASP R 163 -3.83 61.65 21.26
C ASP R 163 -3.76 60.13 21.49
N LEU R 164 -4.79 59.57 22.15
CA LEU R 164 -4.90 58.14 22.46
C LEU R 164 -5.80 57.42 21.47
N GLU R 165 -5.62 56.10 21.35
CA GLU R 165 -6.47 55.25 20.51
C GLU R 165 -7.92 55.25 21.06
N PRO R 166 -8.96 55.08 20.21
CA PRO R 166 -8.92 54.89 18.76
C PRO R 166 -8.79 56.16 17.92
N MET R 167 -8.77 57.36 18.57
CA MET R 167 -8.59 58.63 17.86
C MET R 167 -7.24 58.62 17.10
N ASP R 168 -6.20 58.08 17.75
CA ASP R 168 -4.87 57.86 17.18
C ASP R 168 -4.91 56.43 16.61
N GLU R 169 -4.93 56.28 15.27
CA GLU R 169 -5.00 54.97 14.64
C GLU R 169 -3.63 54.40 14.27
N ALA R 170 -2.53 54.91 14.85
CA ALA R 170 -1.19 54.42 14.52
C ALA R 170 -0.39 53.78 15.69
N PRO R 171 -0.97 53.30 16.82
CA PRO R 171 -0.12 52.67 17.84
C PRO R 171 0.53 51.38 17.35
N ASP R 172 -0.18 50.61 16.51
CA ASP R 172 0.36 49.37 15.95
C ASP R 172 1.46 49.67 14.92
N ILE R 173 1.30 50.73 14.11
CA ILE R 173 2.31 51.09 13.11
C ILE R 173 3.56 51.61 13.82
N ARG R 174 3.40 52.48 14.83
CA ARG R 174 4.53 53.01 15.59
C ARG R 174 5.22 51.89 16.40
N ARG R 175 4.46 50.90 16.90
CA ARG R 175 4.99 49.76 17.65
C ARG R 175 6.03 49.01 16.81
N ASP R 176 5.67 48.62 15.58
CA ASP R 176 6.56 47.90 14.68
C ASP R 176 7.75 48.76 14.24
N ILE R 177 7.54 50.08 14.07
CA ILE R 177 8.64 51.00 13.71
C ILE R 177 9.70 50.98 14.81
N VAL R 178 9.28 51.10 16.08
CA VAL R 178 10.21 51.11 17.19
C VAL R 178 10.95 49.78 17.31
N PHE R 179 10.26 48.64 17.13
CA PHE R 179 10.91 47.34 17.19
C PHE R 179 11.94 47.21 16.05
N ALA R 180 11.61 47.68 14.85
CA ALA R 180 12.52 47.63 13.70
C ALA R 180 13.76 48.49 13.93
N LEU R 181 13.59 49.71 14.46
CA LEU R 181 14.71 50.60 14.73
C LEU R 181 15.61 50.02 15.82
N GLU R 182 15.04 49.46 16.89
CA GLU R 182 15.85 48.85 17.96
C GLU R 182 16.73 47.72 17.43
N ASN R 183 16.24 46.93 16.46
CA ASN R 183 17.01 45.85 15.85
C ASN R 183 18.15 46.40 14.98
N LEU R 184 17.93 47.56 14.33
CA LEU R 184 18.95 48.23 13.52
C LEU R 184 20.08 48.90 14.36
N GLY R 185 19.94 48.92 15.68
CA GLY R 185 20.92 49.52 16.59
C GLY R 185 20.52 50.89 17.13
N PHE R 186 19.26 51.32 16.92
CA PHE R 186 18.80 52.63 17.38
C PHE R 186 18.46 52.59 18.85
N HIS R 187 18.69 53.71 19.55
CA HIS R 187 18.30 53.89 20.95
C HIS R 187 17.09 54.81 20.89
N VAL R 188 15.90 54.22 20.69
CA VAL R 188 14.67 55.00 20.56
C VAL R 188 14.33 55.64 21.91
N GLU R 189 14.02 56.95 21.91
CA GLU R 189 13.70 57.66 23.14
C GLU R 189 12.20 57.78 23.39
N ALA R 190 11.41 58.18 22.38
CA ALA R 190 9.96 58.34 22.54
C ALA R 190 9.23 58.28 21.19
N SER R 191 7.92 57.97 21.23
CA SER R 191 7.09 57.90 20.03
C SER R 191 5.68 58.36 20.38
N HIS R 192 5.04 59.14 19.48
CA HIS R 192 3.71 59.68 19.74
C HIS R 192 3.08 60.29 18.48
N HIS R 193 1.78 60.64 18.55
CA HIS R 193 1.09 61.31 17.45
C HIS R 193 1.44 62.80 17.51
N GLU R 194 1.55 63.46 16.35
CA GLU R 194 1.88 64.89 16.28
C GLU R 194 0.64 65.75 15.98
N VAL R 195 0.79 67.08 16.03
CA VAL R 195 -0.27 68.08 15.89
C VAL R 195 -1.23 67.82 14.70
N ALA R 196 -0.71 67.72 13.47
CA ALA R 196 -1.57 67.55 12.29
C ALA R 196 -2.20 66.15 12.19
N PRO R 197 -3.35 66.00 11.49
CA PRO R 197 -3.94 64.67 11.33
C PRO R 197 -3.00 63.68 10.64
N GLY R 198 -2.95 62.45 11.14
CA GLY R 198 -2.08 61.43 10.56
C GLY R 198 -0.59 61.66 10.70
N GLN R 199 -0.17 62.76 11.36
CA GLN R 199 1.26 63.07 11.55
C GLN R 199 1.77 62.35 12.80
N HIS R 200 3.02 61.89 12.76
CA HIS R 200 3.65 61.17 13.87
C HIS R 200 5.11 61.60 14.04
N GLU R 201 5.72 61.24 15.17
CA GLU R 201 7.12 61.57 15.45
C GLU R 201 7.74 60.44 16.27
N VAL R 202 8.87 59.89 15.80
CA VAL R 202 9.59 58.84 16.50
C VAL R 202 11.00 59.40 16.73
N ASP R 203 11.31 59.72 18.00
CA ASP R 203 12.59 60.29 18.41
C ASP R 203 13.61 59.21 18.75
N PHE R 204 14.89 59.54 18.61
CA PHE R 204 15.98 58.63 18.93
C PHE R 204 17.16 59.40 19.54
N LYS R 205 18.02 58.70 20.29
CA LYS R 205 19.13 59.32 21.01
C LYS R 205 20.14 60.00 20.11
N PHE R 206 20.76 61.06 20.62
CA PHE R 206 21.78 61.80 19.89
C PHE R 206 23.08 61.00 19.83
N ASP R 207 23.90 61.28 18.82
CA ASP R 207 25.19 60.62 18.63
C ASP R 207 26.09 61.53 17.74
N ASP R 208 27.32 61.09 17.39
CA ASP R 208 28.17 61.91 16.51
C ASP R 208 27.51 62.06 15.13
N ALA R 209 27.72 63.22 14.48
CA ALA R 209 27.10 63.55 13.20
C ALA R 209 27.08 62.43 12.16
N LEU R 210 28.18 61.65 12.05
CA LEU R 210 28.23 60.56 11.05
C LEU R 210 27.25 59.44 11.43
N LYS R 211 27.29 58.94 12.68
CA LYS R 211 26.37 57.90 13.12
C LYS R 211 24.91 58.37 13.10
N THR R 212 24.68 59.67 13.35
CA THR R 212 23.34 60.25 13.32
C THR R 212 22.82 60.35 11.87
N ALA R 213 23.69 60.75 10.91
CA ALA R 213 23.28 60.85 9.51
C ALA R 213 23.01 59.46 8.92
N ASP R 214 23.79 58.44 9.33
CA ASP R 214 23.57 57.05 8.92
C ASP R 214 22.19 56.57 9.44
N SER R 215 21.84 56.99 10.68
CA SER R 215 20.56 56.66 11.31
C SER R 215 19.39 57.38 10.63
N VAL R 216 19.55 58.63 10.18
CA VAL R 216 18.45 59.35 9.50
C VAL R 216 18.06 58.65 8.19
N ILE R 217 19.05 58.16 7.42
CA ILE R 217 18.77 57.48 6.14
C ILE R 217 18.03 56.18 6.40
N THR R 218 18.47 55.42 7.40
CA THR R 218 17.87 54.15 7.77
C THR R 218 16.47 54.36 8.35
N PHE R 219 16.27 55.44 9.11
CA PHE R 219 14.98 55.77 9.70
C PHE R 219 13.95 56.02 8.60
N LYS R 220 14.30 56.83 7.59
CA LYS R 220 13.38 57.14 6.50
C LYS R 220 12.93 55.89 5.75
N THR R 221 13.85 54.96 5.45
CA THR R 221 13.48 53.72 4.77
C THR R 221 12.62 52.83 5.67
N THR R 222 12.99 52.71 6.96
CA THR R 222 12.25 51.89 7.94
C THR R 222 10.80 52.36 8.10
N ILE R 223 10.59 53.68 8.15
CA ILE R 223 9.24 54.26 8.30
C ILE R 223 8.42 53.98 7.04
N LYS R 224 9.00 54.12 5.85
CA LYS R 224 8.27 53.89 4.59
C LYS R 224 7.95 52.41 4.34
N THR R 225 8.91 51.50 4.56
CA THR R 225 8.72 50.07 4.35
C THR R 225 7.71 49.46 5.33
N ILE R 226 7.78 49.84 6.61
CA ILE R 226 6.85 49.32 7.61
C ILE R 226 5.43 49.85 7.35
N ALA R 227 5.28 51.11 6.88
CA ALA R 227 3.95 51.64 6.55
C ALA R 227 3.31 50.85 5.42
N GLU R 228 4.09 50.44 4.40
CA GLU R 228 3.55 49.65 3.30
C GLU R 228 3.05 48.29 3.78
N GLN R 229 3.67 47.71 4.82
CA GLN R 229 3.23 46.44 5.39
C GLN R 229 1.84 46.57 6.01
N HIS R 230 1.51 47.74 6.60
CA HIS R 230 0.20 47.97 7.21
C HIS R 230 -0.77 48.68 6.23
N GLY R 231 -0.58 48.47 4.92
CA GLY R 231 -1.44 49.04 3.89
C GLY R 231 -1.51 50.55 3.78
N LEU R 232 -0.52 51.26 4.35
CA LEU R 232 -0.48 52.73 4.33
C LEU R 232 0.74 53.23 3.51
N LYS R 233 0.90 54.56 3.36
CA LYS R 233 2.02 55.14 2.63
C LYS R 233 2.59 56.30 3.45
N ALA R 234 3.84 56.18 3.92
CA ALA R 234 4.45 57.24 4.73
C ALA R 234 5.20 58.23 3.85
N THR R 235 5.08 59.54 4.15
CA THR R 235 5.76 60.59 3.39
C THR R 235 6.49 61.58 4.31
N PHE R 236 7.73 61.91 3.95
CA PHE R 236 8.52 62.90 4.67
C PHE R 236 8.47 64.23 3.88
N MET R 237 7.30 64.57 3.31
CA MET R 237 7.12 65.79 2.55
C MET R 237 7.02 66.94 3.56
N PRO R 238 7.76 68.06 3.42
CA PRO R 238 7.67 69.14 4.43
C PRO R 238 6.28 69.74 4.67
N LYS R 239 5.36 69.64 3.71
CA LYS R 239 4.01 70.22 3.84
C LYS R 239 3.09 69.52 2.83
N PRO R 240 2.64 68.29 3.13
CA PRO R 240 1.76 67.60 2.17
C PRO R 240 0.37 68.23 2.05
N PHE R 241 -0.14 68.84 3.13
CA PHE R 241 -1.46 69.47 3.11
C PHE R 241 -1.42 70.89 3.67
N PHE R 242 -2.18 71.79 3.04
CA PHE R 242 -2.30 73.19 3.45
C PHE R 242 -3.28 73.28 4.63
N GLY R 243 -3.03 74.20 5.55
CA GLY R 243 -3.90 74.42 6.70
C GLY R 243 -3.60 73.55 7.92
N MET R 244 -2.56 72.70 7.85
CA MET R 244 -2.16 71.85 8.97
C MET R 244 -0.63 71.80 9.06
N ASN R 245 -0.09 71.51 10.26
CA ASN R 245 1.35 71.46 10.51
C ASN R 245 2.13 70.63 9.49
N GLY R 246 3.36 71.04 9.23
CA GLY R 246 4.26 70.36 8.31
C GLY R 246 5.27 69.48 9.02
N SER R 247 5.91 68.58 8.27
CA SER R 247 6.93 67.68 8.82
C SER R 247 8.23 68.46 9.04
N GLY R 248 8.67 68.55 10.30
CA GLY R 248 9.90 69.26 10.66
C GLY R 248 10.91 68.35 11.32
N MET R 249 12.19 68.59 11.07
CA MET R 249 13.28 67.81 11.64
C MET R 249 14.16 68.74 12.46
N HIS R 250 13.75 68.99 13.71
CA HIS R 250 14.47 69.89 14.61
C HIS R 250 15.80 69.24 14.99
N CYS R 251 16.93 69.91 14.73
CA CYS R 251 18.26 69.35 15.00
C CYS R 251 18.88 69.85 16.30
N HIS R 252 18.75 69.08 17.39
CA HIS R 252 19.37 69.40 18.66
C HIS R 252 20.85 69.10 18.50
N GLN R 253 21.73 70.08 18.73
CA GLN R 253 23.17 69.88 18.51
C GLN R 253 24.06 70.55 19.55
N SER R 254 25.29 70.04 19.71
CA SER R 254 26.27 70.56 20.68
C SER R 254 27.67 69.98 20.40
N ILE R 255 28.73 70.77 20.66
CA ILE R 255 30.12 70.32 20.45
C ILE R 255 30.85 70.10 21.79
N TRP R 256 31.62 69.00 21.89
CA TRP R 256 32.34 68.62 23.12
C TRP R 256 33.84 68.64 22.91
N LEU R 257 34.52 69.71 23.33
CA LEU R 257 35.96 69.83 23.22
C LEU R 257 36.67 69.15 24.40
N ASN R 258 37.53 68.16 24.11
CA ASN R 258 38.28 67.41 25.11
C ASN R 258 37.37 66.57 26.02
N GLY R 259 36.36 65.93 25.43
CA GLY R 259 35.41 65.08 26.15
C GLY R 259 34.64 65.75 27.27
N GLU R 260 34.36 67.06 27.14
CA GLU R 260 33.60 67.82 28.14
C GLU R 260 32.49 68.63 27.46
N PRO R 261 31.35 68.87 28.14
CA PRO R 261 30.30 69.68 27.52
C PRO R 261 30.72 71.14 27.48
N SER R 262 31.23 71.57 26.31
CA SER R 262 31.72 72.93 26.11
C SER R 262 30.63 73.98 26.11
N PHE R 263 29.38 73.60 25.78
CA PHE R 263 28.27 74.55 25.76
C PHE R 263 27.80 74.98 27.16
N TYR R 264 28.09 74.17 28.21
CA TYR R 264 27.66 74.49 29.57
C TYR R 264 28.70 75.29 30.35
N ASP R 265 28.23 76.26 31.15
CA ASP R 265 29.06 77.09 32.02
C ASP R 265 28.21 77.44 33.25
N GLU R 266 28.43 76.72 34.37
CA GLU R 266 27.68 76.90 35.63
C GLU R 266 27.64 78.37 36.07
N ASN R 267 28.77 79.09 35.93
CA ASN R 267 28.87 80.50 36.30
C ASN R 267 28.79 81.40 35.05
N ALA R 268 27.59 81.53 34.44
CA ALA R 268 27.37 82.35 33.25
C ALA R 268 25.88 82.67 33.01
N PRO R 269 25.52 83.66 32.14
CA PRO R 269 24.08 83.94 31.91
C PRO R 269 23.38 82.77 31.23
N TYR R 270 22.20 82.39 31.74
CA TYR R 270 21.42 81.25 31.24
C TYR R 270 22.19 79.91 31.35
N GLN R 271 23.33 79.87 32.09
CA GLN R 271 24.19 78.71 32.21
C GLN R 271 24.65 78.23 30.82
N LEU R 272 25.04 79.19 29.96
CA LEU R 272 25.51 78.92 28.59
C LEU R 272 26.89 79.55 28.43
N SER R 273 27.85 78.78 27.92
CA SER R 273 29.23 79.22 27.75
C SER R 273 29.42 80.19 26.57
N GLU R 274 30.61 80.80 26.47
CA GLU R 274 30.96 81.69 25.38
C GLU R 274 31.00 80.90 24.07
N THR R 275 31.52 79.65 24.10
CA THR R 275 31.57 78.79 22.90
C THR R 275 30.18 78.57 22.33
N CYS R 276 29.18 78.40 23.19
CA CYS R 276 27.79 78.22 22.76
C CYS R 276 27.30 79.47 22.02
N MET R 277 27.53 80.65 22.60
CA MET R 277 27.10 81.92 22.00
C MET R 277 27.82 82.18 20.68
N ASN R 278 29.13 81.85 20.58
CA ASN R 278 29.86 82.03 19.33
C ASN R 278 29.30 81.09 18.25
N TYR R 279 28.93 79.85 18.63
CA TYR R 279 28.37 78.87 17.69
C TYR R 279 27.00 79.35 17.19
N VAL R 280 26.13 79.84 18.10
CA VAL R 280 24.81 80.34 17.74
C VAL R 280 24.94 81.55 16.79
N ALA R 281 25.92 82.45 17.04
CA ALA R 281 26.15 83.61 16.18
C ALA R 281 26.49 83.19 14.75
N GLY R 282 27.27 82.12 14.61
CA GLY R 282 27.65 81.61 13.30
C GLY R 282 26.50 81.00 12.53
N ILE R 283 25.58 80.31 13.22
CA ILE R 283 24.41 79.72 12.58
C ILE R 283 23.49 80.83 12.09
N LEU R 284 23.26 81.85 12.93
CA LEU R 284 22.40 82.98 12.59
C LEU R 284 22.99 83.81 11.44
N LYS R 285 24.33 83.91 11.36
CA LYS R 285 25.00 84.64 10.30
C LYS R 285 24.71 84.00 8.92
N HIS R 286 24.95 82.68 8.79
CA HIS R 286 24.74 81.97 7.54
C HIS R 286 23.34 81.32 7.46
N ALA R 287 22.36 81.76 8.28
CA ALA R 287 21.01 81.19 8.28
C ALA R 287 20.32 81.22 6.91
N LYS R 288 20.45 82.33 6.18
CA LYS R 288 19.83 82.46 4.86
C LYS R 288 20.43 81.48 3.83
N ALA R 289 21.69 81.05 4.03
CA ALA R 289 22.38 80.12 3.14
C ALA R 289 22.23 78.66 3.59
N ILE R 290 22.11 78.40 4.90
CA ILE R 290 21.96 77.03 5.42
C ILE R 290 20.60 76.44 4.98
N VAL R 291 19.53 77.26 4.96
CA VAL R 291 18.21 76.79 4.56
C VAL R 291 18.16 76.29 3.10
N ALA R 292 19.15 76.61 2.26
CA ALA R 292 19.17 76.09 0.89
C ALA R 292 19.43 74.57 0.95
N ILE R 293 20.36 74.14 1.83
CA ILE R 293 20.69 72.72 1.99
C ILE R 293 19.67 72.02 2.90
N THR R 294 19.39 72.60 4.08
CA THR R 294 18.47 71.98 5.05
C THR R 294 16.99 72.02 4.64
N ASN R 295 16.62 72.84 3.63
CA ASN R 295 15.26 72.97 3.10
C ASN R 295 15.41 73.00 1.57
N PRO R 296 15.76 71.86 0.92
CA PRO R 296 16.07 71.89 -0.51
C PRO R 296 14.91 71.73 -1.49
N THR R 297 13.66 71.56 -1.02
CA THR R 297 12.53 71.37 -1.92
C THR R 297 11.73 72.67 -2.08
N VAL R 298 10.94 72.77 -3.16
CA VAL R 298 10.06 73.92 -3.39
C VAL R 298 8.99 73.94 -2.28
N ASN R 299 8.47 72.76 -1.92
CA ASN R 299 7.46 72.58 -0.87
C ASN R 299 7.95 72.98 0.53
N SER R 300 9.27 72.93 0.79
CA SER R 300 9.82 73.32 2.08
C SER R 300 9.48 74.76 2.46
N TYR R 301 9.36 75.64 1.46
CA TYR R 301 9.04 77.06 1.70
C TYR R 301 7.52 77.34 1.80
N LYS R 302 6.69 76.28 1.91
CA LYS R 302 5.26 76.35 2.22
C LYS R 302 5.07 76.06 3.73
N ARG R 303 5.98 75.27 4.36
CA ARG R 303 6.02 75.05 5.81
C ARG R 303 6.83 76.23 6.37
N LEU R 304 8.10 76.37 5.93
CA LEU R 304 9.02 77.43 6.34
C LEU R 304 8.70 78.68 5.51
N VAL R 305 7.49 79.22 5.72
CA VAL R 305 6.97 80.36 4.96
C VAL R 305 7.09 81.71 5.71
N PRO R 306 7.88 82.70 5.21
CA PRO R 306 7.95 83.99 5.93
C PRO R 306 6.60 84.71 6.02
N GLY R 307 6.44 85.56 7.03
CA GLY R 307 5.20 86.28 7.25
C GLY R 307 4.11 85.47 7.94
N TYR R 308 4.31 84.14 8.09
CA TYR R 308 3.36 83.23 8.74
C TYR R 308 4.06 82.39 9.82
N GLU R 309 3.27 81.84 10.75
CA GLU R 309 3.76 81.04 11.89
C GLU R 309 4.68 79.90 11.44
N ALA R 310 6.01 80.09 11.61
CA ALA R 310 7.04 79.12 11.22
C ALA R 310 8.41 79.50 11.84
N PRO R 311 9.42 78.60 11.88
CA PRO R 311 10.74 79.00 12.43
C PRO R 311 11.56 79.72 11.35
N VAL R 312 11.04 80.88 10.93
CA VAL R 312 11.56 81.75 9.88
C VAL R 312 12.35 82.94 10.43
N ASN R 313 12.08 83.37 11.66
CA ASN R 313 12.72 84.52 12.25
C ASN R 313 14.14 84.18 12.70
N ILE R 314 15.14 84.85 12.09
CA ILE R 314 16.56 84.63 12.39
C ILE R 314 16.90 85.26 13.75
N ALA R 315 16.72 84.47 14.82
CA ALA R 315 17.00 84.86 16.21
C ALA R 315 17.03 83.63 17.13
N TRP R 316 17.63 83.74 18.32
CA TRP R 316 17.68 82.63 19.29
C TRP R 316 16.90 83.00 20.56
N ALA R 317 16.42 81.98 21.32
CA ALA R 317 15.66 82.21 22.55
C ALA R 317 15.60 80.96 23.43
N ASN R 318 15.40 81.14 24.74
CA ASN R 318 15.33 80.03 25.69
C ASN R 318 13.90 79.52 25.86
N SER R 319 13.64 78.24 25.54
CA SER R 319 12.33 77.59 25.67
C SER R 319 11.22 78.34 24.93
N ASN R 320 11.52 78.82 23.71
CA ASN R 320 10.58 79.56 22.85
C ASN R 320 10.64 78.92 21.45
N ARG R 321 9.52 78.34 20.99
CA ARG R 321 9.43 77.68 19.69
C ARG R 321 9.09 78.63 18.51
N SER R 322 9.03 79.96 18.74
CA SER R 322 8.73 80.92 17.68
C SER R 322 9.99 81.35 16.89
N ALA R 323 11.18 81.27 17.52
CA ALA R 323 12.46 81.64 16.91
C ALA R 323 13.09 80.47 16.09
N ILE R 324 14.10 80.75 15.25
CA ILE R 324 14.77 79.72 14.45
C ILE R 324 15.56 78.76 15.36
N ILE R 325 16.16 79.28 16.45
CA ILE R 325 16.90 78.47 17.44
C ILE R 325 16.18 78.55 18.79
N ARG R 326 16.14 77.42 19.50
CA ARG R 326 15.54 77.31 20.83
C ARG R 326 16.56 76.57 21.70
N VAL R 327 16.88 77.10 22.88
CA VAL R 327 17.82 76.46 23.81
C VAL R 327 17.00 75.67 24.82
N PRO R 328 16.93 74.32 24.74
CA PRO R 328 16.13 73.56 25.73
C PRO R 328 16.60 73.80 27.15
N ALA R 329 15.67 73.72 28.12
CA ALA R 329 15.98 73.97 29.52
C ALA R 329 16.94 72.97 30.18
N ALA R 330 17.21 71.81 29.57
CA ALA R 330 18.13 70.82 30.14
C ALA R 330 19.55 71.38 30.17
N ARG R 331 20.24 71.22 31.32
CA ARG R 331 21.61 71.73 31.51
C ARG R 331 22.58 70.64 32.00
N GLY R 332 23.87 70.95 31.90
CA GLY R 332 24.95 70.04 32.26
C GLY R 332 25.51 69.42 31.00
N LYS R 333 25.37 68.10 30.85
CA LYS R 333 25.81 67.42 29.64
C LYS R 333 24.82 67.69 28.50
N GLY R 334 23.53 67.67 28.81
CA GLY R 334 22.47 67.92 27.84
C GLY R 334 22.27 69.36 27.39
N THR R 335 23.25 70.25 27.63
CA THR R 335 23.14 71.64 27.19
C THR R 335 23.30 71.62 25.66
N ARG R 336 22.34 72.19 24.94
CA ARG R 336 22.33 72.14 23.48
C ARG R 336 21.52 73.30 22.86
N ILE R 337 21.52 73.40 21.52
CA ILE R 337 20.75 74.37 20.76
C ILE R 337 19.93 73.61 19.70
N GLU R 338 18.66 73.99 19.51
CA GLU R 338 17.77 73.32 18.57
C GLU R 338 17.55 74.18 17.33
N PHE R 339 18.16 73.79 16.19
CA PHE R 339 17.96 74.49 14.93
C PHE R 339 16.65 73.94 14.35
N ARG R 340 15.57 74.74 14.42
CA ARG R 340 14.22 74.33 14.03
C ARG R 340 13.89 74.46 12.53
N ALA R 341 14.73 75.12 11.74
CA ALA R 341 14.46 75.32 10.31
C ALA R 341 14.42 74.05 9.44
N PRO R 342 15.27 73.01 9.67
CA PRO R 342 15.25 71.85 8.77
C PRO R 342 13.98 71.02 8.75
N ASP R 343 13.78 70.29 7.64
CA ASP R 343 12.68 69.35 7.42
C ASP R 343 13.29 68.02 6.95
N PRO R 344 12.60 66.87 7.10
CA PRO R 344 13.23 65.60 6.71
C PRO R 344 13.50 65.40 5.20
N SER R 345 13.24 66.40 4.35
CA SER R 345 13.51 66.31 2.92
C SER R 345 15.00 66.55 2.57
N CYS R 346 15.81 67.05 3.53
CA CYS R 346 17.22 67.35 3.29
C CYS R 346 18.15 66.14 3.42
N ASN R 347 19.33 66.23 2.79
CA ASN R 347 20.35 65.19 2.88
C ASN R 347 20.99 65.38 4.26
N PRO R 348 20.92 64.40 5.19
CA PRO R 348 21.51 64.62 6.52
C PRO R 348 23.02 64.85 6.51
N TYR R 349 23.76 64.20 5.61
CA TYR R 349 25.21 64.37 5.54
C TYR R 349 25.60 65.81 5.21
N LEU R 350 24.87 66.44 4.27
CA LEU R 350 25.15 67.83 3.88
C LEU R 350 24.55 68.82 4.90
N ALA R 351 23.42 68.47 5.53
CA ALA R 351 22.79 69.33 6.55
C ALA R 351 23.68 69.49 7.77
N PHE R 352 24.30 68.40 8.25
CA PHE R 352 25.19 68.47 9.42
C PHE R 352 26.53 69.14 9.06
N THR R 353 26.97 69.03 7.78
CA THR R 353 28.20 69.66 7.32
C THR R 353 28.06 71.20 7.35
N VAL R 354 26.98 71.74 6.74
CA VAL R 354 26.77 73.20 6.71
C VAL R 354 26.48 73.78 8.10
N MET R 355 25.79 73.02 8.97
CA MET R 355 25.51 73.49 10.33
C MET R 355 26.82 73.55 11.11
N LEU R 356 27.68 72.52 11.01
CA LEU R 356 28.96 72.53 11.72
C LEU R 356 29.90 73.60 11.16
N ALA R 357 29.91 73.81 9.83
CA ALA R 357 30.79 74.83 9.23
C ALA R 357 30.41 76.26 9.62
N ALA R 358 29.11 76.59 9.60
CA ALA R 358 28.67 77.93 9.99
C ALA R 358 28.87 78.13 11.48
N GLY R 359 28.58 77.11 12.28
CA GLY R 359 28.77 77.17 13.73
C GLY R 359 30.22 77.33 14.12
N LEU R 360 31.14 76.58 13.47
CA LEU R 360 32.57 76.70 13.74
C LEU R 360 33.12 78.02 13.22
N ASP R 361 32.52 78.62 12.18
CA ASP R 361 32.94 79.95 11.71
C ASP R 361 32.77 81.00 12.84
N GLY R 362 31.71 80.86 13.62
CA GLY R 362 31.45 81.73 14.76
C GLY R 362 32.42 81.49 15.92
N VAL R 363 32.80 80.23 16.16
CA VAL R 363 33.73 79.87 17.24
C VAL R 363 35.16 80.34 16.88
N LYS R 364 35.60 80.12 15.63
CA LYS R 364 36.93 80.52 15.18
C LYS R 364 37.11 82.04 15.24
N ASN R 365 36.14 82.80 14.72
CA ASN R 365 36.19 84.27 14.73
C ASN R 365 35.69 84.90 16.04
N LYS R 366 35.08 84.11 16.96
CA LYS R 366 34.55 84.59 18.23
C LYS R 366 33.49 85.68 17.98
N LEU R 367 32.48 85.36 17.16
CA LEU R 367 31.42 86.30 16.80
C LEU R 367 30.43 86.51 17.94
N ASP R 368 29.91 87.74 18.06
CA ASP R 368 28.99 88.13 19.12
C ASP R 368 27.56 87.79 18.74
N ALA R 369 26.87 87.00 19.58
CA ALA R 369 25.48 86.62 19.33
C ALA R 369 24.53 87.72 19.79
N PRO R 370 23.34 87.85 19.18
CA PRO R 370 22.38 88.86 19.65
C PRO R 370 21.64 88.42 20.93
N GLU R 371 20.87 89.32 21.53
CA GLU R 371 20.14 89.01 22.76
C GLU R 371 18.99 88.04 22.48
N PRO R 372 18.60 87.19 23.45
CA PRO R 372 17.52 86.24 23.20
C PRO R 372 16.15 86.91 23.19
N VAL R 373 15.33 86.60 22.18
CA VAL R 373 13.99 87.18 22.04
C VAL R 373 12.99 86.30 22.80
N GLU R 374 12.89 86.50 24.12
CA GLU R 374 11.99 85.72 24.96
C GLU R 374 10.51 85.93 24.59
N ARG R 375 10.16 87.09 24.00
CA ARG R 375 8.81 87.39 23.54
C ARG R 375 8.41 86.50 22.35
N ASN R 376 7.09 86.33 22.14
CA ASN R 376 6.59 85.59 20.99
C ASN R 376 6.83 86.47 19.76
N ILE R 377 7.56 85.96 18.77
CA ILE R 377 7.92 86.74 17.58
C ILE R 377 6.77 86.80 16.57
N PHE R 378 5.84 85.84 16.58
CA PHE R 378 4.70 85.85 15.64
C PHE R 378 3.76 87.01 15.97
N ALA R 379 3.56 87.31 17.25
CA ALA R 379 2.71 88.43 17.68
C ALA R 379 3.29 89.81 17.33
N MET R 380 4.60 89.90 17.02
CA MET R 380 5.25 91.17 16.69
C MET R 380 4.90 91.62 15.27
N SER R 381 4.88 92.94 15.06
CA SER R 381 4.62 93.54 13.74
C SER R 381 5.93 93.65 12.95
N GLU R 382 5.83 93.73 11.61
CA GLU R 382 7.02 93.84 10.75
C GLU R 382 7.86 95.08 11.03
N ALA R 383 7.25 96.20 11.42
CA ALA R 383 7.98 97.42 11.75
C ALA R 383 8.77 97.24 13.07
N GLU R 384 8.18 96.50 14.04
CA GLU R 384 8.83 96.23 15.33
C GLU R 384 10.00 95.26 15.13
N LYS R 385 9.80 94.18 14.34
CA LYS R 385 10.85 93.21 14.04
C LYS R 385 12.02 93.84 13.26
N LYS R 386 11.74 94.85 12.44
CA LYS R 386 12.77 95.55 11.66
C LYS R 386 13.63 96.43 12.58
N GLU R 387 13.03 97.04 13.61
CA GLU R 387 13.75 97.87 14.57
C GLU R 387 14.73 96.99 15.38
N LEU R 388 14.25 95.84 15.87
CA LEU R 388 15.08 94.90 16.63
C LEU R 388 16.19 94.26 15.77
N GLY R 389 15.94 94.12 14.46
CA GLY R 389 16.89 93.53 13.53
C GLY R 389 16.69 92.05 13.32
N ILE R 390 15.44 91.56 13.47
CA ILE R 390 15.12 90.15 13.30
C ILE R 390 14.79 89.88 11.83
N GLU R 391 15.80 89.52 11.03
CA GLU R 391 15.61 89.22 9.61
C GLU R 391 14.91 87.86 9.42
N SER R 392 14.33 87.61 8.23
CA SER R 392 13.63 86.36 7.95
C SER R 392 14.35 85.52 6.89
N VAL R 393 14.18 84.19 6.96
CA VAL R 393 14.80 83.26 6.01
C VAL R 393 14.14 83.39 4.63
N PRO R 394 14.85 83.11 3.52
CA PRO R 394 14.23 83.27 2.18
C PRO R 394 12.83 82.69 2.01
N ALA R 395 12.01 83.35 1.18
CA ALA R 395 10.62 82.95 0.93
C ALA R 395 10.45 81.80 -0.06
N ASN R 396 11.49 81.46 -0.86
CA ASN R 396 11.38 80.38 -1.84
C ASN R 396 12.74 79.67 -2.08
N LEU R 397 12.73 78.57 -2.85
CA LEU R 397 13.93 77.79 -3.11
C LEU R 397 14.99 78.59 -3.87
N LYS R 398 14.60 79.30 -4.94
CA LYS R 398 15.55 80.10 -5.72
C LYS R 398 16.17 81.20 -4.89
N ALA R 399 15.39 81.82 -3.98
CA ALA R 399 15.92 82.86 -3.12
C ALA R 399 17.00 82.30 -2.18
N ALA R 400 16.86 81.05 -1.73
CA ALA R 400 17.85 80.41 -0.87
C ALA R 400 19.07 79.94 -1.66
N LEU R 401 18.90 79.49 -2.92
CA LEU R 401 20.02 79.04 -3.75
C LEU R 401 20.98 80.20 -4.05
N ASP R 402 20.44 81.41 -4.29
CA ASP R 402 21.26 82.59 -4.55
C ASP R 402 22.08 82.95 -3.31
N GLU R 403 21.52 82.78 -2.10
CA GLU R 403 22.21 83.04 -0.85
C GLU R 403 23.33 82.02 -0.64
N LEU R 404 23.07 80.74 -0.97
CA LEU R 404 24.07 79.68 -0.87
C LEU R 404 25.21 79.91 -1.84
N GLU R 405 24.88 80.36 -3.07
CA GLU R 405 25.88 80.62 -4.11
C GLU R 405 26.87 81.70 -3.67
N ASN R 406 26.38 82.80 -3.07
CA ASN R 406 27.24 83.89 -2.61
C ASN R 406 27.96 83.60 -1.28
N ASN R 407 27.61 82.49 -0.59
CA ASN R 407 28.24 82.13 0.68
C ASN R 407 29.51 81.31 0.43
N ASP R 408 30.66 81.80 0.90
CA ASP R 408 31.95 81.13 0.73
C ASP R 408 32.23 80.10 1.84
N VAL R 409 31.61 80.25 3.03
CA VAL R 409 31.84 79.33 4.14
C VAL R 409 31.27 77.96 3.81
N LEU R 410 30.03 77.91 3.29
CA LEU R 410 29.39 76.66 2.92
C LEU R 410 29.94 76.08 1.61
N LYS R 411 30.42 76.93 0.70
CA LYS R 411 31.02 76.48 -0.56
C LYS R 411 32.26 75.62 -0.28
N ASN R 412 33.12 76.07 0.65
CA ASN R 412 34.34 75.36 1.03
C ASN R 412 34.03 74.05 1.79
N ALA R 413 33.02 74.06 2.68
CA ALA R 413 32.66 72.89 3.46
C ALA R 413 32.09 71.78 2.57
N LEU R 414 31.23 72.13 1.60
CA LEU R 414 30.63 71.15 0.69
C LEU R 414 31.60 70.74 -0.44
N GLY R 415 32.49 71.64 -0.85
CA GLY R 415 33.44 71.39 -1.91
C GLY R 415 32.87 71.77 -3.27
N LYS R 416 33.76 72.10 -4.23
CA LYS R 416 33.35 72.52 -5.57
C LYS R 416 32.39 71.55 -6.25
N HIS R 417 32.57 70.24 -6.07
CA HIS R 417 31.73 69.24 -6.72
C HIS R 417 30.30 69.24 -6.17
N ILE R 418 30.13 69.20 -4.84
CA ILE R 418 28.80 69.16 -4.24
C ILE R 418 28.11 70.52 -4.38
N PHE R 419 28.82 71.62 -4.09
CA PHE R 419 28.28 72.97 -4.18
C PHE R 419 27.71 73.28 -5.59
N GLU R 420 28.50 73.04 -6.65
CA GLU R 420 28.06 73.34 -8.02
C GLU R 420 26.97 72.39 -8.51
N SER R 421 27.09 71.08 -8.25
CA SER R 421 26.09 70.11 -8.71
C SER R 421 24.75 70.32 -7.99
N PHE R 422 24.79 70.64 -6.69
CA PHE R 422 23.55 70.90 -5.94
C PHE R 422 22.81 72.11 -6.52
N LEU R 423 23.53 73.23 -6.75
CA LEU R 423 22.92 74.43 -7.32
C LEU R 423 22.35 74.15 -8.71
N GLU R 424 23.09 73.40 -9.55
CA GLU R 424 22.66 73.06 -10.90
C GLU R 424 21.40 72.19 -10.90
N ILE R 425 21.34 71.19 -10.02
CA ILE R 425 20.18 70.28 -9.92
C ILE R 425 18.97 71.04 -9.38
N LYS R 426 19.16 71.84 -8.33
CA LYS R 426 18.06 72.59 -7.73
C LYS R 426 17.56 73.75 -8.60
N ASN R 427 18.42 74.33 -9.48
CA ASN R 427 17.97 75.39 -10.38
C ASN R 427 17.08 74.79 -11.48
N ALA R 428 17.42 73.59 -11.97
CA ALA R 428 16.59 72.90 -12.96
C ALA R 428 15.24 72.50 -12.33
N GLU R 429 15.25 72.12 -11.04
CA GLU R 429 14.05 71.75 -10.28
C GLU R 429 13.17 72.99 -10.08
N TRP R 430 13.79 74.16 -9.78
CA TRP R 430 13.07 75.42 -9.61
C TRP R 430 12.48 75.88 -10.95
N ASP R 431 13.25 75.77 -12.04
CA ASP R 431 12.76 76.16 -13.37
C ASP R 431 11.57 75.32 -13.79
N SER R 432 11.54 74.03 -13.43
CA SER R 432 10.40 73.17 -13.73
C SER R 432 9.14 73.64 -12.99
N PHE R 433 9.31 74.14 -11.76
CA PHE R 433 8.20 74.63 -10.93
C PHE R 433 7.64 75.96 -11.45
N ARG R 434 8.51 76.95 -11.73
CA ARG R 434 8.06 78.27 -12.18
C ARG R 434 7.44 78.28 -13.59
N THR R 435 7.72 77.27 -14.42
CA THR R 435 7.15 77.18 -15.77
C THR R 435 5.83 76.40 -15.78
N SER R 436 5.64 75.45 -14.86
CA SER R 436 4.43 74.64 -14.81
C SER R 436 3.20 75.44 -14.38
N VAL R 437 2.05 75.15 -15.03
CA VAL R 437 0.77 75.79 -14.70
C VAL R 437 0.17 74.98 -13.55
N THR R 438 0.07 75.59 -12.36
CA THR R 438 -0.42 74.91 -11.16
C THR R 438 -1.95 74.89 -11.06
N ASP R 439 -2.47 74.00 -10.20
CA ASP R 439 -3.91 73.87 -9.94
C ASP R 439 -4.48 75.13 -9.29
N TRP R 440 -3.67 75.86 -8.48
CA TRP R 440 -4.10 77.10 -7.85
C TRP R 440 -4.41 78.14 -8.93
N GLU R 441 -3.51 78.28 -9.92
CA GLU R 441 -3.68 79.22 -11.03
C GLU R 441 -4.93 78.90 -11.84
N THR R 442 -5.16 77.61 -12.13
CA THR R 442 -6.33 77.19 -12.88
C THR R 442 -7.61 77.54 -12.12
N THR R 443 -7.62 77.33 -10.80
CA THR R 443 -8.78 77.66 -9.98
C THR R 443 -9.05 79.17 -9.94
N ALA R 444 -7.98 79.97 -9.77
CA ALA R 444 -8.09 81.41 -9.66
C ALA R 444 -8.27 82.20 -10.96
N TYR R 445 -7.71 81.73 -12.09
CA TYR R 445 -7.73 82.51 -13.34
C TYR R 445 -8.49 81.90 -14.52
N LEU R 446 -9.00 80.67 -14.46
CA LEU R 446 -9.75 80.12 -15.60
C LEU R 446 -11.05 80.90 -15.84
N LYS R 447 -11.66 81.43 -14.76
CA LYS R 447 -12.88 82.23 -14.84
C LYS R 447 -12.69 83.57 -15.56
N ILE R 448 -11.47 84.13 -15.57
CA ILE R 448 -11.23 85.45 -16.20
C ILE R 448 -11.18 85.36 -17.74
N SER S 2 -33.62 -5.64 16.31
CA SER S 2 -34.82 -6.48 16.34
C SER S 2 -35.40 -6.61 17.76
N THR S 3 -34.55 -6.86 18.78
CA THR S 3 -34.97 -6.96 20.18
C THR S 3 -34.69 -5.63 20.89
N VAL S 4 -35.49 -5.28 21.92
CA VAL S 4 -35.37 -4.02 22.66
C VAL S 4 -33.96 -3.86 23.23
N GLU S 5 -33.42 -4.91 23.84
CA GLU S 5 -32.09 -4.90 24.44
C GLU S 5 -31.00 -4.61 23.41
N GLN S 6 -31.13 -5.11 22.16
CA GLN S 6 -30.14 -4.86 21.11
C GLN S 6 -30.06 -3.38 20.76
N VAL S 7 -31.22 -2.69 20.71
CA VAL S 7 -31.26 -1.27 20.39
C VAL S 7 -30.67 -0.44 21.54
N LEU S 8 -31.07 -0.74 22.77
CA LEU S 8 -30.59 0.00 23.94
C LEU S 8 -29.08 -0.16 24.17
N GLU S 9 -28.51 -1.35 23.87
CA GLU S 9 -27.06 -1.54 24.00
C GLU S 9 -26.31 -0.71 22.95
N TYR S 10 -26.89 -0.51 21.76
CA TYR S 10 -26.29 0.32 20.71
C TYR S 10 -26.32 1.79 21.17
N VAL S 11 -27.47 2.24 21.69
CA VAL S 11 -27.64 3.61 22.17
C VAL S 11 -26.70 3.94 23.35
N LYS S 12 -26.59 3.01 24.31
CA LYS S 12 -25.77 3.20 25.52
C LYS S 12 -24.29 3.53 25.23
N SER S 13 -23.70 2.93 24.18
CA SER S 13 -22.29 3.11 23.86
C SER S 13 -22.00 4.06 22.68
N ASN S 14 -22.72 3.91 21.56
CA ASN S 14 -22.49 4.74 20.37
C ASN S 14 -22.82 6.23 20.55
N ASN S 15 -23.30 6.64 21.74
CA ASN S 15 -23.61 8.03 22.03
C ASN S 15 -24.76 8.51 21.17
N VAL S 16 -25.80 7.67 20.99
CA VAL S 16 -26.96 8.05 20.18
C VAL S 16 -27.76 9.06 21.00
N LYS S 17 -28.09 10.22 20.42
CA LYS S 17 -28.79 11.28 21.15
C LYS S 17 -30.24 11.51 20.70
N PHE S 18 -30.59 11.19 19.45
CA PHE S 18 -31.96 11.40 18.97
C PHE S 18 -32.53 10.15 18.33
N MET S 19 -33.84 9.92 18.53
CA MET S 19 -34.57 8.77 17.97
C MET S 19 -35.74 9.31 17.14
N ARG S 20 -35.66 9.13 15.80
CA ARG S 20 -36.69 9.58 14.87
C ARG S 20 -37.72 8.47 14.73
N PHE S 21 -39.00 8.77 15.00
CA PHE S 21 -40.07 7.78 14.85
C PHE S 21 -40.69 8.05 13.50
N GLN S 22 -40.21 7.36 12.46
CA GLN S 22 -40.63 7.58 11.09
C GLN S 22 -41.83 6.74 10.65
N PHE S 23 -42.63 7.29 9.74
CA PHE S 23 -43.80 6.65 9.14
C PHE S 23 -44.13 7.35 7.77
N VAL S 24 -45.23 6.99 7.09
CA VAL S 24 -45.56 7.61 5.80
C VAL S 24 -47.03 8.01 5.74
N ASP S 25 -47.33 9.12 5.05
CA ASP S 25 -48.72 9.55 4.85
C ASP S 25 -49.34 8.71 3.69
N ILE S 26 -50.61 8.96 3.32
CA ILE S 26 -51.27 8.19 2.25
C ILE S 26 -50.51 8.27 0.91
N LEU S 27 -49.95 9.44 0.57
CA LEU S 27 -49.22 9.61 -0.69
C LEU S 27 -47.78 9.06 -0.68
N GLY S 28 -47.33 8.50 0.44
CA GLY S 28 -45.99 7.96 0.56
C GLY S 28 -44.92 8.95 1.00
N VAL S 29 -45.32 10.15 1.46
CA VAL S 29 -44.39 11.17 1.93
C VAL S 29 -43.96 10.77 3.34
N PRO S 30 -42.65 10.65 3.64
CA PRO S 30 -42.26 10.27 5.00
C PRO S 30 -42.51 11.39 6.01
N LYS S 31 -42.88 11.02 7.25
CA LYS S 31 -43.17 11.92 8.35
C LYS S 31 -42.50 11.36 9.62
N ASN S 32 -41.94 12.21 10.50
CA ASN S 32 -41.28 11.74 11.71
C ASN S 32 -41.22 12.78 12.83
N VAL S 33 -40.95 12.32 14.05
CA VAL S 33 -40.80 13.16 15.24
C VAL S 33 -39.55 12.72 15.99
N ALA S 34 -38.71 13.67 16.40
CA ALA S 34 -37.47 13.33 17.10
C ALA S 34 -37.67 13.31 18.61
N PHE S 35 -37.13 12.28 19.28
CA PHE S 35 -37.20 12.11 20.72
C PHE S 35 -35.77 12.19 21.26
N PRO S 36 -35.46 13.13 22.16
CA PRO S 36 -34.09 13.19 22.71
C PRO S 36 -33.84 12.18 23.82
N ILE S 37 -32.76 11.41 23.71
CA ILE S 37 -32.38 10.40 24.69
C ILE S 37 -31.56 11.07 25.77
N LYS S 38 -31.90 10.85 27.04
CA LYS S 38 -31.13 11.44 28.14
C LYS S 38 -29.96 10.53 28.54
N ALA S 39 -28.96 11.09 29.21
CA ALA S 39 -27.78 10.34 29.64
C ALA S 39 -28.09 9.42 30.83
N GLY S 40 -27.26 8.38 31.00
CA GLY S 40 -27.40 7.43 32.09
C GLY S 40 -28.53 6.45 31.93
N GLU S 41 -28.73 5.59 32.95
CA GLU S 41 -29.79 4.58 32.94
C GLU S 41 -31.18 5.19 32.89
N LYS S 42 -31.40 6.37 33.50
CA LYS S 42 -32.70 7.04 33.50
C LYS S 42 -33.17 7.37 32.06
N GLY S 43 -32.23 7.78 31.22
CA GLY S 43 -32.54 8.07 29.82
C GLY S 43 -32.80 6.83 29.01
N ILE S 44 -32.13 5.72 29.35
CA ILE S 44 -32.28 4.42 28.70
C ILE S 44 -33.63 3.78 29.06
N GLU S 45 -34.05 3.91 30.34
CA GLU S 45 -35.34 3.39 30.77
C GLU S 45 -36.48 4.25 30.21
N GLU S 46 -36.24 5.56 29.98
CA GLU S 46 -37.24 6.44 29.37
C GLU S 46 -37.39 6.00 27.90
N LEU S 47 -36.27 5.78 27.19
CA LEU S 47 -36.29 5.32 25.80
C LEU S 47 -36.94 3.95 25.67
N ARG S 48 -36.73 3.04 26.64
CA ARG S 48 -37.34 1.70 26.60
C ARG S 48 -38.86 1.80 26.62
N ASP S 49 -39.40 2.70 27.47
CA ASP S 49 -40.85 2.88 27.56
C ASP S 49 -41.41 3.42 26.25
N VAL S 50 -40.74 4.40 25.63
CA VAL S 50 -41.19 4.98 24.37
C VAL S 50 -41.03 3.98 23.21
N LEU S 51 -40.02 3.09 23.26
CA LEU S 51 -39.83 2.08 22.21
C LEU S 51 -40.87 0.97 22.31
N GLU S 52 -41.28 0.57 23.54
CA GLU S 52 -42.25 -0.50 23.76
C GLU S 52 -43.71 -0.03 23.61
N ASN S 53 -44.08 1.08 24.27
CA ASN S 53 -45.44 1.63 24.26
C ASN S 53 -45.72 2.64 23.13
N GLY S 54 -44.68 3.16 22.49
CA GLY S 54 -44.84 4.14 21.42
C GLY S 54 -45.11 5.54 21.92
N LEU S 55 -45.56 6.43 21.03
CA LEU S 55 -45.86 7.82 21.37
C LEU S 55 -47.03 8.38 20.55
N TYR S 56 -47.68 9.41 21.08
CA TYR S 56 -48.86 10.04 20.47
C TYR S 56 -48.50 11.11 19.45
N PHE S 57 -49.46 11.44 18.55
CA PHE S 57 -49.27 12.48 17.54
C PHE S 57 -50.62 12.93 16.96
N ASP S 58 -50.67 14.15 16.41
CA ASP S 58 -51.89 14.70 15.80
C ASP S 58 -52.09 14.07 14.42
N GLY S 59 -53.11 13.23 14.28
CA GLY S 59 -53.42 12.55 13.03
C GLY S 59 -54.14 13.40 12.01
N SER S 60 -54.82 14.49 12.43
CA SER S 60 -55.55 15.35 11.50
C SER S 60 -54.62 16.11 10.56
N SER S 61 -53.42 16.45 11.02
CA SER S 61 -52.44 17.17 10.20
C SER S 61 -51.80 16.25 9.14
N ILE S 62 -51.74 14.94 9.36
CA ILE S 62 -51.19 13.99 8.38
C ILE S 62 -52.21 13.76 7.27
N GLU S 63 -51.75 13.66 6.01
CA GLU S 63 -52.65 13.49 4.87
C GLU S 63 -53.28 12.11 4.79
N GLY S 64 -54.59 12.07 4.60
CA GLY S 64 -55.37 10.85 4.47
C GLY S 64 -55.40 9.97 5.71
N PHE S 65 -55.41 10.59 6.90
CA PHE S 65 -55.42 9.85 8.16
C PHE S 65 -56.79 10.01 8.87
N VAL S 66 -56.97 10.96 9.81
CA VAL S 66 -58.21 11.11 10.56
C VAL S 66 -58.68 12.56 10.61
N GLY S 67 -59.95 12.76 10.99
CA GLY S 67 -60.52 14.09 11.12
C GLY S 67 -60.04 14.81 12.37
N ILE S 68 -60.38 16.09 12.50
CA ILE S 68 -59.98 16.89 13.65
C ILE S 68 -60.72 16.46 14.93
N ASN S 69 -61.97 15.99 14.81
CA ASN S 69 -62.75 15.54 15.97
C ASN S 69 -62.32 14.18 16.56
N GLU S 70 -61.38 13.46 15.91
CA GLU S 70 -60.88 12.15 16.35
C GLU S 70 -59.39 12.05 15.98
N SER S 71 -58.62 13.10 16.30
CA SER S 71 -57.22 13.23 15.91
C SER S 71 -56.18 12.43 16.71
N ASP S 72 -56.47 12.05 17.97
CA ASP S 72 -55.49 11.33 18.81
C ASP S 72 -55.09 9.94 18.26
N MET S 73 -53.81 9.76 17.90
CA MET S 73 -53.25 8.52 17.34
C MET S 73 -51.90 8.14 18.00
N MET S 74 -51.33 6.95 17.66
CA MET S 74 -50.07 6.47 18.23
C MET S 74 -49.16 5.83 17.16
N LEU S 75 -47.85 5.69 17.48
CA LEU S 75 -46.85 5.07 16.61
C LEU S 75 -46.16 3.92 17.35
N LYS S 76 -46.37 2.67 16.91
CA LYS S 76 -45.74 1.48 17.52
C LYS S 76 -44.48 1.09 16.72
N PRO S 77 -43.25 1.30 17.26
CA PRO S 77 -42.05 0.99 16.46
C PRO S 77 -41.78 -0.46 16.08
N ASP S 78 -41.33 -0.68 14.83
CA ASP S 78 -40.91 -1.99 14.35
C ASP S 78 -39.40 -1.97 14.53
N LEU S 79 -38.91 -2.54 15.64
CA LEU S 79 -37.50 -2.51 16.04
C LEU S 79 -36.51 -3.12 15.04
N SER S 80 -36.96 -4.03 14.16
CA SER S 80 -36.08 -4.62 13.16
C SER S 80 -35.57 -3.58 12.12
N THR S 81 -36.29 -2.44 11.97
CA THR S 81 -35.93 -1.37 11.04
C THR S 81 -35.04 -0.29 11.66
N PHE S 82 -34.34 -0.60 12.77
CA PHE S 82 -33.47 0.39 13.42
C PHE S 82 -32.27 0.70 12.52
N SER S 83 -31.84 1.96 12.47
CA SER S 83 -30.71 2.37 11.64
C SER S 83 -30.14 3.73 12.10
N VAL S 84 -28.91 4.05 11.66
CA VAL S 84 -28.25 5.32 11.98
C VAL S 84 -28.23 6.17 10.73
N LEU S 85 -28.67 7.44 10.82
CA LEU S 85 -28.68 8.32 9.67
C LEU S 85 -27.24 8.78 9.40
N PRO S 86 -26.67 8.42 8.22
CA PRO S 86 -25.27 8.79 7.96
C PRO S 86 -25.05 10.27 7.70
N TRP S 87 -26.02 10.93 7.04
CA TRP S 87 -25.89 12.37 6.76
C TRP S 87 -25.90 13.23 8.04
N ARG S 88 -26.45 12.72 9.15
CA ARG S 88 -26.45 13.44 10.44
C ARG S 88 -25.08 13.27 11.15
N PRO S 89 -24.77 14.05 12.22
CA PRO S 89 -23.45 13.91 12.86
C PRO S 89 -23.17 12.55 13.49
N SER S 90 -21.88 12.20 13.59
CA SER S 90 -21.44 10.93 14.16
C SER S 90 -21.40 11.03 15.69
N GLU S 91 -20.85 12.13 16.24
CA GLU S 91 -20.80 12.34 17.68
C GLU S 91 -22.19 12.84 18.08
N LYS S 92 -22.85 12.16 19.05
CA LYS S 92 -24.23 12.45 19.44
C LYS S 92 -25.14 12.15 18.24
N SER S 93 -24.95 10.95 17.67
CA SER S 93 -25.62 10.47 16.45
C SER S 93 -27.14 10.44 16.51
N VAL S 94 -27.78 10.47 15.34
CA VAL S 94 -29.23 10.43 15.20
C VAL S 94 -29.64 9.08 14.62
N ALA S 95 -30.51 8.33 15.33
CA ALA S 95 -31.00 7.03 14.90
C ALA S 95 -32.48 7.08 14.54
N ARG S 96 -32.96 6.15 13.71
CA ARG S 96 -34.35 6.10 13.27
C ARG S 96 -34.99 4.75 13.53
N VAL S 97 -36.33 4.71 13.59
CA VAL S 97 -37.08 3.47 13.74
C VAL S 97 -38.44 3.63 13.02
N ILE S 98 -38.67 2.84 11.96
CA ILE S 98 -39.92 2.91 11.21
C ILE S 98 -41.04 2.30 12.06
N CYS S 99 -42.21 2.94 12.10
CA CYS S 99 -43.32 2.55 12.96
C CYS S 99 -44.60 2.24 12.20
N ASP S 100 -45.55 1.58 12.90
CA ASP S 100 -46.88 1.27 12.41
C ASP S 100 -47.84 2.21 13.13
N VAL S 101 -48.71 2.90 12.38
CA VAL S 101 -49.67 3.83 12.95
C VAL S 101 -50.79 3.01 13.59
N TYR S 102 -51.11 3.29 14.87
CA TYR S 102 -52.13 2.60 15.65
C TYR S 102 -53.14 3.60 16.22
N THR S 103 -54.38 3.15 16.43
CA THR S 103 -55.44 3.97 17.00
C THR S 103 -55.24 4.12 18.53
N THR S 104 -55.99 5.04 19.14
CA THR S 104 -55.93 5.30 20.57
C THR S 104 -56.18 4.03 21.41
N LYS S 105 -57.05 3.13 20.92
CA LYS S 105 -57.35 1.85 21.59
C LYS S 105 -56.26 0.76 21.40
N GLY S 106 -55.12 1.11 20.80
CA GLY S 106 -54.03 0.17 20.57
C GLY S 106 -54.28 -0.87 19.49
N LYS S 107 -55.10 -0.52 18.49
CA LYS S 107 -55.45 -1.39 17.37
C LYS S 107 -54.81 -0.83 16.08
N PRO S 108 -54.24 -1.64 15.15
CA PRO S 108 -53.62 -1.05 13.95
C PRO S 108 -54.55 -0.14 13.16
N PHE S 109 -54.07 1.05 12.75
CA PHE S 109 -54.89 2.00 12.01
C PHE S 109 -55.20 1.50 10.61
N GLU S 110 -56.49 1.48 10.25
CA GLU S 110 -56.98 1.04 8.94
C GLU S 110 -56.37 1.83 7.77
N GLY S 111 -56.23 3.14 7.94
CA GLY S 111 -55.67 4.01 6.92
C GLY S 111 -54.15 4.12 6.90
N ASP S 112 -53.45 3.12 7.44
CA ASP S 112 -51.98 3.12 7.50
C ASP S 112 -51.41 2.37 6.28
N PRO S 113 -50.61 3.00 5.38
CA PRO S 113 -50.06 2.25 4.24
C PRO S 113 -49.15 1.08 4.62
N ARG S 114 -48.35 1.22 5.70
CA ARG S 114 -47.45 0.16 6.14
C ARG S 114 -48.21 -1.07 6.69
N GLY S 115 -49.25 -0.80 7.48
CA GLY S 115 -50.12 -1.84 8.02
C GLY S 115 -50.92 -2.54 6.95
N CYS S 116 -51.25 -1.81 5.86
CA CYS S 116 -51.98 -2.33 4.71
C CYS S 116 -51.13 -3.41 4.02
N LEU S 117 -49.82 -3.15 3.87
CA LEU S 117 -48.91 -4.12 3.24
C LEU S 117 -48.66 -5.30 4.19
N LYS S 118 -48.54 -5.05 5.51
CA LYS S 118 -48.34 -6.13 6.48
C LYS S 118 -49.55 -7.07 6.47
N ARG S 119 -50.77 -6.51 6.43
CA ARG S 119 -52.01 -7.28 6.42
C ARG S 119 -52.06 -8.26 5.25
N VAL S 120 -51.85 -7.78 4.02
CA VAL S 120 -51.91 -8.65 2.83
C VAL S 120 -50.77 -9.67 2.80
N MET S 121 -49.58 -9.33 3.35
CA MET S 121 -48.46 -10.28 3.39
C MET S 121 -48.72 -11.39 4.43
N GLU S 122 -49.31 -11.04 5.58
CA GLU S 122 -49.66 -12.03 6.61
C GLU S 122 -50.76 -12.95 6.09
N GLU S 123 -51.73 -12.39 5.34
CA GLU S 123 -52.81 -13.18 4.73
C GLU S 123 -52.26 -14.16 3.69
N PHE S 124 -51.28 -13.71 2.90
CA PHE S 124 -50.64 -14.55 1.88
C PHE S 124 -49.83 -15.68 2.56
N LYS S 125 -49.07 -15.35 3.61
CA LYS S 125 -48.29 -16.33 4.35
C LYS S 125 -49.19 -17.35 5.08
N LYS S 126 -50.39 -16.94 5.50
CA LYS S 126 -51.32 -17.84 6.19
C LYS S 126 -52.02 -18.79 5.20
N GLU S 127 -52.45 -18.28 4.04
CA GLU S 127 -53.19 -19.05 3.05
C GLU S 127 -52.32 -19.95 2.17
N PHE S 128 -51.18 -19.43 1.66
CA PHE S 128 -50.30 -20.18 0.75
C PHE S 128 -48.91 -20.52 1.30
N ASN S 129 -48.51 -19.96 2.45
CA ASN S 129 -47.17 -20.16 3.02
C ASN S 129 -46.12 -19.57 2.06
N GLY S 130 -46.40 -18.39 1.54
CA GLY S 130 -45.55 -17.70 0.57
C GLY S 130 -44.83 -16.49 1.12
N GLU S 131 -43.87 -16.00 0.34
CA GLU S 131 -43.06 -14.83 0.65
C GLU S 131 -42.98 -13.99 -0.62
N TYR S 132 -43.52 -12.77 -0.59
CA TYR S 132 -43.54 -11.88 -1.75
C TYR S 132 -42.26 -11.04 -1.82
N PHE S 133 -41.40 -11.30 -2.82
CA PHE S 133 -40.13 -10.59 -2.98
C PHE S 133 -40.21 -9.54 -4.08
N VAL S 134 -39.65 -8.33 -3.81
CA VAL S 134 -39.62 -7.21 -4.75
C VAL S 134 -38.22 -6.59 -4.77
N GLY S 135 -37.81 -6.13 -5.96
CA GLY S 135 -36.52 -5.49 -6.21
C GLY S 135 -36.71 -4.36 -7.19
N PRO S 136 -36.89 -3.11 -6.73
CA PRO S 136 -37.14 -2.00 -7.66
C PRO S 136 -35.87 -1.33 -8.18
N GLU S 137 -36.03 -0.53 -9.25
CA GLU S 137 -34.98 0.24 -9.89
C GLU S 137 -35.45 1.71 -9.93
N PRO S 138 -35.46 2.41 -8.78
CA PRO S 138 -35.93 3.81 -8.78
C PRO S 138 -34.91 4.79 -9.36
N GLU S 139 -35.22 5.36 -10.53
CA GLU S 139 -34.38 6.34 -11.22
C GLU S 139 -34.68 7.75 -10.70
N PHE S 140 -33.69 8.64 -10.78
CA PHE S 140 -33.83 10.04 -10.33
C PHE S 140 -33.00 11.00 -11.19
N PHE S 141 -33.28 12.31 -11.05
CA PHE S 141 -32.56 13.35 -11.78
C PHE S 141 -31.82 14.25 -10.81
N LEU S 142 -30.57 14.59 -11.12
CA LEU S 142 -29.78 15.53 -10.33
C LEU S 142 -29.89 16.86 -11.07
N LEU S 143 -30.34 17.92 -10.40
CA LEU S 143 -30.56 19.22 -11.02
C LEU S 143 -29.66 20.32 -10.48
N LYS S 144 -29.48 21.38 -11.28
CA LYS S 144 -28.74 22.59 -10.93
C LYS S 144 -29.53 23.79 -11.47
N LYS S 145 -29.38 24.97 -10.84
CA LYS S 145 -30.12 26.16 -11.28
C LYS S 145 -29.70 26.56 -12.70
N ASP S 146 -30.67 27.03 -13.49
CA ASP S 146 -30.41 27.46 -14.87
C ASP S 146 -29.57 28.74 -14.80
N PRO S 147 -28.41 28.83 -15.48
CA PRO S 147 -27.62 30.07 -15.42
C PRO S 147 -28.34 31.26 -16.05
N HIS S 148 -29.12 31.03 -17.13
CA HIS S 148 -29.88 32.10 -17.79
C HIS S 148 -31.10 32.56 -16.97
N ASN S 149 -31.55 31.76 -15.97
CA ASN S 149 -32.68 32.14 -15.11
C ASN S 149 -32.61 31.31 -13.80
N PRO S 150 -32.27 31.90 -12.64
CA PRO S 150 -32.17 31.08 -11.41
C PRO S 150 -33.49 30.50 -10.88
N HIS S 151 -34.63 31.01 -11.33
CA HIS S 151 -35.92 30.49 -10.89
C HIS S 151 -36.24 29.09 -11.45
N LYS S 152 -35.63 28.70 -12.59
CA LYS S 152 -35.84 27.38 -13.21
C LYS S 152 -34.64 26.45 -12.95
N TYR S 153 -34.89 25.13 -13.05
CA TYR S 153 -33.87 24.10 -12.86
C TYR S 153 -33.62 23.33 -14.15
N ILE S 154 -32.39 22.84 -14.34
CA ILE S 154 -31.98 22.06 -15.51
C ILE S 154 -31.16 20.82 -15.07
N PRO S 155 -30.87 19.84 -15.97
CA PRO S 155 -30.08 18.67 -15.55
C PRO S 155 -28.63 19.03 -15.21
N ALA S 156 -28.02 18.29 -14.27
CA ALA S 156 -26.65 18.54 -13.82
C ALA S 156 -25.58 18.31 -14.88
N ASP S 157 -25.80 17.42 -15.86
CA ASP S 157 -24.80 17.15 -16.90
C ASP S 157 -25.43 16.65 -18.20
N ASP S 158 -24.68 16.77 -19.31
CA ASP S 158 -25.13 16.31 -20.62
C ASP S 158 -24.64 14.88 -20.84
N GLY S 159 -24.83 14.02 -19.84
CA GLY S 159 -24.41 12.64 -19.90
C GLY S 159 -25.48 11.68 -20.43
N GLY S 160 -25.01 10.56 -20.96
CA GLY S 160 -25.86 9.51 -21.51
C GLY S 160 -25.85 8.26 -20.66
N TYR S 161 -26.32 7.14 -21.21
CA TYR S 161 -26.40 5.88 -20.48
C TYR S 161 -25.01 5.31 -20.24
N PHE S 162 -24.68 4.98 -18.97
CA PHE S 162 -23.40 4.40 -18.56
C PHE S 162 -22.17 5.27 -18.91
N ASP S 163 -22.34 6.57 -19.23
CA ASP S 163 -21.19 7.40 -19.61
C ASP S 163 -20.14 7.56 -18.50
N LEU S 164 -18.88 7.85 -18.91
CA LEU S 164 -17.75 8.04 -17.99
C LEU S 164 -17.46 9.52 -17.75
N GLU S 165 -16.80 9.81 -16.62
CA GLU S 165 -16.38 11.17 -16.28
C GLU S 165 -15.34 11.67 -17.32
N PRO S 166 -15.25 12.98 -17.60
CA PRO S 166 -16.03 14.09 -17.03
C PRO S 166 -17.40 14.32 -17.66
N MET S 167 -17.78 13.54 -18.71
CA MET S 167 -19.10 13.65 -19.35
C MET S 167 -20.20 13.37 -18.31
N ASP S 168 -19.97 12.36 -17.45
CA ASP S 168 -20.82 12.01 -16.31
C ASP S 168 -20.26 12.80 -15.12
N GLU S 169 -20.96 13.84 -14.66
CA GLU S 169 -20.49 14.68 -13.55
C GLU S 169 -21.02 14.23 -12.19
N ALA S 170 -21.52 12.99 -12.06
CA ALA S 170 -22.04 12.51 -10.77
C ALA S 170 -21.32 11.31 -10.13
N PRO S 171 -20.05 10.93 -10.45
CA PRO S 171 -19.44 9.79 -9.74
C PRO S 171 -19.24 10.06 -8.26
N ASP S 172 -18.93 11.32 -7.88
CA ASP S 172 -18.76 11.70 -6.48
C ASP S 172 -20.09 11.69 -5.75
N ILE S 173 -21.18 12.15 -6.40
CA ILE S 173 -22.51 12.16 -5.78
C ILE S 173 -23.00 10.74 -5.59
N ARG S 174 -22.86 9.88 -6.62
CA ARG S 174 -23.27 8.48 -6.51
C ARG S 174 -22.42 7.72 -5.49
N ARG S 175 -21.11 8.06 -5.37
CA ARG S 175 -20.20 7.44 -4.40
C ARG S 175 -20.74 7.60 -2.98
N ASP S 176 -21.06 8.83 -2.57
CA ASP S 176 -21.57 9.10 -1.23
C ASP S 176 -22.96 8.50 -1.02
N ILE S 177 -23.79 8.43 -2.07
CA ILE S 177 -25.13 7.81 -1.99
C ILE S 177 -24.96 6.32 -1.64
N VAL S 178 -24.05 5.61 -2.33
CA VAL S 178 -23.83 4.19 -2.08
C VAL S 178 -23.28 3.95 -0.67
N PHE S 179 -22.34 4.80 -0.20
CA PHE S 179 -21.80 4.67 1.15
C PHE S 179 -22.90 4.89 2.20
N ALA S 180 -23.74 5.91 2.00
CA ALA S 180 -24.82 6.20 2.93
C ALA S 180 -25.83 5.06 2.99
N LEU S 181 -26.20 4.46 1.85
CA LEU S 181 -27.15 3.35 1.80
C LEU S 181 -26.56 2.10 2.47
N GLU S 182 -25.28 1.78 2.21
CA GLU S 182 -24.64 0.63 2.84
C GLU S 182 -24.65 0.72 4.38
N ASN S 183 -24.47 1.92 4.94
CA ASN S 183 -24.51 2.10 6.39
C ASN S 183 -25.95 1.92 6.93
N LEU S 184 -26.96 2.33 6.15
CA LEU S 184 -28.37 2.16 6.51
C LEU S 184 -28.86 0.68 6.42
N GLY S 185 -28.01 -0.24 5.94
CA GLY S 185 -28.35 -1.65 5.83
C GLY S 185 -28.70 -2.14 4.43
N PHE S 186 -28.53 -1.31 3.40
CA PHE S 186 -28.85 -1.71 2.03
C PHE S 186 -27.74 -2.56 1.42
N HIS S 187 -28.11 -3.49 0.55
CA HIS S 187 -27.17 -4.33 -0.20
C HIS S 187 -27.19 -3.75 -1.61
N VAL S 188 -26.38 -2.72 -1.86
CA VAL S 188 -26.35 -2.05 -3.15
C VAL S 188 -25.77 -2.98 -4.20
N GLU S 189 -26.43 -3.10 -5.37
CA GLU S 189 -25.98 -4.00 -6.42
C GLU S 189 -25.17 -3.27 -7.51
N ALA S 190 -25.66 -2.12 -8.01
CA ALA S 190 -24.96 -1.37 -9.05
C ALA S 190 -25.41 0.10 -9.09
N SER S 191 -24.57 0.97 -9.67
CA SER S 191 -24.86 2.40 -9.80
C SER S 191 -24.26 2.91 -11.10
N HIS S 192 -24.98 3.79 -11.82
CA HIS S 192 -24.52 4.29 -13.12
C HIS S 192 -25.37 5.49 -13.59
N HIS S 193 -24.94 6.15 -14.68
CA HIS S 193 -25.68 7.24 -15.29
C HIS S 193 -26.76 6.62 -16.20
N GLU S 194 -27.93 7.25 -16.30
CA GLU S 194 -29.03 6.75 -17.12
C GLU S 194 -29.15 7.54 -18.46
N VAL S 195 -30.03 7.08 -19.35
CA VAL S 195 -30.23 7.62 -20.71
C VAL S 195 -30.34 9.16 -20.77
N ALA S 196 -31.28 9.77 -20.03
CA ALA S 196 -31.48 11.23 -20.11
C ALA S 196 -30.36 12.04 -19.44
N PRO S 197 -30.14 13.31 -19.84
CA PRO S 197 -29.11 14.12 -19.17
C PRO S 197 -29.36 14.27 -17.67
N GLY S 198 -28.32 14.16 -16.87
CA GLY S 198 -28.45 14.31 -15.42
C GLY S 198 -29.22 13.20 -14.71
N GLN S 199 -29.72 12.20 -15.46
CA GLN S 199 -30.47 11.09 -14.86
C GLN S 199 -29.51 10.01 -14.36
N HIS S 200 -29.85 9.37 -13.25
CA HIS S 200 -29.02 8.33 -12.63
C HIS S 200 -29.89 7.18 -12.09
N GLU S 201 -29.25 6.05 -11.77
CA GLU S 201 -29.96 4.88 -11.23
C GLU S 201 -29.06 4.16 -10.26
N VAL S 202 -29.54 3.94 -9.02
CA VAL S 202 -28.81 3.22 -7.99
C VAL S 202 -29.68 2.02 -7.61
N ASP S 203 -29.26 0.81 -7.99
CA ASP S 203 -30.00 -0.43 -7.75
C ASP S 203 -29.59 -1.05 -6.42
N PHE S 204 -30.50 -1.83 -5.84
CA PHE S 204 -30.25 -2.54 -4.59
C PHE S 204 -30.94 -3.92 -4.60
N LYS S 205 -30.44 -4.84 -3.77
CA LYS S 205 -30.92 -6.22 -3.74
C LYS S 205 -32.39 -6.35 -3.38
N PHE S 206 -33.04 -7.37 -3.95
CA PHE S 206 -34.44 -7.64 -3.66
C PHE S 206 -34.60 -8.22 -2.25
N ASP S 207 -35.79 -8.06 -1.68
CA ASP S 207 -36.12 -8.57 -0.34
C ASP S 207 -37.66 -8.69 -0.22
N ASP S 208 -38.20 -9.10 0.96
CA ASP S 208 -39.66 -9.18 1.12
C ASP S 208 -40.27 -7.77 0.99
N ALA S 209 -41.50 -7.70 0.44
CA ALA S 209 -42.19 -6.45 0.16
C ALA S 209 -42.11 -5.40 1.28
N LEU S 210 -42.23 -5.80 2.56
CA LEU S 210 -42.16 -4.85 3.66
C LEU S 210 -40.76 -4.24 3.78
N LYS S 211 -39.70 -5.07 3.83
CA LYS S 211 -38.33 -4.57 3.92
C LYS S 211 -37.95 -3.75 2.69
N THR S 212 -38.50 -4.11 1.51
CA THR S 212 -38.25 -3.39 0.27
C THR S 212 -38.94 -2.02 0.27
N ALA S 213 -40.19 -1.94 0.78
CA ALA S 213 -40.90 -0.66 0.85
C ALA S 213 -40.27 0.27 1.87
N ASP S 214 -39.76 -0.27 2.99
CA ASP S 214 -39.04 0.53 3.99
C ASP S 214 -37.75 1.10 3.35
N SER S 215 -37.08 0.31 2.49
CA SER S 215 -35.89 0.74 1.79
C SER S 215 -36.18 1.80 0.74
N VAL S 216 -37.32 1.72 0.01
CA VAL S 216 -37.64 2.72 -1.01
C VAL S 216 -37.83 4.11 -0.36
N ILE S 217 -38.46 4.18 0.82
CA ILE S 217 -38.68 5.46 1.51
C ILE S 217 -37.33 6.06 1.95
N THR S 218 -36.46 5.23 2.53
CA THR S 218 -35.14 5.67 2.99
C THR S 218 -34.22 6.02 1.80
N PHE S 219 -34.41 5.35 0.66
CA PHE S 219 -33.63 5.60 -0.54
C PHE S 219 -33.94 6.98 -1.06
N LYS S 220 -35.23 7.33 -1.16
CA LYS S 220 -35.65 8.63 -1.65
C LYS S 220 -35.10 9.78 -0.79
N THR S 221 -35.10 9.62 0.53
CA THR S 221 -34.57 10.65 1.43
C THR S 221 -33.05 10.75 1.29
N THR S 222 -32.35 9.60 1.19
CA THR S 222 -30.89 9.58 1.05
C THR S 222 -30.43 10.28 -0.22
N ILE S 223 -31.11 10.03 -1.34
CA ILE S 223 -30.75 10.64 -2.62
C ILE S 223 -30.97 12.16 -2.55
N LYS S 224 -32.05 12.62 -1.93
CA LYS S 224 -32.32 14.06 -1.84
C LYS S 224 -31.38 14.81 -0.88
N THR S 225 -31.15 14.26 0.33
CA THR S 225 -30.29 14.90 1.32
C THR S 225 -28.81 14.94 0.90
N ILE S 226 -28.30 13.86 0.27
CA ILE S 226 -26.92 13.82 -0.19
C ILE S 226 -26.72 14.79 -1.36
N ALA S 227 -27.73 14.94 -2.25
CA ALA S 227 -27.63 15.87 -3.37
C ALA S 227 -27.52 17.31 -2.87
N GLU S 228 -28.26 17.67 -1.80
CA GLU S 228 -28.18 19.02 -1.24
C GLU S 228 -26.80 19.31 -0.68
N GLN S 229 -26.09 18.29 -0.16
CA GLN S 229 -24.74 18.47 0.35
C GLN S 229 -23.77 18.85 -0.77
N HIS S 230 -23.98 18.33 -2.00
CA HIS S 230 -23.13 18.64 -3.15
C HIS S 230 -23.71 19.80 -3.99
N GLY S 231 -24.46 20.71 -3.36
CA GLY S 231 -25.04 21.87 -4.03
C GLY S 231 -26.03 21.61 -5.16
N LEU S 232 -26.60 20.40 -5.23
CA LEU S 232 -27.56 20.03 -6.28
C LEU S 232 -28.96 19.74 -5.67
N LYS S 233 -29.96 19.44 -6.51
CA LYS S 233 -31.31 19.14 -6.05
C LYS S 233 -31.80 17.89 -6.79
N ALA S 234 -32.05 16.79 -6.07
CA ALA S 234 -32.52 15.55 -6.70
C ALA S 234 -34.04 15.49 -6.73
N THR S 235 -34.62 15.02 -7.86
CA THR S 235 -36.06 14.91 -8.00
C THR S 235 -36.48 13.53 -8.54
N PHE S 236 -37.50 12.95 -7.93
CA PHE S 236 -38.07 11.67 -8.37
C PHE S 236 -39.36 11.96 -9.17
N MET S 237 -39.36 13.05 -9.98
CA MET S 237 -40.51 13.42 -10.78
C MET S 237 -40.56 12.45 -11.98
N PRO S 238 -41.70 11.83 -12.30
CA PRO S 238 -41.72 10.88 -13.44
C PRO S 238 -41.29 11.42 -14.81
N LYS S 239 -41.36 12.73 -15.03
CA LYS S 239 -41.01 13.34 -16.31
C LYS S 239 -40.74 14.84 -16.09
N PRO S 240 -39.57 15.20 -15.54
CA PRO S 240 -39.30 16.62 -15.29
C PRO S 240 -39.10 17.43 -16.57
N PHE S 241 -38.59 16.79 -17.65
CA PHE S 241 -38.34 17.50 -18.91
C PHE S 241 -38.92 16.72 -20.10
N PHE S 242 -39.52 17.45 -21.06
CA PHE S 242 -40.07 16.89 -22.28
C PHE S 242 -38.94 16.60 -23.27
N GLY S 243 -39.08 15.54 -24.06
CA GLY S 243 -38.08 15.18 -25.06
C GLY S 243 -36.94 14.30 -24.59
N MET S 244 -36.96 13.90 -23.30
CA MET S 244 -35.93 13.01 -22.73
C MET S 244 -36.59 12.00 -21.80
N ASN S 245 -35.92 10.84 -21.58
CA ASN S 245 -36.43 9.77 -20.73
C ASN S 245 -36.91 10.24 -19.36
N GLY S 246 -37.91 9.55 -18.82
CA GLY S 246 -38.47 9.85 -17.52
C GLY S 246 -37.98 8.89 -16.45
N SER S 247 -38.19 9.26 -15.18
CA SER S 247 -37.78 8.43 -14.05
C SER S 247 -38.76 7.26 -13.88
N GLY S 248 -38.25 6.04 -14.03
CA GLY S 248 -39.06 4.83 -13.90
C GLY S 248 -38.57 3.93 -12.79
N MET S 249 -39.50 3.25 -12.11
CA MET S 249 -39.18 2.33 -11.02
C MET S 249 -39.68 0.95 -11.40
N HIS S 250 -38.88 0.23 -12.19
CA HIS S 250 -39.24 -1.12 -12.65
C HIS S 250 -39.24 -2.07 -11.46
N CYS S 251 -40.37 -2.75 -11.19
CA CYS S 251 -40.48 -3.64 -10.04
C CYS S 251 -40.31 -5.12 -10.40
N HIS S 252 -39.10 -5.65 -10.21
CA HIS S 252 -38.82 -7.07 -10.43
C HIS S 252 -39.43 -7.80 -9.25
N GLN S 253 -40.34 -8.76 -9.50
CA GLN S 253 -41.04 -9.45 -8.40
C GLN S 253 -41.25 -10.94 -8.63
N SER S 254 -41.42 -11.69 -7.53
CA SER S 254 -41.64 -13.14 -7.56
C SER S 254 -42.15 -13.64 -6.20
N ILE S 255 -42.92 -14.74 -6.20
CA ILE S 255 -43.46 -15.33 -4.97
C ILE S 255 -42.86 -16.73 -4.75
N TRP S 256 -42.47 -17.03 -3.49
CA TRP S 256 -41.84 -18.30 -3.12
C TRP S 256 -42.70 -19.09 -2.15
N LEU S 257 -43.44 -20.10 -2.65
CA LEU S 257 -44.29 -20.94 -1.82
C LEU S 257 -43.48 -22.08 -1.21
N ASN S 258 -43.45 -22.17 0.13
CA ASN S 258 -42.71 -23.21 0.87
C ASN S 258 -41.20 -23.12 0.67
N GLY S 259 -40.67 -21.89 0.69
CA GLY S 259 -39.24 -21.63 0.54
C GLY S 259 -38.60 -22.12 -0.74
N GLU S 260 -39.37 -22.16 -1.84
CA GLU S 260 -38.88 -22.61 -3.15
C GLU S 260 -39.26 -21.61 -4.24
N PRO S 261 -38.44 -21.45 -5.31
CA PRO S 261 -38.84 -20.53 -6.38
C PRO S 261 -39.98 -21.12 -7.20
N SER S 262 -41.21 -20.71 -6.88
CA SER S 262 -42.42 -21.21 -7.52
C SER S 262 -42.58 -20.75 -8.96
N PHE S 263 -41.92 -19.65 -9.36
CA PHE S 263 -42.00 -19.16 -10.73
C PHE S 263 -41.18 -19.99 -11.72
N TYR S 264 -40.18 -20.76 -11.26
CA TYR S 264 -39.33 -21.58 -12.12
C TYR S 264 -39.87 -23.00 -12.29
N ASP S 265 -39.76 -23.53 -13.52
CA ASP S 265 -40.15 -24.89 -13.86
C ASP S 265 -39.21 -25.35 -14.98
N GLU S 266 -38.18 -26.15 -14.64
CA GLU S 266 -37.17 -26.66 -15.58
C GLU S 266 -37.81 -27.31 -16.81
N ASN S 267 -38.88 -28.09 -16.61
CA ASN S 267 -39.60 -28.77 -17.70
C ASN S 267 -40.89 -28.00 -18.05
N ALA S 268 -40.75 -26.84 -18.72
CA ALA S 268 -41.91 -26.02 -19.13
C ALA S 268 -41.54 -24.98 -20.21
N PRO S 269 -42.51 -24.35 -20.91
CA PRO S 269 -42.14 -23.35 -21.94
C PRO S 269 -41.49 -22.11 -21.33
N TYR S 270 -40.36 -21.67 -21.92
CA TYR S 270 -39.58 -20.53 -21.41
C TYR S 270 -39.04 -20.77 -19.98
N GLN S 271 -39.11 -22.02 -19.47
CA GLN S 271 -38.71 -22.38 -18.10
C GLN S 271 -39.49 -21.52 -17.08
N LEU S 272 -40.81 -21.37 -17.31
CA LEU S 272 -41.69 -20.58 -16.45
C LEU S 272 -42.85 -21.46 -16.02
N SER S 273 -43.14 -21.50 -14.71
CA SER S 273 -44.19 -22.35 -14.14
C SER S 273 -45.60 -21.83 -14.43
N GLU S 274 -46.63 -22.65 -14.12
CA GLU S 274 -48.02 -22.27 -14.27
C GLU S 274 -48.34 -21.13 -13.28
N THR S 275 -47.78 -21.20 -12.05
CA THR S 275 -47.98 -20.16 -11.03
C THR S 275 -47.52 -18.78 -11.56
N CYS S 276 -46.41 -18.75 -12.31
CA CYS S 276 -45.90 -17.51 -12.90
C CYS S 276 -46.91 -16.96 -13.92
N MET S 277 -47.41 -17.80 -14.82
CA MET S 277 -48.37 -17.40 -15.85
C MET S 277 -49.69 -16.94 -15.24
N ASN S 278 -50.16 -17.60 -14.18
CA ASN S 278 -51.39 -17.18 -13.51
C ASN S 278 -51.19 -15.81 -12.86
N TYR S 279 -50.01 -15.55 -12.27
CA TYR S 279 -49.69 -14.27 -11.64
C TYR S 279 -49.64 -13.16 -12.68
N VAL S 280 -48.98 -13.41 -13.83
CA VAL S 280 -48.89 -12.43 -14.91
C VAL S 280 -50.27 -12.10 -15.45
N ALA S 281 -51.16 -13.11 -15.59
CA ALA S 281 -52.52 -12.90 -16.07
C ALA S 281 -53.31 -11.95 -15.15
N GLY S 282 -53.10 -12.07 -13.85
CA GLY S 282 -53.75 -11.23 -12.86
C GLY S 282 -53.29 -9.78 -12.92
N ILE S 283 -51.99 -9.55 -13.16
CA ILE S 283 -51.44 -8.20 -13.26
C ILE S 283 -52.01 -7.54 -14.52
N LEU S 284 -52.01 -8.25 -15.64
CA LEU S 284 -52.52 -7.74 -16.91
C LEU S 284 -54.03 -7.46 -16.84
N LYS S 285 -54.78 -8.26 -16.06
CA LYS S 285 -56.22 -8.06 -15.90
C LYS S 285 -56.51 -6.72 -15.22
N HIS S 286 -55.88 -6.45 -14.06
CA HIS S 286 -56.09 -5.22 -13.32
C HIS S 286 -55.06 -4.12 -13.67
N ALA S 287 -54.37 -4.22 -14.84
CA ALA S 287 -53.36 -3.25 -15.24
C ALA S 287 -53.88 -1.81 -15.31
N LYS S 288 -55.09 -1.60 -15.84
CA LYS S 288 -55.69 -0.26 -15.95
C LYS S 288 -55.99 0.36 -14.57
N ALA S 289 -56.19 -0.48 -13.54
CA ALA S 289 -56.49 -0.03 -12.18
C ALA S 289 -55.22 0.09 -11.32
N ILE S 290 -54.19 -0.75 -11.56
CA ILE S 290 -52.95 -0.71 -10.79
C ILE S 290 -52.20 0.60 -11.06
N VAL S 291 -52.22 1.09 -12.32
CA VAL S 291 -51.52 2.34 -12.67
C VAL S 291 -52.07 3.56 -11.93
N ALA S 292 -53.26 3.49 -11.33
CA ALA S 292 -53.78 4.62 -10.54
C ALA S 292 -52.92 4.78 -9.28
N ILE S 293 -52.55 3.66 -8.64
CA ILE S 293 -51.72 3.66 -7.43
C ILE S 293 -50.24 3.79 -7.79
N THR S 294 -49.74 2.95 -8.71
CA THR S 294 -48.32 2.96 -9.10
C THR S 294 -47.88 4.18 -9.92
N ASN S 295 -48.85 4.95 -10.46
CA ASN S 295 -48.59 6.17 -11.25
C ASN S 295 -49.61 7.21 -10.75
N PRO S 296 -49.45 7.74 -9.53
CA PRO S 296 -50.50 8.61 -8.96
C PRO S 296 -50.44 10.11 -9.27
N THR S 297 -49.45 10.58 -10.04
CA THR S 297 -49.33 12.00 -10.36
C THR S 297 -49.86 12.31 -11.75
N VAL S 298 -50.21 13.58 -12.01
CA VAL S 298 -50.64 14.01 -13.34
C VAL S 298 -49.47 13.85 -14.32
N ASN S 299 -48.25 14.21 -13.86
CA ASN S 299 -47.01 14.11 -14.65
C ASN S 299 -46.65 12.66 -15.03
N SER S 300 -47.10 11.66 -14.26
CA SER S 300 -46.82 10.26 -14.56
C SER S 300 -47.32 9.86 -15.94
N TYR S 301 -48.43 10.44 -16.40
CA TYR S 301 -49.02 10.14 -17.70
C TYR S 301 -48.41 10.94 -18.87
N LYS S 302 -47.27 11.63 -18.62
CA LYS S 302 -46.45 12.29 -19.64
C LYS S 302 -45.25 11.35 -19.96
N ARG S 303 -44.81 10.49 -18.99
CA ARG S 303 -43.80 9.45 -19.20
C ARG S 303 -44.58 8.25 -19.74
N LEU S 304 -45.55 7.75 -18.94
CA LEU S 304 -46.42 6.61 -19.28
C LEU S 304 -47.54 7.13 -20.17
N VAL S 305 -47.18 7.60 -21.37
CA VAL S 305 -48.12 8.22 -22.31
C VAL S 305 -48.56 7.26 -23.44
N PRO S 306 -49.86 6.89 -23.56
CA PRO S 306 -50.27 6.01 -24.67
C PRO S 306 -50.03 6.62 -26.05
N GLY S 307 -49.87 5.77 -27.06
CA GLY S 307 -49.58 6.21 -28.42
C GLY S 307 -48.13 6.59 -28.67
N TYR S 308 -47.29 6.66 -27.60
CA TYR S 308 -45.87 6.99 -27.69
C TYR S 308 -45.02 5.95 -26.94
N GLU S 309 -43.71 5.89 -27.28
CA GLU S 309 -42.76 4.93 -26.70
C GLU S 309 -42.75 4.95 -25.17
N ALA S 310 -43.42 3.96 -24.55
CA ALA S 310 -43.54 3.82 -23.09
C ALA S 310 -44.06 2.42 -22.70
N PRO S 311 -43.95 1.96 -21.43
CA PRO S 311 -44.51 0.65 -21.07
C PRO S 311 -46.02 0.76 -20.81
N VAL S 312 -46.75 1.12 -21.86
CA VAL S 312 -48.20 1.35 -21.89
C VAL S 312 -49.00 0.17 -22.44
N ASN S 313 -48.37 -0.67 -23.26
CA ASN S 313 -49.04 -1.79 -23.89
C ASN S 313 -49.24 -2.93 -22.89
N ILE S 314 -50.51 -3.27 -22.60
CA ILE S 314 -50.87 -4.32 -21.67
C ILE S 314 -50.60 -5.69 -22.29
N ALA S 315 -49.37 -6.19 -22.11
CA ALA S 315 -48.91 -7.49 -22.62
C ALA S 315 -47.57 -7.89 -21.95
N TRP S 316 -47.21 -9.18 -21.99
CA TRP S 316 -45.94 -9.66 -21.42
C TRP S 316 -45.02 -10.21 -22.52
N ALA S 317 -43.70 -10.22 -22.27
CA ALA S 317 -42.72 -10.71 -23.25
C ALA S 317 -41.37 -11.03 -22.60
N ASN S 318 -40.58 -11.92 -23.23
CA ASN S 318 -39.27 -12.32 -22.71
C ASN S 318 -38.15 -11.43 -23.28
N SER S 319 -37.42 -10.72 -22.39
CA SER S 319 -36.30 -9.85 -22.76
C SER S 319 -36.69 -8.77 -23.79
N ASN S 320 -37.88 -8.17 -23.61
CA ASN S 320 -38.41 -7.12 -24.47
C ASN S 320 -38.90 -5.96 -23.58
N ARG S 321 -38.28 -4.77 -23.72
CA ARG S 321 -38.61 -3.60 -22.91
C ARG S 321 -39.77 -2.74 -23.50
N SER S 322 -40.43 -3.20 -24.58
CA SER S 322 -41.55 -2.45 -25.18
C SER S 322 -42.90 -2.76 -24.51
N ALA S 323 -43.05 -3.95 -23.90
CA ALA S 323 -44.26 -4.40 -23.22
C ALA S 323 -44.32 -3.91 -21.74
N ILE S 324 -45.51 -3.97 -21.09
CA ILE S 324 -45.66 -3.55 -19.69
C ILE S 324 -44.89 -4.49 -18.75
N ILE S 325 -44.83 -5.80 -19.08
CA ILE S 325 -44.09 -6.81 -18.30
C ILE S 325 -42.96 -7.37 -19.18
N ARG S 326 -41.79 -7.60 -18.57
CA ARG S 326 -40.62 -8.19 -19.22
C ARG S 326 -40.12 -9.29 -18.29
N VAL S 327 -39.88 -10.49 -18.83
CA VAL S 327 -39.38 -11.60 -18.03
C VAL S 327 -37.86 -11.67 -18.23
N PRO S 328 -37.02 -11.23 -17.25
CA PRO S 328 -35.56 -11.29 -17.47
C PRO S 328 -35.06 -12.70 -17.74
N ALA S 329 -34.00 -12.81 -18.52
CA ALA S 329 -33.44 -14.10 -18.91
C ALA S 329 -32.87 -14.95 -17.76
N ALA S 330 -32.65 -14.37 -16.57
CA ALA S 330 -32.12 -15.13 -15.44
C ALA S 330 -33.13 -16.19 -14.98
N ARG S 331 -32.66 -17.43 -14.75
CA ARG S 331 -33.52 -18.54 -14.34
C ARG S 331 -33.00 -19.25 -13.08
N GLY S 332 -33.87 -20.07 -12.48
CA GLY S 332 -33.60 -20.80 -11.26
C GLY S 332 -34.24 -20.06 -10.10
N LYS S 333 -33.43 -19.54 -9.17
CA LYS S 333 -33.96 -18.75 -8.06
C LYS S 333 -34.36 -17.36 -8.55
N GLY S 334 -33.53 -16.77 -9.42
CA GLY S 334 -33.77 -15.45 -9.97
C GLY S 334 -34.85 -15.34 -11.04
N THR S 335 -35.74 -16.35 -11.16
CA THR S 335 -36.84 -16.29 -12.14
C THR S 335 -37.82 -15.26 -11.60
N ARG S 336 -38.16 -14.25 -12.42
CA ARG S 336 -39.01 -13.15 -11.97
C ARG S 336 -39.73 -12.46 -13.15
N ILE S 337 -40.62 -11.49 -12.85
CA ILE S 337 -41.32 -10.68 -13.84
C ILE S 337 -41.09 -9.20 -13.48
N GLU S 338 -40.84 -8.36 -14.48
CA GLU S 338 -40.58 -6.94 -14.27
C GLU S 338 -41.78 -6.10 -14.70
N PHE S 339 -42.50 -5.54 -13.72
CA PHE S 339 -43.63 -4.65 -14.00
C PHE S 339 -42.99 -3.27 -14.23
N ARG S 340 -42.93 -2.84 -15.51
CA ARG S 340 -42.27 -1.60 -15.93
C ARG S 340 -43.11 -0.31 -15.82
N ALA S 341 -44.41 -0.42 -15.56
CA ALA S 341 -45.28 0.76 -15.48
C ALA S 341 -44.99 1.74 -14.32
N PRO S 342 -44.61 1.29 -13.10
CA PRO S 342 -44.41 2.24 -11.99
C PRO S 342 -43.30 3.27 -12.17
N ASP S 343 -43.42 4.38 -11.44
CA ASP S 343 -42.44 5.48 -11.36
C ASP S 343 -42.19 5.76 -9.87
N PRO S 344 -41.03 6.35 -9.49
CA PRO S 344 -40.78 6.56 -8.05
C PRO S 344 -41.69 7.55 -7.32
N SER S 345 -42.73 8.11 -7.99
CA SER S 345 -43.68 9.01 -7.35
C SER S 345 -44.74 8.28 -6.52
N CYS S 346 -44.87 6.93 -6.65
CA CYS S 346 -45.88 6.16 -5.94
C CYS S 346 -45.49 5.79 -4.52
N ASN S 347 -46.49 5.48 -3.69
CA ASN S 347 -46.28 5.04 -2.32
C ASN S 347 -45.87 3.57 -2.44
N PRO S 348 -44.65 3.15 -2.02
CA PRO S 348 -44.26 1.75 -2.20
C PRO S 348 -45.14 0.75 -1.45
N TYR S 349 -45.63 1.11 -0.25
CA TYR S 349 -46.47 0.21 0.52
C TYR S 349 -47.78 -0.13 -0.20
N LEU S 350 -48.40 0.87 -0.86
CA LEU S 350 -49.63 0.64 -1.61
C LEU S 350 -49.35 0.02 -2.99
N ALA S 351 -48.20 0.35 -3.60
CA ALA S 351 -47.82 -0.21 -4.90
C ALA S 351 -47.60 -1.72 -4.81
N PHE S 352 -46.91 -2.20 -3.76
CA PHE S 352 -46.68 -3.64 -3.60
C PHE S 352 -47.97 -4.36 -3.17
N THR S 353 -48.88 -3.67 -2.46
CA THR S 353 -50.16 -4.25 -2.04
C THR S 353 -51.03 -4.56 -3.28
N VAL S 354 -51.24 -3.57 -4.17
CA VAL S 354 -52.06 -3.76 -5.38
C VAL S 354 -51.44 -4.75 -6.36
N MET S 355 -50.09 -4.78 -6.46
CA MET S 355 -49.43 -5.73 -7.35
C MET S 355 -49.62 -7.14 -6.82
N LEU S 356 -49.44 -7.35 -5.50
CA LEU S 356 -49.63 -8.68 -4.92
C LEU S 356 -51.10 -9.11 -4.98
N ALA S 357 -52.06 -8.18 -4.77
CA ALA S 357 -53.48 -8.54 -4.80
C ALA S 357 -53.97 -8.94 -6.20
N ALA S 358 -53.56 -8.19 -7.24
CA ALA S 358 -53.95 -8.52 -8.61
C ALA S 358 -53.25 -9.81 -9.05
N GLY S 359 -51.98 -9.97 -8.70
CA GLY S 359 -51.23 -11.17 -9.02
C GLY S 359 -51.79 -12.41 -8.36
N LEU S 360 -52.16 -12.32 -7.07
CA LEU S 360 -52.76 -13.45 -6.35
C LEU S 360 -54.18 -13.73 -6.84
N ASP S 361 -54.90 -12.73 -7.37
CA ASP S 361 -56.23 -12.96 -7.96
C ASP S 361 -56.11 -13.94 -9.15
N GLY S 362 -55.03 -13.83 -9.92
CA GLY S 362 -54.77 -14.72 -11.04
C GLY S 362 -54.37 -16.12 -10.60
N VAL S 363 -53.62 -16.23 -9.49
CA VAL S 363 -53.17 -17.52 -8.93
C VAL S 363 -54.37 -18.28 -8.32
N LYS S 364 -55.21 -17.57 -7.54
CA LYS S 364 -56.39 -18.17 -6.90
C LYS S 364 -57.39 -18.69 -7.93
N ASN S 365 -57.72 -17.88 -8.95
CA ASN S 365 -58.66 -18.27 -10.00
C ASN S 365 -58.02 -19.09 -11.15
N LYS S 366 -56.67 -19.20 -11.19
CA LYS S 366 -55.94 -19.91 -12.23
C LYS S 366 -56.27 -19.33 -13.61
N LEU S 367 -56.07 -18.02 -13.76
CA LEU S 367 -56.38 -17.31 -15.01
C LEU S 367 -55.34 -17.59 -16.08
N ASP S 368 -55.79 -17.65 -17.34
CA ASP S 368 -54.95 -17.94 -18.50
C ASP S 368 -54.28 -16.67 -19.01
N ALA S 369 -52.94 -16.68 -19.09
CA ALA S 369 -52.18 -15.54 -19.58
C ALA S 369 -52.13 -15.55 -21.11
N PRO S 370 -52.02 -14.38 -21.77
CA PRO S 370 -51.90 -14.37 -23.24
C PRO S 370 -50.49 -14.76 -23.72
N GLU S 371 -50.32 -14.94 -25.03
CA GLU S 371 -49.03 -15.32 -25.59
C GLU S 371 -48.04 -14.15 -25.50
N PRO S 372 -46.72 -14.43 -25.37
CA PRO S 372 -45.76 -13.33 -25.27
C PRO S 372 -45.53 -12.62 -26.61
N VAL S 373 -45.56 -11.29 -26.60
CA VAL S 373 -45.35 -10.48 -27.80
C VAL S 373 -43.86 -10.21 -27.97
N GLU S 374 -43.13 -11.17 -28.55
CA GLU S 374 -41.68 -11.05 -28.77
C GLU S 374 -41.34 -9.89 -29.72
N ARG S 375 -42.27 -9.51 -30.63
CA ARG S 375 -42.07 -8.39 -31.56
C ARG S 375 -42.04 -7.06 -30.81
N ASN S 376 -41.44 -6.03 -31.43
CA ASN S 376 -41.43 -4.68 -30.86
C ASN S 376 -42.85 -4.14 -31.03
N ILE S 377 -43.48 -3.73 -29.93
CA ILE S 377 -44.87 -3.27 -29.96
C ILE S 377 -44.98 -1.81 -30.43
N PHE S 378 -43.92 -1.00 -30.29
CA PHE S 378 -43.94 0.40 -30.73
C PHE S 378 -44.02 0.48 -32.25
N ALA S 379 -43.34 -0.43 -32.97
CA ALA S 379 -43.36 -0.47 -34.42
C ALA S 379 -44.73 -0.91 -34.99
N MET S 380 -45.60 -1.53 -34.17
CA MET S 380 -46.91 -2.00 -34.62
C MET S 380 -47.89 -0.83 -34.78
N SER S 381 -48.85 -0.98 -35.71
CA SER S 381 -49.89 0.01 -35.94
C SER S 381 -51.08 -0.23 -35.00
N GLU S 382 -51.89 0.81 -34.75
CA GLU S 382 -53.06 0.71 -33.87
C GLU S 382 -54.08 -0.34 -34.34
N ALA S 383 -54.25 -0.52 -35.66
CA ALA S 383 -55.17 -1.52 -36.18
C ALA S 383 -54.64 -2.94 -35.93
N GLU S 384 -53.31 -3.12 -36.01
CA GLU S 384 -52.67 -4.42 -35.78
C GLU S 384 -52.74 -4.77 -34.28
N LYS S 385 -52.44 -3.80 -33.40
CA LYS S 385 -52.51 -4.00 -31.96
C LYS S 385 -53.94 -4.31 -31.48
N LYS S 386 -54.95 -3.76 -32.18
CA LYS S 386 -56.36 -3.98 -31.84
C LYS S 386 -56.78 -5.42 -32.22
N GLU S 387 -56.24 -5.95 -33.34
CA GLU S 387 -56.53 -7.32 -33.76
C GLU S 387 -55.95 -8.32 -32.75
N LEU S 388 -54.70 -8.12 -32.33
CA LEU S 388 -54.04 -8.98 -31.34
C LEU S 388 -54.70 -8.88 -29.95
N GLY S 389 -55.28 -7.73 -29.63
CA GLY S 389 -55.94 -7.49 -28.36
C GLY S 389 -55.03 -6.87 -27.32
N ILE S 390 -54.05 -6.07 -27.77
CA ILE S 390 -53.09 -5.41 -26.88
C ILE S 390 -53.67 -4.06 -26.46
N GLU S 391 -54.41 -4.01 -25.36
CA GLU S 391 -55.00 -2.78 -24.85
C GLU S 391 -53.93 -1.86 -24.24
N SER S 392 -54.22 -0.57 -24.08
CA SER S 392 -53.26 0.38 -23.50
C SER S 392 -53.73 0.92 -22.14
N VAL S 393 -52.76 1.30 -21.27
CA VAL S 393 -53.06 1.84 -19.95
C VAL S 393 -53.67 3.24 -20.07
N PRO S 394 -54.52 3.68 -19.11
CA PRO S 394 -55.14 5.03 -19.24
C PRO S 394 -54.20 6.17 -19.61
N ALA S 395 -54.71 7.14 -20.39
CA ALA S 395 -53.95 8.29 -20.87
C ALA S 395 -53.75 9.40 -19.84
N ASN S 396 -54.52 9.44 -18.74
CA ASN S 396 -54.40 10.49 -17.74
C ASN S 396 -54.75 9.99 -16.31
N LEU S 397 -54.51 10.83 -15.29
CA LEU S 397 -54.77 10.47 -13.90
C LEU S 397 -56.25 10.16 -13.64
N LYS S 398 -57.16 11.03 -14.09
CA LYS S 398 -58.59 10.83 -13.89
C LYS S 398 -59.08 9.56 -14.56
N ALA S 399 -58.53 9.22 -15.74
CA ALA S 399 -58.92 7.99 -16.44
C ALA S 399 -58.52 6.76 -15.61
N ALA S 400 -57.40 6.82 -14.90
CA ALA S 400 -56.93 5.71 -14.05
C ALA S 400 -57.72 5.64 -12.74
N LEU S 401 -58.11 6.80 -12.16
CA LEU S 401 -58.88 6.81 -10.91
C LEU S 401 -60.26 6.17 -11.11
N ASP S 402 -60.89 6.39 -12.26
CA ASP S 402 -62.20 5.78 -12.55
C ASP S 402 -62.07 4.27 -12.66
N GLU S 403 -60.94 3.77 -13.22
CA GLU S 403 -60.68 2.33 -13.33
C GLU S 403 -60.46 1.73 -11.94
N LEU S 404 -59.72 2.43 -11.07
CA LEU S 404 -59.46 2.00 -9.70
C LEU S 404 -60.76 1.95 -8.91
N GLU S 405 -61.63 2.96 -9.09
CA GLU S 405 -62.91 3.04 -8.39
C GLU S 405 -63.80 1.83 -8.70
N ASN S 406 -63.89 1.44 -9.98
CA ASN S 406 -64.70 0.28 -10.38
C ASN S 406 -64.05 -1.08 -10.10
N ASN S 407 -62.78 -1.11 -9.69
CA ASN S 407 -62.07 -2.36 -9.39
C ASN S 407 -62.32 -2.77 -7.94
N ASP S 408 -62.89 -3.96 -7.73
CA ASP S 408 -63.19 -4.48 -6.40
C ASP S 408 -62.01 -5.23 -5.76
N VAL S 409 -61.09 -5.77 -6.58
CA VAL S 409 -59.93 -6.51 -6.08
C VAL S 409 -59.00 -5.58 -5.32
N LEU S 410 -58.69 -4.41 -5.90
CA LEU S 410 -57.82 -3.42 -5.26
C LEU S 410 -58.52 -2.67 -4.13
N LYS S 411 -59.85 -2.49 -4.21
CA LYS S 411 -60.61 -1.82 -3.16
C LYS S 411 -60.50 -2.60 -1.84
N ASN S 412 -60.63 -3.94 -1.91
CA ASN S 412 -60.53 -4.81 -0.73
C ASN S 412 -59.11 -4.87 -0.17
N ALA S 413 -58.09 -4.90 -1.05
CA ALA S 413 -56.68 -4.95 -0.61
C ALA S 413 -56.26 -3.68 0.11
N LEU S 414 -56.66 -2.51 -0.41
CA LEU S 414 -56.32 -1.22 0.19
C LEU S 414 -57.21 -0.90 1.41
N GLY S 415 -58.46 -1.36 1.39
CA GLY S 415 -59.41 -1.10 2.46
C GLY S 415 -60.20 0.16 2.20
N LYS S 416 -61.42 0.25 2.77
CA LYS S 416 -62.31 1.40 2.58
C LYS S 416 -61.64 2.74 2.90
N HIS S 417 -60.80 2.80 3.93
CA HIS S 417 -60.16 4.04 4.32
C HIS S 417 -59.14 4.54 3.30
N ILE S 418 -58.22 3.67 2.86
CA ILE S 418 -57.19 4.06 1.90
C ILE S 418 -57.79 4.27 0.52
N PHE S 419 -58.65 3.35 0.06
CA PHE S 419 -59.30 3.43 -1.25
C PHE S 419 -60.08 4.74 -1.43
N GLU S 420 -60.96 5.11 -0.48
CA GLU S 420 -61.76 6.32 -0.59
C GLU S 420 -60.95 7.61 -0.41
N SER S 421 -60.02 7.65 0.56
CA SER S 421 -59.21 8.85 0.78
C SER S 421 -58.25 9.10 -0.39
N PHE S 422 -57.68 8.04 -0.97
CA PHE S 422 -56.79 8.18 -2.13
C PHE S 422 -57.56 8.79 -3.31
N LEU S 423 -58.73 8.25 -3.64
CA LEU S 423 -59.55 8.76 -4.73
C LEU S 423 -59.95 10.22 -4.49
N GLU S 424 -60.34 10.56 -3.26
CA GLU S 424 -60.75 11.92 -2.89
C GLU S 424 -59.59 12.91 -3.03
N ILE S 425 -58.39 12.54 -2.55
CA ILE S 425 -57.21 13.40 -2.63
C ILE S 425 -56.77 13.57 -4.09
N LYS S 426 -56.73 12.48 -4.85
CA LYS S 426 -56.31 12.55 -6.25
C LYS S 426 -57.33 13.24 -7.16
N ASN S 427 -58.64 13.20 -6.83
CA ASN S 427 -59.64 13.91 -7.64
C ASN S 427 -59.50 15.42 -7.43
N ALA S 428 -59.20 15.86 -6.20
CA ALA S 428 -58.97 17.29 -5.92
C ALA S 428 -57.69 17.77 -6.63
N GLU S 429 -56.67 16.89 -6.71
CA GLU S 429 -55.40 17.15 -7.38
C GLU S 429 -55.64 17.26 -8.89
N TRP S 430 -56.49 16.38 -9.45
CA TRP S 430 -56.83 16.39 -10.87
C TRP S 430 -57.64 17.65 -11.21
N ASP S 431 -58.61 18.01 -10.35
CA ASP S 431 -59.44 19.20 -10.56
C ASP S 431 -58.57 20.47 -10.57
N SER S 432 -57.53 20.53 -9.73
CA SER S 432 -56.62 21.66 -9.71
C SER S 432 -55.86 21.78 -11.03
N PHE S 433 -55.49 20.65 -11.64
CA PHE S 433 -54.78 20.61 -12.92
C PHE S 433 -55.66 21.02 -14.09
N ARG S 434 -56.87 20.45 -14.22
CA ARG S 434 -57.76 20.75 -15.34
C ARG S 434 -58.31 22.19 -15.35
N THR S 435 -58.32 22.87 -14.19
CA THR S 435 -58.81 24.25 -14.09
C THR S 435 -57.68 25.27 -14.33
N SER S 436 -56.42 24.92 -14.00
CA SER S 436 -55.30 25.84 -14.16
C SER S 436 -54.94 26.11 -15.62
N VAL S 437 -54.60 27.37 -15.94
CA VAL S 437 -54.18 27.77 -17.28
C VAL S 437 -52.69 27.47 -17.39
N THR S 438 -52.31 26.49 -18.23
CA THR S 438 -50.93 26.06 -18.38
C THR S 438 -50.11 26.93 -19.35
N ASP S 439 -48.78 26.81 -19.26
CA ASP S 439 -47.86 27.53 -20.14
C ASP S 439 -48.01 27.10 -21.59
N TRP S 440 -48.38 25.82 -21.84
CA TRP S 440 -48.58 25.30 -23.19
C TRP S 440 -49.74 26.05 -23.85
N GLU S 441 -50.86 26.23 -23.11
CA GLU S 441 -52.03 26.93 -23.60
C GLU S 441 -51.71 28.39 -23.91
N THR S 442 -50.94 29.05 -23.04
CA THR S 442 -50.57 30.45 -23.26
C THR S 442 -49.71 30.58 -24.53
N THR S 443 -48.79 29.64 -24.74
CA THR S 443 -47.93 29.66 -25.92
C THR S 443 -48.76 29.43 -27.20
N ALA S 444 -49.68 28.46 -27.17
CA ALA S 444 -50.48 28.09 -28.33
C ALA S 444 -51.68 28.99 -28.66
N TYR S 445 -52.32 29.61 -27.66
CA TYR S 445 -53.56 30.37 -27.89
C TYR S 445 -53.52 31.88 -27.60
N LEU S 446 -52.44 32.44 -27.02
CA LEU S 446 -52.42 33.90 -26.78
C LEU S 446 -52.42 34.68 -28.10
N LYS S 447 -51.82 34.12 -29.16
CA LYS S 447 -51.79 34.74 -30.48
C LYS S 447 -53.16 34.85 -31.16
N ILE S 448 -54.13 33.96 -30.80
CA ILE S 448 -55.46 33.98 -31.43
C ILE S 448 -56.33 35.12 -30.91
N SER T 2 -30.10 25.11 45.24
CA SER T 2 -31.20 25.42 46.15
C SER T 2 -30.73 26.28 47.32
N THR T 3 -29.57 25.94 47.92
CA THR T 3 -28.99 26.70 49.04
C THR T 3 -27.86 27.63 48.51
N VAL T 4 -27.38 28.56 49.35
CA VAL T 4 -26.33 29.51 48.96
C VAL T 4 -25.02 28.79 48.63
N GLU T 5 -24.65 27.82 49.46
CA GLU T 5 -23.40 27.07 49.28
C GLU T 5 -23.34 26.25 47.99
N GLN T 6 -24.47 25.67 47.56
CA GLN T 6 -24.51 24.85 46.34
C GLN T 6 -24.20 25.69 45.09
N VAL T 7 -24.70 26.93 45.04
CA VAL T 7 -24.45 27.83 43.91
C VAL T 7 -22.96 28.23 43.92
N LEU T 8 -22.44 28.64 45.09
CA LEU T 8 -21.04 29.07 45.25
C LEU T 8 -20.04 27.94 45.00
N GLU T 9 -20.45 26.68 45.21
CA GLU T 9 -19.60 25.51 44.95
C GLU T 9 -19.48 25.29 43.45
N TYR T 10 -20.59 25.47 42.68
CA TYR T 10 -20.57 25.30 41.24
C TYR T 10 -19.76 26.43 40.60
N VAL T 11 -19.96 27.67 41.07
CA VAL T 11 -19.25 28.85 40.58
C VAL T 11 -17.73 28.69 40.78
N LYS T 12 -17.31 28.15 41.94
CA LYS T 12 -15.89 27.95 42.26
C LYS T 12 -15.21 26.96 41.29
N SER T 13 -15.78 25.76 41.12
CA SER T 13 -15.20 24.71 40.28
C SER T 13 -15.36 24.92 38.77
N ASN T 14 -16.57 25.28 38.30
CA ASN T 14 -16.84 25.42 36.87
C ASN T 14 -16.35 26.74 36.24
N ASN T 15 -15.70 27.62 37.04
CA ASN T 15 -15.16 28.89 36.55
C ASN T 15 -16.25 29.81 36.00
N VAL T 16 -17.35 29.97 36.74
CA VAL T 16 -18.42 30.88 36.33
C VAL T 16 -17.91 32.30 36.59
N LYS T 17 -18.25 33.24 35.70
CA LYS T 17 -17.71 34.60 35.77
C LYS T 17 -18.77 35.72 35.70
N PHE T 18 -20.02 35.43 35.28
CA PHE T 18 -21.07 36.45 35.22
C PHE T 18 -22.40 35.89 35.73
N MET T 19 -23.05 36.58 36.67
CA MET T 19 -24.34 36.15 37.23
C MET T 19 -25.44 37.09 36.73
N ARG T 20 -26.35 36.58 35.90
CA ARG T 20 -27.46 37.35 35.36
C ARG T 20 -28.63 37.28 36.35
N PHE T 21 -29.04 38.40 36.91
CA PHE T 21 -30.17 38.44 37.84
C PHE T 21 -31.39 38.72 36.98
N GLN T 22 -32.05 37.64 36.52
CA GLN T 22 -33.17 37.72 35.57
C GLN T 22 -34.54 37.87 36.24
N PHE T 23 -35.46 38.54 35.54
CA PHE T 23 -36.86 38.75 35.97
C PHE T 23 -37.73 39.10 34.72
N VAL T 24 -39.02 39.46 34.90
CA VAL T 24 -39.89 39.79 33.76
C VAL T 24 -40.68 41.07 34.01
N ASP T 25 -40.98 41.82 32.93
CA ASP T 25 -41.84 43.00 33.04
C ASP T 25 -43.33 42.53 33.01
N ILE T 26 -44.29 43.46 33.09
CA ILE T 26 -45.71 43.10 33.10
C ILE T 26 -46.12 42.29 31.85
N LEU T 27 -45.57 42.63 30.67
CA LEU T 27 -45.91 41.93 29.43
C LEU T 27 -45.19 40.57 29.24
N GLY T 28 -44.34 40.17 30.19
CA GLY T 28 -43.62 38.91 30.12
C GLY T 28 -42.29 38.99 29.39
N VAL T 29 -41.78 40.20 29.10
CA VAL T 29 -40.50 40.39 28.43
C VAL T 29 -39.41 40.18 29.48
N PRO T 30 -38.42 39.30 29.28
CA PRO T 30 -37.38 39.11 30.29
C PRO T 30 -36.43 40.32 30.37
N LYS T 31 -35.97 40.63 31.59
CA LYS T 31 -35.06 41.74 31.88
C LYS T 31 -33.98 41.21 32.85
N ASN T 32 -32.71 41.64 32.70
CA ASN T 32 -31.64 41.17 33.58
C ASN T 32 -30.45 42.14 33.66
N VAL T 33 -29.60 41.95 34.69
CA VAL T 33 -28.39 42.74 34.91
C VAL T 33 -27.26 41.76 35.23
N ALA T 34 -26.09 41.93 34.60
CA ALA T 34 -24.95 41.05 34.82
C ALA T 34 -24.05 41.54 35.96
N PHE T 35 -23.56 40.62 36.80
CA PHE T 35 -22.66 40.91 37.91
C PHE T 35 -21.36 40.13 37.66
N PRO T 36 -20.17 40.78 37.60
CA PRO T 36 -18.93 40.01 37.40
C PRO T 36 -18.41 39.39 38.69
N ILE T 37 -18.15 38.08 38.67
CA ILE T 37 -17.67 37.35 39.84
C ILE T 37 -16.14 37.41 39.91
N LYS T 38 -15.59 38.03 40.97
CA LYS T 38 -14.13 38.17 41.08
C LYS T 38 -13.46 36.84 41.51
N ALA T 39 -12.16 36.73 41.22
CA ALA T 39 -11.37 35.53 41.57
C ALA T 39 -11.06 35.48 43.08
N GLY T 40 -10.77 34.27 43.57
CA GLY T 40 -10.42 34.06 44.96
C GLY T 40 -11.59 34.13 45.93
N GLU T 41 -11.27 33.98 47.22
CA GLU T 41 -12.29 34.01 48.29
C GLU T 41 -13.03 35.36 48.36
N LYS T 42 -12.35 36.48 48.05
CA LYS T 42 -12.97 37.80 48.08
C LYS T 42 -14.13 37.92 47.07
N GLY T 43 -13.97 37.29 45.91
CA GLY T 43 -15.00 37.28 44.89
C GLY T 43 -16.19 36.40 45.26
N ILE T 44 -15.93 35.27 45.92
CA ILE T 44 -16.98 34.34 46.35
C ILE T 44 -17.77 34.95 47.51
N GLU T 45 -17.10 35.65 48.44
CA GLU T 45 -17.81 36.30 49.55
C GLU T 45 -18.62 37.51 49.07
N GLU T 46 -18.17 38.19 47.99
CA GLU T 46 -18.92 39.30 47.40
C GLU T 46 -20.18 38.74 46.75
N LEU T 47 -20.06 37.63 45.99
CA LEU T 47 -21.20 37.00 45.34
C LEU T 47 -22.19 36.47 46.38
N ARG T 48 -21.70 35.96 47.53
CA ARG T 48 -22.56 35.46 48.60
C ARG T 48 -23.49 36.57 49.10
N ASP T 49 -22.95 37.79 49.29
CA ASP T 49 -23.73 38.93 49.77
C ASP T 49 -24.80 39.34 48.74
N VAL T 50 -24.43 39.41 47.46
CA VAL T 50 -25.35 39.79 46.40
C VAL T 50 -26.39 38.69 46.15
N LEU T 51 -26.07 37.40 46.42
CA LEU T 51 -27.05 36.32 46.25
C LEU T 51 -28.07 36.30 47.40
N GLU T 52 -27.64 36.58 48.64
CA GLU T 52 -28.52 36.59 49.81
C GLU T 52 -29.35 37.87 49.94
N ASN T 53 -28.70 39.05 49.87
CA ASN T 53 -29.36 40.35 50.03
C ASN T 53 -29.95 40.94 48.73
N GLY T 54 -29.54 40.42 47.57
CA GLY T 54 -30.02 40.92 46.29
C GLY T 54 -29.33 42.19 45.86
N LEU T 55 -29.90 42.88 44.85
CA LEU T 55 -29.34 44.12 44.33
C LEU T 55 -30.44 45.09 43.86
N TYR T 56 -30.10 46.38 43.82
CA TYR T 56 -31.04 47.45 43.45
C TYR T 56 -31.13 47.68 41.93
N PHE T 57 -32.21 48.32 41.48
CA PHE T 57 -32.41 48.64 40.07
C PHE T 57 -33.49 49.72 39.89
N ASP T 58 -33.46 50.45 38.77
CA ASP T 58 -34.45 51.48 38.46
C ASP T 58 -35.75 50.83 37.99
N GLY T 59 -36.79 50.92 38.82
CA GLY T 59 -38.10 50.35 38.51
C GLY T 59 -38.94 51.15 37.54
N SER T 60 -38.68 52.46 37.40
CA SER T 60 -39.45 53.32 36.50
C SER T 60 -39.24 52.97 35.03
N SER T 61 -38.03 52.49 34.68
CA SER T 61 -37.72 52.11 33.30
C SER T 61 -38.38 50.77 32.91
N ILE T 62 -38.68 49.89 33.88
CA ILE T 62 -39.33 48.61 33.60
C ILE T 62 -40.83 48.86 33.37
N GLU T 63 -41.44 48.16 32.40
CA GLU T 63 -42.84 48.35 32.06
C GLU T 63 -43.81 47.81 33.12
N GLY T 64 -44.78 48.63 33.50
CA GLY T 64 -45.81 48.27 34.48
C GLY T 64 -45.30 48.03 35.88
N PHE T 65 -44.26 48.76 36.30
CA PHE T 65 -43.68 48.60 37.64
C PHE T 65 -44.00 49.82 38.53
N VAL T 66 -43.12 50.84 38.64
CA VAL T 66 -43.33 51.98 39.52
C VAL T 66 -43.05 53.31 38.83
N GLY T 67 -43.52 54.41 39.42
CA GLY T 67 -43.30 55.75 38.90
C GLY T 67 -41.88 56.23 39.12
N ILE T 68 -41.54 57.37 38.51
CA ILE T 68 -40.20 57.95 38.65
C ILE T 68 -39.94 58.47 40.08
N ASN T 69 -40.98 58.98 40.76
CA ASN T 69 -40.84 59.51 42.12
C ASN T 69 -40.66 58.43 43.23
N GLU T 70 -40.79 57.13 42.88
CA GLU T 70 -40.65 56.00 43.82
C GLU T 70 -40.01 54.83 43.06
N SER T 71 -38.92 55.10 42.34
CA SER T 71 -38.26 54.14 41.47
C SER T 71 -37.33 53.09 42.13
N ASP T 72 -36.80 53.35 43.33
CA ASP T 72 -35.88 52.40 43.99
C ASP T 72 -36.53 51.06 44.34
N MET T 73 -36.02 49.95 43.73
CA MET T 73 -36.51 48.58 43.91
C MET T 73 -35.35 47.57 44.09
N MET T 74 -35.65 46.30 44.41
CA MET T 74 -34.65 45.23 44.62
C MET T 74 -35.04 43.91 43.95
N LEU T 75 -34.05 43.01 43.78
CA LEU T 75 -34.24 41.67 43.19
C LEU T 75 -33.72 40.60 44.15
N LYS T 76 -34.61 39.78 44.73
CA LYS T 76 -34.24 38.71 45.65
C LYS T 76 -34.13 37.38 44.88
N PRO T 77 -32.91 36.83 44.64
CA PRO T 77 -32.78 35.60 43.85
C PRO T 77 -33.42 34.32 44.38
N ASP T 78 -34.02 33.53 43.48
CA ASP T 78 -34.56 32.21 43.80
C ASP T 78 -33.43 31.27 43.43
N LEU T 79 -32.70 30.78 44.45
CA LEU T 79 -31.52 29.94 44.26
C LEU T 79 -31.79 28.59 43.58
N SER T 80 -33.05 28.12 43.58
CA SER T 80 -33.39 26.87 42.90
C SER T 80 -33.37 27.01 41.36
N THR T 81 -33.52 28.24 40.84
CA THR T 81 -33.55 28.52 39.40
C THR T 81 -32.15 28.74 38.81
N PHE T 82 -31.08 28.27 39.48
CA PHE T 82 -29.72 28.46 38.97
C PHE T 82 -29.51 27.60 37.72
N SER T 83 -28.86 28.17 36.70
CA SER T 83 -28.58 27.47 35.44
C SER T 83 -27.45 28.14 34.67
N VAL T 84 -26.74 27.37 33.84
CA VAL T 84 -25.65 27.89 33.00
C VAL T 84 -26.19 28.19 31.61
N LEU T 85 -25.97 29.42 31.09
CA LEU T 85 -26.44 29.77 29.76
C LEU T 85 -25.57 29.04 28.76
N PRO T 86 -26.15 28.12 27.96
CA PRO T 86 -25.32 27.33 27.04
C PRO T 86 -24.81 28.13 25.84
N TRP T 87 -25.66 29.00 25.28
CA TRP T 87 -25.28 29.81 24.12
C TRP T 87 -24.09 30.75 24.44
N ARG T 88 -23.90 31.13 25.73
CA ARG T 88 -22.75 31.95 26.12
C ARG T 88 -21.45 31.10 26.20
N PRO T 89 -20.24 31.70 26.28
CA PRO T 89 -19.01 30.89 26.30
C PRO T 89 -18.88 29.93 27.49
N SER T 90 -18.13 28.85 27.27
CA SER T 90 -17.88 27.83 28.28
C SER T 90 -16.76 28.26 29.23
N GLU T 91 -15.66 28.82 28.68
CA GLU T 91 -14.54 29.31 29.50
C GLU T 91 -14.99 30.67 30.06
N LYS T 92 -14.95 30.84 31.39
CA LYS T 92 -15.45 32.04 32.08
C LYS T 92 -16.97 32.15 31.81
N SER T 93 -17.67 31.03 32.05
CA SER T 93 -19.09 30.84 31.77
C SER T 93 -20.03 31.89 32.37
N VAL T 94 -21.23 32.03 31.79
CA VAL T 94 -22.26 32.97 32.20
C VAL T 94 -23.43 32.19 32.77
N ALA T 95 -23.74 32.37 34.07
CA ALA T 95 -24.86 31.70 34.73
C ALA T 95 -25.98 32.70 35.07
N ARG T 96 -27.21 32.20 35.23
CA ARG T 96 -28.38 33.02 35.53
C ARG T 96 -29.05 32.60 36.82
N VAL T 97 -29.88 33.50 37.38
CA VAL T 97 -30.67 33.22 38.56
C VAL T 97 -31.95 34.08 38.49
N ILE T 98 -33.13 33.43 38.44
CA ILE T 98 -34.40 34.16 38.35
C ILE T 98 -34.74 34.73 39.73
N CYS T 99 -35.10 36.01 39.78
CA CYS T 99 -35.38 36.73 41.02
C CYS T 99 -36.83 37.13 41.14
N ASP T 100 -37.23 37.44 42.38
CA ASP T 100 -38.53 37.99 42.74
C ASP T 100 -38.30 39.49 42.99
N VAL T 101 -39.11 40.35 42.37
CA VAL T 101 -38.98 41.79 42.54
C VAL T 101 -39.55 42.16 43.91
N TYR T 102 -38.77 42.90 44.72
CA TYR T 102 -39.14 43.33 46.07
C TYR T 102 -39.00 44.85 46.20
N THR T 103 -39.81 45.43 47.09
CA THR T 103 -39.78 46.87 47.36
C THR T 103 -38.56 47.23 48.24
N THR T 104 -38.27 48.53 48.36
CA THR T 104 -37.15 49.03 49.16
C THR T 104 -37.20 48.53 50.61
N LYS T 105 -38.43 48.40 51.17
CA LYS T 105 -38.62 47.91 52.54
C LYS T 105 -38.47 46.37 52.69
N GLY T 106 -38.03 45.67 51.63
CA GLY T 106 -37.84 44.23 51.67
C GLY T 106 -39.13 43.41 51.68
N LYS T 107 -40.20 43.95 51.07
CA LYS T 107 -41.51 43.30 50.99
C LYS T 107 -41.78 42.91 49.52
N PRO T 108 -42.35 41.73 49.19
CA PRO T 108 -42.56 41.39 47.76
C PRO T 108 -43.37 42.45 47.00
N PHE T 109 -42.91 42.83 45.79
CA PHE T 109 -43.58 43.85 45.00
C PHE T 109 -44.92 43.34 44.47
N GLU T 110 -45.99 44.11 44.73
CA GLU T 110 -47.35 43.80 44.29
C GLU T 110 -47.48 43.63 42.77
N GLY T 111 -46.79 44.48 42.01
CA GLY T 111 -46.83 44.43 40.54
C GLY T 111 -45.84 43.47 39.90
N ASP T 112 -45.39 42.45 40.64
CA ASP T 112 -44.44 41.46 40.13
C ASP T 112 -45.18 40.25 39.54
N PRO T 113 -45.05 39.90 38.24
CA PRO T 113 -45.76 38.72 37.73
C PRO T 113 -45.35 37.40 38.39
N ARG T 114 -44.07 37.23 38.74
CA ARG T 114 -43.59 35.99 39.38
C ARG T 114 -44.15 35.82 40.79
N GLY T 115 -44.17 36.91 41.55
CA GLY T 115 -44.72 36.92 42.90
C GLY T 115 -46.22 36.71 42.90
N CYS T 116 -46.91 37.17 41.82
CA CYS T 116 -48.34 36.99 41.65
C CYS T 116 -48.67 35.50 41.53
N LEU T 117 -47.86 34.74 40.77
CA LEU T 117 -48.06 33.31 40.61
C LEU T 117 -47.70 32.56 41.90
N LYS T 118 -46.63 32.99 42.61
CA LYS T 118 -46.24 32.37 43.87
C LYS T 118 -47.36 32.54 44.90
N ARG T 119 -47.94 33.75 44.99
CA ARG T 119 -49.02 34.06 45.93
C ARG T 119 -50.21 33.12 45.75
N VAL T 120 -50.74 32.99 44.53
CA VAL T 120 -51.91 32.13 44.29
C VAL T 120 -51.59 30.64 44.48
N MET T 121 -50.34 30.20 44.21
CA MET T 121 -49.95 28.81 44.42
C MET T 121 -49.82 28.50 45.91
N GLU T 122 -49.27 29.43 46.70
CA GLU T 122 -49.15 29.26 48.15
C GLU T 122 -50.54 29.25 48.78
N GLU T 123 -51.46 30.09 48.29
CA GLU T 123 -52.85 30.12 48.77
C GLU T 123 -53.57 28.81 48.45
N PHE T 124 -53.32 28.24 47.27
CA PHE T 124 -53.92 26.96 46.86
C PHE T 124 -53.37 25.82 47.73
N LYS T 125 -52.05 25.80 47.97
CA LYS T 125 -51.42 24.79 48.81
C LYS T 125 -51.87 24.89 50.28
N LYS T 126 -52.19 26.10 50.76
CA LYS T 126 -52.64 26.29 52.13
C LYS T 126 -54.10 25.86 52.31
N GLU T 127 -54.97 26.21 51.36
CA GLU T 127 -56.40 25.92 51.44
C GLU T 127 -56.78 24.48 51.08
N PHE T 128 -56.22 23.93 49.99
CA PHE T 128 -56.56 22.58 49.50
C PHE T 128 -55.44 21.55 49.59
N ASN T 129 -54.20 21.96 49.86
CA ASN T 129 -53.06 21.05 49.88
C ASN T 129 -52.85 20.47 48.47
N GLY T 130 -52.91 21.35 47.47
CA GLY T 130 -52.78 21.00 46.06
C GLY T 130 -51.51 21.48 45.42
N GLU T 131 -51.26 20.95 44.20
CA GLU T 131 -50.10 21.27 43.38
C GLU T 131 -50.60 21.48 41.94
N TYR T 132 -50.47 22.70 41.40
CA TYR T 132 -50.94 23.02 40.05
C TYR T 132 -49.87 22.72 39.01
N PHE T 133 -50.11 21.70 38.16
CA PHE T 133 -49.16 21.26 37.13
C PHE T 133 -49.56 21.77 35.73
N VAL T 134 -48.58 22.29 34.96
CA VAL T 134 -48.80 22.81 33.61
C VAL T 134 -47.70 22.28 32.67
N GLY T 135 -48.08 22.00 31.42
CA GLY T 135 -47.20 21.51 30.37
C GLY T 135 -47.58 22.16 29.05
N PRO T 136 -46.92 23.26 28.65
CA PRO T 136 -47.30 23.94 27.42
C PRO T 136 -46.61 23.42 26.16
N GLU T 137 -47.14 23.79 25.00
CA GLU T 137 -46.63 23.44 23.67
C GLU T 137 -46.41 24.76 22.90
N PRO T 138 -45.37 25.55 23.26
CA PRO T 138 -45.17 26.83 22.56
C PRO T 138 -44.54 26.67 21.16
N GLU T 139 -45.34 26.97 20.14
CA GLU T 139 -44.91 26.90 18.73
C GLU T 139 -44.23 28.21 18.32
N PHE T 140 -43.33 28.14 17.32
CA PHE T 140 -42.61 29.31 16.83
C PHE T 140 -42.31 29.20 15.33
N PHE T 141 -41.90 30.32 14.70
CA PHE T 141 -41.56 30.37 13.29
C PHE T 141 -40.11 30.75 13.11
N LEU T 142 -39.39 30.05 12.22
CA LEU T 142 -38.01 30.39 11.88
C LEU T 142 -38.09 31.18 10.58
N LEU T 143 -37.53 32.39 10.56
CA LEU T 143 -37.62 33.27 9.40
C LEU T 143 -36.28 33.57 8.75
N LYS T 144 -36.31 33.96 7.48
CA LYS T 144 -35.17 34.39 6.69
C LYS T 144 -35.58 35.62 5.87
N LYS T 145 -34.63 36.49 5.52
CA LYS T 145 -34.95 37.70 4.75
C LYS T 145 -35.49 37.33 3.37
N ASP T 146 -36.48 38.10 2.89
CA ASP T 146 -37.08 37.88 1.58
C ASP T 146 -36.02 38.21 0.52
N PRO T 147 -35.71 37.31 -0.43
CA PRO T 147 -34.70 37.64 -1.44
C PRO T 147 -35.13 38.80 -2.36
N HIS T 148 -36.43 38.88 -2.68
CA HIS T 148 -36.97 39.96 -3.52
C HIS T 148 -37.02 41.33 -2.79
N ASN T 149 -36.94 41.34 -1.44
CA ASN T 149 -36.93 42.58 -0.66
C ASN T 149 -36.33 42.30 0.74
N PRO T 150 -35.10 42.78 1.06
CA PRO T 150 -34.51 42.46 2.37
C PRO T 150 -35.21 43.07 3.59
N HIS T 151 -36.05 44.09 3.39
CA HIS T 151 -36.77 44.72 4.49
C HIS T 151 -37.87 43.82 5.09
N LYS T 152 -38.40 42.84 4.32
CA LYS T 152 -39.44 41.92 4.78
C LYS T 152 -38.86 40.53 5.09
N TYR T 153 -39.57 39.76 5.94
CA TYR T 153 -39.17 38.40 6.33
C TYR T 153 -40.18 37.37 5.82
N ILE T 154 -39.71 36.15 5.55
CA ILE T 154 -40.52 35.03 5.07
C ILE T 154 -40.17 33.74 5.84
N PRO T 155 -40.95 32.64 5.72
CA PRO T 155 -40.59 31.40 6.44
C PRO T 155 -39.31 30.76 5.92
N ALA T 156 -38.56 30.08 6.80
CA ALA T 156 -37.28 29.44 6.44
C ALA T 156 -37.41 28.29 5.44
N ASP T 157 -38.54 27.57 5.42
CA ASP T 157 -38.71 26.44 4.50
C ASP T 157 -40.18 26.19 4.15
N ASP T 158 -40.41 25.48 3.03
CA ASP T 158 -41.75 25.12 2.58
C ASP T 158 -42.13 23.74 3.14
N GLY T 159 -41.88 23.55 4.43
CA GLY T 159 -42.16 22.28 5.10
C GLY T 159 -43.54 22.20 5.73
N GLY T 160 -44.02 20.97 5.89
CA GLY T 160 -45.32 20.68 6.48
C GLY T 160 -45.19 20.03 7.85
N TYR T 161 -46.27 19.43 8.34
CA TYR T 161 -46.29 18.79 9.64
C TYR T 161 -45.43 17.53 9.65
N PHE T 162 -44.50 17.41 10.61
CA PHE T 162 -43.61 16.24 10.77
C PHE T 162 -42.75 15.94 9.52
N ASP T 163 -42.59 16.86 8.55
CA ASP T 163 -41.82 16.57 7.33
C ASP T 163 -40.34 16.25 7.61
N LEU T 164 -39.71 15.51 6.68
CA LEU T 164 -38.29 15.10 6.76
C LEU T 164 -37.41 16.01 5.91
N GLU T 165 -36.11 16.05 6.24
CA GLU T 165 -35.12 16.79 5.47
C GLU T 165 -34.97 16.18 4.06
N PRO T 166 -34.63 16.96 3.01
CA PRO T 166 -34.34 18.40 3.00
C PRO T 166 -35.56 19.31 2.95
N MET T 167 -36.78 18.75 2.86
CA MET T 167 -38.03 19.54 2.85
C MET T 167 -38.12 20.36 4.15
N ASP T 168 -37.76 19.73 5.28
CA ASP T 168 -37.66 20.36 6.60
C ASP T 168 -36.21 20.83 6.71
N GLU T 169 -35.96 22.15 6.66
CA GLU T 169 -34.61 22.69 6.72
C GLU T 169 -34.17 23.09 8.14
N ALA T 170 -34.87 22.60 9.19
CA ALA T 170 -34.51 22.96 10.55
C ALA T 170 -34.05 21.80 11.48
N PRO T 171 -33.60 20.61 11.02
CA PRO T 171 -33.14 19.58 11.97
C PRO T 171 -31.91 20.03 12.76
N ASP T 172 -31.00 20.77 12.11
CA ASP T 172 -29.80 21.29 12.77
C ASP T 172 -30.15 22.37 13.79
N ILE T 173 -31.11 23.25 13.46
CA ILE T 173 -31.53 24.31 14.37
C ILE T 173 -32.24 23.70 15.58
N ARG T 174 -33.16 22.76 15.36
CA ARG T 174 -33.86 22.09 16.45
C ARG T 174 -32.90 21.26 17.31
N ARG T 175 -31.87 20.64 16.69
CA ARG T 175 -30.85 19.84 17.40
C ARG T 175 -30.17 20.69 18.49
N ASP T 176 -29.66 21.87 18.12
CA ASP T 176 -28.98 22.75 19.06
C ASP T 176 -29.93 23.31 20.11
N ILE T 177 -31.21 23.55 19.74
CA ILE T 177 -32.23 24.02 20.70
C ILE T 177 -32.41 22.98 21.80
N VAL T 178 -32.57 21.70 21.41
CA VAL T 178 -32.79 20.64 22.38
C VAL T 178 -31.56 20.47 23.29
N PHE T 179 -30.34 20.53 22.73
CA PHE T 179 -29.13 20.42 23.54
C PHE T 179 -29.04 21.57 24.54
N ALA T 180 -29.38 22.80 24.12
CA ALA T 180 -29.33 23.96 25.01
C ALA T 180 -30.35 23.86 26.14
N LEU T 181 -31.58 23.42 25.83
CA LEU T 181 -32.62 23.27 26.84
C LEU T 181 -32.24 22.17 27.84
N GLU T 182 -31.69 21.04 27.38
CA GLU T 182 -31.26 19.97 28.28
C GLU T 182 -30.19 20.46 29.27
N ASN T 183 -29.27 21.33 28.83
CA ASN T 183 -28.25 21.89 29.70
C ASN T 183 -28.86 22.86 30.73
N LEU T 184 -29.92 23.58 30.35
CA LEU T 184 -30.64 24.49 31.27
C LEU T 184 -31.54 23.76 32.29
N GLY T 185 -31.60 22.42 32.24
CA GLY T 185 -32.40 21.62 33.17
C GLY T 185 -33.76 21.18 32.64
N PHE T 186 -34.03 21.36 31.36
CA PHE T 186 -35.31 20.96 30.76
C PHE T 186 -35.35 19.48 30.48
N HIS T 187 -36.54 18.89 30.58
CA HIS T 187 -36.77 17.49 30.23
C HIS T 187 -37.54 17.55 28.91
N VAL T 188 -36.81 17.64 27.80
CA VAL T 188 -37.42 17.76 26.47
C VAL T 188 -38.11 16.45 26.12
N GLU T 189 -39.37 16.52 25.65
CA GLU T 189 -40.14 15.32 25.31
C GLU T 189 -40.08 15.00 23.81
N ALA T 190 -40.31 16.00 22.93
CA ALA T 190 -40.29 15.78 21.49
C ALA T 190 -40.06 17.08 20.71
N SER T 191 -39.60 16.97 19.46
CA SER T 191 -39.34 18.11 18.59
C SER T 191 -39.65 17.72 17.14
N HIS T 192 -40.27 18.63 16.37
CA HIS T 192 -40.68 18.34 15.00
C HIS T 192 -41.12 19.61 14.25
N HIS T 193 -41.32 19.50 12.92
CA HIS T 193 -41.81 20.61 12.10
C HIS T 193 -43.34 20.66 12.27
N GLU T 194 -43.92 21.86 12.25
CA GLU T 194 -45.37 22.04 12.41
C GLU T 194 -46.06 22.33 11.05
N VAL T 195 -47.40 22.36 11.05
CA VAL T 195 -48.25 22.53 9.85
C VAL T 195 -47.79 23.65 8.89
N ALA T 196 -47.66 24.90 9.36
CA ALA T 196 -47.31 26.01 8.50
C ALA T 196 -45.84 26.00 8.03
N PRO T 197 -45.52 26.63 6.88
CA PRO T 197 -44.11 26.68 6.44
C PRO T 197 -43.20 27.33 7.48
N GLY T 198 -42.02 26.75 7.70
CA GLY T 198 -41.06 27.31 8.66
C GLY T 198 -41.48 27.26 10.11
N GLN T 199 -42.68 26.70 10.42
CA GLN T 199 -43.16 26.60 11.80
C GLN T 199 -42.60 25.33 12.45
N HIS T 200 -42.29 25.41 13.75
CA HIS T 200 -41.74 24.29 14.51
C HIS T 200 -42.34 24.22 15.92
N GLU T 201 -42.13 23.10 16.61
CA GLU T 201 -42.65 22.91 17.96
C GLU T 201 -41.67 22.04 18.75
N VAL T 202 -41.22 22.54 19.92
CA VAL T 202 -40.32 21.80 20.80
C VAL T 202 -41.05 21.67 22.13
N ASP T 203 -41.50 20.45 22.46
CA ASP T 203 -42.25 20.16 23.67
C ASP T 203 -41.33 19.79 24.83
N PHE T 204 -41.80 20.03 26.06
CA PHE T 204 -41.05 19.69 27.27
C PHE T 204 -42.00 19.20 28.37
N LYS T 205 -41.46 18.45 29.34
CA LYS T 205 -42.26 17.83 30.39
C LYS T 205 -42.98 18.84 31.27
N PHE T 206 -44.15 18.44 31.77
CA PHE T 206 -44.94 19.27 32.67
C PHE T 206 -44.29 19.34 34.06
N ASP T 207 -44.59 20.40 34.80
CA ASP T 207 -44.08 20.62 36.16
C ASP T 207 -45.02 21.61 36.90
N ASP T 208 -44.71 22.01 38.15
CA ASP T 208 -45.54 22.98 38.86
C ASP T 208 -45.51 24.33 38.13
N ALA T 209 -46.63 25.08 38.16
CA ALA T 209 -46.79 26.34 37.45
C ALA T 209 -45.60 27.30 37.53
N LEU T 210 -44.94 27.42 38.70
CA LEU T 210 -43.80 28.33 38.84
C LEU T 210 -42.60 27.82 38.01
N LYS T 211 -42.21 26.55 38.17
CA LYS T 211 -41.09 25.98 37.40
C LYS T 211 -41.39 25.96 35.90
N THR T 212 -42.68 25.79 35.53
CA THR T 212 -43.10 25.79 34.13
C THR T 212 -43.03 27.21 33.54
N ALA T 213 -43.44 28.24 34.31
CA ALA T 213 -43.38 29.62 33.82
C ALA T 213 -41.94 30.09 33.69
N ASP T 214 -41.05 29.66 34.61
CA ASP T 214 -39.62 29.97 34.52
C ASP T 214 -39.04 29.33 33.24
N SER T 215 -39.49 28.10 32.91
CA SER T 215 -39.07 27.39 31.72
C SER T 215 -39.59 28.04 30.43
N VAL T 216 -40.82 28.60 30.42
CA VAL T 216 -41.35 29.25 29.21
C VAL T 216 -40.51 30.49 28.85
N ILE T 217 -40.09 31.28 29.85
CA ILE T 217 -39.28 32.48 29.60
C ILE T 217 -37.92 32.09 29.04
N THR T 218 -37.29 31.08 29.64
CA THR T 218 -35.99 30.59 29.21
C THR T 218 -36.07 29.95 27.83
N PHE T 219 -37.18 29.27 27.53
CA PHE T 219 -37.39 28.63 26.24
C PHE T 219 -37.46 29.67 25.13
N LYS T 220 -38.24 30.75 25.32
CA LYS T 220 -38.35 31.80 24.33
C LYS T 220 -37.00 32.45 23.99
N THR T 221 -36.16 32.71 25.00
CA THR T 221 -34.83 33.29 24.76
C THR T 221 -33.92 32.28 24.05
N THR T 222 -33.95 31.00 24.47
CA THR T 222 -33.13 29.92 23.88
C THR T 222 -33.42 29.74 22.38
N ILE T 223 -34.70 29.79 21.99
CA ILE T 223 -35.12 29.63 20.59
C ILE T 223 -34.64 30.84 19.78
N LYS T 224 -34.79 32.06 20.31
CA LYS T 224 -34.39 33.26 19.58
C LYS T 224 -32.87 33.40 19.42
N THR T 225 -32.10 33.16 20.49
CA THR T 225 -30.64 33.28 20.46
C THR T 225 -29.99 32.21 19.57
N ILE T 226 -30.47 30.96 19.62
CA ILE T 226 -29.93 29.87 18.79
C ILE T 226 -30.27 30.11 17.32
N ALA T 227 -31.44 30.67 17.02
CA ALA T 227 -31.81 30.97 15.64
C ALA T 227 -30.87 32.01 15.05
N GLU T 228 -30.48 33.04 15.84
CA GLU T 228 -29.55 34.07 15.35
C GLU T 228 -28.18 33.48 15.04
N GLN T 229 -27.76 32.43 15.77
CA GLN T 229 -26.47 31.77 15.51
C GLN T 229 -26.49 31.09 14.14
N HIS T 230 -27.64 30.55 13.69
CA HIS T 230 -27.77 29.89 12.39
C HIS T 230 -28.28 30.87 11.30
N GLY T 231 -28.01 32.17 11.45
CA GLY T 231 -28.40 33.19 10.49
C GLY T 231 -29.88 33.39 10.25
N LEU T 232 -30.74 32.92 11.16
CA LEU T 232 -32.20 33.04 11.03
C LEU T 232 -32.78 33.94 12.15
N LYS T 233 -34.10 34.19 12.14
CA LYS T 233 -34.75 35.02 13.15
C LYS T 233 -36.03 34.29 13.60
N ALA T 234 -36.10 33.87 14.88
CA ALA T 234 -37.27 33.17 15.39
C ALA T 234 -38.28 34.14 15.97
N THR T 235 -39.58 33.93 15.70
CA THR T 235 -40.65 34.79 16.23
C THR T 235 -41.77 33.97 16.86
N PHE T 236 -42.22 34.42 18.04
CA PHE T 236 -43.36 33.82 18.74
C PHE T 236 -44.59 34.68 18.49
N MET T 237 -44.75 35.21 17.26
CA MET T 237 -45.89 36.04 16.91
C MET T 237 -47.09 35.09 16.70
N PRO T 238 -48.28 35.35 17.30
CA PRO T 238 -49.41 34.42 17.12
C PRO T 238 -49.86 34.14 15.69
N LYS T 239 -49.58 35.04 14.73
CA LYS T 239 -50.00 34.88 13.35
C LYS T 239 -49.13 35.80 12.46
N PRO T 240 -47.89 35.40 12.18
CA PRO T 240 -47.03 36.26 11.35
C PRO T 240 -47.47 36.36 9.90
N PHE T 241 -48.11 35.30 9.37
CA PHE T 241 -48.57 35.29 7.99
C PHE T 241 -50.02 34.84 7.87
N PHE T 242 -50.79 35.49 6.98
CA PHE T 242 -52.18 35.16 6.71
C PHE T 242 -52.24 33.94 5.77
N GLY T 243 -53.25 33.10 5.95
CA GLY T 243 -53.43 31.92 5.11
C GLY T 243 -52.70 30.67 5.56
N MET T 244 -51.99 30.73 6.69
CA MET T 244 -51.27 29.57 7.25
C MET T 244 -51.42 29.55 8.77
N ASN T 245 -51.27 28.36 9.39
CA ASN T 245 -51.41 28.20 10.84
C ASN T 245 -50.61 29.20 11.67
N GLY T 246 -51.14 29.53 12.83
CA GLY T 246 -50.50 30.46 13.76
C GLY T 246 -49.81 29.75 14.90
N SER T 247 -48.95 30.46 15.62
CA SER T 247 -48.23 29.91 16.77
C SER T 247 -49.16 29.81 17.99
N GLY T 248 -49.40 28.58 18.45
CA GLY T 248 -50.25 28.33 19.59
C GLY T 248 -49.52 27.66 20.74
N MET T 249 -49.89 28.00 21.98
CA MET T 249 -49.28 27.44 23.17
C MET T 249 -50.38 26.73 23.97
N HIS T 250 -50.67 25.49 23.58
CA HIS T 250 -51.71 24.69 24.24
C HIS T 250 -51.24 24.34 25.66
N CYS T 251 -52.02 24.71 26.69
CA CYS T 251 -51.64 24.46 28.08
C CYS T 251 -52.32 23.25 28.69
N HIS T 252 -51.62 22.10 28.70
CA HIS T 252 -52.12 20.88 29.34
C HIS T 252 -51.97 21.10 30.84
N GLN T 253 -53.06 21.00 31.61
CA GLN T 253 -53.01 21.29 33.04
C GLN T 253 -53.84 20.34 33.90
N SER T 254 -53.49 20.25 35.20
CA SER T 254 -54.16 19.40 36.18
C SER T 254 -53.82 19.83 37.62
N ILE T 255 -54.66 19.46 38.60
CA ILE T 255 -54.46 19.77 40.02
C ILE T 255 -54.51 18.48 40.86
N TRP T 256 -53.50 18.28 41.73
CA TRP T 256 -53.37 17.08 42.57
C TRP T 256 -53.55 17.43 44.05
N LEU T 257 -54.75 17.18 44.61
CA LEU T 257 -55.02 17.46 46.02
C LEU T 257 -54.59 16.27 46.89
N ASN T 258 -53.72 16.54 47.88
CA ASN T 258 -53.21 15.53 48.79
C ASN T 258 -52.39 14.46 48.06
N GLY T 259 -51.56 14.89 47.12
CA GLY T 259 -50.70 14.01 46.35
C GLY T 259 -51.36 13.01 45.40
N GLU T 260 -52.71 12.99 45.34
CA GLU T 260 -53.44 12.06 44.46
C GLU T 260 -53.88 12.73 43.16
N PRO T 261 -54.07 11.98 42.05
CA PRO T 261 -54.56 12.62 40.82
C PRO T 261 -56.06 12.87 40.96
N SER T 262 -56.40 14.08 41.44
CA SER T 262 -57.78 14.49 41.69
C SER T 262 -58.66 14.56 40.46
N PHE T 263 -58.07 14.65 39.26
CA PHE T 263 -58.85 14.71 38.03
C PHE T 263 -59.29 13.32 37.54
N TYR T 264 -58.59 12.23 37.93
CA TYR T 264 -58.95 10.87 37.52
C TYR T 264 -59.92 10.22 38.49
N ASP T 265 -60.89 9.46 37.95
CA ASP T 265 -61.87 8.69 38.72
C ASP T 265 -62.21 7.45 37.89
N GLU T 266 -61.63 6.30 38.26
CA GLU T 266 -61.82 5.01 37.56
C GLU T 266 -63.30 4.68 37.37
N ASN T 267 -64.13 4.93 38.39
CA ASN T 267 -65.57 4.67 38.33
C ASN T 267 -66.35 5.98 38.09
N ALA T 268 -66.29 6.52 36.85
CA ALA T 268 -67.00 7.75 36.48
C ALA T 268 -67.12 7.92 34.95
N PRO T 269 -67.97 8.84 34.43
CA PRO T 269 -68.07 8.99 32.97
C PRO T 269 -66.79 9.56 32.36
N TYR T 270 -66.31 8.95 31.27
CA TYR T 270 -65.05 9.32 30.61
C TYR T 270 -63.83 9.17 31.53
N GLN T 271 -63.98 8.48 32.70
CA GLN T 271 -62.93 8.34 33.71
C GLN T 271 -62.41 9.71 34.15
N LEU T 272 -63.33 10.66 34.38
CA LEU T 272 -63.02 12.03 34.81
C LEU T 272 -63.79 12.32 36.09
N SER T 273 -63.09 12.82 37.10
CA SER T 273 -63.67 13.10 38.42
C SER T 273 -64.57 14.36 38.43
N GLU T 274 -65.31 14.56 39.53
CA GLU T 274 -66.15 15.74 39.70
C GLU T 274 -65.26 16.99 39.79
N THR T 275 -64.09 16.89 40.46
CA THR T 275 -63.14 18.01 40.57
C THR T 275 -62.71 18.48 39.18
N CYS T 276 -62.50 17.56 38.23
CA CYS T 276 -62.13 17.90 36.86
C CYS T 276 -63.25 18.70 36.20
N MET T 277 -64.50 18.23 36.30
CA MET T 277 -65.65 18.89 35.70
C MET T 277 -65.90 20.27 36.32
N ASN T 278 -65.71 20.41 37.63
CA ASN T 278 -65.88 21.70 38.29
C ASN T 278 -64.81 22.68 37.79
N TYR T 279 -63.57 22.20 37.60
CA TYR T 279 -62.46 23.02 37.11
C TYR T 279 -62.74 23.48 35.68
N VAL T 280 -63.19 22.57 34.80
CA VAL T 280 -63.50 22.89 33.41
C VAL T 280 -64.64 23.92 33.36
N ALA T 281 -65.66 23.79 34.22
CA ALA T 281 -66.77 24.74 34.27
C ALA T 281 -66.29 26.16 34.59
N GLY T 282 -65.32 26.27 35.49
CA GLY T 282 -64.74 27.56 35.87
C GLY T 282 -63.95 28.21 34.75
N ILE T 283 -63.21 27.42 33.96
CA ILE T 283 -62.44 27.96 32.84
C ILE T 283 -63.41 28.48 31.78
N LEU T 284 -64.45 27.70 31.46
CA LEU T 284 -65.45 28.07 30.46
C LEU T 284 -66.26 29.30 30.89
N LYS T 285 -66.48 29.47 32.21
CA LYS T 285 -67.21 30.62 32.74
C LYS T 285 -66.43 31.92 32.46
N HIS T 286 -65.15 31.97 32.84
CA HIS T 286 -64.32 33.15 32.66
C HIS T 286 -63.51 33.11 31.35
N ALA T 287 -63.90 32.28 30.37
CA ALA T 287 -63.18 32.15 29.09
C ALA T 287 -63.02 33.47 28.34
N LYS T 288 -64.08 34.30 28.30
CA LYS T 288 -64.03 35.59 27.61
C LYS T 288 -63.06 36.58 28.28
N ALA T 289 -62.79 36.41 29.59
CA ALA T 289 -61.88 37.27 30.34
C ALA T 289 -60.45 36.71 30.38
N ILE T 290 -60.27 35.38 30.35
CA ILE T 290 -58.96 34.76 30.39
C ILE T 290 -58.18 35.08 29.10
N VAL T 291 -58.87 35.11 27.94
CA VAL T 291 -58.21 35.39 26.66
C VAL T 291 -57.61 36.80 26.60
N ALA T 292 -57.97 37.72 27.52
CA ALA T 292 -57.34 39.05 27.54
C ALA T 292 -55.89 38.90 27.97
N ILE T 293 -55.62 38.05 28.98
CA ILE T 293 -54.27 37.80 29.49
C ILE T 293 -53.54 36.79 28.60
N THR T 294 -54.16 35.63 28.31
CA THR T 294 -53.52 34.57 27.51
C THR T 294 -53.36 34.91 26.03
N ASN T 295 -54.05 35.94 25.53
CA ASN T 295 -53.98 36.41 24.14
C ASN T 295 -53.90 37.94 24.21
N PRO T 296 -52.77 38.52 24.65
CA PRO T 296 -52.73 39.97 24.88
C PRO T 296 -52.36 40.88 23.71
N THR T 297 -52.08 40.33 22.53
CA THR T 297 -51.70 41.15 21.37
C THR T 297 -52.88 41.36 20.42
N VAL T 298 -52.80 42.40 19.58
CA VAL T 298 -53.82 42.66 18.55
C VAL T 298 -53.81 41.49 17.55
N ASN T 299 -52.60 41.02 17.19
CA ASN T 299 -52.40 39.92 16.25
C ASN T 299 -52.96 38.58 16.77
N SER T 300 -53.08 38.40 18.08
CA SER T 300 -53.61 37.16 18.65
C SER T 300 -55.04 36.87 18.16
N TYR T 301 -55.83 37.91 17.89
CA TYR T 301 -57.21 37.76 17.41
C TYR T 301 -57.32 37.59 15.88
N LYS T 302 -56.17 37.36 15.18
CA LYS T 302 -56.11 36.99 13.77
C LYS T 302 -55.91 35.45 13.69
N ARG T 303 -55.29 34.81 14.72
CA ARG T 303 -55.17 33.35 14.85
C ARG T 303 -56.48 32.92 15.53
N LEU T 304 -56.73 33.44 16.76
CA LEU T 304 -57.92 33.15 17.56
C LEU T 304 -59.06 34.04 17.05
N VAL T 305 -59.48 33.81 15.80
CA VAL T 305 -60.48 34.63 15.12
C VAL T 305 -61.89 33.98 15.11
N PRO T 306 -62.93 34.58 15.75
CA PRO T 306 -64.26 33.96 15.69
C PRO T 306 -64.83 33.85 14.28
N GLY T 307 -65.72 32.90 14.07
CA GLY T 307 -66.31 32.66 12.75
C GLY T 307 -65.42 31.87 11.79
N TYR T 308 -64.15 31.62 12.17
CA TYR T 308 -63.18 30.86 11.37
C TYR T 308 -62.52 29.76 12.21
N GLU T 309 -61.96 28.74 11.54
CA GLU T 309 -61.31 27.59 12.18
C GLU T 309 -60.24 28.00 13.21
N ALA T 310 -60.61 27.93 14.51
CA ALA T 310 -59.73 28.30 15.63
C ALA T 310 -60.32 27.79 16.97
N PRO T 311 -59.55 27.74 18.08
CA PRO T 311 -60.13 27.30 19.36
C PRO T 311 -60.87 28.47 20.04
N VAL T 312 -61.92 28.93 19.37
CA VAL T 312 -62.76 30.07 19.73
C VAL T 312 -64.08 29.66 20.41
N ASN T 313 -64.55 28.45 20.13
CA ASN T 313 -65.82 27.97 20.65
C ASN T 313 -65.68 27.59 22.13
N ILE T 314 -66.41 28.29 23.01
CA ILE T 314 -66.39 28.06 24.45
C ILE T 314 -67.15 26.76 24.78
N ALA T 315 -66.43 25.63 24.75
CA ALA T 315 -66.95 24.30 25.05
C ALA T 315 -65.81 23.29 25.27
N TRP T 316 -66.08 22.15 25.91
CA TRP T 316 -65.06 21.11 26.13
C TRP T 316 -65.44 19.81 25.38
N ALA T 317 -64.44 18.97 25.07
CA ALA T 317 -64.67 17.71 24.35
C ALA T 317 -63.49 16.75 24.48
N ASN T 318 -63.75 15.44 24.32
CA ASN T 318 -62.72 14.41 24.43
C ASN T 318 -62.05 14.12 23.09
N SER T 319 -60.72 14.38 23.00
CA SER T 319 -59.90 14.15 21.82
C SER T 319 -60.44 14.84 20.55
N ASN T 320 -60.90 16.09 20.71
CA ASN T 320 -61.46 16.94 19.64
C ASN T 320 -60.74 18.30 19.70
N ARG T 321 -60.01 18.65 18.64
CA ARG T 321 -59.23 19.90 18.58
C ARG T 321 -60.05 21.11 18.07
N SER T 322 -61.37 20.98 17.86
CA SER T 322 -62.21 22.09 17.40
C SER T 322 -62.72 22.97 18.55
N ALA T 323 -62.82 22.41 19.78
CA ALA T 323 -63.30 23.11 20.97
C ALA T 323 -62.15 23.87 21.70
N ILE T 324 -62.48 24.79 22.62
CA ILE T 324 -61.46 25.55 23.36
C ILE T 324 -60.68 24.63 24.31
N ILE T 325 -61.35 23.61 24.89
CA ILE T 325 -60.72 22.60 25.77
C ILE T 325 -60.81 21.23 25.11
N ARG T 326 -59.75 20.44 25.26
CA ARG T 326 -59.67 19.07 24.75
C ARG T 326 -59.13 18.21 25.89
N VAL T 327 -59.78 17.08 26.18
CA VAL T 327 -59.33 16.17 27.23
C VAL T 327 -58.52 15.05 26.56
N PRO T 328 -57.17 15.04 26.65
CA PRO T 328 -56.41 13.96 26.00
C PRO T 328 -56.81 12.57 26.51
N ALA T 329 -56.71 11.56 25.65
CA ALA T 329 -57.10 10.20 25.99
C ALA T 329 -56.27 9.52 27.10
N ALA T 330 -55.11 10.08 27.47
CA ALA T 330 -54.27 9.49 28.52
C ALA T 330 -54.99 9.57 29.87
N ARG T 331 -55.00 8.47 30.64
CA ARG T 331 -55.67 8.39 31.93
C ARG T 331 -54.75 7.89 33.06
N GLY T 332 -55.19 8.08 34.30
CA GLY T 332 -54.45 7.72 35.49
C GLY T 332 -53.79 8.96 36.06
N LYS T 333 -52.46 9.00 36.06
CA LYS T 333 -51.73 10.18 36.53
C LYS T 333 -51.79 11.29 35.46
N GLY T 334 -51.66 10.89 34.18
CA GLY T 334 -51.71 11.82 33.05
C GLY T 334 -53.08 12.35 32.66
N THR T 335 -54.10 12.24 33.55
CA THR T 335 -55.42 12.77 33.26
C THR T 335 -55.30 14.29 33.33
N ARG T 336 -55.70 15.00 32.27
CA ARG T 336 -55.53 16.45 32.19
C ARG T 336 -56.54 17.11 31.22
N ILE T 337 -56.54 18.45 31.15
CA ILE T 337 -57.35 19.23 30.23
C ILE T 337 -56.42 20.17 29.46
N GLU T 338 -56.64 20.31 28.15
CA GLU T 338 -55.82 21.16 27.30
C GLU T 338 -56.57 22.45 26.97
N PHE T 339 -56.12 23.59 27.51
CA PHE T 339 -56.70 24.89 27.18
C PHE T 339 -55.95 25.34 25.91
N ARG T 340 -56.62 25.27 24.75
CA ARG T 340 -56.03 25.56 23.44
C ARG T 340 -56.01 27.04 23.03
N ALA T 341 -56.70 27.93 23.75
CA ALA T 341 -56.77 29.34 23.40
C ALA T 341 -55.43 30.12 23.47
N PRO T 342 -54.52 29.87 24.43
CA PRO T 342 -53.29 30.68 24.53
C PRO T 342 -52.33 30.58 23.34
N ASP T 343 -51.50 31.62 23.19
CA ASP T 343 -50.42 31.72 22.20
C ASP T 343 -49.15 32.13 22.94
N PRO T 344 -47.94 31.86 22.40
CA PRO T 344 -46.72 32.19 23.16
C PRO T 344 -46.44 33.69 23.39
N SER T 345 -47.34 34.60 22.95
CA SER T 345 -47.18 36.04 23.19
C SER T 345 -47.54 36.47 24.62
N CYS T 346 -48.21 35.60 25.40
CA CYS T 346 -48.66 35.93 26.76
C CYS T 346 -47.57 35.77 27.81
N ASN T 347 -47.75 36.47 28.95
CA ASN T 347 -46.85 36.36 30.09
C ASN T 347 -47.20 35.04 30.77
N PRO T 348 -46.31 34.04 30.86
CA PRO T 348 -46.70 32.77 31.48
C PRO T 348 -47.10 32.87 32.94
N TYR T 349 -46.46 33.76 33.70
CA TYR T 349 -46.80 33.92 35.13
C TYR T 349 -48.23 34.38 35.33
N LEU T 350 -48.71 35.31 34.49
CA LEU T 350 -50.09 35.81 34.57
C LEU T 350 -51.07 34.84 33.93
N ALA T 351 -50.65 34.12 32.86
CA ALA T 351 -51.50 33.14 32.19
C ALA T 351 -51.86 31.97 33.11
N PHE T 352 -50.88 31.45 33.87
CA PHE T 352 -51.15 30.35 34.81
C PHE T 352 -51.94 30.83 36.03
N THR T 353 -51.78 32.11 36.42
CA THR T 353 -52.51 32.69 37.55
C THR T 353 -54.02 32.76 37.22
N VAL T 354 -54.40 33.35 36.06
CA VAL T 354 -55.81 33.47 35.67
C VAL T 354 -56.45 32.10 35.39
N MET T 355 -55.69 31.14 34.83
CA MET T 355 -56.23 29.82 34.57
C MET T 355 -56.50 29.11 35.89
N LEU T 356 -55.56 29.18 36.86
CA LEU T 356 -55.77 28.55 38.16
C LEU T 356 -56.90 29.24 38.94
N ALA T 357 -57.02 30.58 38.87
CA ALA T 357 -58.06 31.30 39.59
C ALA T 357 -59.47 30.99 39.07
N ALA T 358 -59.66 30.96 37.74
CA ALA T 358 -60.96 30.64 37.15
C ALA T 358 -61.30 29.18 37.40
N GLY T 359 -60.31 28.29 37.27
CA GLY T 359 -60.50 26.87 37.51
C GLY T 359 -60.86 26.58 38.96
N LEU T 360 -60.18 27.22 39.92
CA LEU T 360 -60.48 27.04 41.35
C LEU T 360 -61.82 27.68 41.72
N ASP T 361 -62.27 28.72 40.99
CA ASP T 361 -63.59 29.32 41.23
C ASP T 361 -64.70 28.26 40.99
N GLY T 362 -64.50 27.40 39.99
CA GLY T 362 -65.43 26.32 39.69
C GLY T 362 -65.39 25.21 40.72
N VAL T 363 -64.18 24.90 41.26
CA VAL T 363 -64.00 23.87 42.29
C VAL T 363 -64.62 24.32 43.63
N LYS T 364 -64.36 25.57 44.04
CA LYS T 364 -64.88 26.13 45.29
C LYS T 364 -66.41 26.20 45.28
N ASN T 365 -67.02 26.70 44.20
CA ASN T 365 -68.47 26.81 44.08
C ASN T 365 -69.15 25.52 43.57
N LYS T 366 -68.37 24.51 43.11
CA LYS T 366 -68.89 23.25 42.58
C LYS T 366 -69.83 23.51 41.40
N LEU T 367 -69.33 24.25 40.38
CA LEU T 367 -70.11 24.61 39.21
C LEU T 367 -70.28 23.42 38.26
N ASP T 368 -71.45 23.35 37.60
CA ASP T 368 -71.79 22.28 36.67
C ASP T 368 -71.26 22.57 35.28
N ALA T 369 -70.47 21.64 34.73
CA ALA T 369 -69.92 21.79 33.39
C ALA T 369 -70.94 21.34 32.33
N PRO T 370 -70.88 21.90 31.11
CA PRO T 370 -71.80 21.44 30.05
C PRO T 370 -71.39 20.10 29.45
N GLU T 371 -72.24 19.53 28.60
CA GLU T 371 -71.94 18.23 27.97
C GLU T 371 -70.83 18.38 26.93
N PRO T 372 -70.01 17.34 26.71
CA PRO T 372 -68.92 17.45 25.73
C PRO T 372 -69.43 17.43 24.29
N VAL T 373 -68.95 18.38 23.46
CA VAL T 373 -69.36 18.48 22.07
C VAL T 373 -68.42 17.61 21.22
N GLU T 374 -68.71 16.30 21.16
CA GLU T 374 -67.90 15.35 20.40
C GLU T 374 -67.90 15.66 18.88
N ARG T 375 -68.97 16.31 18.38
CA ARG T 375 -69.07 16.70 16.97
C ARG T 375 -68.05 17.80 16.62
N ASN T 376 -67.72 17.93 15.33
CA ASN T 376 -66.82 18.99 14.87
C ASN T 376 -67.65 20.29 14.95
N ILE T 377 -67.14 21.28 15.68
CA ILE T 377 -67.87 22.54 15.89
C ILE T 377 -67.72 23.49 14.69
N PHE T 378 -66.65 23.37 13.88
CA PHE T 378 -66.46 24.22 12.71
C PHE T 378 -67.52 23.93 11.64
N ALA T 379 -67.91 22.66 11.48
CA ALA T 379 -68.93 22.27 10.52
C ALA T 379 -70.35 22.75 10.92
N MET T 380 -70.56 23.13 12.19
CA MET T 380 -71.87 23.59 12.66
C MET T 380 -72.17 25.01 12.19
N SER T 381 -73.47 25.31 12.00
CA SER T 381 -73.93 26.64 11.61
C SER T 381 -74.12 27.53 12.84
N GLU T 382 -74.09 28.86 12.66
CA GLU T 382 -74.26 29.81 13.77
C GLU T 382 -75.61 29.66 14.49
N ALA T 383 -76.68 29.31 13.76
CA ALA T 383 -77.99 29.11 14.37
C ALA T 383 -78.00 27.84 15.24
N GLU T 384 -77.29 26.79 14.80
CA GLU T 384 -77.19 25.52 15.54
C GLU T 384 -76.35 25.72 16.80
N LYS T 385 -75.20 26.41 16.69
CA LYS T 385 -74.32 26.70 17.83
C LYS T 385 -75.03 27.59 18.88
N LYS T 386 -75.94 28.48 18.43
CA LYS T 386 -76.68 29.36 19.33
C LYS T 386 -77.73 28.56 20.13
N GLU T 387 -78.35 27.54 19.50
CA GLU T 387 -79.33 26.69 20.18
C GLU T 387 -78.64 25.88 21.28
N LEU T 388 -77.48 25.27 20.98
CA LEU T 388 -76.70 24.49 21.96
C LEU T 388 -76.14 25.37 23.08
N GLY T 389 -75.86 26.64 22.80
CA GLY T 389 -75.32 27.58 23.76
C GLY T 389 -73.81 27.66 23.74
N ILE T 390 -73.19 27.41 22.56
CA ILE T 390 -71.75 27.46 22.40
C ILE T 390 -71.32 28.88 22.04
N GLU T 391 -71.03 29.71 23.06
CA GLU T 391 -70.60 31.10 22.84
C GLU T 391 -69.17 31.15 22.29
N SER T 392 -68.77 32.28 21.70
CA SER T 392 -67.42 32.44 21.14
C SER T 392 -66.59 33.46 21.91
N VAL T 393 -65.26 33.30 21.90
CA VAL T 393 -64.33 34.22 22.58
C VAL T 393 -64.29 35.56 21.85
N PRO T 394 -64.00 36.70 22.54
CA PRO T 394 -63.99 38.00 21.84
C PRO T 394 -63.23 38.05 20.51
N ALA T 395 -63.73 38.87 19.58
CA ALA T 395 -63.15 39.02 18.24
C ALA T 395 -61.92 39.92 18.16
N ASN T 396 -61.65 40.75 19.19
CA ASN T 396 -60.49 41.64 19.17
C ASN T 396 -59.93 41.90 20.58
N LEU T 397 -58.77 42.59 20.67
CA LEU T 397 -58.11 42.87 21.94
C LEU T 397 -58.98 43.73 22.87
N LYS T 398 -59.55 44.83 22.35
CA LYS T 398 -60.40 45.72 23.16
C LYS T 398 -61.63 45.00 23.68
N ALA T 399 -62.21 44.10 22.88
CA ALA T 399 -63.37 43.34 23.32
C ALA T 399 -63.02 42.43 24.51
N ALA T 400 -61.80 41.88 24.54
CA ALA T 400 -61.34 41.04 25.63
C ALA T 400 -60.95 41.86 26.86
N LEU T 401 -60.39 43.06 26.68
CA LEU T 401 -60.01 43.92 27.81
C LEU T 401 -61.24 44.37 28.61
N ASP T 402 -62.36 44.65 27.91
CA ASP T 402 -63.60 45.05 28.58
C ASP T 402 -64.16 43.89 29.41
N GLU T 403 -64.01 42.64 28.92
CA GLU T 403 -64.44 41.44 29.64
C GLU T 403 -63.57 41.23 30.89
N LEU T 404 -62.26 41.45 30.75
CA LEU T 404 -61.33 41.32 31.88
C LEU T 404 -61.61 42.38 32.94
N GLU T 405 -61.92 43.62 32.51
CA GLU T 405 -62.22 44.72 33.42
C GLU T 405 -63.44 44.43 34.29
N ASN T 406 -64.51 43.87 33.70
CA ASN T 406 -65.74 43.53 34.45
C ASN T 406 -65.62 42.22 35.25
N ASN T 407 -64.54 41.44 35.08
CA ASN T 407 -64.34 40.19 35.79
C ASN T 407 -63.66 40.45 37.14
N ASP T 408 -64.32 40.07 38.25
CA ASP T 408 -63.79 40.27 39.61
C ASP T 408 -62.88 39.11 40.06
N VAL T 409 -63.06 37.90 39.48
CA VAL T 409 -62.26 36.74 39.87
C VAL T 409 -60.80 36.94 39.45
N LEU T 410 -60.59 37.39 38.21
CA LEU T 410 -59.23 37.63 37.69
C LEU T 410 -58.63 38.92 38.25
N LYS T 411 -59.46 39.92 38.59
CA LYS T 411 -58.98 41.17 39.17
C LYS T 411 -58.29 40.91 40.51
N ASN T 412 -58.90 40.06 41.36
CA ASN T 412 -58.36 39.69 42.66
C ASN T 412 -57.09 38.83 42.55
N ALA T 413 -57.07 37.89 41.60
CA ALA T 413 -55.91 37.01 41.40
C ALA T 413 -54.68 37.78 40.94
N LEU T 414 -54.86 38.73 39.99
CA LEU T 414 -53.76 39.55 39.48
C LEU T 414 -53.37 40.68 40.43
N GLY T 415 -54.34 41.21 41.18
CA GLY T 415 -54.11 42.31 42.11
C GLY T 415 -54.32 43.65 41.44
N LYS T 416 -54.68 44.68 42.22
CA LYS T 416 -54.94 46.02 41.72
C LYS T 416 -53.82 46.57 40.84
N HIS T 417 -52.55 46.31 41.19
CA HIS T 417 -51.43 46.83 40.44
C HIS T 417 -51.30 46.21 39.05
N ILE T 418 -51.34 44.87 38.95
CA ILE T 418 -51.20 44.19 37.66
C ILE T 418 -52.45 44.40 36.81
N PHE T 419 -53.65 44.23 37.40
CA PHE T 419 -54.91 44.39 36.70
C PHE T 419 -55.05 45.78 36.03
N GLU T 420 -54.83 46.87 36.79
CA GLU T 420 -54.96 48.22 36.26
C GLU T 420 -53.85 48.59 35.27
N SER T 421 -52.58 48.24 35.56
CA SER T 421 -51.48 48.57 34.65
C SER T 421 -51.59 47.79 33.34
N PHE T 422 -52.02 46.52 33.40
CA PHE T 422 -52.19 45.73 32.18
C PHE T 422 -53.26 46.35 31.27
N LEU T 423 -54.43 46.70 31.84
CA LEU T 423 -55.50 47.32 31.06
C LEU T 423 -55.05 48.65 30.46
N GLU T 424 -54.33 49.48 31.25
CA GLU T 424 -53.84 50.78 30.80
C GLU T 424 -52.84 50.64 29.65
N ILE T 425 -51.89 49.69 29.76
CA ILE T 425 -50.88 49.46 28.71
C ILE T 425 -51.54 48.91 27.44
N LYS T 426 -52.43 47.93 27.59
CA LYS T 426 -53.10 47.33 26.44
C LYS T 426 -54.11 48.25 25.77
N ASN T 427 -54.71 49.21 26.51
CA ASN T 427 -55.64 50.17 25.89
C ASN T 427 -54.86 51.17 25.04
N ALA T 428 -53.67 51.59 25.48
CA ALA T 428 -52.81 52.47 24.69
C ALA T 428 -52.30 51.75 23.44
N GLU T 429 -52.04 50.44 23.56
CA GLU T 429 -51.60 49.58 22.45
C GLU T 429 -52.74 49.42 21.43
N TRP T 430 -53.98 49.25 21.93
CA TRP T 430 -55.17 49.13 21.08
C TRP T 430 -55.45 50.45 20.37
N ASP T 431 -55.34 51.58 21.09
CA ASP T 431 -55.56 52.90 20.50
C ASP T 431 -54.57 53.19 19.39
N SER T 432 -53.32 52.74 19.54
CA SER T 432 -52.31 52.91 18.49
C SER T 432 -52.69 52.14 17.22
N PHE T 433 -53.29 50.95 17.38
CA PHE T 433 -53.72 50.11 16.27
C PHE T 433 -54.93 50.69 15.53
N ARG T 434 -55.99 51.08 16.26
CA ARG T 434 -57.20 51.61 15.64
C ARG T 434 -57.03 52.97 14.95
N THR T 435 -55.99 53.74 15.31
CA THR T 435 -55.73 55.05 14.69
C THR T 435 -54.81 54.93 13.48
N SER T 436 -53.92 53.92 13.45
CA SER T 436 -52.98 53.74 12.34
C SER T 436 -53.65 53.32 11.04
N VAL T 437 -53.18 53.86 9.90
CA VAL T 437 -53.68 53.52 8.58
C VAL T 437 -52.92 52.27 8.14
N THR T 438 -53.62 51.13 8.02
CA THR T 438 -53.00 49.85 7.67
C THR T 438 -52.81 49.65 6.16
N ASP T 439 -51.96 48.70 5.78
CA ASP T 439 -51.71 48.35 4.40
C ASP T 439 -52.95 47.77 3.72
N TRP T 440 -53.82 47.08 4.48
CA TRP T 440 -55.06 46.52 3.94
C TRP T 440 -55.96 47.65 3.46
N GLU T 441 -56.11 48.71 4.29
CA GLU T 441 -56.93 49.87 3.95
C GLU T 441 -56.39 50.58 2.71
N THR T 442 -55.07 50.75 2.61
CA THR T 442 -54.46 51.40 1.45
C THR T 442 -54.73 50.59 0.18
N THR T 443 -54.64 49.26 0.27
CA THR T 443 -54.91 48.40 -0.88
C THR T 443 -56.38 48.47 -1.31
N ALA T 444 -57.30 48.43 -0.34
CA ALA T 444 -58.74 48.42 -0.61
C ALA T 444 -59.38 49.78 -0.94
N TYR T 445 -58.87 50.90 -0.39
CA TYR T 445 -59.53 52.20 -0.56
C TYR T 445 -58.75 53.29 -1.30
N LEU T 446 -57.47 53.09 -1.66
CA LEU T 446 -56.75 54.15 -2.41
C LEU T 446 -57.36 54.35 -3.81
N LYS T 447 -57.92 53.29 -4.40
CA LYS T 447 -58.56 53.36 -5.71
C LYS T 447 -59.85 54.19 -5.72
N ILE T 448 -60.54 54.32 -4.57
CA ILE T 448 -61.80 55.07 -4.52
C ILE T 448 -61.58 56.59 -4.56
N SER U 2 -60.59 100.76 -8.16
CA SER U 2 -60.91 101.45 -6.91
C SER U 2 -62.39 101.29 -6.55
N THR U 3 -63.30 101.49 -7.53
CA THR U 3 -64.74 101.28 -7.31
C THR U 3 -65.15 99.93 -7.93
N VAL U 4 -66.31 99.41 -7.52
CA VAL U 4 -66.82 98.10 -7.98
C VAL U 4 -66.94 98.05 -9.50
N GLU U 5 -67.50 99.10 -10.11
CA GLU U 5 -67.75 99.16 -11.55
C GLU U 5 -66.46 99.11 -12.38
N GLN U 6 -65.35 99.68 -11.89
CA GLN U 6 -64.08 99.63 -12.61
C GLN U 6 -63.53 98.19 -12.66
N VAL U 7 -63.66 97.44 -11.56
CA VAL U 7 -63.17 96.06 -11.51
C VAL U 7 -64.01 95.18 -12.46
N LEU U 8 -65.35 95.28 -12.38
CA LEU U 8 -66.25 94.52 -13.22
C LEU U 8 -66.10 94.85 -14.71
N GLU U 9 -65.76 96.11 -15.04
CA GLU U 9 -65.56 96.51 -16.43
C GLU U 9 -64.31 95.84 -17.00
N TYR U 10 -63.24 95.73 -16.20
CA TYR U 10 -62.01 95.07 -16.63
C TYR U 10 -62.25 93.58 -16.80
N VAL U 11 -62.97 92.96 -15.84
CA VAL U 11 -63.31 91.54 -15.88
C VAL U 11 -64.10 91.19 -17.16
N LYS U 12 -65.07 92.05 -17.52
CA LYS U 12 -65.92 91.85 -18.70
C LYS U 12 -65.09 91.84 -20.01
N SER U 13 -64.28 92.87 -20.24
CA SER U 13 -63.50 93.01 -21.47
C SER U 13 -62.26 92.10 -21.56
N ASN U 14 -61.44 92.03 -20.49
CA ASN U 14 -60.20 91.26 -20.50
C ASN U 14 -60.38 89.74 -20.31
N ASN U 15 -61.62 89.24 -20.23
CA ASN U 15 -61.89 87.80 -20.09
C ASN U 15 -61.24 87.21 -18.83
N VAL U 16 -61.46 87.83 -17.67
CA VAL U 16 -60.92 87.32 -16.41
C VAL U 16 -61.83 86.18 -15.96
N LYS U 17 -61.27 84.99 -15.66
CA LYS U 17 -62.04 83.82 -15.26
C LYS U 17 -62.00 83.49 -13.77
N PHE U 18 -60.90 83.80 -13.04
CA PHE U 18 -60.78 83.50 -11.62
C PHE U 18 -60.42 84.73 -10.81
N MET U 19 -60.94 84.84 -9.57
CA MET U 19 -60.66 85.93 -8.65
C MET U 19 -60.11 85.34 -7.36
N ARG U 20 -58.84 85.61 -7.06
CA ARG U 20 -58.17 85.12 -5.86
C ARG U 20 -58.41 86.11 -4.73
N PHE U 21 -59.00 85.67 -3.62
CA PHE U 21 -59.23 86.54 -2.47
C PHE U 21 -58.05 86.31 -1.54
N GLN U 22 -57.01 87.14 -1.67
CA GLN U 22 -55.75 87.01 -0.96
C GLN U 22 -55.68 87.77 0.37
N PHE U 23 -54.93 87.21 1.33
CA PHE U 23 -54.70 87.79 2.66
C PHE U 23 -53.41 87.16 3.27
N VAL U 24 -53.05 87.48 4.53
CA VAL U 24 -51.83 86.93 5.15
C VAL U 24 -52.10 86.40 6.54
N ASP U 25 -51.40 85.32 6.94
CA ASP U 25 -51.51 84.79 8.30
C ASP U 25 -50.61 85.65 9.25
N ILE U 26 -50.56 85.32 10.55
CA ILE U 26 -49.76 86.09 11.51
C ILE U 26 -48.27 86.18 11.12
N LEU U 27 -47.70 85.10 10.58
CA LEU U 27 -46.29 85.07 10.19
C LEU U 27 -45.99 85.75 8.83
N GLY U 28 -47.01 86.26 8.14
CA GLY U 28 -46.85 86.91 6.85
C GLY U 28 -46.92 85.99 5.65
N VAL U 29 -47.35 84.73 5.84
CA VAL U 29 -47.47 83.76 4.75
C VAL U 29 -48.77 84.09 4.01
N PRO U 30 -48.75 84.30 2.67
CA PRO U 30 -50.00 84.62 1.97
C PRO U 30 -50.93 83.41 1.88
N LYS U 31 -52.24 83.67 1.95
CA LYS U 31 -53.30 82.65 1.89
C LYS U 31 -54.41 83.19 0.96
N ASN U 32 -55.04 82.32 0.14
CA ASN U 32 -56.08 82.77 -0.78
C ASN U 32 -57.05 81.66 -1.18
N VAL U 33 -58.21 82.06 -1.74
CA VAL U 33 -59.25 81.15 -2.25
C VAL U 33 -59.69 81.67 -3.62
N ALA U 34 -59.79 80.78 -4.61
CA ALA U 34 -60.18 81.17 -5.96
C ALA U 34 -61.70 81.09 -6.15
N PHE U 35 -62.27 82.12 -6.80
CA PHE U 35 -63.70 82.21 -7.09
C PHE U 35 -63.88 82.21 -8.62
N PRO U 36 -64.57 81.22 -9.21
CA PRO U 36 -64.75 81.25 -10.68
C PRO U 36 -65.87 82.19 -11.11
N ILE U 37 -65.57 83.10 -12.05
CA ILE U 37 -66.54 84.07 -12.55
C ILE U 37 -67.28 83.43 -13.71
N LYS U 38 -68.62 83.48 -13.70
CA LYS U 38 -69.42 82.90 -14.77
C LYS U 38 -69.63 83.90 -15.92
N ALA U 39 -69.95 83.38 -17.11
CA ALA U 39 -70.16 84.22 -18.29
C ALA U 39 -71.51 84.96 -18.24
N GLY U 40 -71.62 86.05 -18.98
CA GLY U 40 -72.85 86.83 -19.07
C GLY U 40 -73.12 87.70 -17.85
N GLU U 41 -74.27 88.39 -17.87
CA GLU U 41 -74.67 89.28 -16.78
C GLU U 41 -74.86 88.55 -15.45
N LYS U 42 -75.32 87.29 -15.48
CA LYS U 42 -75.52 86.50 -14.26
C LYS U 42 -74.20 86.28 -13.50
N GLY U 43 -73.11 86.09 -14.23
CA GLY U 43 -71.79 85.91 -13.63
C GLY U 43 -71.22 87.20 -13.06
N ILE U 44 -71.48 88.33 -13.75
CA ILE U 44 -71.02 89.64 -13.30
C ILE U 44 -71.79 90.10 -12.06
N GLU U 45 -73.11 89.81 -11.98
CA GLU U 45 -73.91 90.16 -10.81
C GLU U 45 -73.54 89.26 -9.61
N GLU U 46 -73.13 88.01 -9.86
CA GLU U 46 -72.68 87.11 -8.80
C GLU U 46 -71.35 87.64 -8.24
N LEU U 47 -70.43 88.06 -9.14
CA LEU U 47 -69.14 88.63 -8.73
C LEU U 47 -69.34 89.95 -7.98
N ARG U 48 -70.32 90.77 -8.38
CA ARG U 48 -70.61 92.04 -7.70
C ARG U 48 -70.95 91.80 -6.23
N ASP U 49 -71.75 90.76 -5.95
CA ASP U 49 -72.15 90.43 -4.59
C ASP U 49 -70.96 89.95 -3.76
N VAL U 50 -70.11 89.09 -4.32
CA VAL U 50 -68.94 88.56 -3.62
C VAL U 50 -67.89 89.66 -3.41
N LEU U 51 -67.79 90.64 -4.33
CA LEU U 51 -66.85 91.75 -4.20
C LEU U 51 -67.28 92.75 -3.12
N GLU U 52 -68.59 93.02 -3.00
CA GLU U 52 -69.11 93.98 -2.02
C GLU U 52 -69.29 93.38 -0.61
N ASN U 53 -69.91 92.18 -0.52
CA ASN U 53 -70.17 91.52 0.75
C ASN U 53 -69.05 90.57 1.24
N GLY U 54 -68.12 90.20 0.35
CA GLY U 54 -67.04 89.30 0.72
C GLY U 54 -67.45 87.85 0.75
N LEU U 55 -66.61 86.98 1.35
CA LEU U 55 -66.89 85.55 1.47
C LEU U 55 -66.34 84.96 2.76
N TYR U 56 -66.92 83.82 3.19
CA TYR U 56 -66.56 83.14 4.43
C TYR U 56 -65.38 82.18 4.28
N PHE U 57 -64.73 81.84 5.41
CA PHE U 57 -63.61 80.90 5.42
C PHE U 57 -63.34 80.37 6.84
N ASP U 58 -62.71 79.20 6.95
CA ASP U 58 -62.37 78.60 8.23
C ASP U 58 -61.14 79.31 8.83
N GLY U 59 -61.35 80.06 9.90
CA GLY U 59 -60.28 80.79 10.57
C GLY U 59 -59.38 79.97 11.46
N SER U 60 -59.85 78.80 11.94
CA SER U 60 -59.06 77.95 12.82
C SER U 60 -57.86 77.34 12.11
N SER U 61 -57.97 77.07 10.80
CA SER U 61 -56.87 76.51 10.02
C SER U 61 -55.77 77.54 9.74
N ILE U 62 -56.10 78.85 9.72
CA ILE U 62 -55.11 79.90 9.49
C ILE U 62 -54.31 80.12 10.78
N GLU U 63 -52.99 80.36 10.66
CA GLU U 63 -52.14 80.53 11.83
C GLU U 63 -52.34 81.86 12.55
N GLY U 64 -52.49 81.78 13.87
CA GLY U 64 -52.66 82.95 14.73
C GLY U 64 -53.95 83.73 14.51
N PHE U 65 -55.04 83.03 14.16
CA PHE U 65 -56.32 83.67 13.92
C PHE U 65 -57.33 83.34 15.05
N VAL U 66 -58.19 82.31 14.91
CA VAL U 66 -59.21 81.99 15.92
C VAL U 66 -59.25 80.50 16.25
N GLY U 67 -59.90 80.16 17.36
CA GLY U 67 -60.05 78.78 17.80
C GLY U 67 -61.06 78.02 16.97
N ILE U 68 -61.14 76.71 17.18
CA ILE U 68 -62.09 75.85 16.45
C ILE U 68 -63.54 76.14 16.85
N ASN U 69 -63.78 76.50 18.12
CA ASN U 69 -65.13 76.79 18.62
C ASN U 69 -65.72 78.14 18.14
N GLU U 70 -64.93 78.98 17.45
CA GLU U 70 -65.36 80.30 16.95
C GLU U 70 -64.64 80.56 15.61
N SER U 71 -64.66 79.56 14.72
CA SER U 71 -63.93 79.58 13.45
C SER U 71 -64.53 80.41 12.29
N ASP U 72 -65.85 80.67 12.28
CA ASP U 72 -66.47 81.41 11.17
C ASP U 72 -65.97 82.86 11.04
N MET U 73 -65.33 83.17 9.89
CA MET U 73 -64.77 84.50 9.58
C MET U 73 -65.10 84.94 8.13
N MET U 74 -64.76 86.20 7.76
CA MET U 74 -65.02 86.76 6.41
C MET U 74 -63.82 87.54 5.85
N LEU U 75 -63.83 87.79 4.52
CA LEU U 75 -62.80 88.55 3.81
C LEU U 75 -63.45 89.69 3.04
N LYS U 76 -63.20 90.96 3.44
CA LYS U 76 -63.74 92.14 2.77
C LYS U 76 -62.70 92.68 1.78
N PRO U 77 -62.89 92.52 0.46
CA PRO U 77 -61.88 92.98 -0.50
C PRO U 77 -61.53 94.46 -0.47
N ASP U 78 -60.32 94.78 -0.90
CA ASP U 78 -59.80 96.14 -1.02
C ASP U 78 -59.69 96.34 -2.53
N LEU U 79 -60.72 96.95 -3.14
CA LEU U 79 -60.81 97.09 -4.59
C LEU U 79 -59.68 97.89 -5.24
N SER U 80 -58.90 98.66 -4.46
CA SER U 80 -57.77 99.40 -5.01
C SER U 80 -56.57 98.46 -5.33
N THR U 81 -56.46 97.27 -4.68
CA THR U 81 -55.35 96.35 -4.90
C THR U 81 -55.64 95.30 -5.99
N PHE U 82 -56.62 95.54 -6.88
CA PHE U 82 -56.93 94.57 -7.94
C PHE U 82 -55.74 94.50 -8.90
N SER U 83 -55.34 93.28 -9.28
CA SER U 83 -54.20 93.08 -10.17
C SER U 83 -54.33 91.76 -10.92
N VAL U 84 -53.78 91.70 -12.14
CA VAL U 84 -53.80 90.49 -12.95
C VAL U 84 -52.52 89.71 -12.70
N LEU U 85 -52.61 88.41 -12.35
CA LEU U 85 -51.41 87.62 -12.11
C LEU U 85 -50.76 87.30 -13.45
N PRO U 86 -49.53 87.78 -13.71
CA PRO U 86 -48.92 87.54 -15.02
C PRO U 86 -48.45 86.11 -15.25
N TRP U 87 -47.93 85.44 -14.20
CA TRP U 87 -47.47 84.06 -14.32
C TRP U 87 -48.58 83.07 -14.69
N ARG U 88 -49.86 83.43 -14.46
CA ARG U 88 -51.01 82.59 -14.84
C ARG U 88 -51.38 82.84 -16.34
N PRO U 89 -52.24 82.01 -16.98
CA PRO U 89 -52.53 82.23 -18.41
C PRO U 89 -53.19 83.57 -18.75
N SER U 90 -53.00 84.03 -19.98
CA SER U 90 -53.56 85.29 -20.46
C SER U 90 -55.01 85.09 -20.90
N GLU U 91 -55.30 84.01 -21.67
CA GLU U 91 -56.67 83.69 -22.10
C GLU U 91 -57.36 83.07 -20.89
N LYS U 92 -58.51 83.62 -20.46
CA LYS U 92 -59.24 83.19 -19.26
C LYS U 92 -58.33 83.44 -18.05
N SER U 93 -57.84 84.68 -17.95
CA SER U 93 -56.87 85.13 -16.93
C SER U 93 -57.31 84.93 -15.46
N VAL U 94 -56.36 85.07 -14.52
CA VAL U 94 -56.58 84.92 -13.08
C VAL U 94 -56.21 86.21 -12.36
N ALA U 95 -57.21 86.97 -11.90
CA ALA U 95 -56.98 88.22 -11.18
C ALA U 95 -57.05 88.03 -9.66
N ARG U 96 -56.47 88.96 -8.89
CA ARG U 96 -56.43 88.90 -7.44
C ARG U 96 -56.96 90.18 -6.81
N VAL U 97 -57.41 90.08 -5.57
CA VAL U 97 -57.87 91.24 -4.80
C VAL U 97 -57.52 90.99 -3.33
N ILE U 98 -56.61 91.79 -2.77
CA ILE U 98 -56.21 91.62 -1.36
C ILE U 98 -57.38 92.04 -0.46
N CYS U 99 -57.59 91.32 0.65
CA CYS U 99 -58.73 91.54 1.53
C CYS U 99 -58.31 91.81 2.97
N ASP U 100 -59.24 92.38 3.74
CA ASP U 100 -59.12 92.65 5.17
C ASP U 100 -59.96 91.56 5.85
N VAL U 101 -59.38 90.86 6.84
CA VAL U 101 -60.09 89.80 7.55
C VAL U 101 -61.06 90.46 8.53
N TYR U 102 -62.35 90.06 8.48
CA TYR U 102 -63.41 90.60 9.33
C TYR U 102 -64.11 89.48 10.08
N THR U 103 -64.66 89.80 11.26
CA THR U 103 -65.41 88.84 12.08
C THR U 103 -66.81 88.61 11.50
N THR U 104 -67.52 87.57 11.98
CA THR U 104 -68.86 87.22 11.55
C THR U 104 -69.84 88.42 11.66
N LYS U 105 -69.67 89.25 12.70
CA LYS U 105 -70.51 90.44 12.91
C LYS U 105 -70.15 91.63 11.98
N GLY U 106 -69.27 91.44 11.01
CA GLY U 106 -68.86 92.49 10.07
C GLY U 106 -67.98 93.57 10.66
N LYS U 107 -67.18 93.22 11.69
CA LYS U 107 -66.25 94.14 12.37
C LYS U 107 -64.81 93.74 12.03
N PRO U 108 -63.85 94.66 11.77
CA PRO U 108 -62.48 94.22 11.44
C PRO U 108 -61.86 93.29 12.47
N PHE U 109 -61.24 92.19 12.03
CA PHE U 109 -60.64 91.22 12.95
C PHE U 109 -59.40 91.80 13.63
N GLU U 110 -59.38 91.74 14.97
CA GLU U 110 -58.28 92.23 15.80
C GLU U 110 -56.92 91.58 15.46
N GLY U 111 -56.93 90.28 15.18
CA GLY U 111 -55.73 89.54 14.85
C GLY U 111 -55.33 89.56 13.39
N ASP U 112 -55.77 90.58 12.63
CA ASP U 112 -55.46 90.70 11.21
C ASP U 112 -54.21 91.58 11.02
N PRO U 113 -53.09 91.09 10.42
CA PRO U 113 -51.92 91.96 10.24
C PRO U 113 -52.17 93.18 9.34
N ARG U 114 -53.01 93.04 8.29
CA ARG U 114 -53.31 94.15 7.38
C ARG U 114 -54.13 95.24 8.06
N GLY U 115 -55.12 94.85 8.84
CA GLY U 115 -55.95 95.76 9.62
C GLY U 115 -55.18 96.46 10.71
N CYS U 116 -54.15 95.78 11.26
CA CYS U 116 -53.26 96.33 12.27
C CYS U 116 -52.48 97.52 11.70
N LEU U 117 -51.98 97.39 10.46
CA LEU U 117 -51.25 98.47 9.80
C LEU U 117 -52.20 99.60 9.40
N LYS U 118 -53.42 99.28 8.94
CA LYS U 118 -54.41 100.29 8.57
C LYS U 118 -54.77 101.13 9.79
N ARG U 119 -55.00 100.47 10.94
CA ARG U 119 -55.36 101.13 12.20
C ARG U 119 -54.32 102.18 12.61
N VAL U 120 -53.03 101.81 12.68
CA VAL U 120 -51.98 102.74 13.09
C VAL U 120 -51.77 103.87 12.07
N MET U 121 -51.98 103.59 10.76
CA MET U 121 -51.83 104.63 9.73
C MET U 121 -52.98 105.63 9.79
N GLU U 122 -54.21 105.15 10.04
CA GLU U 122 -55.38 106.04 10.18
C GLU U 122 -55.23 106.90 11.44
N GLU U 123 -54.69 106.31 12.54
CA GLU U 123 -54.45 107.03 13.79
C GLU U 123 -53.39 108.13 13.58
N PHE U 124 -52.34 107.82 12.81
CA PHE U 124 -51.28 108.78 12.50
C PHE U 124 -51.83 109.92 11.63
N LYS U 125 -52.64 109.59 10.61
CA LYS U 125 -53.25 110.60 9.73
C LYS U 125 -54.26 111.48 10.49
N LYS U 126 -54.92 110.94 11.51
CA LYS U 126 -55.89 111.70 12.29
C LYS U 126 -55.20 112.66 13.29
N GLU U 127 -54.14 112.18 13.96
CA GLU U 127 -53.43 112.96 14.97
C GLU U 127 -52.44 113.98 14.41
N PHE U 128 -51.63 113.61 13.40
CA PHE U 128 -50.59 114.49 12.84
C PHE U 128 -50.82 114.92 11.39
N ASN U 129 -51.77 114.31 10.68
CA ASN U 129 -52.01 114.60 9.26
C ASN U 129 -50.77 114.17 8.45
N GLY U 130 -50.23 112.99 8.77
CA GLY U 130 -49.03 112.46 8.14
C GLY U 130 -49.27 111.28 7.23
N GLU U 131 -48.23 110.92 6.47
CA GLU U 131 -48.24 109.81 5.52
C GLU U 131 -46.92 109.06 5.71
N TYR U 132 -46.98 107.80 6.14
CA TYR U 132 -45.78 107.00 6.39
C TYR U 132 -45.34 106.29 5.12
N PHE U 133 -44.19 106.68 4.56
CA PHE U 133 -43.65 106.10 3.32
C PHE U 133 -42.52 105.12 3.59
N VAL U 134 -42.54 103.95 2.91
CA VAL U 134 -41.53 102.90 3.06
C VAL U 134 -41.10 102.41 1.66
N GLY U 135 -39.82 102.07 1.53
CA GLY U 135 -39.21 101.56 0.31
C GLY U 135 -38.19 100.49 0.67
N PRO U 136 -38.57 99.20 0.64
CA PRO U 136 -37.63 98.15 1.04
C PRO U 136 -36.76 97.63 -0.10
N GLU U 137 -35.70 96.89 0.28
CA GLU U 137 -34.75 96.26 -0.64
C GLU U 137 -34.70 94.77 -0.28
N PRO U 138 -35.75 93.98 -0.60
CA PRO U 138 -35.74 92.56 -0.23
C PRO U 138 -34.85 91.70 -1.14
N GLU U 139 -33.75 91.19 -0.57
CA GLU U 139 -32.79 90.34 -1.28
C GLU U 139 -33.23 88.88 -1.21
N PHE U 140 -32.82 88.07 -2.20
CA PHE U 140 -33.17 86.65 -2.26
C PHE U 140 -32.06 85.82 -2.91
N PHE U 141 -32.14 84.49 -2.78
CA PHE U 141 -31.17 83.56 -3.35
C PHE U 141 -31.85 82.66 -4.36
N LEU U 142 -31.21 82.46 -5.53
CA LEU U 142 -31.70 81.52 -6.54
C LEU U 142 -30.89 80.26 -6.34
N LEU U 143 -31.57 79.11 -6.14
CA LEU U 143 -30.90 77.85 -5.86
C LEU U 143 -31.12 76.79 -6.94
N LYS U 144 -30.21 75.82 -6.98
CA LYS U 144 -30.25 74.65 -7.87
C LYS U 144 -29.83 73.43 -7.05
N LYS U 145 -30.31 72.23 -7.43
CA LYS U 145 -29.96 71.01 -6.69
C LYS U 145 -28.47 70.74 -6.77
N ASP U 146 -27.89 70.25 -5.67
CA ASP U 146 -26.46 69.93 -5.61
C ASP U 146 -26.21 68.72 -6.52
N PRO U 147 -25.28 68.78 -7.49
CA PRO U 147 -25.05 67.62 -8.36
C PRO U 147 -24.52 66.40 -7.60
N HIS U 148 -23.68 66.63 -6.57
CA HIS U 148 -23.13 65.54 -5.75
C HIS U 148 -24.18 64.92 -4.80
N ASN U 149 -25.32 65.61 -4.55
CA ASN U 149 -26.40 65.08 -3.70
C ASN U 149 -27.71 65.83 -4.03
N PRO U 150 -28.71 65.20 -4.68
CA PRO U 150 -29.94 65.94 -5.03
C PRO U 150 -30.82 66.38 -3.85
N HIS U 151 -30.62 65.80 -2.66
CA HIS U 151 -31.41 66.17 -1.49
C HIS U 151 -31.05 67.57 -0.96
N LYS U 152 -29.83 68.08 -1.23
CA LYS U 152 -29.40 69.40 -0.78
C LYS U 152 -29.42 70.43 -1.92
N TYR U 153 -29.50 71.72 -1.57
CA TYR U 153 -29.52 72.82 -2.54
C TYR U 153 -28.28 73.71 -2.39
N ILE U 154 -27.84 74.32 -3.51
CA ILE U 154 -26.67 75.21 -3.56
C ILE U 154 -27.00 76.49 -4.36
N PRO U 155 -26.14 77.53 -4.35
CA PRO U 155 -26.46 78.74 -5.15
C PRO U 155 -26.41 78.49 -6.66
N ALA U 156 -27.23 79.22 -7.43
CA ALA U 156 -27.30 79.05 -8.88
C ALA U 156 -26.03 79.44 -9.64
N ASP U 157 -25.22 80.37 -9.12
CA ASP U 157 -24.00 80.80 -9.80
C ASP U 157 -22.94 81.32 -8.84
N ASP U 158 -21.68 81.35 -9.28
CA ASP U 158 -20.55 81.86 -8.50
C ASP U 158 -20.35 83.35 -8.81
N GLY U 159 -21.44 84.11 -8.82
CA GLY U 159 -21.40 85.53 -9.12
C GLY U 159 -21.23 86.42 -7.90
N GLY U 160 -20.70 87.61 -8.15
CA GLY U 160 -20.48 88.62 -7.12
C GLY U 160 -21.41 89.80 -7.25
N TYR U 161 -21.08 90.91 -6.59
CA TYR U 161 -21.91 92.12 -6.62
C TYR U 161 -21.87 92.77 -7.99
N PHE U 162 -23.04 93.05 -8.60
CA PHE U 162 -23.16 93.70 -9.90
C PHE U 162 -22.45 92.96 -11.06
N ASP U 163 -22.07 91.68 -10.90
CA ASP U 163 -21.34 90.97 -11.98
C ASP U 163 -22.14 90.84 -13.28
N LEU U 164 -21.43 90.68 -14.41
CA LEU U 164 -22.01 90.53 -15.74
C LEU U 164 -22.06 89.06 -16.18
N GLU U 165 -22.95 88.75 -17.11
CA GLU U 165 -23.05 87.42 -17.70
C GLU U 165 -21.75 87.08 -18.49
N PRO U 166 -21.35 85.79 -18.58
CA PRO U 166 -21.99 84.58 -18.03
C PRO U 166 -21.70 84.30 -16.57
N MET U 167 -20.84 85.11 -15.90
CA MET U 167 -20.53 84.93 -14.48
C MET U 167 -21.84 85.05 -13.65
N ASP U 168 -22.71 86.01 -14.03
CA ASP U 168 -24.04 86.21 -13.46
C ASP U 168 -24.98 85.39 -14.35
N GLU U 169 -25.52 84.26 -13.85
CA GLU U 169 -26.40 83.40 -14.65
C GLU U 169 -27.88 83.70 -14.46
N ALA U 170 -28.24 84.88 -13.92
CA ALA U 170 -29.64 85.23 -13.70
C ALA U 170 -30.19 86.44 -14.49
N PRO U 171 -29.60 86.94 -15.61
CA PRO U 171 -30.24 88.08 -16.31
C PRO U 171 -31.59 87.72 -16.89
N ASP U 172 -31.76 86.47 -17.36
CA ASP U 172 -33.04 86.02 -17.91
C ASP U 172 -34.09 85.86 -16.81
N ILE U 173 -33.68 85.37 -15.62
CA ILE U 173 -34.60 85.19 -14.50
C ILE U 173 -35.04 86.55 -13.98
N ARG U 174 -34.08 87.48 -13.80
CA ARG U 174 -34.41 88.84 -13.33
C ARG U 174 -35.26 89.59 -14.38
N ARG U 175 -35.02 89.35 -15.68
CA ARG U 175 -35.78 89.98 -16.77
C ARG U 175 -37.28 89.69 -16.62
N ASP U 176 -37.64 88.40 -16.49
CA ASP U 176 -39.04 87.99 -16.34
C ASP U 176 -39.63 88.46 -15.02
N ILE U 177 -38.83 88.54 -13.95
CA ILE U 177 -39.30 89.05 -12.64
C ILE U 177 -39.73 90.52 -12.81
N VAL U 178 -38.89 91.34 -13.45
CA VAL U 178 -39.21 92.75 -13.64
C VAL U 178 -40.45 92.93 -14.51
N PHE U 179 -40.59 92.14 -15.59
CA PHE U 179 -41.77 92.23 -16.44
C PHE U 179 -43.03 91.85 -15.65
N ALA U 180 -42.96 90.80 -14.83
CA ALA U 180 -44.10 90.36 -14.02
C ALA U 180 -44.51 91.42 -13.00
N LEU U 181 -43.54 92.04 -12.31
CA LEU U 181 -43.83 93.07 -11.32
C LEU U 181 -44.42 94.32 -11.99
N GLU U 182 -43.91 94.74 -13.15
CA GLU U 182 -44.47 95.89 -13.87
C GLU U 182 -45.94 95.68 -14.24
N ASN U 183 -46.33 94.44 -14.61
CA ASN U 183 -47.71 94.12 -14.93
C ASN U 183 -48.60 94.15 -13.69
N LEU U 184 -48.05 93.79 -12.52
CA LEU U 184 -48.78 93.84 -11.25
C LEU U 184 -48.97 95.28 -10.69
N GLY U 185 -48.37 96.28 -11.34
CA GLY U 185 -48.47 97.68 -10.93
C GLY U 185 -47.26 98.22 -10.20
N PHE U 186 -46.15 97.47 -10.18
CA PHE U 186 -44.93 97.92 -9.49
C PHE U 186 -44.15 98.92 -10.33
N HIS U 187 -43.47 99.85 -9.66
CA HIS U 187 -42.58 100.81 -10.32
C HIS U 187 -41.18 100.32 -9.98
N VAL U 188 -40.65 99.39 -10.77
CA VAL U 188 -39.35 98.80 -10.52
C VAL U 188 -38.26 99.86 -10.74
N GLU U 189 -37.31 100.00 -9.81
CA GLU U 189 -36.25 101.01 -9.92
C GLU U 189 -34.95 100.42 -10.48
N ALA U 190 -34.49 99.27 -9.96
CA ALA U 190 -33.24 98.65 -10.41
C ALA U 190 -33.18 97.16 -10.07
N SER U 191 -32.34 96.41 -10.78
CA SER U 191 -32.17 94.97 -10.58
C SER U 191 -30.71 94.60 -10.87
N HIS U 192 -30.12 93.72 -10.04
CA HIS U 192 -28.71 93.35 -10.18
C HIS U 192 -28.35 92.12 -9.32
N HIS U 193 -27.14 91.57 -9.52
CA HIS U 193 -26.64 90.47 -8.70
C HIS U 193 -26.07 91.05 -7.40
N GLU U 194 -26.21 90.34 -6.29
CA GLU U 194 -25.73 90.80 -4.99
C GLU U 194 -24.42 90.09 -4.58
N VAL U 195 -23.80 90.54 -3.47
CA VAL U 195 -22.49 90.08 -2.97
C VAL U 195 -22.32 88.53 -2.96
N ALA U 196 -23.21 87.80 -2.28
CA ALA U 196 -23.06 86.35 -2.16
C ALA U 196 -23.37 85.58 -3.46
N PRO U 197 -22.81 84.37 -3.66
CA PRO U 197 -23.13 83.60 -4.86
C PRO U 197 -24.63 83.32 -5.01
N GLY U 198 -25.15 83.46 -6.22
CA GLY U 198 -26.57 83.22 -6.47
C GLY U 198 -27.53 84.20 -5.83
N GLN U 199 -27.04 85.21 -5.09
CA GLN U 199 -27.88 86.21 -4.45
C GLN U 199 -28.23 87.32 -5.43
N HIS U 200 -29.44 87.85 -5.34
CA HIS U 200 -29.93 88.92 -6.23
C HIS U 200 -30.77 89.95 -5.45
N GLU U 201 -31.03 91.10 -6.07
CA GLU U 201 -31.81 92.16 -5.44
C GLU U 201 -32.60 92.90 -6.52
N VAL U 202 -33.93 92.99 -6.35
CA VAL U 202 -34.81 93.70 -7.27
C VAL U 202 -35.50 94.78 -6.44
N ASP U 203 -35.12 96.05 -6.67
CA ASP U 203 -35.65 97.19 -5.95
C ASP U 203 -36.89 97.77 -6.63
N PHE U 204 -37.75 98.42 -5.85
CA PHE U 204 -38.96 99.06 -6.35
C PHE U 204 -39.23 100.37 -5.59
N LYS U 205 -40.00 101.27 -6.21
CA LYS U 205 -40.26 102.60 -5.67
C LYS U 205 -40.99 102.58 -4.34
N PHE U 206 -40.70 103.58 -3.50
CA PHE U 206 -41.34 103.70 -2.19
C PHE U 206 -42.79 104.17 -2.36
N ASP U 207 -43.62 103.87 -1.37
CA ASP U 207 -45.04 104.26 -1.35
C ASP U 207 -45.55 104.24 0.12
N ASP U 208 -46.85 104.51 0.37
CA ASP U 208 -47.37 104.45 1.74
C ASP U 208 -47.27 103.02 2.28
N ALA U 209 -47.03 102.87 3.59
CA ALA U 209 -46.82 101.58 4.24
C ALA U 209 -47.79 100.48 3.83
N LEU U 210 -49.09 100.78 3.64
CA LEU U 210 -50.06 99.76 3.24
C LEU U 210 -49.78 99.26 1.80
N LYS U 211 -49.64 100.17 0.83
CA LYS U 211 -49.35 99.79 -0.55
C LYS U 211 -47.99 99.10 -0.67
N THR U 212 -47.02 99.48 0.19
CA THR U 212 -45.69 98.88 0.20
C THR U 212 -45.75 97.46 0.78
N ALA U 213 -46.53 97.23 1.85
CA ALA U 213 -46.66 95.90 2.44
C ALA U 213 -47.41 94.95 1.52
N ASP U 214 -48.41 95.46 0.78
CA ASP U 214 -49.12 94.65 -0.23
C ASP U 214 -48.15 94.25 -1.34
N SER U 215 -47.23 95.16 -1.72
CA SER U 215 -46.21 94.91 -2.73
C SER U 215 -45.15 93.90 -2.25
N VAL U 216 -44.76 93.91 -0.96
CA VAL U 216 -43.77 92.94 -0.46
C VAL U 216 -44.31 91.51 -0.54
N ILE U 217 -45.60 91.30 -0.22
CA ILE U 217 -46.20 89.97 -0.28
C ILE U 217 -46.25 89.46 -1.71
N THR U 218 -46.67 90.32 -2.63
CA THR U 218 -46.77 89.97 -4.06
C THR U 218 -45.38 89.75 -4.66
N PHE U 219 -44.38 90.52 -4.21
CA PHE U 219 -43.00 90.40 -4.67
C PHE U 219 -42.45 89.03 -4.31
N LYS U 220 -42.62 88.59 -3.06
CA LYS U 220 -42.12 87.29 -2.62
C LYS U 220 -42.71 86.13 -3.43
N THR U 221 -44.02 86.18 -3.73
CA THR U 221 -44.65 85.13 -4.54
C THR U 221 -44.14 85.20 -5.98
N THR U 222 -44.03 86.42 -6.55
CA THR U 222 -43.54 86.62 -7.91
C THR U 222 -42.12 86.07 -8.10
N ILE U 223 -41.23 86.29 -7.13
CA ILE U 223 -39.86 85.82 -7.20
C ILE U 223 -39.81 84.29 -7.14
N LYS U 224 -40.63 83.67 -6.28
CA LYS U 224 -40.64 82.21 -6.12
C LYS U 224 -41.28 81.48 -7.31
N THR U 225 -42.41 81.97 -7.81
CA THR U 225 -43.10 81.34 -8.94
C THR U 225 -42.29 81.44 -10.25
N ILE U 226 -41.72 82.62 -10.54
CA ILE U 226 -40.92 82.80 -11.76
C ILE U 226 -39.65 81.94 -11.70
N ALA U 227 -39.04 81.76 -10.51
CA ALA U 227 -37.86 80.91 -10.37
C ALA U 227 -38.20 79.47 -10.69
N GLU U 228 -39.37 78.97 -10.28
CA GLU U 228 -39.79 77.59 -10.59
C GLU U 228 -39.97 77.38 -12.08
N GLN U 229 -40.39 78.43 -12.83
CA GLN U 229 -40.54 78.33 -14.27
C GLN U 229 -39.19 78.11 -14.95
N HIS U 230 -38.10 78.70 -14.41
CA HIS U 230 -36.74 78.53 -14.96
C HIS U 230 -35.97 77.38 -14.27
N GLY U 231 -36.69 76.38 -13.75
CA GLY U 231 -36.08 75.21 -13.11
C GLY U 231 -35.25 75.46 -11.86
N LEU U 232 -35.42 76.62 -11.20
CA LEU U 232 -34.67 76.98 -9.99
C LEU U 232 -35.63 77.10 -8.78
N LYS U 233 -35.09 77.38 -7.58
CA LYS U 233 -35.90 77.54 -6.37
C LYS U 233 -35.41 78.77 -5.62
N ALA U 234 -36.26 79.80 -5.50
CA ALA U 234 -35.88 81.04 -4.82
C ALA U 234 -36.22 80.97 -3.33
N THR U 235 -35.31 81.46 -2.47
CA THR U 235 -35.54 81.46 -1.02
C THR U 235 -35.24 82.82 -0.40
N PHE U 236 -36.14 83.29 0.48
CA PHE U 236 -35.96 84.53 1.23
C PHE U 236 -35.48 84.18 2.65
N MET U 237 -34.61 83.16 2.78
CA MET U 237 -34.08 82.74 4.07
C MET U 237 -33.02 83.78 4.48
N PRO U 238 -33.04 84.33 5.72
CA PRO U 238 -32.04 85.35 6.07
C PRO U 238 -30.57 84.94 5.97
N LYS U 239 -30.25 83.65 6.00
CA LYS U 239 -28.87 83.16 5.95
C LYS U 239 -28.88 81.68 5.53
N PRO U 240 -29.10 81.38 4.24
CA PRO U 240 -29.14 79.97 3.83
C PRO U 240 -27.78 79.28 3.90
N PHE U 241 -26.68 80.02 3.72
CA PHE U 241 -25.33 79.44 3.76
C PHE U 241 -24.40 80.24 4.66
N PHE U 242 -23.55 79.54 5.43
CA PHE U 242 -22.56 80.14 6.31
C PHE U 242 -21.34 80.59 5.48
N GLY U 243 -20.72 81.69 5.88
CA GLY U 243 -19.54 82.20 5.20
C GLY U 243 -19.81 83.13 4.04
N MET U 244 -21.08 83.44 3.75
CA MET U 244 -21.46 84.37 2.68
C MET U 244 -22.61 85.26 3.14
N ASN U 245 -22.76 86.45 2.52
CA ASN U 245 -23.81 87.41 2.88
C ASN U 245 -25.20 86.81 2.96
N GLY U 246 -26.02 87.37 3.84
CA GLY U 246 -27.39 86.94 4.03
C GLY U 246 -28.39 87.85 3.35
N SER U 247 -29.63 87.38 3.19
CA SER U 247 -30.68 88.16 2.56
C SER U 247 -31.20 89.23 3.54
N GLY U 248 -31.05 90.50 3.18
CA GLY U 248 -31.48 91.61 4.01
C GLY U 248 -32.51 92.48 3.32
N MET U 249 -33.45 93.03 4.09
CA MET U 249 -34.51 93.90 3.56
C MET U 249 -34.39 95.25 4.25
N HIS U 250 -33.50 96.10 3.72
CA HIS U 250 -33.25 97.43 4.27
C HIS U 250 -34.49 98.29 4.02
N CYS U 251 -35.08 98.86 5.10
CA CYS U 251 -36.31 99.65 4.97
C CYS U 251 -36.06 101.16 5.00
N HIS U 252 -35.99 101.78 3.80
CA HIS U 252 -35.84 103.23 3.66
C HIS U 252 -37.19 103.82 4.04
N GLN U 253 -37.25 104.72 5.04
CA GLN U 253 -38.54 105.26 5.48
C GLN U 253 -38.50 106.75 5.84
N SER U 254 -39.66 107.39 5.78
CA SER U 254 -39.83 108.82 6.10
C SER U 254 -41.30 109.18 6.29
N ILE U 255 -41.60 110.20 7.11
CA ILE U 255 -42.97 110.66 7.36
C ILE U 255 -43.15 112.09 6.81
N TRP U 256 -44.30 112.34 6.15
CA TRP U 256 -44.61 113.63 5.53
C TRP U 256 -45.83 114.28 6.16
N LEU U 257 -45.61 115.24 7.08
CA LEU U 257 -46.70 115.95 7.75
C LEU U 257 -47.18 117.12 6.89
N ASN U 258 -48.48 117.13 6.53
CA ASN U 258 -49.10 118.17 5.72
C ASN U 258 -48.54 118.21 4.29
N GLY U 259 -48.32 117.04 3.70
CA GLY U 259 -47.82 116.91 2.33
C GLY U 259 -46.47 117.55 2.08
N GLU U 260 -45.58 117.61 3.10
CA GLU U 260 -44.25 118.19 2.96
C GLU U 260 -43.20 117.23 3.54
N PRO U 261 -41.96 117.23 3.01
CA PRO U 261 -40.93 116.34 3.59
C PRO U 261 -40.47 116.89 4.94
N SER U 262 -41.05 116.35 6.02
CA SER U 262 -40.76 116.79 7.39
C SER U 262 -39.37 116.41 7.86
N PHE U 263 -38.73 115.39 7.26
CA PHE U 263 -37.39 114.99 7.66
C PHE U 263 -36.30 115.96 7.16
N TYR U 264 -36.58 116.74 6.09
CA TYR U 264 -35.61 117.67 5.52
C TYR U 264 -35.70 119.07 6.14
N ASP U 265 -34.54 119.73 6.33
CA ASP U 265 -34.44 121.08 6.86
C ASP U 265 -33.20 121.72 6.22
N GLU U 266 -33.39 122.75 5.39
CA GLU U 266 -32.27 123.42 4.70
C GLU U 266 -31.27 124.03 5.68
N ASN U 267 -31.75 124.67 6.76
CA ASN U 267 -30.91 125.28 7.79
C ASN U 267 -30.84 124.40 9.06
N ALA U 268 -30.06 123.31 9.01
CA ALA U 268 -29.87 122.41 10.17
C ALA U 268 -28.65 121.48 9.98
N PRO U 269 -28.15 120.81 11.05
CA PRO U 269 -26.98 119.92 10.86
C PRO U 269 -27.30 118.71 10.00
N TYR U 270 -26.42 118.40 9.02
CA TYR U 270 -26.61 117.30 8.07
C TYR U 270 -27.88 117.48 7.20
N GLN U 271 -28.52 118.69 7.22
CA GLN U 271 -29.76 118.97 6.51
C GLN U 271 -30.86 117.99 6.95
N LEU U 272 -30.95 117.74 8.28
CA LEU U 272 -31.93 116.83 8.86
C LEU U 272 -32.70 117.57 9.94
N SER U 273 -34.04 117.53 9.89
CA SER U 273 -34.90 118.26 10.83
C SER U 273 -34.92 117.62 12.24
N GLU U 274 -35.56 118.30 13.21
CA GLU U 274 -35.73 117.80 14.56
C GLU U 274 -36.66 116.59 14.54
N THR U 275 -37.71 116.60 13.71
CA THR U 275 -38.64 115.48 13.56
C THR U 275 -37.91 114.20 13.16
N CYS U 276 -36.90 114.31 12.27
CA CYS U 276 -36.10 113.17 11.85
C CYS U 276 -35.32 112.59 13.04
N MET U 277 -34.65 113.47 13.81
CA MET U 277 -33.85 113.05 14.96
C MET U 277 -34.72 112.43 16.05
N ASN U 278 -35.92 112.97 16.29
CA ASN U 278 -36.84 112.41 17.28
C ASN U 278 -37.29 111.01 16.84
N TYR U 279 -37.55 110.82 15.53
CA TYR U 279 -37.97 109.54 14.98
C TYR U 279 -36.84 108.50 15.12
N VAL U 280 -35.61 108.88 14.78
CA VAL U 280 -34.44 107.99 14.89
C VAL U 280 -34.24 107.59 16.36
N ALA U 281 -34.41 108.53 17.31
CA ALA U 281 -34.26 108.24 18.74
C ALA U 281 -35.25 107.16 19.20
N GLY U 282 -36.47 107.21 18.68
CA GLY U 282 -37.50 106.24 19.01
C GLY U 282 -37.22 104.85 18.48
N ILE U 283 -36.63 104.75 17.27
CA ILE U 283 -36.29 103.46 16.67
C ILE U 283 -35.16 102.84 17.49
N LEU U 284 -34.14 103.63 17.84
CA LEU U 284 -32.99 103.16 18.61
C LEU U 284 -33.40 102.75 20.03
N LYS U 285 -34.40 103.41 20.61
CA LYS U 285 -34.90 103.09 21.95
C LYS U 285 -35.50 101.68 21.97
N HIS U 286 -36.44 101.39 21.05
CA HIS U 286 -37.11 100.09 20.98
C HIS U 286 -36.42 99.12 20.00
N ALA U 287 -35.14 99.36 19.64
CA ALA U 287 -34.41 98.50 18.70
C ALA U 287 -34.35 97.03 19.12
N LYS U 288 -34.11 96.77 20.40
CA LYS U 288 -34.03 95.40 20.92
C LYS U 288 -35.38 94.65 20.83
N ALA U 289 -36.51 95.40 20.82
CA ALA U 289 -37.85 94.83 20.73
C ALA U 289 -38.36 94.76 19.28
N ILE U 290 -37.95 95.70 18.41
CA ILE U 290 -38.38 95.72 17.01
C ILE U 290 -37.81 94.49 16.26
N VAL U 291 -36.56 94.09 16.57
CA VAL U 291 -35.95 92.94 15.90
C VAL U 291 -36.68 91.62 16.17
N ALA U 292 -37.57 91.54 17.18
CA ALA U 292 -38.35 90.33 17.41
C ALA U 292 -39.35 90.16 16.25
N ILE U 293 -39.97 91.26 15.80
CA ILE U 293 -40.93 91.24 14.69
C ILE U 293 -40.21 91.26 13.34
N THR U 294 -39.27 92.20 13.15
CA THR U 294 -38.55 92.35 11.87
C THR U 294 -37.55 91.22 11.58
N ASN U 295 -37.18 90.41 12.59
CA ASN U 295 -36.26 89.28 12.46
C ASN U 295 -36.89 88.12 13.26
N PRO U 296 -37.99 87.52 12.76
CA PRO U 296 -38.71 86.53 13.57
C PRO U 296 -38.26 85.07 13.50
N THR U 297 -37.24 84.75 12.71
CA THR U 297 -36.77 83.36 12.58
C THR U 297 -35.53 83.11 13.42
N VAL U 298 -35.26 81.83 13.73
CA VAL U 298 -34.03 81.45 14.46
C VAL U 298 -32.82 81.78 13.59
N ASN U 299 -32.93 81.51 12.27
CA ASN U 299 -31.89 81.76 11.28
C ASN U 299 -31.55 83.26 11.12
N SER U 300 -32.50 84.16 11.42
CA SER U 300 -32.26 85.60 11.32
C SER U 300 -31.09 86.05 12.18
N TYR U 301 -30.87 85.40 13.33
CA TYR U 301 -29.79 85.75 14.25
C TYR U 301 -28.44 85.09 13.89
N LYS U 302 -28.33 84.48 12.69
CA LYS U 302 -27.08 83.97 12.11
C LYS U 302 -26.57 85.03 11.09
N ARG U 303 -27.47 85.84 10.47
CA ARG U 303 -27.11 86.98 9.63
C ARG U 303 -26.90 88.16 10.60
N LEU U 304 -27.94 88.51 11.36
CA LEU U 304 -27.93 89.59 12.36
C LEU U 304 -27.31 89.04 13.64
N VAL U 305 -26.02 88.68 13.56
CA VAL U 305 -25.28 88.05 14.66
C VAL U 305 -24.38 89.04 15.44
N PRO U 306 -24.62 89.32 16.75
CA PRO U 306 -23.73 90.23 17.47
C PRO U 306 -22.28 89.75 17.54
N GLY U 307 -21.34 90.68 17.69
CA GLY U 307 -19.92 90.36 17.72
C GLY U 307 -19.30 90.13 16.37
N TYR U 308 -20.11 90.06 15.29
CA TYR U 308 -19.63 89.85 13.92
C TYR U 308 -20.24 90.90 12.97
N GLU U 309 -19.61 91.09 11.80
CA GLU U 309 -20.02 92.09 10.80
C GLU U 309 -21.50 91.95 10.42
N ALA U 310 -22.35 92.84 10.96
CA ALA U 310 -23.80 92.86 10.71
C ALA U 310 -24.43 94.19 11.22
N PRO U 311 -25.67 94.56 10.82
CA PRO U 311 -26.27 95.80 11.35
C PRO U 311 -26.88 95.54 12.73
N VAL U 312 -26.01 95.20 13.69
CA VAL U 312 -26.31 94.84 15.08
C VAL U 312 -26.09 95.99 16.06
N ASN U 313 -25.21 96.93 15.72
CA ASN U 313 -24.87 98.04 16.60
C ASN U 313 -25.98 99.08 16.62
N ILE U 314 -26.60 99.29 17.79
CA ILE U 314 -27.70 100.24 17.98
C ILE U 314 -27.14 101.67 17.95
N ALA U 315 -27.06 102.25 16.75
CA ALA U 315 -26.58 103.62 16.52
C ALA U 315 -26.93 104.10 15.09
N TRP U 316 -26.91 105.41 14.83
CA TRP U 316 -27.20 105.95 13.50
C TRP U 316 -25.96 106.64 12.92
N ALA U 317 -25.88 106.76 11.58
CA ALA U 317 -24.73 107.40 10.92
C ALA U 317 -25.06 107.78 9.47
N ASN U 318 -24.34 108.77 8.92
CA ASN U 318 -24.55 109.25 7.55
C ASN U 318 -23.67 108.49 6.55
N SER U 319 -24.28 107.78 5.58
CA SER U 319 -23.59 107.03 4.53
C SER U 319 -22.61 105.97 5.07
N ASN U 320 -23.00 105.30 6.16
CA ASN U 320 -22.19 104.28 6.82
C ASN U 320 -23.07 103.03 7.01
N ARG U 321 -22.70 101.91 6.36
CA ARG U 321 -23.46 100.66 6.41
C ARG U 321 -23.12 99.76 7.64
N SER U 322 -22.23 100.21 8.55
CA SER U 322 -21.85 99.42 9.73
C SER U 322 -22.87 99.57 10.88
N ALA U 323 -23.59 100.70 10.94
CA ALA U 323 -24.58 100.99 11.99
C ALA U 323 -25.98 100.39 11.64
N ILE U 324 -26.91 100.32 12.63
CA ILE U 324 -28.26 99.77 12.39
C ILE U 324 -29.05 100.71 11.48
N ILE U 325 -28.84 102.05 11.59
CA ILE U 325 -29.50 103.06 10.74
C ILE U 325 -28.43 103.77 9.91
N ARG U 326 -28.77 104.06 8.64
CA ARG U 326 -27.91 104.78 7.71
C ARG U 326 -28.77 105.88 7.06
N VAL U 327 -28.29 107.12 7.05
CA VAL U 327 -29.04 108.21 6.44
C VAL U 327 -28.47 108.41 5.02
N PRO U 328 -29.17 107.97 3.95
CA PRO U 328 -28.62 108.16 2.60
C PRO U 328 -28.37 109.62 2.27
N ALA U 329 -27.36 109.89 1.44
CA ALA U 329 -26.96 111.25 1.08
C ALA U 329 -28.02 112.06 0.30
N ALA U 330 -29.07 111.42 -0.24
CA ALA U 330 -30.11 112.13 -0.98
C ALA U 330 -30.89 113.06 -0.05
N ARG U 331 -31.10 114.31 -0.48
CA ARG U 331 -31.80 115.32 0.32
C ARG U 331 -32.96 115.99 -0.46
N GLY U 332 -33.81 116.70 0.28
CA GLY U 332 -35.00 117.36 -0.24
C GLY U 332 -36.21 116.51 0.04
N LYS U 333 -36.86 115.99 -1.00
CA LYS U 333 -37.99 115.09 -0.84
C LYS U 333 -37.49 113.70 -0.42
N GLY U 334 -36.41 113.24 -1.04
CA GLY U 334 -35.84 111.93 -0.76
C GLY U 334 -35.01 111.82 0.52
N THR U 335 -35.23 112.70 1.51
CA THR U 335 -34.51 112.63 2.78
C THR U 335 -35.15 111.50 3.56
N ARG U 336 -34.37 110.47 3.94
CA ARG U 336 -34.92 109.30 4.64
C ARG U 336 -33.89 108.66 5.57
N ILE U 337 -34.33 107.65 6.35
CA ILE U 337 -33.46 106.86 7.24
C ILE U 337 -33.66 105.39 6.86
N GLU U 338 -32.55 104.64 6.76
CA GLU U 338 -32.56 103.24 6.35
C GLU U 338 -32.36 102.32 7.56
N PHE U 339 -33.43 101.61 7.97
CA PHE U 339 -33.34 100.65 9.07
C PHE U 339 -32.84 99.35 8.43
N ARG U 340 -31.56 99.01 8.66
CA ARG U 340 -30.88 97.86 8.04
C ARG U 340 -31.08 96.51 8.74
N ALA U 341 -31.66 96.48 9.95
CA ALA U 341 -31.85 95.23 10.69
C ALA U 341 -32.81 94.21 10.05
N PRO U 342 -33.93 94.60 9.41
CA PRO U 342 -34.86 93.60 8.88
C PRO U 342 -34.33 92.69 7.77
N ASP U 343 -34.96 91.51 7.64
CA ASP U 343 -34.70 90.52 6.60
C ASP U 343 -36.05 90.15 5.96
N PRO U 344 -36.09 89.64 4.71
CA PRO U 344 -37.39 89.35 4.08
C PRO U 344 -38.24 88.24 4.72
N SER U 345 -37.79 87.64 5.85
CA SER U 345 -38.55 86.61 6.55
C SER U 345 -39.70 87.19 7.42
N CYS U 346 -39.71 88.52 7.66
CA CYS U 346 -40.71 89.16 8.51
C CYS U 346 -42.02 89.46 7.80
N ASN U 347 -43.10 89.63 8.58
CA ASN U 347 -44.41 89.99 8.06
C ASN U 347 -44.32 91.50 7.79
N PRO U 348 -44.46 91.98 6.53
CA PRO U 348 -44.32 93.43 6.30
C PRO U 348 -45.36 94.29 7.01
N TYR U 349 -46.60 93.80 7.17
CA TYR U 349 -47.63 94.57 7.85
C TYR U 349 -47.28 94.84 9.31
N LEU U 350 -46.71 93.85 10.01
CA LEU U 350 -46.31 94.01 11.41
C LEU U 350 -44.98 94.75 11.52
N ALA U 351 -44.06 94.57 10.54
CA ALA U 351 -42.76 95.25 10.54
C ALA U 351 -42.93 96.76 10.40
N PHE U 352 -43.82 97.23 9.50
CA PHE U 352 -44.05 98.66 9.33
C PHE U 352 -44.84 99.25 10.52
N THR U 353 -45.69 98.44 11.18
CA THR U 353 -46.46 98.87 12.35
C THR U 353 -45.51 99.18 13.53
N VAL U 354 -44.61 98.24 13.88
CA VAL U 354 -43.67 98.44 15.00
C VAL U 354 -42.65 99.55 14.70
N MET U 355 -42.21 99.70 13.43
CA MET U 355 -41.28 100.76 13.08
C MET U 355 -41.97 102.12 13.22
N LEU U 356 -43.22 102.25 12.73
CA LEU U 356 -43.94 103.51 12.86
C LEU U 356 -44.28 103.82 14.32
N ALA U 357 -44.64 102.80 15.13
CA ALA U 357 -44.98 103.02 16.54
C ALA U 357 -43.79 103.48 17.38
N ALA U 358 -42.62 102.84 17.21
CA ALA U 358 -41.43 103.24 17.95
C ALA U 358 -40.94 104.61 17.48
N GLY U 359 -40.99 104.85 16.17
CA GLY U 359 -40.59 106.13 15.59
C GLY U 359 -41.48 107.27 16.06
N LEU U 360 -42.81 107.06 16.08
CA LEU U 360 -43.75 108.08 16.56
C LEU U 360 -43.65 108.28 18.07
N ASP U 361 -43.22 107.25 18.84
CA ASP U 361 -43.01 107.41 20.28
C ASP U 361 -41.91 108.47 20.53
N GLY U 362 -40.89 108.51 19.68
CA GLY U 362 -39.83 109.50 19.77
C GLY U 362 -40.29 110.89 19.36
N VAL U 363 -41.18 110.99 18.36
CA VAL U 363 -41.72 112.27 17.88
C VAL U 363 -42.68 112.87 18.93
N LYS U 364 -43.57 112.05 19.51
CA LYS U 364 -44.53 112.50 20.52
C LYS U 364 -43.83 113.00 21.78
N ASN U 365 -42.85 112.24 22.30
CA ASN U 365 -42.10 112.61 23.50
C ASN U 365 -40.91 113.55 23.21
N LYS U 366 -40.55 113.79 21.94
CA LYS U 366 -39.43 114.64 21.54
C LYS U 366 -38.12 114.13 22.16
N LEU U 367 -37.78 112.85 21.89
CA LEU U 367 -36.57 112.22 22.41
C LEU U 367 -35.32 112.75 21.75
N ASP U 368 -34.22 112.78 22.51
CA ASP U 368 -32.94 113.23 22.00
C ASP U 368 -32.17 112.05 21.40
N ALA U 369 -31.78 112.18 20.13
CA ALA U 369 -31.00 111.14 19.44
C ALA U 369 -29.51 111.26 19.78
N PRO U 370 -28.75 110.15 19.76
CA PRO U 370 -27.31 110.25 20.02
C PRO U 370 -26.54 110.79 18.80
N GLU U 371 -25.25 111.08 18.98
CA GLU U 371 -24.42 111.60 17.89
C GLU U 371 -24.17 110.52 16.84
N PRO U 372 -23.99 110.90 15.55
CA PRO U 372 -23.75 109.88 14.51
C PRO U 372 -22.35 109.30 14.58
N VAL U 373 -22.24 107.96 14.52
CA VAL U 373 -20.96 107.27 14.58
C VAL U 373 -20.42 107.13 13.16
N GLU U 374 -19.75 108.18 12.66
CA GLU U 374 -19.19 108.20 11.32
C GLU U 374 -18.08 107.15 11.14
N ARG U 375 -17.40 106.76 12.24
CA ARG U 375 -16.35 105.73 12.22
C ARG U 375 -16.94 104.35 11.91
N ASN U 376 -16.11 103.42 11.42
CA ASN U 376 -16.54 102.04 11.17
C ASN U 376 -16.67 101.40 12.55
N ILE U 377 -17.86 100.86 12.87
CA ILE U 377 -18.13 100.29 14.17
C ILE U 377 -17.57 98.86 14.31
N PHE U 378 -17.38 98.13 13.19
CA PHE U 378 -16.82 96.77 13.24
C PHE U 378 -15.37 96.78 13.69
N ALA U 379 -14.59 97.81 13.27
CA ALA U 379 -13.20 97.95 13.65
C ALA U 379 -13.02 98.31 15.15
N MET U 380 -14.08 98.78 15.82
CA MET U 380 -14.02 99.16 17.23
C MET U 380 -14.00 97.94 18.15
N SER U 381 -13.35 98.07 19.31
CA SER U 381 -13.29 97.00 20.31
C SER U 381 -14.52 97.08 21.25
N GLU U 382 -14.87 95.97 21.90
CA GLU U 382 -16.03 95.93 22.81
C GLU U 382 -15.90 96.91 23.99
N ALA U 383 -14.68 97.15 24.48
CA ALA U 383 -14.48 98.11 25.58
C ALA U 383 -14.71 99.55 25.09
N GLU U 384 -14.32 99.85 23.83
CA GLU U 384 -14.51 101.18 23.24
C GLU U 384 -15.99 101.43 22.96
N LYS U 385 -16.70 100.42 22.39
CA LYS U 385 -18.13 100.52 22.11
C LYS U 385 -18.96 100.67 23.40
N LYS U 386 -18.48 100.08 24.51
CA LYS U 386 -19.18 100.16 25.80
C LYS U 386 -19.04 101.58 26.39
N GLU U 387 -17.88 102.23 26.18
CA GLU U 387 -17.65 103.59 26.67
C GLU U 387 -18.57 104.57 25.92
N LEU U 388 -18.66 104.44 24.58
CA LEU U 388 -19.53 105.29 23.76
C LEU U 388 -21.03 105.04 24.04
N GLY U 389 -21.38 103.82 24.45
CA GLY U 389 -22.76 103.44 24.75
C GLY U 389 -23.48 102.82 23.58
N ILE U 390 -22.73 102.14 22.68
CA ILE U 390 -23.30 101.51 21.49
C ILE U 390 -23.72 100.08 21.86
N GLU U 391 -24.97 99.90 22.30
CA GLU U 391 -25.49 98.57 22.66
C GLU U 391 -25.74 97.73 21.41
N SER U 392 -25.85 96.39 21.57
CA SER U 392 -26.08 95.49 20.44
C SER U 392 -27.47 94.83 20.51
N VAL U 393 -28.03 94.47 19.34
CA VAL U 393 -29.34 93.81 19.25
C VAL U 393 -29.25 92.37 19.78
N PRO U 394 -30.34 91.79 20.33
CA PRO U 394 -30.25 90.42 20.88
C PRO U 394 -29.55 89.39 19.98
N ALA U 395 -28.85 88.43 20.62
CA ALA U 395 -28.10 87.38 19.93
C ALA U 395 -28.94 86.22 19.41
N ASN U 396 -30.19 86.05 19.87
CA ASN U 396 -31.03 84.94 19.42
C ASN U 396 -32.54 85.31 19.44
N LEU U 397 -33.40 84.42 18.91
CA LEU U 397 -34.83 84.67 18.82
C LEU U 397 -35.47 84.83 20.20
N LYS U 398 -35.18 83.92 21.14
CA LYS U 398 -35.75 83.98 22.49
C LYS U 398 -35.34 85.25 23.21
N ALA U 399 -34.10 85.71 23.01
CA ALA U 399 -33.63 86.95 23.63
C ALA U 399 -34.43 88.16 23.12
N ALA U 400 -34.84 88.14 21.84
CA ALA U 400 -35.64 89.22 21.26
C ALA U 400 -37.11 89.13 21.69
N LEU U 401 -37.65 87.91 21.85
CA LEU U 401 -39.05 87.73 22.27
C LEU U 401 -39.26 88.27 23.69
N ASP U 402 -38.29 88.08 24.59
CA ASP U 402 -38.38 88.59 25.95
C ASP U 402 -38.37 90.12 25.96
N GLU U 403 -37.61 90.75 25.04
CA GLU U 403 -37.56 92.21 24.91
C GLU U 403 -38.90 92.73 24.39
N LEU U 404 -39.49 92.02 23.42
CA LEU U 404 -40.79 92.39 22.85
C LEU U 404 -41.89 92.27 23.90
N GLU U 405 -41.83 91.21 24.73
CA GLU U 405 -42.82 90.96 25.78
C GLU U 405 -42.85 92.11 26.80
N ASN U 406 -41.67 92.59 27.23
CA ASN U 406 -41.58 93.69 28.20
C ASN U 406 -41.81 95.09 27.58
N ASN U 407 -41.90 95.19 26.24
CA ASN U 407 -42.12 96.46 25.57
C ASN U 407 -43.63 96.75 25.47
N ASP U 408 -44.08 97.87 26.05
CA ASP U 408 -45.49 98.27 26.04
C ASP U 408 -45.87 99.07 24.80
N VAL U 409 -44.90 99.75 24.14
CA VAL U 409 -45.17 100.55 22.95
C VAL U 409 -45.58 99.65 21.79
N LEU U 410 -44.85 98.55 21.56
CA LEU U 410 -45.16 97.60 20.49
C LEU U 410 -46.35 96.72 20.84
N LYS U 411 -46.59 96.44 22.13
CA LYS U 411 -47.73 95.63 22.56
C LYS U 411 -49.05 96.32 22.16
N ASN U 412 -49.13 97.63 22.40
CA ASN U 412 -50.31 98.44 22.06
C ASN U 412 -50.51 98.58 20.55
N ALA U 413 -49.42 98.76 19.79
CA ALA U 413 -49.50 98.90 18.33
C ALA U 413 -49.98 97.62 17.65
N LEU U 414 -49.48 96.45 18.09
CA LEU U 414 -49.86 95.17 17.53
C LEU U 414 -51.22 94.68 18.06
N GLY U 415 -51.55 95.04 19.30
CA GLY U 415 -52.80 94.63 19.93
C GLY U 415 -52.63 93.31 20.67
N LYS U 416 -53.47 93.09 21.70
CA LYS U 416 -53.41 91.88 22.53
C LYS U 416 -53.42 90.59 21.73
N HIS U 417 -54.21 90.53 20.65
CA HIS U 417 -54.33 89.31 19.85
C HIS U 417 -53.04 88.98 19.09
N ILE U 418 -52.47 89.96 18.38
CA ILE U 418 -51.25 89.72 17.59
C ILE U 418 -50.05 89.56 18.52
N PHE U 419 -49.90 90.44 19.52
CA PHE U 419 -48.79 90.38 20.47
C PHE U 419 -48.69 89.02 21.19
N GLU U 420 -49.79 88.53 21.77
CA GLU U 420 -49.77 87.26 22.49
C GLU U 420 -49.63 86.03 21.57
N SER U 421 -50.34 86.00 20.43
CA SER U 421 -50.24 84.87 19.51
C SER U 421 -48.85 84.79 18.88
N PHE U 422 -48.24 85.93 18.53
CA PHE U 422 -46.90 85.94 17.96
C PHE U 422 -45.88 85.35 18.95
N LEU U 423 -45.92 85.82 20.21
CA LEU U 423 -45.01 85.31 21.24
C LEU U 423 -45.21 83.81 21.47
N GLU U 424 -46.47 83.35 21.51
CA GLU U 424 -46.80 81.94 21.73
C GLU U 424 -46.29 81.06 20.59
N ILE U 425 -46.49 81.50 19.33
CA ILE U 425 -46.04 80.76 18.14
C ILE U 425 -44.52 80.71 18.07
N LYS U 426 -43.86 81.85 18.30
CA LYS U 426 -42.41 81.93 18.24
C LYS U 426 -41.72 81.22 19.41
N ASN U 427 -42.36 81.13 20.59
CA ASN U 427 -41.77 80.39 21.72
C ASN U 427 -41.80 78.89 21.43
N ALA U 428 -42.88 78.38 20.81
CA ALA U 428 -42.95 76.98 20.43
C ALA U 428 -41.92 76.66 19.33
N GLU U 429 -41.68 77.61 18.43
CA GLU U 429 -40.69 77.52 17.35
C GLU U 429 -39.27 77.50 17.95
N TRP U 430 -39.02 78.34 18.97
CA TRP U 430 -37.74 78.39 19.66
C TRP U 430 -37.50 77.10 20.45
N ASP U 431 -38.53 76.60 21.15
CA ASP U 431 -38.43 75.36 21.92
C ASP U 431 -38.09 74.18 21.01
N SER U 432 -38.64 74.15 19.80
CA SER U 432 -38.34 73.09 18.83
C SER U 432 -36.86 73.12 18.43
N PHE U 433 -36.28 74.33 18.31
CA PHE U 433 -34.89 74.52 17.93
C PHE U 433 -33.92 74.11 19.06
N ARG U 434 -34.15 74.60 20.29
CA ARG U 434 -33.26 74.29 21.41
C ARG U 434 -33.27 72.82 21.86
N THR U 435 -34.32 72.06 21.53
CA THR U 435 -34.41 70.64 21.89
C THR U 435 -33.82 69.74 20.81
N SER U 436 -33.86 70.16 19.53
CA SER U 436 -33.36 69.35 18.42
C SER U 436 -31.83 69.21 18.43
N VAL U 437 -31.34 68.01 18.10
CA VAL U 437 -29.90 67.73 18.01
C VAL U 437 -29.46 68.16 16.61
N THR U 438 -28.64 69.21 16.53
CA THR U 438 -28.19 69.77 15.25
C THR U 438 -27.00 69.03 14.64
N ASP U 439 -26.75 69.25 13.35
CA ASP U 439 -25.63 68.67 12.62
C ASP U 439 -24.29 69.18 13.16
N TRP U 440 -24.25 70.43 13.65
CA TRP U 440 -23.04 71.01 14.23
C TRP U 440 -22.62 70.21 15.47
N GLU U 441 -23.59 69.90 16.35
CA GLU U 441 -23.34 69.13 17.56
C GLU U 441 -22.85 67.73 17.23
N THR U 442 -23.45 67.08 16.23
CA THR U 442 -23.04 65.74 15.83
C THR U 442 -21.61 65.76 15.31
N THR U 443 -21.24 66.78 14.53
CA THR U 443 -19.88 66.91 14.00
C THR U 443 -18.87 67.15 15.12
N ALA U 444 -19.20 68.03 16.07
CA ALA U 444 -18.30 68.40 17.15
C ALA U 444 -18.20 67.42 18.33
N TYR U 445 -19.27 66.69 18.66
CA TYR U 445 -19.29 65.84 19.86
C TYR U 445 -19.45 64.33 19.66
N LEU U 446 -19.70 63.82 18.43
CA LEU U 446 -19.81 62.36 18.25
C LEU U 446 -18.46 61.67 18.54
N LYS U 447 -17.34 62.35 18.25
CA LYS U 447 -16.00 61.81 18.50
C LYS U 447 -15.68 61.63 19.98
N ILE U 448 -16.32 62.41 20.88
CA ILE U 448 -16.02 62.32 22.31
C ILE U 448 -16.64 61.06 22.97
N THR V 3 -11.20 90.13 -62.55
CA THR V 3 -10.83 91.50 -62.13
C THR V 3 -11.33 91.80 -60.70
N VAL V 4 -10.85 92.91 -60.11
CA VAL V 4 -11.19 93.31 -58.73
C VAL V 4 -12.70 93.53 -58.60
N GLU V 5 -13.28 94.28 -59.54
CA GLU V 5 -14.70 94.61 -59.51
C GLU V 5 -15.62 93.47 -59.88
N GLN V 6 -15.15 92.44 -60.61
CA GLN V 6 -15.96 91.26 -60.88
C GLN V 6 -16.25 90.54 -59.55
N VAL V 7 -15.21 90.40 -58.71
CA VAL V 7 -15.32 89.80 -57.37
C VAL V 7 -16.26 90.63 -56.52
N LEU V 8 -16.14 91.97 -56.53
CA LEU V 8 -17.02 92.86 -55.76
C LEU V 8 -18.48 92.75 -56.23
N GLU V 9 -18.71 92.49 -57.52
CA GLU V 9 -20.05 92.34 -58.05
C GLU V 9 -20.64 91.00 -57.59
N TYR V 10 -19.83 89.91 -57.56
CA TYR V 10 -20.30 88.61 -57.07
C TYR V 10 -20.65 88.71 -55.57
N VAL V 11 -19.88 89.50 -54.79
CA VAL V 11 -20.08 89.74 -53.36
C VAL V 11 -21.49 90.30 -53.08
N LYS V 12 -21.94 91.25 -53.90
CA LYS V 12 -23.25 91.87 -53.71
C LYS V 12 -24.37 90.93 -54.15
N SER V 13 -24.19 90.22 -55.28
CA SER V 13 -25.19 89.28 -55.83
C SER V 13 -25.42 88.07 -54.90
N ASN V 14 -24.36 87.38 -54.49
CA ASN V 14 -24.47 86.22 -53.61
C ASN V 14 -24.75 86.62 -52.13
N ASN V 15 -24.59 87.91 -51.77
CA ASN V 15 -24.77 88.41 -50.39
C ASN V 15 -23.67 87.82 -49.50
N VAL V 16 -22.41 88.16 -49.79
CA VAL V 16 -21.26 87.66 -49.05
C VAL V 16 -20.98 88.57 -47.86
N LYS V 17 -20.62 87.96 -46.72
CA LYS V 17 -20.32 88.67 -45.46
C LYS V 17 -18.89 88.42 -44.98
N PHE V 18 -18.28 87.26 -45.31
CA PHE V 18 -16.91 86.95 -44.89
C PHE V 18 -16.08 86.54 -46.10
N MET V 19 -14.86 87.08 -46.20
CA MET V 19 -13.92 86.77 -47.28
C MET V 19 -12.70 86.03 -46.70
N ARG V 20 -12.56 84.74 -47.02
CA ARG V 20 -11.45 83.91 -46.56
C ARG V 20 -10.28 84.15 -47.50
N PHE V 21 -9.08 84.37 -46.95
CA PHE V 21 -7.87 84.55 -47.74
C PHE V 21 -7.09 83.26 -47.56
N GLN V 22 -7.30 82.30 -48.47
CA GLN V 22 -6.73 80.96 -48.38
C GLN V 22 -5.37 80.80 -49.07
N PHE V 23 -4.52 79.94 -48.51
CA PHE V 23 -3.18 79.58 -49.05
C PHE V 23 -2.75 78.20 -48.46
N VAL V 24 -1.53 77.72 -48.73
CA VAL V 24 -1.08 76.41 -48.24
C VAL V 24 0.31 76.49 -47.63
N ASP V 25 0.57 75.68 -46.59
CA ASP V 25 1.91 75.60 -45.99
C ASP V 25 2.79 74.66 -46.87
N ILE V 26 4.06 74.43 -46.48
CA ILE V 26 4.96 73.57 -47.28
C ILE V 26 4.41 72.15 -47.49
N LEU V 27 3.76 71.58 -46.47
CA LEU V 27 3.21 70.22 -46.57
C LEU V 27 1.87 70.13 -47.32
N GLY V 28 1.33 71.25 -47.79
CA GLY V 28 0.07 71.28 -48.51
C GLY V 28 -1.17 71.42 -47.63
N VAL V 29 -0.99 71.75 -46.34
CA VAL V 29 -2.12 71.92 -45.42
C VAL V 29 -2.69 73.32 -45.69
N PRO V 30 -4.01 73.45 -45.95
CA PRO V 30 -4.56 74.78 -46.22
C PRO V 30 -4.63 75.63 -44.97
N LYS V 31 -4.39 76.93 -45.12
CA LYS V 31 -4.41 77.92 -44.05
C LYS V 31 -5.17 79.16 -44.56
N ASN V 32 -5.95 79.83 -43.70
CA ASN V 32 -6.71 81.02 -44.11
C ASN V 32 -7.05 81.97 -42.95
N VAL V 33 -7.38 83.23 -43.29
CA VAL V 33 -7.77 84.26 -42.34
C VAL V 33 -9.05 84.89 -42.86
N ALA V 34 -10.10 84.95 -42.02
CA ALA V 34 -11.37 85.51 -42.43
C ALA V 34 -11.38 87.03 -42.26
N PHE V 35 -12.10 87.72 -43.16
CA PHE V 35 -12.23 89.17 -43.18
C PHE V 35 -13.72 89.53 -43.29
N PRO V 36 -14.29 90.28 -42.33
CA PRO V 36 -15.72 90.65 -42.46
C PRO V 36 -15.94 91.85 -43.38
N ILE V 37 -16.83 91.71 -44.36
CA ILE V 37 -17.17 92.79 -45.29
C ILE V 37 -18.26 93.61 -44.61
N LYS V 38 -18.13 94.94 -44.58
CA LYS V 38 -19.12 95.80 -43.92
C LYS V 38 -20.24 96.21 -44.91
N ALA V 39 -21.39 96.64 -44.35
CA ALA V 39 -22.55 97.07 -45.14
C ALA V 39 -22.29 98.41 -45.85
N GLY V 40 -23.05 98.68 -46.91
CA GLY V 40 -22.90 99.91 -47.68
C GLY V 40 -21.65 99.94 -48.53
N GLU V 41 -21.46 101.03 -49.29
CA GLU V 41 -20.27 101.16 -50.14
C GLU V 41 -18.97 101.32 -49.34
N LYS V 42 -19.04 101.71 -48.06
CA LYS V 42 -17.82 101.82 -47.25
C LYS V 42 -17.17 100.44 -47.03
N GLY V 43 -17.98 99.40 -46.89
CA GLY V 43 -17.49 98.03 -46.74
C GLY V 43 -16.98 97.46 -48.04
N ILE V 44 -17.58 97.87 -49.18
CA ILE V 44 -17.16 97.44 -50.51
C ILE V 44 -15.80 98.05 -50.85
N GLU V 45 -15.58 99.33 -50.51
CA GLU V 45 -14.31 99.99 -50.77
C GLU V 45 -13.21 99.51 -49.81
N GLU V 46 -13.58 99.13 -48.57
CA GLU V 46 -12.60 98.58 -47.62
C GLU V 46 -12.13 97.22 -48.17
N LEU V 47 -13.06 96.38 -48.65
CA LEU V 47 -12.76 95.07 -49.24
C LEU V 47 -11.91 95.23 -50.50
N ARG V 48 -12.18 96.25 -51.32
CA ARG V 48 -11.42 96.52 -52.54
C ARG V 48 -9.95 96.80 -52.23
N ASP V 49 -9.68 97.55 -51.16
CA ASP V 49 -8.30 97.86 -50.75
C ASP V 49 -7.58 96.58 -50.32
N VAL V 50 -8.26 95.71 -49.57
CA VAL V 50 -7.67 94.45 -49.11
C VAL V 50 -7.50 93.46 -50.27
N LEU V 51 -8.36 93.52 -51.30
CA LEU V 51 -8.24 92.64 -52.47
C LEU V 51 -7.08 93.06 -53.38
N GLU V 52 -6.79 94.36 -53.44
CA GLU V 52 -5.67 94.87 -54.27
C GLU V 52 -4.37 94.81 -53.46
N ASN V 53 -4.29 95.57 -52.36
CA ASN V 53 -3.09 95.64 -51.49
C ASN V 53 -2.76 94.28 -50.85
N GLY V 54 -3.77 93.54 -50.39
CA GLY V 54 -3.55 92.24 -49.71
C GLY V 54 -3.56 92.36 -48.19
N LEU V 55 -3.22 91.28 -47.49
CA LEU V 55 -3.22 91.26 -46.00
C LEU V 55 -1.90 90.71 -45.45
N TYR V 56 -1.40 91.30 -44.35
CA TYR V 56 -0.17 90.85 -43.66
C TYR V 56 -0.51 89.70 -42.71
N PHE V 57 0.48 88.89 -42.31
CA PHE V 57 0.24 87.75 -41.39
C PHE V 57 1.56 87.27 -40.78
N ASP V 58 1.49 86.48 -39.70
CA ASP V 58 2.70 85.96 -39.06
C ASP V 58 3.19 84.72 -39.84
N GLY V 59 4.32 84.85 -40.51
CA GLY V 59 4.90 83.75 -41.29
C GLY V 59 5.62 82.71 -40.46
N SER V 60 6.11 83.07 -39.26
CA SER V 60 6.84 82.12 -38.42
C SER V 60 5.98 80.96 -37.94
N SER V 61 4.68 81.20 -37.74
CA SER V 61 3.76 80.17 -37.28
C SER V 61 3.41 79.17 -38.41
N ILE V 62 3.49 79.60 -39.69
CA ILE V 62 3.21 78.71 -40.82
C ILE V 62 4.43 77.78 -41.02
N GLU V 63 4.18 76.50 -41.36
CA GLU V 63 5.25 75.52 -41.53
C GLU V 63 6.07 75.74 -42.82
N GLY V 64 7.38 75.72 -42.68
CA GLY V 64 8.31 75.88 -43.79
C GLY V 64 8.28 77.23 -44.47
N PHE V 65 8.02 78.30 -43.71
CA PHE V 65 7.96 79.65 -44.26
C PHE V 65 9.17 80.50 -43.80
N VAL V 66 9.07 81.31 -42.73
CA VAL V 66 10.16 82.18 -42.29
C VAL V 66 10.42 82.08 -40.79
N GLY V 67 11.58 82.58 -40.35
CA GLY V 67 11.94 82.59 -38.94
C GLY V 67 11.19 83.65 -38.15
N ILE V 68 11.33 83.62 -36.83
CA ILE V 68 10.66 84.58 -35.95
C ILE V 68 11.23 86.00 -36.11
N ASN V 69 12.54 86.11 -36.38
CA ASN V 69 13.20 87.42 -36.56
C ASN V 69 12.86 88.14 -37.88
N GLU V 70 12.15 87.48 -38.82
CA GLU V 70 11.76 88.06 -40.12
C GLU V 70 10.37 87.51 -40.49
N SER V 71 9.44 87.57 -39.54
CA SER V 71 8.10 86.98 -39.67
C SER V 71 7.07 87.77 -40.51
N ASP V 72 7.21 89.09 -40.67
CA ASP V 72 6.23 89.89 -41.42
C ASP V 72 6.11 89.51 -42.91
N MET V 73 4.91 89.02 -43.32
CA MET V 73 4.63 88.58 -44.70
C MET V 73 3.26 89.12 -45.19
N MET V 74 2.94 88.92 -46.49
CA MET V 74 1.68 89.40 -47.10
C MET V 74 1.03 88.33 -48.00
N LEU V 75 -0.27 88.50 -48.31
CA LEU V 75 -1.03 87.61 -49.18
C LEU V 75 -1.68 88.41 -50.31
N LYS V 76 -1.29 88.16 -51.58
CA LYS V 76 -1.84 88.85 -52.76
C LYS V 76 -2.91 87.96 -53.43
N PRO V 77 -4.23 88.27 -53.28
CA PRO V 77 -5.26 87.39 -53.87
C PRO V 77 -5.26 87.20 -55.38
N ASP V 78 -5.43 85.95 -55.82
CA ASP V 78 -5.57 85.61 -57.24
C ASP V 78 -7.07 85.71 -57.45
N LEU V 79 -7.53 86.83 -58.03
CA LEU V 79 -8.95 87.13 -58.18
C LEU V 79 -9.74 86.20 -59.11
N SER V 80 -9.06 85.38 -59.93
CA SER V 80 -9.74 84.41 -60.79
C SER V 80 -10.28 83.20 -60.00
N THR V 81 -9.74 82.93 -58.79
CA THR V 81 -10.13 81.78 -57.96
C THR V 81 -11.25 82.08 -56.96
N PHE V 82 -12.12 83.08 -57.22
CA PHE V 82 -13.22 83.39 -56.31
C PHE V 82 -14.23 82.25 -56.32
N SER V 83 -14.69 81.81 -55.14
CA SER V 83 -15.67 80.74 -55.02
C SER V 83 -16.48 80.88 -53.72
N VAL V 84 -17.79 80.62 -53.77
CA VAL V 84 -18.66 80.72 -52.59
C VAL V 84 -18.64 79.37 -51.86
N LEU V 85 -18.35 79.36 -50.53
CA LEU V 85 -18.30 78.11 -49.76
C LEU V 85 -19.71 77.58 -49.51
N PRO V 86 -20.10 76.43 -50.08
CA PRO V 86 -21.47 75.93 -49.89
C PRO V 86 -21.73 75.32 -48.51
N TRP V 87 -20.71 74.69 -47.88
CA TRP V 87 -20.89 74.12 -46.53
C TRP V 87 -21.18 75.21 -45.49
N ARG V 88 -20.75 76.46 -45.73
CA ARG V 88 -21.04 77.60 -44.85
C ARG V 88 -22.48 78.13 -45.15
N PRO V 89 -23.08 78.98 -44.29
CA PRO V 89 -24.45 79.44 -44.57
C PRO V 89 -24.64 80.19 -45.89
N SER V 90 -25.87 80.13 -46.43
CA SER V 90 -26.23 80.78 -47.69
C SER V 90 -26.56 82.26 -47.43
N GLU V 91 -27.37 82.53 -46.39
CA GLU V 91 -27.74 83.89 -46.01
C GLU V 91 -26.52 84.47 -45.30
N LYS V 92 -25.91 85.55 -45.86
CA LYS V 92 -24.69 86.15 -45.35
C LYS V 92 -23.58 85.12 -45.57
N SER V 93 -23.42 84.72 -46.84
CA SER V 93 -22.50 83.67 -47.29
C SER V 93 -21.02 83.98 -47.06
N VAL V 94 -20.20 82.94 -47.05
CA VAL V 94 -18.75 83.04 -46.86
C VAL V 94 -18.09 82.70 -48.19
N ALA V 95 -17.23 83.59 -48.72
CA ALA V 95 -16.52 83.37 -49.99
C ALA V 95 -15.01 83.26 -49.77
N ARG V 96 -14.32 82.61 -50.72
CA ARG V 96 -12.87 82.42 -50.63
C ARG V 96 -12.14 83.00 -51.82
N VAL V 97 -10.84 83.25 -51.65
CA VAL V 97 -9.96 83.73 -52.71
C VAL V 97 -8.54 83.21 -52.40
N ILE V 98 -8.00 82.32 -53.24
CA ILE V 98 -6.68 81.75 -53.02
C ILE V 98 -5.61 82.79 -53.35
N CYS V 99 -4.69 83.03 -52.41
CA CYS V 99 -3.66 84.06 -52.55
C CYS V 99 -2.28 83.48 -52.67
N ASP V 100 -1.38 84.30 -53.23
CA ASP V 100 0.04 84.00 -53.37
C ASP V 100 0.73 84.67 -52.18
N VAL V 101 1.67 83.96 -51.53
CA VAL V 101 2.40 84.50 -50.39
C VAL V 101 3.52 85.41 -50.93
N TYR V 102 3.58 86.67 -50.45
CA TYR V 102 4.56 87.66 -50.88
C TYR V 102 5.33 88.20 -49.67
N THR V 103 6.57 88.64 -49.90
CA THR V 103 7.42 89.22 -48.86
C THR V 103 6.98 90.66 -48.56
N THR V 104 7.49 91.22 -47.46
CA THR V 104 7.19 92.59 -47.03
C THR V 104 7.47 93.62 -48.14
N LYS V 105 8.52 93.40 -48.95
CA LYS V 105 8.88 94.28 -50.06
C LYS V 105 7.99 94.11 -51.32
N GLY V 106 6.91 93.33 -51.23
CA GLY V 106 6.00 93.10 -52.35
C GLY V 106 6.55 92.23 -53.46
N LYS V 107 7.46 91.30 -53.12
CA LYS V 107 8.07 90.36 -54.07
C LYS V 107 7.56 88.95 -53.78
N PRO V 108 7.24 88.09 -54.78
CA PRO V 108 6.73 86.74 -54.46
C PRO V 108 7.65 85.94 -53.53
N PHE V 109 7.08 85.30 -52.49
CA PHE V 109 7.87 84.54 -51.52
C PHE V 109 8.45 83.27 -52.15
N GLU V 110 9.77 83.10 -52.03
CA GLU V 110 10.50 81.94 -52.57
C GLU V 110 9.97 80.60 -52.03
N GLY V 111 9.63 80.55 -50.75
CA GLY V 111 9.13 79.34 -50.11
C GLY V 111 7.63 79.12 -50.23
N ASP V 112 6.99 79.71 -51.25
CA ASP V 112 5.55 79.56 -51.46
C ASP V 112 5.26 78.41 -52.44
N PRO V 113 4.53 77.34 -52.06
CA PRO V 113 4.25 76.26 -53.02
C PRO V 113 3.45 76.69 -54.26
N ARG V 114 2.49 77.62 -54.11
CA ARG V 114 1.69 78.10 -55.25
C ARG V 114 2.51 78.92 -56.23
N GLY V 115 3.38 79.79 -55.72
CA GLY V 115 4.28 80.59 -56.54
C GLY V 115 5.32 79.74 -57.24
N CYS V 116 5.71 78.61 -56.61
CA CYS V 116 6.67 77.65 -57.18
C CYS V 116 6.07 77.03 -58.44
N LEU V 117 4.77 76.67 -58.41
CA LEU V 117 4.10 76.09 -59.57
C LEU V 117 3.87 77.15 -60.65
N LYS V 118 3.52 78.39 -60.25
CA LYS V 118 3.32 79.48 -61.20
C LYS V 118 4.61 79.76 -61.96
N ARG V 119 5.75 79.81 -61.23
CA ARG V 119 7.08 80.08 -61.80
C ARG V 119 7.44 79.07 -62.91
N VAL V 120 7.34 77.77 -62.62
CA VAL V 120 7.69 76.75 -63.61
C VAL V 120 6.71 76.73 -64.79
N MET V 121 5.42 77.06 -64.57
CA MET V 121 4.43 77.11 -65.65
C MET V 121 4.68 78.31 -66.57
N GLU V 122 5.05 79.47 -66.00
CA GLU V 122 5.37 80.66 -66.78
C GLU V 122 6.65 80.43 -67.58
N GLU V 123 7.64 79.74 -66.99
CA GLU V 123 8.89 79.40 -67.67
C GLU V 123 8.63 78.45 -68.85
N PHE V 124 7.72 77.48 -68.67
CA PHE V 124 7.35 76.53 -69.71
C PHE V 124 6.62 77.26 -70.84
N LYS V 125 5.67 78.15 -70.50
CA LYS V 125 4.94 78.92 -71.50
C LYS V 125 5.83 79.91 -72.26
N LYS V 126 6.90 80.41 -71.63
CA LYS V 126 7.82 81.33 -72.29
C LYS V 126 8.78 80.60 -73.24
N GLU V 127 9.31 79.44 -72.81
CA GLU V 127 10.27 78.67 -73.59
C GLU V 127 9.66 77.83 -74.72
N PHE V 128 8.56 77.11 -74.45
CA PHE V 128 7.93 76.22 -75.42
C PHE V 128 6.53 76.63 -75.91
N ASN V 129 5.89 77.63 -75.26
CA ASN V 129 4.53 78.05 -75.59
C ASN V 129 3.56 76.89 -75.30
N GLY V 130 3.76 76.23 -74.16
CA GLY V 130 2.97 75.08 -73.75
C GLY V 130 2.03 75.34 -72.59
N GLU V 131 1.15 74.37 -72.35
CA GLU V 131 0.15 74.40 -71.30
C GLU V 131 0.15 73.02 -70.65
N TYR V 132 0.51 72.94 -69.36
CA TYR V 132 0.59 71.66 -68.64
C TYR V 132 -0.76 71.32 -68.02
N PHE V 133 -1.43 70.27 -68.54
CA PHE V 133 -2.75 69.84 -68.05
C PHE V 133 -2.65 68.61 -67.14
N VAL V 134 -3.38 68.63 -66.01
CA VAL V 134 -3.41 67.52 -65.04
C VAL V 134 -4.87 67.24 -64.62
N GLY V 135 -5.16 65.96 -64.40
CA GLY V 135 -6.47 65.47 -63.99
C GLY V 135 -6.29 64.35 -62.98
N PRO V 136 -6.35 64.64 -61.66
CA PRO V 136 -6.10 63.59 -60.65
C PRO V 136 -7.34 62.83 -60.19
N GLU V 137 -7.11 61.68 -59.53
CA GLU V 137 -8.13 60.79 -58.98
C GLU V 137 -7.81 60.60 -57.50
N PRO V 138 -8.02 61.63 -56.65
CA PRO V 138 -7.68 61.50 -55.23
C PRO V 138 -8.72 60.68 -54.47
N GLU V 139 -8.39 59.42 -54.20
CA GLU V 139 -9.28 58.52 -53.45
C GLU V 139 -9.22 58.84 -51.95
N PHE V 140 -10.25 58.44 -51.19
CA PHE V 140 -10.34 58.69 -49.75
C PHE V 140 -11.19 57.63 -49.05
N PHE V 141 -11.17 57.62 -47.70
CA PHE V 141 -11.96 56.68 -46.88
C PHE V 141 -12.93 57.41 -45.98
N LEU V 142 -14.16 56.89 -45.86
CA LEU V 142 -15.17 57.43 -44.93
C LEU V 142 -15.10 56.54 -43.70
N LEU V 143 -14.89 57.14 -42.52
CA LEU V 143 -14.75 56.37 -41.28
C LEU V 143 -15.86 56.63 -40.27
N LYS V 144 -16.05 55.67 -39.36
CA LYS V 144 -16.98 55.75 -38.25
C LYS V 144 -16.28 55.15 -37.01
N LYS V 145 -16.68 55.58 -35.80
CA LYS V 145 -16.05 55.08 -34.58
C LYS V 145 -16.31 53.58 -34.40
N ASP V 146 -15.30 52.87 -33.91
CA ASP V 146 -15.40 51.42 -33.69
C ASP V 146 -16.40 51.20 -32.55
N PRO V 147 -17.46 50.37 -32.72
CA PRO V 147 -18.40 50.17 -31.61
C PRO V 147 -17.77 49.48 -30.40
N HIS V 148 -16.82 48.54 -30.64
CA HIS V 148 -16.12 47.84 -29.57
C HIS V 148 -15.10 48.74 -28.83
N ASN V 149 -14.70 49.87 -29.42
CA ASN V 149 -13.77 50.82 -28.78
C ASN V 149 -13.91 52.21 -29.45
N PRO V 150 -14.49 53.23 -28.78
CA PRO V 150 -14.65 54.54 -29.45
C PRO V 150 -13.38 55.31 -29.77
N HIS V 151 -12.25 54.94 -29.15
CA HIS V 151 -10.97 55.61 -29.42
C HIS V 151 -10.40 55.30 -30.82
N LYS V 152 -10.79 54.15 -31.42
CA LYS V 152 -10.31 53.75 -32.75
C LYS V 152 -11.40 53.98 -33.81
N TYR V 153 -10.97 54.09 -35.09
CA TYR V 153 -11.87 54.30 -36.23
C TYR V 153 -11.82 53.10 -37.18
N ILE V 154 -12.94 52.83 -37.88
CA ILE V 154 -13.06 51.74 -38.85
C ILE V 154 -13.77 52.24 -40.12
N PRO V 155 -13.80 51.45 -41.24
CA PRO V 155 -14.48 51.94 -42.45
C PRO V 155 -16.00 52.03 -42.27
N ALA V 156 -16.64 52.98 -42.98
CA ALA V 156 -18.08 53.21 -42.87
C ALA V 156 -18.96 52.06 -43.37
N ASP V 157 -18.48 51.26 -44.35
CA ASP V 157 -19.26 50.16 -44.89
C ASP V 157 -18.39 49.03 -45.45
N ASP V 158 -18.98 47.83 -45.57
CA ASP V 158 -18.29 46.66 -46.13
C ASP V 158 -18.54 46.58 -47.64
N GLY V 159 -18.40 47.71 -48.32
CA GLY V 159 -18.62 47.80 -49.75
C GLY V 159 -17.38 47.56 -50.59
N GLY V 160 -17.61 47.14 -51.83
CA GLY V 160 -16.57 46.87 -52.81
C GLY V 160 -16.54 47.89 -53.93
N TYR V 161 -15.86 47.55 -55.02
CA TYR V 161 -15.73 48.46 -56.16
C TYR V 161 -17.06 48.61 -56.89
N PHE V 162 -17.53 49.87 -57.11
CA PHE V 162 -18.77 50.18 -57.82
C PHE V 162 -20.04 49.55 -57.18
N ASP V 163 -19.99 49.07 -55.92
CA ASP V 163 -21.17 48.43 -55.31
C ASP V 163 -22.38 49.36 -55.18
N LEU V 164 -23.58 48.76 -55.13
CA LEU V 164 -24.86 49.48 -54.99
C LEU V 164 -25.36 49.48 -53.55
N GLU V 165 -26.21 50.44 -53.22
CA GLU V 165 -26.85 50.53 -51.90
C GLU V 165 -27.79 49.30 -51.69
N PRO V 166 -27.99 48.82 -50.45
CA PRO V 166 -27.45 49.32 -49.17
C PRO V 166 -26.04 48.84 -48.84
N MET V 167 -25.43 47.98 -49.68
CA MET V 167 -24.05 47.50 -49.46
C MET V 167 -23.09 48.71 -49.45
N ASP V 168 -23.32 49.67 -50.36
CA ASP V 168 -22.60 50.95 -50.44
C ASP V 168 -23.44 51.93 -49.61
N GLU V 169 -22.93 52.33 -48.42
CA GLU V 169 -23.67 53.24 -47.53
C GLU V 169 -23.30 54.70 -47.72
N ALA V 170 -22.66 55.07 -48.85
CA ALA V 170 -22.27 56.47 -49.08
C ALA V 170 -22.92 57.18 -50.29
N PRO V 171 -24.08 56.75 -50.87
CA PRO V 171 -24.64 57.54 -51.99
C PRO V 171 -25.08 58.93 -51.56
N ASP V 172 -25.61 59.08 -50.33
CA ASP V 172 -26.03 60.37 -49.81
C ASP V 172 -24.82 61.27 -49.52
N ILE V 173 -23.72 60.69 -49.00
CA ILE V 173 -22.51 61.45 -48.70
C ILE V 173 -21.86 61.92 -50.01
N ARG V 174 -21.76 61.02 -51.01
CA ARG V 174 -21.19 61.39 -52.30
C ARG V 174 -22.08 62.40 -53.05
N ARG V 175 -23.41 62.28 -52.91
CA ARG V 175 -24.38 63.20 -53.52
C ARG V 175 -24.06 64.67 -53.15
N ASP V 176 -23.93 64.95 -51.84
CA ASP V 176 -23.67 66.29 -51.32
C ASP V 176 -22.26 66.77 -51.67
N ILE V 177 -21.28 65.85 -51.77
CA ILE V 177 -19.90 66.18 -52.15
C ILE V 177 -19.91 66.77 -53.57
N VAL V 178 -20.55 66.07 -54.50
CA VAL V 178 -20.62 66.52 -55.88
C VAL V 178 -21.35 67.86 -56.00
N PHE V 179 -22.48 68.03 -55.28
CA PHE V 179 -23.23 69.29 -55.32
C PHE V 179 -22.36 70.46 -54.84
N ALA V 180 -21.58 70.25 -53.77
CA ALA V 180 -20.69 71.30 -53.23
C ALA V 180 -19.56 71.64 -54.21
N LEU V 181 -18.93 70.63 -54.83
CA LEU V 181 -17.86 70.85 -55.80
C LEU V 181 -18.41 71.59 -57.04
N GLU V 182 -19.61 71.23 -57.50
CA GLU V 182 -20.24 71.93 -58.63
C GLU V 182 -20.43 73.43 -58.36
N ASN V 183 -20.85 73.79 -57.13
CA ASN V 183 -21.04 75.21 -56.75
C ASN V 183 -19.71 75.94 -56.64
N LEU V 184 -18.66 75.25 -56.17
CA LEU V 184 -17.31 75.81 -56.07
C LEU V 184 -16.60 76.01 -57.45
N GLY V 185 -17.20 75.52 -58.54
CA GLY V 185 -16.70 75.67 -59.89
C GLY V 185 -16.22 74.40 -60.57
N PHE V 186 -16.22 73.27 -59.87
CA PHE V 186 -15.72 72.00 -60.41
C PHE V 186 -16.61 71.41 -61.49
N HIS V 187 -15.99 70.71 -62.45
CA HIS V 187 -16.68 69.96 -63.49
C HIS V 187 -16.51 68.50 -63.09
N VAL V 188 -17.39 68.01 -62.22
CA VAL V 188 -17.29 66.64 -61.73
C VAL V 188 -17.60 65.67 -62.88
N GLU V 189 -16.79 64.62 -63.05
CA GLU V 189 -16.96 63.65 -64.13
C GLU V 189 -17.68 62.39 -63.67
N ALA V 190 -17.28 61.79 -62.55
CA ALA V 190 -17.90 60.55 -62.04
C ALA V 190 -17.64 60.36 -60.54
N SER V 191 -18.48 59.55 -59.89
CA SER V 191 -18.37 59.26 -58.46
C SER V 191 -18.84 57.82 -58.21
N HIS V 192 -18.13 57.08 -57.34
CA HIS V 192 -18.45 55.68 -57.07
C HIS V 192 -17.70 55.14 -55.84
N HIS V 193 -18.07 53.94 -55.38
CA HIS V 193 -17.37 53.27 -54.28
C HIS V 193 -16.11 52.60 -54.85
N GLU V 194 -15.02 52.57 -54.08
CA GLU V 194 -13.76 51.97 -54.51
C GLU V 194 -13.54 50.58 -53.88
N VAL V 195 -12.49 49.86 -54.31
CA VAL V 195 -12.16 48.49 -53.92
C VAL V 195 -12.24 48.21 -52.40
N ALA V 196 -11.52 48.98 -51.57
CA ALA V 196 -11.49 48.72 -50.13
C ALA V 196 -12.78 49.13 -49.41
N PRO V 197 -13.10 48.52 -48.25
CA PRO V 197 -14.31 48.91 -47.50
C PRO V 197 -14.30 50.39 -47.14
N GLY V 198 -15.44 51.06 -47.29
CA GLY V 198 -15.55 52.48 -46.97
C GLY V 198 -14.75 53.43 -47.84
N GLN V 199 -14.02 52.91 -48.85
CA GLN V 199 -13.23 53.74 -49.75
C GLN V 199 -14.12 54.28 -50.87
N HIS V 200 -13.86 55.51 -51.32
CA HIS V 200 -14.63 56.16 -52.39
C HIS V 200 -13.71 56.96 -53.32
N GLU V 201 -14.23 57.37 -54.49
CA GLU V 201 -13.47 58.14 -55.46
C GLU V 201 -14.41 59.09 -56.18
N VAL V 202 -14.12 60.41 -56.15
CA VAL V 202 -14.89 61.42 -56.85
C VAL V 202 -13.93 62.10 -57.83
N ASP V 203 -14.12 61.84 -59.14
CA ASP V 203 -13.28 62.35 -60.20
C ASP V 203 -13.79 63.69 -60.72
N PHE V 204 -12.87 64.52 -61.24
CA PHE V 204 -13.21 65.81 -61.83
C PHE V 204 -12.36 66.08 -63.08
N LYS V 205 -12.86 66.97 -63.95
CA LYS V 205 -12.22 67.25 -65.24
C LYS V 205 -10.82 67.82 -65.10
N PHE V 206 -9.96 67.51 -66.06
CA PHE V 206 -8.60 68.01 -66.09
C PHE V 206 -8.58 69.50 -66.45
N ASP V 207 -7.53 70.19 -66.04
CA ASP V 207 -7.33 71.61 -66.32
C ASP V 207 -5.82 71.95 -66.19
N ASP V 208 -5.41 73.23 -66.35
CA ASP V 208 -3.98 73.59 -66.19
C ASP V 208 -3.55 73.31 -64.74
N ALA V 209 -2.28 72.90 -64.55
CA ALA V 209 -1.74 72.52 -63.25
C ALA V 209 -2.11 73.45 -62.09
N LEU V 210 -2.11 74.78 -62.31
CA LEU V 210 -2.46 75.71 -61.24
C LEU V 210 -3.93 75.53 -60.84
N LYS V 211 -4.87 75.61 -61.79
CA LYS V 211 -6.30 75.46 -61.49
C LYS V 211 -6.63 74.08 -60.91
N THR V 212 -5.89 73.04 -61.32
CA THR V 212 -6.08 71.69 -60.81
C THR V 212 -5.57 71.60 -59.37
N ALA V 213 -4.39 72.17 -59.06
CA ALA V 213 -3.86 72.15 -57.70
C ALA V 213 -4.74 72.96 -56.76
N ASP V 214 -5.30 74.09 -57.22
CA ASP V 214 -6.22 74.90 -56.44
C ASP V 214 -7.48 74.09 -56.11
N SER V 215 -7.95 73.26 -57.05
CA SER V 215 -9.11 72.40 -56.86
C SER V 215 -8.79 71.21 -55.95
N VAL V 216 -7.57 70.67 -55.98
CA VAL V 216 -7.19 69.53 -55.11
C VAL V 216 -7.30 69.93 -53.63
N ILE V 217 -6.88 71.15 -53.28
CA ILE V 217 -6.93 71.68 -51.91
C ILE V 217 -8.40 71.80 -51.46
N THR V 218 -9.22 72.47 -52.29
CA THR V 218 -10.65 72.67 -52.01
C THR V 218 -11.40 71.34 -51.97
N PHE V 219 -10.96 70.35 -52.74
CA PHE V 219 -11.60 69.02 -52.77
C PHE V 219 -11.41 68.35 -51.43
N LYS V 220 -10.17 68.35 -50.91
CA LYS V 220 -9.87 67.73 -49.63
C LYS V 220 -10.67 68.35 -48.47
N THR V 221 -10.90 69.68 -48.49
CA THR V 221 -11.70 70.33 -47.45
C THR V 221 -13.17 69.93 -47.63
N THR V 222 -13.71 70.03 -48.87
CA THR V 222 -15.09 69.67 -49.20
C THR V 222 -15.44 68.25 -48.77
N ILE V 223 -14.52 67.30 -48.98
CA ILE V 223 -14.73 65.91 -48.61
C ILE V 223 -14.79 65.77 -47.08
N LYS V 224 -13.86 66.40 -46.38
CA LYS V 224 -13.79 66.31 -44.92
C LYS V 224 -14.96 66.98 -44.20
N THR V 225 -15.35 68.19 -44.63
CA THR V 225 -16.43 68.94 -43.99
C THR V 225 -17.80 68.30 -44.24
N ILE V 226 -18.07 67.83 -45.47
CA ILE V 226 -19.36 67.17 -45.76
C ILE V 226 -19.45 65.82 -45.04
N ALA V 227 -18.32 65.12 -44.80
CA ALA V 227 -18.36 63.87 -44.04
C ALA V 227 -18.72 64.18 -42.59
N GLU V 228 -18.18 65.28 -42.01
CA GLU V 228 -18.55 65.67 -40.65
C GLU V 228 -20.02 66.05 -40.57
N GLN V 229 -20.62 66.59 -41.65
CA GLN V 229 -22.04 66.90 -41.67
C GLN V 229 -22.86 65.61 -41.51
N HIS V 230 -22.41 64.48 -42.10
CA HIS V 230 -23.11 63.18 -41.98
C HIS V 230 -22.58 62.31 -40.79
N GLY V 231 -21.89 62.92 -39.85
CA GLY V 231 -21.37 62.23 -38.67
C GLY V 231 -20.17 61.32 -38.87
N LEU V 232 -19.62 61.30 -40.10
CA LEU V 232 -18.46 60.48 -40.43
C LEU V 232 -17.17 61.33 -40.42
N LYS V 233 -16.02 60.68 -40.62
CA LYS V 233 -14.73 61.35 -40.65
C LYS V 233 -13.98 60.87 -41.89
N ALA V 234 -13.77 61.73 -42.89
CA ALA V 234 -13.08 61.32 -44.13
C ALA V 234 -11.57 61.53 -44.03
N THR V 235 -10.77 60.48 -44.38
CA THR V 235 -9.31 60.58 -44.34
C THR V 235 -8.67 60.32 -45.70
N PHE V 236 -7.63 61.10 -46.00
CA PHE V 236 -6.84 60.92 -47.20
C PHE V 236 -5.49 60.28 -46.81
N MET V 237 -5.51 59.35 -45.83
CA MET V 237 -4.32 58.65 -45.39
C MET V 237 -3.99 57.64 -46.52
N PRO V 238 -2.72 57.55 -47.00
CA PRO V 238 -2.45 56.61 -48.11
C PRO V 238 -2.80 55.15 -47.83
N LYS V 239 -2.68 54.71 -46.58
CA LYS V 239 -2.96 53.34 -46.18
C LYS V 239 -3.45 53.36 -44.73
N PRO V 240 -4.75 53.66 -44.49
CA PRO V 240 -5.23 53.68 -43.11
C PRO V 240 -5.36 52.29 -42.49
N PHE V 241 -5.59 51.24 -43.32
CA PHE V 241 -5.72 49.86 -42.83
C PHE V 241 -4.90 48.88 -43.65
N PHE V 242 -4.27 47.92 -42.96
CA PHE V 242 -3.47 46.86 -43.59
C PHE V 242 -4.40 45.79 -44.16
N GLY V 243 -4.01 45.18 -45.28
CA GLY V 243 -4.78 44.12 -45.91
C GLY V 243 -5.86 44.57 -46.87
N MET V 244 -5.98 45.89 -47.10
CA MET V 244 -6.97 46.45 -48.05
C MET V 244 -6.34 47.59 -48.83
N ASN V 245 -6.88 47.89 -50.04
CA ASN V 245 -6.35 48.94 -50.91
C ASN V 245 -6.15 50.28 -50.22
N GLY V 246 -5.18 51.03 -50.71
CA GLY V 246 -4.87 52.35 -50.19
C GLY V 246 -5.48 53.45 -51.02
N SER V 247 -5.46 54.68 -50.49
CA SER V 247 -5.96 55.86 -51.18
C SER V 247 -4.87 56.32 -52.17
N GLY V 248 -5.16 56.26 -53.47
CA GLY V 248 -4.22 56.70 -54.50
C GLY V 248 -4.70 57.92 -55.24
N MET V 249 -3.77 58.69 -55.80
CA MET V 249 -4.08 59.88 -56.59
C MET V 249 -3.38 59.76 -57.92
N HIS V 250 -3.97 58.99 -58.84
CA HIS V 250 -3.40 58.79 -60.16
C HIS V 250 -3.48 60.12 -60.92
N CYS V 251 -2.34 60.64 -61.39
CA CYS V 251 -2.28 61.92 -62.08
C CYS V 251 -2.19 61.78 -63.59
N HIS V 252 -3.35 61.89 -64.27
CA HIS V 252 -3.42 61.87 -65.73
C HIS V 252 -2.84 63.20 -66.20
N GLN V 253 -1.87 63.20 -67.12
CA GLN V 253 -1.25 64.45 -67.56
C GLN V 253 -0.77 64.45 -69.01
N SER V 254 -0.71 65.66 -69.60
CA SER V 254 -0.25 65.88 -70.97
C SER V 254 0.10 67.36 -71.18
N ILE V 255 1.00 67.66 -72.12
CA ILE V 255 1.44 69.02 -72.45
C ILE V 255 1.00 69.37 -73.88
N TRP V 256 0.47 70.59 -74.08
CA TRP V 256 -0.04 71.07 -75.37
C TRP V 256 0.77 72.26 -75.89
N LEU V 257 1.70 72.00 -76.82
CA LEU V 257 2.52 73.06 -77.40
C LEU V 257 1.79 73.72 -78.57
N ASN V 258 1.56 75.04 -78.50
CA ASN V 258 0.88 75.83 -79.52
C ASN V 258 -0.60 75.44 -79.68
N GLY V 259 -1.27 75.20 -78.56
CA GLY V 259 -2.68 74.84 -78.53
C GLY V 259 -3.06 73.58 -79.29
N GLU V 260 -2.14 72.59 -79.36
CA GLU V 260 -2.38 71.32 -80.05
C GLU V 260 -1.96 70.16 -79.16
N PRO V 261 -2.62 68.98 -79.26
CA PRO V 261 -2.20 67.84 -78.44
C PRO V 261 -0.89 67.27 -78.96
N SER V 262 0.23 67.70 -78.35
CA SER V 262 1.57 67.30 -78.76
C SER V 262 1.91 65.84 -78.41
N PHE V 263 1.14 65.20 -77.53
CA PHE V 263 1.37 63.80 -77.18
C PHE V 263 0.83 62.83 -78.24
N TYR V 264 -0.13 63.28 -79.10
CA TYR V 264 -0.72 62.43 -80.14
C TYR V 264 0.02 62.54 -81.48
N ASP V 265 0.18 61.40 -82.17
CA ASP V 265 0.78 61.32 -83.50
C ASP V 265 0.09 60.17 -84.24
N GLU V 266 -0.86 60.50 -85.13
CA GLU V 266 -1.64 59.52 -85.90
C GLU V 266 -0.76 58.50 -86.61
N ASN V 267 0.36 58.94 -87.18
CA ASN V 267 1.32 58.07 -87.87
C ASN V 267 2.53 57.77 -86.98
N ALA V 268 2.36 56.93 -85.93
CA ALA V 268 3.43 56.55 -85.01
C ALA V 268 3.09 55.28 -84.20
N PRO V 269 4.06 54.64 -83.52
CA PRO V 269 3.73 53.43 -82.73
C PRO V 269 2.84 53.76 -81.54
N TYR V 270 1.76 52.97 -81.35
CA TYR V 270 0.77 53.19 -80.29
C TYR V 270 0.05 54.56 -80.43
N GLN V 271 0.21 55.27 -81.57
CA GLN V 271 -0.34 56.61 -81.80
C GLN V 271 0.16 57.57 -80.71
N LEU V 272 1.45 57.49 -80.36
CA LEU V 272 2.06 58.35 -79.33
C LEU V 272 3.24 59.05 -79.95
N SER V 273 3.28 60.38 -79.82
CA SER V 273 4.32 61.24 -80.41
C SER V 273 5.66 61.09 -79.69
N GLU V 274 6.74 61.56 -80.33
CA GLU V 274 8.08 61.55 -79.73
C GLU V 274 8.11 62.46 -78.50
N THR V 275 7.30 63.54 -78.47
CA THR V 275 7.19 64.43 -77.32
C THR V 275 6.70 63.65 -76.10
N CYS V 276 5.75 62.72 -76.29
CA CYS V 276 5.22 61.87 -75.23
C CYS V 276 6.29 60.90 -74.74
N MET V 277 7.03 60.24 -75.66
CA MET V 277 8.09 59.30 -75.30
C MET V 277 9.22 59.98 -74.53
N ASN V 278 9.63 61.19 -74.95
CA ASN V 278 10.68 61.92 -74.24
C ASN V 278 10.21 62.31 -72.83
N TYR V 279 8.95 62.76 -72.70
CA TYR V 279 8.39 63.16 -71.42
C TYR V 279 8.36 61.97 -70.43
N VAL V 280 7.89 60.81 -70.90
CA VAL V 280 7.82 59.59 -70.08
C VAL V 280 9.22 59.19 -69.61
N ALA V 281 10.23 59.26 -70.50
CA ALA V 281 11.62 58.92 -70.16
C ALA V 281 12.13 59.78 -68.99
N GLY V 282 11.76 61.04 -68.97
CA GLY V 282 12.15 61.97 -67.90
C GLY V 282 11.50 61.64 -66.57
N ILE V 283 10.23 61.21 -66.57
CA ILE V 283 9.54 60.84 -65.34
C ILE V 283 10.19 59.58 -64.76
N LEU V 284 10.46 58.58 -65.61
CA LEU V 284 11.08 57.33 -65.18
C LEU V 284 12.51 57.55 -64.67
N LYS V 285 13.24 58.52 -65.25
CA LYS V 285 14.60 58.84 -64.83
C LYS V 285 14.60 59.33 -63.38
N HIS V 286 13.79 60.34 -63.07
CA HIS V 286 13.73 60.92 -61.73
C HIS V 286 12.62 60.28 -60.86
N ALA V 287 12.13 59.07 -61.21
CA ALA V 287 11.07 58.40 -60.45
C ALA V 287 11.40 58.18 -58.98
N LYS V 288 12.63 57.78 -58.67
CA LYS V 288 13.06 57.56 -57.29
C LYS V 288 13.08 58.85 -56.44
N ALA V 289 13.24 60.02 -57.10
CA ALA V 289 13.26 61.32 -56.44
C ALA V 289 11.89 61.99 -56.40
N ILE V 290 11.03 61.74 -57.41
CA ILE V 290 9.69 62.33 -57.45
C ILE V 290 8.82 61.78 -56.32
N VAL V 291 8.96 60.47 -55.99
CA VAL V 291 8.16 59.85 -54.92
C VAL V 291 8.44 60.46 -53.55
N ALA V 292 9.53 61.22 -53.36
CA ALA V 292 9.78 61.89 -52.07
C ALA V 292 8.73 62.99 -51.88
N ILE V 293 8.42 63.75 -52.95
CA ILE V 293 7.42 64.82 -52.91
C ILE V 293 6.01 64.26 -53.06
N THR V 294 5.78 63.43 -54.09
CA THR V 294 4.45 62.88 -54.39
C THR V 294 3.97 61.80 -53.40
N ASN V 295 4.86 61.29 -52.53
CA ASN V 295 4.54 60.30 -51.49
C ASN V 295 5.33 60.74 -50.24
N PRO V 296 4.95 61.86 -49.58
CA PRO V 296 5.80 62.41 -48.52
C PRO V 296 5.61 61.91 -47.09
N THR V 297 4.74 60.94 -46.86
CA THR V 297 4.50 60.45 -45.50
C THR V 297 5.16 59.08 -45.28
N VAL V 298 5.33 58.67 -44.02
CA VAL V 298 5.89 57.35 -43.68
C VAL V 298 4.91 56.27 -44.16
N ASN V 299 3.61 56.51 -43.95
CA ASN V 299 2.54 55.59 -44.32
C ASN V 299 2.41 55.40 -45.84
N SER V 300 2.83 56.39 -46.65
CA SER V 300 2.74 56.27 -48.10
C SER V 300 3.46 55.06 -48.65
N TYR V 301 4.57 54.67 -48.01
CA TYR V 301 5.36 53.50 -48.41
C TYR V 301 4.79 52.17 -47.92
N LYS V 302 3.69 52.19 -47.13
CA LYS V 302 2.95 50.97 -46.77
C LYS V 302 1.94 50.66 -47.90
N ARG V 303 1.48 51.67 -48.69
CA ARG V 303 0.66 51.48 -49.88
C ARG V 303 1.64 51.19 -51.03
N LEU V 304 2.53 52.16 -51.31
CA LEU V 304 3.56 52.10 -52.36
C LEU V 304 4.74 51.28 -51.81
N VAL V 305 4.51 49.99 -51.55
CA VAL V 305 5.48 49.09 -50.93
C VAL V 305 6.20 48.18 -51.94
N PRO V 306 7.55 48.29 -52.13
CA PRO V 306 8.22 47.38 -53.09
C PRO V 306 8.11 45.91 -52.70
N GLY V 307 8.20 45.03 -53.70
CA GLY V 307 8.07 43.59 -53.48
C GLY V 307 6.63 43.11 -53.36
N TYR V 308 5.65 44.03 -53.28
CA TYR V 308 4.23 43.70 -53.17
C TYR V 308 3.41 44.49 -54.21
N GLU V 309 2.20 44.00 -54.51
CA GLU V 309 1.31 44.59 -55.53
C GLU V 309 1.07 46.09 -55.30
N ALA V 310 1.76 46.93 -56.10
CA ALA V 310 1.67 48.40 -56.02
C ALA V 310 2.31 49.05 -57.28
N PRO V 311 2.09 50.36 -57.56
CA PRO V 311 2.75 50.98 -58.73
C PRO V 311 4.17 51.41 -58.35
N VAL V 312 5.00 50.41 -58.04
CA VAL V 312 6.39 50.53 -57.59
C VAL V 312 7.40 50.28 -58.70
N ASN V 313 7.01 49.52 -59.73
CA ASN V 313 7.91 49.15 -60.81
C ASN V 313 8.11 50.33 -61.76
N ILE V 314 9.35 50.82 -61.87
CA ILE V 314 9.70 51.95 -62.73
C ILE V 314 9.70 51.52 -64.19
N ALA V 315 8.53 51.61 -64.84
CA ALA V 315 8.32 51.25 -66.25
C ALA V 315 6.96 51.79 -66.76
N TRP V 316 6.74 51.84 -68.08
CA TRP V 316 5.47 52.30 -68.64
C TRP V 316 4.80 51.18 -69.45
N ALA V 317 3.48 51.27 -69.65
CA ALA V 317 2.73 50.27 -70.40
C ALA V 317 1.35 50.81 -70.87
N ASN V 318 0.77 50.19 -71.92
CA ASN V 318 -0.53 50.60 -72.47
C ASN V 318 -1.68 49.81 -71.84
N SER V 319 -2.59 50.49 -71.12
CA SER V 319 -3.76 49.88 -70.47
C SER V 319 -3.40 48.77 -69.47
N ASN V 320 -2.31 48.96 -68.71
CA ASN V 320 -1.81 48.02 -67.71
C ASN V 320 -1.59 48.78 -66.39
N ARG V 321 -2.30 48.38 -65.32
CA ARG V 321 -2.22 49.05 -64.02
C ARG V 321 -1.13 48.49 -63.07
N SER V 322 -0.25 47.59 -63.55
CA SER V 322 0.84 47.03 -62.74
C SER V 322 2.10 47.91 -62.75
N ALA V 323 2.31 48.71 -63.82
CA ALA V 323 3.47 49.59 -63.98
C ALA V 323 3.25 50.98 -63.29
N ILE V 324 4.32 51.78 -63.10
CA ILE V 324 4.20 53.11 -62.48
C ILE V 324 3.43 54.07 -63.40
N ILE V 325 3.60 53.94 -64.73
CA ILE V 325 2.89 54.76 -65.72
C ILE V 325 1.99 53.85 -66.57
N ARG V 326 0.79 54.34 -66.91
CA ARG V 326 -0.17 53.66 -67.76
C ARG V 326 -0.63 54.68 -68.81
N VAL V 327 -0.66 54.30 -70.10
CA VAL V 327 -1.13 55.19 -71.14
C VAL V 327 -2.59 54.80 -71.44
N PRO V 328 -3.61 55.58 -71.01
CA PRO V 328 -5.00 55.18 -71.31
C PRO V 328 -5.27 55.06 -72.80
N ALA V 329 -6.16 54.16 -73.19
CA ALA V 329 -6.48 53.90 -74.59
C ALA V 329 -7.10 55.07 -75.37
N ALA V 330 -7.57 56.13 -74.68
CA ALA V 330 -8.15 57.28 -75.36
C ALA V 330 -7.09 58.02 -76.18
N ARG V 331 -7.42 58.37 -77.43
CA ARG V 331 -6.49 59.05 -78.34
C ARG V 331 -7.09 60.32 -78.95
N GLY V 332 -6.22 61.14 -79.55
CA GLY V 332 -6.58 62.43 -80.13
C GLY V 332 -6.21 63.53 -79.17
N LYS V 333 -7.21 64.26 -78.66
CA LYS V 333 -6.97 65.30 -77.65
C LYS V 333 -6.69 64.66 -76.30
N GLY V 334 -7.45 63.60 -75.96
CA GLY V 334 -7.30 62.89 -74.70
C GLY V 334 -6.10 61.97 -74.58
N THR V 335 -5.08 62.12 -75.44
CA THR V 335 -3.87 61.30 -75.34
C THR V 335 -3.12 61.80 -74.12
N ARG V 336 -2.78 60.90 -73.19
CA ARG V 336 -2.08 61.32 -71.93
C ARG V 336 -1.37 60.14 -71.26
N ILE V 337 -0.68 60.42 -70.15
CA ILE V 337 0.04 59.41 -69.37
C ILE V 337 -0.44 59.51 -67.91
N GLU V 338 -0.64 58.36 -67.26
CA GLU V 338 -1.12 58.30 -65.88
C GLU V 338 0.01 57.91 -64.94
N PHE V 339 0.49 58.87 -64.13
CA PHE V 339 1.52 58.59 -63.12
C PHE V 339 0.75 58.08 -61.89
N ARG V 340 0.81 56.76 -61.65
CA ARG V 340 0.05 56.09 -60.57
C ARG V 340 0.69 56.14 -59.18
N ALA V 341 1.97 56.53 -59.06
CA ALA V 341 2.65 56.54 -57.76
C ALA V 341 2.08 57.49 -56.68
N PRO V 342 1.59 58.71 -57.02
CA PRO V 342 1.11 59.61 -55.95
C PRO V 342 -0.11 59.13 -55.17
N ASP V 343 -0.26 59.63 -53.94
CA ASP V 343 -1.40 59.40 -53.05
C ASP V 343 -1.89 60.78 -52.57
N PRO V 344 -3.13 60.93 -52.05
CA PRO V 344 -3.60 62.27 -51.67
C PRO V 344 -2.96 62.90 -50.42
N SER V 345 -1.80 62.40 -49.95
CA SER V 345 -1.08 63.00 -48.83
C SER V 345 -0.05 64.07 -49.29
N CYS V 346 0.19 64.21 -50.62
CA CYS V 346 1.18 65.15 -51.16
C CYS V 346 0.62 66.55 -51.41
N ASN V 347 1.52 67.54 -51.41
CA ASN V 347 1.16 68.93 -51.72
C ASN V 347 0.96 68.97 -53.23
N PRO V 348 -0.25 69.25 -53.77
CA PRO V 348 -0.42 69.24 -55.22
C PRO V 348 0.47 70.24 -55.97
N TYR V 349 0.71 71.42 -55.39
CA TYR V 349 1.54 72.43 -56.04
C TYR V 349 2.96 71.92 -56.29
N LEU V 350 3.56 71.25 -55.29
CA LEU V 350 4.91 70.71 -55.42
C LEU V 350 4.91 69.43 -56.25
N ALA V 351 3.84 68.62 -56.19
CA ALA V 351 3.73 67.38 -56.97
C ALA V 351 3.69 67.66 -58.47
N PHE V 352 2.92 68.68 -58.90
CA PHE V 352 2.85 69.04 -60.32
C PHE V 352 4.15 69.72 -60.79
N THR V 353 4.86 70.42 -59.88
CA THR V 353 6.12 71.08 -60.20
C THR V 353 7.20 70.04 -60.53
N VAL V 354 7.40 69.03 -59.64
CA VAL V 354 8.41 67.99 -59.87
C VAL V 354 8.07 67.09 -61.06
N MET V 355 6.78 66.82 -61.30
CA MET V 355 6.38 66.00 -62.45
C MET V 355 6.67 66.77 -63.74
N LEU V 356 6.33 68.07 -63.81
CA LEU V 356 6.60 68.86 -64.99
C LEU V 356 8.11 69.05 -65.20
N ALA V 357 8.89 69.24 -64.14
CA ALA V 357 10.34 69.44 -64.26
C ALA V 357 11.07 68.19 -64.76
N ALA V 358 10.74 67.01 -64.23
CA ALA V 358 11.36 65.77 -64.68
C ALA V 358 10.92 65.44 -66.10
N GLY V 359 9.63 65.65 -66.39
CA GLY V 359 9.10 65.41 -67.73
C GLY V 359 9.71 66.32 -68.78
N LEU V 360 9.86 67.62 -68.47
CA LEU V 360 10.50 68.56 -69.38
C LEU V 360 12.00 68.31 -69.52
N ASP V 361 12.67 67.72 -68.50
CA ASP V 361 14.07 67.35 -68.60
C ASP V 361 14.27 66.31 -69.74
N GLY V 362 13.31 65.40 -69.88
CA GLY V 362 13.32 64.42 -70.95
C GLY V 362 13.06 65.01 -72.32
N VAL V 363 12.17 66.01 -72.39
CA VAL V 363 11.83 66.70 -73.65
C VAL V 363 13.00 67.57 -74.13
N LYS V 364 13.63 68.32 -73.22
CA LYS V 364 14.76 69.20 -73.54
C LYS V 364 15.97 68.38 -74.04
N ASN V 365 16.32 67.30 -73.33
CA ASN V 365 17.45 66.45 -73.71
C ASN V 365 17.09 65.37 -74.75
N LYS V 366 15.79 65.17 -75.06
CA LYS V 366 15.32 64.17 -76.02
C LYS V 366 15.78 62.77 -75.58
N LEU V 367 15.43 62.40 -74.34
CA LEU V 367 15.82 61.11 -73.76
C LEU V 367 15.00 59.96 -74.33
N ASP V 368 15.63 58.79 -74.48
CA ASP V 368 15.00 57.61 -75.05
C ASP V 368 14.25 56.82 -73.98
N ALA V 369 12.95 56.56 -74.20
CA ALA V 369 12.12 55.79 -73.26
C ALA V 369 12.28 54.28 -73.51
N PRO V 370 12.09 53.43 -72.49
CA PRO V 370 12.22 51.98 -72.71
C PRO V 370 11.00 51.36 -73.41
N GLU V 371 11.07 50.07 -73.78
CA GLU V 371 9.94 49.39 -74.43
C GLU V 371 8.81 49.17 -73.40
N PRO V 372 7.53 49.26 -73.79
CA PRO V 372 6.44 49.08 -72.80
C PRO V 372 6.30 47.65 -72.31
N VAL V 373 6.10 47.47 -70.99
CA VAL V 373 5.98 46.15 -70.39
C VAL V 373 4.50 45.76 -70.36
N GLU V 374 3.99 45.24 -71.49
CA GLU V 374 2.60 44.82 -71.61
C GLU V 374 2.24 43.67 -70.64
N ARG V 375 3.24 42.84 -70.27
CA ARG V 375 3.05 41.74 -69.32
C ARG V 375 2.74 42.27 -67.91
N ASN V 376 2.10 41.42 -67.08
CA ASN V 376 1.84 41.78 -65.68
C ASN V 376 3.19 41.72 -64.97
N ILE V 377 3.59 42.82 -64.33
CA ILE V 377 4.91 42.90 -63.67
C ILE V 377 4.89 42.24 -62.28
N PHE V 378 3.72 42.12 -61.63
CA PHE V 378 3.64 41.48 -60.32
C PHE V 378 3.93 39.97 -60.42
N ALA V 379 3.47 39.33 -61.51
CA ALA V 379 3.73 37.91 -61.75
C ALA V 379 5.21 37.59 -62.04
N MET V 380 6.02 38.60 -62.41
CA MET V 380 7.42 38.40 -62.72
C MET V 380 8.26 38.19 -61.46
N SER V 381 9.36 37.43 -61.59
CA SER V 381 10.29 37.18 -60.49
C SER V 381 11.35 38.30 -60.44
N GLU V 382 11.98 38.49 -59.27
CA GLU V 382 13.00 39.53 -59.09
C GLU V 382 14.21 39.35 -60.03
N ALA V 383 14.59 38.10 -60.34
CA ALA V 383 15.70 37.85 -61.27
C ALA V 383 15.32 38.24 -62.71
N GLU V 384 14.05 38.01 -63.09
CA GLU V 384 13.55 38.36 -64.42
C GLU V 384 13.44 39.88 -64.57
N LYS V 385 12.90 40.56 -63.54
CA LYS V 385 12.78 42.03 -63.54
C LYS V 385 14.16 42.72 -63.57
N LYS V 386 15.19 42.08 -62.97
CA LYS V 386 16.55 42.63 -62.96
C LYS V 386 17.18 42.52 -64.34
N GLU V 387 16.89 41.44 -65.10
CA GLU V 387 17.41 41.26 -66.45
C GLU V 387 16.82 42.32 -67.38
N LEU V 388 15.50 42.55 -67.31
CA LEU V 388 14.82 43.57 -68.11
C LEU V 388 15.25 45.01 -67.75
N GLY V 389 15.64 45.22 -66.48
CA GLY V 389 16.06 46.51 -65.98
C GLY V 389 14.94 47.32 -65.36
N ILE V 390 13.93 46.64 -64.79
CA ILE V 390 12.79 47.29 -64.17
C ILE V 390 13.12 47.56 -62.70
N GLU V 391 13.68 48.74 -62.40
CA GLU V 391 14.03 49.11 -61.02
C GLU V 391 12.76 49.45 -60.21
N SER V 392 12.86 49.45 -58.87
CA SER V 392 11.72 49.75 -58.00
C SER V 392 11.90 51.06 -57.23
N VAL V 393 10.78 51.73 -56.89
CA VAL V 393 10.80 52.98 -56.14
C VAL V 393 11.24 52.74 -54.69
N PRO V 394 11.87 53.71 -54.00
CA PRO V 394 12.32 53.47 -52.61
C PRO V 394 11.32 52.81 -51.67
N ALA V 395 11.81 51.98 -50.74
CA ALA V 395 10.98 51.24 -49.79
C ALA V 395 10.48 52.06 -48.60
N ASN V 396 11.07 53.23 -48.31
CA ASN V 396 10.66 54.04 -47.16
C ASN V 396 10.87 55.55 -47.42
N LEU V 397 10.38 56.40 -46.50
CA LEU V 397 10.48 57.86 -46.63
C LEU V 397 11.93 58.34 -46.68
N LYS V 398 12.78 57.88 -45.76
CA LYS V 398 14.18 58.29 -45.70
C LYS V 398 14.92 57.88 -46.97
N ALA V 399 14.61 56.71 -47.53
CA ALA V 399 15.24 56.26 -48.77
C ALA V 399 14.89 57.20 -49.93
N ALA V 400 13.67 57.75 -49.95
CA ALA V 400 13.24 58.68 -50.99
C ALA V 400 13.82 60.08 -50.77
N LEU V 401 13.98 60.53 -49.51
CA LEU V 401 14.55 61.85 -49.21
C LEU V 401 16.00 61.93 -49.66
N ASP V 402 16.78 60.84 -49.50
CA ASP V 402 18.17 60.81 -49.94
C ASP V 402 18.26 60.91 -51.47
N GLU V 403 17.30 60.30 -52.19
CA GLU V 403 17.25 60.37 -53.65
C GLU V 403 16.89 61.79 -54.10
N LEU V 404 15.96 62.45 -53.40
CA LEU V 404 15.56 63.83 -53.69
C LEU V 404 16.73 64.78 -53.44
N GLU V 405 17.47 64.56 -52.36
CA GLU V 405 18.62 65.40 -51.99
C GLU V 405 19.69 65.38 -53.07
N ASN V 406 20.02 64.20 -53.62
CA ASN V 406 21.03 64.08 -54.68
C ASN V 406 20.52 64.47 -56.08
N ASN V 407 19.21 64.72 -56.25
CA ASN V 407 18.64 65.11 -57.54
C ASN V 407 18.72 66.63 -57.71
N ASP V 408 19.41 67.09 -58.76
CA ASP V 408 19.58 68.52 -59.05
C ASP V 408 18.42 69.09 -59.88
N VAL V 409 17.70 68.25 -60.66
CA VAL V 409 16.59 68.71 -61.49
C VAL V 409 15.44 69.20 -60.61
N LEU V 410 15.07 68.41 -59.58
CA LEU V 410 13.99 68.78 -58.67
C LEU V 410 14.41 69.87 -57.68
N LYS V 411 15.71 69.93 -57.32
CA LYS V 411 16.22 70.96 -56.41
C LYS V 411 16.01 72.35 -57.02
N ASN V 412 16.32 72.51 -58.32
CA ASN V 412 16.17 73.77 -59.04
C ASN V 412 14.70 74.15 -59.24
N ALA V 413 13.83 73.17 -59.54
CA ALA V 413 12.40 73.42 -59.74
C ALA V 413 11.72 73.89 -58.46
N LEU V 414 12.03 73.25 -57.31
CA LEU V 414 11.44 73.61 -56.02
C LEU V 414 12.10 74.86 -55.42
N GLY V 415 13.38 75.07 -55.68
CA GLY V 415 14.11 76.21 -55.15
C GLY V 415 14.77 75.87 -53.84
N LYS V 416 15.87 76.57 -53.49
CA LYS V 416 16.63 76.33 -52.26
C LYS V 416 15.75 76.35 -51.01
N HIS V 417 14.76 77.25 -50.94
CA HIS V 417 13.92 77.37 -49.75
C HIS V 417 13.00 76.16 -49.56
N ILE V 418 12.28 75.74 -50.61
CA ILE V 418 11.36 74.62 -50.50
C ILE V 418 12.13 73.30 -50.38
N PHE V 419 13.16 73.10 -51.22
CA PHE V 419 13.98 71.89 -51.21
C PHE V 419 14.60 71.61 -49.82
N GLU V 420 15.27 72.60 -49.23
CA GLU V 420 15.92 72.41 -47.92
C GLU V 420 14.92 72.29 -46.76
N SER V 421 13.87 73.12 -46.73
CA SER V 421 12.89 73.06 -45.65
C SER V 421 12.10 71.75 -45.70
N PHE V 422 11.76 71.26 -46.90
CA PHE V 422 11.03 70.00 -47.03
C PHE V 422 11.88 68.84 -46.48
N LEU V 423 13.15 68.76 -46.88
CA LEU V 423 14.05 67.70 -46.40
C LEU V 423 14.21 67.78 -44.88
N GLU V 424 14.38 68.99 -44.33
CA GLU V 424 14.55 69.19 -42.89
C GLU V 424 13.31 68.77 -42.11
N ILE V 425 12.11 69.13 -42.58
CA ILE V 425 10.84 68.77 -41.93
C ILE V 425 10.61 67.27 -42.01
N LYS V 426 10.81 66.67 -43.19
CA LYS V 426 10.60 65.24 -43.36
C LYS V 426 11.65 64.37 -42.66
N ASN V 427 12.88 64.87 -42.45
CA ASN V 427 13.90 64.10 -41.72
C ASN V 427 13.54 64.07 -40.23
N ALA V 428 13.01 65.17 -39.68
CA ALA V 428 12.56 65.20 -38.29
C ALA V 428 11.34 64.27 -38.11
N GLU V 429 10.47 64.21 -39.12
CA GLU V 429 9.29 63.34 -39.14
C GLU V 429 9.72 61.87 -39.19
N TRP V 430 10.74 61.56 -40.00
CA TRP V 430 11.29 60.21 -40.12
C TRP V 430 11.98 59.80 -38.82
N ASP V 431 12.76 60.71 -38.21
CA ASP V 431 13.45 60.43 -36.95
C ASP V 431 12.45 60.12 -35.84
N SER V 432 11.29 60.81 -35.82
CA SER V 432 10.25 60.55 -34.83
C SER V 432 9.68 59.14 -35.00
N PHE V 433 9.56 58.65 -36.25
CA PHE V 433 9.04 57.33 -36.55
C PHE V 433 10.03 56.21 -36.16
N ARG V 434 11.30 56.34 -36.57
CA ARG V 434 12.30 55.30 -36.28
C ARG V 434 12.66 55.16 -34.80
N THR V 435 12.42 56.19 -33.97
CA THR V 435 12.71 56.14 -32.54
C THR V 435 11.51 55.62 -31.73
N SER V 436 10.28 55.84 -32.21
CA SER V 436 9.07 55.42 -31.50
C SER V 436 8.90 53.89 -31.47
N VAL V 437 8.44 53.36 -30.33
CA VAL V 437 8.18 51.93 -30.17
C VAL V 437 6.76 51.69 -30.68
N THR V 438 6.62 50.96 -31.80
CA THR V 438 5.34 50.72 -32.45
C THR V 438 4.56 49.55 -31.83
N ASP V 439 3.26 49.48 -32.11
CA ASP V 439 2.38 48.41 -31.64
C ASP V 439 2.79 47.05 -32.24
N TRP V 440 3.33 47.04 -33.46
CA TRP V 440 3.79 45.81 -34.10
C TRP V 440 4.92 45.19 -33.28
N GLU V 441 5.90 46.03 -32.88
CA GLU V 441 7.05 45.59 -32.08
C GLU V 441 6.58 45.05 -30.73
N THR V 442 5.63 45.72 -30.08
CA THR V 442 5.12 45.26 -28.79
C THR V 442 4.44 43.90 -28.93
N THR V 443 3.69 43.71 -30.01
CA THR V 443 3.01 42.43 -30.25
C THR V 443 4.02 41.31 -30.52
N ALA V 444 5.04 41.59 -31.34
CA ALA V 444 6.03 40.60 -31.73
C ALA V 444 7.14 40.30 -30.73
N TYR V 445 7.56 41.27 -29.90
CA TYR V 445 8.71 41.09 -29.01
C TYR V 445 8.45 41.17 -27.50
N LEU V 446 7.24 41.52 -27.02
CA LEU V 446 7.01 41.56 -25.56
C LEU V 446 7.11 40.15 -24.96
N LYS V 447 6.73 39.12 -25.73
CA LYS V 447 6.80 37.73 -25.27
C LYS V 447 8.23 37.23 -25.06
N ILE V 448 9.24 37.80 -25.76
CA ILE V 448 10.62 37.34 -25.63
C ILE V 448 11.28 37.80 -24.31
N SER W 2 -84.54 68.26 -20.75
CA SER W 2 -85.53 67.55 -19.95
C SER W 2 -86.41 66.63 -20.81
N THR W 3 -86.77 67.08 -22.04
CA THR W 3 -87.60 66.29 -22.97
C THR W 3 -86.71 65.58 -24.01
N VAL W 4 -87.27 64.60 -24.74
CA VAL W 4 -86.53 63.84 -25.74
C VAL W 4 -86.03 64.75 -26.87
N GLU W 5 -86.86 65.70 -27.33
CA GLU W 5 -86.50 66.60 -28.41
C GLU W 5 -85.33 67.54 -28.07
N GLN W 6 -85.25 68.00 -26.82
CA GLN W 6 -84.16 68.88 -26.40
C GLN W 6 -82.82 68.14 -26.45
N VAL W 7 -82.80 66.84 -26.11
CA VAL W 7 -81.60 66.02 -26.15
C VAL W 7 -81.17 65.77 -27.60
N LEU W 8 -82.11 65.34 -28.45
CA LEU W 8 -81.83 65.04 -29.86
C LEU W 8 -81.39 66.27 -30.66
N GLU W 9 -81.89 67.46 -30.30
CA GLU W 9 -81.52 68.69 -31.02
C GLU W 9 -80.07 69.07 -30.70
N TYR W 10 -79.62 68.85 -29.45
CA TYR W 10 -78.24 69.13 -29.05
C TYR W 10 -77.30 68.15 -29.75
N VAL W 11 -77.66 66.85 -29.76
CA VAL W 11 -76.89 65.78 -30.41
C VAL W 11 -76.75 66.07 -31.92
N LYS W 12 -77.80 66.61 -32.55
CA LYS W 12 -77.78 66.94 -33.97
C LYS W 12 -76.70 68.00 -34.27
N SER W 13 -76.75 69.14 -33.55
CA SER W 13 -75.87 70.29 -33.75
C SER W 13 -74.43 70.14 -33.23
N ASN W 14 -74.24 69.71 -31.98
CA ASN W 14 -72.91 69.61 -31.39
C ASN W 14 -72.10 68.37 -31.80
N ASN W 15 -72.55 67.63 -32.84
CA ASN W 15 -71.83 66.47 -33.37
C ASN W 15 -71.53 65.43 -32.27
N VAL W 16 -72.55 65.04 -31.50
CA VAL W 16 -72.36 64.05 -30.44
C VAL W 16 -72.36 62.66 -31.11
N LYS W 17 -71.36 61.83 -30.80
CA LYS W 17 -71.20 60.50 -31.41
C LYS W 17 -71.46 59.34 -30.44
N PHE W 18 -71.20 59.50 -29.13
CA PHE W 18 -71.42 58.42 -28.16
C PHE W 18 -72.31 58.87 -27.02
N MET W 19 -73.18 57.97 -26.52
CA MET W 19 -74.08 58.25 -25.40
C MET W 19 -73.79 57.25 -24.28
N ARG W 20 -73.39 57.74 -23.09
CA ARG W 20 -73.09 56.89 -21.93
C ARG W 20 -74.32 56.78 -21.06
N PHE W 21 -74.85 55.57 -20.89
CA PHE W 21 -76.00 55.34 -20.03
C PHE W 21 -75.45 55.01 -18.66
N GLN W 22 -75.28 56.06 -17.84
CA GLN W 22 -74.65 55.96 -16.52
C GLN W 22 -75.63 55.66 -15.40
N PHE W 23 -75.13 54.98 -14.36
CA PHE W 23 -75.88 54.62 -13.15
C PHE W 23 -74.87 54.29 -12.01
N VAL W 24 -75.33 53.84 -10.83
CA VAL W 24 -74.41 53.53 -9.72
C VAL W 24 -74.75 52.19 -9.09
N ASP W 25 -73.73 51.45 -8.61
CA ASP W 25 -73.95 50.20 -7.90
C ASP W 25 -74.32 50.52 -6.42
N ILE W 26 -74.55 49.49 -5.57
CA ILE W 26 -74.93 49.74 -4.17
C ILE W 26 -73.91 50.57 -3.40
N LEU W 27 -72.60 50.38 -3.65
CA LEU W 27 -71.55 51.12 -2.96
C LEU W 27 -71.31 52.55 -3.52
N GLY W 28 -72.06 52.96 -4.55
CA GLY W 28 -71.90 54.28 -5.14
C GLY W 28 -70.86 54.37 -6.25
N VAL W 29 -70.36 53.23 -6.74
CA VAL W 29 -69.37 53.21 -7.82
C VAL W 29 -70.14 53.43 -9.13
N PRO W 30 -69.77 54.42 -9.97
CA PRO W 30 -70.50 54.60 -11.22
C PRO W 30 -70.24 53.49 -12.23
N LYS W 31 -71.26 53.14 -13.02
CA LYS W 31 -71.23 52.10 -14.04
C LYS W 31 -71.93 52.64 -15.30
N ASN W 32 -71.45 52.33 -16.50
CA ASN W 32 -72.06 52.83 -17.74
C ASN W 32 -71.76 51.97 -18.97
N VAL W 33 -72.55 52.17 -20.04
CA VAL W 33 -72.40 51.47 -21.32
C VAL W 33 -72.50 52.52 -22.42
N ALA W 34 -71.58 52.50 -23.39
CA ALA W 34 -71.57 53.47 -24.48
C ALA W 34 -72.39 52.99 -25.68
N PHE W 35 -73.18 53.90 -26.26
CA PHE W 35 -74.03 53.62 -27.40
C PHE W 35 -73.58 54.51 -28.57
N PRO W 36 -73.13 53.93 -29.70
CA PRO W 36 -72.73 54.79 -30.83
C PRO W 36 -73.93 55.32 -31.59
N ILE W 37 -74.03 56.65 -31.70
CA ILE W 37 -75.13 57.31 -32.40
C ILE W 37 -74.79 57.34 -33.87
N LYS W 38 -75.72 56.96 -34.75
CA LYS W 38 -75.46 56.95 -36.19
C LYS W 38 -75.82 58.30 -36.83
N ALA W 39 -75.22 58.59 -37.99
CA ALA W 39 -75.46 59.85 -38.70
C ALA W 39 -76.84 59.85 -39.39
N GLY W 40 -77.35 61.05 -39.68
CA GLY W 40 -78.62 61.21 -40.38
C GLY W 40 -79.84 60.96 -39.52
N GLU W 41 -81.03 61.04 -40.14
CA GLU W 41 -82.31 60.84 -39.46
C GLU W 41 -82.45 59.42 -38.89
N LYS W 42 -81.88 58.41 -39.55
CA LYS W 42 -81.95 57.02 -39.07
C LYS W 42 -81.26 56.85 -37.71
N GLY W 43 -80.15 57.55 -37.52
CA GLY W 43 -79.42 57.53 -36.26
C GLY W 43 -80.14 58.26 -35.15
N ILE W 44 -80.79 59.40 -35.47
CA ILE W 44 -81.56 60.18 -34.50
C ILE W 44 -82.83 59.43 -34.07
N GLU W 45 -83.48 58.73 -35.00
CA GLU W 45 -84.67 57.94 -34.65
C GLU W 45 -84.29 56.69 -33.86
N GLU W 46 -83.07 56.13 -34.06
CA GLU W 46 -82.58 55.00 -33.29
C GLU W 46 -82.27 55.48 -31.86
N LEU W 47 -81.60 56.65 -31.73
CA LEU W 47 -81.28 57.22 -30.43
C LEU W 47 -82.58 57.56 -29.67
N ARG W 48 -83.63 58.01 -30.37
CA ARG W 48 -84.92 58.32 -29.75
C ARG W 48 -85.51 57.07 -29.11
N ASP W 49 -85.46 55.93 -29.82
CA ASP W 49 -85.99 54.66 -29.35
C ASP W 49 -85.27 54.22 -28.07
N VAL W 50 -83.93 54.23 -28.07
CA VAL W 50 -83.17 53.81 -26.90
C VAL W 50 -83.25 54.85 -25.77
N LEU W 51 -83.54 56.14 -26.08
CA LEU W 51 -83.71 57.16 -25.03
C LEU W 51 -85.06 56.99 -24.33
N GLU W 52 -86.12 56.65 -25.08
CA GLU W 52 -87.47 56.46 -24.53
C GLU W 52 -87.65 55.09 -23.86
N ASN W 53 -87.32 54.00 -24.56
CA ASN W 53 -87.49 52.64 -24.06
C ASN W 53 -86.31 52.13 -23.20
N GLY W 54 -85.15 52.77 -23.28
CA GLY W 54 -83.97 52.35 -22.52
C GLY W 54 -83.26 51.18 -23.16
N LEU W 55 -82.36 50.53 -22.40
CA LEU W 55 -81.60 49.37 -22.89
C LEU W 55 -81.34 48.36 -21.78
N TYR W 56 -81.11 47.10 -22.17
CA TYR W 56 -80.88 45.98 -21.26
C TYR W 56 -79.43 45.85 -20.80
N PHE W 57 -79.19 45.15 -19.68
CA PHE W 57 -77.86 44.91 -19.16
C PHE W 57 -77.86 43.76 -18.14
N ASP W 58 -76.70 43.12 -17.94
CA ASP W 58 -76.55 42.03 -16.98
C ASP W 58 -76.49 42.58 -15.56
N GLY W 59 -77.52 42.34 -14.76
CA GLY W 59 -77.60 42.82 -13.39
C GLY W 59 -76.81 42.02 -12.38
N SER W 60 -76.49 40.75 -12.68
CA SER W 60 -75.74 39.89 -11.77
C SER W 60 -74.30 40.36 -11.58
N SER W 61 -73.70 40.96 -12.62
CA SER W 61 -72.33 41.47 -12.54
C SER W 61 -72.24 42.77 -11.71
N ILE W 62 -73.33 43.55 -11.61
CA ILE W 62 -73.34 44.78 -10.81
C ILE W 62 -73.47 44.41 -9.33
N GLU W 63 -72.75 45.13 -8.45
CA GLU W 63 -72.75 44.83 -7.02
C GLU W 63 -74.07 45.22 -6.32
N GLY W 64 -74.60 44.28 -5.54
CA GLY W 64 -75.83 44.48 -4.78
C GLY W 64 -77.07 44.67 -5.61
N PHE W 65 -77.16 44.01 -6.77
CA PHE W 65 -78.32 44.14 -7.65
C PHE W 65 -79.15 42.81 -7.66
N VAL W 66 -78.94 41.89 -8.61
CA VAL W 66 -79.75 40.67 -8.70
C VAL W 66 -78.88 39.42 -8.89
N GLY W 67 -79.48 38.24 -8.67
CA GLY W 67 -78.78 36.97 -8.83
C GLY W 67 -78.60 36.60 -10.29
N ILE W 68 -77.84 35.53 -10.55
CA ILE W 68 -77.58 35.07 -11.92
C ILE W 68 -78.85 34.48 -12.56
N ASN W 69 -79.72 33.83 -11.77
CA ASN W 69 -80.96 33.23 -12.28
C ASN W 69 -82.07 34.24 -12.66
N GLU W 70 -81.88 35.54 -12.35
CA GLU W 70 -82.85 36.60 -12.66
C GLU W 70 -82.07 37.88 -13.00
N SER W 71 -81.08 37.76 -13.89
CA SER W 71 -80.15 38.84 -14.23
C SER W 71 -80.66 39.92 -15.22
N ASP W 72 -81.66 39.63 -16.06
CA ASP W 72 -82.15 40.59 -17.05
C ASP W 72 -82.77 41.86 -16.43
N MET W 73 -82.15 43.04 -16.68
CA MET W 73 -82.58 44.34 -16.16
C MET W 73 -82.57 45.43 -17.27
N MET W 74 -83.05 46.65 -16.96
CA MET W 74 -83.11 47.78 -17.91
C MET W 74 -82.68 49.12 -17.28
N LEU W 75 -82.35 50.11 -18.13
CA LEU W 75 -81.94 51.46 -17.71
C LEU W 75 -82.84 52.49 -18.38
N LYS W 76 -83.69 53.19 -17.62
CA LYS W 76 -84.59 54.22 -18.14
C LYS W 76 -83.92 55.60 -17.95
N PRO W 77 -83.39 56.22 -19.02
CA PRO W 77 -82.70 57.51 -18.85
C PRO W 77 -83.51 58.63 -18.21
N ASP W 78 -82.84 59.49 -17.45
CA ASP W 78 -83.44 60.70 -16.87
C ASP W 78 -82.90 61.80 -17.77
N LEU W 79 -83.73 62.26 -18.71
CA LEU W 79 -83.35 63.23 -19.73
C LEU W 79 -82.85 64.58 -19.20
N SER W 80 -83.22 64.94 -17.96
CA SER W 80 -82.77 66.19 -17.35
C SER W 80 -81.27 66.19 -17.03
N THR W 81 -80.67 65.00 -16.82
CA THR W 81 -79.25 64.87 -16.46
C THR W 81 -78.30 64.78 -17.66
N PHE W 82 -78.70 65.27 -18.84
CA PHE W 82 -77.84 65.24 -20.01
C PHE W 82 -76.64 66.16 -19.79
N SER W 83 -75.46 65.73 -20.21
CA SER W 83 -74.24 66.53 -20.04
C SER W 83 -73.16 66.07 -21.02
N VAL W 84 -72.28 66.98 -21.45
CA VAL W 84 -71.18 66.65 -22.36
C VAL W 84 -69.92 66.40 -21.55
N LEU W 85 -69.30 65.22 -21.72
CA LEU W 85 -68.08 64.91 -20.97
C LEU W 85 -66.95 65.77 -21.52
N PRO W 86 -66.40 66.69 -20.71
CA PRO W 86 -65.32 67.56 -21.23
C PRO W 86 -63.98 66.85 -21.41
N TRP W 87 -63.65 65.90 -20.50
CA TRP W 87 -62.39 65.15 -20.59
C TRP W 87 -62.28 64.28 -21.86
N ARG W 88 -63.39 64.06 -22.58
CA ARG W 88 -63.41 63.31 -23.85
C ARG W 88 -63.21 64.28 -25.05
N PRO W 89 -63.01 63.78 -26.30
CA PRO W 89 -62.76 64.72 -27.41
C PRO W 89 -63.92 65.67 -27.74
N SER W 90 -63.59 66.82 -28.33
CA SER W 90 -64.57 67.83 -28.72
C SER W 90 -65.20 67.49 -30.07
N GLU W 91 -64.37 67.07 -31.06
CA GLU W 91 -64.87 66.66 -32.36
C GLU W 91 -65.40 65.24 -32.20
N LYS W 92 -66.69 65.00 -32.57
CA LYS W 92 -67.36 63.70 -32.36
C LYS W 92 -67.44 63.46 -30.85
N SER W 93 -67.97 64.47 -30.14
CA SER W 93 -68.06 64.53 -28.68
C SER W 93 -68.84 63.40 -28.04
N VAL W 94 -68.50 63.10 -26.77
CA VAL W 94 -69.16 62.06 -25.97
C VAL W 94 -70.08 62.76 -24.98
N ALA W 95 -71.32 62.25 -24.82
CA ALA W 95 -72.30 62.80 -23.89
C ALA W 95 -72.88 61.70 -23.01
N ARG W 96 -73.36 62.06 -21.82
CA ARG W 96 -73.91 61.10 -20.86
C ARG W 96 -75.36 61.36 -20.53
N VAL W 97 -76.03 60.35 -19.97
CA VAL W 97 -77.41 60.47 -19.50
C VAL W 97 -77.59 59.50 -18.31
N ILE W 98 -77.70 60.02 -17.09
CA ILE W 98 -77.87 59.18 -15.90
C ILE W 98 -79.26 58.56 -15.94
N CYS W 99 -79.35 57.25 -15.63
CA CYS W 99 -80.59 56.48 -15.72
C CYS W 99 -81.03 55.93 -14.37
N ASP W 100 -82.28 55.45 -14.33
CA ASP W 100 -82.90 54.77 -13.21
C ASP W 100 -82.95 53.28 -13.59
N VAL W 101 -82.48 52.39 -12.71
CA VAL W 101 -82.48 50.96 -12.98
C VAL W 101 -83.91 50.44 -12.80
N TYR W 102 -84.43 49.73 -13.81
CA TYR W 102 -85.78 49.18 -13.82
C TYR W 102 -85.75 47.67 -14.09
N THR W 103 -86.75 46.95 -13.58
CA THR W 103 -86.88 45.51 -13.76
C THR W 103 -87.39 45.20 -15.18
N THR W 104 -87.30 43.92 -15.58
CA THR W 104 -87.75 43.45 -16.90
C THR W 104 -89.21 43.84 -17.18
N LYS W 105 -90.07 43.84 -16.15
CA LYS W 105 -91.48 44.21 -16.26
C LYS W 105 -91.73 45.75 -16.35
N GLY W 106 -90.67 46.55 -16.46
CA GLY W 106 -90.79 48.00 -16.55
C GLY W 106 -91.18 48.70 -15.27
N LYS W 107 -90.82 48.11 -14.11
CA LYS W 107 -91.13 48.66 -12.78
C LYS W 107 -89.81 49.12 -12.12
N PRO W 108 -89.74 50.28 -11.41
CA PRO W 108 -88.44 50.69 -10.82
C PRO W 108 -87.81 49.62 -9.92
N PHE W 109 -86.50 49.37 -10.09
CA PHE W 109 -85.81 48.35 -9.30
C PHE W 109 -85.68 48.77 -7.83
N GLU W 110 -86.12 47.89 -6.92
CA GLU W 110 -86.07 48.11 -5.48
C GLU W 110 -84.65 48.37 -4.96
N GLY W 111 -83.68 47.65 -5.49
CA GLY W 111 -82.28 47.79 -5.07
C GLY W 111 -81.50 48.88 -5.80
N ASP W 112 -82.19 49.89 -6.35
CA ASP W 112 -81.54 50.98 -7.07
C ASP W 112 -81.27 52.17 -6.13
N PRO W 113 -80.02 52.61 -5.90
CA PRO W 113 -79.80 53.76 -5.01
C PRO W 113 -80.46 55.06 -5.47
N ARG W 114 -80.49 55.33 -6.79
CA ARG W 114 -81.10 56.54 -7.33
C ARG W 114 -82.61 56.56 -7.15
N GLY W 115 -83.26 55.43 -7.40
CA GLY W 115 -84.69 55.27 -7.21
C GLY W 115 -85.09 55.35 -5.74
N CYS W 116 -84.18 54.93 -4.84
CA CYS W 116 -84.38 54.98 -3.40
C CYS W 116 -84.48 56.44 -2.95
N LEU W 117 -83.62 57.32 -3.49
CA LEU W 117 -83.64 58.74 -3.16
C LEU W 117 -84.86 59.43 -3.79
N LYS W 118 -85.23 59.04 -5.02
CA LYS W 118 -86.41 59.60 -5.68
C LYS W 118 -87.67 59.28 -4.88
N ARG W 119 -87.79 58.01 -4.42
CA ARG W 119 -88.93 57.55 -3.65
C ARG W 119 -89.15 58.39 -2.39
N VAL W 120 -88.11 58.56 -1.55
CA VAL W 120 -88.25 59.33 -0.31
C VAL W 120 -88.49 60.83 -0.57
N MET W 121 -87.95 61.39 -1.67
CA MET W 121 -88.17 62.80 -2.01
C MET W 121 -89.61 63.02 -2.49
N GLU W 122 -90.15 62.07 -3.29
CA GLU W 122 -91.53 62.17 -3.76
C GLU W 122 -92.49 62.01 -2.58
N GLU W 123 -92.17 61.13 -1.61
CA GLU W 123 -92.97 60.94 -0.41
C GLU W 123 -92.98 62.20 0.45
N PHE W 124 -91.82 62.87 0.56
CA PHE W 124 -91.68 64.12 1.32
C PHE W 124 -92.49 65.24 0.65
N LYS W 125 -92.37 65.36 -0.68
CA LYS W 125 -93.12 66.37 -1.43
C LYS W 125 -94.63 66.13 -1.40
N LYS W 126 -95.07 64.87 -1.28
CA LYS W 126 -96.50 64.55 -1.22
C LYS W 126 -97.07 64.84 0.17
N GLU W 127 -96.35 64.48 1.23
CA GLU W 127 -96.80 64.63 2.61
C GLU W 127 -96.67 66.07 3.17
N PHE W 128 -95.53 66.73 2.94
CA PHE W 128 -95.26 68.06 3.48
C PHE W 128 -95.14 69.19 2.46
N ASN W 129 -95.06 68.87 1.15
CA ASN W 129 -94.88 69.87 0.09
C ASN W 129 -93.50 70.54 0.27
N GLY W 130 -92.49 69.73 0.56
CA GLY W 130 -91.14 70.21 0.82
C GLY W 130 -90.14 69.87 -0.26
N GLU W 131 -88.97 70.50 -0.17
CA GLU W 131 -87.86 70.32 -1.11
C GLU W 131 -86.59 70.18 -0.26
N TYR W 132 -85.93 69.01 -0.33
CA TYR W 132 -84.72 68.75 0.46
C TYR W 132 -83.48 69.22 -0.30
N PHE W 133 -82.81 70.28 0.21
CA PHE W 133 -81.62 70.85 -0.42
C PHE W 133 -80.34 70.41 0.29
N VAL W 134 -79.30 70.03 -0.49
CA VAL W 134 -77.99 69.60 0.04
C VAL W 134 -76.86 70.29 -0.75
N GLY W 135 -75.79 70.61 -0.05
CA GLY W 135 -74.59 71.25 -0.59
C GLY W 135 -73.36 70.67 0.06
N PRO W 136 -72.71 69.65 -0.54
CA PRO W 136 -71.55 69.02 0.10
C PRO W 136 -70.22 69.69 -0.22
N GLU W 137 -69.19 69.35 0.57
CA GLU W 137 -67.82 69.84 0.43
C GLU W 137 -66.91 68.61 0.33
N PRO W 138 -66.92 67.88 -0.81
CA PRO W 138 -66.08 66.67 -0.92
C PRO W 138 -64.60 66.98 -1.15
N GLU W 139 -63.77 66.69 -0.14
CA GLU W 139 -62.32 66.90 -0.19
C GLU W 139 -61.63 65.69 -0.83
N PHE W 140 -60.46 65.91 -1.44
CA PHE W 140 -59.69 64.84 -2.09
C PHE W 140 -58.18 65.08 -1.99
N PHE W 141 -57.38 64.05 -2.29
CA PHE W 141 -55.92 64.13 -2.26
C PHE W 141 -55.35 63.90 -3.65
N LEU W 142 -54.38 64.72 -4.06
CA LEU W 142 -53.68 64.54 -5.33
C LEU W 142 -52.38 63.83 -4.97
N LEU W 143 -52.10 62.68 -5.59
CA LEU W 143 -50.92 61.88 -5.27
C LEU W 143 -49.94 61.75 -6.42
N LYS W 144 -48.68 61.44 -6.08
CA LYS W 144 -47.60 61.18 -7.02
C LYS W 144 -46.80 59.98 -6.48
N LYS W 145 -46.14 59.22 -7.37
CA LYS W 145 -45.37 58.04 -6.94
C LYS W 145 -44.21 58.46 -6.04
N ASP W 146 -43.93 57.65 -5.02
CA ASP W 146 -42.84 57.92 -4.08
C ASP W 146 -41.51 57.75 -4.85
N PRO W 147 -40.60 58.75 -4.86
CA PRO W 147 -39.34 58.57 -5.59
C PRO W 147 -38.46 57.45 -5.00
N HIS W 148 -38.47 57.29 -3.67
CA HIS W 148 -37.69 56.24 -3.00
C HIS W 148 -38.29 54.82 -3.23
N ASN W 149 -39.56 54.72 -3.66
CA ASN W 149 -40.21 53.43 -3.96
C ASN W 149 -41.42 53.65 -4.88
N PRO W 150 -41.38 53.26 -6.18
CA PRO W 150 -42.54 53.52 -7.06
C PRO W 150 -43.82 52.76 -6.74
N HIS W 151 -43.76 51.68 -5.94
CA HIS W 151 -44.94 50.90 -5.58
C HIS W 151 -45.87 51.68 -4.62
N LYS W 152 -45.34 52.65 -3.84
CA LYS W 152 -46.14 53.46 -2.90
C LYS W 152 -46.42 54.86 -3.45
N TYR W 153 -47.48 55.51 -2.93
CA TYR W 153 -47.89 56.86 -3.33
C TYR W 153 -47.74 57.83 -2.16
N ILE W 154 -47.48 59.11 -2.46
CA ILE W 154 -47.32 60.18 -1.47
C ILE W 154 -48.10 61.44 -1.93
N PRO W 155 -48.28 62.47 -1.06
CA PRO W 155 -49.00 63.68 -1.52
C PRO W 155 -48.23 64.48 -2.57
N ALA W 156 -48.94 65.15 -3.48
CA ALA W 156 -48.34 65.92 -4.57
C ALA W 156 -47.51 67.13 -4.12
N ASP W 157 -47.84 67.74 -2.96
CA ASP W 157 -47.10 68.92 -2.48
C ASP W 157 -47.15 69.06 -0.97
N ASP W 158 -46.19 69.82 -0.40
CA ASP W 158 -46.13 70.09 1.03
C ASP W 158 -46.89 71.38 1.34
N GLY W 159 -48.09 71.51 0.79
CA GLY W 159 -48.92 72.69 0.97
C GLY W 159 -49.88 72.60 2.15
N GLY W 160 -50.26 73.77 2.65
CA GLY W 160 -51.19 73.90 3.77
C GLY W 160 -52.54 74.45 3.35
N TYR W 161 -53.33 74.93 4.31
CA TYR W 161 -54.66 75.46 4.04
C TYR W 161 -54.57 76.79 3.30
N PHE W 162 -55.27 76.93 2.16
CA PHE W 162 -55.30 78.16 1.35
C PHE W 162 -53.91 78.63 0.85
N ASP W 163 -52.87 77.79 0.89
CA ASP W 163 -51.52 78.24 0.47
C ASP W 163 -51.44 78.68 -0.99
N LEU W 164 -50.46 79.53 -1.31
CA LEU W 164 -50.22 80.06 -2.66
C LEU W 164 -49.10 79.30 -3.37
N GLU W 165 -49.09 79.34 -4.70
CA GLU W 165 -48.03 78.76 -5.52
C GLU W 165 -46.69 79.49 -5.25
N PRO W 166 -45.53 78.82 -5.36
CA PRO W 166 -45.32 77.42 -5.75
C PRO W 166 -45.48 76.40 -4.62
N MET W 167 -45.74 76.85 -3.37
CA MET W 167 -45.97 75.95 -2.24
C MET W 167 -47.18 75.03 -2.53
N ASP W 168 -48.24 75.61 -3.13
CA ASP W 168 -49.42 74.91 -3.60
C ASP W 168 -49.14 74.57 -5.08
N GLU W 169 -48.89 73.28 -5.39
CA GLU W 169 -48.56 72.86 -6.76
C GLU W 169 -49.78 72.40 -7.56
N ALA W 170 -51.01 72.75 -7.13
CA ALA W 170 -52.20 72.33 -7.85
C ALA W 170 -53.09 73.46 -8.44
N PRO W 171 -52.64 74.72 -8.69
CA PRO W 171 -53.55 75.70 -9.29
C PRO W 171 -53.95 75.32 -10.72
N ASP W 172 -53.03 74.71 -11.48
CA ASP W 172 -53.32 74.26 -12.85
C ASP W 172 -54.29 73.07 -12.84
N ILE W 173 -54.14 72.14 -11.88
CA ILE W 173 -55.02 70.98 -11.80
C ILE W 173 -56.41 71.43 -11.38
N ARG W 174 -56.52 72.31 -10.37
CA ARG W 174 -57.81 72.84 -9.93
C ARG W 174 -58.47 73.70 -11.02
N ARG W 175 -57.67 74.44 -11.81
CA ARG W 175 -58.17 75.27 -12.91
C ARG W 175 -58.97 74.43 -13.90
N ASP W 176 -58.37 73.33 -14.40
CA ASP W 176 -59.03 72.45 -15.35
C ASP W 176 -60.23 71.73 -14.74
N ILE W 177 -60.18 71.41 -13.43
CA ILE W 177 -61.31 70.79 -12.71
C ILE W 177 -62.51 71.73 -12.76
N VAL W 178 -62.30 73.00 -12.42
CA VAL W 178 -63.39 73.97 -12.39
C VAL W 178 -63.96 74.19 -13.79
N PHE W 179 -63.11 74.26 -14.82
CA PHE W 179 -63.60 74.43 -16.20
C PHE W 179 -64.44 73.21 -16.62
N ALA W 180 -63.98 72.00 -16.28
CA ALA W 180 -64.70 70.77 -16.62
C ALA W 180 -66.06 70.69 -15.94
N LEU W 181 -66.14 71.08 -14.66
CA LEU W 181 -67.39 71.04 -13.92
C LEU W 181 -68.36 72.10 -14.44
N GLU W 182 -67.88 73.30 -14.77
CA GLU W 182 -68.74 74.34 -15.34
C GLU W 182 -69.39 73.88 -16.65
N ASN W 183 -68.65 73.13 -17.49
CA ASN W 183 -69.19 72.59 -18.74
C ASN W 183 -70.23 71.49 -18.48
N LEU W 184 -70.06 70.72 -17.41
CA LEU W 184 -71.02 69.68 -17.02
C LEU W 184 -72.32 70.25 -16.37
N GLY W 185 -72.41 71.57 -16.18
CA GLY W 185 -73.58 72.22 -15.60
C GLY W 185 -73.45 72.59 -14.13
N PHE W 186 -72.26 72.48 -13.55
CA PHE W 186 -72.05 72.80 -12.14
C PHE W 186 -71.93 74.29 -11.93
N HIS W 187 -72.38 74.78 -10.76
CA HIS W 187 -72.23 76.17 -10.35
C HIS W 187 -71.14 76.14 -9.28
N VAL W 188 -69.87 76.19 -9.71
CA VAL W 188 -68.75 76.10 -8.79
C VAL W 188 -68.70 77.37 -7.94
N GLU W 189 -68.55 77.23 -6.61
CA GLU W 189 -68.52 78.38 -5.70
C GLU W 189 -67.09 78.80 -5.34
N ALA W 190 -66.22 77.85 -4.97
CA ALA W 190 -64.83 78.17 -4.58
C ALA W 190 -63.91 76.94 -4.70
N SER W 191 -62.60 77.20 -4.82
CA SER W 191 -61.59 76.14 -4.92
C SER W 191 -60.32 76.60 -4.22
N HIS W 192 -59.65 75.69 -3.48
CA HIS W 192 -58.45 76.05 -2.72
C HIS W 192 -57.72 74.79 -2.19
N HIS W 193 -56.50 74.98 -1.66
CA HIS W 193 -55.74 73.90 -1.04
C HIS W 193 -56.27 73.70 0.39
N GLU W 194 -56.29 72.45 0.87
CA GLU W 194 -56.79 72.13 2.21
C GLU W 194 -55.62 71.88 3.20
N VAL W 195 -55.95 71.72 4.49
CA VAL W 195 -55.00 71.57 5.61
C VAL W 195 -53.85 70.56 5.34
N ALA W 196 -54.17 69.30 5.00
CA ALA W 196 -53.13 68.29 4.80
C ALA W 196 -52.32 68.47 3.51
N PRO W 197 -51.07 67.95 3.45
CA PRO W 197 -50.30 68.06 2.20
C PRO W 197 -51.01 67.42 1.01
N GLY W 198 -50.98 68.08 -0.14
CA GLY W 198 -51.62 67.54 -1.34
C GLY W 198 -53.13 67.46 -1.30
N GLN W 199 -53.78 67.88 -0.20
CA GLN W 199 -55.23 67.85 -0.08
C GLN W 199 -55.84 69.10 -0.70
N HIS W 200 -57.00 68.96 -1.34
CA HIS W 200 -57.70 70.07 -1.99
C HIS W 200 -59.21 69.99 -1.77
N GLU W 201 -59.94 71.07 -2.07
CA GLU W 201 -61.39 71.12 -1.90
C GLU W 201 -61.98 72.01 -2.98
N VAL W 202 -62.94 71.48 -3.75
CA VAL W 202 -63.64 72.22 -4.80
C VAL W 202 -65.11 72.20 -4.43
N ASP W 203 -65.65 73.34 -4.00
CA ASP W 203 -67.03 73.48 -3.56
C ASP W 203 -67.96 73.85 -4.72
N PHE W 204 -69.24 73.49 -4.61
CA PHE W 204 -70.24 73.81 -5.62
C PHE W 204 -71.59 74.13 -4.94
N LYS W 205 -72.45 74.86 -5.66
CA LYS W 205 -73.73 75.33 -5.13
C LYS W 205 -74.67 74.21 -4.72
N PHE W 206 -75.48 74.47 -3.69
CA PHE W 206 -76.46 73.51 -3.21
C PHE W 206 -77.63 73.40 -4.20
N ASP W 207 -78.32 72.27 -4.17
CA ASP W 207 -79.48 72.00 -5.03
C ASP W 207 -80.33 70.88 -4.38
N ASP W 208 -81.44 70.43 -5.03
CA ASP W 208 -82.24 69.34 -4.46
C ASP W 208 -81.41 68.06 -4.40
N ALA W 209 -81.64 67.21 -3.38
CA ALA W 209 -80.89 66.00 -3.12
C ALA W 209 -80.58 65.14 -4.36
N LEU W 210 -81.54 64.99 -5.29
CA LEU W 210 -81.31 64.18 -6.49
C LEU W 210 -80.26 64.84 -7.41
N LYS W 211 -80.42 66.14 -7.74
CA LYS W 211 -79.46 66.85 -8.58
C LYS W 211 -78.08 66.95 -7.91
N THR W 212 -78.06 67.04 -6.56
CA THR W 212 -76.82 67.10 -5.79
C THR W 212 -76.10 65.73 -5.81
N ALA W 213 -76.86 64.62 -5.67
CA ALA W 213 -76.24 63.28 -5.70
C ALA W 213 -75.72 62.94 -7.09
N ASP W 214 -76.42 63.38 -8.15
CA ASP W 214 -75.94 63.20 -9.53
C ASP W 214 -74.63 63.99 -9.72
N SER W 215 -74.53 65.18 -9.12
CA SER W 215 -73.35 66.02 -9.17
C SER W 215 -72.17 65.41 -8.38
N VAL W 216 -72.42 64.76 -7.24
CA VAL W 216 -71.33 64.15 -6.46
C VAL W 216 -70.66 63.01 -7.26
N ILE W 217 -71.45 62.19 -7.98
CA ILE W 217 -70.91 61.09 -8.78
C ILE W 217 -70.06 61.63 -9.92
N THR W 218 -70.58 62.66 -10.61
CA THR W 218 -69.90 63.30 -11.73
C THR W 218 -68.64 64.04 -11.26
N PHE W 219 -68.67 64.61 -10.06
CA PHE W 219 -67.53 65.32 -9.47
C PHE W 219 -66.38 64.36 -9.20
N LYS W 220 -66.67 63.21 -8.58
CA LYS W 220 -65.63 62.22 -8.27
C LYS W 220 -64.92 61.71 -9.53
N THR W 221 -65.67 61.41 -10.61
CA THR W 221 -65.05 60.96 -11.85
C THR W 221 -64.25 62.09 -12.50
N THR W 222 -64.80 63.33 -12.52
CA THR W 222 -64.11 64.49 -13.10
C THR W 222 -62.77 64.76 -12.43
N ILE W 223 -62.69 64.61 -11.10
CA ILE W 223 -61.45 64.85 -10.38
C ILE W 223 -60.42 63.79 -10.76
N LYS W 224 -60.83 62.53 -10.81
CA LYS W 224 -59.95 61.42 -11.13
C LYS W 224 -59.43 61.41 -12.58
N THR W 225 -60.29 61.69 -13.57
CA THR W 225 -59.87 61.68 -14.98
C THR W 225 -58.91 62.83 -15.31
N ILE W 226 -59.14 64.02 -14.71
CA ILE W 226 -58.26 65.18 -14.93
C ILE W 226 -56.92 64.98 -14.20
N ALA W 227 -56.91 64.30 -13.04
CA ALA W 227 -55.66 64.03 -12.33
C ALA W 227 -54.74 63.17 -13.18
N GLU W 228 -55.28 62.17 -13.90
CA GLU W 228 -54.50 61.31 -14.78
C GLU W 228 -53.92 62.10 -15.95
N GLN W 229 -54.65 63.12 -16.45
CA GLN W 229 -54.16 63.97 -17.53
C GLN W 229 -52.89 64.74 -17.08
N HIS W 230 -52.84 65.18 -15.80
CA HIS W 230 -51.67 65.91 -15.30
C HIS W 230 -50.66 64.98 -14.59
N GLY W 231 -50.61 63.71 -14.99
CA GLY W 231 -49.68 62.73 -14.44
C GLY W 231 -49.79 62.41 -12.96
N LEU W 232 -50.94 62.73 -12.32
CA LEU W 232 -51.17 62.50 -10.89
C LEU W 232 -52.30 61.46 -10.69
N LYS W 233 -52.60 61.09 -9.43
CA LYS W 233 -53.66 60.14 -9.11
C LYS W 233 -54.48 60.71 -7.96
N ALA W 234 -55.76 61.04 -8.18
CA ALA W 234 -56.62 61.60 -7.12
C ALA W 234 -57.36 60.50 -6.37
N THR W 235 -57.44 60.60 -5.03
CA THR W 235 -58.13 59.62 -4.20
C THR W 235 -59.09 60.28 -3.22
N PHE W 236 -60.30 59.72 -3.11
CA PHE W 236 -61.31 60.16 -2.16
C PHE W 236 -61.31 59.21 -0.95
N MET W 237 -60.11 58.75 -0.52
CA MET W 237 -59.98 57.85 0.61
C MET W 237 -60.17 58.70 1.88
N PRO W 238 -61.01 58.29 2.86
CA PRO W 238 -61.21 59.14 4.05
C PRO W 238 -59.96 59.47 4.88
N LYS W 239 -58.89 58.66 4.78
CA LYS W 239 -57.67 58.88 5.56
C LYS W 239 -56.52 58.11 4.89
N PRO W 240 -55.97 58.64 3.78
CA PRO W 240 -54.89 57.92 3.10
C PRO W 240 -53.58 57.89 3.89
N PHE W 241 -53.32 58.92 4.72
CA PHE W 241 -52.10 58.98 5.51
C PHE W 241 -52.39 59.31 6.98
N PHE W 242 -51.67 58.66 7.89
CA PHE W 242 -51.78 58.89 9.33
C PHE W 242 -51.01 60.16 9.71
N GLY W 243 -51.50 60.89 10.70
CA GLY W 243 -50.85 62.10 11.17
C GLY W 243 -51.22 63.38 10.43
N MET W 244 -52.13 63.30 9.46
CA MET W 244 -52.59 64.48 8.70
C MET W 244 -54.09 64.37 8.45
N ASN W 245 -54.76 65.53 8.23
CA ASN W 245 -56.21 65.58 8.01
C ASN W 245 -56.71 64.60 6.96
N GLY W 246 -57.94 64.13 7.15
CA GLY W 246 -58.59 63.20 6.24
C GLY W 246 -59.58 63.90 5.32
N SER W 247 -59.98 63.23 4.24
CA SER W 247 -60.94 63.80 3.30
C SER W 247 -62.36 63.70 3.90
N GLY W 248 -63.00 64.85 4.08
CA GLY W 248 -64.35 64.94 4.65
C GLY W 248 -65.33 65.59 3.69
N MET W 249 -66.58 65.13 3.71
CA MET W 249 -67.64 65.67 2.86
C MET W 249 -68.74 66.22 3.75
N HIS W 250 -68.55 67.46 4.23
CA HIS W 250 -69.52 68.12 5.11
C HIS W 250 -70.79 68.41 4.32
N CYS W 251 -71.95 67.91 4.79
CA CYS W 251 -73.21 68.08 4.08
C CYS W 251 -74.09 69.19 4.66
N HIS W 252 -74.02 70.39 4.06
CA HIS W 252 -74.87 71.52 4.45
C HIS W 252 -76.25 71.20 3.92
N GLN W 253 -77.29 71.16 4.78
CA GLN W 253 -78.63 70.79 4.34
C GLN W 253 -79.75 71.60 5.00
N SER W 254 -80.91 71.65 4.33
CA SER W 254 -82.10 72.37 4.80
C SER W 254 -83.34 71.95 4.01
N ILE W 255 -84.53 72.03 4.63
CA ILE W 255 -85.80 71.68 3.98
C ILE W 255 -86.69 72.93 3.84
N TRP W 256 -87.33 73.11 2.68
CA TRP W 256 -88.17 74.27 2.37
C TRP W 256 -89.62 73.87 2.14
N LEU W 257 -90.47 74.03 3.16
CA LEU W 257 -91.90 73.70 3.04
C LEU W 257 -92.67 74.86 2.43
N ASN W 258 -93.36 74.61 1.30
CA ASN W 258 -94.15 75.61 0.58
C ASN W 258 -93.28 76.74 0.00
N GLY W 259 -92.13 76.39 -0.55
CA GLY W 259 -91.21 77.35 -1.16
C GLY W 259 -90.70 78.46 -0.25
N GLU W 260 -90.57 78.17 1.06
CA GLU W 260 -90.07 79.13 2.05
C GLU W 260 -88.98 78.51 2.91
N PRO W 261 -88.00 79.29 3.40
CA PRO W 261 -86.97 78.69 4.28
C PRO W 261 -87.56 78.38 5.65
N SER W 262 -87.97 77.12 5.85
CA SER W 262 -88.59 76.67 7.09
C SER W 262 -87.63 76.62 8.27
N PHE W 263 -86.32 76.55 8.03
CA PHE W 263 -85.34 76.52 9.12
C PHE W 263 -85.14 77.89 9.79
N TYR W 264 -85.49 79.00 9.11
CA TYR W 264 -85.31 80.34 9.64
C TYR W 264 -86.55 80.84 10.39
N ASP W 265 -86.32 81.54 11.50
CA ASP W 265 -87.38 82.17 12.31
C ASP W 265 -86.77 83.43 12.93
N GLU W 266 -87.07 84.61 12.35
CA GLU W 266 -86.56 85.91 12.79
C GLU W 266 -86.76 86.13 14.29
N ASN W 267 -87.93 85.74 14.82
CA ASN W 267 -88.26 85.87 16.24
C ASN W 267 -88.10 84.53 16.97
N ALA W 268 -86.85 84.07 17.19
CA ALA W 268 -86.57 82.81 17.88
C ALA W 268 -85.09 82.74 18.37
N PRO W 269 -84.73 81.78 19.28
CA PRO W 269 -83.33 81.72 19.73
C PRO W 269 -82.39 81.30 18.61
N TYR W 270 -81.25 82.03 18.47
CA TYR W 270 -80.28 81.80 17.39
C TYR W 270 -80.88 82.00 15.99
N GLN W 271 -82.11 82.58 15.88
CA GLN W 271 -82.83 82.77 14.62
C GLN W 271 -83.01 81.41 13.91
N LEU W 272 -83.39 80.37 14.69
CA LEU W 272 -83.60 79.02 14.18
C LEU W 272 -85.00 78.58 14.58
N SER W 273 -85.77 78.06 13.61
CA SER W 273 -87.15 77.64 13.81
C SER W 273 -87.28 76.32 14.59
N GLU W 274 -88.51 75.97 15.01
CA GLU W 274 -88.80 74.72 15.69
C GLU W 274 -88.54 73.55 14.74
N THR W 275 -88.91 73.71 13.45
CA THR W 275 -88.68 72.69 12.42
C THR W 275 -87.19 72.33 12.32
N CYS W 276 -86.30 73.33 12.43
CA CYS W 276 -84.86 73.11 12.38
C CYS W 276 -84.43 72.25 13.59
N MET W 277 -84.88 72.62 14.80
CA MET W 277 -84.54 71.90 16.03
C MET W 277 -85.06 70.47 16.02
N ASN W 278 -86.28 70.25 15.49
CA ASN W 278 -86.84 68.90 15.40
C ASN W 278 -86.01 68.06 14.42
N TYR W 279 -85.55 68.66 13.31
CA TYR W 279 -84.73 67.97 12.32
C TYR W 279 -83.38 67.58 12.91
N VAL W 280 -82.72 68.51 13.63
CA VAL W 280 -81.44 68.27 14.27
C VAL W 280 -81.57 67.13 15.30
N ALA W 281 -82.68 67.12 16.08
CA ALA W 281 -82.91 66.08 17.07
C ALA W 281 -82.98 64.69 16.43
N GLY W 282 -83.59 64.60 15.26
CA GLY W 282 -83.71 63.35 14.52
C GLY W 282 -82.38 62.84 14.00
N ILE W 283 -81.50 63.74 13.54
CA ILE W 283 -80.18 63.35 13.05
C ILE W 283 -79.35 62.83 14.22
N LEU W 284 -79.38 63.54 15.36
CA LEU W 284 -78.62 63.15 16.55
C LEU W 284 -79.13 61.82 17.13
N LYS W 285 -80.44 61.54 17.02
CA LYS W 285 -81.03 60.30 17.49
C LYS W 285 -80.46 59.10 16.73
N HIS W 286 -80.51 59.13 15.40
CA HIS W 286 -80.03 58.03 14.56
C HIS W 286 -78.56 58.24 14.12
N ALA W 287 -77.78 59.10 14.81
CA ALA W 287 -76.38 59.38 14.44
C ALA W 287 -75.50 58.12 14.39
N LYS W 288 -75.66 57.22 15.36
CA LYS W 288 -74.87 55.98 15.42
C LYS W 288 -75.18 55.04 14.24
N ALA W 289 -76.39 55.14 13.65
CA ALA W 289 -76.82 54.31 12.52
C ALA W 289 -76.55 54.99 11.17
N ILE W 290 -76.60 56.33 11.10
CA ILE W 290 -76.35 57.06 9.86
C ILE W 290 -74.89 56.90 9.42
N VAL W 291 -73.94 56.88 10.37
CA VAL W 291 -72.52 56.74 10.06
C VAL W 291 -72.19 55.40 9.39
N ALA W 292 -73.07 54.39 9.45
CA ALA W 292 -72.83 53.13 8.75
C ALA W 292 -72.90 53.37 7.24
N ILE W 293 -73.88 54.18 6.78
CA ILE W 293 -74.06 54.50 5.37
C ILE W 293 -73.11 55.63 4.95
N THR W 294 -73.09 56.75 5.71
CA THR W 294 -72.25 57.90 5.36
C THR W 294 -70.75 57.69 5.57
N ASN W 295 -70.36 56.65 6.30
CA ASN W 295 -68.96 56.28 6.56
C ASN W 295 -68.87 54.75 6.35
N PRO W 296 -68.96 54.24 5.11
CA PRO W 296 -69.04 52.79 4.91
C PRO W 296 -67.73 52.01 4.78
N THR W 297 -66.57 52.65 4.86
CA THR W 297 -65.29 51.95 4.74
C THR W 297 -64.65 51.70 6.09
N VAL W 298 -63.72 50.73 6.17
CA VAL W 298 -62.97 50.46 7.41
C VAL W 298 -62.10 51.69 7.72
N ASN W 299 -61.48 52.28 6.68
CA ASN W 299 -60.63 53.46 6.79
C ASN W 299 -61.38 54.72 7.29
N SER W 300 -62.70 54.79 7.08
CA SER W 300 -63.49 55.93 7.55
C SER W 300 -63.38 56.14 9.06
N TYR W 301 -63.23 55.05 9.82
CA TYR W 301 -63.13 55.12 11.28
C TYR W 301 -61.69 55.38 11.78
N LYS W 302 -60.77 55.75 10.87
CA LYS W 302 -59.42 56.22 11.20
C LYS W 302 -59.42 57.78 11.13
N ARG W 303 -60.32 58.40 10.31
CA ARG W 303 -60.54 59.84 10.27
C ARG W 303 -61.56 60.12 11.38
N LEU W 304 -62.76 59.50 11.28
CA LEU W 304 -63.86 59.62 12.24
C LEU W 304 -63.57 58.66 13.40
N VAL W 305 -62.49 58.94 14.14
CA VAL W 305 -62.01 58.09 15.23
C VAL W 305 -62.40 58.61 16.64
N PRO W 306 -63.23 57.88 17.43
CA PRO W 306 -63.57 58.39 18.78
C PRO W 306 -62.35 58.53 19.69
N GLY W 307 -62.45 59.43 20.67
CA GLY W 307 -61.35 59.70 21.59
C GLY W 307 -60.28 60.63 21.04
N TYR W 308 -60.34 60.96 19.72
CA TYR W 308 -59.40 61.86 19.05
C TYR W 308 -60.14 62.94 18.26
N GLU W 309 -59.43 64.05 17.96
CA GLU W 309 -59.99 65.21 17.25
C GLU W 309 -60.69 64.83 15.94
N ALA W 310 -62.03 64.78 15.95
CA ALA W 310 -62.87 64.41 14.81
C ALA W 310 -64.35 64.78 15.06
N PRO W 311 -65.24 64.82 14.03
CA PRO W 311 -66.66 65.12 14.31
C PRO W 311 -67.40 63.84 14.76
N VAL W 312 -66.96 63.33 15.92
CA VAL W 312 -67.43 62.10 16.57
C VAL W 312 -68.44 62.36 17.68
N ASN W 313 -68.41 63.54 18.30
CA ASN W 313 -69.27 63.87 19.42
C ASN W 313 -70.69 64.16 18.94
N ILE W 314 -71.65 63.34 19.36
CA ILE W 314 -73.06 63.47 19.00
C ILE W 314 -73.68 64.68 19.73
N ALA W 315 -73.57 65.86 19.11
CA ALA W 315 -74.12 67.12 19.64
C ALA W 315 -74.12 68.21 18.54
N TRP W 316 -74.91 69.29 18.72
CA TRP W 316 -74.96 70.39 17.75
C TRP W 316 -74.44 71.69 18.39
N ALA W 317 -73.96 72.64 17.56
CA ALA W 317 -73.42 73.91 18.05
C ALA W 317 -73.35 74.97 16.95
N ASN W 318 -73.37 76.25 17.33
CA ASN W 318 -73.31 77.37 16.37
C ASN W 318 -71.86 77.80 16.11
N SER W 319 -71.41 77.71 14.83
CA SER W 319 -70.07 78.11 14.40
C SER W 319 -68.94 77.41 15.20
N ASN W 320 -69.12 76.11 15.46
CA ASN W 320 -68.17 75.28 16.21
C ASN W 320 -67.92 73.99 15.40
N ARG W 321 -66.68 73.77 14.94
CA ARG W 321 -66.32 72.59 14.13
C ARG W 321 -65.92 71.35 14.96
N SER W 322 -66.07 71.39 16.31
CA SER W 322 -65.74 70.24 17.16
C SER W 322 -66.91 69.24 17.29
N ALA W 323 -68.16 69.72 17.13
CA ALA W 323 -69.37 68.89 17.23
C ALA W 323 -69.71 68.19 15.89
N ILE W 324 -70.62 67.18 15.91
CA ILE W 324 -71.00 66.47 14.69
C ILE W 324 -71.80 67.39 13.75
N ILE W 325 -72.62 68.31 14.32
CA ILE W 325 -73.40 69.29 13.55
C ILE W 325 -72.90 70.70 13.90
N ARG W 326 -72.84 71.58 12.89
CA ARG W 326 -72.45 72.97 13.04
C ARG W 326 -73.49 73.80 12.29
N VAL W 327 -74.04 74.85 12.92
CA VAL W 327 -75.02 75.71 12.26
C VAL W 327 -74.27 76.94 11.73
N PRO W 328 -74.02 77.07 10.41
CA PRO W 328 -73.30 78.25 9.92
C PRO W 328 -74.00 79.56 10.26
N ALA W 329 -73.24 80.62 10.44
CA ALA W 329 -73.78 81.92 10.82
C ALA W 329 -74.70 82.60 9.79
N ALA W 330 -74.72 82.12 8.54
CA ALA W 330 -75.59 82.71 7.51
C ALA W 330 -77.06 82.47 7.85
N ARG W 331 -77.89 83.52 7.75
CA ARG W 331 -79.32 83.46 8.07
C ARG W 331 -80.21 83.97 6.93
N GLY W 332 -81.50 83.66 7.02
CA GLY W 332 -82.50 84.00 6.03
C GLY W 332 -82.78 82.78 5.18
N LYS W 333 -82.46 82.86 3.87
CA LYS W 333 -82.62 81.70 2.99
C LYS W 333 -81.51 80.68 3.25
N GLY W 334 -80.28 81.16 3.47
CA GLY W 334 -79.13 80.31 3.72
C GLY W 334 -79.04 79.70 5.11
N THR W 335 -80.16 79.67 5.88
CA THR W 335 -80.16 79.03 7.20
C THR W 335 -80.08 77.53 6.96
N ARG W 336 -79.09 76.86 7.57
CA ARG W 336 -78.85 75.43 7.33
C ARG W 336 -78.11 74.76 8.50
N ILE W 337 -77.91 73.43 8.42
CA ILE W 337 -77.15 72.65 9.39
C ILE W 337 -76.11 71.84 8.62
N GLU W 338 -74.87 71.77 9.16
CA GLU W 338 -73.77 71.07 8.52
C GLU W 338 -73.50 69.74 9.24
N PHE W 339 -73.85 68.60 8.61
CA PHE W 339 -73.56 67.29 9.16
C PHE W 339 -72.12 66.98 8.73
N ARG W 340 -71.17 67.07 9.68
CA ARG W 340 -69.72 66.92 9.42
C ARG W 340 -69.20 65.48 9.41
N ALA W 341 -69.99 64.50 9.84
CA ALA W 341 -69.54 63.10 9.88
C ALA W 341 -69.21 62.44 8.53
N PRO W 342 -69.95 62.71 7.42
CA PRO W 342 -69.65 62.00 6.16
C PRO W 342 -68.28 62.27 5.54
N ASP W 343 -67.87 61.33 4.69
CA ASP W 343 -66.63 61.37 3.91
C ASP W 343 -66.99 61.05 2.45
N PRO W 344 -66.17 61.44 1.45
CA PRO W 344 -66.56 61.16 0.06
C PRO W 344 -66.58 59.68 -0.36
N SER W 345 -66.31 58.74 0.56
CA SER W 345 -66.36 57.31 0.24
C SER W 345 -67.81 56.74 0.21
N CYS W 346 -68.81 57.50 0.71
CA CYS W 346 -70.19 57.03 0.77
C CYS W 346 -70.95 57.21 -0.53
N ASN W 347 -72.03 56.44 -0.70
CA ASN W 347 -72.91 56.54 -1.85
C ASN W 347 -73.77 57.77 -1.59
N PRO W 348 -73.73 58.84 -2.41
CA PRO W 348 -74.53 60.03 -2.11
C PRO W 348 -76.03 59.79 -2.11
N TYR W 349 -76.54 58.91 -2.98
CA TYR W 349 -77.98 58.62 -3.03
C TYR W 349 -78.49 58.02 -1.71
N LEU W 350 -77.72 57.11 -1.11
CA LEU W 350 -78.10 56.49 0.17
C LEU W 350 -77.79 57.42 1.35
N ALA W 351 -76.74 58.24 1.26
CA ALA W 351 -76.38 59.19 2.32
C ALA W 351 -77.46 60.25 2.50
N PHE W 352 -78.01 60.80 1.41
CA PHE W 352 -79.07 61.82 1.50
C PHE W 352 -80.40 61.18 1.91
N THR W 353 -80.62 59.90 1.58
CA THR W 353 -81.84 59.18 1.96
C THR W 353 -81.89 59.00 3.49
N VAL W 354 -80.82 58.47 4.11
CA VAL W 354 -80.78 58.25 5.57
C VAL W 354 -80.78 59.57 6.35
N MET W 355 -80.15 60.63 5.81
CA MET W 355 -80.15 61.93 6.49
C MET W 355 -81.55 62.51 6.46
N LEU W 356 -82.24 62.45 5.31
CA LEU W 356 -83.61 62.97 5.23
C LEU W 356 -84.58 62.13 6.07
N ALA W 357 -84.42 60.80 6.11
CA ALA W 357 -85.32 59.95 6.90
C ALA W 357 -85.19 60.18 8.40
N ALA W 358 -83.95 60.27 8.92
CA ALA W 358 -83.74 60.52 10.34
C ALA W 358 -84.19 61.93 10.71
N GLY W 359 -83.90 62.90 9.85
CA GLY W 359 -84.30 64.28 10.06
C GLY W 359 -85.81 64.45 10.07
N LEU W 360 -86.51 63.80 9.11
CA LEU W 360 -87.98 63.85 9.05
C LEU W 360 -88.61 63.08 10.21
N ASP W 361 -87.94 62.05 10.75
CA ASP W 361 -88.45 61.33 11.93
C ASP W 361 -88.58 62.30 13.13
N GLY W 362 -87.64 63.24 13.25
CA GLY W 362 -87.68 64.26 14.29
C GLY W 362 -88.76 65.29 14.07
N VAL W 363 -89.01 65.66 12.80
CA VAL W 363 -90.04 66.64 12.42
C VAL W 363 -91.46 66.05 12.64
N LYS W 364 -91.67 64.79 12.21
CA LYS W 364 -92.95 64.11 12.36
C LYS W 364 -93.33 63.92 13.83
N ASN W 365 -92.39 63.43 14.66
CA ASN W 365 -92.63 63.21 16.08
C ASN W 365 -92.42 64.48 16.96
N LYS W 366 -91.86 65.57 16.38
CA LYS W 366 -91.59 66.82 17.10
C LYS W 366 -90.66 66.55 18.29
N LEU W 367 -89.49 65.93 18.00
CA LEU W 367 -88.52 65.58 19.04
C LEU W 367 -87.75 66.80 19.54
N ASP W 368 -87.41 66.79 20.83
CA ASP W 368 -86.72 67.89 21.48
C ASP W 368 -85.21 67.76 21.31
N ALA W 369 -84.57 68.79 20.74
CA ALA W 369 -83.11 68.80 20.54
C ALA W 369 -82.39 69.22 21.83
N PRO W 370 -81.15 68.76 22.04
CA PRO W 370 -80.40 69.19 23.23
C PRO W 370 -79.83 70.61 23.07
N GLU W 371 -79.28 71.17 24.15
CA GLU W 371 -78.70 72.51 24.11
C GLU W 371 -77.41 72.54 23.29
N PRO W 372 -77.08 73.67 22.63
CA PRO W 372 -75.85 73.70 21.82
C PRO W 372 -74.59 73.78 22.68
N VAL W 373 -73.59 72.94 22.36
CA VAL W 373 -72.34 72.90 23.10
C VAL W 373 -71.36 73.90 22.48
N GLU W 374 -71.48 75.18 22.87
CA GLU W 374 -70.63 76.24 22.33
C GLU W 374 -69.14 76.03 22.70
N ARG W 375 -68.87 75.33 23.82
CA ARG W 375 -67.50 75.02 24.25
C ARG W 375 -66.81 74.05 23.29
N ASN W 376 -65.47 74.03 23.28
CA ASN W 376 -64.72 73.09 22.47
C ASN W 376 -64.88 71.72 23.14
N ILE W 377 -65.38 70.72 22.41
CA ILE W 377 -65.65 69.40 22.97
C ILE W 377 -64.38 68.54 23.07
N PHE W 378 -63.34 68.82 22.25
CA PHE W 378 -62.09 68.06 22.31
C PHE W 378 -61.35 68.33 23.62
N ALA W 379 -61.39 69.57 24.13
CA ALA W 379 -60.76 69.94 25.39
C ALA W 379 -61.45 69.31 26.62
N MET W 380 -62.69 68.82 26.47
CA MET W 380 -63.44 68.21 27.58
C MET W 380 -62.94 66.81 27.90
N SER W 381 -63.05 66.41 29.17
CA SER W 381 -62.67 65.07 29.61
C SER W 381 -63.84 64.09 29.43
N GLU W 382 -63.53 62.78 29.35
CA GLU W 382 -64.57 61.76 29.17
C GLU W 382 -65.60 61.73 30.31
N ALA W 383 -65.19 62.03 31.54
CA ALA W 383 -66.13 62.08 32.67
C ALA W 383 -67.07 63.28 32.55
N GLU W 384 -66.56 64.43 32.04
CA GLU W 384 -67.36 65.63 31.85
C GLU W 384 -68.36 65.43 30.71
N LYS W 385 -67.90 64.85 29.58
CA LYS W 385 -68.77 64.56 28.44
C LYS W 385 -69.88 63.56 28.78
N LYS W 386 -69.59 62.62 29.70
CA LYS W 386 -70.57 61.62 30.13
C LYS W 386 -71.66 62.27 31.00
N GLU W 387 -71.30 63.27 31.82
CA GLU W 387 -72.27 63.98 32.67
C GLU W 387 -73.23 64.78 31.77
N LEU W 388 -72.70 65.50 30.76
CA LEU W 388 -73.51 66.28 29.83
C LEU W 388 -74.40 65.38 28.93
N GLY W 389 -73.94 64.16 28.66
CA GLY W 389 -74.66 63.21 27.82
C GLY W 389 -74.25 63.26 26.36
N ILE W 390 -72.99 63.64 26.09
CA ILE W 390 -72.47 63.74 24.72
C ILE W 390 -71.90 62.38 24.32
N GLU W 391 -72.73 61.52 23.72
CA GLU W 391 -72.30 60.20 23.27
C GLU W 391 -71.40 60.30 22.02
N SER W 392 -70.63 59.26 21.71
CA SER W 392 -69.74 59.27 20.54
C SER W 392 -70.19 58.25 19.48
N VAL W 393 -69.86 58.54 18.20
CA VAL W 393 -70.20 57.66 17.07
C VAL W 393 -69.37 56.38 17.13
N PRO W 394 -69.86 55.24 16.61
CA PRO W 394 -69.08 53.98 16.68
C PRO W 394 -67.60 54.09 16.29
N ALA W 395 -66.75 53.29 16.95
CA ALA W 395 -65.30 53.29 16.73
C ALA W 395 -64.84 52.51 15.49
N ASN W 396 -65.70 51.64 14.91
CA ASN W 396 -65.31 50.85 13.74
C ASN W 396 -66.51 50.54 12.82
N LEU W 397 -66.25 49.95 11.64
CA LEU W 397 -67.29 49.65 10.66
C LEU W 397 -68.32 48.65 11.20
N LYS W 398 -67.87 47.55 11.81
CA LYS W 398 -68.78 46.53 12.36
C LYS W 398 -69.64 47.11 13.47
N ALA W 399 -69.10 48.00 14.30
CA ALA W 399 -69.88 48.63 15.36
C ALA W 399 -71.01 49.49 14.77
N ALA W 400 -70.79 50.13 13.61
CA ALA W 400 -71.81 50.94 12.95
C ALA W 400 -72.83 50.07 12.22
N LEU W 401 -72.41 48.93 11.63
CA LEU W 401 -73.33 48.03 10.93
C LEU W 401 -74.36 47.43 11.89
N ASP W 402 -73.95 47.10 13.12
CA ASP W 402 -74.87 46.56 14.12
C ASP W 402 -75.91 47.61 14.52
N GLU W 403 -75.51 48.89 14.59
CA GLU W 403 -76.42 49.99 14.91
C GLU W 403 -77.42 50.19 13.76
N LEU W 404 -76.95 50.10 12.50
CA LEU W 404 -77.81 50.22 11.33
C LEU W 404 -78.81 49.08 11.27
N GLU W 405 -78.37 47.86 11.59
CA GLU W 405 -79.22 46.67 11.57
C GLU W 405 -80.39 46.80 12.54
N ASN W 406 -80.14 47.30 13.77
CA ASN W 406 -81.19 47.47 14.78
C ASN W 406 -82.05 48.73 14.55
N ASN W 407 -81.68 49.61 13.62
CA ASN W 407 -82.44 50.83 13.32
C ASN W 407 -83.54 50.54 12.30
N ASP W 408 -84.80 50.77 12.68
CA ASP W 408 -85.96 50.54 11.81
C ASP W 408 -86.28 51.73 10.91
N VAL W 409 -85.88 52.96 11.30
CA VAL W 409 -86.15 54.16 10.51
C VAL W 409 -85.36 54.11 9.19
N LEU W 410 -84.07 53.77 9.27
CA LEU W 410 -83.22 53.69 8.08
C LEU W 410 -83.49 52.42 7.26
N LYS W 411 -83.95 51.32 7.91
CA LYS W 411 -84.28 50.08 7.22
C LYS W 411 -85.42 50.33 6.23
N ASN W 412 -86.47 51.05 6.67
CA ASN W 412 -87.63 51.37 5.84
C ASN W 412 -87.28 52.34 4.71
N ALA W 413 -86.42 53.35 4.97
CA ALA W 413 -86.03 54.33 3.97
C ALA W 413 -85.20 53.70 2.84
N LEU W 414 -84.26 52.81 3.20
CA LEU W 414 -83.41 52.14 2.21
C LEU W 414 -84.14 50.96 1.52
N GLY W 415 -85.05 50.31 2.23
CA GLY W 415 -85.80 49.17 1.70
C GLY W 415 -85.08 47.87 1.97
N LYS W 416 -85.84 46.76 2.05
CA LYS W 416 -85.29 45.43 2.35
C LYS W 416 -84.12 45.04 1.45
N HIS W 417 -84.17 45.39 0.16
CA HIS W 417 -83.11 45.02 -0.77
C HIS W 417 -81.80 45.74 -0.49
N ILE W 418 -81.84 47.07 -0.34
CA ILE W 418 -80.62 47.86 -0.11
C ILE W 418 -80.09 47.60 1.31
N PHE W 419 -80.97 47.63 2.31
CA PHE W 419 -80.59 47.40 3.71
C PHE W 419 -79.87 46.06 3.91
N GLU W 420 -80.44 44.94 3.43
CA GLU W 420 -79.83 43.62 3.61
C GLU W 420 -78.57 43.42 2.77
N SER W 421 -78.57 43.86 1.50
CA SER W 421 -77.39 43.68 0.64
C SER W 421 -76.23 44.53 1.13
N PHE W 422 -76.49 45.76 1.61
CA PHE W 422 -75.43 46.62 2.14
C PHE W 422 -74.77 45.97 3.36
N LEU W 423 -75.58 45.49 4.33
CA LEU W 423 -75.05 44.84 5.52
C LEU W 423 -74.25 43.58 5.15
N GLU W 424 -74.74 42.78 4.20
CA GLU W 424 -74.07 41.55 3.75
C GLU W 424 -72.73 41.85 3.09
N ILE W 425 -72.67 42.88 2.22
CA ILE W 425 -71.44 43.27 1.52
C ILE W 425 -70.43 43.85 2.50
N LYS W 426 -70.88 44.72 3.40
CA LYS W 426 -69.99 45.35 4.38
C LYS W 426 -69.50 44.38 5.46
N ASN W 427 -70.29 43.33 5.80
CA ASN W 427 -69.84 42.34 6.79
C ASN W 427 -68.74 41.47 6.18
N ALA W 428 -68.84 41.13 4.90
CA ALA W 428 -67.79 40.37 4.21
C ALA W 428 -66.50 41.22 4.10
N GLU W 429 -66.67 42.54 3.89
CA GLU W 429 -65.58 43.51 3.81
C GLU W 429 -64.89 43.63 5.18
N TRP W 430 -65.69 43.66 6.26
CA TRP W 430 -65.18 43.74 7.63
C TRP W 430 -64.44 42.44 7.99
N ASP W 431 -65.01 41.28 7.63
CA ASP W 431 -64.39 39.98 7.91
C ASP W 431 -63.04 39.86 7.22
N SER W 432 -62.91 40.41 6.00
CA SER W 432 -61.64 40.39 5.28
C SER W 432 -60.57 41.22 6.02
N PHE W 433 -60.98 42.34 6.65
CA PHE W 433 -60.09 43.22 7.40
C PHE W 433 -59.64 42.58 8.73
N ARG W 434 -60.56 42.05 9.53
CA ARG W 434 -60.22 41.46 10.82
C ARG W 434 -59.39 40.17 10.74
N THR W 435 -59.41 39.47 9.60
CA THR W 435 -58.65 38.24 9.42
C THR W 435 -57.25 38.52 8.85
N SER W 436 -57.09 39.60 8.06
CA SER W 436 -55.80 39.93 7.46
C SER W 436 -54.76 40.38 8.47
N VAL W 437 -53.50 39.96 8.28
CA VAL W 437 -52.38 40.35 9.14
C VAL W 437 -51.87 41.69 8.60
N THR W 438 -52.03 42.76 9.37
CA THR W 438 -51.65 44.12 8.96
C THR W 438 -50.16 44.43 9.18
N ASP W 439 -49.67 45.47 8.51
CA ASP W 439 -48.29 45.93 8.65
C ASP W 439 -48.00 46.45 10.06
N TRP W 440 -49.02 47.01 10.75
CA TRP W 440 -48.86 47.50 12.12
C TRP W 440 -48.53 46.33 13.04
N GLU W 441 -49.28 45.21 12.90
CA GLU W 441 -49.05 44.00 13.71
C GLU W 441 -47.66 43.43 13.46
N THR W 442 -47.22 43.38 12.20
CA THR W 442 -45.89 42.86 11.87
C THR W 442 -44.80 43.73 12.52
N THR W 443 -44.99 45.05 12.49
CA THR W 443 -44.02 45.96 13.09
C THR W 443 -43.97 45.79 14.62
N ALA W 444 -45.14 45.70 15.26
CA ALA W 444 -45.24 45.60 16.71
C ALA W 444 -44.96 44.23 17.33
N TYR W 445 -45.27 43.11 16.63
CA TYR W 445 -45.16 41.78 17.23
C TYR W 445 -44.16 40.81 16.61
N LEU W 446 -43.50 41.14 15.47
CA LEU W 446 -42.51 40.20 14.89
C LEU W 446 -41.31 40.03 15.84
N LYS W 447 -40.95 41.08 16.58
CA LYS W 447 -39.84 41.05 17.53
C LYS W 447 -40.09 40.11 18.73
N ILE W 448 -41.36 39.86 19.10
CA ILE W 448 -41.66 39.01 20.26
C ILE W 448 -41.45 37.52 19.96
N SER X 2 -71.92 44.99 -54.79
CA SER X 2 -72.68 43.80 -55.18
C SER X 2 -72.35 43.38 -56.62
N THR X 3 -72.38 44.32 -57.58
CA THR X 3 -72.07 44.03 -58.98
C THR X 3 -70.62 44.41 -59.31
N VAL X 4 -70.11 43.97 -60.47
CA VAL X 4 -68.72 44.24 -60.87
C VAL X 4 -68.48 45.73 -61.03
N GLU X 5 -69.40 46.45 -61.68
CA GLU X 5 -69.25 47.89 -61.93
C GLU X 5 -69.28 48.74 -60.67
N GLN X 6 -70.08 48.37 -59.67
CA GLN X 6 -70.13 49.12 -58.42
C GLN X 6 -68.78 49.06 -57.69
N VAL X 7 -68.05 47.92 -57.80
CA VAL X 7 -66.74 47.76 -57.19
C VAL X 7 -65.69 48.57 -57.95
N LEU X 8 -65.69 48.49 -59.30
CA LEU X 8 -64.71 49.19 -60.14
C LEU X 8 -64.82 50.72 -60.07
N GLU X 9 -66.04 51.26 -59.99
CA GLU X 9 -66.23 52.70 -59.90
C GLU X 9 -65.80 53.25 -58.52
N TYR X 10 -65.86 52.42 -57.44
CA TYR X 10 -65.37 52.86 -56.11
C TYR X 10 -63.83 53.03 -56.24
N VAL X 11 -63.18 52.04 -56.84
CA VAL X 11 -61.73 52.04 -57.09
C VAL X 11 -61.31 53.25 -57.93
N LYS X 12 -62.12 53.61 -58.93
CA LYS X 12 -61.84 54.73 -59.84
C LYS X 12 -61.93 56.09 -59.12
N SER X 13 -63.03 56.35 -58.39
CA SER X 13 -63.24 57.62 -57.70
C SER X 13 -62.45 57.77 -56.38
N ASN X 14 -62.56 56.79 -55.47
CA ASN X 14 -61.92 56.86 -54.15
C ASN X 14 -60.43 56.50 -54.12
N ASN X 15 -59.81 56.21 -55.28
CA ASN X 15 -58.38 55.91 -55.34
C ASN X 15 -57.98 54.71 -54.47
N VAL X 16 -58.46 53.52 -54.84
CA VAL X 16 -58.09 52.29 -54.14
C VAL X 16 -56.88 51.75 -54.89
N LYS X 17 -55.80 51.46 -54.17
CA LYS X 17 -54.56 50.98 -54.78
C LYS X 17 -54.34 49.48 -54.58
N PHE X 18 -54.86 48.87 -53.50
CA PHE X 18 -54.68 47.44 -53.25
C PHE X 18 -56.00 46.73 -53.00
N MET X 19 -56.14 45.49 -53.50
CA MET X 19 -57.33 44.66 -53.34
C MET X 19 -56.91 43.35 -52.66
N ARG X 20 -57.31 43.15 -51.39
CA ARG X 20 -57.00 41.96 -50.61
C ARG X 20 -58.04 40.89 -50.90
N PHE X 21 -57.61 39.71 -51.35
CA PHE X 21 -58.52 38.61 -51.62
C PHE X 21 -58.49 37.72 -50.38
N GLN X 22 -59.41 37.99 -49.45
CA GLN X 22 -59.46 37.33 -48.16
C GLN X 22 -60.32 36.06 -48.15
N PHE X 23 -59.95 35.13 -47.29
CA PHE X 23 -60.64 33.85 -47.05
C PHE X 23 -60.20 33.28 -45.67
N VAL X 24 -60.64 32.07 -45.28
CA VAL X 24 -60.28 31.50 -43.98
C VAL X 24 -59.81 30.06 -44.11
N ASP X 25 -58.85 29.63 -43.28
CA ASP X 25 -58.40 28.23 -43.26
C ASP X 25 -59.42 27.39 -42.42
N ILE X 26 -59.18 26.08 -42.26
CA ILE X 26 -60.11 25.23 -41.51
C ILE X 26 -60.34 25.71 -40.06
N LEU X 27 -59.29 26.21 -39.40
CA LEU X 27 -59.41 26.69 -38.01
C LEU X 27 -60.02 28.09 -37.87
N GLY X 28 -60.36 28.75 -38.97
CA GLY X 28 -60.94 30.08 -38.95
C GLY X 28 -59.94 31.22 -38.97
N VAL X 29 -58.65 30.94 -39.25
CA VAL X 29 -57.61 31.96 -39.31
C VAL X 29 -57.74 32.64 -40.67
N PRO X 30 -57.86 33.97 -40.74
CA PRO X 30 -57.99 34.62 -42.05
C PRO X 30 -56.68 34.58 -42.84
N LYS X 31 -56.78 34.45 -44.16
CA LYS X 31 -55.65 34.39 -45.10
C LYS X 31 -56.00 35.28 -46.31
N ASN X 32 -55.02 36.01 -46.88
CA ASN X 32 -55.27 36.89 -48.01
C ASN X 32 -54.03 37.17 -48.87
N VAL X 33 -54.26 37.68 -50.09
CA VAL X 33 -53.21 38.06 -51.03
C VAL X 33 -53.57 39.43 -51.60
N ALA X 34 -52.60 40.37 -51.64
CA ALA X 34 -52.84 41.71 -52.13
C ALA X 34 -52.58 41.82 -53.63
N PHE X 35 -53.48 42.50 -54.36
CA PHE X 35 -53.36 42.71 -55.79
C PHE X 35 -53.24 44.22 -56.01
N PRO X 36 -52.15 44.71 -56.63
CA PRO X 36 -52.05 46.16 -56.87
C PRO X 36 -52.84 46.58 -58.10
N ILE X 37 -53.70 47.58 -57.94
CA ILE X 37 -54.52 48.10 -59.03
C ILE X 37 -53.69 49.15 -59.76
N LYS X 38 -53.66 49.09 -61.09
CA LYS X 38 -52.92 50.07 -61.88
C LYS X 38 -53.82 51.27 -62.22
N ALA X 39 -53.20 52.42 -62.55
CA ALA X 39 -53.93 53.63 -62.91
C ALA X 39 -54.54 53.55 -64.31
N GLY X 40 -55.57 54.36 -64.56
CA GLY X 40 -56.23 54.42 -65.86
C GLY X 40 -57.15 53.25 -66.15
N GLU X 41 -57.73 53.25 -67.36
CA GLU X 41 -58.64 52.20 -67.81
C GLU X 41 -57.98 50.82 -67.87
N LYS X 42 -56.68 50.76 -68.20
CA LYS X 42 -55.96 49.49 -68.27
C LYS X 42 -55.91 48.77 -66.91
N GLY X 43 -55.78 49.54 -65.84
CA GLY X 43 -55.76 48.99 -64.49
C GLY X 43 -57.13 48.53 -64.03
N ILE X 44 -58.18 49.27 -64.43
CA ILE X 44 -59.56 48.93 -64.10
C ILE X 44 -60.01 47.66 -64.85
N GLU X 45 -59.60 47.51 -66.12
CA GLU X 45 -59.94 46.31 -66.90
C GLU X 45 -59.16 45.09 -66.41
N GLU X 46 -57.93 45.29 -65.88
CA GLU X 46 -57.15 44.20 -65.30
C GLU X 46 -57.86 43.73 -64.02
N LEU X 47 -58.32 44.69 -63.19
CA LEU X 47 -59.05 44.39 -61.96
C LEU X 47 -60.37 43.68 -62.26
N ARG X 48 -61.06 44.05 -63.34
CA ARG X 48 -62.32 43.42 -63.73
C ARG X 48 -62.11 41.94 -64.00
N ASP X 49 -61.02 41.58 -64.69
CA ASP X 49 -60.72 40.19 -64.99
C ASP X 49 -60.45 39.38 -63.73
N VAL X 50 -59.62 39.91 -62.81
CA VAL X 50 -59.31 39.19 -61.58
C VAL X 50 -60.50 39.16 -60.61
N LEU X 51 -61.48 40.07 -60.74
CA LEU X 51 -62.68 40.04 -59.89
C LEU X 51 -63.68 39.00 -60.42
N GLU X 52 -63.86 38.93 -61.76
CA GLU X 52 -64.80 37.98 -62.37
C GLU X 52 -64.26 36.55 -62.38
N ASN X 53 -63.02 36.35 -62.86
CA ASN X 53 -62.40 35.02 -62.97
C ASN X 53 -61.65 34.56 -61.70
N GLY X 54 -61.32 35.49 -60.82
CA GLY X 54 -60.60 35.16 -59.58
C GLY X 54 -59.10 35.06 -59.80
N LEU X 55 -58.40 34.42 -58.85
CA LEU X 55 -56.96 34.20 -58.96
C LEU X 55 -56.51 32.90 -58.27
N TYR X 56 -55.36 32.38 -58.70
CA TYR X 56 -54.81 31.12 -58.19
C TYR X 56 -53.97 31.29 -56.92
N PHE X 57 -53.79 30.18 -56.18
CA PHE X 57 -52.98 30.19 -54.95
C PHE X 57 -52.58 28.75 -54.55
N ASP X 58 -51.50 28.62 -53.78
CA ASP X 58 -51.03 27.31 -53.31
C ASP X 58 -51.91 26.85 -52.14
N GLY X 59 -52.69 25.79 -52.38
CA GLY X 59 -53.59 25.24 -51.37
C GLY X 59 -52.92 24.35 -50.34
N SER X 60 -51.75 23.79 -50.66
CA SER X 60 -51.04 22.90 -49.72
C SER X 60 -50.53 23.65 -48.49
N SER X 61 -50.17 24.92 -48.64
CA SER X 61 -49.69 25.72 -47.52
C SER X 61 -50.82 26.13 -46.57
N ILE X 62 -52.08 26.20 -47.05
CA ILE X 62 -53.22 26.55 -46.20
C ILE X 62 -53.61 25.32 -45.35
N GLU X 63 -53.99 25.54 -44.09
CA GLU X 63 -54.33 24.44 -43.19
C GLU X 63 -55.68 23.78 -43.52
N GLY X 64 -55.68 22.45 -43.58
CA GLY X 64 -56.87 21.66 -43.85
C GLY X 64 -57.47 21.85 -45.22
N PHE X 65 -56.63 22.08 -46.25
CA PHE X 65 -57.10 22.29 -47.61
C PHE X 65 -56.73 21.09 -48.52
N VAL X 66 -55.60 21.11 -49.26
CA VAL X 66 -55.24 20.04 -50.19
C VAL X 66 -53.77 19.61 -50.03
N GLY X 67 -53.44 18.45 -50.58
CA GLY X 67 -52.07 17.93 -50.56
C GLY X 67 -51.15 18.65 -51.53
N ILE X 68 -49.86 18.36 -51.44
CA ILE X 68 -48.87 18.99 -52.32
C ILE X 68 -49.02 18.52 -53.77
N ASN X 69 -49.43 17.25 -53.99
CA ASN X 69 -49.61 16.70 -55.34
C ASN X 69 -50.84 17.23 -56.11
N GLU X 70 -51.72 18.00 -55.44
CA GLU X 70 -52.94 18.56 -56.04
C GLU X 70 -53.19 19.95 -55.42
N SER X 71 -52.14 20.78 -55.38
CA SER X 71 -52.16 22.09 -54.71
C SER X 71 -52.83 23.25 -55.45
N ASP X 72 -52.94 23.21 -56.79
CA ASP X 72 -53.53 24.32 -57.56
C ASP X 72 -55.01 24.57 -57.23
N MET X 73 -55.33 25.77 -56.69
CA MET X 73 -56.69 26.18 -56.30
C MET X 73 -56.99 27.62 -56.77
N MET X 74 -58.25 28.09 -56.59
CA MET X 74 -58.69 29.45 -56.99
C MET X 74 -59.57 30.12 -55.93
N LEU X 75 -59.71 31.46 -56.03
CA LEU X 75 -60.54 32.27 -55.14
C LEU X 75 -61.55 33.07 -55.95
N LYS X 76 -62.86 32.76 -55.83
CA LYS X 76 -63.92 33.47 -56.55
C LYS X 76 -64.52 34.55 -55.63
N PRO X 77 -64.25 35.86 -55.85
CA PRO X 77 -64.73 36.89 -54.93
C PRO X 77 -66.24 37.09 -54.81
N ASP X 78 -66.74 37.22 -53.57
CA ASP X 78 -68.14 37.53 -53.31
C ASP X 78 -68.17 39.06 -53.35
N LEU X 79 -68.68 39.62 -54.45
CA LEU X 79 -68.68 41.07 -54.66
C LEU X 79 -69.54 41.85 -53.67
N SER X 80 -70.48 41.19 -52.98
CA SER X 80 -71.31 41.84 -51.96
C SER X 80 -70.53 42.11 -50.65
N THR X 81 -69.30 41.55 -50.48
CA THR X 81 -68.50 41.70 -49.27
C THR X 81 -67.38 42.76 -49.39
N PHE X 82 -67.41 43.62 -50.42
CA PHE X 82 -66.37 44.64 -50.59
C PHE X 82 -66.40 45.62 -49.42
N SER X 83 -65.21 46.03 -48.94
CA SER X 83 -65.10 46.97 -47.83
C SER X 83 -63.70 47.60 -47.82
N VAL X 84 -63.59 48.85 -47.35
CA VAL X 84 -62.31 49.55 -47.27
C VAL X 84 -61.74 49.35 -45.87
N LEU X 85 -60.50 48.84 -45.77
CA LEU X 85 -59.90 48.63 -44.46
C LEU X 85 -59.53 49.99 -43.85
N PRO X 86 -60.11 50.37 -42.69
CA PRO X 86 -59.83 51.70 -42.13
C PRO X 86 -58.44 51.86 -41.49
N TRP X 87 -57.92 50.81 -40.83
CA TRP X 87 -56.60 50.88 -40.20
C TRP X 87 -55.43 51.07 -41.20
N ARG X 88 -55.70 51.04 -42.52
CA ARG X 88 -54.70 51.28 -43.57
C ARG X 88 -54.79 52.77 -44.04
N PRO X 89 -53.84 53.28 -44.85
CA PRO X 89 -53.90 54.70 -45.27
C PRO X 89 -55.14 55.08 -46.08
N SER X 90 -55.52 56.36 -46.02
CA SER X 90 -56.67 56.89 -46.74
C SER X 90 -56.28 57.21 -48.19
N GLU X 91 -55.13 57.87 -48.39
CA GLU X 91 -54.64 58.19 -49.73
C GLU X 91 -54.03 56.90 -50.28
N LYS X 92 -54.48 56.44 -51.47
CA LYS X 92 -54.05 55.17 -52.08
C LYS X 92 -54.51 54.05 -51.14
N SER X 93 -55.81 54.09 -50.81
CA SER X 93 -56.47 53.20 -49.85
C SER X 93 -56.38 51.71 -50.20
N VAL X 94 -56.52 50.86 -49.17
CA VAL X 94 -56.51 49.41 -49.30
C VAL X 94 -57.96 48.90 -49.11
N ALA X 95 -58.37 47.91 -49.90
CA ALA X 95 -59.72 47.36 -49.82
C ALA X 95 -59.71 45.83 -49.80
N ARG X 96 -60.81 45.21 -49.33
CA ARG X 96 -60.93 43.77 -49.22
C ARG X 96 -62.17 43.23 -49.94
N VAL X 97 -62.12 41.95 -50.31
CA VAL X 97 -63.23 41.26 -50.93
C VAL X 97 -63.14 39.78 -50.53
N ILE X 98 -64.06 39.32 -49.65
CA ILE X 98 -64.03 37.94 -49.16
C ILE X 98 -64.39 36.99 -50.30
N CYS X 99 -63.64 35.90 -50.44
CA CYS X 99 -63.78 34.95 -51.54
C CYS X 99 -64.22 33.57 -51.09
N ASP X 100 -64.74 32.79 -52.05
CA ASP X 100 -65.10 31.39 -51.89
C ASP X 100 -63.98 30.59 -52.56
N VAL X 101 -63.42 29.61 -51.85
CA VAL X 101 -62.33 28.78 -52.39
C VAL X 101 -62.95 27.79 -53.39
N TYR X 102 -62.40 27.73 -54.61
CA TYR X 102 -62.88 26.87 -55.68
C TYR X 102 -61.73 26.00 -56.22
N THR X 103 -62.06 24.81 -56.74
CA THR X 103 -61.08 23.89 -57.31
C THR X 103 -60.65 24.37 -58.71
N THR X 104 -59.58 23.77 -59.25
CA THR X 104 -59.04 24.12 -60.56
C THR X 104 -60.12 24.01 -61.67
N LYS X 105 -61.04 23.04 -61.55
CA LYS X 105 -62.14 22.86 -62.52
C LYS X 105 -63.31 23.87 -62.35
N GLY X 106 -63.15 24.89 -61.50
CA GLY X 106 -64.16 25.90 -61.27
C GLY X 106 -65.38 25.43 -60.50
N LYS X 107 -65.19 24.44 -59.60
CA LYS X 107 -66.26 23.87 -58.77
C LYS X 107 -66.00 24.27 -57.30
N PRO X 108 -67.01 24.64 -56.47
CA PRO X 108 -66.71 25.04 -55.08
C PRO X 108 -65.92 23.98 -54.31
N PHE X 109 -64.86 24.39 -53.58
CA PHE X 109 -64.04 23.45 -52.83
C PHE X 109 -64.79 22.88 -51.62
N GLU X 110 -64.83 21.55 -51.53
CA GLU X 110 -65.48 20.81 -50.45
C GLU X 110 -64.98 21.20 -49.06
N GLY X 111 -63.67 21.39 -48.92
CA GLY X 111 -63.05 21.75 -47.65
C GLY X 111 -63.02 23.23 -47.34
N ASP X 112 -63.94 24.02 -47.94
CA ASP X 112 -64.00 25.46 -47.71
C ASP X 112 -65.00 25.78 -46.58
N PRO X 113 -64.60 26.41 -45.45
CA PRO X 113 -65.59 26.72 -44.41
C PRO X 113 -66.70 27.67 -44.85
N ARG X 114 -66.40 28.68 -45.70
CA ARG X 114 -67.41 29.62 -46.17
C ARG X 114 -68.45 28.95 -47.08
N GLY X 115 -67.98 28.10 -47.99
CA GLY X 115 -68.85 27.34 -48.89
C GLY X 115 -69.70 26.33 -48.14
N CYS X 116 -69.19 25.81 -47.01
CA CYS X 116 -69.90 24.87 -46.15
C CYS X 116 -71.13 25.56 -45.55
N LEU X 117 -70.97 26.82 -45.11
CA LEU X 117 -72.08 27.58 -44.53
C LEU X 117 -73.07 28.00 -45.63
N LYS X 118 -72.57 28.37 -46.83
CA LYS X 118 -73.44 28.74 -47.95
C LYS X 118 -74.31 27.55 -48.34
N ARG X 119 -73.71 26.35 -48.43
CA ARG X 119 -74.40 25.11 -48.81
C ARG X 119 -75.59 24.82 -47.88
N VAL X 120 -75.37 24.80 -46.56
CA VAL X 120 -76.45 24.50 -45.62
C VAL X 120 -77.52 25.62 -45.58
N MET X 121 -77.14 26.89 -45.82
CA MET X 121 -78.12 27.98 -45.85
C MET X 121 -78.98 27.91 -47.11
N GLU X 122 -78.38 27.56 -48.26
CA GLU X 122 -79.12 27.39 -49.51
C GLU X 122 -80.07 26.21 -49.40
N GLU X 123 -79.64 25.12 -48.75
CA GLU X 123 -80.47 23.93 -48.53
C GLU X 123 -81.65 24.26 -47.62
N PHE X 124 -81.43 25.08 -46.58
CA PHE X 124 -82.48 25.51 -45.66
C PHE X 124 -83.49 26.41 -46.39
N LYS X 125 -83.00 27.36 -47.20
CA LYS X 125 -83.86 28.26 -47.96
C LYS X 125 -84.66 27.51 -49.04
N LYS X 126 -84.12 26.42 -49.58
CA LYS X 126 -84.83 25.63 -50.59
C LYS X 126 -85.91 24.74 -49.97
N GLU X 127 -85.61 24.10 -48.83
CA GLU X 127 -86.53 23.17 -48.17
C GLU X 127 -87.63 23.86 -47.35
N PHE X 128 -87.28 24.89 -46.54
CA PHE X 128 -88.23 25.56 -45.65
C PHE X 128 -88.53 27.03 -46.00
N ASN X 129 -87.76 27.64 -46.92
CA ASN X 129 -87.93 29.07 -47.26
C ASN X 129 -87.60 29.93 -46.03
N GLY X 130 -86.52 29.55 -45.33
CA GLY X 130 -86.09 30.22 -44.11
C GLY X 130 -84.82 31.04 -44.25
N GLU X 131 -84.54 31.84 -43.21
CA GLU X 131 -83.38 32.72 -43.13
C GLU X 131 -82.81 32.56 -41.72
N TYR X 132 -81.58 32.05 -41.61
CA TYR X 132 -80.94 31.81 -40.31
C TYR X 132 -80.20 33.06 -39.85
N PHE X 133 -80.69 33.72 -38.78
CA PHE X 133 -80.10 34.95 -38.24
C PHE X 133 -79.27 34.68 -36.99
N VAL X 134 -78.07 35.28 -36.89
CA VAL X 134 -77.15 35.15 -35.76
C VAL X 134 -76.62 36.52 -35.34
N GLY X 135 -76.42 36.70 -34.03
CA GLY X 135 -75.91 37.93 -33.43
C GLY X 135 -75.00 37.57 -32.28
N PRO X 136 -73.67 37.50 -32.51
CA PRO X 136 -72.76 37.09 -31.42
C PRO X 136 -72.26 38.24 -30.56
N GLU X 137 -71.69 37.89 -29.40
CA GLU X 137 -71.11 38.82 -28.42
C GLU X 137 -69.66 38.37 -28.18
N PRO X 138 -68.75 38.59 -29.14
CA PRO X 138 -67.36 38.13 -28.94
C PRO X 138 -66.56 39.04 -28.00
N GLU X 139 -66.22 38.51 -26.82
CA GLU X 139 -65.44 39.22 -25.81
C GLU X 139 -63.94 39.04 -26.08
N PHE X 140 -63.12 40.01 -25.62
CA PHE X 140 -61.67 39.97 -25.81
C PHE X 140 -60.92 40.63 -24.64
N PHE X 141 -59.61 40.40 -24.56
CA PHE X 141 -58.76 40.96 -23.51
C PHE X 141 -57.73 41.89 -24.13
N LEU X 142 -57.52 43.08 -23.53
CA LEU X 142 -56.48 44.00 -23.96
C LEU X 142 -55.32 43.77 -23.00
N LEU X 143 -54.12 43.47 -23.53
CA LEU X 143 -52.97 43.14 -22.71
C LEU X 143 -51.82 44.15 -22.84
N LYS X 144 -50.95 44.17 -21.83
CA LYS X 144 -49.73 44.98 -21.79
C LYS X 144 -48.62 44.12 -21.18
N LYS X 145 -47.35 44.39 -21.54
CA LYS X 145 -46.23 43.60 -21.01
C LYS X 145 -46.12 43.75 -19.50
N ASP X 146 -45.77 42.65 -18.83
CA ASP X 146 -45.63 42.64 -17.36
C ASP X 146 -44.40 43.49 -17.03
N PRO X 147 -44.49 44.52 -16.15
CA PRO X 147 -43.30 45.32 -15.83
C PRO X 147 -42.21 44.51 -15.13
N HIS X 148 -42.60 43.55 -14.26
CA HIS X 148 -41.64 42.69 -13.56
C HIS X 148 -40.98 41.64 -14.48
N ASN X 149 -41.54 41.37 -15.68
CA ASN X 149 -40.97 40.43 -16.64
C ASN X 149 -41.53 40.72 -18.05
N PRO X 150 -40.76 41.28 -19.00
CA PRO X 150 -41.33 41.61 -20.32
C PRO X 150 -41.75 40.41 -21.18
N HIS X 151 -41.28 39.20 -20.87
CA HIS X 151 -41.64 38.01 -21.64
C HIS X 151 -43.11 37.58 -21.42
N LYS X 152 -43.73 37.96 -20.28
CA LYS X 152 -45.12 37.62 -19.98
C LYS X 152 -46.05 38.84 -20.19
N TYR X 153 -47.34 38.56 -20.40
CA TYR X 153 -48.37 39.60 -20.58
C TYR X 153 -49.39 39.58 -19.45
N ILE X 154 -49.96 40.75 -19.14
CA ILE X 154 -50.98 40.92 -18.09
C ILE X 154 -52.15 41.79 -18.60
N PRO X 155 -53.29 41.89 -17.87
CA PRO X 155 -54.38 42.73 -18.37
C PRO X 155 -54.05 44.23 -18.35
N ALA X 156 -54.62 45.00 -19.30
CA ALA X 156 -54.35 46.43 -19.42
C ALA X 156 -54.82 47.29 -18.24
N ASP X 157 -55.89 46.86 -17.52
CA ASP X 157 -56.40 47.64 -16.39
C ASP X 157 -57.10 46.77 -15.36
N ASP X 158 -57.23 47.29 -14.13
CA ASP X 158 -57.92 46.60 -13.03
C ASP X 158 -59.40 47.01 -13.02
N GLY X 159 -60.03 47.01 -14.18
CA GLY X 159 -61.42 47.40 -14.33
C GLY X 159 -62.41 46.24 -14.21
N GLY X 160 -63.64 46.59 -13.84
CA GLY X 160 -64.74 45.64 -13.68
C GLY X 160 -65.79 45.79 -14.74
N TYR X 161 -66.97 45.23 -14.52
CA TYR X 161 -68.06 45.28 -15.48
C TYR X 161 -68.63 46.69 -15.58
N PHE X 162 -68.73 47.24 -16.81
CA PHE X 162 -69.28 48.58 -17.07
C PHE X 162 -68.55 49.73 -16.33
N ASP X 163 -67.34 49.51 -15.80
CA ASP X 163 -66.64 50.57 -15.04
C ASP X 163 -66.33 51.82 -15.89
N LEU X 164 -66.17 52.97 -15.20
CA LEU X 164 -65.86 54.27 -15.82
C LEU X 164 -64.38 54.60 -15.72
N GLU X 165 -63.90 55.47 -16.61
CA GLU X 165 -62.53 55.96 -16.58
C GLU X 165 -62.29 56.79 -15.29
N PRO X 166 -61.06 56.83 -14.74
CA PRO X 166 -59.82 56.18 -15.22
C PRO X 166 -59.67 54.71 -14.83
N MET X 167 -60.60 54.14 -14.05
CA MET X 167 -60.57 52.73 -13.65
C MET X 167 -60.59 51.84 -14.92
N ASP X 168 -61.43 52.23 -15.91
CA ASP X 168 -61.51 51.62 -17.22
C ASP X 168 -60.53 52.41 -18.11
N GLU X 169 -59.39 51.81 -18.49
CA GLU X 169 -58.38 52.50 -19.30
C GLU X 169 -58.53 52.24 -20.79
N ALA X 170 -59.70 51.76 -21.26
CA ALA X 170 -59.89 51.48 -22.68
C ALA X 170 -60.99 52.30 -23.41
N PRO X 171 -61.47 53.48 -22.93
CA PRO X 171 -62.48 54.21 -23.73
C PRO X 171 -61.93 54.69 -25.06
N ASP X 172 -60.65 55.09 -25.12
CA ASP X 172 -60.01 55.53 -26.36
C ASP X 172 -59.81 54.36 -27.32
N ILE X 173 -59.44 53.17 -26.80
CA ILE X 173 -59.24 51.99 -27.64
C ILE X 173 -60.58 51.53 -28.20
N ARG X 174 -61.62 51.46 -27.35
CA ARG X 174 -62.96 51.06 -27.82
C ARG X 174 -63.54 52.09 -28.79
N ARG X 175 -63.25 53.40 -28.59
CA ARG X 175 -63.71 54.48 -29.48
C ARG X 175 -63.26 54.22 -30.92
N ASP X 176 -61.95 53.99 -31.12
CA ASP X 176 -61.39 53.75 -32.45
C ASP X 176 -61.89 52.43 -33.03
N ILE X 177 -62.12 51.40 -32.19
CA ILE X 177 -62.65 50.11 -32.66
C ILE X 177 -64.04 50.33 -33.26
N VAL X 178 -64.91 51.07 -32.56
CA VAL X 178 -66.27 51.32 -33.06
C VAL X 178 -66.25 52.13 -34.35
N PHE X 179 -65.37 53.15 -34.44
CA PHE X 179 -65.27 53.94 -35.67
C PHE X 179 -64.79 53.06 -36.83
N ALA X 180 -63.81 52.18 -36.59
CA ALA X 180 -63.30 51.28 -37.63
C ALA X 180 -64.36 50.30 -38.12
N LEU X 181 -65.15 49.72 -37.19
CA LEU X 181 -66.20 48.76 -37.56
C LEU X 181 -67.33 49.47 -38.33
N GLU X 182 -67.72 50.69 -37.93
CA GLU X 182 -68.74 51.43 -38.65
C GLU X 182 -68.34 51.71 -40.10
N ASN X 183 -67.04 51.98 -40.35
CA ASN X 183 -66.53 52.21 -41.71
C ASN X 183 -66.55 50.91 -42.53
N LEU X 184 -66.34 49.75 -41.89
CA LEU X 184 -66.40 48.45 -42.55
C LEU X 184 -67.84 47.97 -42.87
N GLY X 185 -68.85 48.73 -42.45
CA GLY X 185 -70.26 48.39 -42.69
C GLY X 185 -70.98 47.77 -41.52
N PHE X 186 -70.37 47.76 -40.33
CA PHE X 186 -71.00 47.17 -39.15
C PHE X 186 -72.02 48.11 -38.53
N HIS X 187 -73.07 47.54 -37.93
CA HIS X 187 -74.07 48.30 -37.20
C HIS X 187 -73.78 48.00 -35.73
N VAL X 188 -72.87 48.77 -35.13
CA VAL X 188 -72.45 48.56 -33.75
C VAL X 188 -73.61 48.91 -32.82
N GLU X 189 -73.92 48.04 -31.86
CA GLU X 189 -75.03 48.26 -30.93
C GLU X 189 -74.56 48.86 -29.59
N ALA X 190 -73.51 48.30 -28.97
CA ALA X 190 -73.02 48.79 -27.68
C ALA X 190 -71.56 48.36 -27.43
N SER X 191 -70.86 49.08 -26.54
CA SER X 191 -69.47 48.80 -26.18
C SER X 191 -69.25 49.14 -24.71
N HIS X 192 -68.49 48.31 -23.98
CA HIS X 192 -68.28 48.51 -22.55
C HIS X 192 -67.17 47.59 -22.00
N HIS X 193 -66.74 47.84 -20.75
CA HIS X 193 -65.76 46.99 -20.08
C HIS X 193 -66.49 45.76 -19.52
N GLU X 194 -65.84 44.59 -19.53
CA GLU X 194 -66.44 43.35 -19.04
C GLU X 194 -65.92 42.99 -17.63
N VAL X 195 -66.50 41.94 -17.02
CA VAL X 195 -66.23 41.49 -15.65
C VAL X 195 -64.72 41.39 -15.29
N ALA X 196 -63.93 40.62 -16.06
CA ALA X 196 -62.52 40.42 -15.73
C ALA X 196 -61.65 41.65 -16.01
N PRO X 197 -60.49 41.81 -15.33
CA PRO X 197 -59.60 42.94 -15.61
C PRO X 197 -59.16 42.99 -17.08
N GLY X 198 -59.16 44.17 -17.68
CA GLY X 198 -58.73 44.33 -19.05
C GLY X 198 -59.64 43.69 -20.09
N GLN X 199 -60.75 43.05 -19.68
CA GLN X 199 -61.68 42.41 -20.61
C GLN X 199 -62.68 43.44 -21.13
N HIS X 200 -63.08 43.32 -22.41
CA HIS X 200 -64.02 44.23 -23.05
C HIS X 200 -64.99 43.48 -23.96
N GLU X 201 -66.07 44.14 -24.39
CA GLU X 201 -67.07 43.54 -25.26
C GLU X 201 -67.64 44.61 -26.18
N VAL X 202 -67.58 44.36 -27.49
CA VAL X 202 -68.13 45.28 -28.50
C VAL X 202 -69.17 44.48 -29.28
N ASP X 203 -70.45 44.81 -29.06
CA ASP X 203 -71.58 44.11 -29.68
C ASP X 203 -71.96 44.76 -31.02
N PHE X 204 -72.57 43.96 -31.90
CA PHE X 204 -73.02 44.45 -33.20
C PHE X 204 -74.34 43.75 -33.59
N LYS X 205 -75.10 44.38 -34.49
CA LYS X 205 -76.43 43.89 -34.88
C LYS X 205 -76.41 42.52 -35.54
N PHE X 206 -77.48 41.76 -35.33
CA PHE X 206 -77.62 40.44 -35.92
C PHE X 206 -77.90 40.55 -37.44
N ASP X 207 -77.56 39.49 -38.17
CA ASP X 207 -77.79 39.41 -39.63
C ASP X 207 -77.81 37.92 -40.05
N ASP X 208 -77.94 37.60 -41.36
CA ASP X 208 -77.92 36.21 -41.80
C ASP X 208 -76.55 35.59 -41.51
N ALA X 209 -76.52 34.29 -41.19
CA ALA X 209 -75.30 33.57 -40.79
C ALA X 209 -74.06 33.86 -41.64
N LEU X 210 -74.20 34.00 -42.97
CA LEU X 210 -73.03 34.28 -43.82
C LEU X 210 -72.48 35.69 -43.58
N LYS X 211 -73.35 36.72 -43.60
CA LYS X 211 -72.91 38.09 -43.33
C LYS X 211 -72.38 38.24 -41.90
N THR X 212 -72.94 37.47 -40.95
CA THR X 212 -72.51 37.45 -39.55
C THR X 212 -71.12 36.83 -39.42
N ALA X 213 -70.87 35.71 -40.11
CA ALA X 213 -69.58 35.02 -40.05
C ALA X 213 -68.49 35.85 -40.72
N ASP X 214 -68.82 36.57 -41.81
CA ASP X 214 -67.88 37.47 -42.46
C ASP X 214 -67.51 38.62 -41.49
N SER X 215 -68.50 39.11 -40.72
CA SER X 215 -68.32 40.16 -39.73
C SER X 215 -67.47 39.69 -38.54
N VAL X 216 -67.61 38.42 -38.08
CA VAL X 216 -66.81 37.92 -36.96
C VAL X 216 -65.32 37.88 -37.33
N ILE X 217 -64.97 37.47 -38.57
CA ILE X 217 -63.57 37.41 -39.01
C ILE X 217 -62.98 38.81 -39.08
N THR X 218 -63.72 39.76 -39.65
CA THR X 218 -63.27 41.15 -39.77
C THR X 218 -63.18 41.81 -38.39
N PHE X 219 -64.09 41.47 -37.47
CA PHE X 219 -64.09 42.01 -36.12
C PHE X 219 -62.82 41.60 -35.39
N LYS X 220 -62.45 40.32 -35.44
CA LYS X 220 -61.24 39.82 -34.78
C LYS X 220 -59.98 40.54 -35.27
N THR X 221 -59.85 40.76 -36.58
CA THR X 221 -58.69 41.46 -37.13
C THR X 221 -58.72 42.94 -36.72
N THR X 222 -59.89 43.59 -36.81
CA THR X 222 -60.05 45.00 -36.45
C THR X 222 -59.68 45.28 -34.99
N ILE X 223 -60.04 44.38 -34.07
CA ILE X 223 -59.74 44.54 -32.65
C ILE X 223 -58.23 44.35 -32.40
N LYS X 224 -57.59 43.37 -33.06
CA LYS X 224 -56.16 43.12 -32.89
C LYS X 224 -55.28 44.23 -33.49
N THR X 225 -55.61 44.73 -34.69
CA THR X 225 -54.82 45.79 -35.35
C THR X 225 -54.97 47.16 -34.68
N ILE X 226 -56.18 47.51 -34.20
CA ILE X 226 -56.38 48.79 -33.50
C ILE X 226 -55.67 48.74 -32.14
N ALA X 227 -55.61 47.56 -31.46
CA ALA X 227 -54.91 47.44 -30.17
C ALA X 227 -53.42 47.66 -30.35
N GLU X 228 -52.82 47.14 -31.45
CA GLU X 228 -51.39 47.34 -31.72
C GLU X 228 -51.06 48.82 -31.95
N GLN X 229 -52.00 49.60 -32.52
CA GLN X 229 -51.80 51.03 -32.73
C GLN X 229 -51.69 51.77 -31.38
N HIS X 230 -52.43 51.32 -30.35
CA HIS X 230 -52.37 51.93 -29.02
C HIS X 230 -51.37 51.22 -28.08
N GLY X 231 -50.33 50.60 -28.64
CA GLY X 231 -49.28 49.93 -27.89
C GLY X 231 -49.70 48.75 -27.04
N LEU X 232 -50.88 48.15 -27.30
CA LEU X 232 -51.40 47.00 -26.55
C LEU X 232 -51.50 45.74 -27.45
N LYS X 233 -51.90 44.60 -26.89
CA LYS X 233 -52.04 43.35 -27.65
C LYS X 233 -53.39 42.72 -27.28
N ALA X 234 -54.32 42.60 -28.23
CA ALA X 234 -55.62 42.02 -27.96
C ALA X 234 -55.62 40.51 -28.22
N THR X 235 -56.27 39.73 -27.34
CA THR X 235 -56.34 38.27 -27.49
C THR X 235 -57.76 37.76 -27.33
N PHE X 236 -58.18 36.86 -28.22
CA PHE X 236 -59.47 36.20 -28.15
C PHE X 236 -59.28 34.78 -27.55
N MET X 237 -58.39 34.64 -26.57
CA MET X 237 -58.12 33.36 -25.94
C MET X 237 -59.29 33.07 -24.99
N PRO X 238 -59.92 31.88 -25.00
CA PRO X 238 -61.06 31.63 -24.11
C PRO X 238 -60.82 31.80 -22.60
N LYS X 239 -59.57 31.71 -22.14
CA LYS X 239 -59.25 31.82 -20.71
C LYS X 239 -57.76 32.14 -20.58
N PRO X 240 -57.35 33.40 -20.82
CA PRO X 240 -55.91 33.73 -20.72
C PRO X 240 -55.38 33.69 -19.29
N PHE X 241 -56.24 33.97 -18.29
CA PHE X 241 -55.82 33.97 -16.89
C PHE X 241 -56.78 33.17 -16.00
N PHE X 242 -56.22 32.42 -15.05
CA PHE X 242 -56.99 31.63 -14.10
C PHE X 242 -57.52 32.56 -12.98
N GLY X 243 -58.71 32.26 -12.47
CA GLY X 243 -59.30 33.03 -11.39
C GLY X 243 -60.13 34.23 -11.83
N MET X 244 -60.27 34.46 -13.14
CA MET X 244 -61.07 35.57 -13.68
C MET X 244 -61.85 35.10 -14.90
N ASN X 245 -62.96 35.79 -15.22
CA ASN X 245 -63.83 35.43 -16.35
C ASN X 245 -63.08 35.22 -17.66
N GLY X 246 -63.60 34.33 -18.49
CA GLY X 246 -63.03 34.03 -19.79
C GLY X 246 -63.78 34.72 -20.91
N SER X 247 -63.16 34.77 -22.10
CA SER X 247 -63.77 35.38 -23.27
C SER X 247 -64.83 34.43 -23.84
N GLY X 248 -66.09 34.88 -23.87
CA GLY X 248 -67.20 34.09 -24.39
C GLY X 248 -67.89 34.77 -25.56
N MET X 249 -68.38 33.99 -26.52
CA MET X 249 -69.08 34.50 -27.70
C MET X 249 -70.48 33.91 -27.71
N HIS X 250 -71.39 34.54 -26.95
CA HIS X 250 -72.78 34.08 -26.84
C HIS X 250 -73.48 34.31 -28.18
N CYS X 251 -74.04 33.24 -28.78
CA CYS X 251 -74.67 33.33 -30.10
C CYS X 251 -76.19 33.42 -30.02
N HIS X 252 -76.74 34.64 -30.09
CA HIS X 252 -78.18 34.84 -30.12
C HIS X 252 -78.64 34.46 -31.52
N GLN X 253 -79.58 33.51 -31.64
CA GLN X 253 -80.00 33.04 -32.96
C GLN X 253 -81.50 32.77 -33.08
N SER X 254 -82.01 32.80 -34.33
CA SER X 254 -83.42 32.56 -34.64
C SER X 254 -83.62 32.31 -36.14
N ILE X 255 -84.66 31.54 -36.50
CA ILE X 255 -84.96 31.24 -37.91
C ILE X 255 -86.31 31.86 -38.29
N TRP X 256 -86.39 32.47 -39.49
CA TRP X 256 -87.59 33.15 -39.98
C TRP X 256 -88.13 32.48 -41.24
N LEU X 257 -89.16 31.65 -41.09
CA LEU X 257 -89.79 30.96 -42.23
C LEU X 257 -90.83 31.86 -42.90
N ASN X 258 -90.66 32.15 -44.19
CA ASN X 258 -91.56 32.99 -44.98
C ASN X 258 -91.58 34.44 -44.49
N GLY X 259 -90.41 34.98 -44.16
CA GLY X 259 -90.25 36.35 -43.71
C GLY X 259 -91.03 36.73 -42.46
N GLU X 260 -91.24 35.77 -41.55
CA GLU X 260 -91.97 36.00 -40.30
C GLU X 260 -91.18 35.42 -39.11
N PRO X 261 -91.29 36.02 -37.91
CA PRO X 261 -90.58 35.44 -36.76
C PRO X 261 -91.26 34.16 -36.31
N SER X 262 -90.72 33.02 -36.76
CA SER X 262 -91.28 31.70 -36.47
C SER X 262 -91.10 31.27 -35.01
N PHE X 263 -90.14 31.86 -34.29
CA PHE X 263 -89.92 31.52 -32.88
C PHE X 263 -90.98 32.12 -31.95
N TYR X 264 -91.69 33.18 -32.37
CA TYR X 264 -92.70 33.84 -31.54
C TYR X 264 -94.11 33.27 -31.76
N ASP X 265 -94.86 33.13 -30.68
CA ASP X 265 -96.26 32.67 -30.69
C ASP X 265 -96.97 33.37 -29.53
N GLU X 266 -97.73 34.43 -29.83
CA GLU X 266 -98.46 35.24 -28.84
C GLU X 266 -99.32 34.38 -27.91
N ASN X 267 -99.99 33.34 -28.46
CA ASN X 267 -100.83 32.44 -27.68
C ASN X 267 -100.09 31.10 -27.42
N ALA X 268 -99.08 31.12 -26.52
CA ALA X 268 -98.30 29.93 -26.17
C ALA X 268 -97.51 30.10 -24.85
N PRO X 269 -96.98 29.01 -24.23
CA PRO X 269 -96.23 29.20 -22.96
C PRO X 269 -94.94 29.97 -23.18
N TYR X 270 -94.67 30.96 -22.32
CA TYR X 270 -93.50 31.85 -22.44
C TYR X 270 -93.48 32.64 -23.76
N GLN X 271 -94.60 32.66 -24.53
CA GLN X 271 -94.70 33.30 -25.84
C GLN X 271 -93.62 32.75 -26.78
N LEU X 272 -93.44 31.42 -26.78
CA LEU X 272 -92.46 30.72 -27.61
C LEU X 272 -93.18 29.65 -28.41
N SER X 273 -92.92 29.61 -29.72
CA SER X 273 -93.58 28.68 -30.64
C SER X 273 -93.07 27.23 -30.53
N GLU X 274 -93.77 26.29 -31.17
CA GLU X 274 -93.35 24.89 -31.22
C GLU X 274 -92.04 24.78 -31.99
N THR X 275 -91.89 25.56 -33.08
CA THR X 275 -90.66 25.58 -33.88
C THR X 275 -89.44 25.95 -33.03
N CYS X 276 -89.61 26.89 -32.08
CA CYS X 276 -88.54 27.31 -31.17
C CYS X 276 -88.15 26.13 -30.28
N MET X 277 -89.14 25.44 -29.67
CA MET X 277 -88.89 24.32 -28.78
C MET X 277 -88.25 23.14 -29.51
N ASN X 278 -88.67 22.88 -30.76
CA ASN X 278 -88.06 21.80 -31.54
C ASN X 278 -86.59 22.14 -31.85
N TYR X 279 -86.30 23.41 -32.14
CA TYR X 279 -84.93 23.86 -32.44
C TYR X 279 -84.05 23.72 -31.19
N VAL X 280 -84.55 24.15 -30.01
CA VAL X 280 -83.81 24.05 -28.76
C VAL X 280 -83.53 22.58 -28.43
N ALA X 281 -84.50 21.68 -28.66
CA ALA X 281 -84.32 20.25 -28.41
C ALA X 281 -83.18 19.68 -29.25
N GLY X 282 -83.05 20.13 -30.49
CA GLY X 282 -81.98 19.68 -31.38
C GLY X 282 -80.61 20.14 -30.95
N ILE X 283 -80.50 21.38 -30.43
CA ILE X 283 -79.22 21.90 -29.95
C ILE X 283 -78.79 21.13 -28.72
N LEU X 284 -79.72 20.88 -27.78
CA LEU X 284 -79.43 20.15 -26.56
C LEU X 284 -79.07 18.69 -26.85
N LYS X 285 -79.66 18.09 -27.89
CA LYS X 285 -79.37 16.71 -28.28
C LYS X 285 -77.90 16.57 -28.70
N HIS X 286 -77.44 17.41 -29.64
CA HIS X 286 -76.08 17.36 -30.15
C HIS X 286 -75.14 18.32 -29.40
N ALA X 287 -75.49 18.77 -28.18
CA ALA X 287 -74.66 19.70 -27.40
C ALA X 287 -73.24 19.20 -27.14
N LYS X 288 -73.09 17.91 -26.80
CA LYS X 288 -71.78 17.32 -26.54
C LYS X 288 -70.88 17.28 -27.80
N ALA X 289 -71.48 17.27 -29.00
CA ALA X 289 -70.75 17.25 -30.27
C ALA X 289 -70.53 18.66 -30.84
N ILE X 290 -71.46 19.61 -30.58
CA ILE X 290 -71.33 20.99 -31.08
C ILE X 290 -70.13 21.69 -30.42
N VAL X 291 -69.90 21.43 -29.11
CA VAL X 291 -68.79 22.06 -28.40
C VAL X 291 -67.41 21.68 -28.95
N ALA X 292 -67.30 20.61 -29.77
CA ALA X 292 -66.03 20.27 -30.40
C ALA X 292 -65.66 21.36 -31.41
N ILE X 293 -66.65 21.84 -32.20
CA ILE X 293 -66.44 22.88 -33.20
C ILE X 293 -66.46 24.27 -32.55
N THR X 294 -67.49 24.58 -31.74
CA THR X 294 -67.63 25.89 -31.11
C THR X 294 -66.61 26.18 -29.99
N ASN X 295 -65.92 25.14 -29.49
CA ASN X 295 -64.90 25.25 -28.44
C ASN X 295 -63.73 24.35 -28.90
N PRO X 296 -62.97 24.75 -29.93
CA PRO X 296 -61.96 23.84 -30.50
C PRO X 296 -60.57 23.86 -29.88
N THR X 297 -60.31 24.69 -28.87
CA THR X 297 -58.98 24.76 -28.25
C THR X 297 -58.94 23.97 -26.94
N VAL X 298 -57.72 23.60 -26.50
CA VAL X 298 -57.53 22.93 -25.21
C VAL X 298 -57.94 23.89 -24.09
N ASN X 299 -57.57 25.18 -24.23
CA ASN X 299 -57.88 26.24 -23.28
C ASN X 299 -59.38 26.51 -23.13
N SER X 300 -60.18 26.20 -24.16
CA SER X 300 -61.63 26.40 -24.10
C SER X 300 -62.28 25.65 -22.96
N TYR X 301 -61.73 24.47 -22.59
CA TYR X 301 -62.27 23.64 -21.51
C TYR X 301 -61.75 24.04 -20.11
N LYS X 302 -61.08 25.20 -19.99
CA LYS X 302 -60.67 25.82 -18.73
C LYS X 302 -61.71 26.94 -18.39
N ARG X 303 -62.38 27.54 -19.41
CA ARG X 303 -63.49 28.48 -19.24
C ARG X 303 -64.75 27.59 -19.10
N LEU X 304 -65.03 26.79 -20.15
CA LEU X 304 -66.16 25.86 -20.23
C LEU X 304 -65.77 24.59 -19.47
N VAL X 305 -65.57 24.72 -18.15
CA VAL X 305 -65.10 23.63 -17.30
C VAL X 305 -66.23 22.96 -16.49
N PRO X 306 -66.55 21.65 -16.69
CA PRO X 306 -67.63 21.03 -15.88
C PRO X 306 -67.31 21.02 -14.39
N GLY X 307 -68.36 20.97 -13.56
CA GLY X 307 -68.21 21.00 -12.11
C GLY X 307 -67.96 22.37 -11.52
N TYR X 308 -67.73 23.40 -12.38
CA TYR X 308 -67.48 24.78 -11.96
C TYR X 308 -68.40 25.75 -12.73
N GLU X 309 -68.59 26.96 -12.17
CA GLU X 309 -69.46 27.99 -12.75
C GLU X 309 -69.14 28.30 -14.22
N ALA X 310 -69.95 27.76 -15.14
CA ALA X 310 -69.78 27.92 -16.59
C ALA X 310 -71.06 27.46 -17.34
N PRO X 311 -71.26 27.81 -18.64
CA PRO X 311 -72.45 27.31 -19.36
C PRO X 311 -72.22 25.89 -19.88
N VAL X 312 -72.04 24.98 -18.91
CA VAL X 312 -71.73 23.54 -19.11
C VAL X 312 -72.96 22.65 -18.98
N ASN X 313 -73.98 23.10 -18.24
CA ASN X 313 -75.18 22.31 -17.99
C ASN X 313 -76.08 22.28 -19.22
N ILE X 314 -76.29 21.09 -19.80
CA ILE X 314 -77.11 20.90 -20.99
C ILE X 314 -78.59 21.04 -20.61
N ALA X 315 -79.10 22.27 -20.66
CA ALA X 315 -80.50 22.62 -20.35
C ALA X 315 -80.83 24.05 -20.83
N TRP X 316 -82.12 24.39 -20.99
CA TRP X 316 -82.54 25.73 -21.40
C TRP X 316 -83.33 26.41 -20.28
N ALA X 317 -83.37 27.77 -20.28
CA ALA X 317 -84.09 28.53 -19.26
C ALA X 317 -84.34 29.97 -19.69
N ASN X 318 -85.37 30.62 -19.13
CA ASN X 318 -85.73 32.01 -19.46
C ASN X 318 -85.02 33.00 -18.53
N SER X 319 -84.19 33.90 -19.11
CA SER X 319 -83.47 34.94 -18.36
C SER X 319 -82.59 34.37 -17.23
N ASN X 320 -81.91 33.24 -17.49
CA ASN X 320 -81.03 32.55 -16.54
C ASN X 320 -79.69 32.27 -17.26
N ARG X 321 -78.59 32.86 -16.76
CA ARG X 321 -77.26 32.70 -17.36
C ARG X 321 -76.48 31.46 -16.83
N SER X 322 -77.11 30.60 -16.01
CA SER X 322 -76.45 29.39 -15.49
C SER X 322 -76.55 28.19 -16.45
N ALA X 323 -77.59 28.17 -17.31
CA ALA X 323 -77.82 27.09 -18.28
C ALA X 323 -77.05 27.32 -19.61
N ILE X 324 -76.94 26.29 -20.47
CA ILE X 324 -76.22 26.41 -21.76
C ILE X 324 -77.00 27.34 -22.71
N ILE X 325 -78.36 27.32 -22.65
CA ILE X 325 -79.22 28.17 -23.46
C ILE X 325 -79.99 29.11 -22.53
N ARG X 326 -80.17 30.36 -22.96
CA ARG X 326 -80.94 31.37 -22.24
C ARG X 326 -81.87 32.02 -23.26
N VAL X 327 -83.14 32.17 -22.94
CA VAL X 327 -84.11 32.80 -23.84
C VAL X 327 -84.28 34.25 -23.38
N PRO X 328 -83.72 35.26 -24.09
CA PRO X 328 -83.89 36.65 -23.62
C PRO X 328 -85.34 37.07 -23.54
N ALA X 329 -85.65 37.98 -22.62
CA ALA X 329 -87.02 38.44 -22.41
C ALA X 329 -87.66 39.20 -23.57
N ALA X 330 -86.87 39.65 -24.57
CA ALA X 330 -87.41 40.38 -25.72
C ALA X 330 -88.30 39.46 -26.56
N ARG X 331 -89.50 39.95 -26.94
CA ARG X 331 -90.46 39.17 -27.72
C ARG X 331 -90.93 39.91 -28.97
N GLY X 332 -91.58 39.16 -29.88
CA GLY X 332 -92.06 39.66 -31.16
C GLY X 332 -91.07 39.24 -32.24
N LYS X 333 -90.42 40.22 -32.88
CA LYS X 333 -89.40 39.93 -33.88
C LYS X 333 -88.12 39.47 -33.20
N GLY X 334 -87.76 40.12 -32.09
CA GLY X 334 -86.55 39.79 -31.34
C GLY X 334 -86.61 38.53 -30.49
N THR X 335 -87.58 37.62 -30.74
CA THR X 335 -87.66 36.35 -30.00
C THR X 335 -86.49 35.50 -30.48
N ARG X 336 -85.64 35.03 -29.55
CA ARG X 336 -84.43 34.29 -29.91
C ARG X 336 -83.96 33.36 -28.76
N ILE X 337 -82.91 32.56 -29.02
CA ILE X 337 -82.27 31.70 -28.04
C ILE X 337 -80.77 32.01 -28.04
N GLU X 338 -80.15 32.07 -26.85
CA GLU X 338 -78.73 32.39 -26.69
C GLU X 338 -77.93 31.14 -26.36
N PHE X 339 -77.15 30.63 -27.32
CA PHE X 339 -76.28 29.48 -27.07
C PHE X 339 -75.00 30.08 -26.45
N ARG X 340 -74.84 29.89 -25.12
CA ARG X 340 -73.74 30.48 -24.35
C ARG X 340 -72.42 29.70 -24.35
N ALA X 341 -72.40 28.45 -24.86
CA ALA X 341 -71.20 27.64 -24.86
C ALA X 341 -70.01 28.15 -25.73
N PRO X 342 -70.24 28.75 -26.92
CA PRO X 342 -69.09 29.17 -27.74
C PRO X 342 -68.19 30.24 -27.16
N ASP X 343 -66.94 30.28 -27.66
CA ASP X 343 -65.91 31.27 -27.33
C ASP X 343 -65.35 31.80 -28.66
N PRO X 344 -64.74 33.01 -28.70
CA PRO X 344 -64.28 33.54 -29.99
C PRO X 344 -63.11 32.79 -30.66
N SER X 345 -62.65 31.66 -30.09
CA SER X 345 -61.60 30.85 -30.70
C SER X 345 -62.10 29.95 -31.86
N CYS X 346 -63.43 29.80 -32.01
CA CYS X 346 -64.00 28.92 -33.04
C CYS X 346 -64.10 29.58 -34.41
N ASN X 347 -64.18 28.74 -35.46
CA ASN X 347 -64.36 29.21 -36.83
C ASN X 347 -65.84 29.58 -36.93
N PRO X 348 -66.23 30.86 -37.19
CA PRO X 348 -67.66 31.18 -37.24
C PRO X 348 -68.43 30.46 -38.33
N TYR X 349 -67.82 30.20 -39.48
CA TYR X 349 -68.51 29.51 -40.59
C TYR X 349 -68.92 28.09 -40.19
N LEU X 350 -68.05 27.37 -39.47
CA LEU X 350 -68.34 26.01 -39.03
C LEU X 350 -69.24 26.01 -37.78
N ALA X 351 -69.11 27.03 -36.90
CA ALA X 351 -69.93 27.15 -35.70
C ALA X 351 -71.40 27.37 -36.05
N PHE X 352 -71.70 28.24 -37.04
CA PHE X 352 -73.08 28.48 -37.45
C PHE X 352 -73.65 27.29 -38.23
N THR X 353 -72.78 26.53 -38.95
CA THR X 353 -73.20 25.35 -39.70
C THR X 353 -73.70 24.26 -38.74
N VAL X 354 -72.90 23.89 -37.71
CA VAL X 354 -73.28 22.85 -36.75
C VAL X 354 -74.47 23.27 -35.89
N MET X 355 -74.60 24.56 -35.54
CA MET X 355 -75.74 25.03 -34.76
C MET X 355 -77.00 24.94 -35.59
N LEU X 356 -76.96 25.36 -36.87
CA LEU X 356 -78.13 25.27 -37.74
C LEU X 356 -78.49 23.81 -38.04
N ALA X 357 -77.49 22.92 -38.23
CA ALA X 357 -77.77 21.51 -38.53
C ALA X 357 -78.42 20.77 -37.37
N ALA X 358 -77.91 20.97 -36.13
CA ALA X 358 -78.49 20.32 -34.96
C ALA X 358 -79.87 20.90 -34.67
N GLY X 359 -80.02 22.23 -34.81
CA GLY X 359 -81.30 22.89 -34.60
C GLY X 359 -82.35 22.44 -35.59
N LEU X 360 -81.99 22.34 -36.88
CA LEU X 360 -82.92 21.87 -37.91
C LEU X 360 -83.23 20.38 -37.76
N ASP X 361 -82.32 19.58 -37.18
CA ASP X 361 -82.59 18.17 -36.91
C ASP X 361 -83.79 18.03 -35.94
N GLY X 362 -83.88 18.94 -34.98
CA GLY X 362 -84.99 18.99 -34.04
C GLY X 362 -86.30 19.44 -34.68
N VAL X 363 -86.23 20.40 -35.63
CA VAL X 363 -87.40 20.92 -36.34
C VAL X 363 -87.95 19.85 -37.31
N LYS X 364 -87.07 19.18 -38.07
CA LYS X 364 -87.48 18.15 -39.02
C LYS X 364 -88.14 16.95 -38.32
N ASN X 365 -87.53 16.46 -37.23
CA ASN X 365 -88.07 15.32 -36.48
C ASN X 365 -89.13 15.73 -35.43
N LYS X 366 -89.31 17.04 -35.16
CA LYS X 366 -90.26 17.54 -34.16
C LYS X 366 -89.94 16.96 -32.79
N LEU X 367 -88.69 17.15 -32.34
CA LEU X 367 -88.23 16.61 -31.05
C LEU X 367 -88.78 17.42 -29.88
N ASP X 368 -89.05 16.74 -28.76
CA ASP X 368 -89.61 17.35 -27.56
C ASP X 368 -88.52 17.92 -26.68
N ALA X 369 -88.60 19.22 -26.36
CA ALA X 369 -87.62 19.89 -25.51
C ALA X 369 -87.94 19.64 -24.03
N PRO X 370 -86.93 19.65 -23.14
CA PRO X 370 -87.22 19.49 -21.71
C PRO X 370 -87.77 20.77 -21.07
N GLU X 371 -88.21 20.68 -19.81
CA GLU X 371 -88.75 21.85 -19.11
C GLU X 371 -87.65 22.85 -18.77
N PRO X 372 -87.96 24.15 -18.70
CA PRO X 372 -86.91 25.14 -18.41
C PRO X 372 -86.49 25.12 -16.94
N VAL X 373 -85.17 25.10 -16.68
CA VAL X 373 -84.64 25.08 -15.32
C VAL X 373 -84.48 26.52 -14.83
N GLU X 374 -85.57 27.11 -14.33
CA GLU X 374 -85.56 28.49 -13.83
C GLU X 374 -84.64 28.66 -12.61
N ARG X 375 -84.41 27.58 -11.83
CA ARG X 375 -83.50 27.61 -10.68
C ARG X 375 -82.04 27.79 -11.11
N ASN X 376 -81.19 28.27 -10.19
CA ASN X 376 -79.76 28.41 -10.47
C ASN X 376 -79.20 26.99 -10.46
N ILE X 377 -78.54 26.57 -11.56
CA ILE X 377 -78.03 25.21 -11.70
C ILE X 377 -76.69 25.03 -10.95
N PHE X 378 -75.92 26.11 -10.73
CA PHE X 378 -74.64 26.01 -10.02
C PHE X 378 -74.86 25.64 -8.54
N ALA X 379 -75.93 26.17 -7.93
CA ALA X 379 -76.26 25.87 -6.54
C ALA X 379 -76.73 24.41 -6.34
N MET X 380 -77.13 23.71 -7.41
CA MET X 380 -77.61 22.33 -7.32
C MET X 380 -76.46 21.35 -7.11
N SER X 381 -76.75 20.23 -6.43
CA SER X 381 -75.77 19.17 -6.18
C SER X 381 -75.76 18.17 -7.37
N GLU X 382 -74.66 17.44 -7.54
CA GLU X 382 -74.53 16.46 -8.63
C GLU X 382 -75.60 15.37 -8.58
N ALA X 383 -76.03 14.94 -7.39
CA ALA X 383 -77.08 13.93 -7.26
C ALA X 383 -78.44 14.48 -7.69
N GLU X 384 -78.70 15.77 -7.40
CA GLU X 384 -79.95 16.44 -7.77
C GLU X 384 -79.99 16.65 -9.29
N LYS X 385 -78.88 17.12 -9.89
CA LYS X 385 -78.79 17.33 -11.33
C LYS X 385 -78.92 16.00 -12.11
N LYS X 386 -78.47 14.88 -11.52
CA LYS X 386 -78.56 13.57 -12.15
C LYS X 386 -80.03 13.08 -12.16
N GLU X 387 -80.79 13.38 -11.10
CA GLU X 387 -82.20 13.01 -11.02
C GLU X 387 -83.00 13.75 -12.10
N LEU X 388 -82.78 15.07 -12.22
CA LEU X 388 -83.46 15.90 -13.23
C LEU X 388 -83.05 15.51 -14.68
N GLY X 389 -81.83 15.02 -14.85
CA GLY X 389 -81.31 14.62 -16.15
C GLY X 389 -80.53 15.71 -16.85
N ILE X 390 -79.89 16.61 -16.07
CA ILE X 390 -79.11 17.71 -16.61
C ILE X 390 -77.67 17.24 -16.83
N GLU X 391 -77.37 16.72 -18.03
CA GLU X 391 -76.02 16.25 -18.37
C GLU X 391 -75.07 17.44 -18.58
N SER X 392 -73.75 17.19 -18.52
CA SER X 392 -72.76 18.26 -18.70
C SER X 392 -71.94 18.07 -19.99
N VAL X 393 -71.45 19.18 -20.56
CA VAL X 393 -70.64 19.15 -21.79
C VAL X 393 -69.26 18.55 -21.50
N PRO X 394 -68.60 17.91 -22.48
CA PRO X 394 -67.27 17.28 -22.20
C PRO X 394 -66.27 18.15 -21.43
N ALA X 395 -65.45 17.50 -20.59
CA ALA X 395 -64.46 18.18 -19.75
C ALA X 395 -63.17 18.58 -20.47
N ASN X 396 -62.89 18.03 -21.67
CA ASN X 396 -61.66 18.36 -22.40
C ASN X 396 -61.85 18.28 -23.92
N LEU X 397 -60.84 18.72 -24.70
CA LEU X 397 -60.91 18.73 -26.16
C LEU X 397 -61.09 17.33 -26.75
N LYS X 398 -60.27 16.35 -26.30
CA LYS X 398 -60.36 14.99 -26.81
C LYS X 398 -61.71 14.37 -26.50
N ALA X 399 -62.30 14.67 -25.34
CA ALA X 399 -63.62 14.14 -24.99
C ALA X 399 -64.69 14.68 -25.96
N ALA X 400 -64.55 15.92 -26.43
CA ALA X 400 -65.48 16.52 -27.38
C ALA X 400 -65.26 16.00 -28.80
N LEU X 401 -63.99 15.74 -29.19
CA LEU X 401 -63.69 15.22 -30.53
C LEU X 401 -64.29 13.83 -30.74
N ASP X 402 -64.28 12.99 -29.70
CA ASP X 402 -64.86 11.64 -29.78
C ASP X 402 -66.37 11.73 -29.96
N GLU X 403 -67.03 12.72 -29.32
CA GLU X 403 -68.47 12.94 -29.44
C GLU X 403 -68.80 13.42 -30.87
N LEU X 404 -67.96 14.32 -31.43
CA LEU X 404 -68.13 14.83 -32.78
C LEU X 404 -67.97 13.71 -33.80
N GLU X 405 -66.97 12.83 -33.58
CA GLU X 405 -66.69 11.71 -34.48
C GLU X 405 -67.88 10.76 -34.59
N ASN X 406 -68.53 10.43 -33.46
CA ASN X 406 -69.69 9.53 -33.45
C ASN X 406 -71.01 10.20 -33.89
N ASN X 407 -71.03 11.53 -34.04
CA ASN X 407 -72.23 12.24 -34.47
C ASN X 407 -72.31 12.27 -36.00
N ASP X 408 -73.42 11.76 -36.55
CA ASP X 408 -73.65 11.72 -37.99
C ASP X 408 -74.31 12.99 -38.53
N VAL X 409 -75.05 13.74 -37.68
CA VAL X 409 -75.73 14.96 -38.10
C VAL X 409 -74.71 16.03 -38.46
N LEU X 410 -73.70 16.22 -37.61
CA LEU X 410 -72.65 17.22 -37.85
C LEU X 410 -71.65 16.77 -38.91
N LYS X 411 -71.43 15.45 -39.06
CA LYS X 411 -70.53 14.90 -40.06
C LYS X 411 -71.03 15.26 -41.47
N ASN X 412 -72.34 15.10 -41.70
CA ASN X 412 -72.98 15.42 -42.99
C ASN X 412 -72.99 16.93 -43.28
N ALA X 413 -73.25 17.75 -42.26
CA ALA X 413 -73.29 19.21 -42.42
C ALA X 413 -71.91 19.78 -42.78
N LEU X 414 -70.85 19.30 -42.11
CA LEU X 414 -69.48 19.77 -42.38
C LEU X 414 -68.88 19.13 -43.64
N GLY X 415 -69.28 17.89 -43.95
CA GLY X 415 -68.77 17.17 -45.11
C GLY X 415 -67.53 16.36 -44.75
N LYS X 416 -67.29 15.27 -45.50
CA LYS X 416 -66.15 14.38 -45.25
C LYS X 416 -64.81 15.10 -45.15
N HIS X 417 -64.58 16.13 -45.98
CA HIS X 417 -63.32 16.84 -45.99
C HIS X 417 -63.09 17.66 -44.71
N ILE X 418 -64.08 18.46 -44.29
CA ILE X 418 -63.94 19.30 -43.10
C ILE X 418 -63.97 18.44 -41.84
N PHE X 419 -64.92 17.50 -41.75
CA PHE X 419 -65.07 16.61 -40.59
C PHE X 419 -63.77 15.83 -40.30
N GLU X 420 -63.19 15.15 -41.30
CA GLU X 420 -61.98 14.36 -41.09
C GLU X 420 -60.73 15.21 -40.85
N SER X 421 -60.54 16.31 -41.61
CA SER X 421 -59.37 17.16 -41.42
C SER X 421 -59.41 17.87 -40.07
N PHE X 422 -60.59 18.32 -39.62
CA PHE X 422 -60.70 18.96 -38.32
C PHE X 422 -60.32 18.00 -37.20
N LEU X 423 -60.86 16.77 -37.22
CA LEU X 423 -60.53 15.76 -36.21
C LEU X 423 -59.03 15.43 -36.22
N GLU X 424 -58.44 15.30 -37.41
CA GLU X 424 -57.01 14.97 -37.55
C GLU X 424 -56.13 16.09 -37.01
N ILE X 425 -56.46 17.35 -37.31
CA ILE X 425 -55.69 18.52 -36.85
C ILE X 425 -55.83 18.68 -35.34
N LYS X 426 -57.04 18.56 -34.81
CA LYS X 426 -57.28 18.70 -33.38
C LYS X 426 -56.74 17.54 -32.56
N ASN X 427 -56.64 16.32 -33.12
CA ASN X 427 -56.06 15.18 -32.39
C ASN X 427 -54.55 15.38 -32.26
N ALA X 428 -53.88 15.90 -33.30
CA ALA X 428 -52.45 16.20 -33.23
C ALA X 428 -52.19 17.33 -32.22
N GLU X 429 -53.12 18.31 -32.14
CA GLU X 429 -53.06 19.43 -31.19
C GLU X 429 -53.23 18.92 -29.76
N TRP X 430 -54.17 17.96 -29.56
CA TRP X 430 -54.41 17.35 -28.26
C TRP X 430 -53.20 16.51 -27.83
N ASP X 431 -52.64 15.72 -28.76
CA ASP X 431 -51.47 14.89 -28.48
C ASP X 431 -50.28 15.74 -28.06
N SER X 432 -50.11 16.92 -28.65
CA SER X 432 -49.03 17.83 -28.28
C SER X 432 -49.21 18.33 -26.85
N PHE X 433 -50.46 18.55 -26.42
CA PHE X 433 -50.78 19.02 -25.07
C PHE X 433 -50.56 17.93 -24.01
N ARG X 434 -51.09 16.72 -24.23
CA ARG X 434 -50.96 15.63 -23.25
C ARG X 434 -49.53 15.11 -23.07
N THR X 435 -48.63 15.32 -24.05
CA THR X 435 -47.24 14.88 -23.95
C THR X 435 -46.34 15.95 -23.32
N SER X 436 -46.68 17.24 -23.47
CA SER X 436 -45.87 18.33 -22.93
C SER X 436 -45.90 18.41 -21.42
N VAL X 437 -44.74 18.70 -20.79
CA VAL X 437 -44.64 18.85 -19.35
C VAL X 437 -45.01 20.30 -19.03
N THR X 438 -46.14 20.50 -18.34
CA THR X 438 -46.66 21.83 -18.03
C THR X 438 -46.02 22.45 -16.78
N ASP X 439 -46.18 23.78 -16.63
CA ASP X 439 -45.68 24.52 -15.49
C ASP X 439 -46.38 24.10 -14.19
N TRP X 440 -47.66 23.69 -14.26
CA TRP X 440 -48.42 23.22 -13.10
C TRP X 440 -47.75 21.96 -12.54
N GLU X 441 -47.39 21.01 -13.42
CA GLU X 441 -46.74 19.76 -13.03
C GLU X 441 -45.38 20.03 -12.39
N THR X 442 -44.60 20.95 -12.96
CA THR X 442 -43.29 21.29 -12.41
C THR X 442 -43.44 21.88 -11.02
N THR X 443 -44.44 22.74 -10.81
CA THR X 443 -44.68 23.35 -9.51
C THR X 443 -45.11 22.30 -8.47
N ALA X 444 -46.02 21.39 -8.86
CA ALA X 444 -46.56 20.37 -7.97
C ALA X 444 -45.68 19.15 -7.71
N TYR X 445 -44.86 18.72 -8.67
CA TYR X 445 -44.10 17.47 -8.54
C TYR X 445 -42.57 17.56 -8.53
N LEU X 446 -41.95 18.74 -8.77
CA LEU X 446 -40.48 18.82 -8.73
C LEU X 446 -39.96 18.56 -7.31
N LYS X 447 -40.74 18.94 -6.28
CA LYS X 447 -40.36 18.73 -4.89
C LYS X 447 -40.32 17.25 -4.49
N ILE X 448 -41.09 16.36 -5.17
CA ILE X 448 -41.13 14.94 -4.81
C ILE X 448 -39.88 14.19 -5.25
#